data_9DOG
#
_entry.id   9DOG
#
loop_
_entity.id
_entity.type
_entity.pdbx_description
1 polymer 'glycoprotein E'
2 polymer 'Protein prM'
#
loop_
_entity_poly.entity_id
_entity_poly.type
_entity_poly.pdbx_seq_one_letter_code
_entity_poly.pdbx_strand_id
1 'polypeptide(L)'
;MRCIGISNRDFVEGVSGGSWVDIVLEHGSCVTTMAKNKPTLDFELIKTEAKQPATLRKYCIEAKLTNTTTDSRCPTQGEP
SLNEEQDKRFVCKHSMVDRGWGNGCGLFGKGGIVTCAMFTCKKNMKGKVVQPENLEYTIVITPHSGEEHAVGNDTGKHGK
EIKITPQSSITEAELTGYGTVTMECSPRTGLDFNEMVLLQMENKAWLVHRQWFLDLPLPWLPGADTQGSNWIQKETLVTF
KNPHAKKQDVVVLGSQEGAMHTALTGATEIQMSSGNLLFTGHLKCRLRMDKLQLKGMSYSMCTGKFKVVKEIAETQHGTI
VIRVQYEGDGSPCKIPFEIMDLEKRHVLGRLITVNPIVTEKDSPVNIEAEPPFGDSYIIIGVEPGQLKLNWFKKGSSIGQ
MIETTMRGAKRMAILGDTAWDFGSLGGVFTSIGKALHQVFGAIYGAAFSGVSWIMKILIGVIITWIGMNSRSTSLSVSLV
LVGVVTLYLGVMVQA
;
A000,C004,A005,B005,C005,A006,B006,C006,A007,B007,C007,A008,B008,C008,B000,A009,B009,C009,A010,B010,C010,A011,B011,C011,A012,B012,C012,C000,A013,B013,C013,A014,B014,C014,A015,B015,C015,A016,B016,C016,A017,B017,C017,A018,B018,C018,A019,B019,C019,A020,B020,C020,A021,B021,C021,A022,B022,C022,A023,B023,C023,A001,B001,C001,A002,B002,C002,A003,B003,C003,A004,B004
2 'polypeptide(L)'
;FHLTTRNGEPHMIVSRQEKGKSLLFKTEDGVNMCTLMAMDLGELCEDTITYKCPFLKQNEPEDIDCWCNSTSTWVTYGTC
TTTGEHRREKRSVALVPHVGMGLETRTETWMSSEGAWKHAQRIETWILRHPGFTIMAAILAYTIGTTHFQRALIFILLTA
VAPSMT
;
D004,E004,F004,D005,E005,F005,D006,E006,F006,D007,E007,F007,D008,E008,F008,D009,E009,F009,D010,E010,F010,D011,E011,F011,D012,E012,F012,D013,E013,F013,D014,E014,F014,D015,E015,F015,D016,E016,F016,D000,D017,E017,F017,D018,E018,F018,D019,E019,F019,D020,E020,F020,D021,E000,E021,F021,D022,E022,F022,D023,E023,F023,F000,D001,E001,F001,D002,E002,F002,D003,E003,F003
#
# COMPACT_ATOMS: atom_id res chain seq x y z
CA MET A 1 -104.21 11.46 76.84
CA ARG A 2 -105.63 7.99 77.39
CA CYS A 3 -102.74 5.64 76.74
CA ILE A 4 -100.52 5.28 79.81
CA GLY A 5 -99.09 1.89 80.76
CA ILE A 6 -99.67 0.29 77.36
CA SER A 7 -96.28 -1.13 76.41
CA ASN A 8 -96.64 -0.72 72.64
CA ARG A 9 -96.95 3.03 72.16
CA ASP A 10 -96.07 3.85 68.55
CA PHE A 11 -95.14 7.33 67.37
CA VAL A 12 -95.56 9.43 64.23
CA GLU A 13 -93.01 12.26 64.57
CA GLY A 14 -94.13 14.60 61.82
CA VAL A 15 -96.59 15.34 59.03
CA SER A 16 -96.43 16.44 55.38
CA GLY A 17 -98.63 18.56 53.14
CA GLY A 18 -100.70 15.62 51.91
CA SER A 19 -101.21 14.49 55.52
CA TRP A 20 -102.43 11.10 54.28
CA VAL A 21 -100.87 9.24 57.19
CA ASP A 22 -101.61 5.50 57.14
CA ILE A 23 -101.52 4.50 60.79
CA VAL A 24 -100.77 0.96 61.87
CA LEU A 25 -102.87 -0.35 64.74
CA GLU A 26 -102.86 -3.58 66.72
CA HIS A 27 -104.42 -5.09 69.83
CA GLY A 28 -103.02 -3.73 73.07
CA SER A 29 -101.01 -1.01 71.35
CA CYS A 30 -101.71 2.72 71.14
CA VAL A 31 -100.59 5.23 68.53
CA THR A 32 -99.68 8.92 68.80
CA THR A 33 -100.00 11.25 65.83
CA MET A 34 -98.05 14.51 65.70
CA ALA A 35 -98.58 17.39 63.31
CA LYS A 36 -96.86 20.75 63.01
CA ASN A 37 -99.11 23.31 64.73
CA LYS A 38 -102.11 20.98 64.49
CA PRO A 39 -103.93 19.08 67.27
CA THR A 40 -102.07 15.97 68.37
CA LEU A 41 -104.11 12.76 68.39
CA ASP A 42 -104.12 9.44 70.19
CA PHE A 43 -105.58 6.45 68.32
CA GLU A 44 -106.60 3.09 69.75
CA LEU A 45 -108.89 0.16 69.07
CA ILE A 46 -110.84 -0.48 72.27
CA LYS A 47 -112.89 -3.51 71.21
CA THR A 48 -112.96 -5.93 68.28
CA GLU A 49 -116.28 -7.68 67.69
CA ALA A 50 -117.87 -9.68 64.87
CA LYS A 51 -121.56 -8.98 65.35
CA GLN A 52 -124.15 -11.50 64.15
CA PRO A 53 -121.77 -14.46 63.70
CA ALA A 54 -122.87 -17.45 61.64
CA THR A 55 -123.43 -20.92 63.10
CA LEU A 56 -121.42 -23.82 61.66
CA ARG A 57 -122.14 -26.96 63.67
CA LYS A 58 -123.40 -27.74 67.17
CA TYR A 59 -121.85 -30.38 69.42
CA CYS A 60 -123.60 -32.31 72.18
CA ILE A 61 -122.33 -32.32 75.76
CA GLU A 62 -124.86 -33.96 78.14
CA ALA A 63 -127.07 -36.84 77.05
CA LYS A 64 -130.48 -37.65 78.42
CA LEU A 65 -131.94 -40.87 77.05
CA THR A 66 -135.12 -42.93 77.25
CA ASN A 67 -137.22 -45.62 75.58
CA THR A 68 -134.24 -48.00 75.54
CA THR A 69 -135.24 -51.48 74.37
CA THR A 70 -133.62 -54.83 73.64
CA ASP A 71 -135.33 -57.09 71.12
CA SER A 72 -133.97 -60.40 69.93
CA ARG A 73 -134.83 -63.62 68.10
CA CYS A 74 -133.62 -67.18 68.39
CA PRO A 75 -130.67 -68.13 66.16
CA THR A 76 -131.78 -68.98 62.60
CA GLN A 77 -134.63 -66.41 62.72
CA GLY A 78 -132.81 -63.30 61.50
CA GLU A 79 -132.16 -60.33 63.75
CA PRO A 80 -135.55 -58.68 64.35
CA SER A 81 -136.61 -55.43 62.73
CA LEU A 82 -138.13 -52.72 64.92
CA ASN A 83 -140.32 -49.69 64.42
CA GLU A 84 -137.88 -48.11 66.87
CA GLU A 85 -134.80 -48.41 64.67
CA GLN A 86 -136.18 -47.01 61.41
CA ASP A 87 -136.24 -43.40 62.72
CA LYS A 88 -133.15 -41.20 62.96
CA ARG A 89 -134.49 -39.79 66.24
CA PHE A 90 -133.02 -42.86 68.00
CA VAL A 91 -129.53 -44.36 68.22
CA CYS A 92 -129.03 -48.06 67.66
CA LYS A 93 -126.93 -51.12 67.09
CA HIS A 94 -127.15 -54.80 66.22
CA SER A 95 -125.00 -57.37 67.97
CA MET A 96 -124.37 -61.11 68.20
CA VAL A 97 -124.65 -63.14 71.40
CA ASP A 98 -124.58 -66.84 72.29
CA ARG A 99 -128.10 -67.68 73.38
CA GLY A 100 -127.93 -71.01 75.19
CA TRP A 101 -130.39 -73.88 75.35
CA GLY A 102 -131.82 -72.78 78.69
CA ASN A 103 -132.20 -69.23 77.45
CA GLY A 104 -135.79 -69.12 76.25
CA CYS A 105 -135.29 -70.62 72.80
CA GLY A 106 -133.81 -74.02 73.46
CA LEU A 107 -131.41 -74.16 70.54
CA PHE A 108 -127.97 -73.01 71.63
CA GLY A 109 -126.16 -70.83 69.13
CA LYS A 110 -125.07 -67.31 68.31
CA GLY A 111 -127.91 -65.03 67.23
CA GLY A 112 -128.77 -61.38 66.73
CA ILE A 113 -129.99 -58.78 69.20
CA VAL A 114 -131.13 -55.27 68.33
CA THR A 115 -130.63 -52.75 71.12
CA CYS A 116 -131.62 -49.07 71.16
CA ALA A 117 -133.01 -45.94 72.67
CA MET A 118 -133.99 -42.33 72.20
CA PHE A 119 -131.23 -39.73 72.32
CA THR A 120 -132.01 -36.09 73.09
CA CYS A 121 -129.34 -34.16 74.98
CA LYS A 122 -129.48 -31.15 77.22
CA LYS A 123 -126.32 -29.00 77.06
CA ASN A 124 -124.72 -28.34 73.69
CA MET A 125 -121.86 -26.35 72.24
CA LYS A 126 -122.29 -23.35 69.98
CA GLY A 127 -119.87 -23.56 67.05
CA LYS A 128 -119.58 -20.42 64.99
CA VAL A 129 -117.64 -19.00 62.03
CA VAL A 130 -116.53 -15.41 61.44
CA GLN A 131 -116.21 -13.95 57.94
CA PRO A 132 -114.23 -10.86 56.87
CA GLU A 133 -117.52 -9.04 56.25
CA ASN A 134 -118.72 -9.28 59.84
CA LEU A 135 -115.51 -7.85 61.34
CA GLU A 136 -116.59 -4.75 63.26
CA TYR A 137 -113.85 -2.65 64.84
CA THR A 138 -114.36 -0.01 67.52
CA ILE A 139 -111.89 2.85 67.23
CA VAL A 140 -111.23 5.41 69.97
CA ILE A 141 -109.89 8.85 69.04
CA THR A 142 -108.64 11.25 71.70
CA PRO A 143 -107.09 14.74 71.82
CA HIS A 144 -104.14 15.67 74.03
CA SER A 145 -106.14 18.21 76.00
CA GLY A 146 -104.62 16.88 79.22
CA GLU A 147 -107.88 16.28 81.07
CA GLU A 148 -107.30 14.78 84.49
CA HIS A 149 -109.09 11.42 84.13
CA ALA A 150 -106.85 10.43 81.22
CA VAL A 151 -104.03 8.39 82.79
CA GLY A 152 -105.24 4.81 82.97
CA ASN A 153 -108.69 5.65 81.57
CA ASP A 154 -110.13 4.14 78.39
CA THR A 155 -113.89 4.66 77.98
CA GLY A 156 -114.07 8.05 79.71
CA LYS A 157 -116.28 10.60 77.96
CA HIS A 158 -113.48 12.77 76.62
CA GLY A 159 -112.96 11.58 73.05
CA LYS A 160 -114.90 9.88 70.28
CA GLU A 161 -115.79 6.27 69.52
CA ILE A 162 -116.50 5.16 65.95
CA LYS A 163 -117.97 1.90 64.68
CA ILE A 164 -115.72 1.10 61.72
CA THR A 165 -116.22 -1.81 59.33
CA PRO A 166 -114.82 -2.71 55.88
CA GLN A 167 -118.39 -2.44 54.57
CA SER A 168 -118.07 1.29 55.39
CA SER A 169 -115.44 3.51 53.78
CA ILE A 170 -115.92 7.20 54.71
CA THR A 171 -117.54 8.75 57.76
CA GLU A 172 -116.80 12.04 59.50
CA ALA A 173 -116.27 12.08 63.27
CA GLU A 174 -116.30 15.07 65.59
CA LEU A 175 -113.66 15.75 68.25
CA THR A 176 -115.24 18.27 70.60
CA GLY A 177 -113.20 21.45 70.78
CA TYR A 178 -110.84 20.33 68.03
CA GLY A 179 -113.07 19.95 64.97
CA THR A 180 -113.48 17.10 62.50
CA VAL A 181 -111.54 13.99 61.49
CA THR A 182 -112.56 11.79 58.59
CA MET A 183 -112.70 8.02 59.04
CA GLU A 184 -111.74 7.15 55.47
CA CYS A 185 -110.23 4.01 56.95
CA SER A 186 -109.39 0.69 55.31
CA PRO A 187 -109.57 -2.44 57.49
CA ARG A 188 -107.81 -4.64 54.96
CA THR A 189 -105.38 -6.86 56.81
CA GLY A 190 -107.32 -9.74 58.32
CA LEU A 191 -104.71 -12.32 59.31
CA ASP A 192 -106.57 -15.52 58.37
CA PHE A 193 -110.09 -16.85 58.83
CA ASN A 194 -110.51 -20.17 56.98
CA GLU A 195 -109.01 -22.22 59.82
CA MET A 196 -110.33 -20.41 62.91
CA VAL A 197 -113.62 -21.14 64.66
CA LEU A 198 -115.39 -19.72 67.70
CA LEU A 199 -116.94 -21.88 70.42
CA GLN A 200 -119.42 -20.81 73.09
CA MET A 201 -120.58 -22.57 76.28
CA GLU A 202 -123.37 -20.81 78.21
CA ASN A 203 -121.18 -18.02 79.63
CA LYS A 204 -117.70 -18.57 78.18
CA ALA A 205 -116.01 -18.91 74.79
CA TRP A 206 -112.90 -20.16 73.03
CA LEU A 207 -111.10 -19.95 69.69
CA VAL A 208 -109.83 -23.10 68.00
CA HIS A 209 -108.63 -24.31 64.61
CA ARG A 210 -111.26 -25.65 62.22
CA GLN A 211 -109.65 -29.08 61.94
CA TRP A 212 -110.21 -29.51 65.67
CA PHE A 213 -113.97 -29.28 65.12
CA LEU A 214 -113.77 -31.38 61.98
CA ASP A 215 -112.05 -34.23 63.85
CA LEU A 216 -113.43 -34.13 67.40
CA PRO A 217 -115.52 -37.32 67.91
CA LEU A 218 -118.72 -36.07 69.52
CA PRO A 219 -122.31 -35.78 68.28
CA TRP A 220 -123.05 -33.37 65.42
CA LEU A 221 -125.75 -31.00 64.27
CA PRO A 222 -125.32 -29.14 60.96
CA GLY A 223 -126.10 -25.46 61.27
CA ALA A 224 -129.25 -25.71 59.17
CA ASP A 225 -131.20 -28.09 61.41
CA THR A 226 -133.42 -26.75 64.18
CA GLN A 227 -135.36 -29.74 65.57
CA GLY A 228 -132.31 -31.25 67.26
CA SER A 229 -133.43 -34.73 66.16
CA ASN A 230 -131.03 -35.70 63.35
CA TRP A 231 -127.48 -36.35 64.56
CA ILE A 232 -124.26 -37.65 63.00
CA GLN A 233 -121.65 -39.76 64.78
CA LYS A 234 -124.30 -40.04 67.48
CA GLU A 235 -123.00 -43.46 68.57
CA THR A 236 -119.79 -42.14 70.17
CA LEU A 237 -121.43 -40.93 73.38
CA VAL A 238 -123.35 -44.15 73.98
CA THR A 239 -120.99 -46.89 75.12
CA PHE A 240 -122.52 -50.33 75.48
CA LYS A 241 -121.79 -52.71 78.32
CA ASN A 242 -120.72 -56.08 76.98
CA PRO A 243 -123.78 -57.94 75.66
CA HIS A 244 -125.45 -60.12 78.28
CA ALA A 245 -127.64 -62.73 76.57
CA LYS A 246 -130.79 -60.62 76.18
CA LYS A 247 -129.83 -57.78 78.49
CA GLN A 248 -127.98 -55.04 76.68
CA ASP A 249 -128.06 -51.88 78.76
CA VAL A 250 -126.90 -48.67 77.13
CA VAL A 251 -124.95 -45.98 78.95
CA VAL A 252 -123.46 -42.69 77.75
CA LEU A 253 -120.62 -40.40 78.79
CA GLY A 254 -121.55 -37.97 81.52
CA SER A 255 -120.46 -34.42 82.22
CA GLN A 256 -118.02 -33.51 79.45
CA GLU A 257 -117.68 -29.87 80.55
CA GLY A 258 -114.80 -30.81 82.84
CA ALA A 259 -113.17 -32.85 80.09
CA MET A 260 -113.55 -29.93 77.70
CA HIS A 261 -112.09 -27.46 80.20
CA THR A 262 -109.07 -29.62 81.06
CA ALA A 263 -108.36 -30.68 77.46
CA LEU A 264 -109.10 -27.45 75.57
CA THR A 265 -106.79 -25.53 77.92
CA GLY A 266 -103.86 -23.99 76.08
CA ALA A 267 -106.06 -22.74 73.24
CA THR A 268 -106.96 -19.07 72.87
CA GLU A 269 -109.43 -18.21 75.63
CA ILE A 270 -111.70 -15.29 74.72
CA GLN A 271 -113.59 -13.38 77.41
CA MET A 272 -116.97 -13.31 75.70
CA SER A 273 -118.55 -11.88 78.88
CA SER A 274 -117.28 -8.47 77.76
CA GLY A 275 -117.93 -9.48 74.16
CA ASN A 276 -115.62 -11.35 71.81
CA LEU A 277 -112.19 -9.69 71.94
CA LEU A 278 -110.75 -11.05 68.68
CA PHE A 279 -106.97 -10.64 69.03
CA THR A 280 -106.22 -11.14 65.34
CA GLY A 281 -105.11 -9.07 62.39
CA HIS A 282 -103.78 -5.52 62.13
CA LEU A 283 -105.56 -2.33 61.10
CA LYS A 284 -104.16 -0.26 58.24
CA CYS A 285 -106.06 2.99 58.59
CA ARG A 286 -105.58 6.03 56.34
CA LEU A 287 -106.26 9.38 58.03
CA ARG A 288 -106.12 12.91 56.60
CA MET A 289 -105.74 15.60 59.27
CA ASP A 290 -106.24 18.53 56.87
CA LYS A 291 -109.55 19.69 58.39
CA LEU A 292 -108.80 19.28 62.12
CA GLN A 293 -108.76 22.62 63.89
CA LEU A 294 -106.86 23.53 67.07
CA LYS A 295 -108.54 25.70 69.72
CA GLY A 296 -106.04 27.78 71.65
CA MET A 297 -102.95 28.53 69.58
CA SER A 298 -104.26 32.11 69.48
CA TYR A 299 -104.68 32.37 73.25
CA SER A 300 -102.58 34.80 75.27
CA MET A 301 -99.55 33.85 77.32
CA CYS A 302 -99.92 32.55 80.88
CA THR A 303 -98.57 35.04 83.44
CA GLY A 304 -99.88 33.89 86.83
CA LYS A 305 -98.90 31.53 89.62
CA PHE A 306 -97.69 28.05 88.72
CA LYS A 307 -97.66 24.95 90.91
CA VAL A 308 -97.15 21.19 90.56
CA VAL A 309 -99.42 18.66 92.24
CA LYS A 310 -97.85 15.29 91.39
CA GLU A 311 -94.43 14.53 89.94
CA ILE A 312 -93.72 12.26 86.95
CA ALA A 313 -95.39 8.89 86.87
CA GLU A 314 -92.54 7.31 84.93
CA THR A 315 -93.74 5.56 81.77
CA GLN A 316 -92.37 2.64 79.80
CA HIS A 317 -90.89 5.20 77.37
CA GLY A 318 -89.69 7.53 80.12
CA THR A 319 -92.14 10.18 78.95
CA ILE A 320 -92.85 13.02 81.38
CA VAL A 321 -96.54 13.18 82.28
CA ILE A 322 -96.87 16.27 84.45
CA ARG A 323 -100.23 16.65 86.22
CA VAL A 324 -99.99 20.31 87.07
CA GLN A 325 -102.40 22.93 88.45
CA TYR A 326 -102.21 26.66 87.61
CA GLU A 327 -103.86 28.79 90.28
CA GLY A 328 -102.94 31.86 88.26
CA ASP A 329 -105.66 33.83 86.50
CA GLY A 330 -105.93 34.76 82.82
CA SER A 331 -106.98 31.34 81.53
CA PRO A 332 -107.26 30.35 78.72
CA CYS A 333 -103.57 30.99 78.03
CA LYS A 334 -100.52 29.32 76.51
CA ILE A 335 -98.14 27.62 78.93
CA PRO A 336 -94.36 28.21 79.14
CA PHE A 337 -92.90 24.79 78.37
CA GLU A 338 -89.13 24.43 77.93
CA ILE A 339 -86.84 21.40 78.24
CA MET A 340 -83.28 22.61 78.66
CA ASP A 341 -79.80 21.29 79.38
CA LEU A 342 -77.76 21.30 82.59
CA GLU A 343 -76.08 24.63 81.88
CA LYS A 344 -79.32 25.94 80.31
CA ARG A 345 -77.80 27.00 76.98
CA HIS A 346 -80.17 25.64 74.31
CA VAL A 347 -83.42 23.68 74.18
CA LEU A 348 -83.45 20.16 72.73
CA GLY A 349 -86.70 18.60 73.98
CA ARG A 350 -89.87 17.54 72.17
CA LEU A 351 -93.18 18.41 73.79
CA ILE A 352 -96.08 16.18 72.77
CA THR A 353 -99.27 18.12 73.46
CA VAL A 354 -98.79 21.11 71.19
CA ASN A 355 -100.20 24.32 72.64
CA PRO A 356 -100.47 23.17 76.25
CA ILE A 357 -103.44 25.18 77.46
CA VAL A 358 -105.40 25.46 80.69
CA THR A 359 -109.09 25.73 79.85
CA GLU A 360 -110.21 26.93 83.28
CA LYS A 361 -108.86 27.99 86.65
CA ASP A 362 -108.66 25.62 89.62
CA SER A 363 -108.30 22.65 87.28
CA PRO A 364 -105.38 20.24 86.80
CA VAL A 365 -103.97 19.62 83.34
CA ASN A 366 -101.95 16.59 82.25
CA ILE A 367 -99.20 17.73 79.89
CA GLU A 368 -97.47 14.98 77.91
CA ALA A 369 -93.87 15.45 76.80
CA GLU A 370 -90.70 13.57 75.85
CA PRO A 371 -87.44 15.08 77.16
CA PRO A 372 -83.95 14.40 75.80
CA PHE A 373 -81.73 11.61 77.13
CA GLY A 374 -79.67 11.93 80.27
CA ASP A 375 -80.19 14.65 82.83
CA SER A 376 -82.08 17.84 82.05
CA TYR A 377 -84.26 20.61 83.48
CA ILE A 378 -87.99 21.16 82.89
CA ILE A 379 -88.94 24.84 82.90
CA ILE A 380 -92.59 25.68 83.58
CA GLY A 381 -93.84 29.22 84.04
CA VAL A 382 -91.98 32.51 83.92
CA GLU A 383 -90.08 34.49 86.53
CA PRO A 384 -91.19 35.51 89.17
CA GLY A 385 -92.47 32.12 90.32
CA GLN A 386 -90.45 30.38 87.60
CA LEU A 387 -90.68 26.63 88.20
CA LYS A 388 -87.76 24.24 87.55
CA LEU A 389 -87.86 20.44 87.82
CA ASN A 390 -84.69 18.40 87.46
CA TRP A 391 -85.19 15.03 85.79
CA PHE A 392 -83.10 12.24 84.27
CA LYS A 393 -84.08 9.73 81.58
CA LYS A 394 -81.98 6.56 81.46
CA GLY A 395 -82.21 5.81 77.73
CA SER A 396 -79.23 6.06 75.41
CA SER A 397 -79.29 8.36 72.39
CA ILE A 398 -78.20 5.93 69.67
CA GLY A 399 -80.18 3.22 71.44
CA GLN A 400 -83.58 4.92 71.36
CA MET A 401 -82.64 6.06 67.87
CA ILE A 402 -82.25 2.48 66.66
CA GLU A 403 -85.35 1.14 68.41
CA THR A 404 -87.55 4.00 67.16
CA THR A 405 -86.27 3.53 63.61
CA MET A 406 -87.02 -0.16 64.07
CA ARG A 407 -90.58 0.59 65.20
CA GLY A 408 -90.97 2.67 62.05
CA ALA A 409 -89.47 -0.15 59.99
CA LYS A 410 -91.97 -2.64 61.43
CA ARG A 411 -94.84 -0.21 60.85
CA MET A 412 -93.83 0.05 57.19
CA ALA A 413 -93.33 -3.73 57.10
CA ILE A 414 -96.97 -4.38 57.93
CA LEU A 415 -97.83 -1.19 56.03
CA GLY A 416 -95.88 -2.70 53.15
CA ASP A 417 -97.00 -4.63 50.10
CA THR A 418 -100.07 -3.06 48.42
CA ALA A 419 -100.22 -0.41 51.19
CA TRP A 420 -97.92 2.52 50.38
CA ASP A 421 -99.24 4.63 47.52
CA PHE A 422 -97.33 3.32 44.51
CA GLY A 423 -100.16 3.53 41.97
CA SER A 424 -100.69 7.29 42.23
CA LEU A 425 -98.41 8.81 39.60
CA GLY A 426 -96.89 12.07 40.77
CA GLY A 427 -97.83 11.03 44.29
CA VAL A 428 -95.31 8.19 43.99
CA PHE A 429 -92.65 10.76 44.80
CA THR A 430 -94.58 11.80 47.90
CA SER A 431 -95.13 8.17 48.90
CA ILE A 432 -91.42 7.40 48.74
CA GLY A 433 -90.81 10.63 50.61
CA LYS A 434 -93.16 9.61 53.40
CA ALA A 435 -91.59 6.15 53.50
CA LEU A 436 -88.10 7.63 53.87
CA HIS A 437 -89.59 9.81 56.59
CA GLN A 438 -91.27 7.00 58.53
CA VAL A 439 -87.97 5.06 58.47
CA PHE A 440 -85.05 7.54 58.53
CA GLY A 441 -86.69 10.78 59.72
CA ALA A 442 -85.90 10.04 63.33
CA ILE A 443 -82.25 10.01 62.26
CA TYR A 444 -82.88 13.16 60.23
CA GLY A 445 -84.57 15.27 62.89
CA ALA A 446 -83.00 14.03 66.14
CA ALA A 447 -79.40 13.32 65.12
CA PHE A 448 -78.73 15.61 62.15
CA SER A 449 -78.94 18.99 63.90
CA GLY A 450 -82.68 19.13 64.70
CA VAL A 451 -82.74 20.95 62.26
CA SER A 452 -82.54 24.42 60.71
CA TRP A 453 -83.28 23.00 57.30
CA ILE A 454 -81.63 25.49 54.92
CA MET A 455 -78.09 25.06 56.20
CA LYS A 456 -78.41 21.30 56.49
CA ILE A 457 -79.63 20.92 52.92
CA LEU A 458 -76.62 23.02 51.92
CA ILE A 459 -74.41 20.57 53.82
CA GLY A 460 -76.32 17.70 52.22
CA VAL A 461 -75.66 18.88 48.67
CA ILE A 462 -72.01 19.34 49.67
CA ILE A 463 -71.95 15.73 50.88
CA THR A 464 -73.61 14.61 47.65
CA TRP A 465 -71.00 16.38 45.53
CA ILE A 466 -68.16 14.88 47.57
CA GLY A 467 -69.69 11.41 47.31
CA MET A 468 -70.12 11.72 43.55
CA ASN A 469 -66.58 13.10 43.20
CA SER A 470 -65.04 10.43 45.45
CA ARG A 471 -62.07 8.08 45.09
CA SER A 472 -64.12 4.88 45.50
CA THR A 473 -67.41 3.81 43.95
CA SER A 474 -68.62 1.95 47.05
CA LEU A 475 -68.24 5.12 49.13
CA SER A 476 -69.97 7.10 46.37
CA VAL A 477 -72.98 4.78 46.41
CA SER A 478 -73.02 4.84 50.23
CA LEU A 479 -72.81 8.65 50.56
CA VAL A 480 -74.79 10.09 47.65
CA LEU A 481 -77.76 7.96 48.71
CA VAL A 482 -77.62 9.52 52.18
CA GLY A 483 -77.27 12.96 50.61
CA VAL A 484 -80.27 12.65 48.30
CA VAL A 485 -82.33 11.19 51.14
CA THR A 486 -81.30 14.19 53.26
CA LEU A 487 -82.27 16.70 50.57
CA TYR A 488 -85.62 15.21 49.59
CA LEU A 489 -86.63 14.25 53.13
CA GLY A 490 -85.78 17.78 54.24
CA VAL A 491 -88.03 19.18 51.54
CA MET A 492 -90.73 16.86 52.86
CA VAL A 493 -90.11 17.83 56.49
CA GLN A 494 -90.43 21.52 55.63
CA ALA A 495 -93.96 20.57 54.56
CA MET B 1 -76.90 -106.49 -9.09
CA ARG B 2 -78.64 -106.84 -12.45
CA CYS B 3 -76.54 -104.71 -14.81
CA ILE B 4 -73.09 -106.31 -14.60
CA GLY B 5 -72.17 -106.54 -18.26
CA ILE B 6 -73.94 -103.76 -20.16
CA SER B 7 -71.72 -101.18 -21.81
CA ASN B 8 -73.40 -98.05 -20.43
CA ARG B 9 -72.63 -98.50 -16.73
CA ASP B 10 -73.30 -95.32 -14.76
CA PHE B 11 -72.86 -94.41 -11.09
CA VAL B 12 -74.62 -91.74 -9.03
CA GLU B 13 -73.06 -91.55 -5.55
CA GLY B 14 -74.77 -88.57 -3.93
CA VAL B 15 -77.86 -87.82 -1.86
CA SER B 16 -79.98 -84.72 -1.38
CA GLY B 17 -80.86 -82.90 1.82
CA GLY B 18 -84.34 -84.40 1.77
CA SER B 19 -83.06 -87.57 0.07
CA TRP B 20 -84.76 -86.42 -3.16
CA VAL B 21 -82.36 -88.23 -5.47
CA ASP B 22 -82.57 -87.61 -9.21
CA ILE B 23 -81.64 -90.04 -12.00
CA VAL B 24 -81.82 -90.24 -15.78
CA LEU B 25 -82.81 -93.48 -17.51
CA GLU B 26 -82.22 -94.38 -21.16
CA HIS B 27 -82.48 -97.53 -23.25
CA GLY B 28 -79.72 -99.89 -22.20
CA SER B 29 -78.16 -97.36 -19.82
CA CYS B 30 -78.69 -98.74 -16.33
CA VAL B 31 -77.93 -96.78 -13.17
CA THR B 32 -76.58 -97.79 -9.76
CA THR B 33 -77.78 -95.90 -6.70
CA MET B 34 -75.41 -95.56 -3.74
CA ALA B 35 -76.20 -94.19 -0.29
CA LYS B 36 -74.97 -94.04 3.29
CA ASN B 37 -76.51 -96.60 5.68
CA LYS B 38 -79.27 -97.23 3.11
CA PRO B 39 -79.45 -100.23 0.75
CA THR B 40 -77.96 -99.69 -2.68
CA LEU B 41 -80.04 -100.21 -5.80
CA ASP B 42 -79.96 -100.80 -9.53
CA PHE B 43 -82.43 -99.05 -11.83
CA GLU B 44 -83.17 -99.63 -15.48
CA LEU B 45 -85.92 -99.21 -18.05
CA ILE B 46 -86.41 -102.68 -19.48
CA LYS B 47 -89.07 -102.10 -22.12
CA THR B 48 -90.76 -99.02 -23.54
CA GLU B 49 -94.43 -99.35 -24.45
CA ALA B 50 -96.94 -97.03 -26.12
CA LYS B 51 -100.43 -98.29 -25.29
CA GLN B 52 -103.75 -96.72 -26.25
CA PRO B 53 -102.55 -95.14 -29.51
CA ALA B 54 -104.35 -92.24 -31.14
CA THR B 55 -105.53 -92.91 -34.69
CA LEU B 56 -104.08 -89.78 -36.28
CA ARG B 57 -104.99 -90.36 -39.94
CA LYS B 58 -105.58 -93.12 -42.48
CA TYR B 59 -104.49 -93.69 -46.07
CA CYS B 60 -106.27 -95.69 -48.77
CA ILE B 61 -103.26 -97.47 -50.23
CA GLU B 62 -105.22 -99.03 -53.11
CA ALA B 63 -108.27 -97.80 -54.97
CA LYS B 64 -111.41 -99.05 -56.69
CA LEU B 65 -113.37 -96.97 -59.20
CA THR B 66 -117.07 -97.74 -59.65
CA ASN B 67 -120.33 -96.21 -60.83
CA THR B 68 -118.40 -93.78 -63.04
CA THR B 69 -121.06 -91.60 -64.61
CA THR B 70 -120.35 -88.65 -66.89
CA ASP B 71 -122.25 -86.04 -68.88
CA SER B 72 -121.68 -82.96 -71.01
CA ARG B 73 -123.48 -79.93 -72.42
CA CYS B 74 -123.11 -77.95 -75.60
CA PRO B 75 -121.33 -74.57 -75.37
CA THR B 76 -123.16 -71.76 -73.51
CA GLN B 77 -125.47 -74.23 -71.71
CA GLY B 78 -123.30 -74.25 -68.57
CA GLU B 79 -121.91 -77.22 -66.71
CA PRO B 80 -124.29 -80.20 -66.38
CA SER B 81 -125.66 -80.74 -62.88
CA LEU B 82 -125.95 -84.36 -61.74
CA ASN B 83 -126.55 -85.49 -58.14
CA GLU B 84 -123.11 -87.08 -57.59
CA GLU B 85 -121.28 -83.74 -57.45
CA GLN B 86 -122.78 -82.71 -54.12
CA ASP B 87 -122.22 -86.17 -52.61
CA LYS B 88 -118.60 -86.59 -51.53
CA ARG B 89 -118.97 -90.36 -51.91
CA PHE B 90 -118.14 -89.75 -55.58
CA VAL B 91 -114.92 -88.02 -56.52
CA CYS B 92 -115.32 -85.89 -59.61
CA LYS B 93 -114.30 -82.97 -61.78
CA HIS B 94 -115.51 -80.83 -64.69
CA SER B 95 -113.68 -79.71 -67.83
CA MET B 96 -114.40 -78.47 -71.36
CA VAL B 97 -113.90 -79.64 -74.95
CA ASP B 98 -114.60 -78.24 -78.41
CA ARG B 99 -118.03 -79.33 -79.66
CA GLY B 100 -120.31 -77.89 -82.30
CA TRP B 101 -122.04 -78.42 -85.63
CA GLY B 102 -119.77 -81.38 -86.37
CA ASN B 103 -120.78 -83.56 -83.41
CA GLY B 104 -124.39 -82.60 -82.68
CA CYS B 105 -124.14 -79.18 -81.02
CA GLY B 106 -124.77 -75.84 -82.73
CA LEU B 107 -121.40 -74.11 -83.13
CA PHE B 108 -117.79 -75.02 -82.48
CA GLY B 109 -116.98 -73.89 -78.94
CA LYS B 110 -115.70 -75.07 -75.58
CA GLY B 111 -118.68 -76.85 -74.07
CA GLY B 112 -118.62 -78.28 -70.58
CA ILE B 113 -118.29 -81.84 -69.28
CA VAL B 114 -118.71 -83.28 -65.79
CA THR B 115 -117.02 -86.58 -64.97
CA CYS B 116 -117.82 -88.33 -61.68
CA ALA B 117 -117.19 -91.71 -60.10
CA MET B 118 -117.51 -93.58 -56.82
CA PHE B 119 -114.16 -94.06 -55.07
CA THR B 120 -114.18 -97.28 -53.03
CA CYS B 121 -111.35 -97.89 -50.56
CA LYS B 122 -110.36 -101.56 -50.56
CA LYS B 123 -107.43 -101.50 -48.11
CA ASN B 124 -106.21 -99.31 -45.28
CA MET B 125 -102.82 -97.98 -44.22
CA LYS B 126 -102.87 -97.11 -40.54
CA GLY B 127 -101.06 -94.23 -38.84
CA LYS B 128 -100.31 -94.15 -35.11
CA VAL B 129 -99.10 -91.05 -33.26
CA VAL B 130 -97.56 -91.42 -29.80
CA GLN B 131 -98.25 -88.62 -27.34
CA PRO B 132 -96.06 -88.06 -24.26
CA GLU B 133 -98.79 -89.13 -21.84
CA ASN B 134 -99.28 -92.47 -23.63
CA LEU B 135 -95.78 -93.84 -22.88
CA GLU B 136 -96.07 -96.80 -20.50
CA TYR B 137 -92.52 -97.09 -19.13
CA THR B 138 -91.61 -100.52 -17.76
CA ILE B 139 -88.92 -100.02 -15.10
CA VAL B 140 -87.00 -102.82 -13.38
CA ILE B 141 -85.68 -102.13 -9.87
CA THR B 142 -83.25 -104.62 -8.31
CA PRO B 143 -81.36 -104.36 -4.99
CA HIS B 144 -77.71 -105.28 -4.44
CA SER B 145 -78.86 -107.74 -1.82
CA GLY B 146 -76.93 -110.89 -2.70
CA GLU B 147 -79.08 -112.61 -5.31
CA GLU B 148 -77.44 -114.69 -8.03
CA HIS B 149 -79.87 -115.17 -10.93
CA ALA B 150 -79.77 -111.58 -12.23
CA VAL B 151 -76.13 -111.09 -13.25
CA GLY B 152 -76.10 -110.76 -17.01
CA ASN B 153 -79.84 -111.51 -17.14
CA ASP B 154 -83.08 -109.98 -18.42
CA THR B 155 -85.88 -111.84 -16.61
CA GLY B 156 -83.96 -112.40 -13.34
CA LYS B 157 -86.52 -111.46 -10.71
CA HIS B 158 -85.56 -110.67 -7.14
CA GLY B 159 -86.70 -107.06 -7.30
CA LYS B 160 -89.79 -105.61 -8.97
CA GLU B 161 -90.96 -104.47 -12.39
CA ILE B 162 -93.35 -101.51 -12.43
CA LYS B 163 -95.30 -99.99 -15.32
CA ILE B 164 -95.15 -96.21 -14.92
CA THR B 165 -98.08 -94.33 -16.48
CA PRO B 166 -97.38 -90.57 -16.64
CA GLN B 167 -100.97 -89.80 -15.65
CA SER B 168 -100.00 -91.47 -12.35
CA SER B 169 -96.91 -89.57 -11.20
CA ILE B 170 -96.49 -90.95 -7.67
CA THR B 171 -96.28 -94.73 -7.39
CA GLU B 172 -95.24 -97.12 -4.64
CA ALA B 173 -93.04 -100.03 -5.77
CA GLU B 174 -92.86 -102.41 -2.79
CA LEU B 175 -89.39 -103.93 -2.98
CA THR B 176 -89.37 -107.25 -1.14
CA GLY B 177 -87.72 -107.28 2.27
CA TYR B 178 -86.65 -103.62 2.02
CA GLY B 179 -89.99 -101.78 1.86
CA THR B 180 -90.78 -99.39 -0.98
CA VAL B 181 -89.36 -96.42 -2.89
CA THR B 182 -91.56 -93.56 -4.04
CA MET B 183 -91.64 -93.29 -7.83
CA GLU B 184 -91.95 -89.74 -9.16
CA CYS B 185 -90.49 -90.29 -12.60
CA SER B 186 -91.69 -88.32 -15.62
CA PRO B 187 -90.93 -88.71 -19.33
CA ARG B 188 -92.33 -85.21 -19.90
CA THR B 189 -88.96 -83.57 -19.30
CA GLY B 190 -87.30 -85.99 -21.73
CA LEU B 191 -87.20 -85.54 -25.47
CA ASP B 192 -90.53 -84.55 -27.00
CA PHE B 193 -92.31 -87.41 -28.79
CA ASN B 194 -94.03 -84.92 -31.09
CA GLU B 195 -92.57 -85.95 -34.47
CA MET B 196 -92.53 -89.78 -34.24
CA VAL B 197 -95.19 -91.73 -36.12
CA LEU B 198 -95.79 -95.43 -36.75
CA LEU B 199 -96.96 -96.73 -40.12
CA GLN B 200 -98.89 -99.97 -39.63
CA MET B 201 -99.69 -102.46 -42.40
CA GLU B 202 -101.48 -105.71 -41.57
CA ASN B 203 -99.21 -106.72 -38.66
CA LYS B 204 -95.83 -105.15 -39.53
CA ALA B 205 -94.85 -101.53 -39.04
CA TRP B 206 -92.23 -98.83 -39.46
CA LEU B 207 -91.29 -95.61 -37.70
CA VAL B 208 -91.17 -92.34 -39.64
CA HIS B 209 -91.45 -88.60 -39.09
CA ARG B 210 -94.75 -86.73 -38.79
CA GLN B 211 -94.15 -84.10 -41.47
CA TRP B 212 -93.14 -86.85 -43.90
CA PHE B 213 -96.12 -88.93 -42.81
CA LEU B 214 -98.54 -86.16 -43.76
CA ASP B 215 -96.68 -84.87 -46.84
CA LEU B 216 -97.45 -88.07 -48.76
CA PRO B 217 -99.60 -87.28 -51.85
CA LEU B 218 -101.97 -90.16 -51.18
CA PRO B 219 -105.66 -90.47 -50.27
CA TRP B 220 -106.22 -88.58 -47.06
CA LEU B 221 -108.91 -89.65 -44.56
CA PRO B 222 -109.29 -88.33 -40.99
CA GLY B 223 -109.22 -90.39 -37.83
CA ALA B 224 -112.66 -89.38 -36.58
CA ASP B 225 -114.60 -90.56 -39.62
CA THR B 226 -115.38 -94.25 -40.17
CA GLN B 227 -117.32 -94.59 -43.43
CA GLY B 228 -114.64 -92.87 -45.52
CA SER B 229 -117.12 -90.93 -47.65
CA ASN B 230 -115.80 -87.63 -46.27
CA TRP B 231 -112.79 -88.10 -48.51
CA ILE B 232 -109.95 -85.59 -48.95
CA GLN B 233 -107.05 -85.26 -51.41
CA LYS B 234 -109.13 -86.49 -54.27
CA GLU B 235 -106.79 -86.41 -57.28
CA THR B 236 -103.95 -88.54 -55.84
CA LEU B 237 -105.04 -91.80 -57.53
CA VAL B 238 -107.84 -90.91 -59.95
CA THR B 239 -105.85 -89.65 -62.94
CA PHE B 240 -108.32 -88.53 -65.59
CA LYS B 241 -106.86 -88.26 -69.10
CA ASN B 242 -107.48 -85.39 -71.49
CA PRO B 243 -111.22 -85.63 -72.23
CA HIS B 244 -112.00 -86.29 -75.87
CA ALA B 245 -115.66 -85.39 -76.43
CA LYS B 246 -117.16 -86.94 -73.25
CA LYS B 247 -115.35 -90.08 -72.12
CA GLN B 248 -111.93 -89.92 -70.52
CA ASP B 249 -109.91 -92.96 -69.51
CA VAL B 250 -110.58 -92.56 -65.79
CA VAL B 251 -108.45 -95.14 -63.99
CA VAL B 252 -107.06 -95.38 -60.48
CA LEU B 253 -103.33 -95.99 -60.32
CA GLY B 254 -102.21 -99.47 -59.42
CA SER B 255 -101.85 -100.52 -55.82
CA GLN B 256 -99.17 -98.44 -54.13
CA GLU B 257 -98.38 -101.21 -51.64
CA GLY B 258 -95.31 -102.39 -53.55
CA ALA B 259 -94.09 -98.91 -54.44
CA MET B 260 -94.49 -97.42 -50.98
CA HIS B 261 -93.04 -100.55 -49.40
CA THR B 262 -89.97 -100.19 -51.61
CA ALA B 263 -89.67 -96.50 -50.79
CA LEU B 264 -90.17 -96.96 -47.05
CA THR B 265 -87.47 -99.63 -47.08
CA GLY B 266 -84.40 -98.47 -45.20
CA ALA B 267 -86.42 -96.64 -42.56
CA THR B 268 -86.64 -97.81 -38.94
CA GLU B 269 -88.57 -101.08 -39.07
CA ILE B 270 -90.38 -101.78 -35.79
CA GLN B 271 -91.47 -105.25 -34.73
CA MET B 272 -94.54 -103.68 -33.13
CA SER B 273 -96.18 -107.05 -32.47
CA SER B 274 -94.24 -107.49 -29.21
CA GLY B 275 -95.12 -103.93 -28.17
CA ASN B 276 -94.08 -100.41 -29.16
CA LEU B 277 -90.38 -100.82 -28.40
CA LEU B 278 -89.36 -97.20 -28.78
CA PHE B 279 -85.56 -96.98 -28.60
CA THR B 280 -85.38 -93.33 -27.45
CA GLY B 281 -86.64 -91.05 -24.70
CA HIS B 282 -85.13 -89.79 -21.45
CA LEU B 283 -86.89 -90.68 -18.22
CA LYS B 284 -86.25 -88.12 -15.46
CA CYS B 285 -86.72 -89.95 -12.19
CA ARG B 286 -87.01 -88.22 -8.79
CA LEU B 287 -87.17 -90.48 -5.75
CA ARG B 288 -87.60 -90.25 -2.00
CA MET B 289 -85.57 -93.26 -0.86
CA ASP B 290 -85.97 -92.50 2.86
CA LYS B 291 -88.97 -94.83 3.03
CA LEU B 292 -86.66 -97.57 1.74
CA GLN B 293 -84.66 -99.38 4.39
CA LEU B 294 -82.26 -102.31 4.67
CA LYS B 295 -83.55 -105.07 6.94
CA GLY B 296 -80.15 -106.75 6.65
CA MET B 297 -77.94 -103.82 7.64
CA SER B 298 -77.69 -104.18 11.42
CA TYR B 299 -77.18 -107.94 11.79
CA SER B 300 -74.26 -109.12 13.89
CA MET B 301 -70.72 -109.03 12.55
CA CYS B 302 -70.16 -112.48 11.13
CA THR B 303 -67.62 -114.75 12.78
CA GLY B 304 -67.27 -118.17 11.19
CA LYS B 305 -64.92 -119.35 8.48
CA PHE B 306 -65.58 -118.01 4.99
CA LYS B 307 -64.40 -119.36 1.62
CA VAL B 308 -64.56 -118.45 -2.08
CA VAL B 309 -66.15 -120.67 -4.73
CA LYS B 310 -65.59 -118.92 -8.05
CA GLU B 311 -62.72 -116.58 -8.90
CA ILE B 312 -62.98 -113.07 -10.32
CA ALA B 313 -63.82 -112.27 -13.91
CA GLU B 314 -63.64 -108.66 -15.05
CA THR B 315 -66.71 -106.59 -15.88
CA GLN B 316 -67.20 -103.93 -18.55
CA HIS B 317 -66.78 -101.04 -16.11
CA GLY B 318 -64.15 -103.03 -14.23
CA THR B 319 -65.79 -103.89 -10.91
CA ILE B 320 -65.01 -106.71 -8.51
CA VAL B 321 -67.81 -109.26 -8.39
CA ILE B 322 -67.16 -112.33 -6.23
CA ARG B 323 -69.36 -115.31 -5.51
CA VAL B 324 -68.41 -116.38 -1.99
CA GLN B 325 -69.62 -119.22 0.24
CA TYR B 326 -69.83 -119.39 4.04
CA GLU B 327 -68.88 -122.74 5.57
CA GLY B 328 -69.11 -121.45 9.14
CA ASP B 329 -72.16 -120.79 11.33
CA GLY B 330 -74.19 -117.99 12.84
CA SER B 331 -76.28 -117.12 9.79
CA PRO B 332 -77.75 -114.52 9.37
CA CYS B 333 -74.62 -112.41 9.96
CA LYS B 334 -73.01 -109.19 8.72
CA ILE B 335 -69.92 -110.23 6.74
CA PRO B 336 -66.68 -108.21 7.07
CA PHE B 337 -65.39 -106.94 3.74
CA GLU B 338 -62.66 -104.33 3.29
CA ILE B 339 -60.23 -103.29 0.54
CA MET B 340 -56.94 -102.64 2.32
CA ASP B 341 -53.53 -101.59 1.13
CA LEU B 342 -50.94 -104.33 0.81
CA GLU B 343 -49.57 -103.26 4.23
CA LYS B 344 -53.04 -103.34 5.87
CA ARG B 345 -52.76 -99.73 7.11
CA HIS B 346 -55.17 -97.52 5.12
CA VAL B 347 -58.22 -98.24 2.96
CA LEU B 348 -58.20 -97.56 -0.79
CA GLY B 349 -61.34 -98.76 -2.55
CA ARG B 350 -65.11 -98.62 -2.21
CA LEU B 351 -67.74 -101.35 -1.91
CA ILE B 352 -71.13 -101.07 -3.62
CA THR B 353 -73.17 -103.56 -1.61
CA VAL B 354 -73.34 -101.66 1.67
CA ASN B 355 -73.28 -104.09 4.59
CA PRO B 356 -73.37 -107.34 2.59
CA ILE B 357 -75.50 -110.01 4.22
CA VAL B 358 -75.52 -113.81 4.34
CA THR B 359 -78.95 -114.96 5.55
CA GLU B 360 -78.76 -118.50 4.16
CA LYS B 361 -76.48 -121.47 4.70
CA ASP B 362 -74.72 -123.08 1.75
CA SER B 363 -75.58 -120.49 -0.88
CA PRO B 364 -73.52 -118.30 -3.23
CA VAL B 365 -73.22 -114.69 -2.13
CA ASN B 366 -72.48 -111.91 -4.62
CA ILE B 367 -70.15 -109.21 -3.30
CA GLU B 368 -69.54 -106.08 -5.38
CA ALA B 369 -66.71 -103.56 -5.16
CA GLU B 370 -64.69 -101.07 -7.22
CA PRO B 371 -61.00 -100.62 -6.40
CA PRO B 372 -58.80 -97.92 -7.89
CA PHE B 373 -56.13 -98.66 -10.48
CA GLY B 374 -53.40 -100.24 -8.41
CA ASP B 375 -52.45 -103.22 -6.34
CA SER B 376 -54.84 -103.89 -3.47
CA TYR B 377 -55.68 -106.57 -0.93
CA ILE B 378 -59.33 -107.52 -0.49
CA ILE B 379 -59.39 -108.57 3.17
CA ILE B 380 -62.31 -110.80 4.13
CA GLY B 381 -63.23 -112.27 7.49
CA VAL B 382 -61.46 -112.21 10.83
CA GLU B 383 -58.71 -114.47 12.12
CA PRO B 384 -58.93 -117.47 12.49
CA GLY B 385 -59.70 -117.97 8.81
CA GLN B 386 -58.53 -114.64 7.43
CA LEU B 387 -58.79 -114.38 3.65
CA LYS B 388 -56.47 -112.05 1.73
CA LEU B 389 -56.97 -111.63 -2.02
CA ASN B 390 -54.44 -109.67 -4.05
CA TRP B 391 -55.92 -107.76 -6.97
CA PHE B 392 -54.84 -105.32 -9.66
CA LYS B 393 -56.72 -103.45 -12.38
CA LYS B 394 -55.52 -101.55 -15.42
CA GLY B 395 -56.09 -97.93 -16.42
CA SER B 396 -55.11 -94.40 -15.45
CA SER B 397 -56.67 -92.61 -12.50
CA ILE B 398 -57.01 -89.41 -14.53
CA GLY B 399 -58.89 -91.48 -17.10
CA GLN B 400 -61.60 -92.34 -14.61
CA MET B 401 -61.58 -88.79 -13.22
CA ILE B 402 -62.27 -87.18 -16.61
CA GLU B 403 -64.70 -89.94 -17.61
CA THR B 404 -66.81 -89.72 -14.45
CA THR B 405 -66.71 -85.92 -14.32
CA MET B 406 -67.77 -85.48 -17.95
CA ARG B 407 -70.43 -88.18 -17.63
CA GLY B 408 -71.88 -86.46 -14.57
CA ALA B 409 -71.69 -83.09 -16.32
CA LYS B 410 -73.69 -84.41 -19.27
CA ARG B 411 -76.09 -86.09 -16.85
CA MET B 412 -76.72 -82.81 -15.05
CA ALA B 413 -76.96 -80.90 -18.33
CA ILE B 414 -79.75 -83.18 -19.56
CA LEU B 415 -81.08 -83.33 -15.97
CA GLY B 416 -80.93 -79.55 -15.98
CA ASP B 417 -83.45 -76.79 -16.62
CA THR B 418 -86.80 -77.47 -14.92
CA ALA B 419 -85.18 -80.55 -13.29
CA TRP B 420 -82.83 -79.60 -10.45
CA ASP B 421 -84.57 -77.95 -7.52
CA PHE B 422 -84.17 -74.19 -7.87
CA GLY B 423 -87.70 -73.10 -6.94
CA SER B 424 -87.83 -74.96 -3.62
CA LEU B 425 -86.78 -72.58 -0.86
CA GLY B 426 -84.67 -73.99 1.97
CA GLY B 427 -83.40 -76.83 -0.19
CA VAL B 428 -81.64 -74.40 -2.51
CA PHE B 429 -78.33 -74.89 -0.72
CA THR B 430 -78.98 -78.64 -0.77
CA SER B 431 -79.81 -78.51 -4.48
CA ILE B 432 -76.61 -76.67 -5.39
CA GLY B 433 -74.73 -79.12 -3.17
CA LYS B 434 -76.25 -81.97 -5.16
CA ALA B 435 -75.31 -80.29 -8.44
CA LEU B 436 -71.74 -79.54 -7.37
CA HIS B 437 -71.53 -83.16 -6.29
CA GLN B 438 -72.76 -84.48 -9.63
CA VAL B 439 -69.99 -82.47 -11.38
CA PHE B 440 -66.98 -82.26 -9.02
CA GLY B 441 -67.56 -85.13 -6.59
CA ALA B 442 -65.25 -87.50 -8.41
CA ILE B 443 -62.46 -84.99 -7.86
CA TYR B 444 -63.54 -84.38 -4.27
CA GLY B 445 -63.82 -88.00 -3.16
CA ALA B 446 -61.05 -89.58 -5.24
CA ALA B 447 -58.32 -87.01 -5.86
CA PHE B 448 -58.61 -85.17 -2.54
CA SER B 449 -57.55 -87.81 -0.01
CA GLY B 450 -60.59 -90.13 -0.03
CA VAL B 451 -61.33 -88.56 2.47
CA SER B 452 -61.17 -87.97 6.23
CA TRP B 453 -63.71 -85.16 6.17
CA ILE B 454 -62.71 -83.24 9.32
CA MET B 455 -59.08 -82.67 8.40
CA LYS B 456 -59.83 -81.93 4.76
CA ILE B 457 -62.38 -79.26 5.69
CA LEU B 458 -59.70 -77.81 7.97
CA ILE B 459 -57.44 -77.71 4.90
CA GLY B 460 -60.37 -76.23 2.98
CA VAL B 461 -60.78 -73.32 5.35
CA ILE B 462 -57.00 -72.90 5.26
CA ILE B 463 -57.04 -72.56 1.45
CA THR B 464 -60.00 -70.18 1.69
CA TRP B 465 -58.11 -68.01 4.18
CA ILE B 466 -55.02 -67.98 1.95
CA GLY B 467 -57.17 -67.16 -1.09
CA MET B 468 -59.00 -64.23 0.47
CA ASN B 469 -55.73 -62.70 1.71
CA SER B 470 -53.89 -63.38 -1.56
CA ARG B 471 -51.58 -61.17 -3.60
CA SER B 472 -53.96 -61.35 -6.59
CA THR B 473 -57.74 -61.08 -6.87
CA SER B 474 -57.90 -63.51 -9.79
CA LEU B 475 -56.22 -66.18 -7.67
CA SER B 476 -58.49 -65.19 -4.77
CA VAL B 477 -61.58 -65.89 -6.87
CA SER B 478 -60.05 -69.05 -8.34
CA LEU B 479 -59.12 -70.50 -4.93
CA VAL B 480 -61.88 -69.44 -2.54
CA LEU B 481 -64.47 -70.90 -4.92
CA VAL B 482 -62.75 -74.29 -4.70
CA GLY B 483 -62.40 -73.91 -0.94
CA VAL B 484 -66.06 -73.15 -0.33
CA VAL B 485 -66.89 -76.01 -2.71
CA THR B 486 -64.73 -78.27 -0.55
CA LEU B 487 -66.33 -77.13 2.70
CA TYR B 488 -69.95 -77.33 1.53
CA LEU B 489 -69.46 -80.68 -0.22
CA GLY B 490 -67.72 -82.00 2.90
CA VAL B 491 -70.74 -81.03 4.94
CA MET B 492 -72.76 -82.77 2.22
CA VAL B 493 -70.68 -85.94 1.66
CA GLN B 494 -70.80 -86.48 5.42
CA ALA B 495 -74.50 -87.17 4.75
CA PHE C 1 -97.37 -113.16 -99.23
CA HIS C 2 -96.93 -116.32 -97.16
CA LEU C 3 -99.61 -116.33 -94.46
CA THR C 4 -99.22 -117.53 -90.87
CA THR C 5 -100.74 -116.57 -87.50
CA ARG C 6 -99.28 -114.76 -84.51
CA ASN C 7 -101.00 -113.53 -81.35
CA GLY C 8 -104.21 -114.93 -82.78
CA GLU C 9 -104.03 -112.66 -85.84
CA PRO C 10 -103.13 -113.31 -89.49
CA HIS C 11 -99.61 -112.47 -90.57
CA MET C 12 -98.78 -112.27 -94.29
CA ILE C 13 -95.18 -111.81 -95.43
CA VAL C 14 -95.09 -109.99 -98.76
CA SER C 15 -92.19 -109.64 -101.17
CA ARG C 16 -91.33 -108.08 -104.53
CA GLN C 17 -93.22 -110.87 -106.34
CA GLU C 18 -96.41 -109.02 -105.33
CA LYS C 19 -95.38 -105.36 -105.10
CA GLY C 20 -97.64 -102.34 -105.26
CA LYS C 21 -100.68 -104.49 -106.04
CA SER C 22 -103.87 -105.39 -104.22
CA LEU C 23 -103.36 -108.22 -101.75
CA LEU C 24 -106.16 -110.78 -101.83
CA PHE C 25 -106.95 -113.83 -99.70
CA LYS C 26 -109.76 -116.10 -98.54
CA THR C 27 -109.75 -116.72 -94.78
CA GLU C 28 -112.24 -117.79 -92.12
CA ASP C 29 -113.26 -114.15 -91.69
CA GLY C 30 -114.10 -114.02 -95.40
CA VAL C 31 -112.74 -112.39 -98.56
CA ASN C 32 -109.71 -110.44 -97.31
CA MET C 33 -108.96 -107.55 -99.68
CA CYS C 34 -105.92 -105.67 -98.36
CA THR C 35 -104.20 -102.71 -99.97
CA LEU C 36 -100.49 -102.44 -99.18
CA MET C 37 -99.97 -98.80 -100.07
CA ALA C 38 -96.57 -98.64 -98.36
CA MET C 39 -93.31 -97.17 -99.69
CA ASP C 40 -90.09 -99.01 -98.87
CA LEU C 41 -91.31 -102.42 -100.05
CA GLY C 42 -88.47 -103.81 -102.16
CA GLU C 43 -87.15 -107.35 -102.45
CA LEU C 44 -87.24 -109.31 -99.22
CA CYS C 45 -84.51 -108.52 -96.69
CA GLU C 46 -83.54 -109.08 -93.05
CA ASP C 47 -84.62 -105.60 -91.89
CA THR C 48 -88.07 -106.99 -91.11
CA ILE C 49 -90.43 -104.03 -90.77
CA THR C 50 -93.88 -105.05 -89.52
CA TYR C 51 -97.25 -103.34 -89.55
CA LYS C 52 -100.85 -103.55 -88.43
CA CYS C 53 -103.21 -103.12 -91.32
CA PRO C 54 -106.21 -101.89 -89.27
CA PHE C 55 -109.81 -102.96 -89.68
CA LEU C 56 -111.63 -100.30 -91.70
CA LYS C 57 -115.20 -100.97 -92.75
CA GLN C 58 -116.22 -98.12 -95.08
CA ASN C 59 -114.60 -94.90 -93.83
CA GLU C 60 -112.08 -92.66 -95.61
CA PRO C 61 -108.56 -94.05 -95.06
CA GLU C 62 -105.80 -91.58 -94.29
CA ASP C 63 -102.43 -91.46 -92.54
CA ILE C 64 -102.01 -95.23 -92.94
CA ASP C 65 -99.53 -97.40 -94.81
CA CYS C 66 -101.63 -100.54 -95.30
CA TRP C 67 -105.26 -101.44 -94.68
CA CYS C 68 -107.78 -104.23 -95.13
CA ASN C 69 -111.55 -104.03 -95.58
CA SER C 70 -112.17 -107.36 -93.78
CA THR C 71 -110.24 -107.45 -90.51
CA SER C 72 -107.13 -106.22 -88.76
CA THR C 73 -104.01 -108.11 -89.77
CA TRP C 74 -100.23 -108.17 -89.59
CA VAL C 75 -98.02 -107.55 -92.60
CA THR C 76 -94.23 -107.55 -92.86
CA TYR C 77 -91.48 -107.01 -95.39
CA GLY C 78 -87.84 -106.00 -95.86
CA THR C 79 -86.12 -102.72 -96.63
CA CYS C 80 -82.70 -103.40 -98.19
CA THR C 81 -81.96 -102.33 -101.76
CA THR C 82 -81.73 -104.66 -104.75
CA THR C 83 -77.97 -105.22 -104.64
CA GLY C 84 -77.94 -105.85 -100.87
CA GLU C 85 -77.13 -103.45 -98.06
CA HIS C 86 -78.26 -102.53 -94.56
CA ARG C 87 -80.15 -99.32 -95.38
CA ARG C 88 -79.61 -95.71 -96.51
CA GLU C 89 -76.45 -94.04 -95.18
CA LYS C 90 -76.41 -90.91 -93.01
CA ARG C 91 -73.84 -88.89 -91.09
CA SER C 92 -74.54 -87.71 -87.55
CA VAL C 93 -73.30 -87.64 -83.90
CA ALA C 94 -71.26 -84.66 -82.68
CA LEU C 95 -67.85 -85.35 -81.17
CA VAL C 96 -64.29 -84.06 -81.17
CA PRO C 97 -61.37 -84.68 -78.76
CA HIS C 98 -58.73 -82.47 -77.29
CA VAL C 99 -55.60 -82.05 -79.41
CA GLY C 100 -52.57 -83.88 -78.17
CA MET C 101 -49.12 -83.13 -76.85
CA GLY C 102 -45.98 -84.76 -78.22
CA LEU C 103 -42.24 -84.46 -78.89
CA GLU C 104 -42.09 -81.42 -76.58
CA THR C 105 -41.95 -82.74 -72.97
CA ARG C 106 -43.10 -80.71 -69.96
CA THR C 107 -40.03 -79.31 -68.14
CA GLU C 108 -38.17 -75.99 -68.47
CA THR C 109 -35.14 -76.84 -70.65
CA TRP C 110 -33.60 -76.65 -74.17
CA MET C 111 -32.81 -72.88 -74.21
CA SER C 112 -35.29 -72.54 -77.11
CA SER C 113 -37.01 -69.27 -77.98
CA GLU C 114 -40.51 -70.67 -77.43
CA GLY C 115 -39.50 -72.40 -74.21
CA ALA C 116 -37.56 -69.37 -73.00
CA TRP C 117 -40.38 -66.89 -73.66
CA LYS C 118 -43.23 -69.17 -72.52
CA HIS C 119 -42.56 -68.44 -68.86
CA ALA C 120 -42.50 -64.67 -69.38
CA GLN C 121 -45.61 -64.80 -71.59
CA ARG C 122 -47.44 -66.77 -68.90
CA ILE C 123 -46.28 -64.30 -66.22
CA GLU C 124 -47.61 -61.32 -68.16
CA THR C 125 -50.83 -63.15 -69.02
CA TRP C 126 -51.34 -63.87 -65.32
CA ILE C 127 -50.61 -60.23 -64.50
CA LEU C 128 -53.15 -59.06 -67.06
CA ARG C 129 -55.72 -61.54 -65.75
CA HIS C 130 -54.82 -60.77 -62.10
CA PRO C 131 -54.54 -56.99 -61.64
CA GLY C 132 -55.69 -57.17 -58.01
CA PHE C 133 -52.97 -59.60 -56.95
CA THR C 134 -50.43 -57.47 -58.80
CA ILE C 135 -51.56 -54.37 -56.88
CA MET C 136 -51.48 -56.31 -53.61
CA ALA C 137 -47.94 -57.51 -54.29
CA ALA C 138 -46.87 -53.97 -55.18
CA ILE C 139 -48.34 -52.66 -51.91
CA LEU C 140 -46.56 -55.37 -49.91
CA ALA C 141 -43.29 -54.53 -51.67
CA TYR C 142 -43.80 -50.85 -50.89
CA THR C 143 -44.46 -51.48 -47.20
CA ILE C 144 -41.71 -54.05 -46.62
CA GLY C 145 -39.23 -52.43 -49.00
CA THR C 146 -37.07 -49.67 -47.54
CA THR C 147 -35.18 -49.03 -50.80
CA HIS C 148 -36.55 -48.67 -54.32
CA PHE C 149 -34.28 -51.47 -55.55
CA GLN C 150 -35.57 -53.82 -52.84
CA ARG C 151 -39.10 -52.63 -53.65
CA ALA C 152 -38.79 -53.56 -57.33
CA LEU C 153 -36.96 -56.82 -56.61
CA ILE C 154 -39.60 -57.97 -54.12
CA PHE C 155 -42.43 -56.95 -56.45
CA ILE C 156 -40.88 -58.92 -59.32
CA LEU C 157 -40.26 -61.92 -57.05
CA LEU C 158 -43.86 -61.95 -55.81
CA THR C 159 -45.33 -61.55 -59.30
CA ALA C 160 -43.11 -64.37 -60.62
CA VAL C 161 -43.61 -66.76 -57.69
CA ALA C 162 -47.38 -66.43 -57.18
CA PRO C 163 -48.31 -68.11 -60.52
CA SER C 164 -45.73 -70.88 -60.12
CA MET C 165 -47.58 -72.15 -57.04
CA THR C 166 -50.64 -72.88 -59.20
CA PHE D 1 -107.20 -86.33 -115.63
CA HIS D 2 -106.29 -83.74 -118.29
CA LEU D 3 -103.28 -84.70 -120.39
CA THR D 4 -101.89 -81.20 -120.97
CA THR D 5 -98.50 -80.04 -122.26
CA ARG D 6 -97.01 -78.49 -119.13
CA ASN D 7 -93.39 -77.32 -119.36
CA GLY D 8 -93.36 -79.08 -122.73
CA GLU D 9 -94.10 -82.52 -121.27
CA PRO D 10 -97.23 -84.56 -120.51
CA HIS D 11 -99.02 -83.43 -117.36
CA MET D 12 -101.92 -85.08 -115.48
CA ILE D 13 -104.23 -84.00 -112.65
CA VAL D 14 -105.45 -87.03 -110.69
CA SER D 15 -108.15 -86.51 -108.06
CA ARG D 16 -109.56 -88.67 -105.27
CA GLN D 17 -112.64 -89.93 -107.17
CA GLU D 18 -110.35 -92.78 -108.26
CA LYS D 19 -107.58 -93.83 -105.90
CA GLY D 20 -105.15 -96.66 -105.27
CA LYS D 21 -105.51 -97.86 -108.86
CA SER D 22 -103.34 -97.61 -111.96
CA LEU D 23 -104.38 -94.91 -114.41
CA LEU D 24 -104.68 -95.50 -118.15
CA PHE D 25 -104.31 -92.93 -120.93
CA LYS D 26 -103.05 -92.34 -124.46
CA THR D 27 -100.01 -90.52 -125.86
CA GLU D 28 -98.11 -90.40 -129.14
CA ASP D 29 -96.08 -93.41 -128.01
CA GLY D 30 -99.26 -95.44 -127.44
CA VAL D 31 -101.35 -96.56 -124.50
CA ASN D 32 -99.67 -95.80 -121.17
CA MET D 33 -100.65 -97.33 -117.83
CA CYS D 34 -99.38 -95.29 -114.88
CA THR D 35 -98.72 -96.41 -111.31
CA LEU D 36 -99.33 -94.00 -108.42
CA MET D 37 -98.13 -95.26 -105.04
CA ALA D 38 -98.55 -91.87 -103.34
CA MET D 39 -100.12 -92.80 -100.02
CA ASP D 40 -100.89 -89.25 -98.80
CA LEU D 41 -103.44 -88.50 -101.51
CA GLY D 42 -106.60 -86.46 -101.06
CA GLU D 43 -109.14 -84.69 -103.27
CA LEU D 44 -108.27 -81.83 -105.59
CA CYS D 45 -108.10 -78.37 -104.01
CA GLU D 46 -105.78 -75.38 -103.91
CA ASP D 47 -102.94 -77.24 -102.14
CA THR D 48 -101.73 -78.92 -105.31
CA ILE D 49 -98.63 -81.09 -104.95
CA THR D 50 -96.90 -81.88 -108.26
CA TYR D 51 -94.47 -84.55 -109.51
CA LYS D 52 -92.37 -85.35 -112.58
CA CYS D 53 -93.16 -89.05 -112.90
CA PRO D 54 -90.04 -90.96 -114.05
CA PHE D 55 -89.71 -93.62 -116.72
CA LEU D 56 -88.84 -97.20 -115.74
CA LYS D 57 -88.30 -100.09 -118.18
CA GLN D 58 -87.68 -103.24 -116.10
CA ASN D 59 -85.86 -102.23 -112.89
CA GLU D 60 -87.57 -102.63 -109.54
CA PRO D 61 -89.49 -99.47 -108.55
CA GLU D 62 -87.86 -98.32 -105.31
CA ASP D 63 -88.41 -95.24 -103.14
CA ILE D 64 -90.70 -93.56 -105.68
CA ASP D 65 -94.45 -93.03 -105.90
CA CYS D 66 -95.11 -92.82 -109.62
CA TRP D 67 -93.90 -94.84 -112.58
CA CYS D 68 -95.02 -96.00 -116.03
CA ASN D 69 -93.74 -98.51 -118.62
CA SER D 70 -93.09 -96.22 -121.61
CA THR D 71 -92.50 -92.58 -120.73
CA SER D 72 -92.18 -89.92 -118.04
CA THR D 73 -94.83 -87.34 -117.20
CA TRP D 74 -96.05 -84.83 -114.60
CA VAL D 75 -98.69 -86.10 -112.16
CA THR D 76 -100.29 -83.73 -109.64
CA TYR D 77 -103.02 -83.92 -107.03
CA GLY D 78 -104.53 -82.15 -104.07
CA THR D 79 -103.99 -82.95 -100.41
CA CYS D 80 -107.05 -81.49 -98.68
CA THR D 81 -108.73 -83.75 -96.14
CA THR D 82 -112.40 -84.73 -96.15
CA THR D 83 -113.51 -81.33 -94.84
CA GLY D 84 -111.69 -79.74 -97.79
CA GLU D 85 -109.13 -77.85 -95.68
CA HIS D 86 -105.35 -77.52 -95.98
CA ARG D 87 -102.71 -79.48 -94.09
CA ARG D 88 -102.91 -79.40 -90.31
CA GLU D 89 -100.49 -79.95 -87.43
CA LYS D 90 -98.96 -78.24 -84.39
CA ARG D 91 -96.88 -76.83 -82.77
CA SER D 92 -93.99 -74.39 -83.23
CA VAL D 93 -92.13 -72.34 -80.62
CA ALA D 94 -92.31 -68.68 -79.59
CA LEU D 95 -90.08 -67.15 -76.94
CA VAL D 96 -91.99 -66.53 -73.71
CA PRO D 97 -92.29 -62.76 -73.08
CA HIS D 98 -91.90 -60.80 -69.85
CA VAL D 99 -91.67 -57.22 -68.59
CA GLY D 100 -88.53 -55.09 -68.57
CA MET D 101 -85.43 -55.41 -70.72
CA GLY D 102 -83.09 -58.09 -69.44
CA LEU D 103 -79.59 -57.35 -70.73
CA GLU D 104 -77.27 -58.12 -67.83
CA THR D 105 -76.76 -61.90 -68.02
CA ARG D 106 -75.33 -64.09 -70.77
CA THR D 107 -72.88 -66.98 -71.20
CA GLU D 108 -72.65 -70.09 -69.01
CA THR D 109 -70.26 -70.73 -66.13
CA TRP D 110 -66.92 -72.49 -65.82
CA MET D 111 -67.14 -74.20 -62.44
CA SER D 112 -63.51 -73.95 -61.32
CA SER D 113 -62.73 -70.39 -62.40
CA GLU D 114 -66.07 -68.95 -61.30
CA GLY D 115 -65.86 -70.79 -57.98
CA ALA D 116 -62.41 -69.30 -57.44
CA TRP D 117 -63.59 -65.79 -58.36
CA LYS D 118 -66.92 -66.04 -56.50
CA HIS D 119 -65.45 -64.39 -53.41
CA ALA D 120 -63.84 -61.56 -55.39
CA GLN D 121 -67.04 -60.85 -57.33
CA ARG D 122 -69.32 -61.27 -54.30
CA ILE D 123 -67.39 -58.77 -52.17
CA GLU D 124 -67.66 -56.20 -54.97
CA THR D 125 -71.37 -56.75 -55.58
CA TRP D 126 -72.14 -56.65 -51.87
CA ILE D 127 -70.01 -53.61 -51.08
CA LEU D 128 -71.62 -51.76 -53.99
CA ARG D 129 -75.18 -52.82 -53.13
CA HIS D 130 -75.02 -51.62 -49.49
CA PRO D 131 -73.37 -48.18 -49.22
CA GLY D 132 -74.98 -47.70 -45.81
CA PHE D 133 -73.06 -50.60 -44.31
CA THR D 134 -69.99 -49.29 -46.14
CA ILE D 135 -70.37 -46.05 -44.18
CA MET D 136 -70.91 -47.78 -40.84
CA ALA D 137 -67.97 -50.15 -41.34
CA ALA D 138 -65.76 -47.24 -42.39
CA ILE D 139 -66.74 -45.24 -39.30
CA LEU D 140 -66.12 -48.19 -36.98
CA ALA D 141 -62.71 -48.80 -38.57
CA TYR D 142 -61.87 -45.10 -38.27
CA THR D 143 -62.68 -45.08 -34.56
CA ILE D 144 -61.09 -48.38 -33.57
CA GLY D 145 -57.92 -48.23 -35.65
CA THR D 146 -55.32 -46.11 -33.85
CA THR D 147 -53.02 -45.71 -36.87
CA HIS D 148 -53.79 -45.74 -40.57
CA PHE D 149 -52.98 -49.34 -41.48
CA GLN D 150 -55.00 -50.72 -38.56
CA ARG D 151 -57.94 -48.69 -39.85
CA ALA D 152 -57.56 -50.03 -43.38
CA LEU D 153 -57.08 -53.59 -42.10
CA ILE D 154 -60.22 -53.56 -39.97
CA PHE D 155 -62.14 -51.98 -42.84
CA ILE D 156 -61.14 -54.61 -45.40
CA LEU D 157 -61.70 -57.50 -42.97
CA LEU D 158 -65.23 -56.33 -42.16
CA THR D 159 -66.01 -55.77 -45.84
CA ALA D 160 -64.87 -59.34 -46.54
CA VAL D 161 -66.75 -60.78 -43.56
CA ALA D 162 -70.10 -59.12 -44.27
CA PRO D 163 -71.02 -61.12 -47.42
CA SER D 164 -69.82 -64.38 -45.83
CA MET D 165 -72.24 -64.30 -42.89
CA THR D 166 -75.12 -63.83 -45.34
CA PHE E 1 -129.86 -103.94 -74.10
CA HIS E 2 -131.62 -103.25 -70.78
CA LEU E 3 -133.45 -99.91 -70.85
CA THR E 4 -134.23 -97.79 -67.79
CA THR E 5 -135.40 -94.20 -67.27
CA ARG E 6 -132.95 -91.98 -65.39
CA ASN E 7 -132.94 -88.17 -65.32
CA GLY E 8 -135.90 -88.19 -67.69
CA GLU E 9 -133.80 -89.92 -70.37
CA PRO E 10 -133.25 -93.56 -71.36
CA HIS E 11 -130.28 -95.43 -69.92
CA MET E 12 -129.01 -98.51 -71.78
CA ILE E 13 -127.07 -101.31 -70.09
CA VAL E 14 -125.12 -103.50 -72.51
CA SER E 15 -122.98 -106.58 -71.89
CA ARG E 16 -120.33 -108.30 -73.96
CA GLN E 17 -122.84 -111.04 -74.84
CA GLU E 18 -123.85 -108.63 -77.64
CA LYS E 19 -120.30 -107.45 -78.31
CA GLY E 20 -119.37 -106.29 -81.80
CA LYS E 21 -122.94 -105.95 -83.06
CA SER E 22 -125.03 -102.88 -83.78
CA LEU E 23 -127.46 -101.72 -81.09
CA LEU E 24 -130.88 -102.62 -82.51
CA PHE E 25 -134.18 -102.59 -80.61
CA LYS E 26 -137.69 -101.15 -80.76
CA THR E 27 -139.51 -98.71 -78.46
CA GLU E 28 -142.27 -96.12 -78.72
CA ASP E 29 -139.76 -93.40 -79.62
CA GLY E 30 -139.38 -95.07 -83.01
CA VAL E 31 -137.11 -97.47 -84.87
CA ASN E 32 -134.06 -96.82 -82.67
CA MET E 33 -131.22 -97.98 -84.87
CA CYS E 34 -127.96 -97.41 -83.00
CA THR E 35 -124.35 -98.53 -82.95
CA LEU E 36 -121.56 -99.05 -80.41
CA MET E 37 -118.11 -98.95 -81.96
CA ALA E 38 -115.36 -98.57 -79.34
CA MET E 39 -113.55 -101.75 -78.28
CA ASP E 40 -113.05 -100.76 -74.63
CA LEU E 41 -115.98 -103.03 -73.69
CA GLY E 42 -115.38 -105.63 -71.01
CA GLU E 43 -117.62 -108.22 -69.44
CA LEU E 44 -120.44 -107.35 -67.07
CA CYS E 45 -118.98 -106.35 -63.70
CA GLU E 46 -119.18 -103.55 -61.15
CA ASP E 47 -116.93 -101.17 -63.11
CA THR E 48 -119.78 -99.42 -64.88
CA ILE E 49 -118.94 -96.73 -67.45
CA THR E 50 -121.60 -94.51 -69.03
CA TYR E 51 -122.20 -92.40 -72.14
CA LYS E 52 -124.73 -90.23 -73.89
CA CYS E 53 -125.25 -91.36 -77.48
CA PRO E 54 -126.07 -88.33 -79.66
CA PHE E 55 -128.84 -88.06 -82.23
CA LEU E 56 -128.18 -87.96 -85.97
CA LYS E 57 -129.46 -85.11 -88.11
CA GLN E 58 -127.26 -85.41 -91.22
CA ASN E 59 -123.62 -85.89 -90.18
CA GLU E 60 -121.53 -89.02 -90.54
CA PRO E 61 -120.87 -90.79 -87.21
CA GLU E 62 -117.89 -88.99 -85.74
CA ASP E 63 -116.35 -87.80 -82.45
CA ILE E 64 -118.40 -90.23 -80.30
CA ASP E 65 -117.92 -93.92 -79.60
CA CYS E 66 -121.66 -94.57 -79.78
CA TRP E 67 -124.06 -93.28 -82.43
CA CYS E 68 -127.87 -93.43 -82.50
CA ASN E 69 -130.10 -91.90 -85.18
CA SER E 70 -133.61 -91.85 -83.68
CA THR E 71 -133.35 -90.42 -80.15
CA SER E 72 -130.49 -89.49 -77.82
CA THR E 73 -129.95 -92.22 -75.25
CA TRP E 74 -127.39 -93.09 -72.58
CA VAL E 75 -125.40 -96.29 -73.02
CA THR E 76 -123.42 -97.83 -70.17
CA TYR E 77 -121.46 -101.08 -69.91
CA GLY E 78 -118.55 -102.82 -68.21
CA THR E 79 -114.85 -102.27 -68.81
CA CYS E 80 -113.02 -104.74 -66.55
CA THR E 81 -110.60 -107.13 -68.23
CA THR E 82 -111.68 -110.68 -68.99
CA THR E 83 -110.06 -112.03 -65.80
CA GLY E 84 -112.51 -110.08 -63.61
CA GLU E 85 -109.93 -107.44 -62.65
CA HIS E 86 -110.47 -103.69 -62.77
CA ARG E 87 -108.38 -101.55 -65.06
CA ARG E 88 -105.09 -100.31 -63.67
CA GLU E 89 -101.75 -98.79 -64.66
CA LYS E 90 -98.29 -99.59 -63.32
CA ARG E 91 -97.28 -95.96 -62.73
CA SER E 92 -96.44 -95.10 -59.12
CA VAL E 93 -95.90 -92.04 -56.90
CA ALA E 94 -93.83 -91.72 -53.71
CA LEU E 95 -90.75 -89.89 -52.41
CA VAL E 96 -87.48 -90.44 -50.53
CA PRO E 97 -87.98 -91.29 -46.81
CA HIS E 98 -84.33 -91.62 -45.74
CA VAL E 99 -83.30 -88.30 -44.14
CA GLY E 100 -85.33 -85.30 -43.08
CA MET E 101 -85.12 -83.09 -39.98
CA GLY E 102 -85.35 -79.28 -39.92
CA LEU E 103 -86.09 -78.06 -36.38
CA GLU E 104 -87.21 -80.04 -33.32
CA THR E 105 -86.84 -80.61 -29.59
CA ARG E 106 -87.66 -78.83 -26.40
CA THR E 107 -87.04 -75.08 -26.32
CA GLU E 108 -84.14 -74.03 -24.06
CA THR E 109 -81.91 -76.85 -22.80
CA TRP E 110 -81.70 -78.04 -26.38
CA MET E 111 -81.03 -74.46 -27.43
CA SER E 112 -78.17 -74.02 -24.96
CA SER E 113 -76.65 -77.48 -25.43
CA GLU E 114 -76.88 -77.64 -29.21
CA GLY E 115 -75.71 -74.03 -29.48
CA ALA E 116 -72.62 -74.87 -27.44
CA TRP E 117 -71.96 -78.06 -29.41
CA LYS E 118 -72.69 -76.65 -32.87
CA HIS E 119 -70.50 -73.61 -32.23
CA ALA E 120 -67.81 -75.89 -30.79
CA GLN E 121 -67.81 -78.23 -33.78
CA ARG E 122 -68.07 -75.39 -36.32
CA ILE E 123 -65.17 -73.44 -34.82
CA GLU E 124 -63.19 -76.64 -34.26
CA THR E 125 -63.63 -77.66 -37.90
CA TRP E 126 -62.53 -74.16 -38.95
CA ILE E 127 -59.45 -74.56 -36.72
CA LEU E 128 -58.49 -78.07 -37.91
CA ARG E 129 -59.88 -78.06 -41.46
CA HIS E 130 -57.70 -74.95 -42.03
CA PRO E 131 -55.09 -74.80 -39.24
CA GLY E 132 -52.23 -72.62 -40.50
CA PHE E 133 -54.43 -69.57 -40.98
CA THR E 134 -55.31 -69.82 -37.29
CA ILE E 135 -51.76 -69.77 -35.93
CA MET E 136 -50.60 -67.09 -38.37
CA ALA E 137 -53.57 -64.91 -37.41
CA ALA E 138 -52.89 -65.50 -33.71
CA ILE E 139 -49.24 -64.46 -33.95
CA LEU E 140 -50.13 -61.51 -36.20
CA ALA E 141 -52.67 -60.28 -33.64
CA TYR E 142 -50.29 -60.77 -30.73
CA THR E 143 -47.66 -58.74 -32.60
CA ILE E 144 -49.90 -55.99 -34.00
CA GLY E 145 -52.86 -55.40 -31.70
CA THR E 146 -52.16 -52.73 -29.10
CA THR E 147 -54.55 -54.02 -26.41
CA HIS E 148 -55.68 -57.53 -25.56
CA PHE E 149 -59.20 -56.52 -26.61
CA GLN E 150 -57.85 -55.29 -29.94
CA ARG E 151 -55.77 -58.45 -30.39
CA ALA E 152 -58.85 -60.53 -29.60
CA LEU E 153 -60.77 -58.69 -32.31
CA ILE E 154 -57.91 -59.20 -34.77
CA PHE E 155 -57.41 -62.93 -34.55
CA ILE E 156 -61.04 -63.87 -33.83
CA LEU E 157 -62.09 -61.95 -36.95
CA LEU E 158 -59.26 -63.44 -39.03
CA THR E 159 -60.17 -66.96 -37.90
CA ALA E 160 -63.80 -66.21 -38.74
CA VAL E 161 -63.13 -64.92 -42.26
CA ALA E 162 -60.18 -66.98 -43.53
CA PRO E 163 -61.74 -70.50 -43.53
CA SER E 164 -64.85 -69.09 -45.20
CA MET E 165 -62.57 -67.24 -47.63
CA THR E 166 -60.52 -70.41 -48.18
CA MET F 1 -20.21 -110.56 65.29
CA ARG F 2 -22.33 -112.82 63.12
CA CYS F 3 -21.75 -111.59 59.58
CA ILE F 4 -18.57 -113.05 58.10
CA GLY F 5 -18.48 -114.17 54.48
CA ILE F 6 -21.58 -112.24 53.42
CA SER F 7 -20.45 -110.23 50.41
CA ASN F 8 -22.77 -107.25 50.94
CA ARG F 9 -21.65 -105.83 54.29
CA ASP F 10 -22.86 -102.23 54.51
CA PHE F 11 -21.45 -99.70 56.95
CA VAL F 12 -22.70 -96.72 58.95
CA GLU F 13 -19.56 -94.81 59.99
CA GLY F 14 -20.96 -92.42 62.57
CA VAL F 15 -23.99 -91.18 64.50
CA SER F 16 -25.58 -87.83 65.34
CA GLY F 17 -27.51 -86.46 68.30
CA GLY F 18 -30.90 -87.45 66.91
CA SER F 19 -29.58 -90.96 66.23
CA TRP F 20 -32.60 -91.66 64.00
CA VAL F 21 -30.60 -93.80 61.61
CA ASP F 22 -32.72 -95.33 58.84
CA ILE F 23 -30.91 -98.53 57.95
CA VAL F 24 -31.27 -100.15 54.55
CA LEU F 25 -31.55 -103.93 54.57
CA GLU F 26 -31.74 -106.54 51.83
CA HIS F 27 -31.60 -110.31 51.38
CA GLY F 28 -28.13 -111.77 51.79
CA SER F 29 -26.63 -108.50 53.02
CA CYS F 30 -25.63 -107.51 56.55
CA VAL F 31 -25.35 -104.05 58.08
CA THR F 32 -23.00 -102.63 60.72
CA THR F 33 -24.00 -99.67 62.86
CA MET F 34 -21.36 -97.55 64.58
CA ALA F 35 -21.92 -94.97 67.30
CA LYS F 36 -19.48 -92.79 69.23
CA ASN F 37 -18.90 -94.50 72.59
CA LYS F 38 -22.08 -96.56 72.22
CA PRO F 39 -22.47 -100.30 71.58
CA THR F 40 -21.87 -101.25 67.96
CA LEU F 41 -24.62 -103.31 66.34
CA ASP F 42 -24.98 -105.82 63.52
CA PHE F 43 -28.36 -106.01 61.76
CA GLU F 44 -29.63 -108.73 59.47
CA LEU F 45 -32.84 -110.28 58.20
CA ILE F 46 -32.55 -114.03 58.71
CA LYS F 47 -35.86 -115.18 57.24
CA THR F 48 -38.68 -113.63 55.22
CA GLU F 49 -42.04 -115.38 55.50
CA ALA F 50 -45.66 -114.56 54.65
CA LYS F 51 -47.59 -116.58 57.21
CA GLN F 52 -51.13 -117.72 56.46
CA PRO F 53 -51.05 -117.10 52.68
CA ALA F 54 -54.30 -116.96 50.73
CA THR F 55 -55.30 -119.52 48.09
CA LEU F 56 -56.02 -118.27 44.57
CA ARG F 57 -56.66 -121.25 42.30
CA LYS F 58 -55.76 -124.94 42.32
CA TYR F 59 -54.48 -126.80 39.26
CA CYS F 60 -54.86 -130.52 38.56
CA ILE F 61 -51.86 -132.75 37.88
CA GLU F 62 -52.87 -136.46 37.83
CA ALA F 63 -56.25 -137.62 36.58
CA LYS F 64 -58.10 -140.70 37.71
CA LEU F 65 -61.28 -141.35 35.75
CA THR F 66 -64.21 -143.77 35.70
CA ASN F 67 -67.77 -144.35 34.54
CA THR F 68 -66.79 -143.57 30.94
CA THR F 69 -69.65 -144.24 28.53
CA THR F 70 -70.42 -143.90 24.83
CA ASP F 71 -74.05 -143.46 23.82
CA SER F 72 -75.24 -142.88 20.29
CA ARG F 73 -78.29 -142.86 18.03
CA CYS F 74 -78.81 -143.62 14.37
CA PRO F 75 -78.54 -140.64 11.99
CA THR F 76 -81.78 -138.61 11.85
CA GLN F 77 -82.55 -139.33 15.55
CA GLY F 78 -80.71 -136.44 17.21
CA GLU F 79 -77.66 -136.98 19.38
CA PRO F 80 -78.91 -138.64 22.58
CA SER F 81 -79.21 -136.84 25.90
CA LEU F 82 -77.78 -138.50 29.00
CA ASN F 83 -78.27 -138.23 32.72
CA GLU F 84 -74.47 -138.47 32.78
CA GLU F 85 -73.82 -135.25 30.88
CA GLN F 86 -76.10 -132.88 32.80
CA ASP F 87 -73.83 -132.82 35.88
CA LYS F 88 -70.65 -130.75 36.10
CA ARG F 89 -69.00 -133.62 38.01
CA PHE F 90 -68.26 -135.26 34.64
CA VAL F 91 -66.39 -134.16 31.51
CA CYS F 92 -67.97 -134.64 28.11
CA LYS F 93 -68.18 -134.09 24.40
CA HIS F 94 -70.43 -134.68 21.40
CA SER F 95 -69.01 -135.82 18.08
CA MET F 96 -70.04 -136.87 14.58
CA VAL F 97 -69.19 -140.23 13.02
CA ASP F 98 -70.19 -142.08 9.85
CA ARG F 99 -72.30 -145.01 11.02
CA GLY F 100 -72.53 -147.43 8.11
CA TRP F 101 -75.33 -149.72 6.98
CA GLY F 102 -73.84 -152.77 8.69
CA ASN F 103 -73.33 -150.83 11.89
CA GLY F 104 -76.43 -151.64 13.89
CA CYS F 105 -78.79 -149.09 12.36
CA GLY F 106 -78.84 -149.96 8.68
CA LEU F 107 -79.01 -146.46 7.29
CA PHE F 108 -75.53 -145.23 6.43
CA GLY F 109 -74.85 -141.62 7.30
CA LYS F 110 -73.11 -139.29 9.71
CA GLY F 111 -74.70 -139.13 13.15
CA GLY F 112 -74.04 -138.00 16.69
CA ILE F 113 -72.28 -139.77 19.54
CA VAL F 114 -72.07 -138.52 23.12
CA THR F 115 -69.00 -139.71 25.00
CA CYS F 116 -68.07 -139.08 28.64
CA ALA F 117 -66.78 -139.99 32.03
CA MET F 118 -66.19 -138.95 35.61
CA PHE F 119 -63.13 -136.83 36.34
CA THR F 120 -61.65 -136.68 39.83
CA CYS F 121 -57.89 -136.24 40.05
CA LYS F 122 -55.36 -137.15 42.67
CA LYS F 123 -52.39 -134.75 42.82
CA ASN F 124 -53.03 -131.03 42.51
CA MET F 125 -51.09 -127.79 42.68
CA LYS F 126 -51.46 -125.24 45.44
CA GLY F 127 -51.65 -121.74 43.97
CA LYS F 128 -51.33 -118.93 46.47
CA VAL F 129 -51.17 -115.13 46.63
CA VAL F 130 -49.24 -112.96 49.08
CA GLN F 131 -50.49 -109.51 50.14
CA PRO F 132 -48.45 -106.67 51.70
CA GLU F 133 -50.28 -107.26 54.99
CA ASN F 134 -49.07 -110.82 55.44
CA LEU F 135 -45.38 -109.95 54.94
CA GLU F 136 -43.65 -111.05 58.13
CA TYR F 137 -39.94 -110.27 58.46
CA THR F 138 -37.56 -111.85 60.98
CA ILE F 139 -34.84 -109.46 62.08
CA VAL F 140 -31.66 -110.51 63.90
CA ILE F 141 -29.84 -107.98 66.10
CA THR F 142 -26.38 -108.74 67.47
CA PRO F 143 -23.77 -106.94 69.59
CA HIS F 144 -20.04 -106.93 68.82
CA SER F 145 -19.14 -108.71 72.04
CA GLY F 146 -16.76 -110.95 70.10
CA GLU F 147 -18.13 -114.28 71.33
CA GLU F 148 -16.34 -117.21 69.76
CA HIS F 149 -19.20 -118.88 67.87
CA ALA F 150 -19.84 -115.74 65.83
CA VAL F 151 -17.85 -116.22 62.61
CA GLY F 152 -20.10 -118.12 60.22
CA ASN F 153 -22.92 -118.47 62.76
CA ASP F 154 -26.44 -117.12 62.26
CA THR F 155 -29.02 -118.51 64.69
CA GLY F 156 -26.66 -118.92 67.65
CA LYS F 157 -28.13 -117.81 70.98
CA HIS F 158 -26.09 -114.64 71.34
CA GLY F 159 -28.37 -111.89 70.04
CA LYS F 160 -32.07 -111.18 69.64
CA GLU F 161 -34.67 -112.17 67.05
CA ILE F 162 -37.74 -110.01 66.49
CA LYS F 163 -40.90 -110.77 64.50
CA ILE F 164 -41.47 -107.52 62.63
CA THR F 165 -44.48 -106.77 60.43
CA PRO F 166 -45.97 -103.58 58.92
CA GLN F 167 -49.06 -104.25 61.04
CA SER F 168 -46.76 -103.56 64.02
CA SER F 169 -44.98 -100.23 64.50
CA ILE F 170 -43.18 -100.05 67.88
CA THR F 171 -41.80 -102.82 70.07
CA GLU F 172 -38.86 -102.79 72.46
CA ALA F 173 -36.24 -105.54 72.22
CA GLU F 174 -33.60 -106.48 74.77
CA LEU F 175 -29.93 -107.05 73.94
CA THR F 176 -28.53 -108.94 76.92
CA GLY F 177 -25.67 -107.05 78.52
CA TYR F 178 -26.19 -104.00 76.32
CA GLY F 179 -29.69 -102.79 77.18
CA THR F 180 -32.65 -101.92 74.98
CA VAL F 181 -33.27 -101.13 71.31
CA THR F 182 -36.63 -100.01 69.99
CA MET F 183 -38.06 -101.64 66.87
CA GLU F 184 -39.91 -98.56 65.62
CA CYS F 185 -39.34 -99.99 62.17
CA SER F 186 -41.16 -99.31 58.90
CA PRO F 187 -41.32 -102.15 56.35
CA ARG F 188 -42.57 -99.93 53.55
CA THR F 189 -40.76 -100.90 50.38
CA GLY F 190 -42.40 -104.00 48.97
CA LEU F 191 -41.15 -104.30 45.40
CA ASP F 192 -44.34 -105.50 43.68
CA PHE F 193 -47.03 -108.07 44.43
CA ASN F 194 -49.83 -107.85 41.85
CA GLU F 195 -47.99 -110.03 39.32
CA MET F 196 -46.27 -112.60 41.55
CA VAL F 197 -47.78 -115.90 42.69
CA LEU F 198 -46.57 -118.78 44.84
CA LEU F 199 -46.92 -122.43 43.84
CA GLN F 200 -46.56 -125.49 46.07
CA MET F 201 -46.20 -129.19 45.20
CA GLU F 202 -46.20 -131.59 48.18
CA ASN F 203 -42.68 -130.73 49.38
CA LYS F 204 -41.40 -127.99 47.06
CA ALA F 205 -42.42 -124.53 45.87
CA TRP F 206 -41.89 -121.95 43.15
CA LEU F 207 -42.56 -118.29 42.36
CA VAL F 208 -44.05 -117.30 39.01
CA HIS F 209 -45.77 -114.35 37.35
CA ARG F 210 -49.55 -114.19 37.62
CA GLN F 211 -50.09 -114.24 33.85
CA TRP F 212 -48.44 -117.65 33.79
CA PHE F 213 -51.22 -119.03 35.99
CA LEU F 214 -53.85 -117.08 34.09
CA ASP F 215 -52.78 -118.62 30.77
CA LEU F 216 -51.56 -122.13 31.59
CA PRO F 217 -54.04 -124.62 30.01
CA LEU F 218 -54.73 -127.12 32.77
CA PRO F 219 -57.79 -127.85 34.93
CA TRP F 220 -58.97 -125.15 37.36
CA LEU F 221 -60.47 -124.84 40.79
CA PRO F 222 -61.36 -121.37 42.14
CA GLY F 223 -60.14 -120.84 45.67
CA ALA F 224 -63.64 -120.81 47.13
CA ASP F 225 -64.65 -124.35 46.16
CA THR F 226 -63.93 -127.27 48.48
CA GLN F 227 -65.70 -130.31 46.99
CA GLY F 228 -63.27 -130.62 44.08
CA SER F 229 -66.16 -131.40 41.73
CA ASN F 230 -66.62 -128.25 39.63
CA TRP F 231 -63.76 -127.63 37.19
CA ILE F 232 -63.06 -125.17 34.37
CA GLN F 233 -61.12 -125.96 31.20
CA LYS F 234 -61.43 -129.56 32.38
CA GLU F 235 -61.35 -130.86 28.79
CA THR F 236 -57.66 -130.11 28.20
CA LEU F 237 -56.35 -133.14 30.10
CA VAL F 238 -58.68 -135.60 28.40
CA THR F 239 -57.55 -136.20 24.83
CA PHE F 240 -59.85 -138.36 22.73
CA LYS F 241 -58.68 -141.03 20.34
CA ASN F 242 -60.18 -140.49 16.91
CA PRO F 243 -63.85 -141.56 16.96
CA HIS F 244 -64.35 -145.20 16.01
CA ALA F 245 -67.97 -145.76 14.96
CA LYS F 246 -69.45 -146.36 18.43
CA LYS F 247 -66.20 -146.82 20.32
CA GLN F 248 -64.86 -143.57 21.65
CA ASP F 249 -62.33 -144.28 24.38
CA VAL F 250 -61.14 -141.36 26.47
CA VAL F 251 -57.57 -140.98 27.72
CA VAL F 252 -55.88 -138.22 29.71
CA LEU F 253 -52.34 -136.90 30.13
CA GLY F 254 -50.31 -138.78 32.68
CA SER F 255 -47.64 -137.67 35.11
CA GLN F 256 -47.24 -133.93 34.58
CA GLU F 257 -44.80 -133.48 37.48
CA GLY F 258 -41.88 -134.17 35.16
CA ALA F 259 -43.28 -131.78 32.56
CA MET F 260 -43.72 -129.13 35.23
CA HIS F 261 -40.18 -129.61 36.55
CA THR F 262 -38.54 -129.48 33.11
CA ALA F 263 -40.65 -126.56 31.83
CA LEU F 264 -40.90 -124.39 34.95
CA THR F 265 -37.11 -124.50 35.35
CA GLY F 266 -35.56 -121.06 35.09
CA ALA F 267 -38.21 -119.48 37.32
CA THR F 268 -37.48 -118.47 40.91
CA GLU F 269 -37.14 -121.66 42.96
CA ILE F 270 -37.99 -121.15 46.63
CA GLN F 271 -36.85 -123.65 49.26
CA MET F 272 -40.14 -123.96 51.12
CA SER F 273 -38.71 -126.85 53.17
CA SER F 274 -37.06 -124.22 55.38
CA GLY F 275 -40.08 -121.98 54.87
CA ASN F 276 -40.71 -119.53 52.05
CA LEU F 277 -37.59 -117.38 51.64
CA LEU F 278 -39.13 -114.47 49.70
CA PHE F 279 -36.17 -112.71 48.04
CA THR F 280 -38.08 -109.53 47.22
CA GLY F 281 -38.20 -105.94 48.38
CA HIS F 282 -35.94 -103.93 50.67
CA LEU F 283 -36.40 -102.99 54.32
CA LYS F 284 -36.26 -99.32 55.32
CA CYS F 285 -35.96 -99.53 59.08
CA ARG F 286 -35.68 -96.52 61.40
CA LEU F 287 -33.70 -97.15 64.60
CA ARG F 288 -32.95 -94.80 67.51
CA MET F 289 -29.96 -95.90 69.59
CA ASP F 290 -30.47 -93.30 72.32
CA LYS F 291 -31.33 -95.82 75.08
CA LEU F 292 -28.77 -98.56 74.33
CA GLN F 293 -26.26 -98.90 77.15
CA LEU F 294 -22.68 -100.21 76.90
CA LYS F 295 -21.32 -102.49 79.65
CA GLY F 296 -17.59 -102.12 80.08
CA MET F 297 -16.40 -98.66 79.06
CA SER F 298 -15.82 -98.10 82.79
CA TYR F 299 -13.74 -101.26 83.24
CA SER F 300 -10.08 -101.05 84.18
CA MET F 301 -7.20 -101.47 81.76
CA CYS F 302 -5.88 -104.93 80.87
CA THR F 303 -2.38 -105.52 82.26
CA GLY F 304 -1.74 -109.27 81.99
CA LYS F 305 -0.42 -111.76 79.47
CA PHE F 306 -1.62 -111.53 75.89
CA LYS F 307 -1.61 -114.27 73.25
CA VAL F 308 -3.07 -114.92 69.79
CA VAL F 309 -4.70 -118.23 68.86
CA LYS F 310 -5.58 -117.83 65.17
CA GLU F 311 -4.44 -115.18 62.70
CA ILE F 312 -6.71 -113.14 60.41
CA ALA F 313 -9.34 -114.99 58.43
CA GLU F 314 -9.22 -112.50 55.57
CA THR F 315 -12.67 -111.12 54.73
CA GLN F 316 -14.16 -109.78 51.53
CA HIS F 317 -13.51 -106.27 52.90
CA GLY F 318 -10.05 -107.13 54.25
CA THR F 319 -11.29 -106.58 57.79
CA ILE F 320 -9.11 -107.99 60.57
CA VAL F 321 -11.02 -110.52 62.68
CA ILE F 322 -8.63 -111.44 65.47
CA ARG F 323 -9.70 -114.44 67.58
CA VAL F 324 -7.47 -113.83 70.55
CA GLN F 325 -7.17 -115.32 74.06
CA TYR F 326 -5.95 -113.37 77.11
CA GLU F 327 -4.56 -115.66 79.80
CA GLY F 328 -3.84 -112.60 81.91
CA ASP F 329 -5.89 -111.93 85.02
CA GLY F 330 -7.87 -108.81 85.94
CA SER F 331 -10.82 -109.40 83.60
CA PRO F 332 -13.10 -107.60 82.91
CA CYS F 333 -10.73 -104.98 81.49
CA LYS F 334 -10.27 -102.75 78.45
CA ILE F 335 -7.94 -104.04 75.74
CA PRO F 336 -5.00 -102.12 74.23
CA PHE F 337 -5.92 -101.85 70.56
CA GLU F 338 -3.77 -99.71 68.25
CA ILE F 339 -3.32 -99.77 64.47
CA MET F 340 -0.13 -97.93 63.59
CA ASP F 341 2.10 -97.18 60.63
CA LEU F 342 5.41 -98.73 59.56
CA GLU F 343 7.55 -96.24 61.47
CA LYS F 344 4.97 -96.21 64.31
CA ARG F 345 4.47 -92.42 64.38
CA HIS F 346 0.68 -91.91 64.50
CA VAL F 347 -2.44 -94.06 64.56
CA LEU F 348 -4.82 -94.03 61.60
CA GLY F 349 -6.96 -97.17 62.01
CA ARG F 350 -10.64 -97.65 62.80
CA LEU F 351 -11.56 -100.35 65.30
CA ILE F 352 -15.10 -101.70 64.95
CA THR F 353 -16.02 -103.24 68.30
CA VAL F 354 -15.77 -100.23 70.57
CA ASN F 355 -14.49 -101.07 74.04
CA PRO F 356 -13.02 -104.48 73.22
CA ILE F 357 -13.46 -106.31 76.50
CA VAL F 358 -12.75 -109.80 77.79
CA THR F 359 -15.64 -110.89 79.98
CA GLU F 360 -13.85 -113.83 81.59
CA LYS F 361 -10.47 -115.52 81.78
CA ASP F 362 -9.58 -118.56 79.67
CA SER F 363 -11.99 -117.44 76.96
CA PRO F 364 -11.32 -116.36 73.36
CA VAL F 365 -12.69 -113.06 72.08
CA ASN F 366 -13.26 -112.14 68.44
CA ILE F 367 -12.31 -108.49 67.93
CA GLU F 368 -13.49 -106.90 64.69
CA ALA F 369 -11.50 -104.05 63.17
CA GLU F 370 -10.70 -102.29 59.89
CA PRO F 371 -7.07 -101.22 59.43
CA PRO F 372 -5.79 -98.59 56.99
CA PHE F 373 -4.68 -99.42 53.45
CA GLY F 374 -1.27 -100.80 52.63
CA ASP F 375 1.07 -102.26 55.22
CA SER F 376 0.66 -101.57 58.92
CA TYR F 377 1.22 -102.92 62.43
CA ILE F 378 -1.43 -104.16 64.87
CA ILE F 379 -0.50 -103.48 68.50
CA ILE F 380 -2.22 -105.59 71.15
CA GLY F 381 -1.29 -105.47 74.81
CA VAL F 382 1.31 -103.38 76.61
CA GLU F 383 5.00 -103.90 77.28
CA PRO F 384 6.25 -106.25 78.74
CA GLY F 385 4.62 -108.90 76.55
CA GLN F 386 3.64 -106.25 74.00
CA LEU F 387 2.24 -108.04 70.94
CA LYS F 388 2.81 -106.81 67.37
CA LEU F 389 1.29 -108.28 64.21
CA ASN F 390 2.36 -107.05 60.79
CA TRP F 391 -0.42 -107.03 58.20
CA PHE F 392 -1.09 -105.65 54.72
CA LYS F 393 -4.43 -104.78 53.12
CA LYS F 394 -4.43 -104.63 49.32
CA GLY F 395 -7.12 -101.99 48.80
CA SER F 396 -6.37 -98.54 47.42
CA SER F 397 -7.23 -95.42 49.39
CA ILE F 398 -9.15 -93.46 46.76
CA GLY F 399 -10.60 -96.74 45.52
CA GLN F 400 -12.23 -97.85 48.76
CA MET F 401 -13.19 -94.21 49.23
CA ILE F 402 -15.17 -94.18 45.98
CA GLU F 403 -16.81 -97.57 46.50
CA THR F 404 -17.82 -96.77 50.10
CA THR F 405 -19.28 -93.42 49.01
CA MET F 406 -21.09 -95.34 46.29
CA ARG F 407 -22.52 -97.81 48.82
CA GLY F 408 -23.78 -94.81 50.78
CA ALA F 409 -25.18 -93.30 47.60
CA LYS F 410 -27.08 -96.51 46.82
CA ARG F 411 -28.35 -96.71 50.40
CA MET F 412 -29.73 -93.19 50.08
CA ALA F 413 -31.05 -94.06 46.61
CA ILE F 414 -33.31 -96.77 48.01
CA LEU F 415 -33.67 -94.66 51.16
CA GLY F 416 -34.71 -91.85 48.83
CA ASP F 417 -38.11 -90.58 47.79
CA THR F 418 -40.53 -90.28 50.75
CA ALA F 419 -37.85 -91.73 53.08
CA TRP F 420 -35.51 -88.99 54.34
CA ASP F 421 -37.22 -86.68 56.82
CA PHE F 422 -38.27 -83.72 54.69
CA GLY F 423 -41.62 -83.04 56.38
CA SER F 424 -40.22 -82.32 59.83
CA LEU F 425 -39.59 -78.58 59.91
CA GLY F 426 -36.46 -77.71 61.86
CA GLY F 427 -35.45 -81.34 61.49
CA VAL F 428 -35.13 -80.74 57.74
CA PHE F 429 -31.74 -79.23 58.50
CA THR F 430 -30.76 -82.37 60.41
CA SER F 431 -32.09 -84.60 57.63
CA ILE F 432 -29.99 -82.84 55.00
CA GLY F 433 -27.08 -83.01 57.42
CA LYS F 434 -27.45 -86.76 57.81
CA ALA F 435 -27.80 -87.15 54.04
CA LEU F 436 -24.58 -85.22 53.44
CA HIS F 437 -23.04 -87.46 56.09
CA GLN F 438 -24.22 -90.75 54.60
CA VAL F 439 -22.84 -89.67 51.20
CA PHE F 440 -19.76 -87.45 51.75
CA GLY F 441 -18.79 -88.20 55.37
CA ALA F 442 -16.42 -90.94 54.33
CA ILE F 443 -14.58 -88.25 52.35
CA TYR F 444 -14.87 -85.93 55.35
CA GLY F 445 -13.53 -88.25 58.04
CA ALA F 446 -11.06 -90.47 56.16
CA ALA F 447 -9.53 -88.06 53.64
CA PHE F 448 -9.86 -84.61 55.22
CA SER F 449 -7.52 -85.05 58.20
CA GLY F 450 -9.53 -87.52 60.31
CA VAL F 451 -10.25 -85.02 61.87
CA SER F 452 -9.55 -82.57 64.70
CA TRP F 453 -12.69 -80.66 63.89
CA ILE F 454 -11.92 -77.12 65.11
CA MET F 455 -8.93 -76.50 62.87
CA LYS F 456 -10.59 -78.09 59.85
CA ILE F 457 -13.71 -75.96 60.18
CA LEU F 458 -11.36 -72.97 60.35
CA ILE F 459 -9.77 -74.17 57.11
CA GLY F 460 -13.25 -74.75 55.69
CA VAL F 461 -14.41 -71.20 56.33
CA ILE F 462 -11.13 -70.01 54.78
CA ILE F 463 -11.91 -72.10 51.70
CA THR F 464 -15.45 -70.70 51.63
CA TRP F 465 -14.18 -67.12 51.73
CA ILE F 466 -11.67 -67.81 48.95
CA GLY F 467 -14.35 -69.47 46.83
CA MET F 468 -16.75 -66.56 47.32
CA ASN F 469 -13.96 -64.07 46.59
CA SER F 470 -12.71 -65.95 43.52
CA ARG F 471 -11.91 -64.91 39.96
CA SER F 472 -14.42 -67.29 38.33
CA THR F 473 -18.05 -68.04 39.18
CA SER F 474 -17.81 -71.73 38.25
CA LEU F 475 -14.96 -72.21 40.73
CA SER F 476 -16.94 -70.23 43.32
CA VAL F 477 -19.95 -72.52 42.97
CA SER F 478 -17.68 -75.58 43.04
CA LEU F 479 -15.71 -74.53 46.16
CA VAL F 480 -18.18 -72.73 48.42
CA LEU F 481 -20.47 -75.76 48.20
CA VAL F 482 -17.65 -77.98 49.46
CA GLY F 483 -16.87 -75.45 52.18
CA VAL F 484 -20.43 -75.20 53.51
CA VAL F 485 -20.75 -78.98 53.38
CA THR F 486 -17.52 -79.21 55.37
CA LEU F 487 -18.71 -76.75 58.01
CA TYR F 488 -22.21 -78.12 58.53
CA LEU F 489 -21.20 -81.77 58.26
CA GLY F 490 -18.44 -81.12 60.80
CA VAL F 491 -20.99 -79.63 63.18
CA MET F 492 -23.03 -82.79 62.65
CA VAL F 493 -20.03 -85.09 63.15
CA GLN F 494 -19.18 -83.39 66.45
CA ALA F 495 -22.63 -84.60 67.52
CA MET G 1 -65.11 -106.78 -41.45
CA ARG G 2 -65.49 -108.89 -38.32
CA CYS G 3 -64.67 -106.13 -35.81
CA ILE G 4 -68.22 -104.81 -35.43
CA GLY G 5 -69.02 -105.05 -31.75
CA ILE G 6 -65.33 -105.51 -30.88
CA SER G 7 -64.53 -102.83 -28.31
CA ASN G 8 -60.74 -102.56 -28.70
CA ARG G 9 -59.99 -101.38 -32.23
CA ASP G 10 -57.16 -99.40 -33.85
CA PHE G 11 -57.26 -97.91 -37.34
CA VAL G 12 -53.55 -98.08 -38.12
CA GLU G 13 -52.95 -96.44 -41.51
CA GLY G 14 -49.44 -96.63 -42.90
CA VAL G 15 -46.45 -98.71 -43.92
CA SER G 16 -43.21 -98.96 -41.96
CA GLY G 17 -39.68 -98.56 -43.31
CA GLY G 18 -39.53 -102.02 -44.86
CA SER G 19 -43.14 -101.72 -45.99
CA TRP G 20 -44.26 -104.03 -43.18
CA VAL G 21 -47.12 -103.35 -40.81
CA ASP G 22 -46.36 -103.54 -37.08
CA ILE G 23 -49.43 -105.36 -35.79
CA VAL G 24 -50.31 -105.04 -32.14
CA LEU G 25 -52.44 -108.12 -31.54
CA GLU G 26 -54.32 -108.90 -28.32
CA HIS G 27 -57.06 -111.42 -27.58
CA GLY G 28 -60.43 -109.75 -28.04
CA SER G 29 -59.04 -106.85 -30.07
CA CYS G 30 -59.01 -105.63 -33.66
CA VAL G 31 -56.51 -104.32 -36.17
CA THR G 32 -57.28 -102.64 -39.51
CA THR G 33 -54.51 -101.74 -41.94
CA MET G 34 -54.81 -98.98 -44.52
CA ALA G 35 -52.68 -97.22 -47.12
CA LYS G 36 -53.18 -95.41 -50.42
CA ASN G 37 -52.73 -97.54 -53.52
CA LYS G 38 -53.09 -100.44 -51.09
CA PRO G 39 -56.35 -102.32 -50.32
CA THR G 40 -57.46 -102.19 -46.71
CA LEU G 41 -57.17 -105.35 -44.61
CA ASP G 42 -58.47 -106.59 -41.25
CA PHE G 43 -56.05 -108.41 -38.94
CA GLU G 44 -57.37 -110.57 -36.10
CA LEU G 45 -56.50 -113.48 -33.83
CA ILE G 46 -59.05 -116.22 -33.12
CA LYS G 47 -57.28 -119.10 -31.38
CA THR G 48 -54.25 -119.70 -29.18
CA GLU G 49 -52.82 -123.12 -28.41
CA ALA G 50 -49.73 -124.77 -26.95
CA LYS G 51 -48.52 -128.06 -28.43
CA GLN G 52 -45.81 -130.49 -27.31
CA PRO G 53 -45.87 -129.28 -23.69
CA ALA G 54 -43.22 -130.31 -21.19
CA THR G 55 -44.19 -132.24 -18.05
CA LEU G 56 -42.68 -130.23 -15.21
CA ARG G 57 -43.83 -132.66 -12.54
CA LYS G 58 -46.42 -135.44 -12.43
CA TYR G 59 -48.79 -135.63 -9.46
CA CYS G 60 -50.64 -138.88 -8.76
CA ILE G 61 -53.69 -138.11 -6.68
CA GLU G 62 -55.39 -141.38 -5.72
CA ALA G 63 -53.14 -143.85 -3.93
CA LYS G 64 -53.71 -147.58 -3.55
CA LEU G 65 -51.71 -149.44 -0.91
CA THR G 66 -50.52 -153.05 -1.02
CA ASN G 67 -48.21 -155.65 0.51
CA THR G 68 -47.99 -153.75 3.77
CA THR G 69 -45.56 -155.20 6.30
CA THR G 70 -45.15 -154.47 9.99
CA ASP G 71 -42.77 -155.88 12.57
CA SER G 72 -41.45 -155.02 16.01
CA ARG G 73 -38.68 -155.97 18.39
CA CYS G 74 -38.68 -155.70 22.16
CA PRO G 75 -36.48 -153.12 23.93
CA THR G 76 -32.75 -154.00 23.87
CA GLN G 77 -33.44 -156.93 21.49
CA GLY G 78 -32.63 -154.82 18.44
CA GLU G 79 -34.06 -152.59 15.73
CA PRO G 80 -35.51 -154.67 12.87
CA SER G 81 -34.37 -154.01 9.32
CA LEU G 82 -36.13 -155.46 6.28
CA ASN G 83 -35.12 -155.77 2.65
CA GLU G 84 -38.51 -154.22 1.86
CA GLU G 85 -37.14 -150.98 3.33
CA GLN G 86 -34.17 -150.84 0.96
CA ASP G 87 -36.37 -150.86 -2.14
CA LYS G 88 -37.59 -147.28 -2.43
CA ARG G 89 -40.94 -148.28 -3.95
CA PHE G 90 -42.40 -148.57 -0.43
CA VAL G 91 -43.22 -145.82 2.04
CA CYS G 92 -41.71 -146.75 5.41
CA LYS G 93 -41.77 -145.51 8.99
CA HIS G 94 -40.02 -146.42 12.23
CA SER G 95 -41.70 -146.08 15.61
CA MET G 96 -41.60 -146.83 19.34
CA VAL G 97 -44.14 -148.84 21.36
CA ASP G 98 -44.30 -150.06 24.94
CA ARG G 99 -43.85 -153.76 25.69
CA GLY G 100 -43.90 -155.58 29.01
CA TRP G 101 -43.03 -158.76 30.85
CA GLY G 102 -46.67 -159.81 30.99
CA ASN G 103 -47.33 -158.27 27.56
CA GLY G 104 -45.95 -161.16 25.53
CA CYS G 105 -42.30 -160.22 26.04
CA GLY G 106 -39.55 -159.98 28.64
CA LEU G 107 -39.55 -156.55 30.28
CA PHE G 108 -41.16 -153.11 30.50
CA GLY G 109 -39.84 -150.65 27.96
CA LYS G 110 -40.09 -149.04 24.55
CA GLY G 111 -39.30 -151.54 21.79
CA GLY G 112 -38.91 -150.57 18.17
CA ILE G 113 -41.26 -151.00 15.22
CA VAL G 114 -40.80 -150.80 11.47
CA THR G 115 -43.88 -150.69 9.25
CA CYS G 116 -43.98 -150.06 5.54
CA ALA G 117 -45.93 -150.76 2.41
CA MET G 118 -46.08 -150.39 -1.35
CA PHE G 119 -47.55 -147.18 -2.80
CA THR G 120 -49.30 -147.66 -6.13
CA CYS G 121 -51.43 -144.84 -7.49
CA LYS G 122 -54.00 -145.03 -10.27
CA LYS G 123 -55.48 -141.61 -11.02
CA ASN G 124 -53.01 -138.81 -11.65
CA MET G 125 -52.79 -135.15 -12.60
CA LYS G 126 -50.78 -133.72 -15.43
CA GLY G 127 -48.89 -130.49 -14.69
CA LYS G 128 -47.04 -128.87 -17.57
CA VAL G 129 -45.14 -125.64 -18.24
CA VAL G 130 -45.41 -123.80 -21.55
CA GLN G 131 -42.35 -122.13 -23.06
CA PRO G 132 -42.57 -119.20 -25.49
CA GLU G 133 -41.19 -121.42 -28.27
CA ASN G 134 -43.90 -124.09 -28.05
CA LEU G 135 -46.77 -121.64 -28.57
CA GLU G 136 -48.79 -121.40 -31.78
CA TYR G 137 -50.96 -118.40 -32.65
CA THR G 138 -53.98 -118.41 -34.99
CA ILE G 139 -54.08 -115.19 -36.98
CA VAL G 140 -56.86 -114.52 -39.48
CA ILE G 141 -56.80 -112.01 -42.34
CA THR G 142 -60.00 -110.57 -43.83
CA PRO G 143 -60.55 -108.30 -46.86
CA HIS G 144 -62.74 -105.20 -46.78
CA SER G 145 -64.72 -106.01 -49.92
CA GLY G 146 -68.22 -105.63 -48.49
CA GLU G 147 -69.35 -109.14 -49.37
CA GLU G 148 -72.45 -110.36 -47.55
CA HIS G 149 -70.62 -113.05 -45.58
CA ALA G 150 -67.74 -110.56 -45.17
CA VAL G 151 -69.49 -108.58 -42.40
CA GLY G 152 -69.62 -109.66 -38.76
CA ASN G 153 -69.28 -113.35 -39.67
CA ASP G 154 -67.22 -115.80 -37.62
CA THR G 155 -67.17 -118.60 -40.25
CA GLY G 156 -67.07 -116.77 -43.58
CA LYS G 157 -65.15 -118.09 -46.56
CA HIS G 158 -63.73 -114.60 -47.19
CA GLY G 159 -61.29 -114.85 -44.28
CA LYS G 160 -58.08 -116.85 -44.33
CA GLU G 161 -56.64 -118.35 -41.14
CA ILE G 162 -52.92 -119.00 -40.65
CA LYS G 163 -50.89 -120.35 -37.75
CA ILE G 164 -47.68 -118.70 -36.51
CA THR G 165 -44.83 -120.50 -34.73
CA PRO G 166 -41.19 -119.40 -34.26
CA GLN G 167 -39.85 -122.58 -35.91
CA SER G 168 -41.25 -121.32 -39.24
CA SER G 169 -40.92 -117.54 -38.97
CA ILE G 170 -40.65 -116.46 -42.62
CA THR G 171 -43.91 -117.84 -44.05
CA GLU G 172 -46.12 -116.78 -46.96
CA ALA G 173 -49.92 -116.67 -46.77
CA GLU G 174 -52.33 -116.15 -49.66
CA LEU G 175 -55.44 -113.97 -49.85
CA THR G 176 -57.90 -114.56 -52.68
CA GLY G 177 -57.45 -112.15 -55.57
CA TYR G 178 -55.08 -109.82 -53.74
CA GLY G 179 -52.23 -112.34 -53.63
CA THR G 180 -49.26 -113.04 -51.39
CA VAL G 181 -48.64 -111.53 -47.94
CA THR G 182 -45.80 -112.35 -45.55
CA MET G 183 -46.02 -113.82 -42.05
CA GLU G 184 -43.01 -113.10 -39.81
CA CYS G 185 -42.82 -112.33 -36.08
CA SER G 186 -41.68 -113.31 -32.59
CA PRO G 187 -44.52 -112.24 -30.23
CA ARG G 188 -42.43 -112.59 -27.05
CA THR G 189 -42.83 -108.91 -26.01
CA GLY G 190 -45.71 -109.93 -23.71
CA LEU G 191 -45.92 -110.91 -20.06
CA ASP G 192 -43.40 -113.33 -18.60
CA PHE G 193 -44.37 -116.98 -19.04
CA ASN G 194 -42.08 -118.72 -16.52
CA GLU G 195 -44.39 -117.71 -13.65
CA MET G 196 -47.34 -119.89 -14.76
CA VAL G 197 -48.02 -123.62 -15.06
CA LEU G 198 -51.12 -125.43 -16.33
CA LEU G 199 -52.71 -128.43 -14.62
CA GLN G 200 -55.04 -130.75 -16.47
CA MET G 201 -57.29 -133.53 -15.22
CA GLU G 202 -58.99 -135.73 -17.84
CA ASN G 203 -60.45 -132.72 -19.65
CA LYS G 204 -60.55 -129.67 -17.38
CA ALA G 205 -57.48 -127.50 -16.87
CA TRP G 206 -56.35 -124.76 -14.52
CA LEU G 207 -53.77 -122.00 -14.78
CA VAL G 208 -51.77 -121.60 -11.56
CA HIS G 209 -48.42 -120.37 -10.24
CA ARG G 210 -45.29 -122.50 -10.36
CA GLN G 211 -44.48 -122.28 -6.65
CA TRP G 212 -48.10 -123.12 -5.82
CA PHE G 213 -47.96 -125.97 -8.33
CA LEU G 214 -44.99 -127.38 -6.41
CA ASP G 215 -46.30 -126.57 -2.92
CA LEU G 216 -49.31 -128.92 -2.95
CA PRO G 217 -48.16 -131.69 -0.56
CA LEU G 218 -48.66 -134.86 -2.60
CA PRO G 219 -46.42 -137.45 -4.32
CA TRP G 220 -44.03 -136.23 -7.03
CA LEU G 221 -42.37 -137.47 -10.20
CA PRO G 222 -39.65 -135.59 -12.13
CA GLY G 223 -40.50 -134.71 -15.71
CA ALA G 224 -38.40 -137.45 -17.27
CA ASP G 225 -39.65 -139.80 -14.54
CA THR G 226 -42.22 -142.27 -15.86
CA GLN G 227 -41.41 -145.55 -14.09
CA GLY G 228 -43.28 -144.89 -10.84
CA SER G 229 -40.40 -146.25 -8.75
CA ASN G 230 -39.33 -142.91 -7.29
CA TRP G 231 -41.74 -140.97 -5.08
CA ILE G 232 -41.11 -137.87 -2.98
CA GLN G 233 -43.10 -136.82 0.10
CA LYS G 234 -45.07 -140.05 -0.30
CA GLU G 235 -45.93 -140.04 3.42
CA THR G 236 -48.95 -137.72 3.28
CA LEU G 237 -51.21 -139.99 1.22
CA VAL G 238 -50.45 -142.86 3.61
CA THR G 239 -51.56 -142.05 7.16
CA PHE G 240 -50.10 -144.24 9.87
CA LYS G 241 -52.57 -144.61 12.73
CA ASN G 242 -51.28 -144.36 16.27
CA PRO G 243 -48.54 -146.81 17.32
CA HIS G 244 -50.24 -149.84 18.77
CA ALA G 245 -48.78 -153.13 20.03
CA LYS G 246 -47.01 -154.84 17.10
CA LYS G 247 -49.33 -153.20 14.55
CA GLN G 248 -49.37 -149.99 12.59
CA ASP G 249 -52.74 -150.06 10.86
CA VAL G 250 -51.92 -148.28 7.61
CA VAL G 251 -54.78 -146.07 6.42
CA VAL G 252 -54.92 -145.09 2.76
CA LEU G 253 -55.92 -141.47 2.35
CA GLY G 254 -58.92 -141.01 0.11
CA SER G 255 -58.83 -139.59 -3.38
CA GLN G 256 -58.39 -135.84 -3.12
CA GLU G 257 -59.86 -135.38 -6.61
CA GLY G 258 -63.03 -134.04 -5.05
CA ALA G 259 -60.90 -131.83 -2.83
CA MET G 260 -59.02 -130.53 -5.86
CA HIS G 261 -62.29 -129.72 -7.61
CA THR G 262 -63.30 -127.90 -4.42
CA ALA G 263 -60.06 -125.90 -4.20
CA LEU G 264 -58.93 -125.22 -7.78
CA THR G 265 -62.41 -123.90 -8.60
CA GLY G 266 -62.24 -120.14 -8.27
CA ALA G 267 -58.87 -120.09 -9.97
CA THR G 268 -58.38 -119.50 -13.70
CA GLU G 269 -60.32 -122.22 -15.48
CA ILE G 270 -59.35 -123.52 -18.93
CA GLN G 271 -60.84 -126.00 -21.40
CA MET G 272 -58.42 -127.67 -23.80
CA SER G 273 -60.99 -127.68 -26.62
CA SER G 274 -60.76 -123.88 -26.93
CA GLY G 275 -56.97 -123.93 -26.56
CA ASN G 276 -55.06 -122.03 -23.89
CA LEU G 277 -56.50 -118.56 -23.24
CA LEU G 278 -53.18 -116.83 -22.56
CA PHE G 279 -54.68 -113.47 -23.46
CA THR G 280 -52.11 -111.81 -21.20
CA GLY G 281 -49.19 -110.41 -23.18
CA HIS G 282 -49.19 -108.23 -26.27
CA LEU G 283 -48.28 -109.81 -29.61
CA LYS G 284 -46.06 -107.54 -31.70
CA CYS G 285 -45.75 -108.80 -35.26
CA ARG G 286 -44.10 -107.78 -38.52
CA LEU G 287 -46.05 -108.32 -41.73
CA ARG G 288 -44.85 -107.22 -45.19
CA MET G 289 -47.30 -105.87 -47.77
CA ASP G 290 -45.11 -105.20 -50.81
CA LYS G 291 -46.38 -108.24 -52.74
CA LEU G 292 -50.04 -107.07 -52.91
CA GLN G 293 -51.72 -104.77 -55.42
CA LEU G 294 -55.26 -103.54 -56.09
CA LYS G 295 -57.52 -106.32 -57.37
CA GLY G 296 -60.47 -105.20 -59.47
CA MET G 297 -59.00 -101.75 -60.20
CA SER G 298 -59.11 -102.47 -63.93
CA TYR G 299 -62.91 -102.63 -63.76
CA SER G 300 -64.44 -99.41 -65.06
CA MET G 301 -66.70 -97.17 -63.03
CA CYS G 302 -70.40 -97.70 -63.76
CA THR G 303 -72.73 -94.74 -64.18
CA GLY G 304 -75.95 -96.54 -63.26
CA LYS G 305 -78.06 -95.92 -60.14
CA PHE G 306 -77.37 -96.79 -56.51
CA LYS G 307 -79.78 -97.89 -53.80
CA VAL G 308 -79.48 -98.34 -50.03
CA VAL G 309 -80.75 -101.50 -48.33
CA LYS G 310 -79.99 -101.04 -44.63
CA GLU G 311 -80.08 -97.71 -42.83
CA ILE G 312 -76.95 -95.93 -41.60
CA ALA G 313 -75.74 -98.30 -38.89
CA GLU G 314 -73.57 -97.08 -36.02
CA THR G 315 -70.60 -98.94 -34.55
CA GLN G 316 -68.69 -98.29 -31.31
CA HIS G 317 -65.94 -96.29 -33.07
CA GLY G 318 -67.63 -93.50 -35.03
CA THR G 319 -67.89 -95.38 -38.31
CA ILE G 320 -70.80 -95.89 -40.70
CA VAL G 321 -71.95 -98.93 -42.68
CA ILE G 322 -73.87 -98.60 -45.95
CA ARG G 323 -75.33 -101.51 -47.91
CA VAL G 324 -75.27 -99.99 -51.38
CA GLN G 325 -77.35 -101.88 -53.95
CA TYR G 326 -77.01 -101.42 -57.71
CA GLU G 327 -80.34 -101.68 -59.49
CA GLY G 328 -78.79 -100.52 -62.77
CA ASP G 329 -76.70 -102.56 -65.22
CA GLY G 330 -73.01 -102.87 -66.06
CA SER G 331 -71.73 -104.92 -63.14
CA PRO G 332 -69.04 -105.48 -61.96
CA CYS G 333 -67.82 -101.88 -61.55
CA LYS G 334 -65.53 -99.60 -59.56
CA ILE G 335 -67.68 -97.99 -56.86
CA PRO G 336 -67.80 -94.17 -56.88
CA PHE G 337 -67.89 -93.32 -53.16
CA GLU G 338 -67.17 -89.76 -52.09
CA ILE G 339 -67.62 -87.20 -49.32
CA MET G 340 -68.59 -83.56 -49.37
CA ASP G 341 -68.99 -80.84 -46.77
CA LEU G 342 -71.83 -78.35 -46.36
CA GLU G 343 -70.43 -76.20 -49.18
CA LYS G 344 -70.45 -79.29 -51.45
CA ARG G 345 -66.82 -78.51 -52.34
CA HIS G 346 -64.18 -80.33 -50.28
CA VAL G 347 -63.42 -84.03 -49.81
CA LEU G 348 -62.90 -84.11 -46.03
CA GLY G 349 -64.22 -87.46 -44.79
CA ARG G 350 -62.00 -90.53 -44.50
CA LEU G 351 -62.91 -93.69 -46.40
CA ILE G 352 -62.18 -97.25 -45.24
CA THR G 353 -62.52 -99.47 -48.31
CA VAL G 354 -60.68 -98.09 -51.31
CA ASN G 355 -62.09 -98.80 -54.80
CA PRO G 356 -65.00 -101.02 -53.70
CA ILE G 357 -66.46 -103.20 -56.43
CA VAL G 358 -69.75 -105.03 -56.97
CA THR G 359 -69.59 -108.76 -57.57
CA GLU G 360 -72.96 -108.78 -59.33
CA LYS G 361 -76.08 -106.67 -59.59
CA ASP G 362 -78.69 -107.20 -56.85
CA SER G 363 -75.83 -108.17 -54.47
CA PRO G 364 -75.13 -105.01 -52.43
CA VAL G 365 -71.73 -104.03 -51.08
CA ASN G 366 -71.08 -103.06 -47.47
CA ILE G 367 -69.19 -99.80 -47.90
CA GLU G 368 -67.59 -98.56 -44.67
CA ALA G 369 -66.74 -94.93 -43.96
CA GLU G 370 -65.41 -92.66 -41.20
CA PRO G 371 -66.53 -89.04 -41.63
CA PRO G 372 -65.56 -86.50 -38.98
CA PHE G 373 -67.88 -85.89 -36.05
CA GLY G 374 -70.28 -83.38 -37.57
CA ASP G 375 -72.56 -82.79 -40.53
CA SER G 376 -71.53 -84.01 -43.98
CA TYR G 377 -72.92 -85.57 -47.15
CA ILE G 378 -72.00 -89.11 -48.11
CA ILE G 379 -72.31 -88.87 -51.89
CA ILE G 380 -73.19 -92.26 -53.31
CA GLY G 381 -73.12 -92.43 -57.09
CA VAL G 382 -72.63 -89.55 -59.49
CA GLU G 383 -75.07 -87.11 -61.00
CA PRO G 384 -77.63 -87.26 -62.56
CA GLY G 385 -79.50 -89.16 -59.86
CA GLN G 386 -76.71 -88.87 -57.28
CA LEU G 387 -77.52 -89.56 -53.61
CA LYS G 388 -76.10 -86.95 -51.22
CA LEU G 389 -77.16 -88.75 -48.06
CA ASN G 390 -76.85 -86.27 -45.21
CA TRP G 391 -75.25 -87.54 -42.02
CA PHE G 392 -74.65 -85.93 -38.63
CA LYS G 393 -71.98 -87.76 -36.64
CA LYS G 394 -71.86 -87.15 -32.91
CA GLY G 395 -68.71 -86.34 -30.96
CA SER G 396 -65.98 -83.73 -30.84
CA SER G 397 -63.13 -83.60 -33.35
CA ILE G 398 -60.79 -82.94 -30.42
CA GLY G 399 -62.36 -86.06 -28.93
CA GLN G 400 -60.99 -88.37 -31.60
CA MET G 401 -57.85 -86.21 -31.71
CA ILE G 402 -56.94 -86.93 -28.09
CA GLU G 403 -58.26 -90.50 -28.21
CA THR G 404 -56.35 -91.64 -31.30
CA THR G 405 -53.18 -89.75 -30.38
CA MET G 406 -53.18 -91.21 -26.86
CA ARG G 407 -53.92 -94.73 -28.09
CA GLY G 408 -51.12 -94.63 -30.65
CA ALA G 409 -48.80 -93.13 -28.04
CA LYS G 410 -49.48 -95.95 -25.56
CA ARG G 411 -49.22 -98.47 -28.40
CA MET G 412 -45.73 -97.22 -29.26
CA ALA G 413 -44.88 -96.79 -25.55
CA ILE G 414 -45.52 -100.37 -24.48
CA LEU G 415 -43.62 -101.08 -27.69
CA GLY G 416 -41.14 -98.38 -26.71
CA ASP G 417 -37.70 -98.92 -25.20
CA THR G 418 -35.82 -101.84 -26.80
CA ALA G 419 -38.74 -102.29 -29.26
CA TRP G 420 -38.68 -99.64 -32.01
CA ASP G 421 -35.68 -99.87 -34.32
CA PHE G 422 -33.33 -97.06 -33.22
CA GLY G 423 -29.97 -98.79 -33.73
CA SER G 424 -30.04 -98.88 -37.53
CA LEU G 425 -28.03 -95.91 -38.81
CA GLY G 426 -29.76 -94.28 -41.76
CA GLY G 427 -32.89 -96.16 -40.74
CA VAL G 428 -33.01 -93.88 -37.70
CA PHE G 429 -34.83 -91.43 -39.98
CA THR G 430 -37.30 -94.15 -40.95
CA SER G 431 -37.81 -95.08 -37.29
CA ILE G 432 -38.45 -91.46 -36.31
CA GLY G 433 -40.93 -91.22 -39.16
CA LYS G 434 -42.48 -94.47 -37.94
CA ALA G 435 -42.90 -93.08 -34.43
CA LEU G 436 -44.51 -89.91 -35.75
CA HIS G 437 -46.69 -91.81 -38.24
CA GLN G 438 -47.92 -94.23 -35.57
CA VAL G 439 -48.56 -91.34 -33.14
CA PHE G 440 -48.73 -88.10 -35.15
CA GLY G 441 -49.74 -89.77 -38.43
CA ALA G 442 -53.46 -89.41 -37.72
CA ILE G 443 -52.76 -85.68 -37.50
CA TYR G 444 -51.44 -85.71 -41.07
CA GLY G 445 -54.20 -87.94 -42.40
CA ALA G 446 -57.51 -87.20 -40.66
CA ALA G 447 -57.57 -83.49 -39.79
CA PHE G 448 -55.11 -82.14 -42.37
CA SER G 449 -56.92 -82.13 -45.73
CA GLY G 450 -57.41 -85.90 -46.25
CA VAL G 451 -55.03 -85.58 -48.11
CA SER G 452 -53.65 -84.99 -51.61
CA TRP G 453 -50.02 -84.94 -50.56
CA ILE G 454 -48.42 -82.54 -53.07
CA MET G 455 -50.58 -79.54 -52.19
CA LYS G 456 -50.27 -80.10 -48.45
CA ILE G 457 -46.48 -80.46 -48.60
CA LEU G 458 -46.47 -77.14 -50.44
CA ILE G 459 -48.62 -75.76 -47.62
CA GLY G 460 -46.26 -77.37 -45.12
CA VAL G 461 -43.14 -75.75 -46.53
CA ILE G 462 -45.09 -72.47 -46.55
CA ILE G 463 -45.86 -72.98 -42.86
CA THR G 464 -42.21 -73.79 -42.16
CA TRP G 465 -41.19 -70.55 -43.87
CA ILE G 466 -43.75 -68.57 -41.85
CA GLY G 467 -42.70 -70.20 -38.57
CA MET G 468 -38.99 -69.60 -39.18
CA ASN G 469 -39.55 -65.90 -39.97
CA SER G 470 -42.01 -65.33 -37.11
CA ARG G 471 -42.21 -62.62 -34.46
CA SER G 472 -41.93 -65.12 -31.57
CA THR G 473 -39.40 -67.92 -31.05
CA SER G 474 -41.87 -69.97 -29.00
CA LEU G 475 -44.32 -69.91 -31.90
CA SER G 476 -41.39 -70.68 -34.21
CA VAL G 477 -40.55 -73.84 -32.26
CA SER G 478 -44.25 -74.73 -32.10
CA LEU G 479 -44.88 -74.27 -35.85
CA VAL G 480 -41.70 -75.30 -37.68
CA LEU G 481 -41.75 -78.61 -35.78
CA VAL G 482 -45.29 -79.27 -37.02
CA GLY G 483 -44.26 -78.24 -40.53
CA VAL G 484 -41.22 -80.51 -40.74
CA VAL G 485 -43.28 -83.34 -39.24
CA THR G 486 -45.87 -82.71 -41.96
CA LEU G 487 -43.31 -82.72 -44.78
CA TYR G 488 -41.25 -85.71 -43.66
CA LEU G 489 -44.26 -87.77 -42.58
CA GLY G 490 -45.92 -87.00 -45.91
CA VAL G 491 -42.86 -88.33 -47.69
CA MET G 492 -43.17 -91.44 -45.52
CA VAL G 493 -46.91 -91.66 -46.21
CA GLN G 494 -46.17 -91.63 -49.95
CA ALA G 495 -44.14 -94.80 -49.37
CA MET H 1 -101.12 -74.40 39.67
CA ARG H 2 -100.70 -78.10 38.92
CA CYS H 3 -96.94 -78.53 38.45
CA ILE H 4 -95.51 -77.39 41.79
CA GLY H 5 -93.05 -80.17 42.53
CA ILE H 6 -91.85 -81.65 39.23
CA SER H 7 -88.15 -81.27 38.48
CA ASN H 8 -88.46 -79.82 34.97
CA ARG H 9 -90.13 -76.51 35.80
CA ASP H 10 -90.03 -74.11 32.85
CA PHE H 11 -91.22 -70.53 32.38
CA VAL H 12 -92.18 -68.69 29.19
CA GLU H 13 -92.87 -65.02 29.97
CA GLY H 14 -93.39 -63.42 26.57
CA VAL H 15 -96.22 -62.75 24.13
CA SER H 16 -96.35 -62.26 20.37
CA GLY H 17 -97.74 -59.35 18.39
CA GLY H 18 -100.84 -61.36 17.52
CA SER H 19 -100.66 -63.26 20.83
CA TRP H 20 -99.51 -66.35 18.89
CA VAL H 21 -97.56 -67.86 21.77
CA ASP H 22 -95.40 -70.92 21.14
CA ILE H 23 -94.51 -73.66 23.64
CA VAL H 24 -92.72 -77.00 23.68
CA LEU H 25 -94.11 -79.91 25.70
CA GLU H 26 -92.21 -83.04 26.77
CA HIS H 27 -92.87 -85.92 29.14
CA GLY H 28 -92.74 -84.61 32.68
CA SER H 29 -91.67 -81.12 31.58
CA CYS H 30 -94.58 -78.83 32.38
CA VAL H 31 -94.76 -75.21 31.26
CA THR H 32 -96.17 -72.07 32.88
CA THR H 33 -97.66 -69.38 30.65
CA MET H 34 -97.45 -65.76 31.79
CA ALA H 35 -99.14 -62.74 30.23
CA LYS H 36 -100.13 -59.14 30.85
CA ASN H 37 -103.74 -58.59 31.99
CA LYS H 38 -104.56 -62.14 30.85
CA PRO H 39 -104.94 -65.17 33.15
CA THR H 40 -101.83 -67.27 33.60
CA LEU H 41 -101.85 -70.96 32.77
CA ASP H 42 -100.10 -74.27 33.29
CA PHE H 43 -99.68 -76.71 30.41
CA GLU H 44 -98.53 -80.31 30.43
CA LEU H 45 -98.82 -83.52 28.44
CA ILE H 46 -100.14 -86.04 30.94
CA LYS H 47 -100.25 -89.22 28.88
CA THR H 48 -99.09 -90.17 25.40
CA GLU H 49 -101.27 -92.62 23.48
CA ALA H 50 -100.93 -94.36 20.12
CA LYS H 51 -104.37 -95.55 19.05
CA GLN H 52 -105.33 -97.28 15.81
CA PRO H 53 -101.98 -99.02 15.25
CA ALA H 54 -100.88 -100.25 11.85
CA THR H 55 -100.13 -103.97 11.67
CA LEU H 56 -96.72 -103.70 10.02
CA ARG H 57 -95.68 -107.38 9.94
CA LYS H 58 -96.12 -110.65 11.81
CA TYR H 59 -93.75 -113.41 12.91
CA CYS H 60 -94.54 -117.09 13.45
CA ILE H 61 -92.61 -117.61 16.67
CA GLU H 62 -93.19 -121.38 16.75
CA ALA H 63 -93.66 -123.87 13.94
CA LYS H 64 -95.51 -127.06 13.06
CA LEU H 65 -94.46 -129.36 10.22
CA THR H 66 -97.12 -131.56 8.64
CA ASN H 67 -97.95 -133.47 5.47
CA THR H 68 -94.23 -133.74 4.67
CA THR H 69 -94.10 -135.51 1.33
CA THR H 70 -90.92 -136.20 -0.62
CA ASP H 71 -89.84 -137.86 -3.86
CA SER H 72 -86.77 -138.45 -5.99
CA ARG H 73 -85.71 -139.43 -9.50
CA CYS H 74 -82.77 -141.34 -10.87
CA PRO H 75 -79.98 -139.31 -12.53
CA THR H 76 -80.80 -137.62 -15.87
CA GLN H 77 -84.57 -137.87 -15.26
CA GLY H 78 -84.78 -134.29 -13.95
CA GLU H 79 -86.32 -133.07 -10.73
CA PRO H 80 -89.61 -134.76 -9.76
CA SER H 81 -92.68 -132.55 -10.13
CA LEU H 82 -95.31 -132.86 -7.40
CA ASN H 83 -98.21 -130.43 -6.84
CA GLU H 84 -96.96 -129.00 -3.52
CA GLU H 85 -94.10 -127.04 -5.11
CA GLN H 86 -96.38 -124.53 -6.82
CA ASP H 87 -98.54 -124.12 -3.71
CA LYS H 88 -96.87 -121.79 -1.22
CA ARG H 89 -98.82 -123.47 1.60
CA PHE H 90 -95.99 -126.03 1.59
CA VAL H 91 -92.42 -124.90 2.12
CA CYS H 92 -89.98 -127.01 0.17
CA LYS H 93 -86.67 -127.48 -1.58
CA HIS H 94 -84.86 -129.78 -4.01
CA SER H 95 -81.38 -131.30 -3.83
CA MET H 96 -79.36 -134.20 -5.26
CA VAL H 97 -77.71 -137.40 -4.03
CA ASP H 98 -75.64 -140.18 -5.57
CA ARG H 99 -77.85 -143.05 -6.74
CA GLY H 100 -77.27 -145.80 -9.26
CA TRP H 101 -76.94 -149.53 -9.87
CA GLY H 102 -76.49 -150.13 -6.15
CA ASN H 103 -79.86 -148.74 -4.99
CA GLY H 104 -82.22 -149.36 -7.91
CA CYS H 105 -81.21 -146.76 -10.51
CA GLY H 106 -79.05 -147.42 -13.57
CA LEU H 107 -75.66 -145.77 -12.96
CA PHE H 108 -74.02 -143.96 -10.06
CA GLY H 109 -74.78 -140.26 -10.49
CA LYS H 110 -76.29 -137.25 -8.78
CA GLY H 111 -80.02 -137.81 -9.12
CA GLY H 112 -82.56 -135.29 -7.92
CA ILE H 113 -84.82 -135.17 -4.87
CA VAL H 114 -87.68 -132.85 -3.96
CA THR H 115 -88.64 -132.49 -0.30
CA CYS H 116 -91.81 -130.60 0.64
CA ALA H 117 -93.93 -130.08 3.73
CA MET H 118 -96.84 -128.03 5.04
CA PHE H 119 -95.73 -125.27 7.43
CA THR H 120 -98.46 -124.58 10.00
CA CYS H 121 -98.15 -121.48 12.18
CA LYS H 122 -99.32 -122.22 15.72
CA LYS H 123 -98.61 -118.88 17.42
CA ASN H 124 -98.18 -115.26 16.39
CA MET H 125 -95.77 -112.49 17.35
CA LYS H 126 -97.32 -109.13 16.62
CA GLY H 127 -95.55 -106.00 15.39
CA LYS H 128 -96.98 -102.50 15.78
CA VAL H 129 -95.58 -99.42 14.02
CA VAL H 130 -96.56 -95.96 15.24
CA GLN H 131 -96.93 -93.28 12.59
CA PRO H 132 -96.79 -89.56 13.44
CA GLU H 133 -100.48 -89.01 12.68
CA ASN H 134 -101.54 -91.80 15.07
CA LEU H 135 -100.25 -90.11 18.24
CA GLU H 136 -103.21 -89.15 20.46
CA TYR H 137 -101.67 -86.58 22.81
CA THR H 138 -103.51 -86.12 26.11
CA ILE H 139 -102.85 -82.56 27.31
CA VAL H 140 -103.86 -81.17 30.71
CA ILE H 141 -104.48 -77.42 30.94
CA THR H 142 -104.92 -75.86 34.40
CA PRO H 143 -105.27 -72.16 35.32
CA HIS H 144 -103.55 -70.43 38.23
CA SER H 145 -106.96 -69.48 39.52
CA GLY H 146 -106.76 -70.40 43.20
CA GLU H 147 -107.71 -74.08 43.30
CA GLU H 148 -106.19 -76.34 45.94
CA HIS H 149 -106.54 -79.99 44.88
CA ALA H 150 -103.97 -79.91 42.05
CA VAL H 151 -100.70 -79.06 43.83
CA GLY H 152 -98.52 -82.13 43.57
CA ASN H 153 -101.37 -84.06 41.95
CA ASP H 154 -102.11 -86.05 38.78
CA THR H 155 -105.92 -86.30 38.61
CA GLY H 156 -106.64 -82.89 40.21
CA LYS H 157 -109.31 -81.46 37.94
CA HIS H 158 -110.16 -77.78 37.88
CA GLY H 159 -109.02 -77.25 34.30
CA LYS H 160 -109.51 -79.52 31.30
CA GLU H 161 -107.91 -82.55 29.67
CA ILE H 162 -108.03 -82.67 25.88
CA LYS H 163 -107.05 -85.46 23.48
CA ILE H 164 -105.26 -83.85 20.53
CA THR H 165 -105.48 -85.83 17.28
CA PRO H 166 -103.01 -84.47 14.68
CA GLN H 167 -105.60 -84.92 11.92
CA SER H 168 -107.53 -82.24 13.85
CA SER H 169 -105.09 -79.35 14.16
CA ILE H 170 -107.38 -76.62 15.52
CA THR H 171 -109.29 -77.50 18.69
CA GLU H 172 -111.25 -75.48 21.24
CA ALA H 173 -110.61 -76.43 24.88
CA GLU H 174 -113.28 -74.59 26.91
CA LEU H 175 -111.58 -73.75 30.19
CA THR H 176 -114.22 -73.24 32.87
CA GLY H 177 -114.93 -69.66 33.89
CA TYR H 178 -112.23 -68.24 31.59
CA GLY H 179 -113.48 -69.23 28.12
CA THR H 180 -111.31 -71.20 25.71
CA VAL H 181 -107.83 -71.27 24.18
CA THR H 182 -107.27 -72.27 20.57
CA MET H 183 -105.17 -75.43 20.30
CA GLU H 184 -102.89 -75.56 17.26
CA CYS H 185 -100.34 -78.02 18.57
CA SER H 186 -98.56 -80.46 16.27
CA PRO H 187 -96.26 -83.41 17.02
CA ARG H 188 -95.14 -83.37 13.38
CA THR H 189 -92.34 -80.90 14.07
CA GLY H 190 -91.14 -83.02 17.00
CA LEU H 191 -88.85 -86.00 16.69
CA ASP H 192 -89.81 -88.40 13.91
CA PHE H 193 -91.50 -91.59 15.14
CA ASN H 194 -90.20 -93.47 12.11
CA GLU H 195 -87.93 -96.04 13.81
CA MET H 196 -89.95 -97.04 16.91
CA VAL H 197 -91.74 -100.39 16.88
CA LEU H 198 -93.68 -102.36 19.50
CA LEU H 199 -93.33 -106.12 19.84
CA GLN H 200 -96.54 -107.57 21.30
CA MET H 201 -96.87 -111.05 22.81
CA GLU H 202 -100.17 -112.14 24.36
CA ASN H 203 -100.67 -109.03 26.53
CA LYS H 204 -97.12 -107.82 27.28
CA ALA H 205 -94.89 -105.84 24.95
CA TRP H 206 -91.52 -104.22 24.35
CA LEU H 207 -90.20 -101.30 22.32
CA VAL H 208 -87.43 -101.85 19.77
CA HIS H 209 -86.04 -100.31 16.60
CA ARG H 210 -87.50 -100.88 13.13
CA GLN H 211 -84.34 -102.06 11.37
CA TRP H 212 -83.75 -104.55 14.18
CA PHE H 213 -87.40 -105.56 14.07
CA LEU H 214 -87.15 -106.52 10.41
CA ASP H 215 -83.59 -107.92 10.48
CA LEU H 216 -84.71 -110.89 12.58
CA PRO H 217 -84.12 -114.17 10.66
CA LEU H 218 -87.54 -115.54 11.56
CA PRO H 219 -90.69 -116.44 9.62
CA TRP H 220 -91.83 -113.36 7.77
CA LEU H 221 -95.53 -112.73 7.03
CA PRO H 222 -97.03 -109.45 5.74
CA GLY H 223 -99.70 -107.40 7.45
CA ALA H 224 -102.20 -107.49 4.59
CA ASP H 225 -102.49 -111.27 4.38
CA THR H 226 -104.59 -113.24 6.87
CA GLN H 227 -104.35 -116.94 5.98
CA GLY H 228 -100.54 -117.02 6.20
CA SER H 229 -100.11 -119.26 3.16
CA ASN H 230 -98.30 -116.47 1.30
CA TRP H 231 -95.29 -117.24 3.46
CA ILE H 232 -91.86 -115.61 3.14
CA GLN H 233 -88.41 -116.33 4.60
CA LYS H 234 -88.92 -120.04 4.35
CA GLU H 235 -85.69 -121.56 5.67
CA THR H 236 -85.60 -119.81 9.08
CA LEU H 237 -87.08 -122.74 11.04
CA VAL H 238 -87.25 -125.70 8.65
CA THR H 239 -83.66 -126.98 8.82
CA PHE H 240 -83.37 -129.92 6.45
CA LYS H 241 -80.38 -132.18 7.10
CA ASN H 242 -78.07 -133.56 4.42
CA PRO H 243 -80.35 -135.86 2.39
CA HIS H 244 -79.27 -139.49 2.44
CA ALA H 245 -81.01 -141.23 -0.46
CA LYS H 246 -84.50 -139.68 -0.11
CA LYS H 247 -85.46 -138.94 3.50
CA GLN H 248 -83.90 -136.08 5.40
CA ASP H 249 -84.60 -135.33 9.05
CA VAL H 250 -86.83 -132.34 8.34
CA VAL H 251 -87.64 -130.73 11.68
CA VAL H 252 -88.69 -127.25 12.71
CA LEU H 253 -86.54 -125.71 15.42
CA GLY H 254 -88.01 -125.58 18.89
CA SER H 255 -90.21 -122.71 19.95
CA GLN H 256 -88.24 -119.47 19.87
CA GLU H 257 -90.43 -117.91 22.58
CA GLY H 258 -87.92 -118.59 25.35
CA ALA H 259 -84.85 -117.72 23.28
CA MET H 260 -86.21 -114.48 21.85
CA HIS H 261 -87.65 -113.52 25.23
CA THR H 262 -84.20 -113.97 26.77
CA ALA H 263 -82.57 -111.97 23.98
CA LEU H 264 -85.14 -109.16 24.06
CA THR H 265 -84.63 -108.89 27.82
CA GLY H 266 -82.96 -105.62 28.71
CA ALA H 267 -84.82 -103.67 26.05
CA THR H 268 -87.49 -101.07 26.86
CA GLU H 269 -90.38 -103.04 28.33
CA ILE H 270 -93.71 -101.26 27.82
CA GLN H 271 -96.76 -101.93 29.97
CA MET H 272 -98.91 -101.39 26.88
CA SER H 273 -102.07 -102.61 28.61
CA SER H 274 -102.71 -99.15 30.12
CA GLY H 275 -102.07 -97.51 26.74
CA ASN H 276 -99.07 -96.80 24.53
CA LEU H 277 -97.15 -94.69 27.06
CA LEU H 278 -94.43 -93.43 24.77
CA PHE H 279 -91.84 -91.59 26.85
CA THR H 280 -90.49 -89.38 24.03
CA GLY H 281 -91.66 -86.86 21.45
CA HIS H 282 -91.73 -83.07 21.35
CA LEU H 283 -95.09 -81.36 21.02
CA LYS H 284 -94.83 -77.94 19.34
CA CYS H 285 -97.82 -75.95 20.54
CA ARG H 286 -98.96 -72.65 18.99
CA LEU H 287 -101.82 -70.87 20.71
CA ARG H 288 -104.00 -67.80 20.27
CA MET H 289 -104.74 -66.93 23.91
CA ASP H 290 -106.61 -63.70 23.05
CA LYS H 291 -109.91 -65.58 23.14
CA LEU H 292 -109.03 -66.56 26.71
CA GLN H 293 -110.00 -64.04 29.36
CA LEU H 294 -109.98 -63.71 33.15
CA LYS H 295 -113.47 -63.23 34.60
CA GLY H 296 -111.84 -62.55 37.97
CA MET H 297 -109.39 -59.84 36.94
CA SER H 298 -111.42 -56.64 37.38
CA TYR H 299 -113.15 -57.31 40.71
CA SER H 300 -112.89 -54.66 43.40
CA MET H 301 -109.71 -54.26 45.44
CA CYS H 302 -110.32 -56.32 48.54
CA THR H 303 -110.61 -54.55 51.87
CA GLY H 304 -111.26 -56.84 54.83
CA LYS H 305 -108.81 -58.51 57.17
CA PHE H 306 -106.72 -61.32 55.70
CA LYS H 307 -104.81 -64.10 57.48
CA VAL H 308 -102.49 -67.01 56.64
CA VAL H 309 -103.28 -70.64 57.48
CA LYS H 310 -100.24 -72.65 56.40
CA GLU H 311 -96.66 -71.40 56.23
CA ILE H 312 -94.32 -71.60 53.26
CA ALA H 313 -92.57 -74.74 52.11
CA GLU H 314 -90.02 -74.48 49.31
CA THR H 315 -90.62 -75.84 45.82
CA GLN H 316 -88.20 -77.46 43.38
CA HIS H 317 -87.75 -74.30 41.32
CA GLY H 318 -87.97 -72.21 44.49
CA THR H 319 -91.29 -70.38 44.21
CA ILE H 320 -93.45 -68.90 46.94
CA VAL H 321 -96.71 -70.82 47.33
CA ILE H 322 -98.96 -69.69 50.18
CA ARG H 323 -102.34 -70.97 51.26
CA VAL H 324 -104.12 -67.92 52.69
CA GLN H 325 -107.56 -67.45 54.25
CA TYR H 326 -109.80 -64.38 54.27
CA GLU H 327 -111.66 -63.75 57.52
CA GLY H 328 -113.06 -60.41 56.36
CA ASP H 329 -115.97 -59.65 54.02
CA GLY H 330 -116.75 -58.35 50.56
CA SER H 331 -116.11 -61.54 48.61
CA PRO H 332 -115.57 -61.70 45.65
CA CYS H 333 -112.70 -59.19 45.82
CA LYS H 334 -109.32 -58.53 44.20
CA ILE H 335 -106.68 -59.21 46.86
CA PRO H 336 -103.64 -56.91 47.18
CA PHE H 337 -100.35 -58.78 46.92
CA GLU H 338 -96.94 -57.16 46.45
CA ILE H 339 -93.30 -58.12 47.06
CA MET H 340 -91.68 -55.00 48.50
CA ASP H 341 -88.20 -54.22 49.68
CA LEU H 342 -87.65 -54.26 53.43
CA GLU H 343 -87.99 -50.43 53.39
CA LYS H 344 -91.27 -50.56 51.39
CA ARG H 345 -89.92 -48.23 48.66
CA HIS H 346 -89.39 -50.25 45.45
CA VAL H 347 -90.68 -53.61 44.20
CA LEU H 348 -88.32 -56.56 43.66
CA GLY H 349 -90.12 -59.77 42.75
CA ARG H 350 -92.80 -61.04 40.40
CA LEU H 351 -96.13 -62.78 41.03
CA ILE H 352 -97.38 -65.58 38.77
CA THR H 353 -101.09 -65.54 39.56
CA VAL H 354 -102.00 -62.24 37.94
CA ASN H 355 -104.74 -60.52 39.93
CA PRO H 356 -105.37 -63.28 42.48
CA ILE H 357 -109.03 -63.66 43.36
CA VAL H 358 -111.02 -64.78 46.40
CA THR H 359 -114.58 -65.59 45.28
CA GLU H 360 -115.49 -67.81 48.23
CA LYS H 361 -115.72 -67.31 51.98
CA ASP H 362 -113.77 -69.57 54.32
CA SER H 363 -111.65 -71.35 51.72
CA PRO H 364 -107.90 -71.76 51.18
CA VAL H 365 -106.45 -69.55 48.46
CA ASN H 366 -103.23 -70.46 46.67
CA ILE H 367 -100.98 -67.49 45.89
CA GLU H 368 -97.89 -68.00 43.74
CA ALA H 369 -94.81 -65.80 43.41
CA GLU H 370 -91.08 -65.88 42.60
CA PRO H 371 -88.78 -63.47 44.45
CA PRO H 372 -85.13 -62.93 43.58
CA PHE H 373 -82.31 -64.23 45.77
CA GLY H 374 -82.35 -61.81 48.67
CA ASP H 375 -84.31 -60.59 51.63
CA SER H 376 -87.80 -59.40 50.75
CA TYR H 377 -91.07 -58.46 52.40
CA ILE H 378 -94.27 -59.96 50.99
CA ILE H 379 -96.79 -57.22 51.80
CA ILE H 380 -100.41 -58.36 51.85
CA GLY H 381 -103.57 -56.37 52.49
CA VAL H 382 -104.11 -52.77 53.51
CA GLU H 383 -104.06 -51.22 56.96
CA PRO H 384 -105.92 -51.96 59.24
CA GLY H 385 -104.74 -55.56 59.18
CA GLN H 386 -101.52 -55.18 57.19
CA LEU H 387 -99.56 -58.40 56.82
CA LYS H 388 -95.79 -58.29 56.33
CA LEU H 389 -93.92 -61.55 55.70
CA ASN H 390 -90.13 -61.57 55.62
CA TRP H 391 -88.62 -64.06 53.21
CA PHE H 392 -85.23 -65.10 51.88
CA LYS H 393 -84.11 -67.61 49.25
CA LYS H 394 -80.72 -69.07 48.45
CA GLY H 395 -78.75 -69.00 45.20
CA SER H 396 -76.82 -66.64 42.95
CA SER H 397 -78.56 -64.24 40.58
CA ILE H 398 -76.09 -65.09 37.81
CA GLY H 399 -77.05 -68.72 38.34
CA GLN H 400 -80.65 -68.04 37.42
CA MET H 401 -79.59 -65.73 34.58
CA ILE H 402 -77.44 -68.38 32.88
CA GLU H 403 -79.95 -71.15 33.65
CA THR H 404 -82.96 -69.31 32.22
CA THR H 405 -81.05 -67.94 29.23
CA MET H 406 -79.61 -71.32 28.24
CA ARG H 407 -82.95 -73.04 28.82
CA GLY H 408 -84.70 -70.53 26.57
CA ALA H 409 -81.94 -70.85 23.98
CA LYS H 410 -82.40 -74.62 23.85
CA ARG H 411 -86.16 -74.13 23.76
CA MET H 412 -85.90 -71.83 20.77
CA ALA H 413 -83.35 -74.11 19.07
CA ILE H 414 -85.74 -77.06 19.25
CA LEU H 415 -88.64 -74.65 18.57
CA GLY H 416 -86.62 -73.38 15.63
CA ASP H 417 -86.61 -74.13 11.92
CA THR H 418 -90.14 -74.33 10.47
CA ALA H 419 -91.45 -73.24 13.91
CA TRP H 420 -90.89 -69.53 14.55
CA ASP H 421 -92.80 -67.27 12.19
CA PHE H 422 -90.45 -66.20 9.41
CA GLY H 423 -92.80 -66.56 6.43
CA SER H 424 -95.59 -64.40 7.86
CA LEU H 425 -95.14 -60.86 6.57
CA GLY H 426 -95.93 -58.01 8.97
CA GLY H 427 -95.34 -60.21 12.00
CA VAL H 428 -91.67 -60.65 11.09
CA PHE H 429 -90.63 -57.87 13.46
CA THR H 430 -92.94 -59.38 16.09
CA SER H 431 -91.46 -62.84 15.48
CA ILE H 432 -87.88 -61.66 15.91
CA GLY H 433 -89.01 -59.76 19.00
CA LYS H 434 -90.42 -62.99 20.38
CA ALA H 435 -87.18 -64.84 19.59
CA LEU H 436 -84.95 -62.17 21.11
CA HIS H 437 -87.20 -62.32 24.15
CA GLN H 438 -86.93 -66.09 24.47
CA VAL H 439 -83.10 -65.75 24.50
CA PHE H 440 -82.21 -62.40 26.13
CA GLY H 441 -85.34 -61.50 28.10
CA ALA H 442 -83.99 -62.81 31.37
CA ILE H 443 -81.12 -60.35 31.02
CA TYR H 444 -83.46 -57.58 29.89
CA GLY H 445 -86.07 -57.91 32.63
CA ALA H 446 -83.87 -59.00 35.55
CA ALA H 447 -80.39 -57.54 35.11
CA PHE H 448 -81.42 -54.27 33.47
CA SER H 449 -83.38 -52.51 36.22
CA GLY H 450 -86.61 -54.56 36.27
CA VAL H 451 -87.65 -52.27 34.58
CA SER H 452 -89.25 -48.83 34.20
CA TRP H 453 -89.53 -49.07 30.43
CA ILE H 454 -89.56 -45.36 29.49
CA MET H 455 -86.31 -44.41 31.20
CA LYS H 456 -84.51 -47.58 30.15
CA ILE H 457 -85.40 -47.02 26.49
CA LEU H 458 -84.06 -43.50 26.93
CA ILE H 459 -80.84 -45.10 28.19
CA GLY H 460 -81.06 -47.50 25.25
CA VAL H 461 -81.14 -44.74 22.67
CA ILE H 462 -78.30 -43.07 24.58
CA ILE H 463 -76.13 -46.20 24.29
CA THR H 464 -77.07 -46.51 20.60
CA TRP H 465 -76.01 -42.91 20.00
CA ILE H 466 -72.71 -43.46 21.81
CA GLY H 467 -72.15 -46.69 19.87
CA MET H 468 -72.74 -45.23 16.42
CA ASN H 469 -70.41 -42.29 17.15
CA SER H 470 -67.76 -44.49 18.79
CA ARG H 471 -63.99 -44.52 18.38
CA SER H 472 -64.11 -48.13 17.10
CA THR H 473 -66.39 -49.89 14.63
CA SER H 474 -66.17 -53.21 16.48
CA LEU H 475 -67.50 -51.55 19.63
CA SER H 476 -70.09 -49.74 17.50
CA VAL H 477 -71.43 -53.06 16.21
CA SER H 478 -71.20 -54.66 19.65
CA LEU H 479 -73.11 -51.84 21.38
CA VAL H 480 -75.73 -50.66 18.88
CA LEU H 481 -76.96 -54.24 18.52
CA VAL H 482 -77.62 -54.40 22.26
CA GLY H 483 -79.19 -50.95 22.17
CA VAL H 484 -81.62 -51.75 19.38
CA VAL H 485 -82.36 -55.03 21.18
CA THR H 486 -83.17 -53.00 24.28
CA LEU H 487 -85.41 -50.57 22.42
CA TYR H 488 -87.36 -53.17 20.42
CA LEU H 489 -87.78 -55.50 23.40
CA GLY H 490 -88.92 -52.54 25.50
CA VAL H 491 -91.58 -51.80 22.92
CA MET H 492 -92.38 -55.52 23.11
CA VAL H 493 -92.26 -56.11 26.90
CA GLN H 494 -94.62 -53.15 27.26
CA ALA H 495 -97.13 -55.52 25.62
CA PHE I 1 -70.42 -161.57 32.70
CA HIS I 2 -72.82 -160.64 35.51
CA LEU I 3 -76.08 -159.50 33.93
CA THR I 4 -78.33 -156.67 35.12
CA THR I 5 -80.67 -154.17 33.45
CA ARG I 6 -80.36 -150.43 32.88
CA ASN I 7 -82.59 -148.10 30.86
CA GLY I 8 -84.73 -151.13 30.07
CA GLU I 9 -81.83 -152.91 28.35
CA PRO I 10 -79.60 -155.83 29.40
CA HIS I 11 -76.21 -154.97 30.82
CA MET I 12 -73.56 -157.70 31.16
CA ILE I 13 -70.27 -156.98 32.93
CA VAL I 14 -67.52 -159.19 31.52
CA SER I 15 -64.09 -159.88 32.96
CA ARG I 16 -60.93 -161.85 32.21
CA GLN I 17 -62.66 -165.08 33.33
CA GLU I 18 -64.43 -165.00 29.94
CA LYS I 19 -62.01 -163.20 27.62
CA GLY I 20 -61.95 -163.34 23.84
CA LYS I 21 -64.68 -165.99 23.76
CA SER I 22 -68.27 -166.10 22.58
CA LEU I 23 -70.67 -164.68 25.17
CA LEU I 24 -73.82 -166.76 25.55
CA PHE I 25 -77.03 -166.27 27.53
CA LYS I 26 -80.70 -167.20 27.68
CA THR I 27 -83.01 -164.22 28.19
CA GLU I 28 -86.66 -163.37 27.57
CA ASP I 29 -85.74 -162.28 24.04
CA GLY I 30 -84.27 -165.73 23.43
CA VAL I 31 -80.85 -167.32 22.93
CA ASN I 32 -78.47 -164.35 23.17
CA MET I 33 -75.24 -165.11 21.29
CA CYS I 34 -72.92 -162.10 21.59
CA THR I 35 -69.40 -161.78 20.24
CA LEU I 36 -67.17 -159.44 22.24
CA MET I 37 -64.50 -158.82 19.62
CA ALA I 38 -63.02 -155.87 21.52
CA MET I 39 -59.36 -155.14 22.28
CA ASP I 40 -58.53 -153.65 25.68
CA LEU I 41 -60.45 -156.26 27.69
CA GLY I 42 -58.10 -157.27 30.50
CA GLU I 43 -58.82 -158.09 34.12
CA LEU I 44 -61.60 -156.01 35.65
CA CYS I 45 -60.69 -152.45 36.65
CA GLU I 46 -62.25 -149.13 37.68
CA ASP I 47 -61.85 -147.51 34.24
CA THR I 48 -65.31 -148.76 33.30
CA ILE I 49 -65.61 -148.54 29.52
CA THR I 50 -69.13 -149.28 28.29
CA TYR I 51 -70.55 -150.20 24.90
CA LYS I 52 -73.69 -150.85 22.93
CA CYS I 53 -73.55 -154.17 21.17
CA PRO I 54 -76.06 -153.33 18.39
CA PHE I 55 -78.83 -155.55 17.12
CA LEU I 56 -77.65 -157.18 13.89
CA LYS I 57 -79.86 -159.82 12.29
CA GLN I 58 -77.87 -161.32 9.40
CA ASN I 59 -75.82 -158.54 7.78
CA GLU I 60 -72.03 -158.26 7.48
CA PRO I 61 -70.63 -156.73 10.70
CA GLU I 62 -67.92 -154.12 10.36
CA ASP I 63 -66.49 -151.16 12.27
CA ILE I 64 -67.89 -152.52 15.55
CA ASP I 65 -66.30 -153.74 18.76
CA CYS I 66 -69.05 -156.04 20.03
CA TRP I 67 -72.31 -157.35 18.59
CA CYS I 68 -75.19 -159.70 19.33
CA ASN I 69 -77.41 -161.62 16.93
CA SER I 70 -80.47 -161.42 19.24
CA THR I 71 -80.95 -157.86 20.46
CA SER I 72 -79.14 -154.66 21.33
CA THR I 73 -77.42 -154.79 24.70
CA TRP I 74 -74.98 -153.04 27.01
CA VAL I 75 -71.56 -154.45 27.82
CA THR I 76 -68.85 -153.05 30.08
CA TYR I 77 -65.36 -153.84 31.28
CA GLY I 78 -62.13 -152.37 32.64
CA THR I 79 -58.89 -151.24 31.03
CA CYS I 80 -56.07 -151.32 33.61
CA THR I 81 -53.14 -153.68 33.19
CA THR I 82 -52.56 -156.86 35.19
CA THR I 83 -50.35 -155.34 37.88
CA GLY I 84 -52.64 -152.34 38.41
CA GLU I 85 -52.39 -148.84 36.97
CA HIS I 86 -54.55 -146.07 35.56
CA ARG I 87 -53.78 -146.56 31.85
CA ARG I 88 -51.00 -146.13 29.28
CA GLU I 89 -48.71 -143.13 29.83
CA LYS I 90 -48.26 -140.28 27.34
CA ARG I 91 -46.53 -136.91 27.25
CA SER I 92 -48.29 -133.83 25.89
CA VAL I 93 -49.35 -130.20 26.58
CA ALA I 94 -47.11 -127.35 25.40
CA LEU I 95 -45.95 -124.83 27.99
CA VAL I 96 -42.87 -122.90 29.07
CA PRO I 97 -42.48 -119.81 31.31
CA HIS I 98 -40.35 -116.74 31.12
CA VAL I 99 -36.88 -117.06 32.64
CA GLY I 100 -36.41 -115.30 35.92
CA MET I 101 -34.38 -112.48 37.37
CA GLY I 102 -32.34 -112.81 40.55
CA LEU I 103 -29.29 -111.68 42.54
CA GLU I 104 -28.88 -108.69 40.19
CA THR I 105 -31.38 -106.01 41.34
CA ARG I 106 -32.73 -103.30 39.03
CA THR I 107 -30.91 -100.01 39.73
CA GLU I 108 -27.80 -98.44 38.18
CA THR I 109 -25.00 -99.26 40.66
CA TRP I 110 -21.99 -101.52 41.42
CA MET I 111 -19.53 -100.02 38.87
CA SER I 112 -19.50 -103.42 37.11
CA SER I 113 -18.56 -103.85 33.46
CA GLU I 114 -21.94 -105.33 32.49
CA GLY I 115 -23.84 -102.72 34.49
CA ALA I 116 -21.64 -99.90 33.22
CA TRP I 117 -21.96 -100.88 29.55
CA LYS I 118 -25.65 -101.85 29.68
CA HIS I 119 -26.77 -98.23 29.50
CA ALA I 120 -24.55 -97.46 26.50
CA GLN I 121 -25.56 -100.69 24.76
CA ARG I 122 -29.23 -99.82 25.24
CA ILE I 123 -28.63 -96.28 23.96
CA GLU I 124 -26.99 -97.53 20.77
CA THR I 125 -29.65 -100.22 20.32
CA TRP I 126 -32.33 -97.53 20.60
CA ILE I 127 -30.43 -95.36 18.11
CA LEU I 128 -30.21 -98.25 15.65
CA ARG I 129 -33.91 -99.02 16.12
CA HIS I 130 -34.85 -95.30 16.04
CA PRO I 131 -33.00 -93.59 13.17
CA GLY I 132 -35.80 -91.07 12.64
CA PHE I 133 -35.75 -89.79 16.21
CA THR I 134 -31.96 -89.59 16.01
CA ILE I 135 -32.19 -87.46 12.85
CA MET I 136 -34.85 -85.27 14.46
CA ALA I 137 -32.68 -84.72 17.54
CA ALA I 138 -29.70 -83.89 15.32
CA ILE I 139 -31.78 -81.33 13.41
CA LEU I 140 -33.00 -79.74 16.65
CA ALA I 141 -29.41 -79.57 17.92
CA TYR I 142 -28.32 -77.95 14.66
CA THR I 143 -31.05 -75.31 14.78
CA ILE I 144 -30.79 -74.47 18.48
CA GLY I 145 -27.01 -74.91 18.65
CA THR I 146 -24.94 -71.87 17.73
CA THR I 147 -21.59 -73.62 18.34
CA HIS I 148 -20.46 -77.07 17.22
CA PHE I 149 -19.68 -78.04 20.82
CA GLN I 150 -23.18 -77.04 21.95
CA ARG I 151 -24.55 -78.85 18.89
CA ALA I 152 -22.85 -82.12 19.81
CA LEU I 153 -23.63 -81.78 23.52
CA ILE I 154 -27.33 -81.16 22.88
CA PHE I 155 -27.50 -84.02 20.37
CA ILE I 156 -25.91 -86.41 22.87
CA LEU I 157 -28.21 -85.18 25.65
CA LEU I 158 -31.33 -85.68 23.53
CA THR I 159 -30.27 -89.13 22.33
CA ALA I 160 -29.48 -90.20 25.91
CA VAL I 161 -32.59 -88.69 27.54
CA ALA I 162 -35.26 -89.77 25.03
CA PRO I 163 -34.96 -93.52 25.82
CA SER I 164 -34.81 -92.97 29.58
CA MET I 165 -38.35 -91.55 29.50
CA THR I 166 -39.65 -94.92 28.27
CA PHE J 1 -54.86 -171.11 5.28
CA HIS J 2 -51.52 -172.14 3.74
CA LEU J 3 -48.83 -172.95 6.29
CA THR J 4 -45.82 -171.73 4.31
CA THR J 5 -42.24 -171.00 5.40
CA ARG J 6 -42.12 -167.23 5.05
CA ASN J 7 -38.94 -165.50 6.26
CA GLY J 8 -38.01 -168.91 7.69
CA GLU J 9 -41.03 -169.08 10.02
CA PRO J 10 -44.59 -170.42 9.79
CA HIS J 11 -46.91 -168.16 7.82
CA MET J 12 -50.71 -168.33 7.42
CA ILE J 13 -53.25 -166.57 5.18
CA VAL J 14 -56.65 -166.40 6.89
CA SER J 15 -59.62 -165.16 4.87
CA ARG J 16 -63.16 -164.09 5.76
CA GLN J 17 -64.88 -167.41 4.94
CA GLU J 18 -64.17 -168.26 8.59
CA LYS J 19 -64.08 -165.41 11.09
CA GLY J 20 -64.19 -164.75 14.80
CA LYS J 21 -63.12 -168.33 15.55
CA SER J 22 -59.87 -169.94 16.64
CA LEU J 23 -57.91 -171.60 13.85
CA LEU J 24 -56.42 -175.08 14.14
CA PHE J 25 -53.40 -176.46 12.29
CA LYS J 26 -50.37 -178.72 12.56
CA THR J 27 -46.64 -178.03 12.91
CA GLU J 28 -43.54 -179.95 13.94
CA ASP J 29 -44.27 -179.09 17.58
CA GLY J 30 -47.76 -180.62 17.30
CA VAL J 31 -51.31 -179.38 16.96
CA ASN J 32 -51.56 -175.60 17.36
CA MET J 33 -54.78 -173.67 18.01
CA CYS J 34 -54.46 -169.98 17.13
CA THR J 35 -56.47 -167.04 18.43
CA LEU J 36 -57.21 -164.09 16.14
CA MET J 37 -58.83 -161.11 17.87
CA ALA J 38 -58.31 -158.78 14.90
CA MET J 39 -61.62 -156.93 14.71
CA ASP J 40 -61.00 -155.10 11.40
CA LEU J 41 -60.91 -158.24 9.28
CA GLY J 42 -62.28 -158.56 5.76
CA GLU J 43 -61.94 -160.95 2.82
CA LEU J 44 -58.67 -161.63 1.04
CA CYS J 45 -57.65 -159.12 -1.64
CA GLU J 46 -54.61 -157.10 -2.65
CA ASP J 47 -54.56 -154.98 0.53
CA THR J 48 -52.90 -157.68 2.60
CA ILE J 49 -52.08 -156.75 6.19
CA THR J 50 -49.53 -159.05 7.85
CA TYR J 51 -48.56 -159.93 11.45
CA LYS J 52 -45.90 -161.88 13.33
CA CYS J 53 -48.13 -163.67 15.83
CA PRO J 54 -46.37 -163.91 19.22
CA PHE J 55 -46.05 -166.89 21.56
CA LEU J 56 -47.79 -166.84 24.94
CA LYS J 57 -47.58 -169.57 27.58
CA GLN J 58 -49.85 -168.55 30.48
CA ASN J 59 -49.81 -164.74 30.76
CA GLU J 60 -52.96 -162.76 30.08
CA PRO J 61 -53.20 -161.74 26.39
CA GLU J 62 -53.24 -157.93 26.45
CA ASP J 63 -53.22 -155.34 23.66
CA ILE J 64 -52.57 -157.95 20.93
CA ASP J 65 -54.74 -159.56 18.27
CA CYS J 66 -53.10 -162.93 17.71
CA TRP J 67 -51.73 -165.56 20.04
CA CYS J 68 -51.24 -169.33 20.30
CA ASN J 69 -50.25 -171.77 23.07
CA SER J 70 -47.06 -173.29 21.62
CA THR J 71 -45.29 -171.14 19.04
CA SER J 72 -45.17 -167.88 17.11
CA THR J 73 -46.12 -167.48 13.46
CA TRP J 74 -47.07 -165.00 10.71
CA VAL J 75 -50.81 -164.46 10.17
CA THR J 76 -52.04 -162.26 7.32
CA TYR J 77 -55.38 -161.27 5.84
CA GLY J 78 -57.10 -158.85 3.52
CA THR J 79 -59.08 -155.77 4.49
CA CYS J 80 -61.35 -155.16 1.51
CA THR J 81 -64.98 -154.44 2.32
CA THR J 82 -67.97 -156.32 0.92
CA THR J 83 -67.71 -154.61 -2.47
CA GLY J 84 -64.09 -155.82 -2.67
CA GLU J 85 -62.52 -152.35 -2.65
CA HIS J 86 -59.63 -150.88 -0.67
CA ARG J 87 -59.82 -148.78 2.48
CA ARG J 88 -61.93 -145.64 2.30
CA GLU J 89 -62.09 -142.34 4.20
CA LYS J 90 -61.81 -138.57 3.73
CA ARG J 91 -60.54 -135.86 3.84
CA SER J 92 -57.11 -134.24 3.60
CA VAL J 93 -56.20 -130.58 3.07
CA ALA J 94 -55.03 -128.63 0.03
CA LEU J 95 -54.15 -124.94 0.14
CA VAL J 96 -56.85 -122.83 -1.50
CA PRO J 97 -55.50 -121.22 -4.70
CA HIS J 98 -55.96 -117.70 -6.04
CA VAL J 99 -54.67 -115.39 -8.78
CA GLY J 100 -51.48 -113.36 -8.62
CA MET J 101 -48.38 -113.96 -6.51
CA GLY J 102 -48.83 -112.73 -2.96
CA LEU J 103 -45.38 -112.09 -1.48
CA GLU J 104 -45.73 -108.89 0.52
CA THR J 105 -47.19 -110.04 3.87
CA ARG J 106 -45.85 -112.46 6.47
CA THR J 107 -45.42 -112.69 10.25
CA GLU J 108 -48.00 -111.73 12.89
CA THR J 109 -48.23 -108.48 14.84
CA TRP J 110 -47.01 -107.35 18.24
CA MET J 111 -49.82 -105.12 19.49
CA SER J 112 -47.81 -102.55 21.45
CA SER J 113 -44.92 -101.99 19.05
CA GLU J 114 -47.05 -102.03 15.91
CA GLY J 115 -49.60 -99.71 17.51
CA ALA J 116 -46.79 -97.31 18.38
CA TRP J 117 -45.34 -97.47 14.85
CA LYS J 118 -48.72 -97.41 13.07
CA HIS J 119 -48.53 -93.64 12.63
CA ALA J 120 -44.96 -93.73 11.31
CA GLN J 121 -45.74 -96.51 8.83
CA ARG J 122 -49.12 -95.04 7.82
CA ILE J 123 -47.68 -91.63 6.96
CA GLU J 124 -45.08 -93.30 4.73
CA THR J 125 -47.55 -95.57 2.96
CA TRP J 126 -50.01 -92.72 2.43
CA ILE J 127 -47.44 -90.18 1.26
CA LEU J 128 -46.05 -92.74 -1.19
CA ARG J 129 -49.47 -93.87 -2.46
CA HIS J 130 -50.69 -90.33 -3.32
CA PRO J 131 -47.98 -88.31 -5.10
CA GLY J 132 -50.64 -85.96 -6.44
CA PHE J 133 -51.61 -84.79 -2.97
CA THR J 134 -47.88 -84.61 -2.20
CA ILE J 135 -47.55 -82.09 -5.02
CA MET J 136 -50.56 -80.04 -3.95
CA ALA J 137 -49.49 -79.96 -0.29
CA ALA J 138 -45.97 -78.98 -1.31
CA ILE J 139 -47.27 -76.15 -3.50
CA LEU J 140 -49.57 -74.86 -0.76
CA ALA J 141 -46.71 -74.95 1.76
CA TYR J 142 -44.44 -73.16 -0.71
CA THR J 143 -46.95 -70.36 -1.20
CA ILE J 144 -48.06 -69.89 2.40
CA GLY J 145 -44.72 -70.24 4.17
CA THR J 146 -42.84 -66.93 4.02
CA THR J 147 -39.47 -68.39 5.06
CA HIS J 148 -38.04 -71.86 4.62
CA PHE J 149 -38.82 -73.42 7.98
CA GLN J 150 -42.44 -72.25 7.90
CA ARG J 151 -42.73 -73.96 4.52
CA ALA J 152 -41.27 -77.21 5.82
CA LEU J 153 -43.41 -77.06 8.96
CA ILE J 154 -46.67 -76.58 7.07
CA PHE J 155 -45.65 -79.33 4.65
CA ILE J 156 -44.93 -81.90 7.36
CA LEU J 157 -48.07 -81.00 9.35
CA LEU J 158 -50.31 -81.45 6.30
CA THR J 159 -48.60 -84.72 5.38
CA ALA J 160 -49.25 -85.96 8.92
CA VAL J 161 -52.84 -84.70 8.97
CA ALA J 162 -53.91 -86.21 5.64
CA PRO J 163 -53.86 -89.90 6.70
CA SER J 164 -55.53 -89.08 10.02
CA MET J 165 -58.71 -87.60 8.52
CA THR J 166 -59.12 -90.76 6.43
CA PHE K 1 -101.26 -151.23 5.97
CA HIS K 2 -103.88 -148.94 4.38
CA LEU K 3 -103.40 -148.73 0.61
CA THR K 4 -104.49 -145.80 -1.56
CA THR K 5 -103.75 -144.71 -5.14
CA ARG K 6 -101.97 -141.36 -5.46
CA ASN K 7 -100.08 -140.09 -8.51
CA GLY K 8 -100.85 -143.36 -10.26
CA GLU K 9 -98.86 -145.29 -7.63
CA PRO K 10 -99.79 -147.05 -4.37
CA HIS K 11 -99.48 -145.16 -1.10
CA MET K 12 -99.17 -147.18 2.12
CA ILE K 13 -100.17 -145.81 5.53
CA VAL K 14 -98.66 -147.72 8.45
CA SER K 15 -99.09 -147.26 12.20
CA ARG K 16 -97.04 -148.43 15.16
CA GLN K 17 -99.66 -151.12 15.86
CA GLU K 18 -97.64 -153.15 13.32
CA LYS K 19 -94.28 -151.82 14.49
CA GLY K 20 -91.21 -154.02 14.10
CA LYS K 21 -92.79 -156.50 11.70
CA SER K 22 -92.29 -157.02 7.99
CA LEU K 23 -94.78 -155.41 5.61
CA LEU K 24 -96.81 -158.36 4.30
CA PHE K 25 -100.05 -158.15 2.31
CA LYS K 26 -101.63 -159.32 -0.94
CA THR K 27 -102.86 -157.37 -3.98
CA GLU K 28 -103.30 -157.95 -7.70
CA ASP K 29 -99.75 -156.77 -8.40
CA GLY K 30 -98.52 -160.01 -6.83
CA VAL K 31 -97.20 -161.38 -3.55
CA ASN K 32 -95.95 -158.02 -2.26
CA MET K 33 -93.44 -159.03 0.36
CA CYS K 34 -91.94 -155.87 1.85
CA THR K 35 -90.07 -154.64 4.90
CA LEU K 36 -89.78 -151.47 6.98
CA MET K 37 -86.56 -151.27 8.96
CA ALA K 38 -85.90 -147.76 10.30
CA MET K 39 -86.84 -147.10 13.93
CA ASP K 40 -87.94 -143.49 13.44
CA LEU K 41 -91.57 -144.67 13.52
CA GLY K 42 -93.90 -142.97 15.97
CA GLU K 43 -97.57 -143.42 16.72
CA LEU K 44 -100.31 -142.34 14.33
CA CYS K 45 -100.60 -138.55 14.42
CA GLU K 46 -100.69 -135.58 12.04
CA ASP K 47 -96.91 -135.52 11.47
CA THR K 48 -97.03 -137.68 8.37
CA ILE K 49 -93.74 -138.64 6.70
CA THR K 50 -93.59 -140.41 3.33
CA TYR K 51 -91.27 -142.62 1.27
CA LYS K 52 -90.97 -144.50 -1.97
CA CYS K 53 -89.99 -148.12 -1.39
CA PRO K 54 -87.86 -149.35 -4.31
CA PHE K 55 -88.23 -152.62 -6.18
CA LEU K 56 -85.74 -155.47 -5.87
CA LYS K 57 -84.04 -156.92 -8.92
CA GLN K 58 -81.04 -158.71 -7.38
CA ASN K 59 -79.36 -156.44 -4.82
CA GLU K 60 -79.32 -156.84 -1.06
CA PRO K 61 -81.54 -154.30 0.75
CA GLU K 62 -79.38 -151.22 1.09
CA ASP K 63 -79.49 -147.39 1.06
CA ILE K 64 -83.26 -147.22 1.78
CA ASP K 65 -85.16 -147.60 5.04
CA CYS K 66 -87.93 -149.56 3.33
CA TRP K 67 -87.50 -152.41 0.86
CA CYS K 68 -90.14 -154.14 -1.29
CA ASN K 69 -89.45 -156.88 -3.85
CA SER K 70 -92.62 -157.09 -5.98
CA THR K 71 -93.60 -153.53 -6.97
CA SER K 72 -92.43 -150.05 -6.01
CA THR K 73 -94.80 -148.50 -3.49
CA TRP K 74 -94.92 -145.43 -1.26
CA VAL K 75 -94.94 -145.97 2.50
CA THR K 76 -95.89 -143.21 4.92
CA TYR K 77 -96.33 -143.18 8.69
CA GLY K 78 -96.14 -141.05 11.82
CA THR K 79 -93.03 -139.80 13.60
CA CYS K 80 -94.22 -137.90 16.67
CA THR K 81 -92.88 -139.05 20.02
CA THR K 82 -95.01 -141.29 22.23
CA THR K 83 -96.28 -138.33 24.28
CA GLY K 84 -98.13 -136.90 21.26
CA GLU K 85 -95.56 -134.14 20.69
CA HIS K 86 -93.98 -133.28 17.34
CA ARG K 87 -90.25 -133.65 16.87
CA ARG K 88 -88.13 -130.67 17.84
CA GLU K 89 -84.56 -129.59 18.61
CA LYS K 90 -83.33 -127.24 21.31
CA ARG K 91 -81.13 -125.16 19.00
CA SER K 92 -82.04 -121.47 18.82
CA VAL K 93 -81.32 -118.38 16.68
CA ALA K 94 -81.44 -114.70 17.66
CA LEU K 95 -79.12 -111.70 18.03
CA VAL K 96 -78.17 -108.90 20.42
CA PRO K 97 -80.92 -106.23 20.81
CA HIS K 98 -79.18 -103.86 23.25
CA VAL K 99 -77.65 -101.02 21.21
CA GLY K 100 -78.09 -100.03 17.58
CA MET K 101 -78.48 -96.61 15.94
CA GLY K 102 -76.76 -95.45 12.75
CA LEU K 103 -78.52 -92.38 11.33
CA GLU K 104 -81.91 -90.89 12.26
CA THR K 105 -83.94 -87.76 12.94
CA ARG K 106 -85.29 -84.85 11.03
CA THR K 107 -83.02 -83.32 8.38
CA GLU K 108 -81.73 -79.83 9.27
CA THR K 109 -82.30 -78.71 12.87
CA TRP K 110 -80.86 -82.03 13.94
CA MET K 111 -78.03 -81.50 11.47
CA SER K 112 -77.18 -78.04 12.83
CA SER K 113 -77.64 -78.89 16.51
CA GLU K 114 -75.86 -82.25 16.49
CA GLY K 115 -73.10 -80.83 14.29
CA ALA K 116 -72.51 -78.05 16.81
CA TRP K 117 -72.62 -80.45 19.76
CA LYS K 118 -70.56 -83.24 18.19
CA HIS K 119 -67.89 -80.80 17.06
CA ALA K 120 -67.97 -79.16 20.49
CA GLN K 121 -67.56 -82.43 22.37
CA ARG K 122 -64.95 -83.79 19.92
CA ILE K 123 -62.79 -80.66 20.09
CA GLU K 124 -63.35 -80.36 23.84
CA THR K 125 -62.23 -83.95 24.39
CA TRP K 126 -59.16 -83.26 22.23
CA ILE K 127 -58.46 -80.18 24.40
CA LEU K 128 -58.95 -81.90 27.79
CA ARG K 129 -57.99 -85.49 26.94
CA HIS K 130 -54.64 -84.05 25.74
CA PRO K 131 -54.26 -80.53 27.18
CA GLY K 132 -50.56 -79.69 27.14
CA PHE K 133 -50.26 -80.06 23.37
CA THR K 134 -52.95 -77.39 23.06
CA ILE K 135 -51.23 -74.71 25.13
CA MET K 136 -47.79 -75.43 23.67
CA ALA K 137 -49.22 -75.19 20.15
CA ALA K 138 -51.03 -71.95 21.03
CA ILE K 139 -47.90 -70.26 22.37
CA LEU K 140 -45.82 -71.61 19.47
CA ALA K 141 -48.28 -70.15 16.97
CA TYR K 142 -48.47 -66.81 18.79
CA THR K 143 -44.66 -66.63 18.73
CA ILE K 144 -44.05 -67.90 15.18
CA GLY K 145 -46.99 -67.03 12.94
CA THR K 146 -46.56 -63.68 11.21
CA THR K 147 -50.26 -62.83 10.84
CA HIS K 148 -53.25 -63.70 12.98
CA PHE K 149 -54.58 -65.78 10.07
CA GLN K 150 -51.27 -67.63 9.88
CA ARG K 151 -51.21 -68.12 13.66
CA ALA K 152 -54.77 -69.44 13.49
CA LEU K 153 -53.71 -71.97 10.87
CA ILE K 154 -50.71 -72.99 12.98
CA PHE K 155 -52.37 -73.77 16.28
CA ILE K 156 -55.69 -75.01 14.87
CA LEU K 157 -53.77 -77.49 12.70
CA LEU K 158 -51.50 -78.52 15.58
CA THR K 159 -54.49 -79.07 17.87
CA ALA K 160 -56.14 -81.10 15.10
CA VAL K 161 -53.16 -83.37 14.46
CA ALA K 162 -51.51 -83.85 17.87
CA PRO K 163 -54.34 -85.63 19.76
CA SER K 164 -54.85 -87.93 16.77
CA MET K 165 -51.08 -88.42 16.64
CA THR K 166 -50.99 -89.02 20.40
CA MET L 1 109.52 12.17 -68.94
CA ARG L 2 109.55 9.44 -71.56
CA CYS L 3 105.91 8.49 -72.02
CA ILE L 4 104.15 10.84 -74.42
CA GLY L 5 101.65 9.51 -76.95
CA ILE L 6 101.12 6.17 -75.20
CA SER L 7 97.36 5.91 -74.81
CA ASN L 8 97.36 3.89 -71.57
CA ARG L 9 99.03 6.21 -69.07
CA ASP L 10 98.08 5.06 -65.57
CA PHE L 11 98.41 7.25 -62.50
CA VAL L 12 99.20 6.80 -58.81
CA GLU L 13 98.01 10.02 -57.12
CA GLY L 14 99.59 9.69 -53.70
CA VAL L 15 101.76 7.67 -51.34
CA SER L 16 101.57 6.43 -47.74
CA GLY L 17 104.10 5.81 -44.99
CA GLY L 18 104.70 2.19 -45.95
CA SER L 19 105.19 3.26 -49.59
CA TRP L 20 104.84 -0.38 -50.70
CA VAL L 21 103.07 0.56 -53.91
CA ASP L 22 102.30 -2.45 -56.12
CA ILE L 23 102.30 -1.04 -59.63
CA VAL L 24 100.39 -2.68 -62.45
CA LEU L 25 102.17 -2.79 -65.79
CA GLU L 26 101.16 -3.97 -69.25
CA HIS L 27 102.41 -3.88 -72.83
CA GLY L 28 102.07 -0.49 -74.49
CA SER L 29 101.06 1.26 -71.26
CA CYS L 30 103.12 3.56 -69.04
CA VAL L 31 102.73 4.30 -65.35
CA THR L 32 103.36 7.47 -63.32
CA THR L 33 104.17 7.31 -59.63
CA MET L 34 103.64 10.34 -57.40
CA ALA L 35 104.92 10.84 -53.87
CA LYS L 36 104.61 13.76 -51.48
CA ASN L 37 107.87 15.72 -51.69
CA LYS L 38 109.69 12.74 -53.22
CA PRO L 39 110.97 12.27 -56.79
CA THR L 40 108.21 11.38 -59.23
CA LEU L 41 108.84 8.29 -61.36
CA ASP L 42 107.80 6.92 -64.72
CA PHE L 43 107.73 3.13 -65.13
CA GLU L 44 107.55 1.13 -68.34
CA LEU L 45 108.42 -2.25 -69.78
CA ILE L 46 110.37 -1.63 -72.97
CA LYS L 47 110.94 -5.22 -74.13
CA THR L 48 109.68 -8.67 -73.16
CA GLU L 49 111.95 -11.56 -74.12
CA ALA L 50 112.28 -15.23 -73.20
CA LYS L 51 115.98 -15.88 -73.65
CA GLN L 52 117.21 -19.38 -74.47
CA PRO L 53 113.83 -20.87 -75.50
CA ALA L 54 113.42 -24.62 -75.71
CA THR L 55 112.78 -26.51 -78.95
CA LEU L 56 109.63 -28.65 -79.20
CA ARG L 57 109.34 -30.03 -82.73
CA LYS L 58 110.64 -29.07 -86.16
CA TYR L 59 108.49 -29.08 -89.29
CA CYS L 60 109.70 -29.56 -92.86
CA ILE L 61 109.00 -27.02 -95.59
CA GLU L 62 110.98 -27.81 -98.79
CA ALA L 63 111.75 -31.37 -99.84
CA LYS L 64 114.73 -32.48 -101.86
CA LEU L 65 114.63 -36.15 -102.81
CA THR L 66 116.77 -38.76 -104.56
CA ASN L 67 117.43 -42.47 -105.02
CA THR L 68 113.79 -43.05 -105.97
CA THR L 69 113.20 -46.62 -107.16
CA THR L 70 110.33 -48.83 -108.28
CA ASP L 71 110.70 -52.58 -107.77
CA SER L 72 108.02 -55.12 -108.54
CA ARG L 73 107.33 -58.82 -109.02
CA CYS L 74 104.88 -60.75 -111.15
CA PRO L 75 101.53 -61.58 -109.51
CA THR L 76 101.75 -64.67 -107.27
CA GLN L 77 105.37 -63.85 -106.25
CA GLY L 78 104.75 -61.61 -103.24
CA GLU L 79 105.59 -57.92 -103.27
CA PRO L 80 109.40 -57.70 -103.24
CA SER L 81 111.43 -56.70 -100.20
CA LEU L 82 114.14 -54.07 -100.61
CA ASN L 83 117.24 -53.02 -98.74
CA GLU L 84 115.94 -49.52 -99.50
CA GLU L 85 112.73 -49.82 -97.50
CA GLN L 86 114.11 -51.21 -94.24
CA ASP L 87 115.74 -47.89 -93.23
CA LYS L 88 113.79 -44.97 -91.76
CA ARG L 89 115.98 -42.58 -93.77
CA PHE L 90 113.68 -43.21 -96.76
CA VAL L 91 109.95 -42.81 -97.36
CA CYS L 92 107.99 -45.62 -98.97
CA LYS L 93 104.81 -47.34 -99.99
CA HIS L 94 103.48 -50.58 -101.44
CA SER L 95 100.75 -50.58 -104.05
CA MET L 96 98.75 -52.91 -106.30
CA VAL L 97 98.64 -52.64 -110.11
CA ASP L 98 97.26 -54.77 -112.93
CA ARG L 99 100.30 -56.11 -114.75
CA GLY L 100 99.08 -57.41 -118.11
CA TRP L 101 100.24 -60.33 -120.21
CA GLY L 102 102.40 -58.17 -122.46
CA ASN L 103 103.97 -56.47 -119.46
CA GLY L 104 107.12 -58.47 -118.89
CA CYS L 105 105.65 -61.34 -116.90
CA GLY L 106 103.06 -62.84 -119.20
CA LEU L 107 100.45 -63.70 -116.62
CA PHE L 108 97.89 -60.91 -116.39
CA GLY L 109 96.75 -60.08 -112.88
CA LYS L 110 97.02 -57.59 -110.05
CA GLY L 111 100.35 -57.66 -108.23
CA GLY L 112 102.48 -55.66 -105.84
CA ILE L 113 104.92 -52.83 -106.51
CA VAL L 114 107.20 -51.24 -103.92
CA THR L 115 108.09 -47.62 -104.66
CA CYS L 116 110.41 -45.33 -102.71
CA ALA L 117 113.09 -42.74 -102.31
CA MET L 118 115.32 -40.79 -99.98
CA PHE L 119 113.82 -37.78 -98.22
CA THR L 120 116.03 -35.01 -96.85
CA CYS L 121 114.58 -31.51 -96.92
CA LYS L 122 116.16 -28.10 -97.02
CA LYS L 123 114.10 -25.42 -95.24
CA ASN L 124 112.45 -26.27 -91.94
CA MET L 125 110.43 -24.55 -89.25
CA LYS L 126 111.68 -23.86 -85.75
CA GLY L 127 109.02 -24.77 -83.20
CA LYS L 128 109.70 -23.57 -79.69
CA VAL L 129 108.09 -23.50 -76.24
CA VAL L 130 108.39 -20.82 -73.55
CA GLN L 131 108.21 -21.66 -69.84
CA PRO L 132 107.45 -19.28 -66.94
CA GLU L 133 111.08 -19.60 -65.82
CA ASN L 134 112.56 -18.17 -69.01
CA LEU L 135 110.37 -15.04 -68.99
CA GLU L 136 112.80 -12.12 -68.90
CA TYR L 137 111.32 -8.63 -68.61
CA THR L 138 113.15 -5.38 -69.33
CA ILE L 139 111.96 -2.53 -67.13
CA VAL L 140 112.70 1.15 -67.78
CA ILE L 141 112.69 3.61 -64.87
CA THR L 142 112.82 7.35 -65.49
CA PRO L 143 112.77 10.53 -63.38
CA HIS L 144 110.72 13.62 -64.24
CA SER L 145 113.78 15.81 -64.63
CA GLY L 146 112.29 17.29 -67.80
CA GLU L 147 115.28 16.66 -70.07
CA GLU L 148 114.61 17.77 -73.62
CA HIS L 149 114.90 14.45 -75.48
CA ALA L 150 112.10 12.93 -73.42
CA VAL L 151 108.94 13.45 -75.49
CA GLY L 152 108.68 10.50 -77.85
CA ASN L 153 111.97 8.97 -76.69
CA ASP L 154 112.30 5.50 -75.17
CA THR L 155 115.87 4.18 -75.02
CA GLY L 156 117.57 7.55 -74.50
CA LYS L 157 120.35 7.52 -71.90
CA HIS L 158 118.46 9.41 -69.21
CA GLY L 159 117.06 6.70 -66.94
CA LYS L 160 117.82 3.12 -65.93
CA GLU L 161 117.14 -0.26 -67.51
CA ILE L 162 116.90 -3.38 -65.36
CA LYS L 163 116.82 -7.04 -66.40
CA ILE L 164 114.07 -8.45 -64.18
CA THR L 165 113.09 -12.11 -63.98
CA PRO L 166 111.03 -14.20 -61.53
CA GLN L 167 114.22 -16.14 -60.78
CA SER L 168 115.47 -12.86 -59.26
CA SER L 169 113.71 -11.17 -56.34
CA ILE L 170 115.70 -8.15 -55.03
CA THR L 171 118.18 -5.91 -56.81
CA GLU L 172 119.00 -2.25 -56.23
CA ALA L 173 119.02 0.15 -59.18
CA GLU L 174 120.50 3.63 -59.35
CA LEU L 175 118.70 6.67 -60.75
CA THR L 176 121.41 9.23 -61.41
CA GLY L 177 120.80 12.42 -59.48
CA TYR L 178 117.86 10.93 -57.58
CA GLY L 179 119.36 8.04 -55.61
CA THR L 180 118.31 4.40 -55.31
CA VAL L 181 115.21 2.33 -56.04
CA THR L 182 114.91 -1.32 -55.09
CA MET L 183 113.64 -3.82 -57.64
CA GLU L 184 111.96 -6.14 -55.13
CA CYS L 185 109.57 -6.97 -57.94
CA SER L 186 107.30 -9.98 -58.41
CA PRO L 187 106.54 -11.05 -62.00
CA ARG L 188 103.75 -13.41 -61.00
CA THR L 189 100.92 -13.01 -63.45
CA GLY L 190 101.77 -14.96 -66.58
CA LEU L 191 98.51 -15.25 -68.52
CA ASP L 192 98.85 -18.81 -69.84
CA PHE L 193 101.61 -20.87 -71.44
CA ASN L 194 100.48 -24.49 -71.90
CA GLU L 195 98.69 -23.75 -75.19
CA MET L 196 100.98 -21.18 -76.82
CA VAL L 197 103.93 -21.98 -79.08
CA LEU L 198 106.50 -19.89 -80.93
CA LEU L 199 107.42 -20.48 -84.58
CA GLN L 200 110.45 -19.13 -86.44
CA MET L 201 111.24 -19.01 -90.18
CA GLU L 202 114.72 -17.71 -91.09
CA ASN L 203 113.98 -14.05 -90.33
CA LYS L 204 110.40 -13.92 -89.04
CA ALA L 205 108.29 -15.46 -86.28
CA TRP L 206 104.74 -16.18 -85.18
CA LEU L 207 102.74 -17.25 -82.12
CA VAL L 208 100.15 -20.01 -82.40
CA HIS L 209 98.15 -22.36 -80.21
CA ARG L 210 99.72 -25.72 -79.39
CA GLN L 211 96.89 -27.73 -80.93
CA TRP L 212 97.72 -26.11 -84.26
CA PHE L 213 101.17 -27.71 -84.18
CA LEU L 214 99.76 -30.96 -82.82
CA ASP L 215 97.34 -31.27 -85.74
CA LEU L 216 99.09 -29.69 -88.73
CA PRO L 217 99.83 -32.51 -91.25
CA LEU L 218 103.44 -31.92 -92.24
CA PRO L 219 106.68 -33.81 -91.54
CA TRP L 220 107.92 -34.00 -87.94
CA LEU L 221 111.15 -34.00 -86.00
CA PRO L 222 111.04 -34.39 -82.20
CA GLY L 223 113.22 -31.87 -80.43
CA ALA L 224 115.73 -34.48 -79.27
CA ASP L 225 116.88 -35.65 -82.71
CA THR L 226 119.78 -33.95 -84.46
CA GLN L 227 120.58 -36.05 -87.56
CA GLY L 228 117.43 -35.00 -89.40
CA SER L 229 116.96 -38.57 -90.66
CA ASN L 230 114.03 -39.95 -88.64
CA TRP L 231 110.69 -38.36 -89.52
CA ILE L 232 107.05 -38.95 -88.60
CA GLN L 233 104.08 -38.44 -90.92
CA LYS L 234 106.75 -38.11 -93.60
CA GLU L 235 104.37 -39.44 -96.28
CA THR L 236 102.16 -36.33 -96.39
CA LEU L 237 104.54 -34.25 -98.51
CA VAL L 238 105.13 -36.97 -101.09
CA THR L 239 102.06 -37.37 -103.28
CA PHE L 240 102.17 -40.24 -105.75
CA LYS L 241 100.96 -40.04 -109.31
CA ASN L 242 98.50 -42.82 -110.04
CA PRO L 243 100.41 -46.11 -110.44
CA HIS L 244 101.43 -46.82 -114.02
CA ALA L 245 102.20 -50.52 -114.42
CA LYS L 246 105.84 -50.45 -113.30
CA LYS L 247 106.36 -46.70 -113.40
CA GLN L 248 105.49 -45.05 -110.13
CA ASP L 249 107.06 -41.61 -110.00
CA VAL L 250 107.03 -39.79 -106.69
CA VAL L 251 106.52 -36.04 -106.36
CA VAL L 252 106.28 -33.79 -103.32
CA LEU L 253 104.70 -30.44 -102.46
CA GLY L 254 106.84 -27.48 -103.39
CA SER L 255 107.31 -24.09 -101.77
CA GLN L 256 105.08 -24.08 -98.70
CA GLU L 257 106.32 -20.70 -97.45
CA GLY L 258 103.63 -18.95 -99.47
CA ALA L 259 100.99 -21.37 -98.21
CA MET L 260 102.16 -20.79 -94.65
CA HIS L 261 102.10 -17.00 -95.06
CA THR L 262 98.62 -16.90 -96.61
CA ALA L 263 97.10 -19.46 -94.21
CA LEU L 264 98.78 -18.50 -90.93
CA THR L 265 97.71 -14.87 -91.42
CA GLY L 266 95.40 -13.69 -88.67
CA ALA L 267 97.52 -15.27 -85.94
CA THR L 268 99.71 -13.19 -83.65
CA GLU L 269 102.66 -11.93 -85.70
CA ILE L 270 105.74 -11.23 -83.59
CA GLN L 271 108.56 -9.03 -84.90
CA MET L 272 111.45 -11.28 -83.91
CA SER L 273 113.85 -9.03 -85.86
CA SER L 274 113.86 -6.72 -82.84
CA GLY L 275 113.60 -9.78 -80.59
CA ASN L 276 110.47 -11.58 -79.47
CA LEU L 277 108.00 -8.98 -78.18
CA LEU L 278 105.73 -11.28 -76.14
CA PHE L 279 102.48 -9.32 -75.70
CA THR L 280 101.14 -11.52 -72.91
CA GLY L 281 100.54 -11.29 -69.19
CA HIS L 282 100.66 -8.37 -66.77
CA LEU L 283 103.39 -7.35 -64.33
CA LYS L 284 102.54 -6.96 -60.65
CA CYS L 285 105.58 -5.15 -59.31
CA ARG L 286 106.02 -4.06 -55.68
CA LEU L 287 108.16 -0.94 -55.21
CA ARG L 288 109.21 0.84 -52.00
CA MET L 289 110.25 4.46 -52.57
CA ASP L 290 111.52 4.99 -49.01
CA LYS L 291 115.20 5.43 -49.99
CA LEU L 292 114.83 7.56 -53.15
CA GLN L 293 116.32 11.01 -52.65
CA LEU L 294 115.34 14.23 -54.45
CA LYS L 295 118.06 16.67 -55.56
CA GLY L 296 116.83 20.24 -55.60
CA MET L 297 114.03 20.78 -53.10
CA SER L 298 116.59 22.80 -51.13
CA TYR L 299 117.57 25.01 -54.08
CA SER L 300 116.85 28.72 -54.04
CA MET L 301 113.98 30.39 -55.85
CA CYS L 302 114.27 31.36 -59.52
CA THR L 303 114.34 35.15 -59.99
CA GLY L 304 115.53 35.76 -63.56
CA LYS L 305 114.08 36.04 -67.04
CA PHE L 306 111.51 33.49 -68.15
CA LYS L 307 110.57 32.52 -71.70
CA VAL L 308 108.60 29.81 -73.52
CA VAL L 309 109.91 28.07 -76.63
CA LYS L 310 107.07 25.76 -77.67
CA GLU L 311 103.47 25.70 -76.50
CA ILE L 312 101.55 22.62 -75.29
CA ALA L 313 101.77 19.49 -77.38
CA GLU L 314 98.30 18.34 -76.36
CA THR L 315 98.32 14.80 -74.96
CA GLN L 316 95.68 12.09 -74.87
CA HIS L 317 95.00 13.11 -71.25
CA GLY L 318 95.17 16.84 -71.98
CA THR L 319 98.27 17.13 -69.82
CA ILE L 320 100.33 20.30 -70.25
CA VAL L 321 103.89 19.51 -71.36
CA ILE L 322 105.66 22.86 -71.37
CA ARG L 323 109.10 22.84 -73.02
CA VAL L 324 110.41 26.06 -71.57
CA GLN L 325 113.80 27.81 -71.49
CA TYR L 326 114.96 30.10 -68.66
CA GLU L 327 117.64 32.53 -69.79
CA GLY L 328 117.72 33.94 -66.27
CA ASP L 329 120.74 33.30 -64.07
CA GLY L 330 120.87 31.74 -60.60
CA SER L 331 120.34 28.13 -61.66
CA PRO L 332 119.85 25.69 -59.99
CA CYS L 333 116.64 27.19 -58.59
CA LYS L 334 113.01 26.29 -57.93
CA ILE L 335 110.49 27.37 -60.55
CA PRO L 336 107.30 29.37 -59.90
CA PHE L 337 104.54 27.03 -61.05
CA GLU L 338 100.90 27.98 -60.41
CA ILE L 339 97.69 26.86 -62.11
CA MET L 340 94.95 29.35 -61.29
CA ASP L 341 91.36 30.16 -62.19
CA LEU L 342 89.92 32.80 -64.51
CA GLU L 343 89.57 35.44 -61.80
CA LYS L 344 92.84 34.22 -60.21
CA ARG L 345 91.42 33.66 -56.71
CA HIS L 346 92.73 30.23 -55.64
CA VAL L 347 94.91 27.49 -57.08
CA LEU L 348 93.39 24.11 -57.94
CA GLY L 349 95.92 22.44 -60.27
CA ARG L 350 98.17 19.41 -59.82
CA LEU L 351 101.74 19.69 -61.06
CA ILE L 352 103.40 16.37 -61.89
CA THR L 353 107.15 16.94 -61.75
CA VAL L 354 107.57 17.97 -58.13
CA ASN L 355 110.28 20.58 -57.63
CA PRO L 356 110.56 21.72 -61.25
CA ILE L 357 114.20 22.71 -61.45
CA VAL L 358 116.52 24.02 -64.15
CA THR L 359 119.88 22.31 -63.80
CA GLU L 360 121.81 24.71 -66.02
CA LYS L 361 121.43 27.93 -67.96
CA ASP L 362 120.71 28.01 -71.70
CA SER L 363 118.93 24.67 -71.47
CA PRO L 364 115.27 23.78 -72.09
CA VAL L 365 113.29 21.88 -69.46
CA ASN L 366 110.14 19.86 -70.08
CA ILE L 367 107.76 20.38 -67.16
CA GLU L 368 104.87 17.93 -66.91
CA ALA L 369 101.62 19.02 -65.28
CA GLU L 370 97.87 18.35 -65.19
CA PRO L 371 95.65 21.45 -64.95
CA PRO L 372 92.02 21.52 -63.80
CA PHE L 373 89.09 21.13 -66.19
CA GLY L 374 87.73 23.97 -68.27
CA ASP L 375 89.59 27.21 -68.84
CA SER L 376 92.45 28.31 -66.62
CA TYR L 377 95.69 30.30 -66.46
CA ILE L 378 99.23 28.91 -66.16
CA ILE L 379 101.53 31.20 -64.17
CA ILE L 380 105.27 30.79 -64.71
CA GLY L 381 107.85 33.12 -63.21
CA VAL L 382 107.40 36.14 -60.97
CA GLU L 383 106.77 39.80 -61.70
CA PRO L 384 108.52 41.63 -63.39
CA GLY L 385 108.52 39.35 -66.43
CA GLN L 386 105.66 37.32 -64.98
CA LEU L 387 104.49 34.87 -67.65
CA LYS L 388 100.82 33.90 -68.12
CA LEU L 389 99.48 31.28 -70.53
CA ASN L 390 95.75 30.83 -71.01
CA TRP L 391 94.68 27.24 -71.66
CA PHE L 392 91.50 25.16 -71.77
CA LYS L 393 91.08 21.43 -71.17
CA LYS L 394 87.92 19.89 -72.62
CA GLY L 395 87.36 17.12 -70.07
CA SER L 396 84.43 17.12 -67.66
CA SER L 397 84.99 17.01 -63.91
CA ILE L 398 82.70 14.11 -62.97
CA GLY L 399 83.69 12.41 -66.21
CA GLN L 400 87.44 12.28 -65.62
CA MET L 401 86.58 11.45 -62.01
CA ILE L 402 84.67 8.33 -63.05
CA GLU L 403 87.22 7.17 -65.63
CA THR L 404 90.17 7.67 -63.26
CA THR L 405 88.36 5.78 -60.49
CA MET L 406 87.68 3.09 -63.09
CA ARG L 407 91.37 2.90 -64.03
CA GLY L 408 92.12 2.44 -60.34
CA ALA L 409 89.40 -0.19 -60.11
CA LYS L 410 90.90 -2.12 -63.02
CA ARG L 411 94.38 -1.82 -61.53
CA MET L 412 93.09 -3.34 -58.29
CA ALA L 413 91.16 -5.93 -60.33
CA ILE L 414 94.34 -7.32 -61.84
CA LEU L 415 96.12 -6.45 -58.58
CA GLY L 416 93.38 -8.45 -56.88
CA ASP L 417 93.26 -12.03 -55.67
CA THR L 418 96.45 -13.05 -53.81
CA ALA L 419 97.97 -9.60 -54.54
CA TRP L 420 96.90 -7.06 -51.90
CA ASP L 421 98.55 -7.70 -48.54
CA PHE L 422 95.91 -9.64 -46.62
CA GLY L 423 98.25 -12.04 -44.81
CA SER L 424 100.22 -9.39 -42.93
CA LEU L 425 98.38 -8.92 -39.64
CA GLY L 426 98.41 -5.30 -38.51
CA GLY L 427 99.32 -4.39 -42.07
CA VAL L 428 95.89 -5.64 -43.14
CA PHE L 429 94.55 -2.30 -41.97
CA THR L 430 97.12 -0.51 -44.13
CA SER L 431 96.34 -2.76 -47.10
CA ILE L 432 92.63 -1.98 -46.93
CA GLY L 433 93.57 1.67 -46.50
CA LYS L 434 95.69 1.63 -49.64
CA ALA L 435 92.92 -0.21 -51.51
CA LEU L 436 90.36 2.42 -50.51
CA HIS L 437 92.92 4.98 -51.64
CA GLN L 438 93.61 3.43 -55.04
CA VAL L 439 89.84 3.27 -55.69
CA PHE L 440 88.14 6.22 -53.93
CA GLY L 441 91.05 8.61 -53.24
CA ALA L 442 90.51 10.45 -56.48
CA ILE L 443 87.02 11.23 -55.15
CA TYR L 444 88.55 12.09 -51.79
CA GLY L 445 91.25 14.49 -52.94
CA ALA L 446 89.76 16.07 -56.08
CA ALA L 447 86.07 16.36 -55.21
CA PHE L 448 85.96 16.56 -51.40
CA SER L 449 87.69 19.92 -50.90
CA GLY L 450 91.26 19.04 -51.94
CA VAL L 451 91.70 18.92 -48.93
CA SER L 452 92.65 20.62 -45.66
CA TRP L 453 92.35 17.34 -43.82
CA ILE L 454 91.49 18.41 -40.25
CA MET L 455 88.26 20.21 -41.07
CA LYS L 456 87.13 17.53 -43.51
CA ILE L 457 87.64 14.73 -41.00
CA LEU L 458 85.57 16.83 -38.60
CA ILE L 459 82.86 17.02 -41.26
CA GLY L 460 83.28 13.29 -41.86
CA VAL L 461 82.68 12.36 -38.24
CA ILE L 462 79.65 14.67 -38.30
CA ILE L 463 78.36 12.79 -41.35
CA THR L 464 79.02 9.48 -39.60
CA TRP L 465 77.05 10.54 -36.53
CA ILE L 466 74.14 11.74 -38.68
CA GLY L 467 74.16 8.49 -40.66
CA MET L 468 74.19 6.39 -37.49
CA ASN L 469 71.44 8.55 -35.97
CA SER L 470 69.29 8.52 -39.12
CA ARG L 471 65.63 7.76 -39.79
CA SER L 472 66.31 4.90 -42.23
CA THR L 473 68.71 1.96 -42.02
CA SER L 474 69.49 1.94 -45.75
CA LEU L 475 70.64 5.57 -45.56
CA SER L 476 72.63 4.74 -42.42
CA VAL L 477 74.49 1.93 -44.18
CA SER L 478 75.04 4.15 -47.22
CA LEU L 479 76.36 7.16 -45.27
CA VAL L 480 78.35 5.76 -42.35
CA LEU L 481 80.38 3.69 -44.82
CA VAL L 482 81.30 6.87 -46.70
CA GLY L 483 82.11 8.58 -43.41
CA VAL L 484 84.43 5.86 -42.11
CA VAL L 485 86.11 5.65 -45.51
CA THR L 486 86.60 9.43 -45.36
CA LEU L 487 88.12 9.32 -41.88
CA TYR L 488 90.47 6.38 -42.37
CA LEU L 489 91.48 7.33 -45.91
CA GLY L 490 92.21 10.85 -44.67
CA VAL L 491 94.46 9.44 -41.98
CA MET L 492 96.20 7.48 -44.72
CA VAL L 493 96.48 10.51 -47.02
CA GLN L 494 98.09 12.56 -44.24
CA ALA L 495 100.80 9.89 -44.38
CA MET M 1 38.04 -72.25 -103.41
CA ARG M 2 41.65 -71.25 -103.94
CA CYS M 3 42.17 -69.59 -100.54
CA ILE M 4 43.24 -72.73 -98.67
CA GLY M 5 46.65 -71.95 -97.23
CA ILE M 6 46.16 -68.22 -97.83
CA SER M 7 46.76 -66.54 -94.47
CA ASN M 8 44.89 -63.25 -94.95
CA ARG M 9 41.21 -64.04 -95.48
CA ASP M 10 37.95 -62.19 -94.80
CA PHE M 11 34.49 -63.75 -94.90
CA VAL M 12 32.53 -60.66 -95.92
CA GLU M 13 28.81 -61.56 -95.96
CA GLY M 14 26.44 -58.90 -97.23
CA VAL M 15 25.39 -56.52 -99.95
CA SER M 16 25.86 -52.75 -99.85
CA GLY M 17 23.25 -50.09 -100.57
CA GLY M 18 23.46 -50.44 -104.35
CA SER M 19 23.78 -54.22 -104.01
CA TRP M 20 27.51 -54.00 -104.74
CA VAL M 21 30.23 -55.68 -102.73
CA ASP M 22 33.04 -53.47 -101.45
CA ILE M 23 36.07 -55.69 -102.10
CA VAL M 24 39.23 -55.02 -100.16
CA LEU M 25 41.88 -56.60 -102.36
CA GLU M 26 45.56 -56.99 -101.44
CA HIS M 27 48.31 -59.10 -102.97
CA GLY M 28 48.48 -62.43 -101.17
CA SER M 29 45.02 -62.09 -99.62
CA CYS M 30 41.55 -63.57 -100.03
CA VAL M 31 37.98 -62.35 -100.27
CA THR M 32 34.82 -64.47 -100.04
CA THR M 33 31.39 -62.96 -100.66
CA MET M 34 28.19 -64.38 -99.22
CA ALA M 35 24.49 -63.56 -99.04
CA LYS M 36 21.20 -65.42 -98.71
CA ASN M 37 19.44 -66.19 -101.98
CA LYS M 38 22.84 -65.42 -103.52
CA PRO M 39 25.53 -68.01 -104.40
CA THR M 40 28.84 -67.56 -102.62
CA LEU M 41 31.82 -66.33 -104.62
CA ASP M 42 35.60 -66.12 -104.14
CA PHE M 43 37.36 -62.90 -105.16
CA GLU M 44 41.12 -62.86 -105.72
CA LEU M 45 43.93 -61.04 -107.51
CA ILE M 46 46.67 -62.98 -109.29
CA LYS M 47 48.69 -60.55 -111.42
CA THR M 48 49.59 -56.86 -111.48
CA GLU M 49 51.19 -55.13 -114.45
CA ALA M 50 51.93 -51.64 -115.77
CA LYS M 51 51.72 -51.02 -119.52
CA GLN M 52 52.67 -48.00 -121.63
CA PRO M 53 55.11 -46.64 -119.02
CA ALA M 54 56.59 -43.16 -119.31
CA THR M 55 60.36 -42.70 -119.58
CA LEU M 56 61.21 -40.24 -116.81
CA ARG M 57 64.90 -40.12 -117.71
CA LYS M 58 67.19 -42.33 -119.78
CA TYR M 59 70.59 -43.29 -118.36
CA CYS M 60 73.29 -44.57 -120.71
CA ILE M 61 75.80 -46.54 -118.70
CA GLU M 62 78.67 -47.58 -120.98
CA ALA M 63 80.36 -44.71 -122.78
CA LYS M 64 82.53 -44.93 -125.89
CA LEU M 65 84.74 -41.97 -126.75
CA THR M 66 85.79 -40.79 -130.21
CA ASN M 67 87.31 -37.96 -132.24
CA THR M 68 89.03 -36.51 -129.21
CA THR M 69 90.81 -33.22 -129.81
CA THR M 70 93.34 -31.37 -127.69
CA ASP M 71 95.15 -28.10 -128.23
CA SER M 72 97.07 -25.53 -126.22
CA ARG M 73 98.38 -22.00 -126.48
CA CYS M 74 101.34 -20.47 -124.67
CA PRO M 75 100.80 -17.85 -121.95
CA THR M 76 99.72 -14.44 -123.31
CA GLN M 77 99.34 -15.91 -126.83
CA GLY M 78 95.61 -16.50 -126.33
CA GLU M 79 92.98 -18.99 -125.24
CA PRO M 80 92.11 -21.39 -128.09
CA SER M 81 88.50 -21.81 -129.15
CA LEU M 82 87.33 -24.60 -131.45
CA ASN M 83 84.13 -25.14 -133.39
CA GLU M 84 84.09 -28.61 -131.83
CA GLU M 85 83.34 -26.89 -128.52
CA GLN M 86 80.23 -25.14 -129.82
CA ASP M 87 78.55 -28.41 -130.81
CA LYS M 88 77.19 -29.77 -127.53
CA ARG M 89 77.66 -33.42 -128.57
CA PHE M 90 81.21 -33.30 -127.15
CA VAL M 91 82.32 -33.15 -123.53
CA CYS M 92 84.90 -30.38 -123.18
CA LYS M 93 87.29 -29.02 -120.56
CA HIS M 94 89.67 -26.08 -120.29
CA SER M 95 92.91 -26.25 -118.33
CA MET M 96 96.23 -24.63 -117.46
CA VAL M 97 99.73 -26.05 -118.05
CA ASP M 98 103.23 -24.70 -117.62
CA ARG M 99 105.30 -23.85 -120.70
CA GLY M 100 108.83 -22.48 -120.93
CA TRP M 101 111.39 -20.81 -123.15
CA GLY M 102 113.35 -24.04 -123.49
CA ASN M 103 110.13 -26.09 -123.45
CA GLY M 104 109.23 -25.55 -127.08
CA CYS M 105 107.85 -22.04 -126.57
CA GLY M 106 108.82 -18.49 -125.68
CA LEU M 107 108.64 -17.95 -121.92
CA PHE M 108 107.91 -19.46 -118.51
CA GLY M 109 104.25 -19.39 -117.54
CA LYS M 110 100.87 -21.05 -117.50
CA GLY M 111 99.43 -21.35 -120.99
CA GLY M 112 95.91 -22.51 -121.70
CA ILE M 113 94.59 -25.83 -122.97
CA VAL M 114 91.27 -26.94 -124.42
CA THR M 115 90.59 -30.66 -124.79
CA CYS M 116 87.33 -32.27 -125.75
CA ALA M 117 85.83 -35.30 -127.40
CA MET M 118 82.67 -36.97 -128.62
CA PHE M 119 80.63 -39.02 -126.12
CA THR M 120 78.80 -41.95 -127.68
CA CYS M 121 77.24 -44.56 -125.41
CA LYS M 122 76.04 -48.03 -126.35
CA LYS M 123 74.49 -49.81 -123.37
CA ASN M 124 71.81 -47.91 -121.50
CA MET M 125 69.34 -48.23 -118.65
CA LYS M 126 65.65 -47.59 -118.84
CA GLY M 127 64.10 -45.69 -115.92
CA LYS M 128 60.34 -45.23 -115.94
CA VAL M 129 57.66 -43.89 -113.60
CA VAL M 130 54.25 -45.55 -113.29
CA GLN M 131 51.14 -43.43 -112.88
CA PRO M 132 47.95 -44.72 -111.23
CA GLU M 133 46.14 -44.50 -114.58
CA ASN M 134 48.52 -46.79 -116.48
CA LEU M 135 48.11 -49.72 -114.08
CA GLU M 136 46.16 -52.87 -114.90
CA TYR M 137 44.95 -55.32 -112.25
CA THR M 138 44.20 -59.02 -112.80
CA ILE M 139 41.20 -60.04 -110.72
CA VAL M 140 39.92 -63.62 -110.75
CA ILE M 141 36.46 -64.83 -109.70
CA THR M 142 35.83 -68.40 -108.56
CA PRO M 143 32.58 -70.22 -107.70
CA HIS M 144 32.10 -72.31 -104.57
CA SER M 145 30.65 -75.35 -106.31
CA GLY M 146 32.98 -77.98 -104.85
CA GLU M 147 34.24 -79.24 -108.20
CA GLU M 148 37.43 -81.29 -108.07
CA HIS M 149 39.53 -78.72 -109.94
CA ALA M 150 37.67 -76.02 -107.96
CA VAL M 151 39.72 -76.56 -104.77
CA GLY M 152 43.20 -75.17 -104.20
CA ASN M 153 43.96 -75.09 -107.94
CA ASP M 154 45.92 -72.29 -109.59
CA THR M 155 45.00 -73.20 -113.20
CA GLY M 156 41.44 -74.52 -112.97
CA LYS M 157 38.88 -73.94 -115.67
CA HIS M 158 36.29 -73.01 -113.02
CA GLY M 159 37.85 -69.60 -112.39
CA LYS M 160 37.46 -66.62 -114.68
CA GLU M 161 40.17 -63.96 -114.91
CA ILE M 162 39.45 -60.33 -115.84
CA LYS M 163 41.63 -57.25 -116.14
CA ILE M 164 40.69 -53.89 -114.62
CA THR M 165 41.86 -50.48 -115.92
CA PRO M 166 40.37 -47.01 -115.27
CA GLN M 167 39.93 -46.33 -119.00
CA SER M 168 37.19 -49.01 -119.06
CA SER M 169 35.62 -48.74 -115.60
CA ILE M 170 32.07 -50.02 -116.19
CA THR M 171 32.75 -53.52 -117.55
CA GLU M 172 30.76 -56.76 -117.48
CA ALA M 173 32.30 -60.16 -116.74
CA GLU M 174 30.64 -63.55 -117.13
CA LEU M 175 30.70 -66.55 -114.79
CA THR M 176 29.59 -69.92 -116.14
CA GLY M 177 26.01 -70.77 -115.24
CA TYR M 178 25.57 -67.95 -112.74
CA GLY M 179 25.69 -65.21 -115.38
CA THR M 180 26.70 -61.57 -115.51
CA VAL M 181 28.60 -59.66 -112.81
CA THR M 182 29.83 -56.07 -112.97
CA MET M 183 33.41 -54.79 -112.80
CA GLU M 184 33.78 -51.15 -111.66
CA CYS M 185 36.40 -49.50 -109.45
CA SER M 186 39.23 -47.01 -109.03
CA PRO M 187 41.76 -48.69 -106.67
CA ARG M 188 43.70 -45.48 -105.97
CA THR M 189 43.09 -45.56 -102.18
CA GLY M 190 46.50 -47.22 -101.71
CA LEU M 191 49.98 -45.89 -101.03
CA ASP M 192 51.28 -42.91 -102.97
CA PHE M 193 52.90 -43.83 -106.28
CA ASN M 194 54.84 -40.66 -107.13
CA GLU M 195 57.61 -41.64 -104.68
CA MET M 196 58.79 -44.71 -106.67
CA VAL M 197 60.45 -45.30 -110.04
CA LEU M 198 61.39 -48.58 -111.73
CA LEU M 199 64.70 -49.23 -113.47
CA GLN M 200 65.10 -52.02 -115.98
CA MET M 201 68.20 -53.47 -117.62
CA GLU M 202 67.68 -56.00 -120.43
CA ASN M 203 65.43 -58.18 -118.27
CA LYS M 204 65.98 -57.46 -114.58
CA ALA M 205 64.28 -54.54 -112.87
CA TRP M 206 64.55 -52.66 -109.60
CA LEU M 207 62.14 -50.50 -107.62
CA VAL M 208 63.83 -47.39 -106.21
CA HIS M 209 63.09 -43.85 -105.06
CA ARG M 210 62.74 -40.95 -107.48
CA GLN M 211 65.36 -38.72 -105.85
CA TRP M 212 67.77 -41.65 -105.73
CA PHE M 213 66.94 -42.43 -109.35
CA LEU M 214 67.99 -38.89 -110.25
CA ASP M 215 70.97 -38.70 -107.87
CA LEU M 216 73.12 -41.37 -109.55
CA PRO M 217 75.86 -39.26 -111.21
CA LEU M 218 75.78 -40.42 -114.83
CA PRO M 219 74.67 -38.97 -118.19
CA TRP M 220 71.02 -37.94 -118.59
CA LEU M 221 68.36 -37.65 -121.27
CA PRO M 222 64.93 -36.03 -120.78
CA GLY M 223 61.95 -38.28 -121.37
CA ALA M 224 61.10 -36.90 -124.78
CA ASP M 225 64.83 -36.84 -125.56
CA THR M 226 65.82 -39.63 -127.95
CA GLN M 227 68.40 -38.05 -130.28
CA GLY M 228 71.46 -38.46 -128.06
CA SER M 229 72.66 -34.93 -128.83
CA ASN M 230 71.98 -33.49 -125.38
CA TRP M 231 73.83 -34.87 -122.37
CA ILE M 232 73.94 -33.57 -118.80
CA GLN M 233 76.73 -34.17 -116.30
CA LYS M 234 78.58 -36.01 -119.05
CA GLU M 235 81.92 -35.29 -117.37
CA THR M 236 81.94 -38.19 -114.90
CA LEU M 237 82.11 -41.00 -117.46
CA VAL M 238 85.05 -39.24 -119.15
CA THR M 239 87.99 -38.84 -116.78
CA PHE M 240 90.60 -36.32 -117.83
CA LYS M 241 94.03 -37.41 -116.60
CA ASN M 242 96.31 -34.81 -115.09
CA PRO M 243 97.21 -31.79 -117.26
CA HIS M 244 100.37 -32.64 -119.12
CA ALA M 245 102.29 -30.67 -121.76
CA LYS M 246 99.99 -30.18 -124.78
CA LYS M 247 98.07 -33.38 -124.03
CA GLN M 248 95.08 -34.34 -121.96
CA ASP M 249 94.98 -38.12 -122.25
CA VAL M 250 91.24 -38.75 -122.12
CA VAL M 251 90.38 -41.93 -120.21
CA VAL M 252 87.03 -43.58 -120.84
CA LEU M 253 85.48 -44.79 -117.62
CA GLY M 254 84.59 -48.46 -117.70
CA SER M 255 81.09 -49.85 -117.89
CA GLN M 256 79.48 -49.48 -114.49
CA GLU M 257 77.00 -52.25 -115.31
CA GLY M 258 78.88 -54.57 -112.99
CA ALA M 259 78.90 -51.81 -110.40
CA MET M 260 75.15 -51.36 -110.77
CA HIS M 261 74.61 -55.09 -110.29
CA THR M 262 76.78 -54.79 -107.18
CA ALA M 263 74.85 -51.81 -105.78
CA LEU M 264 71.22 -52.26 -106.82
CA THR M 265 71.28 -55.82 -105.47
CA GLY M 266 69.83 -55.68 -101.98
CA ALA M 267 67.15 -53.28 -103.14
CA THR M 268 63.67 -54.38 -104.23
CA GLU M 269 64.14 -56.77 -107.15
CA ILE M 270 61.54 -57.23 -109.89
CA GLN M 271 61.19 -59.49 -112.92
CA MET M 272 59.06 -58.20 -115.77
CA SER M 273 57.75 -61.69 -116.58
CA SER M 274 55.74 -61.75 -113.34
CA GLY M 275 54.61 -58.13 -113.79
CA ASN M 276 55.24 -55.38 -111.25
CA LEU M 277 54.77 -56.56 -107.65
CA LEU M 278 53.31 -53.31 -106.31
CA PHE M 279 51.67 -55.18 -103.45
CA THR M 280 51.79 -51.98 -101.40
CA GLY M 281 48.47 -50.16 -101.40
CA HIS M 282 44.99 -51.50 -100.73
CA LEU M 283 42.62 -51.97 -103.68
CA LYS M 284 39.08 -50.87 -102.84
CA CYS M 285 36.61 -51.98 -105.50
CA ARG M 286 32.89 -51.83 -106.20
CA LEU M 287 31.25 -54.89 -107.72
CA ARG M 288 27.51 -55.24 -108.36
CA MET M 289 25.74 -58.58 -107.86
CA ASP M 290 22.14 -57.83 -108.86
CA LYS M 291 22.39 -59.66 -112.20
CA LEU M 292 23.12 -63.12 -110.67
CA GLN M 293 20.71 -65.76 -109.41
CA LEU M 294 20.96 -69.31 -108.07
CA LYS M 295 22.00 -71.79 -110.76
CA GLY M 296 20.92 -75.37 -110.19
CA MET M 297 18.24 -74.46 -107.62
CA SER M 298 15.56 -76.04 -109.81
CA TYR M 299 17.22 -79.44 -109.31
CA SER M 300 15.33 -81.49 -106.74
CA MET M 301 16.85 -82.81 -103.55
CA CYS M 302 17.89 -86.47 -103.78
CA THR M 303 17.13 -88.88 -100.96
CA GLY M 304 19.89 -91.37 -101.71
CA LYS M 305 22.95 -92.06 -99.56
CA PHE M 306 26.03 -89.92 -98.91
CA LYS M 307 29.63 -90.99 -98.41
CA VAL M 308 32.79 -89.17 -97.28
CA VAL M 309 36.04 -89.52 -99.23
CA LYS M 310 38.56 -87.34 -97.38
CA GLU M 311 38.59 -86.82 -93.63
CA ILE M 312 37.62 -83.54 -91.98
CA ALA M 313 40.41 -81.24 -93.16
CA GLU M 314 41.38 -78.14 -91.19
CA THR M 315 42.27 -74.76 -92.68
CA GLN M 316 43.90 -71.73 -91.03
CA HIS M 317 40.55 -70.00 -90.38
CA GLY M 318 38.36 -72.45 -88.45
CA THR M 319 36.62 -73.95 -91.46
CA ILE M 320 36.00 -77.56 -92.48
CA VAL M 321 36.17 -79.29 -95.87
CA ILE M 322 34.09 -82.38 -96.65
CA ARG M 323 34.33 -84.40 -99.86
CA VAL M 324 30.82 -85.81 -99.95
CA GLN M 325 30.35 -88.68 -102.40
CA TYR M 326 26.95 -89.91 -103.62
CA GLU M 327 26.88 -93.67 -104.10
CA GLY M 328 23.12 -93.62 -104.66
CA ASP M 329 21.23 -92.63 -107.82
CA GLY M 330 19.28 -89.58 -108.99
CA SER M 331 22.07 -87.16 -109.80
CA PRO M 332 22.27 -84.20 -110.21
CA CYS M 333 20.55 -83.06 -106.99
CA LYS M 334 20.30 -80.24 -104.45
CA ILE M 335 22.59 -81.17 -101.57
CA PRO M 336 20.94 -81.44 -98.14
CA PHE M 337 23.63 -80.05 -95.81
CA GLU M 338 22.66 -79.08 -92.27
CA ILE M 339 23.96 -78.47 -88.76
CA MET M 340 22.68 -79.51 -85.36
CA ASP M 341 23.75 -78.93 -81.79
CA LEU M 342 24.05 -81.45 -78.97
CA GLU M 343 20.28 -81.39 -78.42
CA LYS M 344 19.80 -82.22 -82.14
CA ARG M 345 17.36 -79.29 -82.35
CA HIS M 346 18.84 -75.98 -83.51
CA VAL M 347 20.57 -74.95 -86.74
CA LEU M 348 23.48 -72.94 -85.32
CA GLY M 349 26.46 -73.51 -87.61
CA ARG M 350 27.21 -71.25 -90.56
CA LEU M 351 27.40 -72.74 -94.06
CA ILE M 352 29.64 -71.47 -96.87
CA THR M 353 28.25 -72.94 -100.09
CA VAL M 354 24.50 -72.52 -100.38
CA ASN M 355 22.51 -75.20 -102.27
CA PRO M 356 25.48 -77.34 -103.36
CA ILE M 357 24.78 -79.69 -106.24
CA VAL M 358 26.39 -82.84 -107.62
CA THR M 359 27.49 -82.80 -111.24
CA GLU M 360 27.35 -86.59 -111.50
CA LYS M 361 27.39 -89.62 -109.25
CA ASP M 362 30.84 -90.88 -108.20
CA SER M 363 32.11 -87.26 -108.50
CA PRO M 364 32.12 -85.92 -104.92
CA VAL M 365 31.50 -82.31 -103.98
CA ASN M 366 33.76 -80.28 -101.69
CA ILE M 367 31.26 -78.85 -99.23
CA GLU M 368 32.73 -76.13 -97.01
CA ALA M 369 31.39 -75.20 -93.58
CA GLU M 370 32.12 -72.95 -90.60
CA PRO M 371 30.60 -74.29 -87.37
CA PRO M 372 31.28 -72.42 -84.12
CA PHE M 373 34.27 -73.38 -82.01
CA GLY M 374 32.84 -76.28 -80.04
CA ASP M 375 31.03 -79.58 -80.41
CA SER M 376 28.37 -79.99 -83.09
CA TYR M 377 27.01 -82.49 -85.60
CA ILE M 378 27.45 -81.91 -89.32
CA ILE M 379 24.38 -83.73 -90.63
CA ILE M 380 25.05 -84.99 -94.14
CA GLY M 381 22.02 -86.45 -95.87
CA VAL M 382 18.61 -87.08 -94.36
CA GLU M 383 17.24 -90.01 -92.44
CA PRO M 384 17.00 -92.97 -92.84
CA GLY M 385 20.75 -93.51 -93.15
CA GLN M 386 21.66 -89.93 -92.22
CA LEU M 387 25.26 -89.16 -91.20
CA LYS M 388 25.52 -86.99 -88.07
CA LEU M 389 29.28 -86.61 -88.21
CA ASN M 390 30.39 -85.27 -84.85
CA TRP M 391 32.93 -82.47 -84.89
CA PHE M 392 34.76 -80.61 -82.12
CA LYS M 393 36.17 -77.29 -83.33
CA LYS M 394 38.89 -75.69 -81.24
CA GLY M 395 38.92 -72.05 -80.17
CA SER M 396 36.83 -69.61 -78.19
CA SER M 397 33.66 -68.03 -79.52
CA ILE M 398 34.86 -64.73 -78.06
CA GLY M 399 38.05 -65.44 -80.01
CA GLN M 400 36.37 -65.19 -83.40
CA MET M 401 34.14 -62.45 -81.97
CA ILE M 402 37.06 -60.12 -81.25
CA GLU M 403 39.03 -61.24 -84.30
CA THR M 404 36.30 -60.70 -86.90
CA THR M 405 35.01 -57.50 -85.29
CA MET M 406 38.51 -56.03 -85.13
CA ARG M 407 39.36 -57.07 -88.69
CA GLY M 408 36.16 -55.55 -90.07
CA ALA M 409 36.75 -52.43 -87.99
CA LYS M 410 40.26 -51.93 -89.39
CA ARG M 411 38.96 -52.76 -92.86
CA MET M 412 36.38 -49.97 -92.62
CA ALA M 413 38.89 -47.70 -90.81
CA ILE M 414 41.59 -47.72 -93.49
CA LEU M 415 38.57 -47.26 -95.74
CA GLY M 416 37.23 -44.70 -93.28
CA ASP M 417 37.39 -40.92 -93.64
CA THR M 418 36.67 -39.74 -97.21
CA ALA M 419 35.97 -43.39 -98.20
CA TRP M 420 32.54 -44.56 -96.98
CA ASP M 421 29.64 -42.73 -98.59
CA PHE M 422 28.40 -40.25 -95.96
CA GLY M 423 27.47 -37.32 -98.23
CA SER M 424 24.44 -38.92 -99.88
CA LEU M 425 21.33 -37.72 -98.04
CA GLY M 426 18.86 -40.56 -97.56
CA GLY M 427 21.71 -42.93 -98.36
CA VAL M 428 23.23 -41.90 -95.02
CA PHE M 429 20.98 -44.58 -93.51
CA THR M 430 22.33 -47.12 -95.99
CA SER M 431 25.91 -46.07 -95.22
CA ILE M 432 25.36 -46.39 -91.47
CA GLY M 433 23.87 -49.83 -92.08
CA LYS M 434 26.88 -50.62 -94.25
CA ALA M 435 29.29 -49.64 -91.48
CA LEU M 436 27.42 -51.76 -88.95
CA HIS M 437 27.06 -54.69 -91.37
CA GLN M 438 30.77 -54.64 -92.24
CA VAL M 439 31.72 -54.35 -88.55
CA PHE M 440 28.72 -55.44 -86.45
CA GLY M 441 27.17 -57.63 -89.17
CA ALA M 442 28.99 -60.75 -88.00
CA ILE M 443 27.26 -60.16 -84.66
CA TYR M 444 23.87 -60.40 -86.37
CA GLY M 445 24.82 -63.38 -88.52
CA ALA M 446 27.16 -65.72 -86.65
CA ALA M 447 26.27 -65.57 -82.94
CA PHE M 448 22.63 -64.41 -83.17
CA SER M 449 20.58 -67.43 -84.29
CA GLY M 450 22.00 -67.95 -87.82
CA VAL M 451 19.45 -66.54 -88.66
CA SER M 452 15.82 -66.72 -89.80
CA TRP M 453 15.27 -62.98 -89.86
CA ILE M 454 11.56 -62.63 -88.98
CA MET M 455 11.78 -64.36 -85.60
CA LYS M 456 14.94 -62.53 -84.59
CA ILE M 457 13.55 -59.12 -85.54
CA LEU M 458 10.58 -59.99 -83.34
CA ILE M 459 13.09 -60.85 -80.60
CA GLY M 460 14.94 -57.63 -81.35
CA VAL M 461 11.89 -55.41 -80.95
CA ILE M 462 11.17 -57.33 -77.73
CA ILE M 463 14.69 -56.51 -76.53
CA THR M 464 14.23 -52.86 -77.50
CA TRP M 465 11.02 -52.75 -75.46
CA ILE M 466 12.76 -54.34 -72.47
CA GLY M 467 15.75 -51.99 -72.72
CA MET M 468 13.58 -48.87 -72.98
CA ASN M 469 11.53 -49.84 -69.91
CA SER M 470 14.53 -50.95 -67.84
CA ARG M 471 15.57 -50.16 -64.28
CA SER M 472 18.92 -48.64 -65.36
CA THR M 473 19.62 -46.02 -68.02
CA SER M 474 23.12 -47.36 -68.64
CA LEU M 475 21.66 -50.78 -69.44
CA SER M 476 19.02 -49.01 -71.53
CA VAL M 477 21.68 -47.33 -73.67
CA SER M 478 23.60 -50.62 -73.85
CA LEU M 479 20.58 -52.72 -74.91
CA VAL M 480 18.34 -50.52 -77.07
CA LEU M 481 21.37 -49.68 -79.23
CA VAL M 482 22.00 -53.39 -79.82
CA GLY M 483 18.29 -53.90 -80.51
CA VAL M 484 17.97 -51.13 -83.08
CA VAL M 485 21.22 -52.30 -84.69
CA THR M 486 19.72 -55.79 -84.88
CA LEU M 487 16.45 -54.59 -86.44
CA TYR M 488 17.90 -52.14 -88.96
CA LEU M 489 20.83 -54.38 -89.91
CA GLY M 490 18.41 -57.27 -90.37
CA VAL M 491 16.39 -55.15 -92.76
CA MET M 492 19.64 -54.43 -94.59
CA VAL M 493 20.60 -58.12 -94.53
CA GLN M 494 17.26 -58.97 -96.16
CA ALA M 495 18.36 -56.76 -99.07
CA MET N 1 103.42 -73.48 -35.22
CA ARG N 2 104.28 -73.26 -38.91
CA CYS N 3 102.66 -70.00 -40.05
CA ILE N 4 104.33 -67.38 -37.84
CA GLY N 5 105.23 -64.73 -40.39
CA ILE N 6 102.74 -64.91 -43.27
CA SER N 7 100.56 -61.85 -43.80
CA ASN N 8 97.18 -63.61 -43.92
CA ARG N 9 97.03 -64.93 -40.35
CA ASP N 10 93.53 -66.13 -39.44
CA PHE N 11 92.02 -67.54 -36.25
CA VAL N 12 88.98 -69.77 -35.79
CA GLU N 13 88.26 -70.23 -32.07
CA GLY N 14 84.98 -72.14 -31.98
CA VAL N 15 83.78 -75.74 -31.98
CA SER N 16 80.56 -77.41 -33.08
CA GLY N 17 78.19 -79.59 -31.09
CA GLY N 18 79.54 -82.69 -32.80
CA SER N 19 83.00 -81.12 -33.15
CA TRP N 20 82.35 -80.74 -36.91
CA VAL N 21 84.62 -77.74 -37.34
CA ASP N 22 84.63 -75.90 -40.67
CA ILE N 23 87.54 -73.96 -42.21
CA VAL N 24 88.37 -72.19 -45.46
CA LEU N 25 91.82 -72.53 -47.03
CA GLU N 26 93.35 -70.25 -49.66
CA HIS N 27 96.80 -69.78 -51.16
CA GLY N 28 99.05 -68.27 -48.53
CA SER N 29 96.21 -67.87 -46.01
CA CYS N 30 96.96 -70.29 -43.20
CA VAL N 31 94.52 -71.05 -40.39
CA THR N 32 94.99 -71.80 -36.69
CA THR N 33 92.55 -74.17 -34.99
CA MET N 34 91.81 -73.65 -31.30
CA ALA N 35 89.85 -75.94 -28.99
CA LYS N 36 89.14 -76.73 -25.35
CA ASN N 37 91.19 -79.58 -23.85
CA LYS N 38 92.14 -80.66 -27.39
CA PRO N 39 95.49 -79.96 -29.09
CA THR N 40 95.60 -76.86 -31.25
CA LEU N 41 96.56 -77.07 -34.90
CA ASP N 42 97.78 -75.14 -37.92
CA PHE N 43 96.35 -75.83 -41.37
CA GLU N 44 97.52 -74.64 -44.76
CA LEU N 45 97.43 -75.59 -48.42
CA ILE N 46 101.07 -75.68 -49.45
CA LYS N 47 100.84 -76.50 -53.14
CA THR N 48 97.99 -76.82 -55.62
CA GLU N 49 98.33 -79.49 -58.29
CA ALA N 50 96.23 -80.48 -61.30
CA LYS N 51 97.19 -84.01 -62.30
CA GLN N 52 95.69 -86.14 -65.07
CA PRO N 53 94.73 -83.24 -67.35
CA ALA N 54 92.08 -83.56 -70.03
CA THR N 55 93.30 -82.81 -73.55
CA LEU N 56 90.55 -80.37 -74.51
CA ARG N 57 91.69 -79.33 -77.99
CA LYS N 58 94.83 -78.85 -80.09
CA TYR N 59 96.04 -76.13 -82.46
CA CYS N 60 98.40 -76.49 -85.41
CA ILE N 61 100.52 -73.40 -84.82
CA GLU N 62 102.46 -73.76 -88.08
CA ALA N 63 101.46 -75.23 -91.41
CA LYS N 64 102.85 -77.16 -94.37
CA LEU N 65 101.16 -77.26 -97.77
CA THR N 66 101.85 -80.25 -100.01
CA ASN N 67 100.42 -82.22 -102.92
CA THR N 68 98.48 -79.14 -104.05
CA THR N 69 96.50 -80.31 -107.05
CA THR N 70 94.01 -78.17 -108.95
CA ASP N 71 91.69 -78.43 -111.95
CA SER N 72 89.05 -76.47 -113.82
CA ARG N 73 86.23 -76.89 -116.32
CA CYS N 74 84.84 -74.68 -119.05
CA PRO N 75 81.54 -72.88 -118.33
CA THR N 76 78.39 -75.05 -118.08
CA GLN N 77 80.42 -78.24 -117.49
CA GLY N 78 79.99 -78.03 -113.70
CA GLU N 79 82.65 -78.18 -111.05
CA PRO N 80 85.44 -80.73 -111.66
CA SER N 81 85.33 -83.77 -109.38
CA LEU N 82 88.68 -85.05 -108.14
CA ASN N 83 89.16 -87.56 -105.29
CA GLU N 84 90.77 -85.13 -102.81
CA GLU N 85 87.53 -83.24 -102.14
CA GLN N 86 85.89 -86.11 -100.26
CA ASP N 87 89.06 -86.84 -98.27
CA LYS N 88 89.43 -84.38 -95.39
CA ARG N 89 93.20 -84.96 -95.44
CA PHE N 90 93.25 -82.29 -98.15
CA VAL N 91 91.83 -78.85 -97.45
CA CYS N 92 90.24 -77.34 -100.52
CA LYS N 93 87.77 -75.00 -102.16
CA HIS N 94 86.12 -74.25 -105.50
CA SER N 95 85.62 -70.93 -107.31
CA MET N 96 84.97 -69.57 -110.81
CA VAL N 97 86.75 -67.43 -113.41
CA ASP N 98 85.94 -66.06 -116.85
CA ARG N 99 87.09 -68.45 -119.58
CA GLY N 100 86.03 -68.84 -123.18
CA TRP N 101 87.06 -68.65 -126.84
CA GLY N 102 90.18 -66.70 -125.88
CA ASN N 103 91.78 -69.36 -123.66
CA GLY N 104 90.58 -72.68 -125.08
CA CYS N 105 86.94 -72.91 -123.98
CA GLY N 106 83.91 -72.15 -126.16
CA LEU N 107 82.40 -68.87 -124.93
CA PHE N 108 83.34 -66.26 -122.35
CA GLY N 109 81.65 -67.27 -119.10
CA LYS N 110 82.29 -68.07 -115.46
CA GLY N 111 83.67 -71.59 -115.55
CA GLY N 112 84.49 -73.53 -112.41
CA ILE N 113 87.78 -74.35 -110.71
CA VAL N 114 88.59 -76.69 -107.82
CA THR N 115 91.77 -76.09 -105.83
CA CYS N 116 92.90 -78.68 -103.28
CA ALA N 117 95.99 -79.38 -101.20
CA MET N 118 97.25 -81.58 -98.39
CA PHE N 119 97.56 -79.71 -95.08
CA THR N 120 100.39 -81.18 -92.99
CA CYS N 121 100.68 -80.13 -89.34
CA LYS N 122 104.33 -79.74 -88.36
CA LYS N 123 103.96 -78.53 -84.76
CA ASN N 124 101.37 -78.69 -82.00
CA MET N 125 100.01 -76.20 -79.48
CA LYS N 126 98.53 -78.04 -76.54
CA GLY N 127 95.48 -77.04 -74.50
CA LYS N 128 94.79 -78.32 -70.99
CA VAL N 129 91.47 -77.87 -69.18
CA VAL N 130 91.31 -78.41 -65.42
CA GLN N 131 88.11 -79.92 -64.06
CA PRO N 132 87.11 -79.59 -60.39
CA GLU N 133 87.65 -83.29 -59.67
CA ASN N 134 91.23 -83.18 -61.02
CA LEU N 135 92.58 -80.78 -58.37
CA GLU N 136 95.08 -82.62 -56.15
CA TYR N 137 95.27 -80.36 -53.09
CA THR N 138 98.45 -80.72 -51.03
CA ILE N 139 97.61 -79.76 -47.43
CA VAL N 140 100.14 -79.36 -44.63
CA ILE N 141 98.92 -79.97 -41.07
CA THR N 142 101.21 -79.04 -38.17
CA PRO N 143 100.46 -79.12 -34.41
CA HIS N 144 101.41 -76.43 -31.90
CA SER N 145 103.34 -79.05 -30.01
CA GLY N 146 106.67 -77.35 -29.33
CA GLU N 147 108.72 -78.04 -32.45
CA GLU N 148 111.29 -75.49 -33.60
CA HIS N 149 112.17 -76.11 -37.26
CA ALA N 150 108.86 -74.91 -38.75
CA VAL N 151 108.70 -71.24 -37.72
CA GLY N 152 109.01 -69.23 -40.91
CA ASN N 153 109.63 -72.42 -42.91
CA ASP N 154 108.21 -74.31 -45.89
CA THR N 155 109.62 -77.85 -45.62
CA GLY N 156 109.69 -77.98 -41.79
CA LYS N 157 108.22 -81.40 -41.06
CA HIS N 158 106.88 -82.34 -37.66
CA GLY N 159 103.30 -82.77 -38.84
CA LYS N 160 102.04 -84.35 -42.06
CA GLU N 161 101.45 -83.43 -45.70
CA ILE N 162 98.46 -85.07 -47.36
CA LYS N 163 97.37 -85.04 -51.01
CA ILE N 164 93.58 -84.66 -51.06
CA THR N 165 91.89 -86.10 -54.16
CA PRO N 166 88.24 -84.96 -54.39
CA GLN N 167 87.17 -88.42 -55.56
CA SER N 168 88.29 -89.51 -52.06
CA SER N 169 86.35 -87.25 -49.70
CA ILE N 170 87.12 -88.90 -46.35
CA THR N 171 90.81 -89.33 -45.54
CA GLU N 172 92.74 -90.16 -42.37
CA ALA N 173 95.87 -88.07 -41.80
CA GLU N 174 97.72 -89.75 -38.91
CA LEU N 175 99.38 -86.90 -37.04
CA THR N 176 102.34 -88.25 -35.08
CA GLY N 177 101.85 -88.61 -31.33
CA TYR N 178 98.34 -87.14 -31.43
CA GLY N 179 96.42 -89.65 -33.57
CA THR N 180 94.51 -88.56 -36.66
CA VAL N 181 91.97 -86.01 -37.88
CA THR N 182 89.27 -86.92 -40.36
CA MET N 183 89.64 -84.99 -43.62
CA GLU N 184 86.36 -84.14 -45.34
CA CYS N 185 87.55 -81.19 -47.38
CA SER N 186 86.07 -80.40 -50.79
CA PRO N 187 87.12 -77.88 -53.46
CA ARG N 188 83.71 -78.34 -55.11
CA THR N 189 82.13 -75.59 -53.02
CA GLY N 190 84.99 -73.23 -53.87
CA LEU N 191 85.18 -71.15 -57.02
CA ASP N 192 84.34 -73.06 -60.19
CA PHE N 193 87.38 -73.99 -62.28
CA ASN N 194 85.26 -73.96 -65.43
CA GLU N 195 86.91 -71.10 -67.36
CA MET N 196 90.64 -71.65 -66.67
CA VAL N 197 92.78 -73.17 -69.42
CA LEU N 198 96.51 -73.81 -69.81
CA LEU N 199 98.31 -73.21 -73.09
CA GLN N 200 101.35 -75.49 -73.31
CA MET N 201 104.24 -75.05 -75.74
CA GLU N 202 107.23 -77.39 -75.59
CA ASN N 203 107.82 -77.09 -71.82
CA LYS N 204 106.54 -73.60 -70.95
CA ALA N 205 102.94 -72.57 -70.47
CA TRP N 206 100.45 -69.80 -69.77
CA LEU N 207 97.02 -69.52 -68.19
CA VAL N 208 94.13 -68.01 -70.16
CA HIS N 209 90.34 -68.08 -70.31
CA ARG N 210 88.33 -70.80 -72.04
CA GLN N 211 86.22 -68.58 -74.30
CA TRP N 212 89.38 -66.81 -75.46
CA PHE N 213 91.12 -70.15 -75.87
CA LEU N 214 88.47 -71.37 -78.30
CA ASP N 215 87.78 -68.04 -80.04
CA LEU N 216 91.23 -68.10 -81.67
CA PRO N 217 90.90 -68.21 -85.50
CA LEU N 218 93.53 -70.92 -85.84
CA PRO N 219 93.54 -74.56 -86.99
CA TRP N 220 91.11 -76.46 -84.83
CA LEU N 221 91.64 -80.16 -84.03
CA PRO N 222 89.71 -82.17 -81.41
CA GLY N 223 91.21 -83.99 -78.46
CA ALA N 224 89.87 -87.43 -79.36
CA ASP N 225 91.47 -87.64 -82.80
CA THR N 226 95.16 -88.48 -83.21
CA GLN N 227 95.98 -88.48 -86.93
CA GLY N 228 94.75 -84.91 -87.48
CA SER N 229 93.10 -85.67 -90.82
CA ASN N 230 89.67 -84.87 -89.37
CA TRP N 231 90.63 -81.22 -89.59
CA ILE N 232 88.35 -78.27 -88.77
CA GLN N 233 88.55 -74.51 -89.33
CA LYS N 234 90.17 -74.93 -92.68
CA GLU N 235 90.69 -71.39 -93.97
CA THR N 236 92.65 -69.99 -91.00
CA LEU N 237 96.10 -70.44 -92.59
CA VAL N 238 95.54 -71.44 -96.21
CA THR N 239 94.88 -68.05 -97.82
CA PHE N 240 94.13 -68.64 -101.49
CA LYS N 241 94.52 -65.56 -103.69
CA ASN N 242 92.07 -64.49 -106.38
CA PRO N 243 92.29 -67.30 -108.96
CA HIS N 244 93.53 -66.16 -112.35
CA ALA N 245 92.60 -68.86 -114.86
CA LYS N 246 93.52 -71.97 -112.81
CA LYS N 247 96.49 -71.40 -110.50
CA GLN N 248 96.19 -69.32 -107.37
CA ASP N 249 99.10 -68.50 -105.07
CA VAL N 250 98.04 -70.94 -102.36
CA VAL N 251 100.36 -70.39 -99.40
CA VAL N 252 100.05 -71.06 -95.69
CA LEU N 253 100.77 -68.06 -93.50
CA GLY N 254 104.09 -68.00 -91.72
CA SER N 255 104.52 -69.69 -88.38
CA GLN N 256 102.29 -68.04 -85.80
CA GLU N 257 104.63 -69.00 -82.95
CA GLY N 258 106.24 -65.56 -82.78
CA ALA N 259 103.01 -63.63 -83.31
CA MET N 260 100.93 -65.58 -80.80
CA HIS N 261 103.80 -65.55 -78.32
CA THR N 262 103.94 -61.76 -78.59
CA ALA N 263 100.18 -61.48 -78.20
CA LEU N 264 99.98 -63.90 -75.27
CA THR N 265 102.72 -61.92 -73.53
CA GLY N 266 101.37 -60.16 -70.47
CA ALA N 267 99.05 -63.01 -69.56
CA THR N 268 99.59 -65.21 -66.49
CA GLU N 269 102.74 -67.18 -67.23
CA ILE N 270 102.80 -70.50 -65.34
CA GLN N 271 106.00 -72.40 -64.60
CA MET N 272 104.06 -75.63 -65.08
CA SER N 273 107.21 -77.77 -64.99
CA SER N 274 107.16 -77.87 -61.16
CA GLY N 275 103.44 -78.72 -61.20
CA ASN N 276 100.19 -76.90 -61.92
CA LEU N 277 100.60 -74.20 -59.26
CA LEU N 278 97.14 -72.69 -59.49
CA PHE N 279 97.04 -69.55 -57.35
CA THR N 280 93.26 -69.55 -56.74
CA GLY N 281 90.50 -71.75 -55.39
CA HIS N 282 88.77 -72.01 -52.02
CA LEU N 283 89.02 -75.27 -50.13
CA LYS N 284 86.05 -75.84 -47.80
CA CYS N 285 87.29 -78.16 -45.07
CA ARG N 286 85.00 -79.95 -42.59
CA LEU N 287 86.70 -81.94 -39.85
CA ARG N 288 85.81 -84.22 -36.96
CA MET N 289 88.67 -83.46 -34.55
CA ASP N 290 87.26 -85.63 -31.74
CA LYS N 291 89.41 -88.54 -32.90
CA LEU N 292 92.42 -86.25 -32.42
CA GLN N 293 93.83 -86.16 -28.91
CA LEU N 294 96.76 -84.62 -27.04
CA LYS N 295 99.05 -87.23 -25.48
CA GLY N 296 100.88 -84.41 -23.72
CA MET N 297 97.91 -82.69 -22.07
CA SER N 298 97.63 -84.49 -18.72
CA TYR N 299 101.29 -84.70 -17.68
CA SER N 300 102.21 -83.46 -14.22
CA MET N 301 102.49 -79.75 -13.48
CA CYS N 302 106.14 -78.97 -13.95
CA THR N 303 108.19 -77.95 -10.93
CA GLY N 304 111.85 -77.26 -11.66
CA LYS N 305 113.56 -74.01 -12.54
CA PHE N 306 112.81 -72.59 -15.98
CA LYS N 307 114.76 -70.02 -18.01
CA VAL N 308 114.48 -68.13 -21.31
CA VAL N 309 117.06 -68.38 -24.10
CA LYS N 310 115.92 -65.96 -26.81
CA GLU N 311 113.88 -62.81 -26.29
CA ILE N 312 110.66 -61.86 -28.05
CA ALA N 313 110.45 -60.62 -31.60
CA GLU N 314 107.09 -59.43 -32.92
CA THR N 315 105.07 -61.34 -35.50
CA GLN N 316 102.88 -60.06 -38.32
CA HIS N 317 99.65 -60.60 -36.42
CA GLY N 318 101.38 -59.60 -33.20
CA THR N 319 101.61 -62.81 -31.17
CA ILE N 320 104.00 -63.73 -28.39
CA VAL N 321 106.39 -66.48 -29.47
CA ILE N 322 109.06 -67.43 -26.93
CA ARG N 323 111.80 -70.03 -27.13
CA VAL N 324 112.29 -71.18 -23.54
CA GLN N 325 114.66 -73.71 -21.95
CA TYR N 326 114.17 -75.87 -18.86
CA GLU N 327 117.24 -76.27 -16.66
CA GLY N 328 115.36 -78.15 -13.94
CA ASP N 329 114.22 -81.78 -13.81
CA GLY N 330 111.13 -83.95 -13.97
CA SER N 331 110.71 -84.03 -17.74
CA PRO N 332 108.16 -84.74 -19.19
CA CYS N 333 106.10 -82.14 -17.30
CA LYS N 334 103.21 -79.73 -17.89
CA ILE N 335 104.68 -76.22 -17.78
CA PRO N 336 102.77 -73.40 -16.04
CA PHE N 337 102.13 -70.43 -18.30
CA GLU N 338 99.75 -67.56 -17.55
CA ILE N 339 99.29 -63.96 -18.70
CA MET N 340 98.47 -62.02 -15.54
CA ASP N 341 97.77 -58.38 -14.86
CA LEU N 342 100.62 -56.36 -13.41
CA GLU N 343 99.04 -56.83 -9.95
CA LYS N 344 98.71 -60.63 -10.41
CA ARG N 345 94.95 -60.59 -9.66
CA HIS N 346 93.02 -61.33 -12.88
CA VAL N 347 93.98 -62.89 -16.23
CA LEU N 348 93.94 -60.84 -19.45
CA GLY N 349 95.30 -62.73 -22.44
CA ARG N 350 94.96 -66.09 -24.16
CA LEU N 351 97.50 -68.81 -24.97
CA ILE N 352 97.38 -70.76 -28.24
CA THR N 353 99.41 -73.83 -27.33
CA VAL N 354 96.98 -75.44 -24.91
CA ASN N 355 98.88 -77.20 -22.13
CA PRO N 356 102.41 -76.64 -23.45
CA ILE N 357 104.68 -79.62 -22.88
CA VAL N 358 108.40 -80.15 -22.32
CA THR N 359 109.20 -83.83 -22.98
CA GLU N 360 112.92 -83.39 -23.60
CA LYS N 361 115.84 -82.10 -21.57
CA ASP N 362 118.00 -79.28 -22.91
CA SER N 363 115.86 -78.32 -25.90
CA PRO N 364 114.19 -75.10 -27.05
CA VAL N 365 110.45 -74.97 -26.41
CA ASN N 366 108.17 -72.72 -28.46
CA ILE N 367 105.38 -71.09 -26.45
CA GLU N 368 102.68 -69.12 -28.26
CA ALA N 369 100.27 -66.52 -26.88
CA GLU N 370 98.24 -63.45 -27.84
CA PRO N 371 97.80 -60.69 -25.25
CA PRO N 372 95.48 -57.72 -25.67
CA PHE N 373 96.76 -54.21 -26.34
CA GLY N 374 98.07 -53.17 -22.96
CA ASP N 375 100.68 -53.80 -20.34
CA SER N 376 100.77 -57.39 -19.12
CA TYR N 377 102.94 -59.74 -17.11
CA ILE N 378 103.66 -63.18 -18.56
CA ILE N 379 104.07 -65.25 -15.39
CA ILE N 380 105.98 -68.50 -15.86
CA GLY N 381 106.83 -71.20 -13.35
CA VAL N 382 106.27 -71.42 -9.61
CA GLU N 383 108.38 -70.03 -6.79
CA PRO N 384 111.26 -70.78 -6.22
CA GLY N 385 112.35 -69.59 -9.66
CA GLN N 386 109.35 -67.47 -10.61
CA LEU N 387 109.73 -65.70 -13.95
CA LYS N 388 107.85 -62.46 -14.62
CA LEU N 389 108.06 -60.89 -18.08
CA ASN N 390 106.57 -57.46 -18.69
CA TRP N 391 105.13 -56.97 -22.15
CA PHE N 392 103.22 -54.36 -24.14
CA LYS N 393 101.77 -54.32 -27.65
CA LYS N 394 100.47 -51.49 -29.80
CA GLY N 395 97.05 -51.01 -31.38
CA SER N 396 93.44 -50.25 -30.49
CA SER N 397 91.12 -52.89 -29.07
CA ILE N 398 88.31 -51.72 -31.35
CA GLY N 399 90.70 -52.24 -34.25
CA GLN N 400 91.02 -55.93 -33.49
CA MET N 401 87.29 -56.20 -32.75
CA ILE N 402 86.26 -54.83 -36.16
CA GLU N 403 89.05 -56.70 -37.95
CA THR N 404 88.22 -60.11 -36.45
CA THR N 405 84.46 -59.62 -36.75
CA MET N 406 84.60 -58.59 -40.40
CA ARG N 407 87.10 -61.33 -41.22
CA GLY N 408 84.83 -63.93 -39.64
CA ALA N 409 81.82 -62.45 -41.42
CA LYS N 410 83.54 -62.78 -44.79
CA ARG N 411 84.68 -66.28 -43.82
CA MET N 412 81.13 -67.34 -43.05
CA ALA N 413 79.79 -65.61 -46.17
CA ILE N 414 82.14 -67.61 -48.40
CA LEU N 415 81.63 -70.62 -46.08
CA GLY N 416 77.91 -70.02 -46.47
CA ASP N 417 75.21 -71.48 -48.69
CA THR N 418 75.46 -75.29 -48.96
CA ALA N 419 78.28 -75.14 -46.35
CA TRP N 420 76.95 -74.50 -42.84
CA ASP N 421 74.76 -77.29 -41.51
CA PHE N 422 71.13 -76.31 -42.06
CA GLY N 423 69.76 -79.64 -43.28
CA SER N 424 71.03 -81.70 -40.33
CA LEU N 425 68.25 -81.95 -37.76
CA GLY N 426 69.24 -81.80 -34.09
CA GLY N 427 72.45 -79.95 -34.88
CA VAL N 428 70.52 -76.96 -36.19
CA PHE N 429 70.82 -75.15 -32.87
CA THR N 430 74.51 -76.14 -32.79
CA SER N 431 74.98 -74.90 -36.36
CA ILE N 432 73.44 -71.49 -35.66
CA GLY N 433 75.55 -71.35 -32.50
CA LYS N 434 78.63 -71.96 -34.62
CA ALA N 435 77.58 -69.25 -37.08
CA LEU N 436 76.79 -66.69 -34.38
CA HIS N 437 80.19 -67.52 -32.91
CA GLN N 438 82.01 -66.99 -36.20
CA VAL N 439 80.43 -63.50 -36.45
CA PHE N 440 79.94 -62.14 -32.90
CA GLY N 441 82.33 -64.24 -30.81
CA ALA N 442 85.06 -61.63 -30.83
CA ILE N 443 82.60 -59.25 -29.19
CA TYR N 444 81.35 -61.94 -26.83
CA GLY N 445 84.71 -63.20 -25.60
CA ALA N 446 86.73 -59.98 -25.68
CA ALA N 447 84.42 -57.02 -25.07
CA PHE N 448 82.02 -58.76 -22.66
CA SER N 449 84.23 -59.50 -19.65
CA GLY N 450 86.40 -62.35 -20.99
CA VAL N 451 84.41 -64.08 -19.49
CA SER N 452 83.20 -65.82 -16.32
CA TRP N 453 80.33 -67.59 -18.07
CA ILE N 454 77.95 -68.14 -15.13
CA MET N 455 77.69 -64.52 -14.05
CA LYS N 456 77.55 -63.18 -17.59
CA ILE N 457 74.66 -65.49 -18.49
CA LEU N 458 72.95 -64.22 -15.35
CA ILE N 459 73.47 -60.71 -16.73
CA GLY N 460 72.22 -62.01 -20.08
CA VAL N 461 68.93 -63.24 -18.67
CA ILE N 462 68.68 -59.93 -16.79
CA ILE N 463 68.99 -57.95 -20.05
CA THR N 464 66.49 -60.29 -21.71
CA TRP N 465 64.01 -59.71 -18.89
CA ILE N 466 64.46 -55.95 -19.12
CA GLY N 467 64.10 -56.09 -22.91
CA MET N 468 60.88 -58.08 -22.95
CA ASN N 469 59.29 -55.77 -20.36
CA SER N 470 60.59 -52.60 -22.04
CA ARG N 471 58.84 -49.32 -22.80
CA SER N 472 59.44 -49.81 -26.55
CA THR N 473 59.07 -52.83 -28.82
CA SER N 474 61.96 -51.75 -31.06
CA LEU N 475 64.29 -51.76 -28.06
CA SER N 476 62.74 -55.06 -26.94
CA VAL N 477 63.66 -56.67 -30.26
CA SER N 478 67.08 -55.00 -30.29
CA LEU N 479 67.97 -56.16 -26.76
CA VAL N 480 66.41 -59.61 -26.35
CA LEU N 481 68.16 -60.74 -29.54
CA VAL N 482 71.52 -59.82 -28.02
CA GLY N 483 70.52 -61.43 -24.73
CA VAL N 484 69.53 -64.75 -26.26
CA VAL N 485 72.72 -64.57 -28.34
CA THR N 486 74.65 -64.13 -25.10
CA LEU N 487 72.92 -67.02 -23.36
CA TYR N 488 73.18 -69.51 -26.24
CA LEU N 489 76.79 -68.60 -27.03
CA GLY N 490 77.62 -68.91 -23.33
CA VAL N 491 76.21 -72.40 -23.35
CA MET N 492 78.31 -72.92 -26.48
CA VAL N 493 81.60 -71.25 -25.45
CA GLN N 494 81.49 -73.37 -22.29
CA ALA N 495 82.14 -76.24 -24.73
CA PHE O 1 124.53 -44.98 -120.84
CA HIS O 2 127.31 -46.06 -118.48
CA LEU O 3 126.75 -49.73 -117.64
CA THR O 4 127.33 -51.41 -114.28
CA THR O 5 125.76 -54.32 -112.38
CA ARG O 6 123.53 -54.41 -109.31
CA ASN O 7 121.71 -57.35 -107.73
CA GLY O 8 123.21 -59.50 -110.46
CA GLU O 9 121.50 -57.49 -113.21
CA PRO O 10 122.79 -54.92 -115.71
CA HIS O 11 122.28 -51.27 -114.85
CA MET O 12 122.76 -48.62 -117.56
CA ILE O 13 122.63 -44.92 -116.66
CA VAL O 14 121.41 -42.90 -119.63
CA SER O 15 121.59 -39.15 -120.16
CA ARG O 16 120.66 -36.50 -122.71
CA GLN O 17 123.64 -37.51 -124.88
CA GLU O 18 121.52 -40.50 -125.95
CA LYS O 19 117.92 -39.30 -125.67
CA GLY O 20 114.88 -40.76 -127.38
CA LYS O 21 117.02 -43.19 -129.38
CA SER O 22 117.47 -46.95 -129.44
CA LEU O 23 119.86 -48.14 -126.74
CA LEU O 24 122.29 -50.79 -127.98
CA PHE O 25 124.90 -52.93 -126.24
CA LYS O 26 126.82 -56.19 -126.47
CA THR O 27 126.80 -58.21 -123.24
CA GLU O 28 127.30 -61.82 -122.19
CA ASP O 29 123.60 -62.46 -122.82
CA GLY O 30 124.07 -61.23 -126.40
CA VAL O 31 123.06 -58.25 -128.53
CA ASN O 32 121.05 -56.09 -126.12
CA MET O 33 118.63 -53.87 -128.07
CA CYS O 34 116.67 -51.75 -125.58
CA THR O 35 114.09 -49.09 -126.38
CA LEU O 36 113.84 -46.33 -123.78
CA MET O 37 110.43 -44.98 -124.71
CA ALA O 38 110.11 -42.97 -121.49
CA MET O 39 109.02 -39.34 -121.06
CA ASP O 40 110.81 -37.27 -118.43
CA LEU O 41 114.32 -38.10 -119.65
CA GLY O 42 116.17 -34.78 -119.73
CA GLU O 43 119.75 -33.94 -118.84
CA LEU O 44 121.13 -35.93 -115.93
CA CYS O 45 120.02 -34.84 -112.47
CA GLU O 46 120.00 -35.97 -108.82
CA ASP O 47 116.33 -37.06 -108.86
CA THR O 48 117.43 -40.55 -109.86
CA ILE O 49 114.37 -42.36 -111.20
CA THR O 50 115.02 -46.05 -111.85
CA TYR O 51 113.22 -48.68 -113.88
CA LYS O 52 113.09 -52.33 -114.82
CA CYS O 53 113.07 -52.79 -118.55
CA PRO O 54 111.39 -56.24 -118.58
CA PHE O 55 112.38 -59.21 -120.70
CA LEU O 56 110.03 -59.37 -123.68
CA LYS O 57 110.73 -61.94 -126.38
CA GLN O 58 108.28 -61.24 -129.23
CA ASN O 59 104.96 -60.13 -127.72
CA GLU O 60 103.16 -56.79 -128.15
CA PRO O 61 104.57 -54.27 -125.65
CA GLU O 62 102.11 -52.03 -123.85
CA ASP O 63 101.83 -50.06 -120.61
CA ILE O 64 105.63 -49.96 -120.25
CA ASP O 65 108.17 -47.16 -120.24
CA CYS O 66 111.26 -49.07 -121.37
CA TRP O 67 111.90 -52.58 -122.67
CA CYS O 68 114.63 -54.82 -124.03
CA ASN O 69 114.37 -57.75 -126.43
CA SER O 70 117.32 -59.62 -124.84
CA THR O 71 116.93 -59.69 -121.06
CA SER O 72 115.54 -57.81 -118.10
CA THR O 73 117.69 -54.88 -117.06
CA TRP O 74 117.87 -51.78 -114.89
CA VAL O 75 117.85 -48.27 -116.32
CA THR O 76 118.04 -44.93 -114.53
CA TYR O 77 118.05 -41.22 -115.25
CA GLY O 78 117.27 -37.78 -113.84
CA THR O 79 114.24 -35.52 -113.99
CA CYS O 80 115.30 -31.90 -113.40
CA THR O 81 114.89 -29.30 -116.13
CA THR O 82 117.70 -27.84 -118.23
CA THR O 83 118.37 -24.79 -116.07
CA GLY O 84 118.37 -26.77 -112.82
CA GLU O 85 115.55 -27.25 -110.32
CA HIS O 86 114.00 -29.91 -108.10
CA ARG O 87 110.91 -30.69 -110.19
CA ARG O 88 107.57 -29.21 -111.30
CA GLU O 89 105.83 -27.01 -108.72
CA LYS O 90 102.38 -27.72 -107.26
CA ARG O 91 100.16 -26.29 -104.54
CA SER O 92 98.36 -28.57 -102.09
CA VAL O 93 97.74 -29.39 -98.38
CA ALA O 94 94.67 -27.93 -96.65
CA LEU O 95 95.22 -25.92 -93.48
CA VAL O 96 94.08 -22.74 -91.75
CA PRO O 97 94.40 -21.60 -88.11
CA HIS O 98 92.07 -19.85 -85.75
CA VAL O 99 92.14 -16.05 -85.91
CA GLY O 100 93.85 -14.35 -83.04
CA MET O 101 93.02 -12.02 -80.20
CA GLY O 102 94.98 -8.85 -79.48
CA LEU O 103 94.94 -5.30 -78.09
CA GLU O 104 91.55 -6.00 -76.45
CA THR O 105 92.26 -7.91 -73.19
CA ARG O 106 89.70 -10.19 -71.53
CA THR O 107 88.13 -8.36 -68.55
CA GLU O 108 84.99 -6.21 -68.25
CA THR O 109 86.31 -2.62 -68.36
CA TRP O 110 86.78 0.53 -70.53
CA MET O 111 83.11 1.69 -70.60
CA SER O 112 83.17 1.12 -74.39
CA SER O 113 80.04 0.52 -76.44
CA GLU O 114 81.18 -2.90 -77.67
CA GLY O 115 82.38 -3.93 -74.21
CA ALA O 116 79.26 -2.53 -72.54
CA TRP O 117 76.83 -4.28 -74.90
CA LYS O 118 78.77 -7.56 -75.17
CA HIS O 119 77.45 -8.80 -71.84
CA ALA O 120 73.83 -8.02 -72.71
CA GLN O 121 74.22 -9.52 -76.20
CA ARG O 122 75.62 -12.70 -74.67
CA ILE O 123 72.79 -12.81 -72.12
CA GLU O 124 70.12 -12.56 -74.81
CA THR O 125 71.95 -15.07 -77.02
CA TRP O 126 72.01 -17.50 -74.10
CA ILE O 127 68.31 -16.86 -73.47
CA LEU O 128 67.50 -17.55 -77.12
CA ARG O 129 69.62 -20.71 -77.07
CA HIS O 130 68.27 -21.74 -73.62
CA PRO O 131 64.48 -21.28 -73.56
CA GLY O 132 64.01 -24.15 -71.11
CA PHE O 133 66.32 -22.70 -68.47
CA THR O 134 64.62 -19.33 -68.94
CA ILE O 135 61.21 -20.89 -68.31
CA MET O 136 62.57 -22.76 -65.29
CA ALA O 137 64.00 -19.55 -63.83
CA ALA O 138 60.71 -17.76 -64.45
CA ILE O 139 58.81 -20.53 -62.64
CA LEU O 140 61.21 -20.39 -59.69
CA ALA O 141 60.81 -16.61 -59.54
CA TYR O 142 57.02 -16.99 -59.61
CA THR O 143 57.00 -19.54 -56.78
CA ILE O 144 59.54 -17.82 -54.52
CA GLY O 145 58.44 -14.29 -55.40
CA THR O 146 55.56 -12.88 -53.37
CA THR O 147 55.56 -9.51 -55.18
CA HIS O 148 55.74 -8.80 -58.91
CA PHE O 149 58.80 -6.59 -58.39
CA GLN O 150 60.60 -9.37 -56.51
CA ARG O 151 59.43 -11.80 -59.21
CA ALA O 152 60.98 -9.74 -62.01
CA LEU O 153 64.14 -8.97 -60.04
CA ILE O 154 64.75 -12.63 -59.21
CA PHE O 155 64.04 -13.70 -62.79
CA ILE O 156 66.52 -11.14 -64.13
CA LEU O 157 69.11 -12.16 -61.52
CA LEU O 158 68.79 -15.85 -62.39
CA THR O 159 68.93 -15.24 -66.15
CA ALA O 160 72.02 -13.03 -65.72
CA VAL O 161 73.85 -15.26 -63.24
CA ALA O 162 73.30 -18.68 -64.85
CA PRO O 163 75.49 -17.94 -67.94
CA SER O 164 78.25 -16.30 -65.89
CA MET O 165 78.90 -19.62 -64.13
CA THR O 166 79.87 -21.18 -67.47
CA PHE P 1 100.52 -41.52 -143.14
CA HIS P 2 98.46 -39.05 -145.20
CA LEU P 3 99.87 -35.54 -145.25
CA THR P 4 96.58 -33.63 -145.43
CA THR P 5 95.79 -29.95 -144.86
CA ARG P 6 93.79 -30.12 -141.63
CA ASN P 7 92.81 -26.79 -140.05
CA GLY P 8 95.12 -25.24 -142.65
CA GLU P 9 98.24 -27.05 -141.39
CA PRO P 10 99.99 -30.34 -142.15
CA HIS P 11 98.28 -33.35 -140.61
CA MET P 12 99.46 -36.97 -140.36
CA ILE P 13 97.83 -40.26 -139.35
CA VAL P 14 100.43 -42.68 -137.97
CA SER P 15 99.37 -46.26 -137.27
CA ARG P 16 100.97 -49.17 -135.41
CA GLN P 17 102.41 -50.95 -138.48
CA GLU P 18 105.49 -48.79 -137.82
CA LYS P 19 106.23 -47.80 -134.24
CA GLY P 20 109.00 -46.42 -132.08
CA LYS P 21 110.79 -45.01 -135.13
CA SER P 22 111.15 -41.54 -136.61
CA LEU P 23 108.87 -40.82 -139.55
CA LEU P 24 110.07 -39.20 -142.77
CA PHE P 25 108.03 -37.15 -145.23
CA LYS P 26 108.10 -34.18 -147.59
CA THR P 27 106.66 -30.66 -147.38
CA GLU P 28 107.17 -27.33 -149.13
CA ASP P 29 110.03 -26.57 -146.73
CA GLY P 30 111.80 -29.81 -147.70
CA VAL P 31 112.32 -33.23 -146.21
CA ASN P 32 111.07 -33.45 -142.61
CA MET P 33 111.97 -36.19 -140.14
CA CYS P 34 109.51 -36.39 -137.24
CA THR P 35 110.04 -37.82 -133.76
CA LEU P 36 107.15 -39.53 -131.96
CA MET P 37 107.86 -40.42 -128.33
CA ALA P 38 104.22 -41.24 -127.55
CA MET P 39 104.50 -44.40 -125.48
CA ASP P 40 100.77 -45.25 -125.31
CA LEU P 41 100.40 -45.91 -129.03
CA GLY P 42 98.19 -48.58 -130.58
CA GLU P 43 96.73 -49.36 -134.00
CA LEU P 44 94.34 -47.07 -135.84
CA CYS P 45 90.67 -47.33 -134.85
CA GLU P 46 87.80 -45.04 -133.91
CA ASP P 47 89.43 -43.78 -130.69
CA THR P 48 91.68 -41.32 -132.50
CA ILE P 49 93.87 -39.15 -130.29
CA THR P 50 95.28 -36.07 -132.04
CA TYR P 51 98.21 -33.69 -131.47
CA LYS P 52 99.60 -30.43 -132.83
CA CYS P 53 103.27 -31.38 -133.06
CA PRO P 54 105.47 -28.38 -132.13
CA PHE P 55 108.56 -27.04 -133.87
CA LEU P 56 111.95 -27.26 -132.14
CA LYS P 57 115.23 -25.89 -133.54
CA GLN P 58 118.00 -26.83 -131.07
CA ASN P 59 116.53 -26.82 -127.54
CA GLU P 60 116.29 -30.05 -125.59
CA PRO P 61 112.94 -31.80 -126.17
CA GLU P 62 111.32 -31.96 -122.73
CA ASP P 63 107.91 -33.16 -121.59
CA ILE P 64 106.58 -33.59 -125.15
CA ASP P 65 105.96 -36.58 -127.38
CA CYS P 66 106.36 -35.19 -130.87
CA TRP P 67 108.89 -32.89 -132.47
CA CYS P 68 110.58 -32.19 -135.81
CA ASN P 69 113.54 -30.08 -136.99
CA SER P 70 111.81 -27.69 -139.43
CA THR P 71 108.10 -27.20 -138.84
CA SER P 72 105.04 -27.99 -136.74
CA THR P 73 102.26 -30.36 -137.77
CA TRP P 74 99.29 -32.43 -136.55
CA VAL P 75 100.03 -36.09 -135.73
CA THR P 76 97.21 -38.46 -134.77
CA TYR P 77 96.84 -42.14 -134.00
CA GLY P 78 94.54 -44.74 -132.54
CA THR P 79 94.72 -46.27 -129.08
CA CYS P 80 92.88 -49.58 -129.44
CA THR P 81 94.60 -52.59 -127.92
CA THR P 82 95.43 -55.82 -129.75
CA THR P 83 91.82 -57.02 -129.67
CA GLY P 84 90.82 -53.75 -131.37
CA GLU P 85 88.70 -52.44 -128.48
CA HIS P 86 88.57 -49.05 -126.76
CA ARG P 87 90.28 -48.03 -123.54
CA ARG P 88 89.55 -50.15 -120.49
CA GLU P 89 89.70 -49.65 -116.72
CA LYS P 90 87.56 -49.72 -113.57
CA ARG P 91 85.97 -48.62 -111.28
CA SER P 92 83.76 -45.64 -110.44
CA VAL P 93 81.37 -45.17 -107.51
CA ALA P 94 77.59 -45.40 -107.21
CA LEU P 95 75.71 -44.69 -103.99
CA VAL P 96 74.49 -47.90 -102.36
CA PRO P 97 70.65 -48.03 -102.46
CA HIS P 98 68.19 -49.13 -99.80
CA VAL P 99 64.45 -49.15 -99.06
CA GLY P 100 62.47 -46.24 -97.64
CA MET P 101 63.28 -42.53 -97.76
CA GLY P 102 65.79 -41.55 -95.11
CA LEU P 103 65.42 -37.82 -94.43
CA GLU P 104 65.77 -37.46 -90.67
CA THR P 105 69.55 -37.39 -90.08
CA ARG P 106 72.22 -35.02 -91.37
CA THR P 107 75.24 -33.09 -90.06
CA GLU P 108 77.93 -34.41 -87.72
CA THR P 109 78.17 -33.95 -83.96
CA TRP P 110 79.98 -31.50 -81.71
CA MET P 111 81.08 -33.64 -78.78
CA SER P 112 80.78 -31.12 -75.95
CA SER P 113 77.49 -29.46 -76.88
CA GLU P 114 75.76 -32.68 -77.91
CA GLY P 115 77.01 -34.45 -74.78
CA ALA P 116 75.59 -31.62 -72.69
CA TRP P 117 72.24 -31.72 -74.52
CA LYS P 118 72.04 -35.53 -74.70
CA HIS P 119 69.95 -35.68 -71.53
CA ALA P 120 67.56 -32.95 -72.69
CA GLN P 121 67.07 -34.56 -76.10
CA ARG P 122 66.88 -38.11 -74.72
CA ILE P 123 64.13 -37.28 -72.21
CA GLU P 124 62.07 -35.74 -75.03
CA THR P 125 62.57 -38.63 -77.44
CA TRP P 126 61.81 -41.20 -74.74
CA ILE P 127 58.76 -39.42 -73.33
CA LEU P 128 57.37 -39.05 -76.86
CA ARG P 129 58.13 -42.64 -77.89
CA HIS P 130 56.34 -44.25 -74.90
CA PRO P 131 52.97 -42.56 -74.23
CA GLY P 132 51.85 -45.63 -72.28
CA PHE P 133 54.52 -45.15 -69.64
CA THR P 134 53.67 -41.44 -69.71
CA ILE P 135 50.13 -42.37 -68.67
CA MET P 136 51.24 -44.77 -65.94
CA ALA P 137 53.78 -42.31 -64.51
CA ALA P 138 51.18 -39.54 -64.57
CA ILE P 139 48.64 -41.73 -62.76
CA LEU P 140 51.17 -42.76 -60.11
CA ALA P 141 52.18 -39.13 -59.56
CA TYR P 142 48.52 -38.12 -59.33
CA THR P 143 47.84 -40.72 -56.65
CA ILE P 144 50.98 -40.29 -54.56
CA GLY P 145 51.31 -36.51 -54.64
CA THR P 146 49.02 -34.98 -52.01
CA THR P 147 49.23 -31.42 -53.38
CA HIS P 148 49.85 -30.16 -56.89
CA PHE P 149 53.58 -29.45 -56.78
CA GLN P 150 54.37 -32.84 -55.23
CA ARG P 151 52.47 -34.42 -58.12
CA ALA P 152 54.42 -32.43 -60.71
CA LEU P 153 57.72 -33.12 -58.95
CA ILE P 154 57.20 -36.88 -58.82
CA PHE P 155 56.07 -36.83 -62.45
CA ILE P 156 59.12 -34.97 -63.74
CA LEU P 157 61.53 -37.06 -61.64
CA LEU P 158 60.11 -40.33 -62.98
CA THR P 159 60.15 -39.02 -66.54
CA ALA P 160 63.83 -38.13 -66.08
CA VAL P 161 64.67 -41.44 -64.41
CA ALA P 162 63.03 -43.71 -66.99
CA PRO P 163 65.50 -43.09 -69.86
CA SER P 164 68.48 -43.30 -67.49
CA MET P 165 67.81 -46.87 -66.32
CA THR P 166 67.65 -47.97 -69.96
CA PHE Q 1 109.92 -84.37 -118.15
CA HIS Q 2 108.61 -87.49 -116.37
CA LEU Q 3 105.26 -88.59 -117.82
CA THR Q 4 102.61 -90.58 -115.94
CA THR Q 5 98.95 -91.40 -116.57
CA ARG Q 6 96.54 -90.02 -113.96
CA ASN Q 7 92.78 -89.58 -114.37
CA GLY Q 8 93.09 -90.87 -117.93
CA GLU Q 9 95.32 -87.91 -118.85
CA PRO Q 10 99.10 -87.38 -118.93
CA HIS Q 11 100.81 -85.84 -115.91
CA MET Q 12 104.21 -84.18 -116.42
CA ILE Q 13 106.75 -83.76 -113.63
CA VAL Q 14 109.40 -81.13 -114.35
CA SER Q 15 112.41 -80.01 -112.31
CA ARG Q 16 114.56 -76.90 -112.43
CA GLN Q 17 117.31 -78.91 -114.16
CA GLU Q 18 115.37 -78.02 -117.35
CA LYS Q 19 114.46 -74.52 -116.17
CA GLY Q 20 113.95 -71.79 -118.75
CA LYS Q 21 113.69 -74.12 -121.74
CA SER Q 22 110.71 -75.14 -123.83
CA LEU Q 23 109.01 -78.44 -123.01
CA LEU Q 24 110.01 -80.72 -125.90
CA PHE Q 25 109.53 -84.49 -126.06
CA LYS Q 26 107.99 -87.21 -128.24
CA THR Q 27 105.13 -89.64 -127.57
CA GLU Q 28 102.53 -91.52 -129.57
CA ASP Q 29 100.09 -88.60 -129.33
CA GLY Q 30 102.33 -86.73 -131.77
CA VAL Q 31 105.10 -84.14 -131.82
CA ASN Q 32 104.20 -82.61 -128.44
CA MET Q 33 105.82 -79.21 -128.64
CA CYS Q 34 105.07 -77.36 -125.41
CA THR Q 35 106.31 -74.46 -123.31
CA LEU Q 36 106.49 -73.47 -119.64
CA MET Q 37 106.79 -69.74 -119.12
CA ALA Q 38 106.08 -68.72 -115.51
CA MET Q 39 109.10 -68.13 -113.27
CA ASP Q 40 107.52 -69.47 -110.07
CA LEU Q 41 109.49 -72.71 -110.55
CA GLY Q 42 111.62 -73.91 -107.67
CA GLU Q 43 113.82 -76.94 -107.21
CA LEU Q 44 112.44 -80.45 -106.83
CA CYS Q 45 110.95 -80.83 -103.35
CA GLU Q 46 107.74 -81.98 -101.67
CA ASP Q 47 105.82 -78.76 -102.41
CA THR Q 48 104.29 -80.05 -105.62
CA ILE Q 49 102.10 -77.69 -107.67
CA THR Q 50 100.09 -78.84 -110.68
CA TYR Q 51 98.51 -77.48 -113.87
CA LYS Q 52 96.58 -78.45 -116.95
CA CYS Q 53 98.28 -77.17 -120.09
CA PRO Q 54 95.64 -76.37 -122.73
CA PHE Q 55 95.70 -77.35 -126.40
CA LEU Q 56 96.26 -74.84 -129.18
CA LYS Q 57 93.77 -74.47 -132.01
CA GLN Q 58 94.68 -71.04 -133.42
CA ASN Q 59 95.12 -68.55 -130.56
CA GLU Q 60 98.34 -66.97 -129.36
CA PRO Q 61 99.55 -68.36 -126.00
CA GLU Q 62 97.64 -66.37 -123.41
CA ASP Q 63 95.97 -66.62 -119.98
CA ILE Q 64 97.91 -69.78 -118.96
CA ASP Q 65 101.45 -70.18 -117.66
CA CYS Q 66 101.98 -73.33 -119.72
CA TRP Q 67 101.06 -73.84 -123.38
CA CYS Q 68 101.07 -77.04 -125.44
CA ASN Q 69 99.94 -77.36 -129.06
CA SER Q 70 99.50 -81.10 -129.66
CA THR Q 71 97.49 -82.53 -126.75
CA SER Q 72 96.30 -81.21 -123.39
CA THR Q 73 98.57 -82.41 -120.61
CA TRP Q 74 99.07 -81.73 -116.91
CA VAL Q 75 102.38 -80.21 -115.82
CA THR Q 76 103.49 -80.20 -112.19
CA TYR Q 77 106.71 -79.07 -110.53
CA GLY Q 78 108.25 -77.70 -107.35
CA THR Q 79 107.96 -74.19 -105.95
CA CYS Q 80 110.08 -74.11 -102.78
CA THR Q 81 112.80 -71.48 -102.61
CA THR Q 82 116.39 -72.44 -103.38
CA THR Q 83 117.24 -72.89 -99.68
CA GLY Q 84 114.86 -75.86 -99.39
CA GLU Q 85 112.19 -73.84 -97.53
CA HIS Q 86 108.50 -73.79 -98.39
CA ARG Q 87 106.86 -70.56 -99.47
CA ARG Q 88 105.53 -68.35 -96.71
CA GLU Q 89 104.33 -64.82 -95.95
CA LYS Q 90 105.02 -62.68 -92.90
CA ARG Q 91 101.39 -61.69 -92.32
CA SER Q 92 99.96 -62.74 -88.95
CA VAL Q 93 96.59 -63.05 -87.18
CA ALA Q 94 95.81 -62.91 -83.45
CA LEU Q 95 93.91 -60.76 -80.95
CA VAL Q 96 94.26 -59.02 -77.57
CA PRO Q 97 94.44 -61.48 -74.62
CA HIS Q 98 94.72 -58.98 -71.74
CA VAL Q 99 91.23 -58.53 -70.26
CA GLY Q 100 88.01 -60.43 -70.82
CA MET Q 101 85.31 -61.59 -68.38
CA GLY Q 102 81.55 -61.34 -68.92
CA LEU Q 103 79.71 -63.65 -66.50
CA GLU Q 104 81.10 -66.42 -64.28
CA THR Q 105 81.04 -68.12 -60.89
CA ARG Q 106 78.71 -70.24 -58.87
CA THR Q 107 75.03 -69.30 -58.95
CA GLU Q 108 73.73 -67.89 -55.64
CA THR Q 109 76.38 -66.99 -53.05
CA TRP Q 110 78.17 -65.11 -55.79
CA MET Q 111 74.84 -63.55 -56.76
CA SER Q 112 74.10 -62.36 -53.22
CA SER Q 113 77.65 -61.26 -52.38
CA GLU Q 114 78.44 -59.51 -55.66
CA GLY Q 115 74.97 -57.93 -55.71
CA ALA Q 116 75.58 -56.48 -52.26
CA TRP Q 117 79.08 -55.29 -53.16
CA LYS Q 118 78.25 -53.94 -56.63
CA HIS Q 119 75.24 -52.05 -55.31
CA ALA Q 120 77.34 -50.80 -52.39
CA GLN Q 121 80.15 -49.53 -54.60
CA ARG Q 122 77.77 -48.09 -57.22
CA ILE Q 123 75.71 -46.17 -54.67
CA GLU Q 124 78.84 -45.18 -52.76
CA THR Q 125 80.45 -43.80 -55.91
CA TRP Q 126 77.22 -41.89 -56.64
CA ILE Q 127 77.36 -40.49 -53.09
CA LEU Q 128 81.06 -39.49 -53.14
CA ARG Q 129 81.59 -38.83 -56.86
CA HIS Q 130 78.71 -36.30 -56.56
CA PRO Q 131 78.19 -35.51 -52.86
CA GLY Q 132 76.37 -32.18 -52.67
CA PHE Q 133 73.36 -33.42 -54.62
CA THR Q 134 72.95 -36.10 -51.96
CA ILE Q 135 72.80 -33.79 -48.94
CA MET Q 136 70.63 -31.22 -50.71
CA ALA Q 137 68.20 -33.96 -51.74
CA ALA Q 138 68.18 -35.37 -48.21
CA ILE Q 139 67.33 -32.03 -46.60
CA LEU Q 140 64.79 -31.26 -49.32
CA ALA Q 141 63.04 -34.58 -48.68
CA TYR Q 142 63.11 -34.13 -44.91
CA THR Q 143 61.54 -30.69 -45.34
CA ILE Q 144 58.98 -31.52 -48.05
CA GLY Q 145 57.89 -35.15 -47.76
CA THR Q 146 54.85 -35.58 -45.54
CA THR Q 147 55.57 -39.15 -44.39
CA HIS Q 148 58.84 -40.98 -43.84
CA PHE Q 149 57.89 -43.30 -46.71
CA GLN Q 150 57.29 -40.27 -48.95
CA ARG Q 151 60.56 -38.67 -47.82
CA ALA Q 152 62.36 -41.94 -48.54
CA LEU Q 153 60.93 -41.94 -52.06
CA ILE Q 154 61.96 -38.31 -52.54
CA PHE Q 155 65.62 -38.45 -51.62
CA ILE Q 156 66.28 -42.02 -52.83
CA LEU Q 157 64.88 -41.05 -56.25
CA LEU Q 158 66.81 -37.77 -56.30
CA THR Q 159 70.05 -39.55 -55.40
CA ALA Q 160 69.32 -42.10 -58.13
CA VAL Q 161 68.67 -39.55 -60.88
CA ALA Q 162 71.04 -36.65 -60.12
CA PRO Q 163 74.43 -38.40 -60.52
CA SER Q 164 73.20 -39.99 -63.75
CA MET Q 165 71.89 -36.58 -64.80
CA THR Q 166 75.18 -34.95 -63.78
CA MET R 1 2.75 69.75 109.65
CA ARG R 2 5.41 68.26 111.90
CA CYS R 3 7.75 66.42 109.57
CA ILE R 4 10.30 68.76 108.02
CA GLY R 5 13.91 67.66 107.58
CA ILE R 6 13.20 63.95 107.96
CA SER R 7 14.78 62.38 104.89
CA ASN R 8 12.32 59.47 104.53
CA ARG R 9 9.00 61.18 103.88
CA ASP R 10 6.66 58.65 102.28
CA PHE R 11 3.53 59.62 100.38
CA VAL R 12 0.05 58.19 99.80
CA GLU R 13 -1.30 60.06 96.75
CA GLY R 14 -4.96 59.08 96.85
CA VAL R 15 -7.74 57.17 98.60
CA SER R 16 -10.52 54.77 97.61
CA GLY R 17 -14.03 54.08 98.86
CA GLY R 18 -12.93 51.41 101.33
CA SER R 19 -10.23 53.78 102.66
CA TRP R 20 -8.54 50.84 104.42
CA VAL R 21 -5.07 52.22 103.82
CA ASP R 22 -2.32 50.09 105.38
CA ILE R 23 0.45 52.56 106.11
CA VAL R 24 4.06 51.48 106.38
CA LEU R 25 6.05 53.11 109.16
CA GLU R 26 9.69 52.95 110.22
CA HIS R 27 12.12 54.68 112.56
CA GLY R 28 13.17 58.13 111.42
CA SER R 29 10.64 58.23 108.58
CA CYS R 30 7.37 60.15 108.36
CA VAL R 31 4.28 59.39 106.28
CA THR R 32 1.75 61.67 104.60
CA THR R 33 -1.79 60.51 103.90
CA MET R 34 -3.90 62.24 101.26
CA ALA R 35 -7.64 61.86 100.72
CA LYS R 36 -9.99 63.50 98.23
CA ASN R 37 -11.73 66.35 100.08
CA LYS R 38 -10.85 64.84 103.46
CA PRO R 39 -8.36 66.07 106.09
CA THR R 40 -4.77 65.25 105.20
CA LEU R 41 -2.78 63.47 107.90
CA ASP R 42 0.83 63.10 108.97
CA PHE R 43 1.81 59.88 110.76
CA GLU R 44 4.95 59.18 112.74
CA LEU R 45 6.28 56.97 115.51
CA ILE R 46 7.95 59.25 118.05
CA LYS R 47 9.22 56.68 120.54
CA THR R 48 9.56 52.89 120.69
CA GLU R 49 9.71 51.41 124.19
CA ALA R 50 9.34 47.96 125.73
CA LYS R 51 8.00 48.73 129.19
CA GLN R 52 8.64 46.32 132.06
CA PRO R 53 11.42 44.29 130.39
CA ALA R 54 12.39 40.92 131.81
CA THR R 55 15.78 40.18 133.39
CA LEU R 56 17.88 37.37 131.89
CA ARG R 57 21.26 37.29 133.63
CA LYS R 58 23.39 39.75 135.58
CA TYR R 59 27.14 40.14 135.06
CA CYS R 60 29.66 41.34 137.63
CA ILE R 61 31.94 44.31 136.99
CA GLU R 62 33.82 45.35 140.17
CA ALA R 63 34.90 42.84 142.79
CA LYS R 64 35.32 43.51 146.47
CA LEU R 65 36.76 40.57 148.39
CA THR R 66 37.60 39.57 151.95
CA ASN R 67 38.26 36.67 154.32
CA THR R 68 40.97 35.32 152.01
CA THR R 69 42.83 32.40 153.58
CA THR R 70 45.56 29.92 152.68
CA ASP R 71 45.53 26.56 154.45
CA SER R 72 47.92 23.73 153.71
CA ARG R 73 49.25 20.42 154.99
CA CYS R 74 52.58 18.67 154.69
CA PRO R 75 52.98 16.30 151.73
CA THR R 76 51.43 12.87 152.42
CA GLN R 77 48.65 14.39 154.58
CA GLY R 78 46.03 15.12 151.92
CA GLU R 79 45.06 18.66 150.97
CA PRO R 80 43.11 20.06 153.93
CA SER R 81 39.35 20.53 153.95
CA LEU R 82 37.95 23.86 155.13
CA ASN R 83 34.65 25.13 156.45
CA GLU R 84 35.39 28.06 154.13
CA GLU R 85 35.32 26.07 150.90
CA GLN R 86 32.06 24.15 151.37
CA ASP R 87 29.87 27.25 150.81
CA LYS R 88 29.12 28.69 147.37
CA ARG R 89 29.38 32.20 148.86
CA PHE R 90 33.18 31.94 148.44
CA VAL R 91 35.47 31.31 145.47
CA CYS R 92 38.26 28.77 145.76
CA LYS R 93 40.98 26.59 144.35
CA HIS R 94 43.38 23.81 145.28
CA SER R 95 46.97 23.84 144.09
CA MET R 96 50.25 21.94 144.38
CA VAL R 97 53.51 23.46 145.64
CA ASP R 98 56.94 22.12 146.56
CA ARG R 99 57.20 22.55 150.31
CA GLY R 100 60.88 22.19 151.21
CA TRP R 101 62.56 20.71 154.26
CA GLY R 102 63.07 24.09 155.91
CA ASN R 103 59.46 25.04 155.26
CA GLY R 104 57.73 24.09 158.48
CA CYS R 105 57.21 20.40 157.80
CA GLY R 106 60.69 19.04 157.27
CA LEU R 107 59.92 16.56 154.54
CA PHE R 108 60.55 18.11 151.14
CA GLY R 109 57.99 17.27 148.50
CA LYS R 110 55.04 18.56 146.51
CA GLY R 111 51.85 18.93 148.53
CA GLY R 112 48.44 20.55 148.44
CA ILE R 113 47.35 24.05 149.40
CA VAL R 114 43.77 25.28 149.54
CA THR R 115 43.39 29.01 148.93
CA CYS R 116 40.21 31.10 149.04
CA ALA R 117 38.13 34.09 149.89
CA MET R 118 34.73 35.72 149.92
CA PHE R 119 33.50 37.28 146.68
CA THR R 120 30.80 39.95 146.71
CA CYS R 121 31.03 42.60 144.01
CA LYS R 122 29.79 46.14 143.81
CA LYS R 123 28.87 47.23 140.26
CA ASN R 124 27.00 44.80 138.03
CA MET R 125 25.44 44.73 134.59
CA LYS R 126 21.72 44.53 133.95
CA GLY R 127 21.00 41.99 131.21
CA LYS R 128 17.47 42.04 129.87
CA VAL R 129 15.31 40.39 127.21
CA VAL R 130 12.44 41.91 125.22
CA GLN R 131 9.49 39.82 124.02
CA PRO R 132 7.02 40.67 121.23
CA GLU R 133 4.31 41.17 123.87
CA ASN R 134 6.08 44.00 125.65
CA LEU R 135 6.66 46.06 122.48
CA GLU R 136 4.91 49.38 123.11
CA TYR R 137 4.86 51.87 120.25
CA THR R 138 4.05 55.57 120.56
CA ILE R 139 2.31 56.94 117.48
CA VAL R 140 1.92 60.64 116.68
CA ILE R 141 -0.95 61.80 114.45
CA THR R 142 -1.07 65.35 113.14
CA PRO R 143 -3.35 67.40 110.86
CA HIS R 144 -2.08 69.77 108.16
CA SER R 145 -3.61 72.81 109.81
CA GLY R 146 -0.40 74.75 109.17
CA GLU R 147 0.16 75.94 112.74
CA GLU R 148 3.35 77.93 113.08
CA HIS R 149 5.32 75.75 115.51
CA ALA R 150 5.19 72.79 113.13
CA VAL R 151 8.44 72.96 111.14
CA GLY R 152 11.05 71.10 113.15
CA ASN R 153 8.66 70.40 116.05
CA ASP R 154 7.75 66.92 117.28
CA THR R 155 6.06 66.85 120.69
CA GLY R 156 4.25 70.18 120.36
CA LYS R 157 0.65 70.14 121.62
CA HIS R 158 -1.01 70.27 118.21
CA GLY R 159 -1.83 66.64 117.41
CA LYS R 160 -2.51 63.38 119.23
CA GLU R 161 -0.28 60.73 120.80
CA ILE R 162 -1.51 57.15 121.16
CA LYS R 163 -0.01 54.27 123.12
CA ILE R 164 -0.33 51.38 120.68
CA THR R 165 0.57 47.76 121.44
CA PRO R 166 -0.17 44.41 119.76
CA GLN R 167 -2.09 43.46 122.91
CA SER R 168 -4.52 46.23 121.87
CA SER R 169 -6.42 46.14 118.57
CA ILE R 170 -8.99 48.98 118.33
CA THR R 171 -9.05 52.37 120.02
CA GLU R 172 -10.53 55.64 118.83
CA ALA R 173 -8.40 58.79 118.92
CA GLU R 174 -9.54 62.39 118.63
CA LEU R 175 -7.92 64.99 116.35
CA THR R 176 -9.11 68.34 117.66
CA GLY R 177 -10.96 70.28 115.00
CA TYR R 178 -10.89 67.37 112.55
CA GLY R 179 -12.86 64.62 114.29
CA THR R 180 -12.02 60.97 114.95
CA VAL R 181 -9.54 58.41 113.65
CA THR R 182 -9.63 54.76 114.67
CA MET R 183 -6.42 53.04 115.74
CA GLU R 184 -7.38 49.59 114.45
CA CYS R 185 -3.66 49.07 113.97
CA SER R 186 -1.66 45.85 113.66
CA PRO R 187 1.96 45.91 114.92
CA ARG R 188 2.85 42.59 113.33
CA THR R 189 6.29 42.89 111.81
CA GLY R 190 8.84 42.53 114.57
CA LEU R 191 12.16 41.91 112.82
CA ASP R 192 13.68 39.34 115.19
CA PHE R 193 14.00 38.96 118.95
CA ASN R 194 15.53 35.57 119.83
CA GLU R 195 19.11 36.79 119.32
CA MET R 196 18.96 40.36 120.66
CA VAL R 197 19.55 41.39 124.27
CA LEU R 198 19.53 44.69 126.13
CA LEU R 199 22.29 45.74 128.54
CA GLN R 200 22.17 48.55 131.11
CA MET R 201 24.96 50.20 133.14
CA GLU R 202 23.80 52.78 135.72
CA ASN R 203 22.95 55.51 133.20
CA LYS R 204 23.59 54.02 129.75
CA ALA R 205 22.52 51.03 127.67
CA TRP R 206 23.45 48.88 124.69
CA LEU R 207 22.00 46.24 122.38
CA VAL R 208 23.96 43.07 121.62
CA HIS R 209 23.44 39.59 120.20
CA ARG R 210 22.50 36.85 122.65
CA GLN R 211 25.53 34.71 121.86
CA TRP R 212 27.71 37.56 123.09
CA PHE R 213 26.18 37.23 126.56
CA LEU R 214 26.22 33.44 126.35
CA ASP R 215 29.98 33.41 125.66
CA LEU R 216 31.41 36.40 127.52
CA PRO R 217 33.64 35.03 130.35
CA LEU R 218 32.61 37.05 133.39
CA PRO R 219 30.70 36.17 136.57
CA TRP R 220 27.04 35.15 136.27
CA LEU R 221 23.79 35.51 138.12
CA PRO R 222 20.65 33.81 136.75
CA GLY R 223 17.67 36.12 136.70
CA ALA R 224 15.84 34.21 139.45
CA ASP R 225 18.40 34.74 142.22
CA THR R 226 18.19 37.78 144.49
CA GLN R 227 20.77 37.26 147.26
CA GLY R 228 23.74 37.82 144.96
CA SER R 229 25.60 34.96 146.65
CA ASN R 230 25.55 32.10 144.13
CA TRP R 231 27.71 32.75 141.06
CA ILE R 232 28.81 30.74 138.03
CA GLN R 233 32.18 31.05 136.29
CA LYS R 234 33.11 33.12 139.34
CA GLU R 235 36.78 32.12 139.05
CA THR R 236 37.49 34.19 135.92
CA LEU R 237 37.79 37.53 137.73
CA VAL R 238 40.12 36.21 140.42
CA THR R 239 43.58 35.64 138.96
CA PHE R 240 46.09 34.01 141.29
CA LYS R 241 49.70 35.03 141.59
CA ASN R 242 51.97 32.05 141.13
CA PRO R 243 51.89 29.90 144.29
CA HIS R 244 54.56 30.84 146.80
CA ALA R 245 55.10 27.96 149.23
CA LYS R 246 52.33 28.80 151.71
CA LYS R 247 51.57 32.31 150.50
CA GLN R 248 48.94 32.35 147.80
CA ASP R 249 47.52 35.84 147.49
CA VAL R 250 44.41 36.28 145.37
CA VAL R 251 43.79 39.31 143.16
CA VAL R 252 40.96 40.16 140.79
CA LEU R 253 40.48 42.31 137.69
CA GLY R 254 39.75 45.93 138.46
CA SER R 255 37.60 48.50 136.70
CA GLN R 256 36.08 46.72 133.71
CA GLU R 257 33.87 49.66 132.72
CA GLY R 258 36.65 51.05 130.55
CA ALA R 259 37.26 47.63 129.01
CA MET R 260 33.55 47.29 128.32
CA HIS R 261 33.33 50.74 126.74
CA THR R 262 36.36 50.26 124.49
CA ALA R 263 35.47 46.68 123.47
CA LEU R 264 31.69 46.92 123.13
CA THR R 265 32.06 49.95 120.85
CA GLY R 266 30.68 49.29 117.39
CA ALA R 267 27.54 47.64 118.75
CA THR R 268 24.17 49.37 118.71
CA GLU R 269 24.27 52.14 121.32
CA ILE R 270 20.82 53.01 122.69
CA GLN R 271 20.20 56.30 124.48
CA MET R 272 18.28 54.91 127.44
CA SER R 273 18.40 58.33 129.13
CA SER R 274 15.45 59.32 126.94
CA GLY R 275 14.14 55.76 127.23
CA ASN R 276 15.02 52.78 125.07
CA LEU R 277 14.73 53.83 121.42
CA LEU R 278 14.47 50.37 119.82
CA PHE R 279 15.40 50.90 116.16
CA THR R 280 14.02 47.57 114.97
CA GLY R 281 11.11 46.28 112.95
CA HIS R 282 8.52 48.05 110.81
CA LEU R 283 4.92 48.98 111.62
CA LYS R 284 2.13 47.77 109.33
CA CYS R 285 -0.80 49.87 110.46
CA ARG R 286 -4.29 49.71 108.94
CA LEU R 287 -6.24 52.98 109.09
CA ARG R 288 -9.78 53.77 107.91
CA MET R 289 -10.38 57.49 107.35
CA ASP R 290 -14.14 57.13 106.77
CA LYS R 291 -15.19 59.03 109.93
CA LEU R 292 -12.64 61.89 109.90
CA GLN R 293 -14.35 65.23 109.37
CA LEU R 294 -12.83 68.38 107.84
CA LYS R 295 -13.62 71.79 109.38
CA GLY R 296 -13.54 74.56 106.81
CA MET R 297 -14.37 73.27 103.34
CA SER R 298 -17.64 75.19 103.75
CA TYR R 299 -15.95 78.46 104.69
CA SER R 300 -16.21 81.50 102.45
CA MET R 301 -13.50 82.68 100.08
CA CYS R 302 -10.67 84.90 101.30
CA THR R 303 -10.90 88.42 99.85
CA GLY R 304 -8.53 90.58 101.91
CA LYS R 305 -4.89 91.58 101.96
CA PHE R 306 -2.26 88.89 101.46
CA LYS R 307 1.39 88.98 102.50
CA VAL R 308 4.34 86.59 102.82
CA VAL R 309 6.62 86.56 105.85
CA LYS R 310 9.29 83.97 104.99
CA GLU R 311 10.08 82.36 101.65
CA ILE R 312 10.48 78.61 101.01
CA ALA R 313 12.65 76.65 103.39
CA GLU R 314 13.68 74.17 100.70
CA THR R 315 13.03 70.57 101.76
CA GLN R 316 14.69 67.31 100.80
CA HIS R 317 11.77 66.73 98.40
CA GLY R 318 11.72 70.32 97.15
CA THR R 319 8.30 70.83 98.70
CA ILE R 320 7.14 74.42 99.11
CA VAL R 321 6.45 75.25 102.77
CA ILE R 322 5.06 78.77 102.71
CA ARG R 323 4.77 80.44 106.14
CA VAL R 324 2.38 83.19 105.19
CA GLN R 325 0.35 85.79 107.13
CA TYR R 326 -3.00 87.19 105.95
CA GLU R 327 -3.75 90.58 107.46
CA GLY R 328 -7.02 90.62 105.55
CA ASP R 329 -10.29 90.26 107.42
CA GLY R 330 -13.07 87.72 106.87
CA SER R 331 -11.34 84.74 108.47
CA PRO R 332 -12.13 81.85 108.51
CA CYS R 333 -11.98 81.66 104.71
CA LYS R 334 -10.61 79.47 101.93
CA ILE R 335 -7.29 80.53 100.42
CA PRO R 336 -6.58 81.05 96.70
CA PHE R 337 -3.86 78.50 95.96
CA GLU R 338 -2.75 77.95 92.36
CA ILE R 339 0.47 76.53 90.91
CA MET R 340 0.73 77.56 87.28
CA ASP R 341 3.15 77.44 84.36
CA LEU R 342 5.43 80.11 82.92
CA GLU R 343 2.87 81.39 80.42
CA LYS R 344 0.08 80.81 82.98
CA ARG R 345 -2.12 78.64 80.73
CA HIS R 346 -3.14 75.66 82.90
CA VAL R 347 -2.55 74.44 86.45
CA LEU R 348 -0.54 71.28 87.06
CA GLY R 349 0.46 71.43 90.74
CA ARG R 350 -0.56 69.33 93.74
CA LEU R 351 -1.31 71.14 96.98
CA ILE R 352 -0.90 69.03 100.11
CA THR R 353 -2.97 70.68 102.84
CA VAL R 354 -6.43 70.48 101.32
CA ASN R 355 -8.61 73.47 102.15
CA PRO R 356 -5.83 75.82 103.27
CA ILE R 357 -7.63 77.93 105.84
CA VAL R 358 -6.66 80.76 108.17
CA THR R 359 -8.37 80.20 111.51
CA GLU R 360 -7.80 83.71 112.86
CA LYS R 361 -6.46 87.10 111.87
CA ASP R 362 -2.92 88.24 112.70
CA SER R 363 -1.71 84.65 112.66
CA PRO R 364 0.77 82.91 110.34
CA VAL R 365 -0.19 79.69 108.57
CA ASN R 366 2.21 77.11 107.16
CA ILE R 367 0.81 75.80 103.88
CA GLU R 368 2.41 72.62 102.54
CA ALA R 369 2.46 71.98 98.80
CA GLU R 370 4.35 70.16 96.04
CA PRO R 371 4.76 72.10 92.77
CA PRO R 372 5.55 70.60 89.36
CA PHE R 373 9.11 70.15 88.09
CA GLY R 374 11.12 72.94 86.54
CA ASP R 375 10.17 76.59 86.82
CA SER R 376 6.68 77.70 87.78
CA TYR R 377 4.63 80.44 89.45
CA ILE R 378 2.84 80.24 92.81
CA ILE R 379 -0.36 82.30 92.87
CA ILE R 380 -1.69 83.32 96.29
CA GLY R 381 -4.61 85.68 96.75
CA VAL R 382 -6.77 87.42 94.18
CA GLU R 383 -6.42 90.70 92.32
CA PRO R 384 -6.13 93.46 93.58
CA GLY R 385 -3.17 92.51 95.77
CA GLN R 386 -2.68 89.30 93.80
CA LEU R 387 0.57 87.69 94.98
CA LYS R 388 2.94 85.83 92.63
CA LEU R 389 6.08 83.93 93.64
CA ASN R 390 8.40 82.50 91.01
CA TRP R 391 10.06 79.22 92.00
CA PHE R 392 12.05 76.41 90.40
CA LYS R 393 12.33 72.78 91.49
CA LYS R 394 15.38 70.91 90.19
CA GLY R 395 13.92 67.41 89.98
CA SER R 396 13.31 65.63 86.69
CA SER R 397 9.85 64.41 85.74
CA ILE R 398 10.63 60.80 84.82
CA GLY R 399 13.17 60.75 87.63
CA GLN R 400 10.83 61.62 90.49
CA MET R 401 8.31 59.36 88.77
CA ILE R 402 10.63 56.36 89.02
CA GLU R 403 11.76 57.05 92.59
CA THR R 404 8.19 57.61 93.83
CA THR R 405 7.02 54.40 92.15
CA MET R 406 10.00 52.72 93.80
CA ARG R 407 9.01 54.06 97.23
CA GLY R 408 5.55 52.61 96.61
CA ALA R 409 7.12 49.34 95.50
CA LYS R 410 9.17 49.13 98.70
CA ARG R 411 6.12 49.99 100.80
CA MET R 412 4.23 47.11 99.19
CA ALA R 413 7.34 44.93 99.56
CA ILE R 414 7.27 45.24 103.34
CA LEU R 415 3.47 45.44 103.12
CA GLY R 416 3.69 42.22 101.14
CA ASP R 417 3.27 38.60 102.18
CA THR R 418 0.26 38.08 104.49
CA ALA R 419 -0.41 41.86 104.46
CA TRP R 420 -2.53 42.83 101.45
CA ASP R 421 -6.12 41.63 101.77
CA PHE R 422 -6.15 38.41 99.76
CA GLY R 423 -8.48 36.41 102.02
CA SER R 424 -11.47 38.73 101.70
CA LEU R 425 -13.45 37.41 98.74
CA GLY R 426 -15.00 40.21 96.71
CA GLY R 427 -12.55 42.54 98.42
CA VAL R 428 -9.73 40.71 96.62
CA PHE R 429 -10.60 42.83 93.59
CA THR R 430 -10.31 45.98 95.71
CA SER R 431 -7.04 44.77 97.23
CA ILE R 432 -5.47 44.22 93.82
CA GLY R 433 -6.87 47.59 92.79
CA LYS R 434 -5.23 49.32 95.73
CA ALA R 435 -1.97 47.47 95.03
CA LEU R 436 -1.97 48.61 91.41
CA HIS R 437 -2.67 52.08 92.77
CA GLN R 438 0.13 52.11 95.33
CA VAL R 439 2.58 51.00 92.61
CA PHE R 440 1.45 52.44 89.24
CA GLY R 441 -0.95 55.23 90.26
CA ALA R 442 1.79 57.81 90.25
CA ILE R 443 2.26 56.92 86.57
CA TYR R 444 -1.51 57.00 86.13
CA GLY R 445 -2.23 60.38 87.69
CA ALA R 446 0.94 62.39 87.00
CA ALA R 447 1.98 61.16 83.54
CA PHE R 448 -1.26 59.97 81.89
CA SER R 449 -3.07 63.32 81.60
CA GLY R 450 -3.81 64.04 85.28
CA VAL R 451 -6.58 63.03 84.52
CA SER R 452 -10.11 63.70 83.28
CA TRP R 453 -11.02 60.07 83.78
CA ILE R 454 -13.81 59.49 81.23
CA MET R 455 -11.79 60.33 78.14
CA LYS R 456 -8.73 58.47 79.36
CA ILE R 457 -10.69 55.29 80.05
CA LEU R 458 -12.05 55.64 76.52
CA ILE R 459 -8.45 55.86 75.27
CA GLY R 460 -7.56 52.92 77.50
CA VAL R 461 -10.22 50.64 76.04
CA ILE R 462 -9.03 51.74 72.59
CA ILE R 463 -5.49 50.72 73.55
CA THR R 464 -6.79 47.41 74.89
CA TRP R 465 -8.60 46.65 71.64
CA ILE R 466 -5.51 47.52 69.58
CA GLY R 467 -3.32 45.35 71.81
CA MET R 468 -5.71 42.41 71.55
CA ASN R 469 -5.99 42.90 67.78
CA SER R 470 -2.23 43.28 67.28
CA ARG R 471 0.27 41.68 64.91
CA SER R 472 2.48 40.22 67.68
CA THR R 473 1.56 38.33 70.85
CA SER R 474 4.37 39.86 72.93
CA LEU R 475 3.07 43.36 72.16
CA SER R 476 -0.47 42.17 72.93
CA VAL R 477 0.56 40.90 76.36
CA SER R 478 2.54 44.09 76.99
CA LEU R 479 -0.26 46.49 75.97
CA VAL R 480 -3.52 44.88 77.06
CA LEU R 481 -2.09 44.56 80.58
CA VAL R 482 -1.44 48.31 80.64
CA GLY R 483 -4.92 48.93 79.26
CA VAL R 484 -6.75 46.83 81.84
CA VAL R 485 -4.65 48.36 84.60
CA THR R 486 -5.61 51.80 83.26
CA LEU R 487 -9.32 50.97 83.19
CA TYR R 488 -9.61 49.31 86.59
CA LEU R 489 -7.23 51.70 88.35
CA GLY R 490 -9.21 54.61 86.89
CA VAL R 491 -12.39 53.15 88.29
CA MET R 492 -10.60 52.92 91.64
CA VAL R 493 -9.26 56.48 91.40
CA GLN R 494 -12.75 57.84 90.71
CA ALA R 495 -13.56 56.40 94.15
CA MET S 1 80.88 -15.55 102.84
CA ARG S 2 79.39 -13.32 105.52
CA CYS S 3 75.97 -12.87 103.88
CA ILE S 4 74.33 -15.95 105.43
CA GLY S 5 71.30 -14.67 107.28
CA ILE S 6 71.46 -11.33 105.45
CA SER S 7 68.03 -10.83 103.89
CA ASN S 8 68.84 -8.36 101.10
CA ARG S 9 71.24 -10.05 98.69
CA ASP S 10 71.99 -9.70 94.97
CA PHE S 11 74.03 -12.14 92.90
CA VAL S 12 75.39 -9.70 90.34
CA GLU S 13 77.40 -11.67 87.75
CA GLY S 14 79.25 -9.64 85.14
CA VAL S 15 81.72 -6.92 84.28
CA SER S 16 80.80 -3.49 82.94
CA GLY S 17 82.30 -1.73 79.93
CA GLY S 18 85.47 -0.67 81.71
CA SER S 19 85.62 -4.00 83.52
CA TRP S 20 84.37 -2.37 86.72
CA VAL S 21 81.56 -3.68 88.89
CA ASP S 22 78.73 -1.27 89.69
CA ILE S 23 78.13 -2.04 93.37
CA VAL S 24 74.81 -1.11 94.87
CA LEU S 25 75.62 -0.89 98.57
CA GLU S 26 73.07 -0.37 101.36
CA HIS S 27 73.35 -0.82 105.11
CA GLY S 28 72.26 -4.33 106.04
CA SER S 29 72.59 -5.67 102.49
CA CYS S 30 74.89 -7.94 100.51
CA VAL S 31 76.67 -7.93 97.17
CA THR S 32 78.37 -10.88 95.48
CA THR S 33 80.36 -10.43 92.27
CA MET S 34 80.94 -13.22 89.76
CA ALA S 35 82.49 -13.74 86.34
CA LYS S 36 84.13 -16.54 84.39
CA ASN S 37 87.92 -16.65 84.57
CA LYS S 38 87.43 -14.34 87.57
CA PRO S 39 87.26 -15.46 91.24
CA THR S 40 84.02 -14.63 93.02
CA LEU S 41 84.06 -11.89 95.65
CA ASP S 42 81.75 -10.66 98.42
CA PHE S 43 81.25 -6.91 98.81
CA GLU S 44 79.85 -5.48 102.04
CA LEU S 45 79.71 -2.35 104.19
CA ILE S 46 80.18 -2.57 107.96
CA LYS S 47 80.61 0.96 109.32
CA THR S 48 79.64 4.52 108.44
CA GLU S 49 81.11 7.59 110.09
CA ALA S 50 81.33 11.36 109.65
CA LYS S 51 84.53 13.15 110.65
CA GLN S 52 85.39 16.85 110.89
CA PRO S 53 81.74 17.92 111.24
CA ALA S 54 80.70 21.56 111.00
CA THR S 55 79.00 23.27 113.94
CA LEU S 56 75.82 24.75 112.47
CA ARG S 57 74.75 26.34 115.74
CA LYS S 58 75.73 25.84 119.38
CA TYR S 59 72.98 25.59 122.00
CA CYS S 60 73.85 26.14 125.66
CA ILE S 61 71.20 24.51 127.79
CA GLU S 62 71.90 25.31 131.45
CA ALA S 63 72.14 29.01 132.23
CA LYS S 64 73.76 30.58 135.28
CA LEU S 65 72.93 34.20 136.08
CA THR S 66 75.19 36.78 137.74
CA ASN S 67 75.73 40.47 138.49
CA THR S 68 72.05 41.24 138.07
CA THR S 69 71.17 44.93 138.27
CA THR S 70 67.81 46.62 138.67
CA ASP S 71 66.86 50.28 138.88
CA SER S 72 63.79 52.46 138.51
CA ARG S 73 62.81 56.08 138.10
CA CYS S 74 59.56 57.74 139.10
CA PRO S 75 57.08 58.93 136.45
CA THR S 76 58.25 62.06 134.58
CA GLN S 77 61.68 61.87 136.29
CA GLY S 78 63.18 59.99 133.35
CA GLU S 79 63.95 56.57 131.91
CA PRO S 80 67.20 55.16 133.39
CA SER S 81 69.95 54.00 131.06
CA LEU S 82 72.94 51.97 132.25
CA ASN S 83 76.26 51.15 130.66
CA GLU S 84 75.49 47.54 131.57
CA GLU S 85 72.77 47.66 128.92
CA GLN S 86 75.15 48.66 126.12
CA ASP S 87 77.34 45.59 126.60
CA LYS S 88 75.42 42.81 124.85
CA ARG S 89 76.65 40.11 127.26
CA PHE S 90 73.66 40.85 129.53
CA VAL S 91 69.99 40.08 128.96
CA CYS S 92 67.98 43.23 129.67
CA LYS S 93 64.35 44.28 129.99
CA HIS S 94 62.47 47.54 130.49
CA SER S 95 59.22 47.74 132.42
CA MET S 96 56.58 49.93 134.05
CA VAL S 97 55.57 50.00 137.73
CA ASP S 98 53.26 52.17 139.80
CA ARG S 99 54.73 54.65 142.28
CA GLY S 100 52.97 57.06 144.61
CA TRP S 101 53.33 60.13 146.79
CA GLY S 102 53.17 58.03 149.95
CA ASN S 103 55.04 55.17 148.24
CA GLY S 104 58.51 56.63 148.67
CA CYS S 105 58.20 59.10 145.80
CA GLY S 106 56.41 62.23 144.65
CA LEU S 107 53.20 61.34 142.82
CA PHE S 108 50.88 58.59 141.59
CA GLY S 109 51.85 57.15 138.23
CA LYS S 110 53.75 54.58 136.22
CA GLY S 111 57.50 55.07 136.54
CA GLY S 112 60.03 53.18 134.48
CA ILE S 113 62.29 50.27 135.39
CA VAL S 114 65.35 48.73 133.76
CA THR S 115 66.58 45.37 135.01
CA CYS S 116 69.28 43.24 133.47
CA ALA S 117 71.90 40.66 134.24
CA MET S 118 74.77 38.59 132.90
CA PHE S 119 73.97 35.27 131.20
CA THR S 120 76.67 32.64 131.64
CA CYS S 121 75.91 29.05 130.67
CA LYS S 122 77.86 25.95 131.60
CA LYS S 123 76.36 22.84 130.00
CA ASN S 124 75.79 23.01 126.26
CA MET S 125 74.62 20.94 123.31
CA LYS S 126 76.52 20.39 120.11
CA GLY S 127 74.48 20.55 116.89
CA LYS S 128 76.29 19.76 113.65
CA VAL S 129 75.41 19.27 109.99
CA VAL S 130 77.10 16.61 107.85
CA GLN S 131 77.95 17.34 104.24
CA PRO S 132 78.33 14.61 101.60
CA GLU S 133 82.05 15.39 101.34
CA ASN S 134 82.86 14.80 105.01
CA LEU S 135 81.46 11.25 105.06
CA GLU S 136 83.63 8.13 105.20
CA TYR S 137 82.35 4.66 104.29
CA THR S 138 83.77 1.35 105.55
CA ILE S 139 83.64 -1.23 102.78
CA VAL S 140 84.87 -4.78 103.35
CA ILE S 141 85.87 -7.32 100.69
CA THR S 142 85.77 -11.07 101.33
CA PRO S 143 86.93 -14.01 99.18
CA HIS S 144 84.82 -17.09 98.52
CA SER S 145 87.51 -19.63 99.38
CA GLY S 146 85.52 -21.71 101.87
CA GLU S 147 87.96 -21.25 104.74
CA GLU S 148 86.59 -22.08 108.18
CA HIS S 149 86.74 -18.50 109.45
CA ALA S 150 85.54 -17.40 105.98
CA VAL S 151 81.89 -18.33 106.65
CA GLY S 152 79.46 -16.19 108.62
CA ASN S 153 82.26 -14.57 110.64
CA ASP S 154 82.27 -10.91 111.61
CA THR S 155 85.95 -10.75 112.67
CA GLY S 156 87.72 -13.13 110.30
CA LYS S 157 91.21 -12.50 109.01
CA HIS S 158 90.08 -13.43 105.48
CA GLY S 159 88.23 -10.15 104.97
CA LYS S 160 89.91 -6.84 104.22
CA GLU S 161 88.35 -3.56 105.31
CA ILE S 162 88.93 -0.27 103.47
CA LYS S 163 87.62 3.26 103.98
CA ILE S 164 86.26 5.39 101.13
CA THR S 165 86.25 9.21 101.06
CA PRO S 166 85.89 11.57 98.06
CA GLN S 167 89.19 13.32 98.84
CA SER S 168 91.02 10.11 97.84
CA SER S 169 88.80 8.64 95.12
CA ILE S 170 91.26 6.58 93.06
CA THR S 171 92.64 4.18 95.69
CA GLU S 172 94.08 0.67 95.50
CA ALA S 173 93.21 -2.08 97.97
CA GLU S 174 94.90 -5.47 98.29
CA LEU S 175 93.35 -8.91 98.77
CA THR S 176 95.58 -11.76 99.90
CA GLY S 177 96.71 -13.98 97.04
CA TYR S 178 94.36 -12.50 94.46
CA GLY S 179 96.12 -9.13 94.36
CA THR S 180 95.16 -5.55 93.60
CA VAL S 181 91.61 -4.20 93.24
CA THR S 182 90.57 -0.59 92.69
CA MET S 183 88.45 1.63 94.95
CA GLU S 184 86.73 4.55 93.19
CA CYS S 185 83.27 6.08 93.72
CA SER S 186 81.13 9.04 94.73
CA PRO S 187 78.12 7.55 96.61
CA ARG S 188 76.05 10.75 96.48
CA THR S 189 73.13 9.17 94.55
CA GLY S 190 71.30 8.64 97.87
CA LEU S 191 68.79 10.68 99.82
CA ASP S 192 69.33 14.40 100.29
CA PHE S 193 71.51 15.25 103.29
CA ASN S 194 70.77 18.97 103.78
CA GLU S 195 67.47 18.14 105.50
CA MET S 196 69.06 16.50 108.59
CA VAL S 197 71.21 17.68 111.49
CA LEU S 198 72.71 15.68 114.37
CA LEU S 199 72.65 16.77 118.01
CA GLN S 200 75.04 15.31 120.54
CA MET S 201 75.13 15.60 124.32
CA GLU S 202 78.19 14.18 126.11
CA ASN S 203 77.80 10.79 124.44
CA LYS S 204 74.26 10.31 123.13
CA ALA S 205 73.19 11.75 119.80
CA TRP S 206 69.96 12.36 117.91
CA LEU S 207 69.12 12.80 114.25
CA VAL S 208 66.59 15.59 113.67
CA HIS S 209 65.42 18.08 111.05
CA ARG S 210 67.20 21.36 110.42
CA GLN S 211 64.17 23.60 110.91
CA TRP S 212 63.32 21.74 114.12
CA PHE S 213 66.96 22.05 115.19
CA LEU S 214 66.65 25.82 114.81
CA ASP S 215 63.11 26.11 116.22
CA LEU S 216 63.90 25.03 119.79
CA PRO S 217 63.63 28.35 121.70
CA LEU S 218 66.94 28.56 123.55
CA PRO S 219 70.14 30.65 123.31
CA TRP S 220 72.12 30.53 120.06
CA LEU S 221 75.69 30.86 118.81
CA PRO S 222 76.71 31.03 115.13
CA GLY S 223 79.04 28.29 113.96
CA ALA S 224 82.16 30.42 113.97
CA ASP S 225 80.97 31.94 117.26
CA THR S 226 82.97 30.63 120.22
CA GLN S 227 83.42 33.65 122.50
CA GLY S 228 80.08 33.51 124.30
CA SER S 229 79.59 37.26 124.00
CA ASN S 230 76.75 37.11 121.47
CA TRP S 231 73.47 35.44 122.42
CA ILE S 232 70.17 35.39 120.54
CA GLN S 233 66.74 34.88 122.10
CA LYS S 234 68.47 34.81 125.48
CA GLU S 235 65.27 35.93 127.21
CA THR S 236 63.61 32.52 127.56
CA LEU S 237 66.15 30.98 129.94
CA VAL S 238 65.86 34.07 132.18
CA THR S 239 62.32 34.53 133.47
CA PHE S 240 61.52 37.96 134.86
CA LYS S 241 58.95 37.67 137.64
CA ASN S 242 56.12 40.17 137.74
CA PRO S 243 57.04 43.87 137.95
CA HIS S 244 57.21 44.77 141.60
CA ALA S 245 58.21 48.04 143.29
CA LYS S 246 61.85 48.79 142.39
CA LYS S 247 62.65 45.09 141.97
CA GLN S 248 62.52 42.57 139.18
CA ASP S 249 63.41 39.31 140.90
CA VAL S 250 65.25 37.51 138.11
CA VAL S 251 64.55 33.77 138.10
CA VAL S 252 67.01 31.47 136.36
CA LEU S 253 65.22 28.78 134.41
CA GLY S 254 66.29 25.29 135.36
CA SER S 255 68.41 23.01 133.22
CA GLN S 256 66.25 21.64 130.44
CA GLU S 257 68.61 18.69 130.00
CA GLY S 258 66.06 16.44 131.65
CA ALA S 259 63.40 17.98 129.44
CA MET S 260 65.51 17.30 126.35
CA HIS S 261 65.95 13.68 127.39
CA THR S 262 62.17 13.55 127.81
CA ALA S 263 61.47 15.07 124.38
CA LEU S 264 64.23 13.87 122.05
CA THR S 265 63.59 10.29 123.17
CA GLY S 266 61.31 8.74 120.59
CA ALA S 267 63.25 10.39 117.80
CA THR S 268 66.08 8.69 115.89
CA GLU S 269 68.71 7.75 118.47
CA ILE S 270 72.42 7.47 117.63
CA GLN S 271 75.53 6.41 119.53
CA MET S 272 78.83 7.87 118.33
CA SER S 273 80.71 4.65 119.14
CA SER S 274 78.95 2.83 116.29
CA GLY S 275 79.32 5.81 113.95
CA ASN S 276 76.41 7.55 112.24
CA LEU S 277 73.75 5.11 111.01
CA LEU S 278 72.82 7.04 107.86
CA PHE S 279 71.49 3.88 106.26
CA THR S 280 69.17 6.03 104.14
CA GLY S 281 70.53 6.56 100.65
CA HIS S 282 71.89 4.03 98.18
CA LEU S 283 75.65 3.89 97.61
CA LYS S 284 76.52 3.43 93.94
CA CYS S 285 80.19 2.59 93.47
CA ARG S 286 82.60 1.77 90.66
CA LEU S 287 85.20 -0.92 91.29
CA ARG S 288 87.65 -2.20 88.67
CA MET S 289 88.63 -5.88 88.54
CA ASP S 290 91.14 -6.03 85.68
CA LYS S 291 94.16 -6.40 87.99
CA LEU S 292 93.04 -9.74 89.53
CA GLN S 293 93.57 -13.28 88.27
CA LEU S 294 92.85 -16.79 89.54
CA LYS S 295 95.03 -17.71 92.52
CA GLY S 296 95.65 -21.41 93.02
CA MET S 297 94.63 -22.36 89.46
CA SER S 298 98.08 -23.85 88.85
CA TYR S 299 97.37 -26.49 91.51
CA SER S 300 96.43 -29.79 89.90
CA MET S 301 93.16 -31.59 90.49
CA CYS S 302 93.41 -34.39 93.05
CA THR S 303 91.76 -37.74 92.42
CA GLY S 304 91.43 -38.80 96.05
CA LYS S 305 88.18 -39.17 97.99
CA PHE S 306 85.77 -36.52 99.28
CA LYS S 307 83.73 -36.48 102.48
CA VAL S 308 80.91 -34.27 103.78
CA VAL S 309 81.02 -32.86 107.31
CA LYS S 310 77.84 -30.78 107.66
CA GLU S 311 74.55 -31.61 106.01
CA ILE S 312 73.10 -29.60 103.13
CA ALA S 313 72.36 -26.27 104.81
CA GLU S 314 69.71 -23.91 103.45
CA THR S 315 70.02 -20.13 103.24
CA GLN S 316 67.32 -17.51 102.57
CA HIS S 317 68.16 -17.29 98.84
CA GLY S 318 67.97 -20.82 97.42
CA THR S 319 71.65 -21.65 97.84
CA ILE S 320 73.39 -24.67 99.35
CA VAL S 321 76.47 -24.97 101.56
CA ILE S 322 78.65 -28.09 101.56
CA ARG S 323 81.60 -28.67 103.89
CA VAL S 324 83.64 -31.01 101.72
CA GLN S 325 86.42 -32.83 103.57
CA TYR S 326 89.33 -34.58 101.84
CA GLU S 327 90.37 -37.75 103.65
CA GLY S 328 92.70 -38.72 100.80
CA ASP S 329 96.18 -37.35 100.05
CA GLY S 330 97.66 -34.88 97.57
CA SER S 331 96.60 -31.56 99.06
CA PRO S 332 96.38 -28.76 98.06
CA CYS S 333 94.30 -29.42 94.91
CA LYS S 334 91.82 -27.90 92.48
CA ILE S 335 88.36 -28.99 93.63
CA PRO S 336 86.29 -30.95 91.09
CA PHE S 337 82.75 -29.67 91.74
CA GLU S 338 80.06 -30.36 89.16
CA ILE S 339 76.32 -30.63 88.59
CA MET S 340 74.22 -33.13 86.70
CA ASP S 341 70.54 -33.52 85.93
CA LEU S 342 68.37 -36.62 86.21
CA GLU S 343 69.76 -37.97 82.93
CA LYS S 344 73.30 -37.56 84.34
CA ARG S 345 74.23 -35.69 81.15
CA HIS S 346 73.97 -31.89 81.31
CA VAL S 347 75.72 -29.31 83.50
CA LEU S 348 72.74 -27.10 84.40
CA GLY S 349 73.31 -25.86 87.96
CA ARG S 350 75.11 -22.60 88.70
CA LEU S 351 78.24 -22.63 90.86
CA ILE S 352 79.33 -19.82 93.19
CA THR S 353 83.00 -20.43 93.96
CA VAL S 354 85.04 -21.17 90.86
CA ASN S 355 88.06 -23.51 91.17
CA PRO S 356 87.86 -24.06 94.95
CA ILE S 357 91.04 -25.36 96.55
CA VAL S 358 91.91 -27.14 99.78
CA THR S 359 94.46 -25.49 102.05
CA GLU S 360 95.34 -28.79 103.72
CA LYS S 361 93.88 -32.23 104.24
CA ASP S 362 91.47 -32.60 107.18
CA SER S 363 90.53 -28.90 106.71
CA PRO S 364 87.25 -28.96 104.74
CA VAL S 365 86.19 -26.30 102.26
CA ASN S 366 82.80 -24.59 102.30
CA ILE S 367 81.71 -24.98 98.70
CA GLU S 368 78.66 -22.89 97.82
CA ALA S 369 76.24 -23.69 94.99
CA GLU S 370 72.98 -22.51 93.44
CA PRO S 371 71.18 -25.29 91.56
CA PRO S 372 67.78 -24.57 90.01
CA PHE S 373 64.64 -25.19 92.04
CA GLY S 374 64.13 -28.88 91.42
CA ASP S 375 65.85 -32.25 91.57
CA SER S 376 69.53 -32.53 90.64
CA TYR S 377 72.74 -34.29 91.62
CA ILE S 378 75.61 -32.34 93.15
CA ILE S 379 78.54 -34.47 91.99
CA ILE S 380 81.40 -34.15 94.45
CA GLY S 381 84.61 -35.80 93.32
CA VAL S 382 85.11 -37.97 90.26
CA GLU S 383 84.60 -41.67 89.73
CA PRO S 384 85.53 -44.21 91.01
CA GLY S 385 84.02 -43.39 94.39
CA GLN S 386 82.22 -40.26 93.18
CA LEU S 387 79.44 -38.79 95.34
CA LYS S 388 76.30 -37.87 93.38
CA LEU S 389 74.50 -36.29 96.30
CA ASN S 390 70.86 -35.92 95.30
CA TRP S 391 69.20 -32.62 96.12
CA PHE S 392 65.63 -31.37 95.70
CA LYS S 393 65.45 -27.57 95.83
CA LYS S 394 62.06 -26.01 96.51
CA GLY S 395 60.56 -23.16 94.50
CA SER S 396 59.51 -22.37 90.96
CA SER S 397 61.98 -21.53 88.20
CA ILE S 398 59.62 -18.75 87.14
CA GLY S 399 59.82 -17.68 90.79
CA GLN S 400 63.50 -16.81 90.62
CA MET S 401 62.95 -15.61 87.05
CA ILE S 402 60.52 -12.87 88.09
CA GLU S 403 62.33 -12.16 91.36
CA THR S 404 65.82 -11.66 89.92
CA THR S 405 64.58 -9.82 86.83
CA MET S 406 62.47 -7.45 88.94
CA ARG S 407 65.26 -6.86 91.46
CA GLY S 408 67.79 -6.06 88.74
CA ALA S 409 65.23 -3.85 87.01
CA LYS S 410 64.60 -1.80 90.17
CA ARG S 411 68.35 -1.74 90.83
CA MET S 412 68.98 -0.19 87.41
CA ALA S 413 65.84 1.99 87.73
CA ILE S 414 66.79 3.76 90.95
CA LEU S 415 70.14 3.98 89.17
CA GLY S 416 68.30 4.96 86.00
CA ASP S 417 67.93 8.46 84.59
CA THR S 418 71.15 10.51 84.86
CA ALA S 419 72.92 7.42 86.30
CA TRP S 420 73.76 4.87 83.58
CA ASP S 421 76.28 6.10 81.04
CA PHE S 422 74.26 6.98 77.93
CA GLY S 423 76.19 10.05 76.74
CA SER S 424 79.36 8.25 75.64
CA LEU S 425 79.14 7.68 71.89
CA GLY S 426 80.39 4.22 70.97
CA GLY S 427 80.04 3.32 74.64
CA VAL S 428 76.28 3.55 74.12
CA PHE S 429 76.52 -0.05 72.92
CA THR S 430 78.37 -1.00 76.10
CA SER S 431 75.77 0.80 78.22
CA ILE S 432 72.89 -0.97 76.47
CA GLY S 433 74.69 -4.26 77.03
CA LYS S 434 75.18 -3.23 80.66
CA ALA S 435 71.46 -2.56 81.09
CA LEU S 436 70.56 -5.91 79.56
CA HIS S 437 73.27 -7.77 81.51
CA GLN S 438 72.17 -6.23 84.81
CA VAL S 439 68.50 -6.96 84.02
CA PHE S 440 68.37 -9.61 81.28
CA GLY S 441 71.80 -11.09 82.05
CA ALA S 442 70.39 -13.66 84.46
CA ILE S 443 68.30 -14.85 81.51
CA TYR S 444 71.48 -15.56 79.55
CA GLY S 445 73.31 -17.13 82.47
CA ALA S 446 70.92 -19.10 84.68
CA ALA S 447 68.18 -20.54 82.46
CA PHE S 448 69.99 -20.61 79.09
CA SER S 449 72.43 -23.53 79.22
CA GLY S 450 74.83 -22.31 81.96
CA VAL S 451 76.59 -21.59 79.59
CA SER S 452 79.39 -22.51 77.17
CA TRP S 453 79.12 -19.37 75.09
CA ILE S 454 80.15 -20.55 71.60
CA MET S 455 77.43 -23.18 71.24
CA LYS S 456 74.71 -20.91 72.60
CA ILE S 457 75.68 -18.02 70.32
CA LEU S 458 75.40 -20.50 67.45
CA ILE S 459 71.96 -21.41 68.80
CA GLY S 460 71.17 -17.72 69.15
CA VAL S 461 71.99 -16.88 65.55
CA ILE S 462 69.90 -19.92 64.58
CA ILE S 463 67.01 -18.49 66.60
CA THR S 464 67.49 -15.08 64.97
CA TRP S 465 67.31 -16.72 61.54
CA ILE S 466 64.15 -18.61 62.50
CA GLY S 467 62.51 -15.49 63.96
CA MET S 468 63.32 -13.35 60.93
CA ASN S 469 61.86 -15.93 58.52
CA SER S 470 58.78 -16.66 60.63
CA ARG S 471 55.10 -16.87 59.75
CA SER S 472 54.12 -14.09 62.19
CA THR S 473 55.64 -10.63 62.61
CA SER S 474 54.65 -10.47 66.28
CA LEU S 475 56.59 -13.67 66.93
CA SER S 476 59.41 -12.24 64.81
CA VAL S 477 59.66 -9.16 67.04
CA SER S 478 59.37 -11.38 70.13
CA LEU S 479 62.10 -13.83 69.04
CA VAL S 480 64.71 -11.86 67.08
CA LEU S 481 64.93 -9.39 69.99
CA VAL S 482 65.71 -12.25 72.37
CA GLY S 483 68.21 -13.65 69.88
CA VAL S 484 70.13 -10.42 69.37
CA VAL S 485 70.08 -9.85 73.14
CA THR S 486 71.54 -13.34 73.56
CA LEU S 487 74.30 -12.79 70.99
CA TYR S 488 75.35 -9.29 72.04
CA LEU S 489 75.06 -9.99 75.77
CA GLY S 490 77.11 -13.16 75.28
CA VAL S 491 79.81 -11.11 73.62
CA MET S 492 79.66 -8.79 76.64
CA VAL S 493 79.71 -11.76 79.03
CA GLN S 494 82.89 -13.00 77.35
CA ALA S 495 84.48 -9.69 78.37
CA MET T 1 -9.56 -19.42 129.87
CA ARG T 2 -6.87 -17.66 131.89
CA CYS T 3 -5.61 -14.91 129.57
CA ILE T 4 -8.73 -12.84 128.90
CA GLY T 5 -7.41 -9.32 129.43
CA ILE T 6 -3.69 -9.28 128.61
CA SER T 7 -2.65 -7.10 125.69
CA ASN T 8 -0.59 -9.70 123.79
CA ARG T 9 -3.36 -12.14 122.88
CA ASP T 10 -2.21 -14.63 120.24
CA PHE T 11 -3.97 -17.47 118.42
CA VAL T 12 -2.51 -20.57 116.78
CA GLU T 13 -5.26 -22.50 114.96
CA GLY T 14 -3.41 -25.27 113.13
CA VAL T 15 -2.25 -28.82 113.76
CA SER T 16 0.55 -30.94 112.33
CA GLY T 17 0.37 -34.31 110.62
CA GLY T 18 1.65 -36.02 113.76
CA SER T 19 -0.02 -33.40 115.99
CA TRP T 20 3.45 -31.97 116.74
CA VAL T 21 2.23 -28.45 117.40
CA ASP T 22 4.78 -25.67 117.88
CA ILE T 23 4.35 -22.49 119.96
CA VAL T 24 6.43 -19.54 121.09
CA LEU T 25 6.12 -18.19 124.64
CA GLU T 26 7.26 -14.77 125.87
CA HIS T 27 6.76 -12.73 129.03
CA GLY T 28 3.15 -11.60 129.16
CA SER T 29 2.35 -13.03 125.72
CA CYS T 30 -0.04 -15.90 126.31
CA VAL T 31 -1.12 -18.32 123.60
CA THR T 32 -4.39 -20.12 122.88
CA THR T 33 -4.27 -23.58 121.31
CA MET T 34 -7.13 -24.64 119.05
CA ALA T 35 -7.78 -28.09 117.60
CA LYS T 36 -10.41 -30.28 115.98
CA ASN T 37 -12.26 -32.66 118.32
CA LYS T 38 -9.54 -32.07 120.94
CA PRO T 39 -9.85 -29.80 123.99
CA THR T 40 -8.55 -26.27 123.53
CA LEU T 41 -5.88 -24.89 125.81
CA ASP T 42 -4.21 -21.74 127.10
CA PHE T 43 -0.44 -21.61 127.59
CA GLU T 44 1.69 -19.01 129.30
CA LEU T 45 5.01 -18.60 131.07
CA ILE T 46 4.10 -17.16 134.45
CA LYS T 47 7.50 -16.67 136.06
CA THR T 48 11.08 -17.00 134.85
CA GLU T 49 13.61 -18.32 137.35
CA ALA T 50 17.38 -18.81 137.25
CA LYS T 51 18.32 -21.27 139.99
CA GLN T 52 21.76 -22.67 140.79
CA PRO T 53 23.73 -19.62 139.61
CA ALA T 54 27.38 -19.83 138.65
CA THR T 55 29.67 -17.55 140.65
CA LEU T 56 31.47 -15.95 137.71
CA ARG T 57 33.71 -13.45 139.52
CA LYS T 58 33.87 -11.29 142.65
CA TYR T 59 34.87 -7.69 143.33
CA CYS T 60 36.28 -6.22 146.54
CA ILE T 61 34.24 -3.03 146.65
CA GLU T 62 36.12 -1.58 149.63
CA ALA T 63 39.69 -2.05 150.76
CA LYS T 64 41.83 -2.27 153.89
CA LEU T 65 45.59 -1.72 153.88
CA THR T 66 47.64 -3.36 156.64
CA ASN T 67 51.14 -4.53 157.49
CA THR T 68 52.58 -2.05 154.98
CA THR T 69 56.31 -2.67 155.06
CA THR T 70 58.83 -0.92 152.82
CA ASP T 71 62.58 -0.85 152.23
CA SER T 72 65.18 0.69 149.95
CA ARG T 73 68.78 0.28 148.82
CA CYS T 74 71.45 2.73 147.76
CA PRO T 75 72.18 3.01 144.02
CA THR T 76 73.88 0.01 142.35
CA GLN T 77 72.87 -2.36 145.19
CA GLY T 78 69.81 -3.63 143.28
CA GLU T 79 66.25 -3.84 144.47
CA PRO T 80 65.79 -4.98 148.10
CA SER T 81 64.38 -8.48 148.48
CA LEU T 82 61.85 -8.97 151.28
CA ASN T 83 59.58 -12.02 151.68
CA GLU T 84 56.29 -10.22 150.94
CA GLU T 85 57.02 -9.83 147.22
CA GLN T 86 56.68 -13.54 146.45
CA ASP T 87 53.52 -13.86 148.57
CA LYS T 88 50.50 -12.58 146.66
CA ARG T 89 48.76 -11.87 149.98
CA PHE T 90 50.63 -8.55 149.88
CA VAL T 91 50.20 -6.22 146.93
CA CYS T 92 53.36 -4.33 146.16
CA LYS T 93 55.62 -2.48 143.76
CA HIS T 94 59.18 -1.19 143.38
CA SER T 95 60.44 2.20 142.20
CA MET T 96 63.54 4.41 142.41
CA VAL T 97 64.55 7.77 143.90
CA ASP T 98 67.67 9.91 143.96
CA ARG T 99 69.81 9.13 147.01
CA GLY T 100 73.47 9.70 147.72
CA TRP T 101 76.06 11.46 149.87
CA GLY T 102 73.39 13.84 151.16
CA ASN T 103 71.11 11.24 152.79
CA GLY T 104 73.45 8.43 153.84
CA CYS T 105 74.35 6.68 150.57
CA GLY T 106 77.59 7.14 148.63
CA LEU T 107 76.77 9.11 145.48
CA PHE T 108 73.69 10.81 144.07
CA GLY T 109 71.90 8.26 141.91
CA LYS T 110 68.61 6.49 141.37
CA GLY T 111 68.55 3.86 144.09
CA GLY T 112 65.77 1.33 144.41
CA ILE T 113 62.82 1.06 146.77
CA VAL T 114 60.32 -1.75 147.35
CA THR T 115 56.95 -0.89 148.89
CA CYS T 116 54.61 -3.70 149.97
CA ALA T 117 51.42 -4.05 151.98
CA MET T 118 48.73 -6.57 152.89
CA PHE T 119 45.46 -5.96 151.03
CA THR T 120 42.51 -7.09 153.16
CA CYS T 121 39.08 -7.34 151.51
CA LYS T 122 36.37 -6.17 153.91
CA LYS T 123 33.29 -6.47 151.68
CA ASN T 124 32.24 -8.40 148.60
CA MET T 125 30.37 -7.51 145.42
CA LYS T 126 28.88 -10.64 143.91
CA GLY T 127 28.49 -11.43 140.21
CA LYS T 128 26.04 -14.01 138.87
CA VAL T 129 26.06 -15.30 135.29
CA VAL T 130 23.01 -17.13 133.95
CA GLN T 131 23.67 -19.96 131.51
CA PRO T 132 20.98 -21.27 129.14
CA GLU T 133 20.68 -24.60 130.95
CA ASN T 134 20.04 -22.89 134.31
CA LEU T 135 16.74 -21.27 133.31
CA GLU T 136 13.89 -22.86 135.29
CA TYR T 137 10.82 -21.87 133.26
CA THR T 138 7.54 -21.89 135.19
CA ILE T 139 4.74 -22.56 132.70
CA VAL T 140 1.02 -22.37 133.48
CA ILE T 141 -1.31 -24.55 131.39
CA THR T 142 -5.08 -23.99 131.70
CA PRO T 143 -7.90 -25.61 129.68
CA HIS T 144 -10.95 -23.81 128.28
CA SER T 145 -13.10 -26.17 130.28
CA GLY T 146 -15.60 -23.84 131.95
CA GLU T 147 -13.84 -22.70 135.12
CA GLU T 148 -14.53 -19.24 136.50
CA HIS T 149 -11.74 -18.22 138.90
CA ALA T 150 -9.02 -17.71 136.26
CA VAL T 151 -10.39 -14.88 134.10
CA GLY T 152 -8.14 -11.90 134.69
CA ASN T 153 -6.24 -13.82 137.38
CA ASP T 154 -2.69 -14.90 138.23
CA THR T 155 -3.06 -17.66 140.84
CA GLY T 156 -6.34 -19.09 139.48
CA LYS T 157 -5.71 -22.83 139.53
CA HIS T 158 -7.80 -25.27 137.55
CA GLY T 159 -4.95 -26.38 135.31
CA LYS T 160 -1.33 -27.06 136.24
CA GLU T 161 1.93 -25.17 136.76
CA ILE T 162 5.09 -27.00 135.72
CA LYS T 163 8.74 -26.05 136.23
CA ILE T 164 10.60 -26.91 133.03
CA THR T 165 14.31 -27.65 133.50
CA PRO T 166 16.13 -27.72 130.13
CA GLN T 167 18.21 -30.71 131.26
CA SER T 168 14.84 -32.53 131.30
CA SER T 169 13.43 -31.98 127.81
CA ILE T 170 10.44 -34.35 127.88
CA THR T 171 7.99 -33.83 130.73
CA GLU T 172 4.46 -35.05 131.44
CA ALA T 173 2.09 -32.40 132.82
CA GLU T 174 -1.03 -34.30 133.95
CA LEU T 175 -3.90 -31.90 133.29
CA THR T 176 -6.83 -32.83 135.52
CA GLY T 177 -9.73 -34.61 133.85
CA TYR T 178 -8.13 -34.39 130.39
CA GLY T 179 -4.97 -36.48 130.79
CA THR T 180 -1.55 -35.06 129.96
CA VAL T 181 0.35 -33.19 127.24
CA THR T 182 3.95 -34.00 126.42
CA MET T 183 6.24 -31.05 127.12
CA GLU T 184 9.20 -30.75 124.75
CA CYS T 185 9.90 -27.06 125.18
CA SER T 186 13.42 -25.65 124.95
CA PRO T 187 14.78 -22.17 125.71
CA ARG T 188 17.95 -23.09 123.80
CA THR T 189 16.52 -21.90 120.49
CA GLY T 190 15.46 -18.61 122.08
CA LEU T 191 17.73 -15.62 122.52
CA ASP T 192 21.15 -16.47 123.92
CA PHE T 193 21.58 -15.59 127.59
CA ASN T 194 25.31 -15.14 127.08
CA GLU T 195 25.70 -11.42 127.89
CA MET T 196 23.35 -10.95 130.87
CA VAL T 197 24.88 -10.66 134.34
CA LEU T 198 23.46 -9.89 137.79
CA LEU T 199 25.28 -7.64 140.24
CA GLN T 200 24.32 -8.61 143.80
CA MET T 201 24.90 -6.44 146.88
CA GLU T 202 23.66 -7.61 150.28
CA ASN T 203 20.10 -8.46 149.17
CA LYS T 204 19.44 -6.10 146.24
CA ALA T 205 20.65 -6.51 142.69
CA TRP T 206 20.84 -5.11 139.18
CA LEU T 207 21.16 -6.51 135.67
CA VAL T 208 24.03 -5.42 133.43
CA HIS T 209 26.04 -6.64 130.45
CA ARG T 210 28.95 -9.08 130.71
CA GLN T 211 31.58 -7.02 128.89
CA TRP T 212 30.72 -4.04 131.09
CA PHE T 213 30.73 -6.28 134.15
CA LEU T 214 34.31 -7.36 133.49
CA ASP T 215 35.62 -4.04 132.12
CA LEU T 216 35.31 -2.43 135.56
CA PRO T 217 38.76 -1.30 136.83
CA LEU T 218 38.18 -2.72 140.29
CA PRO T 219 39.73 -5.52 142.36
CA TRP T 220 39.39 -8.73 140.41
CA LEU T 221 39.03 -12.10 142.18
CA PRO T 222 38.06 -15.40 140.50
CA GLY T 223 35.08 -17.55 141.39
CA ALA T 224 37.06 -20.70 142.19
CA ASP T 225 39.23 -19.18 144.90
CA THR T 226 37.89 -18.59 148.42
CA GLN T 227 40.67 -17.03 150.51
CA GLY T 228 41.18 -14.09 148.14
CA SER T 229 44.97 -14.13 148.44
CA ASN T 230 45.31 -15.02 144.75
CA TRP T 231 44.45 -11.42 143.98
CA ILE T 232 44.41 -9.84 140.51
CA GLN T 233 44.20 -6.26 139.21
CA LYS T 234 46.32 -4.95 142.00
CA GLU T 235 46.61 -1.21 141.34
CA THR T 236 42.88 -0.39 141.16
CA LEU T 237 42.60 0.87 144.76
CA VAL T 238 46.13 1.07 146.15
CA THR T 239 47.30 4.40 144.73
CA PHE T 240 50.90 4.92 145.80
CA LYS T 241 52.10 8.53 145.59
CA ASN T 242 55.44 9.62 144.18
CA PRO T 243 57.98 8.11 146.60
CA HIS T 244 60.08 10.69 148.40
CA ALA T 245 63.12 8.88 149.82
CA LYS T 246 61.39 5.73 151.16
CA LYS T 247 57.86 6.38 152.42
CA GLN T 248 55.00 7.03 150.04
CA ASP T 249 51.48 7.87 151.13
CA VAL T 250 50.06 4.45 150.32
CA VAL T 251 46.30 4.65 150.80
CA VAL T 252 43.39 2.67 149.42
CA LEU T 253 40.69 4.78 147.82
CA GLY T 254 37.52 5.28 149.79
CA SER T 255 34.71 2.76 149.60
CA GLN T 256 33.36 2.61 146.07
CA GLU T 257 29.91 1.52 147.28
CA GLY T 258 28.43 5.00 146.98
CA ALA T 259 30.18 5.85 143.72
CA MET T 260 29.37 2.60 141.94
CA HIS T 261 25.82 2.68 143.29
CA THR T 262 25.39 6.16 141.82
CA ALA T 263 26.88 5.07 138.50
CA LEU T 264 24.86 1.85 138.29
CA THR T 265 21.70 3.87 138.95
CA GLY T 266 19.47 3.93 135.89
CA ALA T 267 20.29 0.35 134.94
CA THR T 268 17.75 -2.48 135.17
CA GLU T 269 17.13 -2.95 138.88
CA ILE T 270 16.01 -6.51 139.68
CA GLN T 271 14.09 -7.42 142.82
CA MET T 272 15.97 -10.72 142.88
CA SER T 273 14.67 -11.63 146.34
CA SER T 274 11.44 -13.07 144.87
CA GLY T 275 13.45 -15.00 142.26
CA ASN T 276 15.39 -14.18 139.10
CA LEU T 277 12.49 -12.60 137.20
CA LEU T 278 14.16 -12.29 133.82
CA PHE T 279 11.89 -10.30 131.51
CA THR T 280 13.24 -11.72 128.22
CA GLY T 281 13.80 -15.01 126.45
CA HIS T 282 11.82 -16.96 123.87
CA LEU T 283 10.59 -20.42 124.80
CA LYS T 284 10.16 -22.68 121.76
CA CYS T 285 7.58 -25.28 122.73
CA ARG T 286 6.88 -28.45 120.72
CA LEU T 287 4.00 -30.61 121.92
CA ARG T 288 2.33 -33.91 121.11
CA MET T 289 -1.26 -33.16 122.14
CA ASP T 290 -2.62 -36.51 120.89
CA LYS T 291 -2.24 -37.98 124.38
CA LEU T 292 -4.50 -35.17 125.60
CA GLN T 293 -8.21 -35.85 125.34
CA LEU T 294 -11.50 -34.21 126.30
CA LYS T 295 -13.55 -36.32 128.71
CA GLY T 296 -16.41 -33.86 128.25
CA MET T 297 -16.62 -33.87 124.46
CA SER T 298 -19.06 -36.70 123.73
CA TYR T 299 -21.73 -36.08 126.38
CA SER T 300 -25.34 -35.90 125.23
CA MET T 301 -26.69 -32.80 123.52
CA CYS T 302 -28.23 -30.78 126.31
CA THR T 303 -31.98 -30.28 126.34
CA GLY T 304 -33.28 -28.24 129.27
CA LYS T 305 -33.88 -24.52 129.54
CA PHE T 306 -30.80 -22.32 129.64
CA LYS T 307 -30.43 -18.72 130.85
CA VAL T 308 -27.77 -16.00 131.05
CA VAL T 309 -26.62 -14.42 134.33
CA LYS T 310 -24.13 -11.71 133.37
CA GLU T 311 -24.05 -9.77 130.11
CA ILE T 312 -21.10 -9.35 127.77
CA ALA T 313 -18.16 -7.09 128.42
CA GLU T 314 -15.56 -6.66 125.69
CA THR T 315 -12.06 -8.09 125.91
CA GLN T 316 -8.76 -6.68 124.66
CA HIS T 317 -8.70 -8.86 121.55
CA GLY T 318 -12.47 -8.54 121.26
CA THR T 319 -13.80 -12.00 122.09
CA ILE T 320 -17.22 -13.01 123.36
CA VAL T 321 -17.05 -14.30 126.93
CA ILE T 322 -20.39 -15.16 128.53
CA ARG T 323 -21.17 -16.51 131.98
CA VAL T 324 -24.30 -18.62 131.50
CA GLN T 325 -26.43 -20.64 133.93
CA TYR T 326 -28.49 -23.77 133.30
CA GLU T 327 -31.82 -23.91 135.11
CA GLY T 328 -32.92 -27.11 133.38
CA ASP T 329 -31.90 -30.72 134.03
CA GLY T 330 -29.89 -33.56 132.56
CA SER T 331 -26.45 -32.46 133.71
CA PRO T 332 -23.83 -33.39 132.53
CA CYS T 333 -24.84 -32.42 128.98
CA LYS T 334 -23.29 -31.02 125.80
CA ILE T 335 -24.66 -27.49 125.38
CA PRO T 336 -25.65 -26.22 121.90
CA PHE T 337 -23.86 -23.02 120.94
CA GLU T 338 -23.77 -21.52 117.45
CA ILE T 339 -23.13 -18.09 115.91
CA MET T 340 -25.73 -17.74 113.16
CA ASP T 341 -26.53 -15.00 110.72
CA LEU T 342 -29.50 -12.80 111.56
CA GLU T 343 -31.61 -14.94 109.16
CA LYS T 344 -30.45 -18.22 110.76
CA ARG T 345 -29.23 -19.65 107.42
CA HIS T 346 -25.41 -19.80 107.44
CA VAL T 347 -22.78 -19.71 110.20
CA LEU T 348 -20.33 -16.80 110.50
CA GLY T 349 -18.15 -16.99 113.59
CA ARG T 350 -15.98 -19.45 115.48
CA LEU T 351 -16.12 -20.75 119.05
CA ILE T 352 -12.96 -21.38 121.09
CA THR T 353 -14.27 -23.75 123.74
CA VAL T 354 -14.87 -26.79 121.57
CA ASN T 355 -17.92 -28.70 122.81
CA PRO T 356 -18.63 -26.62 125.92
CA ILE T 357 -19.77 -28.72 128.86
CA VAL T 358 -22.00 -28.19 131.89
CA THR T 359 -21.25 -30.95 134.43
CA GLU T 360 -22.63 -29.15 137.48
CA LYS T 361 -26.02 -27.78 138.48
CA ASP T 362 -26.39 -24.14 139.48
CA SER T 363 -22.93 -22.94 138.48
CA PRO T 364 -21.62 -20.24 136.14
CA VAL T 365 -20.34 -21.54 132.82
CA ASN T 366 -17.82 -19.57 130.76
CA ILE T 367 -18.40 -19.73 127.00
CA GLU T 368 -15.83 -18.23 124.64
CA ALA T 369 -16.23 -17.19 121.01
CA GLU T 370 -14.88 -14.80 118.37
CA PRO T 371 -17.31 -13.40 115.79
CA PRO T 372 -16.27 -11.39 112.75
CA PHE T 373 -16.88 -7.65 112.48
CA GLY T 374 -20.59 -7.49 111.77
CA ASP T 375 -24.02 -8.12 113.15
CA SER T 376 -24.53 -11.68 114.34
CA TYR T 377 -26.96 -13.76 116.37
CA ILE T 378 -25.53 -16.05 119.04
CA ILE T 379 -28.12 -18.85 119.07
CA ILE T 380 -28.16 -20.94 122.25
CA GLY T 381 -30.30 -23.92 123.16
CA VAL T 382 -33.18 -25.59 121.37
CA GLU T 383 -36.85 -24.68 121.37
CA PRO T 384 -38.65 -24.61 123.81
CA GLY T 385 -36.44 -22.01 125.48
CA GLN T 386 -34.47 -20.78 122.49
CA LEU T 387 -32.08 -17.94 123.29
CA LYS T 388 -31.09 -15.46 120.59
CA LEU T 389 -28.49 -12.80 121.39
CA ASN T 390 -27.77 -10.04 118.90
CA TRP T 391 -24.18 -8.86 118.85
CA PHE T 392 -21.94 -6.48 116.92
CA LYS T 393 -18.22 -5.69 117.08
CA LYS T 394 -16.19 -2.86 115.59
CA GLY T 395 -13.22 -2.99 113.24
CA SER T 396 -12.32 -3.78 109.64
CA SER T 397 -11.97 -7.34 108.39
CA ILE T 398 -8.81 -6.42 106.48
CA GLY T 399 -7.44 -5.11 109.76
CA GLN T 400 -7.67 -8.52 111.37
CA MET T 401 -6.40 -10.21 108.19
CA ILE T 402 -3.20 -8.15 108.06
CA GLU T 403 -2.76 -8.28 111.85
CA THR T 404 -3.09 -12.07 112.11
CA THR T 405 -1.04 -12.74 108.98
CA MET T 406 1.84 -10.51 110.04
CA ARG T 407 1.73 -11.85 113.59
CA GLY T 408 1.92 -15.42 112.31
CA ALA T 409 4.69 -14.45 109.91
CA LYS T 410 6.77 -13.02 112.74
CA ARG T 411 5.93 -16.07 114.85
CA MET T 412 7.20 -18.41 112.15
CA ALA T 413 10.26 -16.23 111.51
CA ILE T 414 11.31 -16.47 115.16
CA LEU T 415 10.06 -20.09 115.19
CA GLY T 416 12.14 -20.62 112.07
CA ASP T 417 15.60 -22.00 111.40
CA THR T 418 16.30 -25.18 113.40
CA ALA T 419 12.66 -25.05 114.60
CA TRP T 420 10.21 -26.14 111.89
CA ASP T 421 10.61 -29.76 110.85
CA PHE T 422 12.72 -29.86 107.69
CA GLY T 423 14.96 -32.82 108.55
CA SER T 424 12.14 -35.25 109.35
CA LEU T 425 11.35 -37.25 106.22
CA GLY T 426 7.71 -38.08 105.54
CA GLY T 427 6.50 -35.15 107.62
CA VAL T 428 8.11 -32.67 105.23
CA PHE T 429 4.84 -32.14 103.38
CA THR T 430 3.10 -31.85 106.77
CA SER T 431 5.72 -29.37 107.98
CA ILE T 432 5.35 -27.10 104.95
CA GLY T 433 1.58 -27.40 105.36
CA LYS T 434 1.96 -26.21 108.94
CA ALA T 435 4.16 -23.31 107.83
CA LEU T 436 1.84 -22.25 105.01
CA HIS T 437 -0.97 -22.40 107.56
CA GLN T 438 0.86 -20.21 110.07
CA VAL T 439 1.30 -17.55 107.33
CA PHE T 440 -1.70 -17.74 104.96
CA GLY T 441 -4.34 -19.55 107.02
CA ALA T 442 -6.09 -16.38 108.07
CA ILE T 443 -6.65 -15.63 104.39
CA TYR T 444 -7.62 -19.23 103.67
CA GLY T 445 -10.14 -19.69 106.47
CA ALA T 446 -11.57 -16.17 106.69
CA ALA T 447 -11.41 -14.52 103.27
CA PHE T 448 -12.01 -17.66 101.18
CA SER T 449 -15.56 -18.65 102.14
CA GLY T 450 -15.04 -20.00 105.68
CA VAL T 451 -15.07 -22.68 104.25
CA SER T 452 -16.90 -25.71 102.83
CA TRP T 453 -13.71 -27.58 101.98
CA ILE T 454 -14.95 -29.84 99.17
CA MET T 455 -16.32 -27.11 96.92
CA LYS T 456 -13.43 -24.75 97.58
CA ILE T 457 -10.87 -27.40 96.63
CA LEU T 458 -12.91 -27.92 93.47
CA ILE T 459 -12.53 -24.18 92.85
CA GLY T 460 -8.86 -24.56 93.72
CA VAL T 461 -8.24 -27.18 91.06
CA ILE T 462 -10.24 -25.00 88.66
CA ILE T 463 -7.92 -22.02 89.29
CA THR T 464 -4.89 -24.31 88.95
CA TRP T 465 -6.16 -25.57 85.60
CA ILE T 466 -6.78 -22.03 84.38
CA GLY T 467 -3.35 -20.95 85.62
CA MET T 468 -1.40 -23.73 83.92
CA ASN T 469 -3.20 -23.09 80.60
CA SER T 470 -2.90 -19.31 80.88
CA ARG T 471 -1.90 -16.71 78.31
CA SER T 472 1.09 -15.65 80.45
CA THR T 473 3.68 -17.63 82.38
CA SER T 474 4.00 -14.98 85.10
CA LEU T 475 0.27 -15.28 85.82
CA SER T 476 0.61 -19.08 85.61
CA VAL T 477 3.24 -19.05 88.35
CA SER T 478 1.31 -16.48 90.39
CA LEU T 479 -1.96 -18.43 90.25
CA VAL T 480 -1.00 -22.12 90.37
CA LEU T 481 1.04 -21.45 93.52
CA VAL T 482 -2.06 -20.09 95.24
CA GLY T 483 -4.13 -22.97 93.88
CA VAL T 484 -1.81 -25.68 95.15
CA VAL T 485 -1.64 -23.78 98.45
CA THR T 486 -5.44 -23.90 98.56
CA LEU T 487 -5.60 -27.61 97.78
CA TYR T 488 -2.88 -28.72 100.21
CA LEU T 489 -4.14 -26.49 103.03
CA GLY T 490 -7.67 -27.78 102.41
CA VAL T 491 -6.40 -31.30 102.83
CA MET T 492 -4.68 -29.99 105.96
CA VAL T 493 -7.46 -27.83 107.49
CA GLN T 494 -9.76 -30.83 107.12
CA ALA T 495 -7.55 -32.30 109.87
CA PHE U 1 48.66 42.23 167.28
CA HIS U 2 45.44 41.34 169.10
CA LEU U 3 45.56 37.64 169.96
CA THR U 4 42.67 35.18 169.88
CA THR U 5 42.28 31.45 169.17
CA ARG U 6 40.78 29.59 166.22
CA ASN U 7 40.79 25.86 165.45
CA GLY U 8 42.72 25.40 168.68
CA GLU U 9 45.60 27.58 167.46
CA PRO U 10 46.70 31.12 168.32
CA HIS U 11 45.64 33.88 165.96
CA MET U 12 47.30 37.31 166.20
CA ILE U 13 46.01 40.22 164.11
CA VAL U 14 48.84 42.64 163.37
CA SER U 15 48.61 46.19 162.04
CA ARG U 16 50.83 49.12 161.09
CA GLN U 17 51.37 49.94 164.80
CA GLU U 18 53.81 46.99 164.83
CA LYS U 19 55.16 46.80 161.28
CA GLY U 20 58.36 45.13 160.13
CA LYS U 21 59.39 44.37 163.72
CA SER U 22 59.81 41.23 165.78
CA LEU U 23 56.51 40.00 167.20
CA LEU U 24 56.78 38.87 170.81
CA PHE U 25 54.34 37.21 173.20
CA LYS U 26 54.09 35.04 176.30
CA THR U 27 51.66 32.13 175.93
CA GLU U 28 51.09 28.74 177.54
CA ASP U 29 53.56 27.22 175.09
CA GLY U 30 56.19 29.69 176.30
CA VAL U 31 58.04 32.74 174.98
CA ASN U 32 56.63 33.16 171.45
CA MET U 33 59.15 35.02 169.27
CA CYS U 34 57.66 35.40 165.78
CA THR U 35 59.20 37.19 162.82
CA LEU U 36 56.67 38.64 160.38
CA MET U 37 58.94 39.06 157.38
CA ALA U 38 56.03 39.61 154.99
CA MET U 39 55.63 42.31 152.32
CA ASP U 40 52.18 43.80 151.83
CA LEU U 41 51.61 44.61 155.51
CA GLY U 42 50.25 48.16 155.55
CA GLU U 43 47.58 49.73 157.72
CA LEU U 44 44.72 47.41 158.61
CA CYS U 45 42.14 46.82 155.89
CA GLU U 46 39.21 44.54 154.96
CA ASP U 47 41.23 42.42 152.50
CA THR U 48 42.09 40.05 155.33
CA ILE U 49 45.03 37.93 154.18
CA THR U 50 45.85 35.11 156.61
CA TYR U 51 48.89 32.92 157.11
CA LYS U 52 50.33 29.99 159.00
CA CYS U 53 53.60 30.88 160.62
CA PRO U 54 55.00 27.32 160.81
CA PHE U 55 56.79 25.75 163.75
CA LEU U 56 60.53 25.89 163.08
CA LYS U 57 62.89 24.79 165.83
CA GLN U 58 66.43 25.61 164.64
CA ASN U 59 66.61 25.01 160.88
CA GLU U 60 67.34 27.52 158.11
CA PRO U 61 64.11 29.32 157.15
CA GLU U 62 63.43 29.89 153.48
CA ASP U 63 60.50 30.41 151.12
CA ILE U 64 58.30 31.58 154.00
CA ASP U 65 56.59 34.86 154.81
CA CYS U 66 56.32 34.56 158.59
CA TRP U 67 57.66 32.13 161.17
CA CYS U 68 57.83 31.50 164.90
CA ASN U 69 60.47 29.66 166.92
CA SER U 70 57.95 28.41 169.52
CA THR U 71 54.92 26.90 167.78
CA SER U 72 52.78 27.09 164.67
CA THR U 73 50.37 30.00 164.70
CA TRP U 74 47.94 32.04 162.63
CA VAL U 75 48.62 35.62 161.60
CA THR U 76 46.47 38.00 159.58
CA TYR U 77 46.50 41.52 158.21
CA GLY U 78 45.14 43.82 155.51
CA THR U 79 46.41 44.90 152.11
CA CYS U 80 44.81 48.22 151.12
CA THR U 81 46.93 51.33 150.69
CA THR U 82 47.11 54.24 153.12
CA THR U 83 44.45 56.40 151.47
CA GLY U 84 41.99 53.52 151.09
CA GLU U 85 41.33 51.32 148.07
CA HIS U 86 40.61 47.71 147.15
CA ARG U 87 44.05 46.76 145.80
CA ARG U 88 46.42 47.39 142.87
CA GLU U 89 44.73 47.87 139.48
CA LYS U 90 45.31 45.63 136.45
CA ARG U 91 43.86 45.23 132.98
CA SER U 92 43.01 41.80 131.59
CA VAL U 93 40.28 39.58 130.02
CA ALA U 94 40.09 39.28 126.22
CA LEU U 95 36.80 40.13 124.55
CA VAL U 96 35.38 41.97 121.55
CA PRO U 97 31.93 41.81 119.88
CA HIS U 98 30.79 41.79 116.32
CA VAL U 99 30.30 45.21 114.74
CA GLY U 100 26.74 46.26 114.26
CA MET U 101 24.36 47.06 111.45
CA GLY U 102 22.27 50.23 111.34
CA LEU U 103 20.54 52.87 109.20
CA GLU U 104 20.93 50.59 106.13
CA THR U 105 18.10 48.00 106.30
CA ARG U 106 18.30 44.60 104.60
CA THR U 107 16.24 44.67 101.37
CA GLU U 108 17.20 45.46 97.76
CA THR U 109 16.08 49.09 97.27
CA TRP U 110 17.20 52.76 97.09
CA MET U 111 18.90 52.63 93.63
CA SER U 112 22.20 53.48 95.40
CA SER U 113 25.60 52.65 93.93
CA GLU U 114 26.61 50.43 96.85
CA GLY U 115 23.23 48.71 96.94
CA ALA U 116 23.13 48.35 93.15
CA TRP U 117 26.62 46.86 92.88
CA LYS U 118 26.41 44.69 96.01
CA HIS U 119 24.41 42.01 94.21
CA ALA U 120 26.83 41.85 91.28
CA GLN U 121 29.85 41.86 93.60
CA ARG U 122 28.35 38.97 95.57
CA ILE U 123 27.59 37.08 92.34
CA GLU U 124 31.17 37.39 91.12
CA THR U 125 32.54 36.53 94.57
CA TRP U 126 30.40 33.38 94.57
CA ILE U 127 31.60 32.55 91.05
CA LEU U 128 35.23 32.95 92.11
CA ARG U 129 34.63 30.83 95.21
CA HIS U 130 32.52 28.29 93.26
CA PRO U 131 34.27 27.46 89.97
CA GLY U 132 32.86 23.93 89.91
CA PHE U 133 29.23 25.03 90.12
CA THR U 134 29.94 27.61 87.43
CA ILE U 135 31.34 24.93 85.13
CA MET U 136 28.38 22.67 85.88
CA ALA U 137 25.92 25.45 85.05
CA ALA U 138 27.80 26.19 81.83
CA ILE U 139 27.63 22.51 80.84
CA LEU U 140 23.89 22.37 81.57
CA ALA U 141 23.37 25.53 79.50
CA TYR U 142 25.36 24.00 76.64
CA THR U 143 23.37 20.77 76.66
CA ILE U 144 19.91 22.30 77.08
CA GLY U 145 20.65 25.37 74.96
CA THR U 146 20.12 24.98 71.22
CA THR U 147 21.14 28.59 70.42
CA HIS U 148 24.11 30.56 71.69
CA PHE U 149 21.81 33.31 72.97
CA GLN U 150 19.75 30.78 74.94
CA ARG U 151 23.01 29.21 76.11
CA ALA U 152 24.32 32.49 77.54
CA LEU U 153 20.94 33.49 78.99
CA ILE U 154 20.51 30.18 80.79
CA PHE U 155 24.09 30.25 82.07
CA ILE U 156 23.60 33.77 83.45
CA LEU U 157 20.26 32.79 84.99
CA LEU U 158 21.73 29.73 86.71
CA THR U 159 24.78 31.63 88.01
CA ALA U 160 22.54 34.42 89.35
CA VAL U 161 19.86 32.18 90.87
CA ALA U 162 22.05 29.54 92.57
CA PRO U 163 23.49 31.96 95.19
CA SER U 164 20.12 33.58 95.90
CA MET U 165 18.81 30.26 97.23
CA THR U 166 21.43 30.36 100.00
CA PHE V 1 79.05 45.35 154.95
CA HIS V 2 81.45 47.58 152.98
CA LEU V 3 80.24 51.15 152.58
CA THR V 4 81.72 51.84 149.14
CA THR V 5 81.04 54.63 146.64
CA ARG V 6 79.30 52.72 143.86
CA ASN V 7 77.92 54.79 140.97
CA GLY V 8 78.75 57.80 143.15
CA GLU V 9 76.41 56.77 145.98
CA PRO V 10 76.71 54.69 149.17
CA HIS V 11 76.72 50.96 148.52
CA MET V 12 76.49 48.05 151.00
CA ILE V 13 76.95 44.28 150.76
CA VAL V 14 74.86 42.50 153.41
CA SER V 15 75.35 38.76 153.87
CA ARG V 16 73.43 36.06 155.74
CA GLN V 17 75.62 36.02 158.88
CA GLU V 18 73.20 38.68 160.16
CA LYS V 19 69.61 38.55 158.93
CA GLY V 20 66.17 39.90 159.72
CA LYS V 21 67.68 42.78 161.71
CA SER V 22 68.21 46.46 161.03
CA LEU V 23 71.74 47.39 160.00
CA LEU V 24 73.65 50.32 161.50
CA PHE V 25 76.43 52.33 159.88
CA LYS V 26 77.95 55.79 159.52
CA THR V 27 77.92 58.36 156.71
CA GLU V 28 78.65 62.06 156.32
CA ASP V 29 75.06 62.82 157.36
CA GLY V 30 75.52 60.87 160.61
CA VAL V 31 74.53 57.49 161.98
CA ASN V 32 72.11 55.66 159.68
CA MET V 33 69.98 52.67 160.67
CA CYS V 34 68.76 50.70 157.66
CA THR V 35 65.75 48.40 157.37
CA LEU V 36 65.91 45.34 155.11
CA MET V 37 62.59 43.52 154.68
CA ALA V 38 63.86 41.36 151.80
CA MET V 39 62.45 37.94 152.64
CA ASP V 40 64.28 35.94 149.94
CA LEU V 41 67.75 36.54 151.37
CA GLY V 42 70.59 34.02 151.37
CA GLU V 43 74.35 34.04 151.86
CA LEU V 44 76.75 35.94 149.62
CA CYS V 45 77.77 34.20 146.39
CA GLU V 46 78.02 34.97 142.69
CA ASP V 47 74.26 35.48 142.20
CA THR V 48 74.31 39.00 143.61
CA ILE V 49 70.99 40.84 143.57
CA THR V 50 71.31 44.62 144.01
CA TYR V 51 68.99 47.45 145.10
CA LYS V 52 68.96 51.25 145.29
CA CYS V 53 67.48 51.66 148.77
CA PRO V 54 65.13 54.68 148.85
CA PHE V 55 64.87 57.46 151.42
CA LEU V 56 61.75 57.75 153.59
CA LYS V 57 61.11 60.49 156.16
CA GLN V 58 57.78 59.69 157.87
CA ASN V 59 55.49 58.01 155.31
CA GLU V 60 54.45 54.41 155.81
CA PRO V 61 56.88 51.99 154.10
CA GLU V 62 54.77 50.14 151.54
CA ASP V 63 55.67 47.59 148.88
CA ILE V 64 59.43 48.02 149.37
CA ASP V 65 62.12 45.96 151.06
CA CYS V 66 64.69 48.53 152.11
CA TRP V 67 64.43 51.93 153.75
CA CYS V 68 66.34 54.24 156.09
CA ASN V 69 65.55 57.46 158.00
CA SER V 70 68.12 59.86 156.49
CA THR V 71 69.37 58.90 153.04
CA SER V 72 69.22 56.49 150.11
CA THR V 73 71.85 53.87 149.31
CA TRP V 74 72.60 50.67 147.37
CA VAL V 75 72.11 47.41 149.28
CA THR V 76 73.06 44.08 147.68
CA TYR V 77 73.16 40.45 148.73
CA GLY V 78 73.47 36.91 147.47
CA THR V 79 70.66 34.42 146.96
CA CYS V 80 72.40 31.04 147.09
CA THR V 81 70.72 28.40 149.23
CA THR V 82 72.39 26.46 152.04
CA THR V 83 74.29 24.22 149.63
CA GLY V 84 75.73 27.37 148.03
CA GLU V 85 74.10 26.85 144.62
CA HIS V 86 72.16 29.20 142.34
CA ARG V 87 68.40 29.52 142.01
CA ARG V 88 66.49 26.36 141.19
CA GLU V 89 63.12 25.54 139.64
CA LYS V 90 61.50 23.69 136.72
CA ARG V 91 60.15 23.35 134.07
CA SER V 92 60.06 24.98 130.63
CA VAL V 93 58.67 23.62 127.36
CA ALA V 94 60.32 22.09 124.29
CA LEU V 95 58.38 21.00 121.22
CA VAL V 96 58.11 17.21 121.03
CA PRO V 97 60.11 15.91 118.03
CA HIS V 98 59.23 13.22 115.50
CA VAL V 99 60.45 11.76 112.21
CA GLY V 100 59.76 13.19 108.76
CA MET V 101 58.88 16.76 107.80
CA GLY V 102 55.22 17.50 108.38
CA LEU V 103 54.24 20.44 106.15
CA GLU V 104 50.80 19.56 104.82
CA THR V 105 48.41 20.63 107.62
CA ARG V 106 47.81 24.02 109.21
CA THR V 107 44.90 26.23 110.28
CA GLU V 108 41.77 25.12 112.15
CA THR V 109 38.37 24.29 110.68
CA TRP V 110 35.16 26.24 110.19
CA MET V 111 32.45 23.69 110.89
CA SER V 112 29.78 24.84 108.44
CA SER V 113 31.95 25.56 105.40
CA GLU V 114 34.19 22.54 105.83
CA GLY V 115 31.18 20.29 106.43
CA ALA V 116 29.64 21.60 103.21
CA TRP V 117 32.88 21.08 101.25
CA LYS V 118 33.74 17.72 102.86
CA HIS V 119 32.09 15.81 100.01
CA ALA V 120 33.83 17.86 97.32
CA GLN V 121 37.24 17.46 98.96
CA ARG V 122 36.72 13.79 99.85
CA ILE V 123 35.81 12.78 96.29
CA GLU V 124 38.99 14.45 95.03
CA THR V 125 41.26 12.91 97.65
CA TRP V 126 39.73 9.46 97.14
CA ILE V 127 39.76 9.56 93.34
CA LEU V 128 43.40 10.67 93.42
CA ARG V 129 44.47 8.11 96.03
CA HIS V 130 43.05 5.08 94.14
CA PRO V 131 43.88 5.25 90.41
CA GLY V 132 43.26 1.51 90.12
CA PHE V 133 39.60 1.88 91.04
CA THR V 134 39.50 4.89 88.72
CA ILE V 135 40.52 2.58 85.89
CA MET V 136 38.01 -0.13 86.80
CA ALA V 137 35.14 2.35 87.19
CA ALA V 138 36.05 3.98 83.89
CA ILE V 139 36.10 0.61 82.11
CA LEU V 140 32.75 -0.41 83.60
CA ALA V 141 31.21 2.93 82.58
CA TYR V 142 32.66 2.56 79.08
CA THR V 143 31.12 -0.88 78.65
CA ILE V 144 27.71 -0.22 80.20
CA GLY V 145 27.02 3.24 78.81
CA THR V 146 25.67 2.94 75.26
CA THR V 147 26.18 6.62 74.37
CA HIS V 148 28.66 9.15 75.67
CA PHE V 149 26.61 10.93 78.32
CA GLN V 150 25.43 7.66 79.87
CA ARG V 151 29.09 6.67 80.15
CA ALA V 152 30.03 9.95 81.84
CA LEU V 153 26.99 9.78 84.13
CA ILE V 154 27.73 6.26 85.35
CA PHE V 155 31.38 7.20 85.80
CA ILE V 156 30.68 10.26 87.95
CA LEU V 157 28.02 8.46 90.01
CA LEU V 158 30.39 5.60 90.83
CA THR V 159 33.20 8.00 91.66
CA ALA V 160 30.85 9.80 94.06
CA VAL V 161 29.53 6.57 95.56
CA ALA V 162 32.90 4.95 96.25
CA PRO V 163 34.03 7.27 99.08
CA SER V 164 30.57 7.22 100.66
CA MET V 165 30.46 3.45 101.26
CA THR V 166 33.82 3.70 103.03
CA PHE W 1 59.79 1.90 171.99
CA HIS W 2 59.41 -1.88 171.64
CA LEU W 3 62.48 -3.42 169.99
CA THR W 4 62.50 -6.68 168.01
CA THR W 5 64.98 -8.35 165.65
CA ARG W 6 63.73 -8.81 162.09
CA ASN W 7 65.87 -9.49 159.01
CA GLY W 8 68.95 -9.29 161.21
CA GLU W 9 68.17 -5.65 162.05
CA PRO W 10 66.29 -3.94 164.90
CA HIS W 11 62.62 -3.08 164.43
CA MET W 12 61.11 -0.35 166.63
CA ILE W 13 57.40 -0.14 167.42
CA VAL W 14 56.29 3.27 168.66
CA SER W 15 52.88 4.51 169.81
CA ARG W 16 51.43 7.98 170.20
CA GLN W 17 51.87 7.69 173.99
CA GLU W 18 55.41 8.97 173.25
CA LYS W 19 54.30 11.35 170.50
CA GLY W 20 56.32 14.49 169.87
CA LYS W 21 59.38 13.40 171.86
CA SER W 22 62.80 12.26 170.71
CA LEU W 23 63.46 8.53 170.49
CA LEU W 24 65.79 7.85 173.43
CA PHE W 25 66.76 4.42 174.79
CA LYS W 26 69.81 2.29 175.60
CA THR W 27 71.03 -1.00 174.11
CA GLU W 28 74.33 -2.79 173.62
CA ASP W 29 74.87 -1.08 170.26
CA GLY W 30 75.55 2.13 172.17
CA VAL W 31 73.82 5.32 173.27
CA ASN W 32 71.14 5.20 170.56
CA MET W 33 69.97 8.79 170.44
CA CYS W 34 67.29 9.06 167.75
CA THR W 35 64.43 11.28 166.65
CA LEU W 36 61.04 10.93 164.94
CA MET W 37 59.86 14.14 163.32
CA ALA W 38 56.97 13.55 160.90
CA MET W 39 53.47 14.26 162.21
CA ASP W 40 51.73 11.45 160.30
CA LEU W 41 51.67 9.40 163.52
CA GLY W 42 48.34 8.02 164.66
CA GLU W 43 47.34 5.89 167.61
CA LEU W 44 48.25 2.23 167.91
CA CYS W 45 46.08 0.21 165.53
CA GLU W 46 46.41 -2.42 162.81
CA ASP W 47 47.49 0.06 160.10
CA THR W 48 51.19 -0.45 160.69
CA ILE W 49 53.65 1.65 158.66
CA THR W 50 57.40 1.03 158.71
CA TYR W 51 60.69 2.84 158.06
CA LYS W 52 64.43 2.44 158.12
CA CYS W 53 66.08 5.20 160.14
CA PRO W 54 69.52 5.98 158.66
CA PHE W 55 72.77 6.41 160.56
CA LEU W 56 74.48 9.77 160.98
CA LYS W 57 78.07 10.29 159.89
CA GLN W 58 78.28 14.09 159.64
CA ASN W 59 75.23 15.43 157.78
CA GLU W 60 72.36 17.43 159.22
CA PRO W 61 69.11 15.43 159.51
CA GLU W 62 67.53 15.67 156.09
CA ASP W 63 65.47 13.72 153.53
CA ILE W 64 64.13 11.20 156.11
CA ASP W 65 61.33 11.53 158.64
CA CYS W 66 63.33 9.64 161.27
CA TRP W 67 66.98 10.17 162.16
CA CYS W 68 69.24 8.06 164.40
CA ASN W 69 72.95 8.69 165.02
CA SER W 70 74.27 5.45 166.57
CA THR W 71 73.00 2.53 164.46
CA SER W 72 70.52 2.16 161.60
CA THR W 73 67.20 0.85 162.90
CA TRP W 74 63.68 0.32 161.57
CA VAL W 75 60.88 2.35 163.15
CA THR W 76 57.23 1.45 162.64
CA TYR W 77 54.03 2.90 164.10
CA GLY W 78 50.34 3.49 163.50
CA THR W 79 48.73 6.01 161.16
CA CYS W 80 44.97 5.65 161.62
CA THR W 81 43.06 8.78 162.58
CA THR W 82 42.09 9.35 166.21
CA THR W 83 38.58 7.94 165.66
CA GLY W 84 39.97 4.46 164.94
CA GLU W 85 39.39 4.74 161.18
CA HIS W 86 41.94 3.90 158.50
CA ARG W 87 43.17 6.60 156.15
CA ARG W 88 41.12 7.16 153.03
CA GLU W 89 40.51 9.63 150.19
CA LYS W 90 37.23 10.67 148.62
CA ARG W 91 38.37 10.18 145.02
CA SER W 92 36.37 7.63 143.04
CA VAL W 93 36.57 5.66 139.77
CA ALA W 94 33.75 4.24 137.64
CA LEU W 95 32.22 4.66 134.17
CA VAL W 96 28.88 5.12 132.38
CA PRO W 97 26.66 1.99 132.48
CA HIS W 98 23.66 3.28 130.49
CA VAL W 99 24.06 2.05 126.89
CA GLY W 100 26.44 -0.47 125.36
CA MET W 101 25.87 -3.20 122.75
CA GLY W 102 28.15 -4.00 119.81
CA LEU W 103 27.36 -7.46 118.42
CA GLU W 104 25.21 -10.23 119.92
CA THR W 105 22.61 -12.92 119.32
CA ARG W 106 22.37 -16.24 117.61
CA THR W 107 24.11 -16.56 114.24
CA GLU W 108 21.70 -16.89 111.28
CA THR W 109 18.04 -16.15 112.02
CA TRP W 110 19.20 -12.97 113.69
CA MET W 111 21.43 -12.32 110.68
CA SER W 112 18.59 -12.74 108.19
CA SER W 113 15.94 -10.92 110.24
CA GLU W 114 18.07 -7.99 111.36
CA GLY W 115 19.59 -7.69 107.88
CA ALA W 116 16.11 -7.42 106.39
CA TRP W 117 14.96 -4.94 109.03
CA LYS W 118 18.12 -2.81 109.10
CA HIS W 119 18.19 -2.56 105.32
CA ALA W 120 14.45 -1.81 105.33
CA GLN W 121 14.76 0.98 107.89
CA ARG W 122 17.94 2.40 106.34
CA ILE W 123 16.48 2.54 102.83
CA GLU W 124 13.14 3.76 104.18
CA THR W 125 14.83 6.59 106.08
CA TRP W 126 16.74 7.49 102.91
CA ILE W 127 13.42 7.54 101.02
CA LEU W 128 11.48 9.61 103.59
CA ARG W 129 14.28 11.66 105.15
CA HIS W 130 15.06 12.86 101.59
CA PRO W 131 12.03 12.11 99.39
CA GLY W 132 12.24 14.40 96.36
CA PHE W 133 15.59 13.01 95.23
CA THR W 134 13.95 9.60 95.07
CA ILE W 135 11.08 10.53 92.76
CA MET W 136 13.26 12.72 90.53
CA ALA W 137 15.77 9.88 90.20
CA ALA W 138 12.99 7.41 89.44
CA ILE W 139 11.51 9.52 86.65
CA LEU W 140 14.98 10.34 85.30
CA ALA W 141 15.82 6.62 85.12
CA TYR W 142 12.49 5.73 83.53
CA THR W 143 13.09 8.41 80.89
CA ILE W 144 16.80 7.80 80.23
CA GLY W 145 17.67 4.16 80.86
CA THR W 146 17.35 2.03 77.74
CA THR W 147 16.57 -1.28 79.47
CA HIS W 148 14.77 -2.04 82.71
CA PHE W 149 18.06 -3.39 84.08
CA GLN W 150 19.78 -0.14 83.12
CA ARG W 151 16.95 1.93 84.61
CA ALA W 152 17.19 -0.13 87.80
CA LEU W 153 20.90 0.64 88.00
CA ILE W 154 20.23 4.34 87.40
CA PHE W 155 17.66 5.06 90.07
CA ILE W 156 18.93 2.55 92.66
CA LEU W 157 22.38 4.14 92.41
CA LEU W 158 20.96 7.67 92.53
CA THR W 159 18.86 6.82 95.59
CA ALA W 160 21.96 5.29 97.19
CA VAL W 161 24.23 8.29 96.59
CA ALA W 162 21.96 11.34 96.92
CA PRO W 163 20.89 11.02 100.59
CA SER W 164 24.51 10.35 101.56
CA MET W 165 25.52 13.30 99.38
CA THR W 166 22.77 15.43 100.92
CA MET X 1 46.43 94.49 76.22
CA ARG X 2 43.73 95.40 78.72
CA CYS X 3 41.51 92.35 78.90
CA ILE X 4 42.91 89.74 81.29
CA GLY X 5 40.61 87.80 83.59
CA ILE X 6 37.43 88.59 81.66
CA SER X 7 35.85 85.20 81.04
CA ASN X 8 34.18 86.07 77.72
CA ARG X 9 37.10 86.89 75.43
CA ASP X 10 35.90 86.58 71.83
CA PHE X 11 38.26 86.23 68.88
CA VAL X 12 38.36 87.29 65.23
CA GLU X 13 41.03 85.08 63.62
CA GLY X 14 41.51 86.82 60.29
CA VAL X 15 40.56 89.68 57.98
CA SER X 16 39.57 90.10 54.33
CA GLY X 17 40.09 92.81 51.73
CA GLY X 18 36.87 94.64 52.57
CA SER X 19 37.81 94.55 56.27
CA TRP X 20 34.22 95.49 57.19
CA VAL X 21 34.26 93.37 60.32
CA ASP X 22 31.04 93.65 62.35
CA ILE X 23 32.13 92.98 65.91
CA VAL X 24 29.73 91.68 68.52
CA LEU X 25 30.06 93.23 71.96
CA GLU X 26 28.38 92.58 75.30
CA HIS X 27 28.69 93.54 78.95
CA GLY X 28 31.61 91.92 80.73
CA SER X 29 33.08 90.49 77.53
CA CYS X 30 36.11 91.66 75.55
CA VAL X 31 36.89 91.19 71.87
CA THR X 32 40.19 90.72 70.03
CA THR X 33 40.58 91.69 66.38
CA MET X 34 43.34 90.19 64.26
CA ALA X 35 44.49 91.36 60.85
CA LYS X 36 47.25 90.11 58.57
CA ASN X 37 50.24 92.42 59.07
CA LYS X 38 48.03 95.13 60.58
CA PRO X 39 47.82 96.34 64.20
CA THR X 40 45.84 93.99 66.43
CA LEU X 41 43.06 95.60 68.45
CA ASP X 42 41.19 94.99 71.69
CA PHE X 43 37.61 96.28 71.91
CA GLU X 44 35.49 96.70 75.02
CA LEU X 45 32.56 98.68 76.36
CA ILE X 46 33.64 100.13 79.70
CA LYS X 47 30.43 101.91 80.73
CA THR X 48 26.82 102.04 79.53
CA GLU X 49 24.90 105.16 80.51
CA ALA X 50 21.65 106.84 79.45
CA LYS X 51 22.35 110.50 80.11
CA GLN X 52 19.49 112.88 80.86
CA PRO X 53 16.83 110.24 81.61
CA ALA X 54 13.17 111.21 81.62
CA THR X 55 10.97 111.15 84.73
CA LEU X 56 7.83 109.00 84.68
CA ARG X 57 6.21 109.07 88.12
CA LYS X 58 7.37 109.78 91.67
CA TYR X 59 6.38 107.65 94.65
CA CYS X 60 6.15 108.80 98.27
CA ILE X 61 8.08 107.10 101.06
CA GLU X 62 7.86 109.09 104.34
CA ALA X 63 4.76 111.06 105.28
CA LYS X 64 4.67 114.15 107.43
CA LEU X 65 1.15 115.35 108.20
CA THR X 66 -0.61 118.21 109.98
CA ASN X 67 -3.85 120.15 110.33
CA THR X 68 -5.77 116.93 111.02
CA THR X 69 -9.38 117.63 112.01
CA THR X 70 -12.54 115.72 112.85
CA ASP X 71 -15.86 117.44 112.20
CA SER X 72 -19.24 115.84 112.69
CA ARG X 73 -22.97 116.52 112.96
CA CYS X 74 -25.78 114.85 114.84
CA PRO X 75 -27.66 112.11 112.96
CA THR X 76 -30.31 113.54 110.60
CA GLN X 77 -28.18 116.64 109.86
CA GLY X 78 -26.13 115.38 106.91
CA GLU X 79 -22.39 114.83 107.16
CA PRO X 80 -20.81 118.29 107.38
CA SER X 81 -18.95 119.95 104.52
CA LEU X 82 -15.56 121.50 105.21
CA ASN X 83 -13.34 124.09 103.60
CA GLU X 84 -10.60 121.57 104.42
CA GLU X 85 -11.91 118.78 102.21
CA GLN X 86 -12.50 120.71 98.98
CA ASP X 87 -8.76 121.06 98.22
CA LYS X 88 -6.65 118.25 96.76
CA ARG X 89 -3.76 119.34 99.01
CA PHE X 90 -5.37 117.29 101.82
CA VAL X 91 -6.39 113.65 102.19
CA CYS X 92 -9.80 112.77 103.55
CA LYS X 93 -12.61 110.39 104.30
CA HIS X 94 -16.20 110.28 105.51
CA SER X 95 -17.36 107.62 107.95
CA MET X 96 -20.39 106.52 109.97
CA VAL X 97 -20.42 106.14 113.75
CA ASP X 98 -23.08 105.51 116.39
CA ARG X 99 -23.34 108.74 118.34
CA GLY X 100 -25.20 107.94 121.56
CA TRP X 101 -27.64 109.99 123.60
CA GLY X 102 -24.99 111.12 126.07
CA ASN X 103 -22.66 112.09 123.25
CA GLY X 104 -23.34 115.77 122.80
CA CYS X 105 -26.42 115.53 120.60
CA GLY X 106 -28.90 113.57 122.66
CA LEU X 107 -30.47 111.56 119.88
CA PHE X 108 -28.79 108.18 119.61
CA GLY X 109 -28.19 106.97 116.09
CA LYS X 110 -25.61 106.43 113.38
CA GLY X 111 -24.35 109.64 111.78
CA GLY X 112 -21.57 111.00 109.62
CA ILE X 113 -18.10 112.21 110.56
CA VAL X 114 -15.63 113.87 108.20
CA THR X 115 -12.00 113.35 109.15
CA CYS X 116 -8.90 114.76 107.45
CA ALA X 117 -5.50 116.33 107.33
CA MET X 118 -2.73 117.79 105.23
CA PHE X 119 -0.36 115.38 103.52
CA THR X 120 3.10 116.50 102.41
CA CYS X 121 5.83 113.87 102.55
CA LYS X 122 9.57 114.10 102.89
CA LYS X 123 11.43 111.28 101.11
CA ASN X 124 10.26 110.20 97.67
CA MET X 125 11.29 107.81 94.94
CA LYS X 126 12.61 108.88 91.56
CA GLY X 127 10.97 106.84 88.80
CA LYS X 128 12.55 107.18 85.40
CA VAL X 129 12.26 105.82 81.86
CA VAL X 130 15.03 105.24 79.32
CA GLN X 131 14.42 105.54 75.57
CA PRO X 132 16.54 104.09 72.73
CA GLU X 133 17.63 107.63 71.83
CA ASN X 134 19.29 108.35 75.17
CA LEU X 135 21.42 105.17 75.15
CA GLU X 136 25.02 106.38 75.34
CA TYR X 137 27.74 103.74 75.11
CA THR X 138 31.38 104.25 76.08
CA ILE X 139 33.74 102.19 73.93
CA VAL X 140 37.39 101.51 74.79
CA ILE X 141 39.86 100.73 71.99
CA THR X 142 43.36 99.47 72.78
CA PRO X 143 46.43 98.36 70.81
CA HIS X 144 48.51 95.29 71.68
CA SER X 145 51.62 97.32 72.36
CA GLY X 146 52.27 95.27 75.48
CA GLU X 147 52.62 98.17 77.91
CA GLU X 148 53.18 97.00 81.45
CA HIS X 149 50.07 98.39 83.19
CA ALA X 150 47.78 96.43 80.89
CA VAL X 151 47.00 93.21 82.77
CA GLY X 152 44.01 93.93 84.98
CA ASN X 153 43.84 97.61 83.96
CA ASP X 154 40.83 99.24 82.32
CA THR X 155 40.90 103.05 82.34
CA GLY X 156 44.68 103.42 82.08
CA LYS X 157 45.82 106.14 79.66
CA HIS X 158 47.07 103.81 76.94
CA GLY X 159 44.18 103.59 74.47
CA LYS X 160 41.20 105.64 73.36
CA GLU X 161 37.70 106.17 74.74
CA ILE X 162 34.85 107.17 72.44
CA LYS X 163 31.35 108.38 73.32
CA ILE X 164 29.19 106.44 70.87
CA THR X 165 25.44 106.86 70.45
CA PRO X 166 22.90 105.81 67.78
CA GLN X 167 22.30 109.51 67.16
CA SER X 168 25.90 109.55 65.86
CA SER X 169 27.03 107.43 62.91
CA ILE X 170 30.63 108.24 61.87
CA THR X 171 33.50 109.65 63.90
CA GLU X 172 37.23 109.11 63.52
CA ALA X 173 39.29 108.13 66.57
CA GLU X 174 43.05 108.24 66.98
CA LEU X 175 45.14 105.39 68.40
CA THR X 176 48.46 106.96 69.34
CA GLY X 177 51.33 105.32 67.51
CA TYR X 178 49.01 103.20 65.37
CA GLY X 179 46.98 105.73 63.38
CA THR X 180 43.24 106.09 62.86
CA VAL X 181 40.15 103.93 63.29
CA THR X 182 36.70 105.02 62.17
CA MET X 183 33.75 104.64 64.52
CA GLU X 184 31.15 104.03 61.81
CA CYS X 185 29.34 101.98 64.42
CA SER X 186 25.69 100.94 64.62
CA PRO X 187 24.19 100.47 68.11
CA ARG X 188 21.05 98.78 66.82
CA THR X 189 20.24 95.88 69.11
CA GLY X 190 18.54 97.25 72.20
CA LEU X 191 16.97 94.24 73.92
CA ASP X 192 13.70 95.80 75.10
CA PHE X 193 12.67 99.04 76.78
CA ASN X 194 8.87 99.28 77.01
CA GLU X 195 8.70 97.20 80.20
CA MET X 196 11.81 98.34 82.08
CA VAL X 197 12.00 101.27 84.49
CA LEU X 198 14.75 102.82 86.60
CA LEU X 199 14.30 103.73 90.26
CA GLN X 200 16.53 105.98 92.37
CA MET X 201 16.68 106.51 96.16
CA GLU X 202 19.09 109.24 97.34
CA ASN X 203 22.29 107.25 96.71
CA LYS X 204 21.19 103.93 95.18
CA ALA X 205 19.17 102.65 92.23
CA TRP X 206 17.30 99.65 90.88
CA LEU X 207 15.78 98.31 87.66
CA VAL X 208 12.26 96.88 87.66
CA HIS X 209 9.49 95.98 85.23
CA ARG X 210 6.98 98.69 84.38
CA GLN X 211 3.98 96.73 85.64
CA TRP X 212 5.58 96.76 89.08
CA PHE X 213 5.34 100.56 89.14
CA LEU X 214 1.90 100.49 87.56
CA ASP X 215 0.55 98.22 90.32
CA LEU X 216 2.46 99.15 93.47
CA PRO X 217 -0.05 100.75 95.91
CA LEU X 218 1.73 103.86 97.15
CA PRO X 219 1.18 107.59 96.58
CA TRP X 220 1.68 108.97 93.06
CA LEU X 221 2.97 112.05 91.33
CA PRO X 222 2.81 112.26 87.51
CA GLY X 223 6.06 113.45 86.00
CA ALA X 224 4.61 116.78 84.90
CA ASP X 225 3.71 118.12 88.34
CA THR X 226 6.22 120.15 90.35
CA GLN X 227 4.36 121.51 93.39
CA GLY X 228 4.09 118.12 95.08
CA SER X 229 0.52 118.92 96.14
CA ASN X 230 -1.70 116.79 93.88
CA TRP X 231 -1.48 113.07 94.63
CA ILE X 232 -3.28 109.93 93.44
CA GLN X 233 -4.02 106.88 95.59
CA LYS X 234 -2.92 109.12 98.45
CA GLU X 235 -5.19 107.28 100.91
CA THR X 236 -3.10 104.09 101.02
CA LEU X 237 -0.44 105.45 103.37
CA VAL X 238 -2.92 106.88 105.86
CA THR X 239 -4.54 104.08 107.83
CA PHE X 240 -7.32 105.11 110.18
CA LYS X 241 -7.81 103.75 113.66
CA ASN X 242 -11.33 102.45 114.11
CA PRO X 243 -13.72 105.40 114.49
CA HIS X 244 -14.25 106.45 118.09
CA ALA X 245 -17.44 108.50 118.38
CA LYS X 246 -15.99 111.91 117.49
CA LYS X 247 -12.32 111.02 117.80
CA GLN X 248 -10.89 109.76 114.55
CA ASP X 249 -7.11 109.98 114.67
CA VAL X 250 -5.22 109.42 111.44
CA VAL X 251 -1.89 107.61 111.25
CA VAL X 252 0.31 106.70 108.29
CA LEU X 253 2.91 104.05 107.49
CA GLY X 254 6.38 104.92 108.68
CA SER X 255 9.81 104.20 107.24
CA GLN X 256 9.20 102.25 104.04
CA GLU X 257 12.88 102.23 103.02
CA GLY X 258 13.41 99.00 104.94
CA ALA X 259 10.29 97.48 103.40
CA MET X 260 11.48 98.51 99.96
CA HIS X 261 14.95 97.06 100.52
CA THR X 262 13.70 93.72 101.85
CA ALA X 263 10.91 93.34 99.26
CA LEU X 264 12.62 94.69 96.13
CA THR X 265 15.58 92.36 96.71
CA GLY X 266 16.02 89.90 93.88
CA ALA X 267 15.49 92.57 91.22
CA THR X 268 18.36 93.95 89.17
CA GLU X 269 20.47 96.14 91.45
CA ILE X 270 22.36 98.85 89.57
CA GLN X 271 25.34 100.61 91.15
CA MET X 272 24.36 104.17 90.26
CA SER X 273 27.19 105.50 92.45
CA SER X 274 29.53 104.80 89.53
CA GLY X 275 26.74 105.77 87.15
CA ASN X 276 24.00 103.56 85.75
CA LEU X 277 25.61 100.37 84.42
CA LEU X 278 22.79 99.18 82.15
CA PHE X 279 23.46 95.47 81.58
CA THR X 280 21.11 95.13 78.62
CA GLY X 281 21.35 94.66 74.88
CA HIS X 282 24.27 93.81 72.60
CA LEU X 283 26.35 96.09 70.39
CA LYS X 284 26.64 95.31 66.68
CA CYS X 285 29.51 97.54 65.62
CA ARG X 286 30.91 97.72 62.08
CA LEU X 287 34.62 98.59 61.87
CA ARG X 288 36.85 99.06 58.82
CA MET X 289 40.56 98.69 59.61
CA ASP X 290 41.74 99.84 56.17
CA LYS X 291 43.41 103.06 57.40
CA LEU X 292 45.06 101.80 60.61
CA GLN X 293 48.84 101.95 60.36
CA LEU X 294 51.37 99.79 62.24
CA LYS X 295 54.55 101.39 63.62
CA GLY X 296 57.43 98.95 63.74
CA MET X 297 57.08 96.25 61.09
CA SER X 298 60.01 97.99 59.37
CA TYR X 299 62.22 97.96 62.47
CA SER X 300 65.42 95.95 62.55
CA MET X 301 65.83 92.59 64.25
CA CYS X 302 66.60 92.35 67.97
CA THR X 303 70.12 91.02 68.60
CA GLY X 304 70.89 91.75 72.26
CA LYS X 305 70.41 90.14 75.65
CA PHE X 306 67.04 88.64 76.49
CA LYS X 307 65.57 87.96 79.93
CA VAL X 308 62.23 87.03 81.49
CA VAL X 309 60.88 88.76 84.61
CA LYS X 310 57.64 86.90 85.37
CA GLU X 311 56.36 83.62 83.96
CA ILE X 312 52.88 83.01 82.50
CA ALA X 313 49.91 84.26 84.47
CA GLU X 314 47.66 81.49 83.17
CA THR X 315 44.45 82.85 81.63
CA GLN X 316 40.99 81.39 81.26
CA HIS X 317 41.93 80.55 77.64
CA GLY X 318 45.41 79.31 78.54
CA THR X 319 46.94 82.19 76.61
CA ILE X 320 50.60 82.94 77.29
CA VAL X 321 51.07 86.48 78.59
CA ILE X 322 54.83 86.91 78.87
CA ARG X 323 55.95 90.05 80.73
CA VAL X 324 59.51 90.16 79.51
CA GLN X 325 62.37 92.69 79.72
CA TYR X 326 65.09 93.06 77.06
CA GLU X 327 68.25 94.61 78.47
CA GLY X 328 69.82 94.34 75.02
CA ASP X 329 70.45 97.47 73.00
CA GLY X 330 69.26 98.30 69.47
CA SER X 331 65.65 99.09 70.34
CA PRO X 332 63.31 99.58 68.54
CA CYS X 333 63.63 96.11 67.01
CA LYS X 334 61.53 93.10 66.08
CA ILE X 335 61.46 90.24 68.58
CA PRO X 336 62.21 86.57 67.81
CA PHE X 337 58.97 84.80 68.69
CA GLU X 338 58.58 81.11 67.86
CA ILE X 339 56.27 78.44 69.30
CA MET X 340 57.65 75.03 68.42
CA ASP X 341 57.05 71.35 69.12
CA LEU X 342 58.84 68.95 71.46
CA GLU X 343 61.35 67.79 68.85
CA LYS X 344 61.50 71.34 67.41
CA ARG X 345 60.69 70.37 63.81
CA HIS X 346 58.03 72.88 62.68
CA VAL X 347 56.17 75.85 64.14
CA LEU X 348 52.43 75.63 64.75
CA GLY X 349 51.63 78.49 67.16
CA ARG X 350 49.66 81.70 66.73
CA LEU X 351 51.12 84.87 68.20
CA ILE X 352 48.58 87.58 68.99
CA THR X 353 50.47 90.87 69.11
CA VAL X 354 51.81 91.04 65.58
CA ASN X 355 55.25 92.64 65.36
CA PRO X 356 56.18 92.32 69.04
CA ILE X 357 58.41 95.35 69.52
CA VAL X 358 60.29 96.91 72.41
CA THR X 359 59.93 100.67 72.19
CA GLU X 360 62.71 101.50 74.64
CA LYS X 361 65.45 99.89 76.69
CA ASP X 362 65.03 99.04 80.37
CA SER X 363 61.29 98.60 79.88
CA PRO X 364 59.11 95.49 80.23
CA VAL X 365 56.80 94.45 77.41
CA ASN X 366 53.73 92.23 77.73
CA ILE X 367 53.55 89.95 74.69
CA GLU X 368 50.25 88.15 74.15
CA ALA X 369 50.19 84.81 72.37
CA GLU X 370 48.21 81.58 72.01
CA PRO X 371 50.32 78.39 71.77
CA PRO X 372 49.15 75.04 70.39
CA PHE X 373 47.58 72.34 72.57
CA GLY X 374 49.60 69.96 74.69
CA ASP X 375 53.25 70.49 75.51
CA SER X 376 55.45 72.85 73.53
CA TYR X 377 58.47 75.16 73.66
CA ILE X 378 58.48 78.96 73.52
CA ILE X 379 61.57 80.35 71.78
CA ILE X 380 62.49 83.96 72.54
CA GLY X 381 65.69 85.57 71.31
CA VAL X 382 68.48 84.15 69.19
CA GLU X 383 71.62 82.21 70.03
CA PRO X 384 73.84 83.10 71.90
CA GLY X 385 71.53 83.80 74.84
CA GLN X 386 68.70 81.94 73.12
CA LEU X 387 65.83 81.62 75.60
CA LYS X 388 63.57 78.54 75.80
CA LEU X 389 60.50 78.14 78.00
CA ASN X 390 58.70 74.81 78.22
CA TRP X 391 54.93 75.09 78.65
CA PHE X 392 51.85 72.88 78.46
CA LYS X 393 48.26 73.88 77.67
CA LYS X 394 45.59 71.44 78.85
CA GLY X 395 42.97 72.03 76.16
CA SER X 396 42.07 69.41 73.57
CA SER X 397 42.41 70.12 69.86
CA ILE X 398 38.95 69.10 68.65
CA GLY X 399 37.52 70.49 71.87
CA GLN X 400 38.78 74.05 71.51
CA MET X 401 37.93 73.71 67.83
CA ILE X 402 34.28 73.03 68.60
CA GLU X 403 33.95 75.70 71.29
CA THR X 404 35.63 78.37 69.13
CA THR X 405 33.39 77.50 66.18
CA MET X 406 30.48 77.73 68.61
CA ARG X 407 31.57 81.19 69.77
CA GLY X 408 31.65 82.22 66.12
CA ALA X 409 28.23 80.65 65.60
CA LYS X 410 26.79 82.63 68.52
CA ARG X 411 28.43 85.82 67.26
CA MET X 412 26.75 85.31 63.89
CA ALA X 413 23.52 84.36 65.68
CA ILE X 414 23.27 87.77 67.34
CA LEU X 415 24.93 89.24 64.23
CA GLY X 416 22.19 87.49 62.27
CA ASP X 417 18.90 88.74 60.90
CA THR X 418 19.22 92.16 59.21
CA ALA X 419 22.93 92.29 60.18
CA TRP X 420 25.07 90.49 57.59
CA ASP X 421 25.28 92.40 54.32
CA PHE X 422 22.65 90.73 52.16
CA GLY X 423 21.38 93.86 50.39
CA SER X 424 24.67 94.81 48.76
CA LEU X 425 24.66 93.07 45.38
CA GLY X 426 28.10 91.83 44.42
CA GLY X 427 29.05 92.20 48.07
CA VAL X 428 26.58 89.40 48.86
CA PHE X 429 29.28 87.00 47.75
CA THR X 430 31.74 88.65 50.15
CA SER X 431 29.17 88.61 52.96
CA ILE X 432 28.58 84.88 52.59
CA GLY X 433 32.34 84.45 52.38
CA LYS X 434 32.86 86.30 55.65
CA ALA X 435 30.04 84.31 57.25
CA LEU X 436 31.62 81.01 56.21
CA HIS X 437 34.86 82.41 57.61
CA GLN X 438 33.44 83.47 60.97
CA VAL X 439 31.90 80.00 61.37
CA PHE X 440 34.14 77.42 59.64
CA GLY X 441 37.45 79.29 59.24
CA ALA X 442 38.77 77.97 62.52
CA ILE X 443 38.31 74.50 61.02
CA TYR X 444 39.89 75.76 57.78
CA GLY X 445 43.02 77.35 59.21
CA ALA X 446 43.75 75.26 62.32
CA ALA X 447 42.75 71.75 61.22
CA PHE X 448 43.14 71.74 57.43
CA SER X 449 46.92 72.14 57.18
CA GLY X 450 47.32 75.75 58.41
CA VAL X 451 47.56 76.33 55.44
CA SER X 452 49.69 76.74 52.31
CA TRP X 453 46.65 77.73 50.31
CA ILE X 454 47.56 76.70 46.74
CA MET X 455 48.01 73.00 47.44
CA LYS X 456 44.97 72.82 49.68
CA ILE X 457 42.71 74.42 47.09
CA LEU X 458 44.07 71.84 44.65
CA ILE X 459 43.09 69.13 47.14
CA GLY X 460 39.73 70.85 47.61
CA VAL X 461 38.88 70.79 43.91
CA ILE X 462 39.94 67.13 43.89
CA ILE X 463 37.52 66.47 46.76
CA THR X 464 34.80 68.37 44.91
CA TRP X 465 35.27 66.28 41.77
CA ILE X 466 35.20 63.04 43.78
CA GLY X 467 32.06 64.16 45.62
CA MET X 468 30.31 65.08 42.37
CA ASN X 469 31.43 61.81 40.77
CA SER X 470 30.42 59.69 43.78
CA ARG X 471 28.36 56.53 44.18
CA SER X 472 25.78 58.09 46.53
CA THR X 473 23.93 61.40 46.34
CA SER X 474 23.96 61.97 50.11
CA LEU X 475 27.76 61.73 50.15
CA SER X 476 27.90 64.02 47.11
CA VAL X 477 25.84 66.70 48.85
CA SER X 478 27.91 66.27 52.03
CA LEU X 479 31.32 66.49 50.30
CA VAL X 480 30.92 68.97 47.45
CA LEU X 481 29.57 71.51 49.96
CA VAL X 482 32.73 71.13 52.03
CA GLY X 483 34.83 71.40 48.87
CA VAL X 484 33.22 74.60 47.60
CA VAL X 485 33.42 76.10 51.09
CA THR X 486 37.11 75.19 51.14
CA LEU X 487 37.78 76.79 47.76
CA TYR X 488 35.87 80.03 48.27
CA LEU X 489 36.89 80.47 51.91
CA GLY X 490 40.51 79.93 50.87
CA VAL X 491 40.18 82.65 48.26
CA MET X 492 38.79 84.87 51.03
CA VAL X 493 41.57 83.92 53.47
CA GLN X 494 44.24 84.79 50.89
CA ALA X 495 42.72 88.28 51.08
CA MET Y 1 -60.09 57.17 102.38
CA ARG Y 2 -57.89 60.14 103.18
CA CYS Y 3 -55.94 60.16 99.90
CA ILE Y 4 -58.35 62.39 97.96
CA GLY Y 5 -56.32 65.34 96.79
CA ILE Y 6 -53.05 63.50 97.51
CA SER Y 7 -51.06 63.60 94.27
CA ASN Y 8 -48.70 60.64 94.77
CA ARG Y 9 -50.80 57.48 95.03
CA ASP Y 10 -50.21 53.81 94.23
CA PHE Y 11 -52.92 51.14 94.04
CA VAL Y 12 -50.82 48.15 95.07
CA GLU Y 13 -53.00 45.02 94.83
CA GLY Y 14 -51.46 41.79 96.06
CA VAL Y 15 -49.79 39.82 98.82
CA SER Y 16 -46.10 38.90 98.90
CA GLY Y 17 -44.62 35.48 99.58
CA GLY Y 18 -45.11 35.62 103.33
CA SER Y 19 -48.49 37.32 102.86
CA TRP Y 20 -46.99 40.68 103.83
CA VAL Y 21 -47.45 43.90 101.92
CA ASP Y 22 -44.29 45.78 100.93
CA ILE Y 23 -45.31 49.37 101.67
CA VAL Y 24 -43.42 52.16 99.96
CA LEU Y 25 -44.08 55.11 102.25
CA GLU Y 26 -43.05 58.71 101.55
CA HIS Y 27 -44.12 61.97 103.17
CA GLY Y 28 -47.05 63.41 101.24
CA SER Y 29 -47.88 60.14 99.49
CA CYS Y 30 -50.53 57.43 99.61
CA VAL Y 31 -50.70 53.65 99.68
CA THR Y 32 -53.79 51.49 99.16
CA THR Y 33 -53.66 47.72 99.62
CA MET Y 34 -56.05 45.32 97.92
CA ALA Y 35 -56.61 41.59 97.54
CA LYS Y 36 -59.50 39.22 96.92
CA ASN Y 37 -61.06 37.72 100.04
CA LYS Y 38 -59.22 40.54 101.82
CA PRO Y 39 -60.72 43.95 102.76
CA THR Y 40 -58.99 46.94 101.21
CA LEU Y 41 -56.90 49.18 103.45
CA ASP Y 42 -55.31 52.63 103.22
CA PHE Y 43 -51.74 53.06 104.49
CA GLU Y 44 -50.39 56.52 105.29
CA LEU Y 45 -47.79 58.40 107.33
CA ILE Y 46 -48.73 61.57 109.20
CA LYS Y 47 -45.87 62.48 111.55
CA THR Y 48 -42.12 61.98 111.83
CA GLU Y 49 -40.12 62.70 114.96
CA ALA Y 50 -36.69 62.07 116.48
CA LYS Y 51 -36.43 61.48 120.23
CA GLN Y 52 -33.40 61.18 122.53
CA PRO Y 53 -31.09 63.06 120.15
CA ALA Y 54 -27.34 63.16 120.67
CA THR Y 55 -25.57 66.49 121.20
CA LEU Y 56 -22.80 66.51 118.61
CA ARG Y 57 -21.41 69.86 119.74
CA LYS Y 58 -22.78 72.70 121.86
CA TYR Y 59 -22.35 76.28 120.61
CA CYS Y 60 -22.73 79.16 123.07
CA ILE Y 61 -23.52 82.30 121.14
CA GLU Y 62 -23.60 85.24 123.55
CA ALA Y 63 -20.43 85.70 125.58
CA LYS Y 64 -20.06 87.66 128.81
CA LEU Y 65 -16.56 88.60 129.93
CA THR Y 66 -15.30 89.00 133.50
CA ASN Y 67 -12.25 89.30 135.75
CA THR Y 68 -10.09 90.51 132.90
CA THR Y 69 -6.42 90.94 133.76
CA THR Y 70 -3.65 92.72 131.88
CA ASP Y 71 0.01 93.19 132.68
CA SER Y 72 3.22 94.13 130.90
CA ARG Y 73 6.96 94.05 131.40
CA CYS Y 74 9.57 96.32 129.85
CA PRO Y 75 11.98 94.99 127.21
CA THR Y 76 14.68 92.68 128.65
CA GLN Y 77 12.95 92.72 132.07
CA GLY Y 78 11.10 89.48 131.31
CA GLU Y 79 7.90 87.98 129.96
CA PRO Y 80 5.16 87.93 132.64
CA SER Y 81 3.40 84.67 133.44
CA LEU Y 82 0.24 84.50 135.54
CA ASN Y 83 -1.54 81.63 137.25
CA GLU Y 84 -4.68 82.93 135.54
CA GLU Y 85 -3.14 81.74 132.26
CA GLN Y 86 -2.71 78.15 133.44
CA ASP Y 87 -6.43 77.73 134.18
CA LYS Y 88 -7.97 77.11 130.77
CA ARG Y 89 -11.26 78.83 131.67
CA PHE Y 90 -9.79 82.16 130.49
CA VAL Y 91 -9.02 83.29 126.96
CA CYS Y 92 -5.49 84.69 126.89
CA LYS Y 93 -3.19 86.54 124.49
CA HIS Y 94 0.41 87.70 124.50
CA SER Y 95 1.55 90.86 122.74
CA MET Y 96 4.31 93.40 122.16
CA VAL Y 97 4.21 97.14 122.90
CA ASP Y 98 6.76 99.93 122.76
CA ARG Y 99 8.11 101.42 125.99
CA GLY Y 100 10.63 104.19 126.51
CA TRP Y 101 12.97 105.87 128.96
CA GLY Y 102 10.65 108.85 129.29
CA ASN Y 103 7.58 106.61 128.94
CA GLY Y 104 7.53 105.41 132.54
CA CYS Y 105 10.33 102.87 132.09
CA GLY Y 106 14.04 102.52 131.42
CA LEU Y 107 14.72 102.32 127.68
CA PHE Y 108 13.27 102.35 124.17
CA GLY Y 109 12.08 98.95 122.99
CA LYS Y 110 9.31 96.41 122.64
CA GLY Y 111 8.29 95.03 126.03
CA GLY Y 112 5.91 92.14 126.45
CA ILE Y 113 2.26 92.07 127.50
CA VAL Y 114 -0.07 89.32 128.68
CA THR Y 115 -3.79 90.02 128.84
CA CYS Y 116 -6.53 87.53 129.53
CA ALA Y 117 -10.00 87.17 130.94
CA MET Y 118 -12.77 84.78 131.88
CA PHE Y 119 -15.25 83.73 129.17
CA THR Y 120 -18.74 83.03 130.49
CA CYS Y 121 -21.59 82.63 128.01
CA LYS Y 122 -25.30 82.73 128.72
CA LYS Y 123 -27.33 82.06 125.58
CA ASN Y 124 -26.41 78.96 123.62
CA MET Y 125 -27.42 76.90 120.61
CA LYS Y 126 -28.17 73.22 120.59
CA GLY Y 127 -26.77 71.22 117.66
CA LYS Y 128 -27.70 67.56 117.46
CA VAL Y 129 -27.27 64.67 115.02
CA VAL Y 130 -30.03 62.12 114.42
CA GLN Y 131 -29.15 58.47 113.90
CA PRO Y 132 -31.40 56.04 112.01
CA GLU Y 133 -32.06 54.14 115.24
CA ASN Y 134 -33.45 57.10 117.19
CA LEU Y 135 -36.17 57.89 114.63
CA GLU Y 136 -39.86 57.18 115.20
CA TYR Y 137 -42.41 57.06 112.37
CA THR Y 138 -46.16 57.68 112.70
CA ILE Y 139 -48.06 55.35 110.40
CA VAL Y 140 -51.85 55.46 110.19
CA ILE Y 141 -54.15 52.74 108.87
CA THR Y 142 -57.63 53.49 107.54
CA PRO Y 143 -60.44 51.16 106.40
CA HIS Y 144 -62.36 51.61 103.15
CA SER Y 145 -65.82 51.30 104.66
CA GLY Y 146 -67.34 54.48 103.24
CA GLU Y 147 -68.27 55.96 106.61
CA GLU Y 148 -69.02 59.68 106.60
CA HIS Y 149 -65.99 60.62 108.70
CA ALA Y 150 -64.02 58.00 106.73
CA VAL Y 151 -63.59 60.24 103.66
CA GLY Y 152 -61.00 63.00 103.37
CA ASN Y 153 -60.88 63.51 107.15
CA ASP Y 154 -57.68 64.25 109.05
CA THR Y 155 -59.09 63.57 112.55
CA GLY Y 156 -61.59 60.75 112.03
CA LYS Y 157 -62.14 58.03 114.59
CA HIS Y 158 -62.04 55.40 111.82
CA GLY Y 159 -58.27 55.64 111.43
CA LYS Y 160 -55.77 54.09 113.82
CA GLU Y 161 -52.34 55.63 114.34
CA ILE Y 162 -49.28 53.61 115.38
CA LYS Y 163 -45.64 54.51 115.95
CA ILE Y 164 -42.76 52.47 114.52
CA THR Y 165 -39.25 52.27 116.03
CA PRO Y 166 -36.51 49.65 115.45
CA GLN Y 167 -36.28 48.83 119.17
CA SER Y 168 -39.76 47.25 118.94
CA SER Y 169 -39.86 45.84 115.41
CA ILE Y 170 -42.37 42.98 115.71
CA THR Y 171 -45.47 44.82 116.95
CA GLU Y 172 -49.20 44.15 116.62
CA ALA Y 173 -51.75 46.85 115.84
CA GLU Y 174 -55.53 46.52 115.97
CA LEU Y 175 -58.15 47.77 113.51
CA THR Y 176 -61.77 47.91 114.64
CA GLY Y 177 -63.80 44.92 113.47
CA TYR Y 178 -61.18 43.59 111.08
CA GLY Y 179 -58.75 42.60 113.84
CA THR Y 180 -55.00 42.20 114.19
CA VAL Y 181 -52.37 43.40 111.70
CA THR Y 182 -48.60 43.23 112.09
CA MET Y 183 -46.11 46.11 112.21
CA GLU Y 184 -42.52 45.17 111.26
CA CYS Y 185 -39.90 47.11 109.28
CA SER Y 186 -36.53 48.86 109.16
CA PRO Y 187 -37.03 51.92 106.89
CA ARG Y 188 -33.30 52.60 106.46
CA THR Y 189 -33.36 52.22 102.63
CA GLY Y 190 -33.64 56.02 102.31
CA LEU Y 191 -31.11 58.80 101.91
CA ASP Y 192 -27.98 58.84 104.05
CA PHE Y 193 -28.47 60.54 107.42
CA ASN Y 194 -24.87 61.15 108.53
CA GLU Y 195 -24.63 64.20 106.22
CA MET Y 196 -27.18 66.32 108.14
CA VAL Y 197 -27.36 67.94 111.58
CA LEU Y 198 -30.18 69.93 113.19
CA LEU Y 199 -29.70 73.18 115.10
CA GLN Y 200 -32.31 74.45 117.51
CA MET Y 201 -32.64 77.79 119.28
CA GLU Y 202 -35.36 78.10 121.94
CA ASN Y 203 -38.07 76.90 119.55
CA LYS Y 204 -36.96 77.31 115.93
CA ALA Y 205 -34.75 74.73 114.25
CA TRP Y 206 -32.69 74.44 111.09
CA LEU Y 207 -31.43 71.51 109.05
CA VAL Y 208 -27.83 72.01 107.89
CA HIS Y 209 -24.73 70.08 106.85
CA ARG Y 210 -22.31 68.60 109.37
CA GLN Y 211 -19.19 70.30 108.01
CA TRP Y 212 -21.04 73.61 107.91
CA PHE Y 213 -22.30 72.96 111.43
CA LEU Y 214 -18.68 72.61 112.55
CA ASP Y 215 -17.28 75.43 110.38
CA LEU Y 216 -19.10 78.33 112.08
CA PRO Y 217 -16.25 80.03 113.99
CA LEU Y 218 -17.58 80.22 117.54
CA PRO Y 219 -16.85 78.52 120.89
CA TRP Y 220 -17.23 74.73 121.10
CA LEU Y 221 -18.10 72.03 123.62
CA PRO Y 222 -17.79 68.28 122.99
CA GLY Y 223 -21.00 66.29 123.28
CA ALA Y 224 -20.24 64.85 126.69
CA ASP Y 225 -18.88 68.26 127.71
CA THR Y 226 -21.27 70.08 130.03
CA GLN Y 227 -19.03 71.82 132.58
CA GLY Y 228 -18.16 74.92 130.54
CA SER Y 229 -14.50 74.72 131.55
CA ASN Y 230 -13.19 73.71 128.13
CA TRP Y 231 -13.61 76.07 125.18
CA ILE Y 232 -12.13 75.84 121.68
CA GLN Y 233 -11.52 78.77 119.33
CA LYS Y 234 -12.74 81.04 122.12
CA GLU Y 235 -10.76 83.96 120.70
CA THR Y 236 -13.30 85.14 118.11
CA LEU Y 237 -16.01 86.21 120.55
CA VAL Y 238 -13.42 88.23 122.49
CA THR Y 239 -11.84 90.93 120.34
CA PHE Y 240 -8.62 92.40 121.66
CA LYS Y 241 -8.32 96.04 120.61
CA ASN Y 242 -4.98 97.28 119.36
CA PRO Y 243 -1.98 96.92 121.70
CA HIS Y 244 -1.76 100.09 123.73
CA ALA Y 245 0.60 101.04 126.57
CA LYS Y 246 0.04 98.60 129.45
CA LYS Y 247 -3.59 98.01 128.44
CA GLN Y 248 -5.43 95.66 126.14
CA ASP Y 249 -8.99 96.93 126.26
CA VAL Y 250 -10.92 93.69 125.87
CA VAL Y 251 -14.07 94.13 123.78
CA VAL Y 252 -16.85 91.57 124.12
CA LEU Y 253 -18.34 90.71 120.76
CA GLY Y 254 -22.07 91.22 120.62
CA SER Y 255 -24.64 88.45 120.53
CA GLN Y 256 -24.66 86.97 117.05
CA GLU Y 257 -28.19 85.64 117.59
CA GLY Y 258 -29.52 88.33 115.29
CA ALA Y 259 -26.78 87.46 112.83
CA MET Y 260 -27.74 83.79 112.99
CA HIS Y 261 -31.37 84.66 112.31
CA THR Y 262 -30.11 86.71 109.36
CA ALA Y 263 -27.95 83.89 107.96
CA LEU Y 264 -29.75 80.63 108.76
CA THR Y 265 -32.95 82.04 107.26
CA GLY Y 266 -33.11 80.79 103.69
CA ALA Y 267 -31.93 77.37 104.78
CA THR Y 268 -34.27 74.48 105.61
CA GLU Y 269 -36.51 75.67 108.43
CA ILE Y 270 -38.05 73.30 110.98
CA GLN Y 271 -40.48 73.67 113.88
CA MET Y 272 -40.22 71.08 116.65
CA SER Y 273 -43.99 71.10 117.22
CA SER Y 274 -44.57 69.39 113.86
CA GLY Y 275 -41.63 67.01 114.39
CA ASN Y 276 -38.69 66.70 112.02
CA LEU Y 277 -39.73 66.85 108.35
CA LEU Y 278 -37.15 64.37 107.07
CA PHE Y 279 -39.30 63.64 104.03
CA THR Y 280 -36.14 62.68 102.13
CA GLY Y 281 -35.65 58.93 102.00
CA HIS Y 282 -38.11 56.21 101.05
CA LEU Y 283 -39.58 54.04 103.82
CA LYS Y 284 -39.79 50.39 102.81
CA CYS Y 285 -41.88 48.38 105.26
CA ARG Y 286 -43.12 44.84 105.72
CA LEU Y 287 -46.66 44.35 107.00
CA ARG Y 288 -48.37 40.97 107.39
CA MET Y 289 -52.08 40.56 106.63
CA ASP Y 290 -52.75 36.89 107.43
CA LYS Y 291 -54.58 37.65 110.70
CA LEU Y 292 -57.43 39.65 109.07
CA GLN Y 293 -60.68 38.42 107.54
CA LEU Y 294 -63.80 40.00 106.07
CA LYS Y 295 -65.91 41.75 108.71
CA GLY Y 296 -69.60 42.07 107.92
CA MET Y 297 -69.55 39.37 105.22
CA SER Y 298 -72.13 37.36 107.16
CA TYR Y 299 -74.66 40.15 106.63
CA SER Y 300 -77.09 39.24 103.86
CA MET Y 301 -77.57 41.28 100.71
CA CYS Y 302 -80.61 43.57 100.85
CA THR Y 303 -82.95 43.86 97.88
CA GLY Y 304 -84.32 47.30 98.70
CA LYS Y 305 -83.72 50.49 96.71
CA PHE Y 306 -80.57 52.60 96.36
CA LYS Y 307 -80.24 56.37 96.05
CA VAL Y 308 -77.34 58.70 95.20
CA VAL Y 309 -76.62 61.76 97.33
CA LYS Y 310 -73.56 63.40 95.74
CA GLU Y 311 -72.83 63.40 92.04
CA ILE Y 312 -70.02 61.38 90.47
CA ALA Y 313 -66.95 63.09 91.92
CA GLU Y 314 -63.59 62.95 90.15
CA THR Y 315 -60.22 62.48 91.85
CA GLN Y 316 -56.70 62.97 90.44
CA HIS Y 317 -56.27 59.25 89.65
CA GLY Y 318 -59.21 58.19 87.48
CA THR Y 319 -61.43 56.98 90.31
CA ILE Y 320 -65.07 57.68 91.13
CA VAL Y 321 -66.84 58.32 94.44
CA ILE Y 322 -70.51 57.47 94.95
CA ARG Y 323 -72.50 58.29 98.08
CA VAL Y 324 -75.09 55.53 97.89
CA GLN Y 325 -78.09 56.03 100.18
CA TYR Y 326 -80.53 53.26 101.11
CA GLU Y 327 -84.09 54.54 101.43
CA GLY Y 328 -85.44 50.99 101.75
CA ASP Y 329 -85.40 48.74 104.82
CA GLY Y 330 -83.34 45.77 105.99
CA SER Y 331 -80.12 47.45 107.09
CA PRO Y 332 -77.33 46.54 107.64
CA CYS Y 333 -76.68 44.66 104.37
CA LYS Y 334 -73.99 43.52 101.94
CA ILE Y 335 -73.85 46.13 99.18
CA PRO Y 336 -74.47 44.83 95.64
CA PHE Y 337 -72.06 46.92 93.55
CA GLU Y 338 -71.28 45.82 90.00
CA ILE Y 339 -70.03 46.96 86.61
CA MET Y 340 -71.24 46.29 83.10
CA ASP Y 341 -70.08 47.23 79.63
CA LEU Y 342 -72.14 48.56 76.72
CA GLU Y 343 -73.41 45.05 75.94
CA LYS Y 344 -74.59 44.75 79.58
CA ARG Y 345 -72.76 41.40 79.75
CA HIS Y 346 -69.22 41.52 81.15
CA VAL Y 347 -67.84 42.61 84.53
CA LEU Y 348 -64.83 44.65 83.38
CA GLY Y 349 -64.44 47.54 85.84
CA ARG Y 350 -62.25 47.30 88.93
CA LEU Y 351 -63.79 47.85 92.36
CA ILE Y 352 -61.97 49.35 95.36
CA THR Y 353 -64.05 48.46 98.42
CA VAL Y 354 -65.03 44.80 98.49
CA ASN Y 355 -68.37 43.84 100.13
CA PRO Y 356 -69.35 47.34 101.31
CA ILE Y 357 -71.97 47.41 104.04
CA VAL Y 358 -74.41 50.00 105.38
CA THR Y 359 -74.21 50.85 109.06
CA GLU Y 360 -77.81 52.08 109.14
CA LYS Y 361 -80.47 53.32 106.77
CA ASP Y 362 -80.33 57.03 105.89
CA SER Y 363 -76.52 56.89 106.42
CA PRO Y 364 -75.04 56.56 102.91
CA VAL Y 365 -71.84 54.71 102.09
CA ASN Y 366 -69.00 56.18 100.05
CA ILE Y 367 -68.41 53.44 97.50
CA GLU Y 368 -65.21 53.92 95.49
CA ALA Y 369 -64.61 52.48 92.03
CA GLU Y 370 -62.06 52.48 89.20
CA PRO Y 371 -63.65 51.69 85.82
CA PRO Y 372 -61.46 51.77 82.71
CA PHE Y 373 -61.14 55.00 80.75
CA GLY Y 374 -64.23 54.81 78.58
CA ASP Y 375 -67.98 54.31 78.68
CA SER Y 376 -69.49 51.87 81.17
CA TYR Y 377 -72.47 51.40 83.48
CA ILE Y 378 -72.00 51.43 87.24
CA ILE Y 379 -74.89 49.18 88.27
CA ILE Y 380 -76.04 50.12 91.76
CA GLY Y 381 -78.60 47.75 93.23
CA VAL Y 382 -80.32 44.87 91.48
CA GLU Y 383 -83.42 44.75 89.35
CA PRO Y 384 -86.29 45.59 89.61
CA GLY Y 385 -85.46 49.25 90.12
CA GLN Y 386 -81.74 48.84 89.42
CA LEU Y 387 -79.66 51.95 88.66
CA LYS Y 388 -77.35 51.54 85.65
CA LEU Y 389 -75.65 54.90 86.05
CA ASN Y 390 -73.79 55.59 82.82
CA TRP Y 391 -70.26 56.94 83.15
CA PHE Y 392 -67.70 58.09 80.59
CA LYS Y 393 -64.18 58.13 82.02
CA LYS Y 394 -61.57 60.18 80.18
CA GLY Y 395 -58.11 58.93 79.28
CA SER Y 396 -56.46 56.18 77.27
CA SER Y 397 -56.22 52.59 78.48
CA ILE Y 398 -52.63 52.58 77.23
CA GLY Y 399 -52.27 55.72 79.35
CA GLN Y 400 -52.85 53.91 82.63
CA MET Y 401 -51.01 50.91 81.18
CA ILE Y 402 -47.75 52.81 80.75
CA GLU Y 403 -48.27 54.92 83.87
CA THR Y 404 -48.92 52.07 86.31
CA THR Y 405 -46.31 49.78 84.76
CA MET Y 406 -43.66 52.51 84.89
CA ARG Y 407 -44.55 53.51 88.44
CA GLY Y 408 -44.38 49.93 89.69
CA ALA Y 409 -41.13 49.43 87.79
CA LYS Y 410 -39.49 52.46 89.42
CA ARG Y 411 -40.95 51.40 92.77
CA MET Y 412 -39.26 47.99 92.48
CA ALA Y 413 -36.14 49.58 90.94
CA ILE Y 414 -35.35 51.98 93.78
CA LEU Y 415 -36.16 48.91 95.85
CA GLY Y 416 -34.10 46.84 93.43
CA ASP Y 417 -30.55 45.60 93.96
CA THR Y 418 -29.93 44.34 97.52
CA ALA Y 419 -33.64 44.98 98.31
CA TRP Y 420 -35.90 42.27 96.83
CA ASP Y 421 -35.34 38.82 98.32
CA PHE Y 422 -33.32 36.89 95.73
CA GLY Y 423 -31.07 34.86 98.06
CA SER Y 424 -33.76 32.55 99.44
CA LEU Y 425 -33.64 29.30 97.47
CA GLY Y 426 -37.14 28.06 96.70
CA GLY Y 427 -38.37 31.53 97.58
CA VAL Y 428 -36.65 32.71 94.40
CA PHE Y 429 -39.86 31.67 92.63
CA THR Y 430 -41.90 33.74 95.07
CA SER Y 431 -39.58 36.72 94.58
CA ILE Y 432 -39.84 36.49 90.79
CA GLY Y 433 -43.61 36.32 91.16
CA LYS Y 434 -43.40 39.32 93.48
CA ALA Y 435 -41.44 41.32 90.91
CA LEU Y 436 -43.93 40.47 88.18
CA HIS Y 437 -46.94 41.09 90.44
CA GLN Y 438 -45.61 44.48 91.55
CA VAL Y 439 -44.76 45.42 87.94
CA PHE Y 440 -46.73 43.12 85.61
CA GLY Y 441 -49.50 42.35 88.12
CA ALA Y 442 -51.67 45.23 86.94
CA ILE Y 443 -51.53 43.56 83.53
CA TYR Y 444 -53.09 40.42 85.01
CA GLY Y 445 -55.65 42.29 87.08
CA ALA Y 446 -56.87 45.40 85.26
CA ALA Y 447 -56.82 44.67 81.52
CA PHE Y 448 -57.07 40.86 81.56
CA SER Y 449 -60.68 40.00 82.42
CA GLY Y 450 -60.88 41.35 86.00
CA VAL Y 451 -60.54 38.43 86.75
CA SER Y 452 -62.09 35.07 87.64
CA TRP Y 453 -58.81 33.20 87.82
CA ILE Y 454 -59.76 29.66 86.73
CA MET Y 455 -61.08 30.64 83.30
CA LYS Y 456 -58.18 32.96 82.57
CA ILE Y 457 -55.57 30.39 83.58
CA LEU Y 458 -57.30 28.03 81.15
CA ILE Y 459 -57.03 30.80 78.55
CA GLY Y 460 -53.41 31.32 79.55
CA VAL Y 461 -52.42 27.69 79.06
CA ILE Y 462 -54.26 27.86 75.72
CA ILE Y 463 -52.15 30.89 74.78
CA THR Y 464 -48.98 29.09 75.88
CA TRP Y 465 -49.90 26.15 73.65
CA ILE Y 466 -50.57 28.48 70.71
CA GLY Y 467 -47.32 30.39 71.24
CA MET Y 468 -45.22 27.23 71.50
CA ASN Y 469 -46.67 25.81 68.27
CA SER Y 470 -46.48 29.10 66.35
CA ARG Y 471 -45.15 29.93 62.90
CA SER Y 472 -42.60 32.45 64.25
CA THR Y 473 -40.07 32.03 67.07
CA SER Y 474 -40.10 35.75 67.85
CA LEU Y 475 -43.85 35.60 68.40
CA SER Y 476 -43.30 32.40 70.39
CA VAL Y 477 -40.91 34.17 72.77
CA SER Y 478 -43.28 37.15 72.94
CA LEU Y 479 -46.41 35.07 73.71
CA VAL Y 480 -45.29 32.08 75.81
CA LEU Y 481 -43.56 34.50 78.20
CA VAL Y 482 -46.82 36.41 78.66
CA GLY Y 483 -48.68 33.12 79.10
CA VAL Y 484 -46.38 31.70 81.76
CA VAL Y 485 -46.39 35.08 83.51
CA THR Y 486 -50.20 34.94 83.46
CA LEU Y 487 -50.36 31.40 84.86
CA TYR Y 488 -47.72 31.74 87.57
CA LEU Y 489 -48.81 35.24 88.61
CA GLY Y 490 -52.40 34.02 88.78
CA VAL Y 491 -51.31 31.27 91.13
CA MET Y 492 -49.58 33.95 93.19
CA VAL Y 493 -52.67 36.19 93.03
CA GLN Y 494 -54.76 33.32 94.41
CA ALA Y 495 -52.49 33.41 97.48
CA MET Z 1 -33.33 121.42 38.49
CA ARG Z 2 -33.05 121.97 42.24
CA CYS Z 3 -30.67 119.23 43.41
CA ILE Z 4 -27.49 119.94 41.43
CA GLY Z 5 -24.86 119.69 44.15
CA ILE Z 6 -26.11 117.32 46.85
CA SER Z 7 -24.09 114.16 47.37
CA ASN Z 8 -26.95 111.64 47.20
CA ARG Z 9 -28.00 112.15 43.57
CA ASP Z 10 -30.32 109.36 42.40
CA PHE Z 11 -31.98 108.61 39.06
CA VAL Z 12 -35.12 106.61 38.30
CA GLU Z 13 -35.57 106.26 34.53
CA GLY Z 14 -38.53 103.92 34.15
CA VAL Z 15 -42.31 104.10 33.92
CA SER Z 16 -45.09 101.66 34.74
CA GLY Z 17 -47.85 100.34 32.51
CA GLY Z 18 -50.36 102.65 34.16
CA SER Z 19 -47.67 105.29 34.80
CA TRP Z 20 -47.79 104.38 38.52
CA VAL Z 21 -44.20 105.37 39.23
CA ASP Z 22 -42.70 104.58 42.63
CA ILE Z 23 -39.95 106.52 44.43
CA VAL Z 24 -38.21 106.50 47.80
CA LEU Z 25 -37.38 109.76 49.57
CA GLU Z 26 -34.87 110.25 52.39
CA HIS Z 27 -33.29 113.22 54.13
CA GLY Z 28 -30.91 114.88 51.71
CA SER Z 29 -31.40 112.20 49.04
CA CYS Z 30 -33.20 113.90 46.18
CA VAL Z 31 -34.61 112.03 43.19
CA THR Z 32 -34.90 112.90 39.50
CA THR Z 33 -37.87 111.57 37.54
CA MET Z 34 -37.42 110.84 33.84
CA ALA Z 35 -40.11 109.95 31.32
CA LYS Z 36 -40.87 109.74 27.61
CA ASN Z 37 -42.69 112.75 26.12
CA LYS Z 38 -43.58 113.88 29.66
CA PRO Z 39 -41.83 116.66 31.60
CA THR Z 40 -39.04 115.54 33.89
CA LEU Z 41 -39.12 116.36 37.58
CA ASP Z 42 -37.08 116.66 40.75
CA PHE Z 43 -38.45 115.43 44.07
CA GLU Z 44 -37.14 115.93 47.58
CA LEU Z 45 -38.29 116.04 51.18
CA ILE Z 46 -37.13 119.42 52.43
CA LYS Z 47 -38.21 119.34 56.07
CA THR Z 48 -39.69 116.69 58.34
CA GLU Z 49 -42.23 117.87 60.91
CA ALA Z 50 -44.09 116.14 63.74
CA LYS Z 51 -47.09 118.27 64.64
CA GLN Z 52 -49.79 117.53 67.21
CA PRO Z 53 -47.59 115.48 69.56
CA ALA Z 54 -49.01 113.02 72.04
CA THR Z 55 -48.10 113.73 75.67
CA LEU Z 56 -46.88 110.24 76.55
CA ARG Z 57 -45.72 110.77 80.14
CA LYS Z 58 -44.26 113.42 82.44
CA TYR Z 59 -41.46 113.47 85.00
CA CYS Z 60 -41.13 115.66 88.09
CA ILE Z 61 -37.46 116.54 87.77
CA GLU Z 62 -37.29 118.34 91.13
CA ALA Z 63 -39.24 117.79 94.32
CA LYS Z 64 -40.71 119.66 97.27
CA LEU Z 65 -41.64 117.97 100.55
CA THR Z 66 -44.31 119.60 102.70
CA ASN Z 67 -46.84 118.87 105.43
CA THR Z 68 -44.75 115.89 106.56
CA THR Z 69 -46.74 114.34 109.37
CA THR Z 70 -45.78 111.17 111.21
CA ASP Z 71 -47.04 108.97 114.04
CA SER Z 72 -46.28 105.72 115.82
CA ARG Z 73 -47.85 103.15 118.12
CA CYS Z 74 -46.47 100.92 120.84
CA PRO Z 75 -45.94 97.23 119.99
CA THR Z 76 -49.08 95.10 119.45
CA GLN Z 77 -51.28 98.18 118.85
CA GLY Z 78 -51.00 97.86 115.06
CA GLU Z 79 -50.01 100.51 112.56
CA PRO Z 80 -51.41 104.01 113.25
CA SER Z 81 -54.14 105.10 110.84
CA LEU Z 82 -54.04 108.75 109.75
CA ASN Z 83 -56.02 110.23 106.84
CA GLU Z 84 -53.02 110.94 104.57
CA GLU Z 85 -52.39 107.27 103.78
CA GLN Z 86 -55.54 106.87 101.68
CA ASP Z 87 -54.94 110.17 99.87
CA LYS Z 88 -52.35 109.75 97.13
CA ARG Z 89 -51.53 113.46 97.39
CA PHE Z 90 -49.19 112.42 100.21
CA VAL Z 91 -46.46 109.88 99.57
CA CYS Z 92 -45.82 107.72 102.59
CA LYS Z 93 -44.64 104.50 104.18
CA HIS Z 94 -44.75 102.55 107.44
CA SER Z 95 -41.96 100.80 109.35
CA MET Z 96 -41.14 99.54 112.85
CA VAL Z 97 -38.68 100.31 115.65
CA ASP Z 98 -37.92 98.91 119.09
CA ARG Z 99 -39.90 100.73 121.79
CA GLY Z 100 -40.87 99.73 125.29
CA TRP Z 101 -40.55 100.45 129.01
CA GLY Z 102 -37.56 102.70 128.34
CA ASN Z 103 -39.31 105.25 126.11
CA GLY Z 104 -42.92 105.27 127.30
CA CYS Z 105 -44.38 102.02 125.97
CA GLY Z 106 -44.90 98.83 127.99
CA LEU Z 107 -42.32 96.29 126.81
CA PHE Z 108 -39.39 96.32 124.40
CA GLY Z 109 -40.73 95.26 121.01
CA LYS Z 110 -41.01 96.30 117.38
CA GLY Z 111 -43.80 98.86 117.41
CA GLY Z 112 -45.10 100.47 114.25
CA ILE Z 113 -44.58 103.90 112.72
CA VAL Z 114 -46.28 105.63 109.80
CA THR Z 115 -44.44 108.46 108.04
CA CYS Z 116 -46.29 110.57 105.45
CA ALA Z 117 -45.69 113.78 103.55
CA MET Z 118 -47.11 115.88 100.73
CA PHE Z 119 -45.04 115.63 97.53
CA THR Z 120 -45.26 118.89 95.56
CA CYS Z 121 -43.95 118.93 91.99
CA LYS Z 122 -42.20 122.23 91.26
CA LYS Z 123 -40.98 121.61 87.70
CA ASN Z 124 -41.89 119.38 84.78
CA MET Z 125 -39.90 117.31 82.28
CA LYS Z 126 -41.96 116.73 79.18
CA GLY Z 127 -42.00 113.62 77.00
CA LYS Z 128 -43.22 113.59 73.40
CA VAL Z 129 -43.88 110.42 71.40
CA VAL Z 130 -44.20 110.63 67.62
CA GLN Z 131 -46.67 108.26 66.00
CA PRO Z 132 -46.50 107.37 62.29
CA GLU Z 133 -49.69 109.25 61.44
CA ASN Z 134 -48.39 112.48 63.02
CA LEU Z 135 -45.50 112.98 60.57
CA GLU Z 136 -46.17 116.07 58.44
CA TYR Z 137 -43.80 115.56 55.49
CA THR Z 138 -42.86 118.74 53.62
CA ILE Z 139 -42.04 117.77 50.03
CA VAL Z 140 -40.58 120.10 47.41
CA ILE Z 141 -41.37 119.34 43.76
CA THR Z 142 -39.48 121.26 41.05
CA PRO Z 143 -39.59 120.75 37.25
CA HIS Z 144 -36.59 120.77 34.92
CA SER Z 145 -38.22 123.60 33.05
CA GLY Z 146 -35.39 126.11 32.66
CA GLU Z 147 -35.48 128.13 35.87
CA GLU Z 148 -32.26 129.55 37.29
CA HIS Z 149 -32.75 130.43 40.97
CA ALA Z 150 -32.93 126.84 42.29
CA VAL Z 151 -29.50 125.41 41.42
CA GLY Z 152 -27.73 124.84 44.71
CA ASN Z 153 -30.60 126.48 46.59
CA ASP Z 154 -33.05 125.71 49.40
CA THR Z 155 -35.82 128.32 49.07
CA GLY Z 156 -35.68 128.61 45.25
CA LYS Z 157 -39.34 128.51 44.28
CA HIS Z 158 -40.48 127.75 40.76
CA GLY Z 159 -42.25 124.53 41.69
CA LYS Z 160 -44.37 123.79 44.75
CA GLU Z 161 -43.96 122.75 48.38
CA ILE Z 162 -46.68 120.49 49.78
CA LYS Z 163 -47.27 119.31 53.35
CA ILE Z 164 -48.29 115.64 53.18
CA THR Z 165 -50.44 114.46 56.09
CA PRO Z 166 -50.70 110.64 56.14
CA GLN Z 167 -54.38 110.85 57.09
CA SER Z 168 -54.77 112.44 53.63
CA SER Z 169 -53.22 109.91 51.25
CA ILE Z 170 -54.26 111.38 47.88
CA THR Z 171 -53.28 115.00 47.29
CA GLU Z 172 -53.16 117.23 44.22
CA ALA Z 173 -50.05 119.42 43.94
CA GLU Z 174 -50.76 121.87 41.10
CA LEU Z 175 -47.39 122.46 39.47
CA THR Z 176 -47.46 125.79 37.64
CA GLY Z 177 -47.73 125.63 33.86
CA TYR Z 178 -47.63 121.82 33.79
CA GLY Z 179 -50.79 120.85 35.69
CA THR Z 180 -50.67 118.55 38.71
CA VAL Z 181 -49.28 115.21 39.87
CA THR Z 182 -51.26 112.91 42.14
CA MET Z 183 -49.54 112.42 45.49
CA GLU Z 184 -50.04 108.98 47.03
CA CYS Z 185 -47.00 108.92 49.27
CA SER Z 186 -47.01 107.11 52.61
CA PRO Z 187 -44.46 107.06 55.45
CA ARG Z 188 -46.22 103.98 56.86
CA THR Z 189 -44.10 101.59 54.79
CA GLY Z 190 -40.93 103.37 55.94
CA LEU Z 191 -39.13 102.65 59.17
CA ASP Z 192 -41.40 102.43 62.20
CA PHE Z 193 -41.31 105.50 64.43
CA ASN Z 194 -42.24 103.38 67.44
CA GLU Z 195 -39.11 103.79 69.60
CA MET Z 196 -38.23 107.49 69.12
CA VAL Z 197 -39.05 109.92 71.93
CA LEU Z 198 -38.32 113.60 72.52
CA LEU Z 199 -37.32 114.92 75.94
CA GLN Z 200 -38.37 118.57 76.25
CA MET Z 201 -37.07 120.99 78.88
CA GLU Z 202 -38.16 124.63 78.82
CA ASN Z 203 -37.43 125.24 75.11
CA LYS Z 204 -34.58 122.81 74.31
CA ALA Z 205 -34.89 119.11 73.65
CA TRP Z 206 -33.17 115.82 72.91
CA LEU Z 207 -34.05 112.59 71.13
CA VAL Z 208 -33.81 109.27 72.98
CA HIS Z 209 -35.25 105.76 72.88
CA ARG Z 210 -38.61 104.80 74.36
CA GLN Z 211 -37.46 101.94 76.58
CA TRP Z 212 -34.74 104.18 78.01
CA PHE Z 213 -37.25 107.00 78.38
CA LEU Z 214 -39.49 104.87 80.58
CA ASP Z 215 -36.76 102.94 82.43
CA LEU Z 216 -35.67 106.10 84.26
CA PRO Z 217 -36.14 105.67 88.05
CA LEU Z 218 -37.73 109.09 88.45
CA PRO Z 219 -41.18 110.37 89.44
CA TRP Z 220 -43.69 108.89 87.04
CA LEU Z 221 -46.90 110.76 86.12
CA PRO Z 222 -49.30 109.81 83.29
CA GLY Z 223 -50.26 112.00 80.37
CA ALA Z 224 -54.00 111.96 81.03
CA ASP Z 225 -53.84 113.38 84.55
CA THR Z 226 -53.31 117.10 85.17
CA GLN Z 227 -53.25 117.70 88.93
CA GLY Z 228 -50.41 115.24 89.55
CA SER Z 229 -51.93 113.83 92.75
CA ASN Z 230 -52.33 110.41 91.11
CA TRP Z 231 -48.60 109.97 91.56
CA ILE Z 232 -46.63 106.81 90.72
CA GLN Z 233 -43.08 105.60 91.45
CA LYS Z 234 -43.11 107.12 94.88
CA GLU Z 235 -39.70 106.26 96.35
CA THR Z 236 -37.51 107.71 93.57
CA LEU Z 237 -36.78 111.01 95.36
CA VAL Z 238 -38.15 110.70 98.89
CA THR Z 239 -35.33 108.78 100.60
CA PHE Z 240 -36.38 108.14 104.19
CA LYS Z 241 -33.52 107.28 106.54
CA ASN Z 242 -33.58 104.50 109.11
CA PRO Z 243 -36.28 105.62 111.57
CA HIS Z 244 -34.99 106.21 115.08
CA ALA Z 245 -38.00 106.21 117.41
CA LYS Z 246 -40.42 108.29 115.29
CA LYS Z 247 -38.68 110.95 113.20
CA GLN Z 248 -36.65 110.05 110.15
CA ASP Z 249 -34.70 112.55 108.08
CA VAL Z 250 -37.17 112.58 105.20
CA VAL Z 251 -35.63 114.66 102.42
CA VAL Z 252 -36.13 114.77 98.68
CA LEU Z 253 -32.94 114.45 96.67
CA GLY Z 254 -31.58 117.60 95.11
CA SER Z 255 -32.78 118.76 91.73
CA GLN Z 256 -31.89 116.19 89.09
CA GLU Z 257 -31.76 118.85 86.35
CA GLY Z 258 -27.97 119.10 86.43
CA ALA Z 259 -27.37 115.37 86.84
CA MET Z 260 -29.77 114.25 84.12
CA HIS Z 261 -28.55 117.02 81.83
CA THR Z 262 -24.99 115.76 82.28
CA ALA Z 263 -26.06 112.18 81.66
CA LEU Z 264 -28.20 112.99 78.62
CA THR Z 265 -25.26 114.91 77.15
CA GLY Z 266 -23.91 113.14 74.09
CA ALA Z 267 -27.35 112.06 72.90
CA THR Z 268 -29.00 113.49 69.79
CA GLU Z 269 -29.75 117.11 70.63
CA ILE Z 270 -32.69 118.45 68.61
CA GLN Z 271 -33.26 122.16 68.00
CA MET Z 272 -36.99 121.50 68.22
CA SER Z 273 -37.85 125.22 68.23
CA SER Z 274 -37.72 125.37 64.40
CA GLY Z 275 -39.85 122.22 64.17
CA ASN Z 276 -39.37 118.50 64.76
CA LEU Z 277 -36.55 118.01 62.25
CA LEU Z 278 -36.40 114.24 62.33
CA PHE Z 279 -33.38 113.09 60.32
CA THR Z 280 -34.70 109.60 59.48
CA GLY Z 281 -37.66 107.89 57.86
CA HIS Z 282 -38.31 106.52 54.38
CA LEU Z 283 -41.14 108.03 52.37
CA LYS Z 284 -42.59 105.57 49.83
CA CYS Z 285 -44.13 107.68 47.09
CA ARG Z 286 -46.46 106.31 44.39
CA LEU Z 287 -47.52 108.73 41.68
CA ARG Z 288 -49.78 108.86 38.64
CA MET Z 289 -47.89 111.35 36.46
CA ASP Z 290 -50.24 110.95 33.47
CA LYS Z 291 -52.25 113.96 34.64
CA LEU Z 292 -49.00 115.95 34.45
CA GLN Z 293 -48.18 117.38 31.04
CA LEU Z 294 -45.58 119.63 29.43
CA LYS Z 295 -47.09 122.77 27.91
CA GLY Z 296 -43.69 123.52 26.39
CA MET Z 297 -43.05 120.22 24.64
CA SER Z 298 -44.61 120.75 21.20
CA TYR Z 299 -43.42 124.28 20.38
CA SER Z 300 -41.72 124.83 17.04
CA MET Z 301 -38.12 123.78 16.49
CA CYS Z 302 -36.10 126.88 17.22
CA THR Z 303 -34.23 128.55 14.38
CA GLY Z 304 -32.31 131.66 15.37
CA LYS Z 305 -28.72 132.04 16.50
CA PHE Z 306 -27.89 130.68 19.94
CA LYS Z 307 -24.93 131.46 22.20
CA VAL Z 308 -23.48 130.38 25.56
CA VAL Z 309 -22.96 132.75 28.49
CA LYS Z 310 -21.29 130.69 31.23
CA GLU Z 311 -19.06 127.66 30.71
CA ILE Z 312 -19.45 124.24 32.31
CA ALA Z 313 -18.60 123.44 35.89
CA GLU Z 314 -18.79 119.83 37.04
CA THR Z 315 -21.46 118.53 39.40
CA GLN Z 316 -21.23 115.91 42.14
CA HIS Z 317 -22.78 113.18 40.01
CA GLY Z 318 -21.02 114.57 36.95
CA THR Z 319 -23.80 116.03 34.81
CA ILE Z 320 -23.62 118.71 32.15
CA VAL Z 321 -25.38 121.89 33.25
CA ILE Z 322 -25.13 124.83 30.85
CA ARG Z 323 -26.59 128.32 31.11
CA VAL Z 324 -27.26 129.35 27.51
CA GLN Z 325 -28.65 132.54 25.97
CA TYR Z 326 -30.64 133.00 22.76
CA GLU Z 327 -29.76 136.10 20.75
CA GLY Z 328 -32.02 135.15 17.83
CA ASP Z 329 -35.80 135.42 17.47
CA GLY Z 330 -38.94 133.32 17.34
CA SER Z 331 -39.41 132.80 21.07
CA PRO Z 332 -41.08 130.62 22.33
CA CYS Z 333 -39.28 127.85 20.42
CA LYS Z 334 -38.12 124.25 20.93
CA ILE Z 335 -34.31 124.35 21.06
CA PRO Z 336 -32.27 121.62 19.33
CA PHE Z 337 -29.88 119.85 21.68
CA GLU Z 338 -28.02 116.62 20.90
CA ILE Z 339 -24.91 114.83 22.17
CA MET Z 340 -23.20 113.50 19.05
CA ASP Z 341 -20.02 111.56 18.49
CA LEU Z 342 -17.01 113.53 17.31
CA GLU Z 343 -17.81 112.39 13.74
CA LYS Z 344 -21.49 113.44 14.02
CA ARG Z 345 -22.76 109.96 13.03
CA HIS Z 346 -24.35 108.30 16.09
CA VAL Z 347 -25.67 109.61 19.42
CA LEU Z 348 -23.99 108.69 22.72
CA GLY Z 349 -25.44 110.52 25.70
CA ARG Z 350 -28.80 111.35 27.25
CA LEU Z 351 -30.46 114.66 28.10
CA ILE Z 352 -32.53 115.11 31.27
CA THR Z 353 -34.60 118.16 30.35
CA VAL Z 354 -36.82 116.59 27.72
CA ASN Z 355 -37.60 119.12 24.99
CA PRO Z 356 -35.89 122.14 26.55
CA ILE Z 357 -37.80 125.36 26.00
CA VAL Z 358 -36.92 129.04 25.66
CA THR Z 359 -40.10 131.10 26.21
CA GLU Z 360 -38.39 134.36 27.09
CA LYS Z 361 -36.00 136.71 25.30
CA ASP Z 362 -32.69 137.63 26.90
CA SER Z 363 -32.76 135.17 29.78
CA PRO Z 364 -30.44 132.38 30.96
CA VAL Z 365 -31.62 128.89 30.09
CA ASN Z 366 -30.48 125.86 32.08
CA ILE Z 367 -29.84 122.75 29.97
CA GLU Z 368 -29.09 119.45 31.69
CA ALA Z 369 -27.46 116.32 30.28
CA GLU Z 370 -25.39 113.27 31.24
CA PRO Z 371 -22.82 111.98 28.75
CA PRO Z 372 -20.93 108.73 29.16
CA PHE Z 373 -17.23 108.60 30.05
CA GLY Z 374 -15.58 109.59 26.81
CA ASP Z 375 -15.05 112.36 24.34
CA SER Z 376 -18.29 113.80 22.97
CA TYR Z 377 -19.57 116.77 21.00
CA ILE Z 378 -22.60 118.62 22.35
CA ILE Z 379 -24.18 119.89 19.12
CA ILE Z 380 -26.54 122.84 19.57
CA GLY Z 381 -28.59 124.71 17.00
CA VAL Z 382 -28.76 124.44 13.23
CA GLU Z 383 -26.53 126.02 10.61
CA PRO Z 384 -26.15 129.00 10.20
CA GLY Z 385 -24.86 129.43 13.74
CA GLN Z 386 -24.04 125.82 14.60
CA LEU Z 387 -22.46 125.39 18.03
CA LYS Z 388 -20.17 122.43 18.71
CA LEU Z 389 -18.85 121.91 22.24
CA ASN Z 390 -16.24 119.25 22.90
CA TRP Z 391 -16.51 117.58 26.29
CA PHE Z 392 -14.91 114.77 28.26
CA LYS Z 393 -15.61 113.25 31.68
CA LYS Z 394 -13.58 110.91 33.85
CA GLY Z 395 -14.47 107.49 35.24
CA SER Z 396 -15.01 103.90 34.15
CA SER Z 397 -18.21 102.76 32.47
CA ILE Z 398 -18.28 99.62 34.62
CA GLY Z 399 -18.09 101.91 37.64
CA GLN Z 400 -21.36 103.58 36.74
CA MET Z 401 -22.91 100.23 35.76
CA ILE Z 402 -22.22 98.63 39.15
CA GLU Z 403 -23.07 101.84 41.03
CA THR Z 404 -26.44 102.36 39.33
CA THR Z 405 -27.37 98.67 39.42
CA MET Z 406 -26.58 98.27 43.11
CA ARG Z 407 -28.29 101.55 43.96
CA GLY Z 408 -31.43 100.45 42.13
CA ALA Z 409 -31.25 97.04 43.78
CA LYS Z 410 -31.15 98.62 47.23
CA ARG Z 411 -33.93 101.00 46.20
CA MET Z 412 -36.14 98.10 45.15
CA ALA Z 413 -35.22 96.10 48.26
CA ILE Z 414 -36.38 98.91 50.53
CA LEU Z 415 -39.21 99.63 48.06
CA GLY Z 416 -40.02 95.94 48.24
CA ASP Z 417 -42.50 93.86 50.22
CA THR Z 418 -45.96 95.46 50.33
CA ALA Z 419 -44.64 98.14 47.92
CA TRP Z 420 -44.31 96.83 44.36
CA ASP Z 421 -47.61 95.86 42.78
CA PHE Z 422 -48.04 92.10 43.14
CA GLY Z 423 -51.71 91.99 44.13
CA SER Z 424 -52.98 94.04 41.18
CA LEU Z 425 -54.05 91.66 38.42
CA GLY Z 426 -53.32 92.69 34.83
CA GLY Z 427 -50.50 94.97 35.91
CA VAL Z 428 -48.48 92.03 37.23
CA PHE Z 429 -46.49 91.79 34.01
CA THR Z 430 -46.07 95.59 34.12
CA SER Z 431 -44.97 95.42 37.77
CA ILE Z 432 -42.32 92.78 37.11
CA GLY Z 433 -41.22 94.83 34.10
CA LYS Z 434 -40.81 97.83 36.38
CA ALA Z 435 -38.83 95.75 38.89
CA LEU Z 436 -36.56 94.21 36.26
CA HIS Z 437 -36.01 97.73 34.98
CA GLN Z 438 -35.08 99.09 38.40
CA VAL Z 439 -32.41 96.34 38.69
CA PHE Z 440 -31.10 95.55 35.18
CA GLY Z 441 -32.05 98.63 33.16
CA ALA Z 442 -28.64 100.22 33.46
CA ILE Z 443 -27.21 97.14 31.78
CA TYR Z 444 -30.02 97.06 29.23
CA GLY Z 445 -29.90 100.70 28.16
CA ALA Z 446 -26.17 101.40 28.51
CA ALA Z 447 -24.22 98.19 27.88
CA PHE Z 448 -26.55 96.70 25.25
CA SER Z 449 -26.25 99.16 22.36
CA GLY Z 450 -28.21 102.16 23.71
CA VAL Z 451 -30.44 100.99 22.01
CA SER Z 452 -32.29 100.63 18.70
CA TRP Z 453 -35.09 98.54 20.18
CA ILE Z 454 -36.27 96.65 17.08
CA MET Z 455 -32.92 95.14 16.14
CA LYS Z 456 -31.95 94.36 19.72
CA ILE Z 457 -35.20 92.48 20.33
CA LEU Z 458 -34.44 90.57 17.14
CA ILE Z 459 -31.07 89.71 18.71
CA GLY Z 460 -32.94 88.88 21.91
CA VAL Z 461 -35.18 86.32 20.25
CA ILE Z 462 -32.07 84.96 18.50
CA ILE Z 463 -30.33 84.40 21.85
CA THR Z 464 -33.51 82.85 23.25
CA TRP Z 465 -33.68 80.44 20.30
CA ILE Z 466 -30.04 79.49 20.73
CA GLY Z 467 -30.54 79.05 24.48
CA MET Z 468 -33.56 76.77 24.23
CA ASN Z 469 -31.81 74.56 21.64
CA SER Z 470 -28.50 74.55 23.53
CA ARG Z 471 -26.13 71.70 24.33
CA SER Z 472 -26.61 72.26 28.08
CA THR Z 473 -29.69 72.92 30.19
CA SER Z 474 -27.80 75.12 32.65
CA LEU Z 475 -26.77 77.42 29.81
CA SER Z 476 -30.33 77.23 28.46
CA VAL Z 477 -31.71 78.53 31.75
CA SER Z 478 -28.93 81.10 32.07
CA LEU Z 479 -29.45 82.50 28.56
CA VAL Z 480 -33.20 82.32 27.90
CA LEU Z 481 -33.83 84.22 31.14
CA VAL Z 482 -31.67 87.08 29.88
CA GLY Z 483 -33.31 86.88 26.47
CA VAL Z 484 -36.85 87.10 27.78
CA VAL Z 485 -35.67 89.91 30.07
CA THR Z 486 -34.36 91.69 26.98
CA LEU Z 487 -37.57 91.20 25.02
CA TYR Z 488 -39.97 92.22 27.79
CA LEU Z 489 -37.87 95.22 28.85
CA GLY Z 490 -37.62 96.27 25.20
CA VAL Z 491 -41.38 96.22 24.97
CA MET Z 492 -41.31 98.22 28.21
CA VAL Z 493 -38.50 100.73 27.46
CA GLN Z 494 -40.31 101.53 24.22
CA ALA Z 495 -42.90 103.08 26.57
CA PHE AA 1 -4.64 126.98 126.44
CA HIS AA 2 -4.50 130.06 124.22
CA LEU AA 3 -8.05 130.92 123.18
CA THR AA 4 -9.19 132.22 119.79
CA THR AA 5 -12.35 131.89 117.67
CA ARG AA 6 -13.04 129.98 114.47
CA ASN AA 7 -16.33 129.42 112.65
CA GLY AA 8 -17.97 131.49 115.37
CA GLU AA 9 -16.88 129.04 118.09
CA PRO AA 10 -14.19 129.20 120.78
CA HIS AA 11 -10.92 127.43 120.05
CA MET AA 12 -8.46 126.80 122.89
CA ILE AA 13 -5.00 125.38 122.15
CA VAL AA 14 -3.74 123.37 125.12
CA SER AA 15 -0.23 122.16 125.82
CA ARG AA 16 1.74 120.21 128.42
CA GLN AA 17 1.74 123.27 130.74
CA GLU AA 18 -1.88 122.33 131.54
CA LYS AA 19 -2.04 118.56 131.08
CA GLY AA 20 -4.61 116.19 132.53
CA LYS AA 21 -6.22 118.98 134.56
CA SER AA 22 -9.56 120.76 134.48
CA LEU AA 23 -9.64 123.53 131.89
CA LEU AA 24 -11.30 126.70 133.16
CA PHE AA 25 -12.25 129.98 131.50
CA LYS AA 26 -14.60 132.95 131.71
CA THR AA 27 -16.28 133.80 128.40
CA GLU AA 28 -19.40 135.62 127.23
CA ASP AA 29 -21.36 132.39 127.60
CA GLY AA 30 -20.28 132.22 131.24
CA VAL AA 31 -18.00 130.11 133.44
CA ASN AA 32 -16.56 127.55 130.99
CA MET AA 33 -15.49 124.40 132.88
CA CYS AA 34 -14.07 121.93 130.37
CA THR AA 35 -12.58 118.53 131.12
CA LEU AA 36 -9.93 117.40 128.63
CA MET AA 37 -9.97 113.69 129.40
CA ALA AA 38 -8.00 112.81 126.25
CA MET AA 39 -5.00 110.49 125.91
CA ASP AA 40 -2.25 111.52 123.50
CA LEU AA 41 -1.84 115.04 124.90
CA GLY AA 42 1.91 115.54 125.25
CA GLU AA 43 4.04 118.60 124.63
CA LEU AA 44 2.87 120.74 121.72
CA CYS AA 45 3.71 119.47 118.24
CA GLU AA 46 2.88 120.01 114.56
CA ASP AA 47 0.54 117.00 114.32
CA THR AA 48 -2.37 119.24 115.23
CA ILE AA 49 -5.25 117.00 116.29
CA THR AA 50 -8.49 118.92 116.83
CA TYR AA 51 -11.72 118.11 118.62
CA LYS AA 52 -15.22 119.28 119.39
CA CYS AA 53 -15.89 119.26 123.09
CA PRO AA 54 -19.71 118.95 122.86
CA PHE AA 55 -22.25 120.86 124.90
CA LEU AA 56 -23.44 118.60 127.72
CA LYS AA 57 -25.74 120.06 130.35
CA GLN AA 58 -26.16 117.41 133.06
CA ASN AA 59 -26.22 113.98 131.39
CA GLU AA 60 -23.80 111.07 131.86
CA PRO AA 61 -20.79 111.58 129.56
CA GLU AA 62 -19.47 108.56 127.70
CA ASP AA 63 -17.53 107.71 124.54
CA ILE AA 64 -16.05 111.23 124.43
CA ASP AA 65 -12.53 112.58 124.71
CA CYS AA 66 -13.26 116.10 125.95
CA TRP AA 67 -16.37 117.91 127.12
CA CYS AA 68 -17.57 121.21 128.57
CA ASN AA 69 -20.54 121.93 130.81
CA SER AA 70 -21.11 125.42 129.33
CA THR AA 71 -21.09 125.25 125.54
CA SER AA 72 -19.65 123.40 122.58
CA THR AA 73 -16.07 124.38 121.81
CA TRP AA 74 -12.99 123.51 119.79
CA VAL AA 75 -9.82 122.16 121.37
CA THR AA 76 -6.53 121.20 119.74
CA TYR AA 77 -3.12 119.83 120.62
CA GLY AA 78 -0.11 117.92 119.32
CA THR AA 79 0.90 114.27 119.36
CA CYS AA 80 4.69 113.97 119.00
CA THR AA 81 6.78 112.52 121.81
CA THR AA 82 9.02 114.51 124.14
CA THR AA 83 12.24 114.12 122.17
CA GLY AA 84 10.60 114.98 118.84
CA GLU AA 85 9.29 112.64 116.14
CA HIS AA 86 6.40 112.26 113.72
CA ARG AA 87 4.43 109.58 115.59
CA ARG AA 88 4.53 105.88 116.53
CA GLU AA 89 6.11 103.57 113.95
CA LYS AA 90 4.30 100.68 112.25
CA ARG AA 91 5.00 98.22 109.45
CA SER AA 92 2.39 97.48 106.79
CA VAL AA 93 1.63 97.36 103.02
CA ALA AA 94 1.99 94.06 101.17
CA LEU AA 95 4.27 93.97 98.13
CA VAL AA 96 6.92 91.83 96.47
CA PRO AA 97 8.34 91.86 92.90
CA HIS AA 98 9.28 89.17 90.48
CA VAL AA 99 12.82 87.84 90.82
CA GLY AA 100 15.20 88.94 88.14
CA MET AA 101 17.26 87.44 85.35
CA GLY AA 102 20.96 88.15 84.89
CA LEU AA 103 24.34 86.88 83.66
CA GLU AA 104 22.57 84.05 81.78
CA THR AA 105 21.25 85.55 78.49
CA ARG AA 106 18.32 84.07 76.57
CA THR AA 107 19.64 82.07 73.58
CA GLU AA 108 20.53 78.38 73.18
CA THR AA 109 24.34 78.30 73.53
CA TRP AA 110 27.30 77.50 75.85
CA MET AA 111 27.05 73.66 75.75
CA SER AA 112 26.31 73.76 79.51
CA SER AA 113 24.48 70.97 81.32
CA GLU AA 114 21.64 73.22 82.47
CA GLY AA 115 21.33 74.86 79.05
CA ALA AA 116 21.61 71.53 77.25
CA TRP AA 117 18.96 69.80 79.37
CA LYS AA 118 16.59 72.78 79.63
CA HIS AA 119 15.17 72.15 76.16
CA ALA AA 120 14.54 68.45 76.85
CA GLN AA 121 13.06 69.21 80.28
CA ARG AA 122 10.70 71.75 78.71
CA ILE AA 123 9.74 69.25 75.97
CA GLU AA 124 8.84 66.57 78.50
CA THR AA 125 7.03 69.09 80.71
CA TRP AA 126 4.96 70.15 77.69
CA ILE AA 127 4.27 66.50 76.86
CA LEU AA 128 3.11 65.84 80.41
CA ARG AA 129 0.93 68.96 80.36
CA HIS AA 130 -0.29 68.24 76.80
CA PRO AA 131 -1.22 64.55 76.52
CA GLY AA 132 -3.91 65.25 73.91
CA PHE AA 133 -1.56 66.99 71.50
CA THR AA 134 0.93 64.17 72.00
CA ILE AA 135 -1.71 61.59 71.09
CA MET AA 136 -2.77 63.66 68.08
CA ALA AA 137 0.83 63.89 66.86
CA ALA AA 138 1.27 60.15 67.34
CA ILE AA 139 -1.88 59.47 65.30
CA LEU AA 140 -0.70 61.77 62.51
CA ALA AA 141 2.69 60.03 62.51
CA TYR AA 142 0.96 56.65 62.31
CA THR AA 143 -1.24 57.67 59.39
CA ILE AA 144 1.42 59.51 57.37
CA GLY AA 145 4.25 57.17 58.33
CA THR AA 146 4.65 54.07 56.19
CA THR AA 147 7.67 52.76 58.14
CA HIS AA 148 8.16 52.51 61.89
CA PHE AA 149 11.36 54.58 61.67
CA GLN AA 150 9.54 57.34 59.79
CA ARG AA 151 6.69 57.02 62.29
CA ALA AA 152 8.97 57.60 65.28
CA LEU AA 153 10.96 60.34 63.54
CA ILE AA 154 7.83 62.28 62.60
CA PHE AA 155 6.35 61.84 66.08
CA ILE AA 156 9.54 63.17 67.68
CA LEU AA 157 9.69 66.06 65.20
CA LEU AA 158 6.08 67.07 65.88
CA THR AA 159 6.47 66.81 69.67
CA ALA AA 160 9.67 68.90 69.54
CA VAL AA 161 8.41 71.53 67.08
CA ALA AA 162 4.92 72.18 68.51
CA PRO AA 163 6.20 73.82 71.75
CA SER AA 164 8.85 75.88 69.96
CA MET AA 165 6.12 77.77 68.10
CA THR AA 166 4.80 79.09 71.43
CA MET BA 1 -76.03 -96.86 46.89
CA ARG BA 2 -79.01 -95.04 48.37
CA CYS BA 3 -78.40 -91.69 46.64
CA ILE BA 4 -80.35 -92.46 43.46
CA GLY BA 5 -82.97 -89.76 43.19
CA ILE BA 6 -81.16 -87.60 45.75
CA SER BA 7 -80.63 -84.23 44.08
CA ASN BA 8 -77.71 -82.85 46.12
CA ARG BA 9 -74.73 -85.15 45.62
CA ASP BA 10 -70.95 -84.69 45.71
CA PHE BA 11 -68.40 -87.21 44.45
CA VAL BA 12 -65.55 -86.33 46.79
CA GLU BA 13 -62.51 -88.43 45.83
CA GLY BA 14 -59.47 -88.17 48.07
CA VAL BA 15 -57.95 -88.42 51.53
CA SER BA 16 -56.91 -85.46 53.66
CA GLY BA 17 -53.59 -84.97 55.44
CA GLY BA 18 -54.40 -87.31 58.31
CA SER BA 19 -56.11 -89.72 55.91
CA TRP BA 20 -59.53 -88.54 57.10
CA VAL BA 21 -62.40 -87.54 54.86
CA ASP BA 22 -63.95 -84.13 55.46
CA ILE BA 23 -67.66 -84.93 55.10
CA VAL BA 24 -70.04 -82.10 54.32
CA LEU BA 25 -73.35 -83.49 55.53
CA GLU BA 26 -76.74 -81.81 55.04
CA HIS BA 27 -80.27 -83.16 55.43
CA GLY BA 28 -81.48 -84.46 52.08
CA SER BA 29 -77.99 -84.65 50.58
CA CYS BA 30 -75.44 -87.30 49.61
CA VAL BA 31 -71.74 -87.94 50.04
CA THR BA 32 -69.65 -90.55 48.23
CA THR BA 33 -66.01 -91.15 49.16
CA MET BA 34 -63.45 -92.58 46.76
CA ALA BA 35 -59.73 -93.31 46.61
CA LYS BA 36 -57.40 -95.74 44.85
CA ASN BA 37 -56.52 -98.86 46.82
CA LYS BA 38 -59.52 -97.87 48.95
CA PRO BA 39 -63.10 -99.21 48.52
CA THR BA 40 -65.71 -96.58 47.76
CA LEU BA 41 -68.22 -95.69 50.47
CA ASP BA 42 -71.52 -93.80 50.69
CA PHE BA 43 -72.02 -91.39 53.60
CA GLU BA 44 -75.51 -90.23 54.55
CA LEU BA 45 -77.60 -88.86 57.42
CA ILE BA 46 -81.08 -90.23 58.09
CA LYS BA 47 -82.26 -88.91 61.47
CA THR BA 48 -81.67 -85.94 63.75
CA GLU BA 49 -82.84 -85.78 67.35
CA ALA BA 50 -82.34 -83.74 70.53
CA LYS BA 51 -82.39 -85.53 73.88
CA GLN BA 52 -82.37 -84.20 77.45
CA PRO BA 53 -83.73 -80.77 76.45
CA ALA BA 54 -83.77 -77.86 78.86
CA THR BA 55 -87.07 -76.22 79.83
CA LEU BA 56 -86.55 -72.53 79.13
CA ARG BA 57 -89.98 -71.54 80.40
CA LYS BA 58 -93.19 -73.44 81.09
CA TYR BA 59 -96.49 -71.99 79.83
CA CYS BA 60 -99.75 -73.23 81.34
CA ILE BA 61 -102.54 -72.52 78.91
CA GLU BA 62 -105.86 -73.48 80.52
CA ALA BA 63 -106.53 -71.78 83.85
CA LYS BA 64 -109.00 -72.90 86.51
CA LEU BA 65 -109.98 -70.40 89.19
CA THR BA 66 -110.93 -71.14 92.81
CA ASN BA 67 -111.49 -69.68 96.27
CA THR BA 68 -112.11 -66.22 94.87
CA THR BA 69 -112.54 -63.50 97.49
CA THR BA 70 -113.86 -59.97 97.16
CA ASP BA 71 -114.32 -57.23 99.72
CA SER BA 72 -114.82 -53.47 99.82
CA ARG BA 73 -114.68 -50.57 102.23
CA CYS BA 74 -116.56 -47.29 102.02
CA PRO BA 75 -114.70 -44.04 101.26
CA THR BA 76 -112.57 -42.78 104.19
CA GLN BA 77 -113.25 -46.02 106.13
CA GLY BA 78 -110.01 -47.59 104.91
CA GLU BA 79 -108.42 -49.78 102.27
CA PRO BA 80 -108.93 -53.49 103.07
CA SER BA 81 -105.93 -55.80 103.21
CA LEU BA 82 -106.24 -59.58 103.32
CA ASN BA 83 -103.78 -62.32 104.16
CA GLU BA 84 -104.88 -63.94 100.90
CA GLU BA 85 -103.10 -61.08 99.12
CA GLN BA 86 -99.75 -61.77 100.78
CA ASP BA 87 -99.61 -65.35 99.48
CA LYS BA 88 -98.47 -64.97 95.87
CA ARG BA 89 -100.45 -68.02 94.67
CA PHE BA 90 -103.46 -65.74 94.05
CA VAL BA 91 -103.95 -63.12 91.36
CA CYS BA 92 -105.18 -59.93 93.00
CA LYS BA 93 -106.51 -56.52 91.97
CA HIS BA 94 -107.51 -53.32 93.75
CA SER BA 95 -110.28 -51.07 92.49
CA MET BA 96 -112.57 -48.11 93.15
CA VAL BA 97 -116.39 -48.12 93.26
CA ASP BA 98 -119.01 -45.55 94.14
CA ARG BA 99 -120.97 -45.90 97.39
CA GLY BA 100 -123.69 -43.69 98.82
CA TRP BA 101 -125.68 -42.77 101.90
CA GLY BA 102 -128.76 -44.54 100.57
CA ASN BA 103 -126.61 -47.24 98.94
CA GLY BA 104 -126.04 -49.29 102.07
CA CYS BA 105 -123.36 -47.00 103.50
CA GLY BA 106 -122.75 -43.55 104.95
CA LEU BA 107 -121.90 -41.07 102.20
CA PHE BA 108 -121.38 -40.48 98.48
CA GLY BA 109 -117.88 -41.29 97.28
CA LYS BA 110 -115.43 -43.76 95.83
CA GLY BA 111 -114.68 -46.55 98.31
CA GLY BA 112 -112.00 -49.15 97.76
CA ILE BA 113 -112.25 -52.78 96.70
CA VAL BA 114 -109.83 -55.70 96.80
CA THR BA 115 -110.70 -58.85 94.88
CA CYS BA 116 -108.47 -61.83 94.31
CA ALA BA 117 -108.48 -65.54 93.70
CA MET BA 118 -106.40 -68.67 93.31
CA PHE BA 119 -105.00 -69.50 89.85
CA THR BA 120 -104.67 -73.22 89.19
CA CYS BA 121 -103.97 -74.39 85.65
CA LYS BA 122 -104.33 -77.90 84.27
CA LYS BA 123 -103.22 -78.07 80.64
CA ASN BA 124 -99.79 -76.66 79.87
CA MET BA 125 -97.29 -76.21 77.06
CA LYS BA 126 -93.70 -77.28 77.11
CA GLY BA 127 -91.18 -74.83 75.64
CA LYS BA 128 -87.57 -75.96 75.43
CA VAL BA 129 -84.29 -74.69 73.97
CA VAL BA 130 -81.78 -77.03 72.32
CA GLN BA 131 -78.07 -76.46 72.81
CA PRO BA 132 -75.44 -77.68 70.32
CA GLU BA 133 -74.15 -80.15 72.92
CA ASN BA 134 -77.45 -81.97 73.45
CA LEU BA 135 -77.89 -82.86 69.77
CA GLU BA 136 -77.43 -86.36 68.37
CA TYR BA 137 -76.93 -87.07 64.66
CA THR BA 138 -77.75 -90.34 62.88
CA ILE BA 139 -75.13 -91.04 60.22
CA VAL BA 140 -75.36 -94.13 58.03
CA ILE BA 141 -72.53 -95.73 56.04
CA THR BA 142 -73.18 -97.90 52.98
CA PRO BA 143 -70.81 -99.97 50.82
CA HIS BA 144 -70.78 -99.86 47.03
CA SER BA 145 -70.85 -103.61 46.49
CA GLY BA 146 -73.81 -103.77 44.10
CA GLU BA 147 -75.88 -106.12 46.25
CA GLU BA 148 -79.57 -106.29 45.38
CA HIS BA 149 -80.73 -104.70 48.63
CA ALA BA 150 -77.73 -102.33 48.35
CA VAL BA 151 -79.40 -100.10 45.73
CA GLY BA 152 -81.97 -97.43 46.52
CA ASN BA 153 -83.11 -99.22 49.68
CA ASP BA 154 -84.04 -97.40 52.88
CA THR BA 155 -84.02 -100.49 55.16
CA GLY BA 156 -81.25 -102.68 53.74
CA LYS BA 157 -79.03 -104.80 55.94
CA HIS BA 158 -75.97 -103.61 53.99
CA GLY BA 159 -75.99 -100.19 55.64
CA LYS BA 160 -74.78 -99.50 59.16
CA GLU BA 161 -76.25 -96.67 61.22
CA ILE BA 162 -74.32 -94.87 63.97
CA LYS BA 163 -75.15 -91.98 66.27
CA ILE BA 164 -72.80 -89.04 66.85
CA THR BA 165 -72.72 -86.88 70.00
CA PRO BA 166 -69.93 -84.58 71.29
CA GLN BA 167 -69.75 -86.41 74.64
CA SER BA 168 -68.29 -89.43 72.79
CA SER BA 169 -66.31 -87.86 69.95
CA ILE BA 170 -63.64 -90.49 69.23
CA THR BA 171 -65.79 -93.53 68.40
CA GLU BA 172 -65.21 -96.60 66.23
CA ALA BA 173 -67.84 -98.03 63.88
CA GLU BA 174 -67.68 -101.34 62.02
CA LEU BA 175 -68.59 -102.13 58.42
CA THR BA 176 -69.06 -105.76 57.42
CA GLY BA 177 -66.00 -107.25 55.74
CA TYR BA 178 -64.18 -103.95 55.29
CA GLY BA 179 -63.58 -103.44 59.01
CA THR BA 180 -63.10 -100.50 61.35
CA VAL BA 181 -63.75 -96.83 60.51
CA THR BA 182 -63.51 -93.86 62.86
CA MET BA 183 -66.26 -91.46 63.92
CA GLU BA 184 -65.05 -88.05 65.14
CA CYS BA 185 -66.52 -84.57 64.64
CA SER BA 186 -68.09 -81.43 66.11
CA PRO BA 187 -70.74 -80.31 63.56
CA ARG BA 188 -71.18 -76.84 65.09
CA THR BA 189 -70.16 -74.96 61.90
CA GLY BA 190 -73.86 -74.56 61.01
CA LEU BA 191 -76.43 -71.87 61.67
CA ASP BA 192 -76.71 -70.33 65.12
CA PHE BA 193 -78.98 -72.28 67.47
CA ASN BA 194 -79.64 -69.73 70.24
CA GLU BA 195 -82.23 -67.96 68.05
CA MET BA 196 -84.75 -70.85 68.05
CA VAL BA 197 -86.93 -72.58 70.64
CA LEU BA 198 -89.27 -75.56 70.24
CA LEU BA 199 -92.78 -75.74 71.70
CA GLN BA 200 -94.55 -79.04 72.17
CA MET BA 201 -98.15 -79.83 73.07
CA GLU BA 202 -99.01 -83.48 73.82
CA ASN BA 203 -97.53 -84.68 70.53
CA LYS BA 204 -97.27 -81.82 68.03
CA ALA BA 205 -94.36 -79.39 68.11
CA TRP BA 206 -93.46 -76.05 66.59
CA LEU BA 207 -90.17 -74.28 65.91
CA VAL BA 208 -90.33 -70.57 66.78
CA HIS BA 209 -88.13 -67.65 67.79
CA ARG BA 210 -87.01 -67.08 71.37
CA GLN BA 211 -88.33 -63.53 71.68
CA TRP BA 212 -91.65 -64.63 70.20
CA PHE BA 213 -91.66 -67.61 72.57
CA LEU BA 214 -91.36 -65.17 75.48
CA ASP BA 215 -93.71 -62.51 74.05
CA LEU BA 216 -96.92 -64.57 74.15
CA PRO BA 217 -98.82 -62.94 77.06
CA LEU BA 218 -99.66 -65.88 79.30
CA PRO BA 219 -98.52 -67.21 82.71
CA TRP BA 220 -94.84 -68.10 83.15
CA LEU BA 221 -92.65 -70.47 85.14
CA PRO BA 222 -88.83 -70.34 85.24
CA GLY BA 223 -87.05 -73.45 84.03
CA ALA BA 224 -86.18 -74.75 87.47
CA ASP BA 225 -89.67 -73.72 88.61
CA THR BA 226 -91.95 -76.72 89.07
CA GLN BA 227 -94.00 -75.92 92.19
CA GLY BA 228 -96.67 -73.75 90.55
CA SER BA 229 -96.50 -71.19 93.36
CA ASN BA 230 -94.87 -68.44 91.32
CA TRP BA 231 -96.71 -66.98 88.33
CA ILE BA 232 -95.84 -63.94 86.21
CA GLN BA 233 -98.30 -61.86 84.20
CA LYS BA 234 -101.06 -64.06 85.61
CA GLU BA 235 -103.61 -61.28 85.10
CA THR BA 236 -104.43 -61.94 81.44
CA LEU BA 237 -106.01 -65.37 81.91
CA VAL BA 238 -108.22 -63.94 84.67
CA THR BA 239 -110.45 -61.16 83.36
CA PHE BA 240 -112.00 -58.93 86.00
CA LYS BA 241 -115.39 -57.68 84.82
CA ASN BA 242 -116.28 -54.06 85.40
CA PRO BA 243 -116.21 -52.77 88.99
CA HIS BA 244 -119.66 -53.25 90.42
CA ALA BA 245 -120.99 -52.60 93.93
CA LYS BA 246 -119.09 -54.87 96.36
CA LYS BA 247 -118.49 -57.49 93.66
CA GLN BA 248 -115.86 -58.14 91.05
CA ASP BA 249 -117.27 -61.07 89.10
CA VAL BA 250 -114.08 -62.90 88.15
CA VAL BA 251 -114.28 -64.43 84.67
CA VAL BA 252 -111.93 -67.27 83.79
CA LEU BA 253 -110.57 -66.90 80.29
CA GLY BA 254 -111.18 -69.93 78.13
CA SER BA 255 -108.55 -72.39 77.04
CA GLN BA 256 -106.49 -70.79 74.29
CA GLU BA 257 -105.41 -74.22 73.04
CA GLY BA 258 -107.72 -73.83 70.07
CA ALA BA 259 -106.34 -70.34 69.57
CA MET BA 260 -102.79 -71.69 69.65
CA HIS BA 261 -103.68 -74.31 67.05
CA THR BA 262 -105.14 -71.46 64.99
CA ALA BA 263 -102.05 -69.25 65.31
CA LEU BA 264 -99.04 -71.59 65.43
CA THR BA 265 -100.30 -73.34 62.30
CA GLY BA 266 -98.47 -71.80 59.37
CA ALA BA 267 -95.24 -71.78 61.34
CA THR BA 268 -92.62 -74.54 61.15
CA GLU BA 269 -94.37 -77.75 62.18
CA ILE BA 270 -92.52 -80.67 63.80
CA GLN BA 271 -93.47 -84.18 64.90
CA MET BA 272 -91.39 -85.71 67.68
CA SER BA 273 -91.65 -89.20 66.15
CA SER BA 274 -89.41 -88.16 63.24
CA GLY BA 275 -87.05 -86.24 65.54
CA ASN BA 276 -86.22 -82.56 65.15
CA LEU BA 277 -85.79 -81.52 61.50
CA LEU BA 278 -83.03 -78.97 62.10
CA PHE BA 279 -81.88 -79.31 58.50
CA THR BA 280 -80.49 -75.77 58.71
CA GLY BA 281 -76.75 -75.75 59.32
CA HIS BA 282 -74.00 -77.67 57.56
CA LEU BA 283 -72.40 -80.62 59.36
CA LYS BA 284 -68.64 -80.72 58.87
CA CYS BA 285 -67.16 -84.00 60.06
CA ARG BA 286 -63.79 -85.73 60.22
CA LEU BA 287 -63.68 -89.45 59.48
CA ARG BA 288 -60.47 -91.52 59.31
CA MET BA 289 -60.09 -94.32 56.76
CA ASP BA 290 -56.64 -95.74 57.53
CA LYS BA 291 -58.01 -98.89 59.21
CA LEU BA 292 -59.81 -100.22 56.08
CA GLN BA 293 -58.47 -102.33 53.23
CA LEU BA 294 -59.90 -104.02 50.14
CA LYS BA 295 -62.15 -106.95 51.02
CA GLY BA 296 -62.48 -109.63 48.36
CA MET BA 297 -59.35 -108.52 46.46
CA SER BA 298 -57.80 -111.96 46.97
CA TYR BA 299 -60.56 -113.48 44.84
CA SER BA 300 -59.29 -114.21 41.34
CA MET BA 301 -60.78 -112.74 38.19
CA CYS BA 302 -63.17 -115.11 36.41
CA THR BA 303 -63.05 -115.52 32.65
CA GLY BA 304 -66.63 -116.68 32.17
CA LYS BA 305 -69.41 -114.75 30.43
CA PHE BA 306 -71.31 -111.66 31.54
CA LYS BA 307 -74.95 -110.75 30.99
CA VAL BA 308 -76.98 -107.56 31.53
CA VAL BA 309 -80.33 -107.68 33.32
CA LYS BA 310 -81.56 -104.07 33.41
CA GLU BA 311 -80.90 -101.53 30.68
CA ILE BA 312 -78.53 -98.59 31.12
CA ALA BA 313 -80.34 -96.53 33.75
CA GLU BA 314 -79.78 -92.78 34.06
CA THR BA 315 -79.47 -90.86 37.33
CA GLN BA 316 -79.58 -87.10 37.95
CA HIS BA 317 -75.76 -86.78 37.99
CA GLY BA 318 -74.47 -88.28 34.73
CA THR BA 319 -73.84 -91.76 36.08
CA ILE BA 320 -74.81 -95.19 34.75
CA VAL BA 321 -76.07 -98.32 36.51
CA ILE BA 322 -75.47 -101.80 35.09
CA ARG BA 323 -76.88 -105.01 36.56
CA VAL BA 324 -74.23 -107.44 35.37
CA GLN BA 325 -75.23 -111.10 35.64
CA TYR BA 326 -72.76 -113.99 35.47
CA GLU BA 327 -74.21 -117.01 33.69
CA GLY BA 328 -70.82 -118.75 33.68
CA ASP BA 329 -69.12 -120.58 36.56
CA GLY BA 330 -66.32 -119.81 39.00
CA SER BA 331 -68.04 -117.45 41.42
CA PRO BA 332 -67.13 -115.49 43.47
CA CYS BA 333 -64.69 -113.47 41.31
CA LYS BA 334 -63.05 -110.08 40.84
CA ILE BA 335 -65.14 -108.20 38.27
CA PRO BA 336 -63.29 -107.06 35.14
CA PHE BA 337 -64.90 -103.68 34.41
CA GLU BA 338 -63.18 -101.32 31.98
CA ILE BA 339 -63.68 -98.36 29.66
CA MET BA 340 -62.47 -97.65 26.15
CA ASP BA 341 -62.76 -94.76 23.74
CA LEU BA 342 -63.65 -94.84 20.05
CA GLU BA 343 -60.12 -95.94 19.15
CA LYS BA 344 -60.48 -98.86 21.62
CA ARG BA 345 -57.15 -97.81 23.15
CA HIS BA 346 -57.36 -95.52 26.19
CA VAL BA 347 -58.96 -95.97 29.61
CA LEU BA 348 -60.66 -92.58 30.00
CA GLY BA 349 -63.90 -93.16 31.91
CA ARG BA 350 -64.10 -92.94 35.69
CA LEU BA 351 -65.29 -95.95 37.68
CA ILE BA 352 -67.21 -95.78 40.97
CA THR BA 353 -66.93 -99.23 42.55
CA VAL BA 354 -63.38 -100.55 42.54
CA ASN BA 355 -62.84 -104.34 42.26
CA PRO BA 356 -66.52 -105.35 42.31
CA ILE BA 357 -67.16 -108.98 43.19
CA VAL BA 358 -70.03 -111.42 42.70
CA THR BA 359 -71.49 -113.05 45.79
CA GLU BA 360 -72.85 -115.98 43.79
CA LYS BA 361 -73.77 -116.86 40.24
CA ASP BA 362 -77.27 -115.83 39.11
CA SER BA 363 -77.08 -112.90 41.60
CA PRO BA 364 -76.10 -109.87 39.48
CA VAL BA 365 -74.01 -106.97 40.72
CA ASN BA 366 -75.00 -103.31 40.33
CA ILE BA 367 -71.85 -101.83 38.85
CA GLU BA 368 -71.85 -98.03 38.81
CA ALA BA 369 -69.82 -95.90 36.40
CA GLU BA 370 -69.24 -92.29 35.37
CA PRO BA 371 -67.96 -91.97 31.80
CA PRO BA 372 -67.43 -88.50 30.34
CA PHE BA 373 -70.26 -86.82 28.47
CA GLY BA 374 -69.81 -88.33 25.03
CA ASP BA 375 -69.49 -91.63 23.19
CA SER BA 376 -67.57 -94.49 24.78
CA TYR BA 377 -67.61 -98.27 25.19
CA ILE BA 378 -68.27 -99.81 28.58
CA ILE BA 379 -66.34 -103.07 28.20
CA ILE BA 380 -67.89 -105.73 30.40
CA GLY BA 381 -65.91 -108.95 30.57
CA VAL BA 382 -62.85 -109.86 28.55
CA GLU BA 383 -62.48 -111.40 25.13
CA PRO BA 384 -63.47 -113.85 23.72
CA GLY BA 385 -67.13 -112.97 24.14
CA GLN BA 386 -66.46 -109.51 25.57
CA LEU BA 387 -69.32 -106.97 25.65
CA LYS BA 388 -68.31 -103.50 24.41
CA LEU BA 389 -71.62 -101.86 25.22
CA ASN BA 390 -71.68 -98.53 23.42
CA TRP BA 391 -72.92 -95.55 25.39
CA PHE BA 392 -73.51 -91.91 24.47
CA LYS BA 393 -73.67 -89.67 27.53
CA LYS BA 394 -75.27 -86.26 27.12
CA GLY BA 395 -73.76 -83.01 28.35
CA SER BA 396 -70.65 -80.91 27.88
CA SER BA 397 -67.31 -81.77 29.47
CA ILE BA 398 -66.95 -78.09 30.33
CA GLY BA 399 -70.38 -78.49 31.91
CA GLN BA 400 -69.18 -80.90 34.57
CA MET BA 401 -65.91 -78.97 34.71
CA ILE BA 402 -67.58 -75.75 35.84
CA GLU BA 403 -70.21 -77.54 37.92
CA THR BA 404 -67.84 -79.71 39.97
CA THR BA 405 -65.22 -76.97 40.34
CA MET BA 406 -67.83 -74.46 41.52
CA ARG BA 407 -69.46 -76.94 43.90
CA GLY BA 408 -66.14 -77.88 45.48
CA ALA BA 409 -65.19 -74.20 45.67
CA LYS BA 410 -68.39 -73.28 47.54
CA ARG BA 411 -67.97 -76.39 49.70
CA MET BA 412 -64.51 -75.23 50.77
CA ALA BA 413 -65.69 -71.59 50.95
CA ILE BA 414 -68.50 -72.09 53.44
CA LEU BA 415 -65.86 -74.23 55.14
CA GLY BA 416 -63.33 -71.48 54.45
CA ASP BA 417 -62.07 -68.91 56.94
CA THR BA 418 -61.41 -70.39 60.40
CA ALA BA 419 -62.31 -73.85 59.02
CA TRP BA 420 -59.47 -75.32 56.92
CA ASP BA 421 -56.32 -76.05 58.89
CA PHE BA 422 -53.89 -73.23 58.04
CA GLY BA 423 -52.20 -72.78 61.43
CA SER BA 424 -50.27 -76.06 61.45
CA LEU BA 425 -46.73 -75.33 60.26
CA GLY BA 426 -45.51 -78.06 57.92
CA GLY BA 427 -49.13 -79.13 57.56
CA VAL BA 428 -49.68 -75.88 55.66
CA PHE BA 429 -48.48 -77.81 52.61
CA THR BA 430 -51.01 -80.55 53.32
CA SER BA 431 -53.77 -77.96 53.76
CA ILE BA 432 -52.91 -76.25 50.48
CA GLY BA 433 -52.95 -79.65 48.80
CA LYS BA 434 -56.30 -80.31 50.50
CA ALA BA 435 -57.75 -77.08 49.13
CA LEU BA 436 -56.54 -77.88 45.63
CA HIS BA 437 -57.66 -81.52 45.85
CA GLN BA 438 -61.13 -80.55 47.06
CA VAL BA 439 -61.41 -77.85 44.37
CA PHE BA 440 -58.83 -78.59 41.66
CA GLY BA 441 -58.61 -82.33 42.39
CA ALA BA 442 -61.33 -83.20 39.89
CA ILE BA 443 -59.09 -81.52 37.31
CA TYR BA 444 -56.31 -83.99 38.11
CA GLY BA 445 -58.61 -87.01 38.26
CA ALA BA 446 -61.41 -86.71 35.70
CA ALA BA 447 -60.05 -84.82 32.68
CA PHE BA 448 -56.31 -85.53 33.06
CA SER BA 449 -55.76 -89.14 31.97
CA GLY BA 450 -57.71 -90.99 34.70
CA VAL BA 451 -54.94 -91.45 35.86
CA SER BA 452 -51.84 -93.63 36.21
CA TRP BA 453 -49.90 -91.18 38.34
CA ILE BA 454 -46.27 -91.86 37.35
CA MET BA 455 -46.70 -91.08 33.65
CA LYS BA 456 -48.75 -87.96 34.30
CA ILE BA 457 -46.28 -86.58 36.85
CA LEU BA 458 -43.62 -87.08 34.18
CA ILE BA 459 -45.89 -85.17 31.80
CA GLY BA 460 -46.43 -82.56 34.50
CA VAL BA 461 -42.74 -81.91 35.06
CA ILE BA 462 -42.41 -81.72 31.26
CA ILE BA 463 -45.15 -79.08 31.22
CA THR BA 464 -43.44 -77.18 34.04
CA TRP BA 465 -40.21 -77.17 32.04
CA ILE BA 466 -42.03 -75.92 28.94
CA GLY BA 467 -43.87 -73.21 30.87
CA MET BA 468 -40.73 -71.96 32.60
CA ASN BA 469 -38.83 -71.68 29.29
CA SER BA 470 -41.73 -70.13 27.37
CA ARG BA 471 -41.92 -67.12 25.09
CA SER BA 472 -44.53 -65.34 27.26
CA THR BA 473 -44.49 -64.71 31.01
CA SER BA 474 -48.29 -64.68 31.20
CA LEU BA 475 -48.38 -68.17 29.69
CA SER BA 476 -45.55 -69.12 32.04
CA VAL BA 477 -47.61 -68.11 35.09
CA SER BA 478 -50.66 -69.84 33.60
CA LEU BA 479 -48.86 -73.14 32.85
CA VAL BA 480 -46.24 -73.66 35.57
CA LEU BA 481 -48.96 -73.12 38.19
CA VAL BA 482 -51.04 -75.90 36.62
CA GLY BA 483 -47.95 -78.10 36.40
CA VAL BA 484 -46.91 -77.70 40.03
CA VAL BA 485 -50.54 -78.21 41.07
CA THR BA 486 -50.54 -81.42 39.03
CA LEU BA 487 -47.30 -82.72 40.55
CA TYR BA 488 -47.99 -81.84 44.18
CA LEU BA 489 -51.66 -82.87 44.04
CA GLY BA 490 -50.62 -86.15 42.43
CA VAL BA 491 -48.27 -86.78 45.32
CA MET BA 492 -51.20 -86.05 47.64
CA VAL BA 493 -53.49 -88.31 45.59
CA GLN BA 494 -50.99 -91.15 45.99
CA ALA BA 495 -51.51 -90.80 49.76
CA PHE CA 1 -11.49 102.41 147.29
CA HIS CA 2 -10.07 99.51 149.33
CA LEU CA 3 -6.29 99.54 149.62
CA THR CA 4 -5.72 95.78 149.67
CA THR CA 5 -2.54 93.73 149.21
CA ARG CA 6 -3.21 92.07 145.86
CA ASN CA 7 -0.37 90.02 144.37
CA GLY CA 8 1.74 91.49 147.17
CA GLU CA 9 1.27 95.10 146.03
CA PRO CA 10 -1.22 97.90 146.77
CA HIS CA 11 -4.53 97.47 144.99
CA MET CA 12 -7.46 99.90 144.66
CA ILE CA 13 -11.05 99.62 143.40
CA VAL CA 14 -12.28 102.98 142.09
CA SER CA 15 -15.95 103.32 141.16
CA ARG CA 16 -17.96 105.95 139.29
CA GLN CA 17 -19.29 107.80 142.36
CA GLU CA 18 -16.13 109.91 142.00
CA LYS CA 19 -14.71 110.40 138.52
CA GLY CA 20 -12.29 112.57 136.60
CA LYS CA 21 -10.52 113.58 139.82
CA SER CA 22 -7.26 112.60 141.46
CA LEU CA 23 -7.60 110.08 144.28
CA LEU CA 24 -5.87 110.48 147.64
CA PHE CA 25 -4.85 107.72 150.05
CA LYS CA 26 -2.21 106.60 152.54
CA THR CA 27 0.56 103.99 152.38
CA GLU CA 28 3.73 103.19 154.31
CA ASP CA 29 5.62 105.67 152.13
CA GLY CA 30 3.19 108.46 153.07
CA VAL CA 31 0.28 110.25 151.46
CA ASN CA 32 -0.14 109.32 147.79
CA MET CA 33 -2.21 111.26 145.27
CA CYS CA 34 -3.10 109.18 142.21
CA THR CA 35 -4.02 110.33 138.71
CA LEU CA 36 -6.53 108.34 136.66
CA MET CA 37 -6.88 109.49 133.04
CA ALA CA 38 -8.91 106.43 132.00
CA MET CA 39 -11.62 107.94 129.82
CA ASP CA 40 -13.74 104.78 129.38
CA LEU CA 41 -14.72 104.51 133.03
CA GLY CA 42 -18.10 103.35 134.32
CA GLU CA 43 -19.58 102.13 137.60
CA LEU CA 44 -18.42 99.00 139.39
CA CYS CA 45 -19.92 95.72 138.16
CA GLU CA 46 -18.77 92.26 137.13
CA ASP CA 47 -16.81 93.47 134.08
CA THR CA 48 -13.82 94.57 136.14
CA ILE CA 49 -10.87 95.93 134.16
CA THR CA 50 -7.60 96.04 136.13
CA TYR CA 51 -4.30 97.93 135.85
CA LYS CA 52 -0.84 97.98 137.44
CA CYS CA 53 -0.42 101.73 137.86
CA PRO CA 54 3.22 102.73 137.20
CA PHE CA 55 5.47 105.04 139.19
CA LEU CA 56 6.61 108.34 137.69
CA LYS CA 57 8.97 110.83 139.33
CA GLN CA 58 9.25 113.86 137.01
CA ASN CA 59 8.95 112.65 133.40
CA GLU CA 60 5.99 113.69 131.30
CA PRO CA 61 3.11 111.17 131.59
CA GLU CA 62 2.60 109.88 128.05
CA ASP CA 63 0.32 107.19 126.63
CA ILE CA 64 -0.78 105.95 130.09
CA ASP CA 65 -3.93 106.36 132.14
CA CYS CA 66 -2.72 106.08 135.71
CA TRP CA 67 0.24 107.53 137.57
CA CYS CA 68 1.28 108.70 141.03
CA ASN CA 69 4.24 110.64 142.49
CA SER CA 70 5.68 108.06 144.92
CA THR CA 71 4.84 104.45 144.12
CA SER CA 72 3.13 101.99 141.79
CA THR CA 73 -0.13 100.21 142.54
CA TRP CA 74 -3.06 98.25 141.04
CA VAL CA 75 -6.14 100.31 140.12
CA THR CA 76 -9.30 98.58 138.87
CA TYR CA 77 -12.81 99.61 137.92
CA GLY CA 78 -15.97 98.48 136.21
CA THR CA 79 -17.11 99.35 132.71
CA CYS CA 80 -20.87 98.83 132.80
CA THR CA 81 -22.96 101.59 131.26
CA THR CA 82 -25.78 103.45 133.01
CA THR CA 83 -28.19 100.53 132.64
CA GLY CA 84 -25.63 98.34 134.41
CA GLU CA 85 -24.98 96.02 131.46
CA HIS CA 86 -21.76 94.74 129.88
CA ARG CA 87 -19.99 96.10 126.82
CA ARG CA 88 -22.03 96.33 123.64
CA GLU CA 89 -21.28 96.45 119.91
CA LYS CA 90 -21.92 94.62 116.63
CA ARG CA 91 -21.32 92.84 114.30
CA SER CA 92 -19.29 89.73 113.45
CA VAL CA 93 -19.53 87.47 110.40
CA ALA CA 94 -21.09 84.05 109.84
CA LEU CA 95 -20.90 82.19 106.54
CA VAL CA 96 -24.23 82.28 104.71
CA PRO CA 97 -25.73 78.75 104.55
CA HIS CA 98 -27.48 76.98 101.70
CA VAL CA 99 -28.79 73.54 100.72
CA GLY CA 100 -26.71 70.70 99.31
CA MET CA 101 -22.98 70.10 99.64
CA GLY CA 102 -20.99 72.20 97.20
CA LEU CA 103 -17.61 70.52 96.66
CA GLU CA 104 -16.91 70.88 92.95
CA THR CA 105 -15.44 74.40 92.61
CA ARG CA 106 -12.36 75.97 94.16
CA THR CA 107 -9.39 78.13 93.14
CA GLU CA 108 -9.49 81.22 90.92
CA THR CA 109 -8.74 81.44 87.20
CA TRP CA 110 -5.67 82.33 85.18
CA MET CA 111 -7.08 84.26 82.23
CA SER CA 112 -4.66 83.19 79.50
CA SER CA 113 -4.36 79.48 80.29
CA GLU CA 114 -8.04 78.99 81.07
CA GLY CA 115 -9.05 80.94 77.96
CA ALA CA 116 -6.79 78.68 75.90
CA TRP CA 117 -8.20 75.52 77.51
CA LYS CA 118 -11.84 76.71 77.51
CA HIS CA 119 -12.53 74.95 74.21
CA ALA CA 120 -10.92 71.69 75.34
CA GLN CA 121 -12.82 71.67 78.63
CA ARG CA 122 -16.11 72.85 77.08
CA ILE CA 123 -16.16 70.09 74.45
CA GLU CA 124 -15.65 67.49 77.19
CA THR CA 125 -18.31 68.90 79.51
CA TRP CA 126 -20.80 69.25 76.66
CA ILE CA 127 -20.16 65.82 75.13
CA LEU CA 128 -20.54 64.25 78.58
CA ARG CA 129 -23.67 66.21 79.50
CA HIS CA 130 -25.62 65.26 76.33
CA PRO CA 131 -25.23 61.54 75.52
CA GLY CA 132 -28.36 61.70 73.37
CA PHE CA 133 -26.78 64.12 70.94
CA THR CA 134 -23.64 61.97 71.11
CA ILE CA 135 -25.72 59.07 69.81
CA MET CA 136 -27.38 61.10 67.06
CA ALA CA 137 -24.08 62.62 65.90
CA ALA CA 138 -22.45 59.20 65.92
CA ILE CA 139 -25.28 57.70 63.85
CA LEU CA 140 -25.16 60.55 61.33
CA ALA CA 141 -21.38 60.19 61.00
CA TYR CA 142 -21.75 56.43 60.58
CA THR CA 143 -24.25 56.86 57.75
CA ILE CA 144 -22.58 59.72 55.89
CA GLY CA 145 -18.95 58.65 56.15
CA THR CA 146 -18.19 56.07 53.45
CA THR CA 147 -14.88 54.91 54.99
CA HIS CA 148 -13.71 54.88 58.58
CA PHE CA 149 -11.70 58.10 58.73
CA GLN CA 150 -14.47 60.13 57.09
CA ARG CA 151 -16.81 58.82 59.79
CA ALA CA 152 -14.41 59.79 62.58
CA LEU CA 153 -13.75 63.19 61.00
CA ILE CA 154 -17.43 64.08 60.68
CA PHE CA 155 -18.02 62.84 64.23
CA ILE CA 156 -15.28 64.96 65.78
CA LEU CA 157 -16.23 68.06 63.76
CA LEU CA 158 -19.86 67.86 64.85
CA THR CA 159 -18.85 67.27 68.47
CA ALA CA 160 -16.67 70.38 68.29
CA VAL CA 161 -19.34 72.44 66.52
CA ALA CA 162 -22.20 71.63 68.89
CA PRO CA 163 -20.93 73.58 71.94
CA SER CA 164 -19.90 76.53 69.76
CA MET CA 165 -23.38 77.25 68.39
CA THR CA 166 -24.70 77.35 71.97
CA PHE DA 1 -46.39 127.82 121.12
CA HIS DA 2 -49.65 127.81 119.13
CA LEU DA 3 -51.98 125.04 120.32
CA THR DA 4 -54.66 123.38 118.18
CA THR DA 5 -56.79 120.24 118.54
CA ARG DA 6 -56.21 117.61 115.85
CA ASN DA 7 -57.18 113.93 116.03
CA GLY DA 8 -58.49 114.53 119.54
CA GLU DA 9 -54.99 115.50 120.73
CA PRO DA 10 -53.14 118.82 121.08
CA HIS DA 11 -50.90 119.98 118.25
CA MET DA 12 -48.16 122.51 119.05
CA ILE DA 13 -46.68 124.85 116.44
CA VAL DA 14 -43.32 126.32 117.44
CA SER DA 15 -41.07 128.81 115.64
CA ARG DA 16 -37.41 129.67 116.04
CA GLN DA 17 -38.39 132.88 117.85
CA GLU DA 18 -38.46 130.62 120.94
CA LYS DA 19 -35.46 128.55 119.85
CA GLY DA 20 -33.27 126.97 122.51
CA LYS DA 21 -35.72 127.45 125.38
CA SER DA 22 -37.88 124.95 127.23
CA LEU DA 23 -41.51 124.61 126.17
CA LEU DA 24 -43.45 126.24 129.01
CA PHE DA 25 -47.14 127.16 128.98
CA LYS DA 26 -50.37 126.62 130.93
CA THR DA 27 -53.62 124.88 129.97
CA GLU DA 28 -56.44 123.06 131.73
CA ASP DA 29 -54.58 119.73 131.46
CA GLY DA 30 -52.18 121.03 134.11
CA VAL DA 31 -48.78 122.66 134.45
CA ASN DA 32 -47.47 121.41 131.10
CA MET DA 33 -43.73 121.68 131.54
CA CYS DA 34 -42.07 120.44 128.35
CA THR DA 35 -38.79 120.64 126.46
CA LEU DA 36 -37.58 120.61 122.86
CA MET DA 37 -33.96 119.55 122.52
CA ALA DA 38 -33.04 118.68 118.92
CA MET DA 39 -31.26 121.37 116.90
CA ASP DA 40 -32.88 120.53 113.55
CA LEU DA 41 -35.21 123.52 114.02
CA GLY DA 42 -35.38 126.06 111.23
CA GLU DA 43 -37.38 129.23 110.78
CA LEU DA 44 -41.11 129.24 110.16
CA CYS DA 45 -41.78 128.13 106.58
CA GLU DA 46 -43.90 125.65 104.65
CA ASP DA 47 -41.65 122.65 105.41
CA THR DA 48 -43.60 121.56 108.46
CA ILE DA 49 -42.32 118.58 110.46
CA THR DA 50 -44.32 116.99 113.28
CA TYR DA 51 -43.81 114.89 116.42
CA LYS DA 52 -45.61 113.31 119.33
CA CYS DA 53 -44.01 114.29 122.63
CA PRO DA 54 -44.38 111.42 125.13
CA PHE DA 55 -45.50 111.68 128.74
CA LEU DA 56 -43.15 111.17 131.66
CA LYS DA 57 -43.87 108.60 134.34
CA GLN DA 58 -40.44 108.13 135.95
CA ASN DA 59 -37.79 107.76 133.24
CA GLU DA 60 -35.08 110.24 132.32
CA PRO DA 61 -35.73 112.01 128.98
CA GLU DA 62 -34.40 109.63 126.37
CA ASP DA 63 -35.02 108.31 122.83
CA ILE DA 64 -37.19 111.31 121.80
CA ASP DA 65 -36.21 114.81 120.71
CA CYS DA 66 -39.08 116.35 122.66
CA TRP DA 67 -40.11 115.52 126.22
CA CYS DA 68 -43.22 116.61 128.14
CA ASN DA 69 -44.15 115.51 131.66
CA SER DA 70 -47.84 116.44 132.08
CA THR DA 71 -49.71 115.22 128.98
CA SER DA 72 -48.69 113.77 125.61
CA THR DA 73 -48.81 116.44 122.93
CA TRP DA 74 -47.77 116.82 119.30
CA VAL DA 75 -45.09 119.39 118.50
CA THR DA 76 -44.45 120.58 114.95
CA TYR DA 77 -42.13 123.24 113.55
CA GLY DA 78 -40.10 124.31 110.53
CA THR DA 79 -36.85 122.83 109.26
CA CYS DA 80 -35.81 124.91 106.25
CA THR DA 81 -32.37 126.50 106.37
CA THR DA 82 -32.02 130.15 107.32
CA THR DA 83 -31.89 131.26 103.67
CA GLY DA 84 -35.50 130.14 103.09
CA GLU DA 85 -34.46 127.01 101.16
CA HIS DA 86 -35.80 123.51 101.78
CA ARG DA 87 -33.45 120.77 102.89
CA ARG DA 88 -31.70 118.85 100.16
CA GLU DA 89 -28.80 116.48 99.48
CA LYS DA 90 -26.37 116.48 96.57
CA ARG DA 91 -26.71 112.76 95.81
CA SER DA 92 -27.99 111.96 92.31
CA VAL DA 93 -29.39 109.02 90.32
CA ALA DA 94 -29.30 108.40 86.56
CA LEU DA 95 -27.82 105.95 84.04
CA VAL DA 96 -25.87 105.80 80.77
CA PRO DA 97 -27.90 106.99 77.72
CA HIS DA 98 -25.29 106.47 74.98
CA VAL DA 99 -26.04 103.12 73.31
CA GLY DA 100 -29.00 100.79 73.58
CA MET DA 101 -30.90 98.81 70.92
CA GLY DA 102 -32.06 95.19 71.23
CA LEU DA 103 -34.71 94.42 68.61
CA GLU DA 104 -36.66 96.82 66.36
CA THR DA 105 -38.04 97.53 62.90
CA ARG DA 106 -40.72 96.22 60.65
CA THR DA 107 -41.18 92.45 60.53
CA GLU DA 108 -40.13 90.87 57.20
CA THR DA 109 -38.17 93.12 54.83
CA TRP DA 110 -35.95 93.98 57.76
CA MET DA 111 -35.76 90.28 58.59
CA SER DA 112 -34.69 89.31 55.06
CA SER DA 113 -32.34 92.25 54.50
CA GLU DA 114 -30.63 92.20 57.89
CA GLY DA 115 -30.42 88.41 57.79
CA ALA DA 116 -28.63 88.59 54.45
CA TRP DA 117 -26.32 91.38 55.62
CA LYS DA 118 -25.58 89.97 59.09
CA HIS DA 119 -24.83 86.53 57.66
CA ALA DA 120 -22.72 88.16 54.94
CA GLN DA 121 -20.67 90.22 57.38
CA ARG DA 122 -20.35 87.37 59.90
CA ILE DA 123 -19.15 84.86 57.31
CA GLU DA 124 -16.97 87.50 55.64
CA THR DA 125 -15.30 88.35 58.96
CA TRP DA 126 -14.74 84.63 59.56
CA ILE DA 127 -13.16 84.40 56.09
CA LEU DA 128 -10.90 87.48 56.42
CA ARG DA 129 -10.33 87.57 60.19
CA HIS DA 130 -9.00 83.99 59.82
CA PRO DA 131 -8.21 83.37 56.13
CA GLY DA 132 -5.76 80.48 55.97
CA PHE DA 133 -8.12 78.04 57.66
CA THR DA 134 -10.59 78.75 54.87
CA ILE DA 135 -8.31 77.91 51.95
CA MET DA 136 -6.81 74.87 53.69
CA ALA DA 137 -10.30 73.56 54.45
CA ALA DA 138 -11.40 74.21 50.86
CA ILE DA 139 -8.49 72.28 49.35
CA LEU DA 140 -8.86 69.51 51.94
CA ALA DA 141 -12.54 69.11 51.05
CA TYR DA 142 -11.86 69.19 47.30
CA THR DA 143 -9.25 66.45 47.78
CA ILE DA 144 -11.12 64.26 50.28
CA GLY DA 145 -14.87 64.58 49.77
CA THR DA 146 -16.23 61.99 47.35
CA THR DA 147 -19.21 64.01 46.09
CA HIS DA 148 -19.71 67.74 45.66
CA PHE DA 149 -22.39 67.58 48.37
CA GLN DA 150 -19.93 65.83 50.69
CA ARG DA 151 -17.19 68.33 49.85
CA ALA DA 152 -19.63 71.17 50.54
CA LEU DA 153 -20.37 69.69 53.95
CA ILE DA 154 -16.65 69.30 54.66
CA PHE DA 155 -15.41 72.80 53.97
CA ILE DA 156 -18.56 74.66 55.06
CA LEU DA 157 -18.38 72.86 58.42
CA LEU DA 158 -14.63 73.45 58.74
CA THR DA 159 -15.07 77.16 57.96
CA ALA DA 160 -17.88 77.28 60.53
CA VAL DA 161 -15.92 75.63 63.34
CA ALA DA 162 -12.31 76.81 62.86
CA PRO DA 163 -12.75 80.59 63.40
CA SER DA 164 -14.87 79.89 66.47
CA MET DA 165 -12.24 77.38 67.58
CA THR DA 166 -9.47 79.89 66.85
CA MET EA 1 27.37 -123.35 30.50
CA ARG EA 2 25.93 -124.04 33.94
CA CYS EA 3 23.19 -121.48 34.39
CA ILE EA 4 19.95 -122.60 32.75
CA GLY EA 5 16.61 -121.99 34.46
CA ILE EA 6 17.92 -119.33 36.84
CA SER EA 7 15.57 -116.39 36.34
CA ASN EA 8 18.10 -113.63 37.08
CA ARG EA 9 20.71 -114.05 34.34
CA ASP EA 10 22.63 -110.79 34.04
CA PHE EA 11 24.72 -109.87 31.01
CA VAL EA 12 27.90 -107.94 30.27
CA GLU EA 13 27.80 -107.21 26.52
CA GLY EA 14 31.34 -106.03 25.89
CA VAL EA 15 34.79 -105.33 27.30
CA SER EA 16 37.34 -102.49 27.17
CA GLY EA 17 41.12 -102.30 27.20
CA GLY EA 18 41.36 -102.02 30.98
CA SER EA 19 39.03 -105.03 31.33
CA TRP EA 20 38.51 -104.17 35.01
CA VAL EA 21 34.89 -105.31 34.97
CA ASP EA 22 33.22 -105.08 38.39
CA ILE EA 23 30.58 -107.79 38.30
CA VAL EA 24 27.50 -107.65 40.48
CA LEU EA 25 26.44 -110.94 42.03
CA GLU EA 26 23.49 -112.00 44.16
CA HIS EA 27 21.85 -115.14 45.52
CA GLY EA 28 19.99 -117.16 42.90
CA SER EA 29 21.29 -115.06 40.01
CA CYS EA 30 23.97 -115.91 37.45
CA VAL EA 31 26.17 -113.59 35.42
CA THR EA 32 27.59 -113.88 31.90
CA THR EA 33 30.76 -112.07 30.89
CA MET EA 34 31.52 -111.39 27.24
CA ALA EA 35 34.82 -110.24 25.77
CA LYS EA 36 35.87 -109.56 22.19
CA ASN EA 37 37.75 -112.65 20.98
CA LYS EA 38 38.37 -113.80 24.56
CA PRO EA 39 36.85 -116.76 26.44
CA THR EA 40 33.32 -116.07 27.66
CA LEU EA 41 32.71 -116.74 31.34
CA ASP EA 42 29.81 -117.64 33.61
CA PHE EA 43 30.01 -116.49 37.24
CA GLU EA 44 27.91 -117.66 40.17
CA LEU EA 45 27.98 -117.96 43.94
CA ILE EA 46 27.05 -121.54 44.79
CA LYS EA 47 27.13 -121.37 48.59
CA THR EA 48 27.40 -118.66 51.24
CA GLU EA 49 28.72 -119.80 54.62
CA ALA EA 50 30.09 -118.14 57.74
CA LYS EA 51 32.47 -120.75 59.11
CA GLN EA 52 33.25 -120.86 62.83
CA PRO EA 53 30.36 -118.65 64.00
CA ALA EA 54 30.44 -117.14 67.47
CA THR EA 55 27.98 -118.06 70.24
CA LEU EA 56 25.89 -115.28 71.79
CA ARG EA 57 23.42 -116.79 74.24
CA LYS EA 58 21.81 -120.20 74.75
CA TYR EA 59 18.11 -120.67 75.49
CA CYS EA 60 16.54 -123.58 77.37
CA ILE EA 61 13.80 -125.72 75.85
CA GLU EA 62 13.07 -128.81 78.01
CA ALA EA 63 13.36 -128.73 81.79
CA LYS EA 64 14.21 -131.66 84.01
CA LEU EA 65 13.99 -130.87 87.71
CA THR EA 66 14.62 -132.51 91.07
CA ASN EA 67 15.27 -131.94 94.77
CA THR EA 68 12.13 -129.81 95.04
CA THR EA 69 11.38 -128.88 98.65
CA THR EA 70 8.87 -126.81 100.62
CA ASP EA 71 10.00 -125.40 103.96
CA SER EA 72 7.93 -123.12 106.14
CA ARG EA 73 7.61 -121.62 109.61
CA CYS EA 74 4.68 -120.57 111.73
CA PRO EA 75 3.57 -116.93 111.39
CA THR EA 76 5.72 -114.58 113.50
CA GLN EA 77 8.85 -116.73 112.98
CA GLY EA 78 10.21 -115.21 109.76
CA GLU EA 79 10.28 -117.14 106.50
CA PRO EA 80 12.95 -119.83 106.91
CA SER EA 81 16.36 -119.68 105.26
CA LEU EA 82 17.62 -122.75 103.42
CA ASN EA 83 20.96 -124.09 102.31
CA GLU EA 84 19.04 -124.93 99.13
CA GLU EA 85 18.21 -121.34 98.19
CA GLN EA 86 21.65 -119.75 98.57
CA ASP EA 87 23.04 -121.43 95.41
CA LYS EA 88 22.30 -120.20 91.89
CA ARG EA 89 22.11 -123.84 90.74
CA PHE EA 90 18.49 -123.90 91.98
CA VAL EA 91 15.40 -121.83 91.21
CA CYS EA 92 13.28 -120.49 94.04
CA LYS EA 93 10.56 -118.32 95.46
CA HIS EA 94 9.06 -117.15 98.74
CA SER EA 95 5.32 -116.90 99.21
CA MET EA 96 2.66 -116.10 101.81
CA VAL EA 97 -0.10 -118.50 102.86
CA ASP EA 98 -2.75 -118.56 105.58
CA ARG EA 99 -1.70 -121.33 107.94
CA GLY EA 100 -4.72 -122.14 110.11
CA TRP EA 101 -4.97 -123.21 113.73
CA GLY EA 102 -5.30 -126.89 112.86
CA ASN EA 103 -2.35 -126.69 110.51
CA GLY EA 104 0.54 -127.80 112.67
CA CYS EA 105 1.29 -124.51 114.39
CA GLY EA 106 -1.93 -123.63 116.16
CA LEU EA 107 -1.85 -119.89 115.62
CA PHE EA 108 -3.88 -118.97 112.55
CA GLY EA 109 -2.35 -116.29 110.38
CA LYS EA 110 -0.53 -115.58 107.15
CA GLY EA 111 3.09 -116.72 107.13
CA GLY EA 112 5.99 -117.41 104.80
CA ILE EA 113 6.85 -120.52 102.81
CA VAL EA 114 10.04 -121.05 100.82
CA THR EA 115 9.65 -123.41 97.88
CA CYS EA 116 12.34 -124.62 95.47
CA ALA EA 117 14.15 -127.14 93.37
CA MET EA 118 17.07 -127.91 91.12
CA PHE EA 119 16.83 -126.85 87.49
CA THR EA 120 18.96 -128.51 84.82
CA CYS EA 121 17.41 -128.81 81.37
CA LYS EA 122 17.99 -131.18 78.52
CA LYS EA 123 17.41 -129.60 75.09
CA ASN EA 124 18.67 -126.08 74.46
CA MET EA 125 18.88 -123.61 71.61
CA LYS EA 126 22.11 -122.52 69.97
CA GLY EA 127 22.14 -118.75 69.48
CA LYS EA 128 24.90 -117.45 67.27
CA VAL EA 129 26.16 -114.20 65.75
CA VAL EA 130 27.88 -113.67 62.40
CA GLN EA 131 30.46 -110.92 61.86
CA PRO EA 132 31.62 -109.43 58.53
CA GLU EA 133 34.99 -111.12 59.03
CA ASN EA 134 33.61 -114.65 59.05
CA LEU EA 135 31.66 -114.24 55.80
CA GLU EA 136 33.03 -116.91 53.47
CA TYR EA 137 31.71 -116.95 49.90
CA THR EA 138 32.06 -119.83 47.45
CA ILE EA 139 32.36 -118.65 43.86
CA VAL EA 140 31.93 -120.88 40.80
CA ILE EA 141 33.61 -119.93 37.52
CA THR EA 142 32.76 -121.75 34.30
CA PRO EA 143 33.76 -121.52 30.62
CA HIS EA 144 31.29 -121.75 27.73
CA SER EA 145 32.88 -124.90 26.34
CA GLY EA 146 29.42 -126.38 25.83
CA GLU EA 147 30.02 -129.65 27.68
CA GLU EA 148 26.93 -131.81 27.78
CA HIS EA 149 26.28 -131.99 31.54
CA ALA EA 150 25.96 -128.22 31.78
CA VAL EA 151 22.22 -127.52 31.50
CA GLY EA 152 20.79 -127.77 34.99
CA ASN EA 153 24.13 -128.77 36.55
CA ASP EA 154 25.90 -126.80 39.28
CA THR EA 155 28.70 -128.71 41.03
CA GLY EA 156 29.79 -130.76 38.01
CA LYS EA 157 33.56 -131.03 37.60
CA HIS EA 158 33.85 -128.72 34.61
CA GLY EA 159 34.82 -125.36 36.10
CA LYS EA 160 36.55 -123.97 39.18
CA GLU EA 161 35.43 -123.28 42.74
CA ILE EA 162 37.19 -120.64 44.83
CA LYS EA 163 36.91 -119.93 48.56
CA ILE EA 164 36.72 -116.14 48.64
CA THR EA 165 36.67 -114.03 51.80
CA PRO EA 166 37.21 -110.31 52.55
CA GLN EA 167 40.24 -111.36 54.60
CA SER EA 168 41.73 -112.44 51.24
CA SER EA 169 42.30 -110.00 48.38
CA ILE EA 170 44.20 -111.63 45.47
CA THR EA 171 44.39 -115.26 44.41
CA GLU EA 172 44.88 -116.77 40.97
CA ALA EA 173 42.51 -119.49 39.78
CA GLU EA 174 42.96 -121.87 36.87
CA LEU EA 175 40.29 -122.59 34.25
CA THR EA 176 41.39 -125.79 32.56
CA GLY EA 177 41.88 -125.29 28.84
CA TYR EA 178 41.33 -121.54 29.07
CA GLY EA 179 44.15 -120.31 31.31
CA THR EA 180 44.12 -118.09 34.39
CA VAL EA 181 41.71 -115.67 36.05
CA THR EA 182 42.66 -113.56 39.05
CA MET EA 183 40.33 -113.39 42.04
CA GLU EA 184 41.22 -109.83 43.03
CA CYS EA 185 37.70 -109.64 44.38
CA SER EA 186 36.18 -107.29 46.96
CA PRO EA 187 33.29 -108.64 49.07
CA ARG EA 188 32.35 -105.23 50.44
CA THR EA 189 28.59 -104.96 50.46
CA GLY EA 190 27.27 -106.81 53.49
CA LEU EA 191 23.67 -105.68 53.90
CA ASP EA 192 23.48 -105.47 57.70
CA PHE EA 193 24.59 -107.64 60.61
CA ASN EA 194 23.96 -105.86 63.92
CA GLU EA 195 20.31 -106.94 64.08
CA MET EA 196 20.44 -110.47 62.65
CA VAL EA 197 21.05 -113.65 64.65
CA LEU EA 198 21.27 -117.33 63.78
CA LEU EA 199 19.46 -120.05 65.74
CA GLN EA 200 20.11 -123.80 65.63
CA MET EA 201 18.05 -126.73 66.95
CA GLU EA 202 19.69 -130.17 66.63
CA ASN EA 203 19.18 -130.51 62.86
CA LYS EA 204 17.56 -127.26 61.71
CA ALA EA 205 18.20 -123.51 61.84
CA TRP EA 206 16.57 -120.11 61.53
CA LEU EA 207 17.44 -116.43 61.14
CA VAL EA 208 15.79 -113.83 63.36
CA HIS EA 209 16.24 -110.22 64.45
CA ARG EA 210 18.38 -109.60 67.52
CA GLN EA 211 15.59 -107.88 69.46
CA TRP EA 212 13.63 -111.12 69.25
CA PHE EA 213 16.34 -112.89 71.26
CA LEU EA 214 16.74 -109.90 73.56
CA ASP EA 215 13.03 -109.95 74.47
CA LEU EA 216 11.97 -113.60 74.33
CA PRO EA 217 11.12 -114.69 77.92
CA LEU EA 218 12.89 -118.02 78.31
CA PRO EA 219 15.92 -119.14 80.35
CA TRP EA 220 19.33 -117.67 79.48
CA LEU EA 221 22.95 -118.68 79.33
CA PRO EA 222 25.58 -116.08 78.36
CA GLY EA 223 28.00 -117.38 75.77
CA ALA EA 224 30.92 -117.46 78.19
CA ASP EA 225 29.50 -119.99 80.65
CA THR EA 226 30.09 -123.71 80.16
CA GLN EA 227 28.78 -125.45 83.31
CA GLY EA 228 25.14 -124.81 82.45
CA SER EA 229 24.42 -123.99 86.11
CA ASN EA 230 23.96 -120.21 86.22
CA TRP EA 231 20.77 -119.02 84.50
CA ILE EA 232 18.93 -115.71 84.13
CA GLN EA 233 15.16 -115.30 83.98
CA LYS EA 234 15.11 -118.95 85.04
CA GLU EA 235 11.76 -118.51 86.81
CA THR EA 236 9.70 -118.16 83.62
CA LEU EA 237 9.61 -121.88 82.81
CA VAL EA 238 8.60 -122.93 86.32
CA THR EA 239 4.97 -122.05 86.95
CA PHE EA 240 3.72 -122.65 90.47
CA LYS EA 241 0.35 -124.12 91.32
CA ASN EA 242 -1.50 -121.88 93.74
CA PRO EA 243 0.02 -122.27 97.23
CA HIS EA 244 -1.67 -124.97 99.29
CA ALA EA 245 -0.90 -124.43 102.98
CA LYS EA 246 2.44 -126.27 103.12
CA LYS EA 247 2.22 -128.04 99.77
CA GLN EA 248 3.66 -125.97 96.98
CA ASP EA 249 4.38 -128.21 94.01
CA VAL EA 250 6.42 -126.76 91.17
CA VAL EA 251 5.78 -127.54 87.51
CA VAL EA 252 7.43 -126.26 84.34
CA LEU EA 253 6.45 -125.84 80.69
CA GLY EA 254 6.90 -128.96 78.63
CA SER EA 255 7.90 -129.48 75.01
CA GLN EA 256 8.47 -126.01 73.58
CA GLU EA 257 9.74 -127.29 70.22
CA GLY EA 258 6.20 -127.32 68.86
CA ALA EA 259 5.56 -123.84 70.24
CA MET EA 260 8.78 -122.63 68.65
CA HIS EA 261 7.94 -124.19 65.29
CA THR EA 262 4.40 -122.80 65.16
CA ALA EA 263 5.34 -119.33 66.45
CA LEU EA 264 8.68 -118.77 64.70
CA THR EA 265 7.09 -119.64 61.35
CA GLY EA 266 7.22 -116.73 58.93
CA ALA EA 267 10.83 -115.92 59.78
CA THR EA 268 13.69 -116.74 57.42
CA GLU EA 269 14.16 -120.52 57.45
CA ILE EA 270 17.71 -121.57 56.58
CA GLN EA 271 18.47 -125.13 55.46
CA MET EA 272 21.50 -125.71 57.67
CA SER EA 273 21.52 -129.39 56.66
CA SER EA 274 23.33 -128.32 53.48
CA GLY EA 275 25.13 -125.65 55.48
CA ASN EA 276 23.95 -122.13 56.25
CA LEU EA 277 22.76 -120.54 53.00
CA LEU EA 278 22.89 -116.87 54.04
CA PHE EA 279 20.64 -115.05 51.55
CA THR EA 280 21.94 -111.58 52.39
CA GLY EA 281 24.09 -108.92 50.80
CA HIS EA 282 25.46 -108.52 47.28
CA LEU EA 283 28.94 -109.24 45.94
CA LYS EA 284 30.85 -106.48 44.16
CA CYS EA 285 33.68 -108.39 42.52
CA ARG EA 286 36.37 -106.81 40.34
CA LEU EA 287 37.78 -109.10 37.63
CA ARG EA 288 40.51 -108.45 35.06
CA MET EA 289 40.35 -110.82 32.08
CA ASP EA 290 43.65 -109.66 30.56
CA LYS EA 291 45.49 -112.97 31.10
CA LEU EA 292 42.74 -115.46 30.16
CA GLN EA 293 43.66 -117.41 27.04
CA LEU EA 294 41.28 -119.02 24.54
CA LYS EA 295 42.09 -122.47 23.11
CA GLY EA 296 40.71 -122.92 19.62
CA MET EA 297 40.41 -119.60 17.80
CA SER EA 298 43.31 -120.86 15.66
CA TYR EA 299 41.63 -124.17 14.81
CA SER EA 300 40.65 -124.99 11.25
CA MET EA 301 37.13 -124.73 9.87
CA CYS EA 302 34.65 -127.59 10.29
CA THR EA 303 33.85 -129.28 6.96
CA GLY EA 304 32.12 -132.56 7.83
CA LYS EA 305 28.63 -133.84 8.53
CA PHE EA 306 26.40 -131.86 10.87
CA LYS EA 307 23.39 -133.09 12.83
CA VAL EA 308 21.12 -131.90 15.64
CA VAL EA 309 20.11 -134.14 18.54
CA LYS EA 310 17.69 -132.00 20.58
CA GLU EA 311 15.99 -128.75 19.63
CA ILE EA 312 15.91 -125.57 21.75
CA ALA EA 313 15.02 -125.91 25.40
CA GLU EA 314 13.46 -122.46 25.54
CA THR EA 315 14.92 -120.33 28.33
CA GLN EA 316 13.50 -117.48 30.37
CA HIS EA 317 15.41 -115.10 28.07
CA GLY EA 318 14.51 -117.01 24.90
CA THR EA 319 18.16 -117.91 24.39
CA ILE EA 320 18.88 -120.73 21.95
CA VAL EA 321 20.71 -123.60 23.64
CA ILE EA 322 21.49 -126.03 20.84
CA ARG EA 323 22.77 -129.44 21.99
CA VAL EA 324 24.26 -130.59 18.72
CA GLN EA 325 26.46 -133.51 17.64
CA TYR EA 326 28.94 -133.34 14.73
CA GLU EA 327 29.70 -136.78 13.31
CA GLY EA 328 32.03 -135.13 10.81
CA ASP EA 329 35.77 -135.60 11.13
CA GLY EA 330 38.49 -132.95 11.39
CA SER EA 331 37.88 -131.97 15.01
CA PRO EA 332 39.02 -129.71 16.60
CA CYS EA 333 37.53 -127.14 14.21
CA LYS EA 334 35.57 -123.90 14.22
CA ILE EA 335 31.82 -124.19 13.71
CA PRO EA 336 29.75 -122.29 11.12
CA PHE EA 337 27.33 -120.27 13.23
CA GLU EA 338 25.08 -117.69 11.54
CA ILE EA 339 21.79 -116.14 12.64
CA MET EA 340 20.09 -114.62 9.61
CA ASP EA 341 16.83 -112.99 8.59
CA LEU EA 342 13.83 -114.40 6.71
CA GLU EA 343 15.11 -113.40 3.28
CA LYS EA 344 18.70 -114.23 4.38
CA ARG EA 345 20.21 -110.85 3.46
CA HIS EA 346 22.34 -109.85 6.47
CA VAL EA 347 23.25 -111.28 9.87
CA LEU EA 348 22.05 -109.56 13.03
CA GLY EA 349 22.43 -112.18 15.79
CA ARG EA 350 24.75 -112.37 18.80
CA LEU EA 351 26.35 -115.72 19.56
CA ILE EA 352 27.40 -116.19 23.18
CA THR EA 353 30.06 -118.90 23.22
CA VAL EA 354 32.74 -117.30 21.08
CA ASN EA 355 34.63 -119.79 18.94
CA PRO EA 356 32.15 -122.66 19.19
CA ILE EA 357 34.43 -125.66 18.93
CA VAL EA 358 34.01 -129.42 19.04
CA THR EA 359 36.86 -130.91 21.05
CA GLU EA 360 36.33 -134.50 19.92
CA LYS EA 361 34.27 -136.60 17.55
CA ASP EA 362 31.15 -138.48 18.65
CA SER EA 363 30.51 -135.91 21.37
CA PRO EA 364 27.63 -133.45 21.81
CA VAL EA 365 28.33 -129.76 22.33
CA ASN EA 366 25.96 -127.24 23.90
CA ILE EA 367 26.25 -123.95 22.01
CA GLU EA 368 24.72 -120.92 23.72
CA ALA EA 369 23.42 -118.04 21.62
CA GLU EA 370 20.94 -115.16 21.59
CA PRO EA 371 19.11 -114.57 18.29
CA PRO EA 372 17.35 -111.37 17.23
CA PHE EA 373 13.68 -110.70 17.94
CA GLY EA 374 10.88 -112.09 15.82
CA ASP EA 375 11.35 -114.89 13.33
CA SER EA 376 14.76 -115.87 12.00
CA TYR EA 377 16.88 -118.72 10.64
CA ILE EA 378 19.77 -120.48 12.39
CA ILE EA 379 22.46 -121.64 9.96
CA ILE EA 380 24.78 -124.41 11.15
CA GLY EA 381 27.31 -126.09 8.89
CA VAL EA 382 28.14 -125.45 5.25
CA GLU EA 383 26.69 -126.78 2.02
CA PRO EA 384 26.50 -129.71 1.20
CA GLY EA 385 24.69 -130.81 4.36
CA GLN EA 386 23.97 -127.19 5.27
CA LEU EA 387 21.62 -127.18 8.26
CA LYS EA 388 18.84 -124.59 8.73
CA LEU EA 389 16.57 -124.24 11.76
CA ASN EA 390 13.68 -121.80 11.73
CA TRP EA 391 12.96 -120.19 15.10
CA PHE EA 392 10.93 -117.32 16.54
CA LYS EA 393 11.57 -115.31 19.71
CA LYS EA 394 8.55 -113.49 21.13
CA GLY EA 395 10.30 -110.51 22.71
CA SER EA 396 9.92 -106.98 21.40
CA SER EA 397 12.94 -104.97 20.29
CA ILE EA 398 12.39 -101.76 22.27
CA GLY EA 399 11.06 -103.87 25.12
CA GLN EA 400 14.13 -106.04 25.65
CA MET EA 401 16.15 -102.89 25.02
CA ILE EA 402 14.51 -101.10 27.96
CA GLU EA 403 14.66 -104.07 30.34
CA THR EA 404 18.32 -104.80 29.54
CA THR EA 405 19.24 -101.14 30.03
CA MET EA 406 17.32 -101.33 33.30
CA ARG EA 407 19.28 -104.41 34.40
CA GLY EA 408 22.45 -102.44 33.68
CA ALA EA 409 21.06 -99.47 35.58
CA LYS EA 410 20.35 -101.66 38.62
CA ARG EA 411 23.80 -103.23 38.39
CA MET EA 412 25.35 -99.77 38.47
CA ALA EA 413 22.93 -98.78 41.24
CA ILE EA 414 24.30 -101.44 43.58
CA LEU EA 415 27.70 -100.93 41.93
CA GLY EA 416 27.24 -97.25 42.74
CA ASP EA 417 28.49 -95.13 45.61
CA THR EA 418 32.17 -95.80 46.42
CA ALA EA 419 32.26 -98.54 43.74
CA TRP EA 420 33.00 -97.05 40.31
CA ASP EA 421 36.59 -95.86 40.00
CA PHE EA 422 36.33 -92.13 40.70
CA GLY EA 423 39.57 -91.76 42.67
CA SER EA 424 41.90 -92.88 39.89
CA LEU EA 425 42.84 -89.72 38.02
CA GLY EA 426 43.15 -90.32 34.29
CA GLY EA 427 41.19 -93.51 34.84
CA VAL EA 428 38.19 -91.36 35.80
CA PHE EA 429 37.61 -90.90 32.08
CA THR EA 430 37.67 -94.67 31.60
CA SER EA 431 35.36 -95.19 34.58
CA ILE EA 432 32.76 -92.80 33.19
CA GLY EA 433 33.22 -94.48 29.83
CA LYS EA 434 32.53 -97.91 31.30
CA ALA EA 435 29.53 -96.51 33.19
CA LEU EA 436 28.06 -95.05 30.00
CA HIS EA 437 28.72 -98.44 28.44
CA GLN EA 438 27.05 -100.50 31.17
CA VAL EA 439 23.97 -98.25 30.93
CA PHE EA 440 23.60 -97.02 27.31
CA GLY EA 441 25.80 -99.45 25.34
CA ALA EA 442 22.91 -101.77 24.67
CA ILE EA 443 21.26 -98.81 22.93
CA TYR EA 444 24.58 -98.06 21.22
CA GLY EA 445 25.34 -101.51 19.84
CA ALA EA 446 21.89 -103.02 19.23
CA ALA EA 447 19.86 -100.01 18.05
CA PHE EA 448 22.41 -97.62 16.53
CA SER EA 449 23.51 -99.70 13.53
CA GLY EA 450 25.42 -102.51 15.29
CA VAL EA 451 27.84 -100.88 14.43
CA SER EA 452 30.56 -100.09 11.89
CA TRP EA 453 32.08 -97.56 14.22
CA ILE EA 454 33.82 -95.10 11.86
CA MET EA 455 30.72 -94.03 9.96
CA LYS EA 456 28.60 -93.83 13.09
CA ILE EA 457 31.09 -91.60 14.89
CA LEU EA 458 31.02 -89.41 11.78
CA ILE EA 459 27.23 -89.27 12.09
CA GLY EA 460 27.62 -88.61 15.81
CA VAL EA 461 29.85 -85.58 15.32
CA ILE EA 462 27.36 -84.36 12.71
CA ILE EA 463 24.58 -84.70 15.29
CA THR EA 464 26.72 -82.89 17.85
CA TRP EA 465 27.33 -79.97 15.48
CA ILE EA 466 23.62 -79.74 14.65
CA GLY EA 467 22.70 -79.83 18.34
CA MET EA 468 25.21 -77.11 19.18
CA ASN EA 469 24.04 -75.03 16.21
CA SER EA 470 20.34 -75.51 16.99
CA ARG EA 471 17.40 -73.13 17.32
CA SER EA 472 16.57 -74.11 20.92
CA THR EA 473 18.81 -74.59 23.95
CA SER EA 474 16.76 -77.46 25.39
CA LEU EA 475 17.20 -79.43 22.16
CA SER EA 476 20.90 -78.54 22.16
CA VAL EA 477 21.38 -79.92 25.67
CA SER EA 478 19.33 -83.01 24.77
CA LEU EA 479 21.21 -83.78 21.52
CA VAL EA 480 24.84 -82.82 22.13
CA LEU EA 481 24.83 -85.03 25.23
CA VAL EA 482 23.73 -87.98 23.10
CA GLY EA 483 26.36 -87.09 20.51
CA VAL EA 484 29.27 -86.90 22.94
CA VAL EA 485 28.11 -90.13 24.59
CA THR EA 486 28.05 -91.73 21.13
CA LEU EA 487 31.56 -90.54 20.27
CA TYR EA 488 33.27 -91.43 23.54
CA LEU EA 489 31.38 -94.69 24.05
CA GLY EA 490 32.28 -95.68 20.49
CA VAL EA 491 35.94 -95.03 21.23
CA MET EA 492 35.52 -97.26 24.28
CA VAL EA 493 33.70 -99.98 22.32
CA GLN EA 494 36.48 -100.08 19.73
CA ALA EA 495 38.67 -101.09 22.68
CA MET FA 1 -35.40 -65.39 108.77
CA ARG FA 2 -33.37 -68.59 108.61
CA CYS FA 3 -30.87 -67.40 105.99
CA ILE FA 4 -28.37 -65.85 108.41
CA GLY FA 5 -25.08 -67.58 107.76
CA ILE FA 6 -26.35 -68.95 104.44
CA SER FA 7 -23.82 -67.85 101.82
CA ASN FA 8 -25.92 -68.04 98.64
CA ARG FA 9 -28.76 -65.55 98.95
CA ASP FA 10 -30.84 -63.53 96.48
CA PHE FA 11 -33.14 -60.64 97.39
CA VAL FA 12 -35.65 -61.03 94.57
CA GLU FA 13 -38.17 -58.16 94.81
CA GLY FA 14 -41.09 -58.26 92.40
CA VAL FA 15 -44.06 -60.11 90.97
CA SER FA 16 -44.16 -61.72 87.53
CA GLY FA 17 -46.87 -61.32 84.90
CA GLY FA 18 -49.31 -63.70 86.57
CA SER FA 19 -48.33 -62.36 89.99
CA TRP FA 20 -46.25 -65.48 90.66
CA VAL FA 21 -42.70 -65.49 91.95
CA ASP FA 22 -40.12 -67.43 89.92
CA ILE FA 23 -38.14 -69.13 92.69
CA VAL FA 24 -34.65 -70.33 91.92
CA LEU FA 25 -34.10 -72.99 94.58
CA GLU FA 26 -30.82 -74.81 95.22
CA HIS FA 27 -29.67 -76.93 98.14
CA GLY FA 28 -27.84 -74.72 100.63
CA SER FA 29 -29.24 -71.48 99.21
CA CYS FA 30 -31.77 -68.81 100.15
CA VAL FA 31 -34.62 -66.92 98.52
CA THR FA 32 -36.39 -63.84 99.89
CA THR FA 33 -39.44 -62.40 98.15
CA MET FA 34 -40.49 -58.77 98.44
CA ALA FA 35 -43.08 -56.39 97.01
CA LYS FA 36 -44.92 -53.25 98.08
CA ASN FA 37 -48.33 -53.81 99.64
CA LYS FA 38 -47.11 -57.40 100.01
CA PRO FA 39 -45.48 -58.89 103.16
CA THR FA 40 -41.97 -60.21 102.66
CA LEU FA 41 -41.43 -63.98 102.70
CA ASP FA 42 -38.47 -66.36 102.95
CA PHE FA 43 -38.39 -69.37 100.62
CA GLU FA 44 -36.13 -72.33 101.40
CA LEU FA 45 -35.66 -76.05 100.79
CA ILE FA 46 -34.70 -78.38 103.65
CA LYS FA 47 -35.09 -81.97 102.47
CA THR FA 48 -35.01 -83.95 99.24
CA GLU FA 49 -36.19 -87.54 98.92
CA ALA FA 50 -37.07 -90.13 96.28
CA LYS FA 51 -39.91 -92.56 96.97
CA GLN FA 52 -41.12 -95.62 95.06
CA PRO FA 53 -37.79 -96.16 93.30
CA ALA FA 54 -37.41 -98.60 90.43
CA THR FA 55 -35.01 -101.54 90.71
CA LEU FA 56 -32.82 -101.28 87.62
CA ARG FA 57 -30.87 -104.43 88.42
CA LYS FA 58 -30.40 -106.52 91.56
CA TYR FA 59 -26.88 -107.64 92.50
CA CYS FA 60 -26.44 -110.52 94.94
CA ILE FA 61 -23.01 -110.29 96.48
CA GLU FA 62 -22.44 -113.34 98.69
CA ALA FA 63 -22.89 -116.66 96.94
CA LYS FA 64 -23.50 -120.03 98.58
CA LEU FA 65 -22.95 -123.16 96.50
CA THR FA 66 -24.79 -126.48 96.78
CA ASN FA 67 -25.52 -129.82 95.12
CA THR FA 68 -22.39 -129.63 93.01
CA THR FA 69 -22.01 -132.41 90.47
CA THR FA 70 -19.00 -133.49 88.44
CA ASP FA 71 -18.56 -136.25 85.90
CA SER FA 72 -16.15 -137.23 83.14
CA ARG FA 73 -15.90 -139.57 80.18
CA CYS FA 74 -12.77 -141.01 78.63
CA PRO FA 75 -11.60 -139.87 75.18
CA THR FA 76 -13.78 -141.20 72.32
CA GLN FA 77 -16.30 -142.62 74.84
CA GLY FA 78 -18.49 -139.52 74.59
CA GLU FA 79 -19.26 -136.13 76.09
CA PRO FA 80 -21.52 -136.46 79.16
CA SER FA 81 -24.74 -134.47 79.32
CA LEU FA 82 -26.78 -134.12 82.51
CA ASN FA 83 -30.31 -132.93 83.15
CA GLU FA 84 -28.78 -130.68 85.81
CA GLU FA 85 -27.23 -128.70 82.95
CA GLN FA 86 -30.57 -127.99 81.27
CA ASP FA 87 -32.00 -126.28 84.36
CA LYS FA 88 -30.48 -122.80 84.27
CA ARG FA 89 -30.37 -122.48 88.07
CA PHE FA 90 -26.90 -124.08 88.05
CA VAL FA 91 -23.62 -122.63 86.84
CA CYS FA 92 -21.94 -125.17 84.58
CA LYS FA 93 -18.62 -125.67 82.81
CA HIS FA 94 -17.15 -128.19 80.39
CA SER FA 95 -13.49 -129.14 80.39
CA MET FA 96 -10.77 -131.47 79.14
CA VAL FA 97 -8.52 -133.75 81.22
CA ASP FA 98 -5.93 -136.39 80.40
CA ARG FA 99 -6.74 -140.06 81.02
CA GLY FA 100 -4.61 -143.13 80.41
CA TRP FA 101 -4.58 -146.89 80.06
CA GLY FA 102 -3.00 -147.31 83.48
CA ASN FA 103 -4.95 -144.32 84.83
CA GLY FA 104 -8.20 -146.17 85.44
CA CYS FA 105 -9.29 -146.15 81.80
CA GLY FA 106 -8.47 -147.53 78.37
CA LEU FA 107 -6.05 -145.24 76.54
CA PHE FA 108 -3.98 -142.06 76.63
CA GLY FA 109 -5.89 -138.96 75.63
CA LYS FA 110 -8.01 -135.98 76.60
CA GLY FA 111 -11.43 -137.08 77.86
CA GLY FA 112 -14.24 -134.67 78.59
CA ILE FA 113 -15.60 -133.37 81.88
CA VAL FA 114 -18.79 -131.59 82.87
CA THR FA 115 -19.01 -130.03 86.32
CA CYS FA 116 -21.76 -127.80 87.61
CA ALA FA 117 -23.55 -126.71 90.74
CA MET FA 118 -26.40 -124.69 92.19
CA PHE FA 119 -25.81 -120.98 92.88
CA THR FA 120 -27.79 -119.64 95.84
CA CYS FA 121 -26.93 -116.22 97.20
CA LYS FA 122 -27.96 -114.74 100.54
CA LYS FA 123 -26.74 -111.16 100.90
CA ASN FA 124 -27.58 -108.81 98.06
CA MET FA 125 -27.28 -105.19 96.97
CA LYS FA 126 -30.11 -102.98 95.84
CA GLY FA 127 -29.41 -100.76 92.82
CA LYS FA 128 -32.14 -98.34 91.78
CA VAL FA 129 -32.59 -95.50 89.30
CA VAL FA 130 -34.53 -92.35 90.17
CA GLN FA 131 -36.73 -90.70 87.56
CA PRO FA 132 -37.66 -87.00 87.67
CA GLU FA 133 -41.29 -87.94 88.33
CA ASN FA 134 -40.62 -89.96 91.49
CA LEU FA 135 -38.83 -87.11 93.29
CA GLU FA 136 -40.36 -85.16 96.17
CA TYR FA 137 -39.02 -81.78 97.32
CA THR FA 138 -39.42 -80.27 100.81
CA ILE FA 139 -39.95 -76.53 100.54
CA VAL FA 140 -40.38 -74.39 103.64
CA ILE FA 141 -41.91 -70.91 103.83
CA THR FA 142 -41.08 -68.47 106.63
CA PRO FA 143 -42.52 -65.04 107.48
CA HIS FA 144 -40.38 -62.00 108.25
CA SER FA 145 -42.19 -61.00 111.43
CA GLY FA 146 -39.18 -60.75 113.74
CA GLU FA 147 -40.46 -63.28 116.27
CA GLU FA 148 -37.85 -64.67 118.63
CA HIS FA 149 -38.02 -68.21 117.25
CA ALA FA 150 -38.32 -66.65 113.76
CA VAL FA 151 -34.58 -65.87 113.50
CA GLY FA 152 -31.92 -68.42 112.58
CA ASN FA 153 -34.00 -71.32 113.92
CA ASP FA 154 -34.16 -74.72 112.23
CA THR FA 155 -37.20 -76.02 114.18
CA GLY FA 156 -39.36 -72.94 114.74
CA LYS FA 157 -43.13 -73.07 114.71
CA HIS FA 158 -43.23 -69.95 112.52
CA GLY FA 159 -42.16 -71.85 109.40
CA LYS FA 160 -44.44 -74.09 107.37
CA GLU FA 161 -43.05 -77.06 105.44
CA ILE FA 162 -44.70 -78.44 102.29
CA LYS FA 163 -43.80 -81.24 99.90
CA ILE FA 164 -43.86 -80.84 96.11
CA THR FA 165 -44.41 -83.67 93.61
CA PRO FA 166 -45.49 -83.48 89.94
CA GLN FA 167 -48.49 -85.76 90.53
CA SER FA 168 -50.09 -82.94 92.58
CA SER FA 169 -48.83 -79.79 90.88
CA ILE FA 170 -51.56 -77.25 91.69
CA THR FA 171 -51.55 -77.31 95.50
CA GLU FA 172 -52.46 -74.74 98.15
CA ALA FA 173 -50.39 -74.13 101.28
CA GLU FA 174 -51.37 -72.01 104.27
CA LEU FA 175 -49.28 -69.51 106.24
CA THR FA 176 -50.54 -68.38 109.64
CA GLY FA 177 -52.32 -65.04 109.54
CA TYR FA 178 -51.28 -64.17 106.00
CA GLY FA 179 -53.40 -66.89 104.40
CA THR FA 180 -53.28 -68.97 101.24
CA VAL FA 181 -50.32 -69.28 98.85
CA THR FA 182 -50.06 -71.51 95.79
CA MET FA 183 -47.60 -74.33 95.14
CA GLU FA 184 -47.05 -75.17 91.44
CA CYS FA 185 -43.88 -76.19 89.58
CA SER FA 186 -41.94 -78.78 87.59
CA PRO FA 187 -38.28 -78.44 88.74
CA ARG FA 188 -36.87 -80.49 85.85
CA THR FA 189 -34.65 -77.66 84.51
CA GLY FA 190 -31.69 -79.13 86.43
CA LEU FA 191 -28.96 -81.58 85.54
CA ASP FA 192 -29.80 -84.76 83.67
CA PHE FA 193 -30.84 -87.63 85.94
CA ASN FA 194 -30.50 -90.65 83.62
CA GLU FA 195 -26.71 -90.67 84.13
CA MET FA 196 -26.84 -91.63 87.84
CA VAL FA 197 -27.94 -94.68 89.82
CA LEU FA 198 -28.01 -95.22 93.60
CA LEU FA 199 -26.80 -98.37 95.34
CA GLN FA 200 -27.89 -99.23 98.85
CA MET FA 201 -26.65 -101.89 101.26
CA GLU FA 202 -28.63 -102.38 104.49
CA ASN FA 203 -28.41 -98.70 105.39
CA LYS FA 204 -25.55 -97.01 103.53
CA ALA FA 205 -25.96 -95.81 99.96
CA TRP FA 206 -23.75 -94.62 97.14
CA LEU FA 207 -24.35 -92.48 94.07
CA VAL FA 208 -22.61 -93.87 90.98
CA HIS FA 209 -22.81 -93.90 87.19
CA ARG FA 210 -25.14 -96.22 85.29
CA GLN FA 211 -22.47 -97.81 83.10
CA TRP FA 212 -20.28 -98.35 86.15
CA PHE FA 213 -23.29 -99.77 87.99
CA LEU FA 214 -23.66 -102.32 85.21
CA ASP FA 215 -19.93 -102.96 84.70
CA LEU FA 216 -19.22 -104.55 88.10
CA PRO FA 217 -18.74 -108.24 87.16
CA LEU FA 218 -21.16 -110.04 89.47
CA PRO FA 219 -24.48 -111.90 89.12
CA TRP FA 220 -27.47 -110.00 87.71
CA LEU FA 221 -31.25 -109.94 87.94
CA PRO FA 222 -33.55 -107.85 85.71
CA GLY FA 223 -35.74 -105.35 87.51
CA ALA FA 224 -38.91 -107.40 87.28
CA ASP FA 225 -36.84 -110.49 88.10
CA THR FA 226 -37.43 -111.67 91.67
CA GLN FA 227 -37.45 -115.48 91.44
CA GLY FA 228 -33.69 -116.06 91.54
CA SER FA 229 -33.87 -118.64 88.75
CA ASN FA 230 -32.14 -116.51 86.11
CA TRP FA 231 -28.54 -115.41 86.65
CA ILE FA 232 -26.16 -113.71 84.22
CA GLN FA 233 -22.36 -113.85 84.36
CA LYS FA 234 -22.73 -116.20 87.32
CA GLU FA 235 -19.31 -117.72 86.62
CA THR FA 236 -17.18 -115.14 88.45
CA LEU FA 237 -18.46 -115.86 91.96
CA VAL FA 238 -17.81 -119.58 91.39
CA THR FA 239 -14.14 -120.27 90.69
CA PHE FA 240 -13.38 -123.64 89.15
CA LYS FA 241 -9.96 -124.85 90.29
CA ASN FA 242 -7.66 -126.41 87.73
CA PRO FA 243 -8.95 -129.46 85.84
CA HIS FA 244 -7.91 -132.51 87.79
CA ALA FA 245 -8.67 -136.21 87.19
CA LYS FA 246 -12.46 -136.69 87.41
CA LYS FA 247 -12.84 -133.74 89.80
CA GLN FA 248 -13.38 -130.03 89.48
CA ASP FA 249 -13.13 -128.79 93.05
CA VAL FA 250 -15.59 -125.90 92.98
CA VAL FA 251 -14.43 -122.97 95.12
CA VAL FA 252 -17.00 -120.46 96.31
CA LEU FA 253 -15.68 -116.93 96.06
CA GLY FA 254 -15.86 -115.06 99.33
CA SER FA 255 -18.27 -112.26 100.11
CA GLN FA 256 -17.08 -109.14 98.33
CA GLU FA 257 -19.02 -106.95 100.77
CA GLY FA 258 -15.76 -105.96 102.42
CA ALA FA 259 -14.31 -105.34 98.97
CA MET FA 260 -17.28 -103.14 98.08
CA HIS FA 261 -16.81 -101.14 101.27
CA THR FA 262 -13.16 -100.79 100.26
CA ALA FA 263 -13.94 -99.63 96.71
CA LEU FA 264 -17.17 -97.62 96.90
CA THR FA 265 -15.69 -95.54 99.73
CA GLY FA 266 -14.30 -92.40 98.15
CA ALA FA 267 -17.33 -92.13 95.90
CA THR FA 268 -20.39 -90.02 96.72
CA GLU FA 269 -21.74 -91.32 100.02
CA ILE FA 270 -25.43 -91.09 100.97
CA GLN FA 271 -27.48 -91.93 104.05
CA MET FA 272 -31.15 -92.71 103.50
CA SER FA 273 -32.15 -91.07 106.79
CA SER FA 274 -31.31 -87.62 105.39
CA GLY FA 275 -32.90 -88.42 102.02
CA ASN FA 276 -31.08 -88.24 98.71
CA LEU FA 277 -28.73 -85.24 98.48
CA LEU FA 278 -29.27 -84.55 94.77
CA PHE FA 279 -28.18 -80.95 95.24
CA THR FA 280 -27.10 -80.89 91.59
CA GLY FA 281 -29.69 -79.24 89.37
CA HIS FA 282 -31.49 -75.93 89.81
CA LEU FA 283 -35.15 -75.98 90.87
CA LYS FA 284 -37.21 -73.40 88.99
CA CYS FA 285 -40.64 -72.97 90.54
CA ARG FA 286 -43.77 -70.89 90.03
CA LEU FA 287 -45.57 -69.62 93.12
CA ARG FA 288 -48.60 -67.31 93.05
CA MET FA 289 -49.04 -64.58 95.67
CA ASP FA 290 -52.37 -62.98 94.74
CA LYS FA 291 -54.27 -64.60 97.63
CA LEU FA 292 -52.22 -62.91 100.41
CA GLN FA 293 -52.67 -59.50 102.02
CA LEU FA 294 -51.07 -57.57 104.87
CA LYS FA 295 -51.88 -59.08 108.27
CA GLY FA 296 -51.75 -56.70 111.20
CA MET FA 297 -51.97 -53.57 109.03
CA SER FA 298 -55.16 -52.52 110.82
CA TYR FA 299 -53.19 -52.14 114.05
CA SER FA 300 -52.45 -48.48 114.75
CA MET FA 301 -48.97 -47.06 115.11
CA CYS FA 302 -47.90 -46.62 118.74
CA THR FA 303 -46.13 -43.46 119.87
CA GLY FA 304 -44.37 -44.94 122.88
CA LYS FA 305 -40.62 -45.46 123.27
CA PHE FA 306 -38.30 -47.95 121.58
CA LYS FA 307 -35.27 -49.75 122.98
CA VAL FA 308 -32.51 -51.87 121.42
CA VAL FA 309 -31.53 -55.21 122.95
CA LYS FA 310 -28.76 -56.57 120.71
CA GLU FA 311 -26.21 -54.43 118.93
CA ILE FA 312 -26.19 -53.90 115.17
CA ALA FA 313 -25.36 -57.38 113.91
CA GLU FA 314 -23.72 -57.93 110.52
CA THR FA 315 -24.61 -60.69 108.06
CA GLN FA 316 -22.72 -61.87 104.96
CA HIS FA 317 -24.87 -59.76 102.59
CA GLY FA 318 -24.72 -56.15 103.83
CA THR FA 319 -27.85 -56.30 105.97
CA ILE FA 320 -28.49 -55.23 109.55
CA VAL FA 321 -30.50 -56.85 112.36
CA ILE FA 322 -32.08 -54.80 115.14
CA ARG FA 323 -33.88 -56.26 118.16
CA VAL FA 324 -36.22 -53.39 118.92
CA GLN FA 325 -37.87 -53.58 122.34
CA TYR FA 326 -40.93 -51.55 123.34
CA GLU FA 327 -40.80 -50.46 126.98
CA GLY FA 328 -43.85 -48.22 126.51
CA ASP FA 329 -47.52 -49.26 126.38
CA GLY FA 330 -50.12 -49.73 123.65
CA SER FA 331 -49.06 -53.04 122.15
CA PRO FA 332 -49.61 -54.49 119.59
CA CYS FA 333 -48.73 -51.69 117.14
CA LYS FA 334 -47.52 -50.93 113.62
CA ILE FA 335 -43.77 -50.37 113.85
CA PRO FA 336 -42.50 -46.98 112.64
CA PHE FA 337 -39.18 -47.87 110.98
CA GLU FA 338 -37.53 -45.33 108.71
CA ILE FA 339 -34.25 -44.24 107.14
CA MET FA 340 -32.65 -40.85 106.72
CA ASP FA 341 -29.48 -39.55 105.11
CA LEU FA 342 -26.95 -37.09 106.52
CA GLU FA 343 -29.23 -34.16 105.66
CA LYS FA 344 -32.04 -35.87 107.63
CA ARG FA 345 -34.30 -35.36 104.60
CA HIS FA 346 -34.53 -38.29 102.18
CA VAL FA 347 -35.71 -41.88 102.64
CA LEU FA 348 -32.95 -43.72 100.76
CA GLY FA 349 -32.37 -47.02 102.57
CA ARG FA 350 -34.21 -50.20 101.63
CA LEU FA 351 -36.31 -51.99 104.25
CA ILE FA 352 -36.86 -55.76 104.41
CA THR FA 353 -39.89 -56.30 106.66
CA VAL FA 354 -42.78 -54.04 105.76
CA ASN FA 355 -45.14 -52.89 108.57
CA PRO FA 356 -43.51 -54.87 111.40
CA ILE FA 357 -45.69 -55.35 114.46
CA VAL FA 358 -45.08 -56.20 118.11
CA THR FA 359 -46.84 -59.25 119.50
CA GLU FA 360 -46.60 -57.95 123.07
CA LYS FA 361 -44.59 -55.49 125.10
CA ASP FA 362 -41.26 -56.77 126.46
CA SER FA 363 -41.06 -59.13 123.43
CA PRO FA 364 -38.75 -57.36 120.95
CA VAL FA 365 -39.03 -57.63 117.19
CA ASN FA 366 -36.12 -58.49 114.89
CA ILE FA 367 -36.36 -55.73 112.31
CA GLU FA 368 -34.15 -56.32 109.27
CA ALA FA 369 -32.83 -53.57 107.00
CA GLU FA 370 -30.54 -53.01 104.02
CA PRO FA 371 -29.17 -49.46 103.88
CA PRO FA 372 -26.70 -48.55 101.14
CA PHE FA 373 -22.98 -48.95 101.78
CA GLY FA 374 -22.23 -45.69 103.55
CA ASP FA 375 -23.30 -43.49 106.43
CA SER FA 376 -26.99 -43.19 107.31
CA TYR FA 377 -29.35 -42.93 110.26
CA ILE FA 378 -31.71 -45.77 111.08
CA ILE FA 379 -34.54 -43.82 112.72
CA ILE FA 380 -36.34 -46.04 115.20
CA GLY FA 381 -39.48 -44.51 116.66
CA VAL FA 382 -40.74 -40.98 116.16
CA GLU FA 383 -39.96 -37.78 117.98
CA PRO FA 384 -40.01 -36.81 120.82
CA GLY FA 385 -37.51 -39.40 122.04
CA GLN FA 386 -36.71 -40.73 118.56
CA LEU FA 387 -33.57 -42.85 118.08
CA LYS FA 388 -31.51 -41.84 115.03
CA LEU FA 389 -29.01 -44.66 115.34
CA ASN FA 390 -26.07 -43.80 113.12
CA TRP FA 391 -24.69 -46.59 110.96
CA PHE FA 392 -21.73 -46.78 108.58
CA LYS FA 393 -22.03 -49.70 106.17
CA LYS FA 394 -18.88 -50.84 104.41
CA GLY FA 395 -18.61 -51.49 100.68
CA SER FA 396 -19.03 -49.67 97.39
CA SER FA 397 -22.42 -48.88 95.88
CA ILE FA 398 -21.00 -49.97 92.53
CA GLY FA 399 -20.02 -53.14 94.38
CA GLN FA 400 -23.60 -54.20 95.04
CA MET FA 401 -24.55 -52.74 91.65
CA ILE FA 402 -22.31 -55.14 89.73
CA GLU FA 403 -22.90 -58.02 92.14
CA THR FA 404 -26.70 -57.96 92.09
CA THR FA 405 -26.93 -57.19 88.37
CA MET FA 406 -24.55 -60.04 87.52
CA ARG FA 407 -26.30 -62.49 89.86
CA GLY FA 408 -29.72 -61.70 88.42
CA ALA FA 409 -28.28 -61.91 84.91
CA LYS FA 410 -26.85 -65.39 85.51
CA ARG FA 411 -30.08 -66.38 87.26
CA MET FA 412 -32.09 -65.45 84.18
CA ALA FA 413 -29.39 -66.85 81.87
CA ILE FA 414 -29.35 -70.39 83.25
CA LEU FA 415 -33.11 -69.88 83.11
CA GLY FA 416 -32.69 -68.33 79.67
CA ASP FA 417 -33.34 -70.02 76.34
CA THR FA 418 -36.50 -72.18 76.37
CA ALA FA 419 -37.18 -71.01 79.96
CA TRP FA 420 -38.59 -67.46 80.06
CA ASP FA 421 -42.01 -67.11 78.46
CA PHE FA 422 -41.38 -65.50 75.06
CA GLY FA 423 -44.01 -67.32 72.98
CA SER FA 424 -47.08 -65.69 74.54
CA LEU FA 425 -48.15 -62.82 72.28
CA GLY FA 426 -49.16 -59.80 74.34
CA GLY FA 427 -47.39 -61.42 77.27
CA VAL FA 428 -44.14 -60.74 75.41
CA PHE FA 429 -44.30 -57.29 76.99
CA THR FA 430 -44.73 -58.86 80.42
CA SER FA 431 -41.82 -61.23 79.77
CA ILE FA 432 -39.55 -58.38 78.68
CA GLY FA 433 -40.55 -56.50 81.81
CA LYS FA 434 -39.84 -59.67 83.79
CA ALA FA 435 -36.35 -59.94 82.32
CA LEU FA 436 -35.61 -56.30 83.10
CA HIS FA 437 -37.14 -56.53 86.59
CA GLN FA 438 -35.15 -59.65 87.44
CA VAL FA 439 -31.95 -58.10 86.05
CA PHE FA 440 -32.45 -54.32 85.84
CA GLY FA 441 -35.13 -54.16 88.55
CA ALA FA 442 -32.61 -53.57 91.33
CA ILE FA 443 -31.58 -50.50 89.34
CA TYR FA 444 -35.12 -49.14 89.61
CA GLY FA 445 -35.55 -50.08 93.26
CA ALA FA 446 -32.27 -49.69 95.16
CA ALA FA 447 -30.34 -46.80 93.59
CA PHE FA 448 -33.22 -44.84 92.01
CA SER FA 449 -35.03 -43.05 94.85
CA GLY FA 450 -36.42 -46.06 96.78
CA VAL FA 451 -38.99 -45.33 95.35
CA SER FA 452 -42.32 -43.46 95.32
CA TRP FA 453 -43.25 -44.46 91.79
CA ILE FA 454 -45.30 -41.47 90.56
CA MET FA 455 -42.56 -38.88 91.03
CA LYS FA 456 -39.87 -41.09 89.51
CA ILE FA 457 -41.98 -41.94 86.46
CA LEU FA 458 -42.42 -38.20 86.01
CA ILE FA 459 -38.63 -37.90 86.27
CA GLY FA 460 -38.29 -40.80 83.85
CA VAL FA 461 -40.46 -39.24 81.17
CA ILE FA 462 -38.46 -36.03 81.70
CA ILE FA 463 -35.26 -38.01 81.11
CA THR FA 464 -36.76 -39.60 78.00
CA TRP FA 465 -37.61 -36.15 76.66
CA ILE FA 466 -34.08 -34.90 77.38
CA GLY FA 467 -32.48 -37.96 75.78
CA MET FA 468 -34.61 -37.74 72.64
CA ASN FA 469 -33.78 -34.05 72.14
CA SER FA 470 -30.08 -34.43 72.94
CA ARG FA 471 -26.97 -33.19 71.15
CA SER FA 472 -25.57 -36.73 70.66
CA THR FA 473 -27.30 -39.82 69.27
CA SER FA 474 -25.08 -42.15 71.30
CA LEU FA 475 -26.19 -40.42 74.49
CA SER FA 476 -29.75 -40.53 73.15
CA VAL FA 477 -29.61 -44.32 72.78
CA SER FA 478 -27.93 -44.59 76.19
CA LEU FA 479 -30.50 -42.42 78.01
CA VAL FA 480 -33.88 -43.01 76.36
CA LEU FA 481 -33.38 -46.76 76.82
CA VAL FA 482 -32.84 -46.24 80.55
CA GLY FA 483 -35.86 -43.93 80.67
CA VAL FA 484 -38.26 -46.31 78.94
CA VAL FA 485 -36.93 -49.15 81.11
CA THR FA 486 -37.64 -46.98 84.15
CA LEU FA 487 -41.19 -46.13 83.06
CA TYR FA 488 -42.27 -49.59 81.90
CA LEU FA 489 -40.56 -51.41 84.78
CA GLY FA 490 -42.18 -48.99 87.21
CA VAL FA 491 -45.56 -49.85 85.75
CA MET FA 492 -44.65 -53.51 86.25
CA VAL FA 493 -43.42 -52.81 89.79
CA GLN FA 494 -46.80 -51.23 90.60
CA ALA FA 495 -48.35 -54.61 89.74
CA MET GA 1 58.31 -67.34 96.96
CA ARG GA 2 56.31 -70.33 98.16
CA CYS GA 3 53.93 -71.09 95.28
CA ILE GA 4 56.29 -71.80 92.38
CA GLY GA 5 54.77 -74.96 90.96
CA ILE GA 6 51.05 -74.99 91.72
CA SER GA 7 48.73 -74.91 88.72
CA ASN GA 8 46.50 -72.01 89.83
CA ARG GA 9 49.07 -69.20 89.79
CA ASP GA 10 47.40 -65.79 90.01
CA PHE GA 11 48.76 -62.23 89.97
CA VAL GA 12 47.25 -59.04 91.37
CA GLU GA 13 49.39 -56.05 90.38
CA GLY GA 14 47.41 -53.04 91.59
CA VAL GA 15 47.05 -50.92 94.71
CA SER GA 16 44.25 -48.79 96.11
CA GLY GA 17 44.26 -45.12 97.05
CA GLY GA 18 44.45 -46.02 100.73
CA SER GA 19 46.43 -49.20 99.96
CA TRP GA 20 43.30 -51.24 100.81
CA VAL GA 21 44.18 -54.16 98.55
CA ASP GA 22 41.62 -56.91 98.01
CA ILE GA 23 42.33 -60.58 97.23
CA VAL GA 24 40.41 -63.83 96.85
CA LEU GA 25 41.78 -67.07 98.27
CA GLU GA 26 40.71 -70.60 97.33
CA HIS GA 27 42.03 -74.10 97.98
CA GLY GA 28 45.25 -74.54 96.04
CA SER GA 29 44.94 -71.14 94.34
CA CYS GA 30 47.76 -69.03 95.72
CA VAL GA 31 48.11 -65.30 95.05
CA THR GA 32 51.12 -63.04 94.53
CA THR GA 33 50.92 -59.44 95.74
CA MET GA 34 52.89 -56.79 93.86
CA ALA GA 35 53.44 -53.17 94.85
CA LYS GA 36 55.58 -50.11 94.21
CA ASN GA 37 58.46 -49.57 96.66
CA LYS GA 38 56.81 -52.07 99.04
CA PRO GA 39 57.89 -55.70 99.52
CA THR GA 40 56.04 -58.24 97.42
CA LEU GA 41 54.20 -61.12 99.04
CA ASP GA 42 52.69 -64.55 98.50
CA PHE GA 43 49.37 -65.48 100.10
CA GLU GA 44 47.67 -68.83 100.36
CA LEU GA 45 45.18 -70.74 102.50
CA ILE GA 46 47.04 -73.86 103.53
CA LYS GA 47 44.42 -75.73 105.53
CA THR GA 48 40.73 -75.20 106.21
CA GLU GA 49 39.47 -76.16 109.67
CA ALA GA 50 36.03 -76.25 111.28
CA LYS GA 51 36.49 -76.28 115.04
CA GLN GA 52 33.80 -76.21 117.72
CA PRO GA 53 31.14 -78.02 115.68
CA ALA GA 54 27.45 -77.76 116.48
CA THR GA 55 25.75 -81.08 117.20
CA LEU GA 56 22.80 -80.64 114.83
CA ARG GA 57 21.05 -84.01 115.25
CA LYS GA 58 21.73 -87.66 116.05
CA TYR GA 59 20.56 -90.95 114.56
CA CYS GA 60 20.21 -94.31 116.30
CA ILE GA 61 21.69 -96.51 113.59
CA GLU GA 62 20.83 -99.77 115.36
CA ALA GA 63 18.01 -100.64 117.71
CA LYS GA 64 17.19 -102.77 120.74
CA LEU GA 65 13.64 -103.70 121.74
CA THR GA 66 12.98 -104.52 125.39
CA ASN GA 67 10.21 -104.66 127.99
CA THR GA 68 7.64 -105.12 125.22
CA THR GA 69 4.31 -105.21 127.01
CA THR GA 70 0.94 -105.45 125.29
CA ASP GA 71 -2.74 -105.64 126.19
CA SER GA 72 -6.17 -105.70 124.59
CA ARG GA 73 -9.85 -105.17 125.39
CA CYS GA 74 -13.03 -106.70 124.06
CA PRO GA 75 -15.09 -104.61 121.62
CA THR GA 76 -16.85 -101.51 123.02
CA GLN GA 77 -14.57 -101.40 126.09
CA GLY GA 78 -12.26 -98.80 124.52
CA GLU GA 79 -8.50 -98.91 124.17
CA PRO GA 80 -6.63 -100.32 127.19
CA SER GA 81 -4.70 -97.72 129.19
CA LEU GA 82 -1.30 -98.80 130.49
CA ASN GA 83 1.37 -96.45 131.90
CA GLU GA 84 3.89 -96.87 129.06
CA GLU GA 85 1.82 -94.88 126.55
CA GLN GA 86 2.37 -91.55 128.29
CA ASP GA 87 6.08 -92.23 128.79
CA LYS GA 88 8.02 -91.55 125.59
CA ARG GA 89 10.71 -93.98 126.75
CA PHE GA 90 8.49 -96.68 125.23
CA VAL GA 91 7.51 -96.48 121.58
CA CYS GA 92 4.05 -97.85 120.98
CA LYS GA 93 0.85 -98.01 118.99
CA HIS GA 94 -2.75 -99.24 119.18
CA SER GA 95 -4.81 -101.21 116.67
CA MET GA 96 -7.89 -103.45 116.51
CA VAL GA 97 -8.75 -107.07 115.73
CA ASP GA 98 -11.90 -109.16 115.52
CA ARG GA 99 -12.67 -110.82 118.86
CA GLY GA 100 -15.87 -112.21 120.30
CA TRP GA 101 -17.72 -115.28 121.55
CA GLY GA 102 -15.12 -117.53 119.93
CA ASN GA 103 -12.08 -116.30 121.88
CA GLY GA 104 -13.47 -115.17 125.24
CA CYS GA 105 -15.24 -111.88 124.48
CA GLY GA 106 -18.99 -111.44 124.04
CA LEU GA 107 -19.65 -110.79 120.34
CA PHE GA 108 -17.54 -110.74 117.19
CA GLY GA 109 -16.32 -107.18 116.72
CA LYS GA 110 -13.23 -105.04 116.30
CA GLY GA 111 -11.84 -104.80 119.81
CA GLY GA 112 -8.81 -102.71 120.64
CA ILE GA 113 -5.19 -103.61 121.35
CA VAL GA 114 -2.29 -101.53 122.64
CA THR GA 115 1.25 -102.69 121.92
CA CYS GA 116 4.19 -100.94 123.62
CA ALA GA 117 7.90 -101.52 124.05
CA MET GA 118 11.06 -99.84 125.31
CA PHE GA 119 13.32 -98.65 122.48
CA THR GA 120 16.97 -98.76 123.58
CA CYS GA 121 19.57 -97.05 121.39
CA LYS GA 122 22.77 -99.10 121.29
CA LYS GA 123 24.86 -97.01 118.86
CA ASN GA 124 24.98 -93.44 117.64
CA MET GA 125 25.44 -91.81 114.24
CA LYS GA 126 26.70 -88.27 114.68
CA GLY GA 127 25.83 -85.25 112.55
CA LYS GA 128 27.97 -82.10 112.41
CA VAL GA 129 26.84 -78.83 110.82
CA VAL GA 130 29.42 -76.17 109.99
CA GLN GA 131 28.32 -72.56 110.39
CA PRO GA 132 30.13 -69.69 108.65
CA GLU GA 133 31.51 -68.29 111.91
CA ASN GA 134 33.08 -71.65 112.86
CA LEU GA 135 35.54 -71.78 109.95
CA GLU GA 136 39.10 -71.45 111.28
CA TYR GA 137 41.06 -70.47 108.17
CA THR GA 138 44.79 -71.25 108.31
CA ILE GA 139 46.57 -68.75 106.04
CA VAL GA 140 50.26 -68.88 105.11
CA ILE GA 141 51.96 -65.58 104.25
CA THR GA 142 55.46 -65.68 102.75
CA PRO GA 143 57.56 -62.77 101.40
CA HIS GA 144 59.62 -62.81 98.20
CA SER GA 145 62.65 -62.02 100.29
CA GLY GA 146 65.23 -64.50 99.02
CA GLU GA 147 64.60 -67.64 101.07
CA GLU GA 148 65.26 -71.05 99.54
CA HIS GA 149 63.41 -73.74 101.52
CA ALA GA 150 59.88 -72.80 100.38
CA VAL GA 151 59.97 -73.36 96.61
CA GLY GA 152 57.70 -76.30 95.91
CA ASN GA 153 57.19 -76.83 99.65
CA ASP GA 154 54.36 -77.05 102.19
CA THR GA 155 56.02 -76.60 105.60
CA GLY GA 156 58.76 -74.20 104.41
CA LYS GA 157 58.71 -71.50 107.07
CA HIS GA 158 60.26 -68.10 106.55
CA GLY GA 159 56.97 -66.21 106.77
CA LYS GA 160 54.06 -66.80 109.14
CA GLU GA 161 50.98 -69.00 109.45
CA ILE GA 162 47.94 -67.39 111.06
CA LYS GA 163 44.63 -68.94 112.12
CA ILE GA 164 41.88 -66.49 111.16
CA THR GA 165 38.73 -66.75 113.29
CA PRO GA 166 35.84 -64.78 111.72
CA GLN GA 167 34.75 -63.54 115.15
CA SER GA 168 38.12 -61.73 115.13
CA SER GA 169 38.09 -59.71 111.91
CA ILE GA 170 41.20 -57.55 112.39
CA THR GA 171 44.42 -59.44 113.11
CA GLU GA 172 48.09 -58.48 113.10
CA ALA GA 173 50.41 -61.04 111.48
CA GLU GA 174 53.96 -59.90 112.33
CA LEU GA 175 56.04 -60.90 109.32
CA THR GA 176 59.67 -61.22 110.37
CA GLY GA 177 61.99 -58.41 109.33
CA TYR GA 178 59.25 -56.56 107.43
CA GLY GA 179 56.76 -55.69 110.18
CA THR GA 180 53.11 -56.70 109.93
CA VAL GA 181 50.12 -56.62 107.58
CA THR GA 182 46.61 -55.98 108.84
CA MET GA 183 44.34 -58.97 108.25
CA GLU GA 184 40.71 -58.09 107.52
CA CYS GA 185 39.72 -61.25 105.70
CA SER GA 186 36.20 -62.65 105.90
CA PRO GA 187 34.73 -65.95 104.67
CA ARG GA 188 31.25 -64.47 105.12
CA THR GA 189 31.21 -63.04 101.60
CA GLY GA 190 32.30 -66.40 100.18
CA LEU GA 191 29.96 -69.25 99.38
CA ASP GA 192 27.42 -69.98 102.10
CA PHE GA 193 28.24 -73.07 104.18
CA ASN GA 194 24.54 -73.58 104.89
CA GLU GA 195 23.96 -76.96 103.19
CA MET GA 196 27.14 -78.91 104.07
CA VAL GA 197 26.94 -81.57 106.77
CA LEU GA 198 29.38 -84.16 108.11
CA LEU GA 199 28.28 -87.68 108.98
CA GLN GA 200 30.59 -89.11 111.67
CA MET GA 201 30.86 -92.79 112.57
CA GLU GA 202 33.39 -93.93 115.17
CA ASN GA 203 36.39 -92.07 113.69
CA LYS GA 204 35.62 -91.90 109.94
CA ALA GA 205 33.28 -89.47 108.24
CA TRP GA 206 31.64 -88.30 105.03
CA LEU GA 207 30.28 -85.03 103.67
CA VAL GA 208 26.67 -84.82 102.49
CA HIS GA 209 23.91 -82.26 101.98
CA ARG GA 210 21.66 -80.99 104.77
CA GLN GA 211 18.29 -81.74 103.16
CA TRP GA 212 19.47 -85.28 102.44
CA PHE GA 213 20.87 -85.55 105.95
CA LEU GA 214 17.47 -84.81 107.48
CA ASP GA 215 15.32 -86.62 104.90
CA LEU GA 216 16.62 -90.01 106.08
CA PRO GA 217 13.74 -92.14 107.46
CA LEU GA 218 15.72 -93.21 110.51
CA PRO GA 219 15.42 -92.63 114.27
CA TRP GA 220 15.48 -88.92 114.88
CA LEU GA 221 16.91 -87.45 118.11
CA PRO GA 222 17.66 -83.76 118.74
CA GLY GA 223 21.02 -82.29 119.65
CA ALA GA 224 19.92 -80.70 122.92
CA ASP GA 225 18.68 -83.89 124.57
CA THR GA 226 21.11 -86.40 126.09
CA GLN GA 227 19.08 -89.31 127.51
CA GLY GA 228 17.35 -90.08 124.20
CA SER GA 229 13.96 -90.76 125.79
CA ASN GA 230 12.46 -87.76 123.99
CA TRP GA 231 12.47 -89.87 120.85
CA ILE GA 232 11.03 -88.83 117.47
CA GLN GA 233 10.27 -90.67 114.22
CA LYS GA 234 9.13 -93.74 116.03
CA GLU GA 235 8.12 -96.18 113.29
CA THR GA 236 11.38 -96.17 111.29
CA LEU GA 237 12.76 -99.39 112.82
CA VAL GA 238 9.97 -100.91 114.92
CA THR GA 239 7.92 -102.68 112.23
CA PHE GA 240 4.92 -104.26 113.92
CA LYS GA 241 3.24 -107.01 111.90
CA ASN GA 242 -0.51 -107.39 111.44
CA PRO GA 243 -1.76 -108.16 114.97
CA HIS GA 244 -3.41 -111.55 115.29
CA ALA GA 245 -5.45 -111.52 118.51
CA LYS GA 246 -2.94 -109.76 120.82
CA LYS GA 247 0.68 -110.56 119.98
CA GLN GA 248 2.37 -109.14 116.92
CA ASP GA 249 5.90 -109.99 115.84
CA VAL GA 250 7.38 -106.69 116.99
CA VAL GA 251 11.00 -106.63 115.83
CA VAL GA 252 13.46 -103.85 115.11
CA LEU GA 253 15.09 -104.04 111.70
CA GLY GA 254 18.65 -105.24 111.57
CA SER GA 255 21.52 -102.84 112.05
CA GLN GA 256 21.52 -100.27 109.26
CA GLU GA 257 25.28 -99.75 109.54
CA GLY GA 258 26.06 -101.98 106.57
CA ALA GA 259 23.15 -100.77 104.45
CA MET GA 260 23.71 -97.07 105.04
CA HIS GA 261 27.46 -97.50 104.62
CA THR GA 262 26.84 -99.12 101.24
CA ALA GA 263 24.43 -96.38 100.23
CA LEU GA 264 26.66 -93.53 101.42
CA THR GA 265 29.54 -95.05 99.43
CA GLY GA 266 30.48 -92.82 96.52
CA ALA GA 267 29.87 -89.62 98.47
CA THR GA 268 32.68 -87.28 99.52
CA GLU GA 269 34.66 -89.22 102.11
CA ILE GA 270 36.47 -86.89 104.53
CA GLN GA 271 39.50 -87.97 106.55
CA MET GA 272 38.24 -85.77 109.39
CA SER GA 273 40.82 -87.12 111.85
CA SER GA 274 43.47 -84.65 110.61
CA GLY GA 275 40.94 -81.79 110.80
CA ASN GA 276 37.90 -80.65 108.83
CA LEU GA 277 39.67 -80.23 105.49
CA LEU GA 278 36.87 -78.52 103.61
CA PHE GA 279 37.86 -78.23 99.95
CA THR GA 280 35.62 -75.24 99.12
CA GLY GA 281 34.92 -71.69 100.23
CA HIS GA 282 36.08 -68.29 99.02
CA LEU GA 283 38.03 -66.11 101.43
CA LYS GA 284 37.65 -62.39 100.66
CA CYS GA 285 40.73 -60.70 102.06
CA ARG GA 286 41.09 -56.92 102.48
CA LEU GA 287 44.47 -55.67 103.64
CA ARG GA 288 46.17 -52.42 104.60
CA MET GA 289 49.76 -53.16 103.53
CA ASP GA 290 51.03 -49.64 104.34
CA LYS GA 291 52.13 -50.82 107.78
CA LEU GA 292 54.27 -53.42 105.99
CA GLN GA 293 57.70 -52.22 104.92
CA LEU GA 294 60.85 -53.62 103.33
CA LYS GA 295 63.90 -53.29 105.57
CA GLY GA 296 66.04 -54.45 102.65
CA MET GA 297 64.86 -51.99 100.01
CA SER GA 298 67.24 -49.05 100.46
CA TYR GA 299 70.57 -50.85 100.89
CA SER GA 300 73.47 -49.75 98.70
CA MET GA 301 73.67 -50.81 95.07
CA CYS GA 302 75.81 -53.91 95.10
CA THR GA 303 79.22 -53.79 93.45
CA GLY GA 304 81.19 -57.03 93.66
CA LYS GA 305 81.33 -59.92 91.24
CA PHE GA 306 78.22 -62.07 91.00
CA LYS GA 307 77.82 -65.61 89.65
CA VAL GA 308 75.06 -68.17 89.00
CA VAL GA 309 74.97 -71.62 90.62
CA LYS GA 310 71.95 -73.39 89.13
CA GLU GA 311 70.44 -72.78 85.71
CA ILE GA 312 66.81 -72.00 84.92
CA ALA GA 313 64.02 -74.53 84.97
CA GLU GA 314 60.58 -73.46 83.78
CA THR GA 315 57.62 -73.00 86.11
CA GLN GA 316 53.93 -73.72 85.54
CA HIS GA 317 53.05 -70.08 84.86
CA GLY GA 318 56.39 -69.63 83.10
CA THR GA 319 58.39 -67.36 85.40
CA ILE GA 320 62.14 -66.94 85.68
CA VAL GA 321 63.45 -68.29 88.98
CA ILE GA 322 67.23 -68.20 89.41
CA ARG GA 323 69.38 -69.29 92.33
CA VAL GA 324 72.38 -66.96 92.23
CA GLN GA 325 75.50 -66.70 94.40
CA TYR GA 326 77.61 -63.65 95.25
CA GLU GA 327 81.36 -64.25 95.36
CA GLY GA 328 82.19 -60.57 95.85
CA ASP GA 329 81.98 -58.40 98.97
CA GLY GA 330 79.98 -55.59 100.52
CA SER GA 331 77.07 -57.63 101.84
CA PRO GA 332 74.36 -56.54 102.58
CA CYS GA 333 73.88 -54.85 99.18
CA LYS GA 334 71.10 -54.08 96.69
CA ILE GA 335 71.73 -56.29 93.65
CA PRO GA 336 71.22 -54.88 90.13
CA PHE GA 337 68.78 -56.92 88.07
CA GLU GA 338 67.23 -55.83 84.77
CA ILE GA 339 65.61 -57.52 81.76
CA MET GA 340 66.97 -55.66 78.74
CA ASP GA 341 66.45 -56.05 75.03
CA LEU GA 342 69.19 -57.84 73.13
CA GLU GA 343 70.56 -54.39 72.11
CA LYS GA 344 70.53 -53.10 75.72
CA ARG GA 345 68.40 -50.05 74.81
CA HIS GA 346 64.90 -50.48 76.30
CA VAL GA 347 63.45 -52.68 79.05
CA LEU GA 348 60.90 -55.41 78.27
CA GLY GA 349 60.03 -57.55 81.28
CA ARG GA 350 59.05 -57.20 84.92
CA LEU GA 351 60.65 -58.49 88.12
CA ILE GA 352 58.55 -59.75 91.04
CA THR GA 353 61.04 -59.49 93.89
CA VAL GA 354 61.24 -55.72 94.15
CA ASN GA 355 64.75 -54.65 95.12
CA PRO GA 356 66.24 -58.12 95.63
CA ILE GA 357 68.64 -58.27 98.56
CA VAL GA 358 71.72 -60.30 99.46
CA THR GA 359 72.33 -59.95 103.22
CA GLU GA 360 74.45 -63.08 103.63
CA LYS GA 361 77.75 -64.28 102.22
CA ASP GA 362 77.95 -67.62 100.43
CA SER GA 363 74.23 -68.36 100.23
CA PRO GA 364 71.81 -69.07 97.38
CA VAL GA 365 69.61 -66.14 96.43
CA ASN GA 366 66.27 -66.65 94.68
CA ILE GA 367 65.48 -64.04 92.03
CA GLU GA 368 62.05 -64.02 90.39
CA ALA GA 369 60.96 -62.42 87.12
CA GLU GA 370 58.43 -62.72 84.29
CA PRO GA 371 59.55 -61.78 80.77
CA PRO GA 372 57.22 -61.49 77.79
CA PHE GA 373 57.17 -64.05 74.99
CA GLY GA 374 60.31 -63.21 73.07
CA ASP GA 375 64.06 -63.15 73.17
CA SER GA 376 65.46 -61.15 76.08
CA TYR GA 377 68.72 -60.55 77.91
CA ILE GA 378 68.68 -60.73 81.71
CA ILE GA 379 71.46 -58.28 82.59
CA ILE GA 380 72.93 -58.74 86.06
CA GLY GA 381 75.64 -56.78 87.82
CA VAL GA 382 77.89 -53.97 86.65
CA GLU GA 383 81.14 -54.15 84.73
CA PRO GA 384 83.67 -55.52 85.69
CA GLY GA 385 81.88 -58.86 85.96
CA GLN GA 386 78.81 -58.14 83.85
CA LEU GA 387 76.51 -61.13 83.43
CA LYS GA 388 74.28 -61.41 80.36
CA LEU GA 389 71.80 -64.29 80.14
CA ASN GA 390 69.86 -64.86 76.94
CA TRP GA 391 66.36 -66.22 77.45
CA PHE GA 392 63.28 -67.09 75.42
CA LYS GA 393 59.80 -68.30 76.36
CA LYS GA 394 57.00 -69.76 74.28
CA GLY GA 395 53.43 -68.56 73.83
CA SER GA 396 51.40 -65.78 72.23
CA SER GA 397 51.12 -62.34 73.79
CA ILE GA 398 47.39 -62.24 73.05
CA GLY GA 399 47.13 -65.53 74.92
CA GLN GA 400 48.39 -63.96 78.12
CA MET GA 401 46.31 -60.82 77.50
CA ILE GA 402 43.02 -62.73 77.25
CA GLU GA 403 44.00 -65.12 80.06
CA THR GA 404 44.93 -62.38 82.54
CA THR GA 405 42.00 -60.15 81.59
CA MET GA 406 39.41 -62.91 81.92
CA ARG GA 407 40.98 -64.17 85.14
CA GLY GA 408 40.84 -60.67 86.63
CA ALA GA 409 37.27 -60.24 85.39
CA LYS GA 410 36.19 -63.43 87.14
CA ARG GA 411 38.14 -62.37 90.22
CA MET GA 412 36.32 -59.05 90.35
CA ALA GA 413 32.97 -60.70 89.62
CA ILE GA 414 33.35 -63.00 92.63
CA LEU GA 415 35.01 -60.12 94.52
CA GLY GA 416 32.04 -58.01 93.49
CA ASP GA 417 28.79 -57.01 95.17
CA THR GA 418 29.30 -55.99 98.82
CA ALA GA 419 33.09 -56.36 98.24
CA TRP GA 420 34.51 -53.46 96.22
CA ASP GA 421 34.27 -50.12 97.98
CA PHE GA 422 31.20 -48.30 96.66
CA GLY GA 423 29.85 -46.93 99.95
CA SER GA 424 33.07 -45.22 101.03
CA LEU GA 425 32.95 -41.59 99.91
CA GLY GA 426 36.18 -40.03 98.67
CA GLY GA 427 37.64 -43.41 97.77
CA VAL GA 428 34.95 -43.98 95.14
CA PHE GA 429 37.24 -42.74 92.36
CA THR GA 430 40.02 -44.88 93.85
CA SER GA 431 37.69 -47.89 94.02
CA ILE GA 432 36.63 -47.61 90.38
CA GLY GA 433 40.30 -47.13 89.49
CA LYS GA 434 41.08 -50.37 91.29
CA ALA GA 435 38.25 -52.16 89.47
CA LEU GA 436 39.23 -50.83 86.05
CA HIS GA 437 42.75 -51.96 86.85
CA GLN GA 438 41.66 -55.48 87.81
CA VAL GA 439 39.90 -55.79 84.41
CA PHE GA 440 41.85 -53.71 81.85
CA GLY GA 441 45.28 -53.30 83.45
CA ALA GA 442 46.83 -56.13 81.49
CA ILE GA 443 45.91 -54.25 78.32
CA TYR GA 444 47.05 -50.94 79.79
CA GLY GA 445 50.45 -52.04 81.07
CA ALA GA 446 51.36 -54.64 78.45
CA ALA GA 447 49.76 -53.71 75.13
CA PHE GA 448 49.99 -49.93 75.52
CA SER GA 449 53.74 -49.30 75.52
CA GLY GA 450 54.73 -50.62 78.97
CA VAL GA 451 54.61 -47.68 79.72
CA SER GA 452 56.20 -44.23 80.03
CA TRP GA 453 53.21 -42.72 81.81
CA ILE GA 454 53.65 -39.03 80.91
CA MET GA 455 53.73 -39.47 77.14
CA LYS GA 456 50.97 -42.07 77.11
CA ILE GA 457 48.63 -39.81 79.09
CA LEU GA 458 49.45 -37.11 76.55
CA ILE GA 459 48.36 -39.59 73.87
CA GLY GA 460 45.34 -40.36 76.02
CA VAL GA 461 44.17 -36.77 76.13
CA ILE GA 462 44.85 -36.60 72.38
CA ILE GA 463 42.53 -39.57 71.74
CA THR GA 464 39.93 -38.05 74.07
CA TRP GA 465 40.06 -34.77 72.15
CA ILE GA 466 39.71 -36.58 68.82
CA GLY GA 467 36.84 -38.65 70.21
CA MET GA 468 34.81 -35.73 71.54
CA ASN GA 469 35.19 -33.84 68.24
CA SER GA 470 34.49 -36.92 66.11
CA ARG GA 471 32.29 -37.36 63.06
CA SER GA 472 30.15 -39.95 64.91
CA THR GA 473 28.73 -40.05 68.42
CA SER GA 474 29.05 -43.83 68.68
CA LEU GA 475 32.79 -43.56 68.02
CA SER GA 476 32.92 -40.61 70.43
CA VAL GA 477 31.48 -42.75 73.22
CA SER GA 478 33.64 -45.73 72.25
CA LEU GA 479 36.88 -43.72 72.24
CA VAL GA 480 36.54 -41.14 75.03
CA LEU GA 481 35.71 -43.95 77.47
CA VAL GA 482 39.01 -45.65 76.64
CA GLY GA 483 40.82 -42.32 76.82
CA VAL GA 484 39.51 -41.41 80.25
CA VAL GA 485 40.28 -44.98 81.33
CA THR GA 486 43.84 -44.44 80.12
CA LEU GA 487 44.22 -41.12 81.91
CA TYR GA 488 42.74 -42.21 85.24
CA LEU GA 489 44.61 -45.53 85.27
CA GLY GA 490 47.82 -43.68 84.40
CA VAL GA 491 47.29 -41.46 87.41
CA MET GA 492 46.65 -44.69 89.31
CA VAL GA 493 49.46 -46.92 87.95
CA GLN GA 494 51.87 -44.10 88.80
CA ALA GA 495 51.02 -45.06 92.40
CA PHE HA 1 9.58 -145.89 103.72
CA HIS HA 2 13.33 -145.94 104.36
CA LEU HA 3 14.04 -143.71 107.37
CA THR HA 4 17.02 -141.40 107.85
CA THR HA 5 17.63 -138.08 109.62
CA ARG HA 6 18.21 -134.58 108.28
CA ASN HA 7 18.44 -131.28 110.15
CA GLY HA 8 17.89 -133.26 113.33
CA GLU HA 9 14.49 -134.52 112.14
CA PRO HA 10 13.30 -137.91 110.85
CA HIS HA 11 13.04 -138.32 107.10
CA MET HA 12 11.13 -141.29 105.66
CA ILE HA 13 11.16 -141.97 101.91
CA VAL HA 14 7.95 -143.71 100.88
CA SER HA 15 7.20 -145.51 97.62
CA ARG HA 16 4.40 -147.41 95.90
CA GLN HA 17 5.12 -150.48 98.08
CA GLU HA 18 3.29 -148.62 100.87
CA LYS HA 19 0.79 -146.38 99.07
CA GLY HA 20 -2.34 -144.83 100.52
CA LYS HA 21 -1.89 -146.70 103.81
CA SER HA 22 -1.10 -145.70 107.37
CA LEU HA 23 2.62 -145.23 107.93
CA LEU HA 24 3.83 -146.74 111.20
CA PHE HA 25 7.17 -146.68 113.00
CA LYS HA 26 8.82 -146.99 116.41
CA THR HA 27 11.33 -144.23 117.14
CA GLU HA 28 12.90 -142.63 120.20
CA ASP HA 29 9.95 -140.24 120.41
CA GLY HA 30 7.62 -143.24 120.59
CA VAL HA 31 5.01 -144.96 118.41
CA ASN HA 32 4.98 -142.82 115.25
CA MET HA 33 1.62 -143.16 113.48
CA CYS HA 34 1.68 -141.01 110.34
CA THR HA 35 -1.05 -140.68 107.74
CA LEU HA 36 0.20 -139.86 104.25
CA MET HA 37 -3.03 -138.56 102.76
CA ALA HA 38 -1.29 -137.04 99.74
CA MET HA 39 -2.25 -137.31 96.06
CA ASP HA 40 0.56 -137.65 93.53
CA LEU HA 41 2.29 -140.54 95.29
CA GLY HA 42 3.08 -143.06 92.56
CA GLU HA 43 6.10 -145.27 92.05
CA LEU HA 44 9.38 -143.69 93.11
CA CYS HA 45 10.87 -141.14 90.72
CA GLU HA 46 13.54 -138.43 90.49
CA ASP HA 47 11.09 -135.53 90.92
CA THR HA 48 11.64 -135.67 94.67
CA ILE HA 49 8.80 -133.74 96.31
CA THR HA 50 9.31 -133.29 100.05
CA TYR HA 51 6.99 -132.37 102.89
CA LYS HA 52 6.74 -131.57 106.57
CA CYS HA 53 4.19 -133.73 108.28
CA PRO HA 54 3.46 -131.36 111.20
CA PHE HA 55 3.09 -132.31 114.84
CA LEU HA 56 -0.63 -132.50 115.64
CA LYS HA 57 -1.67 -133.76 119.06
CA GLN HA 58 -5.47 -134.10 119.00
CA ASN HA 59 -6.91 -131.26 116.90
CA GLU HA 60 -8.93 -131.48 113.68
CA PRO HA 61 -6.54 -131.78 110.72
CA GLU HA 62 -7.32 -129.75 107.62
CA ASP HA 63 -5.53 -128.23 104.63
CA ILE HA 64 -2.62 -130.66 105.04
CA ASP HA 65 -1.21 -133.42 102.86
CA CYS HA 66 0.44 -135.58 105.52
CA TRP HA 67 0.47 -135.59 109.32
CA CYS HA 68 1.74 -137.53 112.31
CA ASN HA 69 0.29 -137.80 115.80
CA SER HA 70 3.73 -138.18 117.45
CA THR HA 71 6.10 -135.51 116.15
CA SER HA 72 6.93 -133.36 113.16
CA THR HA 73 8.76 -135.25 110.44
CA TRP HA 74 9.97 -135.11 106.86
CA VAL HA 75 8.49 -137.25 104.11
CA THR HA 76 9.41 -137.45 100.44
CA TYR HA 77 8.41 -139.24 97.26
CA GLY HA 78 8.37 -139.05 93.46
CA THR HA 79 5.83 -137.85 90.93
CA CYS HA 80 6.49 -139.51 87.55
CA THR HA 81 3.94 -141.87 86.03
CA THR HA 82 4.26 -145.65 85.87
CA THR HA 83 5.82 -145.86 82.41
CA GLY HA 84 8.34 -143.09 83.12
CA GLU HA 85 8.18 -139.40 82.24
CA HIS HA 86 8.99 -136.00 83.68
CA ARG HA 87 5.46 -134.90 84.62
CA ARG HA 88 2.14 -133.81 83.08
CA GLU HA 89 2.41 -131.77 79.87
CA LYS HA 90 1.09 -128.22 79.46
CA ARG HA 91 1.24 -125.48 76.84
CA SER HA 92 1.99 -121.89 77.80
CA VAL HA 93 4.24 -118.82 77.18
CA ALA HA 94 3.09 -116.14 74.73
CA LEU HA 95 5.41 -115.26 71.86
CA VAL HA 96 5.38 -114.52 68.14
CA PRO HA 97 7.99 -112.86 65.87
CA HIS HA 98 7.76 -110.40 63.06
CA VAL HA 99 7.17 -111.90 59.62
CA GLY HA 100 10.14 -111.89 57.33
CA MET HA 101 11.22 -110.37 54.06
CA GLY HA 102 12.67 -112.40 51.20
CA LEU HA 103 13.12 -112.78 47.43
CA GLU HA 104 11.98 -109.16 46.96
CA THR HA 105 15.00 -106.91 47.71
CA ARG HA 106 14.68 -103.28 48.82
CA THR HA 107 15.40 -100.98 45.84
CA GLU HA 108 13.10 -99.39 43.24
CA THR HA 109 13.46 -101.66 40.18
CA TRP HA 110 11.85 -104.47 38.10
CA MET HA 111 9.06 -102.39 36.46
CA SER HA 112 6.54 -104.61 38.30
CA SER HA 113 2.98 -103.51 39.06
CA GLU HA 114 3.40 -103.85 42.82
CA GLY HA 115 6.80 -102.14 42.77
CA ALA HA 116 5.58 -99.44 40.40
CA TRP HA 117 2.46 -98.61 42.43
CA LYS HA 118 4.08 -98.96 45.87
CA HIS HA 119 5.65 -95.50 45.64
CA ALA HA 120 2.37 -93.84 44.64
CA GLN HA 121 0.43 -95.75 47.29
CA ARG HA 122 2.92 -94.63 49.94
CA ILE HA 123 2.72 -91.02 48.69
CA GLU HA 124 -1.07 -90.96 48.95
CA THR HA 125 -0.97 -92.72 52.34
CA TRP HA 126 1.44 -90.05 53.58
CA ILE HA 127 -0.82 -87.33 52.17
CA LEU HA 128 -3.84 -88.81 53.93
CA ARG HA 129 -1.88 -89.12 57.18
CA HIS HA 130 -0.28 -85.65 56.72
CA PRO HA 131 -2.97 -83.16 55.66
CA GLY HA 132 -1.20 -80.26 57.38
CA PHE HA 133 2.07 -80.73 55.50
CA THR HA 134 0.09 -81.06 52.28
CA ILE HA 135 -1.66 -77.74 52.95
CA MET HA 136 1.65 -76.11 53.84
CA ALA HA 137 3.24 -77.34 50.61
CA ALA HA 138 0.24 -76.09 48.63
CA ILE HA 139 0.54 -72.65 50.26
CA LEU HA 140 4.27 -72.50 49.50
CA ALA HA 141 3.57 -73.48 45.88
CA TYR HA 142 0.92 -70.77 45.65
CA THR HA 143 3.21 -68.07 47.02
CA ILE HA 144 6.34 -69.02 45.06
CA GLY HA 145 4.47 -70.08 41.93
CA THR HA 146 3.67 -67.32 39.45
CA THR HA 147 1.94 -69.66 36.96
CA HIS HA 148 -0.62 -72.38 37.63
CA PHE HA 149 1.59 -74.96 35.91
CA GLN HA 150 4.55 -74.03 38.12
CA ARG HA 151 2.18 -74.04 41.10
CA ALA HA 152 1.04 -77.61 40.43
CA LEU HA 153 4.53 -78.83 39.55
CA ILE HA 154 6.04 -77.43 42.74
CA PHE HA 155 3.18 -78.80 44.85
CA ILE HA 156 3.65 -82.27 43.36
CA LEU HA 157 7.43 -82.06 43.82
CA LEU HA 158 7.11 -81.06 47.48
CA THR HA 159 4.50 -83.74 48.24
CA ALA HA 160 6.67 -86.40 46.55
CA VAL HA 161 10.00 -85.31 48.05
CA ALA HA 162 8.95 -84.72 51.68
CA PRO HA 163 8.24 -88.43 52.42
CA SER HA 164 11.38 -89.64 50.65
CA MET HA 165 13.52 -87.80 53.21
CA THR HA 166 12.09 -90.01 55.97
CA PHE IA 1 -23.33 -144.52 104.33
CA HIS IA 2 -26.55 -145.27 102.43
CA LEU IA 3 -26.08 -147.54 99.43
CA THR IA 4 -28.78 -146.06 97.20
CA THR IA 5 -29.44 -146.47 93.47
CA ARG IA 6 -28.58 -143.00 92.18
CA ASN IA 7 -28.62 -142.52 88.40
CA GLY IA 8 -29.02 -146.30 88.24
CA GLU IA 9 -25.70 -147.02 89.98
CA PRO IA 10 -24.54 -147.54 93.58
CA HIS IA 11 -24.26 -144.31 95.54
CA MET IA 12 -22.76 -143.67 99.00
CA ILE IA 13 -22.75 -140.73 101.42
CA VAL IA 14 -19.63 -140.80 103.61
CA SER IA 15 -19.40 -138.34 106.49
CA ARG IA 16 -16.58 -137.25 108.80
CA GLN IA 17 -17.46 -139.53 111.74
CA GLU IA 18 -15.13 -142.02 110.02
CA LYS IA 19 -12.25 -140.64 107.99
CA GLY IA 20 -8.98 -141.69 106.41
CA LYS IA 21 -10.04 -145.35 106.46
CA SER IA 22 -11.29 -147.76 103.82
CA LEU IA 23 -15.05 -148.29 103.81
CA LEU IA 24 -16.67 -151.73 103.63
CA PHE IA 25 -20.10 -152.59 102.24
CA LYS IA 26 -22.10 -155.18 100.33
CA THR IA 27 -23.45 -155.31 96.77
CA GLU IA 28 -24.77 -157.96 94.39
CA ASP IA 29 -21.19 -158.70 93.32
CA GLY IA 30 -20.17 -159.38 96.93
CA VAL IA 31 -18.29 -157.57 99.67
CA ASN IA 32 -16.64 -154.37 98.42
CA MET IA 33 -13.91 -152.47 100.24
CA CYS IA 34 -13.59 -148.87 99.02
CA THR IA 35 -10.60 -146.54 99.22
CA LEU IA 36 -11.14 -142.80 99.71
CA MET IA 37 -7.99 -140.70 99.39
CA ALA IA 38 -9.90 -137.39 99.28
CA MET IA 39 -7.82 -135.16 101.53
CA ASP IA 40 -10.21 -132.17 101.65
CA LEU IA 41 -12.98 -134.01 103.48
CA GLY IA 42 -15.25 -132.50 106.12
CA GLU IA 43 -18.55 -133.36 107.79
CA LEU IA 44 -21.83 -133.68 105.93
CA CYS IA 45 -23.69 -130.44 105.22
CA GLU IA 46 -25.36 -128.68 102.31
CA ASP IA 47 -22.14 -128.23 100.30
CA THR IA 48 -22.16 -131.80 99.02
CA ILE IA 49 -19.37 -132.71 96.61
CA THR IA 50 -20.03 -135.88 94.60
CA TYR IA 51 -17.89 -138.40 92.68
CA LYS IA 52 -18.31 -141.38 90.37
CA CYS IA 53 -15.75 -143.72 91.93
CA PRO IA 54 -13.96 -145.73 89.19
CA PHE IA 55 -13.19 -149.44 89.06
CA LEU IA 56 -9.58 -150.63 89.21
CA LYS IA 57 -8.42 -154.25 88.97
CA GLN IA 58 -4.63 -154.29 89.44
CA ASN IA 59 -3.20 -151.06 87.96
CA GLU IA 60 -1.57 -148.52 90.23
CA PRO IA 61 -4.10 -145.93 91.50
CA GLU IA 62 -2.81 -142.60 90.20
CA ASP IA 63 -4.25 -139.07 90.36
CA ILE IA 64 -7.60 -140.25 91.76
CA ASP IA 65 -9.19 -140.15 95.20
CA CYS IA 66 -11.54 -143.12 95.19
CA TRP IA 67 -11.18 -146.70 94.03
CA CYS IA 68 -12.42 -150.21 94.82
CA ASN IA 69 -11.45 -153.76 93.76
CA SER IA 70 -14.69 -154.95 92.12
CA THR IA 71 -16.96 -152.19 90.86
CA SER IA 72 -17.54 -148.47 90.36
CA THR IA 73 -19.89 -146.34 92.44
CA TRP IA 74 -20.84 -142.78 93.45
CA VAL IA 75 -19.25 -141.48 96.67
CA THR IA 76 -20.24 -138.07 98.07
CA TYR IA 77 -19.46 -136.02 101.14
CA GLY IA 78 -19.71 -132.58 102.66
CA THR IA 79 -16.96 -129.99 102.91
CA CYS IA 80 -18.05 -127.76 105.79
CA THR IA 81 -15.37 -126.92 108.33
CA THR IA 82 -15.62 -127.49 112.07
CA THR IA 83 -17.94 -124.51 112.56
CA GLY IA 84 -20.28 -126.05 109.98
CA GLU IA 85 -19.93 -123.25 107.41
CA HIS IA 86 -19.29 -123.29 103.67
CA ARG IA 87 -15.98 -122.81 101.88
CA ARG IA 88 -14.08 -119.64 102.67
CA GLU IA 89 -11.41 -117.55 100.93
CA LYS IA 90 -10.72 -114.06 99.56
CA ARG IA 91 -10.39 -111.92 97.49
CA SER IA 92 -11.77 -110.93 94.08
CA VAL IA 93 -11.48 -107.61 92.24
CA ALA IA 94 -13.89 -104.72 91.73
CA LEU IA 95 -13.06 -101.65 89.66
CA VAL IA 96 -12.36 -98.64 91.86
CA PRO IA 97 -15.11 -96.01 91.39
CA HIS IA 98 -14.83 -92.24 91.08
CA VAL IA 99 -16.94 -89.18 90.23
CA GLY IA 100 -17.75 -87.96 86.73
CA MET IA 101 -17.77 -89.92 83.48
CA GLY IA 102 -14.29 -90.34 82.06
CA LEU IA 103 -14.59 -90.99 78.32
CA GLU IA 104 -11.78 -89.01 76.74
CA THR IA 105 -8.71 -91.28 77.09
CA ARG IA 106 -8.05 -94.78 75.78
CA THR IA 107 -5.29 -96.74 74.04
CA GLU IA 108 -1.57 -96.66 74.88
CA THR IA 109 1.15 -94.62 73.20
CA TRP IA 110 3.66 -95.34 70.45
CA MET IA 111 6.77 -93.49 71.59
CA SER IA 112 8.19 -92.41 68.23
CA SER IA 113 4.99 -91.31 66.49
CA GLU IA 114 3.50 -89.61 69.53
CA GLY IA 115 6.80 -87.88 70.29
CA ALA IA 116 6.88 -86.59 66.72
CA TRP IA 117 3.26 -85.39 66.90
CA LYS IA 118 3.51 -84.01 70.45
CA HIS IA 119 4.27 -80.51 69.15
CA ALA IA 120 1.40 -80.57 66.64
CA GLN IA 121 -1.10 -81.79 69.23
CA ARG IA 122 0.22 -79.52 72.00
CA ILE IA 123 -0.09 -76.35 69.92
CA GLU IA 124 -3.71 -77.24 69.13
CA THR IA 125 -4.64 -78.07 72.72
CA TRP IA 126 -2.95 -74.93 74.03
CA ILE IA 127 -4.35 -72.57 71.40
CA LEU IA 128 -7.83 -73.96 72.06
CA ARG IA 129 -7.53 -73.85 75.86
CA HIS IA 130 -6.49 -70.16 76.01
CA PRO IA 131 -8.62 -68.01 73.67
CA GLY IA 132 -7.63 -64.91 75.65
CA PHE IA 133 -3.98 -65.28 74.72
CA THR IA 134 -5.14 -66.06 71.18
CA ILE IA 135 -6.77 -62.63 71.11
CA MET IA 136 -3.76 -60.83 72.56
CA ALA IA 137 -1.32 -62.55 70.20
CA ALA IA 138 -3.57 -61.79 67.24
CA ILE IA 139 -3.79 -58.11 68.22
CA LEU IA 140 -0.02 -57.84 68.67
CA ALA IA 141 0.57 -59.49 65.29
CA TYR IA 142 -1.98 -57.17 63.68
CA THR IA 143 -0.24 -54.08 65.04
CA ILE IA 144 3.37 -55.10 64.44
CA GLY IA 145 3.03 -56.73 61.02
CA THR IA 146 3.04 -54.04 58.33
CA THR IA 147 1.75 -56.32 55.55
CA HIS IA 148 -0.43 -59.40 55.70
CA PHE IA 149 2.18 -62.16 55.62
CA GLN IA 150 4.27 -60.52 58.34
CA ARG IA 151 1.14 -60.47 60.48
CA ALA IA 152 0.43 -64.15 59.86
CA LEU IA 153 4.08 -65.07 60.43
CA ILE IA 154 4.32 -63.29 63.77
CA PHE IA 155 0.98 -64.81 64.80
CA ILE IA 156 1.98 -68.39 64.03
CA LEU IA 157 5.43 -67.99 65.63
CA LEU IA 158 3.94 -66.68 68.87
CA THR IA 159 1.31 -69.42 68.90
CA ALA IA 160 4.09 -71.99 68.52
CA VAL IA 161 6.30 -70.33 71.14
CA ALA IA 162 3.66 -70.01 73.86
CA PRO IA 163 3.31 -73.74 74.69
CA SER IA 164 7.09 -74.24 74.55
CA MET IA 165 7.92 -71.76 77.33
CA THR IA 166 5.43 -73.55 79.59
CA PHE JA 1 6.57 -120.01 136.80
CA HIS JA 2 7.32 -116.88 138.85
CA LEU JA 3 4.10 -115.08 139.83
CA THR JA 4 3.83 -111.36 140.58
CA THR JA 5 0.92 -108.92 140.95
CA ARG JA 6 0.85 -106.11 138.39
CA ASN JA 7 -2.14 -103.93 137.51
CA GLY JA 8 -4.22 -105.91 139.98
CA GLU JA 9 -3.70 -109.09 137.93
CA PRO JA 10 -1.17 -111.95 138.08
CA HIS JA 11 1.93 -111.79 135.90
CA MET JA 12 3.73 -115.06 135.09
CA ILE JA 13 7.41 -115.21 134.15
CA VAL JA 14 8.41 -118.43 132.40
CA SER JA 15 11.80 -119.63 131.16
CA ARG JA 16 12.80 -122.30 128.68
CA GLN JA 17 13.81 -124.57 131.58
CA GLU JA 18 10.10 -125.55 131.54
CA LYS JA 19 9.81 -125.43 127.75
CA GLY JA 20 7.27 -127.67 126.04
CA LYS JA 21 5.32 -128.54 129.18
CA SER JA 22 1.91 -127.42 130.37
CA LEU JA 23 1.73 -124.56 132.86
CA LEU JA 24 0.74 -126.25 136.12
CA PHE JA 25 0.80 -124.67 139.59
CA LYS JA 26 -1.42 -124.00 142.60
CA THR JA 27 -2.63 -120.73 144.15
CA GLU JA 28 -5.61 -119.52 146.16
CA ASP JA 29 -7.55 -118.73 142.98
CA GLY JA 30 -7.93 -122.48 142.46
CA VAL JA 31 -6.38 -125.35 140.53
CA ASN JA 32 -4.88 -123.16 137.80
CA MET JA 33 -4.33 -125.61 135.00
CA CYS JA 34 -2.86 -123.73 132.04
CA THR JA 35 -0.92 -124.30 128.84
CA LEU JA 36 1.63 -122.48 126.68
CA MET JA 37 1.69 -123.69 123.11
CA ALA JA 38 3.57 -121.30 120.80
CA MET JA 39 7.18 -122.19 119.97
CA ASP JA 40 8.49 -118.61 119.84
CA LEU JA 41 9.97 -119.11 123.33
CA GLY JA 42 13.65 -118.35 123.78
CA GLU JA 43 15.93 -118.50 126.78
CA LEU JA 44 15.70 -116.05 129.67
CA CYS JA 45 17.13 -112.70 128.57
CA GLU JA 46 16.21 -109.01 128.53
CA ASP JA 47 13.89 -109.30 125.50
CA THR JA 48 10.75 -109.80 127.55
CA ILE JA 49 7.47 -110.42 125.71
CA THR JA 50 4.11 -110.50 127.50
CA TYR JA 51 0.59 -111.90 127.09
CA LYS JA 52 -2.79 -112.15 128.73
CA CYS JA 53 -3.95 -115.76 128.92
CA PRO JA 54 -7.77 -115.88 128.66
CA PHE JA 55 -10.14 -117.87 130.85
CA LEU JA 56 -12.03 -120.91 129.59
CA LYS JA 57 -15.81 -121.09 129.81
CA GLN JA 58 -16.62 -123.83 127.28
CA ASN JA 59 -14.66 -123.23 124.06
CA GLU JA 60 -11.77 -125.27 122.72
CA PRO JA 61 -8.39 -123.50 123.03
CA GLU JA 62 -8.20 -121.27 119.99
CA ASP JA 63 -6.95 -117.86 118.76
CA ILE JA 64 -4.44 -117.44 121.64
CA ASP JA 65 -0.99 -118.92 122.14
CA CYS JA 66 -1.62 -119.46 125.85
CA TRP JA 67 -4.74 -120.94 127.43
CA CYS JA 68 -5.73 -121.09 131.11
CA ASN JA 69 -9.01 -122.47 132.47
CA SER JA 70 -9.23 -121.21 136.07
CA THR JA 71 -8.41 -117.48 136.05
CA SER JA 72 -7.10 -115.02 133.47
CA THR JA 73 -3.39 -114.41 133.99
CA TRP JA 74 -0.55 -112.67 132.16
CA VAL JA 75 2.32 -114.82 130.92
CA THR JA 76 5.63 -113.31 129.83
CA TYR JA 77 8.90 -114.90 128.74
CA GLY JA 78 12.02 -114.46 126.62
CA THR JA 79 12.31 -114.63 122.85
CA CYS JA 80 15.99 -114.14 122.03
CA THR JA 81 17.67 -116.86 119.98
CA THR JA 82 19.79 -119.48 121.72
CA THR JA 83 23.03 -117.58 120.99
CA GLY JA 84 21.96 -114.69 123.24
CA GLU JA 85 21.10 -112.40 120.30
CA HIS JA 86 17.90 -110.40 119.94
CA ARG JA 87 15.55 -111.10 117.07
CA ARG JA 88 16.24 -109.24 113.85
CA GLU JA 89 15.44 -109.20 110.13
CA LYS JA 90 17.75 -108.53 107.22
CA ARG JA 91 15.47 -106.01 105.50
CA SER JA 92 16.95 -102.53 105.07
CA VAL JA 93 15.86 -98.97 104.20
CA ALA JA 94 17.89 -96.15 102.65
CA LEU JA 95 18.00 -94.03 99.49
CA VAL JA 96 20.36 -92.78 96.77
CA PRO JA 97 22.89 -90.16 98.05
CA HIS JA 98 24.75 -89.44 94.79
CA VAL JA 99 23.26 -86.26 93.29
CA GLY JA 100 20.86 -83.71 94.71
CA MET JA 101 20.82 -79.90 94.50
CA GLY JA 102 17.76 -77.72 93.85
CA LEU JA 103 18.47 -74.11 94.84
CA GLU JA 104 21.38 -72.68 96.86
CA THR JA 105 23.93 -69.91 97.24
CA ARG JA 106 23.99 -66.27 98.12
CA THR JA 107 21.22 -64.11 96.68
CA GLU JA 108 22.42 -61.63 94.01
CA THR JA 109 25.96 -62.16 92.72
CA TRP JA 110 25.05 -65.79 92.23
CA MET JA 111 21.82 -64.66 90.58
CA SER JA 112 23.61 -62.35 88.13
CA SER JA 113 26.54 -64.67 87.40
CA GLU JA 114 24.57 -67.90 87.05
CA GLY JA 115 21.88 -66.10 85.05
CA ALA JA 116 24.51 -64.87 82.61
CA TRP JA 117 26.18 -68.28 82.39
CA LYS JA 118 23.00 -70.37 82.21
CA HIS JA 119 21.54 -68.13 79.52
CA ALA JA 120 24.88 -68.20 77.69
CA GLN JA 121 25.14 -71.99 77.75
CA ARG JA 122 21.45 -72.50 76.94
CA ILE JA 123 21.51 -70.16 73.94
CA GLU JA 124 24.91 -71.48 72.87
CA THR JA 125 23.65 -75.06 72.95
CA TRP JA 126 20.61 -73.98 70.92
CA ILE JA 127 22.99 -72.34 68.41
CA LEU JA 128 25.42 -75.29 68.12
CA ARG JA 129 23.12 -78.23 68.87
CA HIS JA 130 20.95 -76.95 65.97
CA PRO JA 131 23.06 -74.55 63.87
CA GLY JA 132 21.45 -74.37 60.43
CA PHE JA 133 18.15 -73.06 61.76
CA THR JA 134 20.08 -70.15 63.25
CA ILE JA 135 21.76 -68.98 60.05
CA MET JA 136 18.65 -69.51 57.93
CA ALA JA 137 16.59 -67.50 60.42
CA ALA JA 138 19.23 -64.76 60.50
CA ILE JA 139 19.30 -64.36 56.72
CA LEU JA 140 15.50 -64.58 56.53
CA ALA JA 141 15.17 -61.79 59.09
CA TYR JA 142 17.80 -59.63 57.39
CA THR JA 143 15.92 -60.04 54.09
CA ILE JA 144 12.34 -59.67 55.39
CA GLY JA 145 12.28 -57.44 58.46
CA THR JA 146 11.73 -53.79 57.59
CA THR JA 147 13.54 -52.29 60.61
CA HIS JA 148 16.47 -53.55 62.64
CA PHE JA 149 14.12 -53.87 65.62
CA GLN JA 150 11.73 -55.94 63.51
CA ARG JA 151 14.59 -58.07 62.17
CA ALA JA 152 15.80 -58.59 65.74
CA LEU JA 153 12.35 -59.82 66.72
CA ILE JA 154 12.24 -62.13 63.70
CA PHE JA 155 15.47 -64.03 64.11
CA ILE JA 156 15.58 -63.97 67.93
CA LEU JA 157 12.09 -65.50 67.99
CA LEU JA 158 12.96 -68.04 65.29
CA THR JA 159 16.11 -69.07 67.15
CA ALA JA 160 14.04 -69.37 70.34
CA VAL JA 161 11.32 -71.56 68.83
CA ALA JA 162 13.11 -73.75 66.27
CA PRO JA 163 15.47 -75.72 68.58
CA SER JA 164 12.57 -76.34 70.97
CA MET JA 165 10.44 -77.31 67.96
CA THR JA 166 13.25 -79.52 66.64
CA MET KA 1 96.98 -64.47 57.74
CA ARG KA 2 99.49 -65.41 55.07
CA CYS KA 3 98.91 -62.95 52.26
CA ILE KA 4 100.72 -59.67 52.88
CA GLY KA 5 102.45 -57.85 50.03
CA ILE KA 6 100.60 -59.69 47.26
CA SER KA 7 99.18 -56.93 45.09
CA ASN KA 8 96.05 -58.81 43.93
CA ARG KA 9 94.14 -59.42 47.15
CA ASP KA 10 90.51 -60.11 46.25
CA PHE KA 11 87.66 -59.86 48.74
CA VAL KA 12 84.34 -61.60 49.38
CA GLU KA 13 82.40 -59.24 51.68
CA GLY KA 14 79.55 -61.47 52.80
CA VAL KA 15 77.89 -64.88 52.66
CA SER KA 16 74.38 -66.25 52.11
CA GLY KA 17 72.45 -69.25 53.40
CA GLY KA 18 73.53 -71.53 50.56
CA SER KA 19 77.16 -70.48 51.12
CA TRP KA 20 78.11 -71.97 47.74
CA VAL KA 21 80.70 -69.30 47.06
CA ASP KA 22 82.59 -69.86 43.80
CA ILE KA 23 85.97 -68.26 44.40
CA VAL KA 24 88.13 -67.00 41.57
CA LEU KA 25 91.83 -67.71 41.90
CA GLU KA 26 94.87 -66.77 39.83
CA HIS KA 27 98.66 -66.88 40.00
CA GLY KA 28 100.16 -64.34 42.36
CA SER KA 29 96.79 -63.30 43.79
CA CYS KA 30 95.25 -64.16 47.15
CA VAL KA 31 91.59 -64.29 48.15
CA THR KA 32 89.84 -63.49 51.43
CA THR KA 33 86.52 -65.09 52.33
CA MET KA 34 84.25 -63.48 54.91
CA ALA KA 35 81.22 -65.04 56.58
CA LYS KA 36 78.85 -63.71 59.22
CA ASN KA 37 79.97 -65.16 62.56
CA LYS KA 38 81.94 -67.92 60.82
CA PRO KA 39 85.72 -68.38 60.54
CA THR KA 40 87.29 -66.12 57.93
CA LEU KA 41 89.50 -67.85 55.38
CA ASP KA 42 92.43 -67.01 53.14
CA PHE KA 43 92.79 -68.98 49.89
CA GLU KA 44 95.81 -69.21 47.63
CA LEU KA 45 97.42 -71.47 45.05
CA ILE KA 46 101.04 -71.94 46.10
CA LYS KA 47 102.29 -74.12 43.25
CA THR KA 48 101.00 -75.28 39.87
CA GLU KA 49 102.55 -78.48 38.54
CA ALA KA 50 101.74 -81.00 35.81
CA LYS KA 51 103.22 -84.21 37.18
CA GLN KA 52 104.34 -86.96 34.81
CA PRO KA 53 104.37 -84.86 31.61
CA ALA KA 54 104.44 -86.59 28.24
CA THR KA 55 107.37 -86.38 25.81
CA LEU KA 56 106.71 -85.02 22.31
CA ARG KA 57 110.01 -84.74 20.44
CA LYS KA 58 113.67 -84.44 21.39
CA TYR KA 59 116.07 -82.01 19.73
CA CYS KA 60 119.84 -82.42 19.41
CA ILE KA 61 122.27 -79.81 20.71
CA GLU KA 62 125.89 -81.09 20.60
CA ALA KA 63 127.11 -83.45 17.89
CA LYS KA 64 129.88 -85.98 18.24
CA LEU KA 65 130.74 -87.73 14.99
CA THR KA 66 133.01 -90.48 13.69
CA ASN KA 67 133.64 -92.98 10.90
CA THR KA 68 133.52 -90.19 8.31
CA THR KA 69 134.48 -91.44 4.85
CA THR KA 70 134.75 -90.13 1.30
CA ASP KA 71 134.35 -92.63 -1.53
CA SER KA 72 134.32 -91.75 -5.19
CA ARG KA 73 134.58 -93.15 -8.71
CA CYS KA 74 135.92 -91.80 -11.96
CA PRO KA 75 133.41 -89.97 -14.18
CA THR KA 76 131.30 -92.39 -16.26
CA GLN KA 77 131.35 -95.05 -13.49
CA GLY KA 78 128.30 -93.99 -11.48
CA GLU KA 79 128.57 -92.60 -7.97
CA PRO KA 80 129.61 -95.52 -5.74
CA SER KA 81 127.27 -97.27 -3.34
CA LEU KA 82 128.44 -97.87 0.22
CA ASN KA 83 127.52 -100.18 3.05
CA GLU KA 84 127.89 -97.02 5.14
CA GLU KA 85 125.07 -95.09 3.49
CA GLN KA 86 122.32 -97.72 3.60
CA ASP KA 87 121.82 -97.39 7.39
CA LYS KA 88 119.88 -94.55 9.00
CA ARG KA 89 122.43 -94.49 11.83
CA PHE KA 90 124.65 -92.32 9.60
CA VAL KA 91 124.18 -88.99 7.83
CA CYS KA 92 125.16 -88.62 4.20
CA LYS KA 93 125.25 -86.81 0.91
CA HIS KA 94 126.25 -87.24 -2.72
CA SER KA 95 127.99 -84.46 -4.61
CA MET KA 96 129.58 -83.65 -7.96
CA VAL KA 97 133.20 -82.53 -8.41
CA ASP KA 98 135.51 -81.97 -11.37
CA ARG KA 99 138.11 -84.72 -11.14
CA GLY KA 100 140.99 -83.70 -13.40
CA TRP KA 101 143.32 -85.77 -15.55
CA GLY KA 102 146.09 -85.77 -12.95
CA ASN KA 103 143.66 -86.75 -10.23
CA GLY KA 104 143.99 -90.52 -10.10
CA CYS KA 105 141.66 -91.41 -12.96
CA GLY KA 106 143.13 -89.66 -15.96
CA LEU KA 107 139.91 -88.65 -17.65
CA PHE KA 108 138.99 -85.11 -16.68
CA GLY KA 109 135.31 -84.54 -16.03
CA LYS KA 110 132.67 -84.02 -13.38
CA GLY KA 111 131.86 -87.13 -11.36
CA GLY KA 112 130.18 -88.26 -8.17
CA ILE KA 113 131.51 -88.47 -4.63
CA VAL KA 114 129.68 -90.00 -1.67
CA THR KA 115 130.65 -88.51 1.68
CA CYS KA 116 129.44 -89.53 5.14
CA ALA KA 117 129.81 -90.30 8.78
CA MET KA 118 128.21 -91.53 11.97
CA PHE KA 119 126.11 -89.05 13.94
CA THR KA 120 125.43 -89.59 17.64
CA CYS KA 121 125.10 -86.46 19.76
CA LYS KA 122 125.65 -85.79 23.41
CA LYS KA 123 123.38 -83.06 24.82
CA ASN KA 124 119.74 -82.99 23.76
CA MET KA 125 116.60 -81.03 24.53
CA LYS KA 126 113.60 -82.46 26.33
CA GLY KA 127 110.39 -81.43 24.56
CA LYS KA 128 107.22 -82.11 26.48
CA VAL KA 129 103.46 -81.59 26.23
CA VAL KA 130 100.97 -80.95 29.04
CA GLN KA 131 97.35 -82.14 28.84
CA PRO KA 132 94.37 -80.87 30.87
CA GLU KA 133 94.31 -84.20 32.73
CA ASN KA 134 97.79 -83.84 34.20
CA LEU KA 135 97.17 -80.35 35.62
CA GLU KA 136 97.78 -80.67 39.36
CA TYR KA 137 97.10 -77.61 41.50
CA THR KA 138 98.31 -77.09 45.07
CA ILE KA 139 95.88 -75.06 47.14
CA VAL KA 140 96.72 -73.44 50.49
CA ILE KA 141 93.93 -72.72 52.99
CA THR KA 142 94.58 -70.60 56.06
CA PRO KA 143 92.55 -69.26 59.01
CA HIS KA 144 92.81 -65.70 60.33
CA SER KA 145 94.06 -66.83 63.73
CA GLY KA 146 96.68 -64.08 63.65
CA GLU KA 147 99.69 -66.29 64.36
CA GLU KA 148 102.92 -64.32 64.36
CA HIS KA 149 104.78 -65.97 61.46
CA ALA KA 150 102.01 -65.07 59.03
CA VAL KA 151 103.11 -61.78 57.44
CA GLY KA 152 105.29 -62.68 54.48
CA ASN KA 153 105.09 -66.43 55.16
CA ASP KA 154 103.72 -68.98 52.70
CA THR KA 155 104.57 -72.59 53.54
CA GLY KA 156 104.56 -72.18 57.33
CA LYS KA 157 102.85 -75.01 59.20
CA HIS KA 158 99.74 -73.08 60.20
CA GLY KA 159 97.16 -74.00 57.56
CA LYS KA 160 96.39 -76.84 55.16
CA GLU KA 161 97.71 -77.82 51.74
CA ILE KA 162 95.56 -79.87 49.37
CA LYS KA 163 96.52 -81.61 46.13
CA ILE KA 164 93.61 -80.73 43.84
CA THR KA 165 93.14 -82.04 40.31
CA PRO KA 166 90.20 -82.13 37.86
CA GLN KA 167 90.37 -85.92 38.09
CA SER KA 168 89.27 -85.44 41.72
CA SER KA 169 85.98 -83.77 42.65
CA ILE KA 170 85.30 -83.97 46.42
CA THR KA 171 87.71 -84.27 49.33
CA GLU KA 172 87.39 -83.02 52.89
CA ALA KA 173 90.24 -81.02 54.42
CA GLU KA 174 90.83 -80.21 58.07
CA LEU KA 175 91.68 -76.75 59.40
CA THR KA 176 93.08 -77.33 62.87
CA GLY KA 177 91.07 -75.51 65.50
CA TYR KA 178 88.42 -74.43 63.00
CA GLY KA 179 86.94 -77.70 61.72
CA THR KA 180 86.34 -78.96 58.18
CA VAL KA 181 86.16 -77.49 54.69
CA THR KA 182 85.15 -79.51 51.66
CA MET KA 183 87.24 -79.31 48.49
CA GLU KA 184 84.35 -79.85 46.07
CA CYS KA 185 86.36 -77.75 43.66
CA SER KA 186 86.18 -77.52 39.87
CA PRO KA 187 89.41 -76.69 37.99
CA ARG KA 188 87.65 -76.02 34.71
CA THR KA 189 89.21 -72.97 33.13
CA GLY KA 190 92.44 -74.01 31.46
CA LEU KA 191 93.39 -71.14 29.17
CA ASP KA 192 94.74 -73.10 26.19
CA PHE KA 193 97.04 -76.07 25.70
CA ASN KA 194 97.15 -77.09 22.02
CA GLU KA 195 99.80 -74.49 21.15
CA MET KA 196 102.02 -74.50 24.25
CA VAL KA 197 105.02 -76.77 24.81
CA LEU KA 198 107.52 -77.22 27.62
CA LEU KA 199 111.28 -77.44 27.04
CA GLN KA 200 113.93 -78.67 29.49
CA MET KA 201 117.74 -78.37 29.41
CA GLU KA 202 119.59 -80.20 32.21
CA ASN KA 203 118.67 -77.74 34.97
CA LYS KA 204 116.42 -75.12 33.37
CA ALA KA 205 113.18 -74.94 31.39
CA TRP KA 206 111.12 -72.76 29.08
CA LEU KA 207 107.62 -72.48 27.61
CA VAL KA 208 107.15 -71.89 23.88
CA HIS KA 209 104.47 -72.12 21.22
CA ARG KA 210 104.12 -75.44 19.41
CA GLN KA 211 104.80 -73.95 15.97
CA TRP KA 212 108.23 -72.94 17.22
CA PHE KA 213 109.12 -76.60 17.76
CA LEU KA 214 107.40 -77.61 14.53
CA ASP KA 215 109.53 -75.18 12.51
CA LEU KA 216 112.89 -75.00 14.28
CA PRO KA 217 115.51 -76.58 11.94
CA LEU KA 218 117.48 -78.90 14.20
CA PRO KA 219 117.71 -82.70 14.48
CA TRP KA 220 114.60 -84.62 15.56
CA LEU KA 221 113.64 -87.64 17.60
CA PRO KA 222 109.96 -88.66 17.83
CA GLY KA 223 108.89 -89.39 21.37
CA ALA KA 224 108.48 -93.11 20.73
CA ASP KA 225 112.09 -93.89 19.83
CA THR KA 226 114.60 -94.84 22.51
CA GLN KA 227 117.78 -95.94 20.70
CA GLY KA 228 118.67 -92.41 19.60
CA SER KA 229 119.73 -93.75 16.18
CA ASN KA 230 116.96 -92.66 13.79
CA TRP KA 231 116.88 -88.90 13.18
CA ILE KA 232 114.97 -86.54 10.89
CA GLN KA 233 116.36 -83.36 9.35
CA LYS KA 234 119.69 -84.67 10.62
CA GLU KA 235 121.59 -82.91 7.82
CA THR KA 236 121.09 -79.39 9.19
CA LEU KA 237 123.79 -79.63 11.85
CA VAL KA 238 126.42 -81.02 9.50
CA THR KA 239 127.66 -78.30 7.17
CA PHE KA 240 130.06 -79.42 4.46
CA LYS KA 241 133.13 -77.51 3.40
CA ASN KA 242 133.13 -76.95 -0.33
CA PRO KA 243 134.04 -80.21 -2.10
CA HIS KA 244 137.76 -80.59 -2.72
CA ALA KA 245 138.35 -83.18 -5.44
CA LYS KA 246 138.29 -86.31 -3.25
CA LYS KA 247 138.55 -84.59 0.12
CA GLN KA 248 135.18 -83.74 1.55
CA ASP KA 249 135.51 -83.10 5.26
CA VAL KA 250 132.32 -82.81 7.29
CA VAL KA 251 131.88 -80.39 10.17
CA VAL KA 252 128.90 -79.64 12.40
CA LEU KA 253 127.65 -76.72 14.47
CA GLY KA 254 129.15 -76.55 17.92
CA SER KA 255 127.74 -75.40 21.24
CA GLN KA 256 124.17 -74.33 20.54
CA GLU KA 257 123.32 -73.72 24.21
CA GLY KA 258 124.52 -70.12 23.90
CA ALA KA 259 122.55 -69.67 20.68
CA MET KA 260 119.47 -71.10 22.36
CA HIS KA 261 119.86 -68.84 25.40
CA THR KA 262 120.37 -65.66 23.37
CA ALA KA 263 117.63 -66.43 20.82
CA LEU KA 264 114.96 -67.99 23.03
CA THR KA 265 115.14 -65.00 25.39
CA GLY KA 266 111.86 -63.13 25.57
CA ALA KA 267 109.83 -66.33 25.84
CA THR KA 268 108.25 -67.44 29.11
CA GLU KA 269 111.05 -68.61 31.40
CA ILE KA 270 109.89 -71.16 33.97
CA GLN KA 271 111.95 -71.87 37.09
CA MET KA 272 111.81 -75.66 36.94
CA SER KA 273 114.36 -75.86 39.77
CA SER KA 274 111.47 -75.28 42.18
CA GLY KA 275 109.23 -77.30 39.87
CA ASN KA 276 107.27 -76.07 36.87
CA LEU KA 277 105.34 -72.95 37.91
CA LEU KA 278 102.75 -72.90 35.11
CA PHE KA 279 101.42 -69.32 35.06
CA THR KA 280 98.35 -70.12 32.97
CA GLY KA 281 94.62 -70.38 33.43
CA HIS KA 282 92.33 -69.40 36.31
CA LEU KA 283 90.77 -71.57 39.00
CA LYS KA 284 86.99 -71.52 39.46
CA CYS KA 285 86.57 -73.24 42.81
CA ARG KA 286 83.22 -73.83 44.52
CA LEU KA 287 83.37 -73.89 48.33
CA ARG KA 288 80.60 -74.47 50.88
CA MET KA 289 81.44 -73.15 54.35
CA ASP KA 290 78.39 -74.68 56.05
CA LYS KA 291 80.37 -77.14 58.22
CA LEU KA 292 83.30 -74.93 59.29
CA GLN KA 293 83.25 -74.30 63.02
CA LEU KA 294 84.72 -71.30 64.88
CA LYS KA 295 86.55 -71.85 68.18
CA GLY KA 296 86.26 -68.87 70.48
CA MET KA 297 83.07 -66.91 69.83
CA SER KA 298 81.91 -68.28 73.19
CA TYR KA 299 85.02 -67.14 75.07
CA SER KA 300 84.80 -64.50 77.77
CA MET KA 301 85.74 -60.86 77.32
CA CYS KA 302 89.34 -59.71 77.70
CA THR KA 303 89.82 -57.53 80.80
CA GLY KA 304 93.59 -57.31 81.37
CA LYS KA 305 96.52 -55.20 80.28
CA PHE KA 306 96.86 -54.33 76.60
CA LYS KA 307 100.00 -53.29 74.73
CA VAL KA 308 101.18 -52.82 71.14
CA VAL KA 309 104.52 -54.12 69.90
CA LYS KA 310 104.72 -52.91 66.29
CA GLU KA 311 102.58 -50.34 64.50
CA ILE KA 312 100.87 -50.83 61.13
CA ALA KA 313 102.93 -52.26 58.30
CA GLU KA 314 100.97 -50.38 55.65
CA THR KA 315 99.62 -52.69 52.95
CA GLN KA 316 98.78 -52.12 49.31
CA HIS KA 317 95.12 -51.85 50.37
CA GLY KA 318 95.88 -49.73 53.43
CA THR KA 319 94.69 -52.54 55.68
CA ILE KA 320 95.68 -52.31 59.35
CA VAL KA 321 97.74 -55.33 60.41
CA ILE KA 322 98.27 -54.86 64.14
CA ARG KA 323 100.82 -57.23 65.71
CA VAL KA 324 99.80 -56.81 69.31
CA GLN KA 325 100.69 -58.55 72.59
CA TYR KA 326 98.30 -58.85 75.56
CA GLU KA 327 100.15 -59.36 78.83
CA GLY KA 328 96.80 -59.45 80.61
CA ASP KA 329 95.53 -62.72 82.04
CA GLY KA 330 92.23 -64.49 81.38
CA SER KA 331 93.09 -65.85 77.93
CA PRO KA 332 91.34 -67.20 75.91
CA CYS KA 333 89.10 -64.14 75.65
CA LYS KA 334 87.44 -61.91 73.07
CA ILE KA 335 89.26 -58.69 72.20
CA PRO KA 336 87.74 -55.18 72.25
CA PHE KA 337 88.06 -54.02 68.65
CA GLU KA 338 86.43 -50.75 67.59
CA ILE KA 339 87.15 -48.42 64.67
CA MET KA 340 85.61 -45.04 65.40
CA ASP KA 341 85.46 -41.52 64.00
CA LEU KA 342 87.30 -38.36 65.06
CA GLU KA 343 84.61 -37.23 67.48
CA LYS KA 344 83.99 -40.88 68.49
CA ARG KA 345 80.23 -40.87 67.82
CA HIS KA 346 79.56 -44.08 65.84
CA VAL KA 347 81.55 -47.02 64.51
CA LEU KA 348 81.93 -47.50 60.76
CA GLY KA 349 84.87 -49.91 60.35
CA ARG KA 350 85.07 -53.50 59.12
CA LEU KA 351 87.26 -55.90 61.06
CA ILE KA 352 88.51 -58.88 59.06
CA THR KA 353 89.43 -61.58 61.57
CA VAL KA 354 86.08 -62.17 63.24
CA ASN KA 355 86.37 -62.99 66.93
CA PRO KA 356 89.93 -61.74 67.44
CA ILE KA 357 91.14 -64.04 70.18
CA VAL KA 358 94.39 -64.53 72.07
CA THR KA 359 94.99 -68.24 72.51
CA GLU KA 360 97.68 -67.92 75.18
CA LYS KA 361 99.44 -65.37 77.34
CA ASP KA 362 102.83 -63.89 76.42
CA SER KA 363 102.09 -64.39 72.73
CA PRO KA 364 101.66 -61.83 69.94
CA VAL KA 365 98.58 -61.92 67.73
CA ASN KA 366 98.27 -60.40 64.26
CA ILE KA 367 94.80 -58.89 63.89
CA GLU KA 368 93.74 -58.02 60.34
CA ALA KA 369 91.27 -55.20 59.77
CA GLU KA 370 90.13 -52.61 57.23
CA PRO KA 371 89.29 -49.16 58.63
CA PRO KA 372 87.16 -46.50 56.94
CA PHE KA 373 88.63 -43.83 54.66
CA GLY KA 374 90.26 -40.68 55.95
CA ASP KA 375 91.34 -40.22 59.54
CA SER KA 376 90.02 -42.39 62.35
CA TYR KA 377 90.78 -43.90 65.76
CA ILE KA 378 91.48 -47.56 66.55
CA ILE KA 379 90.22 -48.57 70.00
CA ILE KA 380 91.79 -51.66 71.57
CA GLY KA 381 91.08 -52.75 75.13
CA VAL KA 382 88.82 -51.22 77.75
CA GLU KA 383 89.36 -48.51 80.33
CA PRO KA 384 91.48 -48.49 82.51
CA GLY KA 385 94.39 -49.06 80.14
CA GLN KA 386 92.18 -48.26 77.16
CA LEU KA 387 94.41 -48.08 74.07
CA LYS KA 388 93.83 -45.59 71.23
CA LEU KA 389 95.76 -45.42 67.95
CA ASN KA 390 95.16 -42.60 65.50
CA TRP KA 391 95.48 -43.60 61.85
CA PHE KA 392 94.68 -42.21 58.40
CA LYS KA 393 93.97 -44.10 55.18
CA LYS KA 394 94.47 -42.11 51.98
CA GLY KA 395 91.86 -43.80 49.79
CA SER KA 396 88.72 -42.03 48.60
CA SER KA 397 85.28 -43.39 49.41
CA ILE KA 398 83.72 -43.41 45.94
CA GLY KA 399 87.10 -44.40 44.54
CA GLN KA 400 87.59 -47.60 46.53
CA MET KA 401 83.88 -48.21 45.96
CA ILE KA 402 84.33 -48.20 42.19
CA GLU KA 403 87.52 -50.27 42.17
CA THR KA 404 86.07 -52.89 44.55
CA THR KA 405 82.90 -53.15 42.45
CA MET KA 406 85.20 -53.51 39.44
CA ARG KA 407 87.13 -56.34 41.11
CA GLY KA 408 83.80 -58.05 41.72
CA ALA KA 409 82.80 -57.40 38.12
CA LYS KA 410 86.02 -59.01 36.86
CA ARG KA 411 85.56 -61.96 39.21
CA MET KA 412 82.09 -62.53 37.78
CA ALA KA 413 83.49 -61.96 34.27
CA ILE KA 414 85.84 -64.93 34.58
CA LEU KA 415 83.21 -66.60 36.77
CA GLY KA 416 80.79 -65.93 33.92
CA ASP KA 417 79.59 -68.12 31.09
CA THR KA 418 78.69 -71.66 32.25
CA ALA KA 419 79.84 -70.77 35.80
CA TRP KA 420 77.01 -69.11 37.76
CA ASP KA 421 74.25 -71.56 38.65
CA PHE KA 422 71.66 -70.98 35.93
CA GLY KA 423 70.57 -74.61 35.49
CA SER KA 424 69.33 -75.13 39.04
CA LEU KA 425 65.65 -74.17 38.98
CA GLY KA 426 64.59 -72.42 42.16
CA GLY KA 427 68.27 -71.82 42.84
CA VAL KA 428 68.33 -69.54 39.79
CA PHE KA 429 66.84 -66.87 42.04
CA THR KA 430 69.64 -67.42 44.55
CA SER KA 431 72.26 -67.38 41.79
CA ILE KA 432 71.06 -64.02 40.48
CA GLY KA 433 70.93 -62.83 44.08
CA LYS KA 434 74.54 -63.81 44.67
CA ALA KA 435 75.54 -62.20 41.37
CA LEU KA 436 73.88 -58.93 42.34
CA HIS KA 437 75.69 -59.27 45.65
CA GLN KA 438 79.14 -59.90 44.19
CA VAL KA 439 78.70 -56.84 41.93
CA PHE KA 440 76.55 -54.24 43.75
CA GLY KA 441 76.71 -55.38 47.40
CA ALA KA 442 79.67 -53.17 48.12
CA ILE KA 443 77.42 -50.27 47.10
CA TYR KA 444 74.62 -51.78 49.18
CA GLY KA 445 76.50 -52.33 52.43
CA ALA KA 446 79.11 -49.54 52.44
CA ALA KA 447 77.23 -46.63 50.84
CA PHE KA 448 73.54 -47.31 51.56
CA SER KA 449 73.56 -46.92 55.35
CA GLY KA 450 75.56 -50.02 56.37
CA VAL KA 451 72.79 -51.13 56.99
CA SER KA 452 69.93 -51.70 59.43
CA TRP KA 453 68.07 -53.71 56.84
CA ILE KA 454 64.40 -53.26 57.83
CA MET KA 455 64.29 -49.49 57.47
CA LYS KA 456 66.31 -49.52 54.26
CA ILE KA 457 64.03 -52.08 52.61
CA LEU KA 458 61.15 -49.81 53.63
CA ILE KA 459 62.94 -46.93 51.90
CA GLY KA 460 63.62 -49.21 48.94
CA VAL KA 461 59.97 -50.09 48.42
CA ILE KA 462 59.20 -46.37 48.71
CA ILE KA 463 61.74 -45.69 45.97
CA THR KA 464 60.24 -48.48 43.86
CA TRP KA 465 56.75 -47.02 44.18
CA ILE KA 466 57.99 -43.53 43.26
CA GLY KA 467 59.89 -44.91 40.27
CA MET KA 468 56.85 -46.84 39.05
CA ASN KA 469 54.62 -43.79 39.61
CA SER KA 470 57.05 -41.38 37.93
CA ARG KA 471 56.66 -38.73 35.23
CA SER KA 472 59.18 -40.31 32.83
CA THR KA 473 59.64 -43.91 31.72
CA SER KA 474 63.44 -43.68 31.52
CA LEU KA 475 63.59 -42.61 35.17
CA SER KA 476 61.13 -45.38 36.05
CA VAL KA 477 63.33 -48.03 34.44
CA SER KA 478 66.42 -46.52 36.08
CA LEU KA 479 64.93 -46.34 39.61
CA VAL KA 480 62.68 -49.38 39.98
CA LEU KA 481 65.61 -51.58 38.95
CA VAL KA 482 67.69 -50.11 41.78
CA GLY KA 483 64.77 -50.55 44.16
CA VAL KA 484 64.16 -54.22 43.36
CA VAL KA 485 67.89 -54.89 43.54
CA THR KA 486 67.90 -53.21 46.96
CA LEU KA 487 64.98 -55.28 48.23
CA TYR KA 488 66.11 -58.68 46.98
CA LEU KA 489 69.79 -58.13 47.75
CA GLY KA 490 68.82 -57.04 51.26
CA VAL KA 491 66.86 -60.24 51.72
CA MET KA 492 69.98 -62.09 50.58
CA VAL KA 493 72.27 -60.08 52.88
CA GLN KA 494 70.07 -60.86 55.88
CA ALA KA 495 70.95 -64.49 55.10
CA MET LA 1 109.67 -46.79 -56.07
CA ARG LA 2 111.20 -48.98 -53.38
CA CYS LA 3 108.09 -49.25 -51.19
CA ILE LA 4 106.58 -52.29 -52.91
CA GLY LA 5 106.17 -54.90 -50.22
CA ILE LA 6 106.62 -52.29 -47.48
CA SER LA 7 103.56 -52.61 -45.23
CA ASN LA 8 103.51 -49.17 -43.57
CA ARG LA 9 102.98 -46.56 -46.28
CA ASP LA 10 101.42 -43.08 -46.39
CA PHE LA 11 100.54 -41.17 -49.55
CA VAL LA 12 100.98 -37.65 -48.21
CA GLU LA 13 99.97 -35.19 -50.95
CA GLY LA 14 100.53 -31.52 -50.23
CA VAL LA 15 102.86 -28.72 -49.24
CA SER LA 16 102.90 -27.01 -45.85
CA GLY LA 17 102.88 -23.28 -45.16
CA GLY LA 18 106.55 -22.77 -45.95
CA SER LA 19 106.31 -25.21 -48.85
CA TRP LA 20 108.06 -27.89 -46.79
CA VAL LA 21 106.88 -31.46 -46.41
CA ASP LA 22 106.46 -32.77 -42.85
CA ILE LA 23 107.92 -36.26 -43.18
CA VAL LA 24 106.95 -38.85 -40.62
CA LEU LA 25 109.81 -41.34 -40.86
CA GLU LA 26 109.95 -44.70 -39.07
CA HIS LA 27 112.18 -47.72 -39.59
CA GLY LA 28 110.50 -50.13 -41.97
CA SER LA 29 108.04 -47.54 -43.29
CA CYS LA 30 107.45 -45.51 -46.44
CA VAL LA 31 106.68 -41.93 -47.38
CA THR LA 32 105.57 -40.65 -50.80
CA THR LA 33 105.20 -36.93 -51.48
CA MET LA 34 102.91 -35.51 -54.15
CA ALA LA 35 101.70 -32.15 -55.42
CA LYS LA 36 100.46 -30.65 -58.67
CA ASN LA 37 103.10 -28.92 -60.77
CA LYS LA 38 105.53 -30.84 -58.56
CA PRO LA 39 107.13 -34.23 -59.41
CA THR LA 40 106.34 -37.02 -56.99
CA LEU LA 41 109.11 -38.25 -54.68
CA ASP LA 42 109.71 -41.24 -52.40
CA PHE LA 43 111.20 -40.61 -48.95
CA GLU LA 44 112.79 -43.46 -47.00
CA LEU LA 45 115.31 -44.26 -44.28
CA ILE LA 46 117.78 -47.12 -44.69
CA LYS LA 47 120.39 -46.88 -41.94
CA THR LA 48 120.72 -45.52 -38.41
CA GLU LA 49 124.02 -45.13 -36.59
CA ALA LA 50 125.52 -43.47 -33.51
CA LYS LA 51 129.05 -42.09 -33.71
CA GLN LA 52 131.35 -40.67 -31.03
CA PRO LA 53 129.54 -42.45 -28.18
CA ALA LA 54 130.25 -41.62 -24.55
CA THR LA 55 131.57 -44.30 -22.19
CA LEU LA 56 129.16 -44.25 -19.25
CA ARG LA 57 131.06 -46.90 -17.32
CA LYS LA 58 133.68 -49.49 -18.26
CA TYR LA 59 133.27 -53.06 -17.01
CA CYS LA 60 136.28 -55.38 -17.00
CA ILE LA 61 135.05 -58.95 -16.97
CA GLU LA 62 138.04 -61.29 -16.66
CA ALA LA 63 140.25 -60.61 -13.65
CA LYS LA 64 143.85 -61.75 -13.18
CA LEU LA 65 145.30 -61.65 -9.68
CA THR LA 66 148.93 -61.03 -8.69
CA ASN LA 67 151.31 -60.19 -5.85
CA THR LA 68 148.89 -61.45 -3.24
CA THR LA 69 149.98 -60.88 0.35
CA THR LA 70 148.66 -62.36 3.57
CA ASP LA 71 149.70 -61.84 7.17
CA SER LA 72 148.32 -62.40 10.65
CA ARG LA 73 148.95 -61.41 14.24
CA CYS LA 74 148.04 -63.32 17.37
CA PRO LA 75 145.29 -62.07 19.70
CA THR LA 76 146.31 -58.98 21.73
CA GLN LA 77 149.58 -58.69 19.74
CA GLY LA 78 148.05 -56.17 17.34
CA GLU LA 79 146.25 -55.71 14.04
CA PRO LA 80 148.74 -55.71 11.12
CA SER LA 81 148.73 -52.82 8.67
CA LEU LA 82 150.61 -52.92 5.36
CA ASN LA 83 151.57 -50.22 2.89
CA GLU LA 84 150.04 -52.49 0.24
CA GLU LA 85 146.66 -51.70 1.80
CA GLN LA 86 147.04 -47.94 1.38
CA ASP LA 87 147.51 -48.20 -2.40
CA LYS LA 88 143.98 -48.64 -3.73
CA ARG LA 89 145.10 -50.81 -6.66
CA PHE LA 90 144.73 -53.90 -4.44
CA VAL LA 91 141.57 -55.54 -3.14
CA CYS LA 92 141.96 -56.12 0.59
CA LYS LA 93 140.13 -57.88 3.42
CA HIS LA 94 140.54 -58.19 7.17
CA SER LA 95 139.57 -61.31 9.08
CA MET LA 96 139.68 -63.25 12.35
CA VAL LA 97 141.22 -66.69 12.95
CA ASP LA 98 141.80 -68.83 16.01
CA ARG LA 99 145.34 -69.29 17.34
CA GLY LA 100 146.56 -71.28 20.32
CA TRP LA 101 149.41 -71.88 22.72
CA GLY LA 102 150.28 -75.16 21.04
CA ASN LA 103 149.33 -73.76 17.62
CA GLY LA 104 152.57 -71.90 17.00
CA CYS LA 105 151.70 -68.95 19.26
CA GLY LA 106 151.13 -67.94 22.87
CA LEU LA 107 147.47 -68.37 23.82
CA PHE LA 108 143.99 -69.42 22.72
CA GLY LA 109 142.03 -66.70 20.98
CA LYS LA 110 141.03 -64.94 17.79
CA GLY LA 111 143.98 -63.15 16.21
CA GLY LA 112 143.67 -60.83 13.26
CA ILE LA 113 144.50 -61.34 9.59
CA VAL LA 114 144.96 -58.98 6.66
CA THR LA 115 145.11 -60.44 3.16
CA CYS LA 116 145.11 -58.52 -0.08
CA ALA LA 117 146.26 -58.64 -3.66
CA MET LA 118 146.53 -56.77 -6.94
CA PHE LA 119 143.55 -56.87 -9.33
CA THR LA 120 144.53 -56.69 -13.00
CA CYS LA 121 141.90 -57.45 -15.61
CA LYS LA 122 142.46 -58.20 -19.29
CA LYS LA 123 139.16 -58.66 -21.12
CA ASN LA 124 136.61 -55.89 -20.69
CA MET LA 125 133.18 -54.76 -21.82
CA LYS LA 126 132.33 -51.41 -23.31
CA GLY LA 127 129.09 -49.80 -22.08
CA LYS LA 128 128.06 -46.55 -23.71
CA VAL LA 129 125.07 -44.20 -23.67
CA VAL LA 130 123.80 -42.49 -26.82
CA GLN LA 131 122.54 -38.92 -26.66
CA PRO LA 132 120.06 -37.48 -29.19
CA GLU LA 133 122.77 -35.15 -30.50
CA ASN LA 134 125.26 -37.88 -31.43
CA LEU LA 135 122.82 -39.75 -33.69
CA GLU LA 136 123.06 -39.76 -37.48
CA TYR LA 137 120.16 -40.78 -39.74
CA THR LA 138 120.46 -42.13 -43.30
CA ILE LA 139 117.62 -40.79 -45.42
CA VAL LA 140 117.28 -41.76 -49.07
CA ILE LA 141 115.29 -39.93 -51.76
CA THR LA 142 114.01 -41.69 -54.88
CA PRO LA 143 112.26 -40.31 -57.99
CA HIS LA 144 109.11 -41.83 -59.48
CA SER LA 145 110.37 -41.96 -63.05
CA GLY LA 146 109.61 -45.63 -63.76
CA GLU LA 147 113.18 -46.56 -64.66
CA GLU LA 148 113.95 -50.28 -64.63
CA HIS LA 149 116.33 -50.08 -61.67
CA ALA LA 150 113.92 -47.55 -60.11
CA VAL LA 151 111.44 -50.22 -58.96
CA GLY LA 152 111.87 -52.35 -55.85
CA ASN LA 153 115.67 -52.04 -55.97
CA ASP LA 154 117.82 -51.66 -52.86
CA THR LA 155 121.03 -50.60 -54.69
CA GLY LA 156 119.80 -48.56 -57.65
CA LYS LA 157 121.67 -45.56 -58.97
CA HIS LA 158 118.40 -43.60 -59.17
CA GLY LA 159 118.24 -43.08 -55.41
CA LYS LA 160 120.35 -40.57 -53.51
CA GLU LA 161 121.34 -41.19 -49.88
CA ILE LA 162 122.04 -38.38 -47.42
CA LYS LA 163 122.96 -38.32 -43.74
CA ILE LA 164 121.25 -36.05 -41.20
CA THR LA 165 122.83 -34.77 -37.97
CA PRO LA 166 121.81 -31.79 -35.78
CA GLN LA 167 125.26 -30.20 -36.06
CA SER LA 168 124.53 -29.50 -39.75
CA SER LA 169 120.78 -28.90 -39.82
CA ILE LA 170 120.34 -26.66 -42.87
CA THR LA 171 121.82 -28.84 -45.63
CA GLU LA 172 121.19 -29.08 -49.38
CA ALA LA 173 120.90 -32.38 -51.24
CA GLU LA 174 120.79 -32.86 -55.01
CA LEU LA 175 118.56 -35.13 -57.09
CA THR LA 176 119.52 -35.82 -60.69
CA GLY LA 177 117.65 -33.65 -63.17
CA TYR LA 178 115.14 -32.30 -60.68
CA GLY LA 179 117.72 -30.26 -58.76
CA THR LA 180 118.14 -28.99 -55.22
CA VAL LA 181 116.09 -30.06 -52.18
CA THR LA 182 116.60 -28.99 -48.57
CA MET LA 183 117.45 -31.17 -45.57
CA GLU LA 184 116.47 -29.69 -42.18
CA CYS LA 185 115.09 -31.37 -39.05
CA SER LA 186 115.50 -32.33 -35.40
CA PRO LA 187 113.93 -35.82 -35.05
CA ARG LA 188 113.82 -35.74 -31.24
CA THR LA 189 110.01 -36.17 -31.03
CA GLY LA 190 110.51 -39.92 -30.50
CA LEU LA 191 110.84 -42.11 -27.43
CA ASP LA 192 113.07 -41.02 -24.57
CA PHE LA 193 116.71 -42.07 -25.00
CA ASN LA 194 118.08 -41.65 -21.47
CA GLU LA 195 116.51 -44.96 -20.41
CA MET LA 196 118.73 -47.16 -22.63
CA VAL LA 197 122.42 -48.03 -22.78
CA LEU LA 198 124.31 -50.22 -25.26
CA LEU LA 199 126.90 -52.83 -24.31
CA GLN LA 200 129.41 -54.13 -26.81
CA MET LA 201 131.86 -57.02 -26.60
CA GLU LA 202 134.40 -57.37 -29.43
CA ASN LA 203 131.69 -57.30 -32.10
CA LYS LA 204 128.29 -58.19 -30.62
CA ALA LA 205 126.19 -55.59 -28.84
CA TRP LA 206 123.14 -55.51 -26.61
CA LEU LA 207 120.56 -52.85 -25.79
CA VAL LA 208 119.69 -52.77 -22.08
CA HIS LA 209 118.39 -50.47 -19.36
CA ARG LA 210 120.63 -48.02 -17.53
CA GLN LA 211 119.82 -49.23 -14.02
CA TRP LA 212 120.36 -52.82 -15.13
CA PHE LA 213 123.60 -51.75 -16.81
CA LEU LA 214 124.77 -50.40 -13.45
CA ASP LA 215 123.33 -53.22 -11.32
CA LEU LA 216 125.54 -56.04 -12.65
CA PRO LA 217 127.91 -56.66 -9.69
CA LEU LA 218 131.35 -56.40 -11.28
CA PRO LA 219 134.28 -53.93 -11.21
CA TRP LA 220 133.63 -50.36 -12.37
CA LEU LA 221 135.46 -47.46 -13.99
CA PRO LA 222 134.03 -43.93 -14.40
CA GLY LA 223 133.75 -42.69 -17.96
CA ALA LA 224 136.79 -40.45 -17.82
CA ASP LA 225 138.59 -43.21 -15.90
CA THR LA 226 141.15 -45.00 -18.06
CA GLN LA 227 144.11 -45.64 -15.74
CA GLY LA 228 142.85 -48.81 -14.09
CA SER LA 229 143.93 -47.62 -10.64
CA ASN LA 230 140.43 -47.07 -9.26
CA TRP LA 231 138.06 -50.01 -8.93
CA ILE LA 232 134.67 -50.19 -7.22
CA GLN LA 233 133.05 -53.33 -5.82
CA LYS LA 234 136.20 -55.19 -6.80
CA GLU LA 235 135.54 -57.84 -4.14
CA THR LA 236 133.16 -60.04 -6.15
CA LEU LA 237 135.65 -61.17 -8.79
CA VAL LA 238 138.11 -62.12 -6.03
CA THR LA 239 136.66 -64.79 -3.75
CA PHE LA 240 138.41 -65.22 -0.42
CA LYS LA 241 138.20 -68.85 0.71
CA ASN LA 242 137.40 -69.56 4.33
CA PRO LA 243 139.73 -68.08 6.97
CA HIS LA 244 142.41 -70.64 7.65
CA ALA LA 245 145.49 -70.46 9.90
CA LYS LA 246 147.74 -67.66 8.59
CA LYS LA 247 146.47 -68.10 5.02
CA GLN LA 248 143.64 -66.73 2.96
CA ASP LA 249 143.87 -68.70 -0.27
CA VAL LA 250 142.70 -66.10 -2.78
CA VAL LA 251 140.62 -67.63 -5.57
CA VAL LA 252 140.27 -65.73 -8.84
CA LEU LA 253 136.74 -65.92 -10.16
CA GLY LA 254 136.55 -67.25 -13.68
CA SER LA 255 135.75 -65.19 -16.74
CA GLN LA 256 132.03 -64.49 -16.76
CA GLU LA 257 132.12 -63.88 -20.51
CA GLY LA 258 130.40 -67.21 -21.06
CA ALA LA 259 127.93 -66.28 -18.34
CA MET LA 260 127.24 -62.96 -20.04
CA HIS LA 261 126.62 -64.72 -23.35
CA THR LA 262 124.24 -67.00 -21.44
CA ALA LA 263 122.37 -64.12 -19.78
CA LEU LA 264 122.34 -61.24 -22.27
CA THR LA 265 121.05 -63.60 -24.96
CA GLY LA 266 117.29 -63.17 -25.06
CA ALA LA 267 117.66 -59.42 -24.70
CA THR LA 268 117.72 -57.01 -27.65
CA GLU LA 269 120.65 -58.06 -29.84
CA ILE LA 270 122.55 -55.61 -32.05
CA GLN LA 271 125.35 -55.90 -34.60
CA MET LA 272 127.49 -52.81 -35.13
CA SER LA 273 127.89 -53.54 -38.85
CA SER LA 274 124.21 -52.71 -39.46
CA GLY LA 275 124.34 -49.69 -37.14
CA ASN LA 276 122.09 -49.24 -34.12
CA LEU LA 277 118.50 -50.36 -34.77
CA LEU LA 278 116.82 -47.69 -32.65
CA PHE LA 279 113.61 -48.09 -34.62
CA THR LA 280 111.68 -46.87 -31.57
CA GLY LA 281 110.76 -43.20 -31.84
CA HIS LA 282 109.13 -41.34 -34.71
CA LEU LA 283 111.29 -39.03 -36.84
CA LYS LA 284 109.50 -35.79 -37.69
CA CYS LA 285 111.36 -33.84 -40.36
CA ARG LA 286 110.97 -30.63 -42.34
CA LEU LA 287 111.97 -30.68 -46.00
CA ARG LA 288 111.53 -27.75 -48.40
CA MET LA 289 110.54 -28.32 -52.03
CA ASP LA 290 110.48 -24.81 -53.50
CA LYS LA 291 113.76 -25.26 -55.42
CA LEU LA 292 112.49 -28.12 -57.65
CA GLN LA 293 110.58 -27.97 -60.93
CA LEU LA 294 109.35 -30.47 -63.52
CA LYS LA 295 112.22 -32.06 -65.45
CA GLY LA 296 111.36 -33.33 -68.91
CA MET LA 297 108.14 -31.29 -69.17
CA SER LA 298 109.49 -29.53 -72.27
CA TYR LA 299 109.46 -32.86 -74.12
CA SER LA 300 106.46 -33.10 -76.42
CA MET LA 301 103.81 -35.79 -76.20
CA CYS LA 302 104.32 -38.61 -78.70
CA THR LA 303 101.39 -40.00 -80.66
CA GLY LA 304 102.87 -43.42 -81.37
CA LYS LA 305 101.67 -46.73 -79.95
CA PHE LA 306 101.92 -48.14 -76.43
CA LYS LA 307 102.45 -51.73 -75.31
CA VAL LA 308 102.26 -53.48 -71.93
CA VAL LA 309 105.04 -55.81 -70.79
CA LYS LA 310 103.98 -57.03 -67.33
CA GLU LA 311 100.40 -57.63 -66.29
CA ILE LA 312 98.55 -55.40 -63.82
CA ALA LA 313 100.47 -56.07 -60.61
CA GLU LA 314 98.86 -55.57 -57.20
CA THR LA 315 100.56 -54.04 -54.16
CA GLN LA 316 99.45 -54.02 -50.51
CA HIS LA 317 97.89 -50.54 -50.77
CA GLY LA 318 95.41 -50.61 -53.67
CA THR LA 319 97.80 -49.36 -56.32
CA ILE LA 320 98.60 -50.66 -59.81
CA VAL LA 321 101.89 -50.98 -61.70
CA ILE LA 322 102.04 -50.87 -65.50
CA ARG LA 323 105.18 -51.45 -67.55
CA VAL LA 324 104.28 -49.42 -70.62
CA GLN LA 325 106.49 -50.08 -73.65
CA TYR LA 326 106.69 -47.78 -76.68
CA GLU LA 327 107.13 -49.72 -79.91
CA GLY LA 328 106.60 -46.56 -81.98
CA ASP LA 329 109.11 -43.78 -82.67
CA GLY LA 330 109.69 -40.26 -81.37
CA SER LA 331 111.27 -40.93 -78.00
CA PRO LA 332 111.73 -39.34 -75.51
CA CYS LA 333 108.16 -38.07 -74.97
CA LYS LA 334 105.66 -36.89 -72.36
CA ILE LA 335 103.53 -39.90 -71.44
CA PRO LA 336 99.78 -39.53 -72.00
CA PHE LA 337 98.30 -41.42 -69.03
CA GLU LA 338 94.64 -40.93 -68.19
CA ILE LA 339 91.63 -42.44 -66.43
CA MET LA 340 88.01 -42.78 -67.43
CA ASP LA 341 84.88 -44.13 -65.80
CA LEU LA 342 82.25 -46.44 -67.27
CA GLU LA 343 80.67 -43.53 -69.16
CA LYS LA 344 84.10 -42.76 -70.69
CA ARG LA 345 83.63 -39.12 -69.61
CA HIS LA 346 85.16 -38.18 -66.26
CA VAL LA 347 88.75 -38.24 -65.00
CA LEU LA 348 88.21 -39.76 -61.54
CA GLY LA 349 91.25 -41.93 -60.79
CA ARG LA 350 94.31 -40.58 -58.98
CA LEU LA 351 97.71 -40.75 -60.68
CA ILE LA 352 101.04 -41.18 -58.87
CA THR LA 353 103.74 -40.15 -61.35
CA VAL LA 354 102.96 -36.86 -63.06
CA ASN LA 355 104.20 -36.34 -66.65
CA PRO LA 356 106.08 -39.64 -67.00
CA ILE LA 357 108.64 -39.74 -69.79
CA VAL LA 358 110.40 -42.46 -71.76
CA THR LA 359 114.19 -42.47 -71.71
CA GLU LA 360 114.38 -44.42 -74.98
CA LYS LA 361 112.22 -46.67 -77.11
CA ASP LA 362 112.18 -50.36 -76.13
CA SER LA 363 112.84 -49.29 -72.50
CA PRO LA 364 109.41 -49.37 -70.81
CA VAL LA 365 108.35 -47.07 -68.00
CA ASN LA 366 106.79 -48.27 -64.74
CA ILE LA 367 103.73 -46.04 -64.50
CA GLU LA 368 102.03 -46.21 -61.10
CA ALA LA 369 98.36 -45.41 -60.50
CA GLU LA 370 95.72 -45.43 -57.77
CA PRO LA 371 92.19 -45.71 -59.17
CA PRO LA 372 89.26 -45.95 -56.74
CA PHE LA 373 88.07 -49.36 -55.60
CA GLY LA 374 85.77 -50.30 -58.45
CA ASP LA 375 85.60 -50.62 -62.22
CA SER LA 376 87.43 -48.11 -64.42
CA TYR LA 377 89.45 -47.84 -67.62
CA ILE LA 378 93.14 -47.01 -67.49
CA ILE LA 379 93.53 -45.28 -70.86
CA ILE LA 380 97.08 -45.71 -72.10
CA GLY LA 381 97.89 -43.71 -75.21
CA VAL LA 382 95.48 -41.70 -77.32
CA GLU LA 383 93.24 -42.69 -80.18
CA PRO LA 384 93.55 -44.06 -82.82
CA GLY LA 385 94.89 -47.28 -81.32
CA GLN LA 386 94.27 -46.22 -77.71
CA LEU LA 387 94.30 -48.89 -74.98
CA LYS LA 388 91.38 -48.60 -72.54
CA LEU LA 389 92.58 -51.35 -70.23
CA ASN LA 390 89.66 -52.26 -67.99
CA TRP LA 391 90.43 -52.71 -64.31
CA PHE LA 392 88.29 -53.77 -61.35
CA LYS LA 393 89.86 -52.76 -58.03
CA LYS LA 394 88.63 -54.51 -54.91
CA GLY LA 395 87.62 -52.75 -51.71
CA SER LA 396 85.14 -50.18 -50.49
CA SER LA 397 85.53 -46.46 -51.09
CA ILE LA 398 84.48 -45.91 -47.48
CA GLY LA 399 87.25 -48.40 -46.67
CA GLN LA 400 90.02 -46.13 -47.90
CA MET LA 401 88.04 -43.16 -46.60
CA ILE LA 402 88.17 -44.35 -42.99
CA GLU LA 403 91.66 -45.83 -43.34
CA THR LA 404 93.38 -42.76 -44.78
CA THR LA 405 91.48 -40.32 -42.56
CA MET LA 406 92.32 -42.32 -39.43
CA ARG LA 407 95.97 -42.75 -40.42
CA GLY LA 408 96.41 -39.04 -41.09
CA ALA LA 409 94.58 -38.24 -37.86
CA LYS LA 410 96.91 -40.44 -35.79
CA ARG LA 411 99.88 -39.06 -37.73
CA MET LA 412 98.93 -35.51 -36.74
CA ALA LA 413 97.91 -36.65 -33.24
CA ILE LA 414 101.23 -38.19 -32.24
CA LEU LA 415 102.55 -35.01 -33.84
CA GLY LA 416 99.83 -33.08 -32.03
CA ASP LA 417 100.23 -31.02 -28.87
CA THR LA 418 103.45 -28.96 -28.85
CA ALA LA 419 104.20 -30.21 -32.41
CA TRP LA 420 102.06 -28.41 -35.02
CA ASP LA 421 102.79 -24.71 -35.33
CA PHE LA 422 99.93 -22.94 -33.51
CA GLY LA 423 101.85 -20.04 -31.94
CA SER LA 424 102.58 -18.14 -35.15
CA LEU LA 425 99.95 -15.42 -35.53
CA GLY LA 426 98.78 -15.15 -39.13
CA GLY LA 427 100.34 -18.56 -39.69
CA VAL LA 428 97.57 -19.96 -37.49
CA PHE LA 429 95.48 -20.02 -40.67
CA THR LA 430 98.23 -21.95 -42.46
CA SER LA 431 98.50 -24.38 -39.55
CA ILE LA 432 94.74 -24.99 -39.51
CA GLY LA 433 94.90 -25.58 -43.25
CA LYS LA 434 97.83 -27.93 -42.64
CA ALA LA 435 95.84 -29.93 -40.09
CA LEU LA 436 92.89 -30.22 -42.45
CA HIS LA 437 95.10 -31.01 -45.46
CA GLN LA 438 96.98 -33.73 -43.57
CA VAL LA 439 93.70 -35.18 -42.23
CA PHE LA 440 90.84 -33.88 -44.41
CA GLY LA 441 93.00 -33.25 -47.49
CA ALA LA 442 92.38 -36.71 -48.91
CA ILE LA 443 88.70 -35.78 -48.81
CA TYR LA 444 89.39 -32.82 -51.10
CA GLY LA 445 91.71 -34.74 -53.41
CA ALA LA 446 90.55 -38.35 -53.80
CA ALA LA 447 86.75 -38.41 -53.56
CA PHE LA 448 85.95 -34.81 -54.59
CA SER LA 449 86.44 -34.61 -58.36
CA GLY LA 450 90.22 -35.21 -58.60
CA VAL LA 451 90.32 -32.20 -58.93
CA SER LA 452 90.39 -29.14 -61.20
CA TRP LA 453 90.30 -26.61 -58.40
CA ILE LA 454 88.42 -23.66 -59.96
CA MET LA 455 85.23 -25.58 -60.74
CA LYS LA 456 85.16 -27.31 -57.37
CA ILE LA 457 85.69 -24.08 -55.44
CA LEU LA 458 82.74 -22.71 -57.39
CA ILE LA 459 80.81 -25.82 -56.33
CA GLY LA 460 82.06 -25.32 -52.79
CA VAL LA 461 80.83 -21.74 -52.52
CA ILE LA 462 77.53 -22.98 -53.98
CA ILE LA 463 77.38 -25.61 -51.22
CA THR LA 464 78.19 -22.97 -48.60
CA TRP LA 465 75.33 -20.83 -49.90
CA ILE LA 466 72.94 -23.80 -49.81
CA GLY LA 467 74.03 -24.80 -46.30
CA MET LA 468 73.68 -21.28 -44.92
CA ASN LA 469 70.15 -20.90 -46.33
CA SER LA 470 69.01 -24.38 -45.31
CA ARG LA 471 65.89 -25.59 -43.53
CA SER LA 472 67.87 -27.16 -40.65
CA THR LA 473 70.63 -25.63 -38.52
CA SER LA 474 72.21 -29.03 -37.86
CA LEU LA 475 72.55 -29.59 -41.60
CA SER LA 476 73.81 -26.01 -41.89
CA VAL LA 477 76.62 -26.70 -39.41
CA SER LA 478 77.32 -30.03 -41.13
CA LEU LA 479 77.49 -28.56 -44.67
CA VAL LA 480 78.94 -25.04 -44.39
CA LEU LA 481 81.87 -26.48 -42.41
CA VAL LA 482 82.60 -28.92 -45.25
CA GLY LA 483 82.22 -26.10 -47.77
CA VAL LA 484 84.60 -23.69 -46.05
CA VAL LA 485 87.05 -26.57 -45.53
CA THR LA 486 86.80 -27.27 -49.27
CA LEU LA 487 87.39 -23.65 -50.28
CA TYR LA 488 90.22 -22.84 -47.87
CA LEU LA 489 91.95 -26.21 -48.31
CA GLY LA 490 91.69 -25.79 -52.08
CA VAL LA 491 93.43 -22.45 -51.78
CA MET LA 492 96.10 -24.21 -49.74
CA VAL LA 493 96.30 -27.05 -52.27
CA GLN LA 494 96.93 -24.49 -55.02
CA ALA LA 495 100.04 -23.46 -53.07
CA MET MA 1 62.60 -115.29 -11.15
CA ARG MA 2 66.38 -115.00 -11.10
CA CYS MA 3 67.03 -111.62 -9.44
CA ILE MA 4 65.39 -112.00 -6.03
CA GLY MA 5 68.10 -110.64 -3.76
CA ILE MA 6 70.17 -108.10 -5.70
CA SER MA 7 70.07 -104.53 -4.42
CA ASN MA 8 69.23 -102.79 -7.71
CA ARG MA 9 65.76 -104.24 -8.31
CA ASP MA 10 63.90 -102.33 -11.03
CA PHE MA 11 60.41 -102.66 -12.50
CA VAL MA 12 59.10 -101.59 -15.91
CA GLU MA 13 55.33 -102.13 -16.08
CA GLY MA 14 54.31 -100.61 -19.40
CA VAL MA 15 53.96 -101.66 -23.03
CA SER MA 16 54.11 -99.78 -26.31
CA GLY MA 17 51.53 -99.57 -29.08
CA GLY MA 18 53.54 -101.99 -31.20
CA SER MA 19 54.85 -103.78 -28.09
CA TRP MA 20 58.27 -102.18 -28.73
CA VAL MA 21 59.33 -102.21 -25.09
CA ASP MA 22 62.54 -100.43 -24.10
CA ILE MA 23 64.85 -101.30 -21.18
CA VAL MA 24 68.20 -100.22 -19.78
CA LEU MA 25 70.67 -102.79 -18.47
CA GLU MA 26 73.64 -102.13 -16.18
CA HIS MA 27 76.05 -104.27 -14.18
CA GLY MA 28 74.16 -105.83 -11.30
CA SER MA 29 70.95 -103.92 -12.09
CA CYS MA 30 68.46 -106.52 -13.25
CA VAL MA 31 65.07 -105.65 -14.73
CA THR MA 32 61.65 -107.30 -14.51
CA THR MA 33 59.32 -107.08 -17.51
CA MET MA 34 55.58 -107.04 -16.88
CA ALA MA 35 52.80 -107.30 -19.46
CA LYS MA 36 49.11 -108.02 -19.92
CA ASN MA 37 48.23 -111.59 -20.94
CA LYS MA 38 51.90 -112.14 -21.89
CA PRO MA 39 54.47 -114.02 -19.79
CA THR MA 40 56.58 -111.87 -17.50
CA LEU MA 41 60.35 -111.91 -17.75
CA ASP MA 42 63.60 -111.11 -15.98
CA PHE MA 43 66.51 -109.56 -17.87
CA GLU MA 44 70.09 -109.04 -16.80
CA LEU MA 45 73.58 -108.65 -18.22
CA ILE MA 46 75.58 -111.37 -16.51
CA LYS MA 47 79.06 -110.79 -17.90
CA THR MA 48 80.64 -108.12 -20.09
CA GLU MA 49 83.28 -109.27 -22.55
CA ALA MA 50 85.59 -107.45 -24.98
CA LYS MA 51 86.80 -109.96 -27.55
CA GLN MA 52 89.02 -109.31 -30.56
CA PRO MA 53 90.96 -106.40 -29.04
CA ALA MA 54 92.79 -103.86 -31.15
CA THR MA 55 96.51 -103.59 -30.44
CA LEU MA 56 96.66 -99.81 -30.06
CA ARG MA 57 100.33 -99.34 -29.12
CA LYS MA 58 103.23 -101.08 -27.38
CA TYR MA 59 105.85 -99.98 -24.86
CA CYS MA 60 109.35 -101.38 -24.36
CA ILE MA 61 109.39 -101.48 -20.58
CA GLU MA 62 113.06 -102.47 -20.35
CA ALA MA 63 115.97 -101.73 -22.64
CA LYS MA 64 119.19 -103.23 -23.96
CA LEU MA 65 121.98 -101.15 -25.50
CA THR MA 66 124.31 -102.86 -27.97
CA ASN MA 67 126.70 -102.15 -30.83
CA THR MA 68 127.25 -98.62 -29.50
CA THR MA 69 129.56 -97.00 -32.01
CA THR MA 70 130.70 -93.38 -31.88
CA ASP MA 71 132.92 -90.99 -33.81
CA SER MA 72 133.99 -87.36 -33.89
CA ARG MA 73 135.59 -84.77 -36.15
CA CYS MA 74 137.82 -81.80 -35.51
CA PRO MA 75 136.21 -78.33 -35.67
CA THR MA 76 135.08 -77.09 -39.11
CA GLN MA 77 135.08 -80.63 -40.58
CA GLY MA 78 131.32 -81.05 -40.03
CA GLU MA 79 129.52 -83.86 -38.30
CA PRO MA 80 130.88 -87.37 -39.02
CA SER MA 81 128.65 -89.50 -41.23
CA LEU MA 82 128.39 -93.18 -40.30
CA ASN MA 83 125.79 -95.62 -41.67
CA GLU MA 84 123.87 -96.11 -38.40
CA GLU MA 85 122.32 -92.63 -38.46
CA GLN MA 86 120.05 -93.36 -41.42
CA ASP MA 87 119.03 -96.75 -40.01
CA LYS MA 88 116.38 -96.34 -37.31
CA ARG MA 89 117.48 -99.66 -35.78
CA PHE MA 90 120.11 -97.57 -33.97
CA VAL MA 91 119.05 -94.69 -31.77
CA CYS MA 92 121.55 -91.87 -31.85
CA LYS MA 93 122.44 -88.21 -31.50
CA HIS MA 94 125.19 -85.70 -32.30
CA SER MA 95 126.79 -83.04 -30.11
CA MET MA 96 129.97 -80.95 -29.88
CA VAL MA 97 132.97 -80.57 -27.57
CA ASP MA 98 136.05 -78.36 -27.42
CA ARG MA 99 138.99 -79.98 -29.22
CA GLY MA 100 142.15 -78.53 -30.69
CA TRP MA 101 145.94 -78.39 -30.57
CA GLY MA 102 145.91 -80.01 -27.13
CA ASN MA 103 144.22 -83.29 -28.12
CA GLY MA 104 145.24 -83.85 -31.74
CA CYS MA 105 143.16 -81.34 -33.70
CA GLY MA 106 144.40 -78.00 -35.04
CA LEU MA 107 142.80 -75.25 -32.94
CA PHE MA 108 140.60 -75.13 -29.86
CA GLY MA 109 137.00 -75.11 -31.08
CA LYS MA 110 133.68 -76.90 -30.82
CA GLY MA 111 134.15 -79.95 -33.02
CA GLY MA 112 131.36 -82.41 -33.68
CA ILE MA 113 130.65 -85.88 -32.33
CA VAL MA 114 128.10 -88.50 -33.37
CA THR MA 115 127.08 -91.16 -30.85
CA CYS MA 116 124.94 -94.10 -31.98
CA ALA MA 117 123.81 -97.43 -30.58
CA MET MA 118 121.46 -100.32 -31.28
CA PHE MA 119 118.38 -100.28 -29.03
CA THR MA 120 117.16 -103.83 -28.40
CA CYS MA 121 113.74 -104.32 -26.79
CA LYS MA 122 113.83 -107.24 -24.35
CA LYS MA 123 110.27 -107.10 -22.97
CA ASN MA 124 106.90 -105.77 -24.05
CA MET MA 125 104.11 -103.87 -22.31
CA LYS MA 126 100.86 -104.40 -24.16
CA GLY MA 127 98.05 -101.88 -24.64
CA LYS MA 128 94.49 -102.86 -25.51
CA VAL MA 129 91.82 -100.39 -26.63
CA VAL MA 130 88.16 -101.43 -26.55
CA GLN MA 131 85.95 -100.04 -29.30
CA PRO MA 132 82.15 -99.91 -28.97
CA GLU MA 133 81.60 -102.57 -31.64
CA ASN MA 134 83.90 -105.05 -29.85
CA LEU MA 135 81.75 -105.39 -26.71
CA GLU MA 136 80.31 -108.92 -26.54
CA TYR MA 137 77.44 -108.52 -24.08
CA THR MA 138 76.35 -111.73 -22.34
CA ILE MA 139 72.67 -111.36 -21.42
CA VAL MA 140 70.69 -113.80 -19.29
CA ILE MA 141 66.93 -113.99 -19.88
CA THR MA 142 64.79 -115.96 -17.41
CA PRO MA 143 60.97 -116.27 -17.28
CA HIS MA 144 58.84 -116.11 -14.14
CA SER MA 145 57.55 -119.55 -14.98
CA GLY MA 146 57.84 -121.40 -11.68
CA GLU MA 147 61.41 -122.71 -11.65
CA GLU MA 148 63.25 -123.06 -8.35
CA HIS MA 149 67.01 -123.26 -8.97
CA ALA MA 150 67.51 -119.61 -9.99
CA VAL MA 151 66.49 -117.66 -6.87
CA GLY MA 152 69.65 -116.05 -5.54
CA ASN MA 153 71.72 -117.87 -8.18
CA ASP MA 154 74.18 -117.10 -10.98
CA THR MA 155 74.31 -120.27 -13.11
CA GLY MA 156 70.66 -121.29 -12.58
CA LYS MA 157 69.52 -122.19 -16.08
CA HIS MA 158 65.88 -122.43 -17.03
CA GLY MA 159 66.01 -119.55 -19.50
CA LYS MA 160 68.74 -118.69 -21.99
CA GLU MA 161 72.07 -116.86 -22.13
CA ILE MA 162 72.82 -115.01 -25.36
CA LYS MA 163 76.01 -113.29 -26.50
CA ILE MA 164 75.00 -110.05 -28.23
CA THR MA 165 77.49 -108.79 -30.82
CA PRO MA 166 76.69 -105.20 -31.86
CA GLN MA 167 77.50 -106.01 -35.49
CA SER MA 168 74.46 -108.31 -35.24
CA SER MA 169 71.65 -106.05 -34.04
CA ILE MA 170 68.65 -108.36 -34.45
CA THR MA 171 68.90 -111.73 -32.70
CA GLU MA 172 66.40 -114.46 -31.85
CA ALA MA 173 66.74 -115.92 -28.35
CA GLU MA 174 64.48 -119.00 -28.28
CA LEU MA 175 63.16 -119.16 -24.73
CA THR MA 176 62.10 -122.72 -23.96
CA GLY MA 177 58.38 -123.40 -23.92
CA TYR MA 178 57.49 -119.75 -24.59
CA GLY MA 179 58.99 -119.14 -28.04
CA THR MA 180 61.42 -116.30 -28.66
CA VAL MA 181 61.89 -112.57 -28.10
CA THR MA 182 63.51 -110.35 -30.70
CA MET MA 183 66.75 -108.82 -29.42
CA GLU MA 184 67.48 -105.33 -30.74
CA CYS MA 185 69.78 -104.15 -27.99
CA SER MA 186 72.64 -101.75 -28.67
CA PRO MA 187 75.51 -100.56 -26.45
CA ARG MA 188 76.13 -97.72 -28.92
CA THR MA 189 73.69 -95.41 -27.16
CA GLY MA 190 75.32 -96.16 -23.80
CA LEU MA 191 78.41 -94.43 -22.48
CA ASP MA 192 81.21 -94.10 -25.02
CA PHE MA 193 84.06 -96.56 -24.49
CA ASN MA 194 86.49 -94.12 -26.11
CA GLU MA 195 88.82 -93.39 -23.16
CA MET MA 196 89.20 -96.82 -21.51
CA VAL MA 197 92.43 -98.74 -22.07
CA LEU MA 198 93.85 -101.98 -20.66
CA LEU MA 199 97.51 -102.32 -19.72
CA GLN MA 200 98.56 -105.97 -20.02
CA MET MA 201 101.71 -107.46 -18.49
CA GLU MA 202 102.40 -111.19 -18.81
CA ASN MA 203 98.95 -112.36 -17.65
CA LYS MA 204 97.77 -109.59 -15.28
CA ALA MA 205 96.30 -106.25 -16.29
CA TRP MA 206 94.93 -102.89 -15.21
CA LEU MA 207 92.46 -100.36 -16.58
CA VAL MA 208 93.54 -96.77 -17.18
CA HIS MA 209 92.62 -93.75 -19.29
CA ARG MA 210 93.71 -93.27 -22.90
CA GLN MA 211 95.29 -89.83 -22.56
CA TRP MA 212 97.29 -91.08 -19.58
CA PHE MA 213 98.17 -94.25 -21.48
CA LEU MA 214 99.75 -92.25 -24.30
CA ASP MA 215 101.24 -89.45 -22.18
CA LEU MA 216 103.77 -91.85 -20.64
CA PRO MA 217 107.35 -90.76 -21.53
CA LEU MA 218 108.41 -94.29 -22.42
CA PRO MA 219 109.51 -96.06 -25.62
CA TRP MA 220 106.74 -95.69 -28.15
CA LEU MA 221 106.11 -98.37 -30.81
CA PRO MA 222 103.04 -98.56 -33.09
CA GLY MA 223 100.63 -101.45 -33.33
CA ALA MA 224 101.10 -102.10 -37.04
CA ASP MA 225 104.85 -102.70 -36.91
CA THR MA 226 106.28 -106.01 -35.69
CA GLN MA 227 110.09 -105.80 -35.84
CA GLY MA 228 110.28 -102.71 -33.63
CA SER MA 229 113.02 -101.04 -35.68
CA ASN MA 230 110.67 -98.20 -36.62
CA TRP MA 231 111.16 -96.87 -33.12
CA ILE MA 232 109.74 -93.60 -31.77
CA GLN MA 233 110.35 -91.52 -28.62
CA LYS MA 234 114.02 -92.28 -28.64
CA GLU MA 235 115.41 -90.41 -25.63
CA THR MA 236 113.12 -91.88 -22.95
CA LEU MA 237 115.61 -94.51 -21.73
CA VAL MA 238 118.93 -93.78 -23.45
CA THR MA 239 120.30 -90.99 -21.25
CA PHE MA 240 123.61 -89.88 -22.71
CA LYS MA 241 125.84 -87.95 -20.30
CA ASN MA 242 127.74 -84.79 -21.16
CA PRO MA 243 130.26 -85.94 -23.78
CA HIS MA 244 133.87 -85.50 -22.72
CA ALA MA 245 136.01 -85.69 -25.86
CA LYS MA 246 134.29 -88.64 -27.61
CA LYS MA 247 132.91 -91.22 -25.18
CA GLN MA 248 129.82 -90.54 -23.11
CA ASP MA 249 128.44 -92.93 -20.51
CA VAL MA 250 125.53 -94.08 -22.67
CA VAL MA 251 123.34 -96.30 -20.49
CA VAL MA 252 119.70 -97.29 -20.62
CA LEU MA 253 117.81 -96.69 -17.40
CA GLY MA 254 117.03 -99.71 -15.28
CA SER MA 255 113.94 -101.77 -15.92
CA GLN MA 256 110.85 -99.66 -15.34
CA GLU MA 257 108.76 -102.72 -14.42
CA GLY MA 258 109.06 -102.12 -10.68
CA ALA MA 259 108.67 -98.35 -10.90
CA MET MA 260 105.67 -98.36 -13.22
CA HIS MA 261 104.10 -101.21 -11.27
CA THR MA 262 104.41 -99.14 -8.09
CA ALA MA 263 102.98 -96.07 -9.82
CA LEU MA 264 100.10 -97.94 -11.46
CA THR MA 265 99.21 -99.42 -8.07
CA GLY MA 266 95.90 -98.07 -6.84
CA ALA MA 267 94.36 -98.03 -10.31
CA THR MA 268 91.56 -100.39 -11.36
CA GLU MA 269 93.15 -103.84 -11.41
CA ILE MA 270 91.34 -106.17 -13.83
CA GLN MA 271 91.53 -109.95 -13.57
CA MET MA 272 91.43 -110.11 -17.36
CA SER MA 273 92.22 -113.83 -17.44
CA SER MA 274 88.53 -114.73 -16.94
CA GLY MA 275 87.52 -112.24 -19.64
CA ASN MA 276 87.30 -108.46 -19.99
CA LEU MA 277 84.88 -107.90 -17.11
CA LEU MA 278 84.13 -104.24 -17.75
CA PHE MA 279 82.06 -102.90 -14.85
CA THR MA 280 80.42 -100.03 -16.78
CA GLY MA 281 78.33 -99.37 -19.87
CA HIS MA 282 74.62 -98.92 -20.47
CA LEU MA 283 72.86 -101.39 -22.74
CA LYS MA 284 69.78 -99.88 -24.43
CA CYS MA 285 67.51 -102.79 -25.26
CA ARG MA 286 64.47 -102.54 -27.57
CA LEU MA 287 62.31 -105.64 -27.86
CA ARG MA 288 59.28 -106.87 -29.77
CA MET MA 289 57.78 -109.28 -27.22
CA ASP MA 290 54.68 -110.02 -29.33
CA LYS MA 291 56.39 -113.10 -30.77
CA LEU MA 292 56.78 -114.32 -27.19
CA GLN MA 293 53.80 -116.20 -25.79
CA LEU MA 294 52.84 -118.11 -22.65
CA LYS MA 295 51.98 -121.75 -23.34
CA GLY MA 296 50.81 -122.03 -19.74
CA MET MA 297 48.40 -119.10 -19.64
CA SER MA 298 45.10 -120.64 -20.74
CA TYR MA 299 45.13 -123.92 -18.79
CA SER MA 300 42.07 -124.76 -16.72
CA MET MA 301 41.45 -123.08 -13.38
CA CYS MA 302 42.93 -125.45 -10.84
CA THR MA 303 40.61 -127.21 -8.42
CA GLY MA 304 42.34 -129.56 -6.00
CA LYS MA 305 43.68 -128.90 -2.53
CA PHE MA 306 46.77 -126.72 -2.31
CA LYS MA 307 49.28 -126.37 0.55
CA VAL MA 308 52.38 -124.33 1.44
CA VAL MA 309 55.78 -125.87 2.17
CA LYS MA 310 58.07 -122.99 3.13
CA GLU MA 311 57.00 -119.72 4.73
CA ILE MA 312 57.79 -116.22 3.51
CA ALA MA 313 61.15 -114.53 3.85
CA GLU MA 314 61.47 -110.89 2.83
CA THR MA 315 63.37 -109.76 -0.25
CA GLN MA 316 65.48 -106.64 -0.81
CA HIS MA 317 62.73 -104.81 -2.69
CA GLY MA 318 60.13 -106.38 -0.41
CA THR MA 319 58.24 -108.82 -2.63
CA ILE MA 320 56.25 -111.88 -1.67
CA VAL MA 321 57.94 -115.07 -2.84
CA ILE MA 322 56.25 -118.32 -1.78
CA ARG MA 323 57.20 -121.90 -2.51
CA VAL MA 324 53.89 -123.77 -2.63
CA GLN MA 325 53.02 -127.43 -3.20
CA TYR MA 326 49.91 -128.97 -4.76
CA GLU MA 327 48.66 -132.15 -3.09
CA GLY MA 328 45.52 -132.33 -5.23
CA ASP MA 329 45.06 -133.48 -8.83
CA GLY MA 330 44.33 -132.19 -12.30
CA SER MA 331 47.83 -131.03 -13.20
CA PRO MA 332 48.51 -129.07 -15.38
CA CYS MA 333 46.13 -126.41 -14.03
CA LYS MA 334 45.88 -122.63 -13.67
CA ILE MA 335 46.20 -121.86 -9.96
CA PRO MA 336 44.01 -119.16 -8.36
CA PHE MA 337 46.01 -116.47 -6.61
CA GLU MA 338 44.63 -113.14 -5.39
CA ILE MA 339 45.62 -110.50 -2.83
CA MET MA 340 42.36 -109.49 -1.15
CA ASP MA 341 41.53 -107.05 1.59
CA LEU MA 342 40.95 -108.53 5.03
CA GLU MA 343 37.17 -108.34 4.34
CA LYS MA 344 37.51 -110.09 0.95
CA ARG MA 345 35.74 -107.25 -0.92
CA HIS MA 346 38.29 -105.38 -3.08
CA VAL MA 347 41.76 -106.24 -4.39
CA LEU MA 348 44.85 -104.33 -3.23
CA GLY MA 349 48.09 -105.77 -4.55
CA ARG MA 350 49.64 -106.98 -7.79
CA LEU MA 351 51.12 -110.34 -8.81
CA ILE MA 352 54.21 -110.57 -11.02
CA THR MA 353 53.90 -114.12 -12.33
CA VAL MA 354 50.89 -113.65 -14.58
CA ASN MA 355 48.74 -116.79 -14.58
CA PRO MA 356 51.01 -118.98 -12.43
CA ILE MA 357 51.09 -122.58 -13.59
CA VAL MA 358 51.59 -125.97 -11.95
CA THR MA 359 52.44 -128.51 -14.68
CA GLU MA 360 54.09 -131.09 -12.42
CA LYS MA 361 52.96 -133.16 -9.46
CA ASP MA 362 54.86 -132.99 -6.18
CA SER MA 363 57.13 -130.06 -7.01
CA PRO MA 364 57.78 -126.66 -5.42
CA VAL MA 365 56.12 -123.76 -7.21
CA ASN MA 366 57.45 -120.21 -6.89
CA ILE MA 367 54.74 -117.54 -6.72
CA GLU MA 368 55.73 -113.87 -6.82
CA ALA MA 369 53.73 -110.82 -5.74
CA GLU MA 370 54.10 -107.26 -4.43
CA PRO MA 371 51.50 -105.97 -1.96
CA PRO MA 372 51.26 -102.37 -0.81
CA PHE MA 373 52.28 -101.27 2.68
CA GLY MA 374 49.40 -102.51 4.79
CA ASP MA 375 47.62 -105.55 6.08
CA SER MA 376 46.46 -107.90 3.34
CA TYR MA 377 45.13 -111.42 2.88
CA ILE MA 378 46.72 -113.57 0.18
CA ILE MA 379 43.78 -115.79 -0.81
CA ILE MA 380 44.76 -119.02 -2.55
CA GLY MA 381 42.57 -121.78 -3.94
CA VAL MA 382 38.83 -122.33 -3.82
CA GLU MA 383 36.72 -123.88 -1.09
CA PRO MA 384 36.98 -126.73 -0.07
CA GLY MA 385 40.59 -126.13 0.95
CA GLN MA 386 40.67 -122.35 0.94
CA LEU MA 387 43.99 -120.88 2.08
CA LYS MA 388 44.11 -117.42 3.65
CA LEU MA 389 47.50 -115.91 4.51
CA ASN MA 390 47.67 -112.67 6.46
CA TRP MA 391 50.60 -110.44 5.55
CA PHE MA 392 51.98 -107.01 6.37
CA LYS MA 393 54.94 -105.01 5.06
CA LYS MA 394 56.64 -101.90 6.37
CA GLY MA 395 57.21 -98.55 4.68
CA SER MA 396 55.34 -95.46 3.52
CA SER MA 397 53.31 -95.41 0.32
CA ILE MA 398 54.71 -91.99 -0.59
CA GLY MA 399 58.17 -93.52 -0.20
CA GLN MA 400 57.51 -96.01 -2.97
CA MET MA 401 55.76 -93.36 -5.07
CA ILE MA 402 58.74 -90.98 -5.03
CA GLU MA 403 61.24 -93.84 -5.38
CA THR MA 404 59.55 -95.43 -8.40
CA THR MA 405 58.79 -92.09 -10.07
CA MET MA 406 62.34 -90.78 -9.72
CA ARG MA 407 63.81 -94.12 -10.78
CA GLY MA 408 61.65 -94.13 -13.90
CA ALA MA 409 62.51 -90.49 -14.58
CA LYS MA 410 66.23 -91.27 -14.46
CA ARG MA 411 65.62 -94.36 -16.59
CA MET MA 412 63.87 -92.30 -19.25
CA ALA MA 413 66.50 -89.55 -19.04
CA ILE MA 414 69.29 -92.02 -19.80
CA LEU MA 415 66.91 -93.83 -22.19
CA GLY MA 416 66.25 -90.45 -23.75
CA ASP MA 417 67.61 -88.60 -26.76
CA THR MA 418 67.92 -90.86 -29.83
CA ALA MA 419 66.21 -93.63 -27.77
CA TRP MA 420 62.47 -93.03 -27.40
CA ASP MA 421 60.57 -93.15 -30.67
CA PHE MA 422 60.08 -89.58 -31.89
CA GLY MA 423 60.86 -90.07 -35.58
CA SER MA 424 58.38 -92.91 -36.14
CA LEU MA 425 55.12 -91.44 -37.42
CA GLY MA 426 51.88 -92.99 -36.18
CA GLY MA 427 53.55 -94.33 -33.06
CA VAL MA 428 54.28 -90.82 -31.81
CA PHE MA 429 51.18 -90.82 -29.62
CA THR MA 430 52.14 -94.32 -28.45
CA SER MA 431 55.70 -93.17 -27.75
CA ILE MA 432 54.61 -90.21 -25.63
CA GLY MA 433 52.16 -92.54 -23.88
CA LYS MA 434 55.06 -94.84 -23.07
CA ALA MA 435 57.14 -91.92 -21.79
CA LEU MA 436 54.33 -90.49 -19.65
CA HIS MA 437 53.88 -93.99 -18.29
CA GLN MA 438 57.55 -94.39 -17.40
CA VAL MA 439 57.36 -91.12 -15.39
CA PHE MA 440 53.82 -90.80 -13.96
CA GLY MA 441 52.48 -94.36 -14.08
CA ALA MA 442 53.27 -95.06 -10.46
CA ILE MA 443 51.01 -92.15 -9.54
CA TYR MA 444 48.39 -93.21 -12.07
CA GLY MA 445 48.14 -96.88 -11.11
CA ALA MA 446 48.80 -96.66 -7.37
CA ALA MA 447 47.58 -93.30 -6.07
CA PHE MA 448 44.59 -92.93 -8.40
CA SER MA 449 42.32 -95.79 -7.35
CA GLY MA 450 44.20 -98.81 -8.77
CA VAL MA 451 42.19 -98.53 -11.03
CA SER MA 452 38.81 -99.27 -12.61
CA TRP MA 453 39.67 -97.58 -15.90
CA ILE MA 454 36.18 -96.67 -17.16
CA MET MA 455 35.09 -94.68 -14.12
CA LYS MA 456 38.45 -93.00 -13.65
CA ILE MA 457 38.49 -91.79 -17.26
CA LEU MA 458 35.00 -90.45 -16.62
CA ILE MA 459 36.49 -88.57 -13.66
CA GLY MA 460 39.34 -87.54 -15.94
CA VAL MA 461 37.06 -85.93 -18.49
CA ILE MA 462 35.20 -84.31 -15.58
CA ILE MA 463 38.42 -82.70 -14.29
CA THR MA 464 39.31 -81.63 -17.84
CA TRP MA 465 35.90 -79.98 -18.24
CA ILE MA 466 36.27 -78.19 -14.90
CA GLY MA 467 39.80 -77.11 -15.82
CA MET MA 468 38.93 -75.65 -19.22
CA ASN MA 469 36.00 -73.69 -17.73
CA SER MA 470 37.99 -72.56 -14.68
CA ARG MA 471 38.24 -69.16 -13.02
CA SER MA 472 42.01 -69.04 -13.70
CA THR MA 473 44.07 -69.91 -16.76
CA SER MA 474 47.03 -71.09 -14.68
CA LEU MA 475 44.81 -73.65 -12.96
CA SER MA 476 43.29 -74.51 -16.35
CA VAL MA 477 46.73 -75.38 -17.72
CA SER MA 478 47.72 -77.17 -14.51
CA LEU MA 479 44.58 -79.33 -14.43
CA VAL MA 480 43.73 -80.12 -18.06
CA LEU MA 481 47.28 -81.41 -18.57
CA VAL MA 482 46.78 -83.92 -15.77
CA GLY MA 483 43.33 -84.78 -17.10
CA VAL MA 484 44.50 -85.50 -20.63
CA VAL MA 485 47.40 -87.46 -19.11
CA THR MA 486 44.84 -89.50 -17.19
CA LEU MA 487 42.67 -90.13 -20.24
CA TYR MA 488 45.50 -91.07 -22.63
CA LEU MA 489 47.27 -93.25 -20.07
CA GLY MA 490 43.95 -94.94 -19.28
CA VAL MA 491 43.56 -95.77 -22.94
CA MET MA 492 47.16 -97.00 -22.74
CA VAL MA 493 47.10 -98.93 -19.43
CA GLN MA 494 44.03 -100.75 -20.74
CA ALA MA 495 46.55 -102.32 -23.16
CA PHE NA 1 150.81 -96.38 10.09
CA HIS NA 2 149.32 -99.75 11.06
CA LEU NA 3 148.34 -101.55 7.86
CA THR NA 4 145.27 -103.73 7.31
CA THR NA 5 142.99 -104.54 4.36
CA ARG NA 6 139.42 -103.52 3.58
CA ASN NA 7 137.38 -104.08 0.42
CA GLY NA 8 140.42 -105.85 -1.00
CA GLU NA 9 142.58 -102.73 -0.68
CA PRO NA 10 145.36 -101.74 1.74
CA HIS NA 11 144.40 -99.50 4.63
CA MET NA 12 147.14 -97.77 6.65
CA ILE NA 13 146.26 -95.81 9.79
CA VAL NA 14 148.77 -93.02 10.34
CA SER NA 15 149.34 -90.94 13.46
CA ARG NA 16 151.54 -88.12 14.75
CA GLN NA 17 154.46 -90.57 15.17
CA GLU NA 18 154.88 -90.30 11.38
CA LYS NA 19 153.60 -86.83 10.49
CA GLY NA 20 154.38 -84.83 7.37
CA LYS NA 21 156.90 -87.43 6.19
CA SER NA 22 157.07 -89.88 3.31
CA LEU NA 23 155.14 -93.07 4.03
CA LEU NA 24 157.00 -96.20 2.93
CA PHE NA 25 156.06 -99.88 2.83
CA LYS NA 26 156.81 -103.18 1.12
CA THR NA 27 153.69 -105.03 -0.04
CA GLU NA 28 152.82 -107.69 -2.60
CA ASP NA 29 152.38 -104.96 -5.21
CA GLY NA 30 155.95 -103.82 -4.52
CA VAL NA 31 157.73 -100.86 -2.92
CA ASN NA 32 154.85 -98.60 -1.83
CA MET NA 33 156.05 -94.99 -1.60
CA CYS NA 34 153.12 -92.82 -0.49
CA THR NA 35 153.17 -89.09 0.21
CA LEU NA 36 150.62 -87.95 2.78
CA MET NA 37 150.55 -84.26 1.92
CA ALA NA 38 147.38 -83.63 3.93
CA MET NA 39 146.67 -80.83 6.42
CA ASP NA 40 144.66 -81.71 9.52
CA LEU NA 41 146.81 -84.69 10.52
CA GLY NA 42 147.43 -84.28 14.25
CA GLU NA 43 147.58 -86.87 17.00
CA LEU NA 44 145.17 -89.75 16.56
CA CYS NA 45 141.54 -89.06 17.43
CA GLU NA 46 138.03 -90.51 17.06
CA ASP NA 47 137.03 -88.20 14.19
CA THR NA 48 138.29 -90.79 11.72
CA ILE NA 49 138.70 -89.06 8.36
CA THR NA 50 139.50 -91.49 5.56
CA TYR NA 51 140.93 -91.06 2.08
CA LYS NA 52 141.79 -92.78 -1.17
CA CYS NA 53 145.36 -92.15 -2.16
CA PRO NA 54 144.90 -92.74 -5.92
CA PHE NA 55 147.20 -94.70 -8.19
CA LEU NA 56 149.40 -92.23 -10.06
CA LYS NA 57 152.18 -93.60 -12.25
CA GLN NA 58 154.23 -90.60 -13.44
CA ASN NA 59 151.85 -87.68 -14.05
CA GLU NA 60 151.77 -84.28 -12.32
CA PRO NA 61 149.77 -84.57 -9.07
CA GLU NA 62 147.36 -81.78 -8.24
CA ASP NA 63 144.18 -81.20 -6.24
CA ILE NA 64 144.91 -84.25 -4.07
CA ASP NA 65 145.62 -84.72 -0.38
CA CYS NA 66 147.57 -87.98 -0.49
CA TRP NA 67 148.98 -90.16 -3.26
CA CYS NA 68 151.05 -93.27 -3.88
CA ASN NA 69 153.27 -94.14 -6.83
CA SER NA 70 152.56 -97.90 -6.55
CA THR NA 71 148.83 -98.50 -6.22
CA SER NA 72 145.60 -97.03 -4.93
CA THR NA 73 145.21 -97.34 -1.17
CA TRP NA 74 143.20 -96.25 1.84
CA VAL NA 75 144.58 -93.95 4.51
CA THR NA 76 142.92 -92.65 7.67
CA TYR NA 77 143.63 -90.41 10.63
CA GLY NA 78 142.08 -88.20 13.30
CA THR NA 79 141.37 -84.48 13.53
CA CYS NA 80 141.12 -83.44 17.19
CA THR NA 81 143.63 -81.03 18.69
CA THR NA 82 146.44 -81.97 21.06
CA THR NA 83 144.57 -81.30 24.31
CA GLY NA 84 141.44 -83.15 23.16
CA GLU NA 85 138.25 -81.75 21.66
CA HIS NA 86 135.67 -82.52 18.98
CA ARG NA 87 136.81 -80.01 16.35
CA ARG NA 88 136.94 -76.27 15.61
CA GLU NA 89 133.98 -74.24 16.91
CA LYS NA 90 131.61 -72.23 14.71
CA ARG NA 91 128.38 -70.30 15.14
CA SER NA 92 125.51 -70.71 12.68
CA VAL NA 93 121.77 -71.52 12.25
CA ALA NA 94 119.25 -68.66 12.09
CA LEU NA 95 116.38 -68.71 14.57
CA VAL NA 96 114.41 -66.43 16.87
CA PRO NA 97 111.00 -66.88 18.57
CA HIS NA 98 108.09 -64.60 19.15
CA VAL NA 99 108.28 -62.49 22.31
CA GLY NA 100 106.02 -63.56 25.10
CA MET NA 101 103.07 -62.25 27.04
CA GLY NA 102 102.93 -62.21 30.83
CA LEU NA 103 101.60 -60.52 33.98
CA GLU NA 104 99.08 -58.59 31.85
CA THR NA 105 96.14 -60.97 31.16
CA ARG NA 106 93.81 -60.59 28.17
CA THR NA 107 90.52 -59.01 29.32
CA GLU NA 108 89.36 -55.38 29.47
CA THR NA 109 89.85 -54.39 33.14
CA TRP NA 110 92.07 -52.51 35.65
CA MET NA 111 91.12 -48.92 34.63
CA SER NA 112 94.77 -48.41 33.59
CA SER NA 113 95.85 -45.78 31.08
CA GLU NA 114 97.34 -48.32 28.67
CA GLY NA 115 94.35 -50.64 29.01
CA ALA NA 116 91.88 -47.77 28.76
CA TRP NA 117 93.46 -46.26 25.63
CA LYS NA 118 94.25 -49.58 23.91
CA HIS NA 119 90.67 -49.99 22.71
CA ALA NA 120 90.50 -46.47 21.28
CA GLN NA 121 93.95 -46.81 19.68
CA ARG NA 122 92.87 -50.06 18.04
CA ILE NA 123 89.62 -48.45 16.84
CA GLU NA 124 91.46 -45.57 15.19
CA THR NA 125 94.08 -47.92 13.74
CA TRP NA 126 91.28 -50.00 12.21
CA ILE NA 127 89.64 -46.84 10.87
CA LEU NA 128 92.91 -45.74 9.28
CA ARG NA 129 93.45 -49.21 7.80
CA HIS NA 130 89.76 -49.51 6.77
CA PRO NA 131 88.64 -46.24 5.14
CA GLY NA 132 86.14 -48.04 2.90
CA PHE NA 133 84.27 -49.68 5.76
CA THR NA 134 84.25 -46.34 7.58
CA ILE NA 135 82.68 -44.64 4.54
CA MET NA 136 80.15 -47.46 4.21
CA ALA NA 137 79.17 -47.14 7.87
CA ALA NA 138 78.84 -43.37 7.49
CA ILE NA 139 76.57 -43.83 4.46
CA LEU NA 140 74.41 -46.34 6.34
CA ALA NA 141 74.17 -43.94 9.28
CA TYR NA 142 73.17 -41.13 6.93
CA THR NA 143 70.44 -43.18 5.25
CA ILE NA 144 68.99 -44.77 8.40
CA GLY NA 145 69.54 -41.72 10.59
CA THR NA 146 66.79 -39.11 10.55
CA THR NA 147 68.54 -36.80 13.05
CA HIS NA 148 72.17 -35.70 13.14
CA PHE NA 149 72.54 -37.01 16.70
CA GLN NA 150 71.23 -40.44 15.66
CA ARG NA 151 73.48 -40.23 12.59
CA ALA NA 152 76.61 -39.68 14.67
CA LEU NA 153 75.61 -42.22 17.32
CA ILE NA 154 74.97 -44.94 14.75
CA PHE NA 155 78.21 -44.14 12.90
CA ILE NA 156 80.20 -44.38 16.14
CA LEU NA 157 78.42 -47.61 17.10
CA LEU NA 158 79.15 -49.22 13.73
CA THR NA 159 82.80 -48.13 13.71
CA ALA NA 160 83.27 -49.44 17.27
CA VAL NA 161 81.39 -52.73 16.80
CA ALA NA 162 82.77 -53.82 13.41
CA PRO NA 163 86.35 -54.44 14.70
CA SER NA 164 85.17 -56.19 17.86
CA MET NA 165 83.65 -58.97 15.75
CA THR NA 166 87.12 -59.85 14.44
CA PHE OA 1 165.46 -70.18 -3.47
CA HIS OA 2 166.88 -66.68 -2.86
CA LEU OA 3 167.33 -65.83 0.81
CA THR OA 4 166.59 -62.10 0.59
CA THR OA 5 165.83 -59.54 3.32
CA ARG OA 6 162.17 -58.79 2.62
CA ASN OA 7 160.39 -56.52 5.11
CA GLY OA 8 163.54 -56.89 7.22
CA GLU OA 9 163.20 -60.67 7.59
CA PRO OA 10 164.41 -63.73 5.68
CA HIS OA 11 162.44 -64.41 2.51
CA MET OA 12 162.52 -67.43 0.18
CA ILE OA 13 161.08 -68.21 -3.26
CA VAL OA 14 160.48 -71.95 -3.65
CA SER OA 15 159.49 -73.27 -7.08
CA ARG OA 16 158.15 -76.60 -8.34
CA GLN OA 17 161.49 -78.03 -9.53
CA GLU OA 18 161.74 -79.43 -5.99
CA LYS OA 19 158.51 -80.29 -4.19
CA GLY OA 20 157.22 -82.23 -1.22
CA LYS OA 21 160.66 -82.15 0.42
CA SER OA 22 162.19 -80.16 3.26
CA LEU OA 23 164.37 -77.26 2.16
CA LEU OA 24 167.81 -76.57 3.63
CA PHE OA 25 169.60 -73.23 3.85
CA LYS OA 26 171.90 -71.08 5.97
CA THR OA 27 171.30 -68.01 8.15
CA GLU OA 28 173.14 -66.16 10.90
CA ASP OA 29 171.64 -68.56 13.45
CA GLY OA 30 173.06 -71.56 11.56
CA VAL OA 31 171.76 -74.23 9.23
CA ASN OA 32 167.96 -74.19 8.96
CA MET OA 33 165.83 -77.01 7.57
CA CYS OA 34 162.36 -75.84 6.55
CA THR OA 35 159.16 -77.85 6.20
CA LEU OA 36 156.61 -76.93 3.52
CA MET OA 37 153.32 -78.83 3.75
CA ALA OA 38 151.55 -76.57 1.24
CA MET OA 39 149.63 -79.04 -0.90
CA ASP OA 40 148.42 -76.59 -3.58
CA LEU OA 41 151.88 -75.80 -4.91
CA GLY OA 42 152.74 -75.17 -8.56
CA GLU OA 43 155.60 -73.65 -10.54
CA LEU OA 44 156.71 -70.05 -10.22
CA CYS OA 45 154.73 -67.50 -12.23
CA GLU OA 46 153.02 -64.15 -11.72
CA ASP OA 47 150.40 -65.49 -9.29
CA THR OA 48 152.77 -65.48 -6.34
CA ILE OA 49 151.27 -66.53 -3.01
CA THR OA 50 153.36 -65.52 0.02
CA TYR OA 51 153.65 -66.66 3.66
CA LYS OA 52 155.36 -65.63 6.89
CA CYS OA 53 156.60 -69.03 8.03
CA PRO OA 54 156.34 -69.32 11.84
CA PHE OA 55 158.88 -70.63 14.33
CA LEU OA 56 158.18 -73.85 16.24
CA LYS OA 57 160.44 -75.37 18.91
CA GLN OA 58 158.85 -78.67 20.01
CA ASN OA 59 155.05 -78.31 19.79
CA GLU OA 60 153.10 -80.38 17.30
CA PRO OA 61 152.71 -78.55 13.96
CA GLU OA 62 148.96 -78.15 13.51
CA ASP OA 63 146.89 -76.36 10.86
CA ILE OA 64 149.93 -74.73 9.24
CA ASP OA 65 151.89 -75.39 6.06
CA CYS OA 66 155.36 -74.12 6.87
CA TRP OA 67 157.61 -74.48 9.88
CA CYS OA 68 161.30 -74.67 10.83
CA ASN OA 69 163.27 -75.57 13.98
CA SER OA 70 165.14 -72.30 14.64
CA THR OA 71 163.53 -69.21 13.15
CA SER OA 72 160.65 -67.70 11.19
CA THR OA 73 160.84 -66.56 7.58
CA TRP OA 74 158.83 -65.64 4.47
CA VAL OA 75 158.24 -68.46 1.96
CA THR OA 76 156.51 -67.76 -1.36
CA TYR OA 77 155.66 -69.71 -4.49
CA GLY OA 78 153.61 -69.66 -7.65
CA THR OA 79 150.33 -71.46 -8.26
CA CYS OA 80 150.15 -71.76 -12.05
CA THR OA 81 149.16 -75.18 -13.38
CA THR OA 82 151.14 -77.21 -15.91
CA THR OA 83 150.04 -75.03 -18.82
CA GLY OA 84 151.40 -72.01 -16.93
CA GLU OA 85 148.04 -70.26 -16.51
CA HIS OA 86 146.37 -68.66 -13.49
CA ARG OA 87 143.76 -70.19 -11.21
CA ARG OA 88 140.62 -71.50 -12.87
CA GLU OA 89 137.04 -72.21 -11.78
CA LYS OA 90 133.42 -71.28 -12.48
CA ARG OA 91 130.78 -69.93 -12.06
CA SER OA 92 129.36 -66.69 -10.63
CA VAL OA 93 125.88 -65.20 -11.05
CA ALA OA 94 124.53 -62.39 -13.23
CA LEU OA 95 120.91 -61.25 -13.13
CA VAL OA 96 119.00 -62.44 -16.19
CA PRO OA 97 118.01 -59.43 -18.36
CA HIS OA 98 114.76 -58.70 -20.17
CA VAL OA 99 113.00 -55.91 -22.06
CA GLY OA 100 111.09 -53.04 -20.49
CA MET OA 101 111.45 -51.58 -17.00
CA GLY OA 102 109.61 -53.64 -14.42
CA LEU OA 103 108.87 -51.41 -11.42
CA GLU OA 104 105.37 -52.36 -10.33
CA THR OA 105 105.86 -55.47 -8.15
CA ARG OA 106 107.86 -55.97 -4.96
CA THR OA 107 107.46 -57.60 -1.53
CA GLU OA 108 105.96 -61.02 -0.81
CA THR OA 109 102.42 -61.83 0.30
CA TRP OA 110 100.78 -62.42 3.66
CA MET OA 111 98.27 -65.17 2.94
CA SER OA 112 95.47 -64.17 5.33
CA SER OA 113 95.45 -60.41 4.79
CA GLU OA 114 95.94 -60.59 1.03
CA GLY OA 115 93.29 -63.30 0.73
CA ALA OA 116 90.89 -61.07 2.66
CA TRP OA 117 91.70 -58.04 0.49
CA LYS OA 118 91.81 -59.97 -2.81
CA HIS OA 119 88.17 -59.11 -3.55
CA ALA OA 120 88.63 -55.42 -2.75
CA GLN OA 121 91.76 -55.15 -4.90
CA ARG OA 122 90.36 -57.30 -7.72
CA ILE OA 123 87.19 -55.22 -8.10
CA GLU OA 124 89.32 -52.07 -8.38
CA THR OA 125 91.76 -53.52 -10.89
CA TRP OA 126 88.95 -54.98 -13.00
CA ILE OA 127 86.75 -51.88 -12.93
CA LEU OA 128 89.74 -49.76 -13.93
CA ARG OA 129 90.93 -52.13 -16.67
CA HIS OA 130 87.55 -52.29 -18.48
CA PRO OA 131 85.97 -48.82 -18.78
CA GLY OA 132 83.77 -50.10 -21.62
CA PHE OA 133 82.00 -52.56 -19.36
CA THR OA 134 81.83 -49.79 -16.76
CA ILE OA 135 79.84 -47.74 -19.26
CA MET OA 136 77.53 -50.60 -20.21
CA ALA OA 137 76.87 -51.57 -16.59
CA ALA OA 138 76.21 -47.94 -15.69
CA ILE OA 139 73.75 -47.56 -18.58
CA LEU OA 140 71.92 -50.76 -17.65
CA ALA OA 141 71.69 -49.66 -14.01
CA TYR OA 142 70.44 -46.24 -15.10
CA THR OA 143 67.66 -47.77 -17.20
CA ILE OA 144 66.55 -50.51 -14.82
CA GLY OA 145 66.73 -48.64 -11.52
CA THR OA 146 63.56 -46.57 -11.06
CA THR OA 147 64.95 -44.43 -8.22
CA HIS OA 148 68.50 -43.41 -7.40
CA PHE OA 149 69.44 -46.01 -4.80
CA GLN OA 150 68.16 -48.89 -6.93
CA ARG OA 151 70.40 -47.59 -9.71
CA ALA OA 152 73.44 -47.43 -7.44
CA LEU OA 153 72.67 -50.85 -5.97
CA ILE OA 154 72.39 -52.57 -9.34
CA PHE OA 155 75.55 -50.80 -10.49
CA ILE OA 156 77.66 -51.90 -7.52
CA LEU OA 157 76.31 -55.48 -7.62
CA LEU OA 158 77.19 -55.85 -11.31
CA THR OA 159 80.62 -54.33 -10.77
CA ALA OA 160 81.22 -56.87 -7.99
CA VAL OA 161 79.84 -59.78 -10.01
CA ALA OA 162 81.84 -59.14 -13.18
CA PRO OA 163 85.30 -60.10 -11.81
CA SER OA 164 83.86 -63.14 -10.01
CA MET OA 165 82.53 -64.87 -13.14
CA THR OA 166 85.98 -64.52 -14.72
CA PHE PA 1 143.97 -107.39 -29.96
CA HIS PA 2 141.89 -108.50 -32.97
CA LEU PA 3 142.34 -106.12 -35.91
CA THR PA 4 139.78 -105.56 -38.67
CA THR PA 5 139.35 -102.95 -41.42
CA ARG PA 6 136.18 -100.87 -41.15
CA ASN PA 7 135.51 -97.53 -42.86
CA GLY PA 8 139.01 -97.68 -44.34
CA GLU PA 9 140.53 -97.59 -40.83
CA PRO PA 10 141.67 -100.28 -38.38
CA HIS PA 11 139.27 -101.48 -35.70
CA MET PA 12 140.71 -103.14 -32.58
CA ILE PA 13 138.75 -105.57 -30.43
CA VAL PA 14 140.19 -106.04 -26.94
CA SER PA 15 139.09 -108.29 -24.08
CA ARG PA 16 139.82 -108.23 -20.37
CA GLN PA 17 142.25 -111.14 -20.84
CA GLU PA 18 144.76 -108.36 -21.65
CA LYS PA 19 143.38 -105.96 -19.05
CA GLY PA 20 145.72 -103.43 -17.47
CA LYS PA 21 148.52 -103.83 -20.01
CA SER PA 22 149.68 -101.55 -22.80
CA LEU PA 23 148.41 -102.23 -26.31
CA LEU PA 24 151.45 -103.63 -28.13
CA PHE PA 25 151.46 -105.32 -31.54
CA LYS PA 26 153.11 -105.12 -34.96
CA THR PA 27 151.65 -104.35 -38.40
CA GLU PA 28 152.84 -102.87 -41.68
CA ASP PA 29 151.93 -99.35 -40.52
CA GLY PA 30 154.91 -99.52 -38.16
CA VAL PA 31 155.74 -100.27 -34.54
CA ASN PA 32 152.25 -99.47 -33.22
CA MET PA 33 152.91 -98.82 -29.56
CA CYS PA 34 149.61 -97.93 -27.91
CA THR PA 35 147.95 -97.78 -24.50
CA LEU PA 36 144.48 -98.22 -23.00
CA MET PA 37 144.08 -96.50 -19.66
CA ALA PA 38 140.42 -96.20 -18.62
CA MET PA 39 139.12 -98.79 -16.15
CA ASP PA 40 135.60 -99.03 -17.59
CA LEU PA 41 136.61 -102.29 -19.31
CA GLY PA 42 134.43 -105.32 -18.70
CA GLU PA 43 134.60 -108.87 -19.97
CA LEU PA 44 133.83 -109.83 -23.55
CA CYS PA 45 130.08 -109.65 -24.11
CA GLU PA 46 127.55 -108.13 -26.51
CA ASP PA 47 127.74 -104.63 -24.99
CA THR PA 48 130.39 -103.39 -27.39
CA ILE PA 49 131.74 -99.86 -26.92
CA THR PA 50 134.06 -98.20 -29.45
CA TYR PA 51 136.69 -95.45 -29.67
CA LYS PA 52 139.09 -93.74 -32.00
CA CYS PA 53 142.60 -93.66 -30.54
CA PRO PA 54 144.39 -90.49 -31.71
CA PHE PA 55 147.92 -90.24 -33.08
CA LEU PA 56 150.76 -88.64 -31.14
CA LYS PA 57 152.78 -85.80 -32.62
CA GLN PA 58 154.39 -84.28 -29.51
CA ASN PA 59 151.79 -83.90 -26.75
CA GLU PA 60 151.54 -85.86 -23.53
CA PRO PA 61 148.65 -88.37 -23.50
CA GLU PA 62 145.64 -86.34 -22.46
CA ASP PA 63 141.88 -85.94 -23.01
CA ILE PA 64 141.43 -89.48 -24.43
CA ASP PA 65 141.18 -92.83 -22.66
CA CYS PA 66 143.29 -94.54 -25.32
CA TRP PA 67 146.54 -93.24 -26.81
CA CYS PA 68 148.51 -94.57 -29.79
CA ASN PA 69 151.66 -93.01 -31.24
CA SER PA 70 152.11 -94.61 -34.68
CA THR PA 71 148.74 -94.49 -36.47
CA SER PA 72 145.19 -93.56 -35.48
CA THR PA 73 143.15 -96.69 -34.81
CA TRP PA 74 139.74 -97.57 -33.39
CA VAL PA 75 139.64 -99.60 -30.18
CA THR PA 76 136.46 -101.32 -29.00
CA TYR PA 77 135.78 -103.64 -26.07
CA GLY PA 78 133.16 -104.83 -23.60
CA THR PA 79 131.75 -102.96 -20.62
CA CYS PA 80 129.31 -105.33 -18.92
CA THR PA 81 129.92 -106.07 -15.25
CA THR PA 82 131.66 -109.29 -14.24
CA THR PA 83 128.35 -111.07 -13.57
CA GLY PA 84 127.39 -110.90 -17.26
CA GLU PA 85 124.86 -108.08 -16.72
CA HIS PA 86 124.65 -104.91 -18.79
CA ARG PA 87 125.23 -101.55 -17.16
CA ARG PA 88 122.22 -99.90 -15.60
CA GLU PA 89 121.17 -97.14 -13.19
CA LYS PA 90 118.44 -97.20 -10.57
CA ARG PA 91 116.87 -93.89 -11.59
CA SER PA 92 113.23 -94.12 -12.69
CA VAL PA 93 110.58 -92.02 -14.47
CA ALA PA 94 106.79 -92.18 -14.18
CA LEU PA 95 103.86 -90.03 -13.01
CA VAL PA 96 100.72 -90.13 -10.85
CA PRO PA 97 97.93 -92.33 -12.31
CA HIS PA 98 95.25 -91.82 -9.63
CA VAL PA 99 92.86 -89.13 -10.89
CA GLY PA 100 92.49 -87.50 -14.28
CA MET PA 101 89.38 -86.56 -16.29
CA GLY PA 102 88.84 -83.31 -18.20
CA LEU PA 103 86.00 -83.69 -20.70
CA GLU PA 104 84.24 -86.86 -21.91
CA THR PA 105 80.96 -88.54 -22.80
CA ARG PA 106 78.37 -88.34 -25.48
CA THR PA 107 77.41 -84.87 -26.69
CA GLU PA 108 73.87 -83.80 -25.69
CA THR PA 109 72.13 -86.01 -23.11
CA TRP PA 110 75.27 -85.75 -21.03
CA MET PA 111 75.28 -82.01 -21.68
CA SER PA 112 71.68 -81.57 -20.52
CA SER PA 113 71.87 -83.97 -17.57
CA GLU PA 114 75.24 -82.86 -16.22
CA GLY PA 115 74.33 -79.22 -16.78
CA ALA PA 116 71.19 -79.68 -14.70
CA TRP PA 117 73.04 -81.60 -11.98
CA LYS PA 118 76.14 -79.38 -11.86
CA HIS PA 119 74.04 -76.23 -11.70
CA ALA PA 120 71.83 -77.88 -9.07
CA GLN PA 121 74.75 -78.90 -6.86
CA ARG PA 122 76.60 -75.59 -7.36
CA ILE PA 123 73.58 -73.47 -6.47
CA GLU PA 124 72.62 -75.85 -3.66
CA THR PA 125 76.11 -75.62 -2.16
CA TRP PA 126 75.91 -71.82 -2.42
CA ILE PA 127 72.54 -71.97 -0.62
CA LEU PA 128 73.64 -74.34 2.18
CA ARG PA 129 77.35 -73.54 2.42
CA HIS PA 130 76.27 -69.90 3.02
CA PRO PA 131 72.58 -69.90 3.99
CA GLY PA 132 71.89 -66.63 5.81
CA PHE PA 133 72.91 -64.48 2.86
CA THR PA 134 70.23 -66.26 0.84
CA ILE PA 135 67.30 -65.56 3.16
CA MET PA 136 68.40 -61.98 3.84
CA ALA PA 137 68.70 -61.34 0.10
CA ALA PA 138 65.30 -62.92 -0.51
CA ILE PA 139 63.53 -60.76 2.06
CA LEU PA 140 65.43 -57.66 0.90
CA ALA PA 141 64.31 -58.28 -2.69
CA TYR PA 142 60.72 -58.96 -1.67
CA THR PA 143 60.70 -55.68 0.27
CA ILE PA 144 62.57 -53.48 -2.23
CA GLY PA 145 61.98 -54.71 -5.77
CA THR PA 146 58.99 -53.04 -7.40
CA THR PA 147 58.08 -55.88 -9.79
CA HIS PA 148 58.46 -59.63 -9.47
CA PHE PA 149 60.94 -59.51 -12.36
CA GLN PA 150 62.93 -56.83 -10.53
CA ARG PA 151 62.77 -58.79 -7.27
CA ALA PA 152 63.96 -61.89 -9.13
CA LEU PA 153 66.93 -59.94 -10.46
CA ILE PA 154 67.70 -58.61 -6.97
CA PHE PA 155 67.84 -61.82 -4.99
CA ILE PA 156 69.18 -64.06 -7.78
CA LEU PA 157 72.07 -61.62 -8.27
CA LEU PA 158 72.67 -61.30 -4.53
CA THR PA 159 72.71 -65.09 -4.13
CA ALA PA 160 75.11 -65.30 -7.07
CA VAL PA 161 77.58 -62.72 -5.74
CA ALA PA 162 77.53 -63.16 -1.95
CA PRO PA 163 78.86 -66.75 -1.65
CA SER PA 164 81.60 -65.92 -4.14
CA MET PA 165 82.26 -62.72 -2.18
CA THR PA 166 82.21 -64.66 1.09
CA MET QA 1 -87.21 -45.86 84.76
CA ARG QA 2 -86.03 -44.96 88.25
CA CYS QA 3 -83.73 -42.00 87.76
CA ILE QA 4 -85.68 -38.74 87.53
CA GLY QA 5 -84.38 -35.59 89.21
CA ILE QA 6 -80.81 -36.85 89.61
CA SER QA 7 -78.68 -34.12 88.07
CA ASN QA 8 -75.85 -36.36 86.83
CA ARG QA 9 -77.56 -38.64 84.30
CA ASP QA 10 -74.88 -40.10 82.03
CA PHE QA 11 -75.64 -41.65 78.66
CA VAL QA 12 -74.26 -44.47 76.51
CA GLU QA 13 -75.64 -43.81 73.00
CA GLY QA 14 -74.84 -47.08 71.26
CA VAL QA 15 -73.36 -50.57 71.49
CA SER QA 16 -70.93 -52.71 69.48
CA GLY QA 17 -70.61 -56.41 68.76
CA GLY QA 18 -68.35 -57.09 71.74
CA SER QA 19 -70.80 -55.20 73.99
CA TRP QA 20 -68.15 -55.04 76.73
CA VAL QA 21 -69.27 -51.61 77.90
CA ASP QA 22 -67.33 -50.36 80.93
CA ILE QA 23 -69.77 -48.09 82.71
CA VAL QA 24 -68.62 -45.30 84.99
CA LEU QA 25 -70.63 -44.85 88.17
CA GLU QA 26 -70.50 -42.34 91.00
CA HIS QA 27 -72.51 -41.28 94.05
CA GLY QA 28 -75.68 -39.38 93.22
CA SER QA 29 -75.39 -40.04 89.48
CA CYS QA 30 -77.36 -42.46 87.32
CA VAL QA 31 -76.39 -44.09 84.04
CA THR QA 32 -78.45 -45.09 81.00
CA THR QA 33 -77.32 -47.87 78.68
CA MET QA 34 -78.65 -48.08 75.13
CA ALA QA 35 -78.33 -51.00 72.74
CA LYS QA 36 -79.62 -51.51 69.21
CA ASN QA 37 -82.80 -53.59 69.48
CA LYS QA 38 -81.86 -54.79 72.97
CA PRO QA 39 -83.42 -53.88 76.34
CA THR QA 40 -82.33 -50.48 77.60
CA LEU QA 41 -80.96 -50.42 81.14
CA ASP QA 42 -80.63 -47.95 84.00
CA PHE QA 43 -77.73 -48.45 86.42
CA GLU QA 44 -77.25 -46.90 89.84
CA LEU QA 45 -75.49 -47.47 93.14
CA ILE QA 46 -78.11 -47.10 95.86
CA LYS QA 47 -75.95 -47.63 98.95
CA THR QA 48 -72.23 -47.88 99.73
CA GLU QA 49 -71.36 -49.75 102.92
CA ALA QA 50 -68.24 -51.28 104.45
CA LYS QA 51 -69.64 -54.11 106.54
CA GLN QA 52 -67.73 -55.35 109.59
CA PRO QA 53 -65.34 -52.38 109.91
CA ALA QA 54 -62.22 -52.71 112.04
CA THR QA 55 -61.63 -50.74 115.25
CA LEU QA 56 -58.53 -48.54 115.46
CA ARG QA 57 -58.61 -46.58 118.72
CA LYS QA 58 -61.29 -45.48 121.18
CA TYR QA 59 -61.44 -41.99 122.68
CA CYS QA 60 -62.96 -41.04 126.03
CA ILE QA 61 -65.69 -38.41 126.33
CA GLU QA 62 -67.18 -38.34 129.86
CA ALA QA 63 -65.11 -39.09 132.94
CA LYS QA 64 -66.38 -40.55 136.17
CA LEU QA 65 -63.75 -40.69 138.91
CA THR QA 66 -63.33 -41.94 142.47
CA ASN QA 67 -60.87 -42.97 145.16
CA THR QA 68 -59.04 -39.65 144.83
CA THR QA 69 -56.36 -39.24 147.49
CA THR QA 70 -53.66 -36.77 148.49
CA ASP QA 71 -50.65 -38.12 150.38
CA SER QA 72 -47.65 -36.07 151.38
CA ARG QA 73 -44.55 -36.00 153.57
CA CYS QA 74 -42.65 -33.24 155.31
CA PRO QA 75 -39.79 -31.67 153.32
CA THR QA 76 -36.59 -33.75 153.50
CA GLN QA 77 -38.57 -37.04 153.65
CA GLY QA 78 -38.94 -37.79 149.94
CA GLU QA 79 -42.29 -37.69 148.19
CA PRO QA 80 -44.26 -40.70 149.47
CA SER QA 81 -44.87 -43.83 147.43
CA LEU QA 82 -48.40 -45.23 147.26
CA ASN QA 83 -50.00 -48.54 146.46
CA GLU QA 84 -52.46 -46.36 144.54
CA GLU QA 85 -49.96 -44.99 142.04
CA GLN QA 86 -48.28 -48.23 140.95
CA ASP QA 87 -51.32 -49.41 138.94
CA LYS QA 88 -52.18 -48.09 135.48
CA ARG QA 89 -55.88 -48.21 136.43
CA PHE QA 90 -55.41 -44.81 138.12
CA VAL QA 91 -54.19 -41.41 136.93
CA CYS QA 92 -51.63 -39.51 138.96
CA LYS QA 93 -49.14 -36.75 139.49
CA HIS QA 94 -46.47 -35.54 141.90
CA SER QA 95 -46.16 -31.87 142.79
CA MET QA 96 -44.21 -29.49 145.01
CA VAL QA 97 -45.79 -27.18 147.61
CA ASP QA 98 -44.50 -24.92 150.37
CA ARG QA 99 -45.55 -26.59 153.60
CA GLY QA 100 -45.20 -23.99 156.35
CA TRP QA 101 -44.19 -24.32 159.98
CA GLY QA 102 -47.79 -24.33 161.22
CA ASN QA 103 -48.75 -26.93 158.64
CA GLY QA 104 -48.43 -30.18 160.54
CA CYS QA 105 -44.70 -30.72 160.15
CA GLY QA 106 -43.14 -27.66 161.72
CA LEU QA 107 -40.26 -27.21 159.33
CA PHE QA 108 -41.19 -24.73 156.62
CA GLY QA 109 -40.01 -25.63 153.15
CA LYS QA 110 -41.05 -26.94 149.76
CA GLY QA 111 -41.89 -30.64 149.72
CA GLY QA 112 -43.60 -33.29 147.63
CA ILE QA 113 -47.25 -34.27 147.43
CA VAL QA 114 -48.63 -37.23 145.49
CA THR QA 115 -52.21 -36.78 144.31
CA CYS QA 116 -54.41 -39.27 142.46
CA ALA QA 117 -57.58 -41.10 141.70
CA MET QA 118 -59.32 -43.80 139.72
CA PHE QA 119 -60.35 -42.98 136.16
CA THR QA 120 -63.09 -44.95 134.42
CA CYS QA 121 -65.24 -43.03 131.94
CA LYS QA 122 -68.73 -43.54 130.68
CA LYS QA 123 -69.24 -42.35 127.08
CA ASN QA 124 -66.54 -43.08 124.52
CA MET QA 125 -65.95 -42.63 120.82
CA LYS QA 126 -65.78 -45.47 118.33
CA GLY QA 127 -62.84 -44.98 115.97
CA LYS QA 128 -62.80 -47.26 112.96
CA VAL QA 129 -60.81 -47.92 109.79
CA VAL QA 130 -62.08 -49.13 106.42
CA GLN QA 131 -59.93 -51.26 104.10
CA PRO QA 132 -60.39 -51.81 100.34
CA GLU QA 133 -61.43 -55.41 101.06
CA ASN QA 134 -64.46 -54.48 103.14
CA LEU QA 135 -65.92 -52.10 100.53
CA GLU QA 136 -69.36 -53.49 99.73
CA TYR QA 137 -71.34 -51.76 96.98
CA THR QA 138 -75.06 -52.15 96.36
CA ILE QA 139 -75.95 -51.86 92.68
CA VAL QA 140 -79.48 -51.32 91.35
CA ILE QA 141 -80.35 -52.46 87.82
CA THR QA 142 -83.63 -51.45 86.20
CA PRO QA 143 -85.35 -51.95 82.83
CA HIS QA 144 -87.18 -49.18 80.95
CA SER QA 145 -90.52 -50.96 81.14
CA GLY QA 146 -92.18 -47.67 82.07
CA GLU QA 147 -93.94 -48.90 85.21
CA GLU QA 148 -95.84 -46.13 86.94
CA HIS QA 149 -94.02 -45.98 90.30
CA ALA QA 150 -90.71 -45.23 88.60
CA VAL QA 151 -90.42 -41.43 88.63
CA GLY QA 152 -88.82 -40.49 91.94
CA ASN QA 153 -88.72 -44.09 93.19
CA ASP QA 154 -85.54 -45.93 94.16
CA THR QA 155 -86.11 -49.13 96.14
CA GLY QA 156 -89.41 -50.09 94.48
CA LYS QA 157 -89.71 -53.78 93.64
CA HIS QA 158 -89.33 -53.42 89.88
CA GLY QA 159 -85.65 -54.14 89.23
CA LYS QA 160 -82.78 -56.05 90.80
CA GLU QA 161 -80.35 -55.31 93.62
CA ILE QA 162 -76.94 -56.98 93.71
CA LYS QA 163 -74.37 -57.07 96.52
CA ILE QA 164 -71.12 -56.43 94.66
CA THR QA 165 -67.66 -56.51 96.22
CA PRO QA 166 -64.10 -56.68 94.83
CA GLN QA 167 -63.78 -60.05 96.58
CA SER QA 168 -66.42 -61.23 94.07
CA SER QA 169 -65.84 -61.14 90.31
CA ILE QA 170 -68.69 -62.85 88.39
CA THR QA 171 -72.32 -63.35 89.35
CA GLU QA 172 -75.40 -63.59 87.16
CA ALA QA 173 -78.44 -61.45 87.98
CA GLU QA 174 -81.98 -61.82 86.69
CA LEU QA 175 -84.08 -58.95 85.32
CA THR QA 176 -87.65 -60.23 85.37
CA GLY QA 177 -89.18 -60.18 81.92
CA TYR QA 178 -85.90 -59.21 80.26
CA GLY QA 179 -83.56 -62.11 81.02
CA THR QA 180 -80.05 -62.19 82.46
CA VAL QA 181 -77.21 -59.73 83.01
CA THR QA 182 -73.80 -60.78 84.26
CA MET QA 183 -72.15 -58.84 87.08
CA GLU QA 184 -68.58 -59.40 85.92
CA CYS QA 185 -67.84 -56.07 87.55
CA SER QA 186 -64.54 -54.60 88.76
CA PRO QA 187 -64.67 -52.19 91.72
CA ARG QA 188 -61.10 -51.02 91.27
CA THR QA 189 -61.00 -47.28 91.78
CA GLY QA 190 -61.02 -46.59 95.50
CA LEU QA 191 -59.98 -42.95 95.87
CA ASP QA 192 -57.79 -43.21 98.98
CA PHE QA 193 -58.05 -44.93 102.35
CA ASN QA 194 -54.80 -44.51 104.32
CA GLU QA 195 -55.78 -41.06 105.64
CA MET QA 196 -59.52 -41.44 106.24
CA VAL QA 197 -61.13 -42.68 109.45
CA LEU QA 198 -64.69 -43.25 110.59
CA LEU QA 199 -66.03 -42.04 113.95
CA GLN QA 200 -69.24 -43.13 115.69
CA MET QA 201 -71.10 -41.62 118.67
CA GLU QA 202 -74.12 -43.61 119.89
CA ASN QA 203 -76.42 -42.70 116.99
CA LYS QA 204 -74.34 -40.55 114.63
CA ALA QA 205 -71.08 -40.74 112.68
CA TRP QA 206 -68.42 -38.68 110.95
CA LEU QA 207 -65.48 -39.04 108.56
CA VAL QA 208 -62.16 -37.37 109.36
CA HIS QA 209 -58.52 -37.50 108.33
CA ARG QA 210 -56.28 -39.91 110.22
CA GLN QA 211 -53.91 -37.19 111.43
CA TRP QA 212 -56.84 -35.64 113.27
CA PHE QA 213 -57.16 -38.76 115.41
CA LEU QA 214 -53.39 -39.08 115.72
CA ASP QA 215 -53.10 -35.55 117.14
CA LEU QA 216 -56.30 -34.94 119.09
CA PRO QA 217 -55.36 -34.68 122.82
CA LEU QA 218 -57.90 -36.88 124.56
CA PRO QA 219 -57.65 -40.25 126.33
CA TRP QA 220 -56.73 -43.32 124.26
CA LEU QA 221 -57.53 -46.99 124.05
CA PRO QA 222 -55.74 -49.14 121.44
CA GLY QA 223 -58.12 -51.36 119.53
CA ALA QA 224 -56.79 -54.56 121.10
CA ASP QA 225 -57.68 -53.77 124.72
CA THR QA 226 -61.07 -54.74 126.13
CA GLN QA 227 -60.92 -54.06 129.89
CA GLY QA 228 -60.97 -50.28 129.47
CA SER QA 229 -58.37 -49.93 132.23
CA ASN QA 230 -55.13 -49.02 130.44
CA TRP QA 231 -55.16 -45.53 128.93
CA ILE QA 232 -52.62 -43.27 127.22
CA GLN QA 233 -52.50 -39.48 127.52
CA LYS QA 234 -55.03 -40.01 130.30
CA GLU QA 235 -53.85 -36.88 132.13
CA THR QA 236 -55.33 -34.41 129.63
CA LEU QA 237 -58.91 -34.68 130.89
CA VAL QA 238 -57.98 -34.25 134.55
CA THR QA 239 -57.03 -30.65 135.23
CA PHE QA 240 -55.73 -29.92 138.71
CA LYS QA 241 -56.64 -26.89 140.76
CA ASN QA 242 -53.54 -25.10 141.95
CA PRO QA 243 -51.96 -27.07 144.82
CA HIS QA 244 -53.22 -26.00 148.23
CA ALA QA 245 -50.78 -27.15 150.91
CA LYS QA 246 -52.13 -30.68 151.41
CA LYS QA 247 -55.41 -30.26 149.56
CA GLN QA 248 -55.09 -31.08 145.90
CA ASP QA 249 -58.53 -31.70 144.45
CA VAL QA 250 -58.72 -33.17 140.97
CA VAL QA 251 -61.35 -32.19 138.41
CA VAL QA 252 -61.90 -33.26 134.81
CA LEU QA 253 -63.50 -31.79 131.70
CA GLY QA 254 -67.23 -32.36 131.51
CA SER QA 255 -69.54 -32.96 128.58
CA GLN QA 256 -67.35 -32.91 125.48
CA GLU QA 257 -70.16 -33.92 123.11
CA GLY QA 258 -71.05 -30.26 122.59
CA ALA QA 259 -67.40 -29.38 122.05
CA MET QA 260 -67.08 -32.20 119.55
CA HIS QA 261 -70.23 -31.15 117.68
CA THR QA 262 -69.25 -27.47 117.45
CA ALA QA 263 -65.59 -28.14 116.58
CA LEU QA 264 -65.91 -31.14 114.25
CA THR QA 265 -68.49 -29.26 112.16
CA GLY QA 266 -67.31 -28.73 108.60
CA ALA QA 267 -66.03 -32.30 108.29
CA THR QA 268 -67.87 -34.92 106.25
CA GLU QA 269 -71.03 -35.84 108.15
CA ILE QA 270 -72.25 -39.36 107.36
CA GLN QA 271 -75.82 -40.41 108.13
CA MET QA 272 -75.03 -43.74 109.76
CA SER QA 273 -78.68 -44.09 110.82
CA SER QA 274 -79.40 -45.34 107.30
CA GLY QA 275 -75.99 -47.03 107.28
CA ASN QA 276 -72.66 -45.54 106.31
CA LEU QA 277 -73.08 -43.77 102.96
CA LEU QA 278 -69.41 -43.58 101.91
CA PHE QA 279 -69.28 -40.83 99.27
CA THR QA 280 -65.84 -41.79 97.95
CA GLY QA 281 -64.35 -43.38 94.88
CA HIS QA 282 -65.83 -44.24 91.49
CA LEU QA 283 -67.02 -47.59 90.15
CA LYS QA 284 -65.54 -48.92 86.90
CA CYS QA 285 -67.92 -51.73 86.03
CA ARG QA 286 -67.64 -53.92 82.92
CA LEU QA 287 -70.96 -55.25 81.60
CA ARG QA 288 -71.67 -57.54 78.64
CA MET QA 289 -75.26 -57.30 77.39
CA ASP QA 290 -74.96 -60.22 74.95
CA LYS QA 291 -77.41 -62.51 76.81
CA LEU QA 292 -80.12 -59.99 77.78
CA GLN QA 293 -83.39 -60.75 76.02
CA LEU QA 294 -86.17 -58.29 75.15
CA LYS QA 295 -89.82 -59.34 75.60
CA GLY QA 296 -92.10 -57.60 73.15
CA MET QA 297 -90.27 -56.67 69.95
CA SER QA 298 -92.36 -59.41 68.32
CA TYR QA 299 -95.68 -58.07 69.61
CA SER QA 300 -98.30 -56.75 67.21
CA MET QA 301 -98.95 -53.09 66.51
CA CYS QA 302 -101.24 -51.05 68.77
CA THR QA 303 -104.47 -50.06 66.99
CA GLY QA 304 -106.86 -48.86 69.71
CA LYS QA 305 -107.70 -45.67 71.56
CA PHE QA 306 -104.87 -43.52 72.87
CA LYS QA 307 -104.99 -40.95 75.66
CA VAL QA 308 -102.58 -38.91 77.79
CA VAL QA 309 -102.97 -38.56 81.55
CA LYS QA 310 -100.18 -36.17 82.56
CA GLU QA 311 -97.99 -33.97 80.38
CA ILE QA 312 -94.18 -33.77 80.52
CA ALA QA 313 -92.56 -33.39 83.91
CA GLU QA 314 -89.63 -31.44 82.51
CA THR QA 315 -86.29 -32.97 83.50
CA GLN QA 316 -82.85 -31.47 83.98
CA HIS QA 317 -81.98 -32.78 80.49
CA GLY QA 318 -85.31 -31.73 78.97
CA THR QA 319 -86.20 -35.37 78.39
CA ILE QA 320 -89.86 -36.12 77.68
CA VAL QA 321 -91.32 -38.49 80.27
CA ILE QA 322 -94.83 -39.21 79.05
CA ARG QA 323 -97.07 -41.02 81.57
CA VAL QA 324 -99.71 -42.23 79.16
CA GLN QA 325 -102.67 -44.62 79.39
CA TYR QA 326 -103.98 -46.68 76.45
CA GLU QA 327 -107.61 -47.68 76.90
CA GLY QA 328 -107.45 -49.45 73.55
CA ASP QA 329 -107.54 -53.23 73.44
CA GLY QA 330 -105.06 -55.62 71.81
CA SER QA 331 -102.32 -55.35 74.45
CA PRO QA 332 -99.52 -56.39 74.41
CA CYS QA 333 -98.67 -54.32 71.33
CA LYS QA 334 -96.00 -51.99 70.00
CA ILE QA 335 -96.66 -48.27 70.37
CA PRO QA 336 -96.50 -45.68 67.56
CA PHE QA 337 -93.77 -43.30 68.70
CA GLU QA 338 -92.57 -40.57 66.33
CA ILE QA 339 -90.80 -37.27 67.00
CA MET QA 340 -91.19 -35.04 63.96
CA ASP QA 341 -90.47 -31.50 62.82
CA LEU QA 342 -92.78 -28.49 62.49
CA GLU QA 343 -93.70 -29.20 58.87
CA LYS QA 344 -93.68 -32.97 59.61
CA ARG QA 345 -91.25 -33.93 56.83
CA HIS QA 346 -88.72 -36.28 58.48
CA VAL QA 347 -88.10 -37.77 61.92
CA LEU QA 348 -85.01 -36.77 63.88
CA GLY QA 349 -85.74 -37.81 67.49
CA ARG QA 350 -84.22 -40.48 69.72
CA LEU QA 351 -86.59 -42.57 71.81
CA ILE QA 352 -85.03 -44.10 74.92
CA THR QA 353 -87.20 -47.06 75.90
CA VAL QA 354 -86.88 -49.24 72.82
CA ASN QA 355 -90.05 -51.15 71.99
CA PRO QA 356 -92.44 -49.08 74.11
CA ILE QA 357 -95.03 -51.68 75.06
CA VAL QA 358 -98.18 -51.72 77.17
CA THR QA 359 -98.26 -54.96 79.14
CA GLU QA 360 -101.92 -54.75 80.14
CA LYS QA 361 -105.04 -52.68 79.59
CA ASP QA 362 -106.17 -49.98 82.02
CA SER QA 363 -102.57 -49.37 83.07
CA PRO QA 364 -100.37 -46.28 82.66
CA VAL QA 365 -96.94 -46.58 81.06
CA ASN QA 366 -94.06 -44.13 81.48
CA ILE QA 367 -92.27 -43.78 78.15
CA GLU QA 368 -88.85 -42.12 78.27
CA ALA QA 369 -87.58 -40.22 75.24
CA GLU QA 370 -85.25 -37.42 74.15
CA PRO QA 371 -86.58 -35.14 71.39
CA PRO QA 372 -84.50 -32.89 69.14
CA PHE QA 373 -83.70 -29.27 70.01
CA GLY QA 374 -86.10 -26.43 69.43
CA ASP QA 375 -89.78 -26.92 68.71
CA SER QA 376 -91.18 -30.24 67.52
CA TYR QA 377 -94.23 -32.51 67.50
CA ILE QA 378 -94.68 -35.79 69.39
CA ILE QA 379 -96.85 -38.27 67.49
CA ILE QA 380 -98.48 -41.04 69.52
CA GLY QA 381 -101.00 -43.47 68.07
CA VAL QA 382 -102.36 -43.75 64.55
CA GLU QA 383 -105.26 -42.09 62.77
CA PRO QA 384 -108.17 -42.16 63.64
CA GLY QA 385 -107.50 -40.90 67.16
CA GLN QA 386 -103.98 -39.86 66.17
CA LEU QA 387 -102.48 -37.91 69.08
CA LYS QA 388 -100.15 -34.92 68.60
CA LEU QA 389 -98.33 -33.02 71.35
CA ASN QA 390 -96.39 -29.87 70.55
CA TRP QA 391 -93.26 -29.38 72.67
CA PHE QA 392 -90.15 -27.21 72.73
CA LYS QA 393 -86.74 -27.98 74.25
CA LYS QA 394 -84.57 -24.96 75.00
CA GLY QA 395 -81.14 -26.52 74.49
CA SER QA 396 -78.85 -25.55 71.63
CA SER QA 397 -77.62 -28.13 69.14
CA ILE QA 398 -73.88 -27.44 69.23
CA GLY QA 399 -74.20 -26.74 72.94
CA GLN QA 400 -75.64 -30.10 73.99
CA MET QA 401 -73.22 -31.62 71.49
CA ILE QA 402 -70.22 -30.16 73.30
CA GLU QA 403 -71.46 -30.96 76.81
CA THR QA 404 -72.37 -34.56 75.89
CA THR QA 405 -68.97 -35.07 74.25
CA MET QA 406 -67.47 -33.61 77.43
CA ARG QA 407 -69.42 -36.06 79.61
CA GLY QA 408 -68.02 -38.85 77.44
CA ALA QA 409 -64.54 -37.35 77.74
CA LYS QA 410 -64.81 -37.29 81.54
CA ARG QA 411 -66.13 -40.86 81.58
CA MET QA 412 -63.09 -41.97 79.58
CA ALA QA 413 -60.88 -39.80 81.81
CA ILE QA 414 -61.84 -41.78 84.91
CA LEU QA 415 -62.15 -44.86 82.69
CA GLY QA 416 -58.62 -44.05 81.54
CA ASP QA 417 -55.26 -45.38 82.63
CA THR QA 418 -55.25 -49.19 83.04
CA ALA QA 419 -58.99 -49.28 82.20
CA TRP QA 420 -59.52 -49.40 78.42
CA ASP QA 421 -58.53 -52.74 76.94
CA PHE QA 422 -55.02 -52.12 75.63
CA GLY QA 423 -53.53 -55.51 76.54
CA SER QA 424 -55.87 -57.60 74.40
CA LEU QA 425 -54.15 -57.91 71.03
CA GLY QA 426 -56.62 -57.82 68.16
CA GLY QA 427 -59.11 -56.35 70.61
CA VAL QA 428 -56.89 -53.25 70.81
CA PHE QA 429 -58.49 -52.16 67.55
CA THR QA 430 -61.95 -52.63 69.09
CA SER QA 431 -60.89 -50.79 72.25
CA ILE QA 432 -59.71 -47.76 70.29
CA GLY QA 433 -62.90 -48.00 68.27
CA LYS QA 434 -65.04 -47.92 71.39
CA ALA QA 435 -62.97 -45.03 72.76
CA LEU QA 436 -63.49 -43.01 69.58
CA HIS QA 437 -67.16 -43.89 69.92
CA GLN QA 438 -67.52 -42.83 73.55
CA VAL QA 439 -65.86 -39.49 72.71
CA PHE QA 440 -66.76 -38.52 69.11
CA GLY QA 441 -69.77 -40.74 68.34
CA ALA QA 442 -72.20 -38.10 69.47
CA ILE QA 443 -70.68 -35.91 66.75
CA TYR QA 444 -70.83 -38.86 64.36
CA GLY QA 445 -74.45 -39.87 64.87
CA ALA QA 446 -76.19 -36.58 65.72
CA ALA QA 447 -74.35 -34.06 63.53
CA PHE QA 448 -73.03 -36.09 60.57
CA SER QA 449 -76.34 -37.06 58.95
CA GLY QA 450 -77.71 -39.51 61.55
CA VAL QA 451 -76.69 -41.58 59.58
CA SER QA 452 -77.27 -43.85 56.58
CA TRP QA 453 -73.82 -45.32 56.97
CA ILE QA 454 -72.93 -46.44 53.42
CA MET QA 455 -73.15 -43.02 51.79
CA LYS QA 456 -71.40 -41.29 54.68
CA ILE QA 457 -68.47 -43.70 54.61
CA LEU QA 458 -68.27 -42.98 50.88
CA ILE QA 459 -68.13 -39.26 51.71
CA GLY QA 460 -65.58 -40.02 54.42
CA VAL QA 461 -63.19 -41.79 52.07
CA ILE QA 462 -63.64 -38.86 49.67
CA ILE QA 463 -62.66 -36.49 52.48
CA THR QA 464 -59.68 -38.70 53.33
CA TRP QA 465 -58.45 -38.64 49.73
CA ILE QA 466 -58.84 -34.85 49.54
CA GLY QA 467 -57.00 -34.42 52.83
CA MET QA 468 -54.15 -36.66 51.71
CA ASN QA 469 -54.00 -34.89 48.34
CA SER QA 470 -54.15 -31.40 49.87
CA ARG QA 471 -52.07 -28.25 49.42
CA SER QA 472 -51.02 -28.00 53.09
CA THR QA 473 -49.72 -30.64 55.49
CA SER QA 474 -51.48 -29.15 58.53
CA LEU QA 475 -54.84 -29.43 56.77
CA SER QA 476 -53.94 -32.97 55.68
CA VAL QA 477 -53.23 -34.03 59.26
CA SER QA 478 -56.41 -32.29 60.44
CA LEU QA 479 -58.71 -33.83 57.80
CA VAL QA 480 -57.43 -37.36 57.20
CA LEU QA 481 -57.66 -38.00 60.94
CA VAL QA 482 -61.33 -37.03 60.87
CA GLY QA 483 -61.85 -39.18 57.79
CA VAL QA 484 -60.29 -42.33 59.24
CA VAL QA 485 -62.19 -41.79 62.49
CA THR QA 486 -65.38 -41.49 60.43
CA LEU QA 487 -64.70 -44.69 58.50
CA TYR QA 488 -63.65 -46.90 61.40
CA LEU QA 489 -66.21 -45.50 63.84
CA GLY QA 490 -68.90 -46.07 61.21
CA VAL QA 491 -67.83 -49.67 60.88
CA MET QA 492 -68.11 -49.91 64.66
CA VAL QA 493 -71.52 -48.21 64.73
CA GLN QA 494 -72.87 -50.65 62.14
CA ALA QA 495 -72.07 -53.29 64.77
CA MET RA 1 0.95 13.36 131.07
CA ARG RA 2 -1.75 10.98 132.25
CA CYS RA 3 -2.05 8.99 129.01
CA ILE RA 4 0.65 6.42 129.82
CA GLY RA 5 -1.03 3.05 129.60
CA ILE RA 6 -4.01 4.55 127.74
CA SER RA 7 -4.37 2.51 124.55
CA ASN RA 8 -6.29 4.95 122.34
CA ARG RA 9 -4.13 8.02 121.79
CA ASP RA 10 -3.81 10.62 119.03
CA PHE RA 11 -0.97 13.12 118.69
CA VAL RA 12 -2.89 15.90 116.95
CA GLU RA 13 -0.44 18.70 116.10
CA GLY RA 14 -1.91 21.86 114.63
CA VAL RA 15 -4.35 24.73 114.89
CA SER RA 16 -7.54 25.07 112.85
CA GLY RA 17 -8.70 28.11 110.90
CA GLY RA 18 -9.93 30.01 113.95
CA SER RA 19 -6.94 28.79 115.96
CA TRP RA 20 -9.15 26.27 117.77
CA VAL RA 21 -8.33 22.61 118.26
CA ASP RA 22 -10.95 20.09 117.13
CA ILE RA 23 -10.85 17.59 120.00
CA VAL RA 24 -12.15 14.11 119.38
CA LEU RA 25 -12.96 12.91 122.89
CA GLU RA 26 -14.03 9.37 123.81
CA HIS RA 27 -14.22 7.61 127.16
CA GLY RA 28 -10.97 5.78 127.79
CA SER RA 29 -9.03 7.73 125.16
CA CYS RA 30 -6.37 10.42 125.00
CA VAL RA 31 -5.75 13.66 123.14
CA THR RA 32 -2.48 15.62 122.99
CA THR RA 33 -2.30 19.02 121.30
CA MET RA 34 0.89 20.46 119.85
CA ALA RA 35 2.04 23.48 117.86
CA LYS RA 36 5.20 25.54 117.45
CA ASN RA 37 5.42 28.64 119.62
CA LYS RA 38 2.62 26.95 121.59
CA PRO RA 39 3.09 24.77 124.72
CA THR RA 40 1.85 21.22 124.39
CA LEU RA 41 -1.30 20.22 126.28
CA ASP RA 42 -3.07 16.98 127.22
CA PHE RA 43 -6.85 16.82 126.81
CA GLU RA 44 -8.86 14.14 128.61
CA LEU RA 45 -12.31 13.29 129.95
CA ILE RA 46 -12.73 11.70 133.38
CA LYS RA 47 -16.42 11.80 134.32
CA THR RA 48 -19.80 11.87 132.62
CA GLU RA 49 -23.05 12.64 134.41
CA ALA RA 50 -26.69 13.51 133.69
CA LYS RA 51 -28.49 15.93 136.00
CA GLN RA 52 -32.14 16.98 136.20
CA PRO RA 53 -33.40 13.84 134.43
CA ALA RA 54 -36.98 13.54 133.22
CA THR RA 55 -39.23 10.78 134.57
CA LEU RA 56 -40.56 9.03 131.47
CA ARG RA 57 -42.72 6.63 133.44
CA LYS RA 58 -42.81 5.52 137.08
CA TYR RA 59 -43.12 1.80 137.85
CA CYS RA 60 -44.25 0.71 141.31
CA ILE RA 61 -43.11 -2.83 141.90
CA GLU RA 62 -44.49 -4.04 145.24
CA ALA RA 63 -48.25 -3.79 145.56
CA LYS RA 64 -50.26 -3.80 148.79
CA LEU RA 65 -53.99 -4.47 148.57
CA THR RA 66 -56.73 -3.11 150.84
CA ASN RA 67 -60.46 -2.59 151.29
CA THR RA 68 -61.30 -5.39 148.89
CA THR RA 69 -64.99 -5.78 148.14
CA THR RA 70 -66.86 -8.63 146.48
CA ASP RA 71 -70.53 -9.09 145.70
CA SER RA 72 -72.73 -11.23 143.49
CA ARG RA 73 -76.27 -11.40 142.18
CA CYS RA 74 -78.19 -14.47 141.09
CA PRO RA 75 -79.01 -15.05 137.41
CA THR RA 76 -81.74 -12.71 136.07
CA GLN RA 77 -81.70 -10.72 139.35
CA GLY RA 78 -79.30 -8.15 137.91
CA GLU RA 79 -75.65 -7.18 137.53
CA PRO RA 80 -74.40 -5.36 140.66
CA SER RA 81 -72.75 -1.97 140.32
CA LEU RA 82 -70.84 -0.31 143.16
CA ASN RA 83 -69.63 3.24 143.68
CA GLU RA 84 -66.25 1.67 144.49
CA GLU RA 85 -66.03 0.75 140.80
CA GLN RA 86 -66.45 4.33 139.60
CA ASP RA 87 -63.42 5.56 141.54
CA LYS RA 88 -60.46 4.50 139.40
CA ARG RA 89 -58.17 3.96 142.41
CA PHE RA 90 -59.40 0.35 142.63
CA VAL RA 91 -58.69 -2.55 140.31
CA CYS RA 92 -61.98 -4.24 139.44
CA LYS RA 93 -63.21 -7.35 137.65
CA HIS RA 94 -66.57 -8.80 136.68
CA SER RA 95 -67.23 -12.53 136.55
CA MET RA 96 -69.77 -15.34 136.24
CA VAL RA 97 -70.50 -18.09 138.78
CA ASP RA 98 -73.07 -20.85 139.02
CA ARG RA 99 -75.89 -20.59 141.57
CA GLY RA 100 -78.73 -22.99 142.29
CA TRP RA 101 -82.10 -23.43 143.94
CA GLY RA 102 -80.57 -25.47 146.75
CA ASN RA 103 -77.40 -23.35 146.67
CA GLY RA 104 -78.77 -20.45 148.70
CA CYS RA 105 -80.73 -18.92 145.82
CA GLY RA 106 -83.69 -19.47 143.51
CA LEU RA 107 -82.62 -21.34 140.38
CA PHE RA 108 -79.80 -23.01 138.46
CA GLY RA 109 -77.77 -20.62 136.34
CA LYS RA 110 -74.82 -18.29 135.98
CA GLY RA 111 -75.22 -15.22 138.17
CA GLY RA 112 -72.90 -12.24 138.03
CA ILE RA 113 -70.11 -11.15 140.35
CA VAL RA 114 -68.20 -7.91 140.79
CA THR RA 115 -65.05 -7.93 142.92
CA CYS RA 116 -62.58 -5.11 143.31
CA ALA RA 117 -60.07 -3.60 145.68
CA MET RA 118 -57.70 -0.73 146.33
CA PHE RA 119 -54.17 -0.94 144.89
CA THR RA 120 -51.55 0.80 147.01
CA CYS RA 121 -47.89 0.21 146.24
CA LYS RA 122 -44.91 1.00 148.45
CA LYS RA 123 -41.64 0.18 146.69
CA ASN RA 124 -41.19 1.65 143.23
CA MET RA 125 -38.69 1.94 140.40
CA LYS RA 126 -37.53 5.14 138.79
CA GLY RA 127 -37.23 5.10 134.99
CA LYS RA 128 -35.83 8.20 133.33
CA VAL RA 129 -34.76 9.30 129.85
CA VAL RA 130 -31.71 11.50 129.28
CA GLN RA 131 -31.78 14.19 126.61
CA PRO RA 132 -28.62 15.54 124.94
CA GLU RA 133 -29.21 18.92 126.60
CA ASN RA 134 -29.22 17.63 130.18
CA LEU RA 135 -25.78 15.99 129.92
CA GLU RA 136 -22.66 17.37 131.58
CA TYR RA 137 -19.13 16.33 130.57
CA THR RA 138 -16.03 16.48 132.78
CA ILE RA 139 -13.02 17.49 130.71
CA VAL RA 140 -9.58 17.79 132.28
CA ILE RA 141 -6.59 19.70 130.90
CA THR RA 142 -3.01 18.83 131.85
CA PRO RA 143 0.29 20.56 131.03
CA HIS RA 144 3.36 18.74 129.73
CA SER RA 145 5.82 20.26 132.19
CA GLY RA 146 7.37 17.03 133.48
CA GLU RA 147 6.53 17.67 137.13
CA GLU RA 148 6.70 14.63 139.39
CA HIS RA 149 2.96 14.53 140.09
CA ALA RA 150 2.42 15.45 136.41
CA VAL RA 151 3.09 11.90 135.15
CA GLY RA 152 0.55 9.09 135.25
CA ASN RA 153 -1.27 10.61 138.22
CA ASP RA 154 -5.06 10.56 138.59
CA THR RA 155 -5.25 13.15 141.41
CA GLY RA 156 -2.42 15.59 140.66
CA LYS RA 157 -2.70 19.29 141.35
CA HIS RA 158 -1.22 20.04 137.91
CA GLY RA 159 -4.44 19.14 136.09
CA LYS RA 160 -7.50 21.36 135.94
CA GLU RA 161 -10.99 19.87 135.62
CA ILE RA 162 -13.89 21.72 133.98
CA LYS RA 163 -17.49 20.78 133.27
CA ILE RA 164 -19.17 21.36 129.90
CA THR RA 165 -22.91 21.87 129.36
CA PRO RA 166 -24.74 23.40 126.36
CA GLN RA 167 -26.47 26.01 128.55
CA SER RA 168 -23.07 27.67 129.08
CA SER RA 169 -21.24 27.03 125.81
CA ILE RA 170 -18.77 29.93 125.63
CA THR RA 171 -16.80 29.43 128.86
CA GLU RA 172 -13.25 30.32 129.91
CA ALA RA 173 -11.00 27.97 131.86
CA GLU RA 174 -7.65 28.82 133.44
CA LEU RA 175 -4.41 26.83 133.45
CA THR RA 176 -1.70 27.79 135.93
CA GLY RA 177 1.01 29.96 134.41
CA TYR RA 178 -0.10 29.48 130.82
CA GLY RA 179 -3.33 31.44 131.25
CA THR RA 180 -6.77 31.46 129.65
CA VAL RA 181 -8.17 28.80 127.30
CA THR RA 182 -11.68 28.65 125.85
CA MET RA 183 -14.32 25.96 126.35
CA GLU RA 184 -16.97 25.77 123.59
CA CYS RA 185 -18.69 22.76 122.01
CA SER RA 186 -21.87 20.78 121.36
CA PRO RA 187 -20.83 17.08 121.52
CA ARG RA 188 -24.05 15.79 119.92
CA THR RA 189 -22.27 14.12 116.95
CA GLY RA 190 -22.38 10.79 118.83
CA LEU RA 191 -24.83 7.90 118.88
CA ASP RA 192 -28.54 8.57 119.10
CA PHE RA 193 -29.81 8.96 122.66
CA ASN RA 194 -33.58 8.55 122.22
CA GLU RA 195 -33.18 4.75 122.02
CA MET RA 196 -32.04 4.30 125.65
CA VAL RA 197 -33.61 4.77 129.08
CA LEU RA 198 -32.07 4.30 132.54
CA LEU RA 199 -33.77 2.51 135.42
CA GLN RA 200 -32.67 3.03 138.99
CA MET RA 201 -33.60 1.19 142.18
CA GLU RA 202 -32.38 2.68 145.48
CA ASN RA 203 -28.77 2.80 144.29
CA LYS RA 204 -28.22 0.42 141.37
CA ALA RA 205 -29.11 1.42 137.83
CA TRP RA 206 -29.51 -0.26 134.46
CA LEU RA 207 -29.35 0.97 130.89
CA VAL RA 208 -32.10 -0.53 128.72
CA HIS RA 209 -34.15 0.14 125.59
CA ARG RA 210 -37.21 2.38 125.60
CA GLN RA 211 -39.61 -0.17 124.12
CA TRP RA 212 -38.36 -2.77 126.60
CA PHE RA 213 -38.70 -0.21 129.38
CA LEU RA 214 -42.36 0.19 128.43
CA ASP RA 215 -43.03 -3.50 127.70
CA LEU RA 216 -42.54 -4.82 131.25
CA PRO RA 217 -46.15 -5.63 132.30
CA LEU RA 218 -46.54 -3.76 135.58
CA PRO RA 219 -48.43 -0.67 136.82
CA TRP RA 220 -47.68 2.68 135.15
CA LEU RA 221 -47.66 6.38 135.96
CA PRO RA 222 -47.16 9.18 133.40
CA GLY RA 223 -44.17 11.42 133.98
CA ALA RA 224 -46.15 14.33 135.39
CA ASP RA 225 -48.25 11.80 137.33
CA THR RA 226 -47.39 11.79 141.03
CA GLN RA 227 -50.74 11.37 142.81
CA GLY RA 228 -51.03 7.59 142.56
CA SER RA 229 -54.69 7.79 141.58
CA ASN RA 230 -54.22 6.68 137.98
CA TRP RA 231 -52.87 3.21 137.24
CA ILE RA 232 -52.62 1.37 133.92
CA GLN RA 233 -52.52 -2.39 133.47
CA LYS RA 234 -52.96 -2.69 137.23
CA GLU RA 235 -54.48 -6.16 136.84
CA THR RA 236 -51.25 -8.17 136.68
CA LEU RA 237 -50.04 -7.44 140.22
CA VAL RA 238 -53.47 -8.46 141.56
CA THR RA 239 -54.28 -12.07 140.70
CA PHE RA 240 -57.92 -13.04 141.02
CA LYS RA 241 -58.21 -16.70 142.02
CA ASN RA 242 -60.80 -18.84 140.30
CA PRO RA 243 -64.44 -17.71 140.51
CA HIS RA 244 -65.95 -19.35 143.55
CA ALA RA 245 -69.42 -18.98 145.09
CA LYS RA 246 -69.86 -15.33 146.16
CA LYS RA 247 -66.11 -14.89 146.71
CA GLN RA 248 -63.16 -13.87 144.61
CA ASP RA 249 -60.21 -14.41 146.92
CA VAL RA 250 -57.89 -11.62 145.79
CA VAL RA 251 -54.23 -12.67 145.87
CA VAL RA 252 -51.57 -9.97 146.00
CA LEU RA 253 -48.67 -10.81 143.74
CA GLY RA 254 -45.35 -10.81 145.54
CA SER RA 255 -42.66 -8.19 145.16
CA GLN RA 256 -40.92 -8.76 141.85
CA GLU RA 257 -37.85 -6.89 143.09
CA GLY RA 258 -36.01 -10.18 143.41
CA ALA RA 259 -37.26 -11.10 139.95
CA MET RA 260 -35.98 -7.80 138.57
CA HIS RA 261 -32.57 -8.40 140.12
CA THR RA 262 -32.67 -11.84 138.48
CA ALA RA 263 -33.61 -10.48 135.04
CA LEU RA 264 -31.93 -7.08 134.70
CA THR RA 265 -28.61 -8.63 135.75
CA GLY RA 266 -26.73 -9.42 132.56
CA ALA RA 267 -27.81 -6.13 131.05
CA THR RA 268 -25.71 -2.96 131.16
CA GLU RA 269 -25.12 -2.18 134.84
CA ILE RA 270 -24.56 1.35 136.14
CA GLN RA 271 -23.72 2.88 139.51
CA MET RA 272 -24.81 6.47 140.07
CA SER RA 273 -21.71 7.25 142.15
CA SER RA 274 -19.50 7.01 139.05
CA GLY RA 275 -22.03 8.91 136.91
CA ASN RA 276 -23.56 7.54 133.73
CA LEU RA 277 -21.05 5.63 131.58
CA LEU RA 278 -22.45 6.70 128.21
CA PHE RA 279 -19.12 6.01 126.55
CA THR RA 280 -20.96 5.41 123.28
CA GLY RA 281 -20.84 8.44 121.00
CA HIS RA 282 -17.88 10.56 119.97
CA LEU RA 283 -17.50 14.02 121.50
CA LYS RA 284 -16.39 16.60 118.94
CA CYS RA 285 -15.34 19.85 120.60
CA ARG RA 286 -13.96 23.24 119.63
CA LEU RA 287 -11.32 24.79 121.87
CA ARG RA 288 -9.52 28.07 121.13
CA MET RA 289 -5.83 28.50 121.99
CA ASP RA 290 -5.10 32.10 120.95
CA LYS RA 291 -5.01 33.41 124.53
CA LEU RA 292 -2.03 31.25 125.64
CA GLN RA 293 1.69 31.92 125.30
CA LEU RA 294 4.91 30.23 126.42
CA LYS RA 295 5.39 30.42 130.19
CA GLY RA 296 8.97 30.22 131.40
CA MET RA 297 10.47 31.09 127.99
CA SER RA 298 12.18 34.14 129.49
CA TYR RA 299 14.29 31.84 131.67
CA SER RA 300 17.78 31.47 130.24
CA MET RA 301 19.32 28.18 129.21
CA CYS RA 302 21.66 26.73 131.85
CA THR RA 303 25.00 25.24 130.86
CA GLY RA 304 25.41 22.95 133.86
CA LYS RA 305 25.32 19.15 133.81
CA PHE RA 306 22.40 16.76 133.28
CA LYS RA 307 21.74 13.39 134.87
CA VAL RA 308 19.23 10.60 134.20
CA VAL RA 309 17.25 9.04 137.04
CA LYS RA 310 15.01 6.42 135.39
CA GLU RA 311 15.99 4.39 132.36
CA ILE RA 312 14.44 4.90 128.93
CA ALA RA 313 10.85 3.81 129.53
CA GLU RA 314 8.66 2.55 126.70
CA THR RA 315 4.98 3.39 126.21
CA GLN RA 316 2.41 1.78 123.90
CA HIS RA 317 2.86 4.44 121.18
CA GLY RA 318 6.57 4.59 120.33
CA THR RA 319 7.46 7.38 122.74
CA ILE RA 320 10.24 7.70 125.30
CA VAL RA 321 10.28 9.13 128.83
CA ILE RA 322 13.43 10.60 130.37
CA ARG RA 323 13.72 11.81 133.96
CA VAL RA 324 16.47 14.38 133.51
CA GLN RA 325 18.07 15.55 136.76
CA TYR RA 326 20.19 18.69 137.07
CA GLU RA 327 23.05 18.25 139.53
CA GLY RA 328 24.58 21.58 138.50
CA ASP RA 329 23.49 25.08 139.55
CA GLY RA 330 21.54 27.92 137.95
CA SER RA 331 17.98 26.66 138.23
CA PRO RA 332 15.38 27.34 136.93
CA CYS RA 333 16.48 27.13 133.27
CA LYS RA 334 15.31 26.46 129.72
CA ILE RA 335 16.05 22.81 128.99
CA PRO RA 336 18.33 22.13 126.00
CA PHE RA 337 16.82 18.95 124.51
CA GLU RA 338 17.83 17.92 121.00
CA ILE RA 339 18.05 15.02 118.57
CA MET RA 340 20.76 13.91 116.19
CA ASP RA 341 21.13 11.15 113.63
CA LEU RA 342 24.05 8.78 113.10
CA GLU RA 343 25.99 11.50 111.26
CA LYS RA 344 25.48 13.81 114.27
CA ARG RA 345 24.22 16.48 111.85
CA HIS RA 346 20.44 16.64 111.38
CA VAL RA 347 17.60 17.31 113.82
CA LEU RA 348 15.15 14.59 112.73
CA GLY RA 349 13.34 13.39 115.86
CA ARG RA 350 10.08 14.93 117.03
CA LEU RA 351 9.87 16.45 120.50
CA ILE RA 352 6.74 16.51 122.69
CA THR RA 353 7.36 19.15 125.36
CA VAL RA 354 8.69 22.39 123.94
CA ASN RA 355 11.06 24.50 126.09
CA PRO RA 356 10.95 22.31 129.22
CA ILE RA 357 12.08 24.01 132.40
CA VAL RA 358 13.32 22.86 135.80
CA THR RA 359 11.41 24.05 138.85
CA GLU RA 360 14.41 23.52 141.12
CA LYS RA 361 17.65 21.59 141.21
CA ASP RA 362 17.42 17.99 142.44
CA SER RA 363 13.82 17.88 141.09
CA PRO RA 364 14.09 16.12 137.71
CA VAL RA 365 11.85 16.84 134.74
CA ASN RA 366 10.02 14.15 132.76
CA ILE RA 367 10.98 15.04 129.21
CA GLU RA 368 8.95 13.17 126.59
CA ALA RA 369 10.13 12.49 123.04
CA GLU RA 370 9.11 10.68 119.86
CA PRO RA 371 12.09 9.79 117.67
CA PRO RA 372 11.51 7.80 114.48
CA PHE RA 373 11.66 4.01 114.60
CA GLY RA 374 15.38 3.45 114.26
CA ASP RA 375 18.73 4.42 115.72
CA SER RA 376 19.31 7.98 116.93
CA TYR RA 377 21.01 9.97 119.67
CA ILE RA 378 18.94 11.85 122.23
CA ILE RA 379 21.35 14.67 123.08
CA ILE RA 380 20.72 15.86 126.62
CA GLY RA 381 22.66 18.96 127.58
CA VAL RA 382 25.34 20.69 125.55
CA GLU RA 383 29.05 20.09 125.29
CA PRO RA 384 31.37 19.90 127.17
CA GLY RA 385 29.92 16.97 129.10
CA GLN RA 386 26.98 16.46 126.74
CA LEU RA 387 25.06 13.16 126.90
CA LYS RA 388 24.37 11.64 123.47
CA LEU RA 389 22.24 8.79 124.77
CA ASN RA 390 21.91 6.27 121.96
CA TRP RA 391 18.46 4.84 121.36
CA PHE RA 392 17.16 2.20 118.96
CA LYS RA 393 13.38 2.44 118.50
CA LYS RA 394 11.61 -0.59 117.08
CA GLY RA 395 9.09 -0.47 114.24
CA SER RA 396 8.87 0.58 110.62
CA SER RA 397 8.60 4.19 109.51
CA ILE RA 398 5.95 3.08 107.03
CA GLY RA 399 4.29 1.50 110.05
CA GLN RA 400 3.60 4.81 111.76
CA MET RA 401 3.01 6.34 108.33
CA ILE RA 402 0.04 4.08 107.58
CA GLU RA 403 -1.14 4.01 111.19
CA THR RA 404 -1.26 7.77 111.76
CA THR RA 405 -2.60 8.54 108.29
CA MET RA 406 -5.37 5.96 108.65
CA ARG RA 407 -6.27 7.09 112.17
CA GLY RA 408 -6.49 10.73 111.13
CA ALA RA 409 -8.48 9.73 108.05
CA LYS RA 410 -11.05 7.82 110.11
CA ARG RA 411 -11.08 10.66 112.64
CA MET RA 412 -12.01 13.14 109.92
CA ALA RA 413 -14.32 10.59 108.25
CA ILE RA 414 -16.58 9.95 111.23
CA LEU RA 415 -16.37 13.73 111.49
CA GLY RA 416 -16.86 13.93 107.74
CA ASP RA 417 -20.09 14.78 105.93
CA THR RA 418 -22.02 17.62 107.60
CA ALA RA 419 -19.16 17.99 110.13
CA TRP RA 420 -16.15 19.80 108.61
CA ASP RA 421 -16.83 23.40 107.67
CA PHE RA 422 -17.25 23.41 103.88
CA GLY RA 423 -20.00 26.03 103.53
CA SER RA 424 -17.91 29.06 104.51
CA LEU RA 425 -16.72 30.75 101.32
CA GLY RA 426 -13.11 31.86 101.64
CA GLY RA 427 -12.86 29.56 104.64
CA VAL RA 428 -13.14 26.67 102.18
CA PHE RA 429 -9.38 27.05 101.74
CA THR RA 430 -8.91 26.85 105.51
CA SER RA 431 -11.15 23.78 105.69
CA ILE RA 432 -9.23 22.03 102.91
CA GLY RA 433 -6.01 22.86 104.75
CA LYS RA 434 -7.62 21.52 107.92
CA ALA RA 435 -8.50 18.23 106.23
CA LEU RA 436 -4.97 17.86 104.88
CA HIS RA 437 -3.37 18.91 108.18
CA GLN RA 438 -5.49 16.46 110.18
CA VAL RA 439 -4.78 13.67 107.66
CA PHE RA 440 -1.71 14.65 105.62
CA GLY RA 441 -0.25 16.97 108.27
CA ALA RA 442 1.82 14.22 109.86
CA ILE RA 443 3.41 13.82 106.43
CA TYR RA 444 4.56 17.45 106.55
CA GLY RA 445 5.68 17.30 110.17
CA ALA RA 446 7.15 13.89 111.00
CA ALA RA 447 8.84 12.54 107.86
CA PHE RA 448 9.55 15.81 106.01
CA SER RA 449 12.51 17.45 107.77
CA GLY RA 450 10.93 18.21 111.19
CA VAL RA 451 10.69 21.02 110.05
CA SER RA 452 12.12 24.52 109.62
CA TRP RA 453 9.37 25.76 107.34
CA ILE RA 454 11.17 28.29 105.11
CA MET RA 455 13.71 25.85 103.69
CA LYS RA 456 11.14 23.13 103.11
CA ILE RA 457 8.72 25.48 101.35
CA LEU RA 458 11.64 26.42 99.10
CA ILE RA 459 12.17 22.70 98.53
CA GLY RA 460 8.44 22.30 97.94
CA VAL RA 461 8.27 24.97 95.25
CA ILE RA 462 11.34 23.32 93.70
CA ILE RA 463 9.48 20.00 93.69
CA THR RA 464 6.42 21.68 92.15
CA TRP RA 465 8.60 23.10 89.39
CA ILE RA 466 10.18 19.69 88.75
CA GLY RA 467 6.80 17.93 88.72
CA MET RA 468 5.24 20.45 86.34
CA ASN RA 469 8.13 20.14 83.86
CA SER RA 470 8.37 16.35 84.10
CA ARG RA 471 8.59 13.67 81.43
CA SER RA 472 5.39 11.92 82.61
CA THR RA 473 1.97 13.41 83.34
CA SER RA 474 1.16 10.69 85.87
CA LEU RA 475 4.27 11.60 87.84
CA SER RA 476 3.33 15.26 87.38
CA VAL RA 477 -0.07 14.70 89.00
CA SER RA 478 1.58 12.58 91.71
CA LEU RA 479 4.28 15.16 92.56
CA VAL RA 480 2.77 18.63 92.05
CA LEU RA 481 -0.14 17.61 94.30
CA VAL RA 482 2.30 16.68 97.07
CA GLY RA 483 4.20 19.92 96.48
CA VAL RA 484 1.18 22.21 96.67
CA VAL RA 485 -0.03 20.28 99.73
CA THR RA 486 3.40 20.87 101.29
CA LEU RA 487 3.40 24.61 100.53
CA TYR RA 488 -0.18 25.38 101.53
CA LEU RA 489 -0.14 23.12 104.60
CA GLY RA 490 3.15 24.72 105.66
CA VAL RA 491 1.51 28.12 105.46
CA MET RA 492 -1.29 26.71 107.62
CA VAL RA 493 1.23 25.15 110.02
CA GLN RA 494 2.86 28.56 110.45
CA ALA RA 495 -0.51 29.79 111.74
CA MET SA 1 -3.33 -77.70 106.24
CA ARG SA 2 -5.30 -76.24 109.14
CA CYS SA 3 -7.56 -73.64 107.53
CA ILE SA 4 -9.61 -75.68 105.05
CA GLY SA 5 -13.11 -74.40 105.76
CA ILE SA 6 -12.87 -70.83 107.04
CA SER SA 7 -14.48 -68.17 104.88
CA ASN SA 8 -11.52 -65.76 104.70
CA ARG SA 9 -9.06 -67.93 102.77
CA ASP SA 10 -6.12 -65.90 101.47
CA PHE SA 11 -3.09 -66.80 99.36
CA VAL SA 12 0.30 -65.09 99.15
CA GLU SA 13 2.40 -66.71 96.40
CA GLY SA 14 5.51 -64.54 96.19
CA VAL SA 15 8.95 -64.32 97.78
CA SER SA 16 11.38 -61.47 98.33
CA GLY SA 17 14.99 -61.15 97.21
CA GLY SA 18 16.19 -61.90 100.73
CA SER SA 19 13.17 -64.14 101.40
CA TRP SA 20 11.76 -61.42 103.69
CA VAL SA 21 8.14 -62.37 103.16
CA ASP SA 22 5.41 -60.12 104.57
CA ILE SA 23 1.92 -61.16 105.70
CA VAL SA 24 -1.10 -59.62 107.38
CA LEU SA 25 -3.05 -61.55 110.02
CA GLU SA 26 -6.58 -60.82 111.24
CA HIS SA 27 -9.14 -62.62 113.37
CA GLY SA 28 -10.42 -65.60 111.42
CA SER SA 29 -8.46 -64.67 108.29
CA CYS SA 30 -5.82 -67.36 107.87
CA VAL SA 31 -3.02 -67.16 105.32
CA THR SA 32 -1.26 -69.79 103.21
CA THR SA 33 2.42 -69.30 102.39
CA MET SA 34 3.74 -70.68 99.11
CA ALA SA 35 7.36 -70.90 97.97
CA LYS SA 36 9.69 -72.55 95.49
CA ASN SA 37 11.56 -75.63 96.77
CA LYS SA 38 10.65 -74.60 100.34
CA PRO SA 39 7.87 -76.17 102.44
CA THR SA 40 4.54 -74.40 102.31
CA LEU SA 41 2.89 -73.14 105.47
CA ASP SA 42 -0.36 -72.01 107.05
CA PHE SA 43 -0.43 -69.06 109.44
CA GLU SA 44 -3.20 -67.82 111.68
CA LEU SA 45 -3.78 -65.87 114.88
CA ILE SA 46 -5.80 -68.22 117.05
CA LYS SA 47 -6.43 -66.11 120.14
CA THR SA 48 -5.76 -62.49 121.06
CA GLU SA 49 -4.78 -61.81 124.67
CA ALA SA 50 -4.14 -58.63 126.65
CA LYS SA 51 -2.15 -59.55 129.75
CA GLN SA 52 -0.77 -57.22 132.42
CA PRO SA 53 -3.50 -54.57 132.10
CA ALA SA 54 -2.99 -51.00 133.25
CA THR SA 55 -5.49 -49.82 135.87
CA LEU SA 56 -6.49 -46.58 134.15
CA ARG SA 57 -9.18 -45.32 136.55
CA LYS SA 58 -11.82 -46.53 138.99
CA TYR SA 59 -15.45 -45.60 139.64
CA CYS SA 60 -17.39 -45.88 142.90
CA ILE SA 61 -20.63 -47.27 141.51
CA GLU SA 62 -22.48 -47.05 144.84
CA ALA SA 63 -22.08 -44.67 147.74
CA LYS SA 64 -22.31 -44.50 151.52
CA LEU SA 65 -22.70 -41.24 153.44
CA THR SA 66 -21.48 -41.14 157.04
CA ASN SA 67 -20.33 -38.76 159.76
CA THR SA 68 -22.29 -35.94 158.11
CA THR SA 69 -21.55 -32.89 160.23
CA THR SA 70 -22.80 -29.39 159.48
CA ASP SA 71 -22.62 -25.90 160.96
CA SER SA 72 -23.65 -22.33 160.23
CA ARG SA 73 -22.92 -18.75 161.25
CA CYS SA 74 -25.05 -15.64 161.48
CA PRO SA 75 -24.65 -13.04 158.69
CA THR SA 76 -21.35 -11.11 158.56
CA GLN SA 77 -19.54 -13.73 160.70
CA GLY SA 78 -18.08 -15.48 157.64
CA GLU SA 79 -18.22 -19.14 156.77
CA PRO SA 80 -17.73 -21.55 159.71
CA SER SA 81 -14.40 -23.37 159.71
CA LEU SA 82 -14.49 -27.02 160.79
CA ASN SA 83 -11.65 -29.53 160.30
CA GLU SA 84 -13.42 -31.71 157.70
CA GLU SA 85 -13.14 -29.12 154.92
CA GLN SA 86 -9.37 -29.46 154.56
CA ASP SA 87 -9.54 -33.27 154.70
CA LYS SA 88 -10.60 -34.69 151.34
CA ARG SA 89 -11.93 -37.79 153.11
CA PHE SA 90 -15.11 -35.75 153.61
CA VAL SA 91 -16.91 -34.30 150.61
CA CYS SA 92 -18.53 -30.99 151.41
CA LYS SA 93 -19.84 -27.61 150.36
CA HIS SA 94 -20.92 -24.24 151.77
CA SER SA 95 -24.00 -22.14 151.03
CA MET SA 96 -26.10 -19.36 152.58
CA VAL SA 97 -29.62 -18.87 153.95
CA ASP SA 98 -31.62 -15.99 155.40
CA ARG SA 99 -31.28 -15.85 159.19
CA GLY SA 100 -31.82 -13.05 161.65
CA TRP SA 101 -33.82 -11.76 164.61
CA GLY SA 102 -36.49 -14.39 163.98
CA ASN SA 103 -34.29 -17.48 164.45
CA GLY SA 104 -31.61 -16.39 166.93
CA CYS SA 105 -29.30 -14.15 164.88
CA GLY SA 106 -29.30 -10.35 164.92
CA LEU SA 107 -30.74 -9.17 161.59
CA PHE SA 108 -32.29 -10.84 158.57
CA GLY SA 109 -29.48 -11.54 156.12
CA LYS SA 110 -27.77 -14.28 154.14
CA GLY SA 111 -25.65 -16.05 156.72
CA GLY SA 112 -23.32 -18.88 155.83
CA ILE SA 113 -23.57 -22.64 156.28
CA VAL SA 114 -21.00 -25.40 155.78
CA THR SA 115 -22.23 -28.94 155.17
CA CYS SA 116 -19.74 -31.83 155.19
CA ALA SA 117 -19.86 -35.61 155.23
CA MET SA 118 -17.64 -38.67 154.88
CA PHE SA 119 -18.05 -40.40 151.51
CA THR SA 120 -17.42 -44.14 151.86
CA CYS SA 121 -17.02 -46.22 148.70
CA LYS SA 122 -18.69 -49.61 149.13
CA LYS SA 123 -18.13 -51.11 145.66
CA ASN SA 124 -15.75 -50.64 142.76
CA MET SA 125 -16.15 -50.47 138.99
CA LYS SA 126 -12.88 -51.33 137.31
CA GLY SA 127 -11.48 -49.84 134.11
CA LYS SA 128 -8.81 -51.54 132.00
CA VAL SA 129 -6.93 -49.83 129.17
CA VAL SA 130 -5.01 -51.94 126.65
CA GLN SA 131 -1.79 -50.47 125.31
CA PRO SA 132 -0.21 -51.69 122.06
CA GLU SA 133 2.76 -53.28 123.83
CA ASN SA 134 0.48 -55.35 126.10
CA LEU SA 135 -1.08 -57.43 123.31
CA GLU SA 136 0.04 -61.06 123.65
CA TYR SA 137 -0.70 -62.49 120.20
CA THR SA 138 -1.14 -66.27 120.08
CA ILE SA 139 -0.17 -67.44 116.59
CA VAL SA 140 -0.62 -70.96 115.25
CA ILE SA 141 1.78 -72.13 112.53
CA THR SA 142 1.04 -75.41 110.72
CA PRO SA 143 2.86 -76.95 107.73
CA HIS SA 144 1.21 -78.58 104.72
CA SER SA 145 3.11 -81.73 105.54
CA GLY SA 146 0.43 -84.42 105.33
CA GLU SA 147 -1.16 -84.44 108.78
CA GLU SA 148 -4.83 -85.31 109.15
CA HIS SA 149 -6.13 -84.07 112.51
CA ALA SA 150 -6.08 -80.33 111.68
CA VAL SA 151 -8.55 -80.03 108.79
CA GLY SA 152 -11.50 -78.06 110.11
CA ASN SA 153 -9.99 -78.08 113.61
CA ASP SA 154 -8.93 -75.64 116.34
CA THR SA 155 -6.68 -77.65 118.68
CA GLY SA 156 -5.16 -79.91 115.97
CA LYS SA 157 -1.47 -79.85 116.81
CA HIS SA 158 1.19 -80.90 114.35
CA GLY SA 159 2.78 -77.46 114.12
CA LYS SA 160 3.42 -74.96 116.90
CA GLU SA 161 1.60 -72.23 118.83
CA ILE SA 162 3.70 -69.24 119.86
CA LYS SA 163 2.83 -66.30 122.11
CA ILE SA 164 4.29 -63.17 120.51
CA THR SA 165 5.08 -60.36 122.97
CA PRO SA 166 5.80 -57.09 121.12
CA GLN SA 167 8.62 -56.28 123.54
CA SER SA 168 10.28 -59.38 122.01
CA SER SA 169 10.28 -58.70 118.27
CA ILE SA 170 12.49 -61.55 117.03
CA THR SA 171 11.39 -65.05 118.06
CA GLU SA 172 12.34 -68.55 116.93
CA ALA SA 173 9.40 -70.95 116.51
CA GLU SA 174 10.96 -74.41 116.03
CA LEU SA 175 8.60 -76.20 113.66
CA THR SA 176 9.02 -79.95 114.10
CA GLY SA 177 10.94 -81.76 111.37
CA TYR SA 178 11.38 -78.59 109.29
CA GLY SA 179 13.49 -76.37 111.56
CA THR SA 180 12.36 -72.87 112.50
CA VAL SA 181 11.06 -69.63 111.00
CA THR SA 182 12.13 -66.25 112.32
CA MET SA 183 9.20 -64.31 113.76
CA GLU SA 184 9.42 -60.54 113.31
CA CYS SA 185 5.75 -59.73 113.58
CA SER SA 186 4.53 -56.45 115.08
CA PRO SA 187 1.03 -55.26 116.01
CA ARG SA 188 2.38 -51.70 116.20
CA THR SA 189 1.72 -51.06 112.52
CA GLY SA 190 -1.84 -52.37 112.88
CA LEU SA 191 -4.76 -50.31 114.09
CA ASP SA 192 -4.04 -48.24 117.18
CA PHE SA 193 -5.52 -49.68 120.38
CA ASN SA 194 -5.72 -46.19 121.87
CA GLU SA 195 -9.50 -45.83 122.29
CA MET SA 196 -10.56 -49.31 123.49
CA VAL SA 197 -11.39 -49.77 127.17
CA LEU SA 198 -12.78 -52.66 129.22
CA LEU SA 199 -15.34 -52.11 131.96
CA GLN SA 200 -15.03 -54.89 134.56
CA MET SA 201 -17.66 -55.72 137.18
CA GLU SA 202 -17.15 -58.68 139.52
CA ASN SA 203 -16.25 -61.22 136.80
CA LYS SA 204 -18.12 -59.98 133.70
CA ALA SA 205 -17.06 -57.16 131.42
CA TRP SA 206 -17.83 -55.01 128.40
CA LEU SA 207 -15.83 -53.10 125.80
CA VAL SA 208 -16.42 -49.37 125.31
CA HIS SA 209 -14.64 -46.28 124.03
CA ARG SA 210 -12.17 -44.25 126.09
CA GLN SA 211 -13.78 -40.83 125.70
CA TRP SA 212 -17.12 -42.33 126.73
CA PHE SA 213 -15.43 -44.18 129.58
CA LEU SA 214 -14.12 -40.93 131.05
CA ASP SA 215 -17.11 -38.72 130.20
CA LEU SA 216 -19.30 -40.56 132.71
CA PRO SA 217 -20.49 -38.15 135.46
CA LEU SA 218 -19.70 -40.61 138.24
CA PRO SA 219 -17.23 -40.71 141.14
CA TRP SA 220 -13.76 -40.39 139.72
CA LEU SA 221 -10.75 -42.02 141.43
CA PRO SA 222 -7.25 -42.38 139.92
CA GLY SA 223 -5.40 -45.62 139.35
CA ALA SA 224 -2.36 -44.75 141.46
CA ASP SA 225 -4.23 -44.12 144.70
CA THR SA 226 -5.46 -47.01 146.86
CA GLN SA 227 -7.25 -45.55 149.90
CA GLY SA 228 -9.72 -43.53 147.82
CA SER SA 229 -9.59 -40.48 150.09
CA ASN SA 230 -8.07 -38.39 147.28
CA TRP SA 231 -11.51 -38.28 145.74
CA ILE SA 232 -12.48 -36.32 142.61
CA GLN SA 233 -15.79 -35.39 140.96
CA LYS SA 234 -17.47 -34.88 144.27
CA GLU SA 235 -21.03 -33.83 143.40
CA THR SA 236 -21.96 -36.80 141.17
CA LEU SA 237 -23.82 -38.74 143.88
CA VAL SA 238 -24.11 -36.44 146.90
CA THR SA 239 -27.11 -34.31 145.91
CA PHE SA 240 -27.67 -31.76 148.66
CA LYS SA 241 -31.13 -30.18 148.67
CA ASN SA 242 -31.84 -26.49 149.12
CA PRO SA 243 -30.67 -25.79 152.69
CA HIS SA 244 -33.43 -24.62 155.00
CA ALA SA 245 -31.78 -23.00 158.02
CA LYS SA 246 -28.96 -25.54 158.62
CA LYS SA 247 -29.95 -29.11 157.72
CA GLN SA 248 -30.30 -30.21 154.13
CA ASP SA 249 -31.46 -33.66 153.07
CA VAL SA 250 -28.00 -34.86 152.06
CA VAL SA 251 -28.43 -38.27 150.45
CA VAL SA 252 -26.35 -40.26 147.99
CA LEU SA 253 -28.26 -41.46 144.95
CA GLY SA 254 -29.21 -45.11 144.86
CA SER SA 255 -26.81 -47.69 143.52
CA GLN SA 256 -26.11 -47.03 139.86
CA GLU SA 257 -25.38 -50.71 139.19
CA GLY SA 258 -28.82 -51.38 137.72
CA ALA SA 259 -29.03 -48.11 135.81
CA MET SA 260 -25.56 -48.27 134.29
CA HIS SA 261 -26.00 -51.96 133.53
CA THR SA 262 -29.19 -51.14 131.63
CA ALA SA 263 -27.50 -48.30 129.78
CA LEU SA 264 -24.37 -50.30 128.92
CA THR SA 265 -26.60 -53.07 127.55
CA GLY SA 266 -26.22 -53.36 123.80
CA ALA SA 267 -22.50 -52.61 123.88
CA THR SA 268 -19.85 -55.22 123.07
CA GLU SA 269 -20.04 -57.73 125.91
CA ILE SA 270 -16.71 -59.53 126.43
CA GLN SA 271 -16.43 -62.89 128.16
CA MET SA 272 -13.12 -61.74 129.62
CA SER SA 273 -12.86 -64.75 131.94
CA SER SA 274 -11.32 -66.90 129.17
CA GLY SA 275 -8.90 -64.08 128.29
CA ASN SA 276 -9.10 -60.70 126.56
CA LEU SA 277 -10.44 -61.98 123.24
CA LEU SA 278 -10.10 -58.78 121.26
CA PHE SA 279 -11.76 -59.26 117.87
CA THR SA 280 -9.75 -56.59 116.00
CA GLY SA 281 -6.18 -55.60 115.22
CA HIS SA 282 -3.90 -56.18 112.25
CA LEU SA 283 -0.70 -58.13 112.80
CA LYS SA 284 2.02 -57.20 110.30
CA CYS SA 285 4.32 -60.20 110.08
CA ARG SA 286 7.76 -60.15 108.41
CA LEU SA 287 9.56 -63.47 108.16
CA ARG SA 288 12.89 -64.86 107.00
CA MET SA 289 11.83 -68.35 105.87
CA ASP SA 290 15.29 -69.27 104.52
CA LYS SA 291 16.16 -70.93 107.82
CA LEU SA 292 13.10 -73.13 107.30
CA GLN SA 293 13.67 -76.22 105.20
CA LEU SA 294 11.76 -79.31 104.05
CA LYS SA 295 13.35 -82.55 105.25
CA GLY SA 296 10.90 -84.43 103.03
CA MET SA 297 11.54 -82.64 99.75
CA SER SA 298 14.37 -84.68 98.20
CA TYR SA 299 13.20 -88.23 98.92
CA SER SA 300 13.08 -90.68 96.03
CA MET SA 301 10.26 -90.55 93.49
CA CYS SA 302 7.74 -93.05 94.76
CA THR SA 303 7.09 -96.18 92.74
CA GLY SA 304 4.54 -98.55 94.25
CA LYS SA 305 0.81 -98.75 93.70
CA PHE SA 306 -1.26 -95.91 95.14
CA LYS SA 307 -4.99 -95.79 95.90
CA VAL SA 308 -7.61 -93.31 97.15
CA VAL SA 309 -9.67 -93.84 100.31
CA LYS SA 310 -12.08 -90.90 100.50
CA GLU SA 311 -13.43 -88.91 97.56
CA ILE SA 312 -13.33 -85.15 97.11
CA ALA SA 313 -15.56 -82.71 98.94
CA GLU SA 314 -15.41 -79.04 97.97
CA THR SA 315 -13.91 -76.37 100.19
CA GLN SA 316 -14.96 -72.75 100.72
CA HIS SA 317 -12.28 -71.36 98.41
CA GLY SA 318 -12.69 -74.37 96.13
CA THR SA 319 -9.48 -76.35 96.55
CA ILE SA 320 -8.83 -80.02 95.93
CA VAL SA 321 -8.16 -81.89 99.17
CA ILE SA 322 -7.72 -85.65 98.85
CA ARG SA 323 -7.01 -88.26 101.49
CA VAL SA 324 -4.97 -90.92 99.69
CA GLN SA 325 -3.48 -94.23 100.85
CA TYR SA 326 -0.37 -96.03 99.62
CA GLU SA 327 -0.67 -99.81 99.39
CA GLY SA 328 2.74 -100.24 97.75
CA ASP SA 329 6.23 -100.15 99.28
CA GLY SA 330 9.35 -98.03 99.46
CA SER SA 331 8.21 -95.58 102.12
CA PRO SA 332 9.42 -92.87 102.63
CA CYS SA 333 9.03 -91.77 99.00
CA LYS SA 334 8.25 -88.63 96.98
CA ILE SA 335 4.79 -89.15 95.47
CA PRO SA 336 4.10 -88.03 91.87
CA PHE SA 337 1.18 -85.62 91.62
CA GLU SA 338 0.30 -83.55 88.55
CA ILE SA 339 -2.79 -81.80 87.17
CA MET SA 340 -2.77 -82.53 83.45
CA ASP SA 341 -5.09 -81.61 80.63
CA LEU SA 342 -7.50 -84.29 79.49
CA GLU SA 343 -5.08 -85.09 76.62
CA LYS SA 344 -2.07 -85.35 78.99
CA ARG SA 345 -0.05 -82.76 77.01
CA HIS SA 346 0.25 -79.55 79.07
CA VAL SA 347 -0.22 -78.74 82.77
CA LEU SA 348 -3.04 -76.47 83.96
CA GLY SA 349 -3.29 -76.25 87.73
CA ARG SA 350 -1.10 -75.69 90.77
CA LEU SA 351 -0.43 -77.82 93.86
CA ILE SA 352 -0.04 -76.27 97.31
CA THR SA 353 1.79 -79.04 99.15
CA VAL SA 354 5.13 -78.80 97.37
CA ASN SA 355 6.69 -82.26 97.04
CA PRO SA 356 4.08 -84.21 99.01
CA ILE SA 357 5.60 -86.95 101.13
CA VAL SA 358 4.48 -90.35 102.42
CA THR SA 359 6.79 -91.37 105.29
CA GLU SA 360 4.45 -93.90 106.89
CA LYS SA 361 2.80 -97.11 105.77
CA ASP SA 362 -0.97 -97.50 105.96
CA SER SA 363 -1.84 -93.90 106.81
CA PRO SA 364 -4.05 -91.25 105.20
CA VAL SA 365 -2.16 -88.61 103.26
CA ASN SA 366 -3.65 -85.16 102.63
CA ILE SA 367 -2.88 -83.74 99.18
CA GLU SA 368 -3.86 -80.15 98.38
CA ALA SA 369 -4.28 -78.48 95.00
CA GLU SA 370 -6.13 -75.68 93.20
CA PRO SA 371 -7.16 -76.23 89.58
CA PRO SA 372 -8.59 -73.53 87.33
CA PHE SA 373 -12.24 -73.45 86.32
CA GLY SA 374 -12.43 -76.20 83.73
CA ASP SA 375 -12.18 -79.89 83.15
CA SER SA 376 -8.89 -81.39 84.32
CA TYR SA 377 -7.28 -84.75 84.99
CA ILE SA 378 -5.42 -85.20 88.27
CA ILE SA 379 -2.77 -87.75 87.27
CA ILE SA 380 -1.26 -89.69 90.17
CA GLY SA 381 1.44 -92.33 90.17
CA VAL SA 382 3.28 -94.05 87.35
CA GLU SA 383 2.23 -97.05 85.28
CA PRO SA 384 1.68 -99.82 86.37
CA GLY SA 385 -1.07 -98.50 88.63
CA GLN SA 386 -1.70 -95.14 87.00
CA LEU SA 387 -4.54 -93.18 88.59
CA LYS SA 388 -6.49 -90.64 86.54
CA LEU SA 389 -9.14 -88.52 88.27
CA ASN SA 390 -11.40 -86.28 86.22
CA TRP SA 391 -12.42 -83.07 87.94
CA PHE SA 392 -14.35 -79.89 87.21
CA LYS SA 393 -15.01 -76.73 89.22
CA LYS SA 394 -17.46 -73.89 88.70
CA GLY SA 395 -16.82 -70.17 88.31
CA SER SA 396 -15.40 -67.64 85.87
CA SER SA 397 -11.66 -67.13 85.45
CA ILE SA 398 -12.12 -63.36 85.41
CA GLY SA 399 -13.92 -63.74 88.73
CA GLN SA 400 -10.84 -65.18 90.38
CA MET SA 401 -8.60 -62.67 88.60
CA ILE SA 402 -10.48 -59.63 89.93
CA GLU SA 403 -10.97 -61.24 93.36
CA THR SA 404 -7.30 -62.12 93.87
CA THR SA 405 -6.03 -58.85 92.41
CA MET SA 406 -8.29 -56.68 94.56
CA ARG SA 407 -7.58 -58.78 97.64
CA GLY SA 408 -3.84 -58.39 97.11
CA ALA SA 409 -4.27 -54.68 96.45
CA LYS SA 410 -6.08 -54.22 99.75
CA ARG SA 411 -3.47 -56.39 101.45
CA MET SA 412 -0.66 -54.21 100.15
CA ALA SA 413 -2.58 -51.02 100.97
CA ILE SA 414 -2.92 -52.04 104.61
CA LEU SA 415 0.59 -53.56 104.42
CA GLY SA 416 1.71 -50.25 102.98
CA ASP SA 417 3.32 -47.14 104.42
CA THR SA 418 6.14 -47.97 106.86
CA ALA SA 419 5.67 -51.67 105.92
CA TRP SA 420 7.11 -52.47 102.49
CA ASP SA 421 10.86 -52.04 102.27
CA PHE SA 422 11.58 -48.63 100.76
CA GLY SA 423 14.44 -47.53 103.03
CA SER SA 424 16.58 -50.64 102.51
CA LEU SA 425 19.06 -49.93 99.71
CA GLY SA 426 19.85 -52.77 97.31
CA GLY SA 427 16.56 -54.50 98.05
CA VAL SA 428 14.59 -51.61 96.59
CA PHE SA 429 14.25 -53.36 93.24
CA THR SA 430 13.33 -56.54 95.13
CA SER SA 431 10.78 -54.64 97.22
CA ILE SA 432 9.05 -53.11 94.20
CA GLY SA 433 9.13 -56.56 92.59
CA LYS SA 434 7.36 -57.94 95.64
CA ALA SA 435 4.78 -55.15 95.52
CA LEU SA 436 4.12 -55.52 91.80
CA HIS SA 437 3.73 -59.23 92.46
CA GLN SA 438 1.22 -58.71 95.26
CA VAL SA 439 -0.92 -56.60 92.87
CA PHE SA 440 -0.44 -57.94 89.32
CA GLY SA 441 0.89 -61.47 89.87
CA ALA SA 442 -2.48 -63.10 89.42
CA ILE SA 443 -2.61 -61.57 85.95
CA TYR SA 444 1.01 -62.47 85.28
CA GLY SA 445 0.89 -66.11 86.35
CA ALA SA 446 -2.66 -67.00 85.34
CA ALA SA 447 -3.70 -64.90 82.35
CA PHE SA 448 -0.28 -64.71 80.67
CA SER SA 449 0.39 -68.33 79.71
CA GLY SA 450 1.14 -69.89 83.12
CA VAL SA 451 4.03 -69.50 82.24
CA SER SA 452 7.17 -70.68 80.45
CA TRP SA 453 9.29 -67.78 81.66
CA ILE SA 454 11.95 -67.65 78.92
CA MET SA 455 9.58 -67.31 75.98
CA LYS SA 456 7.25 -64.91 77.77
CA ILE SA 457 10.13 -62.58 78.66
CA LEU SA 458 11.10 -62.74 74.99
CA ILE SA 459 7.53 -61.64 74.21
CA GLY SA 460 7.91 -59.02 76.94
CA VAL SA 461 10.96 -57.44 75.36
CA ILE SA 462 9.14 -57.62 72.02
CA ILE SA 463 6.20 -55.62 73.40
CA THR SA 464 8.62 -53.16 75.01
CA TRP SA 465 10.38 -52.66 71.68
CA ILE SA 466 7.07 -52.12 69.89
CA GLY SA 467 5.94 -49.71 72.62
CA MET SA 468 9.04 -47.53 72.57
CA ASN SA 469 8.91 -47.26 68.76
CA SER SA 470 5.14 -46.69 68.68
CA ARG SA 471 3.07 -44.19 66.73
CA SER SA 472 1.77 -42.64 69.98
CA THR SA 473 3.50 -41.68 73.22
CA SER SA 474 0.44 -42.50 75.34
CA LEU SA 475 0.47 -46.06 74.01
CA SER SA 476 4.25 -46.13 74.48
CA VAL SA 477 3.86 -45.32 78.17
CA SER SA 478 0.91 -47.69 78.54
CA LEU SA 479 2.73 -50.63 76.93
CA VAL SA 480 6.38 -50.33 78.00
CA LEU SA 481 5.26 -50.15 81.64
CA VAL SA 482 3.51 -53.51 81.26
CA GLY SA 483 6.49 -54.90 79.38
CA VAL SA 484 9.04 -53.93 82.01
CA VAL SA 485 6.61 -55.26 84.63
CA THR SA 486 6.56 -58.55 82.73
CA LEU SA 487 10.34 -58.74 82.45
CA TYR SA 488 11.13 -57.83 86.07
CA LEU SA 489 8.41 -60.08 87.48
CA GLY SA 490 9.64 -62.90 85.25
CA VAL SA 491 13.09 -62.48 86.71
CA MET SA 492 11.34 -62.49 90.09
CA VAL SA 493 8.84 -65.36 89.63
CA GLN SA 494 11.77 -67.49 88.47
CA ALA SA 495 12.83 -67.22 92.13
CA PHE TA 1 -68.14 -40.19 160.86
CA HIS TA 2 -67.70 -43.97 160.78
CA LEU TA 3 -64.20 -44.76 162.03
CA THR TA 4 -61.87 -47.47 160.73
CA THR TA 5 -58.09 -47.89 160.39
CA ARG TA 6 -55.82 -47.87 157.36
CA ASN TA 7 -52.02 -47.91 157.18
CA GLY TA 8 -52.03 -48.01 160.97
CA GLU TA 9 -53.87 -44.67 161.20
CA PRO TA 10 -57.47 -43.76 162.07
CA HIS TA 11 -59.81 -43.09 159.18
CA MET TA 12 -63.16 -41.39 159.84
CA ILE TA 13 -65.72 -41.04 157.04
CA VAL TA 14 -67.88 -37.96 157.62
CA SER TA 15 -71.15 -37.04 155.95
CA ARG TA 16 -73.79 -34.30 155.97
CA GLN TA 17 -75.20 -35.66 159.26
CA GLU TA 18 -72.21 -33.98 160.94
CA LYS TA 19 -71.37 -31.02 158.70
CA GLY TA 20 -69.41 -27.92 159.65
CA LYS TA 21 -69.23 -29.00 163.30
CA SER TA 22 -66.47 -30.10 165.64
CA LEU TA 23 -65.63 -33.78 165.23
CA LEU TA 24 -65.12 -35.56 168.54
CA PHE TA 25 -63.99 -39.07 169.46
CA LYS TA 26 -62.38 -41.14 172.20
CA THR TA 27 -59.55 -43.37 170.95
CA GLU TA 28 -56.51 -45.10 172.42
CA ASP TA 29 -54.50 -41.93 171.86
CA GLY TA 30 -57.04 -40.02 173.96
CA VAL TA 31 -59.74 -37.40 173.47
CA ASN TA 32 -59.61 -36.71 169.71
CA MET TA 33 -60.97 -33.22 168.98
CA CYS TA 34 -60.81 -32.63 165.22
CA THR TA 35 -62.01 -29.58 163.34
CA LEU TA 36 -63.12 -30.28 159.77
CA MET TA 37 -62.94 -26.75 158.40
CA ALA TA 38 -63.19 -27.91 154.78
CA MET TA 39 -65.41 -26.53 152.01
CA ASP TA 40 -66.92 -29.03 149.58
CA LEU TA 41 -68.37 -31.31 152.26
CA GLY TA 42 -71.92 -32.05 151.13
CA GLU TA 43 -73.94 -35.24 151.34
CA LEU TA 44 -71.92 -38.40 150.85
CA CYS TA 45 -70.97 -39.25 147.28
CA GLU TA 46 -68.69 -41.53 145.23
CA ASP TA 47 -66.10 -38.81 144.50
CA THR TA 48 -64.21 -39.84 147.62
CA ILE TA 49 -61.82 -37.01 148.48
CA THR TA 50 -59.44 -37.92 151.30
CA TYR TA 51 -57.24 -35.87 153.60
CA LYS TA 52 -54.62 -35.99 156.32
CA CYS TA 53 -55.64 -33.95 159.30
CA PRO TA 54 -52.11 -33.30 160.65
CA PHE TA 55 -51.00 -33.51 164.25
CA LEU TA 56 -50.88 -29.97 165.65
CA LYS TA 57 -50.17 -29.53 169.35
CA GLN TA 58 -50.64 -25.82 170.13
CA ASN TA 59 -49.40 -23.79 167.14
CA GLU TA 60 -51.38 -21.43 164.90
CA PRO TA 61 -53.11 -23.45 162.16
CA GLU TA 62 -53.07 -22.05 158.65
CA ASP TA 63 -53.29 -23.25 155.05
CA ILE TA 64 -55.03 -26.47 156.16
CA ASP TA 65 -58.46 -27.93 155.52
CA CYS TA 66 -58.82 -30.15 158.59
CA TRP TA 67 -56.80 -30.65 161.77
CA CYS TA 68 -56.81 -32.51 165.06
CA ASN TA 69 -55.25 -31.55 168.38
CA SER TA 70 -54.56 -35.18 169.38
CA THR TA 71 -52.89 -37.03 166.50
CA SER TA 72 -52.63 -37.21 162.74
CA THR TA 73 -55.60 -38.91 161.12
CA TRP TA 74 -57.34 -39.64 157.84
CA VAL TA 75 -60.67 -38.10 156.90
CA THR TA 76 -62.75 -38.58 153.76
CA TYR TA 77 -65.99 -37.41 152.20
CA GLY TA 78 -67.84 -36.89 148.92
CA THR TA 79 -68.27 -33.92 146.61
CA CYS TA 80 -71.44 -34.36 144.52
CA THR TA 81 -74.34 -31.95 144.90
CA THR TA 82 -77.62 -32.70 146.67
CA THR TA 83 -79.57 -33.84 143.61
CA GLY TA 84 -76.75 -36.07 142.34
CA GLU TA 85 -74.11 -35.34 139.73
CA HIS TA 86 -70.43 -35.91 139.03
CA ARG TA 87 -69.13 -32.42 139.84
CA ARG TA 88 -69.15 -28.82 138.56
CA GLU TA 89 -69.12 -28.44 134.77
CA LYS TA 90 -66.38 -26.65 132.81
CA ARG TA 91 -65.45 -26.13 129.17
CA SER TA 92 -61.87 -26.56 127.99
CA VAL TA 93 -59.51 -28.32 125.50
CA ALA TA 94 -58.58 -26.55 122.25
CA LEU TA 95 -59.27 -28.37 118.99
CA VAL TA 96 -60.62 -27.80 115.50
CA PRO TA 97 -60.32 -29.88 112.29
CA HIS TA 98 -59.73 -29.00 108.70
CA VAL TA 99 -62.86 -28.18 106.69
CA GLY TA 100 -63.94 -30.82 104.27
CA MET TA 101 -64.35 -31.28 100.55
CA GLY TA 102 -67.53 -32.61 98.96
CA LEU TA 103 -69.83 -32.64 95.91
CA GLU TA 104 -67.06 -31.01 93.83
CA THR TA 105 -64.64 -33.80 92.79
CA ARG TA 106 -60.99 -33.17 91.90
CA THR TA 107 -60.59 -33.23 88.09
CA GLU TA 108 -60.72 -30.45 85.48
CA THR TA 109 -64.25 -30.71 84.02
CA TRP TA 110 -67.80 -29.21 84.00
CA MET TA 111 -67.02 -26.00 82.03
CA SER TA 112 -68.02 -24.02 85.15
CA SER TA 113 -66.82 -20.48 85.82
CA GLU TA 114 -65.09 -21.40 89.08
CA GLY TA 115 -63.54 -24.52 87.58
CA ALA TA 116 -62.56 -22.70 84.39
CA TRP TA 117 -60.90 -19.78 86.20
CA LYS TA 118 -59.30 -21.85 88.99
CA HIS TA 119 -56.44 -22.94 86.74
CA ALA TA 120 -55.69 -19.39 85.59
CA GLN TA 121 -55.98 -18.03 89.14
CA ARG TA 122 -53.53 -20.67 90.36
CA ILE TA 123 -51.15 -19.88 87.47
CA GLU TA 124 -51.10 -16.18 88.31
CA THR TA 125 -50.79 -16.90 92.04
CA TRP TA 126 -47.77 -19.10 91.29
CA ILE TA 127 -46.31 -16.37 89.08
CA LEU TA 128 -46.74 -13.80 91.84
CA ARG TA 129 -45.20 -16.17 94.40
CA HIS TA 130 -42.45 -17.26 91.95
CA PRO TA 131 -41.01 -14.18 90.22
CA GLY TA 132 -37.58 -15.78 89.86
CA PHE TA 133 -38.84 -18.82 87.98
CA THR TA 134 -40.91 -16.51 85.77
CA ILE TA 135 -37.81 -14.46 84.92
CA MET TA 136 -35.82 -17.64 84.26
CA ALA TA 137 -38.52 -18.95 81.92
CA ALA TA 138 -38.62 -15.60 80.12
CA ILE TA 139 -34.84 -15.68 79.66
CA LEU TA 140 -34.97 -19.24 78.30
CA ALA TA 141 -37.75 -18.22 75.90
CA TYR TA 142 -35.68 -15.24 74.75
CA THR TA 143 -32.58 -17.34 74.11
CA ILE TA 144 -34.30 -20.30 72.43
CA GLY TA 145 -36.93 -18.20 70.67
CA THR TA 146 -35.93 -16.76 67.30
CA THR TA 147 -39.30 -15.04 66.72
CA HIS TA 148 -41.35 -12.94 69.12
CA PHE TA 149 -44.36 -15.21 68.64
CA GLN TA 150 -42.29 -18.29 69.50
CA ARG TA 151 -40.81 -16.32 72.42
CA ALA TA 152 -44.23 -15.55 73.89
CA LEU TA 153 -45.60 -19.04 73.19
CA ILE TA 154 -42.66 -20.74 74.89
CA PHE TA 155 -42.81 -18.36 77.85
CA ILE TA 156 -46.52 -19.06 78.32
CA LEU TA 157 -45.96 -22.81 77.95
CA LEU TA 158 -43.18 -22.83 80.56
CA THR TA 159 -45.15 -20.69 83.03
CA ALA TA 160 -48.21 -22.93 82.62
CA VAL TA 161 -46.36 -26.27 82.75
CA ALA TA 162 -43.98 -25.61 85.66
CA PRO TA 163 -46.75 -25.46 88.33
CA SER TA 164 -48.60 -28.48 86.93
CA MET TA 165 -45.60 -30.68 87.76
CA THR TA 166 -46.06 -29.89 91.46
CA PHE UA 1 -67.94 -7.69 166.25
CA HIS UA 2 -69.71 -4.37 165.60
CA LEU UA 3 -73.20 -4.75 164.18
CA THR UA 4 -73.23 -1.62 161.99
CA THR UA 5 -75.59 -0.56 159.19
CA ARG UA 6 -73.30 -0.83 156.17
CA ASN UA 7 -74.90 -0.26 152.76
CA GLY UA 8 -78.20 -0.31 154.65
CA GLU UA 9 -77.76 -3.88 155.92
CA PRO UA 10 -76.24 -5.53 159.01
CA HIS UA 11 -72.46 -5.65 158.93
CA MET UA 12 -70.03 -7.48 161.25
CA ILE UA 13 -66.25 -7.43 161.75
CA VAL UA 14 -65.03 -10.79 163.09
CA SER UA 15 -61.41 -11.07 164.20
CA ARG UA 16 -59.15 -14.00 165.09
CA GLN UA 17 -59.56 -13.78 168.89
CA GLU UA 18 -62.48 -16.16 168.34
CA LYS UA 19 -62.28 -18.58 165.43
CA GLY UA 20 -63.88 -21.73 164.10
CA LYS UA 21 -67.00 -21.14 166.21
CA SER UA 22 -70.49 -19.88 165.46
CA LEU UA 23 -71.09 -16.24 166.36
CA LEU UA 24 -74.16 -15.05 168.26
CA PHE UA 25 -75.75 -11.60 168.13
CA LYS UA 26 -79.04 -9.71 168.21
CA THR UA 27 -81.09 -7.96 165.52
CA GLU UA 28 -84.65 -6.69 165.12
CA ASP UA 29 -85.71 -10.17 163.99
CA GLY UA 30 -84.32 -11.71 167.20
CA VAL UA 31 -81.27 -13.67 168.24
CA ASN UA 32 -79.16 -14.75 165.26
CA MET UA 33 -76.47 -17.44 165.33
CA CYS UA 34 -74.06 -17.16 162.40
CA THR UA 35 -71.87 -19.84 160.85
CA LEU UA 36 -68.46 -18.90 159.41
CA MET UA 37 -66.73 -21.72 157.52
CA ALA UA 38 -64.06 -19.41 156.05
CA MET UA 39 -60.90 -21.46 156.43
CA ASP UA 40 -58.39 -18.76 155.38
CA LEU UA 41 -59.09 -16.49 158.35
CA GLY UA 42 -56.50 -14.39 160.16
CA GLU UA 43 -56.46 -11.45 162.57
CA LEU UA 44 -57.85 -8.03 161.73
CA CYS UA 45 -55.55 -5.72 159.77
CA GLU UA 46 -55.67 -3.49 156.71
CA ASP UA 47 -56.24 -6.36 154.25
CA THR UA 48 -59.94 -6.62 155.02
CA ILE UA 49 -61.88 -9.18 152.99
CA THR UA 50 -65.66 -8.67 153.06
CA TYR UA 51 -68.73 -10.86 152.39
CA LYS UA 52 -72.50 -10.52 152.07
CA CYS UA 53 -73.55 -13.51 154.15
CA PRO UA 54 -76.63 -15.18 152.59
CA PHE UA 55 -79.81 -16.39 154.27
CA LEU UA 56 -80.59 -20.11 154.40
CA LYS UA 57 -83.75 -21.65 155.87
CA GLN UA 58 -83.38 -25.46 155.64
CA ASN UA 59 -81.38 -26.28 152.49
CA GLU UA 60 -77.96 -27.86 152.80
CA PRO UA 61 -75.19 -25.21 152.96
CA GLU UA 62 -73.01 -25.90 149.92
CA ASP UA 63 -70.01 -24.07 148.48
CA ILE UA 64 -70.38 -21.09 150.83
CA ASP UA 65 -68.54 -19.94 153.93
CA CYS UA 66 -71.15 -18.00 155.86
CA TRP UA 67 -74.78 -18.64 156.68
CA CYS UA 68 -77.38 -17.95 159.37
CA ASN UA 69 -80.91 -19.21 160.15
CA SER UA 70 -82.91 -15.96 159.94
CA THR UA 71 -81.33 -13.24 157.84
CA SER UA 72 -78.47 -12.15 155.60
CA THR UA 73 -75.65 -9.83 156.65
CA TRP UA 74 -72.14 -8.58 155.81
CA VAL UA 75 -69.27 -10.38 157.56
CA THR UA 76 -65.68 -9.16 157.14
CA TYR UA 77 -62.28 -10.06 158.52
CA GLY UA 78 -58.58 -9.58 158.06
CA THR UA 79 -56.14 -12.00 156.46
CA CYS UA 80 -52.77 -11.01 157.90
CA THR UA 81 -50.60 -13.87 159.14
CA THR UA 82 -49.11 -14.15 162.62
CA THR UA 83 -46.42 -11.56 161.89
CA GLY UA 84 -49.19 -9.13 160.91
CA GLU UA 85 -48.16 -8.81 157.25
CA HIS UA 86 -50.16 -8.98 154.02
CA ARG UA 87 -50.57 -11.96 151.72
CA ARG UA 88 -47.39 -13.54 150.41
CA GLU UA 89 -46.44 -15.69 147.42
CA LYS UA 90 -44.19 -15.78 144.34
CA ARG UA 91 -43.46 -15.59 141.44
CA SER UA 92 -44.48 -13.68 138.31
CA VAL UA 93 -42.64 -13.33 135.00
CA ALA UA 94 -40.55 -10.54 133.49
CA LEU UA 95 -39.03 -10.72 130.02
CA VAL UA 96 -35.27 -11.32 130.19
CA PRO UA 97 -33.40 -8.23 128.89
CA HIS UA 98 -30.37 -8.00 126.63
CA VAL UA 99 -28.31 -5.44 124.70
CA GLY UA 100 -29.17 -4.07 121.27
CA MET UA 101 -32.55 -3.88 119.56
CA GLY UA 102 -33.53 -7.19 118.00
CA LEU UA 103 -36.07 -6.50 115.25
CA GLU UA 104 -35.12 -8.83 112.42
CA THR UA 105 -36.74 -12.17 113.37
CA ARG UA 106 -40.37 -13.09 113.97
CA THR UA 107 -42.85 -15.84 113.05
CA GLU UA 108 -42.19 -19.59 113.09
CA THR UA 109 -41.25 -21.82 110.16
CA TRP UA 110 -43.22 -24.03 107.80
CA MET UA 111 -40.93 -27.01 107.27
CA SER UA 112 -41.74 -27.86 103.65
CA SER UA 113 -41.86 -24.36 102.16
CA GLU UA 114 -38.86 -23.06 104.09
CA GLY UA 115 -36.86 -26.19 103.27
CA ALA UA 116 -37.67 -25.66 99.60
CA TRP UA 117 -36.70 -21.97 99.74
CA LYS UA 118 -33.63 -22.50 101.96
CA HIS UA 119 -31.33 -22.65 98.93
CA ALA UA 120 -32.83 -19.53 97.34
CA GLN UA 121 -32.58 -17.54 100.57
CA ARG UA 122 -29.14 -18.89 101.50
CA ILE UA 123 -27.57 -17.95 98.16
CA GLU UA 124 -28.88 -14.39 98.58
CA THR UA 125 -27.71 -14.02 102.17
CA TRP UA 126 -24.29 -15.47 101.36
CA ILE UA 127 -23.74 -13.47 98.18
CA LEU UA 128 -24.71 -10.29 100.04
CA ARG UA 129 -22.59 -11.05 103.11
CA HIS UA 130 -19.34 -11.64 101.15
CA PRO UA 131 -18.84 -8.99 98.45
CA GLY UA 132 -15.14 -9.83 98.33
CA PHE UA 133 -15.80 -13.35 97.12
CA THR UA 134 -18.37 -11.87 94.75
CA ILE UA 135 -15.58 -9.83 93.20
CA MET UA 136 -13.16 -12.75 92.97
CA ALA UA 137 -15.78 -15.08 91.47
CA ALA UA 138 -16.79 -12.40 88.98
CA ILE UA 139 -13.17 -11.85 87.93
CA LEU UA 140 -12.55 -15.59 87.52
CA ALA UA 141 -15.71 -15.95 85.44
CA TYR UA 142 -14.71 -12.96 83.33
CA THR UA 143 -11.30 -14.46 82.58
CA ILE UA 144 -12.35 -18.07 81.98
CA GLY UA 145 -15.55 -17.51 80.02
CA THR UA 146 -14.70 -16.85 76.36
CA THR UA 147 -18.15 -15.51 75.43
CA HIS UA 148 -20.77 -13.77 77.53
CA PHE UA 149 -23.05 -16.66 78.44
CA GLN UA 150 -20.14 -18.86 79.52
CA ARG UA 151 -19.08 -16.04 81.82
CA ALA UA 152 -22.55 -15.71 83.33
CA LEU UA 153 -22.89 -19.49 83.66
CA ILE UA 154 -19.60 -19.92 85.50
CA PHE UA 155 -20.46 -16.95 87.71
CA ILE UA 156 -23.87 -18.28 88.75
CA LEU UA 157 -22.55 -21.82 89.30
CA LEU UA 158 -19.78 -20.59 91.60
CA THR UA 159 -22.18 -18.34 93.49
CA ALA UA 160 -24.45 -21.35 94.03
CA VAL UA 161 -21.58 -23.65 94.99
CA ALA UA 162 -19.96 -21.35 97.55
CA PRO UA 163 -22.69 -21.57 100.24
CA SER UA 164 -23.04 -25.33 99.74
CA MET UA 165 -19.44 -26.19 100.64
CA THR UA 166 -19.85 -24.23 103.88
CA PHE VA 1 -28.80 -38.15 175.71
CA HIS VA 2 -25.03 -38.75 175.68
CA LEU VA 3 -23.11 -35.49 176.12
CA THR VA 4 -19.57 -34.85 174.87
CA THR VA 5 -17.43 -31.74 174.42
CA ARG VA 6 -16.41 -31.01 170.82
CA ASN VA 7 -15.14 -27.68 169.46
CA GLY VA 8 -15.59 -26.18 172.92
CA GLU VA 9 -19.35 -26.84 172.75
CA PRO VA 10 -21.59 -29.70 173.93
CA HIS VA 11 -22.50 -32.46 171.49
CA MET VA 12 -25.62 -34.54 172.19
CA ILE VA 13 -26.10 -38.06 170.86
CA VAL VA 14 -29.72 -39.22 170.89
CA SER VA 15 -31.27 -42.55 169.89
CA ARG VA 16 -34.81 -43.56 169.03
CA GLN VA 17 -35.15 -45.18 172.46
CA GLU VA 18 -36.14 -41.65 173.57
CA LYS VA 19 -38.06 -40.88 170.38
CA GLY VA 20 -40.97 -38.45 170.54
CA LYS VA 21 -40.11 -37.02 173.95
CA SER VA 22 -38.67 -33.67 174.95
CA LEU VA 23 -34.93 -33.45 175.58
CA LEU VA 24 -34.67 -33.09 179.37
CA PHE VA 25 -31.49 -33.39 181.44
CA LYS VA 26 -29.41 -31.49 184.00
CA THR VA 27 -25.87 -30.08 183.81
CA GLU VA 28 -23.89 -27.25 185.37
CA ASP VA 29 -24.98 -24.85 182.63
CA GLY VA 30 -28.45 -24.87 184.20
CA VAL VA 31 -31.84 -26.51 183.81
CA ASN VA 32 -31.37 -27.40 180.13
CA MET VA 33 -34.92 -27.88 178.95
CA CYS VA 34 -34.84 -28.73 175.25
CA THR VA 35 -36.95 -30.31 172.53
CA LEU VA 36 -36.45 -32.33 169.35
CA MET VA 37 -39.37 -32.10 166.96
CA ALA VA 38 -38.50 -33.37 163.47
CA MET VA 39 -39.55 -36.93 162.62
CA ASP VA 40 -36.54 -37.76 160.44
CA LEU VA 41 -35.06 -39.72 163.37
CA GLY VA 42 -34.02 -43.30 162.73
CA GLU VA 43 -32.47 -45.93 164.94
CA LEU VA 44 -28.88 -45.77 166.13
CA CYS VA 45 -26.57 -46.63 163.23
CA GLU VA 46 -23.50 -45.26 161.44
CA ASP VA 47 -25.44 -42.64 159.45
CA THR VA 48 -24.90 -39.87 161.96
CA ILE VA 49 -26.53 -36.48 161.30
CA THR VA 50 -25.78 -33.40 163.41
CA TYR VA 51 -27.32 -30.06 164.39
CA LYS VA 52 -26.79 -26.97 166.47
CA CYS VA 53 -29.79 -26.29 168.70
CA PRO VA 54 -30.17 -22.51 169.19
CA PHE VA 55 -30.80 -20.69 172.45
CA LEU VA 56 -34.11 -19.05 173.29
CA LYS VA 57 -34.29 -15.38 174.22
CA GLN VA 58 -37.98 -14.61 173.65
CA ASN VA 59 -39.11 -16.06 170.31
CA GLU VA 60 -41.44 -18.99 169.75
CA PRO VA 61 -39.64 -22.14 168.52
CA GLU VA 62 -39.35 -21.68 164.78
CA ASP VA 63 -37.08 -22.34 161.77
CA ILE VA 64 -35.09 -25.11 163.54
CA ASP VA 65 -35.95 -28.75 164.14
CA CYS VA 66 -34.46 -28.66 167.64
CA TRP VA 67 -34.99 -25.96 170.26
CA CYS VA 68 -33.21 -25.46 173.59
CA ASN VA 69 -33.79 -22.57 176.00
CA SER VA 70 -30.82 -22.65 178.40
CA THR VA 71 -27.63 -22.99 176.32
CA SER VA 72 -26.87 -23.66 172.66
CA THR VA 73 -25.93 -27.30 172.15
CA TRP VA 74 -25.32 -29.66 169.24
CA VAL VA 75 -27.70 -32.60 168.82
CA THR VA 76 -26.86 -35.54 166.56
CA TYR VA 77 -28.66 -38.82 165.91
CA GLY VA 78 -29.28 -41.57 163.38
CA THR VA 79 -31.43 -41.41 160.26
CA CYS VA 80 -31.30 -44.87 158.68
CA THR VA 81 -34.62 -46.60 158.09
CA THR VA 82 -35.84 -49.23 160.55
CA THR VA 83 -34.50 -52.10 158.40
CA GLY VA 84 -30.89 -50.97 158.97
CA GLU VA 85 -30.55 -49.48 155.47
CA HIS VA 86 -29.17 -46.03 154.68
CA ARG VA 87 -31.38 -43.45 153.03
CA ARG VA 88 -31.48 -43.50 149.25
CA GLU VA 89 -33.45 -42.25 146.25
CA LYS VA 90 -34.34 -44.09 143.06
CA ARG VA 91 -33.20 -41.31 140.71
CA SER VA 92 -30.43 -42.30 138.30
CA VAL VA 93 -27.92 -40.67 135.91
CA ALA VA 94 -26.27 -42.13 132.80
CA LEU VA 95 -26.15 -41.59 129.03
CA VAL VA 96 -26.43 -43.43 125.70
CA PRO VA 97 -23.45 -45.75 124.99
CA HIS VA 98 -24.50 -47.09 121.57
CA VAL VA 99 -22.66 -45.04 118.92
CA GLY VA 100 -19.83 -42.55 119.20
CA MET VA 101 -16.72 -42.02 117.06
CA GLY VA 102 -15.34 -38.66 115.90
CA LEU VA 103 -11.73 -39.04 114.74
CA GLU VA 104 -9.34 -41.97 115.20
CA THR VA 105 -6.69 -44.20 113.65
CA ARG VA 106 -3.14 -43.92 112.51
CA THR VA 107 -2.18 -40.74 110.64
CA GLU VA 108 -1.45 -41.29 106.92
CA THR VA 109 -2.44 -44.68 105.51
CA TRP VA 110 -5.82 -44.17 107.13
CA MET VA 111 -5.86 -40.65 105.71
CA SER VA 112 -5.13 -41.82 102.16
CA SER VA 113 -7.37 -44.90 102.25
CA GLU VA 114 -10.37 -43.31 103.96
CA GLY VA 115 -10.01 -40.19 101.81
CA ALA VA 116 -10.16 -42.33 98.68
CA TRP VA 117 -13.09 -44.37 99.98
CA LYS VA 118 -15.09 -41.47 101.45
CA HIS VA 119 -14.68 -39.42 98.28
CA ALA VA 120 -15.57 -42.49 96.22
CA GLN VA 121 -18.74 -43.22 98.18
CA ARG VA 122 -19.75 -39.55 98.40
CA ILE VA 123 -19.35 -38.95 94.66
CA GLU VA 124 -20.91 -42.33 93.87
CA THR VA 125 -23.95 -41.54 96.00
CA TRP VA 126 -24.23 -38.16 94.25
CA ILE VA 127 -24.08 -40.00 90.90
CA LEU VA 128 -26.64 -42.71 91.76
CA ARG VA 129 -28.81 -40.90 94.31
CA HIS VA 130 -29.35 -38.25 91.59
CA PRO VA 131 -28.35 -39.76 88.23
CA GLY VA 132 -30.09 -37.74 85.52
CA PHE VA 133 -28.40 -34.49 86.52
CA THR VA 134 -25.07 -36.21 85.93
CA ILE VA 135 -25.72 -37.34 82.35
CA MET VA 136 -27.41 -34.07 81.38
CA ALA VA 137 -24.46 -32.11 82.78
CA ALA VA 138 -22.00 -34.38 80.98
CA ILE VA 139 -23.66 -33.93 77.59
CA LEU VA 140 -24.10 -30.20 78.20
CA ALA VA 141 -20.38 -29.85 78.95
CA TYR VA 142 -19.36 -31.95 75.96
CA THR VA 143 -21.53 -29.75 73.73
CA ILE VA 144 -20.67 -26.34 75.23
CA GLY VA 145 -17.16 -26.38 76.67
CA THR VA 146 -14.55 -25.29 74.14
CA THR VA 147 -11.61 -27.26 75.59
CA HIS VA 148 -11.48 -30.55 77.44
CA PHE VA 149 -10.26 -28.64 80.51
CA GLN VA 150 -13.23 -26.28 80.22
CA ARG VA 151 -15.63 -29.20 79.71
CA ALA VA 152 -14.13 -30.90 82.76
CA LEU VA 153 -14.78 -27.77 84.81
CA ILE VA 154 -18.35 -27.57 83.49
CA PHE VA 155 -19.61 -31.04 84.27
CA ILE VA 156 -17.54 -31.61 87.42
CA LEU VA 157 -18.93 -28.36 88.86
CA LEU VA 158 -22.48 -29.20 87.76
CA THR VA 159 -22.24 -32.66 89.32
CA ALA VA 160 -20.88 -31.05 92.50
CA VAL VA 161 -23.64 -28.46 92.83
CA ALA VA 162 -26.79 -30.17 91.52
CA PRO VA 163 -27.14 -33.02 94.07
CA SER VA 164 -26.51 -30.54 96.88
CA MET VA 165 -29.01 -28.19 95.23
CA THR VA 166 -31.47 -31.06 94.79
CA MET WA 1 38.62 114.41 -48.10
CA ARG WA 2 35.90 115.66 -50.43
CA CYS WA 3 32.76 113.90 -49.31
CA ILE WA 4 31.13 115.68 -46.37
CA GLY WA 5 27.35 116.03 -46.18
CA ILE WA 6 26.62 113.30 -48.72
CA SER WA 7 24.17 111.01 -46.94
CA ASN WA 8 25.24 107.76 -48.64
CA ARG WA 9 28.86 107.34 -47.56
CA ASP WA 10 29.80 103.68 -48.03
CA PHE WA 11 32.79 102.08 -46.34
CA VAL WA 12 35.34 99.37 -47.14
CA GLU WA 13 36.91 98.44 -43.78
CA GLY WA 14 39.88 96.38 -44.89
CA VAL WA 15 41.91 94.94 -47.76
CA SER WA 16 43.39 91.55 -48.70
CA GLY WA 17 46.49 90.43 -50.57
CA GLY WA 18 44.78 90.35 -53.95
CA SER WA 19 43.40 93.86 -53.32
CA TRP WA 20 40.94 93.41 -56.21
CA VAL WA 21 38.23 95.40 -54.48
CA ASP WA 22 35.10 95.82 -56.62
CA ILE WA 23 33.61 99.09 -55.43
CA VAL WA 24 29.93 99.87 -55.80
CA LEU WA 25 29.11 103.42 -56.85
CA GLU WA 26 25.86 105.31 -57.32
CA HIS WA 27 24.61 108.84 -57.91
CA GLY WA 28 24.84 111.08 -54.86
CA SER WA 29 26.82 108.54 -52.84
CA CYS WA 30 30.52 108.53 -51.98
CA VAL WA 31 32.78 105.60 -51.14
CA THR WA 32 35.76 105.30 -48.80
CA THR WA 33 38.46 102.69 -49.36
CA MET WA 34 40.71 101.60 -46.50
CA ALA WA 35 43.90 99.57 -46.76
CA LYS WA 36 46.36 98.42 -44.12
CA ASN WA 37 49.29 100.86 -44.20
CA LYS WA 38 48.34 102.06 -47.69
CA PRO WA 39 46.89 105.41 -48.77
CA THR WA 40 43.17 105.71 -48.06
CA LEU WA 41 41.01 106.74 -51.01
CA ASP WA 42 37.71 108.49 -51.63
CA PHE WA 43 35.81 107.57 -54.79
CA GLU WA 44 32.92 109.42 -56.40
CA LEU WA 45 31.21 109.94 -59.73
CA ILE WA 46 30.90 113.69 -60.25
CA LYS WA 47 29.07 113.76 -63.58
CA THR WA 48 27.31 111.25 -65.84
CA GLU WA 49 27.06 112.24 -69.50
CA ALA WA 50 26.26 110.50 -72.78
CA LYS WA 51 28.23 112.52 -75.30
CA GLN WA 52 27.08 112.69 -78.92
CA PRO WA 53 23.54 111.34 -78.38
CA ALA WA 54 21.53 110.10 -81.34
CA THR WA 55 18.36 111.78 -82.60
CA LEU WA 56 15.16 109.71 -82.74
CA ARG WA 57 12.26 111.96 -83.75
CA LYS WA 58 11.52 115.68 -83.64
CA TYR WA 59 8.19 117.11 -82.50
CA CYS WA 60 6.68 120.43 -83.56
CA ILE WA 61 5.66 123.08 -81.04
CA GLU WA 62 4.76 126.39 -82.77
CA ALA WA 63 3.14 126.50 -86.19
CA LYS WA 64 3.49 129.26 -88.73
CA LEU WA 65 1.29 128.80 -91.78
CA THR WA 66 0.59 130.46 -95.13
CA ASN WA 67 -0.83 129.99 -98.62
CA THR WA 68 -4.12 128.73 -97.18
CA THR WA 69 -6.74 128.25 -99.89
CA THR WA 70 -10.31 127.00 -100.23
CA ASP WA 71 -11.36 125.58 -103.60
CA SER WA 72 -14.72 124.04 -104.33
CA ARG WA 73 -17.06 122.90 -107.09
CA CYS WA 74 -20.81 122.76 -107.43
CA PRO WA 75 -22.47 119.49 -106.34
CA THR WA 76 -22.30 116.82 -109.07
CA GLN WA 77 -18.89 118.09 -110.30
CA GLY WA 78 -16.56 116.07 -108.07
CA GLU WA 79 -14.43 117.70 -105.40
CA PRO WA 80 -11.72 119.66 -107.24
CA SER WA 81 -8.11 118.56 -107.46
CA LEU WA 82 -5.39 121.09 -106.69
CA ASN WA 83 -1.71 121.49 -107.44
CA GLU WA 84 -1.55 122.56 -103.79
CA GLU WA 85 -2.67 119.24 -102.33
CA GLN WA 86 -0.38 116.87 -104.24
CA ASP WA 87 2.74 117.93 -102.29
CA LYS WA 88 3.54 116.70 -98.78
CA ARG WA 89 4.85 120.19 -97.93
CA PHE WA 90 1.23 121.23 -97.24
CA VAL WA 91 -1.49 119.95 -94.92
CA CYS WA 92 -4.98 119.36 -96.25
CA LYS WA 93 -8.49 118.04 -96.02
CA HIS WA 94 -11.64 117.50 -98.06
CA SER WA 95 -15.06 118.22 -96.61
CA MET WA 96 -18.75 118.29 -97.53
CA VAL WA 97 -20.98 121.37 -97.23
CA ASP WA 98 -24.51 122.26 -98.31
CA ARG WA 99 -24.10 124.82 -101.06
CA GLY WA 100 -27.48 126.50 -101.52
CA TRP WA 101 -29.19 127.83 -104.61
CA GLY WA 102 -28.13 131.42 -103.94
CA ASN WA 103 -24.56 130.34 -103.33
CA GLY WA 104 -22.93 130.84 -106.70
CA CYS WA 105 -23.97 127.58 -108.35
CA GLY WA 106 -27.74 127.65 -108.24
CA LEU WA 107 -28.35 123.98 -107.57
CA PHE WA 108 -28.76 123.40 -103.85
CA GLY WA 109 -27.09 120.28 -102.53
CA LYS WA 110 -24.16 118.92 -100.56
CA GLY WA 111 -20.84 119.12 -102.39
CA GLY WA 112 -17.11 118.92 -101.83
CA ILE WA 113 -14.64 121.58 -100.73
CA VAL WA 114 -10.87 121.16 -100.60
CA THR WA 115 -9.17 123.35 -98.01
CA CYS WA 116 -5.44 123.68 -97.31
CA ALA WA 117 -2.28 125.53 -96.54
CA MET WA 118 1.46 125.40 -96.07
CA PHE WA 119 2.78 124.19 -92.72
CA THR WA 120 6.28 125.09 -91.56
CA CYS WA 121 6.74 125.54 -87.82
CA LYS WA 122 9.22 127.49 -85.78
CA LYS WA 123 10.01 125.88 -82.40
CA ASN WA 124 10.50 122.13 -82.24
CA MET WA 125 11.46 119.50 -79.71
CA LYS WA 126 14.69 117.54 -79.78
CA GLY WA 127 14.01 113.86 -79.13
CA LYS WA 128 17.08 111.76 -78.47
CA VAL WA 129 18.07 108.20 -77.55
CA VAL WA 130 21.02 107.05 -75.44
CA GLN WA 131 22.75 103.71 -76.05
CA PRO WA 132 24.98 101.76 -73.63
CA GLU WA 133 27.98 102.59 -75.82
CA ASN WA 134 27.69 106.35 -75.40
CA LEU WA 135 27.55 106.22 -71.59
CA GLU WA 136 30.51 108.31 -70.41
CA TYR WA 137 31.16 108.43 -66.67
CA THR WA 138 33.36 110.97 -64.91
CA ILE WA 139 35.08 109.51 -61.85
CA VAL WA 140 36.77 111.57 -59.13
CA ILE WA 141 39.54 110.02 -57.03
CA THR WA 142 40.86 111.77 -53.94
CA PRO WA 143 43.44 111.06 -51.22
CA HIS WA 144 42.85 111.71 -47.51
CA SER WA 145 45.63 114.25 -47.29
CA GLY WA 146 43.37 116.52 -45.24
CA GLU WA 147 43.78 119.65 -47.37
CA GLU WA 148 41.68 122.52 -46.08
CA HIS WA 149 39.35 123.10 -49.05
CA ALA WA 150 38.02 119.55 -48.84
CA VAL WA 151 34.86 119.79 -46.72
CA GLY WA 152 32.02 120.61 -49.08
CA ASN WA 153 34.30 120.85 -52.13
CA ASP WA 154 33.95 118.69 -55.24
CA THR WA 155 35.90 119.95 -58.26
CA GLY WA 156 38.81 121.46 -56.31
CA LYS WA 157 42.24 120.77 -57.81
CA HIS WA 158 43.36 118.26 -55.20
CA GLY WA 159 42.60 114.87 -56.75
CA LYS WA 160 42.20 113.30 -60.18
CA GLU WA 161 39.35 113.15 -62.68
CA ILE WA 162 39.13 110.30 -65.19
CA LYS WA 163 36.89 109.94 -68.25
CA ILE WA 164 35.75 106.32 -67.97
CA THR WA 165 33.64 104.50 -70.55
CA PRO WA 166 32.80 100.83 -71.22
CA GLN WA 167 34.59 101.22 -74.56
CA SER WA 168 37.75 101.67 -72.44
CA SER WA 169 39.02 98.98 -70.08
CA ILE WA 170 42.43 99.89 -68.58
CA THR WA 171 44.02 103.28 -68.00
CA GLU WA 172 46.48 104.39 -65.34
CA ALA WA 173 45.76 107.53 -63.33
CA GLU WA 174 48.16 109.52 -61.17
CA LEU WA 175 47.39 110.71 -57.64
CA THR WA 176 49.94 113.42 -56.92
CA GLY WA 177 52.03 112.58 -53.89
CA TYR WA 178 50.53 109.10 -53.58
CA GLY WA 179 51.49 107.35 -56.82
CA THR WA 180 49.40 105.42 -59.34
CA VAL WA 181 45.97 103.79 -59.44
CA THR WA 182 44.78 101.71 -62.37
CA MET WA 183 41.32 102.32 -63.82
CA GLU WA 184 40.69 98.73 -64.89
CA CYS WA 185 37.04 99.51 -64.31
CA SER WA 186 33.92 97.79 -65.66
CA PRO WA 187 30.81 99.95 -66.17
CA ARG WA 188 28.51 96.99 -66.68
CA THR WA 189 25.28 97.66 -64.83
CA GLY WA 190 23.17 99.98 -66.94
CA LEU WA 191 19.67 99.81 -65.46
CA ASP WA 192 17.60 99.90 -68.66
CA PHE WA 193 17.64 101.92 -71.87
CA ASN WA 194 15.06 100.57 -74.33
CA GLU WA 195 12.19 102.54 -72.75
CA MET WA 196 13.88 105.82 -71.81
CA VAL WA 197 14.20 108.87 -74.05
CA LEU WA 198 15.73 112.31 -73.65
CA LEU WA 199 13.93 115.53 -74.65
CA GLN WA 200 15.46 118.98 -75.12
CA MET WA 201 13.82 122.41 -75.45
CA GLU WA 202 16.20 125.31 -76.21
CA ASN WA 203 17.72 125.50 -72.71
CA LYS WA 204 16.10 122.69 -70.69
CA ALA WA 205 15.65 118.93 -70.88
CA TRP WA 206 13.59 116.02 -69.58
CA LEU WA 207 13.60 112.22 -69.42
CA VAL WA 208 10.49 110.26 -70.37
CA HIS WA 209 9.43 106.74 -71.30
CA ARG WA 210 9.55 105.81 -74.98
CA GLN WA 211 5.85 104.98 -75.18
CA TRP WA 212 5.12 108.58 -74.25
CA PHE WA 213 6.84 109.75 -77.44
CA LEU WA 214 5.30 106.91 -79.44
CA ASP WA 215 1.78 107.95 -78.42
CA LEU WA 216 1.86 111.73 -78.02
CA PRO WA 217 -0.34 113.23 -80.80
CA LEU WA 218 1.78 116.03 -82.23
CA PRO WA 219 3.59 116.50 -85.55
CA TRP WA 220 6.50 114.17 -86.37
CA LEU WA 221 9.85 114.24 -88.08
CA PRO WA 222 11.88 111.01 -88.35
CA GLY WA 223 15.49 111.49 -87.37
CA ALA WA 224 16.78 110.99 -90.92
CA ASP WA 225 15.01 113.95 -92.52
CA THR WA 226 16.66 117.37 -92.64
CA GLN WA 227 14.46 119.59 -94.84
CA GLY WA 228 11.67 119.82 -92.27
CA SER WA 229 9.08 119.45 -95.05
CA ASN WA 230 7.70 115.91 -94.66
CA TRP WA 231 5.58 115.46 -91.54
CA ILE WA 232 3.41 112.69 -90.09
CA GLN WA 233 0.22 113.22 -88.08
CA LYS WA 234 0.58 116.82 -89.22
CA GLU WA 235 -3.20 117.35 -89.09
CA THR WA 236 -3.45 117.32 -85.29
CA LEU WA 237 -2.20 120.88 -84.79
CA VAL WA 238 -4.50 122.38 -87.42
CA THR WA 239 -8.06 122.47 -86.12
CA PHE WA 240 -10.68 123.60 -88.61
CA LYS WA 241 -13.55 125.91 -87.80
CA ASN WA 242 -16.84 124.36 -88.85
CA PRO WA 243 -17.18 124.60 -92.65
CA HIS WA 244 -18.93 127.76 -93.80
CA ALA WA 245 -20.23 127.29 -97.35
CA LYS WA 246 -17.05 128.25 -99.22
CA LYS WA 247 -15.16 129.79 -96.32
CA GLN WA 248 -13.09 127.25 -94.46
CA ASP WA 249 -10.48 129.03 -92.39
CA VAL WA 250 -7.75 126.94 -90.82
CA VAL WA 251 -6.30 127.61 -87.38
CA VAL WA 252 -3.69 125.76 -85.34
CA LEU WA 253 -2.82 125.35 -81.66
CA GLY WA 254 -0.66 128.11 -80.29
CA SER WA 255 2.07 128.13 -77.67
CA GLN WA 256 2.39 124.54 -76.47
CA GLU WA 257 5.42 125.23 -74.27
CA GLY WA 258 3.13 126.06 -71.35
CA ALA WA 259 1.06 122.95 -72.00
CA MET WA 260 4.22 120.87 -72.12
CA HIS WA 261 5.56 122.37 -68.89
CA THR WA 262 2.31 121.89 -66.95
CA ALA WA 263 1.61 118.39 -68.31
CA LEU WA 264 5.11 116.90 -68.38
CA THR WA 265 5.64 117.91 -64.75
CA GLY WA 266 6.21 114.91 -62.51
CA ALA WA 267 8.61 113.29 -64.97
CA THR WA 268 12.36 113.22 -64.37
CA GLU WA 269 13.67 116.75 -64.88
CA ILE WA 270 17.33 116.83 -65.93
CA GLN WA 271 19.40 120.00 -65.56
CA MET WA 272 21.00 119.95 -69.00
CA SER WA 273 22.43 123.44 -68.38
CA SER WA 274 25.22 121.75 -66.43
CA GLY WA 275 25.08 118.84 -68.87
CA ASN WA 276 22.85 115.79 -68.73
CA LEU WA 277 23.05 114.33 -65.21
CA LEU WA 278 21.74 110.83 -65.95
CA PHE WA 279 20.62 109.46 -62.56
CA THR WA 280 20.44 105.84 -63.70
CA GLY WA 281 22.34 102.63 -63.19
CA HIS WA 282 25.12 101.66 -60.76
CA LEU WA 283 28.86 101.41 -61.36
CA LYS WA 284 30.64 98.15 -60.57
CA CYS WA 285 34.28 99.18 -60.65
CA ARG WA 286 37.21 96.84 -59.97
CA LEU WA 287 40.28 98.52 -58.45
CA ARG WA 288 43.66 97.04 -57.51
CA MET WA 289 45.58 99.17 -55.00
CA ASP WA 290 48.79 97.13 -55.22
CA LYS WA 291 50.89 99.91 -56.81
CA LEU WA 292 49.67 102.94 -54.81
CA GLN WA 293 52.45 104.39 -52.68
CA LEU WA 294 52.08 106.37 -49.44
CA LYS WA 295 54.32 109.40 -48.83
CA GLY WA 296 54.99 109.95 -45.14
CA MET WA 297 54.80 106.70 -43.19
CA SER WA 298 58.58 107.06 -42.84
CA TYR WA 299 58.42 110.61 -41.50
CA SER WA 300 59.55 111.41 -37.98
CA MET WA 301 57.22 111.95 -35.03
CA CYS WA 302 55.65 115.35 -34.38
CA THR WA 303 57.03 116.96 -31.21
CA GLY WA 304 55.98 120.62 -31.33
CA LYS WA 305 53.04 122.78 -30.32
CA PHE WA 306 49.54 121.57 -31.12
CA LYS WA 307 46.37 123.64 -31.44
CA VAL WA 308 42.79 123.24 -32.69
CA VAL WA 309 41.09 125.85 -34.88
CA LYS WA 310 37.54 124.52 -35.31
CA GLU WA 311 35.77 121.74 -33.44
CA ILE WA 312 33.87 118.82 -35.03
CA ALA WA 313 31.43 119.62 -37.79
CA GLU WA 314 29.20 116.68 -36.92
CA THR WA 315 28.53 114.44 -39.92
CA GLN WA 316 25.63 112.18 -40.81
CA HIS WA 317 27.77 109.25 -39.58
CA GLY WA 318 29.04 111.11 -36.52
CA THR WA 319 32.56 111.04 -37.92
CA ILE WA 320 35.06 113.42 -36.33
CA VAL WA 321 36.47 115.85 -38.90
CA ILE WA 322 39.10 117.82 -37.01
CA ARG WA 323 40.45 120.88 -38.86
CA VAL WA 324 43.58 121.39 -36.82
CA GLN WA 325 46.69 123.60 -37.15
CA TYR WA 326 50.13 122.63 -35.82
CA GLU WA 327 52.32 125.66 -35.19
CA GLY WA 328 55.08 123.33 -34.04
CA ASP WA 329 58.17 122.88 -36.19
CA GLY WA 330 59.66 119.66 -37.57
CA SER WA 331 57.13 119.10 -40.35
CA PRO WA 332 56.74 116.73 -42.14
CA CYS WA 333 56.03 114.46 -39.17
CA LYS WA 334 53.58 111.82 -38.00
CA ILE WA 335 50.76 113.00 -35.74
CA PRO WA 336 49.83 111.50 -32.35
CA PHE WA 337 46.27 110.30 -32.86
CA GLU WA 338 44.58 108.25 -30.13
CA ILE WA 339 40.90 107.64 -29.36
CA MET WA 340 40.59 106.40 -25.80
CA ASP WA 341 37.96 105.56 -23.20
CA LEU WA 342 36.72 107.55 -20.20
CA GLU WA 343 39.23 106.04 -17.78
CA LYS WA 344 41.88 106.01 -20.54
CA ARG WA 345 42.76 102.31 -20.26
CA HIS WA 346 42.83 101.02 -23.86
CA VAL WA 347 42.28 102.41 -27.35
CA LEU WA 348 39.30 101.25 -29.40
CA GLY WA 349 38.91 103.86 -32.16
CA ARG WA 350 39.42 103.68 -35.92
CA LEU WA 351 41.23 106.56 -37.59
CA ILE WA 352 40.44 107.00 -41.28
CA THR WA 353 43.32 108.96 -42.80
CA VAL WA 354 46.20 106.60 -42.14
CA ASN WA 355 49.46 108.39 -41.38
CA PRO WA 356 47.98 111.80 -40.56
CA ILE WA 357 50.77 114.11 -41.66
CA VAL WA 358 51.28 117.86 -41.79
CA THR WA 359 53.05 118.72 -45.03
CA GLU WA 360 54.06 122.25 -44.03
CA LYS WA 361 54.03 124.64 -41.10
CA ASP WA 362 51.34 127.31 -40.66
CA SER WA 363 48.84 125.16 -42.54
CA PRO WA 364 45.60 123.53 -41.34
CA VAL WA 365 45.01 119.82 -41.89
CA ASN WA 366 41.64 118.08 -41.93
CA ILE WA 367 41.98 114.71 -40.21
CA GLU WA 368 39.12 112.26 -40.74
CA ALA WA 369 38.35 109.67 -38.09
CA GLU WA 370 35.56 107.50 -36.68
CA PRO WA 371 35.52 107.18 -32.86
CA PRO WA 372 33.77 104.44 -30.86
CA PHE WA 373 30.18 104.76 -29.63
CA GLY WA 374 29.22 106.65 -26.52
CA ASP WA 375 31.53 109.08 -24.77
CA SER WA 376 35.28 109.09 -25.35
CA TYR WA 377 38.42 111.23 -25.40
CA ILE WA 378 40.42 112.32 -28.45
CA ILE WA 379 44.14 112.61 -27.73
CA ILE WA 380 46.19 114.80 -30.08
CA GLY WA 381 49.83 115.63 -29.47
CA VAL WA 382 52.15 114.58 -26.67
CA GLU WA 383 52.85 116.01 -23.24
CA PRO WA 384 53.82 118.83 -22.63
CA GLY WA 385 51.03 120.55 -24.56
CA GLN WA 386 49.09 117.29 -24.75
CA LEU WA 387 45.65 118.07 -26.21
CA LYS WA 388 42.46 116.29 -25.08
CA LEU WA 389 38.99 116.72 -26.58
CA ASN WA 390 35.98 115.07 -24.98
CA TRP WA 391 33.33 113.92 -27.45
CA PHE WA 392 30.22 111.74 -27.52
CA LYS WA 393 28.70 109.86 -30.46
CA LYS WA 394 25.03 108.94 -30.08
CA GLY WA 395 24.98 105.73 -32.12
CA SER WA 396 24.42 102.32 -30.56
CA SER WA 397 26.99 99.56 -30.94
CA ILE WA 398 24.76 96.73 -32.17
CA GLY WA 399 22.77 99.29 -34.14
CA GLN WA 400 25.62 100.65 -36.25
CA MET WA 401 26.83 97.06 -36.49
CA ILE WA 402 23.59 95.94 -38.12
CA GLU WA 403 23.28 98.93 -40.46
CA THR WA 404 26.92 98.67 -41.60
CA THR WA 405 26.53 94.94 -42.24
CA MET WA 406 23.37 95.82 -44.16
CA ARG WA 407 25.24 98.38 -46.28
CA GLY WA 408 27.75 95.64 -47.07
CA ALA WA 409 24.91 93.25 -47.84
CA LYS WA 410 23.38 95.73 -50.29
CA ARG WA 411 26.77 96.38 -51.88
CA MET WA 412 27.16 92.65 -52.48
CA ALA WA 413 23.53 92.49 -53.64
CA ILE WA 414 24.20 94.86 -56.52
CA LEU WA 415 27.72 93.42 -56.72
CA GLY WA 416 26.02 90.03 -56.94
CA ASP WA 417 25.14 87.86 -59.91
CA THR WA 418 27.98 87.65 -62.47
CA ALA WA 419 30.05 90.10 -60.36
CA TRP WA 420 31.98 88.25 -57.64
CA ASP WA 421 34.83 86.18 -59.05
CA PHE WA 422 33.35 82.69 -59.29
CA GLY WA 423 35.00 81.65 -62.56
CA SER WA 424 38.59 81.98 -61.36
CA LEU WA 425 39.50 78.56 -59.98
CA GLY WA 426 41.73 78.82 -56.93
CA GLY WA 427 40.62 82.43 -56.66
CA VAL WA 428 37.11 81.16 -55.89
CA PHE WA 429 38.33 80.61 -52.34
CA THR WA 430 39.56 84.21 -52.20
CA SER WA 431 36.30 85.48 -53.70
CA ILE WA 432 34.21 83.73 -51.06
CA GLY WA 433 36.66 85.02 -48.47
CA LYS WA 434 36.21 88.59 -49.64
CA ALA WA 435 32.43 88.11 -49.72
CA LEU WA 436 32.40 86.86 -46.13
CA HIS WA 437 34.56 89.87 -45.32
CA GLN WA 438 32.34 92.45 -47.01
CA VAL WA 439 29.33 91.02 -45.14
CA PHE WA 440 30.48 89.70 -41.74
CA GLY WA 441 33.88 91.36 -41.26
CA ALA WA 442 32.37 94.28 -39.42
CA ILE WA 443 31.12 91.71 -36.91
CA TYR WA 444 34.54 90.05 -36.98
CA GLY WA 445 36.71 93.10 -36.39
CA ALA WA 446 34.50 95.38 -34.27
CA ALA WA 447 32.63 92.90 -32.05
CA PHE WA 448 34.91 89.85 -31.82
CA SER WA 449 37.82 91.39 -29.89
CA GLY WA 450 39.26 93.75 -32.54
CA VAL WA 451 41.29 91.51 -32.87
CA SER WA 452 44.62 89.91 -31.94
CA TRP WA 453 44.11 87.23 -34.55
CA ILE WA 454 46.11 84.27 -33.18
CA MET WA 455 44.19 83.88 -29.94
CA LYS WA 456 40.83 84.42 -31.61
CA ILE WA 457 41.48 81.77 -34.25
CA LEU WA 458 42.40 79.47 -31.36
CA ILE WA 459 39.04 80.30 -29.77
CA GLY WA 460 37.38 79.80 -33.15
CA VAL WA 461 38.73 76.29 -33.61
CA ILE WA 462 37.62 75.56 -30.04
CA ILE WA 463 34.12 76.75 -30.95
CA THR WA 464 34.21 74.63 -34.11
CA TRP WA 465 35.15 71.51 -32.15
CA ILE WA 466 32.39 72.15 -29.59
CA GLY WA 467 29.85 72.71 -32.35
CA MET WA 468 30.85 69.52 -34.14
CA ASN WA 469 30.81 67.59 -30.85
CA SER WA 470 27.46 69.04 -29.74
CA ARG WA 471 24.25 67.49 -28.43
CA SER WA 472 22.03 68.88 -31.22
CA THR WA 473 22.54 68.98 -34.98
CA SER WA 474 20.84 72.37 -35.42
CA LEU WA 475 23.28 73.95 -32.96
CA SER WA 476 26.15 72.16 -34.72
CA VAL WA 477 25.17 73.62 -38.09
CA SER WA 478 24.67 77.05 -36.51
CA LEU WA 479 28.02 77.11 -34.66
CA VAL WA 480 30.52 75.32 -36.90
CA LEU WA 481 29.54 77.66 -39.73
CA VAL WA 482 30.41 80.65 -37.54
CA GLY WA 483 33.65 78.96 -36.51
CA VAL WA 484 34.84 78.22 -40.04
CA VAL WA 485 33.87 81.73 -41.12
CA THR WA 486 35.90 83.06 -38.19
CA LEU WA 487 38.96 80.99 -39.08
CA TYR WA 488 39.02 81.64 -42.82
CA LEU WA 489 38.00 85.29 -42.56
CA GLY WA 490 40.74 85.79 -39.97
CA VAL WA 491 43.27 84.31 -42.36
CA MET WA 492 41.98 86.76 -44.96
CA VAL WA 493 42.10 89.71 -42.54
CA GLN WA 494 45.72 88.94 -41.65
CA ALA WA 495 46.35 89.57 -45.36
CA MET XA 1 -66.58 79.21 -81.56
CA ARG XA 2 -64.01 81.78 -82.64
CA CYS XA 3 -60.93 79.84 -81.50
CA ILE XA 4 -60.42 77.88 -84.73
CA GLY XA 5 -56.92 78.69 -85.89
CA ILE XA 6 -56.01 80.11 -82.47
CA SER XA 7 -52.88 78.25 -81.36
CA ASN XA 8 -53.03 78.74 -77.58
CA ARG XA 9 -56.19 77.06 -76.29
CA ASP XA 10 -57.21 75.46 -72.99
CA PHE XA 11 -60.30 73.30 -72.46
CA VAL XA 12 -60.92 74.11 -68.81
CA GLU XA 13 -63.85 71.98 -67.59
CA GLY XA 14 -65.09 72.65 -64.08
CA VAL XA 15 -66.41 75.08 -61.51
CA SER XA 16 -64.42 76.43 -58.57
CA GLY XA 17 -65.49 76.54 -54.93
CA GLY XA 18 -67.75 79.56 -55.33
CA SER XA 19 -68.94 78.25 -58.71
CA TRP XA 20 -66.75 80.79 -60.51
CA VAL XA 21 -64.42 80.00 -63.38
CA ASP XA 22 -60.80 81.10 -63.01
CA ILE XA 23 -60.07 82.44 -66.50
CA VAL XA 24 -56.48 82.69 -67.61
CA LEU XA 25 -56.66 85.29 -70.36
CA GLU XA 26 -53.77 86.27 -72.65
CA HIS XA 27 -53.72 88.22 -75.90
CA GLY XA 28 -53.95 85.80 -78.81
CA SER XA 29 -55.24 82.92 -76.67
CA CYS XA 30 -58.47 81.04 -76.08
CA VAL XA 31 -60.52 79.82 -73.15
CA THR XA 32 -63.44 77.37 -73.26
CA THR XA 33 -65.50 76.62 -70.16
CA MET XA 34 -67.42 73.39 -69.65
CA ALA XA 35 -69.48 71.64 -66.99
CA LYS XA 36 -72.32 69.13 -66.81
CA ASN XA 37 -75.79 70.63 -66.53
CA LYS XA 38 -74.07 73.82 -67.69
CA PRO XA 39 -73.87 75.06 -71.32
CA THR XA 40 -70.36 75.43 -72.70
CA LEU XA 41 -69.00 78.94 -73.24
CA ASP XA 42 -66.06 80.52 -75.07
CA PHE XA 43 -64.10 83.26 -73.29
CA GLU XA 44 -61.85 85.61 -75.26
CA LEU XA 45 -60.23 89.05 -75.21
CA ILE XA 46 -60.26 91.24 -78.32
CA LYS XA 47 -59.11 94.74 -77.34
CA THR XA 48 -56.96 96.41 -74.70
CA GLU XA 49 -56.90 100.15 -74.08
CA ALA XA 50 -55.70 102.70 -71.53
CA LYS XA 51 -57.81 105.80 -70.90
CA GLN XA 52 -57.13 108.93 -68.85
CA PRO XA 53 -53.34 108.50 -68.99
CA ALA XA 54 -51.02 110.58 -66.84
CA THR XA 55 -48.42 112.85 -68.45
CA LEU XA 56 -45.14 111.84 -66.82
CA ARG XA 57 -43.12 114.46 -68.68
CA LYS XA 58 -43.74 116.57 -71.78
CA TYR XA 59 -40.99 116.83 -74.40
CA CYS XA 60 -41.10 119.67 -76.93
CA ILE XA 61 -39.03 118.70 -79.93
CA GLU XA 62 -38.89 121.64 -82.34
CA ALA XA 63 -37.58 124.86 -80.81
CA LYS XA 64 -38.05 128.37 -82.16
CA LEU XA 65 -35.80 131.12 -80.83
CA THR XA 66 -36.64 134.81 -80.39
CA ASN XA 67 -35.61 138.10 -78.81
CA THR XA 68 -32.01 137.00 -78.50
CA THR XA 69 -29.76 139.43 -76.66
CA THR XA 70 -25.98 139.58 -76.44
CA ASP XA 71 -23.68 141.97 -74.63
CA SER XA 72 -20.08 142.14 -73.47
CA ARG XA 73 -17.84 144.14 -71.18
CA CYS XA 74 -14.09 144.65 -71.46
CA PRO XA 75 -11.72 143.03 -68.96
CA THR XA 76 -11.81 144.67 -65.49
CA GLN XA 77 -14.79 146.84 -66.54
CA GLY XA 78 -17.28 144.37 -65.05
CA GLU XA 79 -19.49 141.38 -65.76
CA PRO XA 80 -22.80 142.46 -67.34
CA SER XA 81 -26.07 141.36 -65.77
CA LEU XA 82 -29.42 141.73 -67.52
CA ASN XA 83 -32.99 141.51 -66.27
CA GLU XA 84 -33.56 139.13 -69.18
CA GLU XA 85 -31.37 136.64 -67.32
CA GLN XA 86 -33.51 136.67 -64.18
CA ASP XA 87 -36.64 135.58 -66.06
CA LYS XA 88 -36.19 131.83 -66.48
CA ARG XA 89 -38.05 131.74 -69.82
CA PHE XA 90 -34.73 132.43 -71.61
CA VAL XA 91 -31.76 130.13 -72.07
CA CYS XA 92 -28.61 132.02 -71.10
CA LYS XA 93 -24.85 131.56 -71.21
CA HIS XA 94 -21.81 133.47 -69.99
CA SER XA 95 -18.52 133.48 -71.86
CA MET XA 96 -15.05 134.97 -72.25
CA VAL XA 97 -13.62 136.75 -75.32
CA ASP XA 98 -10.41 138.60 -76.04
CA ARG XA 99 -10.47 142.39 -76.43
CA GLY XA 100 -7.62 144.79 -77.15
CA TRP XA 101 -6.49 148.39 -77.10
CA GLY XA 102 -6.74 148.63 -80.88
CA ASN XA 103 -9.78 146.32 -80.90
CA GLY XA 104 -12.33 148.95 -79.97
CA CYS XA 105 -11.47 148.96 -76.26
CA GLY XA 106 -8.76 149.87 -73.77
CA LEU XA 107 -6.41 146.93 -73.21
CA PHE XA 108 -5.52 143.34 -74.10
CA GLY XA 109 -7.40 140.75 -72.09
CA LYS XA 110 -10.39 138.47 -71.70
CA GLY XA 111 -13.58 140.46 -71.19
CA GLY XA 112 -16.88 138.89 -70.28
CA ILE XA 113 -19.96 138.19 -72.40
CA VAL XA 114 -23.55 137.33 -71.58
CA THR XA 115 -25.82 136.10 -74.36
CA CYS XA 116 -29.30 134.72 -73.99
CA ALA XA 117 -32.60 134.32 -75.76
CA MET XA 118 -36.19 133.17 -75.50
CA PHE XA 119 -36.96 129.48 -76.14
CA THR XA 120 -40.38 128.88 -77.65
CA CYS XA 121 -41.20 125.44 -79.03
CA LYS XA 122 -44.06 124.50 -81.32
CA LYS XA 123 -44.10 120.75 -82.01
CA ASN XA 124 -44.00 118.50 -78.97
CA MET XA 125 -44.12 114.86 -77.92
CA LYS XA 126 -46.47 113.36 -75.41
CA GLY XA 127 -44.97 110.84 -72.98
CA LYS XA 128 -47.34 109.11 -70.58
CA VAL XA 129 -47.20 106.31 -68.01
CA VAL XA 130 -50.05 103.81 -67.61
CA GLN XA 131 -51.01 102.59 -64.15
CA PRO XA 132 -52.76 99.25 -63.55
CA GLU XA 133 -55.88 101.10 -62.41
CA ASN XA 134 -56.37 103.10 -65.61
CA LEU XA 135 -56.47 100.02 -67.87
CA GLU XA 136 -59.63 98.70 -69.50
CA TYR XA 137 -59.92 95.18 -70.92
CA THR XA 138 -62.34 94.06 -73.66
CA ILE XA 139 -63.58 90.56 -72.92
CA VAL XA 140 -65.99 88.80 -75.27
CA ILE XA 141 -68.23 85.84 -74.46
CA THR XA 142 -69.51 83.46 -77.14
CA PRO XA 143 -71.98 80.56 -76.94
CA HIS XA 144 -71.33 77.13 -78.46
CA SER XA 145 -74.66 76.84 -80.26
CA GLY XA 146 -73.33 76.00 -83.72
CA GLU XA 147 -75.00 78.92 -85.47
CA GLU XA 148 -73.63 79.78 -88.90
CA HIS XA 149 -72.22 83.15 -87.85
CA ALA XA 150 -71.15 81.48 -84.56
CA VAL XA 151 -68.09 79.78 -86.11
CA GLY XA 152 -64.79 81.52 -86.79
CA ASN XA 153 -66.46 84.93 -87.12
CA ASP XA 154 -64.92 88.14 -85.81
CA THR XA 155 -68.09 90.28 -86.09
CA GLY XA 156 -70.93 87.88 -85.32
CA LYS XA 157 -74.04 88.95 -83.46
CA HIS XA 158 -73.82 85.81 -81.30
CA GLY XA 159 -70.93 87.17 -79.23
CA LYS XA 160 -71.28 89.77 -76.51
CA GLU XA 161 -68.45 92.16 -75.70
CA ILE XA 162 -67.94 93.70 -72.25
CA LYS XA 163 -65.32 96.02 -70.80
CA ILE XA 164 -63.62 95.40 -67.45
CA THR XA 165 -62.14 98.11 -65.19
CA PRO XA 166 -61.29 97.95 -61.46
CA GLN XA 167 -63.53 100.94 -60.65
CA SER XA 168 -66.56 98.75 -61.46
CA SER XA 169 -65.46 95.27 -60.40
CA ILE XA 170 -68.77 93.55 -59.59
CA THR XA 171 -70.61 93.86 -62.92
CA GLU XA 172 -73.31 91.78 -64.60
CA ALA XA 173 -73.27 90.88 -68.29
CA GLU XA 174 -76.07 89.27 -70.28
CA LEU XA 175 -75.92 86.48 -72.85
CA THR XA 176 -78.92 85.92 -75.11
CA GLY XA 177 -81.18 83.12 -73.93
CA TYR XA 178 -78.79 81.79 -71.30
CA GLY XA 179 -79.11 84.85 -69.05
CA THR XA 180 -76.95 86.62 -66.50
CA VAL XA 181 -73.23 86.02 -65.89
CA THR XA 182 -70.95 87.90 -63.51
CA MET XA 183 -67.88 89.98 -64.34
CA GLU XA 184 -65.39 90.41 -61.45
CA CYS XA 185 -61.58 90.47 -61.45
CA SER XA 186 -58.35 92.37 -60.84
CA PRO XA 187 -55.93 91.21 -63.60
CA ARG XA 188 -52.82 92.64 -61.92
CA THR XA 189 -51.02 89.26 -61.66
CA GLY XA 190 -49.13 90.08 -64.88
CA LEU XA 191 -45.79 91.71 -65.60
CA ASP XA 192 -44.79 94.86 -63.77
CA PHE XA 193 -46.05 98.05 -65.43
CA ASN XA 194 -43.88 100.72 -63.77
CA GLU XA 195 -40.96 99.84 -66.08
CA MET XA 196 -42.65 101.05 -69.29
CA VAL XA 197 -43.78 104.40 -70.69
CA LEU XA 198 -45.56 105.19 -73.97
CA LEU XA 199 -44.61 108.05 -76.29
CA GLN XA 200 -47.03 109.38 -78.87
CA MET XA 201 -46.51 111.80 -81.74
CA GLU XA 202 -49.63 112.99 -83.61
CA ASN XA 203 -50.80 109.43 -84.26
CA LYS XA 204 -47.91 106.96 -83.94
CA ALA XA 205 -46.81 105.67 -80.55
CA TRP XA 206 -43.88 103.78 -79.10
CA LEU XA 207 -43.41 101.66 -75.99
CA VAL XA 208 -40.09 102.37 -74.25
CA HIS XA 209 -38.40 102.19 -70.86
CA ARG XA 210 -38.84 104.89 -68.23
CA GLN XA 211 -35.14 105.61 -67.73
CA TRP XA 212 -34.67 105.79 -71.50
CA PHE XA 213 -37.73 108.03 -71.72
CA LEU XA 214 -36.05 110.41 -69.28
CA ASP XA 215 -32.52 110.07 -70.71
CA LEU XA 216 -33.20 111.65 -74.11
CA PRO XA 217 -31.42 115.03 -73.78
CA LEU XA 218 -34.12 117.53 -74.73
CA PRO XA 219 -36.27 120.13 -72.92
CA TRP XA 220 -38.54 118.94 -70.10
CA LEU XA 221 -41.83 119.84 -68.45
CA PRO XA 222 -43.18 118.25 -65.25
CA GLY XA 223 -46.51 116.50 -65.57
CA ALA XA 224 -48.54 119.25 -63.95
CA ASP XA 225 -46.44 121.77 -65.88
CA THR XA 226 -48.39 123.30 -68.76
CA GLN XA 227 -47.34 126.97 -68.82
CA GLY XA 228 -44.12 126.60 -70.79
CA SER XA 229 -42.25 128.95 -68.45
CA ASN XA 230 -40.05 126.29 -66.86
CA TRP XA 231 -37.57 124.37 -69.01
CA ILE XA 232 -34.82 121.97 -67.95
CA GLN XA 233 -31.69 121.18 -69.94
CA LYS XA 234 -32.86 123.73 -72.49
CA GLU XA 235 -29.27 124.30 -73.66
CA THR XA 236 -29.03 121.40 -76.12
CA LEU XA 237 -31.63 122.65 -78.60
CA VAL XA 238 -29.89 126.04 -78.67
CA THR XA 239 -26.31 125.75 -79.90
CA PHE XA 240 -24.08 128.71 -79.16
CA LYS XA 241 -21.48 129.11 -81.90
CA ASN XA 242 -17.92 129.87 -80.91
CA PRO XA 243 -17.31 133.02 -78.83
CA HIS XA 244 -16.64 135.84 -81.24
CA ALA XA 245 -16.07 139.55 -80.60
CA LYS XA 246 -19.22 140.98 -78.96
CA LYS XA 247 -21.44 138.39 -80.66
CA GLN XA 248 -22.65 134.91 -79.87
CA ASP XA 249 -24.50 133.89 -83.02
CA VAL XA 250 -27.24 131.70 -81.56
CA VAL XA 251 -28.05 128.73 -83.79
CA VAL XA 252 -31.41 127.02 -83.40
CA LEU XA 253 -31.06 123.26 -83.60
CA GLY XA 254 -33.27 121.71 -86.23
CA SER XA 255 -36.36 119.66 -85.54
CA GLN XA 256 -35.27 116.24 -84.36
CA GLU XA 257 -38.63 114.77 -85.39
CA GLY XA 258 -36.96 113.11 -88.35
CA ALA XA 259 -34.22 111.92 -86.02
CA MET XA 260 -36.81 110.47 -83.65
CA HIS XA 261 -38.48 108.63 -86.52
CA THR XA 262 -35.02 107.32 -87.41
CA ALA XA 263 -34.23 106.17 -83.86
CA LEU XA 264 -37.51 105.03 -82.31
CA THR XA 265 -38.18 102.84 -85.36
CA GLY XA 266 -37.02 99.36 -84.46
CA ALA XA 267 -38.52 99.70 -81.00
CA THR XA 268 -42.01 98.47 -80.08
CA GLU XA 269 -44.44 100.29 -82.36
CA ILE XA 270 -48.04 101.04 -81.37
CA GLN XA 271 -51.05 102.57 -83.11
CA MET XA 272 -53.65 104.20 -80.88
CA SER XA 273 -56.51 103.08 -83.14
CA SER XA 274 -55.98 99.44 -82.11
CA GLY XA 275 -55.46 100.39 -78.45
CA ASN XA 276 -52.36 99.54 -76.45
CA LEU XA 277 -51.03 96.04 -77.20
CA LEU XA 278 -49.84 95.27 -73.67
CA PHE XA 279 -50.05 91.55 -74.37
CA THR XA 280 -47.38 90.98 -71.72
CA GLY XA 281 -48.86 89.88 -68.41
CA HIS XA 282 -51.40 87.17 -67.70
CA LEU XA 283 -54.97 88.19 -66.83
CA LYS XA 284 -56.41 86.09 -64.02
CA CYS XA 285 -60.15 86.63 -63.65
CA ARG XA 286 -63.03 85.36 -61.54
CA LEU XA 287 -66.36 84.78 -63.26
CA ARG XA 288 -69.44 83.30 -61.57
CA MET XA 289 -71.76 80.94 -63.45
CA ASP XA 290 -74.49 80.16 -60.90
CA LYS XA 291 -77.09 82.40 -62.59
CA LEU XA 292 -77.16 80.44 -65.90
CA GLN XA 293 -79.17 77.37 -66.85
CA LEU XA 294 -79.71 75.29 -69.99
CA LYS XA 295 -81.67 77.18 -72.64
CA GLY XA 296 -83.60 75.04 -75.10
CA MET XA 297 -83.49 71.92 -72.90
CA SER XA 298 -87.30 71.82 -72.82
CA TYR XA 299 -87.33 71.18 -76.57
CA SER XA 300 -87.96 67.51 -77.30
CA MET XA 301 -85.58 65.29 -79.22
CA CYS XA 302 -86.57 64.84 -82.87
CA THR XA 303 -86.44 61.42 -84.51
CA GLY XA 304 -86.07 62.62 -88.09
CA LYS XA 305 -83.00 62.22 -90.29
CA PHE XA 306 -79.61 63.92 -90.11
CA LYS XA 307 -77.32 65.00 -92.95
CA VAL XA 308 -73.72 66.26 -93.08
CA VAL XA 309 -72.82 69.35 -95.11
CA LYS XA 310 -69.07 69.83 -94.61
CA GLU XA 311 -66.60 67.00 -94.18
CA ILE XA 312 -64.87 66.24 -90.88
CA ALA XA 313 -62.70 69.31 -90.42
CA GLU XA 314 -59.53 69.21 -88.31
CA THR XA 315 -58.38 71.93 -85.92
CA GLN XA 316 -54.99 72.40 -84.23
CA HIS XA 317 -56.15 70.73 -80.98
CA GLY XA 318 -57.53 67.30 -81.88
CA THR XA 319 -61.15 68.36 -82.23
CA ILE XA 320 -63.72 67.73 -84.96
CA VAL XA 321 -66.36 69.98 -86.52
CA ILE XA 322 -69.56 68.57 -88.03
CA ARG XA 323 -72.17 70.63 -89.87
CA VAL XA 324 -75.22 68.49 -89.19
CA GLN XA 325 -78.22 69.30 -91.38
CA TYR XA 326 -81.78 68.18 -90.61
CA GLU XA 327 -83.72 67.33 -93.76
CA GLY XA 328 -86.60 65.90 -91.71
CA ASP XA 329 -89.34 67.80 -89.87
CA GLY XA 330 -90.06 68.73 -86.26
CA SER XA 331 -87.61 71.56 -85.69
CA PRO XA 332 -86.46 72.93 -83.30
CA CYS XA 333 -85.23 69.84 -81.40
CA LYS XA 334 -82.68 68.57 -78.89
CA ILE XA 335 -79.80 67.12 -80.90
CA PRO XA 336 -78.99 63.44 -80.23
CA PHE XA 337 -75.18 63.37 -80.48
CA GLU XA 338 -73.32 60.35 -79.14
CA ILE XA 339 -70.09 58.37 -79.31
CA MET XA 340 -69.38 54.67 -79.51
CA ASP XA 341 -66.27 52.53 -79.57
CA LEU XA 342 -65.45 49.61 -81.87
CA GLU XA 343 -67.67 47.29 -79.81
CA LYS XA 344 -70.56 49.77 -80.26
CA ARG XA 345 -71.10 49.64 -76.48
CA HIS XA 346 -69.37 52.37 -74.47
CA VAL XA 347 -69.68 56.16 -74.52
CA LEU XA 348 -66.00 57.13 -74.37
CA GLY XA 349 -65.58 60.29 -76.45
CA ARG XA 350 -65.87 63.76 -74.95
CA LEU XA 351 -68.45 66.19 -76.30
CA ILE XA 352 -68.06 69.98 -76.42
CA THR XA 353 -71.56 71.40 -76.94
CA VAL XA 354 -74.10 69.88 -74.59
CA ASN XA 355 -77.73 69.53 -75.79
CA PRO XA 356 -77.26 71.23 -79.19
CA ILE XA 357 -80.46 72.44 -80.81
CA VAL XA 358 -81.53 73.36 -84.34
CA THR XA 359 -82.93 76.84 -84.89
CA GLU XA 360 -84.79 75.76 -88.02
CA LYS XA 361 -84.72 73.01 -90.61
CA ASP XA 362 -82.28 73.50 -93.51
CA SER XA 363 -80.05 75.54 -91.13
CA PRO XA 364 -77.34 73.09 -89.99
CA VAL XA 365 -75.66 73.17 -86.60
CA ASN XA 366 -71.89 73.12 -86.08
CA ILE XA 367 -71.52 70.34 -83.53
CA GLU XA 368 -68.04 70.17 -82.01
CA ALA XA 369 -66.51 67.03 -80.51
CA GLU XA 370 -63.27 65.72 -78.99
CA PRO XA 371 -62.95 61.94 -79.31
CA PRO XA 372 -59.76 60.26 -78.08
CA PHE XA 373 -56.87 59.77 -80.48
CA GLY XA 374 -57.91 56.55 -82.17
CA ASP XA 375 -60.77 54.88 -84.01
CA SER XA 376 -64.36 55.56 -82.94
CA TYR XA 377 -67.84 56.10 -84.34
CA ILE XA 378 -69.51 59.49 -84.08
CA ILE XA 379 -73.16 58.42 -83.99
CA ILE XA 380 -75.33 61.18 -85.42
CA GLY XA 381 -79.04 60.57 -85.04
CA VAL XA 382 -80.73 57.44 -83.76
CA GLU XA 383 -81.77 54.27 -85.51
CA PRO XA 384 -83.44 53.54 -87.89
CA GLY XA 385 -81.30 55.49 -90.34
CA GLN XA 386 -78.60 56.35 -87.80
CA LEU XA 387 -75.21 57.58 -89.06
CA LYS XA 388 -72.25 55.90 -87.35
CA LEU XA 389 -69.61 58.03 -89.04
CA ASN XA 390 -66.28 56.31 -88.49
CA TRP XA 391 -63.38 58.52 -87.47
CA PHE XA 392 -59.69 57.80 -86.88
CA LYS XA 393 -58.04 60.54 -84.81
CA LYS XA 394 -54.26 60.75 -84.90
CA GLY XA 395 -52.05 61.06 -81.83
CA SER XA 396 -51.24 59.19 -78.65
CA SER XA 397 -53.52 59.17 -75.62
CA ILE XA 398 -50.43 59.65 -73.47
CA GLY XA 399 -49.73 62.60 -75.77
CA GLN XA 400 -52.78 64.55 -74.67
CA MET XA 401 -52.27 63.15 -71.16
CA ILE XA 402 -48.86 64.78 -70.74
CA GLU XA 403 -49.82 67.88 -72.74
CA THR XA 404 -52.99 68.75 -70.84
CA THR XA 405 -51.55 67.83 -67.45
CA MET XA 406 -48.44 69.93 -68.06
CA ARG XA 407 -50.43 72.89 -69.39
CA GLY XA 408 -52.78 72.88 -66.41
CA ALA XA 409 -49.81 72.49 -64.08
CA LYS XA 410 -48.04 75.54 -65.53
CA ARG XA 411 -51.35 77.41 -65.54
CA MET XA 412 -51.77 76.80 -61.80
CA ALA XA 413 -48.02 77.34 -61.22
CA ILE XA 414 -47.78 80.84 -62.67
CA LEU XA 415 -50.99 81.27 -60.68
CA GLY XA 416 -49.34 79.44 -57.79
CA ASP XA 417 -47.83 81.02 -54.69
CA THR XA 418 -49.94 83.89 -53.30
CA ALA XA 419 -52.56 83.17 -56.02
CA TRP XA 420 -54.67 80.10 -55.19
CA ASP XA 421 -56.82 80.50 -52.09
CA PHE XA 422 -55.04 78.56 -49.34
CA GLY XA 423 -55.77 80.84 -46.36
CA SER XA 424 -59.51 80.13 -46.11
CA LEU XA 425 -60.01 77.48 -43.43
CA GLY XA 426 -62.61 74.94 -44.52
CA GLY XA 427 -62.16 76.26 -48.04
CA VAL XA 428 -58.71 74.68 -47.97
CA PHE XA 429 -60.47 71.48 -49.04
CA THR XA 430 -62.12 73.34 -51.92
CA SER XA 431 -58.78 74.86 -52.93
CA ILE XA 432 -57.05 71.46 -52.91
CA GLY XA 433 -59.90 70.11 -55.02
CA LYS XA 434 -59.48 73.13 -57.30
CA ALA XA 435 -55.77 72.42 -57.74
CA LEU XA 436 -56.44 68.77 -58.55
CA HIS XA 437 -59.38 69.60 -60.83
CA GLN XA 438 -57.36 72.19 -62.77
CA VAL XA 439 -54.38 69.79 -63.02
CA PHE XA 440 -55.64 66.25 -62.35
CA GLY XA 441 -59.25 66.95 -63.38
CA ALA XA 442 -58.64 65.94 -66.99
CA ILE XA 443 -57.58 62.58 -65.56
CA TYR XA 444 -61.01 62.17 -63.97
CA GLY XA 445 -62.91 63.43 -67.00
CA ALA XA 446 -61.20 62.35 -70.22
CA ALA XA 447 -59.54 58.97 -69.61
CA PHE XA 448 -61.66 57.69 -66.70
CA SER XA 449 -65.01 56.60 -68.16
CA GLY XA 450 -66.36 59.98 -69.35
CA VAL XA 451 -68.00 59.83 -66.81
CA SER XA 452 -71.22 58.85 -65.03
CA TRP XA 453 -70.03 59.81 -61.58
CA ILE XA 454 -71.88 57.35 -59.30
CA MET XA 455 -70.47 54.20 -60.88
CA LYS XA 456 -66.93 55.56 -61.02
CA ILE XA 457 -66.99 56.71 -57.39
CA LEU XA 458 -68.06 53.17 -56.54
CA ILE XA 459 -65.10 51.95 -58.60
CA GLY XA 460 -62.91 54.52 -56.86
CA VAL XA 461 -63.80 53.36 -53.36
CA ILE XA 462 -63.18 49.80 -54.59
CA ILE XA 463 -59.73 50.88 -55.77
CA THR XA 464 -59.07 52.59 -52.43
CA TRP XA 465 -59.98 49.37 -50.63
CA ILE XA 466 -57.69 47.34 -52.90
CA GLY XA 467 -54.81 49.78 -52.50
CA MET XA 468 -55.11 49.90 -48.71
CA ASN XA 469 -55.09 46.09 -48.44
CA SER XA 470 -52.29 45.59 -50.97
CA ARG XA 471 -49.12 43.50 -50.85
CA SER XA 472 -46.83 46.54 -51.35
CA THR XA 473 -46.83 49.86 -49.50
CA SER XA 474 -45.39 51.70 -52.50
CA LEU XA 475 -48.31 50.52 -54.62
CA SER XA 476 -50.60 51.42 -51.72
CA VAL XA 477 -49.35 55.02 -51.71
CA SER XA 478 -49.55 55.09 -55.52
CA LEU XA 479 -53.14 53.75 -55.71
CA VAL XA 480 -55.01 55.05 -52.64
CA LEU XA 481 -53.88 58.59 -53.55
CA VAL XA 482 -55.39 58.19 -57.02
CA GLY XA 483 -58.54 56.72 -55.49
CA VAL XA 484 -59.10 59.50 -52.97
CA VAL XA 485 -58.35 62.06 -55.69
CA THR XA 486 -60.98 60.34 -57.85
CA LEU XA 487 -63.62 60.33 -55.10
CA TYR XA 488 -63.09 63.86 -53.80
CA LEU XA 489 -62.62 65.39 -57.26
CA GLY XA 490 -65.77 63.62 -58.42
CA VAL XA 491 -67.66 65.19 -55.55
CA MET XA 492 -66.24 68.53 -56.67
CA VAL XA 493 -67.12 67.79 -60.31
CA GLN XA 494 -70.73 67.16 -59.25
CA ALA XA 495 -70.77 70.75 -57.97
CA MET YA 1 18.01 57.00 -117.31
CA ARG YA 2 16.49 60.47 -117.58
CA CYS YA 3 16.10 61.60 -113.96
CA ILE YA 4 19.67 61.51 -112.64
CA GLY YA 5 19.89 64.85 -110.87
CA ILE YA 6 16.40 65.85 -109.71
CA SER YA 7 15.91 66.15 -105.96
CA ASN YA 8 12.79 63.98 -105.65
CA ARG YA 9 14.26 60.63 -106.68
CA ASP YA 10 11.90 57.75 -105.83
CA PHE YA 11 12.17 53.98 -106.22
CA VAL YA 12 9.43 51.36 -106.49
CA GLU YA 13 10.96 47.87 -106.48
CA GLY YA 14 7.96 45.53 -106.36
CA VAL YA 15 5.61 43.79 -108.76
CA SER YA 16 2.05 42.52 -108.46
CA GLY YA 17 0.69 39.03 -109.04
CA GLY YA 18 -0.73 40.10 -112.39
CA SER YA 19 2.09 42.62 -112.90
CA TRP YA 20 -0.43 45.43 -112.24
CA VAL YA 21 2.14 47.88 -110.91
CA ASP YA 22 0.95 51.14 -109.37
CA ILE YA 23 2.83 54.46 -109.28
CA VAL YA 24 2.22 58.05 -108.22
CA LEU YA 25 3.48 60.94 -110.35
CA GLU YA 26 3.93 64.55 -109.24
CA HIS YA 27 5.58 67.65 -110.68
CA GLY YA 28 9.33 67.14 -110.60
CA SER YA 29 9.06 63.82 -108.74
CA CYS YA 30 10.21 61.17 -111.18
CA VAL YA 31 9.91 57.44 -110.52
CA THR YA 32 12.11 54.47 -111.40
CA THR YA 33 10.46 51.13 -112.11
CA MET YA 34 12.37 47.95 -111.26
CA ALA YA 35 11.44 44.38 -112.16
CA LYS YA 36 12.79 40.85 -112.44
CA ASN YA 37 13.86 39.77 -115.95
CA LYS YA 38 11.93 42.75 -117.37
CA PRO YA 39 13.50 46.02 -118.57
CA THR YA 40 13.61 48.80 -116.00
CA LEU YA 41 12.00 52.15 -116.70
CA ASP YA 42 11.86 55.80 -115.72
CA PHE YA 43 8.53 57.63 -115.55
CA GLU YA 44 7.81 61.32 -115.16
CA LEU YA 45 5.16 63.91 -115.93
CA ILE YA 46 6.99 66.54 -117.95
CA LYS YA 47 4.29 69.13 -118.53
CA THR YA 48 0.73 69.58 -117.27
CA GLU YA 49 -1.77 71.05 -119.72
CA ALA YA 50 -5.41 72.10 -119.45
CA LYS YA 51 -6.86 72.26 -122.95
CA GLN YA 52 -10.44 73.04 -123.95
CA PRO YA 53 -11.22 75.32 -120.99
CA ALA YA 54 -14.75 76.04 -119.86
CA THR YA 55 -15.71 79.72 -119.88
CA LEU YA 56 -17.11 79.87 -116.35
CA ARG YA 57 -17.96 83.58 -116.08
CA LYS YA 58 -16.86 86.99 -117.34
CA TYR YA 59 -16.29 90.37 -115.70
CA CYS YA 60 -16.60 93.82 -117.26
CA ILE YA 61 -13.49 95.40 -115.78
CA GLU YA 62 -14.26 98.88 -117.12
CA ALA YA 63 -17.56 100.58 -117.83
CA LYS YA 64 -19.19 103.05 -120.21
CA LEU YA 65 -22.42 104.89 -119.40
CA THR YA 66 -24.56 106.09 -122.30
CA ASN YA 67 -28.11 107.08 -123.21
CA THR YA 68 -28.79 107.98 -119.58
CA THR YA 69 -32.42 109.02 -119.51
CA THR YA 70 -34.34 109.98 -116.39
CA ASP YA 71 -37.81 111.14 -115.37
CA SER YA 72 -39.88 111.93 -112.31
CA ARG YA 73 -43.47 112.39 -111.18
CA CYS YA 74 -45.10 114.58 -108.56
CA PRO YA 75 -46.15 112.91 -105.28
CA THR YA 76 -49.07 110.44 -105.44
CA GLN YA 77 -48.69 109.97 -109.22
CA GLY YA 78 -46.64 106.78 -108.81
CA GLU YA 79 -43.31 105.94 -110.35
CA PRO YA 80 -42.87 107.02 -113.99
CA SER YA 81 -42.88 104.17 -116.50
CA LEU YA 82 -40.41 104.45 -119.37
CA ASN YA 83 -39.45 101.61 -121.74
CA GLU YA 84 -35.85 101.20 -120.53
CA GLU YA 85 -36.84 99.63 -117.21
CA GLN YA 86 -38.07 96.38 -118.77
CA ASP YA 87 -35.04 96.15 -121.07
CA LYS YA 88 -32.02 94.81 -119.18
CA ARG YA 89 -29.74 96.56 -121.68
CA PHE YA 90 -30.17 99.62 -119.44
CA VAL YA 91 -29.26 99.43 -115.78
CA CYS YA 92 -31.52 101.57 -113.66
CA LYS YA 93 -33.18 102.39 -110.37
CA HIS YA 94 -35.97 104.48 -108.86
CA SER YA 95 -35.97 106.74 -105.79
CA MET YA 96 -37.92 109.65 -104.29
CA VAL YA 97 -37.35 113.32 -103.43
CA ASP YA 98 -39.36 116.11 -101.85
CA ARG YA 99 -41.23 118.12 -104.49
CA GLY YA 100 -44.26 120.36 -104.26
CA TRP YA 101 -45.66 123.87 -104.65
CA GLY YA 102 -42.13 125.29 -104.66
CA ASN YA 103 -40.85 123.47 -107.76
CA GLY YA 104 -43.93 122.95 -109.92
CA CYS YA 105 -45.86 120.16 -108.18
CA GLY YA 106 -48.89 120.63 -105.93
CA LEU YA 107 -47.78 119.92 -102.36
CA PHE YA 108 -44.50 119.15 -100.64
CA GLY YA 109 -44.13 115.37 -100.59
CA LYS YA 110 -41.87 112.51 -101.60
CA GLY YA 111 -42.49 112.16 -105.32
CA GLY YA 112 -40.89 109.44 -107.39
CA ILE YA 113 -37.99 109.46 -109.84
CA VAL YA 114 -36.72 106.81 -112.24
CA THR YA 115 -33.11 107.01 -113.42
CA CYS YA 116 -31.92 104.70 -116.22
CA ALA YA 117 -28.89 104.37 -118.45
CA MET YA 118 -27.29 102.04 -120.98
CA PHE YA 119 -24.31 100.14 -119.55
CA THR YA 120 -21.77 99.41 -122.30
CA CYS YA 121 -18.95 96.96 -121.56
CA LYS YA 122 -15.71 98.14 -123.17
CA LYS YA 123 -13.30 95.45 -121.95
CA ASN YA 124 -13.49 91.88 -120.70
CA MET YA 125 -11.85 89.96 -117.86
CA LYS YA 126 -11.89 86.26 -118.63
CA GLY YA 127 -12.32 83.41 -116.15
CA LYS YA 128 -11.25 79.84 -116.87
CA VAL YA 129 -12.23 76.85 -114.72
CA VAL YA 130 -10.33 73.58 -115.08
CA GLN YA 131 -12.34 70.40 -114.65
CA PRO YA 132 -10.70 67.05 -113.84
CA GLU YA 133 -11.48 65.57 -117.25
CA ASN YA 134 -9.80 68.49 -119.07
CA LEU YA 135 -6.28 67.81 -117.75
CA GLU YA 136 -4.04 66.70 -120.64
CA TYR YA 137 -1.12 65.06 -118.82
CA THR YA 138 2.12 64.89 -120.82
CA ILE YA 139 4.10 61.89 -119.55
CA VAL YA 140 7.66 61.03 -120.56
CA ILE YA 141 8.69 57.37 -120.42
CA THR YA 142 12.38 56.49 -120.84
CA PRO YA 143 14.07 53.07 -120.50
CA HIS YA 144 17.36 52.38 -118.73
CA SER YA 145 18.68 51.00 -121.98
CA GLY YA 146 22.07 52.67 -122.31
CA GLU YA 147 21.32 56.00 -123.99
CA GLU YA 148 23.47 59.02 -123.21
CA HIS YA 149 21.62 62.22 -124.20
CA ALA YA 150 18.99 62.12 -121.42
CA VAL YA 151 21.06 62.38 -118.23
CA GLY YA 152 20.23 65.74 -116.71
CA ASN YA 153 18.10 66.64 -119.73
CA ASP YA 154 14.55 67.72 -120.57
CA THR YA 155 14.16 67.09 -124.32
CA GLY YA 156 16.43 64.01 -124.47
CA LYS YA 157 14.42 61.59 -126.58
CA HIS YA 158 15.13 57.88 -126.65
CA GLY YA 159 11.80 56.90 -125.12
CA LYS YA 160 8.36 58.34 -125.79
CA GLU YA 161 6.18 61.26 -124.70
CA ILE YA 162 2.45 60.57 -124.50
CA LYS YA 163 -0.45 62.95 -123.90
CA ILE YA 164 -2.90 61.21 -121.56
CA THR YA 165 -6.51 62.38 -121.89
CA PRO YA 166 -8.64 61.10 -118.98
CA GLN YA 167 -11.54 60.40 -121.34
CA SER YA 168 -9.16 57.81 -122.85
CA SER YA 169 -8.12 55.65 -119.90
CA ILE YA 170 -6.29 52.82 -121.70
CA THR YA 171 -3.48 53.89 -124.03
CA GLU YA 172 -0.64 52.05 -125.76
CA ALA YA 173 2.72 53.84 -125.66
CA GLU YA 174 4.99 51.91 -128.06
CA LEU YA 175 8.45 52.16 -126.53
CA THR YA 176 11.05 51.64 -129.24
CA GLY YA 177 12.80 48.28 -129.28
CA TYR YA 178 10.98 47.05 -126.16
CA GLY YA 179 7.33 47.00 -127.26
CA THR YA 180 4.65 48.87 -125.34
CA VAL YA 181 3.29 49.38 -121.83
CA THR YA 182 -0.42 49.73 -121.16
CA MET YA 183 -1.28 53.14 -119.73
CA GLU YA 184 -4.17 53.14 -117.27
CA CYS YA 185 -3.33 56.32 -115.40
CA SER YA 186 -6.02 58.56 -113.95
CA PRO YA 187 -5.83 62.04 -112.38
CA ARG YA 188 -9.32 61.50 -110.96
CA THR YA 189 -7.98 59.89 -107.78
CA GLY YA 190 -5.54 62.78 -107.32
CA LEU YA 191 -6.40 66.06 -105.66
CA ASP YA 192 -9.67 67.58 -106.84
CA PHE YA 193 -9.25 70.49 -109.24
CA ASN YA 194 -12.55 71.96 -108.09
CA GLU YA 195 -11.36 75.26 -106.55
CA MET YA 196 -8.65 76.40 -109.00
CA VAL YA 197 -9.48 79.20 -111.43
CA LEU YA 198 -7.45 81.19 -113.96
CA LEU YA 199 -7.92 84.92 -114.42
CA GLN YA 200 -6.96 85.90 -117.97
CA MET YA 201 -6.25 89.46 -119.13
CA GLU YA 202 -5.13 90.10 -122.71
CA ASN YA 203 -2.36 87.46 -122.77
CA LYS YA 204 -1.22 87.23 -119.12
CA ALA YA 205 -2.94 85.36 -116.33
CA TRP YA 206 -3.03 84.42 -112.67
CA LEU YA 207 -4.31 81.51 -110.60
CA VAL YA 208 -6.80 82.12 -107.79
CA HIS YA 209 -9.49 80.31 -105.83
CA ARG YA 210 -13.06 79.82 -107.06
CA GLN YA 211 -14.89 81.28 -104.07
CA TRP YA 212 -12.68 84.36 -104.25
CA PHE YA 213 -13.16 84.51 -108.01
CA LEU YA 214 -16.93 84.73 -107.63
CA ASP YA 215 -17.02 86.85 -104.45
CA LEU YA 216 -15.67 89.87 -106.34
CA PRO YA 217 -18.22 92.75 -106.26
CA LEU YA 218 -17.79 93.49 -109.96
CA PRO YA 219 -20.03 93.26 -113.04
CA TRP YA 220 -21.20 89.69 -113.35
CA LEU YA 221 -21.95 88.14 -116.77
CA PRO YA 222 -22.55 84.42 -117.44
CA GLY YA 223 -20.56 82.23 -119.77
CA ALA YA 224 -23.47 81.18 -121.97
CA ASP YA 225 -24.52 84.68 -123.01
CA THR YA 226 -22.61 86.61 -125.68
CA GLN YA 227 -24.27 90.01 -126.12
CA GLY YA 228 -23.91 90.97 -122.45
CA SER YA 229 -27.35 92.58 -122.22
CA ASN YA 230 -28.48 89.94 -119.71
CA TRP YA 231 -26.40 91.76 -117.13
CA ILE YA 232 -26.21 90.89 -113.42
CA GLN YA 233 -24.79 92.64 -110.34
CA LYS YA 234 -25.87 96.01 -111.57
CA GLU YA 235 -24.77 98.44 -108.85
CA THR YA 236 -21.07 97.48 -108.71
CA LEU YA 237 -19.86 100.35 -110.93
CA VAL YA 238 -22.83 102.66 -111.48
CA THR YA 239 -22.79 104.70 -108.26
CA PHE YA 240 -25.73 107.08 -108.37
CA LYS YA 241 -25.47 110.03 -105.97
CA ASN YA 242 -28.28 111.29 -103.77
CA PRO YA 243 -30.87 112.58 -106.27
CA HIS YA 244 -31.56 116.29 -105.97
CA ALA YA 245 -34.85 116.98 -107.76
CA LYS YA 246 -34.32 114.80 -110.88
CA LYS YA 247 -30.68 114.63 -111.98
CA GLN YA 248 -28.13 112.63 -110.05
CA ASP YA 249 -24.44 112.50 -110.90
CA VAL YA 250 -24.58 109.02 -112.40
CA VAL YA 251 -21.00 107.99 -113.16
CA VAL YA 252 -19.29 104.64 -113.55
CA LEU YA 253 -16.21 104.20 -111.40
CA GLY YA 254 -12.87 104.46 -113.11
CA SER YA 255 -11.30 101.45 -114.77
CA GLN YA 256 -10.58 98.79 -112.18
CA GLU YA 257 -7.70 97.37 -114.24
CA GLY YA 258 -5.04 99.13 -112.18
CA ALA YA 259 -6.73 98.55 -108.83
CA MET YA 260 -7.48 94.87 -109.36
CA HIS YA 261 -4.03 94.33 -110.87
CA THR YA 262 -2.48 95.82 -107.74
CA ALA YA 263 -4.69 93.70 -105.50
CA LEU YA 264 -4.12 90.48 -107.43
CA THR YA 265 -0.36 91.10 -107.21
CA GLY YA 266 1.29 88.52 -105.00
CA ALA YA 267 -0.96 85.71 -106.18
CA THR YA 268 0.29 82.82 -108.32
CA GLU YA 269 1.16 84.37 -111.67
CA ILE YA 270 0.91 81.82 -114.50
CA GLN YA 271 2.71 82.25 -117.82
CA MET YA 272 -0.27 80.63 -119.52
CA SER YA 273 1.02 81.45 -123.01
CA SER YA 274 3.22 78.32 -123.06
CA GLY YA 275 0.30 76.21 -121.80
CA ASN YA 276 -1.56 75.73 -118.52
CA LEU YA 277 1.45 74.66 -116.46
CA LEU YA 278 -0.39 73.58 -113.34
CA PHE YA 279 2.15 72.81 -110.62
CA THR YA 280 -0.05 70.42 -108.60
CA GLY YA 281 -2.07 67.24 -109.00
CA HIS YA 282 -1.35 63.58 -108.29
CA LEU YA 283 -1.44 61.15 -111.19
CA LYS YA 284 -2.31 57.60 -110.08
CA CYS YA 285 -0.84 55.30 -112.70
CA ARG YA 286 -1.68 51.58 -112.99
CA LEU YA 287 0.26 49.61 -115.58
CA ARG YA 288 0.41 46.11 -117.03
CA MET YA 289 4.11 45.86 -117.90
CA ASP YA 290 3.90 42.20 -118.99
CA LYS YA 291 3.43 43.29 -122.60
CA LEU YA 292 6.74 45.15 -122.26
CA GLN YA 293 9.83 43.07 -122.93
CA LEU YA 294 13.60 43.54 -123.19
CA LYS YA 295 14.96 42.60 -126.61
CA GLY YA 296 18.47 43.00 -125.19
CA MET YA 297 18.16 40.74 -122.16
CA SER YA 298 19.20 37.33 -123.52
CA TYR YA 299 22.22 38.27 -125.64
CA SER YA 300 25.44 36.35 -125.08
CA MET YA 301 27.65 37.08 -122.09
CA CYS YA 302 30.19 39.54 -123.38
CA THR YA 303 33.82 38.48 -123.60
CA GLY YA 304 36.17 41.12 -124.96
CA LYS YA 305 38.20 43.73 -123.12
CA PHE YA 306 36.24 46.56 -121.53
CA LYS YA 307 37.46 50.00 -120.39
CA VAL YA 308 36.11 53.11 -118.65
CA VAL YA 309 36.09 56.57 -120.24
CA LYS YA 310 34.74 58.94 -117.59
CA GLU YA 311 35.00 58.49 -113.83
CA ILE YA 312 32.16 58.59 -111.32
CA ALA YA 313 30.43 61.73 -110.16
CA GLU YA 314 27.87 61.47 -107.37
CA THR YA 315 24.15 61.92 -107.92
CA GLN YA 316 21.52 63.50 -105.67
CA HIS YA 317 20.23 60.16 -104.40
CA GLY YA 318 23.75 58.77 -104.47
CA THR YA 319 23.74 56.23 -107.31
CA ILE YA 320 26.63 54.92 -109.36
CA VAL YA 321 26.44 56.11 -112.96
CA ILE YA 322 29.37 55.12 -115.18
CA ARG YA 323 30.00 55.83 -118.84
CA VAL YA 324 31.98 52.82 -120.08
CA GLN YA 325 33.46 51.94 -123.47
CA TYR YA 326 34.05 48.52 -125.03
CA GLU YA 327 37.28 48.17 -127.00
CA GLY YA 328 36.81 44.44 -127.59
CA ASP YA 329 34.57 42.61 -130.06
CA GLY YA 330 31.44 40.49 -130.24
CA SER YA 331 28.88 43.27 -130.10
CA PRO YA 332 25.98 42.94 -129.34
CA CYS YA 333 26.82 41.21 -126.04
CA LYS YA 334 25.53 40.99 -122.47
CA ILE YA 335 28.09 42.76 -120.28
CA PRO YA 336 29.03 41.29 -116.87
CA PHE YA 337 28.51 43.74 -114.02
CA GLU YA 338 28.56 42.85 -110.32
CA ILE YA 339 29.10 44.68 -107.03
CA MET YA 340 31.26 42.35 -104.94
CA ASP YA 341 32.74 42.61 -101.49
CA LEU YA 342 36.41 43.52 -101.28
CA GLU YA 343 37.19 39.80 -100.85
CA LYS YA 344 35.07 38.79 -103.89
CA ARG YA 345 32.97 36.31 -101.85
CA HIS YA 346 29.43 37.69 -101.46
CA VAL YA 347 27.42 40.37 -103.29
CA LEU YA 348 26.35 43.58 -101.55
CA GLY YA 349 24.69 46.07 -103.87
CA ARG YA 350 22.00 46.22 -106.54
CA LEU YA 351 22.08 47.28 -110.19
CA ILE YA 352 19.22 49.22 -111.78
CA THR YA 353 19.83 48.53 -115.46
CA VAL YA 354 18.93 44.85 -115.53
CA ASN YA 355 21.13 43.02 -118.03
CA PRO YA 356 22.99 46.03 -119.43
CA ILE YA 357 23.60 45.77 -123.16
CA VAL YA 358 26.23 47.03 -125.59
CA THR YA 359 24.81 46.79 -129.13
CA GLU YA 360 27.16 49.30 -130.74
CA LYS YA 361 30.91 49.56 -131.20
CA ASP YA 362 32.79 52.62 -129.96
CA SER YA 363 29.96 54.24 -128.02
CA PRO YA 364 29.51 55.35 -124.40
CA VAL YA 365 27.40 53.00 -122.30
CA ASN YA 366 25.60 54.21 -119.18
CA ILE YA 367 25.59 51.70 -116.32
CA GLU YA 368 23.51 52.43 -113.21
CA ALA YA 369 23.80 50.93 -109.73
CA GLU YA 370 23.16 51.66 -106.05
CA PRO YA 371 25.59 50.24 -103.48
CA PRO YA 372 25.02 50.35 -99.74
CA PHE YA 373 26.99 52.65 -97.44
CA GLY YA 374 30.34 50.92 -97.25
CA ASP YA 375 33.41 49.94 -99.17
CA SER YA 376 32.66 47.86 -102.25
CA TYR YA 377 34.34 46.59 -105.40
CA ILE YA 378 32.49 47.02 -108.69
CA ILE YA 379 33.77 44.03 -110.66
CA ILE YA 380 33.41 44.33 -114.43
CA GLY YA 381 34.33 41.88 -117.16
CA VAL YA 382 36.09 38.53 -117.05
CA GLU YA 383 39.79 37.77 -116.99
CA PRO YA 384 41.77 38.53 -119.16
CA GLY YA 385 40.98 42.22 -118.73
CA GLN YA 386 39.27 42.14 -115.35
CA LEU YA 387 38.29 45.58 -114.05
CA LYS YA 388 38.00 46.19 -110.31
CA LEU YA 389 36.75 49.58 -109.10
CA ASN YA 390 36.84 50.41 -105.41
CA TRP YA 391 34.01 52.62 -104.22
CA PHE YA 392 32.63 54.09 -101.01
CA LYS YA 393 29.57 56.19 -100.20
CA LYS YA 394 28.61 58.16 -97.11
CA GLY YA 395 25.55 57.86 -94.90
CA SER YA 396 23.95 55.57 -92.33
CA SER YA 397 22.10 52.42 -93.32
CA ILE YA 398 19.32 53.20 -90.84
CA GLY YA 399 19.00 56.57 -92.56
CA GLN YA 400 18.09 54.95 -95.85
CA MET YA 401 15.88 52.39 -94.09
CA ILE YA 402 13.73 55.04 -92.39
CA GLU YA 403 13.77 57.29 -95.47
CA THR YA 404 12.64 54.58 -97.90
CA THR YA 405 10.11 53.09 -95.49
CA MET YA 406 8.47 56.42 -94.69
CA ARG YA 407 8.51 57.46 -98.35
CA GLY YA 408 6.80 54.22 -99.34
CA ALA YA 409 4.33 54.61 -96.48
CA LYS YA 410 3.35 58.07 -97.69
CA ARG YA 411 3.21 56.77 -101.26
CA MET YA 412 0.80 54.01 -100.25
CA ALA YA 413 -1.24 56.40 -98.09
CA ILE YA 414 -1.82 58.73 -101.03
CA LEU YA 415 -2.07 55.66 -103.30
CA GLY YA 416 -4.58 54.29 -100.82
CA ASP YA 417 -8.36 54.24 -100.62
CA THR YA 418 -9.97 53.37 -103.97
CA ALA YA 419 -6.44 52.74 -105.35
CA TRP YA 420 -4.98 49.46 -104.10
CA ASP YA 421 -6.87 46.40 -105.29
CA PHE YA 422 -9.24 45.33 -102.52
CA GLY YA 423 -12.33 44.56 -104.62
CA SER YA 424 -10.58 42.17 -107.03
CA LEU YA 425 -11.04 38.63 -105.76
CA GLY YA 426 -8.12 36.23 -106.16
CA GLY YA 427 -5.62 39.07 -106.31
CA VAL YA 428 -6.44 40.11 -102.74
CA PHE YA 429 -3.48 38.16 -101.37
CA THR YA 430 -1.35 39.64 -104.17
CA SER YA 431 -2.63 43.14 -103.37
CA ILE YA 432 -1.80 42.89 -99.67
CA GLY YA 433 1.58 41.45 -100.66
CA LYS YA 434 2.16 44.52 -102.83
CA ALA YA 435 1.12 46.82 -99.98
CA LEU YA 436 3.29 45.07 -97.39
CA HIS YA 437 6.12 45.34 -99.89
CA GLN YA 438 5.62 49.07 -100.42
CA VAL YA 439 5.89 49.58 -96.62
CA PHE YA 440 8.25 46.92 -95.21
CA GLY YA 441 10.23 45.78 -98.26
CA ALA YA 442 13.19 47.99 -97.50
CA ILE YA 443 13.51 46.20 -94.17
CA TYR YA 444 12.92 42.82 -95.79
CA GLY YA 445 15.40 43.12 -98.64
CA ALA YA 446 18.10 45.23 -96.98
CA ALA YA 447 18.15 44.51 -93.25
CA PHE YA 448 17.21 40.82 -93.44
CA SER YA 449 20.20 39.28 -95.24
CA GLY YA 450 19.66 40.55 -98.81
CA VAL YA 451 18.46 37.78 -99.21
CA SER YA 452 18.78 34.08 -100.03
CA TRP YA 453 15.03 33.47 -100.01
CA ILE YA 454 14.93 29.74 -99.20
CA MET YA 455 16.94 29.89 -95.99
CA LYS YA 456 15.31 33.09 -94.79
CA ILE YA 457 11.82 31.62 -95.21
CA LEU YA 458 13.08 28.64 -93.23
CA ILE YA 459 14.10 31.13 -90.53
CA GLY YA 460 10.70 32.77 -90.97
CA VAL YA 461 8.78 29.60 -90.26
CA ILE YA 462 11.14 29.01 -87.32
CA ILE YA 463 10.26 32.41 -85.82
CA THR YA 464 6.56 31.75 -86.47
CA TRP YA 465 6.80 28.41 -84.64
CA ILE YA 466 8.58 30.03 -81.70
CA GLY YA 467 6.02 32.85 -81.64
CA MET YA 468 2.95 30.62 -81.61
CA ASN YA 469 4.40 28.47 -78.80
CA SER YA 470 5.64 31.48 -76.82
CA ARG YA 471 5.39 32.26 -73.11
CA SER YA 472 3.35 35.42 -73.85
CA THR YA 473 0.47 36.09 -76.21
CA SER YA 474 1.55 39.69 -76.84
CA LEU YA 475 4.93 38.45 -78.08
CA SER YA 476 3.13 35.72 -80.05
CA VAL YA 477 1.09 38.34 -81.91
CA SER YA 478 4.11 40.61 -82.32
CA LEU YA 479 6.32 37.86 -83.76
CA VAL YA 480 4.03 35.65 -85.85
CA LEU YA 481 2.84 38.73 -87.75
CA VAL YA 482 6.42 39.50 -88.76
CA GLY YA 483 7.02 35.84 -89.58
CA VAL YA 484 4.02 35.51 -91.86
CA VAL YA 485 5.03 38.84 -93.42
CA THR YA 486 8.46 37.36 -94.07
CA LEU YA 487 7.08 34.17 -95.59
CA TYR YA 488 4.48 35.82 -97.84
CA LEU YA 489 6.85 38.56 -98.99
CA GLY YA 490 9.49 35.91 -99.69
CA VAL YA 491 7.03 34.10 -101.90
CA MET YA 492 6.37 37.51 -103.45
CA VAL YA 493 9.94 38.88 -103.79
CA GLN YA 494 10.84 35.61 -105.52
CA ALA YA 495 8.60 36.98 -108.30
CA PHE ZA 1 -6.49 145.47 -104.55
CA HIS ZA 2 -3.66 144.63 -106.94
CA LEU ZA 3 -5.10 142.50 -109.75
CA THR ZA 4 -3.42 139.56 -111.48
CA THR ZA 5 -4.60 136.31 -113.10
CA ARG ZA 6 -4.33 132.70 -111.98
CA ASN ZA 7 -5.88 129.58 -113.50
CA GLY ZA 8 -7.40 131.84 -116.13
CA GLU ZA 9 -9.34 133.83 -113.51
CA PRO ZA 10 -8.87 137.30 -112.03
CA HIS ZA 11 -7.13 137.52 -108.66
CA MET ZA 12 -7.29 140.77 -106.69
CA ILE ZA 13 -5.27 141.17 -103.49
CA VAL ZA 14 -7.00 143.58 -101.12
CA SER ZA 15 -5.60 145.29 -98.05
CA ARG ZA 16 -6.62 147.71 -95.31
CA GLN ZA 17 -6.31 150.64 -97.76
CA GLU ZA 18 -9.67 149.48 -99.16
CA LYS ZA 19 -11.44 147.82 -96.23
CA GLY ZA 20 -15.15 147.20 -95.86
CA LYS ZA 21 -15.92 149.11 -99.05
CA SER ZA 22 -17.26 148.19 -102.47
CA LEU ZA 23 -14.53 146.85 -104.75
CA LEU ZA 24 -14.75 148.22 -108.28
CA PHE ZA 25 -12.85 147.45 -111.49
CA LYS ZA 26 -13.07 147.57 -115.27
CA THR ZA 27 -12.02 144.32 -116.96
CA GLU ZA 28 -12.60 142.59 -120.28
CA ASP ZA 29 -15.76 141.03 -118.86
CA GLY ZA 30 -17.05 144.52 -118.07
CA VAL ZA 31 -17.74 146.68 -115.01
CA ASN ZA 32 -16.74 144.41 -112.11
CA MET ZA 33 -18.60 145.46 -108.94
CA CYS ZA 34 -17.55 143.16 -106.10
CA THR ZA 35 -18.65 143.35 -102.49
CA LEU ZA 36 -16.09 142.01 -100.01
CA MET ZA 37 -18.39 141.46 -97.05
CA ALA ZA 38 -15.83 139.36 -95.17
CA MET ZA 39 -14.77 139.62 -91.52
CA ASP ZA 40 -11.10 139.07 -90.72
CA LEU ZA 41 -9.79 141.55 -93.29
CA GLY ZA 42 -7.17 143.61 -91.46
CA GLU ZA 43 -3.84 144.96 -92.66
CA LEU ZA 44 -2.02 142.69 -95.07
CA CYS ZA 45 -0.24 139.70 -93.55
CA GLU ZA 46 1.43 136.40 -94.49
CA ASP ZA 47 -1.55 134.23 -93.46
CA THR ZA 48 -2.89 134.48 -97.00
CA ILE ZA 49 -6.54 133.44 -96.91
CA THR ZA 50 -8.06 133.12 -100.39
CA TYR ZA 51 -11.62 133.00 -101.65
CA LYS ZA 52 -13.83 132.53 -104.68
CA CYS ZA 53 -16.26 135.37 -105.06
CA PRO ZA 54 -18.89 133.45 -107.08
CA PHE ZA 55 -20.74 134.70 -110.13
CA LEU ZA 56 -24.19 135.86 -109.02
CA LYS ZA 57 -26.41 137.56 -111.57
CA GLN ZA 58 -29.49 138.84 -109.68
CA ASN ZA 59 -30.37 136.31 -106.96
CA GLU ZA 60 -30.43 136.81 -103.19
CA PRO ZA 61 -26.90 136.31 -101.80
CA GLU ZA 62 -26.54 134.34 -98.59
CA ASP ZA 63 -23.96 132.22 -96.76
CA ILE ZA 64 -21.13 133.88 -98.71
CA ASP ZA 65 -18.19 136.05 -97.69
CA CYS ZA 66 -17.58 137.91 -100.95
CA TRP ZA 67 -19.41 138.15 -104.26
CA CYS ZA 68 -19.33 139.91 -107.62
CA ASN ZA 69 -22.19 140.77 -109.96
CA SER ZA 70 -20.03 140.38 -113.11
CA THR ZA 71 -18.08 137.13 -112.96
CA SER ZA 72 -16.45 134.65 -110.62
CA THR ZA 73 -13.12 135.83 -109.28
CA TRP ZA 74 -10.38 135.17 -106.75
CA VAL ZA 75 -9.75 137.42 -103.77
CA THR ZA 76 -7.12 137.14 -101.05
CA TYR ZA 77 -5.97 138.91 -97.91
CA GLY ZA 78 -4.18 138.48 -94.58
CA THR ZA 79 -5.37 137.79 -91.05
CA CYS ZA 80 -2.75 139.01 -88.55
CA THR ZA 81 -3.55 141.82 -86.14
CA THR ZA 82 -2.26 145.38 -86.40
CA THR ZA 83 0.78 144.96 -84.17
CA GLY ZA 84 1.87 141.71 -85.84
CA GLU ZA 85 1.23 138.14 -84.75
CA HIS ZA 86 0.37 134.73 -86.17
CA ARG ZA 87 -3.31 134.60 -85.19
CA ARG ZA 88 -5.61 134.28 -82.16
CA GLU ZA 89 -4.32 132.03 -79.36
CA LYS ZA 90 -6.11 128.90 -78.12
CA ARG ZA 91 -5.38 126.04 -75.73
CA SER ZA 92 -6.11 122.45 -76.70
CA VAL ZA 93 -4.68 118.89 -77.06
CA ALA ZA 94 -5.12 116.42 -74.20
CA LEU ZA 95 -2.00 114.80 -72.77
CA VAL ZA 96 -0.38 113.84 -69.47
CA PRO ZA 97 2.50 111.44 -68.66
CA HIS ZA 98 3.07 108.93 -65.95
CA VAL ZA 99 4.63 110.30 -62.76
CA GLY ZA 100 8.23 109.40 -62.23
CA MET ZA 101 10.35 107.45 -59.81
CA GLY ZA 102 13.47 108.86 -58.17
CA LEU ZA 103 15.79 108.86 -55.15
CA GLU ZA 104 14.16 105.61 -53.93
CA THR ZA 105 15.77 102.74 -55.92
CA ARG ZA 106 14.05 99.39 -56.48
CA THR ZA 107 15.53 96.79 -54.09
CA GLU ZA 108 14.50 95.65 -50.60
CA THR ZA 109 16.86 97.55 -48.27
CA TRP ZA 110 17.24 100.53 -45.86
CA MET ZA 111 15.18 99.11 -42.92
CA SER ZA 112 12.73 102.00 -43.44
CA SER ZA 113 9.12 101.87 -42.28
CA GLU ZA 114 7.71 102.35 -45.79
CA GLY ZA 115 10.14 99.85 -47.29
CA ALA ZA 116 9.61 97.38 -44.45
CA TRP ZA 117 5.81 97.50 -44.63
CA LYS ZA 118 5.56 97.65 -48.44
CA HIS ZA 119 6.13 93.91 -48.78
CA ALA ZA 120 3.47 93.04 -46.20
CA GLN ZA 121 1.02 95.56 -47.68
CA ARG ZA 122 1.52 94.02 -51.12
CA ILE ZA 123 1.07 90.51 -49.70
CA GLU ZA 124 -2.24 91.41 -48.07
CA THR ZA 125 -3.38 93.31 -51.18
CA TRP ZA 126 -2.64 90.21 -53.26
CA ILE ZA 127 -4.51 88.05 -50.75
CA LEU ZA 128 -7.53 90.35 -50.90
CA ARG ZA 129 -7.40 90.37 -54.71
CA HIS ZA 130 -6.71 86.60 -54.86
CA PRO ZA 131 -9.05 84.79 -52.45
CA GLY ZA 132 -9.14 81.66 -54.62
CA PHE ZA 133 -5.37 81.18 -54.62
CA THR ZA 134 -5.37 81.77 -50.87
CA ILE ZA 135 -7.98 79.05 -50.38
CA MET ZA 136 -6.05 76.71 -52.67
CA ALA ZA 137 -2.84 77.28 -50.71
CA ALA ZA 138 -4.69 76.69 -47.44
CA ILE ZA 139 -6.09 73.40 -48.78
CA LEU ZA 140 -2.63 72.28 -49.93
CA ALA ZA 141 -1.20 73.16 -46.52
CA TYR ZA 142 -3.98 71.19 -44.83
CA THR ZA 143 -3.40 68.10 -46.97
CA ILE ZA 144 0.40 68.11 -46.86
CA GLY ZA 145 0.64 69.38 -43.29
CA THR ZA 146 0.49 66.75 -40.56
CA THR ZA 147 0.85 69.28 -37.71
CA HIS ZA 148 -0.94 72.59 -37.22
CA PHE ZA 149 2.39 74.42 -36.97
CA GLN ZA 150 3.55 72.93 -40.28
CA ARG ZA 151 0.11 73.73 -41.71
CA ALA ZA 152 0.37 77.42 -40.81
CA LEU ZA 153 4.03 77.67 -41.83
CA ILE ZA 154 3.38 76.15 -45.26
CA PHE ZA 155 0.30 78.33 -45.78
CA ILE ZA 156 2.28 81.47 -44.94
CA LEU ZA 157 5.16 80.35 -47.18
CA LEU ZA 158 2.85 79.71 -50.14
CA THR ZA 159 0.97 83.00 -49.70
CA ALA ZA 160 4.27 84.92 -49.46
CA VAL ZA 161 6.04 83.14 -52.33
CA ALA ZA 162 3.24 83.06 -54.93
CA PRO ZA 163 3.21 86.88 -55.48
CA SER ZA 164 7.00 87.15 -55.56
CA MET ZA 165 7.09 85.01 -58.71
CA THR ZA 166 5.09 87.68 -60.55
CA PHE AB 1 -34.63 152.37 -88.87
CA HIS AB 2 -36.22 153.78 -85.69
CA LEU AB 3 -33.78 155.65 -83.47
CA THR AB 4 -35.32 154.74 -80.10
CA THR AB 5 -33.94 155.06 -76.56
CA ARG AB 6 -33.45 151.41 -75.64
CA ASN AB 7 -31.75 150.70 -72.30
CA GLY AB 8 -31.07 154.44 -72.21
CA GLU AB 9 -28.97 154.42 -75.39
CA PRO AB 10 -29.64 154.88 -79.13
CA HIS AB 11 -31.17 151.82 -80.76
CA MET AB 12 -31.76 151.06 -84.45
CA ILE AB 13 -33.67 148.38 -86.37
CA VAL AB 14 -32.11 147.81 -89.80
CA SER AB 15 -33.95 145.57 -92.27
CA ARG AB 16 -32.99 143.96 -95.57
CA GLN AB 17 -34.60 146.59 -97.85
CA GLU AB 18 -31.19 148.30 -97.67
CA LYS AB 19 -28.13 146.11 -97.22
CA GLY AB 20 -24.37 146.21 -97.52
CA LYS AB 21 -24.37 150.01 -97.28
CA SER AB 22 -23.52 152.48 -94.54
CA LEU AB 23 -26.52 153.93 -92.72
CA LEU AB 24 -26.93 157.63 -92.00
CA PHE AB 25 -28.91 159.23 -89.17
CA LYS AB 26 -29.00 162.11 -86.70
CA THR AB 27 -28.35 162.33 -82.95
CA GLU AB 28 -27.63 165.06 -80.42
CA ASP AB 29 -23.93 164.81 -81.28
CA GLY AB 30 -24.68 165.45 -84.97
CA VAL AB 31 -24.90 163.42 -88.15
CA ASN AB 32 -23.70 159.84 -87.66
CA MET AB 33 -22.78 157.44 -90.45
CA CYS AB 34 -22.82 153.81 -89.31
CA THR AB 35 -20.99 150.82 -90.79
CA LEU AB 36 -22.62 147.37 -90.69
CA MET AB 37 -20.34 144.53 -91.83
CA ALA AB 38 -22.71 141.81 -90.58
CA MET AB 39 -22.64 139.29 -93.41
CA ASP AB 40 -25.43 137.00 -92.14
CA LEU AB 41 -28.18 139.59 -92.50
CA GLY AB 42 -31.75 138.87 -93.59
CA GLU AB 43 -35.12 140.63 -93.48
CA LEU AB 44 -36.86 141.63 -90.27
CA CYS AB 45 -38.88 138.91 -88.53
CA GLU AB 46 -39.29 137.44 -85.07
CA ASP AB 47 -35.73 136.08 -84.88
CA THR AB 48 -34.23 139.44 -83.98
CA ILE AB 49 -30.49 139.46 -83.31
CA THR AB 50 -29.26 142.56 -81.45
CA TYR AB 51 -25.91 144.33 -81.00
CA LYS AB 52 -24.38 147.17 -78.98
CA CYS AB 53 -22.43 148.90 -81.74
CA PRO AB 54 -19.10 150.21 -80.37
CA PHE AB 55 -17.46 153.59 -80.88
CA LEU AB 56 -14.22 153.85 -82.87
CA LYS AB 57 -12.24 157.05 -83.45
CA GLN AB 58 -9.28 156.17 -85.72
CA ASN AB 59 -8.18 152.60 -84.93
CA GLU AB 60 -8.55 149.89 -87.53
CA PRO AB 61 -11.93 148.10 -87.23
CA GLU AB 62 -11.05 144.48 -86.50
CA ASP AB 63 -13.20 141.45 -85.70
CA ILE AB 64 -16.40 143.51 -85.36
CA ASP AB 65 -19.44 144.03 -87.56
CA CYS AB 66 -20.65 147.48 -86.60
CA TRP AB 67 -18.90 150.78 -86.01
CA CYS AB 68 -19.45 154.53 -86.32
CA ASN AB 69 -17.23 157.64 -86.11
CA SER AB 70 -18.84 159.49 -83.18
CA THR AB 71 -20.81 157.30 -80.78
CA SER AB 72 -21.97 153.82 -79.82
CA THR AB 73 -25.49 152.49 -80.34
CA TRP AB 74 -27.66 149.36 -80.52
CA VAL AB 75 -28.24 147.91 -84.00
CA THR AB 76 -30.59 144.96 -84.51
CA TYR AB 77 -31.96 142.99 -87.42
CA GLY AB 78 -33.76 139.83 -88.40
CA THR AB 79 -32.23 136.66 -89.79
CA CYS AB 80 -35.11 134.96 -91.61
CA THR AB 81 -34.32 133.65 -95.07
CA THR AB 82 -36.23 134.51 -98.24
CA THR AB 83 -39.14 132.24 -97.34
CA GLY AB 84 -39.44 134.14 -94.05
CA GLU AB 85 -38.60 131.18 -91.80
CA HIS AB 86 -36.22 130.81 -88.86
CA ARG AB 87 -32.70 129.41 -88.90
CA ARG AB 88 -32.28 125.92 -90.30
CA GLU AB 89 -29.72 123.12 -89.96
CA LYS AB 90 -29.33 119.49 -88.87
CA ARG AB 91 -28.58 117.20 -87.09
CA SER AB 92 -28.31 116.36 -83.39
CA VAL AB 93 -27.99 112.96 -81.71
CA ALA AB 94 -30.48 110.73 -79.90
CA LEU AB 95 -29.53 107.43 -78.30
CA VAL AB 96 -30.77 104.49 -80.36
CA PRO AB 97 -33.49 102.59 -78.41
CA HIS AB 98 -34.05 98.86 -78.04
CA VAL AB 99 -36.16 96.38 -76.07
CA GLY AB 100 -35.42 95.17 -72.55
CA MET AB 101 -33.36 96.85 -69.84
CA GLY AB 102 -29.65 96.30 -70.34
CA LEU AB 103 -27.91 96.75 -66.98
CA GLU AB 104 -25.28 94.03 -66.85
CA THR AB 105 -22.33 95.48 -68.81
CA ARG AB 106 -20.26 98.61 -68.23
CA THR AB 107 -16.61 99.70 -68.20
CA GLU AB 108 -13.94 98.76 -70.75
CA THR AB 109 -11.34 96.00 -70.48
CA TRP AB 110 -7.73 95.89 -69.37
CA MET AB 111 -6.15 93.41 -71.76
CA SER AB 112 -3.58 91.79 -69.46
CA SER AB 113 -5.67 91.40 -66.31
CA GLU AB 114 -8.84 90.33 -68.11
CA GLY AB 115 -6.88 87.89 -70.27
CA ALA AB 116 -5.39 86.39 -67.12
CA TRP AB 117 -8.80 86.14 -65.42
CA LYS AB 118 -10.67 84.98 -68.54
CA HIS AB 119 -10.27 81.33 -67.54
CA ALA AB 120 -11.42 81.93 -63.97
CA GLN AB 121 -14.47 83.90 -65.08
CA ARG AB 122 -15.30 81.57 -67.98
CA ILE AB 123 -15.32 78.44 -65.81
CA GLU AB 124 -17.74 80.15 -63.41
CA THR AB 125 -20.07 81.42 -66.12
CA TRP AB 126 -20.07 78.05 -67.89
CA ILE AB 127 -20.55 75.95 -64.76
CA LEU AB 128 -23.44 78.20 -63.72
CA ARG AB 129 -25.07 78.27 -67.16
CA HIS AB 130 -25.19 74.45 -67.56
CA PRO AB 131 -26.36 72.75 -64.34
CA GLY AB 132 -27.27 69.64 -66.34
CA PHE AB 133 -23.68 69.03 -67.35
CA THR AB 134 -22.72 69.83 -63.75
CA ILE AB 135 -24.90 66.92 -62.66
CA MET AB 136 -23.54 64.52 -65.28
CA ALA AB 137 -19.92 65.43 -64.54
CA ALA AB 138 -20.54 65.06 -60.82
CA ILE AB 139 -22.12 61.62 -61.31
CA LEU AB 140 -19.26 60.45 -63.53
CA ALA AB 141 -16.70 61.67 -60.99
CA TYR AB 142 -18.62 59.96 -58.19
CA THR AB 143 -18.60 56.63 -60.02
CA ILE AB 144 -15.03 56.68 -61.33
CA GLY AB 145 -13.24 58.11 -58.30
CA THR AB 146 -12.58 55.33 -55.78
CA THR AB 147 -11.73 57.67 -52.89
CA HIS AB 148 -12.86 61.20 -52.16
CA PHE AB 149 -9.95 63.21 -53.54
CA GLN AB 150 -9.94 61.29 -56.82
CA ARG AB 151 -13.63 62.16 -57.16
CA ALA AB 152 -13.00 65.85 -56.51
CA LEU AB 153 -10.00 65.87 -58.85
CA ILE AB 154 -11.88 64.32 -61.76
CA PHE AB 155 -14.79 66.67 -61.12
CA ILE AB 156 -12.69 69.84 -61.18
CA LEU AB 157 -10.69 68.71 -64.23
CA LEU AB 158 -13.85 68.03 -66.23
CA THR AB 159 -15.38 71.32 -65.15
CA ALA AB 160 -12.23 73.09 -66.35
CA VAL AB 161 -12.07 71.12 -69.60
CA ALA AB 162 -15.69 71.64 -70.65
CA PRO AB 163 -15.47 75.39 -71.45
CA SER AB 164 -12.12 74.92 -73.21
CA MET AB 165 -13.40 72.50 -75.87
CA THR AB 166 -16.14 75.00 -76.73
CA PHE BB 1 -31.64 123.41 -130.11
CA HIS BB 2 -32.80 120.33 -132.05
CA LEU BB 3 -36.42 119.46 -131.22
CA THR BB 4 -37.94 115.98 -131.48
CA THR BB 5 -41.16 114.37 -130.22
CA ARG BB 6 -40.66 111.51 -127.77
CA ASN BB 7 -43.27 110.08 -125.39
CA GLY BB 8 -45.73 112.68 -126.65
CA GLU BB 9 -43.49 115.49 -125.34
CA PRO BB 10 -40.75 117.63 -126.90
CA HIS BB 11 -37.13 116.56 -126.51
CA MET BB 12 -34.41 119.21 -126.91
CA ILE BB 13 -30.84 118.38 -127.90
CA VAL BB 14 -28.34 121.13 -127.08
CA SER BB 15 -24.61 121.36 -127.74
CA ARG BB 16 -21.89 123.53 -126.25
CA GLN BB 17 -21.91 125.66 -129.41
CA GLU BB 18 -24.74 127.53 -127.64
CA LYS BB 19 -23.16 127.24 -124.19
CA GLY BB 20 -23.88 129.92 -121.61
CA LYS BB 21 -26.84 131.46 -123.45
CA SER BB 22 -30.55 131.30 -122.73
CA LEU BB 23 -32.62 128.74 -124.62
CA LEU BB 24 -34.64 130.84 -127.08
CA PHE BB 25 -36.67 129.53 -130.02
CA LYS BB 26 -40.17 129.63 -131.51
CA THR BB 27 -42.75 126.88 -132.04
CA GLU BB 28 -46.53 126.58 -132.26
CA ASP BB 29 -46.79 126.09 -128.48
CA GLY BB 30 -45.92 129.77 -128.09
CA VAL BB 31 -42.97 132.03 -127.37
CA ASN BB 32 -40.91 129.35 -125.59
CA MET BB 33 -38.48 131.41 -123.58
CA CYS BB 34 -36.27 129.03 -121.60
CA THR BB 35 -32.94 128.89 -119.81
CA LEU BB 36 -30.21 126.35 -119.07
CA MET BB 37 -28.10 127.27 -116.06
CA ALA BB 38 -26.00 124.34 -114.82
CA MET BB 39 -22.35 124.25 -115.92
CA ASP BB 40 -22.10 120.45 -116.21
CA LEU BB 41 -22.43 120.80 -120.01
CA GLY BB 42 -19.77 119.18 -122.15
CA GLU BB 43 -19.30 118.95 -125.88
CA LEU BB 44 -21.50 116.83 -128.12
CA CYS BB 45 -20.61 113.17 -127.64
CA GLU BB 46 -22.28 109.83 -126.91
CA ASP BB 47 -22.66 110.49 -123.16
CA THR BB 48 -26.16 111.89 -123.44
CA ILE BB 49 -27.86 113.18 -120.28
CA THR BB 50 -31.52 114.21 -120.19
CA TYR BB 51 -33.90 116.42 -118.20
CA LYS BB 52 -37.47 117.61 -117.99
CA CYS BB 53 -37.64 121.40 -117.83
CA PRO BB 54 -40.67 122.44 -115.74
CA PHE BB 55 -43.23 125.10 -116.61
CA LEU BB 56 -43.44 128.42 -114.79
CA LYS BB 57 -46.65 129.56 -113.15
CA GLN BB 58 -45.41 132.24 -110.74
CA ASN BB 59 -42.34 130.96 -108.86
CA GLU BB 60 -38.77 132.12 -109.24
CA PRO BB 61 -36.54 129.58 -111.05
CA GLU BB 62 -35.44 127.18 -108.35
CA ASP BB 63 -34.64 123.50 -107.67
CA ILE BB 64 -34.06 122.66 -111.37
CA ASP BB 65 -31.05 123.27 -113.59
CA CYS BB 66 -33.27 124.18 -116.55
CA TRP BB 67 -36.28 126.50 -116.49
CA CYS BB 68 -38.87 127.14 -119.21
CA ASN BB 69 -41.93 129.37 -118.88
CA SER BB 70 -44.19 128.45 -121.82
CA THR BB 71 -44.43 124.64 -121.96
CA SER BB 72 -42.68 121.76 -120.19
CA THR BB 73 -39.99 120.28 -122.41
CA TRP BB 74 -37.15 117.78 -122.10
CA VAL BB 75 -33.60 119.06 -122.57
CA THR BB 76 -30.68 116.71 -123.15
CA TYR BB 77 -27.02 117.36 -123.91
CA GLY BB 78 -23.49 116.01 -123.56
CA THR BB 79 -21.36 115.86 -120.43
CA CYS BB 80 -18.00 114.41 -121.49
CA THR BB 81 -14.92 116.49 -120.71
CA THR BB 82 -13.34 118.61 -123.44
CA THR BB 83 -10.75 115.92 -124.26
CA GLY BB 84 -13.47 113.54 -125.51
CA GLU BB 85 -13.31 111.35 -122.38
CA HIS BB 86 -16.31 110.19 -120.37
CA ARG BB 87 -16.69 111.26 -116.76
CA ARG BB 88 -15.01 109.08 -114.18
CA GLU BB 89 -13.87 108.99 -110.55
CA LYS BB 90 -10.67 107.57 -109.11
CA ARG BB 91 -12.37 105.59 -106.33
CA SER BB 92 -11.78 101.83 -106.45
CA VAL BB 93 -13.15 98.61 -104.92
CA ALA BB 94 -11.40 95.27 -104.38
CA LEU BB 95 -10.29 92.98 -101.54
CA VAL BB 96 -7.29 91.00 -100.26
CA PRO BB 97 -6.45 87.94 -102.43
CA HIS BB 98 -3.48 86.56 -100.46
CA VAL BB 99 -4.79 83.76 -98.21
CA GLY BB 100 -8.12 81.98 -98.11
CA MET BB 101 -9.00 78.30 -97.65
CA GLY BB 102 -11.78 76.91 -95.45
CA LEU BB 103 -12.57 73.31 -96.41
CA GLU BB 104 -11.49 71.34 -99.50
CA THR BB 105 -10.22 68.05 -100.89
CA ARG BB 106 -11.51 64.58 -101.45
CA THR BB 107 -13.66 63.08 -98.69
CA GLU BB 108 -11.97 60.22 -96.80
CA THR BB 109 -8.24 59.76 -97.45
CA TRP BB 110 -7.86 63.46 -96.81
CA MET BB 111 -10.03 63.06 -93.72
CA SER BB 112 -7.92 60.23 -92.32
CA SER BB 113 -4.53 61.69 -93.27
CA GLU BB 114 -5.21 65.28 -92.21
CA GLY BB 115 -6.92 64.07 -89.04
CA ALA BB 116 -3.83 62.07 -88.12
CA TRP BB 117 -1.48 64.93 -88.98
CA LYS BB 118 -3.53 67.73 -87.41
CA HIS BB 119 -3.99 65.76 -84.20
CA ALA BB 120 -0.29 64.87 -84.25
CA GLN BB 121 0.85 68.47 -84.68
CA ARG BB 122 -1.72 69.83 -82.20
CA ILE BB 123 -0.78 67.35 -79.47
CA GLU BB 124 2.92 67.71 -80.29
CA THR BB 125 2.71 71.49 -79.98
CA TRP BB 126 0.90 71.06 -76.66
CA ILE BB 127 3.71 68.72 -75.53
CA LEU BB 128 6.62 70.95 -76.66
CA ARG BB 129 5.05 74.41 -76.39
CA HIS BB 130 4.34 73.52 -72.72
CA PRO BB 131 6.53 70.54 -71.77
CA GLY BB 132 6.84 70.53 -67.98
CA PHE BB 133 3.10 70.18 -67.43
CA THR BB 134 3.26 66.99 -69.47
CA ILE BB 135 5.94 65.22 -67.44
CA MET BB 136 4.51 66.37 -64.10
CA ALA BB 137 1.07 65.10 -65.14
CA ALA BB 138 2.55 61.81 -66.31
CA ILE BB 139 4.37 61.15 -63.03
CA LEU BB 140 1.34 62.30 -61.02
CA ALA BB 141 -0.88 59.85 -62.90
CA TYR BB 142 1.60 57.00 -62.56
CA THR BB 143 1.75 57.65 -58.81
CA ILE BB 144 -1.96 58.27 -58.16
CA GLY BB 145 -4.08 56.33 -60.65
CA THR BB 146 -5.01 52.88 -59.38
CA THR BB 147 -5.36 51.18 -62.79
CA HIS BB 148 -3.59 51.80 -66.08
CA PHE BB 149 -6.94 52.90 -67.54
CA GLN BB 150 -7.38 55.36 -64.67
CA ARG BB 151 -3.81 56.61 -65.04
CA ALA BB 152 -4.41 57.05 -68.77
CA LEU BB 153 -7.47 59.16 -68.02
CA ILE BB 154 -5.51 61.22 -65.49
CA PHE BB 155 -2.53 62.28 -67.56
CA ILE BB 156 -4.33 62.45 -70.93
CA LEU BB 157 -6.90 64.79 -69.37
CA LEU BB 158 -4.22 66.85 -67.62
CA THR BB 159 -2.24 67.19 -70.86
CA ALA BB 160 -5.45 68.20 -72.63
CA VAL BB 161 -6.44 70.90 -70.13
CA ALA BB 162 -3.14 72.41 -68.93
CA PRO BB 163 -1.82 73.87 -72.22
CA SER BB 164 -5.26 75.34 -72.92
CA MET BB 165 -5.32 76.61 -69.33
CA THR BB 166 -1.78 77.97 -69.70
CA MET CB 1 -127.40 -33.25 -0.45
CA ARG CB 2 -128.57 -34.88 2.77
CA CYS CB 3 -125.98 -33.81 5.35
CA ILE CB 4 -126.21 -30.01 5.29
CA GLY CB 5 -126.33 -29.22 9.00
CA ILE CB 6 -124.50 -31.97 10.89
CA SER CB 7 -121.40 -30.91 12.79
CA ASN CB 8 -119.00 -33.55 11.44
CA ARG CB 9 -118.92 -32.50 7.79
CA ASP CB 10 -116.07 -34.20 5.91
CA PHE CB 11 -114.83 -33.97 2.33
CA VAL CB 12 -112.85 -36.49 0.27
CA GLU CB 13 -111.89 -34.96 -3.08
CA GLY CB 14 -109.62 -37.55 -4.68
CA VAL CB 15 -109.91 -40.61 -6.90
CA SER CB 16 -107.76 -43.69 -7.39
CA GLY CB 17 -106.18 -45.04 -10.56
CA GLY CB 18 -108.84 -47.73 -10.79
CA SER CB 19 -111.44 -45.46 -9.15
CA TRP CB 20 -111.18 -47.60 -5.99
CA VAL CB 21 -112.14 -44.81 -3.61
CA ASP CB 22 -111.88 -45.39 0.13
CA ILE CB 23 -113.99 -43.76 2.87
CA VAL CB 24 -114.48 -44.03 6.62
CA LEU CB 25 -117.96 -43.84 8.13
CA GLU CB 26 -118.82 -43.12 11.77
CA HIS CB 27 -121.98 -42.31 13.70
CA GLY CB 28 -123.11 -38.84 12.73
CA SER CB 29 -120.04 -38.20 10.56
CA CYS CB 30 -121.29 -38.04 7.00
CA VAL CB 31 -118.99 -37.91 3.97
CA THR CB 32 -119.24 -36.14 0.62
CA THR CB 33 -117.71 -37.81 -2.43
CA MET CB 34 -116.35 -35.60 -5.21
CA ALA CB 35 -115.15 -36.69 -8.65
CA LYS CB 36 -114.34 -35.44 -12.13
CA ASN CB 37 -117.12 -35.84 -14.72
CA LYS CB 38 -118.86 -38.29 -12.36
CA PRO CB 39 -121.87 -37.46 -10.15
CA THR CB 40 -121.05 -36.42 -6.61
CA LEU CB 41 -122.48 -38.31 -3.66
CA ASP CB 42 -123.24 -38.18 0.05
CA PHE CB 43 -122.65 -41.21 2.25
CA GLU CB 44 -123.69 -41.85 5.82
CA LEU CB 45 -124.45 -44.68 8.23
CA ILE CB 46 -127.94 -43.93 9.47
CA LYS CB 47 -128.53 -46.73 11.95
CA THR CB 48 -126.36 -49.49 13.40
CA GLU CB 49 -128.05 -52.82 14.07
CA ALA CB 50 -126.91 -56.07 15.67
CA LYS CB 51 -129.28 -58.82 14.57
CA GLN CB 52 -129.08 -62.53 15.38
CA PRO CB 53 -127.39 -62.13 18.77
CA ALA CB 54 -125.44 -64.92 20.41
CA THR CB 55 -126.71 -65.94 23.84
CA LEU CB 56 -123.38 -65.79 25.66
CA ARG CB 57 -124.47 -66.60 29.22
CA LYS CB 58 -127.42 -66.24 31.60
CA TYR CB 59 -127.79 -65.18 35.23
CA CYS CB 60 -130.46 -66.23 37.72
CA ILE CB 61 -131.13 -62.84 39.28
CA GLU CB 62 -133.46 -64.22 41.97
CA ALA CB 63 -133.54 -67.59 43.68
CA LYS CB 64 -135.94 -70.14 45.14
CA LEU CB 65 -134.87 -72.83 47.61
CA THR CB 66 -136.95 -76.00 47.79
CA ASN CB 67 -136.78 -79.65 48.83
CA THR CB 68 -133.97 -78.83 51.25
CA THR CB 69 -132.99 -82.16 52.75
CA THR CB 70 -130.14 -82.68 55.19
CA ASP CB 71 -128.52 -85.48 57.17
CA SER CB 72 -125.59 -86.16 59.47
CA ARG CB 73 -123.50 -89.00 60.88
CA CYS CB 74 -121.72 -89.51 64.17
CA PRO CB 75 -117.92 -89.08 64.20
CA THR CB 76 -115.85 -91.71 62.35
CA GLN CB 77 -118.87 -92.89 60.30
CA GLY CB 78 -117.90 -90.73 57.30
CA GLU CB 79 -120.05 -88.28 55.41
CA PRO CB 80 -123.66 -89.39 54.80
CA SER CB 81 -124.44 -90.31 51.20
CA LEU CB 82 -127.83 -89.23 49.89
CA ASN CB 83 -128.87 -89.21 46.21
CA GLU CB 84 -129.08 -85.41 45.82
CA GLU CB 85 -125.30 -84.92 45.94
CA GLN CB 86 -124.67 -86.54 42.56
CA ASP CB 87 -127.59 -84.70 40.94
CA LYS CB 88 -126.61 -81.13 40.08
CA ARG CB 89 -130.28 -80.12 40.27
CA PHE CB 90 -129.64 -79.73 44.01
CA VAL CB 91 -126.93 -77.40 45.23
CA CYS CB 92 -125.29 -78.68 48.37
CA LYS CB 93 -122.34 -78.89 50.73
CA HIS CB 94 -120.98 -80.92 53.65
CA SER CB 95 -119.47 -79.76 56.95
CA MET CB 96 -118.80 -81.03 60.47
CA VAL CB 97 -119.94 -80.31 64.03
CA ASP CB 98 -119.11 -81.61 67.49
CA ARG CB 99 -121.44 -84.46 68.48
CA GLY CB 100 -121.09 -87.22 71.03
CA TRP CB 101 -122.42 -88.79 74.22
CA GLY CB 102 -124.40 -85.63 74.97
CA ASN CB 103 -126.61 -85.65 71.85
CA GLY CB 104 -126.97 -89.32 70.94
CA CYS CB 105 -123.59 -90.26 69.45
CA GLY CB 106 -120.82 -92.14 71.26
CA LEU CB 107 -118.01 -89.65 71.96
CA PHE CB 108 -117.52 -85.92 71.49
CA GLY CB 109 -115.95 -85.43 68.06
CA LYS CB 110 -116.37 -83.67 64.74
CA GLY CB 111 -119.01 -85.73 62.97
CA GLY CB 112 -120.10 -85.00 59.43
CA ILE CB 113 -123.20 -83.34 58.00
CA VAL CB 114 -124.47 -83.05 54.43
CA THR CB 115 -126.89 -80.24 53.58
CA CYS CB 116 -128.60 -80.21 50.17
CA ALA CB 117 -131.42 -78.33 48.49
CA MET CB 118 -133.06 -77.81 45.12
CA PHE CB 119 -132.19 -74.43 43.57
CA THR CB 120 -135.07 -73.20 41.39
CA CYS CB 121 -134.45 -70.23 39.09
CA LYS CB 122 -137.51 -67.97 38.99
CA LYS CB 123 -136.24 -65.17 36.73
CA ASN CB 124 -133.59 -64.71 34.08
CA MET CB 125 -131.06 -61.99 33.30
CA LYS CB 126 -130.03 -62.19 29.67
CA GLY CB 127 -126.60 -61.48 28.21
CA LYS CB 128 -126.01 -60.65 24.54
CA VAL CB 129 -122.57 -60.57 22.91
CA VAL CB 130 -122.14 -58.85 19.54
CA GLN CB 131 -119.63 -60.40 17.17
CA PRO CB 132 -118.12 -58.44 14.26
CA GLU CB 133 -119.95 -60.48 11.62
CA ASN CB 134 -123.35 -59.80 13.24
CA LEU CB 135 -123.31 -56.02 12.65
CA GLU CB 136 -126.02 -55.10 10.12
CA TYR CB 137 -124.92 -51.64 8.98
CA THR CB 138 -127.70 -49.48 7.51
CA ILE CB 139 -126.10 -47.05 5.06
CA VAL CB 140 -127.89 -44.16 3.34
CA ILE CB 141 -126.55 -43.04 -0.04
CA THR CB 142 -127.91 -39.80 -1.55
CA PRO CB 143 -126.77 -37.99 -4.73
CA HIS CB 144 -126.27 -34.24 -5.09
CA SER CB 145 -128.80 -34.30 -7.88
CA GLY CB 146 -131.10 -31.40 -7.02
CA GLU CB 147 -133.64 -32.89 -4.63
CA GLU CB 148 -135.15 -30.73 -1.90
CA HIS CB 149 -136.67 -32.93 0.82
CA ALA CB 150 -133.37 -34.21 2.28
CA VAL CB 151 -131.67 -31.03 3.54
CA GLY CB 152 -131.59 -31.30 7.31
CA ASN CB 153 -133.65 -34.50 7.16
CA ASP CB 154 -133.46 -38.13 8.31
CA THR CB 155 -136.09 -39.98 6.24
CA GLY CB 156 -135.71 -37.85 3.08
CA LYS CB 157 -135.60 -40.46 0.33
CA HIS CB 158 -134.29 -39.70 -3.13
CA GLY CB 159 -131.34 -42.08 -2.88
CA LYS CB 160 -131.22 -45.55 -1.35
CA GLU CB 161 -130.79 -47.21 2.04
CA ILE CB 162 -128.91 -50.51 2.05
CA LYS CB 163 -128.38 -53.00 4.87
CA ILE CB 164 -124.78 -54.23 4.65
CA THR CB 165 -124.20 -57.70 6.10
CA PRO CB 166 -120.45 -58.41 6.47
CA GLN CB 167 -120.96 -62.00 5.29
CA SER CB 168 -121.95 -60.34 1.98
CA SER CB 169 -119.00 -58.11 1.12
CA ILE CB 170 -119.91 -57.07 -2.43
CA THR CB 171 -123.34 -55.49 -2.86
CA GLU CB 172 -125.01 -53.52 -5.65
CA ALA CB 173 -127.00 -50.47 -4.50
CA GLU CB 174 -128.96 -49.30 -7.57
CA LEU CB 175 -129.13 -45.53 -7.22
CA THR CB 176 -132.10 -44.23 -9.20
CA GLY CB 177 -131.31 -42.53 -12.50
CA TYR CB 178 -127.55 -42.88 -12.03
CA GLY CB 179 -127.04 -46.66 -11.99
CA THR CB 180 -125.28 -48.39 -9.11
CA VAL CB 181 -122.13 -48.23 -6.99
CA THR CB 182 -120.33 -51.37 -5.85
CA MET CB 183 -120.35 -51.70 -2.07
CA GLU CB 184 -117.25 -53.35 -0.61
CA CYS CB 185 -117.45 -51.94 2.89
CA SER CB 186 -116.24 -53.90 5.91
CA PRO CB 187 -116.57 -53.21 9.65
CA ARG CB 188 -113.85 -55.81 10.27
CA THR CB 189 -111.07 -53.24 9.96
CA GLY CB 190 -112.88 -50.92 12.38
CA LEU CB 191 -112.66 -51.16 16.14
CA ASP CB 192 -113.04 -54.69 17.50
CA PHE CB 193 -116.44 -55.38 19.04
CA ASN CB 194 -114.90 -57.99 21.33
CA GLU CB 195 -115.55 -56.40 24.75
CA MET CB 196 -119.08 -54.96 24.36
CA VAL CB 197 -121.97 -56.81 25.98
CA LEU CB 198 -125.68 -56.05 26.41
CA LEU CB 199 -127.52 -56.81 29.64
CA GLN CB 200 -131.21 -57.41 28.89
CA MET CB 201 -133.98 -57.37 31.49
CA GLU CB 202 -137.60 -57.82 30.40
CA ASN CB 203 -137.54 -55.21 27.61
CA LYS CB 204 -134.91 -52.68 28.75
CA ALA CB 205 -131.16 -53.05 28.49
CA TRP CB 206 -127.73 -51.61 29.19
CA LEU CB 207 -124.28 -51.84 27.63
CA VAL CB 208 -121.32 -52.99 29.72
CA HIS CB 209 -117.90 -54.59 29.31
CA ARG CB 210 -117.34 -58.33 28.89
CA GLN CB 211 -114.85 -58.85 31.71
CA TRP CB 212 -117.19 -57.01 34.08
CA PHE CB 213 -120.13 -58.98 32.71
CA LEU CB 214 -118.49 -62.28 33.63
CA ASP CB 215 -116.80 -61.16 36.86
CA LEU CB 216 -120.18 -60.80 38.59
CA PRO CB 217 -120.42 -63.21 41.57
CA LEU CB 218 -123.92 -64.34 40.64
CA PRO CB 219 -125.48 -67.62 39.48
CA TRP CB 220 -123.72 -68.69 36.32
CA LEU CB 221 -125.52 -70.70 33.61
CA PRO CB 222 -124.20 -71.38 30.09
CA GLY CB 223 -125.90 -70.42 26.85
CA ALA CB 224 -126.12 -73.94 25.43
CA ASP CB 225 -128.10 -75.44 28.29
CA THR CB 226 -131.86 -74.86 28.62
CA GLN CB 227 -133.08 -76.68 31.74
CA GLY CB 228 -130.65 -74.90 34.07
CA SER CB 229 -129.87 -78.01 36.12
CA ASN CB 230 -126.24 -77.92 34.96
CA TRP CB 231 -125.73 -75.05 37.37
CA ILE CB 232 -122.40 -73.34 38.10
CA GLN CB 233 -121.20 -70.86 40.75
CA LYS CB 234 -123.28 -72.47 43.42
CA GLU CB 235 -122.55 -70.45 46.57
CA THR CB 236 -123.42 -66.98 45.22
CA LEU CB 237 -126.95 -66.88 46.69
CA VAL CB 238 -127.29 -69.91 48.97
CA THR CB 239 -125.59 -68.64 52.14
CA PHE CB 240 -125.61 -71.47 54.67
CA LYS CB 241 -125.05 -70.36 58.27
CA ASN CB 242 -122.75 -72.09 60.74
CA PRO CB 243 -124.37 -75.51 61.23
CA HIS CB 244 -125.50 -76.16 64.78
CA ALA CB 245 -126.02 -79.91 65.14
CA LYS CB 246 -127.80 -80.61 61.81
CA LYS CB 247 -129.99 -77.73 60.66
CA GLN CB 248 -128.51 -74.54 59.29
CA ASP CB 249 -130.55 -71.51 58.28
CA VAL CB 250 -130.18 -72.11 54.55
CA VAL CB 251 -131.70 -69.12 52.78
CA VAL CB 252 -131.20 -67.59 49.36
CA LEU CB 253 -130.41 -63.89 49.40
CA GLY CB 254 -133.19 -61.53 48.43
CA SER CB 255 -133.81 -60.67 44.81
CA GLN CB 256 -130.80 -58.86 43.39
CA GLU CB 257 -132.94 -57.00 40.84
CA GLY CB 258 -133.05 -53.80 42.88
CA ALA CB 259 -129.42 -53.97 44.01
CA MET CB 260 -127.96 -54.73 40.59
CA HIS CB 261 -130.25 -52.17 38.97
CA THR CB 262 -128.95 -49.55 41.39
CA ALA CB 263 -125.35 -50.57 40.75
CA LEU CB 264 -125.72 -50.71 36.97
CA THR CB 265 -127.24 -47.22 37.05
CA GLY CB 266 -124.93 -44.71 35.42
CA ALA CB 267 -123.80 -47.14 32.74
CA THR CB 268 -124.74 -46.76 29.07
CA GLU CB 269 -128.48 -47.38 28.94
CA ILE CB 270 -129.57 -48.67 25.51
CA GLN CB 271 -133.13 -48.37 24.24
CA MET CB 272 -132.67 -51.73 22.52
CA SER CB 273 -136.36 -52.00 21.62
CA SER CB 274 -135.86 -49.89 18.46
CA GLY CB 275 -132.80 -51.96 17.52
CA ASN CB 276 -129.22 -52.32 18.73
CA LEU CB 277 -128.21 -48.69 18.19
CA LEU CB 278 -124.49 -49.07 18.80
CA PHE CB 279 -122.91 -45.61 18.86
CA THR CB 280 -119.38 -46.72 17.89
CA GLY CB 281 -117.53 -48.60 15.17
CA HIS CB 282 -115.62 -47.52 12.08
CA LEU CB 283 -116.87 -48.68 8.70
CA LYS CB 284 -114.08 -48.90 6.11
CA CYS CB 285 -115.75 -48.53 2.73
CA ARG CB 286 -114.03 -49.28 -0.60
CA LEU CB 287 -115.99 -48.47 -3.73
CA ARG CB 288 -115.69 -48.80 -7.50
CA MET CB 289 -117.69 -45.76 -8.63
CA ASP CB 290 -116.89 -46.26 -12.34
CA LYS CB 291 -120.13 -48.19 -12.79
CA LEU CB 292 -121.93 -45.10 -11.48
CA GLN CB 293 -122.72 -42.47 -14.08
CA LEU CB 294 -124.57 -39.15 -14.32
CA LYS CB 295 -127.46 -39.26 -16.79
CA GLY CB 296 -127.81 -35.50 -16.36
CA MET CB 297 -124.23 -34.46 -17.08
CA SER CB 298 -124.23 -33.94 -20.85
CA TYR CB 299 -127.52 -32.07 -21.35
CA SER CB 300 -127.43 -28.83 -23.31
CA MET CB 301 -126.16 -25.63 -21.74
CA CYS CB 302 -129.26 -23.92 -20.44
CA THR CB 303 -130.35 -20.66 -22.03
CA GLY CB 304 -133.51 -19.16 -20.57
CA LYS CB 305 -133.93 -16.67 -17.77
CA PHE CB 306 -133.15 -17.91 -14.27
CA LYS CB 307 -134.19 -16.47 -10.90
CA VAL CB 308 -133.63 -17.11 -7.18
CA VAL CB 309 -136.45 -17.90 -4.74
CA LYS CB 310 -134.82 -18.16 -1.31
CA GLU CB 311 -131.67 -16.37 -0.18
CA ILE CB 312 -128.59 -17.95 1.38
CA ALA CB 313 -128.37 -19.18 4.93
CA GLU CB 314 -125.02 -20.38 6.24
CA THR CB 315 -124.25 -24.02 6.97
CA GLN CB 316 -122.12 -25.57 9.71
CA HIS CB 317 -119.13 -26.11 7.44
CA GLY CB 318 -119.91 -22.86 5.64
CA THR CB 319 -121.09 -23.93 2.18
CA ILE CB 320 -123.28 -22.07 -0.28
CA VAL CB 321 -126.66 -23.75 -0.69
CA ILE CB 322 -129.14 -21.94 -2.94
CA ARG CB 323 -132.66 -22.87 -3.92
CA VAL CB 324 -133.10 -21.45 -7.42
CA GLN CB 325 -136.03 -21.44 -9.85
CA TYR CB 326 -136.02 -21.41 -13.65
CA GLU CB 327 -138.70 -19.25 -15.26
CA GLY CB 328 -137.35 -19.76 -18.78
CA ASP CB 329 -137.70 -22.74 -21.13
CA GLY CB 330 -135.73 -25.59 -22.64
CA SER CB 331 -135.87 -27.99 -19.70
CA PRO CB 332 -134.01 -30.31 -19.26
CA CYS CB 333 -130.88 -28.15 -19.56
CA LYS CB 334 -127.38 -27.87 -18.07
CA ILE CB 335 -127.35 -24.70 -15.95
CA PRO CB 336 -124.29 -22.41 -15.98
CA PHE CB 337 -122.86 -21.82 -12.53
CA GLU CB 338 -119.47 -20.24 -11.79
CA ILE CB 339 -117.81 -18.48 -8.85
CA MET CB 340 -115.90 -15.58 -10.39
CA ASP CB 341 -113.77 -12.84 -8.94
CA LEU CB 342 -115.40 -9.45 -8.58
CA GLU CB 343 -113.69 -8.41 -11.86
CA LYS CB 344 -114.92 -11.54 -13.71
CA ARG CB 345 -111.38 -12.53 -14.77
CA HIS CB 346 -110.32 -15.66 -12.85
CA VAL CB 347 -112.23 -18.34 -10.92
CA LEU CB 348 -111.82 -18.73 -7.15
CA GLY CB 349 -114.18 -21.29 -5.64
CA ARG CB 350 -115.39 -24.83 -6.22
CA LEU CB 351 -118.86 -26.28 -6.80
CA ILE CB 352 -119.92 -29.61 -5.31
CA THR CB 353 -122.85 -30.51 -7.55
CA VAL CB 354 -120.94 -31.22 -10.74
CA ASN CB 355 -123.00 -30.16 -13.76
CA PRO CB 356 -126.18 -29.15 -11.91
CA ILE CB 357 -129.32 -30.09 -13.79
CA VAL CB 358 -132.86 -28.72 -14.07
CA THR CB 359 -135.10 -31.44 -15.54
CA GLU CB 360 -138.40 -30.05 -14.30
CA LYS CB 361 -140.31 -26.81 -14.83
CA ASP CB 362 -141.36 -24.71 -11.84
CA SER CB 363 -139.43 -26.57 -9.16
CA PRO CB 364 -136.80 -25.56 -6.59
CA VAL CB 365 -133.26 -26.54 -7.51
CA ASN CB 366 -130.56 -26.97 -4.86
CA ILE CB 367 -127.12 -25.72 -5.91
CA GLU CB 368 -124.13 -26.39 -3.66
CA ALA CB 369 -120.75 -24.65 -3.59
CA GLU CB 370 -117.83 -23.78 -1.31
CA PRO CB 371 -116.03 -20.46 -1.87
CA PRO CB 372 -112.82 -19.47 -0.12
CA PHE CB 373 -112.72 -16.83 2.60
CA GLY CB 374 -113.07 -13.62 0.64
CA ASP CB 375 -115.36 -11.56 -1.50
CA SER CB 376 -116.67 -13.41 -4.54
CA TYR CB 377 -119.31 -13.12 -7.24
CA ILE CB 378 -121.48 -16.15 -7.95
CA ILE CB 379 -122.24 -15.66 -11.65
CA ILE CB 380 -125.31 -17.53 -12.90
CA GLY CB 381 -126.80 -17.71 -16.37
CA VAL CB 382 -125.90 -15.93 -19.58
CA GLU CB 383 -126.92 -12.50 -20.79
CA PRO CB 384 -129.77 -11.59 -21.31
CA GLY CB 385 -130.75 -12.29 -17.70
CA GLN CB 386 -127.31 -12.47 -16.10
CA LEU CB 387 -127.40 -12.97 -12.34
CA LYS CB 388 -124.52 -11.75 -10.19
CA LEU CB 389 -124.55 -12.52 -6.46
CA ASN CB 390 -121.94 -10.98 -4.19
CA TRP CB 391 -120.88 -13.17 -1.29
CA PHE CB 392 -118.39 -13.17 1.57
CA LYS CB 393 -117.50 -15.72 4.25
CA LYS CB 394 -115.50 -15.42 7.44
CA GLY CB 395 -112.40 -17.31 8.55
CA SER CB 396 -108.70 -17.64 7.80
CA SER CB 397 -107.41 -19.62 4.83
CA ILE CB 398 -104.68 -21.18 6.98
CA GLY CB 399 -107.45 -22.30 9.33
CA GLN CB 400 -109.06 -24.39 6.64
CA MET CB 401 -105.67 -25.61 5.41
CA ILE CB 402 -104.63 -26.98 8.82
CA GLU CB 403 -108.14 -28.28 9.54
CA THR CB 404 -108.50 -30.19 6.27
CA THR CB 405 -104.92 -31.47 6.31
CA MET CB 406 -105.12 -32.77 9.87
CA ARG CB 407 -108.57 -34.25 9.27
CA GLY CB 408 -107.30 -36.10 6.21
CA ALA CB 409 -104.21 -37.21 8.11
CA LYS CB 410 -106.34 -38.73 10.86
CA ARG CB 411 -108.61 -40.25 8.22
CA MET CB 412 -105.68 -41.94 6.53
CA ALA CB 413 -104.19 -43.01 9.87
CA ILE CB 414 -107.40 -44.83 10.82
CA LEU CB 415 -107.79 -45.86 7.15
CA GLY CB 416 -104.22 -47.09 7.34
CA ASP CB 417 -102.60 -50.47 7.94
CA THR CB 418 -104.34 -53.26 5.99
CA ALA CB 419 -106.52 -50.56 4.34
CA TRP CB 420 -104.61 -48.60 1.70
CA ASP CB 421 -103.51 -50.69 -1.26
CA PHE CB 422 -99.89 -51.70 -0.72
CA GLY CB 423 -100.08 -55.34 -1.83
CA SER CB 424 -101.66 -54.64 -5.23
CA LEU CB 425 -98.88 -54.41 -7.81
CA GLY CB 426 -99.26 -51.81 -10.56
CA GLY CB 427 -101.58 -49.70 -8.45
CA VAL CB 428 -98.82 -49.04 -5.90
CA PHE CB 429 -97.97 -45.71 -7.52
CA THR CB 430 -101.71 -44.95 -7.67
CA SER CB 431 -102.12 -45.92 -4.02
CA ILE CB 432 -99.31 -43.66 -2.82
CA GLY CB 433 -100.77 -40.92 -5.02
CA LYS CB 434 -104.10 -41.39 -3.26
CA ALA CB 435 -102.40 -41.26 0.14
CA LEU CB 436 -100.35 -38.17 -0.66
CA HIS CB 437 -103.58 -36.61 -1.89
CA GLN CB 438 -105.46 -37.42 1.31
CA VAL CB 439 -102.70 -35.65 3.31
CA PHE CB 440 -101.27 -32.82 1.16
CA GLY CB 441 -104.00 -32.21 -1.42
CA ALA CB 442 -105.48 -29.28 0.44
CA ILE CB 443 -102.10 -27.57 0.17
CA TYR CB 444 -101.70 -28.64 -3.45
CA GLY CB 445 -105.10 -27.54 -4.73
CA ALA CB 446 -105.70 -24.48 -2.55
CA ALA CB 447 -102.37 -22.89 -1.64
CA PHE CB 448 -100.55 -23.69 -4.89
CA SER CB 449 -102.46 -21.64 -7.46
CA GLY CB 450 -105.72 -23.62 -7.74
CA VAL CB 451 -104.37 -24.77 -10.21
CA SER CB 452 -103.52 -24.67 -13.92
CA TRP CB 453 -101.82 -28.07 -13.90
CA ILE CB 454 -99.48 -27.69 -16.89
CA MET CB 455 -97.70 -24.56 -15.72
CA LYS CB 456 -97.51 -25.69 -12.11
CA ILE CB 457 -95.88 -28.99 -13.09
CA LEU CB 458 -93.43 -26.92 -15.12
CA ILE CB 459 -92.72 -24.99 -11.91
CA GLY CB 460 -92.52 -28.33 -10.12
CA VAL CB 461 -89.80 -29.68 -12.38
CA ILE CB 462 -88.05 -26.31 -12.03
CA ILE CB 463 -87.99 -26.64 -8.22
CA THR CB 464 -86.83 -30.25 -8.55
CA TRP CB 465 -83.97 -29.17 -10.81
CA ILE CB 466 -82.96 -26.41 -8.40
CA GLY CB 467 -83.18 -28.83 -5.47
CA MET CB 468 -81.01 -31.54 -7.00
CA ASN CB 469 -78.33 -28.99 -7.97
CA SER CB 470 -78.51 -27.17 -4.63
CA ARG CB 471 -75.75 -25.92 -2.35
CA SER CB 472 -76.96 -28.20 0.48
CA THR CB 473 -78.09 -31.82 0.53
CA SER CB 474 -80.60 -31.22 3.33
CA LEU CB 475 -82.34 -28.59 1.20
CA SER CB 476 -82.06 -30.93 -1.80
CA VAL CB 477 -83.95 -33.65 0.07
CA SER CB 478 -86.43 -31.14 1.50
CA LEU CB 479 -87.23 -29.60 -1.90
CA VAL CB 480 -87.09 -32.46 -4.42
CA LEU CB 481 -89.54 -34.43 -2.27
CA VAL CB 482 -92.06 -31.60 -2.53
CA GLY CB 483 -91.34 -31.24 -6.24
CA VAL CB 484 -91.92 -34.90 -7.05
CA VAL CB 485 -95.03 -34.74 -4.85
CA THR CB 486 -96.20 -31.81 -6.96
CA LEU CB 487 -95.51 -33.57 -10.25
CA TYR CB 488 -97.09 -36.92 -9.33
CA LEU CB 489 -100.13 -35.32 -7.70
CA GLY CB 490 -100.54 -33.09 -10.76
CA VAL CB 491 -100.60 -36.16 -12.94
CA MET CB 492 -103.12 -37.53 -10.43
CA VAL CB 493 -105.35 -34.46 -9.88
CA GLN CB 494 -105.65 -34.22 -13.66
CA ALA CB 495 -107.68 -37.43 -13.26
CA MET DB 1 -59.76 -1.76 115.41
CA ARG DB 2 -62.92 0.32 115.12
CA CYS DB 3 -63.73 0.34 111.42
CA ILE DB 4 -65.63 -2.78 110.39
CA GLY DB 5 -68.50 -2.57 107.92
CA ILE DB 6 -67.54 0.86 106.56
CA SER DB 7 -67.39 0.36 102.80
CA ASN DB 8 -64.68 2.95 102.09
CA ARG DB 9 -61.66 1.61 103.98
CA ASP DB 10 -58.54 3.22 102.50
CA PHE DB 11 -55.04 1.83 103.00
CA VAL DB 12 -51.51 3.18 103.35
CA GLU DB 13 -49.22 0.20 102.70
CA GLY DB 14 -45.88 1.55 103.87
CA VAL DB 15 -43.93 4.44 105.36
CA SER DB 16 -40.70 6.31 104.59
CA GLY DB 17 -38.05 8.01 106.70
CA GLY DB 18 -39.76 11.40 106.62
CA SER DB 19 -43.04 9.76 107.65
CA TRP DB 20 -44.93 12.92 106.65
CA VAL DB 21 -47.94 10.98 105.41
CA ASP DB 22 -50.78 13.23 104.24
CA ILE DB 23 -53.89 11.17 104.84
CA VAL DB 24 -57.08 11.74 102.90
CA LEU DB 25 -60.28 11.56 104.91
CA GLU DB 26 -63.96 11.76 104.00
CA HIS DB 27 -67.38 11.21 105.55
CA GLY DB 28 -68.26 7.57 106.06
CA SER DB 29 -64.79 6.34 105.15
CA CYS DB 30 -62.03 5.04 107.42
CA VAL DB 31 -58.28 5.00 106.87
CA THR DB 32 -55.59 2.54 107.94
CA THR DB 33 -51.98 3.61 108.38
CA MET DB 34 -49.17 1.06 108.27
CA ALA DB 35 -45.57 1.59 109.32
CA LYS DB 36 -42.61 -0.78 109.39
CA ASN DB 37 -42.25 -1.98 112.99
CA LYS DB 38 -44.31 0.94 114.29
CA PRO DB 39 -47.83 0.95 115.76
CA THR DB 40 -50.53 0.69 113.11
CA LEU DB 41 -53.25 3.34 113.29
CA ASP DB 42 -56.88 3.74 112.29
CA PHE DB 43 -58.10 7.26 111.48
CA GLU DB 44 -61.68 8.47 111.18
CA LEU DB 45 -63.78 11.60 111.47
CA ILE DB 46 -66.68 10.78 113.79
CA LYS DB 47 -68.56 14.09 113.71
CA THR DB 48 -68.43 17.31 111.69
CA GLU DB 49 -69.89 20.37 113.40
CA ALA DB 50 -69.79 24.13 112.89
CA LYS DB 51 -70.21 25.46 116.41
CA GLN DB 52 -71.72 28.91 116.97
CA PRO DB 53 -73.20 29.37 113.46
CA ALA DB 54 -74.23 32.83 112.31
CA THR DB 55 -77.84 33.83 111.59
CA LEU DB 56 -78.68 35.13 108.11
CA ARG DB 57 -82.43 35.67 107.85
CA LYS DB 58 -85.51 34.33 109.63
CA TYR DB 59 -88.66 33.23 107.81
CA CYS DB 60 -92.19 33.22 109.21
CA ILE DB 61 -94.33 30.09 109.29
CA GLU DB 62 -97.54 30.63 111.34
CA ALA DB 63 -99.31 33.97 111.47
CA LYS DB 64 -101.39 35.28 114.32
CA LEU DB 65 -103.11 38.57 113.56
CA THR DB 66 -105.30 41.16 115.26
CA ASN DB 67 -106.54 44.75 115.20
CA THR DB 68 -107.75 44.32 111.61
CA THR DB 69 -109.71 47.35 110.42
CA THR DB 70 -111.41 48.60 107.27
CA ASP DB 71 -111.72 52.36 106.82
CA SER DB 72 -113.14 54.05 103.76
CA ARG DB 73 -114.45 57.33 102.37
CA CYS DB 74 -117.05 58.21 99.78
CA PRO DB 75 -115.78 58.60 96.20
CA THR DB 76 -114.26 62.05 95.59
CA GLN DB 77 -112.94 62.27 99.18
CA GLY DB 78 -109.54 60.61 98.77
CA GLU DB 79 -108.72 57.26 100.35
CA PRO DB 80 -108.47 57.89 104.11
CA SER DB 81 -105.21 58.00 106.01
CA LEU DB 82 -104.91 56.00 109.23
CA ASN DB 83 -102.73 56.06 112.29
CA GLU DB 84 -102.76 52.28 111.82
CA GLU DB 85 -101.01 52.27 108.45
CA GLN DB 86 -98.08 54.57 109.22
CA ASP DB 87 -96.29 51.96 111.39
CA LYS DB 88 -94.31 49.05 109.96
CA ARG DB 89 -95.65 46.84 112.76
CA PHE DB 90 -98.81 46.33 110.66
CA VAL DB 91 -99.47 45.01 107.15
CA CYS DB 92 -101.73 46.93 104.81
CA LYS DB 93 -103.25 47.66 101.45
CA HIS DB 94 -105.42 50.17 99.63
CA SER DB 95 -108.09 49.05 97.19
CA MET DB 96 -110.89 50.38 94.98
CA VAL DB 97 -114.53 49.32 95.26
CA ASP DB 98 -117.81 50.47 93.73
CA ARG DB 99 -119.75 52.04 96.58
CA GLY DB 100 -123.36 52.32 95.44
CA TRP DB 101 -125.99 54.94 96.15
CA GLY DB 102 -127.62 52.89 98.91
CA ASN DB 103 -124.25 52.23 100.51
CA GLY DB 104 -124.00 54.94 103.13
CA CYS DB 105 -122.75 57.76 100.92
CA GLY DB 106 -125.43 58.16 98.30
CA LEU DB 107 -123.22 58.93 95.35
CA PHE DB 108 -122.50 55.76 93.40
CA GLY DB 109 -118.95 55.43 92.15
CA LYS DB 110 -115.63 53.70 92.66
CA GLY DB 111 -113.73 54.86 95.73
CA GLY DB 112 -110.87 53.90 98.01
CA ILE DB 113 -110.79 51.60 101.02
CA VAL DB 114 -107.83 51.11 103.34
CA THR DB 115 -107.72 47.70 105.01
CA CYS DB 116 -105.21 46.42 107.57
CA ALA DB 117 -104.14 44.62 110.67
CA MET DB 118 -101.34 43.72 113.03
CA PHE DB 119 -99.04 40.87 112.03
CA THR DB 120 -97.00 39.00 114.63
CA CYS DB 121 -96.37 35.32 113.94
CA LYS DB 122 -95.65 32.40 116.18
CA LYS DB 123 -93.42 29.75 114.56
CA ASN DB 124 -90.46 30.87 112.48
CA MET DB 125 -87.55 29.34 110.62
CA LYS DB 126 -83.94 29.67 111.67
CA GLY DB 127 -81.76 30.47 108.66
CA LYS DB 128 -78.05 30.19 109.25
CA VAL DB 129 -74.74 30.48 107.40
CA VAL DB 130 -71.52 28.54 107.99
CA GLN DB 131 -68.09 30.06 107.31
CA PRO DB 132 -64.78 28.22 106.80
CA GLU DB 133 -63.60 29.54 110.18
CA ASN DB 134 -66.33 27.85 112.19
CA LEU DB 135 -65.73 24.38 110.69
CA GLU DB 136 -64.89 22.15 113.65
CA TYR DB 137 -63.91 18.55 112.89
CA THR DB 138 -63.83 15.72 115.41
CA ILE DB 139 -61.11 13.18 114.63
CA VAL DB 140 -60.91 9.70 116.16
CA ILE DB 141 -57.53 7.94 116.39
CA THR DB 142 -57.31 4.27 117.34
CA PRO DB 143 -54.56 1.66 117.75
CA HIS DB 144 -54.82 -1.92 116.46
CA SER DB 145 -54.58 -3.42 119.93
CA GLY DB 146 -57.41 -5.80 119.06
CA GLU DB 147 -59.63 -5.01 122.04
CA GLU DB 148 -62.88 -6.94 121.94
CA HIS DB 149 -65.41 -4.09 121.71
CA ALA DB 150 -63.86 -2.83 118.48
CA VAL DB 151 -65.90 -4.44 115.69
CA GLY DB 152 -68.85 -2.16 115.05
CA ASN DB 153 -67.91 0.26 117.85
CA ASP DB 154 -67.18 3.95 117.32
CA THR DB 155 -67.16 6.02 120.52
CA GLY DB 156 -65.85 3.28 122.81
CA LYS DB 157 -63.20 4.45 125.28
CA HIS DB 158 -60.24 2.78 123.59
CA GLY DB 159 -58.69 5.53 121.47
CA LYS DB 160 -58.45 9.31 121.39
CA GLU DB 161 -60.76 12.06 120.18
CA ILE DB 162 -59.35 15.43 119.11
CA LYS DB 163 -61.17 18.69 118.38
CA ILE DB 164 -59.43 19.89 115.22
CA THR DB 165 -60.08 23.21 113.50
CA PRO DB 166 -58.24 25.25 110.84
CA GLN DB 167 -57.79 27.95 113.49
CA SER DB 168 -55.54 25.40 115.24
CA SER DB 169 -52.40 24.00 113.61
CA ILE DB 170 -50.38 21.83 116.05
CA THR DB 171 -51.52 19.86 119.08
CA GLU DB 172 -50.11 16.67 120.57
CA ALA DB 173 -52.46 13.79 121.35
CA GLU DB 174 -51.80 10.76 123.52
CA LEU DB 175 -52.59 7.17 122.50
CA THR DB 176 -52.55 5.19 125.73
CA GLY DB 177 -49.99 2.41 125.62
CA TYR DB 178 -48.60 3.57 122.28
CA GLY DB 179 -47.25 7.06 122.97
CA THR DB 180 -47.79 10.36 121.17
CA VAL DB 181 -49.09 11.51 117.80
CA THR DB 182 -48.98 15.12 116.68
CA MET DB 183 -52.07 16.71 115.15
CA GLU DB 184 -50.20 19.07 112.83
CA CYS DB 185 -53.22 18.76 110.57
CA SER DB 186 -54.44 21.04 107.79
CA PRO DB 187 -58.21 21.17 107.15
CA ARG DB 188 -57.86 23.02 103.86
CA THR DB 189 -60.30 21.51 101.40
CA GLY DB 190 -63.73 22.93 102.11
CA LEU DB 191 -65.83 22.09 99.05
CA ASP DB 192 -67.88 25.30 98.77
CA PHE DB 193 -69.77 27.54 101.18
CA ASN DB 194 -71.06 30.65 99.38
CA GLU DB 195 -74.18 28.88 98.08
CA MET DB 196 -75.11 26.60 100.99
CA VAL DB 197 -77.35 27.54 103.91
CA LEU DB 198 -78.60 25.73 107.00
CA LEU DB 199 -82.24 25.75 108.10
CA GLN DB 200 -83.63 24.74 111.50
CA MET DB 201 -87.21 24.04 112.63
CA GLU DB 202 -87.66 23.38 116.37
CA ASN DB 203 -86.16 19.87 116.33
CA LYS DB 204 -85.02 19.23 112.75
CA ALA DB 205 -82.77 20.82 110.13
CA TRP DB 206 -82.00 20.94 106.42
CA LEU DB 207 -79.34 22.15 103.98
CA VAL DB 208 -80.34 24.15 100.91
CA HIS DB 209 -78.79 26.41 98.29
CA ARG DB 210 -78.66 30.12 99.07
CA GLN DB 211 -80.73 31.12 96.03
CA TRP DB 212 -83.58 29.07 97.46
CA PHE DB 213 -83.69 31.37 100.50
CA LEU DB 214 -83.14 34.44 98.34
CA ASP DB 215 -86.17 33.61 96.17
CA LEU DB 216 -88.66 31.87 98.47
CA PRO DB 217 -91.70 34.21 98.85
CA LEU DB 218 -92.38 34.24 102.58
CA PRO DB 219 -91.97 36.89 105.28
CA TRP DB 220 -88.45 38.08 106.13
CA LEU DB 221 -86.41 39.18 109.10
CA PRO DB 222 -82.80 40.31 108.58
CA GLY DB 223 -80.43 38.73 111.06
CA ALA DB 224 -79.77 42.00 112.87
CA ASP DB 225 -83.31 42.67 114.05
CA THR DB 226 -84.53 41.34 117.40
CA GLN DB 227 -87.97 42.88 118.02
CA GLY DB 228 -89.68 40.81 115.33
CA SER DB 229 -91.70 43.85 114.25
CA ASN DB 230 -90.16 44.95 110.94
CA TRP DB 231 -90.83 42.53 108.09
CA ILE DB 232 -90.21 42.48 104.33
CA GLN DB 233 -92.49 40.86 101.75
CA LYS DB 234 -94.92 40.58 104.65
CA GLU DB 235 -97.92 40.79 102.31
CA THR DB 236 -97.45 37.32 100.79
CA LEU DB 237 -98.95 35.42 103.73
CA VAL DB 238 -102.04 37.62 103.98
CA THR DB 239 -104.39 36.88 101.10
CA PHE DB 240 -107.43 39.14 100.85
CA LYS DB 241 -110.91 37.96 100.02
CA ASN DB 242 -112.33 39.93 97.13
CA PRO DB 243 -113.35 43.40 98.35
CA HIS DB 244 -116.95 43.57 99.51
CA ALA DB 245 -118.12 47.19 99.54
CA LYS DB 246 -116.85 48.15 103.01
CA LYS DB 247 -116.11 44.66 104.29
CA GLN DB 248 -112.60 43.56 103.49
CA ASP DB 249 -111.66 40.65 105.71
CA VAL DB 250 -108.03 39.58 105.75
CA VAL DB 251 -106.91 35.96 106.00
CA VAL DB 252 -103.45 34.38 105.95
CA LEU DB 253 -101.97 31.01 105.02
CA GLY DB 254 -102.13 28.46 107.79
CA SER DB 255 -99.79 25.67 108.80
CA GLN DB 256 -96.90 25.80 106.35
CA GLU DB 257 -94.89 23.09 108.13
CA GLY DB 258 -96.59 20.42 106.05
CA ALA DB 259 -96.00 22.42 102.87
CA MET DB 260 -92.35 22.84 103.81
CA HIS DB 261 -91.93 19.13 104.56
CA THR DB 262 -93.57 17.96 101.33
CA ALA DB 263 -91.86 20.56 99.11
CA LEU DB 264 -88.38 20.68 100.65
CA THR DB 265 -88.11 16.88 100.39
CA GLY DB 266 -85.27 15.81 98.13
CA ALA DB 267 -82.86 18.34 99.64
CA THR DB 268 -80.08 17.30 101.99
CA GLU DB 269 -81.67 16.32 105.30
CA ILE DB 270 -79.33 16.76 108.27
CA GLN DB 271 -80.00 15.01 111.57
CA MET DB 272 -79.40 17.99 113.85
CA SER DB 273 -80.71 15.97 116.82
CA SER DB 274 -77.25 14.39 117.03
CA GLY DB 275 -75.74 17.70 115.96
CA ASN DB 276 -75.18 18.97 112.43
CA LEU DB 277 -73.46 16.21 110.44
CA LEU DB 278 -72.08 18.32 107.58
CA PHE DB 279 -71.36 15.84 104.77
CA THR DB 280 -69.18 18.21 102.76
CA GLY DB 281 -65.53 18.62 101.89
CA HIS DB 282 -62.52 16.35 102.39
CA LEU DB 283 -59.81 16.47 105.04
CA LYS DB 284 -56.17 16.67 103.96
CA CYS DB 285 -54.33 15.87 107.17
CA ARG DB 286 -50.54 15.68 107.51
CA LEU DB 287 -49.30 13.26 110.18
CA ARG DB 288 -45.74 12.45 111.28
CA MET DB 289 -45.46 9.11 113.08
CA ASP DB 290 -41.82 9.61 114.12
CA LYS DB 291 -42.52 9.79 117.88
CA LEU DB 292 -45.15 7.02 118.24
CA GLN DB 293 -43.84 4.16 120.35
CA LEU DB 294 -44.94 0.51 120.21
CA LYS DB 295 -45.37 -1.45 123.46
CA GLY DB 296 -44.68 -5.14 123.00
CA MET DB 297 -42.24 -5.75 120.15
CA SER DB 298 -39.77 -6.72 122.89
CA TYR DB 299 -42.12 -9.21 124.55
CA SER DB 300 -41.31 -12.91 124.61
CA MET DB 301 -42.83 -15.50 122.31
CA CYS DB 302 -46.18 -17.11 123.12
CA THR DB 303 -45.81 -20.80 124.00
CA GLY DB 304 -49.10 -21.85 125.60
CA LYS DB 305 -52.50 -23.15 124.56
CA PHE DB 306 -54.25 -21.50 121.64
CA LYS DB 307 -57.97 -21.51 120.84
CA VAL DB 308 -60.41 -19.72 118.53
CA VAL DB 309 -63.77 -18.40 119.73
CA LYS DB 310 -65.42 -17.04 116.58
CA GLU DB 311 -64.44 -17.53 112.95
CA ILE DB 312 -64.02 -14.76 110.36
CA ALA DB 313 -66.74 -12.16 110.10
CA GLU DB 314 -66.14 -11.61 106.40
CA THR DB 315 -65.55 -7.94 105.57
CA GLN DB 316 -66.17 -5.91 102.43
CA HIS DB 317 -62.45 -6.30 101.66
CA GLY DB 318 -62.33 -9.97 102.65
CA THR DB 319 -60.04 -9.13 105.54
CA ILE DB 320 -59.66 -11.79 108.23
CA VAL DB 321 -60.76 -10.48 111.63
CA ILE DB 322 -59.97 -13.29 114.05
CA ARG DB 323 -61.44 -12.86 117.55
CA VAL DB 324 -59.26 -15.36 119.35
CA GLN DB 325 -58.65 -16.27 123.01
CA TYR DB 326 -55.33 -17.61 124.35
CA GLU DB 327 -55.79 -19.59 127.56
CA GLY DB 328 -52.05 -20.19 127.61
CA ASP DB 329 -49.91 -18.47 130.23
CA GLY DB 330 -46.86 -16.25 129.72
CA SER DB 331 -48.71 -13.13 128.57
CA PRO DB 332 -47.64 -10.58 127.44
CA CYS DB 333 -46.08 -12.42 124.49
CA LYS DB 334 -45.79 -12.21 120.72
CA ILE DB 335 -48.22 -14.34 118.71
CA PRO DB 336 -47.29 -16.81 115.95
CA PHE DB 337 -49.05 -15.41 112.89
CA GLU DB 338 -48.37 -16.98 109.48
CA ILE DB 339 -50.42 -16.96 106.26
CA MET DB 340 -49.19 -19.77 104.03
CA ASP DB 341 -50.05 -21.51 100.78
CA LEU DB 342 -51.80 -24.82 100.13
CA GLU DB 343 -48.60 -26.86 100.08
CA LYS DB 344 -47.16 -24.67 102.88
CA ARG DB 345 -43.94 -23.72 101.06
CA HIS DB 346 -43.59 -19.94 101.54
CA VAL DB 347 -45.50 -17.14 103.24
CA LEU DB 348 -47.14 -14.43 101.15
CA GLY DB 349 -49.66 -12.75 103.48
CA ARG DB 350 -49.79 -9.28 105.02
CA LEU DB 351 -50.78 -9.02 108.66
CA ILE DB 352 -52.24 -5.66 109.67
CA THR DB 353 -51.82 -5.35 113.43
CA VAL DB 354 -48.05 -5.52 113.74
CA ASN DB 355 -46.87 -7.31 116.86
CA PRO DB 356 -50.14 -9.07 117.69
CA ILE DB 357 -49.96 -9.27 121.46
CA VAL DB 358 -52.21 -10.56 124.22
CA THR DB 359 -52.08 -8.11 127.12
CA GLU DB 360 -53.65 -10.44 129.69
CA LYS DB 361 -54.85 -13.99 130.15
CA ASP DB 362 -58.51 -14.99 129.80
CA SER DB 363 -59.09 -12.14 127.36
CA PRO DB 364 -60.05 -12.22 123.67
CA VAL DB 365 -57.99 -10.31 121.12
CA ASN DB 366 -59.17 -9.19 117.68
CA ILE DB 367 -56.31 -9.61 115.21
CA GLU DB 368 -56.72 -7.86 111.87
CA ALA DB 369 -55.04 -9.27 108.78
CA GLU DB 370 -55.27 -9.43 104.99
CA PRO DB 371 -54.46 -12.82 103.42
CA PRO DB 372 -53.47 -13.45 99.80
CA PHE DB 373 -56.02 -14.21 97.08
CA GLY DB 374 -57.49 -17.64 96.52
CA ASP DB 375 -57.26 -20.44 99.05
CA SER DB 376 -54.72 -20.42 101.86
CA TYR DB 377 -54.00 -21.56 105.42
CA ILE DB 378 -53.84 -19.41 108.55
CA ILE DB 379 -51.31 -20.69 111.08
CA ILE DB 380 -51.76 -19.58 114.69
CA GLY DB 381 -49.68 -20.94 117.54
CA VAL DB 382 -46.86 -23.47 117.52
CA GLU DB 383 -46.79 -27.25 117.72
CA PRO DB 384 -47.96 -28.95 119.96
CA GLY DB 385 -51.43 -27.40 119.77
CA GLN DB 386 -50.58 -25.79 116.43
CA LEU DB 387 -53.77 -24.25 115.03
CA LYS DB 388 -54.60 -24.22 111.30
CA LEU DB 389 -57.58 -22.51 109.67
CA ASN DB 390 -58.31 -22.99 105.98
CA TRP DB 391 -59.77 -19.93 104.27
CA PHE DB 392 -60.47 -18.67 100.75
CA LYS DB 393 -60.72 -15.07 99.53
CA LYS DB 394 -62.61 -14.59 96.26
CA GLY DB 395 -60.76 -11.55 94.92
CA SER DB 396 -58.54 -11.69 91.85
CA SER DB 397 -54.88 -10.71 92.03
CA ILE DB 398 -54.69 -8.25 89.13
CA GLY DB 399 -58.18 -7.07 90.04
CA GLN DB 400 -57.47 -6.01 93.61
CA MET DB 401 -54.17 -4.67 92.28
CA ILE DB 402 -55.95 -2.32 89.88
CA GLU DB 403 -58.61 -1.18 92.35
CA THR DB 404 -56.06 -0.53 95.12
CA THR DB 405 -53.85 1.44 92.73
CA MET DB 406 -57.00 3.33 91.75
CA ARG DB 407 -57.80 4.13 95.39
CA GLY DB 408 -54.27 5.49 95.70
CA ALA DB 409 -54.73 7.45 92.48
CA LYS DB 410 -57.94 9.03 93.82
CA ARG DB 411 -56.26 9.80 97.14
CA MET DB 412 -53.50 11.63 95.28
CA ALA DB 413 -56.13 13.26 93.05
CA ILE DB 414 -57.77 14.98 96.01
CA LEU DB 415 -54.32 15.20 97.62
CA GLY DB 416 -53.22 16.85 94.39
CA ASP DB 417 -52.82 20.49 93.44
CA THR DB 418 -51.09 22.54 96.17
CA ALA DB 419 -50.99 19.43 98.42
CA TRP DB 420 -47.91 17.32 97.66
CA ASP DB 421 -44.70 18.97 98.84
CA PHE DB 422 -43.37 20.64 95.70
CA GLY DB 423 -42.02 23.81 97.33
CA SER DB 424 -39.53 22.09 99.62
CA LEU DB 425 -36.29 21.91 97.64
CA GLY DB 426 -34.40 18.70 98.29
CA GLY DB 427 -37.64 17.31 99.69
CA VAL DB 428 -39.11 17.53 96.18
CA PHE DB 429 -37.29 14.28 95.45
CA THR DB 430 -38.89 12.70 98.52
CA SER DB 431 -42.31 14.07 97.57
CA ILE DB 432 -42.14 12.55 94.10
CA GLY DB 433 -40.88 9.36 95.72
CA LYS DB 434 -43.86 9.22 98.05
CA ALA DB 435 -46.20 9.99 95.15
CA LEU DB 436 -44.77 7.12 93.10
CA HIS DB 437 -45.20 5.01 96.22
CA GLN DB 438 -48.82 5.95 96.87
CA VAL DB 439 -49.65 5.14 93.23
CA PHE DB 440 -47.37 2.31 92.02
CA GLY DB 441 -46.05 0.81 95.28
CA ALA DB 442 -48.83 -1.73 95.41
CA ILE DB 443 -47.53 -2.95 92.06
CA TYR DB 444 -43.98 -2.76 93.42
CA GLY DB 445 -44.46 -4.70 96.65
CA ALA DB 446 -47.25 -7.16 95.80
CA ALA DB 447 -46.48 -8.07 92.18
CA PHE DB 448 -42.74 -7.51 91.77
CA SER DB 449 -41.44 -10.24 94.10
CA GLY DB 450 -42.49 -8.83 97.49
CA VAL DB 451 -39.57 -8.01 97.63
CA SER DB 452 -35.96 -8.75 98.61
CA TRP DB 453 -34.90 -5.32 97.48
CA ILE DB 454 -31.22 -5.79 96.54
CA MET DB 455 -31.77 -8.38 93.83
CA LYS DB 456 -34.79 -6.57 92.41
CA ILE DB 457 -32.93 -3.28 92.11
CA LEU DB 458 -30.21 -5.24 90.31
CA ILE DB 459 -32.89 -6.56 87.94
CA GLY DB 460 -34.27 -3.03 87.64
CA VAL DB 461 -30.97 -1.53 86.54
CA ILE DB 462 -30.66 -4.42 84.07
CA ILE DB 463 -34.09 -3.52 82.69
CA THR DB 464 -33.08 0.14 82.51
CA TRP DB 465 -29.94 -0.68 80.53
CA ILE DB 466 -31.90 -2.90 78.13
CA GLY DB 467 -34.54 -0.20 77.66
CA MET DB 468 -31.91 2.46 76.98
CA ASN DB 469 -30.08 0.11 74.60
CA SER DB 470 -33.25 -0.97 72.79
CA ARG DB 471 -34.23 -1.19 69.12
CA SER DB 472 -37.21 1.20 69.42
CA THR DB 473 -37.53 4.57 71.14
CA SER DB 474 -41.14 3.99 72.23
CA LEU DB 475 -40.11 0.82 74.07
CA SER DB 476 -37.15 2.69 75.56
CA VAL DB 477 -39.39 5.43 76.96
CA SER DB 478 -41.85 2.80 78.22
CA LEU DB 479 -39.24 0.61 79.95
CA VAL DB 480 -36.61 2.98 81.34
CA LEU DB 481 -39.38 4.89 83.12
CA VAL DB 482 -40.48 1.68 84.83
CA GLY DB 483 -36.86 0.89 85.68
CA VAL DB 484 -36.09 4.26 87.27
CA VAL DB 485 -39.37 4.13 89.17
CA THR DB 486 -38.38 0.67 90.41
CA LEU DB 487 -34.94 1.81 91.55
CA TYR DB 488 -35.96 5.03 93.29
CA LEU DB 489 -39.16 3.62 94.78
CA GLY DB 490 -37.15 0.67 96.10
CA VAL DB 491 -34.73 3.07 97.77
CA MET DB 492 -37.77 4.76 99.31
CA VAL DB 493 -39.33 1.46 100.40
CA GLN DB 494 -36.11 0.42 102.14
CA ALA DB 495 -36.70 3.53 104.25
CA MET EB 1 -114.93 56.15 31.58
CA ARG EB 2 -115.08 55.88 35.36
CA CYS EB 3 -111.38 55.10 35.89
CA ILE EB 4 -110.19 58.71 36.13
CA GLY EB 5 -108.48 59.01 39.49
CA ILE EB 6 -108.26 55.22 39.82
CA SER EB 7 -104.59 54.43 40.45
CA ASN EB 8 -104.42 50.79 39.34
CA ARG EB 9 -105.27 50.63 35.64
CA ASP EB 10 -104.35 48.29 32.78
CA PHE EB 11 -104.94 49.00 29.10
CA VAL EB 12 -105.34 45.42 27.90
CA GLU EB 13 -105.74 45.46 24.10
CA GLY EB 14 -106.50 42.14 22.44
CA VAL EB 15 -108.69 39.07 22.15
CA SER EB 16 -107.73 35.61 23.37
CA GLY EB 17 -107.98 32.35 21.44
CA GLY EB 18 -111.72 31.96 21.89
CA SER EB 19 -112.21 35.70 21.41
CA TRP EB 20 -112.71 36.17 25.16
CA VAL EB 21 -110.99 38.77 27.28
CA ASP EB 22 -109.14 37.54 30.38
CA ILE EB 23 -110.12 40.19 32.92
CA VAL EB 24 -107.94 40.64 35.97
CA LEU EB 25 -110.32 42.28 38.43
CA GLU EB 26 -109.35 43.64 41.85
CA HIS EB 27 -111.19 45.94 44.24
CA GLY EB 28 -110.15 49.52 43.56
CA SER EB 29 -108.72 48.75 40.12
CA CYS EB 30 -109.59 49.32 36.48
CA VAL EB 31 -109.71 47.33 33.26
CA THR EB 32 -110.09 48.71 29.73
CA THR EB 33 -110.52 46.39 26.75
CA MET EB 34 -109.56 47.35 23.21
CA ALA EB 35 -109.36 45.79 19.76
CA LYS EB 36 -109.60 46.91 16.14
CA ASN EB 37 -113.03 46.59 14.56
CA LYS EB 38 -114.21 46.29 18.17
CA PRO EB 39 -115.52 49.17 20.34
CA THR EB 40 -113.54 49.83 23.49
CA LEU EB 41 -115.09 48.89 26.84
CA ASP EB 42 -114.41 49.61 30.52
CA PHE EB 43 -114.63 46.72 32.98
CA GLU EB 44 -115.00 47.40 36.71
CA LEU EB 45 -116.23 45.90 39.97
CA ILE EB 46 -118.27 47.99 42.42
CA LYS EB 47 -119.72 45.68 45.07
CA THR EB 48 -118.94 42.35 46.71
CA GLU EB 49 -121.38 40.43 48.88
CA ALA EB 50 -121.88 37.00 50.44
CA LYS EB 51 -125.40 35.59 50.69
CA GLN EB 52 -126.76 32.49 52.42
CA PRO EB 53 -123.82 32.25 54.84
CA ALA EB 54 -123.27 29.20 57.02
CA THR EB 55 -123.27 29.53 60.82
CA LEU EB 56 -120.00 27.93 61.91
CA ARG EB 57 -120.68 28.44 65.60
CA LYS EB 58 -123.09 30.63 67.57
CA TYR EB 59 -121.76 32.58 70.56
CA CYS EB 60 -124.21 33.91 73.14
CA ILE EB 61 -122.58 36.75 75.01
CA GLU EB 62 -124.90 37.90 77.79
CA ALA EB 63 -125.95 35.16 80.19
CA LYS EB 64 -128.94 35.22 82.54
CA LEU EB 65 -129.03 32.70 85.37
CA THR EB 66 -132.11 31.09 86.95
CA ASN EB 67 -133.40 28.31 89.19
CA THR EB 68 -130.05 27.93 90.90
CA THR EB 69 -129.85 25.05 93.35
CA THR EB 70 -127.26 24.27 96.01
CA ASP EB 71 -126.99 21.43 98.49
CA SER EB 72 -124.39 19.81 100.70
CA ARG EB 73 -123.82 16.67 102.72
CA CYS EB 74 -121.59 16.24 105.75
CA PRO EB 75 -118.38 14.17 105.52
CA THR EB 76 -119.01 10.40 105.29
CA GLN EB 77 -122.78 11.01 104.93
CA GLY EB 78 -122.58 10.85 101.14
CA GLU EB 79 -122.19 12.87 97.96
CA PRO EB 80 -125.53 14.40 96.88
CA SER EB 81 -126.81 13.79 93.36
CA LEU EB 82 -129.71 15.73 91.87
CA ASN EB 83 -131.86 15.15 88.81
CA GLU EB 84 -131.10 18.77 87.92
CA GLU EB 85 -127.53 17.64 87.25
CA GLN EB 86 -128.55 15.02 84.69
CA ASP EB 87 -130.30 17.57 82.47
CA LYS EB 88 -127.46 19.24 80.58
CA ARG EB 89 -129.25 22.61 80.39
CA PHE EB 90 -127.69 23.57 83.74
CA VAL EB 91 -124.08 24.41 84.53
CA CYS EB 92 -123.01 22.40 87.57
CA LYS EB 93 -120.06 22.16 89.95
CA HIS EB 94 -119.05 19.93 92.84
CA SER EB 95 -117.04 21.20 95.79
CA MET EB 96 -115.69 20.55 99.28
CA VAL EB 97 -116.42 22.55 102.45
CA ASP EB 98 -115.55 22.12 106.11
CA ARG EB 99 -118.28 21.13 108.58
CA GLY EB 100 -118.05 20.55 112.31
CA TRP EB 101 -119.74 19.07 115.35
CA GLY EB 102 -120.70 22.50 116.63
CA ASN EB 103 -121.24 23.77 113.07
CA GLY EB 104 -124.71 22.31 112.63
CA CYS EB 105 -123.50 18.77 111.95
CA GLY EB 106 -121.81 15.77 113.54
CA LEU EB 107 -118.04 15.98 113.14
CA PHE EB 108 -115.07 17.96 111.82
CA GLY EB 109 -114.28 17.28 108.19
CA LYS EB 110 -114.74 18.15 104.54
CA GLY EB 111 -118.28 17.40 103.39
CA GLY EB 112 -119.37 17.59 99.78
CA ILE EB 113 -121.40 20.21 97.93
CA VAL EB 114 -123.19 20.25 94.60
CA THR EB 115 -124.40 23.58 93.22
CA CYS EB 116 -125.83 24.21 89.79
CA ALA EB 117 -128.16 26.44 87.86
CA MET EB 118 -129.85 27.09 84.54
CA PHE EB 119 -127.96 29.11 81.91
CA THR EB 120 -130.20 31.19 79.66
CA CYS EB 121 -128.62 33.80 77.43
CA LYS EB 122 -130.35 36.66 75.63
CA LYS EB 123 -127.91 38.62 73.48
CA ASN EB 124 -125.78 36.61 71.09
CA MET EB 125 -123.18 36.96 68.36
CA LYS EB 126 -123.39 35.51 64.90
CA GLY EB 127 -120.19 33.95 63.53
CA LYS EB 128 -120.27 32.68 59.96
CA VAL EB 129 -117.82 31.29 57.41
CA VAL EB 130 -118.02 32.20 53.72
CA GLN EB 131 -117.30 29.58 51.08
CA PRO EB 132 -116.12 30.45 47.56
CA GLU EB 133 -119.41 29.16 46.14
CA ASN EB 134 -121.66 31.48 48.17
CA LEU EB 135 -119.97 34.68 46.95
CA GLU EB 136 -121.55 37.08 44.48
CA TYR EB 137 -119.55 39.70 42.56
CA THR EB 138 -120.93 42.96 41.12
CA ILE EB 139 -119.25 43.70 37.80
CA VAL EB 140 -120.12 46.83 35.83
CA ILE EB 141 -119.52 47.45 32.13
CA THR EB 142 -119.21 50.95 30.67
CA PRO EB 143 -118.91 52.14 27.06
CA HIS EB 144 -116.33 54.67 25.89
CA SER EB 145 -118.75 56.91 24.01
CA GLY EB 146 -117.81 60.22 25.61
CA GLU EB 147 -121.30 61.01 26.88
CA GLU EB 148 -121.48 63.69 29.56
CA HIS EB 149 -122.65 61.32 32.30
CA ALA EB 150 -120.21 58.74 30.86
CA VAL EB 151 -117.13 60.36 32.46
CA GLY EB 152 -116.12 59.91 36.09
CA ASN EB 153 -119.71 59.23 37.18
CA ASP EB 154 -120.63 56.65 39.82
CA THR EB 155 -124.39 56.58 39.05
CA GLY EB 156 -124.60 57.12 35.29
CA LYS EB 157 -127.22 55.44 33.15
CA HIS EB 158 -124.55 54.54 30.58
CA GLY EB 159 -123.12 51.75 32.74
CA LYS EB 160 -124.72 48.35 33.18
CA GLU EB 161 -124.24 46.36 36.38
CA ILE EB 162 -124.39 42.55 36.50
CA LYS EB 163 -123.91 40.02 39.28
CA ILE EB 164 -121.73 36.92 38.93
CA THR EB 165 -122.20 33.67 40.86
CA PRO EB 166 -120.88 30.15 40.07
CA GLN EB 167 -124.39 28.65 40.11
CA SER EB 168 -125.15 30.59 36.89
CA SER EB 169 -121.79 30.70 35.11
CA ILE EB 170 -122.80 31.03 31.45
CA THR EB 171 -124.86 34.24 31.51
CA GLU EB 172 -125.59 36.91 28.90
CA ALA EB 173 -125.54 40.64 29.65
CA GLU EB 174 -126.73 43.43 27.37
CA LEU EB 175 -125.11 46.78 26.61
CA THR EB 176 -127.20 49.48 24.96
CA GLY EB 177 -126.67 49.70 21.21
CA TYR EB 178 -123.64 47.42 21.13
CA GLY EB 179 -125.60 44.29 22.05
CA THR EB 180 -124.89 41.01 23.79
CA VAL EB 181 -121.76 40.15 25.79
CA THR EB 182 -121.08 36.96 27.73
CA MET EB 183 -120.48 36.56 31.47
CA GLU EB 184 -118.56 33.41 32.47
CA CYS EB 185 -115.92 32.86 35.17
CA SER EB 186 -114.85 31.18 38.40
CA PRO EB 187 -112.80 33.81 40.31
CA ARG EB 188 -111.33 31.32 42.80
CA THR EB 189 -107.68 32.04 41.84
CA GLY EB 190 -107.44 34.46 44.79
CA LEU EB 191 -106.34 34.09 48.39
CA ASP EB 192 -107.51 31.13 50.43
CA PHE EB 193 -110.88 31.70 52.13
CA ASN EB 194 -110.92 28.91 54.74
CA GLU EB 195 -108.64 30.96 57.02
CA MET EB 196 -111.18 33.73 57.72
CA VAL EB 197 -114.53 33.98 59.52
CA LEU EB 198 -116.86 36.97 59.92
CA LEU EB 199 -118.55 37.96 63.17
CA GLN EB 200 -121.59 40.20 63.22
CA MET EB 201 -123.37 41.92 66.09
CA GLU EB 202 -126.69 43.65 65.31
CA ASN EB 203 -125.16 45.68 62.49
CA LYS EB 204 -121.37 45.86 62.84
CA ALA EB 205 -119.15 43.05 61.62
CA TRP EB 206 -115.53 41.98 61.98
CA LEU EB 207 -113.23 39.81 59.89
CA VAL EB 208 -111.11 37.49 62.05
CA HIS EB 209 -109.24 34.18 61.94
CA ARG EB 210 -110.98 30.85 62.42
CA GLN EB 211 -108.80 29.62 65.28
CA TRP EB 212 -109.21 32.98 67.02
CA PHE EB 213 -112.95 32.80 66.37
CA LEU EB 214 -113.01 29.46 68.20
CA ASP EB 215 -110.52 30.42 70.93
CA LEU EB 216 -112.65 33.10 72.63
CA PRO EB 217 -113.68 31.34 75.88
CA LEU EB 218 -117.46 31.69 75.89
CA PRO EB 219 -120.48 29.38 75.41
CA TRP EB 220 -120.80 27.52 72.10
CA LEU EB 221 -123.47 26.12 69.80
CA PRO EB 222 -122.79 23.92 66.75
CA GLY EB 223 -123.98 25.30 63.43
CA ALA EB 224 -127.04 23.09 63.19
CA ASP EB 225 -127.62 23.69 66.90
CA THR EB 226 -130.52 26.07 67.51
CA GLN EB 227 -132.33 24.67 70.56
CA GLY EB 228 -130.12 26.18 73.26
CA SER EB 229 -130.05 22.92 75.22
CA ASN EB 230 -126.41 22.10 74.54
CA TRP EB 231 -123.69 24.44 75.80
CA ILE EB 232 -119.92 23.94 75.85
CA GLN EB 233 -117.48 25.64 78.22
CA LYS EB 234 -120.49 27.24 79.90
CA GLU EB 235 -118.56 27.62 83.15
CA THR EB 236 -116.78 30.89 82.35
CA LEU EB 237 -119.88 33.10 82.18
CA VAL EB 238 -121.02 31.71 85.55
CA THR EB 239 -118.49 32.46 88.29
CA PHE EB 240 -118.85 30.41 91.45
CA LYS EB 241 -117.74 32.45 94.46
CA ASN EB 242 -115.60 30.77 97.08
CA PRO EB 243 -117.01 27.64 98.76
CA HIS EB 244 -118.88 28.77 101.83
CA ALA EB 245 -120.94 26.76 104.35
CA LYS EB 246 -123.87 25.18 102.47
CA LYS EB 247 -123.92 27.97 99.88
CA GLN EB 248 -122.24 28.65 96.58
CA ASP EB 249 -123.35 32.18 95.75
CA VAL EB 250 -123.53 31.99 91.96
CA VAL EB 251 -122.41 35.23 90.30
CA VAL EB 252 -123.53 35.93 86.75
CA LEU EB 253 -120.72 37.41 84.70
CA GLY EB 254 -121.63 40.70 83.10
CA SER EB 255 -122.28 41.22 79.42
CA GLN EB 256 -118.95 41.21 77.62
CA GLU EB 257 -120.47 43.15 74.71
CA GLY EB 258 -118.63 46.25 75.86
CA ALA EB 259 -115.50 44.14 76.21
CA MET EB 260 -115.93 42.82 72.68
CA HIS EB 261 -116.30 46.36 71.35
CA THR EB 262 -113.11 47.18 73.25
CA ALA EB 263 -111.17 44.21 71.85
CA LEU EB 264 -112.45 43.63 68.31
CA THR EB 265 -111.90 47.32 67.53
CA GLY EB 266 -108.53 47.58 65.83
CA ALA EB 267 -109.26 44.47 63.80
CA THR EB 268 -110.72 44.52 60.28
CA GLU EB 269 -114.05 46.32 60.53
CA ILE EB 270 -116.94 45.63 58.15
CA GLN EB 271 -120.41 47.10 57.61
CA MET EB 272 -123.00 44.81 56.05
CA SER EB 273 -124.60 47.69 54.13
CA SER EB 274 -121.55 47.97 51.86
CA GLY EB 275 -121.24 44.18 51.55
CA ASN EB 276 -118.14 42.21 52.49
CA LEU EB 277 -114.91 43.97 51.48
CA LEU EB 278 -112.96 40.83 50.59
CA PHE EB 279 -110.65 42.83 48.35
CA THR EB 280 -107.95 40.22 48.95
CA GLY EB 281 -107.70 37.76 46.07
CA HIS EB 282 -107.49 38.42 42.35
CA LEU EB 283 -110.56 37.74 40.21
CA LYS EB 284 -109.67 36.09 36.91
CA CYS EB 285 -112.61 36.07 34.52
CA ARG EB 286 -113.41 34.97 30.98
CA LEU EB 287 -115.65 37.22 28.89
CA ARG EB 288 -116.51 36.61 25.23
CA MET EB 289 -116.83 39.51 22.78
CA ASP EB 290 -117.79 37.81 19.51
CA LYS EB 291 -121.44 38.93 19.68
CA LEU EB 292 -120.67 42.70 19.55
CA GLN EB 293 -120.12 44.95 16.55
CA LEU EB 294 -119.58 48.66 15.95
CA LYS EB 295 -122.70 50.71 16.69
CA GLY EB 296 -122.97 54.00 14.86
CA MET EB 297 -120.38 53.07 12.21
CA SER EB 298 -122.98 53.56 9.47
CA TYR EB 299 -123.17 57.26 10.35
CA SER EB 300 -121.19 59.32 7.85
CA MET EB 301 -118.30 61.57 8.78
CA CYS EB 302 -119.28 65.24 9.07
CA THR EB 303 -117.09 67.95 7.58
CA GLY EB 304 -118.25 70.78 9.83
CA LYS EB 305 -116.16 72.55 12.48
CA PHE EB 306 -114.93 71.30 15.86
CA LYS EB 307 -114.53 73.22 19.12
CA VAL EB 308 -112.89 72.40 22.46
CA VAL EB 309 -114.72 73.05 25.73
CA LYS EB 310 -112.33 71.90 28.47
CA GLU EB 311 -108.57 72.17 28.27
CA ILE EB 312 -106.28 69.16 27.85
CA ALA EB 313 -106.80 67.34 31.14
CA GLU EB 314 -104.16 65.00 32.55
CA THR EB 315 -104.84 61.66 34.24
CA GLN EB 316 -102.50 59.46 36.30
CA HIS EB 317 -101.64 57.21 33.32
CA GLY EB 318 -100.38 59.47 30.52
CA THR EB 319 -103.72 59.90 28.78
CA ILE EB 320 -105.53 63.00 27.54
CA VAL EB 321 -109.20 64.00 27.65
CA ILE EB 322 -110.73 66.34 25.06
CA ARG EB 323 -114.29 67.66 25.17
CA VAL EB 324 -114.84 68.22 21.47
CA GLN EB 325 -117.89 70.35 20.64
CA TYR EB 326 -119.48 70.54 17.19
CA GLU EB 327 -120.78 74.01 16.40
CA GLY EB 328 -121.48 73.03 12.78
CA ASP EB 329 -124.42 71.03 11.43
CA GLY EB 330 -124.98 67.46 10.26
CA SER EB 331 -125.12 65.58 13.55
CA PRO EB 332 -124.87 62.72 14.38
CA CYS EB 333 -121.55 61.91 12.64
CA LYS EB 334 -118.47 59.69 12.75
CA ILE EB 335 -115.77 61.68 14.54
CA PRO EB 336 -112.55 62.26 12.57
CA PHE EB 337 -109.86 61.99 15.26
CA GLU EB 338 -106.24 61.58 14.19
CA ILE EB 339 -102.63 62.00 15.27
CA MET EB 340 -99.60 63.41 13.51
CA ASP EB 341 -95.94 63.81 14.35
CA LEU EB 342 -93.73 66.86 13.89
CA GLU EB 343 -93.35 66.10 10.17
CA LYS EB 344 -97.17 66.02 9.87
CA ARG EB 345 -96.83 62.65 8.11
CA HIS EB 346 -97.18 59.58 10.32
CA VAL EB 347 -100.04 58.31 12.51
CA LEU EB 348 -98.08 57.32 15.63
CA GLY EB 349 -100.31 58.05 18.63
CA ARG EB 350 -102.67 55.46 20.09
CA LEU EB 351 -106.39 56.21 20.27
CA ILE EB 352 -108.75 54.91 22.97
CA THR EB 353 -112.28 55.35 21.61
CA VAL EB 354 -112.64 54.07 18.06
CA ASN EB 355 -115.15 55.81 15.74
CA PRO EB 356 -116.55 58.27 18.30
CA ILE EB 357 -119.90 59.78 17.39
CA VAL EB 358 -121.86 62.85 18.44
CA THR EB 359 -125.34 62.31 19.85
CA GLU EB 360 -126.42 65.85 18.95
CA LYS EB 361 -124.89 69.21 18.17
CA ASP EB 362 -123.99 71.38 21.19
CA SER EB 363 -123.43 68.14 23.20
CA PRO EB 364 -119.65 67.60 23.16
CA VAL EB 365 -117.97 64.20 23.20
CA ASN EB 366 -115.20 63.23 25.62
CA ILE EB 367 -112.60 61.82 23.25
CA GLU EB 368 -109.78 60.00 25.04
CA ALA EB 369 -106.29 59.52 23.62
CA GLU EB 370 -102.86 58.15 24.53
CA PRO EB 371 -100.06 59.75 22.49
CA PRO EB 372 -96.46 58.77 23.23
CA PHE EB 373 -94.48 60.78 25.76
CA GLY EB 374 -93.26 63.63 23.60
CA ASP EB 375 -94.42 66.31 21.20
CA SER EB 376 -97.24 65.57 18.76
CA TYR EB 377 -100.30 67.15 17.14
CA ILE EB 378 -103.77 65.93 18.02
CA ILE EB 379 -105.58 66.73 14.78
CA ILE EB 380 -109.25 67.37 15.49
CA GLY EB 381 -111.39 67.74 12.39
CA VAL EB 382 -110.20 67.90 8.80
CA GLU EB 383 -109.03 70.80 6.70
CA PRO EB 384 -110.08 73.49 5.90
CA GLY EB 385 -110.33 74.76 9.47
CA GLN EB 386 -108.61 71.73 11.01
CA LEU EB 387 -107.28 71.99 14.58
CA LYS EB 388 -103.75 70.61 14.99
CA LEU EB 389 -103.64 71.05 18.75
CA ASN EB 390 -100.02 70.70 19.81
CA TRP EB 391 -99.34 68.57 22.86
CA PHE EB 392 -96.16 67.76 24.78
CA LYS EB 393 -96.55 64.65 26.94
CA LYS EB 394 -94.04 64.14 29.73
CA GLY EB 395 -92.20 60.90 30.41
CA SER EB 396 -89.82 58.51 28.69
CA SER EB 397 -90.93 56.04 26.04
CA ILE EB 398 -88.72 53.46 27.75
CA GLY EB 399 -90.64 54.43 30.89
CA GLN EB 400 -93.96 53.13 29.60
CA MET EB 401 -92.06 50.32 27.86
CA ILE EB 402 -90.72 48.89 31.12
CA GLU EB 403 -93.86 49.76 33.09
CA THR EB 404 -96.39 48.12 30.77
CA THR EB 405 -94.18 45.12 30.02
CA MET EB 406 -93.55 44.50 33.72
CA ARG EB 407 -97.21 44.96 34.65
CA GLY EB 408 -98.37 42.53 31.97
CA ALA EB 409 -95.63 40.10 32.99
CA LYS EB 410 -96.73 40.11 36.63
CA ARG EB 411 -100.36 39.91 35.51
CA MET EB 412 -99.61 36.72 33.55
CA ALA EB 413 -97.26 35.48 36.30
CA ILE EB 414 -99.75 35.54 39.16
CA LEU EB 415 -101.98 33.99 36.51
CA GLY EB 416 -99.08 31.75 35.51
CA ASP EB 417 -98.60 28.11 36.47
CA THR EB 418 -101.84 26.09 36.32
CA ALA EB 419 -103.64 29.22 34.99
CA TRP EB 420 -102.86 29.84 31.30
CA ASP EB 421 -104.15 27.13 28.97
CA PHE EB 422 -101.11 25.03 28.05
CA GLY EB 423 -102.71 21.57 27.94
CA SER EB 424 -104.81 22.10 24.81
CA LEU EB 425 -102.89 20.65 21.86
CA GLY EB 426 -103.14 22.91 18.83
CA GLY EB 427 -104.32 25.63 21.19
CA VAL EB 428 -100.77 25.66 22.58
CA PHE EB 429 -99.98 28.04 19.72
CA THR EB 430 -102.90 30.26 20.74
CA SER EB 431 -101.76 30.19 24.36
CA ILE EB 432 -98.20 31.14 23.43
CA GLY EB 433 -99.61 33.97 21.33
CA LYS EB 434 -101.77 34.94 24.30
CA ALA EB 435 -98.74 35.09 26.60
CA LEU EB 436 -96.83 37.23 24.12
CA HIS EB 437 -99.84 39.45 23.39
CA GLN EB 438 -100.52 40.03 27.09
CA VAL EB 439 -96.81 40.72 27.74
CA PHE EB 440 -95.14 41.53 24.41
CA GLY EB 441 -98.33 42.73 22.69
CA ALA EB 442 -97.79 46.34 23.73
CA ILE EB 443 -94.49 46.08 21.87
CA TYR EB 444 -96.36 45.23 18.67
CA GLY EB 445 -99.06 47.84 19.18
CA ALA EB 446 -97.64 50.97 20.81
CA ALA EB 447 -94.04 51.38 19.64
CA PHE EB 448 -94.17 49.44 16.35
CA SER EB 449 -96.01 51.64 13.84
CA GLY EB 450 -99.49 51.72 15.43
CA VAL EB 451 -100.12 49.65 13.31
CA SER EB 452 -101.43 48.79 9.83
CA TRP EB 453 -100.69 45.09 10.07
CA ILE EB 454 -99.92 44.13 6.44
CA MET EB 455 -97.00 46.52 6.00
CA LYS EB 456 -95.48 45.68 9.37
CA ILE EB 457 -95.72 41.92 8.79
CA LEU EB 458 -93.89 42.55 5.53
CA ILE EB 459 -91.30 44.48 7.54
CA GLY EB 460 -91.24 41.65 10.08
CA VAL EB 461 -90.50 38.96 7.52
CA ILE EB 462 -87.81 41.28 6.14
CA ILE EB 463 -86.32 41.52 9.63
CA THR EB 464 -86.48 37.73 10.01
CA TRP EB 465 -84.61 37.34 6.73
CA ILE EB 466 -81.97 39.85 7.83
CA GLY EB 467 -81.56 38.21 11.24
CA MET EB 468 -81.23 34.71 9.79
CA ASN EB 469 -78.54 35.82 7.32
CA SER EB 470 -76.63 37.95 9.83
CA ARG EB 471 -72.95 38.15 10.69
CA SER EB 472 -73.52 37.21 14.36
CA THR EB 473 -75.51 34.32 15.81
CA SER EB 474 -76.26 36.24 19.01
CA LEU EB 475 -77.84 39.02 16.96
CA SER EB 476 -79.61 36.33 14.93
CA VAL EB 477 -81.21 34.86 18.06
CA SER EB 478 -82.03 38.38 19.28
CA LEU EB 479 -83.65 39.53 16.01
CA VAL EB 480 -85.36 36.48 14.46
CA LEU EB 481 -87.16 35.90 17.78
CA VAL EB 482 -88.52 39.46 17.68
CA GLY EB 483 -89.47 39.00 14.03
CA VAL EB 484 -91.38 35.76 14.51
CA VAL EB 485 -93.06 37.26 17.59
CA THR EB 486 -94.08 40.22 15.42
CA LEU EB 487 -95.48 38.05 12.62
CA TYR EB 488 -97.34 35.51 14.76
CA LEU EB 489 -98.62 38.09 17.25
CA GLY EB 490 -99.81 40.23 14.33
CA VAL EB 491 -101.76 37.28 13.01
CA MET EB 492 -103.25 36.93 16.49
CA VAL EB 493 -103.95 40.67 16.67
CA GLN EB 494 -105.88 40.42 13.39
CA ALA EB 495 -108.18 37.95 15.17
CA MET FB 1 -45.87 85.53 88.97
CA ARG FB 2 -49.39 84.75 90.18
CA CYS FB 3 -49.85 81.05 89.37
CA ILE FB 4 -47.06 79.37 91.34
CA GLY FB 5 -48.93 76.52 92.97
CA ILE FB 6 -51.88 75.56 90.77
CA SER FB 7 -51.82 72.06 89.32
CA ASN FB 8 -52.47 72.97 85.68
CA ARG FB 9 -49.29 74.93 84.94
CA ASP FB 10 -48.82 75.49 81.21
CA PHE FB 11 -46.08 77.16 79.17
CA VAL FB 12 -46.25 78.72 75.70
CA GLU FB 13 -42.76 79.75 74.57
CA GLY FB 14 -43.23 80.89 70.98
CA VAL FB 15 -44.07 84.05 69.07
CA SER FB 16 -45.65 84.71 65.69
CA GLY FB 17 -44.29 86.69 62.76
CA GLY FB 18 -46.57 89.59 63.60
CA SER FB 19 -46.42 88.78 67.32
CA TRP FB 20 -50.02 87.51 67.10
CA VAL FB 21 -49.70 85.04 69.96
CA ASP FB 22 -52.54 82.62 70.65
CA ILE FB 23 -53.49 81.09 74.02
CA VAL FB 24 -56.23 78.92 75.48
CA LEU FB 25 -57.68 79.68 78.91
CA GLU FB 26 -59.69 77.30 81.10
CA HIS FB 27 -60.90 77.30 84.70
CA GLY FB 28 -57.90 76.89 86.96
CA SER FB 29 -55.49 76.40 84.05
CA CYS FB 30 -53.24 79.44 84.03
CA VAL FB 31 -50.77 80.21 81.25
CA THR FB 32 -47.31 81.78 81.23
CA THR FB 33 -46.28 83.85 78.22
CA MET FB 34 -42.60 83.95 77.27
CA ALA FB 35 -40.93 86.18 74.68
CA LYS FB 36 -37.59 87.52 73.51
CA ASN FB 37 -36.66 91.00 74.79
CA LYS FB 38 -40.31 91.51 75.81
CA PRO FB 39 -41.66 91.23 79.37
CA THR FB 40 -43.08 87.85 80.31
CA LEU FB 41 -46.65 87.52 81.52
CA ASP FB 42 -49.11 85.33 83.38
CA PHE FB 43 -52.69 84.97 82.15
CA GLU FB 44 -55.68 83.40 83.83
CA LEU FB 45 -59.47 83.54 83.88
CA ILE FB 46 -60.33 84.21 87.50
CA LYS FB 47 -64.12 84.19 87.45
CA THR FB 48 -66.72 83.36 84.82
CA GLU FB 49 -69.90 85.44 84.84
CA ALA FB 50 -73.14 85.31 82.87
CA LYS FB 51 -74.85 88.69 83.17
CA GLN FB 52 -78.07 89.83 81.52
CA PRO FB 53 -79.71 86.38 81.38
CA ALA FB 54 -82.51 85.57 78.97
CA THR FB 55 -85.73 84.40 80.63
CA LEU FB 56 -86.25 81.28 78.52
CA ARG FB 57 -89.36 79.81 80.18
CA LYS FB 58 -91.16 79.61 83.51
CA TYR FB 59 -92.82 76.80 85.46
CA CYS FB 60 -95.68 77.06 87.95
CA ILE FB 61 -94.34 74.70 90.59
CA GLU FB 62 -97.51 74.79 92.71
CA ALA FB 63 -101.12 75.30 91.73
CA LYS FB 64 -104.36 76.84 92.96
CA LEU FB 65 -107.78 75.88 91.58
CA THR FB 66 -110.58 78.42 91.85
CA ASN FB 67 -113.92 79.39 90.32
CA THR FB 68 -114.43 75.80 89.15
CA THR FB 69 -117.69 75.87 87.25
CA THR FB 70 -119.19 72.90 85.43
CA ASP FB 71 -122.27 72.03 83.39
CA SER FB 72 -123.78 69.20 81.38
CA ARG FB 73 -126.44 68.48 78.78
CA CYS FB 74 -128.67 65.50 78.11
CA PRO FB 75 -127.72 63.22 75.19
CA THR FB 76 -128.09 64.64 71.66
CA GLN FB 77 -128.12 68.25 72.94
CA GLY FB 78 -124.40 68.73 72.22
CA GLU FB 79 -121.72 70.01 74.55
CA PRO FB 80 -122.76 72.92 76.80
CA SER FB 81 -121.21 76.26 75.87
CA LEU FB 82 -120.13 78.47 78.76
CA ASN FB 83 -117.88 81.55 78.46
CA GLU FB 84 -114.87 80.08 80.30
CA GLU FB 85 -113.93 77.71 77.47
CA GLN FB 86 -112.81 80.47 75.12
CA ASP FB 87 -110.89 82.27 77.88
CA LYS FB 88 -107.53 80.59 78.49
CA ARG FB 89 -107.54 81.96 82.05
CA PHE FB 90 -109.59 78.86 82.89
CA VAL FB 91 -108.22 75.42 82.14
CA CYS FB 92 -110.95 73.00 81.17
CA LYS FB 93 -112.15 69.89 79.39
CA HIS FB 94 -115.32 68.14 78.23
CA SER FB 95 -116.37 64.50 78.59
CA MET FB 96 -119.51 62.33 78.54
CA VAL FB 97 -121.50 60.16 80.94
CA ASP FB 98 -124.59 57.97 80.74
CA ARG FB 99 -127.73 59.94 81.62
CA GLY FB 100 -131.37 59.35 80.83
CA TRP FB 101 -134.85 58.64 82.19
CA GLY FB 102 -133.35 57.67 85.55
CA ASN FB 103 -131.70 61.01 86.38
CA GLY FB 104 -133.86 63.61 84.65
CA CYS FB 105 -133.00 63.26 80.96
CA GLY FB 106 -135.09 61.43 78.36
CA LEU FB 107 -133.25 58.23 77.44
CA PHE FB 108 -130.11 56.47 78.65
CA GLY FB 109 -127.24 57.73 76.52
CA LYS FB 110 -123.83 59.37 76.65
CA GLY FB 111 -124.63 63.01 77.28
CA GLY FB 112 -121.96 65.68 77.41
CA ILE FB 113 -120.34 67.54 80.29
CA VAL FB 114 -118.00 70.53 80.35
CA THR FB 115 -115.79 71.06 83.39
CA CYS FB 116 -113.82 74.30 83.74
CA ALA FB 117 -111.81 76.07 86.42
CA MET FB 118 -109.49 79.02 86.95
CA PHE FB 119 -105.85 77.97 87.34
CA THR FB 120 -104.00 80.42 89.61
CA CYS FB 121 -100.21 80.23 89.78
CA LYS FB 122 -99.00 80.85 93.33
CA LYS FB 123 -95.25 80.35 92.90
CA ASN FB 124 -92.71 80.51 90.10
CA MET FB 125 -89.76 78.34 89.05
CA LYS FB 126 -87.36 80.38 86.97
CA GLY FB 127 -85.29 79.17 84.02
CA LYS FB 128 -82.18 80.96 82.77
CA VAL FB 129 -80.46 80.18 79.46
CA VAL FB 130 -76.92 81.42 78.86
CA GLN FB 131 -76.07 82.44 75.31
CA PRO FB 132 -72.46 82.66 74.08
CA GLU FB 133 -72.54 86.45 73.78
CA ASN FB 134 -73.68 86.86 77.42
CA LEU FB 135 -70.51 85.40 78.98
CA GLU FB 136 -68.64 88.15 80.85
CA TYR FB 137 -65.15 86.66 81.22
CA THR FB 138 -63.08 88.12 84.06
CA ILE FB 139 -59.41 87.76 83.12
CA VAL FB 140 -56.47 88.50 85.42
CA ILE FB 141 -53.19 89.55 83.78
CA THR FB 142 -50.06 89.74 85.95
CA PRO FB 143 -46.45 90.42 84.86
CA HIS FB 144 -43.37 88.58 86.12
CA SER FB 145 -42.01 91.89 87.29
CA GLY FB 146 -40.84 91.14 90.82
CA GLU FB 147 -43.93 91.60 92.96
CA GLU FB 148 -44.39 89.50 96.09
CA HIS FB 149 -48.06 89.53 97.15
CA ALA FB 150 -49.39 87.36 94.29
CA VAL FB 151 -47.59 84.03 94.80
CA GLY FB 152 -50.25 81.54 95.80
CA ASN FB 153 -52.86 84.31 95.93
CA ASP FB 154 -56.25 85.18 94.42
CA THR FB 155 -56.70 88.92 95.05
CA GLY FB 156 -52.99 89.85 94.76
CA LYS FB 157 -53.09 92.94 92.56
CA HIS FB 158 -50.04 94.24 90.75
CA GLY FB 159 -51.44 93.63 87.28
CA LYS FB 160 -54.98 94.20 86.02
CA GLU FB 161 -58.35 92.45 85.96
CA ILE FB 162 -60.46 93.02 82.85
CA LYS FB 163 -64.06 92.02 82.13
CA ILE FB 164 -64.19 90.81 78.52
CA THR FB 165 -67.60 91.19 76.85
CA PRO FB 166 -67.73 89.25 73.55
CA GLN FB 167 -69.67 92.08 71.90
CA SER FB 168 -66.46 94.08 72.46
CA SER FB 169 -63.75 91.99 70.81
CA ILE FB 170 -60.81 94.41 70.93
CA THR FB 171 -59.95 95.79 74.37
CA GLU FB 172 -56.96 97.65 75.79
CA ALA FB 173 -55.81 96.46 79.22
CA GLU FB 174 -53.27 99.06 80.43
CA LEU FB 175 -50.76 97.08 82.46
CA THR FB 176 -49.01 99.41 84.89
CA GLY FB 177 -45.46 100.42 84.01
CA TYR FB 178 -45.38 98.23 80.89
CA GLY FB 179 -48.10 99.76 78.70
CA THR FB 180 -50.96 97.68 77.34
CA VAL FB 181 -51.70 94.44 75.49
CA THR FB 182 -54.44 94.21 72.89
CA MET FB 183 -57.18 91.79 73.94
CA GLU FB 184 -58.81 89.90 71.07
CA CYS FB 185 -60.11 86.93 73.01
CA SER FB 186 -63.32 85.16 72.04
CA PRO FB 187 -65.33 82.44 73.81
CA ARG FB 188 -67.19 81.80 70.55
CA THR FB 189 -64.61 79.25 69.37
CA GLY FB 190 -64.82 77.46 72.73
CA LEU FB 191 -67.42 74.87 73.62
CA ASP FB 192 -70.96 75.86 72.69
CA PHE FB 193 -73.07 76.98 75.66
CA ASN FB 194 -76.22 75.85 73.87
CA GLU FB 195 -77.41 73.09 76.24
CA MET FB 196 -76.69 74.57 79.70
CA VAL FB 197 -79.61 75.93 81.72
CA LEU FB 198 -79.97 77.27 85.26
CA LEU FB 199 -82.95 76.42 87.43
CA GLN FB 200 -83.53 79.22 89.95
CA MET FB 201 -85.69 78.93 93.07
CA GLU FB 202 -85.92 81.86 95.50
CA ASN FB 203 -82.16 82.47 95.79
CA LYS FB 204 -80.60 79.02 95.19
CA ALA FB 205 -80.06 77.36 91.84
CA TRP FB 206 -78.88 74.32 89.92
CA LEU FB 207 -77.43 73.62 86.48
CA VAL FB 208 -79.15 71.15 84.16
CA HIS FB 209 -79.47 70.35 80.46
CA ARG FB 210 -81.84 72.16 78.10
CA GLN FB 211 -83.66 69.12 76.70
CA TRP FB 212 -84.26 67.88 80.24
CA PHE FB 213 -85.31 71.37 81.30
CA LEU FB 214 -88.06 71.45 78.68
CA ASP FB 215 -89.07 67.77 78.85
CA LEU FB 216 -90.51 68.25 82.35
CA PRO FB 217 -94.28 67.50 82.34
CA LEU FB 218 -95.10 70.59 84.38
CA PRO FB 219 -97.01 73.83 83.75
CA TRP FB 220 -95.42 75.55 80.80
CA LEU FB 221 -95.44 79.37 80.48
CA PRO FB 222 -93.40 81.40 77.96
CA GLY FB 223 -90.86 84.07 78.79
CA ALA FB 224 -92.54 86.87 76.85
CA ASP FB 225 -95.87 86.72 78.68
CA THR FB 226 -96.30 88.24 82.15
CA GLN FB 227 -99.89 87.66 83.28
CA GLY FB 228 -99.70 83.88 82.86
CA SER FB 229 -103.19 83.56 81.39
CA ASN FB 230 -101.75 82.34 78.08
CA TRP FB 231 -101.13 79.02 79.78
CA ILE FB 232 -99.79 75.88 78.09
CA GLN FB 233 -99.50 72.21 79.10
CA LYS FB 234 -102.79 72.29 80.90
CA GLU FB 235 -103.25 68.76 82.24
CA THR FB 236 -99.96 68.46 84.17
CA LEU FB 237 -101.46 69.32 87.59
CA VAL FB 238 -105.24 69.42 87.15
CA THR FB 239 -106.09 65.71 87.34
CA PHE FB 240 -109.83 65.35 86.83
CA LYS FB 241 -111.28 62.05 88.03
CA ASN FB 242 -113.78 59.95 86.10
CA PRO FB 243 -116.89 62.15 85.98
CA HIS FB 244 -119.90 60.64 87.72
CA ALA FB 245 -122.98 62.50 86.48
CA LYS FB 246 -121.61 66.09 86.57
CA LYS FB 247 -119.11 66.67 89.37
CA GLN FB 248 -115.62 65.25 89.23
CA ASP FB 249 -113.07 65.58 92.02
CA VAL FB 250 -111.01 68.23 90.25
CA VAL FB 251 -107.90 68.81 92.36
CA VAL FB 252 -104.44 70.13 91.59
CA LEU FB 253 -101.62 67.88 92.71
CA GLY FB 254 -99.73 68.91 95.80
CA SER FB 255 -96.82 71.30 95.57
CA GLN FB 256 -94.05 69.76 93.50
CA GLU FB 257 -91.37 71.78 95.34
CA GLY FB 258 -90.38 68.88 97.59
CA ALA FB 259 -90.62 66.23 94.88
CA MET FB 260 -88.69 68.14 92.23
CA HIS FB 261 -86.14 69.25 94.82
CA THR FB 262 -85.57 65.61 95.75
CA ALA FB 263 -85.30 64.60 92.10
CA LEU FB 264 -82.98 67.46 91.15
CA THR FB 265 -80.73 66.53 94.08
CA GLY FB 266 -77.42 65.17 92.85
CA ALA FB 267 -77.25 67.58 89.92
CA THR FB 268 -74.72 70.42 89.71
CA GLU FB 269 -75.73 72.84 92.46
CA ILE FB 270 -74.61 76.39 91.67
CA GLN FB 271 -74.18 79.07 94.34
CA MET FB 272 -75.43 81.62 91.83
CA SER FB 273 -75.67 84.38 94.46
CA SER FB 274 -71.96 85.24 94.04
CA GLY FB 275 -72.34 85.23 90.25
CA ASN FB 276 -72.79 82.63 87.51
CA LEU FB 277 -69.59 80.69 88.22
CA LEU FB 278 -69.64 78.45 85.18
CA PHE FB 279 -66.87 75.87 85.53
CA THR FB 280 -66.44 75.16 81.79
CA GLY FB 281 -65.72 76.94 78.53
CA HIS FB 282 -62.57 77.49 76.49
CA LEU FB 283 -61.43 81.05 75.90
CA LYS FB 284 -59.41 81.42 72.69
CA CYS FB 285 -57.21 84.46 73.17
CA ARG FB 286 -55.28 86.17 70.35
CA LEU FB 287 -52.97 89.00 71.36
CA ARG FB 288 -50.69 91.57 69.77
CA MET FB 289 -48.05 91.96 72.49
CA ASP FB 290 -45.85 94.30 70.43
CA LYS FB 291 -47.52 97.31 72.04
CA LEU FB 292 -46.42 95.88 75.39
CA GLN FB 293 -42.91 96.82 76.47
CA LEU FB 294 -40.63 96.37 79.48
CA LYS FB 295 -39.58 99.68 81.03
CA GLY FB 296 -37.16 97.75 83.23
CA MET FB 297 -35.31 95.80 80.55
CA SER FB 298 -32.45 98.13 79.61
CA TYR FB 299 -31.32 99.34 83.04
CA SER FB 300 -27.63 99.07 83.88
CA MET FB 301 -26.09 95.75 84.84
CA CYS FB 302 -26.22 95.70 88.61
CA THR FB 303 -22.96 95.80 90.54
CA GLY FB 304 -23.36 95.78 94.31
CA LYS FB 305 -23.44 92.88 96.72
CA PHE FB 306 -26.51 90.66 96.59
CA LYS FB 307 -27.84 88.22 99.20
CA VAL FB 308 -30.66 85.68 99.61
CA VAL FB 309 -33.32 85.91 102.32
CA LYS FB 310 -35.48 82.80 101.95
CA GLU FB 311 -34.38 79.45 100.55
CA ILE FB 312 -36.03 77.48 97.76
CA ALA FB 313 -39.23 75.53 98.12
CA GLU FB 314 -40.40 73.39 95.21
CA THR FB 315 -43.42 74.25 93.09
CA GLN FB 316 -45.99 71.97 91.47
CA HIS FB 317 -44.39 72.17 88.02
CA GLY FB 318 -40.96 72.25 89.64
CA THR FB 319 -39.68 75.77 89.02
CA ILE FB 320 -37.07 77.75 90.92
CA VAL FB 321 -38.61 80.67 92.78
CA ILE FB 322 -36.23 82.68 94.97
CA ARG FB 323 -36.87 85.72 97.12
CA VAL FB 324 -33.60 87.67 97.05
CA GLN FB 325 -32.50 90.91 98.69
CA TYR FB 326 -29.98 93.49 97.50
CA GLU FB 327 -27.79 95.00 100.22
CA GLY FB 328 -25.63 96.94 97.75
CA ASP FB 329 -26.34 100.18 95.89
CA GLY FB 330 -27.11 101.53 92.45
CA SER FB 331 -30.82 100.76 92.36
CA PRO FB 332 -32.50 100.57 89.87
CA CYS FB 333 -30.18 98.03 88.22
CA LYS FB 334 -30.35 94.98 85.94
CA ILE FB 335 -29.41 91.98 88.09
CA PRO FB 336 -27.18 89.22 86.64
CA PHE FB 337 -28.77 85.79 86.83
CA GLU FB 338 -27.52 82.68 85.02
CA ILE FB 339 -27.87 78.91 85.41
CA MET FB 340 -24.40 77.52 84.72
CA ASP FB 341 -22.98 74.04 84.72
CA LEU FB 342 -20.99 73.02 87.78
CA GLU FB 343 -17.79 73.84 85.84
CA LYS FB 344 -19.09 77.30 84.78
CA ARG FB 345 -18.51 76.59 81.06
CA HIS FB 346 -21.90 76.22 79.32
CA VAL FB 347 -25.46 77.23 80.23
CA LEU FB 348 -28.15 74.62 80.90
CA GLY FB 349 -31.42 76.11 82.11
CA ARG FB 350 -33.85 78.88 81.25
CA LEU FB 351 -35.12 81.87 83.24
CA ILE FB 352 -38.74 83.04 83.01
CA THR FB 353 -38.43 86.60 84.29
CA VAL FB 354 -36.53 88.10 81.37
CA ASN FB 355 -34.12 90.76 82.62
CA PRO FB 356 -35.13 90.73 86.29
CA ILE FB 357 -35.13 94.18 87.84
CA VAL FB 358 -34.54 95.62 91.31
CA THR FB 359 -35.95 99.17 91.40
CA GLU FB 360 -36.31 99.42 95.18
CA LYS FB 361 -33.91 99.25 98.10
CA ASP FB 362 -34.51 96.76 100.90
CA SER FB 363 -37.30 94.77 99.28
CA PRO FB 364 -37.79 91.10 98.41
CA VAL FB 365 -37.31 90.28 94.74
CA ASN FB 366 -38.91 87.22 93.15
CA ILE FB 367 -36.71 85.46 90.58
CA GLU FB 368 -38.17 82.62 88.52
CA ALA FB 369 -36.36 79.90 86.58
CA GLU FB 370 -36.72 76.33 85.31
CA PRO FB 371 -33.61 74.13 85.22
CA PRO FB 372 -33.48 70.71 83.60
CA PHE FB 373 -33.30 67.50 85.62
CA GLY FB 374 -29.72 67.48 86.81
CA ASP FB 375 -27.19 69.18 88.99
CA SER FB 376 -26.78 72.87 88.23
CA TYR FB 377 -25.24 76.01 89.69
CA ILE FB 378 -27.38 79.15 89.82
CA ILE FB 379 -24.72 81.86 89.51
CA ILE FB 380 -25.80 85.29 90.76
CA GLY FB 381 -23.90 88.56 90.80
CA VAL FB 382 -20.34 89.41 89.88
CA GLU FB 383 -17.19 89.12 91.97
CA PRO FB 384 -16.67 90.58 94.58
CA GLY FB 385 -19.72 88.98 96.19
CA GLN FB 386 -20.32 86.11 93.78
CA LEU FB 387 -23.17 83.82 94.81
CA LYS FB 388 -23.19 80.19 93.70
CA LEU FB 389 -26.21 78.03 94.53
CA ASN FB 390 -26.12 74.31 93.83
CA TRP FB 391 -29.45 72.81 92.84
CA PHE FB 392 -30.91 69.50 91.69
CA LYS FB 393 -34.38 68.42 90.60
CA LYS FB 394 -35.91 65.00 90.10
CA GLY FB 395 -37.50 63.48 87.01
CA SER FB 396 -36.62 62.15 83.57
CA SER FB 397 -35.91 64.44 80.63
CA ILE FB 398 -38.00 62.25 78.33
CA GLY FB 399 -40.84 62.68 80.82
CA GLN FB 400 -40.89 66.43 80.31
CA MET FB 401 -40.40 66.02 76.55
CA ILE FB 402 -43.46 63.79 76.13
CA GLU FB 403 -45.49 65.82 78.63
CA THR FB 404 -44.81 69.19 76.99
CA THR FB 405 -45.17 67.85 73.45
CA MET FB 406 -48.50 66.14 74.13
CA ARG FB 407 -49.78 69.14 76.08
CA GLY FB 408 -48.91 71.45 73.19
CA ALA FB 409 -50.45 69.02 70.71
CA LYS FB 410 -53.73 69.03 72.63
CA ARG FB 411 -53.51 72.81 72.95
CA MET FB 412 -53.13 73.19 69.19
CA ALA FB 413 -55.87 70.62 68.52
CA ILE FB 414 -58.37 72.59 70.60
CA LEU FB 415 -56.79 75.82 69.28
CA GLY FB 416 -57.20 74.35 65.82
CA ASP FB 417 -59.80 74.71 63.08
CA THR FB 418 -60.88 78.34 62.57
CA ALA FB 419 -58.18 79.34 65.12
CA TRP FB 420 -54.68 79.16 63.64
CA ASP FB 421 -54.09 81.62 60.82
CA PHE FB 422 -54.57 79.77 57.53
CA GLY FB 423 -56.55 82.41 55.62
CA SER FB 424 -54.07 85.25 56.17
CA LEU FB 425 -51.73 85.40 53.19
CA GLY FB 426 -48.08 86.23 53.85
CA GLY FB 427 -48.31 85.01 57.43
CA VAL FB 428 -49.03 81.45 56.28
CA PHE FB 429 -45.37 80.48 56.65
CA THR FB 430 -45.35 82.24 60.03
CA SER FB 431 -48.54 80.43 61.06
CA ILE FB 432 -47.18 76.99 60.19
CA GLY FB 433 -43.97 77.96 61.99
CA LYS FB 434 -46.04 78.78 65.07
CA ALA FB 435 -47.89 75.47 64.81
CA LEU FB 436 -44.73 73.40 64.32
CA HIS FB 437 -43.34 75.23 67.33
CA GLN FB 438 -46.35 74.46 69.51
CA VAL FB 439 -45.90 70.73 68.71
CA PHE FB 440 -42.16 70.05 68.19
CA GLY FB 441 -40.48 73.00 69.91
CA ALA FB 442 -39.80 71.11 73.10
CA ILE FB 443 -37.79 68.63 71.04
CA TYR FB 444 -36.14 71.41 69.06
CA GLY FB 445 -35.06 73.60 71.97
CA ALA FB 446 -34.35 70.94 74.61
CA ALA FB 447 -33.21 67.74 72.90
CA PHE FB 448 -31.35 69.37 70.00
CA SER FB 449 -28.48 71.17 71.73
CA GLY FB 450 -30.32 74.10 73.38
CA VAL FB 451 -29.31 75.61 70.95
CA SER FB 452 -26.66 77.65 69.13
CA TRP FB 453 -28.88 78.37 66.13
CA ILE FB 454 -26.24 78.96 63.44
CA MET FB 455 -24.40 75.67 63.82
CA LYS FB 456 -27.57 73.64 64.27
CA ILE FB 457 -29.08 75.03 61.07
CA LEU FB 458 -25.81 74.09 59.38
CA ILE FB 459 -26.37 70.57 60.72
CA GLY FB 460 -29.97 70.86 59.54
CA VAL FB 461 -29.01 71.60 55.96
CA ILE FB 462 -26.47 68.77 56.22
CA ILE FB 463 -29.19 66.28 57.22
CA THR FB 464 -31.44 67.63 54.45
CA TRP FB 465 -28.66 67.10 51.90
CA ILE FB 466 -28.05 63.56 53.14
CA GLY FB 467 -31.79 62.85 53.09
CA MET FB 468 -32.41 64.05 49.55
CA ASN FB 469 -29.44 62.02 48.24
CA SER FB 470 -30.33 58.94 50.30
CA ARG FB 471 -30.43 55.27 49.34
CA SER FB 472 -34.17 55.10 50.15
CA THR FB 473 -37.06 57.44 49.38
CA SER FB 474 -38.88 56.58 52.61
CA LEU FB 475 -35.85 57.71 54.62
CA SER FB 476 -35.56 60.75 52.34
CA VAL FB 477 -39.10 61.81 53.20
CA SER FB 478 -38.62 60.96 56.88
CA LEU FB 479 -35.39 62.98 57.19
CA VAL FB 480 -35.81 66.01 54.93
CA LEU FB 481 -39.09 66.83 56.69
CA VAL FB 482 -37.27 67.00 60.02
CA GLY FB 483 -34.45 68.98 58.42
CA VAL FB 484 -36.71 71.62 56.92
CA VAL FB 485 -38.56 71.72 60.25
CA THR FB 486 -35.22 72.38 61.93
CA LEU FB 487 -34.24 75.12 59.49
CA TYR FB 488 -37.57 76.97 59.50
CA LEU FB 489 -37.99 76.73 63.27
CA GLY FB 490 -34.41 77.96 63.69
CA VAL FB 491 -35.25 80.98 61.60
CA MET FB 492 -38.33 81.29 63.82
CA VAL FB 493 -36.82 80.63 67.29
CA GLN FB 494 -34.21 83.27 66.46
CA ALA FB 495 -37.18 85.65 66.73
CA PHE GB 1 -122.20 45.47 123.02
CA HIS GB 2 -120.01 47.59 125.30
CA LEU GB 3 -120.01 51.14 123.93
CA THR GB 4 -117.08 53.56 123.86
CA THR GB 5 -115.93 56.38 121.56
CA ARG GB 6 -113.06 56.60 119.09
CA ASN GB 7 -112.24 59.33 116.57
CA GLY GB 8 -115.30 61.16 117.84
CA GLU GB 9 -117.62 58.30 116.83
CA PRO GB 10 -119.44 55.62 118.84
CA HIS GB 11 -117.82 52.20 119.01
CA MET GB 12 -119.87 49.23 120.26
CA ILE GB 13 -118.19 45.85 120.81
CA VAL GB 14 -120.69 43.04 120.30
CA SER GB 15 -120.38 39.40 121.28
CA ARG GB 16 -122.33 36.15 121.14
CA GLN GB 17 -124.54 37.32 124.04
CA GLU GB 18 -126.33 39.49 121.46
CA LYS GB 19 -125.95 37.62 118.17
CA GLY GB 20 -128.07 38.00 115.06
CA LYS GB 21 -130.46 40.38 116.83
CA SER GB 22 -131.32 44.05 116.51
CA LEU GB 23 -128.84 46.26 118.35
CA LEU GB 24 -130.52 49.06 120.29
CA PHE GB 25 -129.18 52.04 122.24
CA LYS GB 26 -130.03 55.52 123.47
CA THR GB 27 -127.32 58.10 122.75
CA GLU GB 28 -127.07 61.87 122.40
CA ASP GB 29 -127.99 61.54 118.73
CA GLY GB 30 -131.18 59.74 119.75
CA VAL GB 31 -132.66 56.24 119.57
CA ASN GB 32 -129.92 54.23 117.83
CA MET GB 33 -131.43 51.18 116.10
CA CYS GB 34 -128.63 49.24 114.40
CA THR GB 35 -128.95 45.98 112.50
CA LEU GB 36 -125.82 43.82 112.59
CA MET GB 37 -126.58 41.60 109.62
CA ALA GB 38 -123.01 40.27 109.43
CA MET GB 39 -121.85 36.66 109.07
CA ASP GB 40 -118.76 35.61 111.01
CA LEU GB 41 -119.97 36.92 114.37
CA GLY GB 42 -119.25 34.14 116.85
CA GLU GB 43 -118.05 34.29 120.43
CA LEU GB 44 -115.58 37.09 121.11
CA CYS GB 45 -112.01 36.52 119.95
CA GLU GB 46 -108.71 38.33 119.37
CA ASP GB 47 -109.14 38.56 115.58
CA THR GB 48 -110.83 41.93 116.02
CA ILE GB 49 -112.66 42.72 112.79
CA THR GB 50 -114.08 46.25 112.74
CA TYR GB 51 -116.71 47.95 110.62
CA LYS GB 52 -118.43 51.22 109.83
CA CYS GB 53 -122.17 50.89 110.05
CA PRO GB 54 -123.03 53.80 107.71
CA PHE GB 55 -125.69 56.42 108.26
CA LEU GB 56 -128.74 55.45 106.20
CA LYS GB 57 -131.91 57.50 106.60
CA GLN GB 58 -134.64 55.72 104.61
CA ASN GB 59 -133.06 54.24 101.47
CA GLU GB 60 -132.84 50.58 100.43
CA PRO GB 61 -129.78 49.00 102.10
CA GLU GB 62 -127.64 46.68 100.00
CA ASP GB 63 -124.07 45.40 99.83
CA ILE GB 64 -123.53 46.22 103.52
CA ASP GB 65 -122.80 44.10 106.57
CA CYS GB 66 -124.19 46.37 109.30
CA TRP GB 67 -126.18 49.58 109.32
CA CYS GB 68 -127.89 52.05 111.65
CA ASN GB 69 -130.88 54.30 111.01
CA SER GB 70 -129.61 57.04 113.36
CA THR GB 71 -125.96 57.80 112.63
CA SER GB 72 -122.72 56.31 111.39
CA THR GB 73 -120.97 54.19 113.99
CA TRP GB 74 -118.17 51.71 114.61
CA VAL GB 75 -118.80 48.07 115.43
CA THR GB 76 -116.31 45.29 116.14
CA TYR GB 77 -116.21 41.61 116.97
CA GLY GB 78 -114.12 38.44 116.79
CA THR GB 79 -113.90 35.59 114.31
CA CYS GB 80 -112.48 32.49 116.03
CA THR GB 81 -114.59 29.36 116.40
CA THR GB 82 -116.20 28.15 119.63
CA THR GB 83 -113.40 25.82 120.72
CA GLY GB 84 -110.67 28.39 120.00
CA GLU GB 85 -108.45 28.74 116.95
CA HIS GB 86 -106.94 31.39 114.70
CA ARG GB 87 -109.30 31.03 111.71
CA ARG GB 88 -110.19 28.66 108.86
CA GLU GB 89 -107.27 26.71 107.37
CA LYS GB 90 -106.16 26.93 103.73
CA ARG GB 91 -103.28 25.64 101.62
CA SER GB 92 -101.47 27.92 99.19
CA VAL GB 93 -98.06 29.33 98.07
CA ALA GB 94 -96.20 27.63 95.22
CA LEU GB 95 -92.64 26.46 95.89
CA VAL GB 96 -90.31 23.53 95.27
CA PRO GB 97 -86.49 23.25 95.49
CA HIS GB 98 -83.91 21.56 93.37
CA VAL GB 99 -83.24 17.91 94.23
CA GLY GB 100 -80.00 17.25 95.98
CA MET GB 101 -76.75 15.42 95.40
CA GLY GB 102 -75.27 12.98 97.89
CA LEU GB 103 -73.14 9.86 98.46
CA GLU GB 104 -71.84 10.12 94.87
CA THR GB 105 -69.06 12.77 94.87
CA ARG GB 106 -68.04 14.72 91.76
CA THR GB 107 -64.80 13.24 90.33
CA GLU GB 108 -64.18 10.56 87.69
CA THR GB 109 -63.45 7.40 89.72
CA TRP GB 110 -64.85 4.06 91.01
CA MET GB 111 -64.83 2.14 87.68
CA SER GB 112 -68.65 1.92 87.96
CA SER GB 113 -70.91 1.39 84.96
CA GLU GB 114 -72.80 4.65 85.49
CA GLY GB 115 -69.61 6.60 86.14
CA ALA GB 116 -67.81 4.93 83.24
CA TRP GB 117 -70.60 5.58 80.72
CA LYS GB 118 -71.50 9.08 81.97
CA HIS GB 119 -68.57 10.65 80.13
CA ALA GB 120 -69.42 8.93 76.84
CA GLN GB 121 -73.12 9.74 77.22
CA ARG GB 122 -72.27 13.41 77.80
CA ILE GB 123 -69.93 13.41 74.79
CA GLU GB 124 -72.62 12.04 72.48
CA THR GB 125 -75.23 14.38 73.96
CA TRP GB 126 -72.91 17.31 73.25
CA ILE GB 127 -72.33 16.02 69.72
CA LEU GB 128 -76.07 15.75 69.11
CA ARG GB 129 -76.62 19.24 70.53
CA HIS GB 130 -73.54 20.64 68.70
CA PRO GB 131 -73.55 19.38 65.10
CA GLY GB 132 -71.80 22.52 63.82
CA PHE GB 133 -68.81 22.17 66.14
CA THR GB 134 -68.61 18.49 65.23
CA ILE GB 135 -68.49 19.37 61.52
CA MET GB 136 -65.89 22.06 62.18
CA ALA GB 137 -63.70 19.61 64.11
CA ALA GB 138 -64.06 17.06 61.32
CA ILE GB 139 -62.99 19.66 58.74
CA LEU GB 140 -59.97 20.65 60.84
CA ALA GB 141 -59.02 16.98 61.21
CA TYR GB 142 -59.33 16.51 57.45
CA THR GB 143 -57.14 19.51 56.65
CA ILE GB 144 -54.45 18.89 59.28
CA GLY GB 145 -54.58 15.10 59.00
CA THR GB 146 -52.42 13.54 56.30
CA THR GB 147 -53.45 9.95 57.15
CA HIS GB 148 -56.92 8.56 57.81
CA PHE GB 149 -55.80 7.22 61.20
CA GLN GB 150 -54.49 10.65 62.22
CA ARG GB 151 -57.70 12.16 60.82
CA ALA GB 152 -59.92 9.97 63.01
CA LEU GB 153 -57.69 10.32 66.07
CA ILE GB 154 -57.65 14.12 65.84
CA PHE GB 155 -61.41 14.25 65.24
CA ILE GB 156 -62.05 12.08 68.31
CA LEU GB 157 -59.62 14.15 70.39
CA LEU GB 158 -61.28 17.43 69.40
CA THR GB 159 -64.81 16.10 70.00
CA ALA GB 160 -63.77 14.75 73.42
CA VAL GB 161 -61.76 17.79 74.54
CA ALA GB 162 -64.11 20.61 73.44
CA PRO GB 163 -66.85 19.75 76.00
CA SER GB 164 -64.38 19.21 78.84
CA MET GB 165 -63.36 22.87 78.65
CA THR GB 166 -66.92 23.89 79.57
CA PHE HB 1 -144.22 32.37 102.31
CA HIS HB 2 -145.79 29.15 100.99
CA LEU HB 3 -145.00 26.09 103.09
CA THR HB 4 -144.91 23.51 100.28
CA THR HB 5 -143.58 19.94 100.22
CA ARG HB 6 -140.56 20.33 97.95
CA ASN HB 7 -138.33 17.26 97.53
CA GLY HB 8 -140.43 15.75 100.33
CA GLU HB 9 -139.45 18.41 102.88
CA PRO HB 10 -140.84 21.79 103.99
CA HIS HB 11 -140.07 24.60 101.57
CA MET HB 12 -140.57 28.37 101.96
CA ILE HB 13 -140.37 31.36 99.61
CA VAL HB 14 -139.45 34.52 101.53
CA SER HB 15 -139.59 37.84 99.70
CA ARG HB 16 -138.35 41.35 100.50
CA GLN HB 17 -141.66 42.73 101.82
CA GLU HB 18 -140.42 41.48 105.20
CA LYS HB 19 -136.67 41.43 105.80
CA GLY HB 20 -134.14 41.16 108.60
CA LYS HB 21 -136.73 39.57 110.90
CA SER HB 22 -137.40 36.05 112.09
CA LEU HB 23 -140.21 34.26 110.28
CA LEU HB 24 -142.95 32.32 112.07
CA PHE HB 25 -144.98 29.41 110.71
CA LYS HB 26 -146.63 26.11 111.60
CA THR HB 27 -145.71 22.48 110.90
CA GLU HB 28 -146.68 19.06 112.23
CA ASP HB 29 -144.05 19.45 114.96
CA GLY HB 30 -145.62 22.73 116.11
CA VAL HB 31 -144.89 26.42 115.78
CA ASN HB 32 -141.49 27.08 114.20
CA MET HB 33 -139.64 30.40 114.30
CA CYS HB 34 -136.97 30.65 111.60
CA THR HB 35 -133.86 32.83 111.51
CA LEU HB 36 -132.60 34.19 108.18
CA MET HB 37 -129.23 35.95 108.37
CA ALA HB 38 -128.81 36.09 104.58
CA MET HB 39 -127.47 39.60 104.03
CA ASP HB 40 -127.65 39.63 100.21
CA LEU HB 41 -131.44 39.41 100.04
CA GLY HB 42 -133.63 41.16 97.48
CA GLU HB 43 -137.19 40.89 96.20
CA LEU HB 44 -138.59 37.81 94.50
CA CYS HB 45 -137.85 37.45 90.79
CA GLU HB 46 -136.55 34.83 88.37
CA ASP HB 47 -133.07 34.66 89.94
CA THR HB 48 -134.19 32.42 92.78
CA ILE HB 49 -131.47 31.28 95.17
CA THR HB 50 -132.44 28.29 97.32
CA TYR HB 51 -131.24 26.78 100.63
CA LYS HB 52 -131.79 23.69 102.76
CA CYS HB 53 -132.06 25.35 106.17
CA PRO HB 54 -130.40 23.17 108.84
CA PHE HB 55 -131.67 22.20 112.28
CA LEU HB 56 -129.90 23.49 115.39
CA LYS HB 57 -130.80 22.62 118.98
CA GLN HB 58 -128.49 24.63 121.27
CA ASN HB 59 -125.11 25.02 119.53
CA GLU HB 60 -123.93 28.45 118.47
CA PRO HB 61 -125.02 29.27 114.89
CA GLU HB 62 -121.77 29.77 112.97
CA ASP HB 63 -121.06 30.42 109.29
CA ILE HB 64 -124.69 29.80 108.24
CA ASP HB 65 -127.54 32.06 107.22
CA CYS HB 66 -130.63 30.11 108.20
CA TRP HB 67 -131.57 28.14 111.29
CA CYS HB 68 -134.60 27.16 113.37
CA ASN HB 69 -135.16 25.55 116.79
CA SER HB 70 -137.10 22.40 115.82
CA THR HB 71 -136.58 21.24 112.25
CA SER HB 72 -134.83 21.76 108.91
CA THR HB 73 -136.47 23.19 105.81
CA TRP HB 74 -135.87 24.77 102.38
CA VAL HB 75 -135.84 28.59 102.29
CA THR HB 76 -135.54 30.43 98.96
CA TYR HB 77 -135.61 34.02 97.78
CA GLY HB 78 -134.86 36.30 94.88
CA THR HB 79 -131.81 38.50 94.44
CA CYS HB 80 -132.97 41.19 92.00
CA THR HB 81 -132.06 44.75 92.93
CA THR HB 82 -134.52 47.63 93.23
CA THR HB 83 -134.86 48.01 89.46
CA GLY HB 84 -135.85 44.33 89.31
CA GLU HB 85 -132.84 43.20 87.26
CA HIS HB 86 -130.43 40.29 87.67
CA ARG HB 87 -126.98 40.34 89.25
CA ARG HB 88 -124.51 42.83 87.84
CA GLU HB 89 -120.72 43.16 87.75
CA LYS HB 90 -117.75 43.40 85.36
CA ARG HB 91 -115.35 42.47 83.83
CA SER HB 92 -113.98 39.31 82.21
CA VAL HB 93 -111.13 38.94 79.72
CA ALA HB 94 -111.04 38.40 75.95
CA LEU HB 95 -107.83 37.98 73.99
CA VAL HB 96 -107.01 41.10 71.98
CA PRO HB 97 -107.29 40.35 68.23
CA HIS HB 98 -105.05 41.41 65.37
CA VAL HB 99 -104.49 40.77 61.66
CA GLY HB 100 -102.56 37.85 60.19
CA MET HB 101 -101.83 34.46 61.74
CA GLY HB 102 -98.92 34.62 64.16
CA LEU HB 103 -97.46 31.11 64.49
CA GLU HB 104 -93.71 31.61 64.57
CA THR HB 105 -92.95 32.49 68.22
CA ARG HB 106 -93.57 30.55 71.43
CA THR HB 107 -91.75 29.63 74.64
CA GLU HB 108 -89.63 31.96 76.79
CA THR HB 109 -85.86 32.34 76.78
CA TRP HB 110 -83.05 30.86 78.85
CA MET HB 111 -80.61 33.74 79.22
CA SER HB 112 -77.31 31.84 79.19
CA SER HB 113 -78.00 29.36 76.40
CA GLU HB 114 -79.78 31.83 74.15
CA GLY HB 115 -77.07 34.44 74.73
CA ALA HB 116 -74.47 31.85 73.74
CA TRP HB 117 -76.42 30.84 70.61
CA LYS HB 118 -77.44 34.40 69.66
CA HIS HB 119 -74.47 34.73 67.30
CA ALA HB 120 -75.11 31.37 65.64
CA GLN HB 121 -78.81 32.11 65.13
CA ARG HB 122 -78.24 35.74 64.10
CA ILE HB 123 -75.75 34.85 61.36
CA GLU HB 124 -78.24 32.36 59.92
CA THR HB 125 -81.20 34.73 60.03
CA TRP HB 126 -79.17 37.56 58.53
CA ILE HB 127 -77.54 35.49 55.79
CA LEU HB 128 -80.95 34.12 54.83
CA ARG HB 129 -82.71 37.50 54.93
CA HIS HB 130 -80.22 39.25 52.59
CA PRO HB 131 -79.35 37.04 49.59
CA GLY HB 132 -78.17 40.12 47.70
CA PHE HB 133 -75.38 40.78 50.17
CA THR HB 134 -74.67 37.04 50.09
CA ILE HB 135 -74.02 37.37 46.36
CA MET HB 136 -71.83 40.46 46.71
CA ALA HB 137 -69.78 38.96 49.56
CA ALA HB 138 -69.36 35.74 47.60
CA ILE HB 139 -68.17 37.64 44.51
CA LEU HB 140 -65.71 39.72 46.53
CA ALA HB 141 -64.34 36.59 48.21
CA TYR HB 142 -64.05 34.87 44.83
CA THR HB 143 -62.04 37.75 43.39
CA ILE HB 144 -59.77 38.45 46.36
CA GLY HB 145 -59.00 34.90 47.45
CA THR HB 146 -56.21 33.48 45.29
CA THR HB 147 -56.76 29.85 46.35
CA HIS HB 148 -59.87 28.06 47.53
CA PHE HB 149 -59.44 28.23 51.30
CA GLN HB 150 -58.64 31.94 51.24
CA ARG HB 151 -61.89 32.45 49.33
CA ALA HB 152 -63.90 30.44 51.86
CA LEU HB 153 -62.18 32.18 54.78
CA ILE HB 154 -62.90 35.68 53.50
CA PHE HB 155 -66.48 34.64 52.72
CA ILE HB 156 -67.19 33.28 56.20
CA LEU HB 157 -65.50 36.24 57.94
CA LEU HB 158 -67.58 38.77 56.00
CA THR HB 159 -70.77 36.79 56.63
CA ALA HB 160 -69.97 36.84 60.35
CA VAL HB 161 -69.02 40.53 60.34
CA ALA HB 162 -72.10 41.81 58.51
CA PRO HB 163 -74.66 41.18 61.30
CA SER HB 164 -72.27 42.51 63.95
CA MET HB 165 -71.93 46.01 62.46
CA THR HB 166 -75.73 46.28 62.41
CA PHE IB 1 -128.82 80.41 100.50
CA HIS IB 2 -127.82 83.47 98.43
CA LEU IB 3 -129.63 83.50 95.07
CA THR IB 4 -128.34 85.20 91.91
CA THR IB 5 -129.29 85.05 88.23
CA ARG IB 6 -126.55 83.74 85.93
CA ASN IB 7 -127.02 82.41 82.39
CA GLY IB 8 -130.75 82.99 82.74
CA GLU IB 9 -130.90 80.46 85.61
CA PRO IB 10 -130.71 80.76 89.41
CA HIS IB 11 -127.35 80.28 91.12
CA MET IB 12 -127.35 79.33 94.82
CA ILE IB 13 -124.42 80.06 97.13
CA VAL IB 14 -124.43 77.98 100.31
CA SER IB 15 -122.06 77.99 103.29
CA ARG IB 16 -121.41 75.47 106.03
CA GLN IB 17 -123.41 77.62 108.45
CA GLU IB 18 -126.41 75.71 107.03
CA LYS IB 19 -124.53 72.41 106.76
CA GLY IB 20 -126.47 69.17 107.05
CA LYS IB 21 -129.91 70.72 106.59
CA SER IB 22 -132.30 70.62 103.66
CA LEU IB 23 -132.30 73.56 101.26
CA LEU IB 24 -135.57 75.37 102.03
CA PHE IB 25 -136.57 78.83 100.80
CA LYS IB 26 -139.35 80.64 98.95
CA THR IB 27 -139.36 82.47 95.60
CA GLU IB 28 -141.84 83.30 92.86
CA ASP IB 29 -141.07 80.03 91.06
CA GLY IB 30 -142.94 78.23 93.84
CA VAL IB 31 -142.30 76.35 97.07
CA ASN IB 32 -138.73 75.38 96.20
CA MET IB 33 -138.10 72.46 98.50
CA CYS IB 34 -134.57 71.18 97.85
CA THR IB 35 -131.84 69.11 99.46
CA LEU IB 36 -128.04 68.96 99.52
CA MET IB 37 -126.70 65.57 100.52
CA ALA IB 38 -122.99 65.18 99.72
CA MET IB 39 -120.54 65.73 102.58
CA ASP IB 40 -117.79 67.32 100.49
CA LEU IB 41 -118.88 70.75 101.78
CA GLY IB 42 -116.24 72.94 103.35
CA GLU IB 43 -116.36 76.41 104.84
CA LEU IB 44 -116.81 79.53 102.74
CA CYS IB 45 -113.57 80.28 100.90
CA GLU IB 46 -112.32 81.02 97.39
CA ASP IB 47 -112.43 77.38 96.24
CA THR IB 48 -115.91 77.62 94.77
CA ILE IB 49 -117.48 74.47 93.32
CA THR IB 50 -120.75 74.52 91.37
CA TYR IB 51 -123.64 72.22 90.40
CA LYS IB 52 -126.93 72.09 88.60
CA CYS IB 53 -129.65 70.61 90.80
CA PRO IB 54 -132.16 68.72 88.62
CA PHE IB 55 -135.94 68.92 88.81
CA LEU IB 56 -138.09 66.08 90.12
CA LYS IB 57 -140.87 64.61 88.02
CA GLN IB 58 -141.45 61.24 89.73
CA ASN IB 59 -138.10 59.55 90.42
CA GLU IB 60 -136.45 58.99 93.77
CA PRO IB 61 -133.42 61.26 94.36
CA GLU IB 62 -130.55 59.48 92.68
CA ASP IB 63 -127.33 60.06 90.69
CA ILE IB 64 -126.94 63.70 91.84
CA ASP IB 65 -125.61 65.13 95.09
CA CYS IB 66 -128.29 67.83 95.15
CA TRP IB 67 -132.00 67.36 94.48
CA CYS IB 68 -134.71 70.00 94.02
CA ASN IB 69 -138.35 69.31 93.18
CA SER IB 70 -139.78 72.67 92.04
CA THR IB 71 -137.34 74.19 89.53
CA SER IB 72 -133.83 73.35 88.33
CA THR IB 73 -131.28 75.56 90.05
CA TRP IB 74 -127.50 75.78 90.35
CA VAL IB 75 -125.97 75.27 93.79
CA THR IB 76 -122.38 76.24 94.55
CA TYR IB 77 -120.37 76.21 97.77
CA GLY IB 78 -116.90 75.89 99.26
CA THR IB 79 -114.77 72.76 99.58
CA CYS IB 80 -111.59 73.80 101.37
CA THR IB 81 -110.73 71.92 104.55
CA THR IB 82 -111.53 73.46 107.92
CA THR IB 83 -107.98 74.82 108.33
CA GLY IB 84 -108.45 77.20 105.37
CA GLU IB 85 -106.32 75.07 103.02
CA HIS IB 86 -107.30 74.04 99.50
CA ARG IB 87 -107.72 70.38 98.66
CA ARG IB 88 -104.60 68.54 97.58
CA GLU IB 89 -103.15 65.06 97.06
CA LYS IB 90 -99.68 63.80 97.89
CA ARG IB 91 -99.05 62.18 94.50
CA SER IB 92 -96.06 63.55 92.60
CA VAL IB 93 -94.55 63.48 89.09
CA ALA IB 94 -90.92 63.93 88.02
CA LEU IB 95 -88.09 61.97 86.38
CA VAL IB 96 -84.41 61.08 86.78
CA PRO IB 97 -82.05 64.07 86.19
CA HIS IB 98 -78.68 62.34 86.72
CA VAL IB 99 -77.30 61.44 83.27
CA GLY IB 100 -78.41 62.44 79.79
CA MET IB 101 -76.40 63.45 76.71
CA GLY IB 102 -77.03 62.29 73.14
CA LEU IB 103 -75.26 64.58 70.66
CA GLU IB 104 -73.64 67.98 71.25
CA THR IB 105 -70.70 70.28 70.55
CA ARG IB 106 -69.31 72.21 67.66
CA THR IB 107 -69.33 70.49 64.27
CA GLU IB 108 -65.85 69.53 62.99
CA THR IB 109 -63.01 69.79 65.53
CA TRP IB 110 -65.20 67.82 67.90
CA MET IB 111 -65.95 65.41 65.06
CA SER IB 112 -62.27 64.83 64.27
CA SER IB 113 -61.06 64.73 67.88
CA GLU IB 114 -63.84 62.56 69.30
CA GLY IB 115 -63.70 60.29 66.25
CA ALA IB 116 -59.99 59.74 66.82
CA TRP IB 117 -60.45 59.19 70.56
CA LYS IB 118 -63.57 57.02 70.34
CA HIS IB 119 -62.01 54.82 67.67
CA ALA IB 120 -58.79 54.68 69.71
CA GLN IB 121 -60.56 53.63 72.91
CA ARG IB 122 -62.90 51.21 71.12
CA ILE IB 123 -60.08 49.45 69.27
CA GLU IB 124 -57.86 49.57 72.36
CA THR IB 125 -60.56 47.96 74.48
CA TRP IB 126 -61.00 45.29 71.80
CA ILE IB 127 -57.22 44.70 71.90
CA LEU IB 128 -56.90 44.55 75.71
CA ARG IB 129 -60.35 43.27 76.70
CA HIS IB 130 -59.64 40.30 74.38
CA PRO IB 131 -55.88 40.18 73.70
CA GLY IB 132 -55.04 36.65 72.60
CA PHE IB 133 -57.34 36.77 69.58
CA THR IB 134 -55.36 39.78 68.39
CA ILE IB 135 -51.91 38.17 68.45
CA MET IB 136 -53.17 34.87 67.02
CA ALA IB 137 -54.89 36.75 64.18
CA ALA IB 138 -51.75 38.81 63.55
CA ILE IB 139 -49.49 35.77 63.27
CA LEU IB 140 -52.09 33.92 61.19
CA ALA IB 141 -52.27 36.83 58.75
CA TYR IB 142 -48.49 37.20 58.58
CA THR IB 143 -48.22 33.48 57.78
CA ILE IB 144 -51.15 33.16 55.36
CA GLY IB 145 -51.71 36.44 53.53
CA THR IB 146 -49.78 36.64 50.28
CA THR IB 147 -49.40 40.44 50.15
CA HIS IB 148 -49.12 43.01 52.91
CA PHE IB 149 -52.47 44.43 51.77
CA GLN IB 150 -54.02 40.96 52.01
CA ARG IB 151 -52.43 40.37 55.42
CA ALA IB 152 -53.77 43.74 56.57
CA LEU IB 153 -57.25 42.71 55.49
CA ILE IB 154 -56.88 39.37 57.28
CA PHE IB 155 -55.86 40.50 60.74
CA ILE IB 156 -57.79 43.79 60.76
CA LEU IB 157 -60.97 41.87 59.90
CA LEU IB 158 -60.22 39.15 62.46
CA THR IB 159 -59.59 41.74 65.17
CA ALA IB 160 -62.84 43.46 64.18
CA VAL IB 161 -64.99 40.32 64.31
CA ALA IB 162 -63.52 38.22 67.14
CA PRO IB 163 -64.14 40.56 70.13
CA SER IB 164 -67.69 41.15 68.90
CA MET IB 165 -68.02 37.39 68.41
CA THR IB 166 -66.53 36.76 71.85
CA MET JB 1 -28.39 -126.60 7.73
CA ARG JB 2 -25.12 -128.52 7.87
CA CYS JB 3 -22.58 -126.03 9.15
CA ILE JB 4 -22.66 -125.78 12.94
CA GLY JB 5 -19.43 -125.48 14.92
CA ILE JB 6 -17.30 -124.40 11.96
CA SER JB 7 -15.61 -121.22 13.14
CA ASN JB 8 -15.38 -119.52 9.73
CA ARG JB 9 -19.01 -119.07 8.71
CA ASP JB 10 -19.17 -116.36 6.04
CA PHE JB 11 -22.35 -114.53 5.12
CA VAL JB 12 -23.91 -113.00 2.00
CA GLU JB 13 -26.65 -110.67 3.29
CA GLY JB 14 -28.54 -109.92 0.10
CA VAL JB 15 -28.88 -110.46 -3.64
CA SER JB 16 -29.34 -108.31 -6.75
CA GLY JB 17 -31.13 -108.74 -10.06
CA GLY JB 18 -28.11 -110.22 -11.82
CA SER JB 19 -27.63 -112.66 -8.92
CA TRP JB 20 -24.12 -113.47 -10.19
CA VAL JB 21 -22.73 -113.88 -6.70
CA ASP JB 22 -19.07 -114.94 -6.67
CA ILE JB 23 -18.70 -116.88 -3.44
CA VAL JB 24 -15.37 -117.24 -1.69
CA LEU JB 25 -14.65 -120.66 -0.24
CA GLU JB 26 -11.80 -122.08 1.83
CA HIS JB 27 -10.90 -125.19 3.80
CA GLY JB 28 -12.74 -125.51 7.09
CA SER JB 29 -15.05 -122.58 6.37
CA CYS JB 30 -18.72 -122.61 5.37
CA VAL JB 31 -20.70 -120.00 3.46
CA THR JB 32 -24.34 -118.92 3.71
CA THR JB 33 -26.15 -117.37 0.76
CA MET JB 34 -29.25 -115.26 1.28
CA ALA JB 35 -31.71 -114.11 -1.36
CA LYS JB 36 -34.90 -112.08 -1.11
CA ASN JB 37 -37.80 -114.57 -1.18
CA LYS JB 38 -35.58 -117.27 -2.69
CA PRO JB 39 -34.25 -120.48 -1.09
CA THR JB 40 -31.31 -119.86 1.21
CA LEU JB 41 -28.24 -121.99 0.54
CA ASP JB 42 -25.26 -123.34 2.46
CA PHE JB 43 -22.06 -123.97 0.49
CA GLU JB 44 -19.03 -125.99 1.56
CA LEU JB 45 -16.12 -127.94 0.14
CA ILE JB 46 -16.11 -131.32 1.86
CA LYS JB 47 -13.03 -132.89 0.26
CA THR JB 48 -10.15 -131.72 -1.93
CA GLU JB 49 -8.45 -134.44 -3.97
CA ALA JB 50 -6.07 -134.58 -6.93
CA LYS JB 51 -6.98 -137.86 -8.58
CA GLN JB 52 -4.40 -139.74 -10.64
CA PRO JB 53 -1.31 -137.86 -9.39
CA ALA JB 54 1.94 -138.09 -11.32
CA THR JB 55 5.09 -139.75 -9.97
CA LEU JB 56 8.27 -137.65 -9.75
CA ARG JB 57 10.99 -139.69 -8.06
CA LYS JB 58 11.11 -142.67 -5.70
CA TYR JB 59 13.39 -142.84 -2.66
CA CYS JB 60 14.75 -145.99 -1.03
CA ILE JB 61 14.20 -146.77 2.64
CA GLU JB 62 15.32 -150.34 3.50
CA ALA JB 63 18.25 -152.00 1.77
CA LYS JB 64 18.68 -155.70 1.21
CA LEU JB 65 22.04 -156.62 -0.31
CA THR JB 66 23.91 -159.67 -1.57
CA ASN JB 67 26.76 -160.91 -3.75
CA THR JB 68 29.22 -158.66 -1.92
CA THR JB 69 32.81 -159.33 -3.00
CA THR JB 70 36.29 -157.98 -2.34
CA ASP JB 71 38.89 -158.41 -5.08
CA SER JB 72 42.40 -157.05 -4.94
CA ARG JB 73 45.84 -157.23 -6.53
CA CYS JB 74 49.35 -156.79 -5.21
CA PRO JB 75 50.78 -153.25 -5.40
CA THR JB 76 52.18 -152.45 -8.86
CA GLN JB 77 49.52 -154.61 -10.59
CA GLY JB 78 46.73 -152.06 -11.04
CA GLU JB 79 43.45 -152.31 -9.17
CA PRO JB 80 41.59 -155.28 -10.67
CA SER JB 81 38.62 -154.95 -13.00
CA LEU JB 82 35.53 -157.04 -12.30
CA ASN JB 83 32.55 -158.25 -14.26
CA GLU JB 84 30.66 -157.26 -11.10
CA GLU JB 85 31.45 -153.56 -11.28
CA GLN JB 86 30.57 -152.87 -14.92
CA ASP JB 87 26.80 -153.16 -14.30
CA LYS JB 88 24.71 -150.39 -12.73
CA ARG JB 89 22.71 -153.05 -10.86
CA PHE JB 90 25.49 -153.09 -8.23
CA VAL JB 91 27.06 -150.44 -6.00
CA CYS JB 92 30.82 -150.18 -5.75
CA LYS JB 93 34.01 -148.47 -4.74
CA HIS JB 94 37.78 -148.67 -5.13
CA SER JB 95 40.09 -148.07 -2.20
CA MET JB 96 43.76 -148.11 -1.21
CA VAL JB 97 45.20 -150.26 1.58
CA ASP JB 98 48.70 -151.10 2.82
CA ARG JB 99 49.20 -154.76 1.97
CA GLY JB 100 52.18 -155.96 3.99
CA TRP JB 101 54.89 -158.48 3.18
CA GLY JB 102 53.18 -161.28 5.08
CA ASN JB 103 49.88 -160.53 3.39
CA GLY JB 104 49.84 -162.93 0.47
CA CYS JB 105 51.92 -160.91 -1.97
CA GLY JB 106 55.21 -160.41 -0.21
CA LEU JB 107 55.94 -156.89 -1.37
CA PHE JB 108 54.76 -154.40 1.23
CA GLY JB 109 53.11 -151.30 -0.17
CA LYS JB 110 49.82 -149.52 -0.73
CA GLY JB 111 47.64 -151.09 -3.41
CA GLY JB 112 44.11 -151.11 -4.75
CA ILE JB 113 41.08 -153.11 -3.64
CA VAL JB 114 37.72 -153.18 -5.42
CA THR JB 115 34.78 -153.90 -3.12
CA CYS JB 116 31.12 -154.31 -4.07
CA ALA JB 117 27.73 -155.88 -3.93
CA MET JB 118 24.21 -156.02 -5.29
CA PHE JB 119 21.74 -153.43 -4.05
CA THR JB 120 18.00 -154.04 -4.26
CA CYS JB 121 15.88 -152.52 -1.50
CA LYS JB 122 12.53 -153.43 -0.07
CA LYS JB 123 10.56 -150.41 1.20
CA ASN JB 124 10.55 -147.23 -0.86
CA MET JB 125 8.94 -143.82 -0.80
CA LYS JB 126 6.36 -142.64 -3.30
CA GLY JB 127 7.16 -139.10 -4.45
CA LYS JB 128 4.42 -137.40 -6.41
CA VAL JB 129 3.61 -134.06 -8.03
CA VAL JB 130 0.21 -132.37 -8.38
CA GLN JB 131 -0.61 -130.11 -11.34
CA PRO JB 132 -3.40 -127.49 -11.56
CA GLU JB 133 -5.21 -129.74 -14.05
CA ASN JB 134 -5.64 -132.64 -11.65
CA LEU JB 135 -7.17 -130.53 -8.86
CA GLU JB 136 -10.58 -132.05 -8.21
CA TYR JB 137 -12.82 -130.29 -5.69
CA THR JB 138 -15.90 -131.79 -4.04
CA ILE JB 139 -18.57 -129.20 -3.33
CA VAL JB 140 -21.54 -129.74 -1.00
CA ILE JB 141 -24.71 -127.70 -1.50
CA THR JB 142 -27.48 -127.73 1.10
CA PRO JB 143 -30.87 -126.05 1.59
CA HIS JB 144 -32.06 -124.58 4.90
CA SER JB 145 -34.97 -126.98 5.17
CA GLY JB 146 -34.15 -127.52 8.84
CA GLU JB 147 -33.99 -131.32 8.74
CA GLU JB 148 -33.07 -132.78 12.10
CA HIS JB 149 -29.78 -134.52 11.26
CA ALA JB 150 -28.22 -131.24 10.14
CA VAL JB 151 -26.37 -129.91 13.20
CA GLY JB 152 -22.92 -131.47 13.15
CA ASN JB 153 -23.64 -133.57 10.05
CA ASP JB 154 -21.68 -133.33 6.80
CA THR JB 155 -22.26 -136.23 4.40
CA GLY JB 156 -25.90 -136.86 5.34
CA LYS JB 157 -28.18 -137.51 2.37
CA HIS JB 158 -30.00 -134.19 2.47
CA GLY JB 159 -28.20 -132.04 -0.10
CA LYS JB 160 -26.13 -132.46 -3.25
CA GLU JB 161 -22.48 -133.27 -3.90
CA ILE JB 162 -20.81 -132.15 -7.13
CA LYS JB 163 -17.43 -133.14 -8.58
CA ILE JB 164 -16.06 -129.81 -9.77
CA THR JB 165 -12.81 -129.34 -11.68
CA PRO JB 166 -11.28 -126.49 -13.72
CA GLN JB 167 -11.46 -128.80 -16.74
CA SER JB 168 -15.26 -128.49 -16.34
CA SER JB 169 -17.07 -125.15 -16.57
CA ILE JB 170 -20.88 -125.60 -16.50
CA THR JB 171 -22.99 -128.35 -15.00
CA GLU JB 172 -26.50 -128.22 -13.56
CA ALA JB 173 -27.16 -129.72 -10.13
CA GLU JB 174 -30.49 -130.59 -8.56
CA LEU JB 175 -31.52 -129.64 -5.02
CA THR JB 176 -34.46 -131.88 -4.19
CA GLY JB 177 -37.54 -129.86 -3.35
CA TYR JB 178 -35.88 -126.57 -4.27
CA GLY JB 179 -35.08 -126.93 -7.98
CA THR JB 180 -31.86 -126.34 -9.91
CA VAL JB 181 -28.55 -124.57 -9.34
CA THR JB 182 -25.93 -124.19 -12.04
CA MET JB 183 -22.30 -125.01 -11.26
CA GLU JB 184 -20.80 -122.45 -13.65
CA CYS JB 185 -17.91 -122.33 -11.22
CA SER JB 186 -14.32 -121.17 -11.73
CA PRO JB 187 -11.61 -122.84 -9.61
CA ARG JB 188 -8.95 -120.31 -10.52
CA THR JB 189 -6.98 -119.48 -7.41
CA GLY JB 190 -4.48 -122.26 -6.81
CA LEU JB 191 -2.01 -120.88 -4.28
CA ASP JB 192 1.23 -122.35 -5.66
CA PHE JB 193 2.33 -125.74 -6.98
CA ASN JB 194 5.89 -125.55 -8.35
CA GLU JB 195 7.48 -126.00 -4.91
CA MET JB 196 5.13 -128.49 -3.24
CA VAL JB 197 5.42 -132.28 -3.43
CA LEU JB 198 3.43 -135.17 -2.00
CA LEU JB 199 5.04 -138.16 -0.27
CA GLN JB 200 3.43 -141.51 0.52
CA MET JB 201 4.58 -144.36 2.80
CA GLU JB 202 2.41 -147.50 2.72
CA ASN JB 203 -0.49 -146.04 4.72
CA LYS JB 204 0.43 -142.41 5.42
CA ALA JB 205 1.41 -139.27 3.52
CA TRP JB 206 3.06 -135.88 3.85
CA LEU JB 207 3.49 -132.60 1.98
CA VAL JB 208 6.93 -131.03 1.63
CA HIS JB 209 8.74 -128.41 -0.43
CA ARG JB 210 10.36 -129.57 -3.66
CA GLN JB 211 13.86 -128.48 -2.62
CA TRP JB 212 13.62 -130.94 0.26
CA PHE JB 213 13.34 -133.81 -2.22
CA LEU JB 214 15.96 -132.27 -4.49
CA ASP JB 215 18.51 -132.13 -1.65
CA LEU JB 216 17.75 -135.12 0.58
CA PRO JB 217 20.73 -137.55 0.30
CA LEU JB 218 19.10 -140.94 -0.21
CA PRO JB 219 18.89 -143.31 -3.19
CA TRP JB 220 16.97 -142.16 -6.28
CA LEU JB 221 14.73 -143.55 -8.97
CA PRO JB 222 13.47 -141.25 -11.74
CA GLY JB 223 9.77 -141.62 -12.36
CA ALA JB 224 10.25 -143.23 -15.76
CA ASP JB 225 12.14 -146.32 -14.62
CA THR JB 226 10.26 -149.48 -13.64
CA GLN JB 227 12.89 -152.21 -13.13
CA GLY JB 228 14.21 -150.69 -9.91
CA SER JB 229 17.78 -151.49 -11.00
CA ASN JB 230 19.31 -148.12 -11.96
CA TRP JB 231 19.88 -145.82 -8.98
CA ILE JB 232 21.55 -142.45 -8.42
CA GLN JB 233 23.43 -141.42 -5.28
CA LYS JB 234 23.14 -145.10 -4.39
CA GLU JB 235 26.37 -144.98 -2.36
CA THR JB 236 24.92 -142.92 0.52
CA LEU JB 237 23.13 -145.83 2.19
CA VAL JB 238 26.12 -148.16 2.07
CA THR JB 239 28.71 -147.09 4.62
CA PHE JB 240 31.98 -148.99 4.54
CA LYS JB 241 33.87 -150.13 7.60
CA ASN JB 242 37.45 -148.95 7.47
CA PRO JB 243 39.40 -151.09 4.96
CA HIS JB 244 41.03 -154.12 6.54
CA ALA JB 245 43.80 -155.41 4.28
CA LYS JB 246 41.67 -157.62 2.01
CA LYS JB 247 38.52 -157.65 4.11
CA GLN JB 248 36.20 -154.81 3.23
CA ASP JB 249 32.73 -155.57 4.54
CA VAL JB 250 29.90 -153.35 3.39
CA VAL JB 251 27.01 -152.31 5.62
CA VAL JB 252 24.03 -150.03 4.99
CA LEU JB 253 21.71 -147.87 7.09
CA GLY JB 254 18.82 -149.78 8.59
CA SER JB 255 15.24 -148.78 9.31
CA GLN JB 256 14.91 -145.17 8.18
CA GLU JB 257 11.16 -145.01 8.83
CA GLY JB 258 11.81 -143.87 12.39
CA ALA JB 259 14.34 -141.32 11.19
CA MET JB 260 11.86 -140.05 8.63
CA HIS JB 261 9.06 -139.79 11.20
CA THR JB 262 11.16 -137.95 13.79
CA ALA JB 263 12.84 -135.62 11.27
CA LEU JB 264 9.96 -134.87 8.90
CA THR JB 265 7.75 -133.89 11.86
CA GLY JB 266 6.67 -130.27 11.67
CA ALA JB 267 5.83 -130.51 7.97
CA THR JB 268 2.25 -130.63 6.73
CA GLU JB 269 0.83 -134.04 7.63
CA ILE JB 270 -1.97 -135.14 5.30
CA GLN JB 271 -4.39 -137.89 6.32
CA MET JB 272 -4.30 -139.87 3.08
CA SER JB 273 -6.30 -142.67 4.73
CA SER JB 274 -9.42 -140.59 4.04
CA GLY JB 275 -7.84 -139.41 0.80
CA ASN JB 276 -5.51 -136.47 0.29
CA LEU JB 277 -7.04 -133.43 2.01
CA LEU JB 278 -5.09 -130.68 0.22
CA PHE JB 279 -5.40 -127.61 2.46
CA THR JB 280 -4.26 -125.14 -0.18
CA GLY JB 281 -5.75 -122.41 -2.32
CA HIS JB 282 -9.15 -120.71 -2.27
CA LEU JB 283 -12.18 -121.30 -4.48
CA LYS JB 284 -13.68 -118.37 -6.39
CA CYS JB 285 -17.02 -119.77 -7.50
CA ARG JB 286 -19.61 -117.83 -9.51
CA LEU JB 287 -23.22 -118.86 -8.87
CA ARG JB 288 -26.45 -117.57 -10.43
CA MET JB 289 -29.54 -118.30 -8.33
CA ASP JB 290 -32.03 -117.12 -10.96
CA LYS JB 291 -33.56 -120.58 -11.59
CA LEU JB 292 -33.76 -121.92 -8.01
CA GLN JB 293 -37.35 -122.39 -6.92
CA LEU JB 294 -38.71 -122.32 -3.36
CA LYS JB 295 -41.37 -124.85 -2.30
CA GLY JB 296 -43.65 -123.47 0.39
CA MET JB 297 -43.91 -119.69 0.20
CA SER JB 298 -47.47 -120.31 -1.02
CA TYR JB 299 -48.39 -122.58 1.89
CA SER JB 300 -51.04 -121.56 4.39
CA MET JB 301 -50.33 -120.16 7.84
CA CYS JB 302 -49.68 -122.48 10.79
CA THR JB 303 -52.51 -122.36 13.34
CA GLY JB 304 -52.00 -125.36 15.63
CA LYS JB 305 -50.12 -126.26 18.78
CA PHE JB 306 -46.49 -125.20 19.10
CA LYS JB 307 -43.81 -126.69 21.34
CA VAL JB 308 -40.03 -126.53 21.78
CA VAL JB 309 -37.91 -129.64 22.30
CA LYS JB 310 -34.38 -128.29 22.84
CA GLU JB 311 -33.26 -124.73 23.53
CA ILE JB 312 -30.50 -122.86 21.67
CA ALA JB 313 -27.21 -124.65 21.14
CA GLU JB 314 -25.22 -121.42 21.22
CA THR JB 315 -23.01 -121.02 18.15
CA GLN JB 316 -19.75 -119.19 17.59
CA HIS JB 317 -21.80 -116.37 16.02
CA GLY JB 318 -24.52 -116.49 18.67
CA THR JB 319 -27.02 -117.64 16.07
CA ILE JB 320 -30.26 -119.15 17.38
CA VAL JB 321 -30.71 -122.72 16.15
CA ILE JB 322 -34.14 -123.74 17.42
CA ARG JB 323 -34.93 -127.46 17.07
CA VAL JB 324 -38.68 -127.24 17.45
CA GLN JB 325 -41.58 -129.68 17.00
CA TYR JB 326 -45.10 -128.63 15.95
CA GLU JB 327 -47.73 -131.14 17.05
CA GLY JB 328 -50.37 -128.94 15.45
CA ASP JB 329 -52.11 -130.09 12.30
CA GLY JB 330 -52.41 -128.30 8.95
CA SER JB 331 -48.87 -128.95 7.73
CA PRO JB 332 -47.42 -127.84 5.36
CA CYS JB 333 -47.80 -124.28 6.66
CA LYS JB 334 -45.78 -121.12 7.20
CA ILE JB 335 -44.42 -120.57 10.70
CA PRO JB 336 -44.88 -117.41 12.81
CA PHE JB 337 -41.33 -116.19 13.36
CA GLU JB 338 -40.76 -112.81 15.04
CA ILE JB 339 -37.74 -111.41 16.89
CA MET JB 340 -38.87 -108.46 18.98
CA ASP JB 341 -37.56 -106.05 21.60
CA LEU JB 342 -38.04 -105.99 25.37
CA GLU JB 343 -41.12 -103.78 25.25
CA LYS JB 344 -42.28 -105.56 22.05
CA ARG JB 345 -42.68 -102.41 19.94
CA HIS JB 346 -40.99 -103.21 16.61
CA VAL JB 347 -39.16 -106.13 15.02
CA LEU JB 348 -35.46 -105.84 14.23
CA GLY JB 349 -34.25 -109.43 13.74
CA ARG JB 350 -33.03 -111.31 10.67
CA LEU JB 351 -34.28 -114.84 10.17
CA ILE JB 352 -32.02 -117.04 8.05
CA THR JB 353 -34.18 -119.87 6.70
CA VAL JB 354 -36.72 -117.92 4.68
CA ASN JB 355 -40.18 -119.46 4.75
CA PRO JB 356 -39.67 -121.70 7.77
CA ILE JB 357 -41.97 -124.60 6.96
CA VAL JB 358 -42.88 -127.89 8.60
CA THR JB 359 -43.14 -130.54 5.90
CA GLU JB 360 -44.94 -133.12 8.03
CA LYS JB 361 -46.51 -133.60 11.44
CA ASP JB 362 -44.68 -135.26 14.33
CA SER JB 363 -41.34 -134.10 12.94
CA PRO JB 364 -38.77 -131.68 14.38
CA VAL JB 365 -37.52 -128.76 12.30
CA ASN JB 366 -34.27 -126.87 12.84
CA ILE JB 367 -34.88 -123.18 12.18
CA GLU JB 368 -31.78 -121.02 11.77
CA ALA JB 369 -31.91 -117.35 12.69
CA GLU JB 370 -29.78 -114.40 13.81
CA PRO JB 371 -31.35 -112.13 16.45
CA PRO JB 372 -30.32 -108.56 17.25
CA PHE JB 373 -27.71 -107.70 19.88
CA GLY JB 374 -28.48 -107.55 23.57
CA ASP JB 375 -31.62 -108.98 25.11
CA SER JB 376 -34.69 -109.78 23.05
CA TYR JB 377 -37.75 -112.02 22.75
CA ILE JB 378 -38.34 -114.81 20.21
CA ILE JB 379 -42.00 -115.17 19.26
CA ILE JB 380 -43.08 -118.51 17.79
CA GLY JB 381 -46.69 -119.38 17.07
CA VAL JB 382 -49.84 -117.33 17.55
CA GLU JB 383 -52.16 -116.83 20.50
CA PRO JB 384 -53.66 -119.02 22.00
CA GLY JB 385 -50.56 -121.11 22.71
CA GLN JB 386 -48.32 -118.21 21.71
CA LEU JB 387 -44.73 -119.17 22.56
CA LYS JB 388 -42.15 -116.66 23.86
CA LEU JB 389 -38.47 -117.34 24.50
CA ASN JB 390 -36.27 -114.72 26.14
CA TRP JB 391 -32.68 -114.69 24.89
CA PHE JB 392 -29.60 -112.48 25.07
CA LYS JB 393 -26.71 -112.23 22.60
CA LYS JB 394 -23.49 -110.78 24.00
CA GLY JB 395 -22.12 -109.13 20.86
CA SER JB 396 -21.86 -105.38 20.46
CA SER JB 397 -23.61 -103.58 17.61
CA ILE JB 398 -20.72 -101.55 16.20
CA GLY JB 399 -18.43 -104.47 16.97
CA GLN JB 400 -20.21 -107.11 14.90
CA MET JB 401 -20.71 -104.36 12.32
CA ILE JB 402 -16.96 -103.84 11.96
CA GLU JB 403 -16.06 -107.54 11.95
CA THR JB 404 -18.75 -108.40 9.38
CA THR JB 405 -17.64 -105.54 7.14
CA MET JB 406 -14.10 -106.87 7.58
CA ARG JB 407 -15.17 -110.38 6.55
CA GLY JB 408 -16.70 -108.82 3.44
CA ALA JB 409 -13.52 -106.83 2.86
CA LYS JB 410 -11.41 -110.00 3.05
CA ARG JB 411 -13.81 -111.83 0.74
CA MET JB 412 -13.41 -109.05 -1.82
CA ALA JB 413 -9.65 -109.04 -1.16
CA ILE JB 414 -9.30 -112.64 -2.32
CA LEU JB 415 -12.15 -111.99 -4.77
CA GLY JB 416 -10.09 -109.03 -5.96
CA ASP JB 417 -7.71 -108.64 -8.87
CA THR JB 418 -9.09 -110.18 -12.10
CA ALA JB 419 -12.18 -111.41 -10.18
CA TRP JB 420 -14.84 -108.68 -10.01
CA ASP JB 421 -16.48 -108.06 -13.37
CA PHE JB 422 -14.60 -105.05 -14.72
CA GLY JB 423 -14.50 -106.10 -18.38
CA SER JB 424 -18.26 -106.23 -18.91
CA LEU JB 425 -19.22 -102.75 -20.09
CA GLY JB 426 -22.57 -101.66 -18.70
CA GLY JB 427 -22.18 -104.41 -16.12
CA VAL JB 428 -19.23 -102.48 -14.69
CA PHE JB 429 -21.80 -100.32 -12.92
CA THR JB 430 -23.43 -103.44 -11.47
CA SER JB 431 -20.04 -104.86 -10.47
CA ILE JB 432 -19.11 -101.73 -8.54
CA GLY JB 433 -22.60 -101.79 -7.05
CA LYS JB 434 -22.16 -105.35 -5.83
CA ALA JB 435 -18.70 -104.49 -4.49
CA LEU JB 436 -20.08 -101.55 -2.51
CA HIS JB 437 -22.75 -103.95 -1.29
CA GLN JB 438 -20.38 -106.72 -0.20
CA VAL JB 439 -18.33 -104.14 1.74
CA PHE JB 440 -20.67 -101.39 3.03
CA GLY JB 441 -24.13 -103.00 2.75
CA ALA JB 442 -23.98 -104.29 6.29
CA ILE JB 443 -23.63 -100.64 7.34
CA TYR JB 444 -26.41 -99.74 4.91
CA GLY JB 445 -29.01 -102.29 5.99
CA ALA JB 446 -28.27 -102.80 9.69
CA ALA JB 447 -27.26 -99.31 10.83
CA PHE JB 448 -28.99 -96.92 8.42
CA SER JB 449 -32.62 -97.59 9.35
CA GLY JB 450 -33.04 -101.15 8.02
CA VAL JB 451 -34.42 -99.72 5.72
CA SER JB 452 -37.57 -98.32 4.10
CA TRP JB 453 -35.61 -97.36 1.02
CA ILE JB 454 -37.60 -94.42 -0.41
CA MET JB 455 -37.26 -92.14 2.60
CA LYS JB 456 -33.61 -93.02 3.14
CA ILE JB 457 -32.68 -92.26 -0.46
CA LEU JB 458 -34.46 -88.93 0.04
CA ILE JB 459 -32.29 -88.35 3.11
CA GLY JB 460 -29.26 -89.48 1.11
CA VAL JB 461 -29.80 -86.95 -1.66
CA ILE JB 462 -30.28 -84.32 1.06
CA ILE JB 463 -26.93 -85.33 2.55
CA THR JB 464 -25.34 -85.21 -0.90
CA TRP JB 465 -26.62 -81.68 -1.52
CA ILE JB 466 -25.38 -80.51 1.89
CA GLY JB 467 -21.98 -82.10 1.29
CA MET JB 468 -21.67 -80.47 -2.13
CA ASN JB 469 -22.82 -77.13 -0.71
CA SER JB 470 -20.52 -77.32 2.32
CA ARG JB 471 -18.03 -74.91 3.88
CA SER JB 472 -15.02 -77.25 3.54
CA THR JB 473 -13.84 -79.36 0.62
CA SER JB 474 -12.58 -82.22 2.82
CA LEU JB 475 -16.04 -82.58 4.37
CA SER JB 476 -17.58 -82.38 0.89
CA VAL JB 477 -15.42 -85.23 -0.39
CA SER JB 478 -16.13 -87.23 2.79
CA LEU JB 479 -19.93 -86.76 2.70
CA VAL JB 480 -20.93 -86.75 -0.97
CA LEU JB 481 -19.13 -90.08 -1.38
CA VAL JB 482 -21.25 -91.57 1.40
CA GLY JB 483 -24.36 -90.04 -0.16
CA VAL JB 484 -23.77 -91.42 -3.65
CA VAL JB 485 -22.90 -94.81 -2.17
CA THR JB 486 -26.17 -94.67 -0.23
CA LEU JB 487 -28.23 -93.79 -3.31
CA TYR JB 488 -26.72 -96.30 -5.72
CA LEU JB 489 -26.42 -99.11 -3.17
CA GLY JB 490 -30.06 -98.53 -2.22
CA VAL JB 491 -31.06 -98.87 -5.86
CA MET JB 492 -29.10 -102.12 -5.90
CA VAL JB 493 -30.65 -103.36 -2.64
CA GLN JB 494 -34.16 -102.73 -3.99
CA ALA JB 495 -33.18 -105.28 -6.65
CA MET KB 1 84.46 -100.53 10.99
CA ARG KB 2 82.30 -103.60 10.42
CA CYS KB 3 79.32 -101.78 8.89
CA ILE KB 4 80.54 -101.88 5.28
CA GLY KB 5 77.83 -103.63 3.33
CA ILE KB 6 75.34 -103.16 6.17
CA SER KB 7 72.32 -101.42 4.63
CA ASN KB 8 70.73 -99.84 7.72
CA ARG KB 9 73.19 -97.33 9.17
CA ASP KB 10 72.87 -94.13 11.19
CA PHE KB 11 75.66 -91.63 11.80
CA VAL KB 12 74.51 -90.31 15.17
CA GLU KB 13 76.87 -87.50 16.23
CA GLY KB 14 76.34 -86.06 19.69
CA VAL KB 15 76.06 -86.58 23.43
CA SER KB 16 72.82 -86.45 25.40
CA GLY KB 17 72.16 -84.50 28.59
CA GLY KB 18 73.95 -86.96 30.86
CA SER KB 19 76.66 -87.46 28.24
CA TRP KB 20 75.17 -90.83 27.28
CA VAL KB 21 74.46 -91.97 23.75
CA ASP KB 22 70.92 -93.19 23.01
CA ILE KB 23 71.64 -96.23 20.84
CA VAL KB 24 68.90 -97.49 18.58
CA LEU KB 25 69.92 -101.10 18.00
CA GLU KB 26 68.23 -103.51 15.59
CA HIS KB 27 69.35 -106.86 14.21
CA GLY KB 28 71.15 -106.31 10.92
CA SER KB 29 71.74 -102.60 11.54
CA CYS KB 30 74.60 -100.27 12.40
CA VAL KB 31 75.30 -97.44 14.81
CA THR KB 32 78.27 -95.05 14.72
CA THR KB 33 78.83 -92.52 17.50
CA MET KB 34 80.75 -89.29 17.03
CA ALA KB 35 81.65 -86.15 18.96
CA LYS KB 36 84.42 -83.57 19.03
CA ASN KB 37 87.19 -84.22 21.54
CA LYS KB 38 85.74 -87.75 21.60
CA PRO KB 39 87.00 -90.71 19.51
CA THR KB 40 84.44 -92.20 17.16
CA LEU KB 41 83.00 -95.63 18.00
CA ASP KB 42 80.97 -98.31 16.20
CA PHE KB 43 78.08 -99.94 18.07
CA GLU KB 44 76.65 -103.25 16.87
CA LEU KB 45 74.73 -106.33 18.00
CA ILE KB 46 75.82 -109.80 16.88
CA LYS KB 47 73.91 -112.38 18.93
CA THR KB 48 70.62 -112.70 20.79
CA GLU KB 49 69.80 -115.53 23.17
CA ALA KB 50 67.28 -116.50 25.84
CA LYS KB 51 68.47 -118.50 28.85
CA GLN KB 52 66.55 -120.16 31.69
CA PRO KB 53 63.29 -120.38 29.70
CA ALA KB 54 60.01 -121.31 31.34
CA THR KB 55 58.11 -124.40 30.21
CA LEU KB 56 54.61 -123.14 29.43
CA ARG KB 57 53.28 -126.58 28.55
CA LYS KB 58 54.91 -129.90 27.67
CA TYR KB 59 53.58 -131.85 24.68
CA CYS KB 60 54.41 -135.55 24.37
CA ILE KB 61 54.02 -136.57 20.76
CA GLU KB 62 54.56 -140.33 20.47
CA ALA KB 63 52.30 -142.41 22.70
CA LYS KB 64 52.85 -146.02 23.76
CA LEU KB 65 49.90 -147.93 25.18
CA THR KB 66 49.97 -150.70 27.79
CA ASN KB 67 47.92 -152.78 30.22
CA THR KB 68 44.73 -152.16 28.29
CA THR KB 69 41.60 -153.55 29.92
CA THR KB 70 38.12 -154.06 28.51
CA ASP KB 71 34.96 -155.44 30.07
CA SER KB 72 31.23 -155.45 29.42
CA ARG KB 73 27.97 -156.23 31.16
CA CYS KB 74 24.71 -157.30 29.58
CA PRO KB 75 21.70 -154.94 29.53
CA THR KB 76 20.05 -154.50 32.96
CA GLN KB 77 22.88 -156.48 34.63
CA GLY KB 78 24.76 -153.29 35.52
CA GLU KB 79 27.43 -150.85 34.41
CA PRO KB 80 30.92 -152.15 35.27
CA SER KB 81 33.29 -149.97 37.27
CA LEU KB 82 36.98 -150.75 37.66
CA ASN KB 83 39.64 -149.44 40.02
CA GLU KB 84 41.74 -148.88 36.90
CA GLU KB 85 39.30 -146.10 35.99
CA GLN KB 86 39.83 -144.21 39.25
CA ASP KB 87 43.58 -143.85 38.68
CA LYS KB 88 43.86 -140.98 36.21
CA ARG KB 89 46.98 -142.41 34.53
CA PHE KB 90 44.74 -144.35 32.13
CA VAL KB 91 42.60 -143.05 29.29
CA CYS KB 92 39.12 -144.55 29.61
CA LYS KB 93 35.89 -144.73 27.63
CA HIS KB 94 32.40 -146.10 28.20
CA SER KB 95 30.29 -147.52 25.39
CA MET KB 96 27.18 -149.44 24.36
CA VAL KB 97 27.02 -152.73 22.43
CA ASP KB 98 24.23 -155.09 21.46
CA ARG KB 99 23.95 -158.47 23.18
CA GLY KB 100 21.43 -161.25 22.66
CA TRP KB 101 19.92 -164.41 24.08
CA GLY KB 102 21.77 -166.55 21.56
CA ASN KB 103 24.79 -164.21 21.66
CA GLY KB 104 26.30 -165.61 24.84
CA CYS KB 105 23.90 -163.79 27.18
CA GLY KB 106 20.28 -163.61 28.29
CA LEU KB 107 18.34 -161.15 26.13
CA PHE KB 108 18.41 -158.72 23.21
CA GLY KB 109 19.54 -155.24 24.16
CA LYS KB 110 22.33 -152.71 24.56
CA GLY KB 111 24.68 -153.70 27.37
CA GLY KB 112 27.43 -151.47 28.65
CA ILE KB 113 31.18 -151.58 28.09
CA VAL KB 114 34.13 -149.94 29.82
CA THR KB 115 37.53 -150.07 28.13
CA CYS KB 116 40.65 -148.24 29.21
CA ALA KB 117 44.40 -148.40 29.15
CA MET KB 118 47.63 -146.81 30.32
CA PHE KB 119 49.09 -143.95 28.26
CA THR KB 120 52.88 -143.77 28.34
CA CYS KB 121 54.66 -141.50 25.89
CA LYS KB 122 58.33 -141.52 24.97
CA LYS KB 123 59.17 -138.72 22.55
CA ASN KB 124 58.04 -135.25 23.54
CA MET KB 125 58.17 -131.62 22.45
CA LYS KB 126 59.37 -128.73 24.53
CA GLY KB 127 57.29 -125.53 24.34
CA LYS KB 128 58.58 -122.51 26.22
CA VAL KB 129 57.70 -118.83 26.57
CA VAL KB 130 60.37 -116.14 26.81
CA GLN KB 131 59.89 -113.17 29.12
CA PRO KB 132 61.61 -109.81 28.58
CA GLU KB 133 63.65 -110.36 31.75
CA ASN KB 134 65.22 -113.65 30.67
CA LEU KB 135 66.71 -112.23 27.45
CA GLU KB 136 70.41 -111.55 26.96
CA TYR KB 137 71.76 -109.30 24.20
CA THR KB 138 75.26 -109.46 22.68
CA ILE KB 139 76.50 -105.96 21.93
CA VAL KB 140 79.90 -105.39 20.35
CA ILE KB 141 81.93 -102.17 20.38
CA THR KB 142 84.56 -101.40 17.74
CA PRO KB 143 87.05 -98.53 17.45
CA HIS KB 144 87.59 -96.53 14.26
CA SER KB 145 91.37 -96.77 14.24
CA GLY KB 146 91.83 -98.06 10.69
CA GLU KB 147 93.69 -101.21 11.68
CA GLU KB 148 93.87 -103.91 9.02
CA HIS KB 149 91.70 -106.38 10.93
CA ALA KB 150 89.53 -103.40 11.99
CA VAL KB 151 87.72 -103.19 8.63
CA GLY KB 152 84.85 -105.44 7.60
CA ASN KB 153 86.03 -108.27 9.87
CA ASP KB 154 83.65 -110.49 11.84
CA THR KB 155 86.31 -112.02 14.14
CA GLY KB 156 88.82 -109.22 14.69
CA LYS KB 157 90.63 -108.73 17.97
CA HIS KB 158 89.90 -104.99 17.82
CA GLY KB 159 86.25 -105.44 18.77
CA LYS KB 160 85.02 -106.15 22.27
CA GLU KB 161 81.82 -108.12 22.87
CA ILE KB 162 79.66 -107.68 25.98
CA LYS KB 163 76.39 -109.22 27.10
CA ILE KB 164 73.48 -107.18 28.48
CA THR KB 165 70.83 -108.46 30.89
CA PRO KB 166 68.45 -106.50 33.17
CA GLN KB 167 69.70 -108.29 36.30
CA SER KB 168 73.04 -106.47 35.90
CA SER KB 169 72.05 -103.13 34.37
CA ILE KB 170 74.87 -100.82 35.51
CA THR KB 171 77.92 -102.58 34.05
CA GLU KB 172 81.34 -101.35 32.92
CA ALA KB 173 83.04 -102.53 29.73
CA GLU KB 174 86.62 -101.84 28.67
CA LEU KB 175 87.98 -100.85 25.26
CA THR KB 176 91.70 -101.17 24.63
CA GLY KB 177 93.57 -97.90 25.02
CA TYR KB 178 90.47 -95.72 25.20
CA GLY KB 179 89.36 -97.07 28.58
CA THR KB 180 86.08 -97.52 30.42
CA VAL KB 181 82.59 -97.18 28.92
CA THR KB 182 79.28 -97.83 30.66
CA MET KB 183 76.63 -100.42 29.79
CA GLU KB 184 73.10 -99.60 31.03
CA CYS KB 185 69.70 -100.16 29.40
CA SER KB 186 66.31 -101.86 29.41
CA PRO KB 187 65.53 -102.65 25.73
CA ARG KB 188 61.84 -103.39 26.35
CA THR KB 189 60.57 -100.65 23.98
CA GLY KB 190 60.18 -103.27 21.22
CA LEU KB 191 57.32 -105.46 20.08
CA ASP KB 192 55.21 -107.29 22.63
CA PHE KB 193 56.64 -110.67 23.64
CA ASN KB 194 53.63 -112.35 25.29
CA GLU KB 195 52.16 -113.19 21.87
CA MET KB 196 54.91 -115.68 20.89
CA VAL KB 197 56.09 -119.07 22.12
CA LEU KB 198 59.00 -121.22 20.91
CA LEU KB 199 58.80 -124.97 20.30
CA GLN KB 200 61.90 -127.11 20.16
CA MET KB 201 62.38 -130.72 19.11
CA GLU KB 202 65.81 -132.29 19.72
CA ASN KB 203 67.61 -129.48 17.90
CA LYS KB 204 65.23 -127.61 15.59
CA ALA KB 205 62.94 -124.90 16.90
CA TRP KB 206 59.94 -122.93 15.69
CA LEU KB 207 58.44 -119.59 16.64
CA VAL KB 208 54.64 -119.71 16.83
CA HIS KB 209 51.67 -118.02 18.48
CA ARG KB 210 50.55 -118.85 22.01
CA GLN KB 211 46.94 -119.69 21.13
CA TRP KB 212 48.16 -121.87 18.26
CA PHE KB 213 50.68 -123.47 20.62
CA LEU KB 214 47.79 -124.42 22.90
CA ASP KB 215 45.33 -125.35 20.13
CA LEU KB 216 47.22 -128.37 18.76
CA PRO KB 217 45.04 -131.28 20.00
CA LEU KB 218 47.53 -133.52 21.80
CA PRO KB 219 48.30 -134.48 25.42
CA TRP KB 220 49.24 -131.70 27.85
CA LEU KB 221 51.32 -131.16 30.98
CA PRO KB 222 51.33 -127.96 33.07
CA GLY KB 223 54.67 -126.22 33.39
CA ALA KB 224 55.40 -127.42 36.90
CA ASP KB 225 54.05 -130.84 35.88
CA THR KB 226 56.84 -133.38 35.42
CA GLN KB 227 55.44 -136.63 36.85
CA GLY KB 228 53.48 -137.77 33.79
CA SER KB 229 50.49 -138.77 35.92
CA ASN KB 230 48.19 -136.00 34.73
CA TRP KB 231 47.19 -135.83 31.07
CA ILE KB 232 44.59 -133.62 29.38
CA GLN KB 233 42.78 -134.41 26.12
CA LYS KB 234 44.60 -137.74 26.12
CA GLU KB 235 41.85 -139.30 23.99
CA THR KB 236 43.10 -138.18 20.57
CA LEU KB 237 46.34 -140.18 20.55
CA VAL KB 238 44.37 -143.31 21.51
CA THR KB 239 41.77 -144.18 18.89
CA PHE KB 240 39.07 -146.58 20.00
CA LYS KB 241 37.91 -148.69 17.07
CA ASN KB 242 34.20 -149.29 16.63
CA PRO KB 243 32.33 -150.94 19.52
CA HIS KB 244 32.42 -154.66 18.94
CA ALA KB 245 31.13 -157.53 21.10
CA LYS KB 246 33.03 -157.45 24.43
CA LYS KB 247 36.09 -155.86 22.81
CA GLN KB 248 37.28 -152.36 22.10
CA ASP KB 249 40.44 -152.91 20.07
CA VAL KB 250 42.53 -149.94 21.20
CA VAL KB 251 44.62 -148.49 18.36
CA VAL KB 252 47.66 -146.40 19.23
CA LEU KB 253 47.94 -143.39 16.97
CA GLY KB 254 51.26 -143.17 15.21
CA SER KB 255 53.98 -140.67 15.99
CA GLN KB 256 52.95 -137.32 14.58
CA GLU KB 257 56.58 -136.17 14.53
CA GLY KB 258 56.61 -136.54 10.77
CA ALA KB 259 53.31 -134.69 10.65
CA MET KB 260 54.77 -131.89 12.76
CA HIS KB 261 57.75 -131.61 10.43
CA THR KB 262 55.25 -131.44 7.58
CA ALA KB 263 53.14 -128.71 9.22
CA LEU KB 264 55.53 -126.51 11.20
CA THR KB 265 57.74 -126.17 8.13
CA GLY KB 266 56.79 -122.92 6.45
CA ALA KB 267 56.56 -121.20 9.81
CA THR KB 268 59.41 -119.23 11.38
CA GLU KB 269 62.33 -121.63 11.72
CA ILE KB 270 64.99 -121.27 14.42
CA GLN KB 271 68.23 -123.07 15.27
CA MET KB 272 69.35 -122.93 18.90
CA SER KB 273 73.03 -122.78 17.91
CA SER KB 274 72.59 -119.26 16.53
CA GLY KB 275 70.40 -118.21 19.47
CA ASN KB 276 66.88 -116.86 19.13
CA LEU KB 277 66.49 -114.48 16.17
CA LEU KB 278 63.99 -112.14 17.82
CA PHE KB 279 64.97 -109.35 15.46
CA THR KB 280 61.51 -107.84 15.92
CA GLY KB 281 61.53 -104.99 18.42
CA HIS KB 282 63.83 -101.99 18.64
CA LEU KB 283 66.49 -101.93 21.36
CA LYS KB 284 66.82 -98.49 22.96
CA CYS KB 285 69.90 -98.26 25.14
CA ARG KB 286 71.70 -95.71 27.28
CA LEU KB 287 75.50 -95.68 27.19
CA ARG KB 288 77.69 -93.14 29.00
CA MET KB 289 80.89 -91.83 27.41
CA ASP KB 290 82.30 -89.48 30.06
CA LYS KB 291 85.06 -91.90 31.13
CA LEU KB 292 86.83 -91.97 27.72
CA GLN KB 293 89.44 -89.62 26.30
CA LEU KB 294 91.58 -89.43 23.16
CA LYS KB 295 94.23 -92.16 23.07
CA GLY KB 296 97.30 -91.38 21.00
CA MET KB 297 96.66 -87.62 20.93
CA SER KB 298 100.02 -86.99 22.60
CA TYR KB 299 101.77 -88.41 19.54
CA SER KB 300 103.14 -85.61 17.37
CA MET KB 301 102.17 -85.06 13.76
CA CYS KB 302 104.71 -86.46 11.29
CA THR KB 303 105.76 -84.46 8.25
CA GLY KB 304 106.84 -87.39 6.10
CA LYS KB 305 105.13 -88.60 2.92
CA PHE KB 306 101.82 -90.41 2.46
CA LYS KB 307 100.88 -93.10 -0.04
CA VAL KB 308 97.57 -94.70 -1.06
CA VAL KB 309 97.25 -98.49 -1.33
CA LYS KB 310 93.63 -99.12 -2.35
CA GLU KB 311 91.62 -96.84 -4.60
CA ILE KB 312 88.74 -94.70 -3.35
CA ALA KB 313 86.20 -97.34 -2.36
CA GLU KB 314 82.48 -96.57 -2.26
CA THR KB 315 80.04 -97.77 0.41
CA GLN KB 316 76.23 -97.72 0.41
CA HIS KB 317 76.05 -94.46 2.42
CA GLY KB 318 78.13 -91.86 0.56
CA THR KB 319 81.36 -92.46 2.46
CA ILE KB 320 84.92 -93.01 1.25
CA VAL KB 321 87.66 -95.37 2.45
CA ILE KB 322 91.35 -94.56 2.01
CA ARG KB 323 94.20 -96.91 2.89
CA VAL KB 324 96.90 -94.34 3.60
CA GLN KB 325 100.42 -95.78 3.75
CA TYR KB 326 103.40 -93.95 5.28
CA GLU KB 327 106.62 -94.63 3.39
CA GLY KB 328 108.46 -91.98 5.39
CA ASP KB 329 109.84 -92.25 8.93
CA GLY KB 330 108.78 -91.05 12.37
CA SER KB 331 105.98 -93.46 13.20
CA PRO KB 332 103.72 -93.51 15.16
CA CYS KB 333 102.20 -90.08 14.39
CA LYS KB 334 99.01 -88.04 14.45
CA ILE KB 335 97.51 -88.24 10.95
CA PRO KB 336 96.99 -84.91 9.16
CA PHE KB 337 93.73 -85.48 7.28
CA GLU KB 338 91.89 -82.48 5.86
CA ILE KB 339 89.35 -81.34 3.28
CA MET KB 340 89.29 -78.42 0.89
CA ASP KB 341 86.84 -77.06 -1.64
CA LEU KB 342 87.51 -75.91 -5.20
CA GLU KB 343 88.89 -72.59 -3.94
CA LYS KB 344 91.32 -74.53 -1.70
CA ARG KB 345 90.16 -72.37 1.22
CA HIS KB 346 87.38 -73.85 3.37
CA VAL KB 347 87.18 -77.03 5.45
CA LEU KB 348 83.71 -78.25 4.45
CA GLY KB 349 83.83 -82.06 4.40
CA ARG KB 350 82.96 -84.15 7.45
CA LEU KB 351 85.54 -86.56 8.85
CA ILE KB 352 84.74 -89.87 10.57
CA THR KB 353 87.88 -90.87 12.48
CA VAL KB 354 89.32 -88.02 14.51
CA ASN KB 355 93.12 -87.89 15.04
CA PRO KB 356 93.97 -91.15 13.25
CA ILE KB 357 97.36 -92.60 14.09
CA VAL KB 358 99.74 -95.07 12.46
CA THR KB 359 100.76 -98.10 14.49
CA GLU KB 360 103.94 -98.59 12.45
CA LYS KB 361 105.37 -97.63 9.09
CA ASP KB 362 104.41 -99.89 6.16
CA SER KB 363 101.11 -100.65 7.99
CA PRO KB 364 98.53 -98.36 6.35
CA VAL KB 365 95.54 -96.87 8.14
CA ASN KB 366 91.97 -97.06 6.84
CA ILE KB 367 90.88 -93.44 7.08
CA GLU KB 368 87.15 -92.96 6.57
CA ALA KB 369 85.54 -89.73 5.37
CA GLU KB 370 82.17 -88.27 4.37
CA PRO KB 371 82.53 -85.29 2.02
CA PRO KB 372 79.38 -83.66 0.64
CA PHE KB 373 77.93 -84.88 -2.64
CA GLY KB 374 80.02 -82.91 -5.10
CA ASP KB 375 83.59 -82.09 -6.06
CA SER KB 376 86.22 -81.63 -3.35
CA TYR KB 377 89.86 -82.35 -2.56
CA ILE KB 378 90.78 -84.85 0.13
CA ILE KB 379 94.12 -83.41 1.23
CA ILE KB 380 96.31 -86.19 2.58
CA GLY KB 381 99.53 -85.00 4.17
CA VAL KB 382 100.89 -81.47 4.21
CA GLU KB 383 103.00 -79.58 1.73
CA PRO KB 384 105.62 -79.99 0.34
CA GLY KB 385 104.53 -83.20 -1.37
CA GLN KB 386 100.91 -82.95 -0.24
CA LEU KB 387 98.28 -85.10 -2.01
CA LYS KB 388 95.12 -83.17 -2.94
CA LEU KB 389 93.24 -86.20 -4.22
CA ASN KB 390 90.26 -84.91 -6.17
CA TRP KB 391 86.94 -86.62 -5.55
CA PHE KB 392 83.50 -86.19 -7.09
CA LYS KB 393 80.76 -87.64 -4.88
CA LYS KB 394 77.41 -88.36 -6.50
CA GLY KB 395 74.06 -87.32 -5.07
CA SER KB 396 72.20 -84.18 -4.07
CA SER KB 397 72.90 -82.28 -0.86
CA ILE KB 398 69.14 -81.97 -0.40
CA GLY KB 399 69.14 -85.74 -0.85
CA GLN KB 400 71.10 -86.40 2.32
CA MET KB 401 69.30 -83.46 3.93
CA ILE KB 402 65.87 -85.07 3.59
CA GLU KB 403 67.19 -88.59 4.17
CA THR KB 404 69.06 -87.91 7.41
CA THR KB 405 66.41 -85.55 8.77
CA MET KB 406 63.64 -88.06 8.06
CA ARG KB 407 65.60 -90.98 9.50
CA GLY KB 408 66.39 -89.10 12.71
CA ALA KB 409 62.77 -87.94 12.91
CA LYS KB 410 61.44 -91.50 12.67
CA ARG KB 411 64.13 -92.65 15.09
CA MET KB 412 62.94 -90.14 17.68
CA ALA KB 413 59.28 -90.78 16.75
CA ILE KB 414 59.25 -94.51 17.41
CA LEU KB 415 61.16 -93.41 20.50
CA GLY KB 416 58.67 -90.58 20.93
CA ASP KB 417 55.76 -90.48 23.36
CA THR KB 418 56.66 -91.90 26.80
CA ALA KB 419 60.27 -92.37 25.59
CA TRP KB 420 62.18 -89.06 25.52
CA ASP KB 421 62.70 -87.50 28.93
CA PHE KB 422 60.16 -84.66 29.15
CA GLY KB 423 59.20 -84.93 32.84
CA SER KB 424 62.50 -83.70 34.29
CA LEU KB 425 62.12 -80.00 35.08
CA GLY KB 426 65.25 -78.09 34.10
CA GLY KB 427 66.22 -81.10 32.02
CA VAL KB 428 63.33 -80.19 29.72
CA PHE KB 429 65.79 -77.83 28.05
CA THR KB 430 68.27 -80.68 27.63
CA SER KB 431 65.54 -82.92 26.22
CA ILE KB 432 64.45 -80.28 23.71
CA GLY KB 433 68.08 -79.87 22.71
CA LYS KB 434 68.31 -83.66 22.43
CA ALA KB 435 65.30 -83.79 20.12
CA LEU KB 436 66.73 -81.05 17.92
CA HIS KB 437 70.24 -82.56 17.96
CA GLN KB 438 68.94 -86.01 17.02
CA VAL KB 439 66.73 -84.52 14.28
CA PHE KB 440 68.02 -81.02 13.47
CA GLY KB 441 71.59 -81.67 14.66
CA ALA KB 442 72.77 -82.78 11.23
CA ILE KB 443 71.64 -79.35 10.04
CA TYR KB 444 74.04 -77.72 12.50
CA GLY KB 445 76.90 -80.11 11.78
CA ALA KB 446 76.94 -81.11 8.11
CA ALA KB 447 75.64 -78.17 6.06
CA PHE KB 448 76.42 -75.29 8.45
CA SER KB 449 80.18 -74.69 8.28
CA GLY KB 450 81.46 -77.99 9.76
CA VAL KB 451 81.82 -76.30 12.26
CA SER KB 452 84.03 -74.12 14.47
CA TRP KB 453 81.33 -73.29 16.97
CA ILE KB 454 82.31 -69.78 18.16
CA MET KB 455 82.15 -68.13 14.74
CA LYS KB 456 78.89 -69.82 13.80
CA ILE KB 457 77.20 -68.89 17.08
CA LEU KB 458 78.25 -65.32 16.32
CA ILE KB 459 76.68 -65.77 12.88
CA GLY KB 460 73.63 -67.30 14.53
CA VAL KB 461 73.04 -64.38 16.88
CA ILE KB 462 73.51 -62.11 13.84
CA ILE KB 463 70.81 -64.09 12.03
CA THR KB 464 68.53 -63.87 15.07
CA TRP KB 465 68.98 -60.10 15.11
CA ILE KB 466 68.21 -59.88 11.38
CA GLY KB 467 65.14 -62.11 11.69
CA MET KB 468 63.74 -60.19 14.65
CA ASN KB 469 64.10 -56.84 12.85
CA SER KB 470 62.79 -58.11 9.51
CA ARG KB 471 60.20 -56.71 7.12
CA SER KB 472 57.98 -59.84 7.34
CA THR KB 473 56.73 -61.67 10.42
CA SER KB 474 56.52 -64.98 8.56
CA LEU KB 475 60.20 -64.70 7.68
CA SER KB 476 60.85 -63.64 11.27
CA VAL KB 477 59.26 -66.83 12.61
CA SER KB 478 61.10 -68.86 9.96
CA LEU KB 479 64.54 -67.34 10.69
CA VAL KB 480 64.69 -66.60 14.43
CA LEU KB 481 63.61 -70.19 15.12
CA VAL KB 482 66.53 -71.48 13.04
CA GLY KB 483 68.85 -69.02 14.77
CA VAL KB 484 67.88 -69.97 18.31
CA VAL KB 485 68.07 -73.65 17.33
CA THR KB 486 71.58 -72.98 16.01
CA LEU KB 487 72.72 -71.19 19.17
CA TYR KB 488 71.21 -73.55 21.73
CA LEU KB 489 72.11 -76.71 19.80
CA GLY KB 490 75.65 -75.40 19.41
CA VAL KB 491 75.87 -74.98 23.16
CA MET KB 492 74.65 -78.57 23.45
CA VAL KB 493 77.13 -79.73 20.80
CA GLN KB 494 79.95 -78.16 22.82
CA ALA KB 495 78.95 -80.51 25.65
CA MET LB 1 27.88 -111.73 -63.84
CA ARG LB 2 28.89 -114.58 -61.56
CA CYS LB 3 27.50 -113.60 -58.15
CA ILE LB 4 23.76 -113.30 -58.79
CA GLY LB 5 22.35 -115.21 -55.85
CA ILE LB 6 24.80 -114.99 -52.95
CA SER LB 7 23.56 -113.21 -49.84
CA ASN LB 8 26.48 -110.81 -49.38
CA ARG LB 9 26.08 -108.71 -52.53
CA ASP LB 10 28.18 -105.55 -52.38
CA PHE LB 11 28.61 -102.61 -54.75
CA VAL LB 12 31.51 -100.18 -55.11
CA GLU LB 13 30.61 -97.44 -57.61
CA GLY LB 14 33.53 -95.01 -57.43
CA VAL LB 15 36.90 -94.49 -59.06
CA SER LB 16 40.10 -92.79 -57.94
CA GLY LB 17 42.03 -89.98 -59.60
CA GLY LB 18 44.62 -92.44 -60.87
CA SER LB 19 42.00 -95.21 -61.16
CA TRP LB 20 43.58 -96.89 -58.10
CA VAL LB 21 40.39 -98.59 -56.96
CA ASP LB 22 40.34 -100.38 -53.62
CA ILE LB 23 38.19 -103.38 -52.64
CA VAL LB 24 37.79 -105.76 -49.72
CA LEU LB 25 37.22 -109.48 -50.32
CA GLU LB 26 35.86 -112.00 -47.81
CA HIS LB 27 34.61 -115.57 -47.98
CA GLY LB 28 31.31 -115.60 -49.82
CA SER LB 29 31.17 -111.80 -50.09
CA CYS LB 30 31.57 -111.00 -53.76
CA VAL LB 31 32.05 -107.47 -55.09
CA THR LB 32 30.87 -105.73 -58.25
CA THR LB 33 33.09 -103.06 -59.80
CA MET LB 34 31.44 -100.20 -61.68
CA ALA LB 35 33.13 -97.53 -63.79
CA LYS LB 36 32.53 -94.89 -66.44
CA ASN LB 37 33.25 -95.95 -70.03
CA LYS LB 38 35.20 -98.95 -68.67
CA PRO LB 39 33.89 -102.54 -68.52
CA THR LB 40 32.30 -103.55 -65.24
CA LEU LB 41 33.60 -106.52 -63.30
CA ASP LB 42 32.81 -109.07 -60.61
CA PHE LB 43 35.45 -110.08 -58.07
CA GLU LB 44 35.43 -112.89 -55.54
CA LEU LB 45 37.78 -115.12 -53.58
CA ILE LB 46 36.69 -118.63 -54.48
CA LYS LB 47 39.00 -120.76 -52.37
CA THR LB 48 41.56 -120.01 -49.66
CA GLU LB 49 44.66 -122.19 -49.59
CA ALA LB 50 47.64 -122.45 -47.24
CA LYS LB 51 50.44 -124.23 -49.07
CA GLN LB 52 53.96 -124.94 -47.83
CA PRO LB 53 53.05 -125.21 -44.13
CA ALA LB 54 55.60 -124.75 -41.38
CA THR LB 55 55.97 -127.73 -39.05
CA LEU LB 56 55.65 -125.83 -35.78
CA ARG LB 57 55.78 -128.71 -33.27
CA LYS LB 58 54.92 -132.38 -32.89
CA TYR LB 59 53.24 -134.44 -30.17
CA CYS LB 60 53.75 -138.12 -29.37
CA ILE LB 61 50.12 -139.08 -28.83
CA GLU LB 62 50.93 -142.62 -27.65
CA ALA LB 63 53.95 -143.98 -25.84
CA LYS LB 64 56.12 -147.08 -25.57
CA LEU LB 65 58.39 -147.78 -22.60
CA THR LB 66 61.41 -150.03 -23.16
CA ASN LB 67 64.83 -150.87 -21.75
CA THR LB 68 63.72 -149.64 -18.32
CA THR LB 69 66.78 -150.00 -16.13
CA THR LB 70 66.98 -148.91 -12.50
CA ASP LB 71 69.48 -148.90 -9.64
CA SER LB 72 69.87 -147.70 -6.07
CA ARG LB 73 72.50 -147.01 -3.43
CA CYS LB 74 72.51 -147.27 0.33
CA PRO LB 75 72.23 -144.01 2.32
CA THR LB 76 75.22 -141.62 2.20
CA GLN LB 77 76.61 -143.26 -0.98
CA GLY LB 78 75.03 -140.63 -3.25
CA GLU LB 79 72.85 -141.16 -6.28
CA PRO LB 80 73.91 -144.05 -8.56
CA SER LB 81 75.40 -142.95 -11.88
CA LEU LB 82 74.42 -145.02 -14.92
CA ASN LB 83 75.00 -143.99 -18.56
CA GLU LB 84 71.32 -143.49 -19.47
CA GLU LB 85 70.95 -140.30 -17.42
CA GLN LB 86 73.15 -138.22 -19.72
CA ASP LB 87 71.50 -139.63 -22.85
CA LYS LB 88 68.17 -137.91 -23.50
CA ARG LB 89 67.00 -140.99 -25.41
CA PHE LB 90 66.00 -142.34 -21.99
CA VAL LB 91 63.61 -140.39 -19.81
CA CYS LB 92 64.40 -140.79 -16.15
CA LYS LB 93 64.32 -139.54 -12.58
CA HIS LB 94 65.87 -140.14 -9.16
CA SER LB 95 64.22 -140.43 -5.74
CA MET LB 96 64.91 -141.84 -2.27
CA VAL LB 97 63.54 -144.56 0.02
CA ASP LB 98 64.27 -145.81 3.53
CA ARG LB 99 66.82 -148.64 3.47
CA GLY LB 100 69.11 -150.00 6.14
CA TRP LB 101 70.06 -152.97 8.30
CA GLY LB 102 66.75 -154.65 7.49
CA ASN LB 103 67.21 -154.91 3.71
CA GLY LB 104 70.97 -155.19 3.20
CA CYS LB 105 72.28 -151.68 3.86
CA GLY LB 106 73.93 -150.49 7.09
CA LEU LB 107 71.47 -148.17 8.85
CA PHE LB 108 67.90 -147.06 8.25
CA GLY LB 109 68.06 -143.90 6.15
CA LYS LB 110 66.87 -142.32 2.93
CA GLY LB 111 69.09 -143.88 0.30
CA GLY LB 112 68.94 -142.89 -3.34
CA ILE LB 113 67.43 -144.58 -6.39
CA VAL LB 114 67.70 -143.77 -10.09
CA THR LB 115 64.99 -145.02 -12.43
CA CYS LB 116 65.47 -144.70 -16.20
CA ALA LB 117 63.79 -145.99 -19.34
CA MET LB 118 63.79 -145.57 -23.11
CA PHE LB 119 60.77 -143.62 -24.37
CA THR LB 120 59.81 -144.78 -27.87
CA CYS LB 121 57.30 -142.70 -29.84
CA LYS LB 122 54.98 -144.96 -31.83
CA LYS LB 123 52.65 -142.38 -33.39
CA ASN LB 124 52.75 -138.70 -34.27
CA MET LB 125 50.30 -135.82 -33.92
CA LYS LB 126 51.16 -133.10 -36.39
CA GLY LB 127 50.84 -129.34 -35.88
CA LYS LB 128 50.67 -126.85 -38.75
CA VAL LB 129 51.00 -123.08 -38.30
CA VAL LB 130 49.89 -120.77 -41.11
CA GLN LB 131 51.92 -117.60 -41.58
CA PRO LB 132 50.54 -114.58 -43.46
CA GLU LB 133 52.93 -115.01 -46.39
CA ASN LB 134 51.85 -118.64 -46.92
CA LEU LB 135 48.23 -117.84 -47.86
CA GLU LB 136 47.65 -118.71 -51.53
CA TYR LB 137 44.48 -116.77 -52.34
CA THR LB 138 42.50 -118.10 -55.31
CA ILE LB 139 40.58 -115.17 -56.82
CA VAL LB 140 37.97 -115.45 -59.57
CA ILE LB 141 37.48 -112.43 -61.84
CA THR LB 142 34.50 -112.39 -64.22
CA PRO LB 143 33.30 -109.56 -66.50
CA HIS LB 144 29.69 -108.50 -67.01
CA SER LB 145 30.13 -109.20 -70.68
CA GLY LB 146 27.03 -111.23 -71.54
CA GLU LB 147 28.00 -114.81 -70.70
CA GLU LB 148 25.34 -117.23 -69.49
CA HIS LB 149 27.00 -120.20 -67.73
CA ALA LB 150 28.13 -118.31 -64.60
CA VAL LB 151 24.86 -117.14 -63.03
CA GLY LB 152 24.48 -119.06 -59.80
CA ASN LB 153 27.58 -121.11 -60.62
CA ASP LB 154 30.96 -122.00 -59.11
CA THR LB 155 33.04 -123.38 -62.00
CA GLY LB 156 31.49 -121.16 -64.72
CA LYS LB 157 34.53 -119.96 -66.64
CA HIS LB 158 34.42 -116.97 -68.94
CA GLY LB 159 36.84 -114.89 -66.88
CA LYS LB 160 40.00 -116.01 -65.10
CA GLU LB 161 41.07 -117.60 -61.82
CA ILE LB 162 44.39 -116.42 -60.41
CA LYS LB 163 46.39 -117.74 -57.45
CA ILE LB 164 47.77 -114.72 -55.58
CA THR LB 165 50.97 -115.40 -53.62
CA PRO LB 166 51.75 -112.51 -51.23
CA GLN LB 167 55.46 -112.78 -52.05
CA SER LB 168 54.36 -111.70 -55.55
CA SER LB 169 52.42 -108.48 -54.99
CA ILE LB 170 51.96 -107.28 -58.58
CA THR LB 171 50.34 -109.77 -60.95
CA GLU LB 172 48.82 -109.50 -64.42
CA ALA LB 173 45.54 -111.40 -64.89
CA GLU LB 174 44.84 -111.34 -68.65
CA LEU LB 175 41.06 -111.20 -68.92
CA THR LB 176 40.00 -112.53 -72.31
CA GLY LB 177 38.92 -109.95 -74.87
CA TYR LB 178 39.33 -107.04 -72.44
CA GLY LB 179 43.07 -107.10 -71.67
CA THR LB 180 44.35 -107.31 -68.10
CA VAL LB 181 43.95 -105.72 -64.67
CA THR LB 182 46.91 -105.17 -62.38
CA MET LB 183 46.60 -107.19 -59.17
CA GLU LB 184 48.09 -105.51 -56.10
CA CYS LB 185 46.10 -107.32 -53.45
CA SER LB 186 47.56 -108.10 -50.03
CA PRO LB 187 46.24 -110.23 -47.15
CA ARG LB 188 48.80 -108.57 -44.86
CA THR LB 189 46.43 -105.74 -43.97
CA GLY LB 190 43.67 -108.24 -43.19
CA LEU LB 191 43.27 -110.03 -39.89
CA ASP LB 192 46.49 -111.49 -38.52
CA PHE LB 193 46.78 -115.26 -38.94
CA ASN LB 194 49.02 -115.45 -35.88
CA GLU LB 195 46.85 -117.58 -33.55
CA MET LB 196 45.36 -120.19 -35.93
CA VAL LB 197 46.80 -123.70 -35.88
CA LEU LB 198 45.84 -126.97 -37.58
CA LEU LB 199 45.96 -130.29 -35.75
CA GLN LB 200 46.53 -133.10 -38.26
CA MET LB 201 45.95 -136.79 -37.56
CA GLU LB 202 46.43 -139.35 -40.34
CA ASN LB 203 44.34 -137.53 -42.97
CA LYS LB 204 41.75 -135.59 -40.93
CA ALA LB 205 42.32 -132.32 -39.11
CA TRP LB 206 40.91 -129.60 -36.88
CA LEU LB 207 41.53 -125.90 -36.33
CA VAL LB 208 42.43 -124.61 -32.87
CA HIS LB 209 44.21 -121.71 -31.20
CA ARG LB 210 47.98 -121.47 -30.79
CA GLN LB 211 48.11 -120.89 -27.04
CA TRP LB 212 45.81 -123.87 -26.53
CA PHE LB 213 47.87 -125.90 -28.99
CA LEU LB 214 51.02 -125.38 -26.94
CA ASP LB 215 49.42 -125.50 -23.47
CA LEU LB 216 48.64 -129.21 -23.86
CA PRO LB 217 50.51 -131.25 -21.19
CA LEU LB 218 51.65 -133.86 -23.69
CA PRO LB 219 55.01 -134.98 -25.08
CA TRP LB 220 56.67 -131.99 -26.66
CA LEU LB 221 59.04 -132.37 -29.64
CA PRO LB 222 60.36 -129.51 -31.81
CA GLY LB 223 59.90 -129.15 -35.54
CA ALA LB 224 63.59 -129.03 -36.42
CA ASP LB 225 64.52 -132.38 -34.88
CA THR LB 226 63.74 -135.65 -36.67
CA GLN LB 227 64.96 -138.53 -34.48
CA GLY LB 228 62.90 -137.46 -31.46
CA SER LB 229 65.64 -138.24 -28.94
CA ASN LB 230 65.89 -134.55 -28.00
CA TRP LB 231 62.67 -135.02 -26.06
CA ILE LB 232 60.99 -132.37 -23.89
CA GLN LB 233 58.15 -132.42 -21.34
CA LYS LB 234 59.20 -135.76 -20.01
CA GLU LB 235 56.71 -136.52 -17.23
CA THR LB 236 53.48 -136.14 -19.25
CA LEU LB 237 53.00 -139.87 -19.90
CA VAL LB 238 55.59 -141.71 -17.79
CA THR LB 239 53.87 -141.75 -14.39
CA PHE LB 240 56.21 -143.43 -11.93
CA LYS LB 241 54.53 -144.68 -8.76
CA ASN LB 242 55.90 -144.23 -5.25
CA PRO LB 243 59.12 -146.28 -5.27
CA HIS LB 244 59.12 -149.15 -2.81
CA ALA LB 245 62.73 -150.23 -2.32
CA LYS LB 246 63.92 -150.10 -5.97
CA LYS LB 247 61.19 -151.01 -8.46
CA GLN LB 248 58.34 -148.65 -9.22
CA ASP LB 249 55.45 -149.48 -11.52
CA VAL LB 250 56.69 -147.31 -14.38
CA VAL LB 251 53.98 -147.32 -17.04
CA VAL LB 252 53.08 -144.94 -19.83
CA LEU LB 253 49.46 -143.84 -19.84
CA GLY LB 254 47.20 -145.40 -22.42
CA SER LB 255 46.93 -143.94 -25.89
CA GLN LB 256 45.51 -140.44 -25.70
CA GLU LB 257 44.04 -140.70 -29.21
CA GLY LB 258 40.53 -141.46 -27.95
CA ALA LB 259 40.65 -138.99 -25.07
CA MET LB 260 42.03 -136.08 -27.06
CA HIS LB 261 39.70 -136.87 -29.95
CA THR LB 262 36.75 -136.69 -27.55
CA ALA LB 263 38.02 -133.44 -26.06
CA LEU LB 264 38.78 -131.82 -29.41
CA THR LB 265 35.27 -132.72 -30.57
CA GLY LB 266 33.16 -129.61 -31.03
CA ALA LB 267 36.06 -127.56 -32.37
CA THR LB 268 36.27 -126.41 -36.00
CA GLU LB 269 36.76 -129.58 -38.02
CA ILE LB 270 38.56 -128.90 -41.31
CA GLN LB 271 38.35 -131.22 -44.30
CA MET LB 272 41.96 -130.35 -45.08
CA SER LB 273 42.24 -133.04 -47.77
CA SER LB 274 40.72 -130.72 -50.41
CA GLY LB 275 43.04 -127.90 -49.31
CA ASN LB 276 43.33 -125.54 -46.35
CA LEU LB 277 39.89 -123.95 -46.72
CA LEU LB 278 40.30 -121.17 -44.20
CA PHE LB 279 36.95 -119.44 -43.73
CA THR LB 280 38.34 -116.08 -42.54
CA GLY LB 281 40.72 -113.34 -43.61
CA HIS LB 282 40.26 -109.99 -45.32
CA LEU LB 283 41.93 -109.44 -48.67
CA LYS LB 284 42.69 -105.76 -49.33
CA CYS LB 285 42.84 -105.38 -53.10
CA ARG LB 286 44.21 -102.29 -54.88
CA LEU LB 287 43.87 -102.24 -58.66
CA ARG LB 288 44.85 -100.08 -61.61
CA MET LB 289 41.97 -100.81 -64.00
CA ASP LB 290 43.12 -98.27 -66.62
CA LYS LB 291 44.98 -101.02 -68.48
CA LEU LB 292 41.64 -102.84 -68.72
CA GLN LB 293 39.46 -101.85 -71.65
CA LEU LB 294 36.16 -102.87 -73.24
CA LYS LB 295 36.57 -104.06 -76.83
CA GLY LB 296 32.78 -104.12 -77.12
CA MET LB 297 32.02 -100.59 -75.95
CA SER LB 298 32.15 -98.57 -79.18
CA TYR LB 299 30.27 -100.87 -81.57
CA SER LB 300 27.42 -99.38 -83.58
CA MET LB 301 24.05 -98.73 -81.98
CA CYS LB 302 22.02 -101.81 -82.75
CA THR LB 303 19.04 -101.51 -85.06
CA GLY LB 304 17.19 -104.76 -85.70
CA LYS LB 305 14.24 -106.26 -83.88
CA PHE LB 306 14.91 -107.56 -80.38
CA LYS LB 307 12.87 -110.01 -78.28
CA VAL LB 308 12.90 -111.55 -74.79
CA VAL LB 309 13.15 -115.29 -74.14
CA LYS LB 310 12.88 -115.72 -70.36
CA GLU LB 311 11.05 -113.41 -67.97
CA ILE LB 312 12.46 -111.80 -64.84
CA ALA LB 313 13.08 -113.61 -61.59
CA GLU LB 314 14.16 -111.60 -58.56
CA THR LB 315 17.65 -111.77 -57.09
CA GLN LB 316 18.79 -111.57 -53.47
CA HIS LB 317 19.84 -107.93 -53.72
CA GLY LB 318 16.91 -107.26 -56.05
CA THR LB 319 18.50 -106.61 -59.44
CA ILE LB 320 17.01 -106.95 -62.90
CA VAL LB 321 18.59 -109.81 -64.82
CA ILE LB 322 17.10 -110.53 -68.25
CA ARG LB 323 18.04 -113.12 -70.83
CA VAL LB 324 17.22 -111.50 -74.17
CA GLN LB 325 17.52 -112.73 -77.76
CA TYR LB 326 18.13 -110.75 -80.95
CA GLU LB 327 16.17 -111.91 -83.99
CA GLY LB 328 17.34 -109.02 -86.17
CA ASP LB 329 20.65 -108.46 -87.95
CA GLY LB 330 23.79 -106.36 -87.82
CA SER LB 331 25.64 -108.29 -85.13
CA PRO LB 332 27.93 -107.23 -83.48
CA CYS LB 333 25.97 -104.16 -82.34
CA LYS LB 334 25.58 -101.93 -79.28
CA ILE LB 335 22.10 -102.62 -77.88
CA PRO LB 336 19.97 -99.73 -76.56
CA PHE LB 337 18.86 -100.23 -72.98
CA GLU LB 338 17.31 -97.55 -70.76
CA ILE LB 339 15.14 -97.44 -67.63
CA MET LB 340 12.62 -94.67 -68.27
CA ASP LB 341 9.76 -93.29 -66.26
CA LEU LB 342 6.29 -94.44 -67.24
CA GLU LB 343 5.89 -91.17 -69.21
CA LYS LB 344 9.24 -91.64 -71.03
CA ARG LB 345 10.54 -88.20 -69.92
CA HIS LB 346 13.33 -88.69 -67.35
CA VAL LB 347 15.57 -91.63 -66.42
CA LEU LB 348 15.33 -93.29 -62.99
CA GLY LB 349 17.50 -96.38 -62.66
CA ARG LB 350 21.04 -97.54 -63.35
CA LEU LB 351 22.43 -100.35 -65.50
CA ILE LB 352 25.41 -102.44 -64.40
CA THR LB 353 26.57 -103.87 -67.72
CA VAL LB 354 27.89 -100.69 -69.29
CA ASN LB 355 27.27 -100.74 -73.05
CA PRO LB 356 25.84 -104.26 -73.31
CA ILE LB 357 26.96 -106.07 -76.44
CA VAL LB 358 25.52 -108.75 -78.72
CA THR LB 359 28.37 -110.21 -80.80
CA GLU LB 360 26.65 -113.49 -81.69
CA LYS LB 361 23.49 -114.43 -83.54
CA ASP LB 362 20.87 -116.61 -81.86
CA SER LB 363 22.32 -116.59 -78.35
CA PRO LB 364 20.99 -115.56 -74.93
CA VAL LB 365 22.25 -112.21 -73.70
CA ASN LB 366 22.33 -111.36 -70.00
CA ILE LB 367 21.41 -107.75 -69.20
CA GLU LB 368 21.80 -106.46 -65.65
CA ALA LB 369 20.21 -103.42 -64.01
CA GLU LB 370 19.07 -102.02 -60.66
CA PRO LB 371 15.97 -99.80 -60.59
CA PRO LB 372 14.82 -97.86 -57.54
CA PHE LB 373 11.76 -98.86 -55.53
CA GLY LB 374 8.92 -97.75 -57.76
CA ASP LB 375 7.17 -98.33 -61.03
CA SER LB 376 9.46 -98.09 -64.04
CA TYR LB 377 9.53 -98.89 -67.74
CA ILE LB 378 12.55 -100.74 -69.11
CA ILE LB 379 12.67 -99.41 -72.68
CA ILE LB 380 14.60 -101.59 -75.12
CA GLY LB 381 15.31 -101.08 -78.79
CA VAL LB 382 14.14 -98.43 -81.23
CA GLU LB 383 10.92 -98.25 -83.21
CA PRO LB 384 10.01 -100.28 -85.27
CA GLY LB 385 10.04 -103.06 -82.68
CA GLN LB 386 10.09 -101.00 -79.49
CA LEU LB 387 9.94 -103.09 -76.32
CA LYS LB 388 8.48 -101.61 -73.14
CA LEU LB 389 8.60 -103.67 -69.94
CA ASN LB 390 6.80 -102.44 -66.84
CA TRP LB 391 8.50 -103.31 -63.58
CA PHE LB 392 8.12 -102.69 -59.86
CA LYS LB 393 10.21 -103.63 -56.82
CA LYS LB 394 9.44 -103.54 -53.12
CA GLY LB 395 11.24 -101.73 -50.31
CA SER LB 396 11.83 -98.25 -48.93
CA SER LB 397 14.34 -95.86 -50.49
CA ILE LB 398 15.61 -94.86 -47.05
CA GLY LB 399 16.20 -98.55 -46.41
CA GLN LB 400 18.67 -98.79 -49.27
CA MET LB 401 20.20 -95.42 -48.34
CA ILE LB 402 21.01 -96.48 -44.77
CA GLU LB 403 22.03 -99.99 -45.86
CA THR LB 404 24.46 -98.83 -48.56
CA THR LB 405 25.85 -95.98 -46.47
CA MET LB 406 26.52 -98.15 -43.43
CA ARG LB 407 27.94 -100.94 -45.57
CA GLY LB 408 30.33 -98.50 -47.24
CA ALA LB 409 31.23 -97.00 -43.87
CA LYS LB 410 32.17 -100.43 -42.51
CA ARG LB 411 34.02 -101.17 -45.73
CA MET LB 412 36.09 -98.01 -45.39
CA ALA LB 413 36.64 -98.62 -41.66
CA ILE LB 414 38.14 -102.04 -42.35
CA LEU LB 415 39.77 -100.61 -45.50
CA GLY LB 416 41.08 -97.83 -43.30
CA ASP LB 417 44.37 -97.18 -41.52
CA THR LB 418 47.39 -97.99 -43.72
CA ALA LB 419 44.93 -98.65 -46.60
CA TRP LB 420 43.52 -95.42 -48.05
CA ASP LB 421 46.12 -93.22 -49.68
CA PHE LB 422 47.17 -90.55 -47.19
CA GLY LB 423 50.93 -90.59 -47.77
CA SER LB 424 50.75 -90.08 -51.54
CA LEU LB 425 51.07 -86.36 -52.27
CA GLY LB 426 48.97 -84.94 -55.09
CA GLY LB 427 46.44 -87.74 -54.81
CA VAL LB 428 45.46 -86.65 -51.30
CA PHE LB 429 42.48 -84.68 -52.62
CA THR LB 430 41.62 -87.67 -54.82
CA SER LB 431 41.95 -90.03 -51.85
CA ILE LB 432 39.62 -87.99 -49.64
CA GLY LB 433 37.24 -87.75 -52.60
CA LYS LB 434 37.28 -91.54 -52.83
CA ALA LB 435 36.64 -91.85 -49.09
CA LEU LB 436 33.81 -89.31 -49.06
CA HIS LB 437 32.35 -91.22 -51.99
CA GLN LB 438 32.54 -94.57 -50.21
CA VAL LB 439 30.56 -93.06 -47.28
CA PHE LB 440 28.20 -90.39 -48.68
CA GLY LB 441 27.93 -91.28 -52.37
CA ALA LB 442 24.67 -93.14 -51.96
CA ILE LB 443 23.16 -89.93 -50.60
CA TYR LB 444 24.85 -87.85 -53.29
CA GLY LB 445 23.85 -89.93 -56.31
CA ALA LB 446 20.44 -91.20 -55.17
CA ALA LB 447 18.86 -88.65 -52.84
CA PHE LB 448 20.26 -85.52 -54.50
CA SER LB 449 18.61 -85.56 -57.93
CA GLY LB 450 20.48 -88.41 -59.65
CA VAL LB 451 22.09 -86.14 -60.85
CA SER LB 452 22.65 -83.49 -63.53
CA TRP LB 453 26.06 -82.47 -62.20
CA ILE LB 454 26.29 -78.89 -63.51
CA MET LB 455 23.07 -77.61 -61.97
CA LYS LB 456 23.58 -79.46 -58.70
CA ILE LB 457 27.05 -77.98 -58.25
CA LEU LB 458 25.46 -74.60 -58.90
CA ILE LB 459 23.04 -75.42 -56.08
CA GLY LB 460 26.04 -76.58 -54.05
CA VAL LB 461 27.85 -73.28 -54.35
CA ILE LB 462 24.54 -71.56 -53.54
CA ILE LB 463 24.22 -73.53 -50.28
CA THR LB 464 27.88 -72.81 -49.48
CA TRP LB 465 27.31 -69.09 -50.00
CA ILE LB 466 24.21 -69.15 -47.78
CA GLY LB 467 26.10 -71.14 -45.14
CA MET LB 468 29.11 -68.85 -44.94
CA ASN LB 469 26.87 -65.77 -44.64
CA SER LB 470 24.50 -67.42 -42.16
CA ARG LB 471 22.99 -66.11 -38.94
CA SER LB 472 24.71 -68.88 -36.93
CA THR LB 473 28.22 -70.30 -37.04
CA SER LB 474 27.06 -73.80 -36.10
CA LEU LB 475 24.76 -73.86 -39.13
CA SER LB 476 27.59 -72.35 -41.20
CA VAL LB 477 29.87 -75.25 -40.30
CA SER LB 478 27.06 -77.79 -40.73
CA LEU LB 479 26.09 -76.52 -44.20
CA VAL LB 480 29.34 -75.44 -45.88
CA LEU LB 481 30.82 -78.87 -45.13
CA VAL LB 482 27.98 -80.52 -47.04
CA GLY LB 483 28.29 -77.95 -49.82
CA VAL LB 484 32.00 -78.47 -50.34
CA VAL LB 485 31.35 -82.22 -50.18
CA THR LB 486 28.78 -81.77 -52.93
CA LEU LB 487 31.10 -79.69 -55.11
CA TYR LB 488 34.18 -81.91 -54.75
CA LEU LB 489 32.21 -85.14 -55.20
CA GLY LB 490 30.52 -83.62 -58.25
CA VAL LB 491 33.91 -82.93 -59.73
CA MET LB 492 34.73 -86.52 -58.80
CA VAL LB 493 31.53 -88.33 -59.90
CA GLN LB 494 31.92 -86.60 -63.26
CA ALA LB 495 34.94 -88.92 -63.60
CA PHE MB 1 32.35 -176.30 2.49
CA HIS MB 2 30.99 -177.22 -0.94
CA LEU MB 3 33.78 -176.71 -3.47
CA THR MB 4 33.43 -175.36 -7.01
CA THR MB 5 35.62 -173.31 -9.38
CA ARG MB 6 35.37 -169.72 -10.57
CA ASN MB 7 37.83 -167.68 -12.63
CA GLY MB 8 40.04 -170.76 -12.70
CA GLU MB 9 40.35 -170.81 -8.90
CA PRO MB 10 38.81 -173.03 -6.21
CA HIS MB 11 35.78 -171.68 -4.39
CA MET MB 12 34.62 -173.36 -1.17
CA ILE MB 13 31.36 -172.29 0.48
CA VAL MB 14 31.55 -172.86 4.23
CA SER MB 15 28.72 -172.87 6.76
CA ARG MB 16 28.11 -173.34 10.48
CA GLN MB 17 28.52 -177.13 10.08
CA GLU MB 18 32.28 -176.44 9.92
CA LYS MB 19 32.78 -173.28 11.97
CA GLY MB 20 36.00 -172.06 13.55
CA LYS MB 21 37.84 -175.24 12.55
CA SER MB 22 40.64 -176.08 10.15
CA LEU MB 23 39.40 -176.50 6.59
CA LEU MB 24 40.96 -179.48 4.82
CA PHE MB 25 40.78 -180.76 1.25
CA LYS MB 26 42.62 -182.81 -1.36
CA THR MB 27 42.85 -181.09 -4.75
CA GLU MB 28 45.06 -181.29 -7.84
CA ASP MB 29 47.45 -178.81 -6.22
CA GLY MB 30 47.79 -181.18 -3.26
CA VAL MB 31 46.77 -181.30 0.41
CA ASN MB 32 44.91 -178.00 0.91
CA MET MB 33 45.04 -176.99 4.59
CA CYS MB 34 43.16 -173.70 5.00
CA THR MB 35 42.53 -171.82 8.22
CA LEU MB 36 39.35 -169.74 8.21
CA MET MB 37 40.16 -167.43 11.10
CA ALA MB 38 37.34 -165.02 10.25
CA MET MB 39 34.76 -163.47 12.58
CA ASP MB 40 31.22 -163.07 11.28
CA LEU MB 41 30.86 -166.68 10.12
CA GLY MB 42 27.46 -167.80 11.38
CA GLU MB 43 24.84 -170.01 9.77
CA LEU MB 44 24.58 -169.60 6.00
CA CYS MB 45 22.73 -166.52 4.76
CA GLU MB 46 22.09 -164.45 1.63
CA ASP MB 47 24.58 -161.70 2.55
CA THR MB 48 27.28 -163.58 0.68
CA ILE MB 49 30.63 -162.17 1.80
CA THR MB 50 33.54 -163.52 -0.24
CA TYR MB 51 37.29 -163.61 0.34
CA LYS MB 52 40.63 -164.50 -1.15
CA CYS MB 53 42.59 -166.77 1.12
CA PRO MB 54 46.07 -165.86 -0.21
CA PHE MB 55 48.88 -168.26 -0.97
CA LEU MB 56 51.31 -168.20 1.96
CA LYS MB 57 54.18 -170.68 1.97
CA GLN MB 58 55.91 -170.35 5.36
CA ASN MB 59 55.84 -166.68 6.41
CA GLU MB 60 54.17 -165.13 9.46
CA PRO MB 61 50.49 -164.45 8.66
CA GLU MB 62 49.03 -161.16 9.82
CA ASP MB 63 46.22 -158.76 8.92
CA ILE MB 64 44.33 -161.55 7.12
CA ASP MB 65 40.99 -163.23 7.71
CA CYS MB 66 41.63 -166.58 6.03
CA TRP MB 67 44.67 -168.28 4.54
CA CYS MB 68 45.84 -171.52 2.97
CA ASN MB 69 49.29 -173.09 2.96
CA SER MB 70 48.80 -174.70 -0.49
CA THR MB 71 47.43 -172.14 -2.94
CA SER MB 72 45.29 -169.04 -3.24
CA THR MB 73 41.59 -169.78 -3.09
CA TRP MB 74 38.13 -168.26 -2.79
CA VAL MB 75 35.96 -168.69 0.28
CA THR MB 76 32.47 -167.37 0.98
CA TYR MB 77 29.84 -167.37 3.68
CA GLY MB 78 26.85 -165.51 5.12
CA THR MB 79 26.44 -162.93 7.85
CA CYS MB 80 22.86 -162.99 9.16
CA THR MB 81 22.14 -163.99 12.75
CA THR MB 82 20.64 -167.30 13.86
CA THR MB 83 17.00 -166.18 13.93
CA GLY MB 84 17.22 -164.46 10.54
CA GLU MB 85 17.77 -160.79 9.73
CA HIS MB 86 19.61 -158.56 7.30
CA ARG MB 87 22.47 -157.45 9.58
CA ARG MB 88 23.22 -155.28 12.62
CA GLU MB 89 21.15 -152.10 12.92
CA LYS MB 90 22.61 -148.58 12.97
CA ARG MB 91 21.30 -145.02 12.91
CA SER MB 92 22.85 -142.40 10.64
CA VAL MB 93 22.21 -139.78 7.90
CA ALA MB 94 21.66 -136.14 8.89
CA LEU MB 95 18.48 -134.45 7.71
CA VAL MB 96 15.72 -132.14 8.91
CA PRO MB 97 13.13 -130.07 6.99
CA HIS MB 98 11.76 -126.61 7.41
CA VAL MB 99 8.79 -126.31 9.77
CA GLY MB 100 5.48 -125.75 8.11
CA MET MB 101 2.79 -123.12 7.92
CA GLY MB 102 -0.88 -123.87 8.49
CA LEU MB 103 -4.28 -122.59 9.69
CA GLU MB 104 -2.94 -119.01 9.59
CA THR MB 105 -3.11 -117.84 5.94
CA ARG MB 106 -0.89 -115.08 4.53
CA THR MB 107 -2.91 -111.84 4.26
CA GLU MB 108 -3.37 -108.93 6.67
CA THR MB 109 -6.75 -109.61 8.34
CA TRP MB 110 -8.53 -110.91 11.49
CA MET MB 111 -7.80 -107.91 13.79
CA SER MB 112 -5.78 -110.29 16.01
CA SER MB 113 -3.06 -109.10 18.37
CA GLU MB 114 -0.33 -111.14 16.67
CA GLY MB 115 -1.51 -110.15 13.20
CA ALA MB 116 -1.95 -106.51 14.22
CA TRP MB 117 1.50 -106.20 15.81
CA LYS MB 118 3.36 -108.29 13.21
CA HIS MB 119 3.51 -105.39 10.76
CA ALA MB 120 4.85 -102.96 13.37
CA GLN MB 121 7.34 -105.53 14.67
CA ARG MB 122 8.61 -106.11 11.13
CA ILE MB 123 8.85 -102.34 10.53
CA GLU MB 124 10.96 -101.81 13.64
CA THR MB 125 13.08 -104.88 12.86
CA TRP MB 126 13.75 -103.46 9.40
CA ILE MB 127 14.60 -100.08 10.92
CA LEU MB 128 17.04 -101.70 13.34
CA ARG MB 129 18.60 -103.72 10.51
CA HIS MB 130 18.55 -100.72 8.13
CA PRO MB 131 19.81 -97.62 9.97
CA GLY MB 132 21.25 -96.11 6.78
CA PHE MB 133 17.97 -96.20 4.88
CA THR MB 134 16.24 -94.75 7.93
CA ILE MB 135 18.71 -91.85 8.01
CA MET MB 136 18.32 -91.33 4.27
CA ALA MB 137 14.53 -91.22 4.59
CA ALA MB 138 14.81 -88.76 7.48
CA ILE MB 139 17.08 -86.51 5.39
CA LEU MB 140 14.66 -86.62 2.45
CA ALA MB 141 11.77 -85.77 4.78
CA TYR MB 142 13.77 -82.86 6.20
CA THR MB 143 14.60 -81.45 2.77
CA ILE MB 144 11.17 -81.91 1.18
CA GLY MB 145 9.23 -81.15 4.36
CA THR MB 146 8.51 -77.48 5.04
CA THR MB 147 6.60 -78.17 8.29
CA HIS MB 148 7.54 -80.46 11.17
CA PHE MB 149 4.23 -82.31 10.84
CA GLN MB 150 4.84 -82.94 7.14
CA ARG MB 151 8.42 -83.91 8.02
CA ALA MB 152 7.31 -86.58 10.49
CA LEU MB 153 4.47 -87.81 8.27
CA ILE MB 154 6.76 -88.23 5.26
CA PHE MB 155 9.43 -89.93 7.36
CA ILE MB 156 6.89 -92.40 8.75
CA LEU MB 157 5.45 -93.01 5.27
CA LEU MB 158 8.89 -93.71 3.78
CA THR MB 159 9.93 -96.00 6.65
CA ALA MB 160 6.65 -97.93 6.38
CA VAL MB 161 6.56 -98.17 2.57
CA ALA MB 162 10.20 -99.10 1.86
CA PRO MB 163 9.97 -102.59 3.47
CA SER MB 164 6.59 -103.36 1.89
CA MET MB 165 8.18 -103.22 -1.57
CA THR MB 166 10.41 -106.17 -0.64
CA PHE NB 1 49.57 -170.19 29.90
CA HIS NB 2 49.40 -169.50 33.66
CA LEU NB 3 46.01 -170.23 35.19
CA THR NB 4 46.02 -167.50 37.85
CA THR NB 5 43.20 -166.10 40.00
CA ARG NB 6 42.85 -162.61 38.55
CA ASN NB 7 39.97 -160.49 39.88
CA GLY NB 8 38.83 -163.69 41.60
CA GLU NB 9 38.36 -165.62 38.34
CA PRO NB 10 40.53 -167.86 36.14
CA HIS NB 11 43.00 -165.93 34.02
CA MET NB 12 45.25 -167.15 31.18
CA ILE NB 13 48.15 -165.64 29.22
CA VAL NB 14 48.34 -167.17 25.73
CA SER NB 15 51.35 -166.33 23.56
CA ARG NB 16 52.17 -166.83 19.89
CA GLN NB 17 54.24 -170.01 20.29
CA GLU NB 18 50.91 -171.81 19.83
CA LYS NB 19 48.28 -170.14 17.67
CA GLY NB 20 45.05 -170.88 15.86
CA LYS NB 21 44.45 -173.95 18.02
CA SER NB 22 42.16 -174.71 20.94
CA LEU NB 23 43.84 -174.58 24.34
CA LEU NB 24 43.40 -177.27 26.99
CA PHE NB 25 43.71 -176.88 30.76
CA LYS NB 26 42.32 -177.99 34.11
CA THR NB 27 40.07 -176.31 36.68
CA GLU NB 28 37.96 -177.37 39.64
CA ASP NB 29 35.08 -178.11 37.26
CA GLY NB 30 37.28 -180.48 35.23
CA VAL NB 31 39.14 -180.40 31.94
CA ASN NB 32 38.33 -177.29 29.90
CA MET NB 33 39.06 -176.85 26.20
CA CYS NB 34 39.07 -173.19 25.15
CA THR NB 35 38.50 -171.69 21.71
CA LEU NB 36 40.36 -168.53 20.68
CA MET NB 37 39.20 -167.03 17.38
CA ALA NB 38 41.12 -163.77 17.90
CA MET NB 39 42.63 -163.13 14.48
CA ASP NB 40 44.86 -160.17 15.44
CA LEU NB 41 47.12 -162.18 17.74
CA GLY NB 42 50.86 -161.66 18.13
CA GLU NB 43 53.58 -162.64 20.60
CA LEU NB 44 53.59 -161.58 24.24
CA CYS NB 45 54.98 -158.11 24.97
CA GLU NB 46 54.02 -155.00 26.91
CA ASP NB 47 50.95 -154.22 24.78
CA THR NB 48 48.78 -156.79 26.54
CA ILE NB 49 45.16 -156.96 25.40
CA THR NB 50 42.84 -158.75 27.84
CA TYR NB 51 39.43 -160.46 27.62
CA LYS NB 52 36.81 -161.99 29.92
CA CYS NB 53 36.06 -165.15 27.94
CA PRO NB 54 32.32 -165.98 28.17
CA PHE NB 55 30.64 -169.31 28.85
CA LEU NB 56 28.60 -171.00 26.12
CA LYS NB 57 26.67 -174.26 26.49
CA GLN NB 58 25.16 -175.10 23.07
CA ASN NB 59 24.30 -171.82 21.30
CA GLU NB 60 26.13 -170.85 18.14
CA PRO NB 61 29.24 -168.74 18.92
CA GLU NB 62 28.61 -165.42 17.16
CA ASP NB 63 30.58 -162.16 17.10
CA ILE NB 64 33.00 -163.30 19.84
CA ASP NB 65 36.59 -164.49 19.83
CA CYS NB 66 36.80 -166.74 22.87
CA TRP NB 67 34.54 -169.43 24.26
CA CYS NB 68 34.67 -172.68 26.23
CA ASN NB 69 32.20 -175.48 27.05
CA SER NB 70 32.09 -175.30 30.86
CA THR NB 71 33.08 -171.94 32.33
CA SER NB 72 34.16 -168.35 31.72
CA THR NB 73 37.69 -167.04 32.19
CA TRP NB 74 40.11 -164.20 31.38
CA VAL NB 75 42.34 -164.73 28.32
CA THR NB 76 45.05 -162.20 27.45
CA TYR NB 77 47.80 -161.88 24.88
CA GLY NB 78 50.25 -159.49 23.31
CA THR NB 79 49.92 -157.75 19.96
CA CYS NB 80 53.50 -156.89 19.01
CA THR NB 81 54.49 -157.71 15.44
CA THR NB 82 57.46 -159.84 14.41
CA THR NB 83 59.96 -157.07 15.16
CA GLY NB 84 58.53 -156.91 18.70
CA GLU NB 85 57.19 -153.35 18.41
CA HIS NB 86 53.83 -151.82 19.33
CA ARG NB 87 50.91 -151.12 17.02
CA ARG NB 88 51.61 -148.97 13.99
CA GLU NB 89 49.55 -146.77 11.66
CA LYS NB 90 49.22 -143.20 10.38
CA ARG NB 91 48.07 -140.44 10.15
CA SER NB 92 46.32 -137.83 12.30
CA VAL NB 93 45.75 -134.13 11.61
CA ALA NB 94 47.46 -130.98 12.87
CA LEU NB 95 46.35 -127.49 11.89
CA VAL NB 96 48.76 -125.92 9.39
CA PRO NB 97 50.57 -122.96 11.01
CA HIS NB 98 51.39 -119.54 9.58
CA VAL NB 99 52.73 -116.14 10.65
CA GLY NB 100 50.69 -113.38 12.26
CA MET NB 101 47.45 -113.65 14.22
CA GLY NB 102 44.45 -113.94 11.94
CA LEU NB 103 41.37 -112.80 13.87
CA GLU NB 104 39.33 -110.78 11.39
CA THR NB 105 37.37 -113.42 9.42
CA ARG NB 106 34.87 -116.03 10.58
CA THR NB 107 31.46 -117.41 9.57
CA GLU NB 108 30.33 -118.30 6.04
CA THR NB 109 28.27 -116.19 3.66
CA TRP NB 110 24.58 -115.99 2.82
CA MET NB 111 24.56 -115.36 -0.92
CA SER NB 112 21.48 -113.13 -1.21
CA SER NB 113 22.01 -110.88 1.81
CA GLU NB 114 25.75 -110.51 1.33
CA GLY NB 115 25.29 -109.84 -2.39
CA ALA NB 116 22.77 -107.13 -1.52
CA TRP NB 117 25.09 -105.58 1.08
CA LYS NB 118 28.28 -105.98 -0.99
CA HIS NB 119 27.97 -102.44 -2.34
CA ALA NB 120 27.34 -100.92 1.09
CA GLN NB 121 30.29 -102.76 2.65
CA ARG NB 122 32.60 -102.20 -0.34
CA ILE NB 123 32.08 -98.43 -0.37
CA GLU NB 124 32.96 -98.29 3.34
CA THR NB 125 36.05 -100.47 3.04
CA TRP NB 126 37.27 -98.56 -0.01
CA ILE NB 127 36.60 -95.09 1.39
CA LEU NB 128 38.41 -96.06 4.59
CA ARG NB 129 41.37 -97.70 2.83
CA HIS NB 130 42.15 -94.68 0.59
CA PRO NB 131 42.01 -91.41 2.57
CA GLY NB 132 44.11 -89.72 -0.12
CA PHE NB 133 41.43 -90.20 -2.75
CA THR NB 134 38.90 -89.13 -0.12
CA ILE NB 135 40.75 -85.82 0.11
CA MET NB 136 41.00 -85.35 -3.65
CA ALA NB 137 37.34 -86.21 -4.23
CA ALA NB 138 36.31 -83.86 -1.43
CA ILE NB 139 38.38 -81.02 -2.89
CA LEU NB 140 36.97 -81.57 -6.38
CA ALA NB 141 33.42 -81.61 -5.01
CA TYR NB 142 34.12 -78.45 -3.02
CA THR NB 143 35.35 -76.61 -6.10
CA ILE NB 144 32.74 -77.80 -8.60
CA GLY NB 145 29.63 -77.67 -6.43
CA THR NB 146 28.31 -74.09 -6.33
CA THR NB 147 25.98 -74.66 -3.36
CA HIS NB 148 26.20 -77.10 -0.48
CA PHE NB 149 23.95 -79.91 -1.72
CA GLN NB 150 25.63 -80.01 -5.13
CA ARG NB 151 28.94 -80.42 -3.30
CA ALA NB 152 27.61 -83.27 -1.17
CA LEU NB 153 25.96 -84.92 -4.19
CA ILE NB 154 29.12 -84.88 -6.30
CA PHE NB 155 31.12 -86.14 -3.32
CA ILE NB 156 28.85 -89.12 -2.63
CA LEU NB 157 28.56 -90.02 -6.33
CA LEU NB 158 32.34 -90.07 -6.77
CA THR NB 159 32.79 -92.09 -3.58
CA ALA NB 160 30.29 -94.62 -4.92
CA VAL NB 161 31.83 -94.68 -8.39
CA ALA NB 162 35.44 -95.19 -7.30
CA PRO NB 163 35.09 -98.79 -6.03
CA SER NB 164 32.95 -99.76 -9.03
CA MET NB 165 35.57 -98.95 -11.67
CA THR NB 166 38.06 -101.14 -9.79
CA PHE OB 1 68.83 -167.76 -16.70
CA HIS OB 2 71.12 -166.03 -19.22
CA LEU OB 3 74.08 -164.37 -17.47
CA THR OB 4 76.02 -161.38 -18.82
CA THR OB 5 78.54 -158.95 -17.33
CA ARG OB 6 77.40 -155.32 -17.26
CA ASN OB 7 78.87 -152.53 -15.12
CA GLY OB 8 81.26 -155.05 -13.61
CA GLU OB 9 78.32 -157.02 -12.16
CA PRO OB 10 76.29 -160.01 -13.39
CA HIS OB 11 73.03 -159.38 -15.24
CA MET OB 12 70.45 -162.18 -15.33
CA ILE OB 13 67.82 -162.48 -18.07
CA VAL OB 14 64.87 -164.69 -17.13
CA SER OB 15 61.81 -165.73 -19.12
CA ARG OB 16 58.46 -167.14 -18.09
CA GLN OB 17 59.58 -170.59 -19.28
CA GLU OB 18 61.07 -170.85 -15.76
CA LYS OB 19 58.19 -169.01 -14.09
CA GLY OB 20 57.35 -169.82 -10.48
CA LYS OB 21 60.57 -171.69 -9.73
CA SER OB 22 63.58 -170.69 -7.65
CA LEU OB 23 66.59 -169.25 -9.46
CA LEU OB 24 69.18 -172.04 -9.29
CA PHE OB 25 72.45 -172.20 -11.23
CA LYS OB 26 76.20 -172.61 -10.73
CA THR OB 27 79.10 -170.22 -11.42
CA GLU OB 28 82.58 -169.58 -10.08
CA ASP OB 29 81.23 -167.16 -7.46
CA GLY OB 30 79.80 -170.17 -5.63
CA VAL OB 31 76.55 -172.09 -5.22
CA ASN OB 32 74.31 -169.18 -6.21
CA MET OB 33 70.98 -170.18 -4.75
CA CYS OB 34 68.47 -167.43 -5.51
CA THR OB 35 64.74 -166.81 -5.73
CA LEU OB 36 62.32 -164.65 -7.72
CA MET OB 37 59.01 -164.13 -5.97
CA ALA OB 38 56.98 -161.29 -7.51
CA MET OB 39 54.24 -162.27 -9.96
CA ASP OB 40 54.64 -159.27 -12.27
CA LEU OB 41 56.55 -161.50 -14.72
CA GLY OB 42 55.35 -161.60 -18.30
CA GLU OB 43 56.60 -163.43 -21.35
CA LEU OB 44 59.82 -162.53 -23.13
CA CYS OB 45 59.30 -159.31 -25.08
CA GLU OB 46 60.90 -155.89 -25.56
CA ASP OB 47 59.51 -154.43 -22.31
CA THR OB 48 62.56 -155.30 -20.25
CA ILE OB 49 62.50 -154.51 -16.52
CA THR OB 50 65.59 -154.85 -14.31
CA TYR OB 51 66.55 -155.35 -10.66
CA LYS OB 52 69.47 -155.77 -8.32
CA CYS OB 53 69.05 -158.85 -6.14
CA PRO OB 54 70.69 -158.23 -2.75
CA PHE OB 55 72.99 -160.59 -0.87
CA LEU OB 56 71.94 -162.41 2.29
CA LYS OB 57 73.93 -162.08 5.49
CA GLN OB 58 71.41 -163.24 8.12
CA ASN OB 59 68.03 -161.58 7.47
CA GLU OB 60 64.86 -163.23 6.24
CA PRO OB 61 64.01 -162.34 2.61
CA GLU OB 62 62.17 -159.05 2.85
CA ASP OB 63 61.65 -155.70 1.07
CA ILE OB 64 62.87 -157.00 -2.33
CA ASP OB 65 61.09 -159.08 -4.96
CA CYS OB 66 64.23 -161.10 -5.67
CA TRP OB 67 66.57 -162.62 -3.09
CA CYS OB 68 69.99 -164.24 -3.62
CA ASN OB 69 72.26 -165.55 -0.86
CA SER OB 70 75.68 -166.00 -2.50
CA THR OB 71 76.46 -162.83 -4.49
CA SER OB 72 74.51 -159.72 -5.47
CA THR OB 73 73.29 -160.00 -9.05
CA TRP OB 74 70.96 -158.10 -11.37
CA VAL OB 75 67.85 -159.90 -12.60
CA THR OB 76 65.81 -158.60 -15.53
CA TYR OB 77 62.80 -160.03 -17.36
CA GLY OB 78 59.70 -159.19 -19.36
CA THR OB 79 56.44 -157.70 -18.09
CA CYS OB 80 54.12 -157.48 -21.09
CA THR OB 81 50.76 -159.23 -20.78
CA THR OB 82 50.28 -162.65 -22.36
CA THR OB 83 48.69 -161.16 -25.50
CA GLY OB 84 51.96 -159.45 -26.47
CA GLU OB 85 50.75 -155.99 -25.39
CA HIS OB 86 52.68 -153.56 -23.21
CA ARG OB 87 51.30 -152.53 -19.85
CA ARG OB 88 48.96 -149.57 -19.84
CA GLU OB 89 46.36 -147.74 -17.74
CA LYS OB 90 43.08 -146.21 -18.83
CA ARG OB 91 43.63 -142.87 -17.09
CA SER OB 92 43.66 -139.85 -19.40
CA VAL OB 93 44.64 -136.15 -19.37
CA ALA OB 94 43.29 -133.29 -21.49
CA LEU OB 95 41.35 -130.03 -21.09
CA VAL OB 96 38.39 -128.09 -22.50
CA PRO OB 97 39.00 -126.75 -26.06
CA HIS OB 98 35.68 -124.96 -26.64
CA VAL OB 99 36.23 -121.25 -25.89
CA GLY OB 100 39.38 -119.26 -25.28
CA MET OB 101 40.44 -115.80 -26.49
CA GLY OB 102 42.13 -113.11 -24.39
CA LEU OB 103 43.73 -110.48 -26.63
CA GLU OB 104 44.39 -110.58 -30.39
CA THR OB 105 44.32 -108.70 -33.68
CA ARG OB 106 46.16 -105.91 -35.34
CA THR OB 107 47.06 -102.92 -33.16
CA GLU OB 108 45.11 -99.74 -34.02
CA THR OB 109 42.14 -100.18 -36.37
CA TRP OB 110 41.03 -103.02 -34.14
CA MET OB 111 41.66 -100.78 -31.13
CA SER OB 112 39.54 -97.94 -32.51
CA SER OB 113 36.76 -100.12 -33.93
CA GLU OB 114 36.41 -102.49 -30.99
CA GLY OB 115 36.71 -99.59 -28.54
CA ALA OB 116 33.82 -97.83 -30.28
CA TRP OB 117 31.73 -101.01 -30.44
CA LYS OB 118 32.49 -102.27 -26.92
CA HIS OB 119 31.76 -98.87 -25.41
CA ALA OB 120 28.61 -98.64 -27.54
CA GLN OB 121 27.31 -102.04 -26.47
CA ARG OB 122 28.32 -101.55 -22.82
CA ILE OB 123 26.62 -98.16 -22.53
CA GLU OB 124 23.65 -99.39 -24.56
CA THR OB 125 23.19 -102.38 -22.27
CA TRP OB 126 23.40 -100.04 -19.27
CA ILE OB 127 20.72 -97.86 -20.90
CA LEU OB 128 18.33 -100.70 -21.84
CA ARG OB 129 19.15 -103.27 -19.14
CA HIS OB 130 18.29 -100.51 -16.61
CA PRO OB 131 16.32 -97.79 -18.44
CA GLY OB 132 14.39 -95.84 -15.80
CA PHE OB 133 17.52 -94.77 -13.95
CA THR OB 134 18.69 -93.16 -17.18
CA ILE OB 135 15.65 -90.97 -17.79
CA MET OB 136 15.31 -90.00 -14.13
CA ALA OB 137 18.99 -89.02 -14.03
CA ALA OB 138 18.62 -87.06 -17.27
CA ILE OB 139 15.66 -85.03 -16.01
CA LEU OB 140 17.32 -84.55 -12.61
CA ALA OB 141 20.44 -83.17 -14.29
CA TYR OB 142 18.46 -80.92 -16.63
CA THR OB 143 16.59 -79.53 -13.61
CA ILE OB 144 19.53 -79.21 -11.18
CA GLY OB 145 22.76 -78.61 -13.08
CA THR OB 146 23.49 -74.92 -13.56
CA THR OB 147 25.51 -75.22 -16.78
CA HIS OB 148 25.30 -77.70 -19.64
CA PHE OB 149 28.77 -78.94 -18.66
CA GLN OB 150 27.58 -79.45 -15.09
CA ARG OB 151 24.41 -81.17 -16.28
CA ALA OB 152 26.52 -83.42 -18.51
CA LEU OB 153 28.63 -84.39 -15.51
CA ILE OB 154 25.50 -85.06 -13.45
CA PHE OB 155 23.63 -87.43 -15.71
CA ILE OB 156 26.68 -89.10 -17.30
CA LEU OB 157 27.97 -89.92 -13.80
CA LEU OB 158 24.55 -91.09 -12.62
CA THR OB 159 24.16 -93.33 -15.68
CA ALA OB 160 27.66 -94.68 -15.03
CA VAL OB 161 27.09 -95.51 -11.36
CA ALA OB 162 23.43 -96.59 -11.14
CA PRO OB 163 23.50 -99.73 -13.36
CA SER OB 164 26.67 -100.88 -11.60
CA MET OB 165 24.98 -100.06 -8.28
CA THR OB 166 21.82 -101.87 -9.40
CA MET PB 1 -102.98 71.63 -34.03
CA ARG PB 2 -103.92 70.70 -37.58
CA CYS PB 3 -102.50 67.23 -38.09
CA ILE PB 4 -104.82 64.55 -36.71
CA GLY PB 5 -105.34 61.30 -38.60
CA ILE PB 6 -102.25 61.65 -40.78
CA SER PB 7 -100.39 58.38 -40.30
CA ASN PB 8 -96.87 59.77 -40.75
CA ARG PB 9 -96.49 62.22 -37.88
CA ASP PB 10 -92.77 62.81 -37.32
CA PHE PB 11 -91.36 64.28 -34.12
CA VAL PB 12 -88.46 66.52 -33.10
CA GLU PB 13 -88.06 65.99 -29.34
CA GLY PB 14 -85.73 68.83 -28.43
CA VAL PB 15 -83.74 71.85 -29.59
CA SER PB 16 -80.19 73.18 -29.16
CA GLY PB 17 -78.65 76.63 -28.95
CA GLY PB 18 -78.06 76.92 -32.69
CA SER PB 19 -81.67 75.86 -33.32
CA TRP PB 20 -80.83 75.22 -36.99
CA VAL PB 21 -83.19 72.27 -37.23
CA ASP PB 22 -83.37 70.78 -40.73
CA ILE PB 23 -86.85 69.31 -40.93
CA VAL PB 24 -87.69 66.48 -43.29
CA LEU PB 25 -91.04 66.76 -45.05
CA GLU PB 26 -92.95 64.49 -47.40
CA HIS PB 27 -96.38 64.16 -49.00
CA GLY PB 28 -99.09 63.06 -46.60
CA SER PB 29 -96.86 63.38 -43.54
CA CYS PB 30 -96.85 66.07 -40.85
CA VAL PB 31 -94.02 67.18 -38.59
CA THR PB 32 -94.00 68.46 -35.00
CA THR PB 33 -91.24 70.71 -33.72
CA MET PB 34 -90.56 71.00 -29.99
CA ALA PB 35 -88.40 73.59 -28.27
CA LYS PB 36 -87.61 74.17 -24.60
CA ASN PB 37 -89.89 76.99 -23.42
CA LYS PB 38 -90.51 78.14 -26.99
CA PRO PB 39 -93.69 77.88 -29.09
CA THR PB 40 -94.24 74.40 -30.50
CA LEU PB 41 -94.84 74.23 -34.25
CA ASP PB 42 -96.59 71.97 -36.74
CA PHE PB 43 -95.21 71.89 -40.29
CA GLU PB 44 -96.88 70.49 -43.39
CA LEU PB 45 -96.89 70.83 -47.16
CA ILE PB 46 -100.50 71.30 -48.22
CA LYS PB 47 -100.08 71.48 -52.00
CA THR PB 48 -97.29 70.85 -54.51
CA GLU PB 49 -97.66 72.65 -57.84
CA ALA PB 50 -95.42 73.46 -60.80
CA LYS PB 51 -96.90 76.68 -62.11
CA GLN PB 52 -96.49 77.61 -65.78
CA PRO PB 53 -95.40 74.16 -67.04
CA ALA PB 54 -93.75 73.84 -70.43
CA THR PB 55 -95.32 72.01 -73.38
CA LEU PB 56 -93.38 69.12 -74.94
CA ARG PB 57 -95.52 67.47 -77.61
CA LYS PB 58 -99.24 67.23 -78.36
CA TYR PB 59 -100.97 64.00 -79.36
CA CYS PB 60 -104.12 63.68 -81.46
CA ILE PB 61 -107.20 61.84 -80.21
CA GLU PB 62 -110.20 62.38 -82.55
CA ALA PB 63 -109.78 62.79 -86.29
CA LYS PB 64 -112.06 64.73 -88.58
CA LEU PB 65 -111.17 64.40 -92.25
CA THR PB 66 -112.26 65.74 -95.63
CA ASN PB 67 -111.26 66.29 -99.25
CA THR PB 68 -110.39 62.60 -99.63
CA THR PB 69 -109.56 61.72 -103.24
CA THR PB 70 -108.41 58.73 -105.26
CA ASP PB 71 -106.48 59.41 -108.46
CA SER PB 72 -104.97 56.75 -110.67
CA ARG PB 73 -103.47 56.06 -114.08
CA CYS PB 74 -103.42 53.04 -116.34
CA PRO PB 75 -100.45 50.67 -115.91
CA THR PB 76 -97.35 51.90 -117.78
CA GLN PB 77 -98.26 55.58 -117.16
CA GLY PB 78 -96.56 56.15 -113.80
CA GLU PB 79 -98.53 56.77 -110.62
CA PRO PB 80 -100.05 60.26 -110.97
CA SER PB 81 -98.79 63.30 -109.11
CA LEU PB 82 -101.30 65.51 -107.33
CA ASN PB 83 -101.43 69.06 -106.06
CA GLU PB 84 -103.09 67.44 -103.05
CA GLU PB 85 -100.12 65.33 -102.01
CA GLN PB 86 -97.37 67.97 -102.10
CA ASP PB 87 -98.63 69.73 -98.94
CA LYS PB 88 -97.98 68.44 -95.43
CA ARG PB 89 -101.51 69.54 -94.44
CA PHE PB 90 -102.79 66.25 -95.92
CA VAL PB 91 -102.03 62.58 -95.26
CA CYS PB 92 -101.36 60.24 -98.15
CA LYS PB 93 -100.23 56.99 -99.65
CA HIS PB 94 -99.48 55.31 -102.96
CA SER PB 95 -100.56 51.75 -103.66
CA MET PB 96 -100.62 49.11 -106.39
CA VAL PB 97 -103.78 47.46 -107.71
CA ASP PB 98 -104.62 45.13 -110.59
CA ARG PB 99 -106.66 47.21 -113.00
CA GLY PB 100 -108.36 44.79 -115.39
CA TRP PB 101 -109.22 45.11 -119.06
CA GLY PB 102 -112.82 46.09 -118.38
CA ASN PB 103 -111.72 48.67 -115.83
CA GLY PB 104 -111.58 51.86 -117.86
CA CYS PB 105 -108.13 51.43 -119.38
CA GLY PB 106 -108.36 48.19 -121.31
CA LEU PB 107 -104.89 46.88 -120.61
CA PHE PB 108 -104.96 44.53 -117.64
CA GLY PB 109 -102.05 44.88 -115.26
CA LYS PB 110 -100.94 46.18 -111.89
CA GLY PB 111 -100.70 49.96 -111.68
CA GLY PB 112 -100.44 52.80 -109.21
CA ILE PB 113 -103.15 54.65 -107.31
CA VAL PB 114 -102.62 57.73 -105.14
CA THR PB 115 -105.15 58.10 -102.34
CA CYS PB 116 -105.45 60.93 -99.81
CA ALA PB 117 -107.28 63.44 -97.72
CA MET PB 118 -107.09 66.34 -95.33
CA PHE PB 119 -106.42 65.57 -91.67
CA THR PB 120 -107.36 68.05 -88.95
CA CYS PB 121 -108.42 66.56 -85.62
CA LYS PB 122 -110.60 67.84 -82.84
CA LYS PB 123 -109.55 66.57 -79.39
CA ASN PB 124 -105.87 66.44 -78.53
CA MET PB 125 -103.67 65.61 -75.57
CA LYS PB 126 -101.60 68.15 -73.68
CA GLY PB 127 -98.11 66.79 -73.03
CA LYS PB 128 -96.04 68.78 -70.59
CA VAL PB 129 -92.66 68.72 -68.86
CA VAL PB 130 -91.77 69.98 -65.38
CA GLN PB 131 -88.31 71.35 -64.56
CA PRO PB 132 -86.71 71.74 -61.10
CA GLU PB 133 -87.04 75.52 -61.46
CA ASN PB 134 -90.82 75.52 -61.72
CA LEU PB 135 -91.36 73.41 -58.58
CA GLU PB 136 -93.49 75.56 -56.29
CA TYR PB 137 -94.23 74.19 -52.82
CA THR PB 138 -96.94 75.46 -50.48
CA ILE PB 139 -95.96 75.15 -46.83
CA VAL PB 140 -98.39 75.42 -43.91
CA ILE PB 141 -97.10 76.50 -40.49
CA THR PB 142 -99.30 76.23 -37.41
CA PRO PB 143 -98.97 76.92 -33.67
CA HIS PB 144 -100.26 74.58 -30.95
CA SER PB 145 -102.70 77.13 -29.61
CA GLY PB 146 -105.36 74.44 -29.38
CA GLU PB 147 -108.06 76.27 -31.33
CA GLU PB 148 -111.19 74.18 -31.72
CA HIS PB 149 -111.35 73.81 -35.52
CA ALA PB 150 -107.94 72.14 -35.61
CA VAL PB 151 -108.66 68.40 -35.53
CA GLY PB 152 -109.18 67.31 -39.12
CA ASN PB 153 -108.81 70.86 -40.50
CA ASP PB 154 -106.17 71.90 -43.03
CA THR PB 155 -106.82 75.27 -44.68
CA GLY PB 156 -108.52 76.91 -41.69
CA LYS PB 157 -107.45 80.50 -41.04
CA HIS PB 158 -105.38 79.80 -37.95
CA GLY PB 159 -101.81 79.54 -39.23
CA LYS PB 160 -99.70 80.78 -42.12
CA GLU PB 161 -99.24 79.64 -45.72
CA ILE PB 162 -96.01 80.41 -47.58
CA LYS PB 163 -95.22 80.05 -51.28
CA ILE PB 164 -91.75 78.50 -51.21
CA THR PB 165 -89.60 77.82 -54.27
CA PRO PB 166 -85.90 77.01 -54.82
CA GLN PB 167 -85.65 80.30 -56.72
CA SER PB 168 -86.33 81.93 -53.32
CA SER PB 169 -84.04 81.45 -50.33
CA ILE PB 170 -85.06 83.68 -47.38
CA THR PB 171 -88.43 85.14 -46.47
CA GLU PB 172 -89.88 85.99 -43.07
CA ALA PB 173 -93.35 84.72 -42.16
CA GLU PB 174 -95.58 85.88 -39.32
CA LEU PB 175 -97.38 83.54 -36.91
CA THR PB 176 -100.07 85.66 -35.30
CA GLY PB 177 -99.66 85.77 -31.54
CA TYR PB 178 -96.36 83.90 -31.64
CA GLY PB 179 -94.05 86.18 -33.64
CA THR PB 180 -91.80 85.47 -36.62
CA VAL PB 181 -90.31 82.43 -38.32
CA THR PB 182 -87.81 82.68 -41.16
CA MET PB 183 -88.30 80.58 -44.28
CA GLU PB 184 -84.61 80.15 -45.06
CA CYS PB 185 -85.62 76.86 -46.62
CA SER PB 186 -83.82 74.71 -49.18
CA PRO PB 187 -85.98 72.60 -51.53
CA ARG PB 188 -83.06 70.55 -52.81
CA THR PB 189 -84.16 66.95 -53.06
CA GLY PB 190 -86.16 66.53 -56.24
CA LEU PB 191 -86.39 62.78 -56.83
CA ASP PB 192 -86.01 62.69 -60.62
CA PHE PB 193 -87.45 64.64 -63.54
CA ASN PB 194 -85.81 63.56 -66.81
CA GLU PB 195 -88.12 60.56 -67.25
CA MET PB 196 -91.45 61.90 -65.97
CA VAL PB 197 -94.06 63.71 -68.06
CA LEU PB 198 -97.47 65.22 -67.34
CA LEU PB 199 -100.52 64.61 -69.52
CA GLN PB 200 -103.78 66.57 -69.54
CA MET PB 201 -107.17 65.77 -71.11
CA GLU PB 202 -109.80 68.54 -70.84
CA ASN PB 203 -110.54 68.02 -67.13
CA LYS PB 204 -108.17 65.27 -65.95
CA ALA PB 205 -104.45 64.53 -65.87
CA TRP PB 206 -101.89 61.75 -65.52
CA LEU PB 207 -98.17 61.21 -64.91
CA VAL PB 208 -96.21 58.82 -67.12
CA HIS PB 209 -92.62 57.98 -68.01
CA ARG PB 210 -91.07 59.87 -70.92
CA GLN PB 211 -90.36 56.74 -72.95
CA TRP PB 212 -94.10 56.09 -73.01
CA PHE PB 213 -94.63 59.34 -74.91
CA LEU PB 214 -91.56 58.72 -77.05
CA ASP PB 215 -92.89 55.33 -78.20
CA LEU PB 216 -96.68 55.66 -78.28
CA PRO PB 217 -97.77 55.43 -81.97
CA LEU PB 218 -100.20 58.30 -82.39
CA PRO PB 219 -100.03 61.61 -84.27
CA TRP PB 220 -97.48 64.21 -83.13
CA LEU PB 221 -97.13 67.94 -82.79
CA PRO PB 222 -93.82 69.41 -81.55
CA GLY PB 223 -94.33 72.02 -78.87
CA ALA PB 224 -93.19 74.87 -81.10
CA ASP PB 225 -95.89 74.57 -83.74
CA THR PB 226 -99.18 76.46 -83.40
CA GLN PB 227 -101.07 76.01 -86.68
CA GLY PB 228 -101.84 72.34 -86.04
CA SER PB 229 -101.11 71.54 -89.69
CA ASN PB 230 -97.74 69.74 -89.66
CA TRP PB 231 -97.91 66.27 -88.11
CA ILE PB 232 -95.51 63.34 -87.71
CA GLN PB 233 -96.50 59.66 -87.78
CA LYS PB 234 -99.84 61.00 -88.99
CA GLU PB 235 -100.53 57.80 -90.95
CA THR PB 236 -101.15 55.61 -87.89
CA LEU PB 237 -104.69 56.85 -87.25
CA VAL PB 238 -105.81 56.45 -90.86
CA THR PB 239 -106.26 52.77 -91.68
CA PHE PB 240 -107.05 51.98 -95.30
CA LYS PB 241 -109.57 49.41 -96.42
CA ASN PB 242 -108.00 46.99 -98.86
CA PRO PB 243 -107.60 48.69 -102.26
CA HIS PB 244 -110.59 48.19 -104.53
CA ALA PB 245 -109.57 48.87 -108.14
CA LYS PB 246 -110.08 52.65 -108.15
CA LYS PB 247 -112.01 52.94 -104.90
CA GLN PB 248 -109.75 53.41 -101.93
CA ASP PB 249 -111.75 54.77 -99.03
CA VAL PB 250 -109.85 56.01 -96.00
CA VAL PB 251 -111.04 55.55 -92.43
CA VAL PB 252 -109.46 56.48 -89.10
CA LEU PB 253 -109.65 55.25 -85.51
CA GLY PB 254 -112.52 56.72 -83.56
CA SER PB 255 -112.88 57.68 -79.92
CA GLN PB 256 -109.53 56.88 -78.30
CA GLU PB 257 -110.48 58.39 -74.93
CA GLY PB 258 -111.87 55.05 -73.80
CA ALA PB 259 -108.78 53.25 -75.06
CA MET PB 260 -106.59 55.73 -73.22
CA HIS PB 261 -108.56 55.37 -69.99
CA THR PB 262 -108.55 51.56 -70.03
CA ALA PB 263 -104.90 51.24 -71.10
CA LEU PB 264 -103.28 54.06 -69.12
CA THR PB 265 -104.88 52.75 -65.91
CA GLY PB 266 -102.28 51.71 -63.37
CA ALA PB 267 -100.17 54.82 -63.95
CA THR PB 268 -100.06 57.67 -61.46
CA GLU PB 269 -103.40 59.48 -61.62
CA ILE PB 270 -103.15 63.13 -60.57
CA GLN PB 271 -106.26 65.08 -59.56
CA MET PB 272 -105.56 68.21 -61.59
CA SER PB 273 -109.05 69.53 -60.74
CA SER PB 274 -107.61 70.68 -57.41
CA GLY PB 275 -104.34 71.47 -59.18
CA ASN PB 276 -101.45 69.13 -59.87
CA LEU PB 277 -100.60 67.30 -56.63
CA LEU PB 278 -97.07 66.14 -57.51
CA PHE PB 279 -96.34 63.27 -55.09
CA THR PB 280 -92.59 63.26 -55.69
CA GLY PB 281 -89.44 64.21 -53.85
CA HIS PB 282 -88.80 65.19 -50.23
CA LEU PB 283 -88.31 68.64 -48.71
CA LYS PB 284 -85.16 69.34 -46.70
CA CYS PB 285 -86.02 72.59 -44.96
CA ARG PB 286 -83.72 74.43 -42.55
CA LEU PB 287 -85.52 76.45 -39.86
CA ARG PB 288 -84.09 78.64 -37.09
CA MET PB 289 -86.54 79.23 -34.23
CA ASP PB 290 -84.37 81.81 -32.47
CA LYS PB 291 -86.75 84.75 -33.02
CA LEU PB 292 -90.12 83.06 -32.37
CA GLN PB 293 -91.80 84.49 -29.29
CA LEU PB 294 -94.31 82.74 -27.01
CA LYS PB 295 -97.32 84.69 -25.69
CA GLY PB 296 -98.46 83.42 -22.31
CA MET PB 297 -95.60 81.85 -20.37
CA SER PB 298 -95.86 84.91 -18.12
CA TYR PB 299 -99.60 84.52 -17.52
CA SER PB 300 -100.94 83.75 -14.07
CA MET PB 301 -102.06 80.32 -12.90
CA CYS PB 302 -105.58 79.07 -13.60
CA THR PB 303 -107.65 78.80 -10.41
CA GLY PB 304 -111.28 78.41 -11.53
CA LYS PB 305 -113.68 75.67 -12.51
CA PHE PB 306 -112.49 72.97 -14.89
CA LYS PB 307 -114.60 70.71 -17.09
CA VAL PB 308 -114.14 68.28 -19.99
CA VAL PB 309 -116.40 68.28 -23.05
CA LYS PB 310 -115.15 65.34 -25.13
CA GLU PB 311 -112.80 62.53 -24.15
CA ILE PB 312 -109.73 61.39 -26.13
CA ALA PB 313 -110.14 60.85 -29.84
CA GLU PB 314 -107.48 58.15 -29.93
CA THR PB 315 -104.79 58.86 -32.53
CA GLN PB 316 -102.53 56.59 -34.53
CA HIS PB 317 -99.77 57.40 -32.00
CA GLY PB 318 -102.07 57.12 -28.99
CA THR PB 319 -101.63 60.82 -28.29
CA ILE PB 320 -104.15 62.41 -25.93
CA VAL PB 321 -106.05 65.23 -27.63
CA ILE PB 322 -108.21 66.72 -24.89
CA ARG PB 323 -110.85 69.20 -26.11
CA VAL PB 324 -111.58 70.85 -22.80
CA GLN PB 325 -113.58 73.92 -21.70
CA TYR PB 326 -112.71 76.04 -18.64
CA GLU PB 327 -115.73 77.94 -17.33
CA GLY PB 328 -113.51 79.39 -14.61
CA ASP PB 329 -112.59 83.06 -14.72
CA GLY PB 330 -109.12 84.64 -14.68
CA SER PB 331 -108.20 83.87 -18.29
CA PRO PB 332 -105.58 84.18 -19.71
CA CYS PB 333 -103.88 81.76 -17.31
CA LYS PB 334 -101.57 78.76 -17.30
CA ILE PB 335 -103.23 75.35 -17.05
CA PRO PB 336 -102.37 72.62 -14.51
CA PHE PB 337 -101.23 69.72 -16.68
CA GLU PB 338 -99.74 66.63 -15.03
CA ILE PB 339 -99.42 63.04 -16.26
CA MET PB 340 -98.81 60.78 -13.28
CA ASP PB 341 -98.53 57.11 -12.40
CA LEU PB 342 -101.04 54.74 -10.79
CA GLU PB 343 -99.87 55.43 -7.24
CA LYS PB 344 -99.27 59.11 -8.15
CA ARG PB 345 -95.64 59.25 -6.98
CA HIS PB 346 -93.75 61.00 -9.81
CA VAL PB 347 -94.55 62.52 -13.20
CA LEU PB 348 -93.18 60.91 -16.35
CA GLY PB 349 -95.30 62.34 -19.20
CA ARG PB 350 -94.46 64.69 -22.06
CA LEU PB 351 -96.94 67.44 -22.86
CA ILE PB 352 -96.78 68.74 -26.42
CA THR PB 353 -98.33 72.20 -26.41
CA VAL PB 354 -96.01 74.01 -24.04
CA ASN PB 355 -97.78 76.60 -21.89
CA PRO PB 356 -101.33 75.34 -22.42
CA ILE PB 357 -103.32 78.55 -22.15
CA VAL PB 358 -106.97 79.52 -22.45
CA THR PB 359 -107.19 82.80 -24.33
CA GLU PB 360 -110.80 83.57 -23.40
CA LYS PB 361 -113.65 82.31 -21.25
CA ASP PB 362 -116.45 80.14 -22.64
CA SER PB 363 -114.12 78.73 -25.28
CA PRO PB 364 -112.84 75.17 -25.79
CA VAL PB 365 -109.12 74.50 -26.10
CA ASN PB 366 -107.53 71.45 -27.71
CA ILE PB 367 -104.49 70.44 -25.67
CA GLU PB 368 -102.10 67.99 -27.32
CA ALA PB 369 -100.03 65.64 -25.19
CA GLU PB 370 -98.24 62.28 -25.22
CA PRO PB 371 -98.57 60.23 -22.00
CA PRO PB 372 -96.29 57.38 -20.91
CA PHE PB 373 -96.95 53.75 -21.82
CA GLY PB 374 -99.38 51.56 -19.95
CA ASP PB 375 -101.98 52.90 -17.56
CA SER PB 376 -101.74 56.38 -16.06
CA TYR PB 377 -103.72 59.33 -14.71
CA ILE PB 378 -104.20 62.74 -16.34
CA ILE PB 379 -104.46 65.55 -13.79
CA ILE PB 380 -106.13 68.77 -14.95
CA GLY PB 381 -106.92 71.64 -12.61
CA VAL PB 382 -106.26 72.02 -8.90
CA GLU PB 383 -108.23 71.01 -5.83
CA PRO PB 384 -111.07 71.86 -5.15
CA GLY PB 385 -112.55 70.72 -8.46
CA GLN PB 386 -109.38 68.77 -9.26
CA LEU PB 387 -110.03 66.71 -12.39
CA LYS PB 388 -108.60 63.21 -12.92
CA LEU PB 389 -108.90 61.10 -16.07
CA ASN PB 390 -107.67 57.51 -16.12
CA TRP PB 391 -106.21 56.41 -19.46
CA PHE PB 392 -104.18 53.54 -20.89
CA LYS PB 393 -101.88 53.54 -23.93
CA LYS PB 394 -101.19 50.13 -25.45
CA GLY PB 395 -97.68 50.75 -26.79
CA SER PB 396 -94.61 49.05 -25.35
CA SER PB 397 -91.72 51.08 -23.97
CA ILE PB 398 -88.81 49.49 -25.83
CA GLY PB 399 -91.08 49.14 -28.86
CA GLN PB 400 -91.96 52.81 -29.28
CA MET PB 401 -88.33 53.51 -28.39
CA ILE PB 402 -87.08 51.47 -31.34
CA GLU PB 403 -89.63 52.79 -33.84
CA THR PB 404 -89.04 56.43 -32.84
CA THR PB 405 -85.27 55.97 -33.11
CA MET PB 406 -85.94 54.40 -36.51
CA ARG PB 407 -88.02 57.39 -37.61
CA GLY PB 408 -85.10 59.59 -36.60
CA ALA PB 409 -82.72 57.30 -38.46
CA LYS PB 410 -84.81 57.57 -41.63
CA ARG PB 411 -85.05 61.34 -41.25
CA MET PB 412 -81.26 61.53 -41.08
CA ALA PB 413 -81.04 59.03 -43.96
CA ILE PB 414 -82.86 61.38 -46.31
CA LEU PB 415 -81.27 64.29 -44.43
CA GLY PB 416 -77.96 62.55 -45.11
CA ASP PB 417 -75.35 63.07 -47.80
CA THR PB 418 -74.60 66.78 -48.41
CA ALA PB 419 -77.29 67.74 -45.84
CA TRP PB 420 -75.86 67.74 -42.31
CA ASP PB 421 -73.47 70.63 -41.73
CA PHE PB 422 -70.05 69.07 -42.27
CA GLY PB 423 -68.41 72.03 -44.01
CA SER PB 424 -68.79 74.49 -41.15
CA LEU PB 425 -65.63 74.13 -39.08
CA GLY PB 426 -66.31 74.48 -35.37
CA GLY PB 427 -69.96 73.83 -36.18
CA VAL PB 428 -68.97 70.31 -37.24
CA PHE PB 429 -68.99 69.44 -33.55
CA THR PB 430 -72.51 70.84 -33.23
CA SER PB 431 -73.63 69.01 -36.37
CA ILE PB 432 -72.44 65.66 -35.05
CA GLY PB 433 -74.05 66.56 -31.74
CA LYS PB 434 -77.39 67.22 -33.40
CA ALA PB 435 -77.05 64.00 -35.41
CA LEU PB 436 -76.43 61.97 -32.26
CA HIS PB 437 -79.45 63.75 -30.81
CA GLN PB 438 -81.79 63.06 -33.73
CA VAL PB 439 -80.82 59.37 -33.58
CA PHE PB 440 -80.04 58.41 -29.95
CA GLY PB 441 -81.64 61.26 -27.95
CA ALA PB 442 -84.88 59.38 -27.57
CA ILE PB 443 -82.83 56.70 -25.81
CA TYR PB 444 -81.04 59.44 -23.85
CA GLY PB 445 -84.07 61.34 -22.58
CA ALA PB 446 -86.75 58.65 -22.26
CA ALA PB 447 -84.76 55.62 -21.08
CA PHE PB 448 -81.71 57.06 -19.30
CA SER PB 449 -83.44 58.71 -16.33
CA GLY PB 450 -85.25 61.59 -18.08
CA VAL PB 451 -82.92 63.21 -17.00
CA SER PB 452 -81.37 65.34 -14.26
CA TRP PB 453 -78.32 65.93 -16.38
CA ILE PB 454 -75.55 66.56 -13.81
CA MET PB 455 -75.79 63.20 -12.06
CA LYS PB 456 -76.17 61.29 -15.31
CA ILE PB 457 -73.09 62.88 -16.85
CA LEU PB 458 -71.27 61.88 -13.66
CA ILE PB 459 -72.49 58.32 -14.20
CA GLY PB 460 -71.50 58.60 -17.86
CA VAL PB 461 -67.91 59.56 -17.10
CA ILE PB 462 -67.84 56.68 -14.60
CA ILE PB 463 -68.99 54.33 -17.37
CA THR PB 464 -66.36 55.77 -19.70
CA TRP PB 465 -63.58 55.17 -17.18
CA ILE PB 466 -64.76 51.60 -16.57
CA GLY PB 467 -64.94 50.94 -20.31
CA MET PB 468 -61.45 52.33 -20.88
CA ASN PB 469 -60.12 50.35 -17.90
CA SER PB 470 -61.86 47.12 -18.93
CA ARG PB 471 -60.68 43.53 -19.34
CA SER PB 472 -61.67 43.27 -23.03
CA THR PB 473 -61.10 45.66 -25.93
CA SER PB 474 -64.43 44.86 -27.61
CA LEU PB 475 -66.31 45.85 -24.45
CA SER PB 476 -64.14 48.97 -24.18
CA VAL PB 477 -65.03 50.06 -27.71
CA SER PB 478 -68.70 49.24 -27.07
CA LEU PB 479 -68.95 51.13 -23.75
CA VAL PB 480 -66.71 54.18 -24.08
CA LEU PB 481 -68.57 55.11 -27.27
CA VAL PB 482 -71.85 55.07 -25.34
CA GLY PB 483 -70.24 57.08 -22.55
CA VAL PB 484 -68.86 59.83 -24.79
CA VAL PB 485 -72.17 59.99 -26.65
CA THR PB 486 -73.90 60.36 -23.27
CA LEU PB 487 -71.59 63.16 -22.14
CA TYR PB 488 -71.59 65.22 -25.33
CA LEU PB 489 -75.28 64.67 -26.10
CA GLY PB 490 -76.10 65.71 -22.54
CA VAL PB 491 -74.13 68.91 -23.01
CA MET PB 492 -76.16 69.46 -26.19
CA VAL PB 493 -79.47 68.67 -24.46
CA GLN PB 494 -78.73 71.19 -21.70
CA ALA PB 495 -78.69 73.72 -24.55
CA MET QB 1 -66.71 -4.45 -113.54
CA ARG QB 2 -68.96 -1.40 -113.39
CA CYS QB 3 -67.12 0.38 -110.56
CA ILE QB 4 -64.62 2.25 -112.76
CA GLY QB 5 -65.09 5.91 -111.98
CA ILE QB 6 -67.03 5.08 -108.80
CA SER QB 7 -65.26 6.93 -105.98
CA ASN QB 8 -66.39 4.90 -102.95
CA ARG QB 9 -65.08 1.36 -103.33
CA ASP QB 10 -64.11 -1.41 -100.91
CA PHE QB 11 -62.19 -4.56 -101.84
CA VAL QB 12 -63.63 -6.88 -99.21
CA GLU QB 13 -61.86 -10.26 -99.48
CA GLY QB 14 -63.16 -13.04 -97.27
CA VAL QB 15 -66.05 -15.20 -96.11
CA SER QB 16 -67.79 -14.86 -92.76
CA GLY QB 17 -68.57 -17.64 -90.29
CA GLY QB 18 -71.55 -18.97 -92.20
CA SER QB 19 -69.74 -18.40 -95.51
CA TRP QB 20 -71.85 -15.29 -96.17
CA VAL QB 21 -70.50 -11.93 -97.24
CA ASP QB 22 -71.50 -8.92 -95.14
CA ILE QB 23 -72.20 -6.34 -97.85
CA VAL QB 24 -72.11 -2.69 -96.91
CA LEU QB 25 -74.21 -1.10 -99.63
CA GLU QB 26 -74.68 2.65 -100.14
CA HIS QB 27 -76.05 4.62 -103.08
CA GLY QB 28 -73.18 5.63 -105.34
CA SER QB 29 -70.76 3.08 -103.88
CA CYS QB 30 -69.12 -0.20 -104.86
CA VAL QB 31 -68.50 -3.60 -103.34
CA THR QB 32 -66.18 -6.31 -104.68
CA THR QB 33 -66.05 -9.75 -103.07
CA MET QB 34 -63.03 -12.04 -103.27
CA ALA QB 35 -61.85 -15.38 -101.91
CA LYS QB 36 -59.52 -18.18 -102.96
CA ASN QB 37 -61.17 -21.08 -104.75
CA LYS QB 38 -64.05 -18.63 -105.20
CA PRO QB 39 -64.64 -16.43 -108.30
CA THR QB 40 -64.64 -12.71 -107.64
CA LEU QB 41 -67.95 -10.84 -107.81
CA ASP QB 42 -69.08 -7.21 -107.98
CA PHE QB 43 -72.00 -6.13 -105.78
CA GLU QB 44 -73.90 -2.92 -106.54
CA LEU QB 45 -77.23 -1.15 -106.06
CA ILE QB 46 -78.85 0.70 -108.96
CA LYS QB 47 -82.42 1.59 -107.96
CA THR QB 48 -84.44 2.25 -104.81
CA GLU QB 49 -88.22 2.44 -104.73
CA ALA QB 50 -91.12 2.45 -102.26
CA LYS QB 51 -94.36 0.72 -103.24
CA GLN QB 52 -97.77 0.62 -101.55
CA PRO QB 53 -97.18 3.85 -99.60
CA ALA QB 54 -99.50 4.96 -96.82
CA THR QB 55 -101.36 8.27 -97.07
CA LEU QB 56 -100.51 10.08 -93.84
CA ARG QB 57 -102.69 13.08 -94.65
CA LYS QB 58 -104.27 14.41 -97.84
CA TYR QB 59 -103.98 18.13 -98.61
CA CYS QB 60 -106.35 19.69 -101.14
CA ILE QB 61 -104.80 22.88 -102.44
CA GLU QB 62 -107.29 24.61 -104.75
CA ALA QB 63 -110.66 25.32 -103.18
CA LYS QB 64 -113.91 26.05 -104.99
CA LEU QB 65 -116.75 27.61 -103.02
CA THR QB 66 -120.49 27.12 -103.56
CA ASN QB 67 -123.96 27.57 -102.10
CA THR QB 68 -122.79 30.33 -99.79
CA THR QB 69 -125.41 31.58 -97.35
CA THR QB 70 -125.45 34.68 -95.18
CA ASP QB 71 -128.03 35.99 -92.74
CA SER QB 72 -128.25 38.47 -89.88
CA ARG QB 73 -130.52 39.42 -87.02
CA CYS QB 74 -130.83 42.80 -85.33
CA PRO QB 75 -129.57 43.31 -81.77
CA THR QB 76 -131.77 41.64 -79.12
CA GLN QB 77 -133.84 39.93 -81.85
CA GLY QB 78 -131.77 36.75 -81.61
CA GLU QB 79 -128.79 34.87 -83.00
CA PRO QB 80 -129.72 33.02 -86.22
CA SER QB 81 -129.02 29.31 -86.50
CA LEU QB 82 -129.22 27.42 -89.79
CA ASN QB 83 -129.35 23.72 -90.61
CA GLU QB 84 -126.53 24.45 -93.06
CA GLU QB 85 -124.31 25.04 -90.03
CA GLN QB 86 -124.96 21.61 -88.54
CA ASP QB 87 -123.69 19.79 -91.64
CA LYS QB 88 -119.91 19.93 -91.29
CA ARG QB 89 -119.32 20.08 -95.06
CA PHE QB 90 -119.57 23.90 -94.89
CA VAL QB 91 -117.11 26.37 -93.42
CA CYS QB 92 -119.02 28.76 -91.16
CA LYS QB 93 -118.40 31.95 -89.20
CA HIS QB 94 -120.37 34.13 -86.81
CA SER QB 95 -119.93 37.89 -86.63
CA MET QB 96 -121.20 41.21 -85.30
CA VAL QB 97 -122.38 44.22 -87.33
CA ASP QB 98 -123.95 47.55 -86.47
CA ARG QB 99 -127.62 48.16 -87.29
CA GLY QB 100 -129.75 51.23 -86.68
CA TRP QB 101 -133.26 52.61 -86.49
CA GLY QB 102 -132.86 54.38 -89.82
CA ASN QB 103 -130.70 51.54 -91.17
CA GLY QB 104 -133.55 49.22 -92.06
CA CYS QB 105 -134.16 48.04 -88.50
CA GLY QB 106 -135.37 49.15 -85.08
CA LEU QB 107 -132.48 50.49 -83.01
CA PHE QB 108 -128.76 51.26 -82.83
CA GLY QB 109 -126.63 48.31 -81.82
CA LYS QB 110 -124.56 45.30 -82.79
CA GLY QB 111 -126.74 42.58 -84.31
CA GLY QB 112 -125.46 39.12 -85.11
CA ILE QB 113 -124.53 37.53 -88.43
CA VAL QB 114 -123.96 33.95 -89.54
CA THR QB 115 -122.37 33.32 -92.92
CA CYS QB 116 -121.20 30.01 -94.29
CA ALA QB 117 -120.64 28.09 -97.47
CA MET QB 118 -119.69 24.77 -99.01
CA PHE QB 119 -115.99 23.99 -99.50
CA THR QB 120 -115.27 21.80 -102.51
CA CYS QB 121 -111.68 21.40 -103.68
CA LYS QB 122 -110.47 20.05 -107.00
CA LYS QB 123 -106.68 19.91 -107.13
CA ASN QB 124 -104.96 18.15 -104.25
CA MET QB 125 -101.56 17.06 -102.98
CA LYS QB 126 -100.61 13.59 -101.94
CA GLY QB 127 -98.48 13.29 -98.79
CA LYS QB 128 -97.27 9.83 -97.83
CA VAL QB 129 -94.94 8.27 -95.25
CA VAL QB 130 -92.66 5.35 -96.11
CA GLN QB 131 -92.08 2.59 -93.57
CA PRO QB 132 -88.97 0.39 -93.58
CA GLU QB 133 -91.11 -2.62 -94.51
CA ASN QB 134 -92.55 -1.13 -97.70
CA LEU QB 135 -89.14 -0.42 -99.27
CA GLU QB 136 -87.68 -2.42 -102.15
CA TYR QB 137 -83.99 -2.36 -103.06
CA THR QB 138 -82.51 -3.13 -106.50
CA ILE QB 139 -79.23 -4.99 -106.10
CA VAL QB 140 -77.20 -6.03 -109.13
CA ILE QB 141 -74.50 -8.71 -109.28
CA THR QB 142 -71.76 -8.70 -111.90
CA PRO QB 143 -69.03 -11.25 -112.69
CA HIS QB 144 -65.37 -10.34 -113.19
CA SER QB 145 -64.90 -12.25 -116.43
CA GLY QB 146 -63.44 -9.44 -118.53
CA GLU QB 147 -66.09 -9.60 -121.24
CA GLU QB 148 -66.29 -6.56 -123.50
CA HIS QB 149 -69.73 -5.49 -122.28
CA ALA QB 150 -68.61 -6.48 -118.75
CA VAL QB 151 -66.55 -3.31 -118.22
CA GLY QB 152 -68.02 0.06 -117.25
CA ASN QB 153 -71.39 -0.77 -118.84
CA ASP QB 154 -74.71 0.25 -117.32
CA THR QB 155 -76.90 -2.02 -119.50
CA GLY QB 156 -74.78 -5.13 -120.07
CA LYS QB 157 -76.26 -8.59 -120.28
CA HIS QB 158 -73.53 -9.91 -117.97
CA GLY QB 159 -75.11 -8.36 -114.88
CA LYS QB 160 -78.14 -9.75 -113.10
CA GLU QB 161 -80.53 -7.48 -111.21
CA ILE QB 162 -82.61 -8.64 -108.24
CA LYS QB 163 -85.04 -6.89 -105.92
CA ILE QB 164 -84.93 -7.26 -102.13
CA THR QB 165 -87.92 -6.84 -99.79
CA PRO QB 166 -88.37 -8.08 -96.19
CA GLN QB 167 -91.54 -10.02 -97.07
CA SER QB 168 -89.36 -12.44 -99.09
CA SER QB 169 -86.08 -12.48 -97.18
CA ILE QB 170 -84.65 -15.92 -98.05
CA THR QB 171 -84.46 -15.71 -101.85
CA GLU QB 172 -82.23 -17.39 -104.44
CA ALA QB 173 -80.71 -15.55 -107.40
CA GLU QB 174 -78.90 -17.09 -110.36
CA LEU QB 175 -75.70 -15.98 -112.08
CA THR QB 176 -74.89 -17.41 -115.50
CA GLY QB 177 -72.42 -20.28 -115.36
CA TYR QB 178 -71.47 -19.78 -111.73
CA GLY QB 179 -74.87 -20.84 -110.39
CA THR QB 180 -76.97 -20.11 -107.32
CA VAL QB 181 -76.33 -17.35 -104.76
CA THR QB 182 -78.50 -16.43 -101.79
CA MET QB 183 -80.29 -13.14 -101.11
CA GLU QB 184 -81.11 -12.48 -97.43
CA CYS QB 185 -81.03 -9.25 -95.41
CA SER QB 186 -82.86 -6.59 -93.42
CA PRO QB 187 -81.16 -3.26 -94.31
CA ARG QB 188 -82.74 -1.32 -91.43
CA THR QB 189 -79.39 -0.34 -89.84
CA GLY QB 190 -79.57 3.03 -91.63
CA LEU QB 191 -80.92 6.43 -90.67
CA ASP QB 192 -84.30 6.72 -88.99
CA PHE QB 193 -87.21 6.89 -91.45
CA ASN QB 194 -90.03 8.20 -89.24
CA GLU QB 195 -88.66 11.76 -89.52
CA MET QB 196 -89.37 12.14 -93.26
CA VAL QB 197 -92.48 12.32 -95.45
CA LEU QB 198 -92.77 12.61 -99.24
CA LEU QB 199 -95.15 14.96 -101.04
CA GLN QB 200 -96.11 14.42 -104.64
CA MET QB 201 -97.99 16.64 -107.08
CA GLU QB 202 -98.96 15.11 -110.45
CA ASN QB 203 -95.39 14.02 -111.17
CA LYS QB 204 -92.91 15.99 -109.06
CA ALA QB 205 -92.17 15.01 -105.48
CA TRP QB 206 -90.44 16.52 -102.47
CA LEU QB 207 -88.86 15.04 -99.35
CA VAL QB 208 -89.73 17.04 -96.22
CA HIS QB 209 -90.07 16.69 -92.46
CA ARG QB 210 -93.19 15.29 -90.82
CA GLN QB 211 -93.84 18.25 -88.53
CA TRP QB 212 -93.36 20.62 -91.46
CA PHE QB 213 -95.65 18.42 -93.55
CA LEU QB 214 -98.34 18.88 -90.90
CA ASP QB 215 -97.62 22.56 -90.18
CA LEU QB 216 -98.62 23.94 -93.60
CA PRO QB 217 -101.94 25.69 -92.80
CA LEU QB 218 -104.34 24.20 -95.33
CA PRO QB 219 -107.30 21.77 -95.28
CA TRP QB 220 -106.69 18.24 -93.97
CA LEU QB 221 -107.99 14.71 -94.44
CA PRO QB 222 -107.01 11.71 -92.28
CA GLY QB 223 -105.36 8.84 -94.10
CA ALA QB 224 -108.43 6.62 -94.16
CA ASP QB 225 -110.50 9.71 -94.98
CA THR QB 226 -111.59 9.74 -98.61
CA GLN QB 227 -115.16 11.10 -98.56
CA GLY QB 228 -114.33 14.82 -98.45
CA SER QB 229 -116.97 15.47 -95.79
CA ASN QB 230 -114.54 16.18 -92.96
CA TRP QB 231 -112.18 19.15 -93.22
CA ILE QB 232 -109.89 20.65 -90.57
CA GLN QB 233 -108.65 24.24 -90.48
CA LYS QB 234 -110.78 24.88 -93.56
CA GLU QB 235 -111.00 28.58 -92.70
CA THR QB 236 -107.72 29.71 -94.28
CA LEU QB 237 -108.63 28.94 -97.89
CA VAL QB 238 -111.89 30.86 -97.45
CA THR QB 239 -111.26 34.50 -96.55
CA PHE QB 240 -114.21 36.37 -95.11
CA LYS QB 241 -114.04 40.04 -96.08
CA ASN QB 242 -114.82 42.63 -93.45
CA PRO QB 243 -118.25 42.46 -91.78
CA HIS QB 244 -120.59 44.62 -93.79
CA ALA QB 245 -124.33 45.23 -93.41
CA LYS QB 246 -126.14 41.89 -93.88
CA LYS QB 247 -123.38 40.57 -96.16
CA GLN QB 248 -120.14 38.71 -95.71
CA ASP QB 249 -118.67 38.65 -99.21
CA VAL QB 250 -116.87 35.30 -99.17
CA VAL QB 251 -113.60 35.41 -101.10
CA VAL QB 252 -112.11 32.15 -102.34
CA LEU QB 253 -108.36 32.09 -101.86
CA GLY QB 254 -106.48 31.38 -105.04
CA SER QB 255 -104.69 28.16 -105.85
CA GLN QB 256 -101.48 28.05 -103.86
CA GLU QB 257 -99.98 25.56 -106.33
CA GLY QB 258 -97.78 28.31 -107.72
CA ALA QB 259 -96.90 29.27 -104.16
CA MET QB 260 -95.98 25.68 -103.37
CA HIS QB 261 -93.74 25.52 -106.43
CA THR QB 262 -92.17 28.75 -105.18
CA ALA QB 263 -91.60 27.45 -101.64
CA LEU QB 264 -90.88 23.72 -101.95
CA THR QB 265 -88.23 24.46 -104.58
CA GLY QB 266 -84.91 24.55 -102.78
CA ALA QB 267 -85.89 21.53 -100.72
CA THR QB 268 -84.98 17.95 -101.64
CA GLU QB 269 -86.46 17.30 -105.08
CA ILE QB 270 -87.51 13.83 -106.25
CA GLN QB 271 -88.85 12.37 -109.49
CA MET QB 272 -90.93 9.21 -109.20
CA SER QB 273 -89.55 7.82 -112.47
CA SER QB 274 -86.13 7.30 -110.88
CA GLY QB 275 -87.66 5.95 -107.65
CA ASN QB 276 -87.05 7.44 -104.22
CA LEU QB 277 -83.42 8.53 -103.71
CA LEU QB 278 -83.21 7.61 -100.02
CA PHE QB 279 -79.44 7.34 -100.26
CA THR QB 280 -79.23 8.16 -96.55
CA GLY QB 281 -78.77 5.06 -94.43
CA HIS QB 282 -76.31 2.20 -94.84
CA LEU QB 283 -77.60 -1.14 -96.14
CA LYS QB 284 -76.07 -4.08 -94.28
CA CYS QB 285 -76.81 -7.36 -96.02
CA ARG QB 286 -76.03 -11.05 -95.62
CA LEU QB 287 -75.30 -13.05 -98.76
CA ARG QB 288 -74.24 -16.72 -98.79
CA MET QB 289 -71.70 -18.00 -101.31
CA ASP QB 290 -71.47 -21.72 -100.52
CA LYS QB 291 -73.48 -22.78 -103.60
CA LEU QB 292 -70.99 -21.36 -106.17
CA GLN QB 293 -67.88 -22.95 -107.65
CA LEU QB 294 -65.32 -22.04 -110.31
CA LYS QB 295 -66.81 -22.09 -113.81
CA GLY QB 296 -64.36 -22.72 -116.63
CA MET QB 297 -61.66 -24.15 -114.34
CA SER QB 298 -61.72 -27.42 -116.28
CA TYR QB 299 -60.45 -25.59 -119.36
CA SER QB 300 -56.74 -26.20 -119.85
CA MET QB 301 -54.13 -23.46 -119.93
CA CYS QB 302 -53.11 -22.47 -123.46
CA THR QB 303 -49.46 -21.93 -124.33
CA GLY QB 304 -50.02 -19.62 -127.29
CA LYS QB 305 -49.12 -15.92 -127.46
CA PHE QB 306 -50.71 -12.93 -125.72
CA LYS QB 307 -51.20 -9.39 -127.02
CA VAL QB 308 -52.28 -6.12 -125.38
CA VAL QB 309 -54.94 -3.93 -126.98
CA LYS QB 310 -55.35 -0.96 -124.63
CA GLU QB 311 -52.54 0.56 -122.61
CA ILE QB 312 -52.28 0.23 -118.83
CA ALA QB 313 -55.31 2.21 -117.68
CA GLU QB 314 -55.44 3.78 -114.22
CA THR QB 315 -58.48 3.86 -111.94
CA GLN QB 316 -59.10 5.90 -108.78
CA HIS QB 317 -58.06 3.04 -106.46
CA GLY QB 318 -54.57 1.92 -107.53
CA THR QB 319 -55.70 -0.84 -109.87
CA ILE QB 320 -54.71 -1.68 -113.44
CA VAL QB 321 -56.76 -2.83 -116.43
CA ILE QB 322 -55.25 -4.93 -119.22
CA ARG QB 323 -57.07 -5.94 -122.40
CA VAL QB 324 -55.18 -9.13 -123.19
CA GLN QB 325 -55.74 -10.45 -126.72
CA TYR QB 326 -54.89 -13.99 -127.82
CA GLU QB 327 -53.60 -14.11 -131.38
CA GLY QB 328 -52.65 -17.78 -131.01
CA ASP QB 329 -54.94 -20.82 -131.16
CA GLY QB 330 -56.49 -23.19 -128.63
CA SER QB 331 -59.29 -21.06 -127.21
CA PRO QB 332 -61.00 -21.16 -124.76
CA CYS QB 333 -58.23 -21.47 -122.13
CA LYS QB 334 -57.31 -20.77 -118.51
CA ILE QB 335 -55.42 -17.47 -118.49
CA PRO QB 336 -51.89 -17.58 -117.05
CA PHE QB 337 -51.63 -14.24 -115.23
CA GLU QB 338 -48.81 -13.73 -112.74
CA ILE QB 339 -46.71 -11.14 -110.93
CA MET QB 340 -43.00 -10.89 -110.25
CA ASP QB 341 -40.76 -8.49 -108.39
CA LEU QB 342 -37.47 -6.97 -109.53
CA GLU QB 343 -35.61 -10.19 -108.69
CA LYS QB 344 -38.09 -12.10 -110.91
CA ARG QB 345 -38.62 -14.52 -108.01
CA HIS QB 346 -41.59 -13.78 -105.74
CA VAL QB 347 -45.33 -13.55 -106.42
CA LEU QB 348 -46.16 -10.39 -104.45
CA GLY QB 349 -48.91 -8.57 -106.37
CA ARG QB 350 -52.60 -9.16 -105.69
CA LEU QB 351 -54.85 -10.36 -108.50
CA ILE QB 352 -58.55 -9.49 -108.87
CA THR QB 353 -60.00 -12.01 -111.33
CA VAL QB 354 -58.99 -15.57 -110.52
CA ASN QB 355 -58.59 -18.06 -113.41
CA PRO QB 356 -59.67 -15.70 -116.22
CA ILE QB 357 -60.71 -17.43 -119.43
CA VAL QB 358 -61.05 -16.39 -123.07
CA THR QB 359 -64.44 -16.86 -124.70
CA GLU QB 360 -62.91 -16.95 -128.19
CA LYS QB 361 -59.76 -15.89 -129.98
CA ASP QB 362 -59.66 -12.26 -131.18
CA SER QB 363 -61.99 -11.36 -128.24
CA PRO QB 364 -59.67 -9.95 -125.55
CA VAL QB 365 -60.26 -10.28 -121.82
CA ASN QB 366 -60.15 -7.36 -119.39
CA ILE QB 367 -57.83 -8.70 -116.71
CA GLU QB 368 -57.78 -6.56 -113.56
CA ALA QB 369 -54.89 -6.43 -111.10
CA GLU QB 370 -53.73 -4.63 -107.95
CA PRO QB 371 -49.94 -4.66 -107.58
CA PRO QB 372 -48.38 -2.80 -104.65
CA PHE QB 373 -47.37 0.83 -105.07
CA GLY QB 374 -43.95 0.42 -106.64
CA ASP QB 375 -42.11 -1.25 -109.49
CA SER QB 376 -43.10 -4.75 -110.58
CA TYR QB 377 -43.52 -6.92 -113.67
CA ILE QB 378 -46.97 -8.05 -114.75
CA ILE QB 379 -46.07 -11.32 -116.48
CA ILE QB 380 -48.63 -12.07 -119.18
CA GLY QB 381 -48.24 -15.49 -120.76
CA VAL QB 382 -45.45 -17.97 -120.19
CA GLU QB 383 -42.07 -18.33 -121.81
CA PRO QB 384 -41.00 -18.60 -124.60
CA GLY QB 385 -42.43 -15.28 -125.77
CA GLN QB 386 -43.61 -14.21 -122.31
CA LEU QB 387 -44.47 -10.53 -121.72
CA LYS QB 388 -42.99 -9.11 -118.51
CA LEU QB 389 -44.69 -5.75 -118.79
CA ASN QB 390 -42.97 -3.42 -116.35
CA TRP QB 391 -45.20 -1.22 -114.22
CA PHE QB 392 -44.47 1.50 -111.68
CA LYS QB 393 -47.44 2.17 -109.41
CA LYS QB 394 -47.48 5.45 -107.51
CA GLY QB 395 -48.23 5.77 -103.80
CA SER QB 396 -46.90 4.57 -100.47
CA SER QB 397 -47.48 1.07 -99.14
CA ILE QB 398 -48.20 2.64 -95.76
CA GLY QB 399 -50.68 4.79 -97.68
CA GLN QB 400 -52.91 1.87 -98.61
CA MET QB 401 -52.11 0.31 -95.23
CA ILE QB 402 -53.65 3.18 -93.27
CA GLU QB 403 -56.40 3.79 -95.84
CA THR QB 404 -57.71 0.22 -96.04
CA THR QB 405 -57.32 -0.42 -92.32
CA MET QB 406 -59.17 2.79 -91.43
CA ARG QB 407 -61.92 2.15 -93.98
CA GLY QB 408 -62.51 -1.38 -92.72
CA ALA QB 409 -62.41 -0.13 -89.14
CA LYS QB 410 -65.10 2.50 -89.80
CA ARG QB 411 -67.07 -0.07 -91.80
CA MET QB 412 -67.12 -2.43 -88.80
CA ALA QB 413 -67.61 0.51 -86.39
CA ILE QB 414 -70.79 1.89 -87.92
CA LEU QB 415 -71.69 -1.80 -88.01
CA GLY QB 416 -70.31 -2.12 -84.48
CA ASP QB 417 -72.33 -2.26 -81.27
CA THR QB 418 -75.47 -4.41 -81.59
CA ALA QB 419 -74.41 -5.31 -85.17
CA TRP QB 420 -71.61 -7.90 -85.22
CA ASP QB 421 -72.61 -11.28 -83.80
CA PHE QB 422 -71.10 -11.44 -80.31
CA GLY QB 423 -73.88 -13.31 -78.49
CA SER QB 424 -73.37 -16.70 -80.16
CA LEU QB 425 -71.23 -18.83 -77.86
CA GLY QB 426 -68.65 -20.79 -79.84
CA GLY QB 427 -69.33 -18.42 -82.72
CA VAL QB 428 -67.65 -15.72 -80.63
CA PHE QB 429 -64.39 -17.06 -82.07
CA THR QB 430 -65.79 -16.73 -85.58
CA SER QB 431 -66.98 -13.20 -84.85
CA ILE QB 432 -63.58 -12.16 -83.49
CA GLY QB 433 -62.00 -13.64 -86.60
CA LYS QB 434 -64.57 -11.74 -88.67
CA ALA QB 435 -63.65 -8.46 -86.98
CA LEU QB 436 -59.95 -9.06 -87.56
CA HIS QB 437 -60.49 -10.26 -91.14
CA GLN QB 438 -62.63 -7.23 -92.01
CA VAL QB 439 -60.11 -4.87 -90.35
CA PHE QB 440 -56.79 -6.72 -90.01
CA GLY QB 441 -57.44 -9.16 -92.88
CA ALA QB 442 -55.81 -6.90 -95.46
CA ILE QB 443 -52.70 -7.14 -93.28
CA TYR QB 444 -52.70 -10.93 -93.71
CA GLY QB 445 -53.50 -10.82 -97.42
CA ALA QB 446 -51.83 -7.83 -99.08
CA ALA QB 447 -48.54 -7.16 -97.27
CA PHE QB 448 -47.86 -10.62 -95.79
CA SER QB 449 -46.66 -12.82 -98.66
CA GLY QB 450 -49.84 -12.94 -100.80
CA VAL QB 451 -50.18 -15.67 -99.52
CA SER QB 452 -49.65 -19.44 -99.61
CA TRP QB 453 -51.14 -20.10 -96.20
CA ILE QB 454 -49.17 -23.14 -94.97
CA MET QB 455 -45.74 -21.51 -95.15
CA LYS QB 456 -46.93 -18.28 -93.56
CA ILE QB 457 -48.68 -20.07 -90.69
CA LEU QB 458 -45.37 -21.85 -90.11
CA ILE QB 459 -43.72 -18.42 -90.11
CA GLY QB 460 -46.45 -17.16 -87.81
CA VAL QB 461 -45.94 -19.86 -85.20
CA ILE QB 462 -42.21 -19.14 -85.47
CA ILE QB 463 -42.93 -15.47 -84.76
CA THR QB 464 -45.15 -16.43 -81.82
CA TRP QB 465 -42.33 -18.53 -80.39
CA ILE QB 466 -39.85 -15.67 -80.84
CA GLY QB 467 -42.22 -13.13 -79.27
CA MET QB 468 -42.98 -15.33 -76.27
CA ASN QB 469 -39.28 -15.92 -75.55
CA SER QB 470 -38.25 -12.31 -76.13
CA ARG QB 471 -36.09 -9.94 -74.09
CA SER QB 472 -38.91 -7.37 -73.67
CA THR QB 473 -42.50 -7.92 -72.53
CA SER QB 474 -43.74 -4.92 -74.51
CA LEU QB 475 -42.33 -6.44 -77.69
CA SER QB 476 -43.80 -9.78 -76.59
CA VAL QB 477 -47.29 -8.28 -76.37
CA SER QB 478 -46.73 -6.47 -79.67
CA LEU QB 479 -45.51 -9.57 -81.57
CA VAL QB 480 -47.39 -12.58 -80.14
CA LEU QB 481 -50.67 -10.72 -80.75
CA VAL QB 482 -49.75 -10.25 -84.41
CA GLY QB 483 -48.68 -13.89 -84.61
CA VAL QB 484 -51.88 -15.34 -83.15
CA VAL QB 485 -53.90 -12.97 -85.35
CA THR QB 486 -51.95 -14.29 -88.34
CA LEU QB 487 -52.50 -17.96 -87.43
CA TYR QB 488 -56.18 -17.75 -86.50
CA LEU QB 489 -57.08 -15.37 -89.34
CA GLY QB 490 -55.26 -17.66 -91.76
CA VAL QB 491 -57.37 -20.55 -90.56
CA MET QB 492 -60.41 -18.35 -91.16
CA VAL QB 493 -59.10 -17.31 -94.58
CA GLN QB 494 -58.79 -20.99 -95.53
CA ALA QB 495 -62.55 -21.25 -94.92
CA MET RB 1 -35.48 82.96 -95.89
CA ARG RB 2 -38.91 82.23 -97.35
CA CYS RB 3 -40.66 80.17 -94.66
CA ILE RB 4 -40.65 82.49 -91.65
CA GLY RB 5 -44.24 82.18 -90.46
CA ILE RB 6 -45.55 78.75 -91.46
CA SER RB 7 -46.50 76.43 -88.61
CA ASN RB 8 -44.54 73.36 -89.74
CA ARG RB 9 -41.00 74.72 -89.41
CA ASP RB 10 -38.41 71.94 -89.59
CA PHE RB 11 -34.62 71.90 -89.31
CA VAL RB 12 -32.10 69.40 -90.66
CA GLU RB 13 -28.61 70.26 -89.41
CA GLY RB 14 -26.44 67.38 -90.61
CA VAL RB 15 -24.40 66.41 -93.66
CA SER RB 16 -23.35 63.09 -95.13
CA GLY RB 17 -19.87 61.81 -95.91
CA GLY RB 18 -20.40 62.47 -99.61
CA SER RB 19 -22.69 65.43 -98.85
CA TRP RB 20 -25.67 63.30 -99.98
CA VAL RB 21 -28.21 65.08 -97.80
CA ASP RB 22 -31.73 63.68 -97.55
CA ILE RB 23 -34.94 65.64 -96.89
CA VAL RB 24 -38.67 65.01 -96.77
CA LEU RB 25 -41.11 67.54 -98.24
CA GLU RB 26 -44.84 67.78 -97.52
CA HIS RB 27 -47.57 70.31 -98.24
CA GLY RB 28 -46.95 73.37 -96.12
CA SER RB 29 -44.00 71.78 -94.29
CA CYS RB 30 -40.93 73.70 -95.40
CA VAL RB 31 -37.39 72.64 -94.55
CA THR RB 32 -34.23 74.60 -93.74
CA THR RB 33 -30.88 73.15 -94.80
CA MET RB 34 -27.82 73.94 -92.68
CA ALA RB 35 -24.19 73.18 -93.49
CA LYS RB 36 -20.61 74.03 -92.57
CA ASN RB 37 -18.91 76.62 -94.81
CA LYS RB 38 -21.68 76.10 -97.40
CA PRO RB 39 -24.63 78.44 -97.97
CA THR RB 40 -27.80 77.55 -96.10
CA LEU RB 41 -31.04 76.96 -97.96
CA ASP RB 42 -34.81 76.78 -97.67
CA PHE RB 43 -36.77 74.10 -99.51
CA GLU RB 44 -40.49 73.74 -100.03
CA LEU RB 45 -43.02 72.21 -102.40
CA ILE RB 46 -45.20 75.13 -103.45
CA LYS RB 47 -47.75 73.45 -105.69
CA THR RB 48 -48.55 69.85 -106.58
CA GLU RB 49 -49.67 69.18 -110.14
CA ALA RB 50 -50.89 66.08 -111.97
CA LYS RB 51 -50.52 66.69 -115.70
CA GLN RB 52 -51.25 64.27 -118.54
CA PRO RB 53 -54.03 62.36 -116.75
CA ALA RB 54 -55.06 58.87 -117.77
CA THR RB 55 -58.72 58.52 -118.74
CA LEU RB 56 -59.53 55.53 -116.54
CA ARG RB 57 -63.26 55.13 -117.23
CA LYS RB 58 -66.36 57.12 -118.12
CA TYR RB 59 -69.95 57.17 -116.87
CA CYS RB 60 -73.09 58.14 -118.77
CA ILE RB 61 -74.77 60.20 -116.07
CA GLU RB 62 -78.01 60.67 -118.03
CA ALA RB 63 -79.68 58.46 -120.59
CA LYS RB 64 -81.77 58.60 -123.76
CA LEU RB 65 -83.85 55.68 -125.02
CA THR RB 66 -84.62 55.52 -128.74
CA ASN RB 67 -85.58 53.11 -131.51
CA THR RB 68 -87.11 50.76 -128.93
CA THR RB 69 -88.29 47.77 -130.93
CA THR RB 70 -89.83 44.65 -129.45
CA ASP RB 71 -91.28 41.33 -130.58
CA SER RB 72 -92.67 38.09 -129.21
CA ARG RB 73 -93.45 34.52 -130.22
CA CYS RB 74 -96.11 32.05 -129.16
CA PRO RB 75 -95.06 29.26 -126.76
CA THR RB 76 -92.72 26.57 -128.13
CA GLN RB 77 -91.60 28.79 -131.05
CA GLY RB 78 -88.45 29.92 -129.22
CA GLU RB 79 -87.22 33.44 -128.64
CA PRO RB 80 -87.66 35.83 -131.60
CA SER RB 81 -84.43 36.76 -133.35
CA LEU RB 82 -84.12 40.38 -134.48
CA ASN RB 83 -80.88 42.06 -135.62
CA GLU RB 84 -80.54 44.44 -132.64
CA GLU RB 85 -79.60 41.68 -130.18
CA GLN RB 86 -76.19 41.06 -131.74
CA ASP RB 87 -75.45 44.78 -132.03
CA LYS RB 88 -74.33 46.20 -128.68
CA ARG RB 89 -75.54 49.64 -129.78
CA PHE RB 90 -78.95 48.49 -128.52
CA VAL RB 91 -79.35 47.35 -124.94
CA CYS RB 92 -81.91 44.60 -124.62
CA LYS RB 93 -83.34 41.59 -122.84
CA HIS RB 94 -85.77 38.69 -123.32
CA SER RB 95 -88.51 37.38 -121.02
CA MET RB 96 -91.71 35.32 -121.16
CA VAL RB 97 -95.44 35.81 -120.59
CA ASP RB 98 -98.53 33.62 -120.68
CA ARG RB 99 -100.14 33.66 -124.13
CA GLY RB 100 -102.50 31.25 -125.82
CA TRP RB 101 -105.94 30.69 -127.33
CA GLY RB 102 -107.21 33.86 -125.65
CA ASN RB 103 -104.84 36.33 -127.34
CA GLY RB 104 -104.08 34.77 -130.72
CA CYS RB 105 -101.70 31.90 -129.94
CA GLY RB 106 -102.67 28.23 -129.72
CA LEU RB 107 -102.54 27.22 -126.05
CA PHE RB 108 -101.94 29.02 -122.77
CA GLY RB 109 -98.21 28.84 -122.06
CA LYS RB 110 -95.13 30.93 -121.36
CA GLY RB 111 -94.18 32.28 -124.76
CA GLY RB 112 -91.09 34.38 -125.31
CA ILE RB 113 -90.58 38.11 -125.83
CA VAL RB 114 -87.51 40.10 -126.84
CA THR RB 115 -87.36 43.79 -125.94
CA CYS RB 116 -84.57 45.96 -127.37
CA ALA RB 117 -83.75 49.65 -127.59
CA MET RB 118 -80.96 52.03 -128.58
CA PHE RB 119 -79.22 53.58 -125.56
CA THR RB 120 -77.94 57.06 -126.43
CA CYS RB 121 -75.54 58.77 -124.01
CA LYS RB 122 -76.30 62.48 -123.79
CA LYS RB 123 -73.77 63.56 -121.15
CA ASN RB 124 -70.47 62.32 -119.76
CA MET RB 125 -69.00 62.00 -116.27
CA LYS RB 126 -65.23 61.91 -116.48
CA GLY RB 127 -62.86 59.92 -114.28
CA LYS RB 128 -59.18 60.76 -113.87
CA VAL RB 129 -56.64 58.45 -112.22
CA VAL RB 130 -53.29 59.84 -111.10
CA GLN RB 131 -50.30 57.53 -111.42
CA PRO RB 132 -47.08 58.09 -109.45
CA GLU RB 133 -45.07 59.01 -112.54
CA ASN RB 134 -47.58 61.73 -113.54
CA LEU RB 135 -46.99 63.95 -110.48
CA GLU RB 136 -45.32 67.20 -111.57
CA TYR RB 137 -43.90 68.53 -108.30
CA THR RB 138 -43.27 72.28 -108.24
CA ILE RB 139 -40.45 72.94 -105.75
CA VAL RB 140 -39.30 76.37 -104.60
CA ILE RB 141 -35.68 76.72 -103.49
CA THR RB 142 -34.60 79.95 -101.77
CA PRO RB 143 -31.22 80.79 -100.17
CA HIS RB 144 -30.72 82.58 -96.85
CA SER RB 145 -28.75 85.21 -98.70
CA GLY RB 146 -30.21 88.46 -97.39
CA GLU RB 147 -33.23 89.10 -99.61
CA GLU RB 148 -36.26 90.88 -98.18
CA HIS RB 149 -39.31 90.22 -100.39
CA ALA RB 150 -39.78 86.55 -99.45
CA VAL RB 151 -40.51 86.68 -95.70
CA GLY RB 152 -44.11 85.60 -95.29
CA ASN RB 153 -44.55 85.47 -99.06
CA ASP RB 154 -45.61 83.03 -101.79
CA THR RB 155 -44.38 84.57 -105.06
CA GLY RB 156 -41.23 86.19 -103.60
CA LYS RB 157 -38.57 85.28 -106.13
CA HIS RB 158 -34.87 85.46 -105.36
CA GLY RB 159 -34.29 81.73 -105.71
CA LYS RB 160 -35.74 79.34 -108.28
CA GLU RB 161 -38.88 77.28 -108.88
CA ILE RB 162 -38.37 73.94 -110.61
CA LYS RB 163 -40.94 71.47 -111.94
CA ILE RB 164 -39.72 67.97 -111.06
CA THR RB 165 -40.95 65.23 -113.40
CA PRO RB 166 -40.26 61.76 -111.92
CA GLN RB 167 -39.28 60.44 -115.36
CA SER RB 168 -36.39 62.91 -115.05
CA SER RB 169 -34.72 62.01 -111.75
CA ILE RB 170 -31.56 64.14 -111.94
CA THR RB 171 -32.11 67.85 -112.54
CA GLU RB 172 -29.90 70.93 -112.25
CA ALA RB 173 -31.54 73.95 -110.60
CA GLU RB 174 -29.15 76.87 -111.17
CA LEU RB 175 -29.52 79.04 -108.08
CA THR RB 176 -28.45 82.58 -108.91
CA GLY RB 177 -25.06 83.67 -107.61
CA TYR RB 178 -24.45 80.37 -105.80
CA GLY RB 179 -24.36 77.84 -108.66
CA THR RB 180 -26.63 74.81 -108.70
CA VAL RB 181 -27.78 71.90 -106.54
CA THR RB 182 -28.38 68.45 -107.99
CA MET RB 183 -32.02 67.40 -107.67
CA GLU RB 184 -32.55 63.68 -107.14
CA CYS RB 185 -35.96 63.82 -105.52
CA SER RB 186 -38.52 61.06 -106.01
CA PRO RB 187 -42.20 60.84 -105.02
CA ARG RB 188 -42.05 57.08 -105.62
CA THR RB 189 -40.96 56.37 -102.04
CA GLY RB 190 -43.78 58.55 -100.72
CA LEU RB 191 -47.33 57.37 -100.19
CA ASP RB 192 -48.75 55.39 -103.10
CA PHE RB 193 -51.19 57.36 -105.25
CA ASN RB 194 -52.96 54.14 -106.22
CA GLU RB 195 -56.43 54.76 -104.71
CA MET RB 196 -57.03 58.46 -105.46
CA VAL RB 197 -59.41 59.36 -108.29
CA LEU RB 198 -60.86 62.63 -109.58
CA LEU RB 199 -64.47 62.93 -110.67
CA GLN RB 200 -64.80 65.71 -113.27
CA MET RB 201 -68.07 67.34 -114.31
CA GLU RB 202 -68.05 70.22 -116.79
CA ASN RB 203 -65.34 72.27 -115.04
CA LYS RB 204 -65.69 71.33 -111.35
CA ALA RB 205 -64.39 68.19 -109.70
CA TRP RB 206 -64.09 66.11 -106.55
CA LEU RB 207 -61.62 63.59 -105.14
CA VAL RB 208 -62.80 60.11 -104.18
CA HIS RB 209 -61.45 56.59 -103.74
CA ARG RB 210 -60.90 54.15 -106.60
CA GLN RB 211 -62.92 51.22 -105.24
CA TRP RB 212 -65.84 53.57 -104.60
CA PHE RB 213 -65.36 55.12 -108.03
CA LEU RB 214 -65.79 51.76 -109.74
CA ASP RB 215 -68.42 50.30 -107.39
CA LEU RB 216 -71.02 52.79 -108.62
CA PRO RB 217 -73.96 50.95 -110.27
CA LEU RB 218 -74.05 53.31 -113.23
CA PRO RB 219 -73.38 52.99 -116.97
CA TRP RB 220 -69.87 51.72 -117.42
CA LEU RB 221 -67.78 52.66 -120.49
CA PRO RB 222 -64.03 52.04 -120.91
CA GLY RB 223 -61.40 54.67 -121.54
CA ALA RB 224 -60.10 53.21 -124.79
CA ASP RB 225 -63.42 53.29 -126.66
CA THR RB 226 -64.79 56.53 -128.13
CA GLN RB 227 -68.13 55.76 -129.80
CA GLY RB 228 -69.68 54.29 -126.64
CA SER RB 229 -71.43 51.45 -128.47
CA ASN RB 230 -69.30 48.88 -126.64
CA TRP RB 231 -71.46 49.53 -123.60
CA ILE RB 232 -71.22 47.66 -120.28
CA GLN RB 233 -73.41 47.48 -117.16
CA LYS RB 234 -76.57 47.62 -119.18
CA GLU RB 235 -79.38 47.44 -116.62
CA THR RB 236 -78.32 50.38 -114.42
CA LEU RB 237 -80.72 52.91 -116.00
CA VAL RB 238 -83.02 50.96 -118.32
CA THR RB 239 -85.57 49.58 -115.85
CA PHE RB 240 -88.01 47.43 -117.80
CA LYS RB 241 -91.31 46.77 -116.01
CA ASN RB 242 -93.04 43.41 -115.81
CA PRO RB 243 -93.98 42.67 -119.44
CA HIS RB 244 -97.71 42.39 -120.02
CA ALA RB 245 -98.21 40.62 -123.35
CA LYS RB 246 -95.52 42.41 -125.41
CA LYS RB 247 -95.02 46.04 -124.38
CA GLN RB 248 -93.28 46.96 -121.16
CA ASP RB 249 -92.87 50.51 -119.91
CA VAL RB 250 -89.19 50.74 -120.81
CA VAL RB 251 -87.90 54.03 -119.42
CA VAL RB 252 -84.47 55.28 -118.42
CA LEU RB 253 -84.28 56.71 -114.93
CA GLY RB 254 -84.12 60.46 -114.62
CA SER RB 255 -80.82 62.28 -114.82
CA GLN RB 256 -78.61 61.22 -111.93
CA GLU RB 257 -76.75 64.55 -111.95
CA GLY RB 258 -78.73 65.96 -109.03
CA ALA RB 259 -78.79 62.71 -107.05
CA MET RB 260 -75.11 61.91 -107.44
CA HIS RB 261 -74.19 65.54 -106.80
CA THR RB 262 -76.13 65.41 -103.54
CA ALA RB 263 -74.51 62.12 -102.57
CA LEU RB 264 -70.98 63.22 -103.49
CA THR RB 265 -71.48 66.36 -101.39
CA GLY RB 266 -69.26 66.30 -98.33
CA ALA RB 267 -66.38 64.66 -100.17
CA THR RB 268 -63.12 66.47 -100.94
CA GLU RB 269 -64.04 69.13 -103.48
CA ILE RB 270 -61.07 70.07 -105.67
CA GLN RB 271 -60.85 73.37 -107.56
CA MET RB 272 -59.08 71.52 -110.36
CA SER RB 273 -59.25 74.52 -112.72
CA SER RB 274 -56.07 76.03 -111.19
CA GLY RB 275 -54.32 72.64 -111.42
CA ASN RB 276 -54.48 69.31 -109.61
CA LEU RB 277 -53.66 70.66 -106.14
CA LEU RB 278 -53.20 67.35 -104.37
CA PHE RB 279 -52.80 68.01 -100.65
CA THR RB 280 -50.88 64.80 -99.83
CA GLY RB 281 -47.75 62.91 -100.83
CA HIS RB 282 -44.25 62.71 -99.40
CA LEU RB 283 -41.36 63.83 -101.58
CA LYS RB 284 -38.09 62.09 -100.68
CA CYS RB 285 -35.32 64.40 -101.81
CA ARG RB 286 -31.64 63.39 -102.04
CA LEU RB 287 -29.18 66.13 -102.93
CA ARG RB 288 -25.49 66.57 -103.64
CA MET RB 289 -24.95 70.13 -102.37
CA ASP RB 290 -21.17 70.06 -102.95
CA LYS RB 291 -21.65 71.67 -106.36
CA LEU RB 292 -23.41 74.53 -104.55
CA GLN RB 293 -21.12 77.23 -103.21
CA LEU RB 294 -21.40 80.61 -101.49
CA LYS RB 295 -19.84 83.43 -103.52
CA GLY RB 296 -20.34 85.71 -100.52
CA MET RB 297 -18.64 83.60 -97.85
CA SER RB 298 -15.02 84.77 -98.02
CA TYR RB 299 -15.46 88.54 -98.32
CA SER RB 300 -13.54 90.74 -95.90
CA MET RB 301 -14.68 91.15 -92.31
CA CYS RB 302 -16.79 94.28 -92.35
CA THR RB 303 -15.56 97.33 -90.48
CA GLY RB 304 -17.84 100.35 -90.70
CA LYS RB 305 -20.64 101.43 -88.41
CA PHE RB 306 -23.78 99.30 -88.46
CA LYS RB 307 -27.31 100.16 -87.29
CA VAL RB 308 -30.72 98.50 -86.93
CA VAL RB 309 -33.86 99.73 -88.70
CA LYS RB 310 -36.70 97.50 -87.49
CA GLU RB 311 -36.89 95.73 -84.14
CA ILE RB 312 -37.52 92.04 -83.55
CA ALA RB 313 -40.87 90.36 -83.89
CA GLU RB 314 -41.19 86.71 -82.87
CA THR RB 315 -41.69 83.90 -85.36
CA GLN RB 316 -43.72 80.70 -85.07
CA HIS RB 317 -40.70 78.54 -84.28
CA GLY RB 318 -39.18 81.39 -82.29
CA THR RB 319 -36.21 82.54 -84.36
CA ILE RB 320 -34.45 85.89 -84.39
CA VAL RB 321 -35.02 87.74 -87.65
CA ILE RB 322 -33.55 91.24 -87.84
CA ARG RB 323 -33.60 93.76 -90.67
CA VAL RB 324 -30.35 95.71 -90.28
CA GLN RB 325 -28.85 98.61 -92.22
CA TYR RB 326 -25.20 99.50 -92.80
CA GLU RB 327 -24.40 103.21 -92.70
CA GLY RB 328 -20.64 102.66 -92.97
CA ASP RB 329 -18.50 101.81 -96.01
CA GLY RB 330 -16.50 99.00 -97.55
CA SER RB 331 -19.37 97.10 -99.14
CA PRO RB 332 -19.28 94.21 -100.00
CA CYS RB 333 -18.11 93.00 -96.58
CA LYS RB 334 -18.55 90.03 -94.24
CA ILE RB 335 -20.57 91.28 -91.26
CA PRO RB 336 -19.67 90.14 -87.72
CA PHE RB 337 -22.58 88.52 -85.91
CA GLU RB 338 -22.33 86.54 -82.67
CA ILE RB 339 -24.67 85.52 -79.85
CA MET RB 340 -22.65 85.98 -76.67
CA ASP RB 341 -23.43 85.48 -73.02
CA LEU RB 342 -24.23 88.59 -71.02
CA GLU RB 343 -20.60 88.57 -69.77
CA LYS RB 344 -19.18 88.23 -73.32
CA ARG RB 345 -17.16 85.09 -72.42
CA HIS RB 346 -18.73 82.06 -74.14
CA VAL RB 347 -21.12 81.63 -77.07
CA LEU RB 348 -24.63 80.22 -76.58
CA GLY RB 349 -26.75 80.32 -79.72
CA ARG RB 350 -26.54 79.44 -83.40
CA LEU RB 351 -26.96 81.53 -86.55
CA ILE RB 352 -28.71 80.16 -89.64
CA THR RB 353 -27.39 82.51 -92.32
CA VAL RB 354 -23.79 81.33 -92.40
CA ASN RB 355 -21.47 84.26 -93.10
CA PRO RB 356 -24.13 86.93 -93.67
CA ILE RB 357 -23.21 89.34 -96.43
CA VAL RB 358 -23.94 92.99 -97.23
CA THR RB 359 -23.16 93.59 -100.93
CA GLU RB 360 -25.27 96.71 -101.34
CA LYS RB 361 -25.29 100.16 -99.77
CA ASP RB 362 -28.44 101.48 -98.11
CA SER RB 363 -30.48 98.28 -98.19
CA PRO RB 364 -32.20 96.16 -95.53
CA VAL RB 365 -30.33 93.01 -94.59
CA ASN RB 366 -32.12 90.01 -93.09
CA ILE RB 367 -30.14 88.21 -90.38
CA GLU RB 368 -31.46 84.94 -88.96
CA ALA RB 369 -30.57 83.20 -85.70
CA GLU RB 370 -31.94 80.84 -83.05
CA PRO RB 371 -30.88 81.39 -79.43
CA PRO RB 372 -31.65 78.99 -76.61
CA PHE RB 373 -34.23 79.75 -73.92
CA GLY RB 374 -32.43 82.28 -71.77
CA ASP RB 375 -31.02 85.75 -71.63
CA SER RB 376 -28.48 86.45 -74.35
CA TYR RB 377 -26.62 89.34 -75.95
CA ILE RB 378 -26.56 89.54 -79.74
CA ILE RB 379 -23.23 91.27 -80.34
CA ILE RB 380 -22.90 92.96 -83.73
CA GLY RB 381 -19.99 94.85 -85.23
CA VAL RB 382 -16.64 95.86 -83.79
CA GLU RB 383 -15.76 98.88 -81.68
CA PRO RB 384 -16.06 101.77 -82.54
CA GLY RB 385 -19.79 101.33 -83.06
CA GLN RB 386 -20.37 98.12 -81.12
CA LEU RB 387 -24.00 97.04 -80.98
CA LYS RB 388 -25.26 94.94 -78.08
CA LEU RB 389 -28.85 93.67 -78.14
CA ASN RB 390 -30.29 91.93 -75.10
CA TRP RB 391 -32.78 89.19 -75.88
CA PHE RB 392 -34.82 86.55 -74.10
CA LYS RB 393 -37.15 83.79 -75.30
CA LYS RB 394 -39.65 81.63 -73.47
CA GLY RB 395 -39.85 77.85 -73.20
CA SER RB 396 -38.09 74.89 -71.61
CA SER RB 397 -34.89 73.44 -73.03
CA ILE RB 398 -36.19 69.90 -72.52
CA GLY RB 399 -39.23 70.94 -74.55
CA GLN RB 400 -37.11 71.67 -77.59
CA MET RB 401 -34.98 68.57 -76.97
CA ILE RB 402 -37.96 66.20 -77.01
CA GLU RB 403 -39.65 68.10 -79.85
CA THR RB 404 -36.61 68.07 -82.15
CA THR RB 405 -35.65 64.49 -81.29
CA MET RB 406 -39.13 63.10 -81.91
CA ARG RB 407 -39.53 65.16 -85.08
CA GLY RB 408 -36.24 63.82 -86.42
CA ALA RB 409 -37.20 60.30 -85.38
CA LYS RB 410 -40.44 60.52 -87.34
CA ARG RB 411 -38.56 62.09 -90.25
CA MET RB 412 -36.11 59.19 -90.33
CA ALA RB 413 -38.91 56.64 -89.90
CA ILE RB 414 -40.72 57.96 -92.97
CA LEU RB 415 -37.32 58.54 -94.62
CA GLY RB 416 -36.49 54.97 -93.70
CA ASP RB 417 -36.63 51.65 -95.54
CA THR RB 418 -35.26 51.92 -99.10
CA ALA RB 419 -34.27 55.54 -98.29
CA TRP RB 420 -31.20 55.73 -96.06
CA ASP RB 421 -28.06 54.37 -97.69
CA PHE RB 422 -27.56 50.80 -96.49
CA GLY RB 423 -26.56 49.18 -99.80
CA SER RB 424 -23.74 51.61 -100.60
CA LEU RB 425 -20.48 50.12 -99.33
CA GLY RB 426 -17.94 52.51 -97.82
CA GLY RB 427 -20.61 55.05 -96.97
CA VAL RB 428 -22.28 52.64 -94.54
CA PHE RB 429 -20.47 54.20 -91.58
CA THR RB 430 -21.38 57.63 -92.98
CA SER RB 431 -25.01 56.57 -93.43
CA ILE RB 432 -25.35 55.32 -89.85
CA GLY RB 433 -23.64 58.52 -88.71
CA LYS RB 434 -26.27 60.50 -90.60
CA ALA RB 435 -29.06 58.44 -89.04
CA LEU RB 436 -27.69 58.72 -85.51
CA HIS RB 437 -27.42 62.44 -86.14
CA GLN RB 438 -31.02 62.75 -87.31
CA VAL RB 439 -32.17 61.08 -84.05
CA PHE RB 440 -29.69 62.02 -81.28
CA GLY RB 441 -27.97 65.14 -82.64
CA ALA RB 442 -30.17 67.52 -80.71
CA ILE RB 443 -28.96 65.85 -77.53
CA TYR RB 444 -25.37 65.77 -78.78
CA GLY RB 445 -25.09 69.38 -79.89
CA ALA RB 446 -27.35 71.07 -77.33
CA ALA RB 447 -27.27 69.09 -74.08
CA PHE RB 448 -23.64 67.95 -74.29
CA SER RB 449 -21.71 71.21 -74.02
CA GLY RB 450 -22.36 72.76 -77.46
CA VAL RB 451 -19.62 71.61 -78.08
CA SER RB 452 -15.82 71.85 -78.14
CA TRP RB 453 -15.37 68.60 -80.04
CA ILE RB 454 -11.84 67.63 -78.95
CA MET RB 455 -12.46 67.70 -75.21
CA LYS RB 456 -15.87 66.08 -75.47
CA ILE RB 457 -14.49 63.17 -77.49
CA LEU RB 458 -11.84 62.84 -74.79
CA ILE RB 459 -14.71 62.61 -72.30
CA GLY RB 460 -16.39 60.17 -74.67
CA VAL RB 461 -13.45 57.78 -74.70
CA ILE RB 462 -13.29 58.18 -70.91
CA ILE RB 463 -16.93 57.08 -70.54
CA THR RB 464 -16.30 54.20 -72.96
CA TRP RB 465 -13.32 53.05 -70.89
CA ILE RB 466 -15.34 53.24 -67.69
CA GLY RB 467 -18.23 51.38 -69.34
CA MET RB 468 -16.16 48.49 -70.67
CA ASN RB 469 -14.47 48.01 -67.28
CA SER RB 470 -17.72 48.39 -65.33
CA ARG RB 471 -19.12 46.37 -62.45
CA SER RB 472 -22.19 45.40 -64.54
CA THR RB 473 -22.56 44.27 -68.14
CA SER RB 474 -25.95 45.95 -68.53
CA LEU RB 475 -24.39 49.30 -67.63
CA SER RB 476 -21.44 48.46 -69.89
CA VAL RB 477 -23.78 48.02 -72.86
CA SER RB 478 -25.84 51.07 -71.89
CA LEU RB 479 -22.79 53.35 -71.58
CA VAL RB 480 -20.35 52.22 -74.27
CA LEU RB 481 -23.10 52.57 -76.88
CA VAL RB 482 -23.55 56.22 -75.92
CA GLY RB 483 -19.79 56.71 -75.83
CA VAL RB 484 -19.19 55.31 -79.30
CA VAL RB 485 -22.17 57.37 -80.48
CA THR RB 486 -20.46 60.43 -79.02
CA LEU RB 487 -17.12 59.66 -80.64
CA TYR RB 488 -18.46 58.82 -84.11
CA LEU RB 489 -20.87 61.77 -84.16
CA GLY RB 490 -18.04 64.04 -83.01
CA VAL RB 491 -15.98 62.87 -85.94
CA MET RB 492 -19.10 63.54 -88.02
CA VAL RB 493 -20.25 66.90 -86.59
CA GLN RB 494 -16.70 68.16 -87.15
CA ALA RB 495 -17.67 67.88 -90.84
CA PHE SB 1 -125.71 66.46 -109.15
CA HIS SB 2 -124.37 69.99 -109.55
CA LEU SB 3 -121.85 69.97 -112.40
CA THR SB 4 -118.60 71.93 -112.59
CA THR SB 5 -115.17 71.36 -114.18
CA ARG SB 6 -111.79 70.58 -112.65
CA ASN SB 7 -108.52 69.66 -114.36
CA GLY SB 8 -110.36 70.01 -117.65
CA GLU SB 9 -112.84 67.26 -116.73
CA PRO SB 10 -116.49 67.32 -115.67
CA HIS SB 11 -117.21 67.07 -111.95
CA MET SB 12 -120.76 66.31 -110.78
CA ILE SB 13 -121.61 66.42 -107.07
CA VAL SB 14 -124.46 64.02 -106.31
CA SER SB 15 -126.61 63.83 -103.20
CA ARG SB 16 -129.50 61.84 -101.74
CA GLN SB 17 -131.96 63.73 -104.00
CA GLU SB 18 -130.70 61.47 -106.82
CA LYS SB 19 -129.64 58.25 -105.09
CA GLY SB 20 -129.23 54.84 -106.67
CA LYS SB 21 -130.60 56.08 -109.99
CA SER SB 22 -129.16 56.60 -113.45
CA LEU SB 23 -127.35 59.92 -113.75
CA LEU SB 24 -128.11 61.74 -117.00
CA PHE SB 25 -126.74 64.91 -118.58
CA LYS SB 26 -126.22 66.70 -121.89
CA THR SB 27 -122.69 68.06 -122.34
CA GLU SB 28 -120.44 69.07 -125.22
CA ASP SB 29 -119.27 65.47 -125.51
CA GLY SB 30 -122.89 64.40 -125.97
CA VAL SB 31 -125.56 62.50 -124.04
CA ASN SB 32 -123.79 61.56 -120.79
CA MET SB 33 -125.43 58.47 -119.25
CA CYS SB 34 -123.60 57.62 -116.03
CA THR SB 35 -124.45 54.84 -113.60
CA LEU SB 36 -123.46 55.56 -110.00
CA MET SB 37 -123.51 52.01 -108.67
CA ALA SB 38 -121.66 52.95 -105.48
CA MET SB 39 -122.49 51.99 -101.89
CA ASP SB 40 -121.95 54.62 -99.20
CA LEU SB 41 -123.90 57.36 -100.97
CA GLY SB 42 -126.13 58.89 -98.30
CA GLU SB 43 -127.14 62.48 -97.71
CA LEU SB 44 -124.42 65.00 -98.48
CA CYS SB 45 -121.65 65.36 -95.89
CA GLU SB 46 -118.19 66.85 -95.38
CA ASP SB 47 -116.34 63.53 -95.83
CA THR SB 48 -116.04 64.26 -99.54
CA ILE SB 49 -115.17 60.99 -101.28
CA THR SB 50 -114.32 61.46 -104.96
CA TYR SB 51 -114.13 59.09 -107.89
CA LYS SB 52 -113.24 58.73 -111.54
CA CYS SB 53 -116.06 57.21 -113.50
CA PRO SB 54 -113.93 55.80 -116.36
CA PHE SB 55 -114.71 55.96 -120.05
CA LEU SB 56 -116.18 52.60 -121.09
CA LYS SB 57 -117.51 52.25 -124.62
CA GLN SB 58 -119.20 48.83 -124.82
CA ASN SB 59 -117.21 46.37 -122.70
CA GLU SB 60 -118.35 44.42 -119.63
CA PRO SB 61 -117.96 46.63 -116.53
CA GLU SB 62 -116.55 45.03 -113.40
CA ASP SB 63 -114.67 46.01 -110.25
CA ILE SB 64 -115.86 49.62 -110.57
CA ASP SB 65 -118.06 51.84 -108.43
CA CYS SB 66 -119.31 54.28 -111.08
CA TRP SB 67 -119.06 54.47 -114.85
CA CYS SB 68 -120.22 56.49 -117.84
CA ASN SB 69 -120.78 55.40 -121.43
CA SER SB 70 -119.78 58.80 -122.87
CA THR SB 71 -116.52 59.98 -121.31
CA SER SB 72 -114.41 59.84 -118.18
CA THR SB 73 -115.68 62.11 -115.43
CA TRP SB 74 -115.35 63.04 -111.78
CA VAL SB 75 -118.05 62.31 -109.22
CA THR SB 76 -118.14 63.09 -105.51
CA TYR SB 77 -120.36 62.66 -102.49
CA GLY SB 78 -120.44 62.40 -98.70
CA THR SB 79 -120.41 59.49 -96.28
CA CYS SB 80 -121.93 60.56 -92.94
CA THR SB 81 -125.13 58.98 -91.69
CA THR SB 82 -128.55 60.64 -91.68
CA THR SB 83 -128.39 62.01 -88.14
CA GLY SB 84 -124.87 63.40 -88.56
CA GLU SB 85 -121.55 61.86 -87.54
CA HIS SB 86 -118.00 61.44 -88.77
CA ARG SB 87 -118.19 57.79 -89.88
CA ARG SB 88 -118.47 54.24 -88.51
CA GLU SB 89 -116.68 53.61 -85.21
CA LYS SB 90 -113.87 51.08 -84.73
CA ARG SB 91 -111.44 50.10 -81.99
CA SER SB 92 -107.76 49.54 -82.74
CA VAL SB 93 -104.15 50.50 -81.84
CA ALA SB 94 -102.22 48.35 -79.36
CA LEU SB 95 -100.74 50.06 -76.31
CA VAL SB 96 -100.30 49.60 -72.57
CA PRO SB 97 -97.96 51.32 -70.07
CA HIS SB 98 -95.93 50.09 -67.18
CA VAL SB 99 -97.76 49.94 -63.85
CA GLY SB 100 -96.83 52.60 -61.38
CA MET SB 101 -95.23 52.91 -57.98
CA GLY SB 102 -96.78 54.87 -55.13
CA LEU SB 103 -97.20 55.27 -51.36
CA GLU SB 104 -94.27 52.86 -50.80
CA THR SB 105 -91.05 54.90 -51.26
CA ARG SB 106 -87.72 53.32 -52.23
CA THR SB 107 -85.50 53.03 -49.12
CA GLU SB 108 -85.02 50.20 -46.60
CA THR SB 109 -87.20 51.23 -43.62
CA TRP SB 110 -90.52 50.66 -41.77
CA MET SB 111 -89.70 47.23 -40.22
CA SER SB 112 -92.56 45.77 -42.32
CA SER SB 113 -92.77 42.10 -43.25
CA GLU SB 114 -92.69 42.78 -46.99
CA GLY SB 115 -89.88 45.31 -46.65
CA ALA SB 116 -87.96 43.09 -44.24
CA TRP SB 117 -88.19 39.98 -46.43
CA LYS SB 118 -87.70 41.76 -49.78
CA HIS SB 119 -83.94 41.96 -49.30
CA ALA SB 120 -83.63 38.26 -48.43
CA GLN SB 121 -85.94 37.26 -51.29
CA ARG SB 122 -83.83 39.29 -53.72
CA ILE SB 123 -80.63 37.73 -52.32
CA GLU SB 124 -81.92 34.20 -52.83
CA THR SB 125 -83.31 35.07 -56.27
CA TRP SB 126 -79.87 36.40 -57.25
CA ILE SB 127 -78.25 33.25 -55.86
CA LEU SB 128 -80.60 31.05 -57.88
CA ARG SB 129 -79.97 33.13 -61.01
CA HIS SB 130 -76.21 33.34 -60.30
CA PRO SB 131 -74.92 29.89 -59.29
CA GLY SB 132 -71.48 30.55 -60.77
CA PHE SB 133 -70.85 33.68 -58.72
CA THR SB 134 -72.07 31.81 -55.64
CA ILE SB 135 -69.58 29.01 -56.28
CA MET SB 136 -66.81 31.54 -56.89
CA ALA SB 137 -67.59 33.32 -53.61
CA ALA SB 138 -67.63 30.00 -51.78
CA ILE SB 139 -64.22 29.10 -53.23
CA LEU SB 140 -62.78 32.48 -52.23
CA ALA SB 141 -64.18 32.03 -48.71
CA TYR SB 142 -62.63 28.56 -48.53
CA THR SB 143 -59.20 29.78 -49.63
CA ILE SB 144 -59.08 32.95 -47.53
CA GLY SB 145 -60.94 31.46 -44.56
CA THR SB 146 -58.81 29.60 -42.03
CA THR SB 147 -61.77 28.73 -39.76
CA HIS SB 148 -65.18 27.37 -40.70
CA PHE SB 149 -66.90 30.29 -38.96
CA GLN SB 150 -64.83 32.80 -40.93
CA ARG SB 151 -65.51 30.73 -44.06
CA ALA SB 152 -69.28 30.94 -43.63
CA LEU SB 153 -69.21 34.59 -42.57
CA ILE SB 154 -67.16 35.62 -45.60
CA PHE SB 155 -69.33 33.56 -47.94
CA ILE SB 156 -72.49 35.19 -46.57
CA LEU SB 157 -70.90 38.64 -46.78
CA LEU SB 158 -69.86 38.14 -50.41
CA THR SB 159 -73.24 36.73 -51.45
CA ALA SB 160 -75.04 39.63 -49.74
CA VAL SB 161 -72.73 42.40 -50.98
CA ALA SB 162 -72.33 41.37 -54.64
CA PRO SB 163 -75.99 42.09 -55.59
CA SER SB 164 -76.09 45.38 -53.67
CA MET SB 165 -73.45 46.81 -56.01
CA THR SB 166 -75.85 46.40 -58.95
CA PHE TB 1 -136.27 35.36 -111.78
CA HIS TB 2 -138.25 32.55 -110.13
CA LEU TB 3 -140.38 33.69 -107.21
CA THR TB 4 -140.12 30.53 -105.08
CA THR TB 5 -140.98 29.91 -101.43
CA ARG TB 6 -137.52 29.40 -99.94
CA ASN TB 7 -137.33 29.02 -96.15
CA GLY TB 8 -141.00 30.01 -96.18
CA GLU TB 9 -140.36 33.43 -97.73
CA PRO TB 10 -140.20 34.86 -101.27
CA HIS TB 11 -136.97 34.03 -103.07
CA MET TB 12 -135.62 35.35 -106.39
CA ILE TB 13 -132.72 34.39 -108.68
CA VAL TB 14 -131.52 37.42 -110.66
CA SER TB 15 -128.97 36.87 -113.42
CA ARG TB 16 -126.78 39.19 -115.49
CA GLN TB 17 -129.04 39.33 -118.58
CA GLU TB 18 -130.63 42.33 -116.83
CA LYS TB 19 -128.43 44.42 -114.56
CA GLY TB 20 -128.33 47.78 -112.83
CA LYS TB 21 -132.12 48.11 -113.10
CA SER TB 22 -134.98 47.72 -110.65
CA LEU TB 23 -136.83 44.41 -110.90
CA LEU TB 24 -140.62 44.15 -110.97
CA PHE TB 25 -142.75 41.21 -109.85
CA LYS TB 26 -146.00 40.20 -108.18
CA THR TB 27 -146.84 38.84 -104.72
CA GLU TB 28 -149.92 38.47 -102.55
CA ASP TB 29 -149.39 42.03 -101.28
CA GLY TB 30 -149.42 43.38 -104.85
CA VAL TB 31 -146.89 44.58 -107.38
CA ASN TB 32 -143.40 44.91 -105.89
CA MET TB 33 -140.53 46.84 -107.45
CA CYS TB 34 -137.15 45.77 -106.06
CA THR TB 35 -133.88 47.71 -105.97
CA LEU TB 36 -130.57 45.87 -106.32
CA MET TB 37 -127.49 48.03 -105.71
CA ALA TB 38 -125.12 45.05 -105.58
CA MET TB 39 -122.15 46.26 -107.60
CA ASP TB 40 -120.22 42.96 -107.74
CA LEU TB 41 -122.82 41.14 -109.82
CA GLY TB 42 -122.06 38.59 -112.53
CA GLU TB 43 -123.94 35.90 -114.45
CA LEU TB 44 -125.54 32.88 -112.81
CA CYS TB 45 -123.24 29.94 -112.08
CA GLU TB 46 -122.39 27.62 -109.21
CA ASP TB 47 -120.94 30.37 -107.00
CA THR TB 48 -124.35 31.59 -105.86
CA ILE TB 49 -124.34 34.41 -103.32
CA THR TB 50 -127.66 34.87 -101.50
CA TYR TB 51 -129.35 37.69 -99.56
CA LYS TB 52 -132.43 38.28 -97.41
CA CYS TB 53 -133.58 41.58 -98.90
CA PRO TB 54 -134.98 43.85 -96.15
CA PHE TB 55 -138.16 45.92 -96.12
CA LEU TB 56 -137.96 49.72 -96.10
CA LYS TB 57 -140.93 52.09 -95.93
CA GLN TB 58 -139.56 55.66 -96.16
CA ASN TB 59 -136.14 55.75 -94.47
CA GLU TB 60 -133.04 56.45 -96.52
CA PRO TB 61 -131.46 53.21 -97.83
CA GLU TB 62 -127.98 53.14 -96.30
CA ASP TB 63 -125.22 50.54 -96.40
CA ILE TB 64 -127.43 47.89 -98.07
CA ASP TB 65 -127.69 46.53 -101.59
CA CYS TB 66 -131.30 45.43 -101.86
CA TRP TB 67 -134.58 47.01 -100.84
CA CYS TB 68 -138.24 47.17 -101.86
CA ASN TB 69 -141.25 49.31 -100.89
CA SER TB 70 -143.64 46.66 -99.51
CA THR TB 71 -141.96 43.49 -98.28
CA SER TB 72 -138.74 41.58 -97.66
CA THR TB 73 -137.48 38.71 -99.79
CA TRP TB 74 -134.45 36.57 -100.71
CA VAL TB 75 -132.46 37.71 -103.75
CA THR TB 76 -129.55 35.61 -105.06
CA TYR TB 77 -127.17 35.73 -107.99
CA GLY TB 78 -123.97 34.31 -109.37
CA THR TB 79 -120.55 35.94 -109.33
CA CYS TB 80 -118.68 34.24 -112.17
CA THR TB 81 -116.76 36.54 -114.50
CA THR TB 82 -117.15 36.67 -118.27
CA THR TB 83 -115.18 33.46 -118.78
CA GLY TB 84 -117.63 31.73 -116.42
CA GLU TB 85 -115.05 30.92 -113.72
CA HIS TB 86 -115.10 31.37 -109.94
CA ARG TB 87 -113.57 34.20 -107.93
CA ARG TB 88 -109.88 34.85 -108.46
CA GLU TB 89 -107.09 36.49 -106.46
CA LYS TB 90 -103.68 35.82 -104.90
CA ARG TB 91 -101.70 35.25 -102.72
CA SER TB 92 -101.49 33.46 -99.37
CA VAL TB 93 -98.42 32.45 -97.37
CA ALA TB 94 -96.63 29.13 -96.90
CA LEU TB 95 -93.61 28.70 -94.64
CA VAL TB 96 -90.41 28.35 -96.66
CA PRO TB 97 -88.98 24.81 -96.24
CA HIS TB 98 -85.39 23.68 -95.76
CA VAL TB 99 -83.37 20.57 -94.91
CA GLY TB 100 -82.75 19.23 -91.42
CA MET TB 101 -84.78 19.78 -88.26
CA GLY TB 102 -84.01 23.11 -86.65
CA LEU TB 103 -84.96 22.90 -82.97
CA GLU TB 104 -82.20 24.73 -81.13
CA THR TB 105 -83.18 28.42 -81.38
CA ARG TB 106 -86.29 30.25 -80.19
CA THR TB 107 -87.22 33.46 -78.36
CA GLU TB 108 -85.76 36.93 -78.96
CA THR TB 109 -82.99 38.65 -77.02
CA TRP TB 110 -82.92 41.12 -74.15
CA MET TB 111 -80.01 43.39 -75.01
CA SER TB 112 -78.71 44.18 -71.52
CA SER TB 113 -78.94 40.73 -69.94
CA GLU TB 114 -77.71 38.85 -73.00
CA GLY TB 115 -74.86 41.33 -73.47
CA ALA TB 116 -73.86 40.77 -69.85
CA TRP TB 117 -74.04 36.98 -70.20
CA LYS TB 118 -72.43 36.87 -73.67
CA HIS TB 119 -68.99 36.24 -72.17
CA ALA TB 120 -70.24 33.49 -69.85
CA GLN TB 121 -72.11 31.72 -72.65
CA ARG TB 122 -69.34 32.24 -75.23
CA ILE TB 123 -66.64 30.71 -73.03
CA GLU TB 124 -68.82 27.63 -72.52
CA THR TB 125 -69.70 27.22 -76.19
CA TRP TB 126 -66.09 27.71 -77.26
CA ILE TB 127 -64.57 25.43 -74.62
CA LEU TB 128 -67.07 22.73 -75.56
CA ARG TB 129 -66.62 23.13 -79.32
CA HIS TB 130 -62.79 22.77 -79.24
CA PRO TB 131 -61.72 19.90 -76.96
CA GLY TB 132 -58.35 19.78 -78.73
CA PHE TB 133 -57.44 23.28 -77.59
CA THR TB 134 -58.80 22.32 -74.17
CA ILE TB 135 -56.21 19.55 -74.05
CA MET TB 136 -53.35 21.77 -75.23
CA ALA TB 137 -54.23 24.57 -72.80
CA ALA TB 138 -54.52 22.07 -69.96
CA ILE TB 139 -51.11 20.56 -70.78
CA LEU TB 140 -49.47 23.99 -70.98
CA ALA TB 141 -51.00 24.99 -67.65
CA TYR TB 142 -49.87 21.71 -66.10
CA THR TB 143 -46.28 22.27 -67.22
CA ILE TB 144 -45.97 25.97 -66.42
CA GLY TB 145 -47.82 26.10 -63.12
CA THR TB 146 -45.48 25.01 -60.31
CA THR TB 147 -48.25 24.51 -57.72
CA HIS TB 148 -51.89 23.61 -58.15
CA PHE TB 149 -53.53 27.04 -58.01
CA GLN TB 150 -51.07 28.51 -60.52
CA ARG TB 151 -52.01 25.67 -62.87
CA ALA TB 152 -55.74 26.32 -62.44
CA LEU TB 153 -55.25 30.07 -62.82
CA ILE TB 154 -53.29 29.80 -66.06
CA PHE TB 155 -55.84 27.28 -67.36
CA ILE TB 156 -58.86 29.49 -66.69
CA LEU TB 157 -57.15 32.62 -68.05
CA LEU TB 158 -56.25 30.90 -71.32
CA THR TB 159 -59.75 29.44 -71.63
CA ALA TB 160 -61.16 32.95 -71.19
CA VAL TB 161 -58.66 34.52 -73.58
CA ALA TB 162 -59.14 32.07 -76.45
CA PRO TB 163 -62.68 33.13 -77.47
CA SER TB 164 -61.79 36.82 -77.11
CA MET TB 165 -59.01 36.82 -79.72
CA THR TB 166 -61.43 35.24 -82.20
CA PHE UB 1 -100.62 55.69 -141.19
CA HIS UB 2 -97.30 55.33 -143.05
CA LEU UB 3 -96.73 51.73 -144.16
CA THR UB 4 -93.31 50.15 -144.76
CA THR UB 5 -92.07 46.57 -145.21
CA ARG UB 6 -89.65 45.38 -142.53
CA ASN UB 7 -88.75 41.76 -141.75
CA GLY UB 8 -91.19 40.65 -144.44
CA GLU UB 9 -94.09 42.21 -142.49
CA PRO UB 10 -95.82 45.60 -142.61
CA HIS UB 11 -94.70 48.33 -140.23
CA MET UB 12 -97.14 51.16 -139.45
CA ILE UB 13 -96.01 54.61 -138.29
CA VAL UB 14 -98.76 56.63 -136.62
CA SER UB 15 -98.73 60.17 -135.22
CA ARG UB 16 -101.02 61.96 -132.80
CA GLN UB 17 -102.58 63.84 -135.71
CA GLU UB 18 -104.83 60.75 -135.97
CA LYS UB 19 -105.07 60.27 -132.20
CA GLY UB 20 -108.18 58.65 -130.75
CA LYS UB 21 -109.49 57.29 -134.05
CA SER UB 22 -109.61 53.76 -135.40
CA LEU UB 23 -106.84 52.66 -137.76
CA LEU UB 24 -108.57 52.49 -141.16
CA PHE UB 25 -106.86 52.13 -144.54
CA LYS UB 26 -106.84 49.95 -147.66
CA THR UB 27 -104.14 47.70 -149.13
CA GLU UB 28 -103.96 44.58 -151.28
CA ASP UB 29 -104.12 42.34 -148.19
CA GLY UB 30 -107.78 43.33 -147.86
CA VAL UB 31 -110.02 45.74 -145.97
CA ASN UB 32 -107.61 46.22 -143.06
CA MET UB 33 -109.87 47.50 -140.33
CA CYS UB 34 -107.78 48.05 -137.21
CA THR UB 35 -107.82 49.93 -133.92
CA LEU UB 36 -105.34 51.55 -131.54
CA MET UB 37 -106.67 51.89 -128.01
CA ALA UB 38 -103.92 52.67 -125.48
CA MET UB 39 -103.50 56.31 -124.47
CA ASP UB 40 -99.70 56.21 -124.11
CA LEU UB 41 -99.41 57.94 -127.50
CA GLY UB 42 -97.35 61.10 -127.69
CA GLU UB 43 -96.47 63.40 -130.54
CA LEU UB 44 -94.09 62.43 -133.33
CA CYS UB 45 -90.53 62.49 -132.00
CA GLU UB 46 -87.44 60.29 -131.85
CA ASP UB 47 -88.73 58.11 -128.99
CA THR UB 48 -90.20 55.46 -131.26
CA ILE UB 49 -92.07 52.55 -129.67
CA THR UB 50 -93.25 49.53 -131.66
CA TYR UB 51 -95.85 46.75 -131.53
CA LYS UB 52 -97.19 43.77 -133.40
CA CYS UB 53 -100.96 44.00 -133.82
CA PRO UB 54 -102.46 40.48 -133.81
CA PHE UB 55 -105.03 39.10 -136.22
CA LEU UB 56 -108.62 38.38 -135.22
CA LYS UB 57 -110.14 34.95 -135.70
CA GLN UB 58 -113.14 35.08 -133.34
CA ASN UB 59 -112.08 36.55 -129.98
CA GLU UB 60 -113.02 39.92 -128.55
CA PRO UB 61 -110.13 42.43 -128.57
CA GLU UB 62 -108.18 41.67 -125.42
CA ASP UB 63 -104.64 41.54 -123.97
CA ILE UB 64 -103.16 43.84 -126.66
CA ASP UB 65 -103.26 47.62 -127.01
CA CYS UB 66 -103.75 47.38 -130.77
CA TRP UB 67 -106.16 45.08 -132.61
CA CYS UB 68 -106.42 44.38 -136.35
CA ASN UB 69 -108.80 41.89 -137.97
CA SER UB 70 -107.48 41.38 -141.52
CA THR UB 71 -103.71 40.79 -141.29
CA SER UB 72 -101.11 41.00 -138.52
CA THR UB 73 -99.18 44.25 -138.78
CA TRP UB 74 -96.65 46.18 -136.70
CA VAL UB 75 -97.70 49.59 -135.37
CA THR UB 76 -95.17 52.07 -134.01
CA TYR UB 77 -95.54 55.65 -132.78
CA GLY UB 78 -94.13 58.29 -130.46
CA THR UB 79 -94.43 58.47 -126.68
CA CYS UB 80 -92.70 61.67 -125.61
CA THR UB 81 -94.75 64.13 -123.58
CA THR UB 82 -96.32 67.14 -125.29
CA THR UB 83 -93.43 69.43 -124.27
CA GLY UB 84 -90.98 67.48 -126.46
CA GLU UB 85 -89.35 65.73 -123.49
CA HIS UB 86 -88.67 62.00 -123.25
CA ARG UB 87 -90.34 59.95 -120.56
CA ARG UB 88 -88.57 59.77 -117.23
CA GLU UB 89 -89.06 58.85 -113.57
CA LYS UB 90 -87.78 60.63 -110.49
CA ARG UB 91 -86.37 57.51 -108.82
CA SER UB 92 -82.62 57.61 -108.14
CA VAL UB 93 -79.76 55.27 -107.19
CA ALA UB 94 -76.50 56.06 -105.39
CA LEU UB 95 -74.69 55.25 -102.13
CA VAL UB 96 -72.85 56.87 -99.22
CA PRO UB 97 -69.42 58.34 -100.22
CA HIS UB 98 -68.29 59.67 -96.82
CA VAL UB 99 -65.96 57.05 -95.28
CA GLY UB 100 -64.36 53.96 -96.75
CA MET UB 101 -60.84 52.53 -96.37
CA GLY UB 102 -59.96 48.86 -95.82
CA LEU UB 103 -56.28 48.25 -96.60
CA GLU UB 104 -53.77 50.52 -98.37
CA THR UB 105 -50.25 51.91 -98.47
CA ARG UB 106 -46.79 50.68 -99.19
CA THR UB 107 -45.86 47.25 -97.83
CA GLU UB 108 -43.30 47.35 -94.99
CA THR UB 109 -42.59 50.79 -93.50
CA TRP UB 110 -46.33 51.24 -93.22
CA MET UB 111 -46.55 47.75 -91.73
CA SER UB 112 -43.91 48.46 -89.08
CA SER UB 113 -45.06 52.00 -88.26
CA GLU UB 114 -48.80 51.33 -88.18
CA GLY UB 115 -48.22 48.08 -86.28
CA ALA UB 116 -46.28 49.98 -83.62
CA TRP UB 117 -48.86 52.76 -83.45
CA LYS UB 118 -51.97 50.56 -83.57
CA HIS UB 119 -50.59 48.26 -80.87
CA ALA UB 120 -49.56 51.32 -78.85
CA GLN UB 121 -52.99 52.94 -79.05
CA ARG UB 122 -54.85 49.65 -78.50
CA ILE UB 123 -52.84 48.73 -75.41
CA GLU UB 124 -52.91 52.33 -74.18
CA THR UB 125 -56.69 52.47 -74.49
CA TRP UB 126 -56.90 49.16 -72.61
CA ILE UB 127 -54.68 50.67 -69.89
CA LEU UB 128 -56.57 53.99 -69.57
CA ARG UB 129 -60.08 52.94 -70.60
CA HIS UB 130 -59.86 50.34 -67.79
CA PRO UB 131 -57.00 51.33 -65.46
CA GLY UB 132 -57.63 49.62 -62.12
CA PHE UB 133 -57.52 46.13 -63.60
CA THR UB 134 -54.02 46.93 -64.83
CA ILE UB 135 -52.53 47.94 -61.48
CA MET UB 136 -54.28 45.14 -59.59
CA ALA UB 137 -52.99 42.60 -62.12
CA ALA UB 138 -49.49 44.07 -61.91
CA ILE UB 139 -49.33 43.82 -58.12
CA LEU UB 140 -50.92 40.36 -58.18
CA ALA UB 141 -48.28 39.14 -60.64
CA TYR UB 142 -45.43 40.73 -58.68
CA THR UB 143 -46.70 38.99 -55.53
CA ILE UB 144 -47.56 35.58 -57.03
CA GLY UB 145 -45.32 34.85 -60.00
CA THR UB 146 -42.17 32.98 -59.01
CA THR UB 147 -39.93 34.24 -61.84
CA HIS UB 148 -39.91 37.52 -63.73
CA PHE UB 149 -40.87 35.57 -66.87
CA GLN UB 150 -43.80 34.01 -65.00
CA ARG UB 151 -44.83 37.39 -63.58
CA ALA UB 152 -44.65 38.86 -67.08
CA LEU UB 153 -46.97 36.14 -68.34
CA ILE UB 154 -49.36 36.74 -65.43
CA PHE UB 155 -49.93 40.46 -65.72
CA ILE UB 156 -49.60 40.71 -69.52
CA LEU UB 157 -52.27 38.01 -69.87
CA LEU UB 158 -54.49 39.63 -67.23
CA THR UB 159 -54.20 43.02 -68.93
CA ALA UB 160 -55.02 41.34 -72.25
CA VAL UB 161 -58.14 39.54 -71.01
CA ALA UB 162 -59.70 41.90 -68.44
CA PRO UB 163 -60.53 44.90 -70.69
CA SER UB 164 -61.99 42.53 -73.28
CA MET UB 165 -63.86 40.77 -70.46
CA THR UB 166 -64.99 44.13 -69.06
CA MET VB 1 -21.36 116.19 -54.21
CA ARG VB 2 -21.50 118.76 -51.42
CA CYS VB 3 -19.60 117.20 -48.55
CA ILE VB 4 -15.85 117.72 -48.92
CA GLY VB 5 -13.72 118.54 -45.89
CA ILE VB 6 -16.28 117.37 -43.33
CA SER VB 7 -14.36 114.95 -41.13
CA ASN VB 8 -17.30 112.67 -40.26
CA ARG VB 9 -18.36 111.25 -43.62
CA ASP VB 10 -20.37 108.09 -42.97
CA PHE VB 11 -21.00 105.46 -45.62
CA VAL VB 12 -23.78 103.02 -46.55
CA GLU VB 13 -22.14 100.46 -48.86
CA GLY VB 14 -25.17 98.67 -50.26
CA VAL VB 15 -28.95 98.36 -50.38
CA SER VB 16 -31.52 95.56 -50.11
CA GLY VB 17 -34.93 94.92 -51.64
CA GLY VB 18 -36.84 96.62 -48.84
CA SER VB 19 -34.52 99.65 -49.13
CA TRP VB 20 -35.78 100.93 -45.76
CA VAL VB 21 -32.40 102.34 -44.80
CA ASP VB 22 -32.45 104.16 -41.46
CA ILE VB 23 -29.70 106.74 -41.78
CA VAL VB 24 -27.94 108.17 -38.76
CA LEU VB 25 -27.24 111.89 -38.88
CA GLU VB 26 -25.41 114.29 -36.58
CA HIS VB 27 -24.13 117.86 -36.52
CA GLY VB 28 -21.07 118.44 -38.67
CA SER VB 29 -21.23 114.99 -40.26
CA CYS VB 30 -22.37 114.01 -43.75
CA VAL VB 31 -23.75 110.70 -44.98
CA THR VB 32 -23.43 108.92 -48.33
CA THR VB 33 -26.05 106.45 -49.51
CA MET VB 34 -25.21 103.86 -52.16
CA ALA VB 35 -27.65 101.69 -54.08
CA LYS VB 36 -27.10 99.10 -56.80
CA ASN VB 37 -27.83 100.83 -60.12
CA LYS VB 38 -29.80 103.59 -58.38
CA PRO VB 39 -28.88 107.26 -57.88
CA THR VB 40 -26.37 107.78 -55.09
CA LEU VB 41 -27.36 110.35 -52.47
CA ASP VB 42 -25.66 112.69 -50.01
CA PHE VB 43 -27.57 113.59 -46.85
CA GLU VB 44 -26.84 116.38 -44.40
CA LEU VB 45 -28.52 118.59 -41.83
CA ILE VB 46 -27.58 122.18 -42.67
CA LYS VB 47 -29.35 124.01 -39.84
CA THR VB 48 -31.10 123.08 -36.60
CA GLU VB 49 -33.61 125.63 -35.32
CA ALA VB 50 -36.42 125.68 -32.76
CA LYS VB 51 -38.79 128.28 -34.17
CA GLN VB 52 -41.09 130.22 -31.86
CA PRO VB 53 -39.33 129.35 -28.57
CA ALA VB 54 -41.13 129.89 -25.28
CA THR VB 55 -40.03 132.43 -22.66
CA LEU VB 56 -39.22 131.17 -19.16
CA ARG VB 57 -37.89 134.06 -17.07
CA LYS VB 58 -36.24 137.41 -17.78
CA TYR VB 59 -33.22 138.69 -15.86
CA CYS VB 60 -32.26 142.32 -15.32
CA ILE VB 61 -28.87 143.69 -16.34
CA GLU VB 62 -28.76 147.52 -16.06
CA ALA VB 63 -30.69 149.40 -13.39
CA LYS VB 64 -32.03 152.91 -13.67
CA LEU VB 65 -33.55 154.21 -10.45
CA THR VB 66 -35.38 157.27 -9.14
CA ASN VB 67 -37.65 158.63 -6.42
CA THR VB 68 -35.26 157.40 -3.72
CA THR VB 69 -36.30 158.60 -0.27
CA THR VB 70 -35.21 158.21 3.35
CA ASP VB 71 -37.86 158.63 6.03
CA SER VB 72 -37.28 158.12 9.72
CA ARG VB 73 -38.72 158.72 13.18
CA CYS VB 74 -37.18 159.33 16.57
CA PRO VB 75 -36.53 156.23 18.71
CA THR VB 76 -39.67 155.07 20.54
CA GLN VB 77 -41.95 156.20 17.66
CA GLY VB 78 -41.94 153.06 15.51
CA GLU VB 79 -40.32 152.96 12.09
CA PRO VB 80 -42.52 155.09 9.81
CA SER VB 81 -44.84 153.65 7.19
CA LEU VB 82 -44.75 155.10 3.69
CA ASN VB 83 -47.06 155.22 0.70
CA GLU VB 84 -43.85 154.50 -1.22
CA GLU VB 85 -43.17 151.11 0.33
CA GLN VB 86 -46.61 149.51 -0.07
CA ASP VB 87 -46.24 149.09 -3.86
CA LYS VB 88 -44.19 146.31 -5.47
CA ARG VB 89 -43.04 148.80 -8.13
CA PHE VB 90 -40.36 149.98 -5.66
CA VAL VB 91 -37.54 148.24 -3.79
CA CYS VB 92 -37.08 148.87 -0.09
CA LYS VB 93 -35.57 148.15 3.28
CA HIS VB 94 -35.84 149.08 6.94
CA SER VB 95 -32.74 149.60 9.06
CA MET VB 96 -31.63 150.65 12.54
CA VAL VB 97 -29.31 153.59 13.26
CA ASP VB 98 -28.14 155.41 16.38
CA ARG VB 99 -29.75 158.83 16.20
CA GLY VB 100 -27.91 161.04 18.68
CA TRP VB 101 -29.13 163.87 20.88
CA GLY VB 102 -27.96 166.56 18.47
CA ASN VB 103 -29.59 164.77 15.56
CA GLY VB 104 -32.96 166.46 15.29
CA CYS VB 105 -34.81 164.49 17.95
CA GLY VB 106 -32.84 165.09 21.11
CA LEU VB 107 -33.17 161.66 22.64
CA PHE VB 108 -30.15 159.55 21.76
CA GLY VB 109 -30.91 155.95 20.91
CA LYS VB 110 -31.21 153.42 18.11
CA GLY VB 111 -34.26 153.89 15.92
CA GLY VB 112 -35.72 152.87 12.58
CA ILE VB 113 -35.21 154.34 9.13
CA VAL VB 114 -37.10 153.31 6.00
CA THR VB 115 -35.15 153.82 2.78
CA CYS VB 116 -36.32 153.22 -0.79
CA ALA VB 117 -36.68 154.01 -4.43
CA MET VB 118 -38.19 153.10 -7.76
CA PHE VB 119 -36.52 150.33 -9.76
CA THR VB 120 -37.03 150.05 -13.51
CA CYS VB 121 -34.10 148.71 -15.51
CA LYS VB 122 -33.05 149.13 -19.09
CA LYS VB 123 -31.23 146.08 -20.51
CA ASN VB 124 -32.54 142.63 -19.69
CA MET VB 125 -31.81 139.03 -20.57
CA LYS VB 126 -34.10 136.83 -22.62
CA GLY VB 127 -34.41 133.40 -21.01
CA LYS VB 128 -36.07 130.77 -23.16
CA VAL VB 129 -36.96 127.07 -23.12
CA VAL VB 130 -37.08 124.65 -26.06
CA GLN VB 131 -39.50 121.71 -26.14
CA PRO VB 132 -39.27 118.56 -28.30
CA GLU VB 133 -42.27 119.80 -30.30
CA ASN VB 134 -40.59 122.97 -31.53
CA LEU VB 135 -37.47 121.18 -32.84
CA GLU VB 136 -37.32 122.03 -36.54
CA TYR VB 137 -34.58 120.37 -38.59
CA THR VB 138 -33.44 121.47 -42.03
CA ILE VB 139 -32.28 118.55 -44.17
CA VAL VB 140 -30.26 118.89 -47.38
CA ILE VB 141 -30.44 116.15 -50.02
CA THR VB 142 -28.03 116.11 -52.96
CA PRO VB 143 -27.34 113.86 -55.96
CA HIS VB 144 -23.85 112.88 -57.11
CA SER VB 145 -24.23 114.59 -60.46
CA GLY VB 146 -20.73 116.03 -60.10
CA GLU VB 147 -21.65 119.67 -60.72
CA GLU VB 148 -18.66 121.95 -60.42
CA HIS VB 149 -19.71 124.16 -57.49
CA ALA VB 150 -20.02 121.14 -55.20
CA VAL VB 151 -16.67 120.90 -53.40
CA GLY VB 152 -16.90 123.13 -50.35
CA ASN VB 153 -20.42 124.34 -51.20
CA ASP VB 154 -23.45 123.88 -48.95
CA THR VB 155 -26.45 126.03 -49.90
CA GLY VB 156 -25.83 126.03 -53.65
CA LYS VB 157 -28.97 125.55 -55.76
CA HIS VB 158 -28.22 122.00 -56.86
CA GLY VB 159 -30.18 119.82 -54.43
CA LYS VB 160 -33.25 120.03 -52.21
CA GLU VB 161 -33.90 121.46 -48.76
CA ILE VB 162 -36.73 120.10 -46.62
CA LYS VB 163 -38.21 121.49 -43.40
CA ILE VB 164 -38.58 118.37 -41.28
CA THR VB 165 -40.20 118.24 -37.84
CA PRO VB 166 -41.50 115.44 -35.59
CA GLN VB 167 -44.96 116.99 -35.97
CA SER VB 168 -44.67 115.95 -39.64
CA SER VB 169 -44.25 112.32 -40.70
CA ILE VB 170 -44.44 111.92 -44.51
CA THR VB 171 -43.67 114.40 -47.27
CA GLU VB 172 -42.39 113.80 -50.79
CA ALA VB 173 -39.40 115.79 -52.04
CA GLU VB 174 -38.21 116.20 -55.61
CA LEU VB 175 -34.59 115.80 -56.73
CA THR VB 176 -34.41 117.46 -60.13
CA GLY VB 177 -33.27 115.04 -62.80
CA TYR VB 178 -33.39 112.07 -60.43
CA GLY VB 179 -37.04 111.83 -59.39
CA THR VB 180 -38.65 111.58 -55.96
CA VAL VB 181 -37.57 110.72 -52.42
CA THR VB 182 -40.00 110.39 -49.55
CA MET VB 183 -39.27 112.12 -46.25
CA GLU VB 184 -40.97 109.52 -44.05
CA CYS VB 185 -38.44 110.53 -41.42
CA SER VB 186 -38.54 110.10 -37.64
CA PRO VB 187 -36.72 112.73 -35.53
CA ARG VB 188 -36.94 110.70 -32.34
CA THR VB 189 -33.63 110.98 -30.53
CA GLY VB 190 -33.55 114.29 -28.71
CA LEU VB 191 -30.67 114.03 -26.24
CA ASP VB 192 -32.20 115.87 -23.27
CA PHE VB 193 -34.17 119.07 -22.77
CA ASN VB 194 -35.31 119.39 -19.14
CA GLU VB 195 -31.99 120.87 -17.98
CA MET VB 196 -31.01 123.08 -20.93
CA VAL VB 197 -32.01 126.71 -21.40
CA LEU VB 198 -31.34 129.33 -24.06
CA LEU VB 199 -30.22 132.88 -23.26
CA GLN VB 200 -30.26 135.89 -25.58
CA MET VB 201 -28.61 139.33 -25.24
CA GLU VB 202 -29.48 141.85 -27.99
CA ASN VB 203 -27.34 140.21 -30.71
CA LYS VB 204 -25.81 137.09 -29.13
CA ALA VB 205 -26.94 133.93 -27.36
CA TRP VB 206 -25.80 131.12 -25.09
CA LEU VB 207 -26.89 127.70 -23.84
CA VAL VB 208 -26.75 126.88 -20.13
CA HIS VB 209 -28.10 124.36 -17.65
CA ARG VB 210 -31.43 125.16 -16.01
CA GLN VB 211 -30.02 125.10 -12.48
CA TRP VB 212 -27.76 127.98 -13.47
CA PHE VB 213 -30.81 130.16 -14.11
CA LEU VB 214 -32.58 128.79 -11.04
CA ASP VB 215 -29.67 129.80 -8.78
CA LEU VB 216 -28.18 132.94 -10.32
CA PRO VB 217 -28.86 135.85 -7.89
CA LEU VB 218 -30.17 138.62 -10.12
CA PRO VB 219 -33.60 140.23 -10.55
CA TRP VB 220 -36.44 138.08 -11.91
CA LEU VB 221 -39.46 138.38 -14.14
CA PRO VB 222 -41.72 135.33 -14.64
CA GLY VB 223 -42.56 134.75 -18.27
CA ALA VB 224 -46.22 135.69 -17.83
CA ASP VB 225 -45.69 139.29 -16.73
CA THR VB 226 -45.52 142.10 -19.28
CA GLN VB 227 -45.50 145.38 -17.33
CA GLY VB 228 -41.97 144.88 -16.01
CA SER VB 229 -43.04 146.20 -12.60
CA ASN VB 230 -43.18 143.13 -10.34
CA TRP VB 231 -39.76 141.67 -9.57
CA ILE VB 232 -38.39 138.92 -7.31
CA GLN VB 233 -35.02 138.99 -5.55
CA LYS VB 234 -34.97 142.62 -6.66
CA GLU VB 235 -32.82 143.62 -3.67
CA THR VB 236 -29.63 141.94 -4.92
CA LEU VB 237 -28.71 144.66 -7.41
CA VAL VB 238 -29.22 147.51 -4.96
CA THR VB 239 -26.38 147.58 -2.44
CA PHE VB 240 -26.73 150.09 0.36
CA LYS VB 241 -23.92 152.22 1.70
CA ASN VB 242 -23.63 151.84 5.44
CA PRO VB 243 -26.45 153.80 7.13
CA HIS VB 244 -25.50 157.37 7.96
CA ALA VB 245 -27.88 158.74 10.60
CA LYS VB 246 -30.66 159.92 8.28
CA LYS VB 247 -28.76 159.69 5.01
CA GLN VB 248 -29.09 156.30 3.41
CA ASP VB 249 -28.14 156.53 -0.24
CA VAL VB 250 -28.89 153.56 -2.46
CA VAL VB 251 -26.62 152.39 -5.26
CA VAL VB 252 -26.86 149.44 -7.64
CA LEU VB 253 -24.45 147.30 -9.65
CA GLY VB 254 -23.53 148.79 -12.99
CA SER VB 255 -22.76 147.21 -16.34
CA GLN VB 256 -23.10 143.46 -15.82
CA GLU VB 257 -22.60 142.61 -19.51
CA GLY VB 258 -18.84 142.40 -18.96
CA ALA VB 259 -19.34 140.27 -15.86
CA MET VB 260 -21.67 137.99 -17.79
CA HIS VB 261 -19.23 137.66 -20.70
CA THR VB 262 -16.21 136.89 -18.51
CA ALA VB 263 -18.08 134.52 -16.17
CA LEU VB 264 -20.36 132.69 -18.62
CA THR VB 265 -17.36 131.88 -20.83
CA GLY VB 266 -16.79 128.15 -21.13
CA ALA VB 267 -20.49 127.44 -21.67
CA THR VB 268 -21.88 126.52 -25.07
CA GLU VB 269 -21.81 129.65 -27.23
CA ILE VB 270 -24.45 129.61 -29.98
CA GLN VB 271 -24.16 131.92 -32.99
CA MET VB 272 -27.75 133.16 -33.01
CA SER VB 273 -26.84 135.73 -35.68
CA SER VB 274 -27.18 132.93 -38.24
CA GLY VB 275 -30.02 131.48 -36.17
CA ASN VB 276 -29.77 129.08 -33.25
CA LEU VB 277 -27.50 126.20 -34.27
CA LEU VB 278 -28.56 123.64 -31.65
CA PHE VB 279 -25.72 121.10 -31.53
CA THR VB 280 -27.70 118.45 -29.67
CA GLY VB 281 -29.26 115.08 -30.38
CA HIS VB 282 -28.98 112.72 -33.35
CA LEU VB 283 -31.40 112.18 -36.23
CA LYS VB 284 -32.69 108.67 -36.93
CA CYS VB 285 -34.22 109.04 -40.36
CA ARG VB 286 -35.87 106.21 -42.31
CA LEU VB 287 -35.63 106.54 -46.11
CA ARG VB 288 -37.01 104.28 -48.84
CA MET VB 289 -35.25 104.74 -52.19
CA ASP VB 290 -37.68 102.54 -54.14
CA LYS VB 291 -39.11 105.36 -56.29
CA LEU VB 292 -35.92 107.33 -57.08
CA GLN VB 293 -35.12 107.22 -60.77
CA LEU VB 294 -31.69 107.58 -62.40
CA LYS VB 295 -31.33 109.63 -65.60
CA GLY VB 296 -28.51 108.37 -67.78
CA MET VB 297 -27.88 104.66 -67.25
CA SER VB 298 -29.35 104.22 -70.74
CA TYR VB 299 -27.06 106.79 -72.36
CA SER VB 300 -24.51 105.74 -74.95
CA MET VB 301 -20.81 105.27 -74.29
CA CYS VB 302 -18.41 108.22 -74.39
CA THR VB 303 -16.02 108.01 -77.35
CA GLY VB 304 -14.42 111.46 -77.68
CA LYS VB 305 -11.47 113.37 -76.30
CA PHE VB 306 -10.77 113.21 -72.58
CA LYS VB 307 -8.79 115.68 -70.47
CA VAL VB 308 -8.16 116.45 -66.80
CA VAL VB 309 -8.24 119.99 -65.40
CA LYS VB 310 -7.27 119.57 -61.74
CA GLU VB 311 -5.76 116.56 -59.98
CA ILE VB 312 -7.04 115.00 -56.73
CA ALA VB 313 -7.82 117.31 -53.86
CA GLU VB 314 -6.94 114.69 -51.26
CA THR VB 315 -9.75 114.16 -48.75
CA GLN VB 316 -9.76 113.02 -45.15
CA HIS VB 317 -10.76 109.55 -46.43
CA GLY VB 318 -8.32 109.62 -49.34
CA THR VB 319 -11.22 109.63 -51.79
CA ILE VB 320 -10.41 110.63 -55.37
CA VAL VB 321 -12.41 113.69 -56.43
CA ILE VB 322 -11.55 114.17 -60.09
CA ARG VB 323 -12.73 117.48 -61.59
CA VAL VB 324 -12.48 116.54 -65.23
CA GLN VB 325 -13.57 118.13 -68.52
CA TYR VB 326 -14.52 116.15 -71.65
CA GLU VB 327 -14.12 118.19 -74.82
CA GLY VB 328 -15.31 115.19 -76.80
CA ASP VB 329 -18.71 115.27 -78.45
CA GLY VB 330 -21.59 112.81 -78.08
CA SER VB 331 -22.77 113.95 -74.65
CA PRO VB 332 -24.78 112.73 -72.80
CA CYS VB 333 -22.75 109.51 -72.56
CA LYS VB 334 -21.44 107.05 -69.99
CA ILE VB 335 -17.85 107.53 -68.87
CA PRO VB 336 -15.12 104.84 -68.86
CA PHE VB 337 -14.16 104.57 -65.20
CA GLU VB 338 -11.77 101.81 -64.10
CA ILE VB 339 -9.53 101.51 -61.04
CA MET VB 340 -6.89 98.88 -61.72
CA ASP VB 341 -3.76 97.40 -60.19
CA LEU VB 342 -0.08 98.01 -60.97
CA GLU VB 343 0.15 95.20 -63.53
CA LYS VB 344 -3.41 95.99 -64.72
CA ARG VB 345 -4.80 92.47 -64.30
CA HIS VB 346 -8.15 92.92 -62.51
CA VAL VB 347 -10.26 95.78 -61.18
CA LEU VB 348 -10.80 96.15 -57.44
CA GLY VB 349 -12.01 99.74 -56.95
CA ARG VB 350 -15.36 101.18 -55.87
CA LEU VB 351 -16.68 104.17 -57.77
CA ILE VB 352 -19.13 106.33 -55.83
CA THR VB 353 -21.15 108.28 -58.38
CA VAL VB 354 -22.80 105.45 -60.28
CA ASN VB 355 -23.23 106.18 -63.98
CA PRO VB 356 -20.74 109.06 -64.21
CA ILE VB 357 -22.27 111.15 -66.97
CA VAL VB 358 -21.43 114.43 -68.67
CA THR VB 359 -24.65 116.35 -69.23
CA GLU VB 360 -23.22 118.85 -71.70
CA LYS VB 361 -20.06 119.66 -73.63
CA ASP VB 362 -17.53 122.24 -72.44
CA SER VB 363 -18.49 121.57 -68.83
CA PRO VB 364 -16.44 120.12 -65.96
CA VAL VB 365 -17.78 117.19 -63.95
CA ASN VB 366 -16.70 116.20 -60.45
CA ILE VB 367 -16.56 112.41 -60.23
CA GLU VB 368 -16.35 110.94 -56.73
CA ALA VB 369 -14.66 107.59 -56.19
CA GLU VB 370 -12.83 105.49 -53.60
CA PRO VB 371 -9.83 103.51 -54.93
CA PRO VB 372 -8.23 100.49 -53.25
CA PHE VB 373 -5.36 100.78 -50.77
CA GLY VB 374 -1.76 101.21 -51.82
CA ASP VB 375 -0.71 102.21 -55.31
CA SER VB 376 -3.03 101.89 -58.29
CA TYR VB 377 -3.95 103.30 -61.70
CA ILE VB 378 -7.05 105.31 -62.61
CA ILE VB 379 -8.22 104.66 -66.17
CA ILE VB 380 -10.43 107.31 -67.77
CA GLY VB 381 -11.48 107.20 -71.41
CA VAL VB 382 -10.70 104.66 -74.10
CA GLU VB 383 -7.82 104.28 -76.52
CA PRO VB 384 -6.90 106.34 -78.56
CA GLY VB 385 -6.53 109.15 -76.04
CA GLN VB 386 -6.77 106.68 -73.17
CA LEU VB 387 -5.99 108.55 -69.94
CA LYS VB 388 -4.07 106.98 -67.04
CA LEU VB 389 -3.43 108.57 -63.64
CA ASN VB 390 -1.17 106.89 -61.11
CA TRP VB 391 -2.23 107.39 -57.49
CA PHE VB 392 -1.43 105.99 -54.05
CA LYS VB 393 -3.65 105.87 -50.96
CA LYS VB 394 -1.83 105.48 -47.65
CA GLY VB 395 -4.48 103.56 -45.71
CA SER VB 396 -4.03 99.95 -44.65
CA SER VB 397 -6.49 97.28 -45.73
CA ILE VB 398 -7.30 95.69 -42.37
CA GLY VB 399 -7.08 99.13 -40.80
CA GLN VB 400 -9.76 100.83 -42.90
CA MET VB 401 -11.70 97.58 -42.59
CA ILE VB 402 -11.77 97.83 -38.80
CA GLU VB 403 -12.55 101.55 -38.67
CA THR VB 404 -15.36 101.26 -41.24
CA THR VB 405 -16.87 98.31 -39.37
CA MET VB 406 -16.57 100.45 -36.24
CA ARG VB 407 -18.40 103.35 -37.90
CA GLY VB 408 -21.15 100.90 -38.80
CA ALA VB 409 -21.14 99.58 -35.24
CA LYS VB 410 -21.56 103.10 -33.85
CA ARG VB 411 -24.32 103.85 -36.35
CA MET VB 412 -26.19 100.76 -35.17
CA ALA VB 413 -25.38 101.71 -31.56
CA ILE VB 414 -27.28 104.98 -31.84
CA LEU VB 415 -29.64 103.24 -34.27
CA GLY VB 416 -30.07 100.63 -31.56
CA ASP VB 417 -32.72 100.17 -28.90
CA THR VB 418 -36.27 100.68 -30.27
CA ALA VB 419 -34.80 101.58 -33.70
CA TRP VB 420 -34.15 98.43 -35.76
CA ASP VB 421 -37.37 96.79 -36.93
CA PHE VB 422 -37.94 94.05 -34.36
CA GLY VB 423 -41.73 94.33 -34.14
CA SER VB 424 -42.44 93.52 -37.79
CA LEU VB 425 -42.87 89.75 -37.91
CA GLY VB 426 -41.43 88.27 -41.08
CA GLY VB 427 -39.50 91.50 -41.49
CA VAL VB 428 -37.55 90.59 -38.35
CA PHE VB 429 -35.46 88.33 -40.57
CA THR VB 430 -34.80 91.25 -42.93
CA SER VB 431 -33.99 93.55 -40.00
CA ILE VB 432 -31.39 91.16 -38.63
CA GLY VB 433 -30.10 90.76 -42.17
CA LYS VB 434 -29.67 94.50 -42.58
CA ALA VB 435 -28.02 94.71 -39.15
CA LEU VB 436 -25.51 92.01 -40.08
CA HIS VB 437 -24.96 93.96 -43.28
CA GLN VB 438 -24.41 97.34 -41.63
CA VAL VB 439 -21.86 95.72 -39.28
CA PHE VB 440 -20.10 92.85 -41.12
CA GLY VB 441 -20.87 93.58 -44.79
CA ALA VB 442 -17.70 95.56 -45.22
CA ILE VB 443 -15.88 92.37 -44.23
CA TYR VB 444 -18.16 90.40 -46.54
CA GLY VB 445 -17.78 92.49 -49.69
CA ALA VB 446 -14.24 93.90 -49.41
CA ALA VB 447 -12.32 91.03 -47.81
CA PHE VB 448 -14.24 87.87 -48.79
CA SER VB 449 -13.63 87.91 -52.55
CA GLY VB 450 -15.73 90.94 -53.58
CA VAL VB 451 -17.72 88.80 -54.41
CA SER VB 452 -19.12 86.45 -57.05
CA TRP VB 453 -21.83 85.34 -54.68
CA ILE VB 454 -22.67 81.80 -55.89
CA MET VB 455 -19.22 80.31 -55.36
CA LYS VB 456 -18.73 82.06 -52.03
CA ILE VB 457 -22.03 80.80 -50.65
CA LEU VB 458 -20.90 77.34 -51.75
CA ILE VB 459 -17.68 77.89 -49.78
CA GLY VB 460 -19.74 79.22 -46.89
CA VAL VB 461 -21.92 76.12 -46.64
CA ILE VB 462 -18.71 74.06 -46.82
CA ILE VB 463 -17.34 76.06 -43.89
CA THR VB 464 -20.60 75.59 -42.01
CA TRP VB 465 -20.49 71.82 -42.48
CA ILE VB 466 -16.85 71.67 -41.34
CA GLY VB 467 -17.64 73.80 -38.29
CA MET VB 468 -20.61 71.62 -37.35
CA ASN VB 469 -18.54 68.47 -37.92
CA SER VB 470 -15.53 69.77 -35.99
CA ARG VB 471 -13.37 68.33 -33.21
CA SER VB 472 -14.08 71.15 -30.72
CA THR VB 473 -17.34 72.84 -29.74
CA SER VB 474 -15.77 76.28 -29.30
CA LEU VB 475 -14.49 76.19 -32.88
CA SER VB 476 -17.90 74.95 -34.03
CA VAL VB 477 -19.67 77.89 -32.40
CA SER VB 478 -17.05 80.29 -33.78
CA LEU VB 479 -17.20 78.99 -37.38
CA VAL VB 480 -20.81 78.01 -38.02
CA LEU VB 481 -21.87 81.50 -36.91
CA VAL VB 482 -19.57 83.02 -39.53
CA GLY VB 483 -20.89 80.56 -42.11
CA VAL VB 484 -24.57 81.30 -41.51
CA VAL VB 485 -23.83 85.03 -41.48
CA THR VB 486 -22.05 84.57 -44.81
CA LEU VB 487 -24.95 82.66 -46.36
CA TYR VB 488 -27.79 84.89 -45.20
CA LEU VB 489 -25.90 88.16 -45.70
CA GLY VB 490 -25.01 87.00 -49.21
CA VAL VB 491 -28.66 86.37 -49.94
CA MET VB 492 -29.34 89.90 -48.68
CA VAL VB 493 -26.50 91.39 -50.74
CA GLN VB 494 -27.82 89.75 -53.91
CA ALA VB 495 -30.93 91.86 -53.23
CA MET WB 1 -7.56 116.63 60.83
CA ARG WB 2 -8.88 118.97 58.16
CA CYS WB 3 -10.11 116.26 55.76
CA ILE WB 4 -13.60 115.89 57.25
CA GLY WB 5 -16.01 116.58 54.43
CA ILE WB 6 -13.23 116.16 51.84
CA SER WB 7 -14.49 113.53 49.39
CA ASN WB 8 -11.20 112.31 47.89
CA ARG WB 9 -9.14 110.74 50.67
CA ASP WB 10 -6.47 108.03 50.82
CA PHE WB 11 -5.21 106.38 54.01
CA VAL WB 12 -1.69 105.56 52.85
CA GLU WB 13 0.06 103.61 55.62
CA GLY WB 14 3.72 102.82 55.09
CA VAL WB 15 7.23 104.02 54.38
CA SER WB 16 9.05 103.59 51.07
CA GLY WB 17 12.56 102.24 50.55
CA GLY WB 18 14.32 105.43 51.59
CA SER WB 19 11.77 105.97 54.36
CA TRP WB 20 10.03 108.67 52.30
CA VAL WB 21 6.31 108.88 51.69
CA ASP WB 22 5.17 109.11 48.07
CA ILE WB 23 2.42 111.73 48.33
CA VAL WB 24 -0.18 111.89 45.61
CA LEU WB 25 -1.48 115.43 45.92
CA GLU WB 26 -4.44 116.87 43.99
CA HIS WB 27 -6.48 120.02 44.52
CA GLY WB 28 -9.48 119.22 46.69
CA SER WB 29 -8.04 115.94 47.96
CA CYS WB 30 -6.56 114.52 51.15
CA VAL WB 31 -3.57 112.46 52.20
CA THR WB 32 -3.00 110.81 55.58
CA THR WB 33 0.29 109.09 56.40
CA MET WB 34 0.62 106.32 58.98
CA ALA WB 35 3.23 103.92 60.32
CA LYS WB 36 3.97 102.08 63.55
CA ASN WB 37 6.40 103.81 65.88
CA LYS WB 38 5.63 106.87 63.75
CA PRO WB 39 3.00 109.55 64.55
CA THR WB 40 0.27 109.94 61.96
CA LEU WB 41 0.27 113.06 59.78
CA ASP WB 42 -2.16 114.81 57.43
CA PHE WB 43 -0.81 116.12 54.11
CA GLU WB 44 -2.76 118.71 52.14
CA LEU WB 45 -2.43 121.47 49.54
CA ILE WB 46 -4.22 124.79 50.00
CA LYS WB 47 -2.88 127.25 47.42
CA THR WB 48 -1.28 127.22 43.99
CA GLU WB 49 0.39 130.23 42.40
CA ALA WB 50 2.67 131.15 39.50
CA LYS WB 51 5.22 133.93 39.98
CA GLN WB 52 7.54 135.67 37.52
CA PRO WB 53 5.41 134.76 34.48
CA ALA WB 54 6.67 135.27 30.94
CA THR WB 55 4.80 137.57 28.56
CA LEU WB 56 4.17 135.44 25.48
CA ARG WB 57 2.51 138.26 23.56
CA LYS WB 58 0.99 141.60 24.55
CA TYR WB 59 -2.41 142.57 23.12
CA CYS WB 60 -3.49 146.21 23.20
CA ILE WB 61 -7.24 146.37 22.93
CA GLU WB 62 -8.32 150.01 22.71
CA ALA WB 63 -6.71 151.96 19.89
CA LYS WB 64 -6.44 155.73 19.59
CA LEU WB 65 -5.60 157.20 16.20
CA THR WB 66 -3.65 160.39 15.47
CA ASN WB 67 -1.83 162.43 12.83
CA THR WB 68 -3.71 160.75 10.02
CA THR WB 69 -2.56 161.72 6.54
CA THR WB 70 -4.21 161.16 3.17
CA ASP WB 71 -3.12 162.10 -0.32
CA SER WB 72 -3.92 161.17 -3.91
CA ARG WB 73 -2.54 161.55 -7.40
CA CYS WB 74 -4.45 161.54 -10.67
CA PRO WB 75 -4.12 158.62 -13.10
CA THR WB 76 -0.75 158.54 -14.93
CA GLN WB 77 0.57 161.39 -12.73
CA GLY WB 78 2.21 158.94 -10.32
CA GLU WB 79 1.78 156.96 -7.12
CA PRO WB 80 2.49 159.15 -4.06
CA SER WB 81 5.02 157.99 -1.49
CA LEU WB 82 5.39 159.62 1.92
CA ASN WB 83 8.09 159.43 4.56
CA GLU WB 84 5.26 158.72 7.01
CA GLU WB 85 4.88 155.35 5.28
CA GLN WB 86 8.49 154.32 5.89
CA ASP WB 87 8.18 154.69 9.67
CA LYS WB 88 6.41 151.50 10.75
CA ARG WB 89 4.60 153.20 13.65
CA PHE WB 90 1.74 154.08 11.28
CA VAL WB 91 -0.84 151.79 9.71
CA CYS WB 92 -1.01 152.53 5.99
CA LYS WB 93 -3.11 151.58 2.98
CA HIS WB 94 -3.02 152.25 -0.75
CA SER WB 95 -6.16 152.57 -2.85
CA MET WB 96 -7.72 153.51 -6.18
CA VAL WB 97 -10.33 156.22 -6.83
CA ASP WB 98 -11.91 157.67 -9.95
CA ARG WB 99 -10.98 161.19 -11.06
CA GLY WB 100 -12.20 163.18 -14.05
CA TRP WB 101 -11.58 166.16 -16.29
CA GLY WB 102 -14.43 168.09 -14.69
CA ASN WB 103 -13.68 166.54 -11.29
CA GLY WB 104 -10.82 168.85 -10.39
CA CYS WB 105 -8.25 167.07 -12.56
CA GLY WB 106 -7.29 166.33 -16.15
CA LEU WB 107 -8.94 163.12 -17.35
CA PHE WB 108 -11.25 160.22 -16.52
CA GLY WB 109 -9.52 157.33 -14.79
CA LYS WB 110 -8.45 155.62 -11.60
CA GLY WB 111 -5.83 157.65 -9.76
CA GLY WB 112 -3.96 156.38 -6.74
CA ILE WB 113 -4.37 157.19 -3.05
CA VAL WB 114 -2.20 156.63 0.00
CA THR WB 115 -3.73 157.14 3.44
CA CYS WB 116 -2.14 156.31 6.76
CA ALA WB 117 -2.07 157.26 10.40
CA MET WB 118 -0.44 156.69 13.76
CA PHE WB 119 -1.76 153.86 15.95
CA THR WB 120 -1.48 154.54 19.67
CA CYS WB 121 -3.29 152.25 22.10
CA LYS WB 122 -4.03 152.89 25.75
CA LYS WB 123 -5.76 149.90 27.35
CA ASN WB 124 -4.07 146.55 26.88
CA MET WB 125 -4.33 142.89 27.84
CA LYS WB 126 -1.62 140.82 29.40
CA GLY WB 127 -1.20 137.28 28.05
CA LYS WB 128 1.35 135.06 29.76
CA VAL WB 129 2.46 131.42 29.62
CA VAL WB 130 3.40 129.48 32.77
CA GLN WB 131 6.27 127.02 32.68
CA PRO WB 132 6.56 124.08 35.10
CA GLU WB 133 9.62 125.70 36.69
CA ASN WB 134 7.91 128.97 37.65
CA LEU WB 135 5.15 127.28 39.67
CA GLU WB 136 4.98 127.34 43.46
CA TYR WB 137 2.85 124.91 45.48
CA THR WB 138 1.48 125.53 49.00
CA ILE WB 139 1.56 122.30 50.99
CA VAL WB 140 0.30 122.19 54.56
CA ILE WB 141 1.11 119.56 57.20
CA THR WB 142 -1.17 118.86 60.15
CA PRO WB 143 -0.72 116.60 63.20
CA HIS WB 144 -3.36 114.16 64.41
CA SER WB 145 -3.26 115.22 68.05
CA GLY WB 146 -6.99 115.82 68.55
CA GLU WB 147 -6.63 119.44 69.64
CA GLU WB 148 -9.81 121.50 69.49
CA HIS WB 149 -8.58 123.78 66.71
CA ALA WB 150 -6.99 120.68 65.10
CA VAL WB 151 -10.30 119.39 63.68
CA GLY WB 152 -11.93 120.71 60.52
CA ASN WB 153 -10.28 124.13 60.89
CA ASP WB 154 -8.95 126.13 57.95
CA THR WB 155 -6.93 128.64 60.02
CA GLY WB 156 -5.66 126.63 62.98
CA LYS WB 157 -2.28 127.23 64.55
CA HIS WB 158 -1.65 123.46 64.62
CA GLY WB 159 -0.98 123.29 60.89
CA LYS WB 160 2.23 124.42 59.23
CA GLU WB 161 2.25 125.72 55.66
CA ILE WB 162 5.27 125.46 53.36
CA LYS WB 163 5.89 126.45 49.75
CA ILE WB 164 7.55 124.14 47.22
CA THR WB 165 9.52 125.29 44.15
CA PRO WB 166 12.06 123.35 42.03
CA GLN WB 167 14.77 125.98 42.60
CA SER WB 168 14.92 124.88 46.26
CA SER WB 169 14.12 121.17 46.12
CA ILE WB 170 15.86 119.82 49.23
CA THR WB 171 14.18 121.87 51.98
CA GLU WB 172 13.50 121.20 55.67
CA ALA WB 173 10.21 122.05 57.36
CA GLU WB 174 9.47 121.96 61.09
CA LEU WB 175 6.43 120.61 62.92
CA THR WB 176 5.91 121.61 66.55
CA GLY WB 177 7.09 118.97 69.00
CA TYR WB 178 7.60 116.25 66.41
CA GLY WB 179 10.55 117.99 64.75
CA THR WB 180 12.11 118.07 61.30
CA VAL WB 181 10.57 116.69 58.10
CA THR WB 182 11.97 116.93 54.58
CA MET WB 183 10.44 118.65 51.54
CA GLU WB 184 11.68 117.35 48.16
CA CYS WB 185 9.82 116.80 44.88
CA SER WB 186 9.31 117.69 41.22
CA PRO WB 187 5.51 117.52 40.63
CA ARG WB 188 5.79 117.55 36.83
CA THR WB 189 4.03 114.17 36.36
CA GLY WB 190 0.75 116.02 35.70
CA LEU WB 191 -0.96 117.26 32.56
CA ASP WB 192 1.03 119.07 29.90
CA PHE WB 193 1.34 122.81 30.51
CA ASN WB 194 2.46 124.08 27.09
CA GLU WB 195 -1.13 123.88 25.80
CA MET WB 196 -2.51 126.64 28.05
CA VAL WB 197 -2.01 130.40 28.40
CA LEU WB 198 -3.52 132.84 30.90
CA LEU WB 199 -4.95 136.24 30.00
CA GLN WB 200 -5.41 138.94 32.60
CA MET WB 201 -7.21 142.27 32.42
CA GLU WB 202 -6.80 144.64 35.39
CA ASN WB 203 -7.89 141.98 37.88
CA LYS WB 204 -9.84 139.21 36.15
CA ALA WB 205 -8.07 136.39 34.35
CA TRP WB 206 -8.95 133.61 31.94
CA LEU WB 207 -7.35 130.28 31.08
CA VAL WB 208 -7.36 129.61 27.33
CA HIS WB 209 -5.51 127.68 24.63
CA ARG WB 210 -2.31 128.95 23.05
CA GLN WB 211 -3.51 128.79 19.45
CA TRP WB 212 -6.72 130.55 20.44
CA PHE WB 213 -4.67 133.10 22.36
CA LEU WB 214 -2.77 133.85 19.15
CA ASP WB 215 -5.78 133.62 16.81
CA LEU WB 216 -7.69 136.65 18.16
CA PRO WB 217 -7.22 139.20 15.33
CA LEU WB 218 -5.85 142.24 17.14
CA PRO WB 219 -2.49 144.07 17.37
CA TRP WB 220 0.53 142.12 18.64
CA LEU WB 221 3.78 142.70 20.49
CA PRO WB 222 6.52 140.08 20.97
CA GLY WB 223 7.36 139.20 24.55
CA ALA WB 224 10.55 141.22 24.70
CA ASP WB 225 8.75 143.98 22.78
CA THR WB 226 7.88 146.92 25.02
CA GLN WB 227 8.49 150.01 22.87
CA GLY WB 228 5.19 150.06 21.00
CA SER WB 229 6.90 150.79 17.69
CA ASN WB 230 6.24 147.39 16.11
CA TRP WB 231 2.67 146.27 15.50
CA ILE WB 232 1.39 143.25 13.57
CA GLN WB 233 -2.02 142.94 11.94
CA LYS WB 234 -2.69 146.52 13.04
CA GLU WB 235 -5.22 146.97 10.23
CA THR WB 236 -8.26 145.48 11.98
CA LEU WB 237 -8.57 148.09 14.73
CA VAL WB 238 -8.40 150.84 12.08
CA THR WB 239 -11.26 150.57 9.60
CA PHE WB 240 -10.82 152.50 6.38
CA LYS WB 241 -14.20 153.66 5.08
CA ASN WB 242 -14.92 153.33 1.39
CA PRO WB 243 -12.53 155.08 -1.03
CA HIS WB 244 -13.91 158.54 -1.65
CA ALA WB 245 -12.48 161.43 -3.68
CA LYS WB 246 -9.15 162.45 -2.12
CA LYS WB 247 -10.25 161.27 1.34
CA GLN WB 248 -10.12 158.05 3.28
CA ASP WB 249 -12.07 158.85 6.43
CA VAL WB 250 -10.24 156.70 8.97
CA VAL WB 251 -12.59 155.20 11.55
CA VAL WB 252 -11.16 154.04 14.86
CA LEU WB 253 -12.69 150.77 15.95
CA GLY WB 254 -14.22 150.92 19.39
CA SER WB 255 -12.79 149.29 22.48
CA GLN WB 256 -13.48 145.58 22.29
CA GLU WB 257 -13.12 145.27 26.07
CA GLY WB 258 -16.86 144.87 26.36
CA ALA WB 259 -16.72 142.35 23.53
CA MET WB 260 -13.98 140.42 25.33
CA HIS WB 261 -16.06 140.34 28.51
CA THR WB 262 -18.92 139.04 26.35
CA ALA WB 263 -16.81 136.32 24.71
CA LEU WB 264 -14.30 135.15 27.31
CA THR WB 265 -17.12 134.68 29.81
CA GLY WB 266 -18.09 131.02 29.69
CA ALA WB 267 -14.45 130.02 29.52
CA THR WB 268 -12.37 129.07 32.57
CA GLU WB 269 -12.42 132.08 34.90
CA ILE WB 270 -9.60 132.86 37.33
CA GLN WB 271 -9.02 135.46 40.04
CA MET WB 272 -5.41 136.31 40.83
CA SER WB 273 -6.18 136.78 44.54
CA SER WB 274 -6.78 133.03 44.95
CA GLY WB 275 -3.77 132.16 42.77
CA ASN WB 276 -3.97 130.03 39.64
CA LEU WB 277 -6.35 127.07 40.01
CA LEU WB 278 -4.34 124.63 37.90
CA PHE WB 279 -5.99 121.69 39.64
CA THR WB 280 -5.35 119.60 36.53
CA GLY WB 281 -2.30 117.39 36.91
CA HIS WB 282 -1.33 115.07 39.75
CA LEU WB 283 1.46 116.15 42.10
CA LYS WB 284 3.78 113.27 42.98
CA CYS WB 285 6.09 114.17 45.84
CA ARG WB 286 8.82 112.56 47.93
CA LEU WB 287 8.90 113.35 51.64
CA ARG WB 288 11.32 111.77 54.13
CA MET WB 289 10.19 110.90 57.67
CA ASP WB 290 13.35 109.51 59.28
CA LYS WB 291 13.99 112.63 61.38
CA LEU WB 292 10.72 112.39 63.40
CA GLN WB 293 9.97 110.43 66.55
CA LEU WB 294 7.04 110.08 68.95
CA LYS WB 295 6.47 113.24 70.99
CA GLY WB 296 4.75 112.75 74.33
CA MET WB 297 5.48 109.00 74.48
CA SER WB 298 7.40 109.48 77.73
CA TYR WB 299 4.17 110.59 79.43
CA SER WB 300 2.73 107.78 81.52
CA MET WB 301 -0.71 106.30 81.01
CA CYS WB 302 -3.32 107.69 83.42
CA THR WB 303 -5.79 105.38 85.12
CA GLY WB 304 -8.49 107.98 85.78
CA LYS WB 305 -11.91 108.12 84.15
CA PHE WB 306 -12.90 109.02 80.58
CA LYS WB 307 -15.98 110.87 79.34
CA VAL WB 308 -17.47 111.47 75.89
CA VAL WB 309 -18.57 114.96 74.82
CA LYS WB 310 -19.87 114.56 71.26
CA GLU WB 311 -21.64 111.49 69.97
CA ILE WB 312 -20.08 109.08 67.48
CA ALA WB 313 -19.80 111.24 64.38
CA GLU WB 314 -19.70 109.71 60.90
CA THR WB 315 -17.47 110.87 58.04
CA GLN WB 316 -17.63 109.99 54.33
CA HIS WB 317 -14.96 107.25 54.65
CA GLY WB 318 -16.11 104.85 57.37
CA THR WB 319 -14.25 106.51 60.23
CA ILE WB 320 -15.39 107.57 63.69
CA VAL WB 321 -14.62 110.66 65.77
CA ILE WB 322 -14.71 110.60 69.58
CA ARG WB 323 -14.24 113.65 71.80
CA VAL WB 324 -12.88 111.93 74.89
CA GLN WB 325 -12.89 114.10 78.02
CA TYR WB 326 -10.87 113.32 81.15
CA GLU WB 327 -12.72 114.29 84.32
CA GLY WB 328 -10.10 112.57 86.48
CA ASP WB 329 -6.65 113.85 87.46
CA GLY WB 330 -3.08 113.18 86.35
CA SER WB 331 -2.93 115.04 83.06
CA PRO WB 332 -1.12 114.99 80.68
CA CYS WB 333 -1.20 111.23 79.96
CA LYS WB 334 -0.83 108.59 77.26
CA ILE WB 335 -4.35 107.75 76.08
CA PRO WB 336 -5.39 104.09 76.41
CA PHE WB 337 -7.49 103.54 73.27
CA GLU WB 338 -8.30 99.98 72.22
CA ILE WB 339 -10.67 97.81 70.21
CA MET WB 340 -12.36 94.53 70.96
CA ASP WB 341 -14.65 92.18 69.08
CA LEU WB 342 -17.84 90.50 70.28
CA GLU WB 343 -15.82 87.89 72.19
CA LYS WB 344 -13.96 90.73 73.97
CA ARG WB 345 -10.68 89.02 73.01
CA HIS WB 346 -9.04 90.25 69.81
CA VAL WB 347 -7.71 93.67 68.78
CA LEU WB 348 -9.10 93.87 65.24
CA GLY WB 349 -9.98 97.52 64.58
CA ARG WB 350 -7.51 99.95 63.04
CA LEU WB 351 -6.55 103.10 64.93
CA ILE WB 352 -5.63 106.43 63.32
CA THR WB 353 -3.86 108.47 66.01
CA VAL WB 354 -1.19 106.48 67.81
CA ASN WB 355 -0.48 107.28 71.49
CA PRO WB 356 -2.90 110.22 71.82
CA ILE WB 357 -2.24 112.51 74.76
CA VAL WB 358 -4.27 115.06 76.71
CA THR WB 359 -2.91 118.59 76.91
CA GLU WB 360 -4.86 119.33 80.09
CA LYS WB 361 -7.87 118.04 81.98
CA ASP WB 362 -11.26 119.39 80.85
CA SER WB 363 -9.79 119.77 77.31
CA PRO WB 364 -11.00 116.68 75.41
CA VAL WB 365 -9.06 114.98 72.64
CA ASN WB 366 -10.53 114.11 69.23
CA ILE WB 367 -9.54 110.47 68.90
CA GLU WB 368 -10.10 109.09 65.40
CA ALA WB 369 -10.64 105.41 64.60
CA GLU WB 370 -11.44 103.07 61.70
CA PRO WB 371 -13.06 99.83 62.86
CA PRO WB 372 -14.19 97.30 60.25
CA PHE WB 373 -17.72 97.48 58.88
CA GLY WB 374 -19.59 95.56 61.54
CA ASP WB 375 -20.20 95.36 65.27
CA SER WB 376 -17.34 96.05 67.69
CA TYR WB 377 -16.57 97.69 71.02
CA ILE WB 378 -14.45 100.83 71.17
CA ILE WB 379 -12.91 100.42 74.62
CA ILE WB 380 -12.12 103.83 76.07
CA GLY WB 381 -10.16 103.71 79.31
CA VAL WB 382 -9.29 100.65 81.34
CA GLU WB 383 -11.21 98.80 84.01
CA PRO WB 384 -12.54 99.47 86.61
CA GLY WB 385 -14.95 101.95 85.05
CA GLN WB 386 -13.96 101.15 81.46
CA LEU WB 387 -16.26 102.27 78.63
CA LYS WB 388 -16.89 99.55 76.02
CA LEU WB 389 -18.87 101.77 73.68
CA ASN WB 390 -20.63 99.48 71.22
CA TRP WB 391 -20.54 100.52 67.57
CA PHE WB 392 -22.11 99.05 64.44
CA LYS WB 393 -20.38 100.28 61.28
CA LYS WB 394 -22.26 99.90 58.01
CA GLY WB 395 -20.78 98.47 54.83
CA SER WB 396 -19.21 95.27 53.56
CA SER WB 397 -15.64 94.26 54.35
CA ILE WB 398 -15.28 93.24 50.71
CA GLY WB 399 -16.55 96.75 49.98
CA GLN WB 400 -13.52 98.46 51.47
CA MET WB 401 -11.38 95.59 50.18
CA ILE WB 402 -12.21 96.30 46.54
CA GLU WB 403 -12.36 100.07 47.05
CA THR WB 404 -8.97 100.49 48.72
CA THR WB 405 -7.24 97.94 46.50
CA MET WB 406 -8.60 99.58 43.34
CA ARG WB 407 -7.75 103.09 44.54
CA GLY WB 408 -4.18 102.12 45.40
CA ALA WB 409 -3.89 100.27 42.09
CA LYS WB 410 -4.97 103.33 40.08
CA ARG WB 411 -2.74 105.51 42.26
CA MET WB 412 0.30 103.37 41.38
CA ALA WB 413 -0.92 102.99 37.77
CA ILE WB 414 -1.09 106.69 36.91
CA LEU WB 415 2.25 106.69 38.73
CA GLY WB 416 3.17 103.53 36.84
CA ASP WB 417 5.44 103.29 33.81
CA THR WB 418 8.52 105.54 34.08
CA ALA WB 419 7.40 106.53 37.62
CA TRP WB 420 8.13 103.79 40.17
CA ASP WB 421 11.83 103.09 40.67
CA PHE WB 422 12.55 99.88 38.76
CA GLY WB 423 16.04 100.68 37.44
CA SER WB 424 17.87 100.53 40.78
CA LEU WB 425 19.43 97.07 41.10
CA GLY WB 426 19.03 95.73 44.63
CA GLY WB 427 16.38 98.40 45.14
CA VAL WB 428 14.22 96.42 42.71
CA PHE WB 429 13.21 94.36 45.75
CA THR WB 430 12.29 97.54 47.62
CA SER WB 431 10.31 98.80 44.63
CA ILE WB 432 8.39 95.53 44.33
CA GLY WB 433 7.66 95.73 48.04
CA LYS WB 434 6.57 99.33 47.51
CA ALA WB 435 4.15 98.33 44.76
CA LEU WB 436 2.67 95.58 46.91
CA HIS WB 437 2.54 97.79 50.01
CA GLN WB 438 0.81 100.61 48.14
CA VAL WB 439 -1.64 98.15 46.53
CA PHE WB 440 -1.60 94.92 48.58
CA GLY WB 441 -0.43 96.57 51.81
CA ALA WB 442 -3.96 97.19 53.04
CA ILE WB 443 -4.42 93.42 52.75
CA TYR WB 444 -1.56 92.89 55.20
CA GLY WB 445 -2.66 95.65 57.57
CA ALA WB 446 -6.46 95.87 57.72
CA ALA WB 447 -7.87 92.36 57.24
CA PHE WB 448 -4.87 90.26 58.37
CA SER WB 449 -4.75 90.48 62.18
CA GLY WB 450 -3.96 94.20 62.62
CA VAL WB 451 -1.14 93.19 63.09
CA SER WB 452 1.58 92.04 65.50
CA TRP WB 453 4.09 91.17 62.81
CA ILE WB 454 6.05 88.28 64.37
CA MET WB 455 3.07 85.98 64.87
CA LYS WB 456 1.64 86.68 61.42
CA ILE WB 457 4.97 86.09 59.67
CA LEU WB 458 5.05 82.75 61.49
CA ILE WB 459 1.53 82.14 60.18
CA GLY WB 460 2.67 83.28 56.74
CA VAL WB 461 5.57 80.84 56.55
CA ILE WB 462 3.13 78.16 57.74
CA ILE WB 463 0.81 79.09 54.88
CA THR WB 464 3.73 79.00 52.42
CA TRP WB 465 4.61 75.50 53.63
CA ILE WB 466 0.99 74.37 53.26
CA GLY WB 467 0.67 75.89 49.78
CA MET WB 468 3.91 74.35 48.54
CA ASN WB 469 2.90 70.87 49.74
CA SER WB 470 -0.68 71.11 48.50
CA ARG WB 471 -2.83 68.73 46.47
CA SER WB 472 -3.39 71.26 43.66
CA THR WB 473 -0.83 73.37 41.78
CA SER WB 474 -3.39 76.10 41.07
CA LEU WB 475 -4.03 76.46 44.80
CA SER WB 476 -0.26 76.32 45.32
CA VAL WB 477 0.28 79.30 43.00
CA SER WB 478 -2.68 81.08 44.62
CA LEU WB 479 -1.48 80.55 48.22
CA VAL WB 480 2.34 80.62 48.18
CA LEU WB 481 2.18 83.97 46.34
CA VAL WB 482 0.00 85.41 49.10
CA GLY WB 483 2.32 83.92 51.71
CA VAL WB 484 5.53 85.34 50.26
CA VAL WB 485 3.77 88.69 49.78
CA THR WB 486 2.78 88.55 53.45
CA LEU WB 487 6.31 87.73 54.65
CA TYR WB 488 8.23 90.18 52.47
CA LEU WB 489 5.69 92.99 52.87
CA GLY WB 490 5.75 92.44 56.63
CA VAL WB 491 9.50 92.85 56.59
CA MET WB 492 8.96 96.07 54.64
CA VAL WB 493 6.22 97.18 57.06
CA GLN WB 494 8.66 96.71 59.95
CA ALA WB 495 10.87 99.31 58.24
CA MET XB 1 -85.43 99.68 10.09
CA ARG XB 2 -83.78 103.09 10.29
CA CYS XB 3 -80.31 102.54 8.82
CA ILE XB 4 -81.03 101.31 5.30
CA GLY XB 5 -78.64 103.43 3.26
CA ILE XB 6 -75.66 104.34 5.45
CA SER XB 7 -72.30 103.01 4.31
CA ASN XB 8 -71.19 101.45 7.62
CA ARG XB 9 -73.82 98.72 7.93
CA ASP XB 10 -72.89 96.18 10.61
CA PHE XB 11 -74.55 92.99 11.84
CA VAL XB 12 -74.24 91.23 15.20
CA GLU XB 13 -76.11 87.91 15.10
CA GLY XB 14 -75.28 86.27 18.43
CA VAL XB 15 -76.61 86.17 21.97
CA SER XB 16 -75.01 85.48 25.34
CA GLY XB 17 -75.92 82.88 27.94
CA GLY XB 18 -77.59 85.54 30.07
CA SER XB 19 -78.59 87.55 26.98
CA TRP XB 20 -75.90 90.12 27.91
CA VAL XB 21 -75.32 91.28 24.35
CA ASP XB 22 -72.44 93.66 23.63
CA ILE XB 23 -72.24 96.25 20.83
CA VAL XB 24 -69.93 99.04 19.70
CA LEU XB 25 -71.35 102.33 18.44
CA GLU XB 26 -69.52 104.95 16.37
CA HIS XB 27 -70.51 108.06 14.44
CA GLY XB 28 -72.46 106.99 11.38
CA SER XB 29 -71.89 103.28 12.05
CA CYS XB 30 -75.28 101.85 12.93
CA VAL XB 31 -75.79 98.32 14.23
CA THR XB 32 -78.54 95.74 13.72
CA THR XB 33 -79.37 93.37 16.57
CA MET XB 34 -80.65 89.89 15.71
CA ALA XB 35 -82.05 87.29 18.10
CA LYS XB 36 -84.08 84.10 18.28
CA ASN XB 37 -87.79 84.54 19.10
CA LYS XB 38 -87.03 88.10 20.25
CA PRO XB 39 -87.72 91.27 18.24
CA THR XB 40 -84.82 92.56 16.19
CA LEU XB 41 -83.51 96.07 16.67
CA ASP XB 42 -81.48 98.88 15.14
CA PHE XB 43 -79.11 100.94 17.28
CA GLU XB 44 -77.26 104.13 16.47
CA LEU XB 45 -75.74 107.17 18.12
CA ILE XB 46 -77.43 110.10 16.43
CA LYS XB 47 -75.73 113.07 18.06
CA THR XB 48 -72.82 113.47 20.46
CA GLU XB 49 -73.09 116.24 23.03
CA ALA XB 50 -70.72 117.62 25.67
CA LYS XB 51 -72.78 119.55 28.20
CA GLN XB 52 -71.57 121.25 31.38
CA PRO XB 53 -68.07 122.06 30.11
CA ALA XB 54 -65.17 122.74 32.44
CA THR XB 55 -63.54 126.14 31.98
CA LEU XB 56 -59.94 124.93 31.76
CA ARG XB 57 -58.12 128.21 31.10
CA LYS XB 58 -58.58 131.61 29.46
CA TYR XB 59 -56.46 133.77 27.16
CA CYS XB 60 -56.46 137.55 26.83
CA ILE XB 61 -56.30 137.79 23.05
CA GLU XB 62 -55.89 141.58 23.02
CA ALA XB 63 -54.29 143.91 25.52
CA LYS XB 64 -54.61 147.40 26.98
CA LEU XB 65 -51.77 149.17 28.78
CA THR XB 66 -52.67 151.86 31.31
CA ASN XB 67 -51.33 153.70 34.35
CA THR XB 68 -47.77 152.98 33.21
CA THR XB 69 -45.59 154.44 35.93
CA THR XB 70 -41.81 154.19 36.03
CA ASP XB 71 -38.90 155.30 38.20
CA SER XB 72 -35.14 154.97 38.51
CA ARG XB 73 -32.30 155.43 40.98
CA CYS XB 74 -28.69 156.45 40.60
CA PRO XB 75 -26.05 153.68 40.81
CA THR XB 76 -25.52 152.03 44.23
CA GLN XB 77 -28.91 153.25 45.53
CA GLY XB 78 -30.62 149.93 44.73
CA GLU XB 79 -33.78 149.35 42.77
CA PRO XB 80 -36.59 151.86 43.42
CA SER XB 81 -39.53 150.46 45.40
CA LEU XB 82 -42.98 151.60 44.29
CA ASN XB 83 -46.28 150.00 45.38
CA GLU XB 84 -47.22 148.54 41.98
CA GLU XB 85 -44.54 145.83 42.09
CA GLN XB 86 -46.23 143.85 44.87
CA ASP XB 87 -49.66 144.20 43.25
CA LYS XB 88 -50.07 141.70 40.41
CA ARG XB 89 -52.65 144.00 38.81
CA PHE XB 90 -49.66 145.76 37.26
CA VAL XB 91 -47.21 143.82 35.13
CA CYS XB 92 -43.69 145.12 35.49
CA LYS XB 93 -39.95 144.64 35.35
CA HIS XB 94 -36.67 146.25 36.43
CA SER XB 95 -33.47 146.87 34.46
CA MET XB 96 -30.37 149.07 34.53
CA VAL XB 97 -28.79 151.83 32.44
CA ASP XB 98 -25.61 153.90 32.58
CA ARG XB 99 -26.18 157.15 34.49
CA GLY XB 100 -23.78 159.49 36.21
CA TRP XB 101 -22.27 162.98 36.34
CA GLY XB 102 -23.58 163.69 32.84
CA ASN XB 103 -27.30 163.26 33.58
CA GLY XB 104 -27.68 164.25 37.22
CA CYS XB 105 -26.22 161.32 39.16
CA GLY XB 106 -22.75 161.21 40.72
CA LEU XB 107 -20.64 158.81 38.64
CA PHE XB 108 -21.12 156.85 35.44
CA GLY XB 109 -22.47 153.44 36.43
CA LYS XB 110 -25.32 151.02 35.88
CA GLY XB 111 -28.13 152.46 37.97
CA GLY XB 112 -31.47 150.74 38.34
CA ILE XB 113 -34.87 151.39 36.80
CA VAL XB 114 -38.29 149.92 37.56
CA THR XB 115 -40.97 150.05 34.87
CA CYS XB 116 -44.56 149.08 35.74
CA ALA XB 117 -47.97 149.31 34.12
CA MET XB 118 -51.55 148.13 34.54
CA PHE XB 119 -52.48 145.35 32.10
CA THR XB 120 -56.19 145.54 31.25
CA CYS XB 121 -57.77 142.60 29.41
CA LYS XB 122 -60.30 143.85 26.85
CA LYS XB 123 -61.36 140.55 25.25
CA ASN XB 124 -61.41 136.88 26.18
CA MET XB 125 -60.54 133.67 24.34
CA LYS XB 126 -62.33 130.76 25.96
CA GLY XB 127 -61.02 127.21 26.37
CA LYS XB 128 -63.28 124.21 26.97
CA VAL XB 129 -62.01 120.78 28.02
CA VAL XB 130 -64.29 117.75 27.67
CA GLN XB 131 -63.96 115.08 30.33
CA PRO XB 132 -65.19 111.51 29.78
CA GLU XB 133 -68.04 111.84 32.27
CA ASN XB 134 -69.40 114.97 30.53
CA LEU XB 135 -70.30 113.22 27.25
CA GLU XB 136 -74.09 113.18 26.83
CA TYR XB 137 -74.60 110.46 24.21
CA THR XB 138 -77.87 110.69 22.27
CA ILE XB 139 -78.79 107.17 21.13
CA VAL XB 140 -81.64 106.31 18.77
CA ILE XB 141 -83.21 102.85 19.12
CA THR XB 142 -85.66 101.68 16.44
CA PRO XB 143 -87.32 98.25 16.05
CA HIS XB 144 -87.74 96.34 12.79
CA SER XB 145 -91.45 96.36 13.40
CA GLY XB 146 -92.86 97.45 10.05
CA GLU XB 147 -92.79 101.25 10.18
CA GLU XB 148 -92.25 103.23 6.99
CA HIS XB 149 -91.11 106.77 7.84
CA ALA XB 150 -87.60 105.86 9.05
CA VAL XB 151 -85.96 104.35 5.96
CA GLY XB 152 -83.24 106.76 4.91
CA ASN XB 153 -84.34 109.23 7.59
CA ASP XB 154 -82.92 111.12 10.57
CA THR XB 155 -85.96 112.30 12.57
CA GLY XB 156 -88.19 109.29 11.76
CA LYS XB 157 -89.67 108.42 15.14
CA HIS XB 158 -91.27 105.07 15.85
CA GLY XB 159 -88.69 104.04 18.44
CA LYS XB 160 -87.07 106.16 21.14
CA GLU XB 161 -84.17 108.58 21.56
CA ILE XB 162 -82.39 108.47 24.92
CA LYS XB 163 -79.71 110.76 26.33
CA ILE XB 164 -77.16 108.57 28.12
CA THR XB 165 -75.26 110.32 30.93
CA PRO XB 166 -72.27 108.22 32.07
CA GLN XB 167 -72.96 109.11 35.71
CA SER XB 168 -76.19 107.13 35.16
CA SER XB 169 -75.02 103.75 33.88
CA ILE XB 170 -78.28 101.77 34.00
CA THR XB 171 -81.21 103.31 32.12
CA GLU XB 172 -84.60 102.01 31.00
CA ALA XB 173 -85.61 103.01 27.46
CA GLU XB 174 -89.29 102.03 27.13
CA LEU XB 175 -89.69 101.02 23.49
CA THR XB 176 -93.33 101.36 22.50
CA GLY XB 177 -95.31 98.14 22.19
CA TYR XB 178 -92.28 95.96 22.97
CA GLY XB 179 -91.38 96.98 26.53
CA THR XB 180 -87.90 98.19 27.42
CA VAL XB 181 -84.22 97.29 27.05
CA THR XB 182 -81.74 97.88 29.84
CA MET XB 183 -79.07 100.39 28.84
CA GLU XB 184 -75.64 99.74 30.36
CA CYS XB 185 -73.54 101.58 27.82
CA SER XB 186 -70.32 103.34 28.78
CA PRO XB 187 -68.03 105.67 26.80
CA ARG XB 188 -65.33 105.11 29.42
CA THR XB 189 -63.94 102.07 27.61
CA GLY XB 190 -63.85 104.02 24.34
CA LEU XB 191 -61.04 106.31 23.29
CA ASP XB 192 -59.88 108.69 26.01
CA PHE XB 193 -61.10 112.26 25.57
CA ASN XB 194 -58.06 113.56 27.43
CA GLU XB 195 -56.35 115.59 24.68
CA MET XB 196 -59.31 117.27 22.91
CA VAL XB 197 -59.96 120.95 23.58
CA LEU XB 198 -62.37 123.50 22.13
CA LEU XB 199 -61.32 127.07 21.41
CA GLN XB 200 -64.35 129.37 21.62
CA MET XB 201 -64.50 132.91 20.23
CA GLU XB 202 -67.74 134.89 20.43
CA ASN XB 203 -70.00 132.16 19.00
CA LYS XB 204 -67.70 130.15 16.70
CA ALA XB 205 -65.19 127.53 17.74
CA TRP XB 206 -62.49 125.08 16.73
CA LEU XB 207 -61.11 121.80 18.04
CA VAL XB 208 -57.42 121.48 18.87
CA HIS XB 209 -55.08 119.43 21.04
CA ARG XB 210 -54.46 120.11 24.73
CA GLN XB 211 -50.67 120.35 24.64
CA TRP XB 212 -50.93 122.80 21.75
CA PHE XB 213 -53.68 124.68 23.56
CA LEU XB 214 -51.43 125.30 26.56
CA ASP XB 215 -48.14 125.76 24.67
CA LEU XB 216 -49.37 129.05 23.19
CA PRO XB 217 -47.12 131.95 24.34
CA LEU XB 218 -50.08 134.19 25.15
CA PRO XB 219 -51.54 135.71 28.32
CA TRP XB 220 -52.35 132.89 30.69
CA LEU XB 221 -55.24 133.16 33.19
CA PRO XB 222 -56.67 130.28 35.26
CA GLY XB 223 -60.25 129.07 35.21
CA ALA XB 224 -60.91 129.58 38.91
CA ASP XB 225 -60.11 133.30 39.00
CA THR XB 226 -62.60 135.89 37.73
CA GLN XB 227 -61.04 139.35 38.13
CA GLY XB 228 -57.95 138.49 36.07
CA SER XB 229 -55.55 140.35 38.36
CA ASN XB 230 -53.81 137.09 39.27
CA TRP XB 231 -52.17 137.22 35.87
CA ILE XB 232 -49.55 134.77 34.58
CA GLN XB 233 -47.20 134.71 31.57
CA LYS XB 234 -46.58 138.40 31.79
CA GLU XB 235 -44.15 139.15 28.96
CA THR XB 236 -46.18 137.67 26.07
CA LEU XB 237 -47.65 141.00 24.90
CA VAL XB 238 -45.88 143.74 26.85
CA THR XB 239 -42.65 144.10 24.86
CA PHE XB 240 -40.52 146.71 26.59
CA LYS XB 241 -37.77 148.19 24.42
CA ASN XB 242 -34.19 148.77 25.53
CA PRO XB 243 -34.52 151.43 28.25
CA HIS XB 244 -32.75 154.67 27.44
CA ALA XB 245 -32.35 156.59 30.70
CA LYS XB 246 -35.82 155.98 32.21
CA LYS XB 247 -38.57 155.75 29.59
CA GLN XB 248 -38.92 152.72 27.36
CA ASP XB 249 -41.47 152.41 24.58
CA VAL XB 250 -43.73 150.03 26.49
CA VAL XB 251 -46.44 148.90 24.08
CA VAL XB 252 -48.68 145.85 23.93
CA LEU XB 253 -48.61 144.02 20.63
CA GLY XB 254 -51.56 144.49 18.34
CA SER XB 255 -54.64 142.33 18.69
CA GLN XB 256 -53.75 138.71 18.00
CA GLU XB 257 -57.30 137.93 16.82
CA GLY XB 258 -56.39 138.15 13.14
CA ALA XB 259 -53.03 136.40 13.50
CA MET XB 260 -54.27 133.52 15.62
CA HIS XB 261 -57.37 133.17 13.45
CA THR XB 262 -55.12 132.85 10.40
CA ALA XB 263 -52.90 130.33 12.15
CA LEU XB 264 -55.78 128.26 13.53
CA THR XB 265 -57.26 128.12 10.03
CA GLY XB 266 -57.12 124.60 8.65
CA ALA XB 267 -57.86 123.00 12.01
CA THR XB 268 -61.13 121.21 12.77
CA GLU XB 269 -63.77 123.93 12.79
CA ILE XB 270 -66.74 122.99 14.98
CA GLN XB 271 -70.19 124.56 14.57
CA MET XB 272 -70.60 124.36 18.34
CA SER XB 273 -73.80 126.44 18.30
CA SER XB 274 -75.93 123.35 17.53
CA GLY XB 275 -74.14 121.39 20.27
CA ASN XB 276 -70.73 119.80 20.76
CA LEU XB 277 -70.89 117.46 17.76
CA LEU XB 278 -67.80 115.41 18.51
CA PHE XB 279 -67.12 113.12 15.55
CA THR XB 280 -65.16 110.47 17.49
CA GLY XB 281 -65.50 108.15 20.47
CA HIS XB 282 -66.45 104.50 20.85
CA LEU XB 283 -69.52 103.66 22.89
CA LYS XB 284 -69.34 100.18 24.45
CA CYS XB 285 -72.92 99.09 25.00
CA ARG XB 286 -73.93 96.07 27.13
CA LEU XB 287 -77.61 95.18 27.15
CA ARG XB 288 -79.97 92.72 28.80
CA MET XB 289 -82.59 92.31 26.06
CA ASP XB 290 -84.54 89.60 27.94
CA LYS XB 291 -86.87 92.25 29.35
CA LEU XB 292 -87.64 93.21 25.75
CA GLN XB 293 -90.37 91.19 24.08
CA LEU XB 294 -92.30 91.12 20.80
CA LYS XB 295 -96.04 91.61 21.28
CA GLY XB 296 -96.50 90.78 17.60
CA MET XB 297 -94.62 87.48 17.48
CA SER XB 298 -97.33 84.92 18.30
CA TYR XB 299 -100.24 86.22 16.21
CA SER XB 300 -102.00 83.77 13.92
CA MET XB 301 -100.44 82.73 10.62
CA CYS XB 302 -101.95 85.08 8.09
CA THR XB 303 -104.27 83.67 5.45
CA GLY XB 304 -105.68 86.24 3.04
CA LYS XB 305 -104.37 87.40 -0.30
CA PHE XB 306 -101.21 89.49 -0.24
CA LYS XB 307 -99.79 91.82 -2.90
CA VAL XB 308 -96.72 94.00 -3.51
CA VAL XB 309 -96.89 97.76 -4.09
CA LYS XB 310 -93.32 98.88 -4.77
CA GLU XB 311 -90.55 96.77 -6.29
CA ILE XB 312 -87.09 96.18 -4.87
CA ALA XB 313 -84.29 98.70 -4.93
CA GLU XB 314 -80.85 97.64 -3.73
CA THR XB 315 -79.31 98.86 -0.50
CA GLN XB 316 -75.69 99.66 0.33
CA HIS XB 317 -75.09 96.36 2.11
CA GLY XB 318 -77.34 94.61 -0.39
CA THR XB 319 -80.43 93.64 1.59
CA ILE XB 320 -83.94 92.94 0.38
CA VAL XB 321 -86.38 95.62 1.51
CA ILE XB 322 -89.94 95.28 0.21
CA ARG XB 323 -92.98 97.44 0.84
CA VAL XB 324 -95.92 95.03 0.67
CA GLN XB 325 -99.67 95.53 1.02
CA TYR XB 326 -102.32 93.12 2.31
CA GLU XB 327 -105.62 93.19 0.43
CA GLY XB 328 -107.06 90.23 2.35
CA ASP XB 329 -108.53 90.07 5.86
CA GLY XB 330 -107.81 88.77 9.34
CA SER XB 331 -105.53 91.57 10.51
CA PRO XB 332 -103.59 91.39 12.81
CA CYS XB 333 -101.90 88.27 11.42
CA LYS XB 334 -98.44 86.68 11.22
CA ILE XB 335 -97.37 86.86 7.57
CA PRO XB 336 -95.55 83.90 5.96
CA PHE XB 337 -92.22 84.87 4.45
CA GLU XB 338 -89.54 82.43 3.29
CA ILE XB 339 -86.56 82.49 0.92
CA MET XB 340 -86.69 79.17 -0.92
CA ASP XB 341 -84.55 77.63 -3.60
CA LEU XB 342 -85.91 77.76 -7.14
CA GLU XB 343 -87.14 74.16 -6.68
CA LYS XB 344 -88.86 74.97 -3.35
CA ARG XB 345 -86.97 72.20 -1.48
CA HIS XB 346 -84.46 73.80 0.92
CA VAL XB 347 -84.09 77.29 2.41
CA LEU XB 348 -81.12 79.52 1.54
CA GLY XB 349 -81.38 83.01 2.99
CA ARG XB 350 -82.15 84.74 6.27
CA LEU XB 351 -84.80 87.30 7.24
CA ILE XB 352 -84.05 90.16 9.62
CA THR XB 353 -87.55 91.10 10.76
CA VAL XB 354 -88.33 88.03 12.83
CA ASN XB 355 -92.03 87.18 12.56
CA PRO XB 356 -93.12 90.17 10.46
CA ILE XB 357 -96.51 91.51 11.47
CA VAL XB 358 -99.38 93.28 9.72
CA THR XB 359 -101.62 94.88 12.38
CA GLU XB 360 -103.27 97.44 10.13
CA LYS XB 361 -105.42 97.28 7.01
CA ASP XB 362 -104.37 99.13 3.87
CA SER XB 363 -100.88 100.14 4.97
CA PRO XB 364 -97.38 99.57 3.57
CA VAL XB 365 -95.40 96.90 5.38
CA ASN XB 366 -91.59 96.86 5.30
CA ILE XB 367 -90.07 93.37 5.07
CA GLU XB 368 -86.31 92.95 5.39
CA ALA XB 369 -84.12 90.04 4.32
CA GLU XB 370 -80.59 89.14 3.19
CA PRO XB 371 -80.17 86.36 0.62
CA PRO XB 372 -76.84 84.89 -0.38
CA PHE XB 373 -75.22 85.57 -3.75
CA GLY XB 374 -77.28 83.44 -6.09
CA ASP XB 375 -80.66 82.95 -7.62
CA SER XB 376 -83.45 82.60 -5.07
CA TYR XB 377 -87.23 82.62 -4.84
CA ILE XB 378 -88.83 84.77 -2.15
CA ILE XB 379 -92.02 82.80 -1.44
CA ILE XB 380 -94.79 84.80 0.22
CA GLY XB 381 -98.23 83.72 1.34
CA VAL XB 382 -100.08 80.44 0.96
CA GLU XB 383 -102.11 79.16 -1.96
CA PRO XB 384 -104.60 80.48 -3.08
CA GLY XB 385 -102.68 83.67 -3.85
CA GLN XB 386 -99.13 82.36 -3.67
CA LEU XB 387 -96.50 84.97 -4.53
CA LYS XB 388 -93.13 83.89 -5.94
CA LEU XB 389 -90.45 86.53 -6.52
CA ASN XB 390 -87.25 85.60 -8.31
CA TRP XB 391 -84.18 87.47 -7.11
CA PHE XB 392 -80.43 87.55 -7.69
CA LYS XB 393 -77.59 89.52 -6.12
CA LYS XB 394 -74.00 90.03 -7.18
CA GLY XB 395 -70.78 89.26 -5.31
CA SER XB 396 -68.65 86.35 -4.14
CA SER XB 397 -69.54 84.31 -1.08
CA ILE XB 398 -65.91 84.33 0.07
CA GLY XB 399 -66.07 88.12 -0.17
CA GLN XB 400 -68.80 88.29 2.44
CA MET XB 401 -67.09 85.61 4.54
CA ILE XB 402 -63.81 87.52 4.80
CA GLU XB 403 -65.59 90.87 5.17
CA THR XB 404 -67.87 89.74 8.01
CA THR XB 405 -65.14 87.75 9.77
CA MET XB 406 -62.62 90.59 9.70
CA ARG XB 407 -65.26 93.12 10.71
CA GLY XB 408 -66.25 90.98 13.69
CA ALA XB 409 -62.60 90.44 14.56
CA LYS XB 410 -61.98 94.18 14.66
CA ARG XB 411 -65.21 94.65 16.61
CA MET XB 412 -64.08 92.15 19.24
CA ALA XB 413 -60.56 93.61 19.31
CA ILE XB 414 -61.91 97.07 20.14
CA LEU XB 415 -64.60 95.41 22.30
CA GLY XB 416 -61.79 93.49 23.96
CA ASP XB 417 -59.77 93.96 27.13
CA THR XB 418 -61.96 94.94 30.10
CA ALA XB 419 -65.02 94.44 27.83
CA TRP XB 420 -65.79 90.76 27.24
CA ASP XB 421 -66.79 88.89 30.38
CA PHE XB 422 -63.73 87.09 31.72
CA GLY XB 423 -64.14 87.83 35.43
CA SER XB 424 -67.71 86.53 35.70
CA LEU XB 425 -67.59 82.91 36.83
CA GLY XB 426 -70.13 80.51 35.33
CA GLY XB 427 -70.58 82.69 32.26
CA VAL XB 428 -66.96 82.14 31.22
CA PHE XB 429 -67.94 79.35 28.84
CA THR XB 430 -70.78 81.57 27.58
CA SER XB 431 -68.39 84.50 27.15
CA ILE XB 432 -65.89 82.49 25.11
CA GLY XB 433 -68.82 81.14 23.10
CA LYS XB 434 -69.87 84.71 22.38
CA ALA XB 435 -66.32 85.64 21.36
CA LEU XB 436 -65.86 82.60 19.12
CA HIS XB 437 -69.20 83.51 17.57
CA GLN XB 438 -68.19 87.11 16.91
CA VAL XB 439 -65.09 85.83 15.03
CA PHE XB 440 -65.98 82.48 13.39
CA GLY XB 441 -69.78 82.52 13.28
CA ALA XB 442 -69.93 83.67 9.68
CA ILE XB 443 -67.97 80.55 8.75
CA TYR XB 444 -70.06 78.39 11.06
CA GLY XB 445 -73.50 79.53 9.93
CA ALA XB 446 -72.82 80.23 6.25
CA ALA XB 447 -70.06 77.93 5.02
CA PHE XB 448 -70.93 74.91 7.17
CA SER XB 449 -74.35 73.88 5.86
CA GLY XB 450 -76.57 76.67 7.26
CA VAL XB 451 -77.18 74.60 9.39
CA SER XB 452 -79.19 71.65 10.72
CA TRP XB 453 -77.51 71.70 14.13
CA ILE XB 454 -78.00 68.07 15.20
CA MET XB 455 -76.36 66.45 12.19
CA LYS XB 456 -73.55 68.99 12.01
CA ILE XB 457 -72.64 68.44 15.67
CA LEU XB 458 -72.61 64.73 14.86
CA ILE XB 459 -70.14 65.56 12.08
CA GLY XB 460 -68.29 67.74 14.58
CA VAL XB 461 -67.78 64.92 17.06
CA ILE XB 462 -66.76 62.73 14.11
CA ILE XB 463 -64.02 65.19 13.10
CA THR XB 464 -62.93 65.48 16.74
CA TRP XB 465 -62.64 61.69 16.99
CA ILE XB 466 -60.63 61.52 13.77
CA GLY XB 467 -58.41 64.38 14.96
CA MET XB 468 -57.58 62.89 18.34
CA ASN XB 469 -56.72 59.52 16.76
CA SER XB 470 -54.76 61.09 13.89
CA ARG XB 471 -51.40 60.16 12.40
CA SER XB 472 -49.97 63.59 13.33
CA THR XB 473 -50.24 65.69 16.48
CA SER XB 474 -50.13 68.97 14.54
CA LEU XB 475 -53.20 67.90 12.56
CA SER XB 476 -54.77 66.66 15.81
CA VAL XB 477 -54.43 70.11 17.36
CA SER XB 478 -55.53 71.83 14.15
CA LEU XB 479 -58.67 69.70 13.77
CA VAL XB 480 -59.93 69.04 17.30
CA LEU XB 481 -59.89 72.79 17.99
CA VAL XB 482 -62.23 73.35 15.05
CA GLY XB 483 -64.36 70.40 16.12
CA VAL XB 484 -64.83 71.60 19.68
CA VAL XB 485 -65.51 75.07 18.27
CA THR XB 486 -68.21 73.51 16.10
CA LEU XB 487 -69.78 71.60 18.98
CA TYR XB 488 -69.78 74.46 21.49
CA LEU XB 489 -71.01 77.02 18.96
CA GLY XB 490 -73.73 74.58 17.89
CA VAL XB 491 -74.87 74.35 21.48
CA MET XB 492 -74.71 78.16 21.46
CA VAL XB 493 -76.32 78.95 18.06
CA GLN XB 494 -79.20 76.70 19.10
CA ALA XB 495 -79.90 79.50 21.60
CA PHE YB 1 -34.68 175.81 -4.67
CA HIS YB 2 -38.28 175.69 -5.87
CA LEU YB 3 -40.52 175.29 -2.82
CA THR YB 4 -43.69 173.21 -2.57
CA THR YB 5 -45.45 171.25 0.20
CA ARG YB 6 -45.84 167.53 0.79
CA ASN YB 7 -47.30 165.70 3.79
CA GLY YB 8 -47.94 169.10 5.31
CA GLU YB 9 -44.23 169.99 5.27
CA PRO YB 10 -42.16 172.32 3.09
CA HIS YB 11 -40.23 170.74 0.23
CA MET YB 12 -37.51 172.75 -1.53
CA ILE YB 13 -35.80 171.36 -4.63
CA VAL YB 14 -32.26 172.70 -4.90
CA SER YB 15 -29.93 172.62 -7.88
CA ARG YB 16 -26.43 173.69 -8.91
CA GLN YB 17 -27.63 177.32 -9.24
CA GLU YB 18 -27.47 177.45 -5.43
CA LYS YB 19 -24.75 174.96 -4.47
CA GLY YB 20 -22.81 174.82 -1.23
CA LYS YB 21 -24.40 178.06 0.00
CA SER YB 22 -26.80 178.98 2.78
CA LEU YB 23 -30.42 178.38 1.80
CA LEU YB 24 -32.73 181.20 2.87
CA PHE YB 25 -36.50 181.65 2.75
CA LYS YB 26 -39.41 183.48 4.36
CA THR YB 27 -42.33 181.20 5.24
CA GLU YB 28 -45.28 181.24 7.63
CA ASP YB 29 -43.06 179.73 10.32
CA GLY YB 30 -40.68 182.66 9.90
CA VAL YB 31 -37.17 183.31 8.55
CA ASN YB 32 -36.05 179.86 7.37
CA MET YB 33 -32.23 179.67 7.37
CA CYS YB 34 -31.20 176.21 6.18
CA THR YB 35 -27.67 174.93 5.66
CA LEU YB 36 -27.36 172.25 2.98
CA MET YB 37 -24.01 170.81 3.99
CA ALA YB 38 -24.44 167.72 1.81
CA MET YB 39 -21.93 166.15 -0.60
CA ASP YB 40 -23.27 164.74 -3.85
CA LEU YB 41 -25.21 167.86 -4.84
CA GLY YB 42 -24.37 168.45 -8.50
CA GLU YB 43 -26.55 169.65 -11.35
CA LEU YB 44 -30.13 168.44 -11.19
CA CYS YB 45 -30.74 164.85 -12.25
CA GLU YB 46 -33.38 162.09 -12.17
CA ASP YB 47 -31.77 160.19 -9.27
CA THR YB 48 -33.88 162.20 -6.85
CA ILE YB 49 -32.34 161.81 -3.40
CA THR YB 50 -34.49 163.32 -0.64
CA TYR YB 51 -33.79 164.34 2.93
CA LYS YB 52 -35.29 165.62 6.14
CA CYS YB 53 -33.49 168.67 7.38
CA PRO YB 54 -34.43 168.30 11.08
CA PHE YB 55 -35.57 171.05 13.40
CA LEU YB 56 -32.60 172.12 15.52
CA LYS YB 57 -33.01 175.10 17.81
CA GLN YB 58 -29.56 175.87 19.26
CA ASN YB 59 -27.74 172.57 19.84
CA GLU YB 60 -24.49 171.34 18.26
CA PRO YB 61 -25.28 169.72 14.89
CA GLU YB 62 -23.50 166.50 14.03
CA ASP YB 63 -23.98 163.42 11.86
CA ILE YB 64 -26.42 165.30 9.61
CA ASP YB 65 -26.36 166.29 5.95
CA CYS YB 66 -28.70 169.29 6.04
CA TRP YB 67 -30.39 171.26 8.80
CA CYS YB 68 -32.58 174.30 9.42
CA ASN YB 69 -32.78 176.55 12.46
CA SER YB 70 -36.51 177.27 11.97
CA THR YB 71 -38.40 174.03 11.37
CA SER YB 72 -38.11 170.55 9.94
CA THR YB 73 -38.30 170.47 6.17
CA TRP YB 74 -37.82 168.32 3.08
CA VAL YB 75 -35.01 168.89 0.61
CA THR YB 76 -34.20 167.01 -2.59
CA TYR YB 77 -31.68 166.99 -5.40
CA GLY YB 78 -30.00 164.85 -8.06
CA THR YB 79 -26.79 162.85 -8.17
CA CYS YB 80 -25.68 162.40 -11.80
CA THR YB 81 -22.43 163.92 -13.03
CA THR YB 82 -22.14 166.98 -15.26
CA THR YB 83 -21.99 165.14 -18.58
CA GLY YB 84 -24.91 162.85 -17.73
CA GLU YB 85 -24.86 159.31 -16.37
CA HIS YB 86 -26.67 157.08 -13.89
CA ARG YB 87 -24.09 157.11 -11.08
CA ARG YB 88 -20.61 155.83 -10.18
CA GLU YB 89 -19.71 152.40 -11.58
CA LYS YB 90 -18.83 149.37 -9.44
CA ARG YB 91 -18.17 145.68 -9.99
CA SER YB 92 -19.74 143.05 -7.74
CA VAL YB 93 -21.88 139.85 -7.59
CA ALA YB 94 -20.14 136.47 -7.47
CA LEU YB 95 -21.05 133.91 -10.12
CA VAL YB 96 -19.49 131.35 -12.44
CA PRO YB 97 -21.04 128.41 -14.37
CA HIS YB 98 -19.92 124.90 -15.04
CA VAL YB 99 -17.69 124.45 -18.08
CA GLY YB 100 -19.33 122.85 -21.05
CA MET YB 101 -19.05 119.72 -23.12
CA GLY YB 102 -18.82 119.74 -26.90
CA LEU YB 103 -17.53 118.03 -30.05
CA GLU YB 104 -16.78 114.88 -28.00
CA THR YB 105 -20.10 112.98 -27.61
CA ARG YB 106 -20.77 110.55 -24.76
CA THR YB 107 -20.41 106.96 -26.04
CA GLU YB 108 -17.44 104.57 -26.11
CA THR YB 109 -16.12 104.83 -29.69
CA TRP YB 110 -13.40 106.32 -31.98
CA MET YB 111 -10.47 104.08 -30.86
CA SER YB 112 -8.75 107.25 -29.58
CA SER YB 113 -6.07 107.19 -26.89
CA GLU YB 114 -8.05 109.39 -24.50
CA GLY YB 115 -11.26 107.47 -25.13
CA ALA YB 116 -9.50 104.11 -24.91
CA TRP YB 117 -7.73 104.90 -21.63
CA LYS YB 118 -10.64 106.77 -20.01
CA HIS YB 119 -12.38 103.54 -19.05
CA ALA YB 120 -9.26 102.03 -17.48
CA GLN YB 121 -8.44 105.30 -15.69
CA ARG YB 122 -11.96 105.41 -14.26
CA ILE YB 123 -11.71 101.74 -13.20
CA GLU YB 124 -8.47 102.33 -11.31
CA THR YB 125 -9.80 105.57 -9.80
CA TRP YB 126 -12.84 103.65 -8.55
CA ILE YB 127 -10.58 100.92 -7.17
CA LEU YB 128 -8.47 103.49 -5.33
CA ARG YB 129 -11.60 105.19 -3.98
CA HIS YB 130 -13.27 101.82 -3.20
CA PRO YB 131 -10.75 99.52 -1.50
CA GLY YB 132 -13.46 97.75 0.50
CA PHE YB 133 -15.48 96.73 -2.55
CA THR YB 134 -12.26 95.57 -4.21
CA ILE YB 135 -11.44 93.37 -1.22
CA MET YB 136 -15.00 92.02 -1.16
CA ALA YB 137 -14.82 91.16 -4.86
CA ALA YB 138 -11.46 89.46 -4.35
CA ILE YB 139 -12.90 87.38 -1.49
CA LEU YB 140 -15.90 86.36 -3.61
CA ALA YB 141 -13.56 85.40 -6.45
CA TYR YB 142 -11.46 83.34 -4.05
CA THR YB 143 -14.46 81.48 -2.64
CA ILE YB 144 -16.26 80.84 -5.93
CA GLY YB 145 -13.08 80.34 -7.96
CA THR YB 146 -11.64 76.83 -7.97
CA THR YB 147 -8.71 77.72 -10.26
CA HIS YB 148 -6.36 80.70 -10.07
CA PHE YB 149 -7.23 81.68 -13.65
CA GLN YB 150 -10.95 81.66 -12.84
CA ARG YB 151 -10.15 83.55 -9.63
CA ALA YB 152 -8.37 86.36 -11.48
CA LEU YB 153 -10.93 86.46 -14.30
CA ILE YB 154 -13.86 86.75 -11.89
CA PHE YB 155 -12.06 89.38 -9.82
CA ILE YB 156 -11.36 91.46 -12.93
CA LEU YB 157 -14.95 91.03 -14.14
CA LEU YB 158 -16.40 92.14 -10.80
CA THR YB 159 -14.06 95.14 -10.50
CA ALA YB 160 -14.89 96.21 -14.08
CA VAL YB 161 -18.66 95.64 -13.87
CA ALA YB 162 -19.39 97.17 -10.45
CA PRO YB 163 -18.60 100.78 -11.53
CA SER YB 164 -20.45 100.46 -14.84
CA MET YB 165 -23.72 99.96 -12.95
CA THR YB 166 -23.37 103.46 -11.46
CA PHE ZB 1 -5.87 179.34 10.92
CA HIS ZB 2 -2.07 179.41 10.55
CA LEU ZB 3 -0.88 179.68 6.96
CA THR ZB 4 2.31 177.62 7.29
CA THR ZB 5 4.59 176.11 4.64
CA ARG ZB 6 3.92 172.40 5.14
CA ASN ZB 7 5.56 170.02 2.64
CA GLY ZB 8 6.48 173.18 0.72
CA GLU ZB 9 2.87 174.25 0.16
CA PRO ZB 10 0.33 176.42 2.02
CA HIS ZB 11 -1.21 174.68 5.02
CA MET ZB 12 -4.15 175.76 7.22
CA ILE ZB 13 -5.61 174.55 10.52
CA VAL ZB 14 -9.33 175.34 10.71
CA SER ZB 15 -11.13 174.75 14.01
CA ARG ZB 16 -14.79 174.65 15.03
CA GLN ZB 17 -14.99 178.23 16.37
CA GLU ZB 18 -15.98 179.12 12.79
CA LYS ZB 19 -17.84 176.51 10.76
CA GLY ZB 20 -19.91 176.14 7.63
CA LYS ZB 21 -18.50 179.39 6.22
CA SER ZB 22 -15.92 180.21 3.57
CA LEU ZB 23 -12.50 181.14 4.93
CA LEU ZB 24 -10.53 184.15 3.72
CA PHE ZB 25 -6.75 184.61 3.76
CA LYS ZB 26 -3.79 186.06 1.88
CA THR ZB 27 -1.01 184.49 -0.20
CA GLU ZB 28 1.55 185.64 -2.74
CA ASP ZB 29 -1.06 185.23 -5.48
CA GLY ZB 30 -3.46 187.56 -3.64
CA VAL ZB 31 -6.57 187.22 -1.52
CA ASN ZB 32 -7.92 183.65 -1.49
CA MET ZB 33 -11.40 182.64 -0.36
CA CYS ZB 34 -11.62 178.94 0.49
CA THR ZB 35 -14.67 176.68 0.55
CA LEU ZB 36 -14.89 173.85 3.09
CA MET ZB 37 -17.84 171.50 2.58
CA ALA ZB 38 -16.53 168.92 5.07
CA MET ZB 39 -19.66 167.94 6.97
CA ASP ZB 40 -17.99 165.80 9.67
CA LEU ZB 41 -16.09 168.68 11.26
CA GLY ZB 42 -15.43 169.08 14.97
CA GLU ZB 43 -13.11 171.11 17.19
CA LEU ZB 44 -9.33 170.85 17.10
CA CYS ZB 45 -7.80 167.99 19.09
CA GLU ZB 46 -5.27 165.21 18.62
CA ASP ZB 47 -7.32 163.37 15.98
CA THR ZB 48 -6.26 165.70 13.18
CA ILE ZB 49 -7.56 164.83 9.72
CA THR ZB 50 -5.68 166.53 6.88
CA TYR ZB 51 -6.41 167.37 3.23
CA LYS ZB 52 -4.62 168.73 0.15
CA CYS ZB 53 -7.27 171.17 -1.05
CA PRO ZB 54 -7.39 171.20 -4.88
CA PHE ZB 55 -7.53 174.15 -7.26
CA LEU ZB 56 -10.66 174.75 -9.35
CA LYS ZB 57 -11.08 177.51 -11.94
CA GLN ZB 58 -14.66 177.29 -13.28
CA ASN ZB 59 -15.71 173.62 -13.29
CA GLU ZB 60 -18.50 172.45 -11.02
CA PRO ZB 61 -17.15 171.27 -7.63
CA GLU ZB 62 -18.16 167.61 -7.40
CA ASP ZB 63 -17.42 164.93 -4.82
CA ILE ZB 64 -14.90 167.09 -2.93
CA ASP ZB 65 -15.01 169.01 0.33
CA CYS ZB 66 -12.53 171.82 -0.20
CA TRP ZB 67 -11.86 174.18 -3.08
CA CYS ZB 68 -10.64 177.71 -3.79
CA ASN ZB 69 -10.57 180.01 -6.85
CA SER ZB 70 -6.81 180.59 -7.25
CA THR ZB 71 -4.61 177.90 -5.73
CA SER ZB 72 -4.37 174.59 -3.90
CA THR ZB 73 -3.47 174.20 -0.23
CA TRP ZB 74 -3.54 171.86 2.79
CA VAL ZB 75 -6.53 172.23 5.12
CA THR ZB 76 -6.72 170.22 8.36
CA TYR ZB 77 -9.03 170.00 11.34
CA GLY ZB 78 -9.93 167.93 14.35
CA THR ZB 79 -12.83 165.52 14.69
CA CYS ZB 80 -13.41 165.29 18.44
CA THR ZB 81 -17.03 165.55 19.55
CA THR ZB 82 -18.37 168.02 22.11
CA THR ZB 83 -16.92 166.08 25.04
CA GLY ZB 84 -13.50 166.33 23.37
CA GLU ZB 85 -13.06 162.59 22.81
CA HIS ZB 86 -11.98 160.58 19.77
CA ARG ZB 87 -14.20 158.80 17.26
CA ARG ZB 88 -16.65 156.29 18.66
CA GLU ZB 89 -18.54 153.27 17.31
CA LYS ZB 90 -19.02 149.52 17.83
CA ARG ZB 91 -18.69 146.59 17.29
CA SER ZB 92 -16.10 144.16 15.92
CA VAL ZB 93 -15.99 140.36 16.18
CA ALA ZB 94 -14.00 137.99 18.39
CA LEU ZB 95 -14.24 134.21 18.11
CA VAL ZB 96 -16.23 132.73 20.98
CA PRO ZB 97 -13.92 130.62 23.22
CA HIS ZB 98 -14.53 127.26 24.85
CA VAL ZB 99 -12.69 124.52 26.75
CA GLY ZB 100 -10.60 121.77 25.18
CA MET ZB 101 -8.89 121.72 21.79
CA GLY ZB 102 -11.32 120.88 19.01
CA LEU ZB 103 -9.32 119.51 16.07
CA GLU ZB 104 -11.39 116.63 14.71
CA THR ZB 105 -13.97 118.32 12.44
CA ARG ZB 106 -13.52 120.50 9.37
CA THR ZB 107 -14.95 120.87 5.85
CA GLU ZB 108 -18.63 120.75 4.88
CA THR ZB 109 -20.59 117.80 3.52
CA TRP ZB 110 -21.52 116.63 0.04
CA MET ZB 111 -25.03 115.26 0.48
CA SER ZB 112 -24.96 112.41 -2.04
CA SER ZB 113 -21.50 110.99 -1.34
CA GLU ZB 114 -21.73 111.35 2.43
CA GLY ZB 115 -25.23 109.85 2.45
CA ALA ZB 116 -23.90 106.89 0.47
CA TRP ZB 117 -20.92 106.45 2.82
CA LYS ZB 118 -22.89 107.11 6.03
CA HIS ZB 119 -23.45 103.39 6.57
CA ALA ZB 120 -19.79 102.50 5.96
CA GLN ZB 121 -18.55 105.22 8.31
CA ARG ZB 122 -21.23 104.58 10.95
CA ILE ZB 123 -20.47 100.86 11.22
CA GLU ZB 124 -16.78 101.68 11.77
CA THR ZB 125 -17.42 104.37 14.37
CA TRP ZB 126 -19.92 102.20 16.22
CA ILE ZB 127 -17.83 99.02 16.15
CA LEU ZB 128 -14.84 100.99 17.43
CA ARG ZB 129 -16.79 102.85 20.13
CA HIS ZB 130 -18.27 99.68 21.72
CA PRO ZB 131 -15.63 96.93 22.07
CA GLY ZB 132 -17.79 95.23 24.70
CA PHE ZB 133 -20.58 94.57 22.23
CA THR ZB 134 -17.90 93.52 19.74
CA ILE ZB 135 -16.86 90.82 22.20
CA MET ZB 136 -20.42 89.66 22.88
CA ALA ZB 137 -21.33 89.56 19.18
CA ALA ZB 138 -18.13 87.67 18.40
CA ILE ZB 139 -18.85 85.11 21.14
CA LEU ZB 140 -22.43 84.61 19.96
CA ALA ZB 141 -21.26 84.16 16.37
CA TYR ZB 142 -18.59 81.70 17.52
CA THR ZB 143 -21.15 79.58 19.37
CA ILE ZB 144 -23.95 79.64 16.81
CA GLY ZB 145 -21.94 79.28 13.61
CA THR ZB 146 -21.12 75.60 13.05
CA THR ZB 147 -18.45 76.24 10.39
CA HIS ZB 148 -16.17 79.20 9.84
CA PHE ZB 149 -18.09 81.13 7.19
CA GLN ZB 150 -21.36 80.90 9.12
CA ARG ZB 151 -19.53 82.39 12.10
CA ALA ZB 152 -18.13 85.26 10.03
CA LEU ZB 153 -21.50 85.85 8.36
CA ILE ZB 154 -23.42 86.07 11.63
CA PHE ZB 155 -20.70 88.32 13.05
CA ILE ZB 156 -20.78 90.81 10.17
CA LEU ZB 157 -24.60 90.86 10.04
CA LEU ZB 158 -24.86 91.64 13.75
CA THR ZB 159 -22.18 94.31 13.50
CA ALA ZB 160 -24.15 95.91 10.65
CA VAL ZB 161 -27.48 95.59 12.46
CA ALA ZB 162 -26.37 97.09 15.77
CA PRO ZB 163 -25.93 100.71 14.59
CA SER ZB 164 -29.16 100.56 12.57
CA MET ZB 165 -31.45 99.81 15.53
CA THR ZB 166 -29.98 102.83 17.34
CA PHE AC 1 -49.93 171.71 34.36
CA HIS AC 2 -51.91 170.05 37.17
CA LEU AC 3 -49.72 169.48 40.24
CA THR AC 4 -50.29 166.77 42.85
CA THR AC 5 -48.20 165.30 45.67
CA ARG AC 6 -47.38 161.60 45.29
CA ASN AC 7 -44.62 159.70 47.11
CA GLY AC 8 -43.60 162.94 48.79
CA GLU AC 9 -42.74 164.47 45.40
CA PRO AC 10 -44.68 166.62 42.91
CA HIS AC 11 -46.49 164.94 40.03
CA MET AC 12 -47.32 167.02 36.95
CA ILE AC 13 -50.15 166.17 34.57
CA VAL AC 14 -49.85 167.84 31.16
CA SER AC 15 -52.16 167.75 28.14
CA ARG AC 16 -51.60 168.57 24.49
CA GLN AC 17 -53.46 171.86 24.98
CA GLU AC 18 -50.03 173.16 26.07
CA LYS AC 19 -48.12 171.12 23.50
CA GLY AC 20 -44.82 172.45 22.18
CA LYS AC 21 -44.35 175.08 24.88
CA SER AC 22 -41.98 175.21 27.83
CA LEU AC 23 -43.30 174.12 31.22
CA LEU AC 24 -43.62 177.39 33.16
CA PHE AC 25 -45.41 177.86 36.49
CA LYS AC 26 -44.84 179.17 40.02
CA THR AC 27 -44.87 177.38 43.39
CA GLU AC 28 -43.28 177.81 46.80
CA ASP AC 29 -40.25 175.74 45.74
CA GLY AC 30 -39.19 178.67 43.56
CA VAL AC 31 -39.35 179.88 39.98
CA ASN AC 32 -39.79 176.40 38.47
CA MET AC 33 -38.71 176.93 34.89
CA CYS AC 34 -38.97 173.61 33.07
CA THR AC 35 -39.21 172.16 29.58
CA LEU AC 36 -40.78 169.17 27.84
CA MET AC 37 -39.10 168.30 24.56
CA ALA AC 38 -40.08 164.83 23.30
CA MET AC 39 -42.80 164.67 20.65
CA ASP AC 40 -44.38 161.42 21.86
CA LEU AC 41 -47.17 163.47 23.49
CA GLY AC 42 -50.73 162.57 22.61
CA GLU AC 43 -54.05 163.96 23.73
CA LEU AC 44 -55.45 163.44 27.21
CA CYS AC 45 -56.67 159.86 27.54
CA GLU AC 46 -56.32 156.85 29.84
CA ASP AC 47 -52.90 155.82 28.49
CA THR AC 48 -50.94 157.73 31.10
CA ILE AC 49 -47.14 157.72 30.88
CA THR AC 50 -44.92 159.17 33.62
CA TYR AC 51 -41.42 160.60 34.12
CA LYS AC 52 -39.11 162.12 36.67
CA CYS AC 53 -37.68 165.41 35.44
CA PRO AC 54 -34.16 165.88 36.86
CA PHE AC 55 -32.75 169.01 38.45
CA LEU AC 56 -30.11 171.16 36.78
CA LYS AC 57 -26.83 171.94 38.50
CA GLN AC 58 -24.64 173.03 35.57
CA ASN AC 59 -25.05 170.58 32.67
CA GLU AC 60 -26.76 171.21 29.36
CA PRO AC 61 -30.13 169.43 29.03
CA GLU AC 62 -29.26 165.94 27.89
CA ASP AC 63 -30.28 162.27 28.22
CA ILE AC 64 -33.83 163.08 29.45
CA ASP AC 65 -36.93 164.14 27.53
CA CYS AC 66 -37.92 166.61 30.24
CA TRP AC 67 -35.64 169.10 31.99
CA CYS AC 68 -36.36 171.28 35.03
CA ASN AC 69 -33.85 173.59 36.74
CA SER AC 70 -35.40 174.43 40.13
CA THR AC 71 -36.62 171.18 41.71
CA SER AC 72 -36.98 167.58 40.53
CA THR AC 73 -40.58 166.85 39.60
CA TRP AC 74 -42.53 164.06 37.93
CA VAL AC 75 -44.26 164.84 34.63
CA THR AC 76 -46.92 162.56 33.18
CA TYR AC 77 -49.14 162.89 30.11
CA GLY AC 78 -51.04 161.00 27.44
CA THR AC 79 -49.62 159.14 24.46
CA CYS AC 80 -52.60 157.80 22.50
CA THR AC 81 -52.84 158.80 18.85
CA THR AC 82 -55.14 161.63 17.82
CA THR AC 83 -57.95 159.22 16.85
CA GLY AC 84 -58.37 158.11 20.48
CA GLU AC 85 -56.62 154.76 19.91
CA HIS AC 86 -53.88 153.31 22.09
CA ARG AC 87 -50.44 152.71 20.66
CA ARG AC 88 -49.89 149.37 18.98
CA GLU AC 89 -47.55 147.50 16.63
CA LYS AC 90 -48.42 145.10 13.84
CA ARG AC 91 -45.97 142.38 14.90
CA SER AC 92 -47.56 139.03 15.76
CA VAL AC 93 -46.68 135.73 17.46
CA ALA AC 94 -48.18 132.27 16.91
CA LEU AC 95 -47.17 128.81 15.66
CA VAL AC 96 -48.25 126.02 13.30
CA PRO AC 97 -51.39 124.16 14.48
CA HIS AC 98 -51.72 121.60 11.66
CA VAL AC 99 -50.15 118.34 12.88
CA GLY AC 100 -48.99 117.25 16.31
CA MET AC 101 -49.36 113.93 18.16
CA GLY AC 102 -46.65 112.17 20.17
CA LEU AC 103 -48.19 109.55 22.47
CA GLU AC 104 -51.84 109.01 23.42
CA THR AC 105 -54.65 106.54 24.03
CA ARG AC 106 -55.57 103.94 26.55
CA THR AC 107 -52.76 101.72 27.84
CA GLU AC 108 -52.99 98.09 26.66
CA THR AC 109 -55.50 97.38 23.89
CA TRP AC 110 -53.99 100.31 22.03
CA MET AC 111 -50.55 98.92 22.83
CA SER AC 112 -51.37 95.46 21.46
CA SER AC 113 -53.35 96.64 18.43
CA GLU AC 114 -51.01 99.44 17.35
CA GLY AC 115 -47.98 97.23 18.01
CA ALA AC 116 -49.41 94.57 15.71
CA TRP AC 117 -50.36 97.11 13.04
CA LYS AC 118 -47.17 99.20 13.21
CA HIS AC 119 -44.99 96.10 13.05
CA ALA AC 120 -47.15 94.76 10.22
CA GLN AC 121 -46.90 97.94 8.16
CA ARG AC 122 -43.20 98.44 8.92
CA ILE AC 123 -42.25 94.89 7.93
CA GLU AC 124 -44.63 94.99 4.96
CA THR AC 125 -43.07 98.22 3.70
CA TRP AC 126 -39.62 96.64 4.12
CA ILE AC 127 -40.85 93.64 2.10
CA LEU AC 128 -42.49 95.65 -0.73
CA ARG AC 129 -40.39 98.82 -0.70
CA HIS AC 130 -37.36 96.52 -1.20
CA PRO AC 131 -38.63 93.12 -2.40
CA GLY AC 132 -35.72 91.38 -4.12
CA PHE AC 133 -33.54 91.41 -1.02
CA THR AC 134 -36.29 89.48 0.75
CA ILE AC 135 -36.54 86.60 -1.72
CA MET AC 136 -32.77 86.35 -2.18
CA ALA AC 137 -32.31 86.23 1.60
CA ALA AC 138 -35.05 83.62 1.93
CA ILE AC 139 -33.50 81.29 -0.66
CA LEU AC 140 -30.01 81.89 0.75
CA ALA AC 141 -31.22 80.91 4.23
CA TYR AC 142 -33.08 77.86 2.96
CA THR AC 143 -29.92 76.74 1.16
CA ILE AC 144 -27.35 77.57 3.87
CA GLY AC 145 -28.94 77.31 7.31
CA THR AC 146 -28.56 73.86 8.82
CA THR AC 147 -31.68 73.93 11.02
CA HIS AC 148 -35.02 75.66 10.56
CA PHE AC 149 -34.19 77.81 13.61
CA GLN AC 150 -30.86 78.76 12.02
CA ARG AC 151 -32.54 79.47 8.68
CA ALA AC 152 -35.11 81.62 10.48
CA LEU AC 153 -32.31 83.62 12.08
CA ILE AC 154 -30.58 84.00 8.70
CA PHE AC 155 -33.38 85.39 6.59
CA ILE AC 156 -35.17 87.32 9.37
CA LEU AC 157 -31.88 89.10 10.15
CA LEU AC 158 -31.13 89.71 6.47
CA THR AC 159 -34.62 91.14 5.90
CA ALA AC 160 -34.14 93.33 8.98
CA VAL AC 161 -30.76 94.74 7.93
CA ALA AC 162 -30.95 95.02 4.12
CA PRO AC 163 -33.79 97.57 3.75
CA SER AC 164 -32.18 99.72 6.45
CA MET AC 165 -28.84 99.25 4.67
CA THR AC 166 -30.46 100.06 1.32
CA MET BC 1 72.86 -18.03 -106.12
CA ARG BC 2 72.58 -14.91 -108.26
CA CYS BC 3 71.56 -12.17 -105.87
CA ILE BC 4 74.57 -10.71 -104.05
CA GLY BC 5 74.82 -6.97 -103.43
CA ILE BC 6 71.13 -6.27 -104.02
CA SER BC 7 70.04 -4.36 -100.93
CA ASN BC 8 66.42 -5.60 -100.85
CA ARG BC 9 66.78 -9.35 -100.34
CA ASP BC 10 63.48 -10.67 -99.00
CA PHE BC 11 63.13 -14.02 -97.27
CA VAL BC 12 60.50 -16.77 -96.97
CA GLU BC 13 61.56 -18.84 -93.94
CA GLY BC 14 59.35 -21.89 -94.31
CA VAL BC 15 56.68 -23.70 -96.31
CA SER BC 16 53.38 -25.46 -95.60
CA GLY BC 17 51.55 -28.41 -97.11
CA GLY BC 18 49.62 -26.32 -99.62
CA SER BC 19 52.88 -24.61 -100.67
CA TRP BC 20 50.87 -21.89 -102.44
CA VAL BC 21 53.37 -19.19 -101.56
CA ASP BC 22 52.47 -15.79 -103.04
CA ILE BC 23 55.81 -14.07 -103.48
CA VAL BC 24 56.13 -10.31 -103.57
CA LEU BC 25 58.54 -8.93 -106.14
CA GLU BC 26 59.77 -5.44 -106.97
CA HIS BC 27 62.40 -3.70 -109.08
CA GLY BC 28 65.92 -4.03 -107.72
CA SER BC 29 64.92 -6.54 -105.05
CA CYS BC 30 65.51 -10.30 -104.95
CA VAL BC 31 63.56 -12.98 -103.12
CA THR BC 32 64.67 -16.25 -101.50
CA THR BC 33 62.27 -19.15 -101.08
CA MET BC 34 62.94 -21.86 -98.50
CA ALA BC 35 61.21 -25.22 -98.21
CA LYS BC 36 61.73 -28.11 -95.82
CA ASN BC 37 63.87 -30.68 -97.65
CA LYS BC 38 63.00 -29.17 -101.03
CA PRO BC 39 65.21 -27.19 -103.43
CA THR BC 40 65.69 -23.59 -102.35
CA LEU BC 41 64.92 -20.98 -105.00
CA ASP BC 42 65.94 -17.43 -105.86
CA PHE BC 43 63.41 -15.27 -107.71
CA GLU BC 44 64.02 -12.00 -109.52
CA LEU BC 45 62.62 -9.84 -112.29
CA ILE BC 46 65.51 -9.01 -114.62
CA LYS BC 47 63.73 -6.79 -117.14
CA THR BC 48 60.33 -5.09 -117.43
CA GLU BC 49 59.23 -4.26 -120.97
CA ALA BC 50 55.98 -3.28 -122.68
CA LYS BC 51 56.44 -4.66 -126.18
CA GLN BC 52 54.61 -3.06 -129.11
CA PRO BC 53 53.62 0.19 -127.36
CA ALA BC 54 50.92 2.38 -128.85
CA THR BC 55 51.55 5.88 -130.24
CA LEU BC 56 49.60 8.79 -128.74
CA ARG BC 57 50.85 12.04 -130.27
CA LYS BC 58 54.04 13.21 -131.97
CA TYR BC 59 55.72 16.53 -131.19
CA CYS BC 60 57.91 18.56 -133.54
CA ILE BC 61 61.45 19.57 -132.62
CA GLU BC 62 63.31 21.08 -135.63
CA ALA BC 63 61.52 23.11 -138.28
CA LYS BC 64 62.53 23.42 -141.90
CA LEU BC 65 60.43 25.91 -143.85
CA THR BC 66 60.03 27.22 -147.39
CA ASN BC 67 57.73 28.98 -149.83
CA THR BC 68 57.30 31.89 -147.42
CA THR BC 69 55.35 34.75 -148.99
CA THR BC 70 53.97 38.16 -148.03
CA ASP BC 71 50.95 39.43 -149.94
CA SER BC 72 49.13 42.64 -149.18
CA ARG BC 73 46.60 45.15 -150.51
CA CYS BC 74 46.16 48.87 -150.08
CA PRO BC 75 43.90 49.97 -147.20
CA THR BC 76 40.20 49.81 -148.14
CA GLN BC 77 40.75 46.76 -150.41
CA GLY BC 78 40.32 43.94 -147.88
CA GLU BC 79 43.20 41.71 -146.85
CA PRO BC 80 43.99 39.51 -149.87
CA SER BC 81 43.08 35.85 -150.10
CA LEU BC 82 45.74 33.38 -151.22
CA ASN BC 83 45.81 29.91 -152.68
CA GLU BC 84 48.66 29.43 -150.21
CA GLU BC 85 46.58 29.94 -147.07
CA GLN BC 86 43.65 27.64 -147.84
CA ASP BC 87 45.71 24.45 -147.28
CA LYS BC 88 46.56 23.08 -143.84
CA ARG BC 89 50.01 22.11 -145.15
CA PHE BC 90 51.12 25.71 -144.50
CA VAL BC 91 51.16 27.95 -141.43
CA CYS BC 92 49.83 31.48 -141.64
CA LYS BC 93 48.69 34.74 -140.16
CA HIS BC 94 47.03 38.03 -141.06
CA SER BC 95 48.28 41.31 -139.64
CA MET BC 96 47.70 45.06 -139.82
CA VAL BC 97 50.38 47.60 -140.79
CA ASP BC 98 50.43 51.32 -141.55
CA ARG BC 99 51.16 51.57 -145.25
CA GLY BC 100 52.20 55.16 -145.93
CA TRP BC 101 51.62 57.39 -148.93
CA GLY BC 102 55.06 56.71 -150.40
CA ASN BC 103 54.60 52.98 -149.93
CA GLY BC 104 53.30 51.85 -153.29
CA CYS BC 105 49.63 52.68 -152.81
CA GLY BC 106 49.60 56.39 -152.12
CA LEU BC 107 46.83 56.45 -149.55
CA PHE BC 108 48.29 56.33 -146.06
CA GLY BC 109 46.41 54.14 -143.62
CA LYS BC 110 46.42 50.84 -141.77
CA GLY BC 111 45.75 47.83 -143.97
CA GLY BC 112 46.02 44.06 -144.03
CA ILE BC 113 48.95 41.82 -144.91
CA VAL BC 114 48.81 38.03 -145.22
CA THR BC 115 52.10 36.30 -144.47
CA CYS BC 116 52.91 32.59 -144.69
CA ALA BC 117 55.00 29.61 -145.54
CA MET BC 118 55.29 25.85 -145.71
CA PHE BC 119 56.09 24.00 -142.50
CA THR BC 120 57.60 20.51 -142.59
CA CYS BC 121 59.98 19.64 -139.76
CA LYS BC 122 62.82 17.20 -139.48
CA LYS BC 123 63.27 15.80 -135.96
CA ASN BC 124 60.20 14.84 -133.96
CA MET BC 125 59.35 13.26 -130.63
CA LYS BC 126 57.78 9.84 -130.24
CA GLY BC 127 54.98 9.98 -127.66
CA LYS BC 128 53.67 6.62 -126.55
CA VAL BC 129 51.19 5.09 -124.11
CA VAL BC 130 51.44 1.79 -122.24
CA GLN BC 131 48.36 -0.25 -121.32
CA PRO BC 132 48.08 -2.99 -118.66
CA GLU BC 133 47.73 -5.57 -121.44
CA ASN BC 134 51.13 -4.88 -122.98
CA LEU BC 135 53.04 -5.22 -119.69
CA GLU BC 136 55.54 -8.02 -120.28
CA TYR BC 137 57.66 -9.11 -117.33
CA THR BC 138 60.83 -11.19 -117.54
CA ILE BC 139 61.28 -13.44 -114.51
CA VAL BC 140 64.54 -15.19 -113.58
CA ILE BC 141 64.44 -18.37 -111.49
CA THR BC 142 67.62 -19.84 -110.03
CA PRO BC 143 68.56 -22.80 -107.81
CA HIS BC 144 71.05 -22.60 -104.94
CA SER BC 145 73.44 -25.06 -106.55
CA GLY BC 146 76.35 -22.80 -105.62
CA GLU BC 147 77.88 -22.56 -109.09
CA GLU BC 148 80.91 -20.30 -109.14
CA HIS BC 149 79.75 -17.56 -111.53
CA ALA BC 150 76.80 -16.72 -109.30
CA VAL BC 151 78.00 -13.84 -107.10
CA GLY BC 152 77.34 -10.65 -109.03
CA ASN BC 153 76.01 -12.49 -112.10
CA ASP BC 154 72.52 -12.02 -113.53
CA THR BC 155 72.06 -13.42 -117.04
CA GLY BC 156 74.49 -16.33 -116.68
CA LYS BC 157 73.23 -19.60 -118.16
CA HIS BC 158 72.54 -21.35 -114.87
CA GLY BC 159 68.81 -20.82 -114.29
CA LYS BC 160 65.65 -20.19 -116.28
CA GLU BC 161 64.09 -17.09 -117.82
CA ILE BC 162 60.34 -16.92 -118.41
CA LYS BC 163 58.32 -14.38 -120.40
CA ILE BC 164 55.36 -13.74 -118.11
CA THR BC 165 52.37 -11.56 -118.97
CA PRO BC 166 48.87 -11.10 -117.49
CA GLN BC 167 47.50 -12.40 -120.79
CA SER BC 168 49.13 -15.72 -119.79
CA SER BC 169 48.15 -17.59 -116.63
CA ILE BC 170 49.85 -21.03 -116.43
CA THR BC 171 53.09 -22.24 -117.96
CA GLU BC 172 55.53 -24.87 -116.72
CA ALA BC 173 59.24 -24.02 -116.54
CA GLU BC 174 62.16 -26.40 -116.17
CA LEU BC 175 65.01 -25.94 -113.69
CA THR BC 176 67.78 -28.20 -114.92
CA GLY BC 177 68.76 -30.75 -112.30
CA TYR BC 178 65.92 -29.73 -109.98
CA GLY BC 179 62.76 -30.49 -111.96
CA THR BC 180 59.71 -28.35 -112.72
CA VAL BC 181 58.14 -25.17 -111.38
CA THR BC 182 54.78 -23.88 -112.56
CA MET BC 183 54.39 -20.23 -113.50
CA GLU BC 184 50.76 -19.92 -112.43
CA CYS BC 185 51.58 -16.29 -111.73
CA SER BC 186 49.30 -13.27 -111.44
CA PRO BC 187 50.73 -9.88 -112.46
CA ARG BC 188 47.86 -7.91 -110.96
CA THR BC 189 49.29 -4.88 -109.21
CA GLY BC 190 50.05 -2.25 -111.82
CA LEU BC 191 50.55 0.99 -109.89
CA ASP BC 192 48.86 3.43 -112.27
CA PHE BC 193 48.86 4.04 -116.02
CA ASN BC 194 46.32 6.73 -116.94
CA GLU BC 195 48.71 9.59 -116.15
CA MET BC 196 52.06 8.22 -117.34
CA VAL BC 197 53.46 8.55 -120.86
CA LEU BC 198 56.64 7.41 -122.57
CA LEU BC 199 58.77 9.70 -124.76
CA GLN BC 200 61.50 8.68 -127.20
CA MET BC 201 64.17 10.76 -128.98
CA GLU BC 202 66.31 8.86 -131.52
CA ASN BC 203 68.39 6.96 -128.93
CA LYS BC 204 67.02 7.95 -125.52
CA ALA BC 205 63.71 7.96 -123.65
CA TRP BC 206 61.86 9.48 -120.71
CA LEU BC 207 58.73 8.98 -118.61
CA VAL BC 208 56.44 11.92 -117.86
CA HIS BC 209 52.93 12.64 -116.64
CA ARG BC 210 50.20 12.86 -119.26
CA GLN BC 211 49.24 16.44 -118.37
CA TRP BC 212 52.76 17.48 -119.34
CA PHE BC 213 52.12 16.33 -122.90
CA LEU BC 214 48.60 17.74 -122.85
CA ASP BC 215 49.88 21.21 -121.93
CA LEU BC 216 53.29 21.54 -123.57
CA PRO BC 217 53.01 24.24 -126.31
CA LEU BC 218 54.71 22.67 -129.31
CA PRO BC 219 53.41 21.36 -132.65
CA TRP BC 220 51.11 18.31 -132.62
CA LEU BC 221 50.40 15.23 -134.66
CA PRO BC 222 47.59 12.87 -133.56
CA GLY BC 223 48.66 9.25 -133.60
CA ALA BC 224 46.41 8.37 -136.54
CA ASP BC 225 48.00 10.67 -139.11
CA THR BC 226 50.89 9.47 -141.27
CA GLN BC 227 51.52 12.18 -143.88
CA GLY BC 228 52.97 14.64 -141.38
CA SER BC 229 51.08 17.49 -143.07
CA ASN BC 230 48.24 18.37 -140.68
CA TRP BC 231 49.42 20.01 -137.47
CA ILE BC 232 47.76 21.64 -134.45
CA GLN BC 233 49.16 24.59 -132.50
CA LYS BC 234 51.61 24.82 -135.38
CA GLU BC 235 51.99 28.59 -134.90
CA THR BC 236 53.97 28.36 -131.65
CA LEU BC 237 57.30 27.51 -133.29
CA VAL BC 238 57.08 30.28 -135.88
CA THR BC 239 57.70 33.64 -134.24
CA PHE BC 240 57.24 36.67 -136.46
CA LYS BC 241 59.52 39.67 -136.49
CA ASN BC 242 57.53 42.85 -136.01
CA PRO BC 243 55.70 43.69 -139.26
CA HIS BC 244 57.70 45.94 -141.56
CA ALA BC 245 55.37 47.60 -144.08
CA LYS BC 246 55.31 44.82 -146.69
CA LYS BC 247 58.22 42.79 -145.37
CA GLN BC 248 57.14 40.21 -142.85
CA ASP BC 249 59.85 37.60 -142.47
CA VAL BC 250 59.01 34.46 -140.54
CA VAL BC 251 61.47 32.69 -138.25
CA VAL BC 252 61.08 29.63 -136.02
CA LEU BC 253 62.71 28.28 -132.87
CA GLY BC 254 65.87 26.32 -133.53
CA SER BC 255 67.37 23.30 -131.80
CA GLN BC 256 64.98 22.41 -128.99
CA GLU BC 257 66.86 19.23 -128.02
CA GLY BC 258 69.02 21.22 -125.61
CA ALA BC 259 65.96 22.96 -124.19
CA MET BC 260 64.25 19.61 -123.75
CA HIS BC 261 67.29 18.08 -122.04
CA THR BC 262 67.79 20.98 -119.62
CA ALA BC 263 64.08 21.41 -118.82
CA LEU BC 264 62.91 17.78 -118.72
CA THR BC 265 65.72 16.93 -116.28
CA GLY BC 266 64.39 15.73 -112.95
CA ALA BC 267 61.80 13.47 -114.58
CA THR BC 268 62.20 9.70 -114.68
CA GLU BC 269 64.98 8.90 -117.15
CA ILE BC 270 64.63 5.44 -118.70
CA GLN BC 271 67.59 3.74 -120.38
CA MET BC 272 65.78 2.59 -123.52
CA SER BC 273 69.12 1.53 -125.04
CA SER BC 274 68.84 -1.67 -123.01
CA GLY BC 275 65.07 -1.58 -123.53
CA ASN BC 276 62.48 0.23 -121.45
CA LEU BC 277 63.12 -0.59 -117.78
CA LEU BC 278 59.71 0.37 -116.36
CA PHE BC 279 60.30 0.87 -112.62
CA THR BC 280 56.63 0.76 -111.67
CA GLY BC 281 54.25 -1.58 -109.90
CA HIS BC 282 54.83 -4.73 -107.84
CA LEU BC 283 54.44 -8.37 -108.85
CA LYS BC 284 52.17 -10.63 -106.80
CA CYS BC 285 53.14 -14.07 -108.02
CA ARG BC 286 51.63 -17.33 -106.73
CA LEU BC 287 53.98 -20.33 -106.86
CA ARG BC 288 53.36 -23.96 -105.87
CA MET BC 289 56.57 -25.89 -105.20
CA ASP BC 290 54.85 -29.28 -104.88
CA LYS BC 291 56.44 -30.81 -108.00
CA LEU BC 292 60.02 -29.49 -107.68
CA GLN BC 293 62.48 -32.31 -107.12
CA LEU BC 294 65.86 -32.11 -105.37
CA LYS BC 295 68.85 -34.02 -106.80
CA GLY BC 296 71.29 -35.06 -104.11
CA MET BC 297 69.57 -35.52 -100.76
CA SER BC 298 70.20 -39.24 -101.29
CA TYR BC 299 73.92 -38.81 -101.99
CA SER BC 300 76.50 -40.26 -99.63
CA MET BC 301 78.43 -38.27 -97.05
CA CYS BC 302 81.60 -36.39 -97.99
CA THR BC 303 84.70 -37.94 -96.40
CA GLY BC 304 87.69 -36.44 -98.22
CA LYS BC 305 89.94 -33.41 -97.99
CA PHE BC 306 88.35 -30.01 -97.44
CA LYS BC 307 89.81 -26.59 -98.24
CA VAL BC 308 88.68 -22.97 -98.47
CA VAL BC 309 89.66 -20.70 -101.37
CA LYS BC 310 88.16 -17.32 -100.44
CA GLU BC 311 86.73 -16.14 -97.13
CA ILE BC 312 83.35 -14.44 -96.64
CA ALA BC 313 82.46 -11.59 -98.95
CA GLU BC 314 80.35 -9.86 -96.31
CA THR BC 315 76.83 -9.10 -97.56
CA GLN BC 316 74.34 -6.42 -96.64
CA HIS BC 317 72.59 -9.03 -94.46
CA GLY BC 318 75.84 -10.43 -93.06
CA THR BC 319 75.17 -13.73 -94.80
CA ILE BC 320 78.13 -16.10 -95.13
CA VAL BC 321 78.88 -16.88 -98.78
CA ILE BC 322 81.65 -19.46 -98.66
CA ARG BC 323 83.32 -20.19 -102.02
CA VAL BC 324 84.95 -23.46 -101.12
CA GLN BC 325 86.76 -26.20 -103.06
CA TYR BC 326 86.78 -29.88 -102.03
CA GLU BC 327 89.77 -31.74 -103.44
CA GLY BC 328 88.51 -34.89 -101.74
CA ASP BC 329 87.11 -37.72 -103.83
CA GLY BC 330 83.71 -39.41 -103.57
CA SER BC 331 81.66 -36.64 -105.19
CA PRO BC 332 78.69 -36.33 -105.40
CA CYS BC 333 78.32 -36.28 -101.61
CA LYS BC 334 76.61 -34.33 -98.85
CA ILE BC 335 78.70 -31.69 -97.09
CA PRO BC 336 79.19 -31.38 -93.31
CA PHE BC 337 77.76 -27.96 -92.51
CA GLU BC 338 77.41 -26.89 -88.87
CA ILE BC 339 77.16 -23.43 -87.29
CA MET BC 340 77.99 -23.72 -83.60
CA ASP BC 341 78.56 -21.55 -80.55
CA LEU BC 342 81.78 -20.47 -78.85
CA GLU BC 343 81.88 -23.42 -76.46
CA LYS BC 344 80.50 -25.70 -79.22
CA ARG BC 345 77.55 -27.05 -77.21
CA HIS BC 346 74.55 -26.82 -79.57
CA VAL BC 347 73.85 -25.68 -83.12
CA LEU BC 348 71.67 -22.63 -83.74
CA GLY BC 349 72.40 -21.59 -87.34
CA ARG BC 350 70.27 -21.65 -90.49
CA LEU BC 351 71.89 -22.86 -93.68
CA ILE BC 352 70.28 -21.58 -96.87
CA THR BC 353 71.24 -23.99 -99.65
CA VAL BC 354 69.71 -27.20 -98.37
CA ASN BC 355 71.75 -30.28 -99.21
CA PRO BC 356 75.01 -28.50 -100.03
CA ILE BC 357 76.50 -30.82 -102.63
CA VAL BC 358 79.63 -30.86 -104.77
CA THR BC 359 78.70 -32.09 -108.23
CA GLU BC 360 82.26 -32.78 -109.39
CA LYS BC 361 85.84 -32.81 -108.16
CA ASP BC 362 88.22 -29.90 -108.72
CA SER BC 363 85.31 -27.46 -108.75
CA PRO BC 364 84.44 -24.63 -106.36
CA VAL BC 365 80.99 -24.43 -104.80
CA ASN BC 366 79.36 -21.32 -103.35
CA ILE BC 367 77.43 -22.28 -100.23
CA GLU BC 368 74.97 -19.70 -98.92
CA ALA BC 369 74.15 -19.58 -95.23
CA GLU BC 370 72.96 -17.29 -92.44
CA PRO BC 371 74.70 -17.74 -89.06
CA PRO BC 372 73.38 -16.61 -85.68
CA PHE BC 373 74.16 -13.19 -84.20
CA GLY BC 374 77.38 -12.40 -82.41
CA ASP BC 375 80.45 -14.60 -82.59
CA SER BC 376 80.30 -18.21 -83.72
CA TYR BC 377 82.20 -21.04 -85.40
CA ILE BC 378 81.59 -22.50 -88.87
CA ILE BC 379 82.36 -26.22 -89.04
CA ILE BC 380 83.04 -27.67 -92.49
CA GLY BC 381 84.22 -31.23 -93.03
CA VAL BC 382 84.90 -33.99 -90.53
CA GLU BC 383 87.96 -34.93 -88.51
CA PRO BC 384 90.70 -35.61 -89.63
CA GLY BC 385 91.03 -32.42 -91.66
CA GLN BC 386 88.09 -30.88 -89.81
CA LEU BC 387 87.85 -27.22 -90.85
CA LYS BC 388 86.81 -24.44 -88.44
CA LEU BC 389 86.25 -20.78 -89.33
CA ASN BC 390 85.59 -18.21 -86.62
CA TRP BC 391 83.20 -15.44 -87.65
CA PHE BC 392 81.20 -12.63 -86.05
CA LYS BC 393 77.98 -11.00 -87.28
CA LYS BC 394 77.26 -7.55 -85.87
CA GLY BC 395 73.46 -7.64 -85.90
CA SER BC 396 71.38 -7.71 -82.74
CA SER BC 397 68.94 -10.53 -82.06
CA ILE BC 398 65.80 -8.53 -81.25
CA GLY BC 399 66.85 -6.01 -83.89
CA GLN BC 400 67.00 -8.39 -86.85
CA MET BC 401 63.88 -9.99 -85.40
CA ILE BC 402 61.94 -6.73 -85.63
CA GLU BC 403 63.21 -5.77 -89.09
CA THR BC 404 62.53 -9.24 -90.53
CA THR BC 405 59.01 -9.24 -89.07
CA MET BC 406 58.62 -5.78 -90.60
CA ARG BC 407 59.73 -7.05 -94.02
CA GLY BC 408 57.10 -9.76 -93.69
CA ALA BC 409 54.55 -7.16 -92.62
CA LYS BC 410 55.30 -5.04 -95.69
CA ARG BC 411 55.13 -8.10 -97.94
CA MET BC 412 51.67 -8.88 -96.58
CA ALA BC 413 50.78 -5.18 -96.85
CA ILE BC 414 51.29 -5.19 -100.61
CA LEU BC 415 50.09 -8.81 -100.62
CA GLY BC 416 47.04 -7.52 -98.77
CA ASP BC 417 43.59 -6.55 -99.99
CA THR BC 418 42.17 -9.06 -102.51
CA ALA BC 419 45.44 -11.06 -102.36
CA TRP BC 420 45.39 -13.52 -99.45
CA ASP BC 421 43.00 -16.40 -100.05
CA PHE BC 422 39.86 -15.35 -98.18
CA GLY BC 423 37.31 -16.69 -100.67
CA SER BC 424 38.36 -20.33 -100.45
CA LEU BC 425 36.23 -21.83 -97.68
CA GLY BC 426 38.16 -24.37 -95.63
CA GLY BC 427 41.32 -22.86 -97.08
CA VAL BC 428 40.52 -19.66 -95.18
CA PHE BC 429 41.98 -21.37 -92.13
CA THR BC 430 45.15 -22.15 -94.08
CA SER BC 431 45.31 -18.60 -95.44
CA ILE BC 432 45.14 -17.08 -91.97
CA GLY BC 433 47.70 -19.66 -90.88
CA LYS BC 434 50.09 -18.63 -93.63
CA ALA BC 435 49.50 -14.96 -92.81
CA LEU BC 436 50.34 -15.53 -89.15
CA HIS BC 437 53.40 -17.39 -90.40
CA GLN BC 438 54.60 -14.68 -92.77
CA VAL BC 439 54.27 -12.12 -89.95
CA PHE BC 440 54.99 -13.83 -86.61
CA GLY BC 441 56.79 -17.04 -87.65
CA ALA BC 442 60.18 -15.42 -87.36
CA ILE BC 443 59.28 -14.82 -83.71
CA TYR BC 444 57.97 -18.38 -83.49
CA GLY BC 445 60.96 -20.22 -84.95
CA ALA BC 446 63.92 -18.02 -83.97
CA ALA BC 447 62.93 -16.76 -80.51
CA PHE BC 448 60.56 -19.41 -79.12
CA SER BC 449 63.00 -22.33 -78.80
CA GLY BC 450 63.64 -23.12 -82.48
CA VAL BC 451 61.66 -25.36 -81.95
CA SER BC 452 60.92 -28.94 -80.90
CA TRP BC 453 57.25 -28.45 -81.62
CA ILE BC 454 55.54 -30.95 -79.28
CA MET BC 455 56.86 -29.51 -76.03
CA LYS BC 456 56.30 -25.93 -77.14
CA ILE BC 457 52.68 -26.56 -78.09
CA LEU BC 458 52.30 -28.11 -74.64
CA ILE BC 459 53.72 -24.90 -73.16
CA GLY BC 460 51.44 -22.90 -75.45
CA VAL BC 461 48.27 -24.61 -74.26
CA ILE BC 462 49.51 -24.05 -70.69
CA ILE BC 463 49.89 -20.35 -71.48
CA THR BC 464 46.43 -20.30 -73.04
CA TRP BC 465 44.86 -21.85 -69.95
CA ILE BC 466 46.65 -19.38 -67.66
CA GLY BC 467 45.57 -16.46 -69.84
CA MET BC 468 41.95 -17.62 -69.85
CA ASN BC 469 42.07 -18.23 -66.09
CA SER BC 470 43.75 -14.88 -65.34
CA ARG BC 471 43.01 -12.07 -62.89
CA SER BC 472 42.62 -9.38 -65.58
CA THR BC 473 40.73 -9.40 -68.87
CA SER BC 474 43.30 -7.25 -70.70
CA LEU BC 475 46.04 -9.77 -69.87
CA SER BC 476 43.70 -12.59 -70.91
CA VAL BC 477 43.11 -11.03 -74.32
CA SER BC 478 46.83 -10.32 -74.68
CA LEU BC 479 48.00 -13.84 -73.74
CA VAL BC 480 45.39 -16.24 -75.11
CA LEU BC 481 45.83 -14.64 -78.54
CA VAL BC 482 49.56 -15.39 -78.39
CA GLY BC 483 48.80 -18.92 -77.21
CA VAL BC 484 46.34 -19.75 -79.99
CA VAL BC 485 48.71 -18.23 -82.55
CA THR BC 486 51.47 -20.43 -81.12
CA LEU BC 487 49.36 -23.59 -81.32
CA TYR BC 488 47.93 -23.10 -84.80
CA LEU BC 489 51.12 -21.68 -86.30
CA GLY BC 490 53.02 -24.64 -84.84
CA VAL BC 491 50.60 -27.02 -86.51
CA MET BC 492 51.25 -25.12 -89.75
CA VAL BC 493 55.03 -25.17 -89.26
CA GLN BC 494 54.99 -28.94 -88.74
CA ALA BC 495 53.58 -29.03 -92.28
CA MET CC 1 21.23 85.39 -98.07
CA ARG CC 2 22.93 83.30 -100.74
CA CYS CC 3 22.01 79.89 -99.31
CA ILE CC 4 18.66 79.55 -101.09
CA GLY CC 5 18.87 76.34 -103.08
CA ILE CC 6 21.92 75.20 -101.09
CA SER CC 7 21.05 71.76 -99.73
CA ASN CC 8 23.47 71.50 -96.79
CA ARG CC 9 22.60 74.23 -94.30
CA ASP CC 10 22.96 74.64 -90.53
CA PHE CC 11 21.29 77.35 -88.45
CA VAL CC 12 23.90 77.61 -85.70
CA GLU CC 13 22.63 80.08 -83.08
CA GLY CC 14 25.01 80.95 -80.27
CA VAL CC 15 28.37 82.23 -79.14
CA SER CC 16 31.15 80.06 -77.72
CA GLY CC 17 33.14 80.68 -74.54
CA GLY CC 18 35.39 83.33 -76.06
CA SER CC 19 32.45 84.77 -78.01
CA TRP CC 20 33.73 83.14 -81.21
CA VAL CC 21 31.63 81.10 -83.60
CA ASP CC 22 32.90 77.62 -84.48
CA ILE CC 23 32.21 77.51 -88.21
CA VAL CC 24 31.97 74.14 -89.89
CA LEU CC 25 32.70 74.98 -93.51
CA GLU CC 26 32.44 72.54 -96.43
CA HIS CC 27 32.36 73.12 -100.18
CA GLY CC 28 28.76 73.42 -101.32
CA SER CC 29 27.41 74.07 -97.82
CA CYS CC 30 26.00 76.94 -95.80
CA VAL CC 31 26.44 78.45 -92.36
CA THR CC 32 24.20 81.04 -90.69
CA THR CC 33 25.13 82.59 -87.35
CA MET CC 34 22.59 84.03 -84.93
CA ALA CC 35 22.44 85.51 -81.44
CA LYS CC 36 20.30 87.97 -79.51
CA ASN CC 37 21.58 91.54 -79.46
CA LYS CC 38 23.74 90.38 -82.38
CA PRO CC 39 22.87 90.79 -86.10
CA THR CC 40 22.58 87.56 -88.03
CA LEU CC 41 25.32 86.71 -90.54
CA ASP CC 42 25.80 84.23 -93.40
CA PHE CC 43 29.14 82.41 -93.65
CA GLU CC 44 30.17 80.74 -96.90
CA LEU CC 45 33.17 79.56 -98.91
CA ILE CC 46 33.38 80.23 -102.66
CA LYS CC 47 36.91 79.41 -103.84
CA THR CC 48 39.81 77.18 -102.86
CA GLU CC 49 43.30 77.50 -104.28
CA ALA CC 50 46.86 76.31 -103.67
CA LYS CC 51 49.74 78.69 -104.38
CA GLN CC 52 53.51 78.15 -104.40
CA PRO CC 53 53.21 74.38 -104.94
CA ALA CC 54 56.21 72.09 -104.61
CA THR CC 55 57.37 70.01 -107.58
CA LEU CC 56 57.51 66.45 -106.25
CA ARG CC 57 58.82 65.01 -109.50
CA LYS CC 58 58.94 66.27 -113.09
CA TYR CC 59 57.88 63.91 -115.89
CA CYS CC 60 58.94 64.68 -119.46
CA ILE CC 61 56.60 62.90 -121.82
CA GLU CC 62 57.82 63.42 -125.39
CA ALA CC 63 61.41 62.34 -126.00
CA LYS CC 64 63.65 63.40 -128.87
CA LEU CC 65 66.77 61.35 -129.56
CA THR CC 66 70.09 62.58 -130.96
CA ASN CC 67 73.76 61.78 -131.51
CA THR CC 68 73.13 58.06 -131.29
CA THR CC 69 76.25 55.91 -131.38
CA THR CC 70 76.64 52.18 -131.92
CA ASP CC 71 79.72 49.98 -132.04
CA SER CC 72 80.61 46.31 -131.77
CA ARG CC 73 83.60 44.07 -131.26
CA CYS CC 74 84.03 40.49 -132.39
CA PRO CC 75 84.09 37.63 -129.86
CA THR CC 76 87.31 37.49 -127.79
CA GLN CC 77 88.47 40.83 -129.28
CA GLY CC 78 87.08 42.79 -126.34
CA GLU CC 79 84.08 44.68 -125.00
CA PRO CC 80 84.04 48.28 -126.32
CA SER CC 81 83.80 51.16 -123.88
CA LEU CC 82 83.06 54.73 -124.97
CA ASN CC 83 83.40 58.05 -123.20
CA GLU CC 84 79.81 58.69 -124.32
CA GLU CC 85 78.78 55.99 -121.84
CA GLN CC 86 80.39 57.72 -118.86
CA ASP CC 87 78.35 60.90 -119.33
CA LYS CC 88 74.97 60.05 -117.83
CA ARG CC 89 73.05 62.27 -120.27
CA PHE CC 90 72.80 59.32 -122.69
CA VAL CC 91 70.73 56.17 -122.39
CA CYS CC 92 72.97 53.18 -123.08
CA LYS CC 93 72.67 49.43 -123.58
CA HIS CC 94 75.05 46.53 -124.07
CA SER CC 95 74.19 43.51 -126.19
CA MET CC 96 75.38 40.33 -127.89
CA VAL CC 97 75.32 39.52 -131.62
CA ASP CC 98 76.63 36.67 -133.73
CA ARG CC 99 79.63 37.25 -136.00
CA GLY CC 100 81.39 34.83 -138.33
CA TRP CC 101 84.51 34.15 -140.36
CA GLY CC 102 82.69 34.90 -143.60
CA ASN CC 103 80.60 37.61 -141.91
CA GLY CC 104 83.24 40.33 -142.06
CA CYS CC 105 85.24 39.02 -139.10
CA GLY CC 106 87.44 36.15 -137.94
CA LEU CC 107 85.33 33.41 -136.35
CA PHE CC 108 81.86 32.20 -135.39
CA GLY CC 109 80.66 33.48 -132.04
CA LYS CC 110 78.82 36.10 -130.02
CA GLY CC 111 80.65 39.42 -130.09
CA GLY CC 112 79.67 42.37 -127.95
CA ILE CC 113 77.84 45.58 -128.84
CA VAL CC 114 77.41 48.91 -127.09
CA THR CC 115 74.80 51.34 -128.41
CA CYS CC 116 73.69 54.55 -126.79
CA ALA CC 117 72.29 57.96 -127.51
CA MET CC 118 71.32 61.33 -126.08
CA PHE CC 119 67.83 61.72 -124.58
CA THR CC 120 66.38 65.21 -124.95
CA CYS CC 121 62.71 65.75 -124.20
CA LYS CC 122 60.58 68.74 -125.14
CA LYS CC 123 57.04 68.40 -123.77
CA ASN CC 124 56.75 67.65 -120.07
CA MET CC 125 54.22 67.19 -117.29
CA LYS CC 126 54.19 69.02 -114.01
CA GLY CC 127 53.41 66.92 -110.92
CA LYS CC 128 53.12 68.75 -107.61
CA VAL CC 129 52.11 67.95 -104.03
CA VAL CC 130 50.11 70.39 -101.91
CA GLN CC 131 50.86 70.77 -98.22
CA PRO CC 132 48.29 72.00 -95.69
CA GLU CC 133 50.34 75.17 -95.16
CA ASN CC 134 50.31 76.29 -98.80
CA LEU CC 135 46.51 76.29 -99.08
CA GLU CC 136 44.41 79.44 -99.22
CA TYR CC 137 40.66 79.47 -98.55
CA THR CC 138 38.16 82.05 -99.85
CA ILE CC 139 35.54 82.75 -97.21
CA VAL CC 140 32.71 85.20 -97.86
CA ILE CC 141 30.54 86.94 -95.26
CA THR CC 142 27.06 88.24 -96.06
CA PRO CC 143 24.61 90.30 -93.97
CA HIS CC 144 20.94 89.42 -93.58
CA SER CC 145 19.60 92.89 -94.37
CA GLY CC 146 17.10 91.90 -97.07
CA GLU CC 147 18.59 94.13 -99.76
CA GLU CC 148 17.54 93.31 -103.32
CA HIS CC 149 21.01 92.20 -104.42
CA ALA CC 150 21.38 90.53 -100.99
CA VAL CC 151 19.24 87.51 -101.92
CA GLY CC 152 20.48 84.55 -103.95
CA ASN CC 153 23.13 86.66 -105.72
CA ASP CC 154 26.61 85.37 -106.54
CA THR CC 155 28.15 88.79 -107.34
CA GLY CC 156 26.41 91.20 -104.97
CA LYS CC 157 28.18 94.16 -103.43
CA HIS CC 158 26.68 93.29 -100.03
CA GLY CC 159 29.03 90.36 -99.50
CA LYS CC 160 32.67 90.69 -98.49
CA GLU CC 161 35.24 88.08 -99.54
CA ILE CC 162 38.39 87.35 -97.53
CA LYS CC 163 41.23 84.87 -97.96
CA ILE CC 164 42.55 82.70 -95.12
CA THR CC 165 46.09 81.31 -94.88
CA PRO CC 166 47.97 79.98 -91.81
CA GLN CC 167 50.84 82.45 -92.30
CA SER CC 168 48.44 85.28 -91.33
CA SER CC 169 46.10 83.63 -88.83
CA ILE CC 170 44.94 86.58 -86.70
CA THR CC 171 43.37 88.84 -89.34
CA GLU CC 172 40.61 91.45 -89.21
CA ALA CC 173 37.89 91.76 -91.85
CA GLU CC 174 35.37 94.57 -92.20
CA LEU CC 175 31.64 94.39 -92.94
CA THR CC 176 29.86 97.56 -94.04
CA GLY CC 177 28.03 99.30 -91.21
CA TYR CC 178 28.39 96.46 -88.73
CA GLY CC 179 32.15 96.86 -88.37
CA THR CC 180 35.09 94.64 -87.51
CA VAL CC 181 35.05 90.82 -87.32
CA THR CC 182 38.00 88.52 -86.69
CA MET CC 183 39.44 85.85 -88.98
CA GLU CC 184 41.43 83.10 -87.20
CA CYS CC 185 41.63 79.36 -87.88
CA SER CC 186 43.68 76.32 -88.90
CA PRO CC 187 41.33 74.15 -91.03
CA ARG CC 188 43.56 71.06 -90.89
CA THR CC 189 40.90 68.83 -89.23
CA GLY CC 190 39.96 67.47 -92.67
CA LEU CC 191 41.08 64.47 -94.69
CA ASP CC 192 44.77 63.64 -94.96
CA PHE CC 193 46.54 65.48 -97.78
CA ASN CC 194 49.76 63.47 -98.14
CA GLU CC 195 47.90 60.77 -100.12
CA MET CC 196 47.16 62.98 -103.15
CA VAL CC 197 49.21 64.68 -105.87
CA LEU CC 198 48.07 66.93 -108.73
CA LEU CC 199 49.30 66.64 -112.31
CA GLN CC 200 48.96 69.50 -114.75
CA MET CC 201 49.51 69.65 -118.50
CA GLU CC 202 49.40 73.09 -120.16
CA ASN CC 203 46.00 73.89 -118.66
CA LYS CC 204 44.20 70.71 -117.60
CA ALA CC 205 44.94 69.04 -114.28
CA TRP CC 206 44.22 65.74 -112.58
CA LEU CC 207 44.09 64.63 -108.96
CA VAL CC 208 45.74 61.24 -108.43
CA HIS CC 209 47.46 59.13 -105.78
CA ARG CC 210 51.12 59.57 -104.90
CA GLN CC 211 52.14 55.95 -105.48
CA TRP CC 212 50.32 55.98 -108.81
CA PHE CC 213 51.98 59.30 -109.64
CA LEU CC 214 55.35 57.63 -109.11
CA ASP CC 215 54.44 54.29 -110.73
CA LEU CC 216 53.94 55.57 -114.29
CA PRO CC 217 57.05 54.19 -116.07
CA LEU CC 218 58.56 57.28 -117.69
CA PRO CC 219 61.64 59.49 -117.16
CA TRP CC 220 62.04 61.23 -113.79
CA LEU CC 221 63.55 64.38 -112.31
CA PRO CC 222 63.85 65.11 -108.58
CA GLY CC 223 62.07 68.22 -107.37
CA ALA CC 224 65.17 70.35 -107.09
CA ASP CC 225 66.37 68.84 -110.37
CA THR CC 226 66.06 71.29 -113.25
CA GLN CC 227 69.18 70.72 -115.37
CA GLY CC 228 67.95 67.75 -117.39
CA SER CC 229 71.25 65.91 -116.95
CA ASN CC 230 69.93 63.21 -114.62
CA TRP CC 231 67.25 60.81 -115.85
CA ILE CC 232 65.89 57.67 -114.19
CA GLN CC 233 64.28 54.74 -115.98
CA LYS CC 234 65.05 56.52 -119.24
CA GLU CC 235 65.05 53.20 -121.12
CA THR CC 236 61.30 52.91 -121.73
CA LEU CC 237 60.94 55.94 -124.01
CA VAL CC 238 63.84 54.65 -126.12
CA THR CC 239 63.08 51.24 -127.61
CA PHE CC 240 66.07 49.32 -128.90
CA LYS CC 241 65.05 47.15 -131.85
CA ASN CC 242 66.36 43.61 -132.02
CA PRO CC 243 70.15 43.13 -132.01
CA HIS CC 244 71.29 43.12 -135.60
CA ALA CC 245 74.80 42.92 -137.09
CA LYS CC 246 76.75 46.00 -135.91
CA LYS CC 247 73.57 48.08 -135.61
CA GLN CC 248 71.00 48.75 -132.95
CA ASP CC 249 68.39 50.84 -134.75
CA VAL CC 250 67.21 53.09 -131.93
CA VAL CC 251 63.47 53.80 -132.12
CA VAL CC 252 62.10 56.84 -130.33
CA LEU CC 253 58.83 56.07 -128.62
CA GLY CC 254 56.04 58.38 -129.64
CA SER CC 255 54.55 61.09 -127.48
CA GLN CC 256 52.31 59.45 -124.91
CA GLU CC 257 50.39 62.70 -124.44
CA GLY CC 258 47.48 61.22 -126.35
CA ALA CC 259 47.81 58.09 -124.24
CA MET CC 260 47.75 60.17 -121.06
CA HIS CC 261 44.60 61.94 -122.23
CA THR CC 262 43.15 58.49 -122.89
CA ALA CC 263 44.09 57.13 -119.45
CA LEU CC 264 43.82 60.03 -117.01
CA THR CC 265 40.33 60.79 -118.31
CA GLY CC 266 37.90 59.11 -115.95
CA ALA CC 267 39.96 60.20 -112.98
CA THR CC 268 39.28 63.37 -110.98
CA GLU CC 269 39.52 66.27 -113.42
CA ILE CC 270 40.54 69.78 -112.36
CA GLN CC 271 40.80 73.15 -114.10
CA MET CC 272 43.26 75.64 -112.63
CA SER CC 273 41.00 78.59 -113.46
CA SER CC 274 38.48 77.49 -110.81
CA GLY CC 275 41.25 76.65 -108.32
CA ASN CC 276 41.71 73.24 -106.73
CA LEU CC 277 38.40 71.60 -105.77
CA LEU CC 278 39.66 69.89 -102.61
CA PHE CC 279 36.13 69.73 -101.24
CA THR CC 280 37.16 66.70 -99.18
CA GLY CC 281 37.93 67.62 -95.58
CA HIS CC 282 35.91 69.70 -93.14
CA LEU CC 283 37.10 73.23 -92.34
CA LYS CC 284 36.75 74.04 -88.65
CA CYS CC 285 37.26 77.74 -87.99
CA ARG CC 286 37.19 80.16 -85.07
CA LEU CC 287 35.66 83.59 -85.65
CA ARG CC 288 35.19 86.22 -82.93
CA MET CC 289 32.11 88.46 -82.90
CA ASP CC 290 32.69 90.73 -79.90
CA LYS CC 291 33.58 93.77 -82.03
CA LEU CC 292 30.17 94.01 -83.78
CA GLN CC 293 26.98 95.74 -82.64
CA LEU CC 294 23.54 96.40 -84.10
CA LYS CC 295 23.66 98.89 -86.98
CA GLY CC 296 20.47 100.83 -87.60
CA MET CC 297 19.00 100.07 -84.16
CA SER CC 298 18.81 103.80 -83.39
CA TYR CC 299 16.27 104.21 -86.20
CA SER CC 300 12.75 104.47 -84.80
CA MET CC 301 9.94 102.10 -85.67
CA CYS CC 302 7.59 103.47 -88.33
CA THR CC 303 3.83 103.12 -87.96
CA GLY CC 304 2.96 103.36 -91.64
CA LYS CC 305 1.57 100.56 -93.80
CA PHE CC 306 3.24 97.40 -95.12
CA LYS CC 307 2.74 95.63 -98.44
CA VAL CC 308 3.88 92.26 -99.82
CA VAL CC 309 5.45 92.00 -103.27
CA LYS CC 310 6.27 88.31 -103.73
CA GLU CC 311 4.20 85.47 -102.33
CA ILE CC 312 5.37 83.27 -99.46
CA ALA CC 313 8.30 81.45 -101.04
CA GLU CC 314 9.45 78.06 -99.75
CA THR CC 315 13.07 76.96 -99.36
CA GLN CC 316 14.50 73.47 -98.75
CA HIS CC 317 14.77 74.01 -94.97
CA GLY CC 318 11.32 75.06 -93.72
CA THR CC 319 11.90 78.80 -93.94
CA ILE CC 320 9.81 81.58 -95.46
CA VAL CC 321 10.79 84.65 -97.49
CA ILE CC 322 8.67 87.82 -97.48
CA ARG CC 323 9.34 90.87 -99.65
CA VAL CC 324 7.76 93.52 -97.45
CA GLN CC 325 7.18 96.85 -99.20
CA TYR CC 326 6.50 100.12 -97.36
CA GLU CC 327 4.04 102.32 -99.24
CA GLY CC 328 3.80 104.72 -96.29
CA ASP CC 329 6.28 107.43 -95.26
CA GLY CC 330 8.95 107.80 -92.59
CA SER CC 331 11.75 105.67 -94.00
CA PRO CC 332 14.22 104.41 -92.90
CA CYS CC 333 12.65 102.58 -89.92
CA LYS CC 334 13.01 99.60 -87.58
CA ILE CC 335 10.83 96.84 -89.01
CA PRO CC 336 8.10 95.51 -86.69
CA PHE CC 337 8.06 91.78 -87.50
CA GLU CC 338 6.28 89.41 -85.13
CA ILE CC 339 4.64 86.00 -84.81
CA MET CC 340 1.43 84.87 -83.17
CA ASP CC 341 -0.30 81.56 -82.65
CA LEU CC 342 -3.95 80.68 -83.20
CA GLU CC 343 -4.92 82.33 -79.90
CA LYS CC 344 -3.16 85.53 -81.07
CA ARG CC 345 -1.29 85.58 -77.74
CA HIS CC 346 2.16 83.96 -77.76
CA VAL CC 347 5.33 84.74 -79.71
CA LEU CC 348 6.37 81.21 -80.71
CA GLY CC 349 7.96 81.44 -84.16
CA ARG CC 350 11.69 81.97 -84.65
CA LEU CC 351 12.92 84.98 -86.60
CA ILE CC 352 16.08 85.07 -88.73
CA THR CC 353 16.88 88.75 -89.31
CA VAL CC 354 16.74 90.78 -86.11
CA ASN CC 355 15.66 94.46 -86.33
CA PRO CC 356 15.32 94.63 -90.13
CA ILE CC 357 15.36 98.13 -91.58
CA VAL CC 358 14.22 99.73 -94.83
CA THR CC 359 16.82 101.60 -96.85
CA GLU CC 360 14.17 103.70 -98.61
CA LYS CC 361 10.47 103.61 -99.36
CA ASP CC 362 9.45 101.63 -102.47
CA SER CC 363 12.52 99.38 -101.90
CA PRO CC 364 11.16 96.27 -100.14
CA VAL CC 365 13.10 94.21 -97.62
CA ASN CC 366 13.47 90.43 -97.81
CA ILE CC 367 12.48 89.40 -94.30
CA GLU CC 368 13.27 85.77 -93.52
CA ALA CC 369 11.48 83.69 -90.89
CA GLU CC 370 11.30 80.15 -89.50
CA PRO CC 371 7.95 79.41 -87.86
CA PRO CC 372 7.29 75.91 -86.50
CA PHE CC 373 5.71 73.31 -88.76
CA GLY CC 374 2.05 74.15 -88.33
CA ASP CC 375 -0.45 76.98 -88.52
CA SER CC 376 0.56 80.47 -87.37
CA TYR CC 377 0.14 84.14 -88.22
CA ILE CC 378 3.08 86.16 -89.48
CA ILE CC 379 2.08 89.61 -88.22
CA ILE CC 380 3.57 92.27 -90.49
CA GLY CC 381 3.12 95.80 -89.22
CA VAL CC 382 1.08 96.93 -86.24
CA GLU CC 383 -2.57 97.78 -85.89
CA PRO CC 384 -4.52 99.62 -87.23
CA GLY CC 385 -4.08 98.06 -90.66
CA GLN CC 386 -1.90 95.19 -89.43
CA LEU CC 387 -1.40 92.16 -91.70
CA LYS CC 388 -1.80 88.83 -89.90
CA LEU CC 389 -0.79 86.70 -92.86
CA ASN CC 390 -1.83 83.14 -92.08
CA TRP CC 391 0.70 80.43 -92.86
CA PHE CC 392 0.55 76.64 -92.62
CA LYS CC 393 4.03 75.09 -92.58
CA LYS CC 394 4.30 71.40 -93.41
CA GLY CC 395 6.28 68.88 -91.38
CA SER CC 396 6.42 67.47 -87.88
CA SER CC 397 7.91 69.34 -84.94
CA ILE CC 398 9.58 66.08 -83.91
CA GLY CC 399 10.88 66.04 -87.48
CA GLN CC 400 13.01 69.14 -87.05
CA MET CC 401 13.70 68.04 -83.47
CA ILE CC 402 15.44 64.83 -84.54
CA GLU CC 403 16.96 66.40 -87.66
CA THR CC 404 18.59 69.40 -85.98
CA THR CC 405 19.66 67.44 -82.90
CA MET CC 406 21.24 64.71 -85.03
CA ARG CC 407 22.96 67.20 -87.34
CA GLY CC 408 24.44 69.15 -84.43
CA ALA CC 409 25.46 65.88 -82.78
CA LYS CC 410 27.34 64.70 -85.88
CA ARG CC 411 28.79 68.19 -86.29
CA MET CC 412 30.25 68.05 -82.77
CA ALA CC 413 31.16 64.36 -83.20
CA ILE CC 414 33.36 64.74 -86.27
CA LEU CC 415 34.66 67.70 -84.28
CA GLY CC 416 34.70 65.49 -81.19
CA ASP CC 417 37.74 63.81 -79.66
CA THR CC 418 40.83 66.07 -79.62
CA ALA CC 419 38.68 68.91 -81.09
CA TRP CC 420 36.43 70.50 -78.45
CA ASP CC 421 38.33 72.29 -75.68
CA PHE CC 422 38.22 69.95 -72.67
CA GLY CC 423 41.70 70.58 -71.24
CA SER CC 424 41.09 74.14 -70.02
CA LEU CC 425 40.24 73.98 -66.32
CA GLY CC 426 37.42 76.36 -65.47
CA GLY CC 427 36.68 76.52 -69.19
CA VAL CC 428 35.51 72.91 -68.90
CA PHE CC 429 32.17 74.39 -67.84
CA THR CC 430 32.15 76.60 -70.94
CA SER CC 431 33.03 73.62 -73.14
CA ILE CC 432 30.24 71.51 -71.65
CA GLY CC 433 27.86 74.40 -72.24
CA LYS CC 434 29.22 74.64 -75.78
CA ALA CC 435 28.53 70.96 -76.42
CA LEU CC 436 24.99 71.27 -75.09
CA HIS CC 437 24.37 74.54 -76.94
CA GLN CC 438 25.61 73.11 -80.24
CA VAL CC 439 23.56 69.92 -79.72
CA PHE CC 440 20.87 70.65 -77.11
CA GLY CC 441 20.78 74.41 -77.73
CA ALA CC 442 18.03 74.14 -80.33
CA ILE CC 443 15.98 72.50 -77.58
CA TYR CC 444 16.35 75.63 -75.44
CA GLY CC 445 15.73 78.03 -78.31
CA ALA CC 446 13.18 76.62 -80.75
CA ALA CC 447 10.71 74.49 -78.77
CA PHE CC 448 11.08 76.06 -75.31
CA SER CC 449 9.25 79.40 -75.40
CA GLY CC 450 11.43 81.30 -77.92
CA VAL CC 451 12.58 82.58 -75.43
CA SER CC 452 12.58 85.41 -72.88
CA TRP CC 453 15.27 83.93 -70.68
CA ILE CC 454 14.32 85.17 -67.19
CA MET CC 455 10.87 83.58 -67.12
CA LYS CC 456 12.09 80.28 -68.54
CA ILE CC 457 14.98 80.03 -66.08
CA LEU CC 458 12.39 80.55 -63.35
CA ILE CC 459 10.39 77.74 -64.96
CA GLY CC 460 13.57 75.68 -65.20
CA VAL CC 461 14.41 75.98 -61.52
CA ILE CC 462 10.77 75.09 -60.81
CA ILE CC 463 11.18 71.97 -62.95
CA THR CC 464 14.43 71.11 -61.14
CA TRP CC 465 12.62 71.39 -57.81
CA ILE CC 466 9.78 69.17 -59.05
CA GLY CC 467 12.18 66.58 -60.47
CA MET CC 468 14.28 66.42 -57.30
CA ASN CC 469 11.20 65.90 -55.10
CA SER CC 470 9.54 63.39 -57.44
CA ARG CC 471 7.96 60.01 -56.81
CA SER CC 472 10.36 58.19 -59.18
CA THR CC 473 14.15 58.36 -59.35
CA SER CC 474 14.17 57.54 -63.07
CA LEU CC 475 11.93 60.54 -63.73
CA SER CC 476 14.15 62.55 -61.38
CA VAL CC 477 17.25 61.76 -63.45
CA SER CC 478 15.27 62.43 -66.64
CA LEU CC 479 13.91 65.82 -65.50
CA VAL CC 480 16.56 67.44 -63.28
CA LEU CC 481 19.12 66.88 -66.06
CA VAL CC 482 16.89 68.75 -68.52
CA GLY CC 483 16.33 71.48 -65.93
CA VAL CC 484 20.00 72.06 -65.17
CA VAL CC 485 20.75 71.97 -68.90
CA THR CC 486 18.05 74.62 -69.37
CA LEU CC 487 19.40 76.88 -66.61
CA TYR CC 488 23.10 76.63 -67.44
CA LEU CC 489 22.58 76.78 -71.21
CA GLY CC 490 20.33 79.81 -70.73
CA VAL CC 491 23.12 81.51 -68.82
CA MET CC 492 25.41 80.65 -71.73
CA VAL CC 493 22.81 81.88 -74.25
CA GLN CC 494 22.70 85.22 -72.42
CA ALA CC 495 26.42 85.55 -73.19
CA PHE DC 1 -146.72 -53.79 87.84
CA HIS DC 2 -149.37 -52.14 85.66
CA LEU DC 3 -150.17 -54.51 82.80
CA THR DC 4 -150.92 -53.56 79.19
CA THR DC 5 -150.36 -55.18 75.78
CA ARG DC 6 -147.96 -54.34 72.96
CA ASN DC 7 -147.23 -56.25 69.76
CA GLY DC 8 -149.79 -58.80 70.92
CA GLU DC 9 -147.80 -59.58 74.08
CA PRO DC 10 -148.31 -58.68 77.74
CA HIS DC 11 -146.33 -55.75 79.09
CA MET DC 12 -146.08 -55.21 82.85
CA ILE DC 13 -144.42 -52.07 84.24
CA VAL DC 14 -142.91 -52.80 87.65
CA SER DC 15 -141.69 -50.33 90.25
CA ARG DC 16 -140.14 -50.24 93.72
CA GLN DC 17 -143.54 -51.07 95.28
CA GLU DC 18 -142.90 -54.66 94.15
CA LYS DC 19 -139.11 -55.02 94.15
CA GLY DC 20 -137.12 -58.24 94.29
CA LYS DC 21 -140.27 -60.31 94.79
CA SER DC 22 -142.14 -62.88 92.73
CA LEU DC 23 -144.44 -61.27 90.18
CA LEU DC 24 -147.84 -62.95 89.97
CA PHE DC 25 -150.82 -62.48 87.66
CA LYS DC 26 -153.87 -64.22 86.22
CA THR DC 27 -154.21 -63.82 82.45
CA GLU DC 28 -155.93 -65.64 79.59
CA ASP DC 29 -152.88 -67.89 79.26
CA GLY DC 30 -153.30 -68.88 82.91
CA VAL DC 31 -151.50 -68.34 86.22
CA ASN DC 32 -148.51 -66.18 85.25
CA MET DC 33 -145.70 -66.63 87.79
CA CYS DC 34 -142.77 -64.43 86.75
CA THR DC 35 -139.49 -63.97 88.59
CA LEU DC 36 -137.86 -60.59 88.05
CA MET DC 37 -134.34 -61.46 89.13
CA ALA DC 38 -132.86 -58.28 87.65
CA MET DC 39 -130.40 -55.84 89.24
CA ASP DC 40 -130.90 -52.15 88.55
CA LEU DC 41 -134.58 -52.09 89.50
CA GLY DC 42 -135.00 -49.03 91.72
CA GLU DC 43 -137.82 -46.53 91.95
CA LEU DC 44 -139.48 -45.76 88.63
CA CYS DC 45 -137.60 -43.40 86.31
CA GLU DC 46 -137.54 -42.13 82.72
CA ASP DC 47 -134.62 -44.35 81.65
CA THR DC 48 -137.10 -47.02 80.59
CA ILE DC 49 -135.18 -50.28 80.23
CA THR DC 50 -137.29 -53.07 78.73
CA TYR DC 51 -136.92 -56.83 78.62
CA LYS DC 52 -138.34 -60.05 77.26
CA CYS DC 53 -138.97 -62.53 80.01
CA PRO DC 54 -138.78 -65.68 77.83
CA PHE DC 55 -141.10 -68.66 77.96
CA LEU DC 56 -139.40 -71.40 79.97
CA LYS DC 57 -141.39 -74.54 80.78
CA GLN DC 58 -139.25 -76.62 83.15
CA ASN DC 59 -135.59 -76.23 82.15
CA GLU DC 60 -132.71 -74.77 84.18
CA PRO DC 61 -132.70 -70.97 83.79
CA GLU DC 62 -129.36 -69.26 83.31
CA ASP DC 63 -127.92 -66.09 81.79
CA ILE DC 64 -131.30 -64.35 82.05
CA ASP DC 65 -132.54 -61.34 83.98
CA CYS DC 66 -136.25 -62.17 84.19
CA TRP DC 67 -138.36 -65.20 83.30
CA CYS DC 68 -141.90 -66.55 83.47
CA ASN DC 69 -143.10 -70.14 83.69
CA SER DC 70 -146.30 -69.43 81.71
CA THR DC 71 -145.49 -67.46 78.56
CA SER DC 72 -143.11 -64.94 77.07
CA THR DC 73 -143.80 -61.39 78.21
CA TRP DC 74 -142.49 -57.84 78.26
CA VAL DC 75 -141.30 -56.14 81.43
CA THR DC 76 -139.96 -52.63 81.92
CA TYR DC 77 -138.62 -50.37 84.64
CA GLY DC 78 -136.40 -47.38 85.39
CA THR DC 79 -132.78 -47.00 86.41
CA CYS DC 80 -132.27 -43.64 88.15
CA THR DC 81 -131.24 -43.50 91.80
CA THR DC 82 -133.52 -42.57 94.70
CA THR DC 83 -132.67 -38.86 94.80
CA GLY DC 84 -133.01 -38.43 91.03
CA GLU DC 85 -130.31 -38.43 88.36
CA HIS DC 86 -129.63 -39.67 84.85
CA ARG DC 87 -127.38 -42.63 85.70
CA ARG DC 88 -123.90 -43.48 87.00
CA GLU DC 89 -121.12 -41.09 85.96
CA LYS DC 90 -118.06 -42.10 83.93
CA ARG DC 91 -115.13 -40.36 82.26
CA SER DC 92 -114.06 -41.29 78.74
CA VAL DC 93 -113.32 -39.99 75.19
CA ALA DC 94 -109.73 -39.13 74.24
CA LEU DC 95 -109.05 -35.64 72.91
CA VAL DC 96 -106.56 -32.80 73.19
CA PRO DC 97 -105.93 -29.75 70.95
CA HIS DC 98 -102.83 -28.03 69.75
CA VAL DC 99 -101.44 -25.37 72.07
CA GLY DC 100 -101.98 -21.83 70.95
CA MET DC 101 -99.95 -18.84 69.89
CA GLY DC 102 -100.42 -15.38 71.38
CA LEU DC 103 -98.84 -12.03 72.30
CA GLU DC 104 -95.80 -12.90 70.13
CA THR DC 105 -96.76 -12.14 66.50
CA ARG DC 106 -95.09 -13.81 63.51
CA THR DC 107 -92.56 -11.38 61.95
CA GLU DC 108 -88.83 -10.87 62.54
CA THR DC 109 -88.66 -7.84 64.87
CA TRP DC 110 -88.15 -6.63 68.49
CA MET DC 111 -84.36 -7.26 68.74
CA SER DC 112 -85.13 -9.82 71.49
CA SER DC 113 -82.76 -12.65 72.39
CA GLU DC 114 -85.29 -15.38 71.56
CA GLY DC 115 -86.33 -13.67 68.33
CA ALA DC 116 -82.73 -12.91 67.38
CA TRP DC 117 -81.49 -16.46 67.97
CA LYS DC 118 -84.56 -18.23 66.55
CA HIS DC 119 -83.40 -17.72 62.98
CA ALA DC 120 -79.91 -19.06 63.67
CA GLN DC 121 -81.30 -22.00 65.67
CA ARG DC 122 -83.62 -22.87 62.78
CA ILE DC 123 -80.73 -22.57 60.29
CA GLU DC 124 -78.55 -24.97 62.27
CA THR DC 125 -81.48 -27.34 62.84
CA TRP DC 126 -82.09 -27.40 59.09
CA ILE DC 127 -78.39 -28.00 58.48
CA LEU DC 128 -78.38 -30.91 60.92
CA ARG DC 129 -81.54 -32.34 59.34
CA HIS DC 130 -80.26 -31.63 55.79
CA PRO DC 131 -76.61 -32.72 55.52
CA GLY DC 132 -76.97 -33.56 51.82
CA PHE DC 133 -78.18 -30.11 50.82
CA THR DC 134 -75.39 -28.60 52.92
CA ILE DC 135 -72.80 -30.69 51.07
CA MET DC 136 -74.36 -29.77 47.73
CA ALA DC 137 -74.25 -26.06 48.59
CA ALA DC 138 -70.63 -26.40 49.69
CA ILE DC 139 -69.73 -28.10 46.39
CA LEU DC 140 -71.48 -25.37 44.39
CA ALA DC 141 -69.64 -22.71 46.40
CA TYR DC 142 -66.34 -24.49 45.74
CA THR DC 143 -66.94 -24.71 42.00
CA ILE DC 144 -68.30 -21.19 41.48
CA GLY DC 145 -66.04 -19.58 44.08
CA THR DC 146 -62.61 -18.51 42.88
CA THR DC 147 -61.54 -17.12 46.28
CA HIS DC 148 -61.92 -18.68 49.72
CA PHE DC 149 -63.79 -15.60 50.97
CA GLN DC 150 -66.26 -15.83 48.09
CA ARG DC 151 -66.48 -19.58 48.72
CA ALA DC 152 -67.46 -19.12 52.36
CA LEU DC 153 -69.80 -16.20 51.62
CA ILE DC 154 -71.66 -18.13 48.93
CA PHE DC 155 -71.88 -21.24 51.12
CA ILE DC 156 -73.34 -19.20 53.99
CA LEU DC 157 -75.76 -17.44 51.63
CA LEU DC 158 -77.01 -20.72 50.17
CA THR DC 159 -77.39 -22.38 53.57
CA ALA DC 160 -79.29 -19.35 54.90
CA VAL DC 161 -81.51 -18.82 51.85
CA ALA DC 162 -82.54 -22.43 51.11
CA PRO DC 163 -84.64 -22.83 54.31
CA SER DC 164 -86.27 -19.40 53.96
CA MET DC 165 -87.92 -20.53 50.72
CA THR DC 166 -89.84 -23.20 52.64
CA MET EC 1 -13.27 3.80 -130.94
CA ARG EC 2 -10.53 5.76 -132.70
CA CYS EC 3 -7.67 5.83 -130.19
CA ILE EC 4 -6.91 2.14 -129.63
CA GLY EC 5 -3.13 2.12 -129.92
CA ILE EC 6 -1.80 5.53 -128.87
CA SER EC 7 0.42 5.58 -125.80
CA ASN EC 8 -1.37 8.35 -123.88
CA ARG EC 9 -4.71 6.63 -123.26
CA ASP EC 10 -6.78 8.48 -120.66
CA PHE EC 11 -10.17 7.80 -119.08
CA VAL EC 12 -12.63 10.22 -117.48
CA GLU EC 13 -15.53 8.28 -115.93
CA GLY EC 14 -17.55 10.93 -114.11
CA VAL EC 15 -20.40 13.33 -114.82
CA SER EC 16 -21.45 16.64 -113.31
CA GLY EC 17 -24.77 17.62 -111.76
CA GLY EC 18 -25.70 19.57 -114.88
CA SER EC 19 -23.72 17.17 -117.10
CA TRP EC 20 -21.09 19.91 -117.56
CA VAL EC 21 -18.21 17.51 -118.15
CA ASP EC 22 -14.67 18.90 -118.34
CA ILE EC 23 -11.74 17.44 -120.31
CA VAL EC 24 -8.17 18.35 -121.18
CA LEU EC 25 -6.80 17.72 -124.67
CA GLU EC 26 -3.13 17.59 -125.68
CA HIS EC 27 -1.21 16.52 -128.77
CA GLY EC 28 -1.45 12.76 -129.08
CA SER EC 29 -3.29 12.38 -125.76
CA CYS EC 30 -6.79 11.23 -126.63
CA VAL EC 31 -9.60 10.99 -124.10
CA THR EC 32 -12.50 8.56 -123.67
CA THR EC 33 -15.77 9.87 -122.25
CA MET EC 34 -17.94 7.49 -120.23
CA ALA EC 35 -21.47 8.08 -118.97
CA LYS EC 36 -24.56 6.36 -117.61
CA ASN EC 37 -27.29 5.60 -120.17
CA LYS EC 38 -25.60 8.04 -122.58
CA PRO EC 39 -23.40 7.05 -125.54
CA THR EC 40 -19.69 6.96 -124.85
CA LEU EC 41 -17.28 9.05 -126.89
CA ASP EC 42 -13.68 9.51 -127.94
CA PHE EC 43 -12.16 12.99 -128.18
CA GLU EC 44 -8.87 14.10 -129.64
CA LEU EC 45 -7.18 17.12 -131.17
CA ILE EC 46 -5.95 15.90 -134.54
CA LYS EC 47 -4.17 18.95 -135.90
CA THR EC 48 -3.26 22.35 -134.48
CA GLU EC 49 -3.42 25.30 -136.87
CA ALA EC 50 -2.52 28.98 -136.56
CA LYS EC 51 -4.30 30.86 -139.34
CA GLN EC 52 -4.31 34.61 -139.98
CA PRO EC 53 -0.84 35.28 -138.54
CA ALA EC 54 0.23 38.71 -137.36
CA THR EC 55 3.30 40.10 -139.12
CA LEU EC 56 5.25 41.07 -136.00
CA ARG EC 57 8.51 42.31 -137.55
CA LYS EC 58 10.77 41.82 -140.55
CA TYR EC 59 14.52 41.47 -141.03
CA CYS EC 60 16.60 42.39 -144.07
CA ILE EC 61 18.84 39.34 -144.17
CA GLU EC 62 21.05 40.69 -146.96
CA ALA EC 63 21.98 44.23 -147.88
CA LYS EC 64 22.75 46.44 -150.87
CA LEU EC 65 24.61 49.74 -150.60
CA THR EC 66 24.00 52.36 -153.29
CA ASN EC 67 24.23 56.08 -153.97
CA THR EC 68 26.89 56.41 -151.27
CA THR EC 69 27.67 60.11 -151.13
CA THR EC 70 30.06 61.73 -148.68
CA ASP EC 71 31.44 65.16 -147.84
CA SER EC 72 33.66 66.92 -145.33
CA ARG EC 73 34.52 70.37 -144.01
CA CYS EC 74 37.69 71.92 -142.67
CA PRO EC 75 37.97 72.34 -138.88
CA THR EC 76 35.69 74.93 -137.23
CA GLN EC 77 33.30 74.98 -140.23
CA GLY EC 78 30.89 72.51 -138.58
CA GLU EC 79 29.49 69.32 -140.00
CA PRO EC 80 28.50 69.47 -143.69
CA SER EC 81 24.75 69.44 -144.32
CA LEU EC 82 23.56 67.40 -147.29
CA ASN EC 83 19.93 66.40 -147.97
CA GLU EC 84 20.37 62.66 -147.36
CA GLU EC 85 20.76 63.03 -143.59
CA GLN EC 86 17.14 64.03 -143.01
CA ASP EC 87 15.84 61.30 -145.33
CA LYS EC 88 15.82 57.94 -143.57
CA ARG EC 89 16.07 56.21 -146.96
CA PHE EC 90 19.82 56.74 -146.59
CA VAL EC 91 21.64 55.36 -143.58
CA CYS EC 92 24.50 57.58 -142.52
CA LYS EC 93 26.88 58.91 -139.90
CA HIS EC 94 29.34 61.73 -139.24
CA SER EC 95 32.87 61.63 -137.84
CA MET EC 96 36.06 63.71 -137.76
CA VAL EC 97 39.64 63.50 -139.04
CA ASP EC 98 42.77 65.63 -138.81
CA ARG EC 99 43.00 68.04 -141.75
CA GLY EC 100 44.90 71.27 -142.20
CA TRP EC 101 47.61 73.12 -144.10
CA GLY EC 102 48.94 69.83 -145.45
CA ASN EC 103 45.81 68.73 -147.33
CA GLY EC 104 44.10 71.97 -148.34
CA CYS EC 105 42.59 73.30 -145.11
CA GLY EC 106 44.06 76.07 -142.95
CA LEU EC 107 45.40 74.45 -139.78
CA PHE EC 108 45.79 70.91 -138.49
CA GLY EC 109 42.63 70.08 -136.56
CA LYS EC 110 39.75 67.63 -136.31
CA GLY EC 111 37.46 68.65 -139.14
CA GLY EC 112 34.13 67.00 -139.74
CA ILE EC 113 32.96 64.45 -142.30
CA VAL EC 114 29.48 63.17 -143.16
CA THR EC 115 29.16 59.79 -144.86
CA CYS EC 116 25.77 58.68 -146.22
CA ALA EC 117 24.43 55.93 -148.43
CA MET EC 118 21.17 54.38 -149.63
CA PHE EC 119 20.44 51.04 -147.95
CA THR EC 120 18.46 48.79 -150.31
CA CYS EC 121 16.89 45.62 -148.90
CA LYS EC 122 17.16 42.78 -151.41
CA LYS EC 123 15.62 39.92 -149.40
CA ASN EC 124 13.25 39.51 -146.48
CA MET EC 125 13.20 37.31 -143.38
CA LYS EC 126 9.66 36.99 -142.11
CA GLY EC 127 8.54 36.76 -138.48
CA LYS EC 128 5.17 35.36 -137.41
CA VAL EC 129 3.75 35.69 -133.90
CA VAL EC 130 0.86 33.46 -132.83
CA GLN EC 131 -1.68 35.00 -130.48
CA PRO EC 132 -4.02 32.86 -128.35
CA GLU EC 133 -7.12 33.88 -130.31
CA ASN EC 134 -5.54 32.81 -133.64
CA LEU EC 135 -5.29 29.10 -132.78
CA GLU EC 136 -7.67 27.11 -135.00
CA TYR EC 137 -7.99 23.81 -133.12
CA THR EC 138 -9.06 20.85 -135.26
CA ILE EC 139 -10.86 18.37 -132.98
CA VAL EC 140 -11.97 14.88 -133.99
CA ILE EC 141 -14.97 13.41 -132.15
CA THR EC 142 -15.79 9.72 -132.68
CA PRO EC 143 -18.44 7.59 -130.91
CA HIS EC 144 -17.95 4.04 -129.63
CA SER EC 145 -20.80 2.98 -131.86
CA GLY EC 146 -19.42 -0.11 -133.58
CA GLU EC 147 -17.53 1.24 -136.58
CA GLU EC 148 -14.47 -0.60 -137.86
CA HIS EC 149 -12.36 1.73 -140.03
CA ALA EC 150 -11.08 3.97 -137.20
CA VAL EC 151 -9.07 1.57 -135.01
CA GLY EC 152 -5.46 2.61 -135.34
CA ASN EC 153 -6.38 5.19 -137.97
CA ASP EC 154 -6.06 8.92 -138.63
CA THR EC 155 -8.59 9.70 -141.39
CA GLY EC 156 -11.19 7.10 -140.30
CA LYS EC 157 -14.43 9.05 -140.48
CA HIS EC 158 -17.59 7.91 -138.74
CA GLY EC 159 -17.74 10.87 -136.37
CA LYS EC 160 -17.00 14.52 -137.10
CA GLU EC 161 -14.04 16.89 -137.32
CA ILE EC 162 -14.66 20.45 -136.16
CA LYS EC 163 -12.44 23.52 -136.41
CA ILE EC 164 -12.76 25.43 -133.13
CA THR EC 165 -12.09 29.17 -133.39
CA PRO EC 166 -11.71 30.75 -129.92
CA GLN EC 167 -13.67 33.81 -131.05
CA SER EC 168 -16.58 31.34 -131.38
CA SER EC 169 -16.80 29.68 -127.97
CA ILE EC 170 -20.08 27.76 -128.33
CA THR EC 171 -20.30 25.41 -131.31
CA GLU EC 172 -22.66 22.61 -132.29
CA ALA EC 173 -20.96 19.50 -133.70
CA GLU EC 174 -23.78 17.33 -135.10
CA LEU EC 175 -22.63 13.76 -134.53
CA THR EC 176 -24.40 11.47 -136.98
CA GLY EC 177 -27.21 9.34 -135.58
CA TYR EC 178 -26.66 10.60 -132.01
CA GLY EC 179 -27.43 14.32 -132.29
CA THR EC 180 -24.93 16.95 -131.19
CA VAL EC 181 -22.68 17.92 -128.28
CA THR EC 182 -22.18 21.53 -127.27
CA MET EC 183 -18.57 22.62 -127.69
CA GLU EC 184 -17.37 25.16 -125.13
CA CYS EC 185 -13.66 24.49 -125.36
CA SER EC 186 -11.09 27.24 -124.85
CA PRO EC 187 -7.31 27.28 -125.36
CA ARG EC 188 -7.15 30.48 -123.30
CA THR EC 189 -6.77 28.57 -120.02
CA GLY EC 190 -3.99 26.46 -121.55
CA LEU EC 191 -0.36 27.50 -121.71
CA ASP EC 192 0.17 31.06 -122.92
CA PHE EC 193 1.39 31.29 -126.52
CA ASN EC 194 3.11 34.58 -125.75
CA GLU EC 195 6.76 33.63 -126.37
CA MET EC 196 6.54 31.40 -129.48
CA VAL EC 197 7.59 32.86 -132.82
CA LEU EC 198 8.01 31.42 -136.32
CA LEU EC 199 10.91 32.40 -138.55
CA GLN EC 200 9.89 32.01 -142.21
CA MET EC 201 12.31 31.90 -145.14
CA GLU EC 202 11.00 31.31 -148.66
CA ASN EC 203 8.85 28.27 -147.82
CA LYS EC 204 10.63 26.66 -144.84
CA ALA EC 205 10.46 27.79 -141.24
CA TRP EC 206 11.60 27.30 -137.66
CA LEU EC 207 10.19 27.95 -134.20
CA VAL EC 208 12.10 30.13 -131.74
CA HIS EC 209 11.50 32.32 -128.70
CA ARG EC 210 10.29 35.92 -128.87
CA GLN EC 211 13.04 37.54 -126.80
CA TRP EC 212 15.65 35.76 -128.93
CA PHE EC 213 13.76 36.71 -132.08
CA LEU EC 214 14.00 40.41 -131.23
CA ASP EC 215 17.48 40.36 -129.65
CA LEU EC 216 19.09 39.63 -133.03
CA PRO EC 217 21.46 42.49 -134.01
CA LEU EC 218 20.15 42.62 -137.57
CA PRO EC 219 18.23 45.17 -139.65
CA TRP EC 220 15.00 45.93 -137.87
CA LEU EC 221 11.84 46.90 -139.80
CA PRO EC 222 8.31 47.12 -138.34
CA GLY EC 223 5.30 45.17 -139.50
CA ALA EC 224 3.13 48.18 -140.30
CA ASP EC 225 5.50 49.78 -142.81
CA THR EC 226 5.79 48.47 -146.38
CA GLN EC 227 8.37 50.58 -148.22
CA GLY EC 228 11.15 49.88 -145.70
CA SER EC 229 12.50 53.44 -145.75
CA ASN EC 230 11.55 53.91 -142.09
CA TRP EC 231 14.54 51.77 -141.23
CA ILE EC 232 15.78 51.01 -137.70
CA GLN EC 233 18.95 49.45 -136.26
CA LYS EC 234 21.11 51.08 -138.85
CA GLU EC 235 24.65 49.96 -138.01
CA THR EC 236 24.06 46.18 -138.03
CA LEU EC 237 25.36 45.62 -141.58
CA VAL EC 238 26.90 48.90 -142.73
CA THR EC 239 30.34 48.71 -141.10
CA PHE EC 240 32.19 51.91 -141.92
CA LYS EC 241 35.97 51.71 -141.48
CA ASN EC 242 38.10 54.36 -139.81
CA PRO EC 243 37.76 57.37 -142.13
CA HIS EC 244 41.04 58.48 -143.68
CA ALA EC 245 40.54 62.02 -144.98
CA LYS EC 246 37.07 61.62 -146.56
CA LYS EC 247 36.48 58.15 -148.01
CA GLN EC 248 35.90 55.15 -145.79
CA ASP EC 249 35.49 51.61 -147.07
CA VAL EC 250 31.74 51.51 -146.50
CA VAL EC 251 30.60 47.95 -147.21
CA VAL EC 252 27.62 45.90 -146.10
CA LEU EC 253 28.51 42.55 -144.59
CA GLY EC 254 27.95 39.50 -146.73
CA SER EC 255 24.59 37.80 -146.83
CA GLN EC 256 23.73 36.44 -143.40
CA GLU EC 257 21.55 33.68 -144.88
CA GLY EC 258 24.24 31.02 -144.52
CA ALA EC 259 25.46 32.21 -141.12
CA MET EC 260 22.03 32.55 -139.54
CA HIS EC 261 20.91 29.28 -141.11
CA THR EC 262 23.90 27.55 -139.52
CA ALA EC 263 23.20 29.19 -136.17
CA LEU EC 264 19.47 28.47 -136.22
CA THR EC 265 20.25 24.82 -136.99
CA GLY EC 266 19.31 22.60 -134.08
CA ALA EC 267 16.21 24.62 -133.23
CA THR EC 268 12.68 23.30 -133.74
CA GLU EC 269 12.25 23.05 -137.50
CA ILE EC 270 8.59 23.33 -138.52
CA GLN EC 271 7.25 22.02 -141.83
CA MET EC 272 4.86 24.97 -141.91
CA SER EC 273 3.76 24.24 -145.49
CA SER EC 274 1.17 21.69 -144.28
CA GLY EC 275 -0.07 24.15 -141.63
CA ASN EC 276 1.19 25.52 -138.32
CA LEU EC 277 1.50 22.16 -136.55
CA LEU EC 278 2.17 23.46 -133.06
CA PHE EC 279 3.06 20.52 -130.82
CA THR EC 280 2.02 22.15 -127.51
CA GLY EC 281 -0.96 23.79 -125.85
CA HIS EC 282 -3.65 22.55 -123.49
CA LEU EC 283 -7.26 22.70 -124.64
CA LYS EC 284 -9.71 22.99 -121.74
CA CYS EC 285 -12.99 21.58 -122.99
CA ARG EC 286 -16.33 21.99 -121.16
CA LEU EC 287 -19.29 20.15 -122.64
CA ARG EC 288 -23.02 19.76 -122.07
CA MET EC 289 -23.55 16.19 -123.30
CA ASP EC 290 -27.24 16.09 -122.29
CA LYS EC 291 -28.25 17.13 -125.80
CA LEU EC 292 -26.37 14.06 -127.04
CA GLN EC 293 -28.36 10.84 -127.05
CA LEU EC 294 -27.96 7.22 -128.15
CA LYS EC 295 -30.51 6.18 -130.77
CA GLY EC 296 -29.28 2.61 -130.38
CA MET EC 297 -29.60 2.25 -126.61
CA SER EC 298 -33.17 0.98 -126.17
CA TYR EC 299 -33.38 -1.61 -128.95
CA SER EC 300 -34.59 -5.09 -128.03
CA MET EC 301 -32.30 -7.55 -126.28
CA CYS EC 302 -30.80 -9.59 -129.06
CA THR EC 303 -31.68 -13.26 -129.32
CA GLY EC 304 -30.07 -15.08 -132.23
CA LYS EC 305 -26.81 -16.99 -132.38
CA PHE EC 306 -23.64 -14.91 -132.18
CA LYS EC 307 -20.08 -15.83 -133.20
CA VAL EC 308 -16.57 -14.33 -133.13
CA VAL EC 309 -14.48 -13.70 -136.25
CA LYS EC 310 -11.12 -12.40 -135.02
CA GLU EC 311 -9.50 -13.18 -131.68
CA ILE EC 312 -8.19 -10.68 -129.14
CA ALA EC 313 -4.99 -8.74 -129.50
CA GLU EC 314 -3.82 -6.59 -126.59
CA THR EC 315 -3.88 -2.80 -126.65
CA GLN EC 316 -1.45 -0.30 -125.13
CA HIS EC 317 -3.66 0.41 -122.12
CA GLY EC 318 -4.74 -3.23 -122.06
CA THR EC 319 -8.39 -3.18 -123.13
CA ILE EC 320 -10.48 -5.93 -124.66
CA VAL EC 321 -11.39 -5.15 -128.26
CA ILE EC 322 -13.29 -7.88 -130.11
CA ARG EC 323 -14.61 -7.96 -133.66
CA VAL EC 324 -17.73 -10.13 -133.47
CA GLN EC 325 -20.22 -11.27 -136.11
CA TYR EC 326 -23.92 -12.08 -135.75
CA GLU EC 327 -25.14 -15.05 -137.77
CA GLY EC 328 -28.62 -14.98 -136.26
CA ASP EC 329 -31.58 -12.69 -136.99
CA GLY EC 330 -33.59 -9.85 -135.52
CA SER EC 331 -31.25 -7.00 -136.41
CA PRO EC 332 -31.24 -4.28 -135.10
CA CYS EC 333 -30.93 -5.73 -131.59
CA LYS EC 334 -29.27 -4.93 -128.25
CA ILE EC 335 -26.51 -7.51 -127.77
CA PRO EC 336 -25.90 -9.04 -124.31
CA PHE EC 337 -22.34 -8.58 -123.10
CA GLU EC 338 -21.13 -9.19 -119.54
CA ILE EC 339 -17.81 -9.91 -117.82
CA MET EC 340 -18.60 -12.58 -115.23
CA ASP EC 341 -16.49 -14.43 -112.73
CA LEU EC 342 -15.46 -17.96 -113.65
CA GLU EC 343 -18.36 -19.24 -111.49
CA LYS EC 344 -20.90 -16.90 -113.16
CA ARG EC 345 -22.00 -15.39 -109.81
CA HIS EC 346 -20.76 -11.78 -109.59
CA VAL EC 347 -19.55 -9.25 -112.17
CA LEU EC 348 -15.94 -8.01 -112.19
CA GLY EC 349 -15.14 -5.78 -115.15
CA ARG EC 350 -16.53 -2.78 -117.00
CA LEU EC 351 -17.56 -2.28 -120.63
CA ILE EC 352 -16.88 0.97 -122.48
CA THR EC 353 -19.39 0.74 -125.32
CA VAL EC 354 -22.57 1.18 -123.32
CA ASN EC 355 -25.37 -0.90 -124.83
CA PRO EC 356 -23.49 -2.19 -127.89
CA ILE EC 357 -25.66 -2.36 -130.98
CA VAL EC 358 -25.79 -4.50 -134.12
CA THR EC 359 -27.92 -2.69 -136.73
CA GLU EC 360 -26.55 -4.50 -139.78
CA LYS EC 361 -26.44 -8.10 -140.93
CA ASP EC 362 -23.12 -9.72 -141.79
CA SER EC 363 -20.82 -6.98 -140.53
CA PRO EC 364 -17.98 -6.85 -137.99
CA VAL EC 365 -18.94 -5.32 -134.65
CA ASN EC 366 -16.33 -3.78 -132.35
CA ILE EC 367 -16.93 -4.43 -128.65
CA GLU EC 368 -14.75 -2.69 -126.07
CA ALA EC 369 -14.16 -3.59 -122.43
CA GLU EC 370 -11.61 -3.32 -119.61
CA PRO EC 371 -11.36 -6.21 -117.13
CA PRO EC 372 -9.30 -6.10 -113.96
CA PHE EC 373 -6.06 -8.04 -113.55
CA GLY EC 374 -7.29 -11.58 -113.07
CA ASP EC 375 -9.02 -14.48 -114.69
CA SER EC 376 -12.45 -13.62 -116.07
CA TYR EC 377 -15.14 -15.03 -118.34
CA ILE EC 378 -16.58 -12.75 -121.01
CA ILE EC 379 -20.11 -14.14 -121.33
CA ILE EC 380 -21.87 -13.28 -124.58
CA GLY EC 381 -25.36 -14.15 -125.76
CA VAL EC 382 -28.07 -16.30 -124.23
CA GLU EC 383 -28.54 -20.05 -124.42
CA PRO EC 384 -28.97 -21.64 -126.97
CA GLY EC 385 -25.65 -20.45 -128.38
CA GLN EC 386 -23.99 -19.20 -125.22
CA LEU EC 387 -20.42 -17.98 -125.74
CA LYS EC 388 -17.93 -18.08 -122.88
CA LEU EC 389 -14.47 -16.58 -123.40
CA ASN EC 390 -11.80 -17.02 -120.74
CA TRP EC 391 -9.41 -14.11 -120.42
CA PHE EC 392 -6.52 -12.98 -118.25
CA LYS EC 393 -4.42 -9.80 -118.14
CA LYS EC 394 -1.16 -9.00 -116.40
CA GLY EC 395 -0.35 -6.30 -113.87
CA SER EC 396 -0.99 -5.33 -110.26
CA SER EC 397 -4.26 -3.76 -109.14
CA ILE EC 398 -2.39 -1.24 -107.00
CA GLY EC 399 -0.46 -0.30 -110.13
CA GLN EC 400 -3.62 0.80 -111.89
CA MET EC 401 -4.93 2.45 -108.72
CA ILE EC 402 -1.87 4.68 -108.30
CA GLU EC 403 -1.60 5.30 -112.05
CA THR EC 404 -5.22 6.38 -112.50
CA THR EC 405 -5.31 8.39 -109.27
CA MET EC 406 -2.12 10.32 -110.05
CA ARG EC 407 -3.18 10.85 -113.66
CA GLY EC 408 -6.52 12.27 -112.52
CA ALA EC 409 -4.78 14.40 -109.90
CA LYS EC 410 -2.52 15.94 -112.55
CA ARG EC 411 -5.52 16.36 -114.84
CA MET EC 412 -7.41 18.26 -112.16
CA ALA EC 413 -4.32 20.29 -111.23
CA ILE EC 414 -3.94 21.52 -114.81
CA LEU EC 415 -7.75 21.67 -115.08
CA GLY EC 416 -7.69 23.66 -111.86
CA ASP EC 417 -7.77 27.36 -111.03
CA THR EC 418 -10.35 29.25 -113.12
CA ALA EC 419 -11.47 25.86 -114.54
CA TRP EC 420 -13.53 23.87 -112.05
CA ASP EC 421 -16.82 25.50 -111.14
CA PHE EC 422 -16.36 27.37 -107.86
CA GLY EC 423 -18.25 30.57 -108.70
CA SER EC 424 -21.48 28.86 -109.78
CA LEU EC 425 -23.82 28.72 -106.80
CA GLY EC 426 -25.95 25.60 -106.39
CA GLY EC 427 -23.53 23.50 -108.41
CA VAL EC 428 -20.79 23.99 -105.82
CA PHE EC 429 -21.59 20.67 -104.17
CA THR EC 430 -21.74 19.10 -107.64
CA SER EC 431 -18.41 20.69 -108.57
CA ILE EC 432 -16.63 19.39 -105.47
CA GLY EC 433 -18.24 16.01 -106.14
CA LYS EC 434 -16.77 16.08 -109.63
CA ALA EC 435 -13.34 17.03 -108.26
CA LEU EC 436 -13.37 14.36 -105.55
CA HIS EC 437 -14.36 11.92 -108.27
CA GLN EC 438 -11.50 12.93 -110.56
CA VAL EC 439 -9.04 12.26 -107.69
CA PHE EC 440 -10.46 9.43 -105.53
CA GLY EC 441 -12.96 7.72 -107.83
CA ALA EC 442 -10.57 4.98 -108.85
CA ILE EC 443 -10.31 4.03 -105.18
CA TYR EC 444 -14.06 4.40 -104.68
CA GLY EC 445 -15.22 2.35 -107.65
CA ALA EC 446 -12.44 -0.25 -107.81
CA ALA EC 447 -11.07 -0.85 -104.32
CA PHE EC 448 -14.33 -0.36 -102.42
CA SER EC 449 -16.47 -3.26 -103.63
CA GLY EC 450 -17.32 -2.13 -107.19
CA VAL EC 451 -19.92 -1.25 -105.89
CA SER EC 452 -23.48 -1.91 -104.71
CA TRP EC 453 -24.13 1.70 -103.75
CA ILE EC 454 -26.86 1.24 -101.12
CA MET EC 455 -24.95 -1.12 -98.85
CA LYS EC 456 -21.67 0.74 -99.22
CA ILE EC 457 -23.28 4.04 -98.22
CA LEU EC 458 -24.70 2.19 -95.22
CA ILE EC 459 -21.12 1.16 -94.42
CA GLY EC 460 -20.09 4.76 -95.07
CA VAL EC 461 -22.48 6.17 -92.50
CA ILE EC 462 -21.32 3.41 -90.13
CA ILE EC 463 -17.68 4.51 -90.48
CA THR EC 464 -18.73 8.15 -90.06
CA TRP EC 465 -20.58 7.28 -86.84
CA ILE EC 466 -17.58 5.35 -85.52
CA GLY EC 467 -15.26 8.22 -86.48
CA MET EC 468 -17.26 10.97 -84.79
CA ASN EC 469 -17.52 8.92 -81.57
CA SER EC 470 -13.87 7.83 -81.67
CA ARG EC 471 -11.26 7.71 -78.92
CA SER EC 472 -9.06 10.20 -80.83
CA THR EC 473 -9.85 13.41 -82.67
CA SER EC 474 -7.10 12.86 -85.24
CA LEU EC 475 -8.67 9.54 -86.22
CA SER EC 476 -12.09 11.22 -86.15
CA VAL EC 477 -10.95 13.78 -88.71
CA SER EC 478 -9.12 11.14 -90.75
CA LEU EC 479 -12.13 8.80 -90.91
CA VAL EC 480 -15.20 11.04 -91.13
CA LEU EC 481 -13.64 12.83 -94.11
CA VAL EC 482 -13.39 9.52 -95.97
CA GLY EC 483 -16.90 8.58 -94.86
CA VAL EC 484 -18.51 11.78 -96.10
CA VAL EC 485 -16.47 11.39 -99.29
CA THR EC 486 -17.94 7.91 -99.66
CA LEU EC 487 -21.50 9.07 -99.05
CA TYR EC 488 -21.40 12.11 -101.35
CA LEU EC 489 -19.60 10.25 -104.14
CA GLY EC 490 -22.11 7.41 -103.80
CA VAL EC 491 -24.91 9.89 -104.29
CA MET EC 492 -22.87 11.15 -107.25
CA VAL EC 493 -21.76 7.85 -108.85
CA GLN EC 494 -25.41 6.78 -108.76
CA ALA EC 495 -25.80 9.49 -111.43
CA PHE FC 1 67.47 37.20 -161.86
CA HIS FC 2 65.60 34.60 -163.91
CA LEU FC 3 62.25 36.10 -164.92
CA THR FC 4 58.91 34.30 -165.13
CA THR FC 5 55.26 35.27 -164.61
CA ARG FC 6 52.80 34.42 -161.85
CA ASN FC 7 49.29 35.75 -161.24
CA GLY FC 8 49.75 37.85 -164.36
CA GLU FC 9 52.75 39.68 -162.86
CA PRO FC 10 56.50 39.45 -163.51
CA HIS FC 11 58.53 37.36 -161.08
CA MET FC 12 62.33 37.68 -161.08
CA ILE FC 13 64.44 35.33 -158.95
CA VAL FC 14 67.67 37.04 -157.92
CA SER FC 15 70.80 35.49 -156.47
CA ARG FC 16 74.27 36.45 -155.25
CA GLN FC 17 75.46 36.82 -158.87
CA GLU FC 18 73.60 40.15 -158.88
CA LYS FC 19 73.69 41.33 -155.26
CA GLY FC 20 73.21 44.86 -153.99
CA LYS FC 21 73.11 46.25 -157.53
CA SER FC 22 70.46 47.87 -159.69
CA LEU FC 23 68.22 45.31 -161.37
CA LEU FC 24 67.50 46.13 -165.01
CA PHE FC 25 65.23 44.56 -167.62
CA LYS FC 26 63.31 45.26 -170.82
CA THR FC 27 59.70 44.04 -170.73
CA GLU FC 28 56.45 44.81 -172.52
CA ASP FC 29 55.76 47.55 -169.98
CA GLY FC 30 59.09 49.15 -170.91
CA VAL FC 31 62.51 49.71 -169.35
CA ASN FC 32 62.17 48.10 -165.91
CA MET FC 33 64.67 49.67 -163.47
CA CYS FC 34 64.26 47.99 -160.09
CA THR FC 35 66.30 48.65 -156.96
CA LEU FC 36 66.58 45.66 -154.63
CA MET FC 37 67.60 47.49 -151.47
CA ALA FC 38 66.91 44.48 -149.25
CA MET FC 39 69.11 43.01 -146.50
CA ASP FC 40 69.21 39.23 -146.17
CA LEU FC 41 70.00 38.57 -149.83
CA GLY FC 42 72.81 36.01 -149.81
CA GLU FC 43 73.45 33.05 -152.07
CA LEU FC 44 70.32 31.28 -153.24
CA CYS FC 45 68.66 28.97 -150.72
CA GLU FC 46 65.43 27.03 -150.07
CA ASP FC 47 64.03 29.58 -147.59
CA THR FC 48 62.31 31.36 -150.46
CA ILE FC 49 61.33 34.82 -149.22
CA THR FC 50 59.16 36.70 -151.71
CA TYR FC 51 58.25 40.36 -152.10
CA LYS FC 52 56.16 42.85 -154.02
CA CYS FC 53 58.27 45.64 -155.40
CA PRO FC 54 55.47 48.24 -155.65
CA PHE FC 55 54.84 50.60 -158.54
CA LEU FC 56 56.28 54.00 -157.62
CA LYS FC 57 56.28 56.71 -160.27
CA GLN FC 58 58.25 59.66 -158.82
CA ASN FC 59 57.51 59.88 -155.08
CA GLU FC 60 59.94 59.54 -152.16
CA PRO FC 61 60.38 55.83 -151.34
CA GLU FC 62 60.43 54.83 -147.69
CA ASP FC 63 59.71 51.81 -145.50
CA ILE FC 64 60.19 49.46 -148.47
CA ASP FC 65 62.68 46.71 -149.24
CA CYS FC 66 62.54 46.74 -153.04
CA TRP FC 67 60.93 48.98 -155.63
CA CYS FC 68 60.64 49.54 -159.37
CA ASN FC 69 60.01 52.74 -161.30
CA SER FC 70 58.10 50.96 -164.10
CA THR FC 71 55.50 48.62 -162.62
CA SER FC 72 54.70 46.43 -159.66
CA THR FC 73 56.54 43.12 -159.71
CA TRP FC 74 57.43 40.03 -157.71
CA VAL FC 75 60.94 39.32 -156.49
CA THR FC 76 62.25 36.36 -154.50
CA TYR FC 77 65.46 35.05 -152.99
CA GLY FC 78 66.93 32.83 -150.28
CA THR FC 79 68.17 33.47 -146.76
CA CYS FC 80 70.63 30.74 -145.73
CA THR FC 81 74.26 31.57 -145.03
CA THR FC 82 77.19 30.77 -147.31
CA THR FC 83 78.14 27.44 -145.75
CA GLY FC 84 74.53 26.19 -145.65
CA GLU FC 85 72.06 26.24 -142.77
CA HIS FC 86 68.39 26.85 -142.06
CA ARG FC 87 68.66 30.33 -140.54
CA ARG FC 88 69.91 32.18 -137.44
CA GLU FC 89 69.53 30.29 -134.15
CA LYS FC 90 67.47 31.51 -131.19
CA ARG FC 91 66.35 30.15 -127.83
CA SER FC 92 62.76 30.55 -126.65
CA VAL FC 93 59.61 28.75 -125.35
CA ALA FC 94 59.02 28.52 -121.60
CA LEU FC 95 58.53 25.07 -120.10
CA VAL FC 96 59.53 22.95 -117.11
CA PRO FC 97 58.04 19.72 -115.68
CA HIS FC 98 57.38 18.52 -112.20
CA VAL FC 99 60.29 16.75 -110.51
CA GLY FC 100 59.95 13.03 -110.21
CA MET FC 101 59.66 10.40 -107.53
CA GLY FC 102 61.84 7.30 -107.41
CA LEU FC 103 63.54 4.64 -105.27
CA GLU FC 104 61.37 5.69 -102.30
CA THR FC 105 57.95 4.01 -102.75
CA ARG FC 106 54.75 5.36 -101.19
CA THR FC 107 53.86 3.28 -98.10
CA GLU FC 108 54.72 3.73 -94.41
CA THR FC 109 57.66 1.35 -93.83
CA TRP FC 110 61.47 1.04 -93.41
CA MET FC 111 61.74 2.53 -89.87
CA SER FC 112 63.83 5.36 -91.38
CA SER FC 113 64.19 8.76 -89.73
CA GLU FC 114 62.68 10.64 -92.68
CA GLY FC 115 59.86 8.12 -93.06
CA ALA FC 116 59.25 7.99 -89.31
CA TRP FC 117 59.11 11.78 -88.88
CA LYS FC 118 57.21 12.51 -92.11
CA HIS FC 119 53.88 11.54 -90.55
CA ALA FC 120 54.41 13.72 -87.48
CA GLN FC 121 55.66 16.63 -89.61
CA ARG FC 122 52.56 16.37 -91.79
CA ILE FC 123 50.32 16.21 -88.70
CA GLU FC 124 51.82 19.38 -87.24
CA THR FC 125 51.73 21.12 -90.63
CA TRP FC 126 48.03 20.27 -90.90
CA ILE FC 127 47.47 21.53 -87.36
CA LEU FC 128 49.22 24.81 -88.17
CA ARG FC 129 47.22 25.16 -91.39
CA HIS FC 130 43.97 24.03 -89.68
CA PRO FC 131 43.63 25.81 -86.33
CA GLY FC 132 39.82 25.78 -86.52
CA PHE FC 133 39.56 22.02 -86.91
CA THR FC 134 42.05 21.62 -84.07
CA ILE FC 135 39.91 23.80 -81.80
CA MET FC 136 36.78 21.90 -82.84
CA ALA FC 137 38.43 18.57 -82.04
CA ALA FC 138 39.59 19.90 -78.68
CA ILE FC 139 36.04 21.04 -77.86
CA LEU FC 140 34.62 17.65 -78.83
CA ALA FC 141 37.23 15.93 -76.67
CA TYR FC 142 36.35 18.21 -73.76
CA THR FC 143 32.62 17.53 -74.05
CA ILE FC 144 32.83 13.77 -74.62
CA GLY FC 145 35.82 13.25 -72.32
CA THR FC 146 35.03 12.73 -68.65
CA THR FC 147 38.69 12.34 -67.62
CA HIS FC 148 41.69 14.44 -68.62
CA PHE FC 149 43.50 11.36 -69.92
CA GLN FC 150 40.53 10.44 -72.13
CA ARG FC 151 40.31 14.11 -73.16
CA ALA FC 152 43.92 14.19 -74.36
CA LEU FC 153 43.74 10.75 -75.96
CA ILE FC 154 40.61 11.63 -77.94
CA PHE FC 155 42.05 14.99 -78.98
CA ILE FC 156 45.23 13.32 -80.24
CA LEU FC 157 43.22 10.62 -82.03
CA LEU FC 158 41.02 13.18 -83.78
CA THR FC 159 43.96 15.39 -84.80
CA ALA FC 160 45.83 12.35 -86.16
CA VAL FC 161 42.87 10.73 -87.94
CA ALA FC 162 41.32 13.80 -89.61
CA PRO FC 163 44.26 14.37 -92.03
CA SER FC 164 44.60 10.68 -92.88
CA MET FC 165 41.12 10.73 -94.43
CA THR FC 166 42.33 13.25 -97.02
CA PHE GC 1 80.54 63.81 -147.50
CA HIS GC 2 83.36 65.15 -145.29
CA LEU GC 3 86.22 62.71 -144.81
CA THR GC 4 87.18 63.69 -141.25
CA THR GC 5 89.37 61.93 -138.68
CA ARG GC 6 86.79 60.89 -136.10
CA ASN GC 7 88.03 58.72 -133.22
CA GLY GC 8 91.27 58.49 -135.21
CA GLU GC 9 89.65 56.81 -138.22
CA PRO GC 10 88.03 57.99 -141.47
CA HIS GC 11 84.51 59.32 -140.99
CA MET GC 12 81.89 60.27 -143.60
CA ILE GC 13 78.53 62.06 -143.50
CA VAL GC 14 76.28 60.89 -146.35
CA SER GC 15 73.01 62.72 -146.94
CA ARG GC 16 69.93 62.00 -149.05
CA GLN GC 17 70.88 64.18 -152.04
CA GLU GC 18 72.56 61.01 -153.35
CA LYS GC 19 71.06 57.67 -152.36
CA GLY GC 20 71.14 54.02 -153.31
CA LYS GC 21 74.48 54.46 -155.07
CA SER GC 22 78.06 53.58 -154.20
CA LEU GC 23 80.13 56.49 -152.91
CA LEU GC 24 83.64 57.26 -154.15
CA PHE GC 25 86.41 59.05 -152.27
CA LYS GC 26 90.16 59.19 -151.67
CA THR GC 27 92.36 58.11 -148.76
CA GLU GC 28 96.04 57.42 -148.16
CA ASP GC 29 95.52 53.86 -149.39
CA GLY GC 30 94.07 55.13 -152.69
CA VAL GC 31 90.66 55.49 -154.26
CA ASN GC 32 87.94 53.81 -152.20
CA MET GC 33 84.45 52.96 -153.46
CA CYS GC 34 81.98 52.40 -150.62
CA THR GC 35 78.74 50.43 -150.62
CA LEU GC 36 75.81 51.59 -148.48
CA MET GC 37 72.89 49.15 -148.35
CA ALA GC 38 71.16 50.99 -145.49
CA MET GC 39 67.52 50.95 -146.57
CA ASP GC 40 66.15 53.27 -143.85
CA LEU GC 41 68.04 56.34 -145.03
CA GLY GC 42 66.72 59.90 -144.95
CA GLU GC 43 68.14 63.42 -145.20
CA LEU GC 44 70.62 64.86 -142.74
CA CYS GC 45 69.16 66.30 -139.53
CA GLU GC 46 69.73 66.09 -135.79
CA ASP GC 47 68.82 62.39 -135.53
CA THR GC 48 72.20 61.22 -136.77
CA ILE GC 49 72.72 57.46 -136.86
CA THR GC 50 76.38 56.40 -137.11
CA TYR GC 51 78.25 53.25 -138.22
CA LYS GC 52 81.78 51.85 -138.25
CA CYS GC 53 81.85 50.48 -141.79
CA PRO GC 54 83.83 47.20 -141.89
CA PHE GC 55 86.48 46.06 -144.35
CA LEU GC 56 85.77 43.15 -146.70
CA LYS GC 57 88.25 41.66 -149.18
CA GLN GC 58 86.41 38.92 -151.13
CA ASN GC 59 83.85 37.30 -148.81
CA GLU GC 60 80.16 37.66 -149.52
CA PRO GC 61 78.68 40.73 -147.77
CA GLU GC 62 76.03 39.32 -145.43
CA ASP GC 63 73.80 40.98 -142.83
CA ILE GC 64 75.61 44.34 -143.06
CA ASP GC 65 74.76 47.66 -144.67
CA CYS GC 66 78.15 49.17 -145.44
CA TRP GC 67 81.32 47.77 -146.95
CA CYS GC 68 84.31 48.81 -149.06
CA ASN GC 69 87.15 46.98 -150.87
CA SER GC 70 90.21 48.43 -149.09
CA THR GC 71 89.55 49.80 -145.62
CA SER GC 72 87.06 50.40 -142.81
CA THR GC 73 85.52 53.76 -141.96
CA TRP GC 74 82.69 55.54 -140.12
CA VAL GC 75 79.60 56.36 -142.20
CA THR GC 76 76.74 58.38 -140.69
CA TYR GC 77 73.47 59.84 -141.88
CA GLY GC 78 70.21 61.36 -140.76
CA THR GC 79 66.84 59.63 -140.54
CA CYS GC 80 64.33 62.48 -140.70
CA THR GC 81 61.41 61.97 -143.06
CA THR GC 82 60.39 64.35 -145.84
CA THR GC 83 58.83 66.83 -143.41
CA GLY GC 84 62.18 66.95 -141.59
CA GLU GC 85 60.89 65.48 -138.31
CA HIS GC 86 62.23 62.72 -136.06
CA ARG GC 87 61.16 59.09 -135.96
CA ARG GC 88 57.47 58.43 -135.41
CA GLU GC 89 55.39 55.52 -134.10
CA LYS GC 90 52.90 54.56 -131.38
CA ARG GC 91 51.94 53.31 -128.83
CA SER GC 92 53.20 52.49 -125.34
CA VAL GC 93 51.22 51.55 -122.22
CA ALA GC 94 50.20 53.50 -119.13
CA LEU GC 95 48.29 51.97 -116.24
CA VAL GC 96 44.65 53.08 -116.23
CA PRO GC 97 43.98 55.28 -113.16
CA HIS GC 98 41.00 55.33 -110.82
CA VAL GC 99 39.86 56.85 -107.52
CA GLY GC 100 40.73 55.54 -104.07
CA MET GC 101 43.67 53.39 -103.02
CA GLY GC 102 43.08 49.73 -103.79
CA LEU GC 103 45.32 47.66 -101.50
CA GLU GC 104 43.18 44.71 -100.43
CA THR GC 105 43.49 42.23 -103.32
CA ARG GC 106 46.53 40.51 -104.81
CA THR GC 107 47.61 37.04 -105.97
CA GLU GC 108 45.56 34.61 -108.07
CA THR GC 109 43.47 31.68 -106.86
CA TRP GC 110 44.10 27.97 -106.49
CA MET GC 111 40.79 26.41 -107.47
CA SER GC 112 40.74 23.40 -105.14
CA SER GC 113 42.00 25.02 -101.94
CA GLU GC 114 40.02 28.22 -102.37
CA GLY GC 115 36.88 26.27 -103.25
CA ALA GC 116 37.34 24.22 -100.08
CA TRP GC 117 37.90 27.34 -97.95
CA LYS GC 118 35.18 29.42 -99.64
CA HIS GC 119 32.64 28.46 -96.99
CA ALA GC 120 35.00 29.22 -94.10
CA GLN GC 121 35.97 32.61 -95.54
CA ARG GC 122 32.42 33.49 -96.62
CA ILE GC 123 30.92 32.86 -93.18
CA GLU GC 124 33.54 35.16 -91.64
CA THR GC 125 33.09 37.95 -94.18
CA TRP GC 126 29.30 37.76 -93.92
CA ILE GC 127 29.16 37.58 -90.12
CA LEU GC 128 31.51 40.57 -89.92
CA ARG GC 129 29.68 42.61 -92.57
CA HIS GC 130 26.23 42.31 -90.90
CA PRO GC 131 26.45 42.86 -87.13
CA GLY GC 132 22.73 43.62 -87.04
CA PHE GC 133 21.81 40.13 -88.18
CA THR GC 134 24.43 38.84 -85.74
CA ILE GC 135 22.47 40.50 -82.95
CA MET GC 136 19.10 39.19 -84.13
CA ALA GC 137 20.40 35.64 -84.60
CA ALA GC 138 22.03 35.74 -81.18
CA ILE GC 139 18.80 36.94 -79.55
CA LEU GC 140 16.74 34.25 -81.29
CA ALA GC 141 19.22 31.57 -80.23
CA TYR GC 142 19.19 32.90 -76.66
CA THR GC 143 15.40 32.70 -76.48
CA ILE GC 144 14.88 29.35 -78.21
CA GLY GC 145 17.77 27.39 -76.72
CA THR GC 146 16.77 26.09 -73.28
CA THR GC 147 20.33 25.18 -72.20
CA HIS GC 148 23.66 26.64 -73.23
CA PHE GC 149 24.74 24.19 -75.92
CA GLN GC 150 21.37 24.35 -77.68
CA ARG GC 151 21.79 28.13 -77.79
CA ALA GC 152 25.28 27.88 -79.26
CA LEU GC 153 24.18 25.22 -81.74
CA ILE GC 154 21.24 27.24 -83.06
CA PHE GC 155 23.46 30.32 -83.24
CA ILE GC 156 26.20 28.64 -85.29
CA LEU GC 157 23.69 26.91 -87.61
CA LEU GC 158 21.93 30.19 -88.39
CA THR GC 159 25.24 31.97 -88.93
CA ALA GC 160 26.22 29.23 -91.39
CA VAL GC 161 22.83 29.24 -93.12
CA ALA GC 162 22.58 33.00 -93.66
CA PRO GC 163 25.33 33.33 -96.31
CA SER GC 164 24.13 30.20 -98.11
CA MET GC 165 20.63 31.49 -98.87
CA THR GC 166 22.18 34.61 -100.41
CA PHE HC 1 34.25 62.42 -167.60
CA HIS HC 2 30.57 63.43 -167.44
CA LEU HC 3 30.14 66.78 -165.67
CA THR HC 4 26.99 67.88 -163.83
CA THR HC 5 26.18 70.70 -161.40
CA ARG HC 6 25.07 69.55 -157.94
CA ASN HC 7 25.02 71.66 -154.77
CA GLY HC 8 26.46 74.55 -156.75
CA GLU HC 9 29.62 72.53 -157.48
CA PRO HC 10 30.71 70.28 -160.37
CA HIS HC 11 30.15 66.54 -160.10
CA MET HC 12 32.29 64.24 -162.27
CA ILE HC 13 31.20 60.74 -163.28
CA VAL HC 14 34.06 58.52 -164.44
CA SER HC 15 34.05 54.95 -165.75
CA ARG HC 16 36.78 52.36 -166.08
CA GLN HC 17 36.92 53.03 -169.83
CA GLU HC 18 39.33 55.83 -168.83
CA LYS HC 19 40.97 53.81 -166.06
CA GLY HC 20 44.58 54.53 -165.16
CA LYS HC 21 44.79 57.85 -166.99
CA SER HC 22 44.90 61.40 -165.68
CA LEU HC 23 41.65 63.36 -165.58
CA LEU HC 24 42.04 65.91 -168.40
CA PHE HC 25 39.29 68.11 -169.84
CA LYS HC 26 38.46 71.75 -170.55
CA THR HC 27 35.74 74.03 -169.12
CA GLU HC 28 35.23 77.74 -168.51
CA ASP HC 29 36.80 77.47 -165.05
CA GLY HC 30 40.16 77.02 -166.77
CA VAL HC 31 42.57 74.29 -167.84
CA ASN HC 32 41.33 71.72 -165.31
CA MET HC 33 44.23 69.32 -165.10
CA CYS HC 34 43.35 66.62 -162.59
CA THR HC 35 44.31 63.10 -161.58
CA LEU HC 36 42.66 60.00 -160.11
CA MET HC 37 45.11 57.67 -158.42
CA ALA HC 38 43.37 55.08 -156.22
CA MET HC 39 42.85 51.62 -157.71
CA ASP HC 40 39.50 50.93 -156.04
CA LEU HC 41 37.77 51.78 -159.34
CA GLY HC 42 35.36 49.23 -160.75
CA GLU HC 43 33.20 49.20 -163.85
CA LEU HC 44 30.14 51.39 -164.25
CA CYS HC 45 27.33 50.00 -162.10
CA GLU HC 46 24.82 51.14 -159.48
CA ASP HC 47 27.35 51.13 -156.61
CA THR HC 48 28.25 54.78 -156.98
CA ILE HC 49 30.96 56.22 -154.71
CA THR HC 50 31.74 59.94 -154.54
CA TYR HC 51 34.57 62.32 -153.61
CA LYS HC 52 35.55 65.95 -153.45
CA CYS HC 53 38.83 66.56 -155.24
CA PRO HC 54 40.71 69.41 -153.51
CA PHE HC 55 42.40 72.37 -155.18
CA LEU HC 56 46.17 72.75 -155.34
CA LYS HC 57 47.88 75.86 -154.01
CA GLN HC 58 51.47 74.66 -153.58
CA ASN HC 59 51.51 71.25 -151.87
CA GLU HC 60 52.43 67.92 -153.39
CA PRO HC 61 49.41 65.64 -153.98
CA GLU HC 62 48.85 63.93 -150.65
CA ASP HC 63 46.12 62.61 -148.31
CA ILE HC 64 43.47 62.39 -151.08
CA ASP HC 65 42.92 59.78 -153.77
CA CYS HC 66 42.05 62.44 -156.35
CA TRP HC 67 43.92 65.68 -156.98
CA CYS HC 68 42.91 68.65 -159.16
CA ASN HC 69 44.87 71.90 -159.52
CA SER HC 70 42.44 74.37 -161.12
CA THR HC 71 39.13 74.15 -159.22
CA SER HC 72 37.70 71.86 -156.55
CA THR HC 73 35.37 69.30 -158.11
CA TRP HC 74 33.53 66.17 -157.03
CA VAL HC 75 34.50 62.89 -158.69
CA THR HC 76 32.31 59.79 -158.46
CA TYR HC 77 32.60 56.36 -160.05
CA GLY HC 78 31.78 52.68 -159.67
CA THR HC 79 33.40 50.17 -157.33
CA CYS HC 80 31.74 46.82 -158.03
CA THR HC 81 34.03 43.94 -158.98
CA THR HC 82 34.44 42.99 -162.63
CA THR HC 83 31.83 40.21 -162.37
CA GLY HC 84 29.04 42.74 -161.72
CA GLU HC 85 28.85 41.94 -157.99
CA HIS HC 86 28.82 44.50 -155.19
CA ARG HC 87 31.62 44.56 -152.66
CA ARG HC 88 31.21 42.31 -149.65
CA GLU HC 89 33.11 40.73 -146.76
CA LYS HC 90 32.79 37.22 -145.35
CA ARG HC 91 32.53 38.31 -141.71
CA SER HC 92 29.30 37.29 -139.97
CA VAL HC 93 27.33 38.05 -136.79
CA ALA HC 94 24.86 35.85 -134.90
CA LEU HC 95 24.47 34.12 -131.53
CA VAL HC 96 23.59 30.77 -129.93
CA PRO HC 97 19.88 29.84 -130.31
CA HIS HC 98 19.87 26.50 -128.45
CA VAL HC 99 18.64 27.16 -124.90
CA GLY HC 100 17.06 30.22 -123.32
CA MET HC 101 14.15 30.57 -120.88
CA GLY HC 102 14.04 32.86 -117.84
CA LEU HC 103 10.45 33.32 -116.66
CA GLU HC 104 7.19 32.39 -118.40
CA THR HC 105 3.70 30.92 -118.09
CA ARG HC 106 0.42 31.83 -116.54
CA THR HC 107 0.54 33.42 -113.09
CA GLU HC 108 -0.82 31.17 -110.30
CA THR HC 109 -1.41 27.53 -111.24
CA TRP HC 110 2.08 27.52 -112.69
CA MET HC 111 3.29 29.23 -109.53
CA SER HC 112 1.72 26.63 -107.24
CA SER HC 113 2.59 23.59 -109.37
CA GLU HC 114 6.16 24.56 -110.23
CA GLY HC 115 6.76 25.71 -106.65
CA ALA HC 116 5.66 22.31 -105.37
CA TRP HC 117 7.72 20.45 -107.97
CA LYS HC 118 10.85 22.62 -107.75
CA HIS HC 119 10.86 22.43 -103.96
CA ALA HC 120 10.22 18.68 -104.18
CA GLN HC 121 13.09 18.06 -106.59
CA ARG HC 122 15.46 20.45 -104.78
CA ILE HC 123 14.84 18.88 -101.37
CA GLU HC 124 14.85 15.39 -102.87
CA THR HC 125 18.22 16.01 -104.54
CA TRP HC 126 19.55 17.33 -101.21
CA ILE HC 127 18.27 14.14 -99.54
CA LEU HC 128 19.67 11.69 -102.13
CA ARG HC 129 22.68 13.62 -103.43
CA HIS HC 130 23.85 13.76 -99.77
CA PRO HC 131 21.92 11.11 -97.80
CA GLY HC 132 23.93 10.35 -94.67
CA PHE HC 133 23.78 13.92 -93.39
CA THR HC 134 20.00 13.62 -93.48
CA ILE HC 135 19.69 10.51 -91.32
CA MET HC 136 22.37 11.65 -88.87
CA ALA HC 137 20.62 15.01 -88.50
CA ALA HC 138 17.26 13.29 -88.03
CA ILE HC 139 18.51 11.01 -85.25
CA LEU HC 140 20.44 13.89 -83.65
CA ALA HC 141 17.27 16.01 -83.57
CA TYR HC 142 15.14 13.17 -82.24
CA THR HC 143 17.69 12.64 -79.45
CA ILE HC 144 18.41 16.29 -78.59
CA GLY HC 145 15.37 18.44 -79.32
CA THR HC 146 13.08 18.79 -76.32
CA THR HC 147 9.83 19.33 -78.23
CA HIS HC 148 8.68 18.08 -81.61
CA PHE HC 149 8.70 21.69 -82.83
CA GLN HC 150 12.28 22.07 -81.62
CA ARG HC 151 13.28 18.75 -83.20
CA ALA HC 152 11.66 19.86 -86.45
CA LEU HC 153 13.72 23.05 -86.39
CA ILE HC 154 16.88 21.05 -85.67
CA PHE HC 155 16.80 18.51 -88.46
CA ILE HC 156 15.09 20.71 -91.07
CA LEU HC 157 17.80 23.34 -90.54
CA LEU HC 158 20.58 20.74 -90.59
CA THR HC 159 19.22 19.23 -93.81
CA ALA HC 160 19.01 22.74 -95.28
CA VAL HC 161 22.58 23.73 -94.41
CA ALA HC 162 24.62 20.53 -94.74
CA PRO HC 163 24.17 19.81 -98.49
CA SER HC 164 24.92 23.46 -99.25
CA MET HC 165 27.89 23.23 -96.89
CA THR HC 166 28.98 19.96 -98.50
CA MET IC 1 3.98 129.91 -1.22
CA ARG IC 2 7.12 130.96 -3.07
CA CYS IC 3 7.99 128.00 -5.26
CA ILE IC 4 6.01 128.04 -8.50
CA GLY IC 5 7.66 127.07 -11.78
CA ILE IC 6 10.62 125.31 -10.18
CA SER IC 7 10.67 121.89 -11.82
CA ASN IC 8 12.11 119.96 -8.85
CA ARG IC 9 9.46 120.37 -6.16
CA ASP IC 10 9.97 117.61 -3.59
CA PHE IC 11 7.30 116.57 -1.11
CA VAL IC 12 7.15 115.27 2.47
CA GLU IC 13 3.65 113.79 2.85
CA GLY IC 14 3.44 113.32 6.60
CA VAL IC 15 5.12 113.68 9.98
CA SER IC 16 5.72 111.50 13.05
CA GLY IC 17 5.96 112.16 16.77
CA GLY IC 18 9.71 112.71 16.74
CA SER IC 19 9.30 115.15 13.81
CA TRP IC 20 13.05 114.97 13.15
CA VAL IC 21 12.61 115.25 9.40
CA ASP IC 22 15.92 115.37 7.51
CA ILE IC 23 15.12 117.36 4.39
CA VAL IC 24 17.14 117.00 1.22
CA LEU IC 25 17.89 120.22 -0.62
CA GLU IC 26 19.61 121.02 -3.91
CA HIS IC 27 20.17 123.94 -6.27
CA GLY IC 28 17.10 124.92 -8.26
CA SER IC 29 14.79 122.62 -6.30
CA CYS IC 30 12.23 123.49 -3.64
CA VAL IC 31 10.85 121.34 -0.84
CA THR IC 32 7.42 121.21 0.80
CA THR IC 33 6.97 119.97 4.36
CA MET IC 34 3.59 118.74 5.56
CA ALA IC 35 2.55 118.06 9.14
CA LYS IC 36 -0.74 116.91 10.62
CA ASN IC 37 -2.51 120.03 11.93
CA LYS IC 38 0.75 121.99 11.98
CA PRO IC 39 1.87 124.87 9.73
CA THR IC 40 3.06 123.69 6.32
CA LEU IC 41 6.48 124.93 5.26
CA ASP IC 42 8.37 125.64 2.05
CA PHE IC 43 12.16 125.32 2.14
CA GLU IC 44 14.67 126.58 -0.39
CA LEU IC 45 18.28 127.64 -0.72
CA ILE IC 46 18.29 131.03 -2.44
CA LYS IC 47 22.04 131.67 -2.66
CA THR IC 48 25.23 129.67 -2.09
CA GLU IC 49 28.32 131.74 -1.33
CA ALA IC 50 31.80 131.09 0.06
CA LYS IC 51 32.66 134.38 1.73
CA GLN IC 52 36.29 135.42 2.13
CA PRO IC 53 37.79 132.91 -0.34
CA ALA IC 54 41.51 132.21 -0.27
CA THR IC 55 43.90 133.11 -3.10
CA LEU IC 56 45.92 130.31 -4.70
CA ARG IC 57 47.88 131.72 -7.65
CA LYS IC 58 47.56 134.72 -9.95
CA TYR IC 59 48.02 134.52 -13.72
CA CYS IC 60 49.14 137.33 -16.01
CA ILE IC 61 47.08 138.46 -18.99
CA GLU IC 62 48.48 141.69 -20.52
CA ALA IC 63 52.19 142.46 -20.56
CA LYS IC 64 53.75 145.89 -20.53
CA LEU IC 65 57.52 145.84 -20.92
CA THR IC 66 60.46 148.24 -20.93
CA ASN IC 67 64.22 148.58 -20.51
CA THR IC 68 64.82 145.92 -23.17
CA THR IC 69 68.51 145.60 -24.03
CA THR IC 70 70.77 143.48 -26.22
CA ASP IC 71 74.38 143.07 -25.14
CA SER IC 72 76.91 140.89 -26.89
CA ARG IC 73 80.61 140.09 -27.20
CA CYS IC 74 82.78 138.88 -30.04
CA PRO IC 75 83.19 135.10 -30.34
CA THR IC 76 85.86 133.75 -27.96
CA GLN IC 77 85.02 136.38 -25.29
CA GLY IC 78 82.28 134.58 -23.38
CA GLU IC 79 78.68 135.76 -23.41
CA PRO IC 80 78.60 139.00 -21.39
CA SER IC 81 77.18 139.26 -17.89
CA LEU IC 82 74.77 142.09 -17.12
CA ASN IC 83 73.53 143.88 -14.04
CA GLU IC 84 70.17 143.60 -15.79
CA GLU IC 85 70.00 139.81 -15.79
CA GLN IC 86 70.87 139.12 -12.14
CA ASP IC 87 67.49 140.38 -10.85
CA LYS IC 88 64.29 138.33 -11.01
CA ARG IC 89 62.36 141.52 -11.83
CA PHE IC 90 63.41 141.05 -15.48
CA VAL IC 91 62.97 138.24 -18.01
CA CYS IC 92 65.93 137.07 -20.05
CA LYS IC 93 67.67 134.70 -22.39
CA HIS IC 94 71.06 133.92 -23.90
CA SER IC 95 71.40 132.96 -27.54
CA MET IC 96 74.00 132.16 -30.20
CA VAL IC 97 74.37 134.06 -33.48
CA ASP IC 98 76.90 134.09 -36.32
CA ARG IC 99 78.65 137.44 -36.07
CA GLY IC 100 80.45 137.99 -39.37
CA TRP IC 101 83.73 139.70 -40.15
CA GLY IC 102 82.07 142.96 -41.16
CA ASN IC 103 79.95 142.94 -38.02
CA GLY IC 104 81.94 145.07 -35.62
CA CYS IC 105 84.37 142.44 -34.38
CA GLY IC 106 86.14 141.26 -37.50
CA LEU IC 107 86.44 137.60 -36.61
CA PHE IC 108 83.56 135.66 -38.12
CA GLY IC 109 82.10 132.98 -35.89
CA LYS IC 110 79.18 132.05 -33.68
CA GLY IC 111 79.07 133.92 -30.38
CA GLY IC 112 76.77 134.73 -27.49
CA ILE IC 113 74.19 137.49 -27.11
CA VAL IC 114 72.28 138.28 -23.93
CA THR IC 115 68.88 139.85 -24.53
CA CYS IC 116 66.38 141.10 -21.94
CA ALA IC 117 63.86 143.47 -20.50
CA MET IC 118 61.63 144.39 -17.61
CA PHE IC 119 58.31 142.58 -17.30
CA THR IC 120 55.44 144.09 -15.32
CA CYS IC 121 51.94 143.33 -16.59
CA LYS IC 122 48.67 145.13 -16.25
CA LYS IC 123 45.64 142.80 -16.19
CA ASN IC 124 45.85 139.59 -14.19
CA MET IC 125 43.63 136.69 -13.22
CA LYS IC 126 42.40 136.03 -9.71
CA GLY IC 127 42.76 132.34 -8.87
CA LYS IC 128 41.01 131.24 -5.71
CA VAL IC 129 40.29 128.11 -3.68
CA VAL IC 130 37.21 127.30 -1.60
CA GLN IC 131 37.40 125.12 1.52
CA PRO IC 132 34.53 123.27 3.26
CA GLU IC 133 34.79 125.73 6.16
CA ASN IC 134 33.98 128.80 4.09
CA LEU IC 135 30.81 127.32 2.56
CA GLU IC 136 28.02 129.70 3.56
CA TYR IC 137 24.48 128.71 2.58
CA THR IC 138 21.48 131.04 2.56
CA ILE IC 139 18.25 129.24 3.42
CA VAL IC 140 14.76 130.66 2.81
CA ILE IC 141 11.84 129.44 4.93
CA THR IC 142 8.27 130.34 4.02
CA PRO IC 143 4.78 129.59 5.37
CA HIS IC 144 1.80 128.68 3.17
CA SER IC 145 -0.17 131.74 4.20
CA GLY IC 146 -1.15 132.30 0.57
CA GLU IC 147 -0.03 135.92 0.33
CA GLU IC 148 -0.54 137.34 -3.13
CA HIS IC 149 3.06 138.14 -4.14
CA ALA IC 150 4.10 134.51 -3.71
CA VAL IC 151 3.81 132.97 -7.18
CA GLY IC 152 7.11 133.61 -8.93
CA ASN IC 153 8.55 135.61 -6.02
CA ASP IC 154 11.72 134.68 -4.14
CA THR IC 155 13.13 137.46 -1.96
CA GLY IC 156 9.79 139.04 -1.04
CA LYS IC 157 9.48 140.05 2.62
CA HIS IC 158 7.09 137.29 3.64
CA GLY IC 159 9.32 134.60 5.13
CA LYS IC 160 12.70 134.28 6.83
CA GLU IC 161 16.27 134.11 5.56
CA ILE IC 162 18.97 132.40 7.62
CA LYS IC 163 22.75 132.42 7.16
CA ILE IC 164 23.65 128.78 7.74
CA THR IC 165 27.18 127.39 7.84
CA PRO IC 166 28.75 124.12 9.06
CA GLN IC 167 30.65 126.20 11.62
CA SER IC 168 27.21 126.87 13.15
CA SER IC 169 24.98 124.08 14.46
CA ILE IC 170 21.87 125.46 16.24
CA THR IC 171 20.05 128.75 15.78
CA GLU IC 172 16.39 129.59 16.26
CA ALA IC 173 14.53 131.43 13.49
CA GLU IC 174 11.19 133.20 13.71
CA LEU IC 175 8.36 132.77 11.19
CA THR IC 176 6.06 135.73 11.77
CA GLY IC 177 2.57 134.60 12.67
CA TYR IC 178 3.59 130.95 12.88
CA GLY IC 179 6.16 130.84 15.69
CA THR IC 180 9.65 129.35 15.83
CA VAL IC 181 11.70 126.85 13.83
CA THR IC 182 15.12 125.66 14.93
CA MET IC 183 17.97 125.59 12.42
CA GLU IC 184 19.76 122.59 13.92
CA CYS IC 185 20.95 121.91 10.40
CA SER IC 186 23.91 119.87 9.17
CA PRO IC 187 25.56 120.96 5.89
CA ARG IC 188 27.60 117.78 5.55
CA THR IC 189 27.51 116.70 1.93
CA GLY IC 190 30.00 118.80 0.01
CA LEU IC 191 30.49 117.02 -3.31
CA ASP IC 192 34.23 117.55 -3.79
CA PHE IC 193 36.64 120.46 -3.42
CA ASN IC 194 40.23 119.30 -3.96
CA GLU IC 195 39.99 119.57 -7.75
CA MET IC 196 37.83 122.67 -8.22
CA VAL IC 197 39.11 126.24 -8.45
CA LEU IC 198 37.47 129.63 -8.90
CA LEU IC 199 38.71 132.23 -11.40
CA GLN IC 200 37.81 135.92 -11.52
CA MET IC 201 38.37 138.54 -14.26
CA GLU IC 202 37.38 142.12 -13.33
CA ASN IC 203 33.60 141.55 -13.54
CA LYS IC 204 33.13 137.86 -14.37
CA ALA IC 205 34.10 134.46 -12.99
CA TRP IC 206 34.47 130.79 -13.86
CA LEU IC 207 34.92 127.39 -12.22
CA VAL IC 208 37.59 125.00 -13.49
CA HIS IC 209 39.45 121.88 -12.42
CA ARG IC 210 42.69 122.38 -10.49
CA GLN IC 211 44.82 120.53 -13.03
CA TRP IC 212 43.82 123.15 -15.58
CA PHE IC 213 45.51 125.84 -13.49
CA LEU IC 214 48.43 123.54 -12.69
CA ASP IC 215 49.14 122.97 -16.39
CA LEU IC 216 48.16 126.19 -18.16
CA PRO IC 217 51.39 127.78 -19.53
CA LEU IC 218 51.12 131.42 -18.52
CA PRO IC 219 52.99 133.57 -15.98
CA TRP IC 220 52.62 132.73 -12.28
CA LEU IC 221 52.40 134.46 -8.94
CA PRO IC 222 52.14 132.35 -5.76
CA GLY IC 223 49.44 133.60 -3.44
CA ALA IC 224 51.91 134.80 -0.81
CA ASP IC 225 53.69 137.40 -2.94
CA THR IC 226 52.44 140.99 -3.08
CA GLN IC 227 55.06 143.00 -4.99
CA GLY IC 228 54.21 141.42 -8.34
CA SER IC 229 57.92 141.23 -9.20
CA ASN IC 230 58.83 137.54 -8.88
CA TRP IC 231 57.29 135.37 -11.60
CA ILE IC 232 57.56 131.73 -12.68
CA GLN IC 233 57.34 130.48 -16.26
CA LYS IC 234 57.57 134.16 -17.14
CA GLU IC 235 59.25 133.38 -20.48
CA THR IC 236 56.12 131.94 -22.14
CA LEU IC 237 54.52 135.31 -22.91
CA VAL IC 238 57.67 136.81 -24.42
CA THR IC 239 58.31 135.30 -27.83
CA PHE IC 240 61.56 136.32 -29.49
CA LYS IC 241 61.92 137.15 -33.15
CA ASN IC 242 64.69 135.11 -34.71
CA PRO IC 243 68.07 136.53 -33.63
CA HIS IC 244 69.42 139.15 -36.01
CA ALA IC 245 73.16 139.56 -35.48
CA LYS IC 246 73.04 142.08 -32.61
CA LYS IC 247 69.39 143.03 -32.89
CA GLN IC 248 67.17 140.80 -30.81
CA ASP IC 249 63.83 142.49 -30.30
CA VAL IC 250 61.46 140.97 -27.76
CA VAL IC 251 57.70 140.83 -28.22
CA VAL IC 252 54.95 139.33 -26.07
CA LEU IC 253 51.45 137.96 -26.61
CA GLY IC 254 48.77 140.62 -26.62
CA SER IC 255 45.18 140.59 -25.43
CA GLN IC 256 44.57 137.11 -24.04
CA GLU IC 257 41.07 137.93 -22.75
CA GLY IC 258 39.58 136.91 -26.09
CA ALA IC 259 41.65 133.73 -26.13
CA MET IC 260 40.52 132.95 -22.60
CA HIS IC 261 36.86 133.57 -23.44
CA THR IC 262 36.89 131.44 -26.60
CA ALA IC 263 38.94 128.60 -25.08
CA LEU IC 264 37.51 128.44 -21.56
CA THR IC 265 33.98 128.24 -22.99
CA GLY IC 266 32.26 125.00 -22.06
CA ALA IC 267 33.42 125.19 -18.44
CA THR IC 268 31.07 126.11 -15.62
CA GLU IC 269 30.29 129.82 -15.93
CA ILE IC 270 29.37 131.43 -12.61
CA GLN IC 271 27.53 134.76 -12.49
CA MET IC 272 29.69 136.43 -9.85
CA SER IC 273 27.90 139.74 -10.49
CA SER IC 274 25.11 138.47 -8.24
CA GLY IC 275 27.73 136.71 -6.11
CA ASN IC 276 29.19 133.26 -6.61
CA LEU IC 277 26.32 130.82 -7.15
CA LEU IC 278 28.15 127.56 -6.37
CA PHE IC 279 26.02 124.82 -7.96
CA THR IC 280 27.65 121.97 -6.06
CA GLY IC 281 26.78 119.56 -3.29
CA HIS IC 282 23.49 118.76 -1.55
CA LEU IC 283 22.18 119.95 1.81
CA LYS IC 284 21.13 117.36 4.40
CA CYS IC 285 19.24 119.47 6.91
CA ARG IC 286 17.58 118.10 10.05
CA LEU IC 287 14.50 120.04 11.20
CA ARG IC 288 12.25 119.49 14.22
CA MET IC 289 8.82 121.11 13.85
CA ASP IC 290 7.74 120.42 17.44
CA LYS IC 291 7.62 124.09 18.51
CA LEU IC 292 6.04 125.67 15.41
CA GLN IC 293 2.61 127.10 16.19
CA LEU IC 294 -0.28 127.60 13.76
CA LYS IC 295 -2.39 130.78 13.97
CA GLY IC 296 -5.95 130.19 12.85
CA MET IC 297 -7.02 126.59 13.39
CA SER IC 298 -9.25 127.99 16.15
CA TYR IC 299 -10.87 130.61 13.92
CA SER IC 300 -14.57 130.45 13.11
CA MET IC 301 -16.01 129.15 9.86
CA CYS IC 302 -16.33 131.42 6.82
CA THR IC 303 -19.98 132.18 5.99
CA GLY IC 304 -19.93 135.11 3.56
CA LYS IC 305 -19.67 135.72 -0.17
CA PHE IC 306 -17.06 133.81 -2.14
CA LYS IC 307 -15.55 134.73 -5.50
CA VAL IC 308 -12.65 133.67 -7.73
CA VAL IC 309 -10.35 136.18 -9.43
CA LYS IC 310 -8.01 134.03 -11.53
CA GLU IC 311 -8.29 130.36 -12.45
CA ILE IC 312 -5.54 127.74 -12.07
CA ALA IC 313 -2.09 128.62 -13.32
CA GLU IC 314 -1.27 125.01 -14.16
CA THR IC 315 1.98 123.87 -12.54
CA GLN IC 316 4.53 121.25 -13.53
CA HIS IC 317 2.88 118.93 -10.97
CA GLY IC 318 -0.66 119.91 -11.96
CA THR IC 319 -1.19 121.46 -8.54
CA ILE IC 320 -4.16 123.81 -8.20
CA VAL IC 321 -3.05 127.30 -7.14
CA ILE IC 322 -6.28 129.21 -6.63
CA ARG IC 323 -5.85 132.99 -6.19
CA VAL IC 324 -9.22 133.73 -4.68
CA GLN IC 325 -10.82 136.78 -3.03
CA TYR IC 326 -13.51 136.57 -0.32
CA GLU IC 327 -15.61 139.72 -0.15
CA GLY IC 328 -17.59 138.15 2.68
CA ASP IC 329 -17.21 139.49 6.20
CA GLY IC 330 -16.27 137.61 9.37
CA SER IC 331 -12.55 137.27 8.65
CA PRO IC 332 -10.46 135.69 10.08
CA CYS IC 333 -12.29 132.43 9.37
CA LYS IC 334 -11.66 128.91 8.12
CA ILE IC 335 -12.38 128.26 4.45
CA PRO IC 336 -14.58 125.46 3.05
CA PHE IC 337 -12.19 123.44 0.91
CA GLU IC 338 -13.37 120.14 -0.60
CA ILE IC 339 -12.10 118.16 -3.59
CA MET IC 340 -14.80 115.73 -4.67
CA ASP IC 341 -15.58 113.25 -7.42
CA LEU IC 342 -17.84 113.56 -10.47
CA GLU IC 343 -20.92 112.19 -8.70
CA LYS IC 344 -19.87 113.98 -5.48
CA ARG IC 345 -19.96 110.90 -3.23
CA HIS IC 346 -16.72 111.03 -1.21
CA VAL IC 347 -13.68 113.29 -0.92
CA LEU IC 348 -10.27 112.03 -2.03
CA GLY IC 349 -8.13 115.17 -2.44
CA ARG IC 350 -5.14 116.48 -0.49
CA LEU IC 351 -5.06 120.17 0.33
CA ILE IC 352 -1.59 121.60 0.92
CA THR IC 353 -2.03 124.77 2.96
CA VAL IC 354 -3.65 123.38 6.09
CA ASN IC 355 -6.19 125.74 7.62
CA PRO IC 356 -6.69 127.99 4.59
CA ILE IC 357 -7.49 131.30 6.24
CA VAL IC 358 -8.23 134.82 5.04
CA THR IC 359 -6.47 137.27 7.33
CA GLU IC 360 -8.38 140.35 6.19
CA LYS IC 361 -11.25 141.42 3.96
CA ASP IC 362 -10.71 142.76 0.44
CA SER IC 363 -7.53 140.72 0.10
CA PRO IC 364 -6.69 137.84 -2.25
CA VAL IC 365 -5.35 134.57 -0.87
CA ASN IC 366 -3.37 131.97 -2.80
CA ILE IC 367 -4.48 128.51 -1.68
CA GLU IC 368 -2.22 125.62 -2.70
CA ALA IC 369 -3.69 122.17 -3.19
CA GLU IC 370 -3.18 118.87 -5.02
CA PRO IC 371 -6.37 117.25 -6.39
CA PRO IC 372 -6.78 113.58 -7.35
CA PHE IC 373 -6.11 112.29 -10.86
CA GLY IC 374 -8.59 112.57 -13.68
CA ASP IC 375 -11.61 114.83 -13.58
CA SER IC 376 -12.97 116.24 -10.33
CA TYR IC 377 -14.82 119.15 -8.72
CA ILE IC 378 -13.38 121.82 -6.42
CA ILE IC 379 -15.88 123.01 -3.82
CA ILE IC 380 -15.24 126.41 -2.23
CA GLY IC 381 -17.69 128.10 0.10
CA VAL IC 382 -21.06 126.94 1.36
CA GLU IC 383 -24.57 127.23 -0.03
CA PRO IC 384 -26.01 129.81 -0.75
CA GLY IC 385 -23.25 131.11 -3.02
CA GLN IC 386 -21.61 127.68 -3.06
CA LEU IC 387 -18.79 127.78 -5.62
CA LYS IC 388 -17.89 124.79 -7.84
CA LEU IC 389 -14.96 124.58 -10.25
CA ASN IC 390 -14.58 121.61 -12.57
CA TRP IC 391 -10.97 120.61 -13.24
CA PHE IC 392 -9.03 117.72 -14.77
CA LYS IC 393 -5.47 116.59 -14.02
CA LYS IC 394 -3.83 114.48 -16.72
CA GLY IC 395 -1.56 112.34 -14.54
CA SER IC 396 -2.08 108.62 -14.07
CA SER IC 397 -2.59 107.13 -10.62
CA ILE IC 398 0.01 104.36 -10.68
CA GLY IC 399 2.28 106.66 -12.67
CA GLN IC 400 2.45 109.51 -10.16
CA MET IC 401 2.62 106.81 -7.49
CA ILE IC 402 5.80 105.36 -8.99
CA GLU IC 403 7.48 108.70 -9.66
CA THR IC 404 6.70 110.04 -6.17
CA THR IC 405 8.02 106.84 -4.57
CA MET IC 406 11.08 107.28 -6.78
CA ARG IC 407 11.57 110.87 -5.59
CA GLY IC 408 11.43 109.54 -2.03
CA ALA IC 409 13.87 106.79 -2.96
CA LYS IC 410 16.33 109.34 -4.37
CA ARG IC 411 15.91 111.55 -1.30
CA MET IC 412 16.81 108.59 0.91
CA ALA IC 413 19.62 107.69 -1.50
CA ILE IC 414 21.38 111.00 -0.91
CA LEU IC 415 20.03 110.92 2.66
CA GLY IC 416 21.60 107.47 2.88
CA ASP IC 417 24.92 106.31 4.28
CA THR IC 418 25.73 107.92 7.66
CA ALA IC 419 22.52 110.01 7.43
CA TRP IC 420 19.53 108.05 8.76
CA ASP IC 421 19.65 107.63 12.53
CA PHE IC 422 21.13 104.16 12.98
CA GLY IC 423 23.28 104.91 16.04
CA SER IC 424 20.42 105.93 18.33
CA LEU IC 425 19.33 102.73 20.06
CA GLY IC 426 15.58 102.61 20.57
CA GLY IC 427 15.33 105.34 17.95
CA VAL IC 428 16.61 102.83 15.39
CA PHE IC 429 13.06 101.50 15.25
CA THR IC 430 11.76 105.02 14.58
CA SER IC 431 14.46 105.62 11.96
CA ILE IC 432 13.51 102.49 10.03
CA GLY IC 433 9.89 103.51 10.44
CA LYS IC 434 10.54 106.92 8.93
CA ALA IC 435 12.56 105.32 6.12
CA LEU IC 436 9.70 102.96 5.28
CA HIS IC 437 7.47 106.02 5.37
CA GLN IC 438 9.61 108.18 3.08
CA VAL IC 439 9.73 105.30 0.56
CA PHE IC 440 6.46 103.32 0.76
CA GLY IC 441 4.10 105.71 2.59
CA ALA IC 442 2.82 107.16 -0.65
CA ILE IC 443 1.70 103.61 -1.48
CA TYR IC 444 0.33 103.27 2.05
CA GLY IC 445 -1.73 106.45 2.21
CA ALA IC 446 -2.81 107.01 -1.40
CA ALA IC 447 -3.39 103.46 -2.67
CA PHE IC 448 -4.24 101.42 0.45
CA SER IC 449 -7.57 103.04 1.36
CA GLY IC 450 -6.38 106.50 2.50
CA VAL IC 451 -6.76 105.30 5.27
CA SER IC 452 -8.95 104.62 8.31
CA TRP IC 453 -6.05 103.01 10.09
CA ILE IC 454 -7.74 100.56 12.50
CA MET IC 455 -9.50 98.47 9.87
CA LYS IC 456 -6.49 98.46 7.56
CA ILE IC 457 -4.14 97.25 10.28
CA LEU IC 458 -6.70 94.51 10.94
CA ILE IC 459 -6.53 93.61 7.24
CA GLY IC 460 -2.74 93.82 7.43
CA VAL IC 461 -2.46 91.32 10.26
CA ILE IC 462 -4.85 89.08 8.32
CA ILE IC 463 -2.53 89.32 5.31
CA THR IC 464 0.46 88.58 7.54
CA TRP IC 465 -1.18 85.45 8.93
CA ILE IC 466 -2.11 84.24 5.44
CA GLY IC 467 1.42 84.88 4.19
CA MET IC 468 2.95 83.01 7.12
CA ASN IC 469 0.46 80.16 6.68
CA SER IC 470 0.95 79.97 2.90
CA ARG IC 471 1.66 77.12 0.49
CA SER IC 472 4.93 78.61 -0.85
CA THR IC 473 7.87 80.17 0.97
CA SER IC 474 8.56 82.76 -1.74
CA LEU IC 475 5.00 84.08 -1.42
CA SER IC 476 5.36 84.04 2.37
CA VAL IC 477 8.50 86.18 2.23
CA SER IC 478 6.85 88.49 -0.31
CA LEU IC 479 3.60 88.98 1.66
CA VAL IC 480 4.56 88.97 5.33
CA LEU IC 481 7.10 91.71 4.59
CA VAL IC 482 4.33 93.86 3.12
CA GLY IC 483 2.11 93.05 6.09
CA VAL IC 484 4.66 94.01 8.75
CA VAL IC 485 5.51 97.17 6.81
CA THR IC 486 1.78 97.97 6.73
CA LEU IC 487 1.36 97.43 10.47
CA TYR IC 488 4.42 99.33 11.67
CA LEU IC 489 4.13 102.13 9.12
CA GLY IC 490 0.48 102.54 10.11
CA VAL IC 491 1.50 102.88 13.74
CA MET IC 492 3.98 105.53 12.60
CA VAL IC 493 1.39 107.32 10.45
CA GLN IC 494 -1.04 107.50 13.38
CA ALA IC 495 1.72 109.54 15.04
CA MET JC 1 90.20 76.86 -57.58
CA ARG JC 2 89.44 80.33 -56.24
CA CYS JC 3 87.25 79.21 -53.32
CA ILE JC 4 90.06 78.76 -50.79
CA GLY JC 5 89.19 81.00 -47.88
CA ILE JC 6 85.59 81.35 -49.10
CA SER JC 7 83.40 80.33 -46.17
CA ASN JC 8 80.16 79.40 -47.97
CA ARG JC 9 80.89 76.46 -50.26
CA ASP JC 10 78.82 73.57 -51.66
CA PHE JC 11 80.24 70.50 -53.39
CA VAL JC 12 77.30 69.75 -55.67
CA GLU JC 13 78.05 66.51 -57.55
CA GLY JC 14 75.56 65.48 -60.21
CA VAL JC 15 73.63 66.30 -63.35
CA SER JC 16 69.92 67.11 -63.47
CA GLY JC 17 67.32 65.60 -65.80
CA GLY JC 18 68.31 67.67 -68.81
CA SER JC 19 71.99 67.32 -67.89
CA TRP JC 20 72.05 70.88 -66.55
CA VAL JC 21 73.47 71.93 -63.21
CA ASP JC 22 71.18 73.93 -60.92
CA ILE JC 23 73.59 76.55 -59.58
CA VAL JC 24 72.73 78.31 -56.36
CA LEU JC 25 74.76 81.50 -56.61
CA GLU JC 26 75.13 84.09 -53.83
CA HIS JC 27 77.58 86.95 -53.39
CA GLY JC 28 80.55 85.76 -51.39
CA SER JC 29 79.82 82.07 -51.96
CA CYS JC 30 81.21 79.16 -53.96
CA VAL JC 31 79.91 76.41 -56.21
CA THR JC 32 81.84 73.36 -57.43
CA THR JC 33 80.32 70.96 -59.96
CA MET JC 34 81.36 67.32 -60.27
CA ALA JC 35 80.37 64.20 -62.18
CA LYS JC 36 82.02 61.02 -63.42
CA ASN JC 37 83.27 61.13 -67.00
CA LYS JC 38 82.90 64.90 -66.59
CA PRO JC 39 85.71 67.31 -65.58
CA THR JC 40 85.09 69.24 -62.38
CA LEU JC 41 84.33 72.96 -62.63
CA ASP JC 42 84.19 75.93 -60.25
CA PHE JC 43 81.26 78.35 -60.57
CA GLU JC 44 81.47 81.82 -59.05
CA LEU JC 45 80.08 85.36 -59.29
CA ILE JC 46 82.41 88.36 -59.09
CA LYS JC 47 80.45 91.47 -60.10
CA THR JC 48 76.87 92.72 -60.13
CA GLU JC 49 75.72 95.81 -61.99
CA ALA JC 50 72.55 97.56 -63.14
CA LYS JC 51 72.56 99.39 -66.47
CA GLN JC 52 69.98 101.66 -68.10
CA PRO JC 53 68.29 102.54 -64.79
CA ALA JC 54 64.98 104.37 -64.68
CA THR JC 55 64.71 107.76 -62.97
CA LEU JC 56 61.85 107.36 -60.50
CA ARG JC 57 62.03 110.95 -59.31
CA LYS JC 58 64.65 113.70 -59.56
CA TYR JC 59 65.49 115.72 -56.44
CA CYS JC 60 67.25 119.06 -56.82
CA ILE JC 61 68.95 119.91 -53.56
CA GLU JC 62 70.47 123.39 -53.82
CA ALA JC 63 68.01 126.11 -54.79
CA LYS JC 64 68.85 129.53 -56.22
CA LEU JC 65 66.16 132.21 -56.13
CA THR JC 66 65.63 135.03 -58.63
CA ASN JC 67 63.25 137.72 -59.88
CA THR JC 68 61.37 137.79 -56.60
CA THR JC 69 58.30 140.01 -56.57
CA THR JC 70 56.22 141.28 -53.67
CA ASP JC 71 53.16 143.50 -53.57
CA SER JC 72 50.36 144.39 -51.19
CA ARG JC 73 46.98 146.07 -51.15
CA CYS JC 74 45.28 147.82 -48.25
CA PRO JC 75 42.22 146.28 -46.58
CA THR JC 76 39.05 146.49 -48.72
CA GLN JC 77 41.08 147.81 -51.69
CA GLY JC 78 41.43 144.33 -53.17
CA GLU JC 79 43.59 141.22 -53.35
CA PRO JC 80 46.41 141.67 -55.90
CA SER JC 81 46.87 139.10 -58.65
CA LEU JC 82 49.96 138.97 -60.85
CA ASN JC 83 50.69 137.20 -64.11
CA GLU JC 84 53.85 135.93 -62.39
CA GLU JC 85 51.56 133.79 -60.23
CA GLN JC 86 49.93 132.04 -63.19
CA ASP JC 87 53.26 130.73 -64.51
CA LYS JC 88 53.99 127.72 -62.31
CA ARG JC 89 57.77 128.21 -62.48
CA PHE JC 90 57.56 130.49 -59.42
CA VAL JC 91 56.84 129.58 -55.81
CA CYS JC 92 54.15 131.92 -54.49
CA LYS JC 93 52.45 132.75 -51.20
CA HIS JC 94 49.61 134.99 -50.07
CA SER JC 95 49.57 136.70 -46.69
CA MET JC 96 47.95 139.26 -44.40
CA VAL JC 97 49.59 142.35 -42.86
CA ASP JC 98 48.32 145.26 -40.81
CA ARG JC 99 48.08 148.71 -42.40
CA GLY JC 100 46.91 151.99 -40.89
CA TRP JC 101 45.75 155.51 -41.60
CA GLY JC 102 49.06 156.95 -40.45
CA ASN JC 103 50.95 153.95 -41.86
CA GLY JC 104 51.00 155.13 -45.46
CA CYS JC 105 47.41 154.13 -46.20
CA GLY JC 106 43.79 154.93 -45.38
CA LEU JC 107 42.62 152.90 -42.39
CA PHE JC 108 43.50 150.33 -39.72
CA GLY JC 109 43.12 146.74 -40.86
CA LYS JC 110 44.62 143.64 -42.41
CA GLY JC 111 45.45 144.20 -46.07
CA GLY JC 112 46.56 141.44 -48.39
CA ILE JC 113 50.00 140.58 -49.74
CA VAL JC 114 51.21 138.38 -52.58
CA THR JC 115 54.91 137.54 -52.79
CA CYS JC 116 56.54 135.08 -55.13
CA ALA JC 117 59.75 134.29 -56.93
CA MET JC 118 61.48 132.03 -59.42
CA PHE JC 119 62.99 128.76 -58.16
CA THR JC 120 66.07 127.66 -60.07
CA CYS JC 121 68.20 124.85 -58.66
CA LYS JC 122 71.72 123.90 -59.67
CA LYS JC 123 72.91 120.82 -57.77
CA ASN JC 124 70.62 117.82 -57.86
CA MET JC 125 70.35 114.21 -56.73
CA LYS JC 126 69.61 111.26 -58.94
CA GLY JC 127 67.18 108.67 -57.54
CA LYS JC 128 66.59 105.55 -59.61
CA VAL JC 129 64.77 102.23 -59.24
CA VAL JC 130 66.22 98.98 -60.58
CA GLN JC 131 63.94 96.40 -62.15
CA PRO JC 132 64.81 92.68 -62.30
CA GLU JC 133 65.09 92.92 -66.09
CA ASN JC 134 67.76 95.64 -66.14
CA LEU JC 135 70.22 93.68 -63.98
CA GLU JC 136 73.38 92.07 -65.32
CA TYR JC 137 75.30 89.37 -63.43
CA THR JC 138 79.01 88.56 -63.83
CA ILE JC 139 79.55 84.82 -63.55
CA VAL JC 140 83.02 83.32 -63.81
CA ILE JC 141 83.91 79.71 -64.61
CA THR JC 142 87.20 78.13 -63.55
CA PRO JC 143 88.71 74.71 -64.33
CA HIS JC 144 90.22 72.43 -61.69
CA SER JC 145 93.46 71.73 -63.55
CA GLY JC 146 95.89 72.62 -60.76
CA GLU JC 147 97.75 75.27 -62.75
CA GLU JC 148 99.87 77.66 -60.70
CA HIS JC 149 97.74 80.71 -61.46
CA ALA JC 150 94.67 78.45 -61.12
CA VAL JC 151 94.74 78.46 -57.30
CA GLY JC 152 93.41 81.29 -55.15
CA ASN JC 153 93.99 83.88 -57.89
CA ASP JC 154 91.60 86.74 -58.58
CA THR JC 155 93.07 87.72 -61.99
CA GLY JC 156 94.20 84.42 -63.51
CA LYS JC 157 93.98 83.72 -67.22
CA HIS JC 158 92.52 80.27 -66.47
CA GLY JC 159 89.11 81.68 -65.54
CA LYS JC 160 86.55 82.90 -68.04
CA GLU JC 161 84.08 85.64 -67.13
CA ILE JC 162 80.63 85.96 -68.73
CA LYS JC 163 77.73 88.34 -68.21
CA ILE JC 164 74.13 87.17 -67.85
CA THR JC 165 71.04 89.24 -68.74
CA PRO JC 166 67.45 88.08 -69.42
CA GLN JC 167 67.40 89.72 -72.87
CA SER JC 168 69.94 87.10 -74.04
CA SER JC 169 69.03 84.02 -72.01
CA ILE JC 170 70.25 81.16 -74.22
CA THR JC 171 73.96 82.00 -74.57
CA GLU JC 172 77.06 79.89 -75.17
CA ALA JC 173 80.34 80.40 -73.31
CA GLU JC 174 83.68 78.77 -74.09
CA LEU JC 175 86.23 77.25 -71.73
CA THR JC 176 89.74 76.59 -73.03
CA GLY JC 177 90.29 72.99 -74.07
CA TYR JC 178 87.07 71.66 -72.56
CA GLY JC 179 84.82 73.47 -75.04
CA THR JC 180 81.30 74.84 -75.07
CA VAL JC 181 79.03 75.28 -72.03
CA THR JC 182 75.57 76.85 -71.96
CA MET JC 183 74.43 79.95 -70.08
CA GLU JC 184 70.67 80.12 -69.38
CA CYS JC 185 68.77 81.40 -66.33
CA SER JC 186 66.35 83.89 -64.80
CA PRO JC 187 67.70 84.60 -61.26
CA ARG JC 188 64.49 86.28 -60.04
CA THR JC 189 63.91 83.78 -57.18
CA GLY JC 190 65.59 86.23 -54.77
CA LEU JC 191 64.30 88.98 -52.52
CA ASP JC 192 61.74 91.45 -53.83
CA PHE JC 193 63.28 94.42 -55.63
CA ASN JC 194 60.37 96.90 -55.71
CA GLU JC 195 61.04 97.85 -52.06
CA MET JC 196 64.43 99.50 -52.72
CA VAL JC 197 65.66 102.58 -54.59
CA LEU JC 198 69.21 103.85 -55.11
CA LEU JC 199 70.28 107.48 -54.73
CA GLN JC 200 73.47 108.77 -56.27
CA MET JC 201 75.29 112.07 -55.83
CA GLU JC 202 78.24 112.77 -58.15
CA ASN JC 203 79.94 109.48 -57.26
CA LYS JC 204 78.62 108.12 -53.96
CA ALA JC 205 75.38 106.16 -53.80
CA TRP JC 206 72.99 104.92 -51.14
CA LEU JC 207 70.43 102.13 -51.02
CA VAL JC 208 67.19 103.20 -49.33
CA HIS JC 209 63.48 102.41 -49.20
CA ARG JC 210 61.03 103.73 -51.77
CA GLN JC 211 58.66 105.38 -49.30
CA TRP JC 212 61.61 107.00 -47.54
CA PHE JC 213 62.97 108.07 -50.93
CA LEU JC 214 59.67 109.86 -51.57
CA ASP JC 215 59.20 111.18 -48.01
CA LEU JC 216 62.20 113.55 -47.95
CA PRO JC 217 60.50 116.98 -48.15
CA LEU JC 218 62.26 118.64 -51.08
CA PRO JC 219 61.36 119.62 -54.67
CA TRP JC 220 60.27 116.86 -57.07
CA LEU JC 221 60.35 116.03 -60.76
CA PRO JC 222 58.53 113.08 -62.38
CA GLY JC 223 60.73 110.58 -64.17
CA ALA JC 224 59.92 111.79 -67.66
CA ASP JC 225 60.13 115.36 -66.34
CA THR JC 226 63.32 117.09 -67.47
CA GLN JC 227 62.27 120.68 -68.25
CA GLY JC 228 62.41 122.07 -64.72
CA SER JC 229 59.12 123.92 -65.16
CA ASN JC 230 57.09 121.73 -62.81
CA TRP JC 231 58.01 121.58 -59.12
CA ILE JC 232 56.12 119.98 -56.24
CA GLN JC 233 56.39 120.97 -52.59
CA LYS JC 234 58.75 123.74 -53.68
CA GLU JC 235 57.88 125.79 -50.59
CA THR JC 236 60.32 124.17 -48.16
CA LEU JC 237 63.53 125.30 -49.86
CA VAL JC 238 62.19 128.87 -49.94
CA THR JC 239 61.51 130.19 -46.44
CA PHE JC 240 59.31 133.25 -46.25
CA LYS JC 241 60.31 135.39 -43.26
CA ASN JC 242 57.57 136.86 -41.11
CA PRO JC 243 55.00 139.11 -42.82
CA HIS JC 244 56.28 142.64 -42.61
CA ALA JC 245 54.87 145.87 -44.05
CA LYS JC 246 54.81 145.55 -47.86
CA LYS JC 247 57.76 143.14 -47.84
CA GLN JC 248 58.23 139.42 -47.58
CA ASP JC 249 62.00 139.03 -47.40
CA VAL JC 250 62.46 135.71 -49.20
CA VAL JC 251 65.23 133.61 -47.67
CA VAL JC 252 66.83 130.89 -49.77
CA LEU JC 253 67.42 127.76 -47.74
CA GLY JC 254 71.00 126.60 -47.82
CA SER JC 255 72.27 123.57 -49.67
CA GLN JC 256 71.26 120.49 -47.71
CA GLU JC 257 74.04 118.47 -49.38
CA GLY JC 258 76.00 118.58 -46.14
CA ALA JC 259 72.84 117.60 -44.30
CA MET JC 260 72.32 114.67 -46.66
CA HIS JC 261 75.89 113.50 -46.08
CA THR JC 262 75.15 113.77 -42.36
CA ALA JC 263 71.90 111.77 -42.58
CA LEU JC 264 72.39 109.18 -45.32
CA THR JC 265 75.66 108.10 -43.71
CA GLY JC 266 74.87 105.08 -41.57
CA ALA JC 267 72.60 103.70 -44.27
CA THR JC 268 73.73 101.19 -46.89
CA GLU JC 269 76.61 102.81 -48.79
CA ILE JC 270 77.42 101.96 -52.41
CA GLN JC 271 80.15 102.96 -54.85
CA MET JC 272 79.28 102.79 -58.54
CA SER JC 273 82.80 101.67 -59.48
CA SER JC 274 82.23 98.28 -57.82
CA GLY JC 275 78.70 98.01 -59.24
CA ASN JC 276 75.59 97.56 -57.13
CA LEU JC 277 76.12 95.16 -54.21
CA LEU JC 278 72.64 93.63 -54.26
CA PHE JC 279 73.93 90.52 -52.51
CA THR JC 280 70.43 89.96 -51.12
CA GLY JC 281 68.51 87.37 -53.11
CA HIS JC 282 69.58 83.91 -54.22
CA LEU JC 283 70.45 83.37 -57.89
CA LYS JC 284 69.09 80.08 -59.21
CA CYS JC 285 70.54 79.23 -62.61
CA ARG JC 286 70.37 76.46 -65.18
CA LEU JC 287 73.58 75.48 -66.95
CA ARG JC 288 73.88 72.60 -69.43
CA MET JC 289 77.02 70.44 -69.54
CA ASP JC 290 76.31 67.99 -72.37
CA LYS JC 291 78.69 69.71 -74.81
CA LEU JC 292 81.86 69.12 -72.72
CA GLN JC 293 84.16 66.09 -72.61
CA LEU JC 294 87.43 65.18 -70.91
CA LYS JC 295 90.37 67.14 -72.31
CA GLY JC 296 93.76 65.50 -71.97
CA MET JC 297 92.32 62.01 -71.34
CA SER JC 298 94.15 60.68 -74.40
CA TYR JC 299 97.47 61.41 -72.69
CA SER JC 300 98.98 58.23 -71.28
CA MET JC 301 99.80 57.70 -67.63
CA CYS JC 302 103.48 58.26 -66.82
CA THR JC 303 105.35 55.85 -64.56
CA GLY JC 304 108.04 58.27 -63.42
CA LYS JC 305 108.46 59.67 -59.91
CA PHE JC 306 106.36 62.20 -57.99
CA LYS JC 307 107.48 64.87 -55.53
CA VAL JC 308 105.62 67.17 -53.14
CA VAL JC 309 106.42 70.89 -53.00
CA LYS JC 310 104.06 72.34 -50.38
CA GLU JC 311 102.91 70.49 -47.29
CA ILE JC 312 99.35 69.22 -46.83
CA ALA JC 313 97.40 72.47 -46.61
CA GLU JC 314 94.05 72.65 -44.83
CA THR JC 315 91.01 74.59 -46.03
CA GLN JC 316 87.81 75.49 -44.16
CA HIS JC 317 85.87 72.53 -45.61
CA GLY JC 318 87.87 69.37 -44.84
CA THR JC 319 89.79 69.27 -48.11
CA ILE JC 320 93.49 68.84 -48.84
CA VAL JC 321 95.78 70.52 -51.38
CA ILE JC 322 98.87 68.78 -52.75
CA ARG JC 323 101.41 70.40 -55.07
CA VAL JC 324 102.68 67.30 -56.84
CA GLN JC 325 105.91 67.82 -58.78
CA TYR JC 326 107.19 65.42 -61.45
CA GLU JC 327 110.98 65.15 -61.43
CA GLY JC 328 110.88 62.26 -63.90
CA ASP JC 329 110.36 62.41 -67.67
CA GLY JC 330 107.49 61.75 -70.06
CA SER JC 331 105.35 64.83 -69.57
CA PRO JC 332 102.52 65.57 -70.17
CA CYS JC 333 100.77 62.58 -68.53
CA LYS JC 334 97.56 61.40 -66.88
CA ILE JC 335 98.08 61.75 -63.13
CA PRO JC 336 97.69 58.53 -61.09
CA PHE JC 337 96.02 59.77 -57.89
CA GLU JC 338 94.44 57.24 -55.56
CA ILE JC 339 93.29 56.60 -52.00
CA MET JC 340 93.69 53.63 -49.70
CA ASP JC 341 92.54 52.76 -46.21
CA LEU JC 342 94.56 51.25 -43.36
CA GLU JC 343 94.27 47.77 -44.91
CA LYS JC 344 95.69 49.19 -48.18
CA ARG JC 345 92.75 47.59 -50.02
CA HIS JC 346 89.74 49.85 -50.62
CA VAL JC 347 89.35 53.11 -52.54
CA LEU JC 348 87.24 55.09 -50.05
CA GLY JC 349 88.31 58.73 -50.32
CA ARG JC 350 86.62 61.18 -52.68
CA LEU JC 351 88.68 62.96 -55.32
CA ILE JC 352 87.99 66.47 -56.65
CA THR JC 353 89.94 66.78 -59.91
CA VAL JC 354 89.43 63.81 -62.19
CA ASN JC 355 92.31 62.76 -64.50
CA PRO JC 356 94.71 65.59 -63.57
CA ILE JC 357 97.50 66.19 -66.07
CA VAL JC 358 100.89 67.89 -65.98
CA THR JC 359 101.51 70.70 -68.44
CA GLU JC 360 105.28 70.24 -68.26
CA LYS JC 361 107.89 68.74 -65.98
CA ASP JC 362 109.08 70.96 -63.11
CA SER JC 363 105.62 72.64 -63.13
CA PRO JC 364 103.69 70.96 -60.29
CA VAL JC 365 99.95 70.39 -60.29
CA ASN JC 366 97.65 71.37 -57.42
CA ILE JC 367 95.72 68.16 -56.86
CA GLU JC 368 92.73 68.58 -54.55
CA ALA JC 369 91.18 65.79 -52.51
CA GLU JC 370 88.49 65.14 -49.89
CA PRO JC 371 89.19 62.02 -47.83
CA PRO JC 372 86.83 61.14 -44.97
CA PHE JC 373 87.53 62.46 -41.49
CA GLY JC 374 89.99 59.88 -40.25
CA ASP JC 375 93.24 58.13 -41.10
CA SER JC 376 94.00 57.21 -44.72
CA TYR JC 377 96.83 57.05 -47.23
CA ILE JC 378 96.90 59.42 -50.19
CA ILE JC 379 98.80 57.28 -52.69
CA ILE JC 380 100.67 59.51 -55.12
CA GLY JC 381 102.28 57.66 -58.00
CA VAL JC 382 102.51 53.91 -58.47
CA GLU JC 383 105.02 51.40 -57.22
CA PRO JC 384 107.99 51.05 -57.31
CA GLY JC 385 108.72 54.30 -55.51
CA GLN JC 386 105.08 55.04 -54.70
CA LEU JC 387 104.28 57.65 -52.02
CA LYS JC 388 101.62 56.52 -49.54
CA LEU JC 389 101.42 59.82 -47.71
CA ASN JC 390 99.57 59.18 -44.46
CA TRP JC 391 96.92 61.71 -43.50
CA PHE JC 392 94.69 62.05 -40.43
CA LYS JC 393 91.68 64.28 -41.11
CA LYS JC 394 89.85 65.70 -38.11
CA GLY JC 395 86.09 65.62 -37.65
CA SER JC 396 83.26 63.12 -37.40
CA SER JC 397 81.81 61.31 -40.40
CA ILE JC 398 78.36 61.98 -38.94
CA GLY JC 399 79.52 65.60 -38.80
CA GLN JC 400 79.78 65.96 -42.56
CA MET JC 401 76.75 63.67 -42.89
CA ILE JC 402 74.45 66.06 -41.02
CA GLU JC 403 76.14 69.17 -42.40
CA THR JC 404 75.95 68.27 -46.09
CA THR JC 405 72.49 66.74 -45.82
CA MET JC 406 71.13 69.80 -44.01
CA ARG JC 407 72.80 72.23 -46.42
CA GLY JC 408 71.42 70.43 -49.47
CA ALA JC 409 68.01 70.22 -47.80
CA LYS JC 410 67.89 73.99 -47.16
CA ARG JC 411 69.25 74.58 -50.67
CA MET JC 412 66.36 72.61 -52.17
CA ALA JC 413 63.92 74.08 -49.61
CA ILE JC 414 64.49 77.75 -50.42
CA LEU JC 415 64.31 76.41 -53.97
CA GLY JC 416 61.31 74.32 -52.94
CA ASP JC 417 57.67 75.11 -53.62
CA THR JC 418 57.08 76.48 -57.14
CA ALA JC 419 60.81 75.96 -57.89
CA TRP JC 420 61.63 72.29 -58.54
CA ASP JC 421 59.98 70.87 -61.66
CA PHE JC 422 57.05 68.78 -60.42
CA GLY JC 423 54.52 69.52 -63.17
CA SER JC 424 56.26 67.61 -65.97
CA LEU JC 425 54.64 64.18 -66.22
CA GLY JC 426 57.26 61.49 -66.78
CA GLY JC 427 59.84 64.02 -65.64
CA VAL JC 428 58.31 63.71 -62.17
CA PHE JC 429 60.61 60.70 -61.76
CA THR JC 430 63.59 62.81 -62.81
CA SER JC 431 62.56 65.57 -60.40
CA ILE JC 432 62.22 63.12 -57.50
CA GLY JC 433 65.64 61.75 -58.38
CA LYS JC 434 66.91 65.34 -58.50
CA ALA JC 435 65.56 66.05 -55.02
CA LEU JC 436 67.15 62.91 -53.63
CA HIS JC 437 70.43 63.49 -55.49
CA GLN JC 438 70.67 67.09 -54.26
CA VAL JC 439 69.80 66.02 -50.69
CA PHE JC 440 70.40 62.26 -50.39
CA GLY JC 441 72.96 62.08 -53.22
CA ALA JC 442 75.90 62.64 -50.89
CA ILE JC 443 74.69 59.52 -49.07
CA TYR JC 444 75.09 57.51 -52.28
CA GLY JC 445 78.42 59.06 -53.21
CA ALA JC 446 80.50 59.78 -50.11
CA ALA JC 447 79.68 57.13 -47.50
CA PHE JC 448 78.45 54.30 -49.76
CA SER JC 449 81.53 52.78 -51.41
CA GLY JC 450 82.69 55.74 -53.55
CA VAL JC 451 81.35 54.20 -55.79
CA SER JC 452 81.58 51.68 -58.64
CA TRP JC 453 77.88 51.71 -59.44
CA ILE JC 454 77.24 48.16 -60.72
CA MET JC 455 78.39 46.38 -57.56
CA LYS JC 456 76.54 48.76 -55.26
CA ILE JC 457 73.29 48.50 -57.22
CA LEU JC 458 73.65 44.73 -56.83
CA ILE JC 459 74.13 45.33 -53.11
CA GLY JC 460 71.15 47.68 -53.15
CA VAL JC 461 68.79 45.17 -54.71
CA ILE JC 462 70.10 42.66 -52.15
CA ILE JC 463 69.23 45.12 -49.38
CA THR JC 464 65.78 45.68 -50.90
CA TRP JC 465 65.20 41.92 -50.90
CA ILE JC 466 66.33 41.65 -47.27
CA GLY JC 467 64.17 44.59 -46.18
CA MET JC 468 61.06 43.28 -47.94
CA ASN JC 469 61.41 39.83 -46.33
CA SER JC 470 62.27 41.17 -42.87
CA ARG JC 471 60.93 40.30 -39.43
CA SER JC 472 59.74 43.88 -38.74
CA THR JC 473 57.64 46.17 -40.93
CA SER JC 474 59.20 49.30 -39.43
CA LEU JC 475 62.64 48.06 -40.44
CA SER JC 476 61.16 47.11 -43.82
CA VAL JC 477 59.97 50.68 -44.41
CA SER JC 478 63.31 52.00 -43.13
CA LEU JC 479 65.46 49.74 -45.36
CA VAL JC 480 63.55 49.22 -48.64
CA LEU JC 481 63.22 53.01 -48.95
CA VAL JC 482 66.99 53.39 -48.65
CA GLY JC 483 67.48 50.55 -51.13
CA VAL JC 484 65.17 51.95 -53.80
CA VAL JC 485 66.72 55.39 -53.28
CA THR JC 486 70.13 53.78 -53.81
CA LEU JC 487 69.09 51.97 -57.00
CA TYR JC 488 67.16 54.80 -58.64
CA LEU JC 489 69.64 57.50 -57.61
CA GLY JC 490 72.47 55.33 -58.92
CA VAL JC 491 70.71 55.12 -62.26
CA MET JC 492 70.44 58.91 -62.16
CA VAL JC 493 74.10 59.24 -61.14
CA GLN JC 494 75.08 57.16 -64.17
CA ALA JC 495 73.44 59.86 -66.30
CA MET KC 1 82.35 96.79 34.44
CA ARG KC 2 82.79 99.45 31.77
CA CYS KC 3 79.71 99.07 29.55
CA ILE KC 4 76.82 99.67 31.96
CA GLY KC 5 74.68 102.07 29.97
CA ILE KC 6 75.25 101.43 26.26
CA SER KC 7 72.25 100.23 24.29
CA ASN KC 8 73.87 97.21 22.61
CA ARG KC 9 74.55 95.09 25.69
CA ASP KC 10 75.44 91.51 24.74
CA PHE KC 11 76.24 88.40 26.79
CA VAL KC 12 78.24 85.31 25.84
CA GLU KC 13 78.02 82.72 28.63
CA GLY KC 14 79.77 79.66 27.21
CA VAL KC 15 83.26 78.20 27.01
CA SER KC 16 84.97 75.84 24.58
CA GLY KC 17 86.68 72.54 25.27
CA GLY KC 18 90.08 74.19 24.94
CA SER KC 19 88.73 77.49 26.29
CA TRP KC 20 88.97 78.93 22.74
CA VAL KC 21 86.17 81.44 23.21
CA ASP KC 22 84.93 83.41 20.20
CA ILE KC 23 83.40 86.90 20.21
CA VAL KC 24 82.24 89.50 17.71
CA LEU KC 25 82.97 93.19 18.26
CA GLU KC 26 81.23 96.13 16.58
CA HIS KC 27 81.16 99.89 17.09
CA GLY KC 28 79.31 100.61 20.31
CA SER KC 29 78.38 96.96 20.86
CA CYS KC 30 80.32 95.84 23.92
CA VAL KC 31 80.49 92.23 25.08
CA THR KC 32 80.61 90.62 28.52
CA THR KC 33 82.56 87.39 28.95
CA MET KC 34 81.40 84.91 31.58
CA ALA KC 35 83.18 81.77 32.76
CA LYS KC 36 83.31 79.19 35.54
CA ASN KC 37 85.95 79.80 38.24
CA LYS KC 38 87.65 82.31 35.90
CA PRO KC 39 87.38 86.11 36.17
CA THR KC 40 84.69 87.70 34.04
CA LEU KC 41 85.56 90.38 31.51
CA ASP KC 42 84.22 93.21 29.39
CA PHE KC 43 85.43 93.70 25.82
CA GLU KC 44 84.88 96.58 23.45
CA LEU KC 45 86.44 98.29 20.45
CA ILE KC 46 86.85 101.89 21.53
CA LYS KC 47 88.27 103.51 18.42
CA THR KC 48 88.89 102.34 14.86
CA GLU KC 49 91.99 103.68 13.14
CA ALA KC 50 93.39 103.34 9.62
CA LYS KC 51 97.08 104.24 9.72
CA GLN KC 52 99.59 104.13 6.87
CA PRO KC 53 97.08 104.87 4.09
CA ALA KC 54 97.76 103.97 0.48
CA THR KC 55 97.66 106.91 -1.93
CA LEU KC 56 95.32 105.38 -4.49
CA ARG KC 57 94.93 108.28 -6.93
CA LYS KC 58 94.92 112.07 -7.08
CA TYR KC 59 92.70 114.66 -8.76
CA CYS KC 60 93.65 118.15 -9.95
CA ILE KC 61 90.59 120.01 -8.71
CA GLU KC 62 91.57 123.31 -10.37
CA ALA KC 63 93.55 124.00 -13.51
CA LYS KC 64 96.00 126.47 -15.01
CA LEU KC 65 96.62 126.78 -18.75
CA THR KC 66 99.97 128.16 -19.89
CA ASN KC 67 102.35 128.22 -22.85
CA THR KC 68 99.44 127.54 -25.20
CA THR KC 69 101.02 127.27 -28.63
CA THR KC 70 99.15 126.41 -31.81
CA ASP KC 71 99.82 125.97 -35.52
CA SER KC 72 98.10 124.94 -38.73
CA ARG KC 73 98.84 123.80 -42.27
CA CYS KC 74 97.06 124.29 -45.57
CA PRO KC 75 95.04 121.35 -46.94
CA THR KC 76 97.01 118.29 -48.14
CA GLN KC 77 100.13 119.31 -46.17
CA GLY KC 78 99.27 117.02 -43.24
CA GLU KC 79 99.07 117.87 -39.59
CA PRO KC 80 101.79 120.24 -38.30
CA SER KC 81 104.39 118.59 -36.08
CA LEU KC 82 105.57 120.63 -33.09
CA ASN KC 83 107.57 119.25 -30.14
CA GLU KC 84 104.82 119.63 -27.52
CA GLU KC 85 102.72 116.77 -28.90
CA GLN KC 86 105.17 114.06 -27.84
CA ASP KC 87 105.67 115.62 -24.40
CA LYS KC 88 102.78 114.75 -22.10
CA ARG KC 89 103.50 117.89 -20.07
CA PHE KC 90 101.33 119.67 -22.64
CA VAL KC 91 97.77 118.52 -23.24
CA CYS KC 92 96.74 118.95 -26.84
CA LYS KC 93 94.62 118.00 -29.81
CA HIS KC 94 94.39 118.42 -33.59
CA SER KC 95 91.41 119.34 -35.77
CA MET KC 96 90.63 120.77 -39.22
CA VAL KC 97 89.04 123.88 -40.72
CA ASP KC 98 88.25 125.14 -44.21
CA ARG KC 99 91.11 127.24 -45.59
CA GLY KC 100 92.06 128.16 -49.13
CA TRP KC 101 92.54 130.94 -51.67
CA GLY KC 102 90.58 133.33 -49.45
CA ASN KC 103 92.88 133.21 -46.41
CA GLY KC 104 96.33 132.52 -47.83
CA CYS KC 105 96.24 128.84 -48.81
CA GLY KC 106 95.74 127.50 -52.34
CA LEU KC 107 92.25 125.99 -52.51
CA PHE KC 108 89.28 125.76 -50.18
CA GLY KC 109 89.65 122.53 -48.22
CA LYS KC 110 89.85 121.08 -44.73
CA GLY KC 111 93.38 121.87 -43.64
CA GLY KC 112 94.79 120.71 -40.33
CA ILE KC 113 95.44 122.51 -37.06
CA VAL KC 114 97.28 121.41 -33.92
CA THR KC 115 96.47 123.15 -30.63
CA CYS KC 116 98.64 122.47 -27.57
CA ALA KC 117 99.09 123.92 -24.11
CA MET KC 118 100.83 123.27 -20.80
CA PHE KC 119 98.43 122.05 -18.10
CA THR KC 120 99.64 123.17 -14.66
CA CYS KC 121 97.99 121.66 -11.58
CA LYS KC 122 97.58 124.29 -8.87
CA LYS KC 123 95.76 122.27 -6.19
CA ASN KC 124 95.36 118.63 -5.24
CA MET KC 125 92.42 116.47 -4.15
CA LYS KC 126 93.68 113.47 -2.24
CA GLY KC 127 92.22 109.96 -2.28
CA LYS KC 128 92.87 107.40 0.46
CA VAL KC 129 91.99 103.71 0.17
CA VAL KC 130 91.87 101.56 3.30
CA GLN KC 131 93.00 97.96 2.93
CA PRO KC 132 92.02 95.26 5.43
CA GLU KC 133 95.55 94.89 6.78
CA ASN KC 134 95.82 98.63 7.53
CA LEU KC 135 93.05 98.70 10.17
CA GLU KC 136 94.58 99.44 13.59
CA TYR KC 137 91.85 98.30 15.98
CA THR KC 138 91.97 99.88 19.44
CA ILE KC 139 90.38 97.43 21.89
CA VAL KC 140 89.61 98.16 25.54
CA ILE KC 141 89.56 95.21 27.95
CA THR KC 142 88.23 95.76 31.48
CA PRO KC 143 87.65 93.17 34.24
CA HIS KC 144 84.61 93.01 36.52
CA SER KC 145 86.95 93.34 39.46
CA GLY KC 146 85.29 96.02 41.58
CA GLU KC 147 86.57 99.29 40.14
CA GLU KC 148 84.36 102.37 40.22
CA HIS KC 149 85.62 104.94 37.69
CA ALA KC 150 84.57 103.04 34.54
CA VAL KC 151 80.77 102.83 34.86
CA GLY KC 152 79.36 105.00 32.10
CA ASN KC 153 82.85 106.15 31.15
CA ASP KC 154 85.16 106.26 28.13
CA THR KC 155 88.66 106.89 29.54
CA GLY KC 156 88.14 104.95 32.81
CA LYS KC 157 91.32 102.91 33.07
CA HIS KC 158 91.62 99.89 35.32
CA GLY KC 159 92.11 97.42 32.48
CA LYS KC 160 94.16 97.83 29.32
CA GLU KC 161 93.85 99.32 25.84
CA ILE KC 162 95.63 97.45 23.05
CA LYS KC 163 96.18 98.42 19.42
CA ILE KC 164 95.67 95.29 17.32
CA THR KC 165 97.55 95.28 14.00
CA PRO KC 166 96.32 92.45 11.73
CA GLN KC 167 99.89 91.73 10.61
CA SER KC 168 100.41 90.73 14.27
CA SER KC 169 97.71 88.14 14.94
CA ILE KC 170 98.79 86.86 18.37
CA THR KC 171 99.22 89.51 21.06
CA GLU KC 172 99.58 89.40 24.84
CA ALA KC 173 97.54 92.01 26.72
CA GLU KC 174 98.78 91.88 30.34
CA LEU KC 175 95.72 92.67 32.43
CA THR KC 176 96.82 93.99 35.81
CA GLY KC 177 96.53 91.60 38.74
CA TYR KC 178 94.95 88.85 36.61
CA GLY KC 179 97.71 88.02 34.11
CA THR KC 180 97.10 88.14 30.37
CA VAL KC 181 94.69 86.94 27.69
CA THR KC 182 95.90 85.82 24.28
CA MET KC 183 94.58 88.06 21.51
CA GLU KC 184 93.90 86.27 18.22
CA CYS KC 185 91.39 88.69 16.77
CA SER KC 186 91.13 89.31 13.03
CA PRO KC 187 89.15 91.88 11.04
CA ARG KC 188 89.75 89.80 7.91
CA THR KC 189 86.62 87.71 8.48
CA GLY KC 190 84.57 90.87 8.98
CA LEU KC 191 83.06 92.91 6.19
CA ASP KC 192 85.44 93.61 3.32
CA PHE KC 193 86.83 97.15 3.30
CA ASN KC 194 87.25 96.99 -0.47
CA GLU KC 195 84.83 99.74 -1.57
CA MET KC 196 85.40 102.47 1.05
CA VAL KC 197 87.44 105.51 0.07
CA LEU KC 198 88.28 108.80 1.80
CA LEU KC 199 88.32 112.09 -0.07
CA GLN KC 200 90.73 114.50 1.65
CA MET KC 201 90.81 118.26 1.08
CA GLU KC 202 93.21 120.43 3.09
CA ASN KC 203 92.30 119.02 6.52
CA LYS KC 204 88.66 117.91 6.14
CA ALA KC 205 87.43 114.74 4.50
CA TRP KC 206 84.48 112.61 3.44
CA LEU KC 207 83.81 108.92 2.90
CA VAL KC 208 82.54 107.68 -0.47
CA HIS KC 209 82.49 104.54 -2.60
CA ARG KC 210 85.38 103.40 -4.78
CA GLN KC 211 83.51 103.05 -8.07
CA TRP KC 212 82.08 106.54 -7.59
CA PHE KC 213 85.51 107.82 -6.59
CA LEU KC 214 87.01 106.68 -9.88
CA ASP KC 215 84.01 107.41 -12.12
CA LEU KC 216 84.48 111.17 -11.65
CA PRO KC 217 85.23 112.86 -15.02
CA LEU KC 218 88.05 114.93 -13.58
CA PRO KC 219 91.83 115.09 -14.09
CA TRP KC 220 93.24 111.68 -13.33
CA LEU KC 221 96.77 111.25 -11.92
CA PRO KC 222 98.23 108.02 -10.49
CA GLY KC 223 99.58 107.54 -7.00
CA ALA KC 224 103.06 106.44 -8.04
CA ASP KC 225 103.92 109.56 -10.05
CA THR KC 226 104.96 112.80 -8.33
CA GLN KC 227 105.62 115.41 -11.02
CA GLY KC 228 102.15 115.10 -12.57
CA SER KC 229 103.41 115.33 -16.16
CA ASN KC 230 102.24 111.78 -16.86
CA TRP KC 231 98.72 113.15 -16.99
CA ILE KC 232 95.59 111.15 -17.88
CA GLN KC 233 91.98 112.07 -18.70
CA LYS KC 234 93.03 115.13 -20.60
CA GLU KC 235 89.78 116.67 -21.84
CA THR KC 236 87.98 116.97 -18.48
CA LEU KC 237 88.83 120.66 -17.93
CA VAL KC 238 90.41 121.93 -21.15
CA THR KC 239 87.32 122.63 -23.26
CA PHE KC 240 88.49 123.82 -26.66
CA LYS KC 241 85.85 125.66 -28.69
CA ASN KC 242 85.16 125.11 -32.38
CA PRO KC 243 88.37 126.29 -34.07
CA HIS KC 244 87.88 129.23 -36.40
CA ALA KC 245 90.93 129.41 -38.67
CA LYS KC 246 93.67 128.75 -36.07
CA LYS KC 247 92.83 130.14 -32.63
CA GLN KC 248 90.24 128.52 -30.42
CA ASP KC 249 89.16 129.89 -27.05
CA VAL KC 250 91.06 127.30 -25.03
CA VAL KC 251 90.10 127.80 -21.39
CA VAL KC 252 90.11 125.53 -18.36
CA LEU KC 253 86.82 125.38 -16.51
CA GLY KC 254 86.58 127.27 -13.27
CA SER KC 255 87.70 125.70 -10.03
CA GLN KC 256 85.55 122.68 -9.26
CA GLU KC 257 86.10 123.07 -5.50
CA GLY KC 258 82.75 124.76 -4.93
CA ALA KC 259 80.82 122.54 -7.33
CA MET KC 260 82.22 119.24 -6.09
CA HIS KC 261 81.88 120.39 -2.49
CA THR KC 262 78.21 121.12 -3.11
CA ALA KC 263 77.72 117.76 -4.81
CA LEU KC 264 79.60 115.78 -2.16
CA THR KC 265 77.46 117.45 0.51
CA GLY KC 266 75.15 114.94 2.14
CA ALA KC 267 77.71 112.15 2.03
CA THR KC 268 79.37 110.74 5.15
CA GLU KC 269 81.56 113.55 6.45
CA ILE KC 270 84.51 112.22 8.48
CA GLN KC 271 86.39 114.32 11.03
CA MET KC 272 89.57 112.53 10.00
CA SER KC 273 91.79 114.89 12.02
CA SER KC 274 91.23 112.85 15.21
CA GLY KC 275 91.93 109.61 13.31
CA ASN KC 276 90.13 107.46 10.76
CA LEU KC 277 87.04 106.76 12.87
CA LEU KC 278 85.46 104.13 10.65
CA PHE KC 279 82.00 103.32 12.00
CA THR KC 280 81.74 99.81 10.51
CA GLY KC 281 83.57 96.50 10.45
CA HIS KC 282 83.19 93.26 12.39
CA LEU KC 283 86.09 92.10 14.52
CA LYS KC 284 86.14 88.31 14.97
CA CYS KC 285 88.01 87.65 18.19
CA ARG KC 286 89.26 84.21 19.28
CA LEU KC 287 90.82 83.99 22.73
CA ARG KC 288 92.54 81.46 24.96
CA MET KC 289 91.49 82.73 28.40
CA ASP KC 290 93.10 79.82 30.29
CA LYS KC 291 96.24 81.88 30.82
CA LEU KC 292 94.02 84.46 32.53
CA GLN KC 293 93.39 83.85 36.21
CA LEU KC 294 91.67 85.55 39.14
CA LYS KC 295 94.07 86.36 41.98
CA GLY KC 296 91.05 87.34 44.09
CA MET KC 297 88.97 84.19 43.68
CA SER KC 298 90.16 82.00 46.56
CA TYR KC 299 90.33 84.53 49.40
CA SER KC 300 88.56 83.67 52.64
CA MET KC 301 84.79 83.98 52.95
CA CYS KC 302 84.24 87.41 54.40
CA THR KC 303 82.81 87.71 57.89
CA GLY KC 304 82.39 91.27 59.14
CA LYS KC 305 79.41 93.58 58.90
CA PHE KC 306 78.57 94.89 55.45
CA LYS KC 307 76.45 97.91 54.46
CA VAL KC 308 75.14 99.62 51.31
CA VAL KC 309 75.96 103.22 50.37
CA LYS KC 310 74.00 103.95 47.19
CA GLU KC 311 70.73 102.33 46.15
CA ILE KC 312 69.97 100.63 42.85
CA ALA KC 313 69.34 102.45 39.60
CA GLU KC 314 68.27 100.43 36.57
CA THR KC 315 70.51 99.82 33.58
CA GLN KC 316 69.64 99.59 29.88
CA HIS KC 317 69.72 95.80 29.84
CA GLY KC 318 68.26 95.72 33.33
CA THR KC 319 71.08 94.47 35.54
CA ILE KC 320 71.61 94.95 39.26
CA VAL KC 321 74.59 97.19 39.97
CA ILE KC 322 75.20 98.02 43.63
CA ARG KC 323 77.90 100.12 45.24
CA VAL KC 324 78.45 98.54 48.65
CA GLN KC 325 80.75 99.41 51.55
CA TYR KC 326 82.33 97.13 54.15
CA GLU KC 327 82.48 98.55 57.67
CA GLY KC 328 83.79 95.31 59.19
CA ASP KC 329 87.30 93.84 59.15
CA GLY KC 330 89.34 91.03 57.64
CA SER KC 331 90.05 92.62 54.27
CA PRO KC 332 90.89 91.13 51.79
CA CYS KC 333 87.93 88.73 51.96
CA LYS KC 334 85.55 86.88 49.64
CA ILE KC 335 82.13 88.50 50.07
CA PRO KC 336 78.98 86.32 50.17
CA PHE KC 337 76.42 87.32 47.56
CA GLU KC 338 73.37 85.26 46.57
CA ILE KC 339 70.00 85.91 44.92
CA MET KC 340 67.52 83.82 46.89
CA ASP KC 341 63.80 83.32 46.64
CA LEU KC 342 61.66 85.23 49.11
CA GLU KC 343 61.49 82.04 51.24
CA LYS KC 344 65.29 81.54 51.15
CA ARG KC 345 64.98 77.97 49.78
CA HIS KC 346 66.18 77.92 46.14
CA VAL KC 347 68.32 80.27 44.04
CA LEU KC 348 66.86 82.15 41.07
CA GLY KC 349 69.28 84.62 39.51
CA ARG KC 350 72.86 84.81 38.30
CA LEU KC 351 75.78 87.05 39.31
CA ILE KC 352 78.25 88.39 36.75
CA THR KC 353 81.20 89.27 38.97
CA VAL KC 354 82.28 85.76 39.91
CA ASN KC 355 83.61 85.71 43.47
CA PRO KC 356 83.42 89.46 44.17
CA ILE KC 357 86.34 90.71 46.21
CA VAL KC 358 86.92 93.51 48.72
CA THR KC 359 90.69 94.08 49.05
CA GLU KC 360 90.50 97.61 50.45
CA LYS KC 361 89.00 99.19 53.54
CA ASP KC 362 86.53 102.06 53.21
CA SER KC 363 86.02 101.91 49.45
CA PRO KC 364 82.97 101.48 47.20
CA VAL KC 365 82.59 98.01 45.74
CA ASN KC 366 80.63 97.41 42.53
CA ILE KC 367 78.58 94.20 42.53
CA GLU KC 368 76.84 93.10 39.34
CA ALA KC 369 73.96 90.66 38.90
CA GLU KC 370 71.01 89.82 36.63
CA PRO KC 371 67.84 88.45 38.23
CA PRO KC 372 64.91 87.07 36.28
CA PHE KC 373 61.61 88.92 35.96
CA GLY KC 374 60.05 88.41 39.36
CA ASP KC 375 60.33 89.19 43.02
CA SER KC 376 63.66 88.19 44.53
CA TYR KC 377 65.72 88.69 47.67
CA ILE KC 378 69.38 89.64 47.25
CA ILE KC 379 70.90 88.09 50.39
CA ILE KC 380 74.25 89.55 51.42
CA GLY KC 381 76.51 88.63 54.30
CA VAL KC 382 76.08 86.20 57.17
CA GLU KC 383 74.31 86.70 60.48
CA PRO KC 384 75.06 88.76 62.58
CA GLY KC 385 74.51 91.60 60.13
CA GLN KC 386 72.48 89.81 57.48
CA LEU KC 387 71.32 92.08 54.65
CA LYS KC 388 68.17 91.23 52.70
CA LEU KC 389 67.22 93.39 49.71
CA ASN KC 390 63.89 92.86 47.99
CA TRP KC 391 63.93 93.50 44.26
CA PHE KC 392 61.63 93.24 41.25
CA LYS KC 393 62.13 93.83 37.53
CA LYS KC 394 59.66 94.18 34.69
CA GLY KC 395 59.33 92.17 31.49
CA SER KC 396 58.28 88.75 30.23
CA SER KC 397 60.55 85.72 30.52
CA ILE KC 398 59.68 84.66 26.97
CA GLY KC 399 60.78 88.12 25.87
CA GLN KC 400 64.29 87.55 27.14
CA MET KC 401 64.29 83.97 25.80
CA ILE KC 402 63.48 85.03 22.23
CA GLU KC 403 65.74 88.09 22.45
CA THR KC 404 68.80 86.19 23.69
CA THR KC 405 68.23 83.23 21.37
CA MET KC 406 67.84 85.36 18.26
CA ARG KC 407 70.77 87.56 19.24
CA GLY KC 408 72.98 84.50 19.68
CA ALA KC 409 71.70 83.06 16.41
CA LYS KC 410 72.67 86.22 14.54
CA ARG KC 411 76.00 86.27 16.39
CA MET KC 412 76.76 82.72 15.28
CA ALA KC 413 75.55 83.42 11.74
CA ILE KC 414 77.99 86.31 11.37
CA LEU KC 415 80.53 84.31 13.41
CA GLY KC 416 79.87 81.44 11.04
CA ASP KC 417 81.58 80.12 7.92
CA THR KC 418 85.38 80.00 8.31
CA ALA KC 419 84.90 81.06 11.97
CA TRP KC 420 83.63 78.20 14.13
CA ASP KC 421 86.06 75.31 14.43
CA PHE KC 422 85.04 72.64 11.92
CA GLY KC 423 88.49 71.70 10.58
CA SER KC 424 90.06 71.00 13.98
CA LEU KC 425 89.75 67.28 14.70
CA GLY KC 426 89.02 66.24 18.28
CA GLY KC 427 87.47 69.60 19.09
CA VAL KC 428 84.66 69.01 16.60
CA PHE KC 429 82.33 67.76 19.32
CA THR KC 430 83.43 70.73 21.46
CA SER KC 431 82.84 73.13 18.56
CA ILE KC 432 79.31 71.88 17.92
CA GLY KC 433 78.71 72.04 21.67
CA LYS KC 434 79.79 75.68 21.60
CA ALA KC 435 77.50 76.39 18.64
CA LEU KC 436 74.49 74.64 20.17
CA HIS KC 437 75.18 76.65 23.31
CA GLN KC 438 75.30 79.96 21.45
CA VAL KC 439 71.84 79.18 19.97
CA PHE KC 440 69.88 77.10 22.52
CA GLY KC 441 71.68 77.79 25.80
CA ALA KC 442 69.22 80.42 26.91
CA ILE KC 443 66.50 77.79 26.69
CA TYR KC 444 68.71 75.18 28.34
CA GLY KC 445 69.87 77.23 31.31
CA ALA KC 446 66.78 79.38 31.91
CA ALA KC 447 63.68 77.46 30.83
CA PHE KC 448 64.89 73.98 31.79
CA SER KC 449 65.19 74.20 35.58
CA GLY KC 450 68.31 76.38 35.96
CA VAL KC 451 69.68 73.70 36.38
CA SER KC 452 70.81 70.82 38.60
CA TRP KC 453 72.74 69.09 35.84
CA ILE KC 454 72.69 65.48 37.11
CA MET KC 455 68.92 65.14 37.43
CA LYS KC 456 68.20 67.02 34.21
CA ILE KC 457 70.52 64.76 32.22
CA LEU KC 458 68.67 61.84 33.79
CA ILE KC 459 65.47 63.42 32.47
CA GLY KC 460 67.27 63.94 29.16
CA VAL KC 461 68.11 60.28 28.75
CA ILE KC 462 64.53 59.50 29.78
CA ILE KC 463 63.14 61.69 26.97
CA THR KC 464 65.64 60.14 24.54
CA TRP KC 465 64.48 56.65 25.51
CA ILE KC 466 60.84 57.62 25.09
CA GLY KC 467 61.61 59.26 21.74
CA MET KC 468 63.46 56.30 20.25
CA ASN KC 469 60.67 53.90 21.29
CA SER KC 470 57.89 56.26 20.18
CA ARG KC 471 54.72 55.58 18.21
CA SER KC 472 55.86 57.96 15.44
CA THR KC 473 59.21 58.46 13.72
CA SER KC 474 58.64 62.19 13.24
CA LEU KC 475 58.22 62.61 16.99
CA SER KC 476 61.23 60.32 17.51
CA VAL KC 477 63.41 62.62 15.42
CA SER KC 478 61.91 65.73 17.00
CA LEU KC 479 62.48 64.52 20.58
CA VAL KC 480 65.75 62.56 20.52
CA LEU KC 481 67.47 65.55 18.91
CA VAL KC 482 66.44 67.73 21.86
CA GLY KC 483 67.42 64.98 24.29
CA VAL KC 484 70.91 64.52 22.89
CA VAL KC 485 71.22 68.32 22.82
CA THR KC 486 70.30 68.34 26.50
CA LEU KC 487 72.79 65.62 27.39
CA TYR KC 488 75.74 67.02 25.43
CA LEU KC 489 75.12 70.60 26.57
CA GLY KC 490 74.83 69.35 30.16
CA VAL KC 491 78.22 67.73 29.82
CA MET KC 492 79.34 71.07 28.37
CA VAL KC 493 77.65 73.53 30.78
CA GLN KC 494 79.19 71.54 33.63
CA ALA KC 495 82.46 73.01 32.28
CA PHE LC 1 69.66 162.48 -29.70
CA HIS LC 2 70.44 163.47 -26.11
CA LEU LC 3 73.88 162.12 -25.24
CA THR LC 4 74.99 160.67 -21.91
CA THR LC 5 77.47 157.99 -20.79
CA ARG LC 6 76.95 154.50 -19.39
CA ASN LC 7 79.50 151.78 -18.67
CA GLY LC 8 82.15 154.20 -19.89
CA GLU LC 9 80.56 154.42 -23.35
CA PRO LC 10 78.51 157.13 -25.09
CA HIS LC 11 74.74 156.70 -25.09
CA MET LC 12 72.62 158.83 -27.43
CA ILE LC 13 68.82 158.71 -27.21
CA VAL LC 14 67.28 159.46 -30.60
CA SER LC 15 63.69 160.35 -31.41
CA ARG LC 16 61.47 161.20 -34.37
CA GLN LC 17 62.96 164.74 -34.49
CA GLU LC 18 66.00 163.12 -36.14
CA LYS LC 19 64.63 160.08 -37.96
CA GLY LC 20 66.25 158.21 -40.82
CA LYS LC 21 69.06 160.76 -41.06
CA SER LC 22 72.79 160.71 -40.41
CA LEU LC 23 73.60 161.19 -36.73
CA LEU LC 24 76.51 163.56 -36.16
CA PHE LC 25 78.42 164.61 -33.04
CA LYS LC 26 81.75 165.95 -31.81
CA THR LC 27 83.18 164.02 -28.86
CA GLU LC 28 86.58 163.45 -27.28
CA ASP LC 29 87.17 160.57 -29.69
CA GLY LC 30 86.59 162.97 -32.59
CA VAL LC 31 83.98 163.59 -35.28
CA ASN LC 32 81.36 160.90 -34.59
CA MET LC 33 79.41 160.12 -37.79
CA CYS LC 34 76.83 157.44 -37.00
CA THR LC 35 74.25 156.00 -39.37
CA LEU LC 36 71.08 154.78 -37.67
CA MET LC 37 69.77 152.53 -40.42
CA ALA LC 38 67.23 150.85 -38.14
CA MET LC 39 63.55 150.15 -38.81
CA ASP LC 40 61.13 150.56 -35.91
CA LEU LC 41 62.29 154.06 -34.96
CA GLY LC 42 59.11 156.07 -34.47
CA GLU LC 43 58.27 158.74 -31.93
CA LEU LC 44 59.79 158.17 -28.51
CA CYS LC 45 58.08 155.57 -26.33
CA GLU LC 46 58.57 153.52 -23.14
CA ASP LC 47 59.51 150.30 -24.98
CA THR LC 48 63.15 151.33 -24.81
CA ILE LC 49 65.05 149.20 -27.32
CA THR LC 50 68.82 149.64 -27.07
CA TYR LC 51 71.69 148.84 -29.40
CA LYS LC 52 75.44 148.77 -29.81
CA CYS LC 53 76.52 150.63 -32.89
CA PRO LC 54 79.85 148.80 -33.38
CA PHE LC 55 83.18 150.37 -34.26
CA LEU LC 56 83.76 149.90 -37.99
CA LYS LC 57 86.77 151.58 -39.56
CA GLN LC 58 86.47 151.06 -43.34
CA ASN LC 59 84.99 147.60 -43.97
CA GLU LC 60 81.71 146.72 -45.70
CA PRO LC 61 78.86 146.92 -43.17
CA GLU LC 62 76.25 144.18 -43.24
CA ASP LC 63 73.74 142.51 -40.92
CA ILE LC 64 73.74 145.55 -38.61
CA ASP LC 65 71.07 148.04 -37.60
CA CYS LC 66 73.27 151.02 -36.68
CA TRP LC 67 76.96 151.79 -36.99
CA CYS LC 68 79.51 154.54 -36.41
CA ASN LC 69 82.80 155.20 -38.19
CA SER LC 70 84.48 156.64 -35.06
CA THR LC 71 83.89 154.35 -32.09
CA SER LC 72 81.48 151.87 -30.58
CA THR LC 73 78.50 153.51 -28.93
CA TRP LC 74 75.08 152.92 -27.40
CA VAL LC 75 71.87 154.08 -29.05
CA THR LC 76 68.29 153.72 -27.85
CA TYR LC 77 64.76 154.56 -28.92
CA GLY LC 78 61.10 153.59 -28.57
CA THR LC 79 58.78 151.38 -30.58
CA CYS LC 80 55.15 152.42 -29.97
CA THR LC 81 53.04 153.80 -32.80
CA THR LC 82 52.07 157.45 -33.25
CA THR LC 83 48.73 157.27 -31.47
CA GLY LC 84 50.13 155.34 -28.50
CA GLU LC 85 50.07 151.60 -27.84
CA HIS LC 86 52.25 148.82 -26.47
CA ARG LC 87 53.25 147.19 -29.76
CA ARG LC 88 51.85 145.11 -32.65
CA GLU LC 89 49.18 142.57 -31.68
CA LYS LC 90 49.50 138.81 -32.21
CA ARG LC 91 47.55 135.69 -31.27
CA SER LC 92 49.30 132.63 -29.89
CA VAL LC 93 49.46 130.07 -27.01
CA ALA LC 94 47.61 126.77 -27.37
CA LEU LC 95 45.11 125.83 -24.67
CA VAL LC 96 41.64 124.36 -24.22
CA PRO LC 97 39.90 122.89 -21.13
CA HIS LC 98 37.69 119.91 -20.60
CA VAL LC 99 33.98 120.52 -21.18
CA GLY LC 100 31.89 120.69 -18.08
CA MET LC 101 29.08 118.80 -16.42
CA GLY LC 102 25.91 120.48 -15.17
CA LEU LC 103 22.17 120.16 -14.46
CA GLU LC 104 22.45 116.36 -14.80
CA THR LC 105 23.81 115.04 -11.46
CA ARG LC 106 25.67 111.73 -11.14
CA THR LC 107 23.30 109.08 -9.70
CA GLU LC 108 21.01 106.54 -11.38
CA THR LC 109 17.54 108.15 -11.22
CA TRP LC 110 14.83 110.05 -13.17
CA MET LC 111 13.56 107.13 -15.33
CA SER LC 112 14.76 109.07 -18.40
CA SER LC 113 15.59 107.40 -21.71
CA GLU LC 114 19.20 108.59 -21.71
CA GLY LC 115 19.67 107.68 -18.05
CA ALA LC 116 17.90 104.35 -18.47
CA TRP LC 117 19.92 103.30 -21.52
CA LYS LC 118 23.28 104.68 -20.32
CA HIS LC 119 23.88 101.68 -18.06
CA ALA LC 120 23.12 99.17 -20.82
CA GLN LC 121 25.20 101.12 -23.35
CA ARG LC 122 28.14 101.13 -20.93
CA ILE LC 123 27.69 97.39 -20.28
CA GLU LC 124 27.80 96.56 -23.98
CA THR LC 125 30.72 98.94 -24.55
CA TRP LC 126 32.62 97.18 -21.77
CA ILE LC 127 31.74 93.80 -23.28
CA LEU LC 128 33.01 94.92 -26.69
CA ARG LC 129 36.19 96.30 -25.13
CA HIS LC 130 36.57 93.25 -22.83
CA PRO LC 131 35.96 90.07 -24.84
CA GLY LC 132 38.35 88.04 -22.68
CA PHE LC 133 36.56 88.82 -19.42
CA THR LC 134 33.26 88.03 -21.13
CA ILE LC 135 34.56 84.63 -22.22
CA MET LC 136 35.93 83.98 -18.74
CA ALA LC 137 32.58 84.83 -17.15
CA ALA LC 138 30.79 82.58 -19.64
CA ILE LC 139 33.15 79.70 -18.79
CA LEU LC 140 32.60 80.22 -15.06
CA ALA LC 141 28.83 80.27 -15.61
CA TYR LC 142 29.08 77.05 -17.63
CA THR LC 143 31.10 75.26 -14.96
CA ILE LC 144 29.13 76.45 -11.93
CA GLY LC 145 25.76 76.41 -13.69
CA THR LC 146 23.91 73.09 -13.69
CA THR LC 147 20.90 74.44 -15.63
CA HIS LC 148 20.84 76.61 -18.74
CA PHE LC 149 18.70 79.20 -16.96
CA GLN LC 150 21.18 79.42 -14.08
CA ARG LC 151 23.98 79.52 -16.66
CA ALA LC 152 22.51 82.54 -18.44
CA LEU LC 153 21.53 84.29 -15.21
CA ILE LC 154 25.02 83.93 -13.73
CA PHE LC 155 26.65 85.04 -16.99
CA ILE LC 156 24.45 88.15 -17.11
CA LEU LC 157 25.11 88.87 -13.42
CA LEU LC 158 28.88 88.60 -13.86
CA THR LC 159 28.92 90.74 -17.01
CA ALA LC 160 26.79 93.40 -15.30
CA VAL LC 161 28.64 93.40 -11.96
CA ALA LC 162 32.26 93.34 -13.19
CA PRO LC 163 32.14 96.88 -14.70
CA SER LC 164 30.29 98.36 -11.73
CA MET LC 165 33.28 97.60 -9.49
CA THR LC 166 35.42 99.96 -11.59
CA PHE MC 1 69.11 154.11 -61.56
CA HIS MC 2 66.96 153.73 -64.69
CA LEU MC 3 63.56 155.39 -64.42
CA THR MC 4 61.58 152.92 -66.56
CA THR MC 5 57.83 152.41 -66.95
CA ARG MC 6 57.37 149.03 -65.28
CA ASN MC 7 53.79 147.79 -64.89
CA GLY MC 8 52.79 151.28 -66.04
CA GLU MC 9 54.47 153.04 -63.10
CA PRO MC 10 57.92 154.52 -62.40
CA HIS MC 11 60.55 151.90 -61.64
CA MET MC 12 64.12 152.33 -60.36
CA ILE MC 13 67.13 150.02 -59.97
CA VAL MC 14 69.38 151.22 -57.13
CA SER MC 15 72.74 149.51 -56.66
CA ARG MC 16 75.35 149.55 -53.90
CA GLN MC 17 77.68 152.14 -55.48
CA GLU MC 18 75.57 154.67 -53.57
CA LYS MC 19 74.01 153.57 -50.29
CA GLY MC 20 72.39 154.97 -47.18
CA LYS MC 21 71.58 158.23 -48.97
CA SER MC 22 68.44 159.73 -50.44
CA LEU MC 23 68.14 159.41 -54.21
CA LEU MC 24 67.14 162.29 -56.48
CA PHE MC 25 65.46 162.09 -59.88
CA LYS MC 26 62.94 163.73 -62.19
CA THR MC 27 59.38 162.83 -63.21
CA GLU MC 28 56.42 164.59 -64.82
CA ASP MC 29 55.37 165.86 -61.39
CA GLY MC 30 58.79 167.46 -60.85
CA VAL MC 31 61.94 166.71 -58.90
CA ASN MC 32 61.49 163.76 -56.52
CA MET MC 33 63.80 162.91 -53.63
CA CYS MC 34 63.41 159.31 -52.48
CA THR MC 35 64.24 157.77 -49.11
CA LEU MC 36 65.51 154.18 -48.92
CA MET MC 37 65.80 152.80 -45.38
CA ALA MC 38 66.33 149.21 -46.57
CA MET MC 39 69.11 147.99 -44.29
CA ASP MC 40 69.77 144.64 -46.02
CA LEU MC 41 71.03 146.17 -49.25
CA GLY MC 42 73.84 144.77 -51.40
CA GLU MC 43 75.14 145.20 -54.94
CA LEU MC 44 73.10 144.42 -58.03
CA CYS MC 45 73.04 140.77 -59.12
CA GLU MC 46 70.52 138.13 -60.13
CA ASP MC 47 68.81 138.01 -56.72
CA THR MC 48 66.77 141.14 -57.36
CA ILE MC 49 64.34 142.12 -54.60
CA THR MC 50 61.66 144.60 -55.71
CA TYR MC 51 59.34 147.07 -53.97
CA LYS MC 52 56.40 149.36 -54.78
CA CYS MC 53 57.52 152.47 -52.91
CA PRO MC 54 54.50 154.22 -51.34
CA PHE MC 55 53.59 157.90 -51.32
CA LEU MC 56 53.64 159.85 -48.05
CA LYS MC 57 52.65 163.51 -47.65
CA GLN MC 58 53.27 164.46 -44.00
CA ASN MC 59 52.61 161.40 -41.82
CA GLU MC 60 55.45 159.79 -39.90
CA PRO MC 61 57.14 157.04 -41.96
CA GLU MC 62 56.65 153.87 -39.91
CA ASP MC 63 57.51 150.24 -40.61
CA ILE MC 64 58.48 150.90 -44.24
CA ASP MC 65 61.78 151.16 -46.07
CA CYS MC 66 61.02 153.48 -48.97
CA TRP MC 67 59.12 156.74 -49.25
CA CYS MC 68 59.08 159.98 -51.24
CA ASN MC 69 57.31 163.36 -50.92
CA SER MC 70 55.31 163.45 -54.18
CA THR MC 71 54.58 160.07 -55.71
CA SER MC 72 54.89 156.29 -55.47
CA THR MC 73 57.28 154.17 -57.52
CA TRP MC 74 59.00 150.77 -57.81
CA VAL MC 75 62.49 150.53 -56.29
CA THR MC 76 64.55 147.35 -56.68
CA TYR MC 77 68.03 146.19 -55.77
CA GLY MC 78 70.25 143.16 -55.45
CA THR MC 79 71.18 141.34 -52.27
CA CYS MC 80 74.43 139.56 -53.13
CA THR MC 81 77.20 139.86 -50.57
CA THR MC 82 80.72 141.11 -51.27
CA THR MC 83 81.75 137.87 -52.96
CA GLY MC 84 78.78 138.30 -55.33
CA GLU MC 85 76.92 135.18 -54.19
CA HIS MC 86 73.28 134.59 -53.24
CA ARG MC 87 71.79 134.50 -49.75
CA ARG MC 88 73.33 132.04 -47.32
CA GLU MC 89 72.21 130.28 -44.14
CA LYS MC 90 71.66 126.82 -42.63
CA ARG MC 91 70.13 124.43 -41.68
CA SER MC 92 66.96 122.48 -42.52
CA VAL MC 93 65.91 119.01 -41.40
CA ALA MC 94 65.94 115.62 -43.11
CA LEU MC 95 64.62 112.45 -41.50
CA VAL MC 96 67.46 110.18 -40.39
CA PRO MC 97 67.44 106.96 -42.49
CA HIS MC 98 67.99 103.36 -41.43
CA VAL MC 99 67.73 99.82 -42.78
CA GLY MC 100 64.56 97.76 -43.01
CA MET MC 101 60.95 98.96 -43.14
CA GLY MC 102 59.64 99.84 -39.70
CA LEU MC 103 55.83 99.63 -39.80
CA GLU MC 104 54.85 98.02 -36.51
CA THR MC 105 54.83 100.93 -34.01
CA ARG MC 106 52.82 104.15 -33.97
CA THR MC 107 50.81 106.27 -31.51
CA GLU MC 108 51.81 107.17 -27.95
CA THR MC 109 50.73 105.49 -24.73
CA TRP MC 110 48.01 106.15 -22.19
CA MET MC 111 49.66 105.30 -18.88
CA SER MC 112 46.68 103.90 -16.98
CA SER MC 113 45.08 101.79 -19.71
CA GLU MC 114 48.36 100.47 -21.09
CA GLY MC 115 49.62 99.69 -17.59
CA ALA MC 116 46.42 97.75 -16.93
CA TRP MC 117 46.70 95.85 -20.23
CA LYS MC 118 50.48 95.31 -20.02
CA HIS MC 119 50.00 91.88 -18.46
CA ALA MC 120 47.42 90.79 -21.03
CA GLN MC 121 49.57 91.94 -23.95
CA ARG MC 122 52.83 90.63 -22.46
CA ILE MC 123 51.47 87.11 -21.92
CA GLU MC 124 50.35 87.00 -25.56
CA THR MC 125 53.63 88.32 -26.96
CA TRP MC 126 55.67 85.97 -24.78
CA ILE MC 127 53.56 82.87 -25.44
CA LEU MC 128 53.75 83.57 -29.17
CA ARG MC 129 57.49 84.31 -29.19
CA HIS MC 130 58.49 81.04 -27.44
CA PRO MC 131 56.58 78.05 -28.87
CA GLY MC 132 59.23 75.72 -27.45
CA PHE MC 133 58.41 76.68 -23.88
CA THR MC 134 54.74 76.44 -24.85
CA ILE MC 135 55.34 72.80 -25.74
CA MET MC 136 57.28 72.03 -22.57
CA ALA MC 137 54.71 73.73 -20.32
CA ALA MC 138 51.90 71.91 -22.10
CA ILE MC 139 53.64 68.55 -21.65
CA LEU MC 140 54.31 69.20 -17.96
CA ALA MC 141 50.68 70.22 -17.42
CA TYR MC 142 49.50 67.12 -19.29
CA THR MC 143 51.58 64.83 -17.08
CA ILE MC 144 50.92 66.47 -13.72
CA GLY MC 145 47.23 67.25 -14.08
CA THR MC 146 45.19 64.13 -13.28
CA THR MC 147 41.93 65.46 -14.76
CA HIS MC 148 41.30 67.96 -17.52
CA PHE MC 149 40.73 71.14 -15.54
CA GLN MC 150 43.83 70.59 -13.40
CA ARG MC 151 45.81 70.29 -16.64
CA ALA MC 152 44.36 73.52 -18.03
CA LEU MC 153 44.87 75.32 -14.71
CA ILE MC 154 48.53 74.36 -14.41
CA PHE MC 155 49.05 75.28 -18.06
CA ILE MC 156 47.56 78.76 -17.75
CA LEU MC 157 49.37 79.47 -14.45
CA LEU MC 158 52.74 78.55 -15.93
CA THR MC 159 52.06 80.59 -19.05
CA ALA MC 160 51.25 83.57 -16.83
CA VAL MC 161 54.26 83.01 -14.57
CA ALA MC 162 56.87 82.68 -17.32
CA PRO MC 163 56.85 86.33 -18.50
CA SER MC 164 56.77 87.61 -14.90
CA MET MC 165 60.05 85.99 -13.84
CA THR MC 166 61.75 87.61 -16.84
CA PHE NC 1 107.42 143.88 -30.31
CA HIS NC 2 110.14 141.47 -29.13
CA LEU NC 3 111.36 139.25 -31.99
CA THR NC 4 112.88 135.79 -31.56
CA THR NC 5 113.65 132.91 -33.93
CA ARG NC 6 111.76 129.69 -33.20
CA ASN NC 7 111.25 126.77 -35.59
CA GLY NC 8 113.14 128.71 -38.25
CA GLU NC 9 110.46 131.44 -38.20
CA PRO NC 10 110.10 134.75 -36.33
CA HIS NC 11 108.14 134.83 -33.08
CA MET NC 12 106.72 138.17 -31.92
CA ILE NC 13 105.93 138.93 -28.28
CA VAL NC 14 103.56 141.87 -27.80
CA SER NC 15 102.24 143.50 -24.63
CA ARG NC 16 99.28 145.76 -23.98
CA GLN NC 17 101.65 148.74 -23.73
CA GLU NC 18 101.25 148.86 -27.54
CA LYS NC 19 97.56 147.90 -27.46
CA GLY NC 20 95.29 149.14 -30.23
CA LYS NC 21 98.08 150.19 -32.59
CA SER NC 22 99.33 148.62 -35.80
CA LEU NC 23 102.38 146.35 -35.61
CA LEU NC 24 105.15 148.42 -37.22
CA PHE NC 25 108.87 147.63 -37.14
CA LYS NC 26 111.87 147.12 -39.44
CA THR NC 27 114.03 144.05 -40.09
CA GLU NC 28 116.13 142.66 -42.92
CA ASP NC 29 113.11 140.83 -44.37
CA GLY NC 30 111.77 144.21 -45.47
CA VAL NC 31 109.33 146.90 -44.36
CA ASN NC 32 107.22 144.58 -42.20
CA MET NC 33 103.97 146.47 -41.92
CA CYS NC 34 101.56 144.39 -39.84
CA THR NC 35 98.40 144.71 -37.78
CA LEU NC 36 96.82 143.09 -34.73
CA MET NC 37 93.06 143.53 -34.60
CA ALA NC 38 91.42 141.18 -32.07
CA MET NC 39 90.57 142.65 -28.66
CA ASP NC 40 91.29 139.49 -26.65
CA LEU NC 41 94.64 141.02 -25.61
CA GLY NC 42 95.41 141.18 -21.91
CA GLU NC 43 98.40 142.43 -19.99
CA LEU NC 44 101.74 140.64 -19.97
CA CYS NC 45 101.46 137.53 -17.80
CA GLU NC 46 102.19 133.80 -17.94
CA ASP NC 47 99.07 132.95 -19.98
CA THR NC 48 100.82 133.16 -23.33
CA ILE NC 49 98.76 132.66 -26.50
CA THR NC 50 100.33 132.37 -29.95
CA TYR NC 51 99.47 132.85 -33.63
CA LYS NC 52 100.87 132.69 -37.11
CA CYS NC 53 100.22 135.91 -39.01
CA PRO NC 54 99.77 135.14 -42.72
CA PHE NC 55 101.36 136.97 -45.64
CA LEU NC 56 99.39 139.19 -47.99
CA LYS NC 57 99.40 138.60 -51.73
CA GLN NC 58 96.30 140.51 -52.85
CA ASN NC 59 93.38 139.72 -50.53
CA GLU NC 60 91.75 142.01 -48.01
CA PRO NC 61 92.59 141.12 -44.38
CA GLU NC 62 90.12 138.42 -43.47
CA ASP NC 63 89.72 135.19 -41.45
CA ILE NC 64 92.73 135.92 -39.17
CA ASP NC 65 93.04 138.20 -36.15
CA CYS NC 66 96.52 139.32 -37.21
CA TRP NC 67 97.60 140.38 -40.70
CA CYS NC 68 101.11 141.06 -42.02
CA ASN NC 69 101.99 141.94 -45.62
CA SER NC 70 105.76 141.42 -45.90
CA THR NC 71 106.60 138.03 -44.34
CA SER NC 72 104.67 135.44 -42.33
CA THR NC 73 105.47 135.78 -38.64
CA TRP NC 74 104.20 134.37 -35.35
CA VAL NC 75 102.64 136.80 -32.88
CA THR NC 76 102.06 135.86 -29.24
CA TYR NC 77 100.79 137.87 -26.28
CA GLY NC 78 98.96 137.69 -22.96
CA THR NC 79 95.25 137.15 -22.38
CA CYS NC 80 94.72 137.32 -18.61
CA THR NC 81 92.20 139.86 -17.35
CA THR NC 82 93.42 143.18 -15.97
CA THR NC 83 93.26 141.93 -12.36
CA GLY NC 84 96.04 139.39 -13.01
CA GLU NC 85 93.64 136.42 -13.12
CA HIS NC 86 93.59 133.74 -15.81
CA ARG NC 87 90.53 133.31 -17.98
CA ARG NC 88 87.83 131.03 -16.64
CA GLU NC 89 84.18 130.06 -17.08
CA LYS NC 90 81.58 129.32 -14.43
CA ARG NC 91 80.37 126.07 -15.99
CA SER NC 92 80.77 122.99 -13.79
CA VAL NC 93 80.65 119.18 -14.05
CA ALA NC 94 79.85 116.61 -11.36
CA LEU NC 95 77.23 113.96 -10.54
CA VAL NC 96 74.96 112.73 -7.73
CA PRO NC 97 76.88 111.05 -4.85
CA HIS NC 98 73.94 110.10 -2.60
CA VAL NC 99 73.11 106.44 -3.27
CA GLY NC 100 74.95 103.77 -5.22
CA MET NC 101 75.57 100.08 -4.45
CA GLY NC 102 75.28 97.20 -6.93
CA LEU NC 103 77.07 94.11 -5.59
CA GLU NC 104 79.48 93.79 -2.65
CA THR NC 105 80.56 91.78 0.37
CA ARG NC 106 82.22 88.51 1.09
CA THR NC 107 81.16 85.54 -1.04
CA GLU NC 108 79.16 82.90 0.87
CA THR NC 109 77.94 83.91 4.34
CA TRP NC 110 76.63 87.08 2.75
CA MET NC 111 75.13 84.96 -0.02
CA SER NC 112 73.32 82.64 2.41
CA SER NC 113 72.23 85.35 4.86
CA GLU NC 114 71.10 87.93 2.31
CA GLY NC 115 69.42 85.22 0.23
CA ALA NC 116 67.43 84.12 3.27
CA TRP NC 117 66.55 87.69 4.22
CA LYS NC 118 65.78 88.95 0.71
CA HIS NC 119 63.57 85.95 -0.02
CA ALA NC 120 61.93 86.37 3.39
CA GLN NC 121 61.16 90.06 2.87
CA ARG NC 122 60.10 89.57 -0.77
CA ILE NC 123 57.69 86.74 0.04
CA GLU NC 124 56.51 88.53 3.18
CA THR NC 125 55.75 91.69 1.22
CA TRP NC 126 53.87 89.57 -1.34
CA ILE NC 127 51.89 88.02 1.54
CA LEU NC 128 51.06 91.30 3.33
CA ARG NC 129 51.06 93.75 0.41
CA HIS NC 130 48.42 91.47 -1.18
CA PRO NC 131 46.98 89.21 1.55
CA GLY NC 132 43.60 87.99 0.34
CA PHE NC 133 45.04 86.29 -2.74
CA THR NC 134 47.21 84.24 -0.40
CA ILE NC 135 44.41 82.83 1.77
CA MET NC 136 42.10 82.22 -1.19
CA ALA NC 137 44.88 80.37 -3.00
CA ALA NC 138 45.67 78.35 0.12
CA ILE NC 139 42.07 77.21 0.61
CA LEU NC 140 41.68 76.55 -3.12
CA ALA NC 141 44.77 74.33 -3.10
CA TYR NC 142 43.69 72.50 0.05
CA THR NC 143 40.31 71.81 -1.57
CA ILE NC 144 41.50 70.94 -5.10
CA GLY NC 145 44.97 69.43 -4.98
CA THR NC 146 44.90 65.65 -4.69
CA THR NC 147 48.25 65.23 -2.89
CA HIS NC 148 50.08 67.48 -0.47
CA PHE NC 149 52.82 67.88 -3.10
CA GLN NC 150 50.20 68.91 -5.66
CA ARG NC 151 48.55 71.29 -3.19
CA ALA NC 152 51.97 72.78 -2.43
CA LEU NC 153 52.51 73.40 -6.13
CA ILE NC 154 49.05 74.96 -6.44
CA PHE NC 155 49.18 77.57 -3.71
CA ILE NC 156 52.92 78.32 -3.94
CA LEU NC 157 52.50 79.02 -7.66
CA LEU NC 158 49.35 81.08 -7.09
CA THR NC 159 51.08 83.14 -4.39
CA ALA NC 160 54.03 83.62 -6.75
CA VAL NC 161 51.96 84.80 -9.72
CA ALA NC 162 49.06 86.77 -8.19
CA PRO NC 163 50.99 89.64 -6.51
CA SER NC 164 53.05 90.07 -9.67
CA MET NC 165 49.82 89.92 -11.67
CA THR NC 166 48.17 92.38 -9.27
CA MET OC 1 68.81 42.01 -101.96
CA ARG OC 2 72.45 42.12 -100.93
CA CYS OC 3 72.73 39.69 -98.04
CA ILE OC 4 73.12 36.12 -99.25
CA GLY OC 5 75.50 33.74 -97.50
CA ILE OC 6 75.78 35.80 -94.31
CA SER OC 7 74.96 33.34 -91.54
CA ASN OC 8 73.39 35.85 -89.14
CA ARG OC 9 70.36 37.13 -91.03
CA ASP OC 10 67.94 38.64 -88.51
CA PHE OC 11 64.28 39.28 -89.26
CA VAL OC 12 61.62 41.82 -88.31
CA GLU OC 13 58.29 40.18 -89.20
CA GLY OC 14 55.92 43.12 -88.94
CA VAL OC 15 55.44 46.81 -88.23
CA SER OC 16 53.12 48.97 -86.12
CA GLY OC 17 51.63 52.44 -86.49
CA GLY OC 18 54.49 54.18 -84.70
CA SER OC 19 56.98 52.31 -86.91
CA TRP OC 20 59.80 53.29 -84.53
CA VAL OC 21 61.64 50.02 -85.03
CA ASP OC 22 64.95 49.87 -83.15
CA ILE OC 23 67.08 47.52 -85.23
CA VAL OC 24 69.96 45.58 -83.74
CA LEU OC 25 73.07 45.37 -85.89
CA GLU OC 26 76.39 43.57 -85.51
CA HIS OC 27 79.50 42.74 -87.52
CA GLY OC 28 78.96 40.07 -90.14
CA SER OC 29 75.19 40.00 -89.66
CA CYS OC 30 72.47 41.44 -91.89
CA VAL OC 31 68.96 42.54 -90.98
CA THR OC 32 65.69 42.42 -92.92
CA THR OC 33 62.87 44.84 -92.18
CA MET OC 34 59.30 44.03 -93.20
CA ALA OC 35 56.35 46.40 -93.28
CA LYS OC 36 52.74 45.88 -94.32
CA ASN OC 37 52.41 47.23 -97.87
CA LYS OC 38 55.59 49.29 -97.50
CA PRO OC 39 59.00 48.77 -99.14
CA THR OC 40 61.03 46.02 -97.50
CA LEU OC 41 64.55 46.98 -96.46
CA ASP OC 42 67.90 45.29 -95.90
CA PHE OC 43 70.26 46.89 -93.38
CA GLU OC 44 73.96 46.21 -92.91
CA LEU OC 45 77.13 47.82 -91.61
CA ILE OC 46 79.76 47.44 -94.33
CA LYS OC 47 82.74 49.05 -92.61
CA THR OC 48 83.60 50.26 -89.11
CA GLU OC 49 86.35 52.89 -88.92
CA ALA OC 50 87.64 55.34 -86.33
CA LYS OC 51 89.00 58.17 -88.46
CA GLN OC 52 91.78 60.39 -87.12
CA PRO OC 53 92.85 58.14 -84.22
CA ALA OC 54 94.99 59.57 -81.43
CA THR OC 55 98.57 58.48 -80.74
CA LEU OC 56 99.40 57.09 -77.29
CA ARG OC 57 103.00 55.88 -77.26
CA LYS OC 58 105.52 54.75 -79.86
CA TYR OC 59 107.74 51.69 -79.43
CA CYS OC 60 111.14 51.13 -81.02
CA ILE OC 61 111.89 48.08 -83.17
CA GLU OC 62 115.29 48.41 -84.93
CA ALA OC 63 118.22 50.21 -83.33
CA LYS OC 64 120.99 51.99 -85.16
CA LEU OC 65 123.74 53.26 -82.87
CA THR OC 66 126.96 55.26 -83.05
CA ASN OC 67 129.47 57.33 -81.08
CA THR OC 68 129.95 54.49 -78.59
CA THR OC 69 132.75 55.23 -76.14
CA THR OC 70 134.39 53.67 -73.09
CA ASP OC 71 136.06 56.00 -70.60
CA SER OC 72 137.61 54.90 -67.35
CA ARG OC 73 139.90 55.96 -64.51
CA CYS OC 74 142.28 54.10 -62.25
CA PRO OC 75 140.81 52.82 -58.96
CA THR OC 76 140.67 55.54 -56.28
CA GLN OC 77 140.02 58.28 -58.90
CA GLY OC 78 136.22 58.15 -59.08
CA GLU OC 79 134.38 56.97 -62.17
CA PRO OC 80 134.88 59.68 -64.81
CA SER OC 81 132.19 62.11 -65.87
CA LEU OC 82 131.57 62.64 -69.58
CA ASN OC 83 129.99 65.29 -71.75
CA GLU OC 84 128.49 62.28 -73.53
CA GLU OC 85 126.46 61.01 -70.59
CA GLN OC 86 124.77 64.24 -69.51
CA ASP OC 87 122.41 64.30 -72.53
CA LYS OC 88 119.29 62.14 -72.79
CA ARG OC 89 120.02 61.64 -76.51
CA PHE OC 90 122.43 58.84 -75.51
CA VAL OC 91 122.07 55.62 -73.52
CA CYS OC 92 124.58 54.78 -70.82
CA LYS OC 93 125.81 52.80 -67.88
CA HIS OC 94 128.54 52.72 -65.24
CA SER OC 95 130.22 49.47 -64.27
CA MET OC 96 133.00 48.08 -62.08
CA VAL OC 97 135.95 46.07 -63.38
CA ASP OC 98 139.20 44.75 -61.91
CA ARG OC 99 141.94 46.77 -63.56
CA GLY OC 100 145.20 44.92 -62.94
CA TRP OC 101 148.71 46.20 -62.35
CA GLY OC 102 149.76 45.68 -65.96
CA ASN OC 103 146.64 47.42 -67.20
CA GLY OC 104 147.79 50.98 -67.73
CA CYS OC 105 147.46 52.24 -64.16
CA GLY OC 106 149.73 49.98 -62.16
CA LEU OC 107 147.62 49.69 -59.04
CA PHE OC 108 145.48 46.56 -59.20
CA GLY OC 109 141.95 46.97 -57.92
CA LYS OC 110 138.32 47.30 -58.91
CA GLY OC 111 137.43 50.64 -60.47
CA GLY OC 112 134.74 52.37 -62.49
CA ILE OC 113 134.17 52.47 -66.24
CA VAL OC 114 131.57 54.60 -68.01
CA THR OC 115 130.37 53.14 -71.30
CA CYS OC 116 127.92 54.66 -73.79
CA ALA OC 117 126.64 55.56 -77.19
CA MET OC 118 124.04 57.35 -79.25
CA PHE OC 119 120.71 55.61 -79.78
CA THR OC 120 118.46 56.54 -82.70
CA CYS OC 121 116.38 53.74 -84.17
CA LYS OC 122 114.88 53.20 -87.57
CA LYS OC 123 111.61 51.22 -87.50
CA ASN OC 124 109.07 51.98 -84.79
CA MET OC 125 105.59 50.93 -83.79
CA LYS OC 126 102.55 53.17 -83.98
CA GLY OC 127 100.48 52.86 -80.81
CA LYS OC 128 97.06 54.43 -80.97
CA VAL OC 129 93.91 54.85 -78.88
CA VAL OC 130 90.30 55.04 -80.06
CA GLN OC 131 87.67 57.07 -78.19
CA PRO OC 132 83.86 56.73 -78.41
CA GLU OC 133 83.73 60.08 -80.23
CA ASN OC 134 85.83 58.96 -83.18
CA LEU OC 135 83.75 55.84 -83.88
CA GLU OC 136 82.50 56.25 -87.45
CA TYR OC 137 80.12 53.60 -88.78
CA THR OC 138 79.27 53.04 -92.43
CA ILE OC 139 75.71 51.81 -92.91
CA VAL OC 140 74.37 50.25 -96.12
CA ILE OC 141 70.64 50.42 -96.88
CA THR OC 142 69.15 48.41 -99.73
CA PRO OC 143 65.68 47.83 -101.21
CA HIS OC 144 64.36 44.41 -102.26
CA SER OC 145 64.02 45.41 -105.89
CA GLY OC 146 65.57 42.10 -106.93
CA GLU OC 147 68.28 43.53 -109.17
CA GLU OC 148 70.49 40.82 -110.61
CA HIS OC 149 73.88 41.76 -109.11
CA ALA OC 150 72.53 41.42 -105.58
CA VAL OC 151 73.41 37.87 -104.52
CA GLY OC 152 76.90 37.99 -103.07
CA ASN OC 153 77.34 41.71 -103.82
CA ASP OC 154 78.03 44.35 -101.18
CA THR OC 155 79.23 47.69 -102.57
CA GLY OC 156 77.26 47.54 -105.83
CA LYS OC 157 75.61 50.84 -106.82
CA HIS OC 158 72.06 49.80 -106.02
CA GLY OC 159 71.42 51.16 -102.53
CA LYS OC 160 72.66 53.93 -100.26
CA GLU OC 161 75.67 54.33 -97.99
CA ILE OC 162 75.55 56.68 -95.01
CA LYS OC 163 78.38 57.91 -92.78
CA ILE OC 164 76.84 57.63 -89.31
CA THR OC 165 78.50 58.78 -86.09
CA PRO OC 166 77.27 59.44 -82.53
CA GLN OC 167 78.24 63.08 -83.06
CA SER OC 168 75.43 63.12 -85.65
CA SER OC 169 71.81 62.39 -84.74
CA ILE OC 170 69.44 63.01 -87.70
CA THR OC 171 70.11 62.89 -91.42
CA GLU OC 172 67.78 62.00 -94.28
CA ALA OC 173 68.92 59.45 -96.87
CA GLU OC 174 67.42 58.77 -100.28
CA LEU OC 175 66.62 55.30 -101.63
CA THR OC 176 66.24 55.74 -105.37
CA GLY OC 177 62.81 54.66 -106.54
CA TYR OC 178 61.56 54.11 -103.00
CA GLY OC 179 61.76 57.55 -101.38
CA THR OC 180 63.30 58.68 -98.10
CA VAL OC 181 64.50 57.07 -94.88
CA THR OC 182 65.64 59.08 -91.88
CA MET OC 183 68.89 58.15 -90.13
CA GLU OC 184 67.79 59.23 -86.66
CA CYS OC 185 70.14 56.55 -85.40
CA SER OC 186 71.78 56.12 -82.00
CA PRO OC 187 75.19 54.39 -81.90
CA ARG OC 188 75.16 53.96 -78.13
CA THR OC 189 76.48 50.52 -77.32
CA GLY OC 190 80.25 50.62 -77.53
CA LEU OC 191 81.46 47.45 -75.81
CA ASP OC 192 84.53 48.81 -74.01
CA PHE OC 193 87.43 51.08 -74.91
CA ASN OC 194 89.58 51.79 -71.83
CA GLU OC 195 91.57 48.56 -72.20
CA MET OC 196 91.92 48.23 -75.98
CA VAL OC 197 94.71 49.71 -78.09
CA LEU OC 198 95.54 49.70 -81.79
CA LEU OC 199 99.02 48.95 -83.14
CA GLN OC 200 100.33 49.64 -86.64
CA MET OC 201 103.49 48.40 -88.42
CA GLU OC 202 104.12 49.90 -91.88
CA ASN OC 203 101.39 47.92 -93.67
CA LYS OC 204 99.64 45.84 -90.99
CA ALA OC 205 97.85 46.35 -87.68
CA TRP OC 206 96.72 44.60 -84.51
CA LEU OC 207 94.45 45.10 -81.51
CA VAL OC 208 95.73 44.39 -78.00
CA HIS OC 209 94.86 45.11 -74.39
CA ARG OC 210 96.28 48.28 -72.86
CA GLN OC 211 98.15 46.45 -70.10
CA TRP OC 212 100.15 44.71 -72.81
CA PHE OC 213 101.54 48.06 -73.95
CA LEU OC 214 101.94 49.25 -70.37
CA ASP OC 215 104.11 46.23 -69.49
CA LEU OC 216 106.00 45.34 -72.66
CA PRO OC 217 109.74 46.06 -72.02
CA LEU OC 218 110.85 47.96 -75.10
CA PRO OC 219 111.85 51.59 -75.71
CA TRP OC 220 109.20 54.30 -75.25
CA LEU OC 221 108.15 57.59 -76.76
CA PRO OC 222 105.22 59.50 -75.23
CA GLY OC 223 102.77 60.71 -77.83
CA ALA OC 224 103.66 64.36 -77.32
CA ASP OC 225 107.31 64.15 -78.35
CA THR OC 226 108.34 64.64 -81.98
CA GLN OC 227 112.15 64.78 -82.03
CA GLY OC 228 112.56 61.08 -81.28
CA SER OC 229 115.45 61.88 -78.92
CA ASN OC 230 114.04 61.36 -75.41
CA TRP OC 231 113.35 57.71 -74.59
CA ILE OC 232 112.27 55.76 -71.50
CA GLN OC 233 113.40 52.23 -70.64
CA LYS OC 234 115.88 52.76 -73.46
CA GLU OC 235 118.40 50.40 -71.83
CA THR OC 236 116.44 47.20 -72.54
CA LEU OC 237 117.45 46.94 -76.21
CA VAL OC 238 121.15 47.48 -75.54
CA THR OC 239 122.65 44.38 -73.94
CA PHE OC 240 126.26 44.69 -72.83
CA LYS OC 241 128.87 42.01 -73.29
CA ASN OC 242 130.56 41.22 -70.00
CA PRO OC 243 132.99 44.03 -69.13
CA HIS OC 244 136.50 43.43 -70.44
CA ALA OC 245 138.97 45.61 -68.53
CA LYS OC 246 138.63 48.78 -70.62
CA LYS OC 247 136.77 47.29 -73.56
CA GLN OC 248 133.04 47.40 -73.09
CA ASP OC 249 131.34 46.94 -76.44
CA VAL OC 250 127.61 47.59 -76.62
CA VAL OC 251 125.22 45.56 -78.75
CA VAL OC 252 121.45 45.73 -79.18
CA LEU OC 253 118.67 43.34 -80.17
CA GLY OC 254 118.19 43.03 -83.90
CA SER OC 255 115.11 42.50 -86.02
CA GLN OC 256 112.19 42.30 -83.59
CA GLU OC 257 109.55 42.16 -86.33
CA GLY OC 258 109.80 38.38 -86.40
CA ALA OC 259 109.62 38.22 -82.61
CA MET OC 260 106.58 40.47 -82.65
CA HIS OC 261 104.85 38.39 -85.34
CA THR OC 262 105.48 35.06 -83.62
CA ALA OC 263 104.63 36.31 -80.10
CA LEU OC 264 101.70 38.63 -80.83
CA THR OC 265 99.96 35.85 -82.77
CA GLY OC 266 96.66 34.88 -81.19
CA ALA OC 267 95.63 38.49 -80.64
CA THR OC 268 92.99 40.17 -82.78
CA GLU OC 269 94.50 40.76 -86.23
CA ILE OC 270 92.90 43.69 -88.06
CA GLN OC 271 93.27 44.06 -91.83
CA MET OC 272 94.17 47.75 -91.88
CA SER OC 273 94.97 47.50 -95.61
CA SER OC 274 91.22 47.82 -96.24
CA GLY OC 275 90.99 50.17 -93.27
CA ASN OC 276 90.51 49.28 -89.63
CA LEU OC 277 87.62 46.81 -89.38
CA LEU OC 278 86.80 47.22 -85.67
CA PHE OC 279 84.83 44.09 -84.74
CA THR OC 280 83.49 45.48 -81.47
CA GLY OC 281 80.20 46.70 -80.07
CA HIS OC 282 76.64 46.50 -81.38
CA LEU OC 283 74.56 49.17 -83.10
CA LYS OC 284 71.16 50.09 -81.65
CA CYS OC 285 69.60 52.08 -84.46
CA ARG OC 286 66.10 53.60 -84.35
CA LEU OC 287 64.38 53.87 -87.75
CA ARG OC 288 60.96 55.29 -88.64
CA MET OC 289 59.64 54.03 -91.98
CA ASP OC 290 56.65 56.39 -92.06
CA LYS OC 291 57.84 58.42 -95.08
CA LEU OC 292 59.22 55.62 -97.30
CA GLN OC 293 57.19 55.27 -100.49
CA LEU OC 294 56.77 52.13 -102.62
CA LYS OC 295 56.82 52.43 -106.43
CA GLY OC 296 54.70 49.77 -108.08
CA MET OC 297 51.87 48.63 -105.82
CA SER OC 298 49.59 50.46 -108.27
CA TYR OC 299 50.99 48.71 -111.35
CA SER OC 300 48.83 46.40 -113.42
CA MET OC 301 48.92 42.61 -113.24
CA CYS OC 302 51.47 40.63 -115.26
CA THR OC 303 49.81 38.61 -118.04
CA GLY OC 304 52.62 37.50 -120.37
CA LYS OC 305 55.08 34.66 -120.71
CA PHE OC 306 56.95 33.49 -117.63
CA LYS OC 307 60.23 31.58 -117.47
CA VAL OC 308 62.86 30.60 -114.89
CA VAL OC 309 66.59 30.94 -115.54
CA LYS OC 310 68.21 29.48 -112.42
CA GLU OC 311 66.66 27.41 -109.65
CA ILE OC 312 67.01 28.08 -105.90
CA ALA OC 313 70.47 28.76 -104.55
CA GLU OC 314 69.65 27.26 -101.17
CA THR OC 315 70.43 29.65 -98.31
CA GLN OC 316 71.37 29.07 -94.69
CA HIS OC 317 67.72 29.79 -93.81
CA GLY OC 318 66.33 27.75 -96.70
CA THR OC 319 64.93 30.91 -98.26
CA ILE OC 320 63.91 30.69 -101.92
CA VAL OC 321 65.86 33.16 -104.05
CA ILE OC 322 64.36 32.83 -107.52
CA ARG OC 323 66.32 34.59 -110.29
CA VAL OC 324 63.59 34.67 -112.90
CA GLN OC 325 63.16 36.35 -116.30
CA TYR OC 326 59.78 37.43 -117.72
CA GLU OC 327 59.85 37.68 -121.51
CA GLY OC 328 56.21 38.72 -121.42
CA ASP OC 329 55.26 42.29 -122.27
CA GLY OC 330 53.27 44.78 -120.19
CA SER OC 331 56.01 45.65 -117.70
CA PRO OC 332 55.88 47.26 -115.18
CA CYS OC 333 53.37 44.83 -113.66
CA LYS OC 334 52.69 42.92 -110.45
CA ILE OC 335 53.83 39.30 -110.37
CA PRO OC 336 51.67 36.29 -109.44
CA PHE OC 337 53.41 34.85 -106.39
CA GLU OC 338 51.75 32.03 -104.45
CA ILE OC 339 53.21 29.40 -102.11
CA MET OC 340 50.72 26.56 -101.76
CA ASP OC 341 50.41 23.11 -100.24
CA LEU OC 342 50.64 19.66 -101.84
CA GLU OC 343 46.92 19.41 -102.57
CA LYS OC 344 46.82 23.15 -103.38
CA ARG OC 345 44.01 24.04 -100.96
CA HIS OC 346 45.21 27.17 -99.12
CA VAL OC 347 48.26 29.43 -99.13
CA LEU OC 348 50.53 29.55 -96.09
CA GLY OC 349 53.79 31.12 -97.34
CA ARG OC 350 55.45 34.46 -96.60
CA LEU OC 351 56.93 36.36 -99.52
CA ILE OC 352 59.69 38.80 -98.59
CA THR OC 353 59.91 41.35 -101.40
CA VAL OC 354 56.44 42.86 -101.25
CA ASN OC 355 55.08 43.83 -104.66
CA PRO OC 356 57.48 41.76 -106.76
CA ILE OC 357 57.74 43.86 -109.90
CA VAL OC 358 59.64 43.65 -113.16
CA THR OC 359 60.85 47.13 -114.08
CA GLU OC 360 61.71 46.33 -117.69
CA LYS OC 361 61.49 43.56 -120.27
CA ASP OC 362 64.40 41.24 -121.03
CA SER OC 363 65.72 41.66 -117.49
CA PRO OC 364 66.09 39.10 -114.68
CA VAL OC 365 64.62 39.81 -111.26
CA ASN OC 366 65.68 38.19 -107.99
CA ILE OC 367 62.59 37.57 -105.87
CA GLU OC 368 63.21 36.75 -102.21
CA ALA OC 369 60.73 34.60 -100.32
CA GLU OC 370 60.39 32.22 -97.36
CA PRO OC 371 58.13 29.19 -97.96
CA PRO OC 372 56.52 27.03 -95.26
CA PHE OC 373 58.20 23.93 -93.83
CA GLY OC 374 58.15 20.57 -95.54
CA ASP OC 375 57.18 20.10 -99.16
CA SER OC 376 55.24 22.71 -101.09
CA TYR OC 377 54.59 24.21 -104.53
CA ILE OC 378 55.69 27.62 -105.81
CA ILE OC 379 53.20 29.14 -108.26
CA ILE OC 380 54.51 31.84 -110.60
CA GLY OC 381 52.45 33.30 -113.41
CA VAL OC 382 48.90 32.56 -114.49
CA GLU OC 383 47.40 29.98 -116.81
CA PRO OC 384 48.10 29.58 -119.75
CA GLY OC 385 51.84 29.25 -119.15
CA GLN OC 386 51.26 28.82 -115.42
CA LEU OC 387 54.59 27.89 -113.81
CA LYS OC 388 54.87 25.44 -110.89
CA LEU OC 389 58.05 24.58 -108.98
CA ASN OC 390 58.05 21.84 -106.37
CA TRP OC 391 60.35 22.49 -103.41
CA PHE OC 392 61.02 21.11 -99.94
CA LYS OC 393 62.48 22.90 -96.91
CA LYS OC 394 63.97 20.65 -94.24
CA GLY OC 395 63.28 22.78 -91.17
CA SER OC 396 60.80 21.77 -88.49
CA SER OC 397 57.86 24.00 -87.59
CA ILE OC 398 58.27 24.18 -83.81
CA GLY OC 399 62.03 24.19 -84.32
CA GLN OC 400 62.25 27.30 -86.50
CA MET OC 401 59.59 28.77 -84.23
CA ILE OC 402 61.81 28.40 -81.17
CA GLU OC 403 65.00 29.61 -82.85
CA THR OC 404 63.27 32.66 -84.38
CA THR OC 405 61.71 33.56 -81.03
CA MET OC 406 65.19 33.14 -79.56
CA ARG OC 407 66.70 35.49 -82.15
CA GLY OC 408 64.04 38.01 -81.16
CA ALA OC 409 64.81 37.40 -77.49
CA LYS OC 410 68.52 38.07 -78.08
CA ARG OC 411 67.71 41.19 -80.10
CA MET OC 412 65.66 42.51 -77.19
CA ALA OC 413 68.40 41.38 -74.79
CA ILE OC 414 70.95 43.68 -76.40
CA LEU OC 415 68.09 46.10 -77.13
CA GLY OC 416 67.31 45.87 -73.43
CA ASP OC 417 68.23 48.09 -70.52
CA THR OC 418 67.80 51.81 -71.32
CA ALA OC 419 66.79 50.91 -74.92
CA TRP OC 420 63.06 50.14 -75.12
CA ASP OC 421 60.93 53.24 -74.71
CA PHE OC 422 59.94 53.15 -71.03
CA GLY OC 423 60.15 56.90 -70.36
CA SER OC 424 57.50 57.94 -72.87
CA LEU OC 425 54.23 57.92 -70.95
CA GLY OC 426 51.35 56.72 -73.09
CA GLY OC 427 53.94 55.26 -75.44
CA VAL OC 428 54.91 52.84 -72.66
CA PHE OC 429 51.90 50.78 -73.71
CA THR OC 430 53.15 50.78 -77.31
CA SER OC 431 56.68 49.91 -76.18
CA ILE OC 432 55.49 46.88 -74.24
CA GLY OC 433 53.32 46.00 -77.22
CA LYS OC 434 56.29 46.09 -79.57
CA ALA OC 435 58.35 44.06 -77.08
CA LEU OC 436 55.66 41.38 -76.89
CA HIS OC 437 55.64 41.47 -80.68
CA GLN OC 438 59.40 41.13 -81.14
CA VAL OC 439 59.37 38.13 -78.77
CA PHE OC 440 56.04 36.28 -79.12
CA GLY OC 441 54.67 37.58 -82.44
CA ALA OC 442 56.25 34.76 -84.37
CA ILE OC 443 54.15 32.44 -82.20
CA TYR OC 444 51.16 34.74 -82.73
CA GLY OC 445 51.27 35.01 -86.52
CA ALA OC 446 52.75 31.67 -87.61
CA ALA OC 447 51.24 29.23 -85.11
CA PHE OC 448 47.98 30.85 -83.97
CA SER OC 449 46.04 30.72 -87.25
CA GLY OC 450 47.98 33.28 -89.32
CA VAL OC 451 45.65 35.08 -88.58
CA SER OC 452 42.20 36.51 -89.34
CA TRP OC 453 42.41 38.74 -86.31
CA ILE OC 454 38.75 39.28 -85.35
CA MET OC 455 37.90 35.64 -84.72
CA LYS OC 456 41.16 34.96 -82.92
CA ILE OC 457 40.70 37.89 -80.55
CA LEU OC 458 37.23 36.48 -79.87
CA ILE OC 459 38.86 33.13 -79.05
CA GLY OC 460 41.45 34.97 -76.96
CA VAL OC 461 38.87 36.70 -74.79
CA ILE OC 462 37.15 33.32 -74.41
CA ILE OC 463 40.45 31.84 -73.23
CA THR OC 464 40.93 34.77 -70.85
CA TRP OC 465 37.49 34.25 -69.31
CA ILE OC 466 38.11 30.51 -68.90
CA GLY OC 467 41.50 31.17 -67.31
CA MET OC 468 40.04 33.71 -64.89
CA ASN OC 469 37.14 31.36 -64.09
CA SER OC 470 39.39 28.31 -63.65
CA ARG OC 471 39.73 25.67 -60.94
CA SER OC 472 43.41 26.41 -60.20
CA THR OC 473 45.23 29.70 -59.69
CA SER OC 474 48.44 28.52 -61.37
CA LEU OC 475 46.52 27.69 -64.55
CA SER OC 476 44.72 31.04 -64.29
CA VAL OC 477 48.01 32.95 -64.13
CA SER OC 478 49.41 30.82 -66.98
CA LEU OC 479 46.40 31.26 -69.30
CA VAL OC 480 45.09 34.78 -68.72
CA LEU OC 481 48.59 36.11 -69.41
CA VAL OC 482 48.57 34.36 -72.79
CA GLY OC 483 45.07 35.67 -73.46
CA VAL OC 484 45.87 39.31 -72.71
CA VAL OC 485 49.07 39.04 -74.74
CA THR OC 486 46.99 37.64 -77.60
CA LEU OC 487 44.44 40.45 -77.42
CA TYR OC 488 46.83 43.38 -77.11
CA LEU OC 489 49.41 41.98 -79.54
CA GLY OC 490 46.60 41.40 -82.04
CA VAL OC 491 45.53 45.01 -81.70
CA MET OC 492 49.16 45.95 -82.36
CA VAL OC 493 49.45 43.59 -85.34
CA GLN OC 494 46.33 45.09 -86.93
CA ALA OC 495 48.35 48.32 -86.92
CA MET PC 1 130.74 14.21 -8.06
CA ARG PC 2 131.25 16.13 -11.29
CA CYS PC 3 127.64 17.31 -11.70
CA ILE PC 4 127.99 20.51 -9.66
CA GLY PC 5 126.97 23.32 -11.97
CA ILE PC 6 125.35 20.86 -14.40
CA SER PC 7 121.78 22.07 -14.88
CA ASN PC 8 120.07 18.87 -16.06
CA ARG PC 9 120.30 16.30 -13.27
CA ASP PC 10 118.19 13.33 -12.19
CA PHE PC 11 118.53 11.49 -8.88
CA VAL PC 12 117.36 8.07 -10.03
CA GLU PC 13 117.24 5.76 -6.99
CA GLY PC 14 116.44 2.12 -7.65
CA VAL PC 15 117.22 -1.11 -9.47
CA SER PC 16 115.16 -2.54 -12.32
CA GLY PC 17 113.88 -6.09 -12.66
CA GLY PC 18 117.20 -7.56 -13.74
CA SER PC 19 119.03 -5.32 -11.26
CA TRP PC 20 120.15 -3.03 -14.08
CA VAL PC 21 119.87 0.74 -14.08
CA ASP PC 22 118.10 2.34 -17.04
CA ILE PC 23 120.35 5.33 -17.71
CA VAL PC 24 118.93 8.25 -19.63
CA LEU PC 25 122.05 9.93 -20.98
CA GLU PC 26 122.13 13.26 -22.84
CA HIS PC 27 125.01 15.58 -23.68
CA GLY PC 28 125.36 18.17 -20.94
CA SER PC 29 123.31 16.20 -18.42
CA CYS PC 30 123.85 14.17 -15.26
CA VAL PC 31 122.78 10.84 -13.82
CA THR PC 32 123.20 9.66 -10.23
CA THR PC 33 122.31 6.11 -9.21
CA MET PC 34 121.35 5.13 -5.67
CA ALA PC 35 120.12 2.09 -3.75
CA LYS PC 36 120.30 0.73 -0.22
CA ASN PC 37 123.11 -1.73 0.43
CA LYS PC 38 124.54 -0.33 -2.81
CA PRO PC 39 127.13 2.49 -3.08
CA THR PC 40 125.98 5.54 -4.99
CA LEU PC 41 127.47 6.19 -8.43
CA ASP PC 42 127.60 9.09 -10.90
CA PHE PC 43 127.00 8.34 -14.58
CA GLU PC 44 128.08 10.82 -17.25
CA LEU PC 45 129.04 11.15 -20.91
CA ILE PC 46 132.03 13.27 -21.94
CA LYS PC 47 132.81 12.57 -25.60
CA THR PC 48 131.01 11.41 -28.74
CA GLU PC 49 132.78 10.34 -31.91
CA ALA PC 50 132.11 8.56 -35.21
CA LYS PC 51 134.82 6.33 -36.68
CA GLN PC 52 135.08 4.57 -40.04
CA PRO PC 53 132.62 6.92 -41.75
CA ALA PC 54 131.22 6.19 -45.19
CA THR PC 55 131.83 8.61 -48.07
CA LEU PC 56 128.37 9.35 -49.45
CA ARG PC 57 129.67 11.57 -52.23
CA LYS PC 58 132.97 13.36 -52.87
CA TYR PC 59 132.90 17.00 -53.99
CA CYS PC 60 135.99 18.49 -55.62
CA ILE PC 61 135.83 22.25 -55.29
CA GLU PC 62 138.76 23.78 -57.18
CA ALA PC 63 138.97 22.78 -60.83
CA LYS PC 64 142.02 23.01 -63.07
CA LEU PC 65 141.50 22.79 -66.83
CA THR PC 66 143.89 21.35 -69.42
CA ASN PC 67 144.28 20.13 -72.99
CA THR PC 68 141.30 22.13 -74.16
CA THR PC 69 140.31 21.55 -77.78
CA THR PC 70 137.99 23.52 -80.03
CA ASP PC 71 136.98 23.00 -83.64
CA SER PC 72 134.25 24.11 -86.02
CA ARG PC 73 132.78 23.23 -89.39
CA CYS PC 74 130.96 25.52 -91.80
CA PRO PC 75 127.21 25.14 -92.38
CA THR PC 76 126.30 22.04 -94.44
CA GLN PC 77 129.93 20.82 -94.29
CA GLY PC 78 129.20 18.60 -91.29
CA GLU PC 79 129.21 18.38 -87.52
CA PRO PC 80 132.71 17.57 -86.20
CA SER PC 81 133.19 14.62 -83.87
CA LEU PC 82 136.40 14.03 -81.92
CA ASN PC 83 137.74 11.02 -80.06
CA GLU PC 84 138.33 13.42 -77.16
CA GLU PC 85 134.54 13.60 -76.81
CA GLN PC 86 134.13 9.84 -76.38
CA ASP PC 87 136.43 9.73 -73.34
CA LYS PC 88 134.24 10.94 -70.49
CA ARG PC 89 137.15 12.57 -68.62
CA PHE PC 90 136.53 15.80 -70.58
CA VAL PC 91 133.66 18.25 -70.27
CA CYS PC 92 132.31 18.96 -73.75
CA LYS PC 93 129.82 21.29 -75.43
CA HIS PC 94 128.41 21.75 -78.92
CA SER PC 95 127.44 25.13 -80.31
CA MET PC 96 126.42 27.20 -83.32
CA VAL PC 97 128.26 30.18 -84.83
CA ASP PC 98 127.78 32.31 -87.92
CA ARG PC 99 130.20 31.96 -90.83
CA GLY PC 100 130.26 33.77 -94.16
CA TRP PC 101 131.61 33.80 -97.68
CA GLY PC 102 133.98 36.65 -96.86
CA ASN PC 103 134.51 35.30 -93.33
CA GLY PC 104 137.05 32.65 -94.26
CA CYS PC 105 134.49 30.18 -95.59
CA GLY PC 106 132.00 29.58 -98.39
CA LEU PC 107 128.58 30.97 -97.45
CA PHE PC 108 126.47 32.78 -94.86
CA GLY PC 109 125.02 30.50 -92.21
CA LYS PC 110 125.30 28.85 -88.83
CA GLY PC 111 128.10 26.28 -88.79
CA GLY PC 112 128.69 23.92 -85.91
CA ILE PC 113 131.32 23.97 -83.17
CA VAL PC 114 132.55 21.38 -80.68
CA THR PC 115 134.75 22.52 -77.81
CA CYS PC 116 135.86 20.45 -74.86
CA ALA PC 117 138.60 20.04 -72.32
CA MET PC 118 139.97 17.96 -69.48
CA PHE PC 119 138.68 18.63 -65.96
CA THR PC 120 141.24 17.98 -63.24
CA CYS PC 121 140.52 19.18 -59.71
CA LYS PC 122 142.97 19.53 -56.85
CA LYS PC 123 141.23 20.66 -53.67
CA ASN PC 124 138.20 18.66 -52.62
CA MET PC 125 135.60 18.34 -49.87
CA LYS PC 126 134.78 15.23 -47.95
CA GLY PC 127 131.08 14.55 -47.32
CA LYS PC 128 130.21 11.55 -45.18
CA VAL PC 129 127.10 10.03 -43.59
CA VAL PC 130 127.16 8.48 -40.12
CA GLN PC 131 125.14 5.36 -39.40
CA PRO PC 132 123.95 4.42 -35.90
CA GLU PC 133 126.28 1.40 -35.93
CA ASN PC 134 129.49 3.36 -36.52
CA LEU PC 135 129.02 5.62 -33.48
CA GLU PC 136 131.08 5.33 -30.30
CA TYR PC 137 130.02 6.88 -26.99
CA THR PC 138 132.35 7.87 -24.13
CA ILE PC 139 130.68 7.15 -20.81
CA VAL PC 140 132.42 7.93 -17.53
CA ILE PC 141 131.63 6.48 -14.10
CA THR PC 142 132.51 8.28 -10.87
CA PRO PC 143 132.24 7.18 -7.23
CA HIS PC 144 130.71 9.33 -4.50
CA SER PC 145 133.54 8.92 -2.01
CA GLY PC 146 134.17 12.60 -1.27
CA GLU PC 147 137.83 12.55 -2.29
CA GLU PC 148 139.37 15.95 -2.94
CA HIS PC 149 139.87 15.37 -6.67
CA ALA PC 150 136.46 13.62 -6.68
CA VAL PC 151 134.49 16.90 -6.64
CA GLY PC 152 133.86 19.05 -9.70
CA ASN PC 153 137.01 17.80 -11.43
CA ASP PC 154 137.20 17.11 -15.16
CA THR PC 155 140.50 15.16 -15.07
CA GLY PC 156 140.42 13.30 -11.76
CA LYS PC 157 141.89 9.85 -11.33
CA HIS PC 158 138.77 8.76 -9.43
CA GLY PC 159 136.66 8.54 -12.58
CA LYS PC 160 136.86 5.72 -15.10
CA GLU PC 161 136.07 6.31 -18.77
CA ILE PC 162 134.75 3.58 -21.08
CA LYS PC 163 133.70 3.54 -24.72
CA ILE PC 164 130.46 1.94 -25.93
CA THR PC 165 129.88 0.53 -29.43
CA PRO PC 166 127.22 -1.95 -30.64
CA GLN PC 167 129.85 -4.37 -31.99
CA SER PC 168 130.87 -5.10 -28.38
CA SER PC 169 127.62 -4.75 -26.44
CA ILE PC 170 128.19 -7.02 -23.42
CA THR PC 171 131.32 -5.46 -21.89
CA GLU PC 172 132.69 -5.32 -18.34
CA ALA PC 173 134.18 -2.19 -16.80
CA GLU PC 174 136.05 -1.94 -13.50
CA LEU PC 175 135.77 0.67 -10.75
CA THR PC 176 138.51 0.85 -8.14
CA GLY PC 177 137.62 -0.94 -4.92
CA TYR PC 178 133.97 -1.45 -5.77
CA GLY PC 179 134.67 -3.94 -8.57
CA THR PC 180 132.97 -5.04 -11.77
CA VAL PC 181 130.04 -3.29 -13.47
CA THR PC 182 128.43 -4.21 -16.78
CA MET PC 183 128.22 -2.12 -19.96
CA GLU PC 184 125.37 -3.08 -22.33
CA CYS PC 185 123.10 -0.90 -24.49
CA SER PC 186 121.89 0.16 -27.93
CA PRO PC 187 121.29 3.95 -27.69
CA ARG PC 188 119.30 4.15 -30.94
CA THR PC 189 116.12 5.53 -29.28
CA GLY PC 190 117.22 9.07 -30.24
CA LEU PC 191 116.53 11.30 -33.22
CA ASP PC 192 116.73 9.89 -36.72
CA PHE PC 193 120.24 9.97 -38.20
CA ASN PC 194 119.54 9.45 -41.92
CA GLU PC 195 118.54 13.12 -42.29
CA MET PC 196 122.02 14.53 -41.59
CA VAL PC 197 125.41 14.45 -43.33
CA LEU PC 198 128.74 15.94 -42.23
CA LEU PC 199 131.09 17.87 -44.51
CA GLN PC 200 134.74 18.34 -43.65
CA MET PC 201 137.40 20.54 -45.22
CA GLU PC 202 141.00 20.06 -44.02
CA ASN PC 203 140.02 20.49 -40.37
CA LYS PC 204 136.68 22.29 -40.06
CA ALA PC 205 133.40 20.42 -40.41
CA TRP PC 206 129.74 21.25 -40.84
CA LEU PC 207 126.53 19.37 -40.12
CA VAL PC 208 123.97 19.76 -42.91
CA HIS PC 209 120.97 18.04 -44.49
CA ARG PC 210 121.34 15.24 -47.02
CA GLN PC 211 119.24 16.84 -49.75
CA TRP PC 212 121.13 20.10 -49.28
CA PHE PC 213 124.40 18.15 -49.34
CA LEU PC 214 123.40 16.78 -52.74
CA ASP PC 215 121.85 20.00 -54.08
CA LEU PC 216 125.05 22.09 -54.19
CA PRO PC 217 125.73 22.29 -57.96
CA LEU PC 218 129.32 21.09 -58.25
CA PRO PC 219 131.12 17.98 -59.58
CA TRP PC 220 130.26 14.61 -58.02
CA LEU PC 221 131.86 11.24 -57.31
CA PRO PC 222 130.00 8.17 -56.02
CA GLY PC 223 131.18 6.79 -52.71
CA ALA PC 224 133.10 3.88 -54.17
CA ASP PC 225 134.34 6.22 -56.91
CA THR PC 226 137.99 7.17 -56.40
CA GLN PC 227 139.49 7.21 -59.91
CA GLY PC 228 138.41 10.71 -60.93
CA SER PC 229 137.34 9.51 -64.38
CA ASN PC 230 133.60 9.94 -63.83
CA TRP PC 231 132.19 13.40 -63.15
CA ILE PC 232 128.56 14.52 -62.99
CA GLN PC 233 127.30 18.06 -63.62
CA LYS PC 234 130.88 19.01 -64.44
CA GLU PC 235 129.68 21.90 -66.60
CA THR PC 236 129.22 24.49 -63.84
CA LEU PC 237 132.88 24.78 -62.84
CA VAL PC 238 133.82 25.28 -66.51
CA THR PC 239 132.16 28.37 -67.96
CA PHE PC 240 132.10 28.57 -71.74
CA LYS PC 241 132.27 32.20 -72.85
CA ASN PC 242 130.00 33.33 -75.66
CA PRO PC 243 130.29 31.50 -79.00
CA HIS PC 244 132.83 33.35 -81.07
CA ALA PC 245 134.27 32.55 -84.51
CA LYS PC 246 136.09 29.20 -84.30
CA LYS PC 247 136.88 29.71 -80.60
CA GLN PC 248 135.18 28.95 -77.33
CA ASP PC 249 137.45 30.58 -74.77
CA VAL PC 250 137.06 28.20 -71.84
CA VAL PC 251 137.06 30.01 -68.50
CA VAL PC 252 137.90 28.04 -65.36
CA LEU PC 253 135.64 29.02 -62.50
CA GLY PC 254 137.54 30.11 -59.43
CA SER PC 255 137.86 28.12 -56.24
CA GLN PC 256 134.58 28.37 -54.36
CA GLU PC 257 136.34 27.51 -51.09
CA GLY PC 258 136.01 31.11 -50.00
CA ALA PC 259 132.38 31.01 -51.10
CA MET PC 260 131.81 27.86 -49.06
CA HIS PC 261 133.34 29.50 -46.00
CA THR PC 262 130.99 32.42 -46.64
CA ALA PC 263 127.89 30.22 -46.97
CA LEU PC 264 128.38 27.27 -44.61
CA THR PC 265 129.20 29.69 -41.79
CA GLY PC 266 126.00 30.20 -39.84
CA ALA PC 267 125.20 26.52 -40.08
CA THR PC 268 126.10 23.97 -37.39
CA GLU PC 269 129.87 24.12 -36.98
CA ILE PC 270 131.94 21.13 -35.83
CA GLN PC 271 135.60 20.54 -35.00
CA MET PC 272 136.88 16.99 -35.39
CA SER PC 273 139.21 17.35 -32.39
CA SER PC 274 136.24 17.42 -30.01
CA GLY PC 275 134.45 14.63 -31.90
CA ASN PC 276 130.98 14.95 -33.39
CA LEU PC 277 128.58 16.88 -31.14
CA LEU PC 278 125.47 14.86 -31.98
CA PHE PC 279 123.85 15.91 -28.72
CA THR PC 280 120.45 15.42 -30.35
CA GLY PC 281 118.90 12.09 -29.41
CA HIS PC 282 118.48 10.50 -26.00
CA LEU PC 283 120.75 7.59 -25.06
CA LYS PC 284 118.87 4.85 -23.22
CA CYS PC 285 121.24 2.32 -21.68
CA ARG PC 286 121.09 -0.81 -19.56
CA LEU PC 287 123.73 -1.25 -16.87
CA ARG PC 288 123.80 -4.14 -14.38
CA MET PC 289 124.90 -3.58 -10.77
CA ASP PC 290 124.70 -7.06 -9.23
CA LYS PC 291 128.48 -7.56 -9.20
CA LEU PC 292 129.22 -4.63 -6.83
CA GLN PC 293 129.20 -4.52 -3.04
CA LEU PC 294 130.07 -1.97 -0.35
CA LYS PC 295 133.80 -1.28 -0.17
CA GLY PC 296 135.09 -0.06 3.17
CA MET PC 297 132.02 -1.25 5.11
CA SER PC 298 134.22 -3.48 7.27
CA TYR PC 299 135.94 -0.39 8.66
CA SER PC 300 134.62 0.43 12.12
CA MET PC 301 132.97 3.70 13.04
CA CYS PC 302 135.32 6.14 14.78
CA THR PC 303 134.17 8.08 17.83
CA GLY PC 304 136.61 10.97 17.49
CA LYS PC 305 135.73 14.57 16.63
CA PHE PC 306 134.56 16.09 13.35
CA LYS PC 307 135.36 19.50 11.87
CA VAL PC 308 133.98 21.47 8.91
CA VAL PC 309 136.32 23.11 6.41
CA LYS PC 310 134.05 24.78 3.84
CA GLU PC 311 130.69 26.32 4.65
CA ILE PC 312 127.39 24.79 3.55
CA ALA PC 313 127.58 25.17 -0.22
CA GLU PC 314 124.45 25.31 -2.37
CA THR PC 315 124.00 23.61 -5.74
CA GLN PC 316 121.28 24.12 -8.37
CA HIS PC 317 119.23 21.12 -7.14
CA GLY PC 318 118.60 21.62 -3.42
CA THR PC 319 121.59 19.64 -2.20
CA ILE PC 320 124.28 20.46 0.36
CA VAL PC 321 128.04 19.83 0.37
CA ILE PC 322 130.00 19.43 3.61
CA ARG PC 323 133.77 19.07 3.81
CA VAL PC 324 134.02 17.13 7.06
CA GLN PC 325 137.52 17.02 8.56
CA TYR PC 326 138.59 14.55 11.25
CA GLU PC 327 141.02 16.10 13.72
CA GLY PC 328 140.81 13.04 15.98
CA ASP PC 329 142.55 9.68 15.55
CA GLY PC 330 141.53 6.22 14.36
CA SER PC 331 141.36 6.70 10.61
CA PRO PC 332 140.13 5.22 8.33
CA CYS PC 333 136.56 4.91 9.69
CA LYS PC 334 132.91 4.56 8.73
CA ILE PC 335 131.44 8.07 8.77
CA PRO PC 336 128.47 8.60 11.12
CA PHE PC 337 126.26 11.00 9.13
CA GLU PC 338 122.66 11.49 10.23
CA ILE PC 339 119.66 13.81 10.06
CA MET PC 340 117.21 14.98 12.69
CA ASP PC 341 114.13 17.17 12.71
CA LEU PC 342 113.23 19.96 15.13
CA GLU PC 343 112.11 17.41 17.74
CA LYS PC 344 115.53 15.71 17.44
CA ARG PC 345 113.69 12.40 16.98
CA HIS PC 346 113.11 11.32 13.37
CA VAL PC 347 115.51 10.56 10.51
CA LEU PC 348 113.74 12.39 7.67
CA GLY PC 349 116.45 13.78 5.38
CA ARG PC 350 117.79 11.85 2.41
CA LEU PC 351 121.50 11.05 2.20
CA ILE PC 352 123.50 10.75 -1.03
CA THR PC 353 126.72 8.93 -0.12
CA VAL PC 354 126.09 5.83 1.96
CA ASN PC 355 128.75 4.77 4.51
CA PRO PC 356 131.32 7.48 3.67
CA ILE PC 357 134.85 6.75 4.84
CA VAL PC 358 137.96 8.81 5.51
CA THR PC 359 141.11 7.88 3.61
CA GLU PC 360 143.35 9.50 6.23
CA LYS PC 361 143.15 12.07 8.99
CA ASP PC 362 143.55 15.71 7.92
CA SER PC 363 142.06 14.75 4.51
CA PRO PC 364 138.38 15.80 4.71
CA VAL PC 365 135.55 14.02 2.94
CA ASN PC 366 132.95 15.78 0.79
CA ILE PC 367 129.72 14.41 2.22
CA GLU PC 368 126.68 15.22 0.10
CA ALA PC 369 123.12 15.40 1.42
CA GLU PC 370 119.57 16.26 0.34
CA PRO PC 371 117.38 17.32 3.27
CA PRO PC 372 113.81 18.44 2.58
CA PHE PC 373 113.10 22.11 1.94
CA GLY PC 374 112.81 23.39 5.48
CA ASP PC 375 114.59 23.50 8.82
CA SER PC 376 116.57 20.47 10.00
CA TYR PC 377 119.76 19.50 11.82
CA ILE PC 378 122.57 17.78 9.95
CA ILE PC 379 124.12 15.79 12.80
CA ILE PC 380 127.81 15.24 12.12
CA GLY PC 381 129.50 12.90 14.56
CA VAL PC 382 128.02 11.41 17.70
CA GLU PC 383 127.80 12.74 21.22
CA PRO PC 384 129.69 13.82 23.28
CA GLY PC 385 130.87 16.69 21.10
CA GLN PC 386 128.33 16.06 18.33
CA LEU PC 387 127.68 18.81 15.77
CA LYS PC 388 123.97 19.42 15.10
CA LEU PC 389 124.53 21.94 12.32
CA ASN PC 390 121.22 23.69 11.74
CA TRP PC 391 120.17 24.18 8.13
CA PHE PC 392 117.21 25.93 6.54
CA LYS PC 393 116.63 24.78 2.95
CA LYS PC 394 114.51 26.99 0.73
CA GLY PC 395 111.67 25.75 -1.45
CA SER PC 396 108.35 23.96 -1.13
CA SER PC 397 108.06 20.22 -0.55
CA ILE PC 398 105.27 20.20 -3.14
CA GLY PC 399 107.80 21.97 -5.35
CA GLN PC 400 110.16 19.01 -5.50
CA MET PC 401 107.12 16.71 -5.46
CA ILE PC 402 105.76 18.07 -8.74
CA GLU PC 403 109.22 18.62 -10.24
CA THR PC 404 110.60 15.12 -9.63
CA THR PC 405 107.33 13.39 -10.47
CA MET PC 406 106.98 15.32 -13.73
CA ARG PC 407 110.62 14.76 -14.69
CA GLY PC 408 110.40 11.02 -14.07
CA ALA PC 409 107.09 10.91 -15.94
CA LYS PC 410 108.57 12.60 -19.03
CA ARG PC 411 111.66 10.40 -18.70
CA MET PC 412 109.50 7.26 -18.84
CA ALA PC 413 107.22 8.86 -21.48
CA ILE PC 414 109.88 9.59 -24.08
CA LEU PC 415 110.98 6.08 -23.12
CA GLY PC 416 107.33 5.01 -23.23
CA ASP PC 417 105.61 3.13 -26.03
CA THR PC 418 107.78 0.33 -27.49
CA ALA PC 419 110.46 1.12 -24.85
CA TRP PC 420 109.51 -0.25 -21.41
CA ASP PC 421 109.33 -4.04 -21.26
CA PHE PC 422 105.63 -4.91 -21.32
CA GLY PC 423 105.74 -8.08 -23.44
CA SER PC 424 107.45 -10.32 -20.87
CA LEU PC 425 104.76 -12.32 -19.08
CA GLY PC 426 105.48 -12.52 -15.36
CA GLY PC 427 107.90 -9.66 -15.85
CA VAL PC 428 104.86 -7.47 -16.50
CA PHE PC 429 104.69 -7.10 -12.72
CA THR PC 430 108.34 -6.04 -12.64
CA SER PC 431 107.74 -3.56 -15.46
CA ILE PC 432 104.74 -2.03 -13.70
CA GLY PC 433 106.85 -1.75 -10.56
CA LYS PC 434 109.58 -0.18 -12.69
CA ALA PC 435 107.17 2.42 -14.06
CA LEU PC 436 105.93 3.28 -10.58
CA HIS PC 437 109.44 3.29 -9.10
CA GLN PC 438 110.77 5.58 -11.84
CA VAL PC 439 107.73 7.89 -11.50
CA PHE PC 440 106.09 7.20 -8.12
CA GLY PC 441 109.24 5.85 -6.46
CA ALA PC 442 110.28 9.25 -5.15
CA ILE PC 443 106.92 9.28 -3.37
CA TYR PC 444 107.88 6.09 -1.52
CA GLY PC 445 111.43 7.22 -0.78
CA ALA PC 446 111.55 10.97 -0.11
CA ALA PC 447 108.27 11.98 1.54
CA PHE PC 448 107.21 8.64 3.06
CA SER PC 449 109.42 8.07 6.12
CA GLY PC 450 112.84 7.69 4.43
CA VAL PC 451 112.34 4.74 4.87
CA SER PC 452 112.75 1.62 7.02
CA TRP PC 453 110.68 -0.62 4.79
CA ILE PC 454 109.14 -3.11 7.26
CA MET PC 455 107.33 -0.51 9.38
CA LYS PC 456 106.05 1.41 6.37
CA ILE PC 457 104.75 -1.73 4.64
CA LEU PC 458 102.89 -2.44 7.88
CA ILE PC 459 101.54 1.11 7.69
CA GLY PC 460 100.72 0.55 4.03
CA VAL PC 461 98.68 -2.58 4.64
CA ILE PC 462 96.94 -0.65 7.44
CA ILE PC 463 96.11 2.10 4.95
CA THR PC 464 94.85 -0.47 2.44
CA TRP PC 465 92.57 -1.92 5.11
CA ILE PC 466 91.27 1.55 6.01
CA GLY PC 467 90.70 2.48 2.36
CA MET PC 468 88.86 -0.75 1.56
CA ASN PC 469 86.51 -0.33 4.54
CA SER PC 470 85.92 3.39 3.98
CA ARG PC 471 82.74 5.45 3.88
CA SER PC 472 83.38 6.67 0.30
CA THR PC 473 84.26 4.64 -2.79
CA SER PC 474 86.10 7.58 -4.37
CA LEU PC 475 88.36 7.79 -1.32
CA SER PC 476 88.66 4.00 -1.45
CA VAL PC 477 89.97 4.12 -5.03
CA SER PC 478 92.23 7.05 -4.10
CA LEU PC 479 93.74 5.36 -1.00
CA VAL PC 480 93.92 1.61 -1.72
CA LEU PC 481 95.77 2.41 -4.97
CA VAL PC 482 98.37 4.40 -3.03
CA GLY PC 483 98.59 1.60 -0.46
CA VAL PC 484 99.14 -1.20 -2.96
CA VAL PC 485 101.65 1.00 -4.80
CA THR PC 486 103.45 1.50 -1.48
CA LEU PC 487 103.53 -2.22 -0.65
CA TYR PC 488 104.52 -3.54 -4.07
CA LEU PC 489 107.01 -0.75 -4.76
CA GLY PC 490 108.54 -1.34 -1.33
CA VAL PC 491 109.02 -4.98 -2.22
CA MET PC 492 110.69 -3.80 -5.42
CA VAL PC 493 112.80 -1.28 -3.50
CA GLN PC 494 114.04 -4.09 -1.25
CA ALA PC 495 115.42 -5.73 -4.40
CA MET QC 1 86.45 95.10 -28.60
CA ARG QC 2 89.51 93.87 -30.48
CA CYS QC 3 88.40 90.56 -32.02
CA ILE QC 4 85.46 91.56 -34.21
CA GLY QC 5 86.27 89.72 -37.42
CA ILE QC 6 88.31 86.62 -36.57
CA SER QC 7 86.72 83.29 -37.40
CA ASN QC 8 87.19 81.60 -34.01
CA ARG QC 9 84.95 83.82 -31.90
CA ASP QC 10 84.25 82.26 -28.49
CA PHE QC 11 82.14 83.34 -25.52
CA VAL QC 12 82.44 82.41 -21.85
CA GLU QC 13 79.51 83.86 -19.89
CA GLY QC 14 79.91 82.43 -16.40
CA VAL QC 15 81.66 83.29 -13.15
CA SER QC 16 82.92 81.21 -10.24
CA GLY QC 17 82.06 81.47 -6.56
CA GLY QC 18 85.38 83.16 -5.86
CA SER QC 19 85.41 84.78 -9.32
CA TRP QC 20 88.18 82.34 -10.33
CA VAL QC 21 87.30 82.34 -14.02
CA ASP QC 22 89.04 79.89 -16.34
CA ILE QC 23 89.76 80.36 -20.06
CA VAL QC 24 91.61 78.57 -22.84
CA LEU QC 25 93.67 80.53 -25.37
CA GLU QC 26 94.86 79.30 -28.77
CA HIS QC 27 96.44 80.90 -31.83
CA GLY QC 28 93.83 83.07 -33.51
CA SER QC 29 91.06 81.97 -31.12
CA CYS QC 30 90.19 85.02 -29.07
CA VAL QC 31 87.87 84.93 -26.06
CA THR QC 32 85.31 87.38 -24.69
CA THR QC 33 84.78 87.55 -20.93
CA MET QC 34 81.34 88.49 -19.64
CA ALA QC 35 80.34 89.26 -16.05
CA LYS QC 36 77.66 90.84 -13.90
CA ASN QC 37 78.32 94.45 -12.81
CA LYS QC 38 81.98 94.00 -13.82
CA PRO QC 39 83.57 95.31 -17.03
CA THR QC 40 83.68 92.87 -19.91
CA LEU QC 41 86.96 91.95 -21.54
CA ASP QC 42 88.61 90.48 -24.62
CA PHE QC 43 91.58 88.14 -24.30
CA GLU QC 44 93.92 86.81 -26.95
CA LEU QC 45 97.43 85.48 -27.39
CA ILE QC 46 98.95 87.72 -30.04
CA LYS QC 47 102.40 86.20 -30.50
CA THR QC 48 104.12 83.09 -29.19
CA GLU QC 49 107.82 83.38 -28.42
CA ALA QC 50 110.48 80.89 -27.32
CA LYS QC 51 113.38 82.84 -25.85
CA GLN QC 52 116.55 81.46 -24.27
CA PRO QC 53 116.70 78.27 -26.35
CA ALA QC 54 118.63 75.21 -25.24
CA THR QC 55 121.33 74.07 -27.66
CA LEU QC 56 120.32 70.42 -27.83
CA ARG QC 57 122.82 69.10 -30.40
CA LYS QC 58 124.80 70.18 -33.45
CA TYR QC 59 125.50 68.64 -36.85
CA CYS QC 60 128.53 69.15 -39.09
CA ILE QC 61 126.73 69.49 -42.41
CA GLU QC 62 129.94 69.55 -44.47
CA ALA QC 63 133.30 67.95 -43.85
CA LYS QC 64 137.02 68.51 -44.38
CA LEU QC 65 139.58 65.71 -44.26
CA THR QC 66 143.17 66.62 -43.38
CA ASN QC 67 146.39 65.15 -42.01
CA THR QC 68 145.31 61.69 -43.20
CA THR QC 69 148.08 59.38 -42.05
CA THR QC 70 148.06 55.62 -42.48
CA ASP QC 71 150.27 52.62 -41.73
CA SER QC 72 150.30 48.84 -41.93
CA ARG QC 73 152.11 45.80 -40.59
CA CYS QC 74 152.91 42.41 -42.04
CA PRO QC 75 150.78 39.45 -40.88
CA THR QC 76 151.21 38.30 -37.25
CA GLN QC 77 152.81 41.63 -36.21
CA GLY QC 78 149.50 43.00 -34.88
CA GLU QC 79 147.85 46.29 -35.68
CA PRO QC 80 150.21 49.28 -35.96
CA SER QC 81 149.96 51.75 -33.08
CA LEU QC 82 150.21 55.43 -34.01
CA ASN QC 83 149.31 58.35 -31.71
CA GLU QC 84 146.22 59.51 -33.65
CA GLU QC 85 144.09 56.53 -32.60
CA GLN QC 86 143.83 57.61 -28.97
CA ASP QC 87 143.13 61.23 -29.92
CA LYS QC 88 139.49 61.67 -30.94
CA ARG QC 89 140.49 64.70 -33.03
CA PHE QC 90 141.27 62.16 -35.75
CA VAL QC 91 138.59 59.78 -36.95
CA CYS QC 92 140.02 56.43 -37.92
CA LYS QC 93 139.69 52.70 -38.42
CA HIS QC 94 141.75 49.54 -38.90
CA SER QC 95 141.35 46.71 -41.42
CA MET QC 96 143.38 43.91 -43.03
CA VAL QC 97 144.67 42.95 -46.48
CA ASP QC 98 146.62 40.06 -47.97
CA ARG QC 99 150.36 40.78 -47.96
CA GLY QC 100 153.35 38.49 -48.13
CA TRP QC 101 156.43 37.42 -50.09
CA GLY QC 102 155.12 39.23 -53.17
CA ASN QC 103 155.01 42.75 -51.70
CA GLY QC 104 157.76 42.79 -49.09
CA CYS QC 105 156.37 40.75 -46.19
CA GLY QC 106 157.23 37.13 -45.42
CA LEU QC 107 154.19 35.01 -46.28
CA PHE QC 108 150.81 35.65 -47.87
CA GLY QC 109 148.39 36.44 -45.05
CA LYS QC 110 145.94 39.01 -43.76
CA GLY QC 111 148.16 41.70 -42.29
CA GLY QC 112 146.77 44.72 -40.51
CA ILE QC 113 146.37 48.35 -41.56
CA VAL QC 114 145.40 51.44 -39.58
CA THR QC 115 143.98 54.43 -41.45
CA CYS QC 116 143.48 57.73 -39.61
CA ALA QC 117 142.68 61.32 -40.50
CA MET QC 118 141.77 64.65 -38.94
CA PHE QC 119 138.08 65.53 -39.38
CA THR QC 120 137.64 69.31 -39.57
CA CYS QC 121 134.12 70.74 -39.32
CA LYS QC 122 133.72 73.69 -41.68
CA LYS QC 123 130.04 74.54 -41.13
CA ASN QC 124 127.42 74.02 -38.45
CA MET QC 125 123.76 72.99 -38.47
CA LYS QC 126 122.09 74.19 -35.30
CA GLY QC 127 119.35 72.43 -33.35
CA LYS QC 128 117.04 74.20 -30.91
CA VAL QC 129 114.74 72.40 -28.47
CA VAL QC 130 111.90 74.32 -26.81
CA GLN QC 131 111.06 73.34 -23.25
CA PRO QC 132 107.69 74.18 -21.66
CA GLU QC 133 109.20 76.72 -19.25
CA ASN QC 134 110.86 78.66 -22.10
CA LEU QC 135 107.61 79.74 -23.80
CA GLU QC 136 107.20 83.52 -23.47
CA TYR QC 137 103.49 84.01 -24.18
CA THR QC 138 102.53 87.49 -25.37
CA ILE QC 139 98.91 88.11 -24.35
CA VAL QC 140 96.82 91.10 -25.39
CA ILE QC 141 94.02 92.18 -23.05
CA THR QC 142 91.51 94.78 -24.28
CA PRO QC 143 88.34 96.04 -22.54
CA HIS QC 144 84.97 96.63 -24.22
CA SER QC 145 85.17 100.21 -23.09
CA GLY QC 146 84.26 102.15 -26.22
CA GLU QC 147 87.54 102.52 -28.09
CA GLU QC 148 87.55 102.63 -31.88
CA HIS QC 149 91.05 101.84 -33.19
CA ALA QC 150 91.05 98.12 -32.30
CA VAL QC 151 88.19 96.70 -34.39
CA GLY QC 152 89.79 94.46 -36.98
CA ASN QC 153 93.25 95.52 -35.83
CA ASP QC 154 96.49 93.97 -34.55
CA THR QC 155 98.44 96.86 -32.96
CA GLY QC 156 95.37 98.79 -31.71
CA LYS QC 157 96.37 99.72 -28.17
CA HIS QC 158 93.85 100.79 -25.57
CA GLY QC 159 94.45 97.81 -23.30
CA LYS QC 160 97.73 96.13 -22.41
CA GLU QC 161 100.13 93.53 -23.80
CA ILE QC 162 101.88 91.34 -21.24
CA LYS QC 163 104.68 88.81 -21.69
CA ILE QC 164 103.87 85.81 -19.49
CA THR QC 165 106.91 83.81 -18.36
CA PRO QC 166 105.85 80.46 -16.83
CA GLN QC 167 108.51 80.81 -14.12
CA SER QC 168 106.42 83.81 -13.01
CA SER QC 169 102.92 82.40 -12.53
CA ILE QC 170 101.19 85.35 -10.85
CA THR QC 171 101.38 88.66 -12.72
CA GLU QC 172 99.56 91.97 -12.42
CA ALA QC 173 98.49 93.53 -15.73
CA GLU QC 174 97.33 97.08 -14.88
CA LEU QC 175 94.53 97.79 -17.33
CA THR QC 176 94.15 101.55 -17.73
CA GLY QC 177 91.19 103.14 -15.98
CA TYR QC 178 89.86 99.80 -14.71
CA GLY QC 179 92.65 98.59 -12.41
CA THR QC 180 94.29 95.20 -12.88
CA VAL QC 181 93.47 91.52 -13.35
CA THR QC 182 95.55 88.80 -11.73
CA MET QC 183 97.25 86.60 -14.32
CA GLU QC 184 97.64 82.96 -13.30
CA CYS QC 185 97.93 81.43 -16.74
CA SER QC 186 100.05 78.35 -17.39
CA PRO QC 187 101.06 76.63 -20.65
CA ARG QC 188 102.09 73.58 -18.62
CA THR QC 189 98.60 72.06 -18.80
CA GLY QC 190 98.53 72.61 -22.57
CA LEU QC 191 100.02 70.26 -25.11
CA ASP QC 192 103.52 69.07 -24.25
CA PHE QC 193 106.26 70.77 -26.27
CA ASN QC 194 108.47 67.71 -25.89
CA GLU QC 195 108.79 66.61 -29.55
CA MET QC 196 109.16 69.95 -31.40
CA VAL QC 197 112.61 70.96 -32.63
CA LEU QC 198 113.91 73.83 -34.76
CA LEU QC 199 116.59 73.31 -37.39
CA GLN QC 200 118.53 76.56 -37.88
CA MET QC 201 120.78 77.31 -40.86
CA GLU QC 202 122.44 80.72 -41.16
CA ASN QC 203 119.28 82.79 -40.57
CA LYS QC 204 116.45 80.56 -41.85
CA ALA QC 205 114.88 77.64 -40.04
CA TRP QC 206 112.38 74.80 -40.08
CA LEU QC 207 110.34 72.88 -37.52
CA VAL QC 208 110.65 69.10 -37.29
CA HIS QC 209 110.16 66.28 -34.80
CA ARG QC 210 112.72 65.30 -32.16
CA GLN QC 211 113.02 61.60 -33.01
CA TRP QC 212 113.55 62.52 -36.66
CA PHE QC 213 116.00 65.23 -35.64
CA LEU QC 214 118.20 62.72 -33.83
CA ASP QC 215 117.72 59.78 -36.21
CA LEU QC 216 119.68 61.57 -38.95
CA PRO QC 217 122.83 59.57 -39.87
CA LEU QC 218 125.03 62.66 -39.85
CA PRO QC 219 127.95 63.89 -37.72
CA TRP QC 220 126.79 64.05 -34.14
CA LEU QC 221 128.23 66.61 -31.69
CA PRO QC 222 126.83 67.42 -28.23
CA GLY QC 223 125.65 70.80 -27.03
CA ALA QC 224 128.01 71.05 -24.08
CA ASP QC 225 131.24 70.71 -26.07
CA THR QC 226 132.66 73.64 -28.05
CA GLN QC 227 135.86 72.48 -29.76
CA GLY QC 228 134.17 69.58 -31.57
CA SER QC 229 137.05 67.16 -31.02
CA ASN QC 230 134.83 64.94 -28.86
CA TRP QC 231 133.21 63.76 -32.06
CA ILE QC 232 130.54 61.04 -32.33
CA GLN QC 233 128.99 59.09 -35.22
CA LYS QC 234 132.26 58.91 -37.05
CA GLU QC 235 131.49 56.96 -40.23
CA THR QC 236 128.62 59.13 -41.53
CA LEU QC 237 130.76 61.13 -43.99
CA VAL QC 238 134.19 59.49 -44.08
CA THR QC 239 133.56 56.60 -46.48
CA PHE QC 240 136.77 54.60 -46.74
CA LYS QC 241 136.98 52.34 -49.80
CA ASN QC 242 138.20 48.75 -49.78
CA PRO QC 243 141.88 49.07 -48.81
CA HIS QC 244 144.26 47.82 -51.47
CA ALA QC 245 147.64 47.26 -49.80
CA LYS QC 246 147.79 50.42 -47.63
CA LYS QC 247 146.09 53.42 -49.24
CA GLN QC 248 142.33 53.67 -49.48
CA ASP QC 249 140.49 56.49 -51.22
CA VAL QC 250 139.40 58.18 -48.00
CA VAL QC 251 137.06 61.01 -48.97
CA VAL QC 252 134.32 62.86 -47.14
CA LEU QC 253 131.02 62.97 -48.97
CA GLY QC 254 130.08 66.22 -50.63
CA SER QC 255 128.33 68.94 -48.70
CA GLN QC 256 124.93 67.72 -47.56
CA GLU QC 257 123.50 71.25 -47.53
CA GLY QC 258 121.77 70.84 -50.89
CA ALA QC 259 120.61 67.28 -50.26
CA MET QC 260 119.25 67.89 -46.77
CA HIS QC 261 117.68 71.16 -47.89
CA THR QC 262 115.88 69.29 -50.67
CA ALA QC 263 114.76 66.57 -48.27
CA LEU QC 264 113.63 68.98 -45.55
CA THR QC 265 111.59 70.86 -48.16
CA GLY QC 266 107.89 70.46 -47.52
CA ALA QC 267 108.29 70.57 -43.75
CA THR QC 268 107.05 73.48 -41.63
CA GLU QC 269 109.26 76.41 -42.58
CA ILE QC 270 109.51 78.95 -39.75
CA GLN QC 271 110.49 82.59 -40.31
CA MET QC 272 112.30 82.50 -36.98
CA SER QC 273 113.92 85.91 -37.54
CA SER QC 274 110.81 87.72 -36.24
CA GLY QC 275 110.67 85.39 -33.22
CA ASN QC 276 109.72 81.77 -32.57
CA LEU QC 277 106.15 82.01 -33.85
CA LEU QC 278 104.93 78.63 -32.68
CA PHE QC 279 101.44 78.04 -34.09
CA THR QC 280 100.30 75.54 -31.43
CA GLY QC 281 99.90 75.22 -27.68
CA HIS QC 282 96.98 75.67 -25.30
CA LEU QC 283 97.23 78.34 -22.63
CA LYS QC 284 95.12 77.54 -19.56
CA CYS QC 285 94.35 80.86 -17.92
CA ARG QC 286 92.88 81.22 -14.41
CA LEU QC 287 91.99 84.73 -13.30
CA ARG QC 288 90.70 86.55 -10.24
CA MET QC 289 88.79 89.42 -11.88
CA ASP QC 290 87.42 90.77 -8.57
CA LYS QC 291 90.32 93.22 -8.36
CA LEU QC 292 89.20 94.54 -11.75
CA GLN QC 293 86.49 97.19 -11.63
CA LEU QC 294 84.62 99.48 -14.02
CA LYS QC 295 85.15 103.17 -13.24
CA GLY QC 296 82.47 103.98 -15.82
CA MET QC 297 79.69 101.74 -14.53
CA SER QC 298 77.85 103.99 -12.06
CA TYR QC 299 77.73 107.27 -13.98
CA SER QC 300 74.37 108.99 -14.34
CA MET QC 301 71.80 107.73 -16.83
CA CYS QC 302 72.38 109.82 -19.92
CA THR QC 303 69.70 112.26 -21.01
CA GLY QC 304 70.55 114.27 -24.11
CA LYS QC 305 69.80 113.53 -27.74
CA PHE QC 306 71.74 110.67 -29.31
CA LYS QC 307 72.35 109.89 -32.99
CA VAL QC 308 73.99 107.20 -35.14
CA VAL QC 309 76.86 107.90 -37.55
CA LYS QC 310 77.58 104.61 -39.31
CA GLU QC 311 75.10 101.82 -39.96
CA ILE QC 312 75.49 98.16 -39.06
CA ALA QC 313 77.70 95.72 -40.89
CA GLU QC 314 77.57 92.06 -39.92
CA THR QC 315 80.38 90.28 -38.10
CA GLN QC 316 81.64 86.71 -38.43
CA HIS QC 317 79.81 85.50 -35.34
CA GLY QC 318 76.91 87.81 -36.15
CA THR QC 319 77.03 90.49 -33.45
CA ILE QC 320 75.65 94.01 -33.51
CA VAL QC 321 78.43 96.60 -33.54
CA ILE QC 322 77.31 100.22 -33.84
CA ARG QC 323 79.35 103.41 -33.92
CA VAL QC 324 77.11 106.03 -32.31
CA GLN QC 325 77.57 109.74 -31.64
CA TYR QC 326 76.12 111.89 -28.86
CA GLU QC 327 75.05 115.38 -29.91
CA GLY QC 328 73.51 116.20 -26.52
CA ASP QC 329 75.17 117.19 -23.25
CA GLY QC 330 75.95 115.89 -19.78
CA SER QC 331 79.03 113.85 -20.64
CA PRO QC 332 80.17 111.63 -18.95
CA CYS QC 333 76.86 109.75 -18.78
CA LYS QC 334 75.54 106.17 -18.72
CA ILE QC 335 73.80 105.60 -22.05
CA PRO QC 336 70.51 103.65 -22.18
CA PHE QC 337 70.66 100.66 -24.51
CA GLU QC 338 68.08 97.87 -24.68
CA ILE QC 339 66.99 95.24 -27.21
CA MET QC 340 63.20 95.18 -27.00
CA ASP QC 341 60.55 93.22 -28.82
CA LEU QC 342 58.74 95.02 -31.62
CA GLU QC 343 55.88 95.73 -29.17
CA LYS QC 344 58.27 97.11 -26.49
CA ARG QC 345 56.99 94.68 -23.82
CA HIS QC 346 59.71 92.10 -23.06
CA VAL QC 347 63.47 91.98 -23.68
CA LEU QC 348 65.01 89.44 -26.07
CA GLY QC 349 68.72 89.95 -26.61
CA ARG QC 350 71.91 90.51 -24.63
CA LEU QC 351 74.48 93.32 -24.69
CA ILE QC 352 78.20 92.63 -24.30
CA THR QC 353 79.46 96.05 -23.24
CA VAL QC 354 77.93 96.19 -19.78
CA ASN QC 355 76.92 99.76 -18.94
CA PRO QC 356 78.30 101.46 -22.06
CA ILE QC 357 79.84 104.84 -21.33
CA VAL QC 358 80.30 108.10 -23.23
CA THR QC 359 82.98 110.16 -21.44
CA GLU QC 360 83.89 112.38 -24.38
CA LYS QC 361 82.01 114.87 -26.54
CA ASP QC 362 81.95 114.45 -30.32
CA SER QC 363 83.53 111.00 -30.51
CA PRO QC 364 82.44 107.66 -31.98
CA VAL QC 365 81.21 105.15 -29.42
CA ASN QC 366 81.28 101.41 -30.11
CA ILE QC 367 78.27 99.52 -28.76
CA GLU QC 368 78.23 95.72 -28.91
CA ALA QC 369 75.28 93.34 -28.68
CA GLU QC 370 74.06 89.90 -29.75
CA PRO QC 371 70.36 89.46 -30.55
CA PRO QC 372 68.71 86.12 -31.19
CA PHE QC 373 67.56 85.03 -34.64
CA GLY QC 374 64.44 87.09 -35.15
CA ASP QC 375 63.07 90.55 -35.61
CA SER QC 376 64.03 92.93 -32.82
CA TYR QC 377 64.02 96.63 -31.99
CA ILE QC 378 67.20 98.14 -30.57
CA ILE QC 379 65.79 100.94 -28.41
CA ILE QC 380 68.25 103.71 -27.59
CA GLY QC 381 67.80 106.83 -25.50
CA VAL QC 382 64.75 108.30 -23.81
CA GLU QC 383 62.03 110.50 -25.25
CA PRO QC 384 62.46 113.25 -26.45
CA GLY QC 385 64.83 111.85 -29.07
CA GLN QC 386 63.96 108.16 -28.85
CA LEU QC 387 65.81 106.00 -31.37
CA LYS QC 388 64.28 102.74 -32.56
CA LEU QC 389 66.31 100.49 -34.87
CA ASN QC 390 64.70 97.44 -36.43
CA TRP QC 391 67.04 94.50 -36.92
CA PHE QC 392 66.94 90.90 -38.09
CA LYS QC 393 69.56 88.14 -38.27
CA LYS QC 394 69.56 84.80 -40.03
CA GLY QC 395 70.03 81.31 -38.62
CA SER QC 396 68.27 78.71 -36.49
CA SER QC 397 68.13 78.95 -32.71
CA ILE QC 398 68.89 75.24 -32.38
CA GLY QC 399 71.97 75.89 -34.51
CA GLN QC 400 73.40 78.27 -31.95
CA MET QC 401 72.30 76.01 -29.09
CA ILE QC 402 74.18 72.97 -30.42
CA GLU QC 403 77.15 75.09 -31.54
CA THR QC 404 77.62 76.84 -28.19
CA THR QC 405 76.97 73.70 -26.15
CA MET QC 406 79.43 71.57 -28.10
CA ARG QC 407 82.01 74.36 -28.12
CA GLY QC 408 81.74 74.70 -24.34
CA ALA QC 409 81.89 70.93 -23.95
CA LYS QC 410 85.13 70.76 -25.91
CA ARG QC 411 86.44 73.76 -23.96
CA MET QC 412 85.75 72.02 -20.66
CA ALA QC 413 87.17 68.73 -21.95
CA ILE QC 414 90.48 70.38 -22.82
CA LEU QC 415 90.12 72.55 -19.69
CA GLY QC 416 89.48 69.35 -17.79
CA ASP QC 417 91.64 67.02 -15.71
CA THR QC 418 93.96 68.93 -13.35
CA ALA QC 419 92.22 72.16 -14.48
CA TRP QC 420 88.76 72.54 -12.94
CA ASP QC 421 88.80 72.91 -9.17
CA PHE QC 422 88.10 69.50 -7.64
CA GLY QC 423 90.69 69.54 -4.84
CA SER QC 424 89.59 72.87 -3.33
CA LEU QC 425 87.13 72.16 -0.53
CA GLY QC 426 84.20 74.55 -0.12
CA GLY QC 427 84.40 75.64 -3.74
CA VAL QC 428 83.53 72.14 -4.95
CA PHE QC 429 79.86 73.06 -5.33
CA THR QC 430 80.96 76.28 -7.05
CA SER QC 431 83.31 74.34 -9.33
CA ILE QC 432 80.62 71.89 -10.44
CA GLY QC 433 78.30 74.86 -10.92
CA LYS QC 434 80.90 76.42 -13.20
CA ALA QC 435 81.28 73.17 -15.13
CA LEU QC 436 77.54 72.62 -15.52
CA HIS QC 437 77.36 76.21 -16.72
CA GLN QC 438 80.09 75.74 -19.31
CA VAL QC 439 78.13 72.76 -20.75
CA PHE QC 440 74.39 73.42 -20.24
CA GLY QC 441 74.22 77.19 -19.71
CA ALA QC 442 73.28 77.92 -23.29
CA ILE QC 443 70.22 75.73 -22.80
CA TYR QC 444 69.53 77.23 -19.38
CA GLY QC 445 69.77 80.90 -20.34
CA ALA QC 446 68.43 80.77 -23.90
CA ALA QC 447 65.94 77.92 -24.21
CA PHE QC 448 64.49 78.15 -20.69
CA SER QC 449 62.79 81.55 -20.69
CA GLY QC 450 65.81 83.90 -20.58
CA VAL QC 451 65.17 83.99 -17.61
CA SER QC 452 63.30 85.44 -14.62
CA TRP QC 453 65.21 83.37 -12.08
CA ILE QC 454 62.68 83.27 -9.22
CA MET QC 455 59.78 81.83 -11.19
CA LYS QC 456 61.95 79.40 -13.13
CA ILE QC 457 63.45 77.98 -9.93
CA LEU QC 458 59.88 77.59 -8.69
CA ILE QC 459 59.21 75.61 -11.87
CA GLY QC 460 62.45 73.75 -11.22
CA VAL QC 461 61.40 72.59 -7.77
CA ILE QC 462 58.02 71.68 -9.28
CA ILE QC 463 59.67 69.41 -11.87
CA THR QC 464 61.89 67.92 -9.15
CA TRP QC 465 58.82 67.14 -7.03
CA ILE QC 466 57.06 65.54 -9.98
CA GLY QC 467 60.19 63.56 -10.85
CA MET QC 468 60.75 62.14 -7.37
CA ASN QC 469 57.09 61.07 -7.10
CA SER QC 470 56.98 59.69 -10.65
CA ARG QC 471 55.53 56.46 -11.99
CA SER QC 472 58.99 55.36 -13.23
CA THR QC 473 62.43 55.49 -11.64
CA SER QC 474 64.18 56.02 -14.98
CA LEU QC 475 62.11 59.16 -15.56
CA SER QC 476 62.71 60.15 -11.93
CA VAL QC 477 66.47 60.04 -12.47
CA SER QC 478 66.18 61.73 -15.87
CA LEU QC 479 64.05 64.61 -14.55
CA VAL QC 480 65.32 65.34 -11.03
CA LEU QC 481 68.86 65.67 -12.41
CA VAL QC 482 67.68 68.41 -14.76
CA GLY QC 483 65.67 70.01 -11.97
CA VAL QC 484 68.56 70.18 -9.53
CA VAL QC 485 70.72 71.45 -12.40
CA THR QC 486 68.15 74.19 -12.95
CA LEU QC 487 67.99 75.14 -9.28
CA TYR QC 488 71.75 75.18 -8.65
CA LEU QC 489 72.53 77.02 -11.89
CA GLY QC 490 69.79 79.53 -11.06
CA VAL QC 491 71.45 80.18 -7.74
CA MET QC 492 74.67 80.49 -9.76
CA VAL QC 493 73.48 82.59 -12.74
CA GLN QC 494 72.01 85.03 -10.21
CA ALA QC 495 75.69 85.75 -9.45
CA PHE RC 1 145.06 56.29 -89.01
CA HIS RC 2 144.18 59.98 -89.34
CA LEU RC 3 145.37 61.76 -86.20
CA THR RC 4 143.62 64.59 -84.37
CA THR RC 5 143.36 65.74 -80.74
CA ARG RC 6 140.51 65.60 -78.25
CA ASN RC 7 140.49 66.43 -74.54
CA GLY RC 8 144.16 67.30 -74.91
CA GLU RC 9 145.03 63.76 -76.04
CA PRO RC 10 145.93 62.27 -79.43
CA HIS RC 11 143.15 60.53 -81.33
CA MET RC 12 144.02 58.32 -84.31
CA ILE RC 13 141.26 56.85 -86.49
CA VAL RC 14 142.39 53.56 -88.01
CA SER RC 15 140.83 51.62 -90.86
CA ARG RC 16 141.33 48.44 -92.87
CA GLN RC 17 144.18 50.10 -94.83
CA GLU RC 18 146.32 49.49 -91.72
CA LYS RC 19 144.82 46.39 -90.09
CA GLY RC 20 146.51 44.07 -87.63
CA LYS RC 21 149.83 45.87 -88.01
CA SER RC 22 151.99 48.00 -85.75
CA LEU RC 23 150.83 51.61 -85.64
CA LEU RC 24 153.70 54.10 -85.81
CA PHE RC 25 153.87 57.88 -85.50
CA LYS RC 26 156.15 60.77 -84.60
CA THR RC 27 154.58 63.26 -82.19
CA GLU RC 28 155.77 65.88 -79.71
CA ASP RC 29 156.00 63.18 -77.05
CA GLY RC 30 158.36 61.23 -79.32
CA VAL RC 31 158.33 58.03 -81.38
CA ASN RC 32 154.82 56.65 -80.78
CA MET RC 33 154.81 52.86 -81.32
CA CYS RC 34 151.28 51.57 -80.71
CA THR RC 35 150.06 48.01 -81.09
CA LEU RC 36 146.38 47.71 -82.00
CA MET RC 37 145.83 44.10 -80.98
CA ALA RC 38 142.04 44.41 -81.13
CA MET RC 39 139.53 42.05 -82.76
CA ASP RC 40 136.55 43.60 -84.53
CA LEU RC 41 138.60 46.02 -86.65
CA GLY RC 42 137.19 45.72 -90.16
CA GLU RC 43 136.61 48.35 -92.81
CA LEU RC 44 135.53 51.72 -91.43
CA CYS RC 45 131.90 52.02 -90.36
CA GLU RC 46 129.51 54.26 -88.42
CA ASP RC 47 129.50 52.08 -85.28
CA THR RC 48 132.41 54.11 -83.93
CA ILE RC 49 133.97 52.11 -81.10
CA THR RC 50 136.62 54.08 -79.20
CA TYR RC 51 139.41 53.07 -76.85
CA LYS RC 52 142.14 54.31 -74.56
CA CYS RC 53 145.45 52.75 -75.41
CA PRO RC 54 147.06 53.18 -71.96
CA PHE RC 55 150.58 54.35 -71.24
CA LEU RC 56 152.72 51.29 -70.52
CA LYS RC 57 156.45 51.77 -70.08
CA GLN RC 58 158.00 48.29 -69.85
CA ASN RC 59 155.59 46.02 -67.96
CA GLU RC 60 153.83 42.88 -69.20
CA PRO RC 61 150.64 43.87 -71.06
CA GLU RC 62 147.53 41.83 -70.42
CA ASP RC 63 143.74 42.19 -70.56
CA ILE RC 64 144.05 45.10 -73.00
CA ASP RC 65 142.95 45.62 -76.59
CA CYS RC 66 145.45 48.28 -77.67
CA TRP RC 67 148.52 49.84 -76.09
CA CYS RC 68 151.33 52.30 -76.77
CA ASN RC 69 154.85 52.40 -75.35
CA SER RC 70 155.05 56.22 -75.51
CA THR RC 71 151.92 57.76 -74.00
CA SER RC 72 148.22 57.22 -73.45
CA THR RC 73 146.14 57.86 -76.55
CA TRP RC 74 142.71 57.51 -78.10
CA VAL RC 75 141.98 55.12 -80.95
CA THR RC 76 138.73 54.49 -82.79
CA TYR RC 77 137.31 52.35 -85.57
CA GLY RC 78 134.16 50.77 -86.98
CA THR RC 79 132.53 47.37 -86.59
CA CYS RC 80 130.27 46.67 -89.58
CA THR RC 81 131.03 43.82 -91.95
CA THR RC 82 132.45 44.18 -95.46
CA THR RC 83 129.13 44.21 -97.31
CA GLY RC 84 127.53 46.71 -94.92
CA GLU RC 85 125.26 46.06 -91.95
CA HIS RC 86 124.61 47.25 -88.41
CA ARG RC 87 126.23 44.37 -86.51
CA ARG RC 88 125.76 40.67 -85.68
CA GLU RC 89 122.15 39.54 -85.23
CA LYS RC 90 120.75 38.04 -82.02
CA ARG RC 91 117.36 37.00 -80.68
CA SER RC 92 116.27 37.95 -77.17
CA VAL RC 93 113.55 39.64 -75.03
CA ALA RC 94 110.82 37.50 -73.47
CA LEU RC 95 107.21 38.41 -74.21
CA VAL RC 96 103.87 36.85 -75.09
CA PRO RC 97 100.30 38.25 -74.94
CA HIS RC 98 97.02 36.81 -73.87
CA VAL RC 99 95.11 34.93 -76.57
CA GLY RC 100 92.12 36.72 -77.95
CA MET RC 101 88.38 36.31 -78.10
CA GLY RC 102 86.40 36.56 -81.33
CA LEU RC 103 83.32 35.46 -83.31
CA GLU RC 104 81.77 34.08 -80.08
CA THR RC 105 80.25 37.07 -78.21
CA ARG RC 106 79.68 37.08 -74.44
CA THR RC 107 75.97 36.45 -73.73
CA GLU RC 108 74.02 33.24 -73.05
CA THR RC 109 72.39 32.41 -76.41
CA TRP RC 110 72.55 30.20 -79.56
CA MET RC 111 71.36 26.91 -77.97
CA SER RC 112 74.79 25.44 -78.82
CA SER RC 113 76.27 22.46 -76.99
CA GLU RC 114 79.32 24.38 -75.79
CA GLY RC 115 77.24 27.39 -74.78
CA ALA RC 116 74.58 25.21 -73.16
CA TRP RC 117 77.06 23.16 -71.12
CA LYS RC 118 79.39 26.05 -70.23
CA HIS RC 119 77.09 27.26 -67.46
CA ALA RC 120 76.78 23.80 -65.90
CA GLN RC 121 80.52 23.17 -66.22
CA ARG RC 122 81.23 26.47 -64.48
CA ILE RC 123 78.70 25.65 -61.74
CA GLU RC 124 80.33 22.29 -61.01
CA THR RC 125 83.82 23.82 -61.19
CA TRP RC 126 82.74 26.42 -58.63
CA ILE RC 127 81.25 23.69 -56.45
CA LEU RC 128 84.48 21.70 -56.59
CA ARG RC 129 86.52 24.82 -55.81
CA HIS RC 130 84.01 25.96 -53.13
CA PRO RC 131 83.06 22.98 -50.94
CA GLY RC 132 82.52 25.18 -47.88
CA PHE RC 133 79.96 27.43 -49.57
CA THR RC 134 78.23 24.32 -50.91
CA ILE RC 135 77.98 22.87 -47.40
CA MET RC 136 76.73 26.20 -46.05
CA ALA RC 137 74.04 26.38 -48.74
CA ALA RC 138 73.01 22.80 -48.00
CA ILE RC 139 72.71 23.61 -44.28
CA LEU RC 140 70.60 26.70 -45.02
CA ALA RC 141 68.37 24.63 -47.30
CA TYR RC 142 67.98 22.01 -44.58
CA THR RC 143 67.04 24.56 -41.92
CA ILE RC 144 64.68 26.66 -44.05
CA GLY RC 145 63.30 23.72 -46.03
CA THR RC 146 60.38 21.88 -44.47
CA THR RC 147 60.04 19.38 -47.35
CA HIS RC 148 62.75 17.42 -49.13
CA PHE RC 149 61.65 18.83 -52.49
CA GLN RC 150 61.92 22.40 -51.17
CA ARG RC 151 65.25 21.44 -49.59
CA ALA RC 152 66.72 20.26 -52.90
CA LEU RC 153 65.20 23.14 -54.88
CA ILE RC 154 66.61 25.76 -52.51
CA PHE RC 155 70.02 24.06 -52.44
CA ILE RC 156 70.15 24.01 -56.25
CA LEU RC 157 69.00 27.64 -56.43
CA LEU RC 158 71.66 28.79 -53.96
CA THR RC 159 74.45 26.82 -55.66
CA ALA RC 160 73.43 28.21 -59.07
CA VAL RC 161 72.90 31.82 -57.96
CA ALA RC 162 75.99 32.31 -55.76
CA PRO RC 163 78.50 32.11 -58.67
CA SER RC 164 76.40 34.30 -60.96
CA MET RC 165 76.86 37.23 -58.56
CA THR RC 166 80.62 37.12 -59.18
CA PHE SC 1 157.43 26.43 -82.66
CA HIS SC 2 157.44 22.74 -83.65
CA LEU SC 3 155.82 22.04 -87.01
CA THR SC 4 154.37 18.61 -86.21
CA THR SC 5 151.77 16.51 -88.03
CA ARG SC 6 148.87 16.65 -85.59
CA ASN SC 7 145.59 15.06 -86.73
CA GLY SC 8 147.28 14.77 -90.13
CA GLU SC 9 147.75 18.53 -90.54
CA PRO SC 10 150.47 21.07 -89.67
CA HIS SC 11 150.54 22.00 -86.00
CA MET SC 12 152.50 24.75 -84.21
CA ILE SC 13 153.17 25.63 -80.57
CA VAL SC 14 153.80 29.37 -80.18
CA SER SC 15 154.98 30.66 -76.80
CA ARG SC 16 155.30 34.13 -75.27
CA GLN SC 17 159.03 34.60 -75.97
CA GLU SC 18 157.85 36.13 -79.26
CA LYS SC 19 154.49 37.88 -79.30
CA GLY SC 20 152.44 40.27 -81.38
CA LYS SC 21 154.49 39.45 -84.48
CA SER SC 22 153.88 37.34 -87.56
CA LEU SC 23 155.53 33.92 -87.49
CA LEU SC 24 157.51 32.50 -90.40
CA PHE SC 25 158.06 28.83 -91.25
CA LYS SC 26 158.41 26.32 -94.07
CA THR SC 27 156.08 23.66 -95.48
CA GLU SC 28 155.81 21.59 -98.64
CA ASP SC 29 153.91 24.45 -100.29
CA GLY SC 30 156.76 26.87 -99.54
CA VAL SC 31 157.48 29.63 -97.05
CA ASN SC 32 154.42 30.51 -94.96
CA MET SC 33 154.03 33.67 -92.89
CA CYS SC 34 151.34 33.33 -90.22
CA THR SC 35 149.33 36.05 -88.49
CA LEU SC 36 148.28 35.61 -84.85
CA MET SC 37 145.90 38.29 -83.56
CA ALA SC 38 145.09 36.38 -80.36
CA MET SC 39 145.15 39.10 -77.73
CA ASP SC 40 144.83 36.85 -74.65
CA LEU SC 41 148.18 35.14 -75.13
CA GLY SC 42 150.53 34.08 -72.33
CA GLU SC 43 153.51 31.77 -71.91
CA LEU SC 44 153.38 28.03 -72.50
CA CYS SC 45 152.08 25.92 -69.61
CA GLU SC 46 149.58 23.15 -68.99
CA ASP SC 47 146.53 25.27 -69.91
CA THR SC 48 147.06 24.86 -73.64
CA ILE SC 49 144.44 26.47 -75.87
CA THR SC 50 144.45 25.17 -79.46
CA TYR SC 51 143.19 26.44 -82.83
CA LYS SC 52 142.78 25.23 -86.41
CA CYS SC 53 144.11 28.29 -88.24
CA PRO SC 54 142.09 28.89 -91.44
CA PHE SC 55 143.32 29.68 -94.94
CA LEU SC 56 142.61 33.09 -96.48
CA LYS SC 57 143.56 34.17 -100.00
CA GLN SC 58 142.52 37.83 -100.40
CA ASN SC 59 139.36 38.42 -98.33
CA GLU SC 60 139.47 40.74 -95.34
CA PRO SC 61 140.32 38.84 -92.12
CA GLU SC 62 137.30 39.36 -89.87
CA ASP SC 63 136.42 37.99 -86.44
CA ILE SC 64 139.36 35.53 -86.40
CA ASP SC 65 142.71 35.47 -84.64
CA CYS SC 66 144.91 33.44 -86.96
CA TRP SC 67 145.40 33.43 -90.71
CA CYS SC 68 148.06 32.75 -93.34
CA ASN SC 69 148.39 33.34 -97.11
CA SER SC 70 148.82 29.76 -98.38
CA THR SC 71 147.43 27.07 -96.10
CA SER SC 72 145.61 26.20 -92.89
CA THR SC 73 147.26 24.82 -89.76
CA TRP SC 74 146.87 24.22 -86.01
CA VAL SC 75 148.31 26.93 -83.73
CA THR SC 76 148.32 26.46 -79.95
CA TYR SC 77 149.62 28.34 -76.94
CA GLY SC 78 149.44 28.60 -73.19
CA THR SC 79 147.45 31.12 -71.17
CA CYS SC 80 149.23 31.20 -67.80
CA THR SC 81 149.90 34.65 -66.39
CA THR SC 82 153.30 35.96 -65.30
CA THR SC 83 153.26 33.93 -62.08
CA GLY SC 84 152.73 30.80 -64.20
CA GLU SC 85 149.27 29.98 -62.80
CA HIS SC 86 146.00 29.04 -64.50
CA ARG SC 87 143.08 31.33 -65.30
CA ARG SC 88 141.60 33.26 -62.41
CA GLU SC 89 138.25 34.91 -61.66
CA LYS SC 90 135.34 34.86 -59.20
CA ARG SC 91 132.58 34.24 -58.19
CA SER SC 92 129.90 31.56 -58.52
CA VAL SC 93 126.83 30.96 -56.36
CA ALA SC 94 126.06 28.44 -53.62
CA LEU SC 95 122.70 28.25 -51.85
CA VAL SC 96 122.90 29.67 -48.34
CA PRO SC 97 122.39 26.85 -45.77
CA HIS SC 98 120.38 26.84 -42.56
CA VAL SC 99 119.14 24.46 -39.86
CA GLY SC 100 116.06 22.26 -40.11
CA MET SC 101 114.29 20.99 -43.21
CA GLY SC 102 112.00 23.62 -44.70
CA LEU SC 103 109.36 21.85 -46.79
CA GLU SC 104 106.13 23.70 -46.09
CA THR SC 105 106.26 26.73 -48.43
CA ARG SC 106 106.49 26.93 -52.21
CA THR SC 107 104.88 28.83 -55.11
CA GLU SC 108 104.12 32.56 -55.23
CA THR SC 109 100.82 34.29 -54.52
CA TRP SC 110 97.95 35.49 -56.67
CA MET SC 111 96.89 38.72 -55.00
CA SER SC 112 93.14 38.62 -55.64
CA SER SC 113 92.45 34.95 -54.91
CA GLU SC 114 94.74 34.75 -51.90
CA GLY SC 115 93.35 38.01 -50.51
CA ALA SC 116 89.84 36.59 -50.86
CA TRP SC 117 90.83 33.31 -49.17
CA LYS SC 118 93.01 34.93 -46.49
CA HIS SC 119 90.13 34.96 -44.01
CA ALA SC 120 89.20 31.33 -44.69
CA GLN SC 121 92.79 30.14 -44.33
CA ARG SC 122 93.54 32.38 -41.33
CA ILE SC 123 90.57 31.14 -39.31
CA GLU SC 124 91.70 27.54 -39.90
CA THR SC 125 95.33 28.17 -39.01
CA TRP SC 126 94.38 30.14 -35.90
CA ILE SC 127 91.73 27.70 -34.67
CA LEU SC 128 94.20 24.84 -35.13
CA ARG SC 129 97.12 26.65 -33.49
CA HIS SC 130 95.22 27.53 -30.27
CA PRO SC 131 93.19 24.55 -29.00
CA GLY SC 132 93.05 26.14 -25.55
CA PHE SC 133 91.08 29.11 -26.81
CA THR SC 134 88.98 26.65 -28.80
CA ILE SC 135 88.03 24.99 -25.52
CA MET SC 136 87.27 28.27 -23.74
CA ALA SC 137 85.19 29.61 -26.64
CA ALA SC 138 83.30 26.33 -26.86
CA ILE SC 139 82.55 26.38 -23.11
CA LEU SC 140 81.37 29.99 -23.24
CA ALA SC 141 79.12 29.23 -26.21
CA TYR SC 142 77.76 26.16 -24.43
CA THR SC 143 76.85 28.19 -21.35
CA ILE SC 144 75.43 31.28 -23.05
CA GLY SC 145 73.50 29.64 -25.88
CA THR SC 146 70.12 28.46 -24.60
CA THR SC 147 69.36 26.23 -27.61
CA HIS SC 148 71.66 24.42 -29.99
CA PHE SC 149 71.82 26.87 -32.88
CA GLN SC 150 72.52 29.83 -30.59
CA ARG SC 151 75.44 27.84 -29.17
CA ALA SC 152 76.81 27.07 -32.64
CA LEU SC 153 76.30 30.67 -33.77
CA ILE SC 154 78.15 32.18 -30.82
CA PHE SC 155 80.91 29.60 -31.25
CA ILE SC 156 81.49 30.34 -34.93
CA LEU SC 157 81.31 34.13 -34.42
CA LEU SC 158 83.93 34.03 -31.67
CA THR SC 159 86.16 31.74 -33.72
CA ALA SC 160 85.93 34.22 -36.60
CA VAL SC 161 86.49 37.24 -34.35
CA ALA SC 162 89.56 35.92 -32.54
CA PRO SC 163 92.02 36.08 -35.48
CA SER SC 164 90.69 39.49 -36.55
CA MET SC 165 91.54 41.28 -33.29
CA THR SC 166 95.11 39.99 -33.58
CA PHE TC 1 161.70 65.97 -51.57
CA HIS TC 2 161.71 67.37 -48.01
CA LEU TC 3 162.94 64.76 -45.52
CA THR TC 4 162.00 64.67 -41.83
CA THR TC 5 162.34 62.08 -39.06
CA ARG TC 6 159.04 60.87 -37.60
CA ASN TC 7 158.49 57.69 -35.56
CA GLY TC 8 162.17 56.87 -36.00
CA GLU TC 9 161.70 56.64 -39.79
CA PRO TC 10 162.13 59.12 -42.66
CA HIS TC 11 159.11 61.05 -43.89
CA MET TC 12 159.21 62.49 -47.42
CA ILE TC 13 157.11 65.49 -48.49
CA VAL TC 14 156.73 65.81 -52.26
CA SER TC 15 154.96 68.45 -54.35
CA ARG TC 16 153.74 68.46 -57.93
CA GLN TC 17 156.71 70.63 -58.91
CA GLU TC 18 158.53 67.27 -59.25
CA LYS TC 19 155.50 65.46 -60.68
CA GLY TC 20 156.06 62.54 -63.03
CA LYS TC 21 159.74 62.07 -62.21
CA SER TC 22 161.51 59.38 -60.21
CA LEU TC 23 162.33 60.13 -56.58
CA LEU TC 24 166.12 60.61 -56.58
CA PHE TC 25 168.21 62.01 -53.73
CA LYS TC 26 171.21 61.18 -51.54
CA THR TC 27 171.49 60.57 -47.79
CA GLU TC 28 173.73 58.63 -45.42
CA ASP TC 29 171.52 55.53 -45.75
CA GLY TC 30 172.89 55.11 -49.28
CA VAL TC 31 172.00 55.86 -52.88
CA ASN TC 32 168.25 56.04 -52.28
CA MET TC 33 166.84 55.50 -55.73
CA CYS TC 34 163.05 55.57 -55.49
CA THR TC 35 159.96 56.06 -57.63
CA LEU TC 36 156.44 57.46 -57.27
CA MET TC 37 154.03 56.10 -59.86
CA ALA TC 38 150.39 56.80 -58.95
CA MET TC 39 148.74 59.79 -60.63
CA ASP TC 40 146.57 60.79 -57.66
CA LEU TC 41 149.06 63.59 -56.89
CA GLY TC 42 147.70 67.10 -56.55
CA GLU TC 43 149.34 70.40 -55.77
CA LEU TC 44 150.69 71.27 -52.34
CA CYS TC 45 147.78 72.00 -50.01
CA GLU TC 46 146.47 71.01 -46.58
CA ASP TC 47 145.01 67.67 -47.76
CA THR TC 48 148.09 65.66 -46.89
CA ILE TC 49 148.12 61.94 -47.72
CA THR TC 50 150.88 59.59 -46.55
CA TYR TC 51 152.50 56.26 -47.46
CA LYS TC 52 155.23 53.86 -46.50
CA CYS TC 53 157.41 53.01 -49.48
CA PRO TC 54 158.70 49.42 -49.13
CA PHE TC 55 162.25 48.21 -49.66
CA LEU TC 56 163.29 46.09 -52.63
CA LYS TC 57 164.98 42.74 -52.14
CA GLN TC 58 164.44 41.08 -55.53
CA ASN TC 59 160.81 41.54 -56.63
CA GLU TC 60 159.52 43.71 -59.44
CA PRO TC 61 157.71 46.86 -58.22
CA GLU TC 62 154.18 45.72 -57.52
CA ASP TC 63 151.21 46.23 -55.16
CA ILE TC 64 152.41 49.67 -53.95
CA ASP TC 65 152.17 53.09 -55.59
CA CYS TC 66 155.66 54.03 -54.43
CA TRP TC 67 158.78 51.87 -54.63
CA CYS TC 68 162.22 52.47 -53.09
CA ASN TC 69 165.17 50.08 -53.28
CA SER TC 70 167.63 51.29 -50.61
CA THR TC 71 165.66 51.89 -47.39
CA SER TC 72 161.98 51.95 -46.46
CA THR TC 73 160.72 55.52 -46.24
CA TRP TC 74 157.40 57.31 -45.87
CA VAL TC 75 156.24 59.51 -48.74
CA THR TC 76 153.44 62.04 -48.33
CA TYR TC 77 152.01 64.64 -50.70
CA GLY TC 78 148.91 66.61 -51.64
CA THR TC 79 145.80 65.36 -53.41
CA CYS TC 80 143.52 68.37 -53.86
CA THR TC 81 142.42 69.17 -57.40
CA THR TC 82 144.19 71.92 -59.34
CA THR TC 83 141.53 74.50 -58.42
CA GLY TC 84 142.49 74.33 -54.73
CA GLU TC 85 139.42 72.27 -53.77
CA HIS TC 86 139.46 69.12 -51.66
CA ARG TC 87 138.32 65.84 -53.14
CA ARG TC 88 134.62 65.10 -52.91
CA GLU TC 89 131.88 62.85 -54.31
CA LYS TC 90 128.33 63.76 -55.26
CA ARG TC 91 126.70 60.89 -53.38
CA SER TC 92 124.25 61.94 -50.66
CA VAL TC 93 122.39 60.45 -47.67
CA ALA TC 94 119.11 61.57 -46.08
CA LEU TC 95 115.56 60.30 -45.52
CA VAL TC 96 111.90 61.31 -45.87
CA PRO TC 97 110.83 64.04 -43.37
CA HIS TC 98 107.15 64.40 -44.36
CA VAL TC 99 105.10 62.30 -41.91
CA GLY TC 100 106.04 60.60 -38.67
CA MET TC 101 104.20 60.33 -35.34
CA GLY TC 102 103.87 57.19 -33.21
CA LEU TC 103 102.82 58.11 -29.66
CA GLU TC 104 102.73 61.52 -27.97
CA THR TC 105 100.85 63.91 -25.70
CA ARG TC 106 99.94 64.18 -22.08
CA THR TC 107 98.86 60.98 -20.33
CA GLU TC 108 95.15 60.90 -19.40
CA THR TC 109 92.99 63.64 -20.93
CA TRP TC 110 94.53 62.74 -24.26
CA MET TC 111 93.92 59.08 -23.46
CA SER TC 112 90.23 59.63 -22.67
CA SER TC 113 89.55 62.10 -25.49
CA GLU TC 114 91.43 60.28 -28.24
CA GLY TC 115 90.03 56.95 -27.06
CA ALA TC 116 86.51 58.31 -27.37
CA TRP TC 117 87.20 59.88 -30.76
CA LYS TC 118 89.18 56.98 -32.24
CA HIS TC 119 86.56 54.47 -31.14
CA ALA TC 120 83.83 56.79 -32.45
CA GLN TC 121 85.45 57.19 -35.87
CA ARG TC 122 86.42 53.50 -36.12
CA ILE TC 123 82.93 52.26 -35.28
CA GLU TC 124 81.35 54.98 -37.41
CA THR TC 125 83.47 54.00 -40.41
CA TRP TC 126 82.49 50.36 -39.83
CA ILE TC 127 78.82 51.46 -39.76
CA LEU TC 128 78.96 53.67 -42.89
CA ARG TC 129 81.75 51.98 -44.86
CA HIS TC 130 79.65 48.78 -44.61
CA PRO TC 131 76.08 49.76 -43.64
CA GLY TC 132 73.81 46.89 -44.68
CA PHE TC 133 75.57 44.36 -42.46
CA THR TC 134 74.76 46.62 -39.52
CA ILE TC 135 71.00 46.82 -40.05
CA MET TC 136 70.69 43.13 -40.95
CA ALA TC 137 72.62 42.19 -37.80
CA ALA TC 138 70.47 44.53 -35.70
CA ILE TC 139 67.19 43.05 -36.93
CA LEU TC 140 68.58 39.51 -36.65
CA ALA TC 141 69.56 40.13 -33.02
CA TYR TC 142 66.22 41.76 -32.19
CA THR TC 143 64.44 38.73 -33.65
CA ILE TC 144 66.68 35.97 -32.25
CA GLY TC 145 68.23 37.07 -28.96
CA THR TC 146 66.12 36.09 -25.97
CA THR TC 147 67.22 38.90 -23.64
CA HIS TC 148 68.32 42.45 -24.35
CA PHE TC 149 71.78 41.52 -23.05
CA GLN TC 150 71.88 38.56 -25.43
CA ARG TC 151 70.64 40.71 -28.32
CA ALA TC 152 73.32 43.29 -27.48
CA LEU TC 153 75.96 40.58 -27.66
CA ILE TC 154 74.57 39.34 -30.98
CA PHE TC 155 74.51 42.53 -32.99
CA ILE TC 156 77.55 44.18 -31.36
CA LEU TC 157 79.60 41.07 -32.18
CA LEU TC 158 78.19 40.86 -35.72
CA THR TC 159 78.97 44.54 -36.33
CA ALA TC 160 82.47 43.95 -34.96
CA VAL TC 161 83.24 40.93 -37.16
CA ALA TC 162 81.45 41.62 -40.46
CA PRO TC 163 83.31 44.78 -41.61
CA SER TC 164 86.62 43.13 -40.73
CA MET TC 165 85.41 40.00 -42.54
CA THR TC 166 84.25 42.11 -45.50
CA MET UC 1 122.25 -43.58 7.12
CA ARG UC 2 124.24 -41.12 9.20
CA CYS UC 3 121.66 -39.32 11.32
CA ILE UC 4 120.78 -41.32 14.42
CA GLY UC 5 120.26 -39.57 17.76
CA ILE UC 6 119.79 -36.11 16.27
CA SER UC 7 116.52 -34.89 17.76
CA ASN UC 8 115.43 -32.72 14.82
CA ARG UC 9 115.03 -35.22 11.97
CA ASP UC 10 112.81 -33.63 9.32
CA PHE UC 11 111.04 -35.63 6.63
CA VAL UC 12 110.01 -35.14 3.00
CA GLU UC 13 107.39 -37.85 2.34
CA GLY UC 14 107.11 -37.70 -1.44
CA VAL UC 15 108.27 -36.13 -4.69
CA SER UC 16 106.65 -34.64 -7.80
CA GLY UC 17 107.58 -34.50 -11.47
CA GLY UC 18 109.45 -31.21 -11.16
CA SER UC 19 111.38 -32.60 -8.18
CA TRP UC 20 112.53 -29.07 -7.28
CA VAL UC 21 112.39 -29.75 -3.56
CA ASP UC 22 113.58 -26.80 -1.46
CA ILE UC 23 114.94 -28.40 1.68
CA VAL UC 24 115.13 -26.52 4.96
CA LEU UC 25 118.29 -27.08 6.98
CA GLU UC 26 119.44 -25.92 10.40
CA HIS UC 27 122.21 -26.55 12.92
CA GLY UC 28 121.89 -29.86 14.75
CA SER UC 29 119.04 -31.08 12.55
CA CYS UC 30 119.10 -33.67 9.77
CA VAL UC 31 116.78 -34.05 6.80
CA THR UC 32 115.52 -37.12 4.94
CA THR UC 33 114.43 -36.93 1.31
CA MET UC 34 112.14 -39.58 -0.16
CA ALA UC 35 111.37 -40.14 -3.82
CA LYS UC 36 109.20 -42.73 -5.56
CA ASN UC 37 111.55 -45.45 -6.84
CA LYS UC 38 114.56 -43.13 -6.60
CA PRO UC 39 117.49 -43.22 -4.15
CA THR UC 40 116.60 -41.84 -0.74
CA LEU UC 41 118.94 -39.16 0.60
CA ASP UC 42 120.06 -37.79 3.95
CA PHE UC 43 121.14 -34.14 4.08
CA GLU UC 44 123.05 -32.38 6.83
CA LEU UC 45 125.33 -29.42 7.43
CA ILE UC 46 128.37 -30.71 9.29
CA LYS UC 47 130.30 -27.47 9.78
CA THR UC 48 129.63 -23.75 9.32
CA GLU UC 49 132.72 -21.59 8.85
CA ALA UC 50 133.46 -18.06 7.65
CA LYS UC 51 136.94 -18.39 6.19
CA GLN UC 52 139.24 -15.36 6.07
CA PRO UC 53 137.29 -13.16 8.52
CA ALA UC 54 137.98 -9.44 8.65
CA THR UC 55 139.50 -7.67 11.66
CA LEU UC 56 137.52 -4.84 13.27
CA ARG UC 57 139.35 -3.66 16.38
CA LYS UC 58 141.88 -5.15 18.80
CA TYR UC 59 141.62 -4.81 22.58
CA CYS UC 60 144.50 -4.88 25.05
CA ILE UC 61 144.62 -7.35 27.94
CA GLU UC 62 148.03 -7.28 29.70
CA ALA UC 63 150.08 -4.11 30.00
CA LYS UC 64 153.83 -3.91 30.22
CA LEU UC 65 155.12 -0.39 30.84
CA THR UC 66 158.41 1.48 31.16
CA ASN UC 67 160.12 4.86 30.99
CA THR UC 68 157.69 6.27 33.56
CA THR UC 69 158.67 9.78 34.64
CA THR UC 70 157.37 12.56 36.88
CA ASP UC 71 158.36 16.12 36.00
CA SER UC 72 157.13 19.19 37.81
CA ARG UC 73 157.70 22.91 38.33
CA CYS UC 74 157.18 25.25 41.24
CA PRO UC 75 153.78 26.99 41.41
CA THR UC 76 153.64 30.07 39.14
CA GLN UC 77 155.96 28.44 36.55
CA GLY UC 78 153.41 26.63 34.38
CA GLU UC 79 153.22 22.85 34.23
CA PRO UC 80 156.33 21.69 32.36
CA SER UC 81 156.28 20.42 28.79
CA LEU UC 82 158.10 17.19 27.99
CA ASN UC 83 159.51 15.52 24.92
CA GLU UC 84 157.93 12.41 26.44
CA GLU UC 85 154.34 13.63 26.26
CA GLN UC 86 154.25 14.85 22.65
CA ASP UC 87 154.28 11.30 21.20
CA LYS UC 88 151.21 9.06 21.07
CA ARG UC 89 153.43 6.08 21.91
CA PHE UC 90 153.13 7.06 25.59
CA VAL UC 91 150.20 7.57 27.97
CA CYS UC 92 150.05 10.65 30.14
CA LYS UC 93 148.32 13.04 32.47
CA HIS UC 94 148.73 16.41 34.16
CA SER UC 95 147.72 16.92 37.78
CA MET UC 96 147.75 19.51 40.55
CA VAL UC 97 149.44 19.03 43.93
CA ASP UC 98 150.20 21.24 46.92
CA ARG UC 99 153.96 21.66 46.93
CA GLY UC 100 154.91 22.99 50.36
CA TRP UC 101 157.63 25.39 51.42
CA GLY UC 102 160.01 22.61 52.46
CA ASN UC 103 159.42 20.79 49.20
CA GLY UC 104 162.28 21.97 47.03
CA CYS UC 105 160.79 25.24 45.83
CA GLY UC 106 160.12 27.18 49.00
CA LEU UC 107 156.89 28.83 47.97
CA PHE UC 108 153.94 26.79 49.21
CA GLY UC 109 151.07 26.50 46.78
CA LYS UC 110 149.29 24.22 44.35
CA GLY UC 111 151.20 23.58 41.14
CA GLY UC 112 151.31 21.27 38.14
CA ILE UC 113 152.97 17.89 37.72
CA VAL UC 114 153.22 15.96 34.46
CA THR UC 115 153.42 12.19 34.91
CA CYS UC 116 153.84 9.53 32.22
CA ALA UC 117 155.23 6.39 30.74
CA MET UC 118 155.47 4.10 27.75
CA PHE UC 119 152.61 1.68 27.15
CA THR UC 120 153.10 -1.45 25.06
CA CYS UC 121 151.05 -4.48 26.07
CA LYS UC 122 151.57 -8.17 25.60
CA LYS UC 123 148.31 -10.14 25.25
CA ASN UC 124 145.53 -8.69 23.12
CA MET UC 125 142.09 -9.66 21.90
CA LYS UC 126 141.26 -10.41 18.28
CA GLY UC 127 138.00 -8.70 17.31
CA LYS UC 128 136.55 -9.80 14.00
CA VAL UC 129 133.51 -9.23 11.79
CA VAL UC 130 131.77 -11.72 9.49
CA GLN UC 131 130.02 -10.61 6.29
CA PRO UC 132 127.37 -12.53 4.30
CA GLU UC 133 129.94 -13.06 1.53
CA ASN UC 134 132.38 -15.02 3.68
CA LEU UC 135 129.76 -17.50 4.94
CA GLU UC 136 131.01 -20.91 3.87
CA TYR UC 137 128.77 -23.90 4.57
CA THR UC 138 129.85 -27.54 4.51
CA ILE UC 139 127.07 -29.85 3.37
CA VAL UC 140 127.09 -33.64 3.82
CA ILE UC 141 125.04 -35.82 1.46
CA THR UC 142 124.52 -39.51 2.18
CA PRO UC 143 122.65 -42.43 0.58
CA HIS UC 144 120.60 -44.96 2.54
CA SER UC 145 122.80 -47.87 1.52
CA GLY UC 146 122.74 -49.14 5.10
CA GLU UC 147 126.50 -49.42 5.57
CA GLU UC 148 127.41 -50.56 9.06
CA HIS UC 149 129.39 -47.55 10.32
CA ALA UC 150 126.41 -45.24 9.80
CA VAL UC 151 124.66 -45.10 13.18
CA GLY UC 152 126.33 -42.34 15.16
CA ASN UC 153 128.90 -41.60 12.44
CA ASP UC 154 129.29 -38.23 10.73
CA THR UC 155 132.53 -37.84 8.76
CA GLY UC 156 132.85 -41.48 7.70
CA LYS UC 157 133.91 -41.96 4.08
CA HIS UC 158 130.55 -43.15 2.79
CA GLY UC 159 128.94 -40.03 1.32
CA LYS UC 160 129.97 -36.70 -0.17
CA GLU UC 161 131.02 -33.36 1.32
CA ILE UC 162 130.53 -30.14 -0.64
CA LYS UC 163 131.89 -26.66 0.06
CA ILE UC 164 128.86 -24.47 -0.62
CA THR UC 165 128.85 -20.67 -0.56
CA PRO UC 166 126.44 -17.97 -1.81
CA GLN UC 167 129.23 -16.85 -4.15
CA SER UC 168 128.71 -20.23 -5.87
CA SER UC 169 125.39 -21.23 -7.44
CA ILE UC 170 125.67 -24.55 -9.35
CA THR UC 171 128.05 -27.46 -8.86
CA GLU UC 172 127.54 -31.15 -9.53
CA ALA UC 173 128.41 -33.67 -6.82
CA GLU UC 174 128.86 -37.41 -7.17
CA LEU UC 175 127.28 -40.00 -4.86
CA THR UC 176 129.24 -43.19 -5.45
CA GLY UC 177 126.99 -45.99 -6.63
CA TYR UC 178 123.97 -43.70 -6.93
CA GLY UC 179 124.98 -41.15 -9.56
CA THR UC 180 124.85 -37.35 -9.55
CA VAL UC 181 123.14 -34.63 -7.54
CA THR UC 182 123.33 -30.96 -8.46
CA MET UC 183 124.14 -28.39 -5.78
CA GLU UC 184 122.09 -25.57 -7.30
CA CYS UC 185 121.67 -24.36 -3.74
CA SER UC 186 120.75 -20.92 -2.42
CA PRO UC 187 122.15 -19.93 1.00
CA ARG UC 188 119.91 -16.89 1.34
CA THR UC 189 118.64 -16.74 4.89
CA GLY UC 190 121.37 -15.27 7.06
CA LEU UC 191 119.67 -14.31 10.32
CA ASP UC 192 121.49 -11.04 11.07
CA PHE UC 193 125.09 -9.84 10.97
CA ASN UC 194 125.27 -6.10 11.68
CA GLU UC 195 125.19 -6.58 15.47
CA MET UC 196 127.27 -9.74 15.93
CA VAL UC 197 131.04 -9.86 16.40
CA LEU UC 198 133.57 -12.64 16.90
CA LEU UC 199 136.28 -12.54 19.58
CA GLN UC 200 139.39 -14.72 19.80
CA MET UC 201 141.85 -15.28 22.67
CA GLU UC 202 144.88 -17.46 21.84
CA ASN UC 203 142.98 -20.78 21.80
CA LYS UC 204 139.32 -19.92 22.42
CA ALA UC 205 136.60 -17.71 20.96
CA TRP UC 206 133.26 -16.07 21.69
CA LEU UC 207 130.36 -14.34 19.94
CA VAL UC 208 129.02 -11.05 21.28
CA HIS UC 209 126.86 -8.13 20.19
CA ARG UC 210 128.61 -5.23 18.49
CA GLN UC 211 127.49 -2.67 21.08
CA TRP UC 212 129.41 -4.66 23.67
CA PHE UC 213 132.65 -3.97 21.80
CA LEU UC 214 131.62 -0.39 21.10
CA ASP UC 215 131.11 0.32 24.81
CA LEU UC 216 133.64 -1.84 26.65
CA PRO UC 217 136.20 0.53 28.29
CA LEU UC 218 139.55 -1.00 27.42
CA PRO UC 219 142.39 0.06 25.10
CA TRP UC 220 141.70 0.18 21.35
CA LEU UC 221 143.45 -0.50 18.09
CA PRO UC 222 141.60 0.16 14.81
CA GLY UC 223 141.93 -2.71 12.37
CA ALA UC 224 144.11 -0.73 9.97
CA ASP UC 225 147.03 -0.11 12.31
CA THR UC 226 149.91 -2.58 12.53
CA GLN UC 227 152.61 -0.96 14.69
CA GLY UC 228 150.62 -1.32 17.90
CA SER UC 229 151.72 2.16 18.99
CA ASN UC 230 148.64 4.36 18.57
CA TRP UC 231 145.89 3.60 21.09
CA ILE UC 232 142.53 5.13 22.02
CA GLN UC 233 141.06 5.22 25.53
CA LYS UC 234 144.52 4.06 26.58
CA GLU UC 235 144.18 5.76 29.98
CA THR UC 236 141.61 3.30 31.37
CA LEU UC 237 144.12 0.56 32.18
CA VAL UC 238 146.55 2.87 33.95
CA THR UC 239 145.16 3.88 37.33
CA PHE UC 240 147.18 6.45 39.24
CA LYS UC 241 147.85 6.33 42.95
CA ASN UC 242 146.85 9.58 44.59
CA PRO UC 243 149.46 12.26 43.79
CA HIS UC 244 152.23 12.45 46.36
CA ALA UC 245 154.00 15.81 46.08
CA LYS UC 246 156.48 14.91 43.33
CA LYS UC 247 156.03 11.15 43.42
CA GLN UC 248 153.29 9.99 41.10
CA ASP UC 249 153.68 6.28 40.45
CA VAL UC 250 151.58 4.75 37.71
CA VAL UC 251 150.06 1.28 37.92
CA VAL UC 252 147.81 -0.64 35.53
CA LEU UC 253 145.24 -3.43 35.79
CA GLY UC 254 146.75 -6.88 35.75
CA SER UC 255 145.51 -10.16 34.34
CA GLN UC 256 142.13 -9.41 32.76
CA GLU UC 257 141.72 -12.91 31.29
CA GLY UC 258 140.02 -14.06 34.48
CA ALA UC 259 137.80 -10.98 34.51
CA MET UC 260 136.89 -11.60 30.89
CA HIS UC 261 136.10 -15.27 31.52
CA THR UC 262 133.93 -14.61 34.58
CA ALA UC 263 132.12 -11.60 33.07
CA LEU UC 264 131.67 -12.72 29.46
CA THR UC 265 130.12 -16.00 30.65
CA GLY UC 266 126.55 -16.38 29.47
CA ALA UC 267 127.38 -15.20 25.95
CA THR UC 268 127.57 -17.61 23.03
CA GLU UC 269 130.72 -19.69 23.45
CA ILE UC 270 132.09 -20.99 20.15
CA GLN UC 271 134.54 -23.91 20.06
CA MET UC 272 137.03 -22.39 17.63
CA SER UC 273 139.43 -25.29 18.30
CA SER UC 274 137.39 -27.32 15.81
CA GLY UC 275 136.83 -24.16 13.79
CA ASN UC 276 134.11 -21.56 14.23
CA LEU UC 277 130.77 -23.37 14.49
CA LEU UC 278 128.45 -20.45 13.68
CA PHE UC 279 125.03 -21.50 15.02
CA THR UC 280 123.08 -18.86 13.10
CA GLY UC 281 120.71 -18.69 10.18
CA HIS UC 282 118.89 -21.38 8.20
CA LEU UC 283 119.73 -22.88 4.82
CA LYS UC 284 117.12 -22.80 2.06
CA CYS UC 285 118.55 -25.22 -0.48
CA ARG UC 286 116.88 -26.14 -3.78
CA LEU UC 287 117.65 -29.66 -5.03
CA ARG UC 288 116.52 -31.42 -8.21
CA MET UC 289 116.76 -35.22 -7.99
CA ASP UC 290 115.96 -35.81 -11.67
CA LYS UC 291 119.40 -37.21 -12.58
CA LEU UC 292 120.11 -39.40 -9.52
CA GLN UC 293 120.25 -43.06 -10.45
CA LEU UC 294 119.51 -46.05 -8.19
CA LYS UC 295 121.72 -49.16 -8.40
CA GLY UC 296 119.82 -52.31 -7.53
CA MET UC 297 116.12 -51.97 -8.30
CA SER UC 298 116.80 -54.43 -11.13
CA TYR UC 299 118.51 -56.99 -8.89
CA SER UC 300 116.97 -60.40 -8.33
CA MET UC 301 115.04 -61.42 -5.24
CA CYS UC 302 116.84 -62.67 -2.13
CA THR UC 303 116.18 -66.38 -1.50
CA GLY UC 304 118.77 -67.50 1.06
CA LYS UC 305 119.19 -67.65 4.81
CA PHE UC 306 118.23 -64.61 6.87
CA LYS UC 307 119.42 -63.68 10.35
CA VAL UC 308 119.34 -60.70 12.71
CA VAL UC 309 122.40 -59.54 14.66
CA LYS UC 310 121.10 -56.68 16.81
CA GLU UC 311 117.53 -55.65 17.55
CA ILE UC 312 116.11 -52.12 17.22
CA ALA UC 313 118.09 -49.28 18.74
CA GLU UC 314 114.97 -47.24 19.47
CA THR UC 315 115.19 -43.73 18.01
CA GLN UC 316 113.61 -40.45 19.05
CA HIS UC 317 111.02 -41.03 16.29
CA GLY UC 318 110.58 -44.72 17.09
CA THR UC 319 112.06 -45.63 13.72
CA ILE UC 320 113.19 -49.23 13.29
CA VAL UC 321 116.90 -49.42 12.46
CA ILE UC 322 117.56 -53.10 11.83
CA ARG UC 323 121.25 -54.05 11.58
CA VAL UC 324 120.83 -57.40 9.89
CA GLN UC 325 123.19 -59.92 8.27
CA TYR UC 326 122.20 -62.23 5.39
CA GLU UC 327 124.39 -65.33 5.23
CA GLY UC 328 122.39 -66.47 2.22
CA ASP UC 329 123.99 -66.45 -1.21
CA GLY UC 330 122.78 -64.75 -4.40
CA SER UC 331 123.76 -61.20 -3.46
CA PRO UC 332 123.14 -58.62 -4.82
CA CYS UC 333 119.40 -59.17 -4.37
CA LYS UC 334 116.27 -57.35 -3.23
CA ILE UC 335 115.18 -57.95 0.36
CA PRO UC 336 111.69 -59.04 1.48
CA PHE UC 337 110.53 -56.17 3.68
CA GLU UC 338 106.95 -56.14 4.97
CA ILE UC 339 105.37 -54.37 7.95
CA MET UC 340 102.06 -56.04 8.74
CA ASP UC 341 99.30 -55.99 11.33
CA LEU UC 342 98.58 -58.35 14.23
CA GLU UC 343 96.30 -60.62 12.22
CA LYS UC 344 98.56 -60.16 9.15
CA ARG UC 345 95.80 -59.03 6.77
CA HIS UC 346 97.21 -55.97 4.97
CA VAL UC 347 100.43 -53.95 4.98
CA LEU UC 348 100.42 -50.37 6.24
CA GLY UC 349 104.09 -49.54 6.92
CA ARG UC 350 106.51 -47.15 5.23
CA LEU UC 351 110.03 -48.38 4.58
CA ILE UC 352 112.64 -45.64 4.26
CA THR UC 353 115.57 -47.11 2.34
CA VAL UC 354 113.89 -47.99 -0.94
CA ASN UC 355 115.26 -51.14 -2.53
CA PRO UC 356 116.98 -52.55 0.56
CA ILE UC 357 119.88 -54.43 -0.98
CA VAL UC 358 122.81 -56.45 0.32
CA THR UC 359 125.87 -55.60 -1.76
CA GLU UC 360 127.98 -58.55 -0.61
CA LYS UC 361 127.80 -61.70 1.48
CA ASP UC 362 129.02 -61.84 5.08
CA SER UC 363 128.24 -58.16 5.54
CA PRO UC 364 125.71 -56.43 7.81
CA VAL UC 365 123.24 -53.93 6.37
CA ASN UC 366 121.41 -51.23 8.31
CA ILE UC 367 117.87 -50.95 6.97
CA GLU UC 368 115.93 -47.85 8.01
CA ALA UC 369 112.15 -47.99 8.26
CA GLU UC 370 109.16 -46.40 9.97
CA PRO UC 371 106.40 -48.82 11.06
CA PRO UC 372 102.78 -47.92 11.84
CA PHE UC 373 101.60 -46.97 15.32
CA GLY UC 374 100.79 -49.51 17.99
CA ASP UC 375 101.81 -53.14 17.79
CA SER UC 376 102.84 -54.77 14.53
CA TYR UC 377 104.99 -57.48 12.93
CA ILE UC 378 108.13 -57.01 10.84
CA ILE UC 379 108.51 -59.66 8.14
CA ILE UC 380 112.00 -60.22 6.75
CA GLY UC 381 112.84 -63.02 4.34
CA VAL UC 382 110.62 -65.68 2.82
CA GLU UC 383 109.54 -69.11 4.00
CA PRO UC 384 111.37 -71.42 4.73
CA GLY UC 385 113.43 -69.43 7.23
CA GLN UC 386 110.83 -66.66 7.23
CA LEU UC 387 111.77 -64.17 9.96
CA LYS UC 388 109.18 -62.36 12.10
CA LEU UC 389 109.89 -59.65 14.69
CA ASN UC 390 107.12 -58.32 16.90
CA TRP UC 391 107.44 -54.63 17.75
CA PHE UC 392 105.35 -51.84 19.26
CA LYS UC 393 105.63 -48.08 18.69
CA LYS UC 394 104.09 -45.90 21.40
CA GLY UC 395 103.06 -42.92 19.28
CA SER UC 396 99.44 -42.03 18.62
CA SER UC 397 98.09 -41.82 15.08
CA ILE UC 398 96.44 -38.39 15.18
CA GLY UC 399 99.27 -37.20 17.41
CA GLN UC 400 102.15 -37.97 15.05
CA MET UC 401 99.87 -36.71 12.28
CA ILE UC 402 99.56 -33.29 13.91
CA GLU UC 403 103.24 -32.97 14.83
CA THR UC 404 104.42 -34.04 11.35
CA THR UC 405 102.03 -31.58 9.71
CA MET UC 406 103.40 -28.98 12.12
CA ARG UC 407 106.99 -29.78 11.12
CA GLY UC 408 105.92 -29.27 7.51
CA ALA UC 409 104.19 -26.04 8.47
CA LYS UC 410 107.36 -24.74 10.14
CA ARG UC 411 109.46 -25.80 7.15
CA MET UC 412 107.17 -23.79 4.88
CA ALA UC 413 107.19 -20.95 7.42
CA ILE UC 414 110.95 -20.49 7.08
CA LEU UC 415 110.61 -21.56 3.44
CA GLY UC 416 107.99 -18.84 3.17
CA ASP UC 417 108.18 -15.27 1.93
CA THR UC 418 110.19 -14.95 -1.32
CA ALA UC 419 110.96 -18.71 -1.19
CA TRP UC 420 108.15 -20.72 -2.80
CA ASP UC 421 108.04 -20.29 -6.56
CA PHE UC 422 105.37 -17.63 -7.07
CA GLY UC 423 107.04 -15.78 -9.95
CA SER UC 424 107.11 -18.71 -12.37
CA LEU UC 425 103.84 -18.48 -14.31
CA GLY UC 426 102.41 -21.91 -15.06
CA GLY UC 427 104.70 -23.25 -12.35
CA VAL UC 428 102.66 -21.26 -9.82
CA PHE UC 429 100.13 -24.08 -9.96
CA THR UC 430 102.90 -26.60 -9.22
CA SER UC 431 104.26 -24.42 -6.41
CA ILE UC 432 100.88 -24.24 -4.69
CA GLY UC 433 100.55 -27.97 -5.28
CA LYS UC 434 103.87 -28.67 -3.59
CA ALA UC 435 102.93 -26.33 -0.73
CA LEU UC 436 99.65 -28.17 -0.17
CA HIS UC 437 101.70 -31.35 -0.27
CA GLN UC 438 104.33 -30.25 2.24
CA VAL UC 439 101.53 -29.20 4.64
CA PHE UC 440 98.52 -31.51 4.14
CA GLY UC 441 100.02 -34.49 2.28
CA ALA UC 442 100.69 -36.36 5.48
CA ILE UC 443 96.94 -36.15 6.09
CA TYR UC 444 96.35 -37.14 2.47
CA GLY UC 445 98.58 -40.21 2.31
CA ALA UC 446 98.48 -41.57 5.87
CA ALA UC 447 94.89 -40.88 6.93
CA PHE UC 448 92.88 -40.79 3.69
CA SER UC 449 93.24 -44.44 2.64
CA GLY UC 450 96.96 -44.54 1.73
CA VAL UC 451 95.88 -44.34 -1.10
CA SER UC 452 94.66 -46.00 -4.30
CA TRP UC 453 94.32 -42.63 -5.97
CA ILE UC 454 91.58 -43.21 -8.58
CA MET UC 455 88.84 -44.20 -6.17
CA LYS UC 456 89.76 -41.50 -3.67
CA ILE UC 457 89.66 -38.76 -6.29
CA LEU UC 458 86.22 -40.11 -7.23
CA ILE UC 459 85.22 -39.79 -3.57
CA GLY UC 460 86.79 -36.33 -3.50
CA VAL UC 461 84.74 -35.04 -6.42
CA ILE UC 462 81.67 -36.53 -4.73
CA ILE UC 463 82.55 -34.59 -1.57
CA THR UC 464 83.07 -31.44 -3.64
CA TRP UC 465 79.65 -31.77 -5.27
CA ILE UC 466 77.97 -32.35 -1.90
CA GLY UC 467 79.77 -29.35 -0.40
CA MET UC 468 78.77 -27.12 -3.31
CA ASN UC 469 75.19 -28.42 -3.15
CA SER UC 470 74.95 -28.06 0.65
CA ARG UC 471 72.40 -26.47 2.97
CA SER UC 472 74.88 -24.03 4.57
CA THR UC 473 77.51 -21.77 3.01
CA SER UC 474 79.99 -22.20 5.88
CA LEU UC 475 79.96 -25.98 5.39
CA SER UC 476 80.28 -25.46 1.63
CA VAL UC 477 83.40 -23.32 2.05
CA SER UC 478 84.80 -25.80 4.59
CA LEU UC 479 84.20 -28.92 2.45
CA VAL UC 480 84.78 -27.86 -1.16
CA LEU UC 481 88.20 -26.53 -0.14
CA VAL UC 482 89.10 -29.95 1.25
CA GLY UC 483 87.74 -31.59 -1.89
CA VAL UC 484 89.72 -29.46 -4.34
CA VAL UC 485 92.84 -29.90 -2.22
CA THR UC 486 92.24 -33.66 -2.34
CA LEU UC 487 91.83 -33.70 -6.12
CA TYR UC 488 94.77 -31.48 -7.04
CA LEU UC 489 97.11 -32.89 -4.39
CA GLY UC 490 96.24 -36.39 -5.60
CA VAL UC 491 97.14 -35.40 -9.14
CA MET UC 492 100.44 -34.11 -7.73
CA VAL UC 493 101.04 -37.27 -5.67
CA GLN UC 494 100.51 -39.47 -8.73
CA ALA UC 495 103.51 -37.57 -10.12
CA MET VC 1 100.39 53.50 66.48
CA ARG VC 2 103.43 51.59 65.24
CA CYS VC 3 101.78 50.08 62.15
CA ILE VC 4 102.54 52.97 59.78
CA GLY VC 5 104.50 51.48 56.92
CA ILE VC 6 103.45 47.95 57.93
CA SER VC 7 101.88 46.40 54.82
CA ASN VC 8 99.74 43.65 56.37
CA ARG VC 9 97.12 45.29 58.58
CA ASP VC 10 93.60 44.36 59.71
CA PHE VC 11 91.15 46.72 61.39
CA VAL VC 12 89.24 44.16 63.44
CA GLU VC 13 86.38 45.95 65.23
CA GLY VC 14 84.35 43.89 67.68
CA VAL VC 15 84.22 41.66 70.73
CA SER VC 16 83.62 37.91 70.64
CA GLY VC 17 81.14 35.94 72.73
CA GLY VC 18 83.23 35.98 75.89
CA SER VC 19 84.29 39.58 75.19
CA TRP VC 20 87.71 38.39 74.01
CA VAL VC 21 89.41 39.47 70.82
CA ASP VC 22 90.59 36.71 68.47
CA ILE VC 23 93.99 38.07 67.41
CA VAL VC 24 95.51 36.77 64.21
CA LEU VC 25 99.20 37.49 64.72
CA GLU VC 26 101.92 37.01 62.10
CA HIS VC 27 105.49 38.26 61.95
CA GLY VC 28 105.58 41.56 60.08
CA SER VC 29 101.85 42.19 60.45
CA CYS VC 30 99.52 44.45 62.40
CA VAL VC 31 96.34 44.15 64.44
CA THR VC 32 94.12 47.00 65.65
CA THR VC 33 91.18 46.35 67.96
CA MET VC 34 88.15 48.62 68.18
CA ALA VC 35 84.77 48.75 69.89
CA LYS VC 36 82.32 51.39 71.10
CA ASN VC 37 82.65 52.36 74.75
CA LYS VC 38 86.05 50.66 74.47
CA PRO VC 39 89.37 52.44 73.75
CA THR VC 40 91.14 51.31 70.61
CA LEU VC 41 94.32 49.24 70.97
CA ASP VC 42 97.18 48.12 68.72
CA PHE VC 43 98.36 44.51 68.96
CA GLU VC 44 101.77 43.50 67.61
CA LEU VC 45 104.53 40.93 67.91
CA ILE VC 46 108.19 42.00 67.99
CA LYS VC 47 110.31 39.01 69.01
CA THR VC 48 110.17 35.22 68.86
CA GLU VC 49 112.52 32.95 70.78
CA ALA VC 50 112.93 29.30 71.80
CA LYS VC 51 114.43 28.51 75.20
CA GLN VC 52 115.51 25.21 76.77
CA PRO VC 53 115.93 23.46 73.40
CA ALA VC 54 116.44 19.71 73.15
CA THR VC 55 119.61 18.31 71.57
CA LEU VC 56 118.36 15.91 68.91
CA ARG VC 57 121.85 14.81 67.90
CA LYS VC 58 125.33 16.25 68.43
CA TYR VC 59 127.71 16.42 65.46
CA CYS VC 60 131.44 16.84 66.10
CA ILE VC 61 133.04 18.25 62.99
CA GLU VC 62 136.81 18.39 63.50
CA ALA VC 63 138.40 15.07 64.43
CA LYS VC 64 141.79 14.54 66.05
CA LEU VC 65 143.32 11.07 65.92
CA THR VC 66 145.60 9.44 68.49
CA ASN VC 67 147.16 6.19 69.70
CA THR VC 68 146.75 4.56 66.31
CA THR VC 69 147.72 0.90 66.19
CA THR VC 70 148.33 -1.37 63.22
CA ASP VC 71 149.30 -5.02 63.03
CA SER VC 72 149.27 -7.85 60.51
CA ARG VC 73 149.62 -11.60 60.33
CA CYS VC 74 150.82 -13.69 57.41
CA PRO VC 75 148.39 -15.91 55.48
CA THR VC 76 147.30 -19.03 57.42
CA GLN VC 77 149.08 -17.74 60.57
CA GLY VC 78 145.86 -16.22 61.92
CA GLU VC 79 143.75 -13.09 62.11
CA PRO VC 80 145.02 -10.74 64.84
CA SER VC 81 142.62 -9.50 67.50
CA LEU VC 82 143.47 -6.67 69.89
CA ASN VC 83 141.88 -5.48 73.11
CA GLU VC 84 141.94 -2.01 71.54
CA GLU VC 85 139.26 -3.27 69.14
CA GLN VC 86 136.86 -4.28 71.91
CA ASP VC 87 136.76 -0.76 73.38
CA LYS VC 88 134.36 1.11 71.11
CA ARG VC 89 136.17 4.44 71.53
CA PHE VC 90 138.41 3.54 68.57
CA VAL VC 91 137.53 3.36 64.89
CA CYS VC 92 138.82 0.07 63.50
CA LYS VC 93 139.19 -1.67 60.15
CA HIS VC 94 140.32 -5.08 58.94
CA SER VC 95 142.11 -5.59 55.64
CA MET VC 96 144.06 -7.93 53.37
CA VAL VC 97 147.62 -7.46 52.07
CA ASP VC 98 150.01 -9.61 50.07
CA ARG VC 99 153.03 -11.15 51.79
CA GLY VC 100 155.75 -13.37 50.36
CA TRP VC 101 158.57 -15.76 51.14
CA GLY VC 102 161.17 -13.15 50.27
CA ASN VC 103 158.97 -10.37 51.66
CA GLY VC 104 159.86 -10.91 55.31
CA CYS VC 105 157.59 -13.92 55.77
CA GLY VC 106 157.08 -17.54 54.76
CA LEU VC 107 154.95 -17.76 51.61
CA PHE VC 108 153.05 -15.90 48.90
CA GLY VC 109 149.51 -15.00 49.86
CA LYS VC 110 147.06 -12.54 51.36
CA GLY VC 111 147.65 -12.13 55.10
CA GLY VC 112 145.33 -10.19 57.35
CA ILE VC 113 145.68 -6.73 58.88
CA VAL VC 114 143.90 -4.93 61.69
CA THR VC 115 144.44 -1.19 62.10
CA CYS VC 116 142.58 1.12 64.43
CA ALA VC 117 142.89 4.31 66.39
CA MET VC 118 141.26 6.63 68.89
CA PHE VC 119 138.84 9.28 67.58
CA THR VC 120 138.80 12.47 69.64
CA CYS VC 121 137.05 15.52 68.24
CA LYS VC 122 137.36 19.11 69.43
CA LYS VC 123 135.05 21.41 67.49
CA ASN VC 124 131.42 20.37 67.29
CA MET VC 125 128.04 21.49 66.00
CA LYS VC 126 124.88 21.78 68.02
CA GLY VC 127 121.69 20.52 66.36
CA LYS VC 128 118.45 21.00 68.25
CA VAL VC 129 114.72 20.53 67.62
CA VAL VC 130 112.14 23.00 68.90
CA GLN VC 131 108.81 21.76 70.21
CA PRO VC 132 105.66 23.91 70.26
CA GLU VC 133 105.74 23.92 74.07
CA ASN VC 134 109.22 25.42 74.40
CA LEU VC 135 108.43 28.51 72.32
CA GLU VC 136 107.99 31.98 73.79
CA TYR VC 137 106.28 34.83 71.91
CA THR VC 138 106.85 38.56 72.51
CA ILE VC 139 103.57 40.43 72.10
CA VAL VC 140 103.41 44.20 72.52
CA ILE VC 141 100.32 46.30 73.21
CA THR VC 142 100.11 49.98 72.30
CA PRO VC 143 97.42 52.60 73.02
CA HIS VC 144 96.01 54.95 70.39
CA SER VC 145 96.41 58.13 72.41
CA GLY VC 146 98.30 60.19 69.83
CA GLU VC 147 101.30 60.88 72.05
CA GLU VC 148 104.41 62.07 70.24
CA HIS VC 149 106.44 58.94 71.00
CA ALA VC 150 103.25 56.92 70.37
CA VAL VC 151 103.53 57.15 66.56
CA GLY VC 152 105.82 54.98 64.45
CA ASN VC 153 108.26 54.46 67.33
CA ASP VC 154 110.03 51.16 67.99
CA THR VC 155 111.24 52.03 71.53
CA GLY VC 156 108.49 54.21 72.98
CA LYS VC 157 107.52 54.10 76.62
CA HIS VC 158 103.83 54.03 75.64
CA GLY VC 159 103.97 50.39 74.56
CA LYS VC 160 104.03 47.45 76.94
CA GLU VC 161 105.75 44.18 75.99
CA ILE VC 162 104.69 40.80 77.39
CA LYS VC 163 105.90 37.26 76.79
CA ILE VC 164 103.54 34.34 76.15
CA THR VC 165 104.29 30.68 76.92
CA PRO VC 166 101.88 27.74 77.33
CA GLN VC 167 103.16 26.95 80.84
CA SER VC 168 101.56 30.21 82.05
CA SER VC 169 98.50 30.57 79.83
CA ILE VC 170 96.14 32.65 81.99
CA THR VC 171 98.24 35.78 82.61
CA GLU VC 172 97.35 39.41 83.31
CA ALA VC 173 99.12 42.35 81.69
CA GLU VC 174 98.76 46.02 82.61
CA LEU VC 175 98.42 49.05 80.35
CA THR VC 176 98.99 52.50 81.84
CA GLY VC 177 95.77 54.27 82.75
CA TYR VC 178 93.47 51.82 80.99
CA GLY VC 179 94.19 48.97 83.40
CA THR VC 180 94.18 45.19 83.27
CA VAL VC 181 93.98 43.05 80.11
CA THR VC 182 94.19 39.26 79.89
CA MET VC 183 96.78 37.15 78.07
CA GLU VC 184 95.63 33.62 77.15
CA CYS VC 185 96.32 31.52 74.04
CA SER VC 186 97.87 28.43 72.46
CA PRO VC 187 99.24 29.58 69.06
CA ARG VC 188 99.72 26.04 67.71
CA THR VC 189 97.37 26.53 64.71
CA GLY VC 190 100.41 27.31 62.52
CA LEU VC 191 102.65 25.21 60.32
CA ASP VC 192 103.94 21.88 61.56
CA PHE VC 193 107.15 22.15 63.59
CA ASN VC 194 108.40 18.54 63.59
CA GLU VC 195 109.76 18.97 60.04
CA MET VC 196 112.47 21.50 60.98
CA VAL VC 197 115.66 21.44 63.06
CA LEU VC 198 118.09 24.26 63.86
CA LEU VC 199 121.88 23.95 63.70
CA GLN VC 200 124.13 26.38 65.50
CA MET VC 201 127.89 26.90 65.32
CA GLU VC 202 129.46 29.29 67.85
CA ASN VC 203 127.07 32.10 66.93
CA LYS VC 204 125.53 31.51 63.49
CA ALA VC 205 122.55 29.22 63.04
CA TRP VC 206 120.71 27.56 60.19
CA LEU VC 207 117.19 26.20 59.78
CA VAL VC 208 117.13 22.87 57.94
CA HIS VC 209 115.07 19.71 57.54
CA ARG VC 210 115.25 16.83 60.00
CA GLN VC 211 116.08 14.13 57.46
CA TRP VC 212 118.77 16.38 55.97
CA PHE VC 213 120.04 17.10 59.48
CA LEU VC 214 120.48 13.35 59.98
CA ASP VC 215 121.76 12.59 56.46
CA LEU VC 216 125.04 14.52 56.70
CA PRO VC 217 127.61 11.69 56.93
CA LEU VC 218 129.61 12.59 60.04
CA PRO VC 219 129.97 11.24 63.61
CA TRP VC 220 126.86 11.13 65.81
CA LEU VC 221 125.87 11.34 69.46
CA PRO VC 222 122.37 10.65 70.82
CA GLY VC 223 120.72 13.53 72.64
CA ALA VC 224 121.34 12.18 76.12
CA ASP VC 225 124.82 11.14 74.97
CA THR VC 226 127.50 13.43 76.39
CA GLN VC 227 130.42 11.11 77.24
CA GLY VC 228 131.99 10.90 73.79
CA SER VC 229 132.49 7.14 74.11
CA ASN VC 230 129.87 6.15 71.54
CA TRP VC 231 130.29 7.22 67.92
CA ILE VC 232 128.31 6.16 64.85
CA GLN VC 233 129.56 6.22 61.26
CA LYS VC 234 132.92 7.36 62.63
CA GLU VC 235 134.71 5.94 59.59
CA THR VC 236 134.23 8.90 57.24
CA LEU VC 237 136.33 11.41 59.19
CA VAL VC 238 139.17 8.86 59.34
CA THR VC 239 140.38 7.90 55.87
CA PHE VC 240 142.45 4.75 55.67
CA LYS VC 241 144.98 5.03 52.85
CA ASN VC 242 145.50 2.04 50.59
CA PRO VC 243 146.56 -1.24 52.23
CA HIS VC 244 150.32 -1.33 52.25
CA ALA VC 245 152.73 -3.89 53.74
CA LYS VC 246 152.17 -3.99 57.52
CA LYS VC 247 150.99 -0.36 57.59
CA GLN VC 248 147.71 1.44 57.19
CA ASP VC 249 148.72 5.10 57.24
CA VAL VC 250 145.69 6.65 58.92
CA VAL VC 251 144.82 10.06 57.48
CA VAL VC 252 142.73 12.45 59.56
CA LEU VC 253 140.17 14.22 57.43
CA GLY VC 254 140.37 17.97 57.69
CA SER VC 255 137.89 20.18 59.48
CA GLN VC 256 134.78 20.45 57.34
CA GLU VC 257 133.81 23.69 59.08
CA GLY VC 258 134.81 25.62 55.99
CA ALA VC 259 132.88 23.11 53.91
CA MET VC 260 129.82 23.59 56.10
CA HIS VC 261 130.06 27.36 55.70
CA THR VC 262 130.27 26.73 51.95
CA ALA VC 263 127.23 24.44 51.87
CA LEU VC 264 124.82 25.70 54.53
CA THR VC 265 125.09 29.21 53.08
CA GLY VC 266 122.14 29.67 50.77
CA ALA VC 267 119.87 27.94 53.25
CA THR VC 268 117.77 29.79 55.84
CA GLU VC 269 120.19 31.79 57.96
CA ILE VC 270 119.48 32.70 61.60
CA GLN VC 271 121.23 34.78 64.26
CA MET VC 272 120.52 33.87 67.87
CA SER VC 273 120.69 37.51 68.98
CA SER VC 274 117.43 38.29 67.15
CA GLY VC 275 115.82 35.04 68.33
CA ASN VC 276 114.41 32.40 66.00
CA LEU VC 277 112.55 33.89 63.02
CA LEU VC 278 109.87 31.20 62.79
CA PHE VC 279 107.56 33.61 60.98
CA THR VC 280 105.86 30.62 59.35
CA GLY VC 281 102.63 29.69 61.10
CA HIS VC 282 99.73 31.90 62.13
CA LEU VC 283 99.31 32.74 65.82
CA LYS VC 284 95.67 32.61 66.90
CA CYS VC 285 95.19 34.13 70.35
CA ARG VC 286 92.38 34.86 72.78
CA LEU VC 287 92.52 38.12 74.71
CA ARG VC 288 89.79 39.35 77.08
CA MET VC 289 88.90 43.05 77.28
CA ASP VC 290 86.19 43.16 79.96
CA LYS VC 291 88.49 44.64 82.62
CA LEU VC 292 89.21 47.90 80.71
CA GLN VC 293 87.23 51.13 80.61
CA LEU VC 294 87.67 54.59 79.09
CA LYS VC 295 90.47 56.55 80.76
CA GLY VC 296 90.18 60.32 80.56
CA MET VC 297 86.46 60.27 79.69
CA SER VC 298 85.68 62.32 82.79
CA TYR VC 299 87.67 65.22 81.33
CA SER VC 300 85.34 67.85 79.89
CA MET VC 301 85.38 68.96 76.28
CA CYS VC 302 87.27 72.22 75.73
CA THR VC 303 85.86 74.92 73.49
CA GLY VC 304 89.15 76.60 72.62
CA LYS VC 305 90.82 76.64 69.20
CA PHE VC 306 92.54 73.85 67.28
CA LYS VC 307 95.58 74.02 65.01
CA VAL VC 308 97.21 71.56 62.61
CA VAL VC 309 100.97 70.96 62.68
CA LYS VC 310 101.63 68.35 59.98
CA GLU VC 311 99.69 68.09 56.75
CA ILE VC 312 97.26 65.26 56.01
CA ALA VC 313 99.59 62.27 55.81
CA GLU VC 314 98.67 59.16 53.83
CA THR VC 315 99.30 55.58 54.92
CA GLN VC 316 99.10 52.35 52.89
CA HIS VC 317 95.55 51.56 54.08
CA GLY VC 318 93.39 54.60 53.31
CA THR VC 319 93.78 56.28 56.68
CA ILE VC 320 94.66 59.85 57.63
CA VAL VC 321 96.89 61.26 60.38
CA ILE VC 322 96.30 64.71 61.87
CA ARG VC 323 98.58 66.39 64.41
CA VAL VC 324 96.04 68.62 66.11
CA GLN VC 325 97.57 71.35 68.29
CA TYR VC 326 95.62 73.30 70.92
CA GLU VC 327 96.74 76.92 71.13
CA GLY VC 328 93.85 77.77 73.46
CA ASP VC 329 93.57 77.08 77.20
CA GLY VC 330 91.76 74.54 79.37
CA SER VC 331 93.89 71.44 78.87
CA PRO VC 332 93.52 68.52 79.33
CA CYS VC 333 90.22 68.05 77.45
CA LYS VC 334 88.07 65.56 75.55
CA ILE VC 335 88.81 66.09 71.85
CA PRO VC 336 85.81 66.98 69.66
CA PHE VC 337 86.57 65.11 66.42
CA GLU VC 338 83.78 64.66 63.88
CA ILE VC 339 83.00 63.98 60.23
CA MET VC 340 80.53 65.53 57.84
CA ASP VC 341 79.52 64.93 54.24
CA LEU VC 342 79.03 67.48 51.47
CA GLU VC 343 75.59 68.40 52.85
CA LYS VC 344 77.22 69.07 56.26
CA ARG VC 345 74.55 66.84 57.82
CA HIS VC 346 75.53 63.19 58.33
CA VAL VC 347 78.30 61.55 60.37
CA LEU VC 348 79.54 58.98 57.84
CA GLY VC 349 83.30 58.64 58.33
CA ARG VC 350 84.82 56.08 60.68
CA LEU VC 351 87.05 57.24 63.53
CA ILE VC 352 89.98 55.26 64.96
CA THR VC 353 90.77 56.82 68.35
CA VAL VC 354 87.67 57.33 70.46
CA ASN VC 355 87.59 60.29 72.90
CA PRO VC 356 91.14 61.53 72.25
CA ILE VC 357 92.55 63.79 74.94
CA VAL VC 358 95.36 66.35 75.14
CA THR VC 359 98.04 65.79 77.76
CA GLU VC 360 98.98 69.48 77.80
CA LYS VC 361 98.67 72.54 75.62
CA ASP VC 362 101.36 72.97 72.94
CA SER VC 363 101.67 69.14 72.81
CA PRO VC 364 99.59 68.08 69.79
CA VAL VC 365 97.71 64.80 69.52
CA ASN VC 366 97.97 62.43 66.55
CA ILE VC 367 94.32 61.83 65.73
CA GLU VC 368 93.79 58.99 63.26
CA ALA VC 369 90.76 58.65 61.00
CA GLU VC 370 89.35 56.50 58.20
CA PRO VC 371 86.83 58.38 56.04
CA PRO VC 372 85.34 56.62 53.01
CA PHE VC 373 87.05 56.94 49.65
CA GLY VC 374 85.61 60.23 48.45
CA ASP VC 375 85.10 63.85 49.43
CA SER VC 376 84.29 64.73 53.04
CA TYR VC 377 85.00 67.32 55.72
CA ILE VC 378 87.04 66.39 58.78
CA ILE VC 379 85.57 68.83 61.30
CA ILE VC 380 88.17 69.65 63.94
CA GLY VC 381 86.85 71.70 66.83
CA VAL VC 382 83.41 73.25 67.15
CA GLU VC 383 82.06 76.56 65.95
CA PRO VC 384 82.80 79.45 66.22
CA GLY VC 385 86.21 79.02 64.62
CA GLN VC 386 85.63 75.40 63.61
CA LEU VC 387 87.94 73.83 61.00
CA LYS VC 388 86.08 71.87 58.30
CA LEU VC 389 89.20 70.56 56.61
CA ASN VC 390 88.15 69.21 53.23
CA TRP VC 391 89.60 65.87 52.21
CA PHE VC 392 89.32 63.80 49.03
CA LYS VC 393 90.25 60.16 49.61
CA LYS VC 394 91.11 58.08 46.56
CA GLY VC 395 89.71 54.62 45.86
CA SER VC 396 86.38 52.91 45.32
CA SER VC 397 83.99 52.09 48.15
CA ILE VC 398 83.46 48.70 46.50
CA GLY VC 399 87.25 48.47 46.59
CA GLN VC 400 87.44 48.41 50.37
CA MET VC 401 84.20 46.42 50.40
CA ILE VC 402 85.71 43.49 48.50
CA GLU VC 403 89.13 43.87 50.12
CA THR VC 404 87.98 43.86 53.75
CA THR VC 405 85.33 41.20 53.19
CA MET VC 406 87.80 38.91 51.43
CA ARG VC 407 90.51 39.47 54.05
CA GLY VC 408 88.15 38.71 56.92
CA ALA VC 409 86.83 35.69 55.03
CA LYS VC 410 90.33 34.24 54.55
CA ARG VC 411 91.15 35.13 58.16
CA MET VC 412 88.18 33.08 59.39
CA ALA VC 413 88.83 30.39 56.74
CA ILE VC 414 92.40 29.56 57.75
CA LEU VC 415 90.86 29.72 61.22
CA GLY VC 416 87.91 27.74 59.90
CA ASP VC 417 87.28 24.03 60.39
CA THR VC 418 88.12 22.83 63.92
CA ALA VC 419 88.94 26.46 64.88
CA TRP VC 420 85.77 28.53 65.43
CA ASP VC 421 83.66 27.38 68.37
CA PHE VC 422 80.73 25.47 66.85
CA GLY VC 423 80.34 22.71 69.47
CA SER VC 424 79.01 24.91 72.29
CA LEU VC 425 75.22 24.64 72.29
CA GLY VC 426 73.62 28.03 72.89
CA GLY VC 427 76.98 29.56 72.03
CA VAL VC 428 76.36 28.41 68.46
CA PHE VC 429 74.41 31.65 68.07
CA THR VC 430 77.39 33.61 69.39
CA SER VC 431 79.73 31.76 67.04
CA ILE VC 432 77.52 32.45 64.03
CA GLY VC 433 77.42 36.10 65.06
CA LYS VC 434 81.21 35.97 65.42
CA ALA VC 435 81.61 34.61 61.90
CA LEU VC 436 79.34 37.29 60.47
CA HIS VC 437 80.95 40.05 62.56
CA GLN VC 438 84.47 39.02 61.51
CA VAL VC 439 83.38 38.75 57.85
CA PHE VC 440 80.12 40.69 57.42
CA GLY VC 441 80.70 43.02 60.39
CA ALA VC 442 82.42 45.65 58.28
CA ILE VC 443 79.20 45.73 56.26
CA TYR VC 444 77.27 46.70 59.39
CA GLY VC 445 79.85 49.20 60.60
CA ALA VC 446 81.47 51.00 57.67
CA ALA VC 447 78.87 51.32 54.90
CA PHE VC 448 75.66 51.10 56.96
CA SER VC 449 75.25 54.45 58.73
CA GLY VC 450 78.28 54.36 61.07
CA VAL VC 451 76.22 53.58 63.15
CA SER VC 452 73.78 54.58 65.90
CA TRP VC 453 72.43 51.09 66.46
CA ILE VC 454 68.81 51.74 67.54
CA MET VC 455 67.77 53.58 64.39
CA LYS VC 456 69.46 51.10 62.08
CA ILE VC 457 67.92 48.08 63.81
CA LEU VC 458 64.57 49.80 63.29
CA ILE VC 459 65.54 50.20 59.63
CA GLY VC 460 66.65 46.57 59.59
CA VAL VC 461 63.36 45.22 60.88
CA ILE VC 462 61.65 47.46 58.30
CA ILE VC 463 63.81 45.88 55.59
CA THR VC 464 62.99 42.40 56.91
CA TRP VC 465 59.28 43.22 56.71
CA ILE VC 466 59.67 44.53 53.15
CA GLY VC 467 61.70 41.49 52.06
CA MET VC 468 59.24 39.01 53.56
CA ASN VC 469 56.27 40.66 51.82
CA SER VC 470 58.04 41.12 48.49
CA ARG VC 471 56.97 40.33 44.93
CA SER VC 472 59.92 37.96 44.33
CA THR VC 473 61.15 35.08 46.48
CA SER VC 474 64.71 35.46 45.21
CA LEU VC 475 64.74 39.07 46.39
CA SER VC 476 63.10 37.88 49.62
CA VAL VC 477 65.96 35.46 50.30
CA SER VC 478 68.48 38.14 49.29
CA LEU VC 479 67.00 40.86 51.55
CA VAL VC 480 65.62 39.14 54.67
CA LEU VC 481 69.01 37.43 55.12
CA VAL VC 482 70.75 40.82 55.09
CA GLY VC 483 68.12 42.19 57.46
CA VAL VC 484 68.42 39.42 60.04
CA VAL VC 485 72.21 39.64 59.77
CA THR VC 486 71.91 43.37 60.44
CA LEU VC 487 69.65 42.93 63.48
CA TYR VC 488 71.48 40.03 65.12
CA LEU VC 489 74.96 41.40 64.36
CA GLY VC 490 73.88 44.77 65.75
CA VAL VC 491 72.83 43.06 68.96
CA MET VC 492 76.27 41.44 69.01
CA VAL VC 493 77.96 44.77 68.24
CA GLN VC 494 76.18 46.31 71.24
CA ALA VC 495 77.97 43.70 73.37
CA MET WC 1 121.95 42.95 -24.90
CA ARG WC 2 124.41 42.27 -22.09
CA CYS WC 3 122.81 39.45 -20.10
CA ILE WC 4 122.48 36.65 -22.66
CA GLY WC 5 123.81 33.70 -20.70
CA ILE WC 6 123.19 34.30 -16.99
CA SER WC 7 120.87 31.85 -15.27
CA ASN WC 8 118.53 34.39 -13.62
CA ARG WC 9 116.99 35.94 -16.74
CA ASP WC 10 113.93 38.02 -15.89
CA PHE WC 11 111.45 39.97 -18.02
CA VAL WC 12 109.24 42.92 -17.09
CA GLU WC 13 106.93 43.78 -19.99
CA GLY WC 14 104.62 46.46 -18.60
CA VAL WC 15 104.51 50.23 -18.24
CA SER WC 16 102.77 52.57 -15.82
CA GLY WC 17 100.36 55.40 -16.53
CA GLY WC 18 103.10 57.95 -15.92
CA SER WC 19 105.77 55.54 -17.20
CA TRP WC 20 106.97 55.09 -13.59
CA VAL WC 21 108.33 51.59 -14.12
CA ASP WC 22 109.52 49.59 -11.12
CA ILE WC 23 112.22 46.90 -11.07
CA VAL WC 24 114.06 44.76 -8.54
CA LEU WC 25 117.80 44.13 -8.89
CA GLU WC 26 119.80 41.37 -7.19
CA HIS WC 27 123.30 39.96 -7.55
CA GLY WC 28 123.52 38.12 -10.84
CA SER WC 29 119.81 38.60 -11.61
CA CYS WC 30 119.66 40.94 -14.58
CA VAL WC 31 116.44 42.47 -15.88
CA THR WC 32 115.21 43.32 -19.37
CA THR WC 33 112.93 46.32 -19.82
CA MET WC 34 110.37 46.25 -22.63
CA ALA WC 35 108.17 49.11 -23.83
CA LYS WC 36 105.99 50.29 -26.70
CA ASN WC 37 107.68 52.63 -29.20
CA LYS WC 38 110.48 53.21 -26.65
CA PRO WC 39 113.93 51.59 -26.77
CA THR WC 40 114.31 48.41 -24.74
CA LEU WC 41 116.95 48.14 -22.05
CA ASP WC 42 118.97 45.77 -19.90
CA PHE WC 43 119.64 46.56 -16.25
CA GLU WC 44 121.97 44.90 -13.79
CA LEU WC 45 123.93 45.60 -10.62
CA ILE WC 46 127.50 44.71 -11.52
CA LYS WC 47 129.32 45.32 -8.25
CA THR WC 48 128.22 46.17 -4.72
CA GLU WC 49 130.48 48.49 -2.75
CA ALA WC 50 130.45 49.76 0.84
CA LYS WC 51 132.62 52.87 1.00
CA GLN WC 52 133.25 55.12 4.00
CA PRO WC 53 132.85 52.40 6.65
CA ALA WC 54 132.03 53.20 10.25
CA THR WC 55 134.58 51.94 12.77
CA LEU WC 56 132.14 50.21 15.11
CA ARG WC 57 134.55 48.67 17.64
CA LYS WC 58 138.07 47.28 17.96
CA TYR WC 59 139.57 44.21 19.61
CA CYS WC 60 143.08 43.77 21.00
CA ILE WC 61 143.79 40.30 19.65
CA GLU WC 62 147.10 39.94 21.51
CA ALA WC 63 148.26 41.40 24.80
CA LYS WC 64 151.35 42.71 26.56
CA LEU WC 65 151.62 43.01 30.34
CA THR WC 66 154.05 45.58 31.75
CA ASN WC 67 154.77 47.64 34.85
CA THR WC 68 152.93 45.08 36.99
CA THR WC 69 153.03 46.50 40.49
CA THR WC 70 151.36 44.93 43.50
CA ASP WC 71 150.95 45.55 47.23
CA SER WC 72 149.17 44.19 50.27
CA ARG WC 73 148.15 45.14 53.80
CA CYS WC 74 147.77 43.16 57.00
CA PRO WC 75 144.21 42.30 58.11
CA THR WC 76 141.99 45.19 59.30
CA GLN WC 77 144.20 47.80 57.58
CA GLY WC 78 141.93 47.96 54.51
CA GLU WC 79 142.89 47.62 50.88
CA PRO WC 80 146.16 49.35 49.88
CA SER WC 81 145.70 52.46 47.75
CA LEU WC 82 148.22 52.95 44.94
CA ASN WC 83 147.85 55.45 42.07
CA GLU WC 84 147.37 52.86 39.29
CA GLU WC 85 143.86 51.89 40.42
CA GLN WC 86 142.29 55.19 39.40
CA ASP WC 87 144.14 55.24 36.07
CA LYS WC 88 142.43 52.97 33.55
CA ARG WC 89 145.75 52.59 31.71
CA PHE WC 90 146.46 49.81 34.21
CA VAL WC 91 144.07 46.89 34.53
CA CYS WC 92 143.87 45.62 38.07
CA LYS WC 93 142.03 43.86 40.86
CA HIS WC 94 142.10 43.33 44.63
CA SER WC 95 141.74 40.13 46.66
CA MET WC 96 142.57 38.74 50.11
CA VAL WC 97 144.80 36.06 51.64
CA ASP WC 98 145.46 34.71 55.12
CA ARG WC 99 148.36 36.55 56.78
CA GLY WC 100 149.34 36.95 60.40
CA TRP WC 101 151.93 36.27 63.09
CA GLY WC 102 153.59 33.68 60.86
CA ASN WC 103 154.50 35.99 57.96
CA GLY WC 104 155.01 39.40 59.57
CA CYS WC 105 151.49 40.60 60.38
CA GLY WC 106 149.85 40.47 63.81
CA LEU WC 107 147.17 37.77 63.70
CA PHE WC 108 146.03 35.19 61.17
CA GLY WC 109 143.28 36.79 59.10
CA LYS WC 110 142.23 37.65 55.57
CA GLY WC 111 144.30 40.70 54.74
CA GLY WC 112 143.94 42.57 51.48
CA ILE WC 113 146.06 42.67 48.33
CA VAL WC 114 145.90 44.92 45.27
CA THR WC 115 147.43 43.68 42.02
CA CYS WC 116 147.78 46.07 39.08
CA ALA WC 117 149.51 46.12 35.72
CA MET WC 118 149.74 48.12 32.50
CA PHE WC 119 147.91 46.45 29.60
CA THR WC 120 149.61 47.31 26.30
CA CYS WC 121 147.81 46.46 23.06
CA LYS WC 122 150.28 45.24 20.44
CA LYS WC 123 147.91 44.40 17.57
CA ASN WC 124 144.44 45.39 16.43
CA MET WC 125 141.44 43.48 15.07
CA LYS WC 126 139.23 45.83 13.12
CA GLY WC 127 135.43 45.75 12.91
CA LYS WC 128 133.45 47.40 10.11
CA VAL WC 129 129.68 47.91 10.19
CA VAL WC 130 127.84 48.71 6.96
CA GLN WC 131 124.88 51.06 7.25
CA PRO WC 132 122.17 51.23 4.56
CA GLU WC 133 123.18 54.72 3.43
CA ASN WC 134 126.81 53.64 2.86
CA LEU WC 135 126.04 51.16 0.06
CA GLU WC 136 127.50 52.46 -3.22
CA TYR WC 137 125.60 50.43 -5.83
CA THR WC 138 127.34 50.13 -9.20
CA ILE WC 139 124.64 49.64 -11.85
CA VAL WC 140 125.28 48.82 -15.50
CA ILE WC 141 122.67 49.95 -18.04
CA THR WC 142 122.93 48.67 -21.62
CA PRO WC 143 120.48 49.18 -24.52
CA HIS WC 144 119.38 46.51 -27.00
CA SER WC 145 120.72 48.70 -29.76
CA GLY WC 146 122.74 46.27 -31.86
CA GLU WC 147 126.16 46.21 -30.21
CA GLU WC 148 128.24 43.04 -30.29
CA HIS WC 149 130.92 43.17 -27.58
CA ALA WC 150 128.57 42.74 -24.59
CA VAL WC 151 127.03 39.30 -25.15
CA GLY WC 152 128.36 37.07 -22.40
CA ASN WC 153 130.63 39.87 -21.19
CA ASP WC 154 131.38 41.84 -18.02
CA THR WC 155 133.31 44.93 -19.17
CA GLY WC 156 131.53 45.30 -22.55
CA LYS WC 157 130.79 49.01 -22.70
CA HIS WC 158 128.23 50.48 -25.06
CA GLY WC 159 125.93 51.71 -22.30
CA LYS WC 160 126.85 53.33 -18.99
CA GLU WC 161 127.90 52.35 -15.48
CA ILE WC 162 126.63 54.57 -12.68
CA LYS WC 163 127.50 54.57 -8.97
CA ILE WC 164 124.27 55.14 -7.05
CA THR WC 165 124.73 56.75 -3.62
CA PRO WC 166 121.51 56.54 -1.56
CA GLN WC 167 122.05 60.07 -0.25
CA SER WC 168 121.54 61.08 -3.91
CA SER WC 169 118.20 59.54 -4.86
CA ILE WC 170 117.61 61.16 -8.26
CA THR WC 171 120.40 60.71 -10.80
CA GLU WC 172 120.67 61.25 -14.55
CA ALA WC 173 122.49 58.49 -16.45
CA GLU WC 174 123.04 59.84 -19.98
CA LEU WC 175 122.80 56.80 -22.23
CA THR WC 176 124.65 57.49 -25.47
CA GLY WC 177 122.50 58.22 -28.51
CA TYR WC 178 119.24 57.66 -26.61
CA GLY WC 179 119.31 60.42 -23.98
CA THR WC 180 118.96 59.64 -20.28
CA VAL WC 181 116.80 57.72 -17.81
CA THR WC 182 115.98 59.11 -14.39
CA MET WC 183 117.41 56.94 -11.61
CA GLU WC 184 115.30 56.81 -8.45
CA CYS WC 185 116.55 53.53 -7.06
CA SER WC 186 116.79 52.91 -3.32
CA PRO WC 187 118.35 50.04 -1.35
CA ARG WC 188 116.43 51.22 1.72
CA THR WC 189 113.39 49.10 0.86
CA GLY WC 190 115.62 46.05 0.37
CA LEU WC 191 116.80 43.79 3.14
CA ASP WC 192 118.13 45.63 6.18
CA PHE WC 193 121.93 45.62 6.45
CA ASN WC 194 121.68 45.92 10.23
CA GLU WC 195 123.30 42.62 11.29
CA MET WC 196 126.21 42.27 8.83
CA VAL WC 197 129.72 43.02 10.07
CA LEU WC 198 133.19 42.69 8.54
CA LEU WC 199 136.15 41.44 10.55
CA GLN WC 200 139.37 42.88 9.10
CA MET WC 201 142.86 41.57 9.83
CA GLU WC 202 145.87 43.10 8.08
CA ASN WC 203 144.45 42.91 4.53
CA LYS WC 204 142.09 39.90 4.63
CA ALA WC 205 138.58 39.84 6.05
CA TRP WC 206 135.47 37.83 6.84
CA LEU WC 207 131.76 38.53 7.17
CA VAL WC 208 129.94 37.65 10.39
CA HIS WC 209 126.86 38.65 12.37
CA ARG WC 210 126.70 41.66 14.68
CA GLN WC 211 125.49 39.90 17.83
CA TRP WC 212 128.26 37.32 17.41
CA PHE WC 213 130.75 40.09 16.69
CA LEU WC 214 130.02 41.76 20.02
CA ASP WC 215 129.48 38.60 22.09
CA LEU WC 216 133.17 37.69 21.81
CA PRO WC 217 134.79 37.63 25.29
CA LEU WC 218 137.84 39.57 24.13
CA PRO WC 219 139.31 43.01 24.88
CA TRP WC 220 136.70 45.59 24.06
CA LEU WC 221 137.66 49.09 22.87
CA PRO WC 222 135.27 51.69 21.40
CA GLY WC 223 135.53 53.27 17.98
CA ALA WC 224 135.70 56.87 19.19
CA ASP WC 225 138.78 56.45 21.38
CA THR WC 226 142.28 56.31 19.88
CA GLN WC 227 144.78 55.86 22.71
CA GLY WC 228 143.14 52.68 24.02
CA SER WC 229 143.58 53.60 27.69
CA ASN WC 230 139.80 53.78 28.15
CA TRP WC 231 139.81 50.00 28.13
CA ILE WC 232 136.77 47.77 28.73
CA GLN WC 233 136.27 44.04 29.36
CA LYS WC 234 139.37 43.83 31.45
CA GLU WC 235 139.56 40.19 32.55
CA THR WC 236 139.40 38.55 29.10
CA LEU WC 237 143.17 38.02 28.76
CA VAL WC 238 144.72 38.90 32.13
CA THR WC 239 144.11 35.68 34.07
CA PHE WC 240 145.43 36.18 37.59
CA LYS WC 241 146.07 32.96 39.52
CA ASN WC 242 145.07 32.36 43.13
CA PRO WC 243 147.22 34.85 45.07
CA HIS WC 244 149.63 33.22 47.49
CA ALA WC 245 150.75 35.89 49.95
CA LYS WC 246 151.29 38.80 47.51
CA LYS WC 247 152.51 37.67 44.08
CA GLN WC 248 150.20 35.93 41.64
CA ASP WC 249 151.30 34.58 38.28
CA VAL WC 250 149.70 37.38 36.28
CA VAL WC 251 150.05 36.46 32.61
CA VAL WC 252 148.14 37.43 29.49
CA LEU WC 253 146.93 34.50 27.43
CA GLY WC 254 148.81 33.73 24.26
CA SER WC 255 147.96 35.48 21.03
CA GLN WC 256 144.42 34.61 19.99
CA GLU WC 257 145.22 35.15 16.30
CA GLY WC 258 145.62 31.44 15.60
CA ALA WC 259 142.70 30.34 17.77
CA MET WC 260 140.22 32.90 16.48
CA HIS WC 261 141.40 32.33 12.91
CA THR WC 262 140.71 28.62 13.33
CA ALA WC 263 137.30 29.31 14.85
CA LEU WC 264 136.30 31.89 12.25
CA THR WC 265 137.25 29.41 9.52
CA GLY WC 266 134.19 28.24 7.64
CA ALA WC 267 132.51 31.64 7.79
CA THR WC 268 132.00 33.84 4.72
CA GLU WC 269 135.49 34.90 3.68
CA ILE WC 270 135.43 38.22 1.79
CA GLN WC 271 138.23 39.31 -0.54
CA MET WC 272 137.65 42.88 0.61
CA SER WC 273 140.77 44.18 -1.16
CA SER WC 274 138.87 44.54 -4.47
CA GLY WC 275 135.99 46.28 -2.67
CA ASN WC 276 133.17 45.28 -0.33
CA LEU WC 277 131.54 42.75 -2.66
CA LEU WC 278 128.39 42.14 -0.67
CA PHE WC 279 126.48 39.27 -2.27
CA THR WC 280 123.02 40.24 -0.95
CA GLY WC 281 120.59 43.15 -0.92
CA HIS WC 282 117.57 44.05 -3.01
CA LEU WC 283 117.66 47.27 -5.00
CA LYS WC 284 114.18 48.71 -5.61
CA CYS WC 285 114.46 50.83 -8.74
CA ARG WC 286 111.77 53.29 -9.90
CA LEU WC 287 112.35 54.97 -13.24
CA ARG WC 288 110.76 57.59 -15.47
CA MET WC 289 111.77 56.30 -18.91
CA ASP WC 290 109.77 58.94 -20.81
CA LYS WC 291 112.86 61.14 -21.05
CA LEU WC 292 114.56 58.21 -22.79
CA GLN WC 293 114.00 58.00 -26.53
CA LEU WC 294 115.15 55.91 -29.48
CA LYS WC 295 116.95 57.97 -32.13
CA GLY WC 296 116.91 54.90 -34.38
CA MET WC 297 113.20 54.09 -34.24
CA SER WC 298 111.77 56.11 -37.13
CA TYR WC 299 114.37 55.48 -39.84
CA SER WC 300 113.13 54.28 -43.22
CA MET WC 301 112.08 50.68 -43.75
CA CYS WC 302 115.17 48.98 -45.09
CA THR WC 303 115.16 47.69 -48.65
CA GLY WC 304 118.40 46.06 -49.76
CA LYS WC 305 119.45 42.44 -49.61
CA PHE WC 306 120.16 41.03 -46.17
CA LYS WC 307 122.14 37.92 -45.18
CA VAL WC 308 123.05 35.94 -42.05
CA VAL WC 309 126.64 35.36 -40.91
CA LYS WC 310 126.41 33.13 -37.83
CA GLU WC 311 123.66 30.62 -37.07
CA ILE WC 312 121.60 30.39 -33.90
CA ALA WC 313 122.85 29.01 -30.63
CA GLU WC 314 120.39 28.61 -27.76
CA THR WC 315 120.45 30.79 -24.66
CA GLN WC 316 119.68 29.90 -21.04
CA HIS WC 317 116.18 31.37 -21.15
CA GLY WC 318 115.80 30.17 -24.74
CA THR WC 319 115.80 33.35 -26.82
CA ILE WC 320 116.67 33.84 -30.47
CA VAL WC 321 119.87 35.82 -30.89
CA ILE WC 322 121.10 36.24 -34.46
CA ARG WC 323 124.14 38.07 -35.80
CA VAL WC 324 123.08 39.30 -39.24
CA GLN WC 325 124.90 41.25 -41.95
CA TYR WC 326 123.52 43.66 -44.54
CA GLU WC 327 125.11 43.43 -47.98
CA GLY WC 328 122.67 45.90 -49.55
CA ASP WC 329 122.56 49.70 -49.35
CA GLY WC 330 120.59 52.55 -47.84
CA SER WC 331 122.10 52.49 -44.36
CA PRO WC 332 120.86 53.70 -41.90
CA CYS WC 333 117.57 51.83 -42.36
CA LYS WC 334 114.84 50.19 -40.28
CA ILE WC 335 115.14 46.43 -40.86
CA PRO WC 336 111.99 44.30 -41.25
CA PHE WC 337 111.83 41.44 -38.77
CA GLU WC 338 108.76 39.31 -38.06
CA ILE WC 339 108.04 35.87 -36.60
CA MET WC 340 105.32 34.40 -38.82
CA ASP WC 341 103.50 31.11 -38.82
CA LEU WC 342 104.66 28.54 -41.35
CA GLU WC 343 101.77 29.62 -43.62
CA LYS WC 344 102.67 33.34 -43.31
CA ARG WC 345 99.15 34.29 -42.11
CA HIS WC 346 99.30 35.27 -38.42
CA VAL WC 347 102.13 36.32 -36.08
CA LEU WC 348 103.16 34.14 -33.13
CA GLY WC 349 106.23 35.43 -31.32
CA ARG WC 350 107.63 38.64 -29.88
CA LEU WC 351 110.82 40.58 -30.60
CA ILE WC 352 112.80 42.28 -27.83
CA THR WC 353 114.82 44.80 -29.82
CA VAL WC 354 112.01 47.13 -30.84
CA ASN WC 355 112.67 48.54 -34.30
CA PRO WC 356 116.13 47.03 -34.85
CA ILE WC 357 118.48 49.38 -36.65
CA VAL WC 358 121.45 49.01 -38.99
CA THR WC 359 123.36 52.32 -39.05
CA GLU WC 360 126.67 50.92 -40.30
CA LYS WC 361 127.79 49.09 -43.41
CA ASP WC 362 129.55 45.74 -43.12
CA SER WC 363 128.99 45.15 -39.41
CA PRO WC 364 127.35 42.38 -37.38
CA VAL WC 365 123.89 43.22 -36.09
CA ASN WC 366 122.42 41.47 -33.05
CA ILE WC 367 118.69 40.73 -33.32
CA GLU WC 368 116.84 39.37 -30.30
CA ALA WC 369 113.50 37.56 -30.14
CA GLU WC 370 111.51 35.03 -28.11
CA PRO WC 371 109.19 32.64 -29.96
CA PRO WC 372 106.73 30.33 -28.26
CA PHE WC 373 107.24 26.57 -28.08
CA GLY WC 374 106.42 25.46 -31.59
CA ASP WC 375 107.48 25.59 -35.18
CA SER WC 376 107.84 29.12 -36.52
CA TYR WC 377 109.26 30.99 -39.50
CA ILE WC 378 111.43 34.03 -38.81
CA ILE WC 379 110.73 36.15 -41.90
CA ILE WC 380 113.37 38.78 -42.65
CA GLY WC 381 113.52 41.34 -45.43
CA VAL WC 382 111.28 41.94 -48.42
CA GLU WC 383 111.31 40.27 -51.81
CA PRO WC 384 113.63 40.31 -53.77
CA GLY WC 385 115.93 38.65 -51.23
CA GLN WC 386 113.36 37.29 -48.79
CA LEU WC 387 114.87 35.27 -45.96
CA LYS WC 388 112.82 32.57 -44.25
CA LEU WC 389 114.30 30.76 -41.24
CA ASN WC 390 112.50 27.78 -39.75
CA TRP WC 391 112.87 27.43 -36.00
CA PHE WC 392 111.61 25.26 -33.16
CA LYS WC 393 112.10 25.34 -29.39
CA LYS WC 394 111.35 22.79 -26.70
CA GLY WC 395 109.16 23.07 -23.62
CA SER WC 396 105.52 23.29 -22.58
CA SER WC 397 103.53 26.51 -22.86
CA ILE WC 398 102.01 25.93 -19.42
CA GLY WC 399 105.56 25.65 -18.11
CA GLN WC 400 106.37 29.19 -19.17
CA MET WC 401 102.96 30.42 -17.99
CA ILE WC 402 103.43 29.13 -14.44
CA GLU WC 403 107.10 30.13 -14.38
CA THR WC 404 106.52 33.72 -15.50
CA THR WC 405 103.41 34.17 -13.36
CA MET WC 406 105.06 32.89 -10.18
CA ARG WC 407 108.22 34.87 -10.88
CA GLY WC 408 106.20 38.05 -11.32
CA ALA WC 409 104.18 37.25 -8.20
CA LYS WC 410 107.36 36.92 -6.14
CA ARG WC 411 108.72 40.08 -7.76
CA MET WC 412 105.62 42.03 -6.77
CA ALA WC 413 105.61 40.49 -3.28
CA ILE WC 414 109.16 41.69 -2.63
CA LEU WC 415 108.34 44.88 -4.59
CA GLY WC 416 105.28 45.20 -2.39
CA ASP WC 417 104.47 47.14 0.76
CA THR WC 418 105.76 50.73 0.62
CA ALA WC 419 106.80 50.06 -3.02
CA TRP WC 420 103.82 50.01 -5.38
CA ASP WC 421 102.03 53.34 -5.64
CA PHE WC 422 99.02 53.25 -3.33
CA GLY WC 423 99.30 56.74 -1.81
CA SER WC 424 99.43 58.60 -5.13
CA LEU WC 425 95.91 59.70 -6.03
CA GLY WC 426 94.90 59.56 -9.69
CA GLY WC 427 97.52 56.92 -10.45
CA VAL WC 428 95.80 54.42 -8.16
CA PHE WC 429 93.98 52.82 -11.09
CA THR WC 430 97.26 52.86 -13.02
CA SER WC 431 99.09 51.31 -10.07
CA ILE WC 432 96.62 48.45 -9.70
CA GLY WC 433 96.79 48.00 -13.47
CA LYS WC 434 100.56 47.68 -13.18
CA ALA WC 435 100.21 45.16 -10.35
CA LEU WC 436 97.59 43.06 -12.14
CA HIS WC 437 99.92 43.11 -15.13
CA GLN WC 438 102.92 41.94 -13.12
CA VAL WC 439 100.85 38.94 -11.90
CA PHE WC 440 98.37 37.98 -14.66
CA GLY WC 441 99.87 39.55 -17.79
CA ALA WC 442 101.51 36.35 -18.94
CA ILE WC 443 98.06 34.77 -19.00
CA TYR WC 444 96.53 37.84 -20.62
CA GLY WC 445 99.05 38.30 -23.42
CA ALA WC 446 99.97 34.68 -24.12
CA ALA WC 447 97.00 32.44 -23.32
CA PHE WC 448 94.26 34.88 -24.36
CA SER WC 449 94.81 35.24 -28.10
CA GLY WC 450 98.00 37.37 -28.19
CA VAL WC 451 96.02 39.63 -28.64
CA SER WC 452 93.89 41.82 -30.91
CA TRP WC 453 92.79 44.14 -28.11
CA ILE WC 454 89.50 45.45 -29.53
CA MET WC 455 87.85 42.09 -30.11
CA LYS WC 456 89.13 40.59 -26.87
CA ILE WC 457 87.74 43.49 -24.83
CA LEU WC 458 84.46 42.90 -26.64
CA ILE WC 459 84.69 39.28 -25.45
CA GLY WC 460 85.61 40.63 -22.02
CA VAL WC 461 82.48 42.72 -21.72
CA ILE WC 462 80.52 39.71 -23.01
CA ILE WC 463 81.89 37.51 -20.20
CA THR WC 464 81.19 40.28 -17.68
CA TRP WC 465 77.58 40.52 -18.88
CA ILE WC 466 77.15 36.75 -18.65
CA GLY WC 467 78.74 36.73 -15.19
CA MET WC 468 76.56 39.46 -13.71
CA ASN WC 469 73.39 37.79 -15.03
CA SER WC 470 74.51 34.30 -14.00
CA ARG WC 471 72.61 31.51 -12.26
CA SER WC 472 75.06 31.59 -9.32
CA THR WC 473 76.62 34.44 -7.38
CA SER WC 474 79.86 32.54 -6.77
CA LEU WC 475 80.34 32.16 -10.52
CA SER WC 476 79.32 35.81 -10.95
CA VAL WC 477 82.11 36.92 -8.63
CA SER WC 478 84.57 34.46 -10.16
CA LEU WC 479 83.87 35.58 -13.74
CA VAL WC 480 83.22 39.34 -13.56
CA LEU WC 481 86.53 39.78 -11.72
CA VAL WC 482 88.37 38.16 -14.63
CA GLY WC 483 86.32 40.17 -17.11
CA VAL WC 484 87.07 43.53 -15.52
CA VAL WC 485 90.71 42.43 -15.26
CA THR WC 486 90.63 41.73 -18.99
CA LEU WC 487 89.05 45.08 -19.84
CA TYR WC 488 91.29 47.23 -17.63
CA LEU WC 489 94.47 45.40 -18.65
CA GLY WC 490 93.43 45.73 -22.30
CA VAL WC 491 93.13 49.46 -21.82
CA MET WC 492 96.54 49.23 -20.16
CA VAL WC 493 98.38 46.86 -22.56
CA GLN WC 494 97.26 49.15 -25.39
CA ALA WC 495 99.72 51.60 -23.78
CA PHE XC 1 174.43 4.47 41.10
CA HIS XC 2 175.86 4.99 37.62
CA LEU XC 3 175.90 8.72 36.91
CA THR XC 4 175.15 10.43 33.59
CA THR XC 5 173.63 13.76 32.52
CA ARG XC 6 170.29 14.60 30.94
CA ASN XC 7 168.72 18.00 30.26
CA GLY XC 8 171.85 19.53 31.75
CA GLU XC 9 171.26 17.82 35.11
CA PRO XC 10 172.94 14.85 36.83
CA HIS XC 11 171.17 11.50 36.57
CA MET XC 12 172.24 8.65 38.87
CA ILE XC 13 170.78 5.17 38.39
CA VAL XC 14 170.70 3.31 41.71
CA SER XC 15 170.18 -0.38 42.33
CA ARG XC 16 169.99 -2.88 45.18
CA GLN XC 17 173.81 -2.79 45.54
CA GLU XC 18 173.30 0.55 47.31
CA LYS XC 19 169.85 0.31 48.91
CA GLY XC 20 168.52 2.37 51.79
CA LYS XC 21 171.89 4.05 52.32
CA SER XC 22 173.23 7.56 51.90
CA LEU XC 23 174.20 8.30 48.30
CA LEU XC 24 177.49 10.17 48.02
CA PHE XC 25 179.35 11.71 45.08
CA LYS XC 26 181.89 14.37 44.12
CA THR XC 27 180.78 16.53 41.19
CA GLU XC 28 181.59 19.97 39.80
CA ASP XC 29 178.97 21.46 42.11
CA GLY XC 30 180.80 19.92 45.07
CA VAL XC 31 180.27 17.15 47.62
CA ASN XC 32 176.86 15.72 46.65
CA MET XC 33 175.24 14.05 49.68
CA CYS XC 34 171.86 12.65 48.61
CA THR XC 35 169.44 10.68 50.75
CA LEU XC 36 167.27 8.24 48.80
CA MET XC 37 164.53 7.73 51.36
CA ALA XC 38 162.19 6.07 48.85
CA MET XC 39 160.17 2.87 49.25
CA ASP XC 40 159.86 0.59 46.23
CA LEU XC 41 163.60 0.45 45.51
CA GLY XC 42 164.36 -3.23 44.91
CA GLU XC 43 166.70 -4.87 42.44
CA LEU XC 44 166.93 -3.10 39.10
CA CYS XC 45 164.04 -3.65 36.69
CA GLU XC 46 162.51 -2.31 33.47
CA ASP XC 47 159.74 -0.35 35.22
CA THR XC 48 162.01 2.68 35.32
CA ILE XC 49 160.56 5.11 37.86
CA THR XC 50 162.35 8.47 37.86
CA TYR XC 51 162.49 11.33 40.34
CA LYS XC 52 163.75 14.83 40.98
CA CYS XC 53 165.67 15.02 44.20
CA PRO XC 54 165.14 18.77 44.82
CA PHE XC 55 167.74 21.25 45.98
CA LEU XC 56 167.28 21.80 49.71
CA LYS XC 57 169.82 23.92 51.55
CA GLN XC 58 169.00 23.67 55.27
CA ASN XC 59 165.20 23.52 55.65
CA GLU XC 60 163.09 20.72 57.13
CA PRO XC 61 162.41 18.10 54.43
CA GLU XC 62 158.92 16.66 54.22
CA ASP XC 63 156.60 15.04 51.67
CA ILE XC 64 159.58 14.03 49.51
CA ASP XC 65 161.00 10.69 48.44
CA CYS XC 66 164.62 11.69 47.78
CA TRP XC 67 166.65 14.83 48.36
CA CYS XC 68 170.16 16.24 48.07
CA ASN XC 69 171.85 18.97 50.08
CA SER XC 70 174.00 20.15 47.13
CA THR XC 71 171.84 20.57 44.04
CA SER XC 72 168.76 19.29 42.27
CA THR XC 73 169.32 15.99 40.51
CA TRP XC 74 167.63 13.09 38.74
CA VAL XC 75 167.45 9.61 40.22
CA THR XC 76 165.90 6.46 38.79
CA TYR XC 77 165.34 2.83 39.66
CA GLY XC 78 163.14 -0.22 39.05
CA THR XC 79 160.12 -1.66 40.80
CA CYS XC 80 159.82 -5.38 40.01
CA THR XC 81 160.16 -7.97 42.76
CA THR XC 82 163.18 -10.22 43.31
CA THR XC 83 161.93 -13.20 41.30
CA GLY XC 84 160.81 -11.05 38.35
CA GLU XC 85 157.36 -9.72 37.52
CA HIS XC 86 155.64 -6.62 36.18
CA ARG XC 87 154.28 -5.24 39.47
CA ARG XC 88 151.66 -5.92 42.15
CA GLU XC 89 148.39 -7.44 40.91
CA LYS XC 90 144.97 -5.80 41.29
CA ARG XC 91 141.43 -6.44 40.10
CA SER XC 92 139.29 -3.63 38.69
CA VAL XC 93 137.15 -2.43 35.73
CA ALA XC 94 133.39 -2.95 35.82
CA LEU XC 95 131.79 -4.84 32.93
CA VAL XC 96 129.20 -7.51 32.19
CA PRO XC 97 127.40 -8.46 28.94
CA HIS XC 98 123.87 -9.41 28.15
CA VAL XC 99 123.06 -13.11 28.51
CA GLY XC 100 122.66 -14.98 25.29
CA MET XC 101 120.00 -16.84 23.38
CA GLY XC 102 120.49 -20.34 22.01
CA LEU XC 103 118.90 -23.67 21.05
CA GLU XC 104 115.44 -22.05 21.24
CA THR XC 105 114.90 -20.16 17.94
CA ARG XC 106 112.52 -17.21 17.59
CA THR XC 107 109.29 -18.39 15.89
CA GLU XC 108 105.99 -19.67 17.31
CA THR XC 109 106.26 -23.47 17.00
CA TRP XC 110 106.92 -26.78 18.86
CA MET XC 111 103.61 -26.99 20.80
CA SER XC 112 105.66 -26.71 24.03
CA SER XC 113 104.19 -25.48 27.30
CA GLU XC 114 106.59 -22.54 27.58
CA GLY XC 115 106.15 -21.62 23.92
CA ALA XC 116 102.39 -22.08 24.09
CA TRP XC 117 101.95 -19.94 27.21
CA LYS XC 118 104.52 -17.28 26.28
CA HIS XC 119 102.09 -15.53 23.95
CA ALA XC 120 99.30 -15.44 26.54
CA GLN XC 121 101.70 -14.32 29.28
CA ARG XC 122 102.92 -11.49 27.05
CA ILE XC 123 99.32 -10.51 26.21
CA GLU XC 124 98.36 -10.27 29.87
CA THR XC 125 101.59 -8.45 30.73
CA TRP XC 126 100.81 -5.91 28.00
CA ILE XC 127 97.26 -5.57 29.31
CA LEU XC 128 98.53 -4.95 32.83
CA ARG XC 129 101.07 -2.42 31.54
CA HIS XC 130 98.51 -0.86 29.14
CA PRO XC 131 95.20 -0.36 30.97
CA GLY XC 132 94.31 2.70 28.88
CA PHE XC 133 94.60 0.89 25.55
CA THR XC 134 92.57 -1.97 27.00
CA ILE XC 135 89.80 0.43 28.03
CA MET XC 136 89.91 2.10 24.61
CA ALA XC 137 89.60 -1.26 22.86
CA ALA XC 138 86.70 -2.22 25.13
CA ILE XC 139 84.93 1.06 24.30
CA LEU XC 140 85.45 0.52 20.57
CA ALA XC 141 84.10 -3.03 20.89
CA TYR XC 142 81.07 -1.72 22.77
CA THR XC 143 80.29 0.94 20.16
CA ILE XC 144 80.88 -1.20 17.07
CA GLY XC 145 79.52 -4.40 18.61
CA THR XC 146 75.77 -4.91 18.34
CA THR XC 147 75.81 -8.29 20.14
CA HIS XC 148 77.62 -9.26 23.34
CA PHE XC 149 79.37 -12.13 21.54
CA GLN XC 150 80.64 -9.77 18.83
CA ARG XC 151 81.59 -7.31 21.59
CA ALA XC 152 83.76 -9.86 23.40
CA LEU XC 153 85.23 -11.27 20.19
CA ILE XC 154 86.25 -7.83 18.93
CA PHE XC 155 87.67 -6.86 22.33
CA ILE XC 156 89.76 -10.03 22.44
CA LEU XC 157 90.90 -9.52 18.84
CA LEU XC 158 91.98 -5.93 19.50
CA THR XC 159 93.79 -6.81 22.74
CA ALA XC 160 95.61 -9.69 21.01
CA VAL XC 161 96.48 -7.82 17.80
CA ALA XC 162 97.66 -4.48 19.25
CA PRO XC 163 100.81 -5.94 20.91
CA SER XC 164 101.71 -8.08 17.89
CA MET XC 165 102.22 -4.92 15.82
CA THR XC 166 105.05 -3.88 18.15
CA PHE YC 1 164.41 5.62 72.47
CA HIS YC 2 163.09 3.62 75.44
CA LEU YC 3 163.42 -0.14 75.02
CA THR YC 4 160.28 -1.17 76.92
CA THR YC 5 158.43 -4.50 77.05
CA ARG YC 6 155.22 -3.62 75.21
CA ASN YC 7 152.80 -6.49 74.54
CA GLY YC 8 155.62 -8.73 75.77
CA GLU YC 9 158.04 -7.69 73.03
CA PRO YC 10 160.71 -4.98 72.61
CA HIS YC 11 159.27 -1.55 71.91
CA MET YC 12 161.04 1.68 70.87
CA ILE YC 13 160.00 5.33 70.57
CA VAL YC 14 162.10 7.11 67.94
CA SER YC 15 161.76 10.88 67.61
CA ARG YC 16 162.91 13.42 65.03
CA GLN YC 17 166.06 14.57 66.87
CA GLU YC 18 167.78 11.77 64.93
CA LYS YC 19 166.40 10.86 61.52
CA GLY YC 20 167.31 8.98 58.38
CA LYS YC 21 169.94 6.97 60.25
CA SER YC 22 170.11 3.43 61.58
CA LEU YC 23 169.46 3.11 65.31
CA LEU YC 24 171.65 1.03 67.63
CA PHE YC 25 170.63 -0.61 70.90
CA LYS YC 26 171.10 -3.65 73.12
CA THR YC 27 168.92 -6.68 73.87
CA GLU YC 28 169.38 -10.14 75.36
CA ASP YC 29 170.40 -11.43 71.93
CA GLY YC 30 173.17 -8.80 71.69
CA VAL YC 31 173.72 -5.52 69.91
CA ASN YC 32 170.97 -4.77 67.38
CA MET YC 33 171.20 -2.18 64.61
CA CYS YC 34 167.77 -1.18 63.28
CA THR YC 35 166.86 0.30 59.90
CA LEU YC 36 163.98 2.79 59.64
CA MET YC 37 163.03 3.71 56.07
CA ALA YC 38 159.81 5.47 57.13
CA MET YC 39 159.82 8.59 54.98
CA ASP YC 40 156.83 10.35 56.60
CA LEU YC 41 158.50 10.83 59.97
CA GLY YC 42 158.07 13.85 62.23
CA GLU YC 43 158.72 14.75 65.86
CA LEU YC 44 157.06 13.01 68.78
CA CYS YC 45 153.57 14.23 69.70
CA GLU YC 46 150.14 12.80 70.44
CA ASP YC 47 149.63 11.40 66.92
CA THR YC 48 151.77 8.33 67.56
CA ILE YC 49 151.98 5.84 64.71
CA THR YC 50 153.25 2.40 65.75
CA TYR YC 51 154.83 -0.60 63.97
CA LYS YC 52 155.85 -4.19 64.69
CA CYS YC 53 159.26 -4.19 63.03
CA PRO YC 54 159.89 -7.57 61.34
CA PHE YC 55 163.00 -9.75 61.43
CA LEU YC 56 165.04 -10.28 58.27
CA LYS YC 57 168.11 -12.51 57.96
CA GLN YC 58 169.46 -12.13 54.40
CA ASN YC 59 166.50 -11.53 52.05
CA GLU YC 60 166.16 -8.22 50.25
CA PRO YC 61 164.07 -5.74 52.29
CA GLU YC 62 161.08 -4.95 50.07
CA ASP YC 63 157.95 -2.85 50.66
CA ILE YC 64 158.70 -2.36 54.38
CA ASP YC 65 160.02 0.54 56.43
CA CYS YC 66 161.72 -1.13 59.37
CA TRP YC 67 164.05 -4.10 59.67
CA CYS YC 68 166.92 -5.41 61.79
CA ASN YC 69 169.44 -8.26 61.51
CA SER YC 70 168.60 -10.30 64.63
CA THR YC 71 165.09 -9.81 65.97
CA SER YC 72 161.70 -8.15 65.59
CA THR YC 73 160.47 -5.24 67.69
CA TRP YC 74 157.90 -2.42 67.94
CA VAL YC 75 159.03 0.98 66.63
CA THR YC 76 156.79 4.04 67.01
CA TYR YC 77 157.02 7.74 66.28
CA GLY YC 78 155.03 10.92 65.97
CA THR YC 79 153.87 12.59 62.77
CA CYS YC 80 153.33 16.22 63.77
CA THR YC 81 154.78 18.81 61.40
CA THR YC 82 157.16 21.59 62.38
CA THR YC 83 154.40 23.66 63.99
CA GLY YC 84 153.59 20.64 66.18
CA GLU YC 85 150.08 20.08 64.79
CA HIS YC 86 148.29 16.96 63.58
CA ARG YC 87 147.88 15.76 60.01
CA ARG YC 88 146.31 18.19 57.58
CA GLU YC 89 144.46 17.92 54.26
CA LYS YC 90 141.15 18.74 52.56
CA ARG YC 91 138.42 18.22 51.42
CA SER YC 92 135.42 15.94 51.97
CA VAL YC 93 131.88 16.27 50.63
CA ALA YC 94 128.63 17.46 52.20
CA LEU YC 95 125.31 17.46 50.36
CA VAL YC 96 124.28 20.98 49.35
CA PRO YC 97 121.15 22.04 51.30
CA HIS YC 98 118.07 23.89 50.11
CA VAL YC 99 114.59 24.89 51.30
CA GLY YC 100 111.52 22.67 51.23
CA MET YC 101 111.33 18.88 51.18
CA GLY YC 102 111.89 17.48 47.71
CA LEU YC 103 110.31 14.01 47.55
CA GLU YC 104 108.67 13.82 44.14
CA THR YC 105 111.53 12.86 41.78
CA ARG YC 106 113.80 9.82 41.75
CA THR YC 107 115.20 7.28 39.27
CA GLU YC 108 116.64 8.04 35.82
CA THR YC 109 114.88 7.79 32.46
CA TRP YC 110 114.69 5.13 29.78
CA MET YC 111 114.70 7.12 26.56
CA SER YC 112 112.44 4.94 24.41
CA SER YC 113 109.73 4.10 26.94
CA GLU YC 114 109.59 7.56 28.47
CA GLY YC 115 109.54 9.18 25.02
CA ALA YC 116 106.63 6.93 24.08
CA TRP YC 117 104.75 7.74 27.31
CA LYS YC 118 105.62 11.46 27.31
CA HIS YC 119 102.35 12.33 25.57
CA ALA YC 120 100.25 10.21 27.93
CA GLN YC 121 101.91 11.67 31.02
CA ARG YC 122 101.95 15.24 29.67
CA ILE YC 123 98.23 15.28 28.91
CA GLU YC 124 97.50 14.12 32.46
CA THR YC 125 99.81 16.63 34.13
CA TRP YC 126 98.50 19.48 31.98
CA ILE YC 127 94.82 18.61 32.37
CA LEU YC 128 95.29 18.37 36.13
CA ARG YC 129 97.33 21.58 36.42
CA HIS YC 130 94.76 23.77 34.59
CA PRO YC 131 91.20 23.03 35.77
CA GLY YC 132 90.07 26.40 34.42
CA PHE YC 133 90.89 25.44 30.85
CA THR YC 134 89.29 22.07 31.58
CA ILE YC 135 86.06 23.92 32.35
CA MET YC 136 86.25 26.14 29.27
CA ALA YC 137 87.05 23.23 26.94
CA ALA YC 138 84.23 21.19 28.46
CA ILE YC 139 81.75 24.06 27.97
CA LEU YC 140 82.84 24.60 24.37
CA ALA YC 141 82.51 20.88 23.64
CA TYR YC 142 79.08 20.83 25.29
CA THR YC 143 77.84 23.69 23.13
CA ILE YC 144 79.34 22.63 19.80
CA GLY YC 145 78.72 18.89 19.96
CA THR YC 146 75.13 18.16 18.90
CA THR YC 147 75.09 14.58 20.22
CA HIS YC 148 77.02 12.97 23.05
CA PHE YC 149 79.90 11.37 21.17
CA GLN YC 150 80.64 14.55 19.21
CA ARG YC 151 80.88 16.35 22.55
CA ALA YC 152 83.27 13.77 23.99
CA LEU YC 153 85.33 13.74 20.79
CA ILE YC 154 85.78 17.51 20.68
CA PHE YC 155 86.59 17.50 24.40
CA ILE YC 156 89.32 14.86 24.14
CA LEU YC 157 90.83 16.43 21.00
CA LEU YC 158 91.10 19.84 22.64
CA THR YC 159 92.56 18.33 25.81
CA ALA YC 160 95.18 16.58 23.67
CA VAL YC 161 95.89 19.68 21.58
CA ALA YC 162 96.34 22.11 24.48
CA PRO YC 163 99.66 20.72 25.81
CA SER YC 164 101.04 20.34 22.27
CA MET YC 165 100.80 24.03 21.35
CA THR YC 166 102.72 24.89 24.52
CA PHE ZC 1 170.69 46.35 43.30
CA HIS ZC 2 169.51 49.81 42.19
CA LEU ZC 3 167.70 51.62 45.02
CA THR ZC 4 165.05 54.31 44.54
CA THR ZC 5 162.50 55.97 46.83
CA ARG ZC 6 158.87 55.42 45.84
CA ASN ZC 7 155.82 55.90 48.06
CA GLY ZC 8 158.14 56.83 50.91
CA GLU ZC 9 159.72 53.35 50.82
CA PRO ZC 10 162.78 51.90 49.08
CA HIS ZC 11 162.36 50.18 45.72
CA MET ZC 12 165.03 47.69 44.61
CA ILE ZC 13 165.69 46.85 40.96
CA VAL ZC 14 167.59 43.60 40.47
CA SER ZC 15 168.84 41.91 37.29
CA ARG ZC 16 169.91 38.36 36.56
CA GLN ZC 17 173.55 39.49 36.58
CA GLU ZC 18 173.28 38.91 40.36
CA LYS ZC 19 171.07 35.83 40.00
CA GLY ZC 20 171.23 33.15 42.68
CA LYS ZC 21 173.06 35.26 45.26
CA SER ZC 22 171.84 36.86 48.46
CA LEU ZC 23 170.84 40.52 48.37
CA LEU ZC 24 173.66 42.28 50.24
CA PHE ZC 25 174.28 46.04 50.36
CA LYS ZC 26 174.74 48.90 52.82
CA THR ZC 27 172.62 52.01 53.48
CA GLU ZC 28 171.90 54.35 56.38
CA ASP ZC 29 169.01 52.14 57.55
CA GLY ZC 30 171.61 49.61 58.70
CA VAL ZC 31 173.30 46.42 57.56
CA ASN ZC 32 170.52 45.39 55.18
CA MET ZC 33 171.13 41.69 54.77
CA CYS ZC 34 168.45 40.30 52.45
CA THR ZC 35 167.74 37.32 50.21
CA LEU ZC 36 165.86 36.57 47.00
CA MET ZC 37 164.92 32.92 46.64
CA ALA ZC 38 162.30 32.35 43.92
CA MET ZC 39 163.58 31.18 40.53
CA ASP ZC 40 161.03 33.08 38.43
CA LEU ZC 41 163.72 35.69 37.68
CA GLY ZC 42 164.38 36.51 34.05
CA GLU ZC 43 166.75 38.93 32.37
CA LEU ZC 44 166.28 42.69 32.48
CA CYS ZC 45 163.43 43.65 30.17
CA GLU ZC 46 160.21 45.68 30.19
CA ASP ZC 47 158.17 42.99 32.00
CA THR ZC 48 158.78 44.41 35.45
CA ILE ZC 49 157.37 42.52 38.45
CA THR ZC 50 157.45 43.95 41.98
CA TYR ZC 51 157.35 42.81 45.62
CA LYS ZC 52 157.49 44.02 49.18
CA CYS ZC 53 160.13 42.16 51.16
CA PRO ZC 54 159.01 41.87 54.81
CA PHE ZC 55 161.10 42.55 57.90
CA LEU ZC 56 162.32 39.81 60.21
CA LYS ZC 57 161.53 39.87 63.91
CA GLN ZC 58 162.12 36.24 64.92
CA ASN ZC 59 160.47 33.91 62.38
CA GLU ZC 60 162.18 31.67 59.87
CA PRO ZC 61 161.89 32.93 56.27
CA GLU ZC 62 158.54 31.66 55.08
CA ASP ZC 63 155.52 32.55 52.90
CA ILE ZC 64 157.43 35.18 50.85
CA ASP ZC 65 159.85 34.78 47.96
CA CYS ZC 66 162.09 37.55 49.29
CA TRP ZC 67 163.23 38.03 52.88
CA CYS ZC 68 165.05 40.99 54.45
CA ASN ZC 69 165.95 41.33 58.13
CA SER ZC 70 166.81 45.02 58.63
CA THR ZC 71 164.06 47.09 56.98
CA SER ZC 72 161.09 46.33 54.74
CA THR ZC 73 161.92 47.12 51.12
CA TRP ZC 74 160.36 46.58 47.70
CA VAL ZC 75 162.22 44.36 45.24
CA THR ZC 76 161.36 44.31 41.54
CA TYR ZC 77 162.96 42.53 38.60
CA GLY ZC 78 162.35 41.04 35.17
CA THR ZC 79 160.55 37.81 34.32
CA CYS ZC 80 160.75 37.42 30.54
CA THR ZC 81 162.29 34.21 29.23
CA THR ZC 82 165.91 34.19 28.08
CA THR ZC 83 164.91 34.66 24.42
CA GLY ZC 84 163.52 38.14 25.14
CA GLU ZC 85 159.88 36.98 24.96
CA HIS ZC 86 157.20 37.79 27.52
CA ARG ZC 87 155.55 35.00 29.47
CA ARG ZC 88 152.54 33.38 27.87
CA GLU ZC 89 150.29 30.32 28.03
CA LYS ZC 90 148.84 28.28 25.19
CA ARG ZC 91 145.28 28.26 26.52
CA SER ZC 92 142.70 29.86 24.22
CA VAL ZC 93 139.09 31.12 24.31
CA ALA ZC 94 136.58 31.42 21.46
CA LEU ZC 95 133.23 29.98 20.37
CA VAL ZC 96 131.44 28.44 17.38
CA PRO ZC 97 130.75 30.96 14.55
CA HIS ZC 98 128.95 28.67 12.07
CA VAL ZC 99 125.20 29.20 12.53
CA GLY ZC 100 123.26 31.80 14.47
CA MET ZC 101 120.10 33.75 13.59
CA GLY ZC 102 117.16 34.42 15.92
CA LEU ZC 103 115.01 37.26 14.56
CA GLU ZC 104 115.77 39.75 11.77
CA THR ZC 105 114.48 41.62 8.73
CA ARG ZC 106 112.08 44.39 7.98
CA THR ZC 107 108.80 44.39 9.91
CA GLU ZC 108 105.74 43.57 7.76
CA THR ZC 109 106.46 42.22 4.27
CA TRP ZC 110 108.83 39.77 5.91
CA MET ZC 111 106.14 39.03 8.49
CA SER ZC 112 103.50 38.30 5.85
CA SER ZC 113 105.77 36.40 3.45
CA GLU ZC 114 107.60 34.30 6.04
CA GLY ZC 115 104.34 33.64 7.88
CA ALA ZC 116 102.79 32.31 4.68
CA TRP ZC 117 105.86 30.24 3.83
CA LYS ZC 118 106.54 28.90 7.33
CA HIS ZC 119 102.90 27.91 7.79
CA ALA ZC 120 102.92 26.38 4.31
CA GLN ZC 121 106.04 24.31 4.94
CA ARG ZC 122 104.97 23.33 8.48
CA ILE ZC 123 101.52 22.16 7.39
CA GLU ZC 124 102.96 20.54 4.26
CA THR ZC 125 105.50 18.60 6.31
CA TRP ZC 126 102.69 17.51 8.65
CA ILE ZC 127 100.71 16.36 5.59
CA LEU ZC 128 103.58 14.47 3.89
CA ARG ZC 129 105.68 13.45 6.91
CA HIS ZC 130 102.50 11.75 8.23
CA PRO ZC 131 100.06 11.36 5.31
CA GLY ZC 132 97.62 8.60 6.26
CA PHE ZC 133 96.36 10.42 9.34
CA THR ZC 134 95.38 13.29 7.06
CA ILE ZC 135 93.21 11.30 4.66
CA MET ZC 136 91.62 9.23 7.43
CA ALA ZC 137 90.78 12.42 9.34
CA ALA ZC 138 89.38 14.03 6.18
CA ILE ZC 139 87.05 11.11 5.42
CA LEU ZC 140 86.07 10.82 9.09
CA ALA ZC 141 85.12 14.50 9.17
CA TYR ZC 142 83.23 14.31 5.88
CA THR ZC 143 81.26 11.34 7.25
CA ILE ZC 144 80.66 12.61 10.80
CA GLY ZC 145 80.51 16.40 10.84
CA THR ZC 146 76.98 17.72 10.38
CA THR ZC 147 77.91 21.06 8.78
CA HIS ZC 148 80.83 22.06 6.58
CA PHE ZC 149 82.02 24.34 9.40
CA GLN ZC 150 81.86 21.42 11.83
CA ARG ZC 151 83.64 19.13 9.36
CA ALA ZC 152 86.31 21.80 8.89
CA LEU ZC 153 86.84 21.92 12.64
CA ILE ZC 154 87.03 18.12 12.80
CA PHE ZC 155 89.68 17.41 10.20
CA ILE ZC 156 91.71 20.61 10.69
CA LEU ZC 157 91.97 19.80 14.41
CA LEU ZC 158 92.79 16.14 13.73
CA THR ZC 159 95.50 17.12 11.24
CA ALA ZC 160 96.86 19.59 13.80
CA VAL ZC 161 97.03 17.10 16.68
CA ALA ZC 162 97.91 13.76 15.06
CA PRO ZC 163 101.38 14.58 13.62
CA SER ZC 164 102.34 16.21 16.92
CA MET ZC 165 100.90 13.17 18.71
CA THR ZC 166 102.75 10.84 16.32
CA MET AD 1 -127.56 19.94 -15.02
CA ARG AD 2 -128.16 23.68 -15.03
CA CYS AD 3 -124.84 25.19 -16.04
CA ILE AD 4 -124.40 25.20 -19.81
CA GLY AD 5 -122.82 28.17 -21.57
CA ILE AD 6 -121.24 29.64 -18.43
CA SER AD 7 -117.60 30.11 -19.36
CA ASN AD 8 -116.14 29.56 -15.87
CA ARG AD 9 -117.11 25.97 -15.07
CA ASP AD 10 -114.81 24.73 -12.30
CA PHE AD 11 -114.32 21.06 -11.51
CA VAL AD 12 -113.65 18.92 -8.43
CA GLU AD 13 -112.39 15.57 -9.78
CA GLY AD 14 -112.57 13.40 -6.68
CA VAL AD 15 -113.44 13.12 -3.00
CA SER AD 16 -111.79 11.77 0.16
CA GLY AD 17 -113.06 10.12 3.33
CA GLY AD 18 -113.45 13.39 5.22
CA SER AD 19 -115.37 14.85 2.25
CA TRP AD 20 -114.94 18.35 3.70
CA VAL AD 21 -114.60 19.95 0.29
CA ASP AD 22 -114.26 23.74 0.44
CA ILE AD 23 -115.72 24.93 -2.84
CA VAL AD 24 -114.75 28.24 -4.38
CA LEU AD 25 -117.58 30.22 -5.93
CA GLU AD 26 -117.74 33.47 -7.88
CA HIS AD 27 -120.19 35.53 -9.92
CA GLY AD 28 -120.94 34.08 -13.33
CA SER AD 29 -119.09 30.83 -12.64
CA CYS AD 30 -120.51 27.39 -11.87
CA VAL AD 31 -118.92 24.51 -9.98
CA THR AD 32 -119.20 20.74 -10.41
CA THR AD 33 -118.60 18.37 -7.52
CA MET AD 34 -117.72 14.73 -8.15
CA ALA AD 35 -117.71 11.91 -5.61
CA LYS AD 36 -116.96 8.22 -5.98
CA ASN AD 37 -120.32 6.42 -6.20
CA LYS AD 38 -122.13 9.40 -4.67
CA PRO AD 39 -124.53 11.87 -6.33
CA THR AD 40 -122.75 14.49 -8.41
CA LEU AD 41 -123.67 18.09 -7.64
CA ASP AD 42 -123.73 21.44 -9.41
CA PHE AD 43 -123.29 24.57 -7.28
CA GLU AD 44 -124.00 28.15 -8.24
CA LEU AD 45 -124.86 31.52 -6.73
CA ILE AD 46 -127.90 32.83 -8.58
CA LYS AD 47 -128.34 36.19 -6.86
CA THR AD 48 -126.35 38.35 -4.44
CA GLU AD 49 -128.40 40.84 -2.42
CA ALA AD 50 -127.86 42.97 0.67
CA LYS AD 51 -131.35 43.24 2.12
CA GLN AD 52 -132.30 46.24 4.25
CA PRO AD 53 -129.36 48.49 3.29
CA ALA AD 54 -128.53 51.51 5.41
CA THR AD 55 -128.84 55.11 4.19
CA LEU AD 56 -125.74 57.31 4.27
CA ARG AD 57 -126.55 60.66 2.66
CA LYS AD 58 -129.12 61.95 0.19
CA TYR AD 59 -128.26 64.26 -2.71
CA CYS AD 60 -130.60 66.75 -4.38
CA ILE AD 61 -131.29 66.68 -8.11
CA GLU AD 62 -134.16 69.06 -9.05
CA ALA AD 63 -134.76 72.31 -7.21
CA LYS AD 64 -138.08 74.04 -6.78
CA LEU AD 65 -137.82 77.43 -5.11
CA THR AD 66 -140.06 80.22 -3.85
CA ASN AD 67 -140.33 83.23 -1.55
CA THR AD 68 -137.23 84.78 -3.13
CA THR AD 69 -136.63 88.32 -1.85
CA THR AD 70 -134.08 91.10 -2.23
CA ASP AD 71 -133.72 93.55 0.65
CA SER AD 72 -131.18 96.33 0.79
CA ARG AD 73 -130.20 99.53 2.59
CA CYS AD 74 -128.44 102.69 1.51
CA PRO AD 75 -124.65 102.72 1.95
CA THR AD 76 -123.62 103.58 5.53
CA GLN AD 77 -126.70 101.82 6.99
CA GLY AD 78 -125.35 98.28 7.37
CA GLU AD 79 -126.65 95.40 5.29
CA PRO AD 80 -130.19 94.68 6.54
CA SER AD 81 -131.10 91.70 8.68
CA LEU AD 82 -134.11 89.61 7.70
CA ASN AD 83 -136.44 87.19 9.40
CA GLU AD 84 -136.00 85.21 6.18
CA GLU AD 85 -132.27 84.60 6.57
CA GLN AD 86 -132.18 83.37 10.17
CA ASP AD 87 -133.77 79.99 9.31
CA LYS AD 88 -131.85 77.11 7.73
CA ARG AD 89 -134.93 76.30 5.62
CA PHE AD 90 -133.80 79.01 3.17
CA VAL AD 91 -130.62 79.61 1.17
CA CYS AD 92 -129.01 83.02 1.17
CA LYS AD 93 -126.21 85.42 0.43
CA HIS AD 94 -125.06 88.97 1.06
CA SER AD 95 -123.47 91.03 -1.70
CA MET AD 96 -122.13 94.51 -2.45
CA VAL AD 97 -123.43 96.76 -5.24
CA ASP AD 98 -122.88 100.37 -6.28
CA ARG AD 99 -126.15 102.13 -5.56
CA GLY AD 100 -126.07 105.43 -7.44
CA TRP AD 101 -127.48 108.82 -6.57
CA GLY AD 102 -130.59 108.33 -8.70
CA ASN AD 103 -131.18 104.91 -7.19
CA GLY AD 104 -133.62 105.62 -4.39
CA CYS AD 105 -131.14 106.72 -1.73
CA GLY AD 106 -129.38 109.68 -3.25
CA LEU AD 107 -125.92 109.03 -1.90
CA PHE AD 108 -123.86 107.13 -4.45
CA GLY AD 109 -121.66 104.41 -3.03
CA LYS AD 110 -121.23 100.68 -2.61
CA GLY AD 111 -123.64 99.11 -0.13
CA GLY AD 112 -125.02 95.77 0.97
CA ILE AD 113 -127.90 93.72 -0.42
CA VAL AD 114 -129.29 90.55 1.14
CA THR AD 115 -130.87 88.18 -1.36
CA CYS AD 116 -132.63 84.87 -0.68
CA ALA AD 117 -135.31 82.29 -1.10
CA MET AD 118 -136.80 79.02 0.03
CA PHE AD 119 -135.19 75.82 -1.25
CA THR AD 120 -137.13 72.55 -1.30
CA CYS AD 121 -136.30 70.16 -4.12
CA LYS AD 122 -138.26 67.43 -5.80
CA LYS AD 123 -136.09 64.55 -7.06
CA ASN AD 124 -133.26 63.30 -4.87
CA MET AD 125 -130.66 60.56 -4.88
CA LYS AD 126 -130.65 57.62 -2.51
CA GLY AD 127 -127.15 57.03 -1.16
CA LYS AD 128 -126.67 53.78 0.70
CA VAL AD 129 -123.96 51.74 2.41
CA VAL AD 130 -123.64 47.95 2.62
CA GLN AD 131 -122.02 46.23 5.61
CA PRO AD 132 -120.60 42.68 5.77
CA GLU AD 133 -123.50 41.70 8.04
CA ASN AD 134 -126.21 42.46 5.50
CA LEU AD 135 -124.61 40.39 2.71
CA GLU AD 136 -127.22 37.80 1.78
CA TYR AD 137 -126.23 35.18 -0.80
CA THR AD 138 -128.64 32.94 -2.70
CA ILE AD 139 -127.14 29.54 -3.48
CA VAL AD 140 -128.56 27.08 -6.01
CA ILE AD 141 -127.84 23.36 -5.62
CA THR AD 142 -128.70 20.91 -8.39
CA PRO AD 143 -128.33 17.16 -9.02
CA HIS AD 144 -127.18 15.67 -12.33
CA SER AD 145 -130.45 13.84 -12.90
CA GLY AD 146 -130.41 14.96 -16.53
CA GLU AD 147 -133.90 16.48 -16.58
CA GLU AD 148 -134.72 18.01 -19.94
CA HIS AD 149 -135.20 21.68 -18.97
CA ALA AD 150 -131.66 21.89 -17.60
CA VAL AD 151 -129.56 23.26 -20.48
CA GLY AD 152 -129.77 27.03 -20.28
CA ASN AD 153 -132.18 26.99 -17.32
CA ASP AD 154 -131.45 28.59 -13.95
CA THR AD 155 -134.52 29.00 -11.72
CA GLY AD 156 -136.36 25.88 -12.92
CA LYS AD 157 -137.98 23.86 -10.13
CA HIS AD 158 -135.53 20.97 -10.20
CA GLY AD 159 -133.05 21.75 -7.43
CA LYS AD 160 -132.89 23.69 -4.18
CA GLU AD 161 -132.37 27.36 -3.33
CA ILE AD 162 -130.93 28.36 0.05
CA LYS AD 163 -130.73 31.80 1.66
CA ILE AD 164 -127.21 31.82 3.08
CA THR AD 165 -125.72 34.59 5.21
CA PRO AD 166 -122.65 34.88 7.46
CA GLN AD 167 -125.05 35.42 10.36
CA SER AD 168 -126.11 31.80 9.74
CA SER AD 169 -123.67 28.89 10.00
CA ILE AD 170 -125.45 25.51 9.67
CA THR AD 171 -128.69 24.61 7.91
CA GLU AD 172 -129.73 21.36 6.26
CA ALA AD 173 -131.15 21.44 2.73
CA GLU AD 174 -133.06 18.72 0.92
CA LEU AD 175 -132.32 17.58 -2.63
CA THR AD 176 -135.41 15.69 -3.74
CA GLY AD 177 -134.60 12.13 -4.70
CA TYR AD 178 -130.99 12.44 -3.52
CA GLY AD 179 -131.27 13.15 0.21
CA THR AD 180 -129.68 15.85 2.36
CA VAL AD 181 -126.81 18.31 2.08
CA THR AD 182 -125.68 20.49 4.96
CA MET AD 183 -125.09 24.20 4.38
CA GLU AD 184 -122.32 24.56 6.96
CA CYS AD 185 -121.00 27.32 4.73
CA SER AD 186 -118.67 30.21 5.52
CA PRO AD 187 -119.11 33.43 3.51
CA ARG AD 188 -115.85 34.94 4.70
CA THR AD 189 -114.18 36.61 1.75
CA GLY AD 190 -115.82 39.97 1.20
CA LEU AD 191 -113.48 41.89 -1.11
CA ASP AD 192 -113.78 45.37 0.41
CA PHE AD 193 -116.61 47.57 1.64
CA ASN AD 194 -115.24 50.75 3.24
CA GLU AD 195 -114.87 52.55 -0.11
CA MET AD 196 -117.93 51.34 -2.03
CA VAL AD 197 -121.36 52.98 -1.99
CA LEU AD 198 -124.68 52.24 -3.65
CA LEU AD 199 -126.76 54.90 -5.42
CA GLN AD 200 -130.42 54.66 -6.45
CA MET AD 201 -132.51 56.86 -8.77
CA GLU AD 202 -136.23 55.99 -8.96
CA ASN AD 203 -135.78 52.83 -11.08
CA LYS AD 204 -132.03 52.40 -11.57
CA ALA AD 205 -128.87 52.09 -9.47
CA TRP AD 206 -125.10 52.41 -9.55
CA LEU AD 207 -122.01 51.53 -7.51
CA VAL AD 208 -119.33 54.15 -6.87
CA HIS AD 209 -116.37 54.79 -4.59
CA ARG AD 210 -117.07 56.58 -1.32
CA GLN AD 211 -114.73 59.49 -2.09
CA TRP AD 212 -116.92 60.28 -5.08
CA PHE AD 213 -119.85 60.96 -2.76
CA LEU AD 214 -117.62 62.73 -0.26
CA ASP AD 215 -116.39 65.18 -2.92
CA LEU AD 216 -119.30 65.66 -5.32
CA PRO AD 217 -120.51 69.30 -4.96
CA LEU AD 218 -124.28 69.00 -4.70
CA PRO AD 219 -126.75 69.53 -1.85
CA TRP AD 220 -126.57 67.19 1.16
CA LEU AD 221 -128.85 65.50 3.64
CA PRO AD 222 -127.33 63.37 6.43
CA GLY AD 223 -129.05 60.03 6.79
CA ALA AD 224 -130.59 60.92 10.15
CA ASP AD 225 -132.71 63.84 8.99
CA THR AD 226 -136.27 63.30 7.76
CA GLN AD 227 -137.83 66.75 7.30
CA GLY AD 228 -135.73 67.57 4.24
CA SER AD 229 -135.26 71.13 5.51
CA ASN AD 230 -131.64 71.29 6.71
CA TRP AD 231 -129.10 71.12 3.89
CA ILE AD 232 -125.32 71.47 3.58
CA GLN AD 233 -123.49 72.98 0.61
CA LYS AD 234 -126.96 74.08 -0.46
CA GLU AD 235 -125.56 77.13 -2.27
CA THR AD 236 -123.98 75.17 -5.14
CA LEU AD 237 -127.23 74.63 -7.06
CA VAL AD 238 -128.33 78.25 -6.84
CA THR AD 239 -126.23 80.38 -9.17
CA PHE AD 240 -126.83 84.12 -8.97
CA LYS AD 241 -127.02 86.42 -11.95
CA ASN AD 242 -124.63 89.32 -11.54
CA PRO AD 243 -126.08 91.80 -9.01
CA HIS AD 244 -128.21 94.49 -10.62
CA ALA AD 245 -128.56 97.44 -8.23
CA LYS AD 246 -131.52 96.16 -6.21
CA LYS AD 247 -132.56 93.33 -8.50
CA GLN AD 248 -130.80 90.10 -7.65
CA ASP AD 249 -132.68 87.21 -9.21
CA VAL AD 250 -131.71 83.71 -8.15
CA VAL AD 251 -131.64 80.74 -10.51
CA VAL AD 252 -130.63 77.12 -9.98
CA LEU AD 253 -129.33 74.27 -12.12
CA GLY AD 254 -132.05 72.33 -13.88
CA SER AD 255 -132.36 68.67 -14.78
CA GLN AD 256 -129.20 67.00 -13.51
CA GLU AD 257 -130.36 63.48 -14.38
CA GLY AD 258 -128.84 63.82 -17.85
CA ALA AD 259 -125.62 65.20 -16.39
CA MET AD 260 -125.50 62.32 -13.94
CA HIS AD 261 -126.11 59.73 -16.66
CA THR AD 262 -123.48 61.13 -19.03
CA ALA AD 263 -120.85 61.74 -16.32
CA LEU AD 264 -121.35 58.68 -14.10
CA THR AD 265 -121.05 56.40 -17.15
CA GLY AD 266 -118.08 54.07 -16.88
CA ALA AD 267 -118.84 53.21 -13.25
CA THR AD 268 -120.32 49.87 -12.25
CA GLU AD 269 -123.95 49.83 -13.38
CA ILE AD 270 -126.13 47.52 -11.28
CA GLN AD 271 -129.50 46.31 -12.57
CA MET AD 272 -131.51 46.98 -9.42
CA SER AD 273 -134.73 46.20 -11.31
CA SER AD 274 -133.97 42.52 -10.75
CA GLY AD 275 -132.51 43.41 -7.36
CA ASN AD 276 -128.96 44.49 -6.57
CA LEU AD 277 -126.58 42.04 -8.25
CA LEU AD 278 -123.43 42.78 -6.22
CA PHE AD 279 -120.54 41.47 -8.34
CA THR AD 280 -117.99 41.52 -5.53
CA GLY AD 281 -116.14 39.05 -3.37
CA HIS AD 282 -115.77 35.26 -3.56
CA LEU AD 283 -117.56 32.56 -1.58
CA LYS AD 284 -115.49 30.02 0.35
CA CYS AD 285 -118.06 27.37 1.19
CA ARG AD 286 -117.32 24.17 3.12
CA LEU AD 287 -119.55 21.21 2.20
CA ARG AD 288 -119.61 17.67 3.61
CA MET AD 289 -121.27 15.16 1.28
CA ASP AD 290 -121.24 12.30 3.81
CA LYS AD 291 -125.04 12.09 4.19
CA LEU AD 292 -126.13 12.56 0.55
CA GLN AD 293 -127.80 9.43 -0.79
CA LEU AD 294 -128.00 8.29 -4.43
CA LYS AD 295 -131.24 6.79 -5.76
CA GLY AD 296 -130.61 4.28 -8.52
CA MET AD 297 -127.20 2.66 -8.19
CA SER AD 298 -129.13 -0.49 -7.22
CA TYR AD 299 -131.40 -0.39 -10.28
CA SER AD 300 -131.24 -3.12 -12.90
CA MET AD 301 -129.47 -2.82 -16.23
CA CYS AD 302 -131.20 -1.24 -19.23
CA THR AD 303 -131.95 -3.80 -21.95
CA GLY AD 304 -134.42 -2.14 -24.34
CA LYS AD 305 -134.37 0.08 -27.40
CA PHE AD 306 -132.06 3.08 -27.43
CA LYS AD 307 -132.33 6.21 -29.56
CA VAL AD 308 -130.80 9.69 -29.76
CA VAL AD 309 -132.90 12.83 -30.27
CA LYS AD 310 -130.33 15.63 -30.53
CA GLU AD 311 -126.57 15.41 -30.99
CA ILE AD 312 -123.95 17.22 -28.89
CA ALA AD 313 -124.46 20.90 -28.22
CA GLU AD 314 -120.73 21.59 -28.04
CA THR AD 315 -119.76 23.37 -24.82
CA GLN AD 316 -116.92 25.72 -23.97
CA HIS AD 317 -115.13 22.71 -22.41
CA GLY AD 318 -116.06 20.34 -25.24
CA THR AD 319 -118.19 18.32 -22.85
CA ILE AD 320 -120.68 15.91 -24.42
CA VAL AD 321 -124.25 16.73 -23.39
CA ILE AD 322 -126.35 13.97 -24.91
CA ARG AD 323 -130.12 14.57 -24.78
CA VAL AD 324 -131.25 11.02 -25.39
CA GLN AD 325 -134.59 9.18 -25.23
CA TYR AD 326 -134.95 5.48 -24.36
CA GLU AD 327 -138.16 4.00 -25.73
CA GLY AD 328 -137.17 0.67 -24.21
CA ASP AD 329 -139.07 -0.67 -21.22
CA GLY AD 330 -137.72 -1.74 -17.83
CA SER AD 331 -137.12 1.74 -16.42
CA PRO AD 332 -135.73 2.57 -13.91
CA CYS AD 333 -132.47 0.99 -15.07
CA LYS AD 334 -128.76 1.74 -15.35
CA ILE AD 335 -127.53 2.95 -18.73
CA PRO AD 336 -124.62 1.47 -20.73
CA PHE AD 337 -122.17 4.35 -21.00
CA GLU AD 338 -118.72 3.73 -22.48
CA ILE AD 339 -116.21 6.11 -24.08
CA MET AD 340 -113.73 4.08 -26.11
CA ASP AD 341 -110.86 4.54 -28.53
CA LEU AD 342 -110.74 4.23 -32.32
CA GLU AD 343 -109.80 0.55 -32.30
CA LYS AD 344 -112.07 -0.01 -29.26
CA ARG AD 345 -109.42 -1.63 -27.04
CA HIS AD 346 -109.77 0.09 -23.65
CA VAL AD 347 -111.93 2.79 -22.07
CA LEU AD 348 -110.37 6.10 -21.04
CA GLY AD 349 -113.31 8.50 -20.63
CA ARG AD 350 -114.81 10.19 -17.58
CA LEU AD 351 -118.58 10.29 -17.31
CA ILE AD 352 -119.95 13.09 -15.14
CA THR AD 353 -123.44 12.06 -14.06
CA VAL AD 354 -122.67 8.89 -12.12
CA ASN AD 355 -125.35 6.24 -12.48
CA PRO AD 356 -127.07 7.66 -15.56
CA ILE AD 357 -130.64 6.53 -15.02
CA VAL AD 358 -133.93 6.96 -16.85
CA THR AD 359 -136.66 7.56 -14.30
CA GLU AD 360 -139.58 6.92 -16.65
CA LYS AD 361 -140.37 5.78 -20.17
CA ASP AD 362 -141.07 8.22 -23.01
CA SER AD 363 -138.87 10.84 -21.35
CA PRO AD 364 -135.60 12.41 -22.52
CA VAL AD 365 -132.57 12.43 -20.24
CA ASN AD 366 -129.60 14.79 -20.49
CA ILE AD 367 -126.43 12.84 -19.71
CA GLU AD 368 -123.33 14.92 -19.01
CA ALA AD 369 -119.90 13.51 -19.78
CA GLU AD 370 -116.33 14.48 -20.63
CA PRO AD 371 -114.60 12.30 -23.27
CA PRO AD 372 -110.85 12.00 -23.84
CA PHE AD 373 -108.96 14.23 -26.27
CA GLY AD 374 -108.85 13.62 -29.98
CA ASP AD 375 -111.22 11.28 -31.78
CA SER AD 376 -113.21 8.62 -29.95
CA TYR AD 377 -116.42 6.58 -29.94
CA ILE AD 378 -119.38 6.94 -27.58
CA ILE AD 379 -121.09 3.62 -26.87
CA ILE AD 380 -124.68 3.76 -25.62
CA GLY AD 381 -126.84 0.68 -25.18
CA VAL AD 382 -126.04 -2.97 -25.76
CA GLU AD 383 -126.23 -5.18 -28.83
CA PRO AD 384 -128.70 -5.71 -30.51
CA GLY AD 385 -129.49 -2.04 -31.11
CA GLN AD 386 -126.04 -1.05 -29.86
CA LEU AD 387 -125.59 2.68 -30.52
CA LYS AD 388 -122.24 4.21 -31.53
CA LEU AD 389 -121.51 7.93 -31.97
CA ASN AD 390 -118.18 9.08 -33.35
CA TRP AD 391 -116.93 12.36 -31.87
CA PHE AD 392 -113.75 14.44 -31.76
CA LYS AD 393 -112.63 16.93 -29.11
CA LYS AD 394 -110.03 19.46 -30.24
CA GLY AD 395 -108.21 19.99 -26.94
CA SER AD 396 -104.64 18.85 -26.36
CA SER AD 397 -103.78 16.45 -23.56
CA ILE AD 398 -100.94 18.34 -21.88
CA GLY AD 399 -102.78 21.57 -22.63
CA GLN AD 400 -106.01 20.77 -20.79
CA MET AD 401 -103.80 19.20 -18.13
CA ILE AD 402 -101.99 22.48 -17.52
CA GLU AD 403 -105.11 24.67 -17.61
CA THR AD 404 -107.04 22.36 -15.26
CA THR AD 405 -104.12 22.26 -12.82
CA MET AD 406 -104.05 26.05 -13.10
CA ARG AD 407 -107.77 26.29 -12.29
CA GLY AD 408 -107.07 24.17 -9.22
CA ALA AD 409 -104.11 26.38 -8.35
CA LYS AD 410 -106.29 29.50 -8.55
CA ARG AD 411 -109.00 27.83 -6.48
CA MET AD 412 -106.43 27.08 -3.77
CA ALA AD 413 -105.03 30.61 -4.19
CA ILE AD 414 -108.32 32.19 -3.17
CA LEU AD 415 -108.90 29.20 -0.89
CA GLY AD 416 -105.48 29.99 0.56
CA ASP AD 417 -104.44 31.93 3.63
CA THR AD 418 -106.58 31.06 6.70
CA ALA AD 419 -108.72 28.72 4.54
CA TRP AD 420 -107.13 25.26 4.31
CA ASP AD 421 -107.35 23.36 7.59
CA PHE AD 422 -103.95 23.96 9.18
CA GLY AD 423 -105.13 24.28 12.79
CA SER AD 424 -106.63 20.80 13.07
CA LEU AD 425 -103.82 18.59 14.34
CA GLY AD 426 -103.93 15.14 12.80
CA GLY AD 427 -106.19 16.61 10.13
CA VAL AD 428 -103.23 18.71 8.97
CA PHE AD 429 -102.03 15.62 7.13
CA THR AD 430 -105.44 15.30 5.45
CA SER AD 431 -105.47 19.01 4.61
CA ILE AD 432 -102.10 18.82 2.88
CA GLY AD 433 -103.32 15.67 1.17
CA LYS AD 434 -106.40 17.43 -0.17
CA ALA AD 435 -104.26 20.39 -1.26
CA LEU AD 436 -101.90 18.12 -3.19
CA HIS AD 437 -105.02 16.56 -4.68
CA GLN AD 438 -106.67 19.82 -5.73
CA VAL AD 439 -103.41 20.87 -7.42
CA PHE AD 440 -101.61 17.75 -8.74
CA GLY AD 441 -104.37 15.11 -8.76
CA ALA AD 442 -105.30 15.87 -12.33
CA ILE AD 443 -101.71 14.92 -13.18
CA TYR AD 444 -102.02 11.89 -10.91
CA GLY AD 445 -105.27 10.45 -12.26
CA ALA AD 446 -105.24 11.48 -15.93
CA ALA AD 447 -101.56 11.20 -16.86
CA PHE AD 448 -100.11 8.62 -14.44
CA SER AD 449 -101.99 5.53 -15.64
CA GLY AD 450 -105.54 6.37 -14.49
CA VAL AD 451 -104.84 4.47 -12.22
CA SER AD 452 -104.78 0.96 -10.75
CA TRP AD 453 -103.38 2.29 -7.51
CA ILE AD 454 -101.44 -0.68 -6.09
CA MET AD 455 -99.01 -1.07 -8.96
CA LYS AD 456 -98.48 2.67 -9.31
CA ILE AD 457 -97.67 3.10 -5.63
CA LEU AD 458 -95.18 0.26 -6.09
CA ILE AD 459 -93.66 2.21 -8.99
CA GLY AD 460 -93.75 5.35 -6.86
CA VAL AD 461 -91.76 3.81 -4.02
CA ILE AD 462 -89.31 2.52 -6.64
CA ILE AD 463 -88.95 6.07 -7.96
CA THR AD 464 -88.48 7.36 -4.41
CA TRP AD 465 -85.70 4.86 -3.73
CA ILE AD 466 -83.95 5.73 -7.00
CA GLY AD 467 -84.24 9.45 -6.25
CA MET AD 468 -82.83 9.00 -2.75
CA ASN AD 469 -80.05 6.77 -4.09
CA SER AD 470 -79.20 9.12 -6.98
CA ARG AD 471 -75.96 10.62 -8.27
CA SER AD 472 -77.07 14.25 -7.84
CA THR AD 473 -78.80 16.00 -4.94
CA SER AD 474 -80.87 18.30 -7.18
CA LEU AD 475 -82.36 15.28 -8.96
CA SER AD 476 -82.94 13.62 -5.59
CA VAL AD 477 -84.90 16.62 -4.30
CA SER AD 478 -86.82 16.82 -7.59
CA LEU AD 479 -87.75 13.11 -7.73
CA VAL AD 480 -88.34 12.02 -4.13
CA LEU AD 481 -90.81 14.88 -3.75
CA VAL AD 482 -92.78 13.57 -6.72
CA GLY AD 483 -92.58 10.05 -5.31
CA VAL AD 484 -93.87 10.95 -1.85
CA VAL AD 485 -96.62 13.06 -3.41
CA THR AD 486 -97.55 10.05 -5.55
CA LEU AD 487 -97.67 7.68 -2.57
CA TYR AD 488 -99.62 9.89 -0.18
CA LEU AD 489 -101.95 11.31 -2.82
CA GLY AD 490 -102.67 7.75 -3.97
CA VAL AD 491 -103.58 6.78 -0.44
CA MET AD 492 -105.90 9.79 -0.40
CA VAL AD 493 -107.40 8.93 -3.80
CA GLN AD 494 -108.17 5.38 -2.66
CA ALA AD 495 -110.35 7.11 -0.06
CA MET BD 1 -62.40 115.61 -9.96
CA ARG BD 2 -66.07 114.70 -9.67
CA CYS BD 3 -65.55 111.20 -8.25
CA ILE BD 4 -65.43 112.21 -4.57
CA GLY BD 5 -68.17 110.25 -2.87
CA ILE BD 6 -68.44 107.87 -5.85
CA SER BD 7 -68.01 104.37 -4.43
CA ASN BD 8 -66.92 102.45 -7.54
CA ARG BD 9 -63.61 103.89 -8.72
CA ASP BD 10 -60.61 102.51 -10.62
CA PHE BD 11 -57.24 104.23 -10.94
CA VAL BD 12 -56.22 102.83 -14.32
CA GLU BD 13 -52.68 104.04 -15.10
CA GLY BD 14 -51.31 103.18 -18.52
CA VAL BD 15 -51.66 103.27 -22.28
CA SER BD 16 -52.58 100.29 -24.45
CA GLY BD 17 -50.80 99.11 -27.59
CA GLY BD 18 -52.29 101.76 -29.85
CA SER BD 19 -51.95 104.36 -27.08
CA TRP BD 20 -55.69 104.15 -26.37
CA VAL BD 21 -57.24 103.75 -22.95
CA ASP BD 22 -59.69 100.87 -22.49
CA ILE BD 23 -62.40 102.55 -20.41
CA VAL BD 24 -64.71 100.36 -18.39
CA LEU BD 25 -67.73 102.61 -17.91
CA GLU BD 26 -70.74 101.80 -15.71
CA HIS BD 27 -73.54 103.99 -14.40
CA GLY BD 28 -72.59 105.33 -10.99
CA SER BD 29 -68.88 104.55 -11.40
CA CYS BD 30 -65.63 106.41 -11.98
CA VAL BD 31 -62.58 106.14 -14.22
CA THR BD 32 -59.30 108.02 -13.84
CA THR BD 33 -56.56 107.75 -16.46
CA MET BD 34 -52.89 108.35 -15.73
CA ALA BD 35 -49.53 108.12 -17.46
CA LYS BD 36 -46.12 109.77 -17.24
CA ASN BD 37 -45.57 112.69 -19.59
CA LYS BD 38 -49.37 112.62 -19.90
CA PRO BD 39 -51.81 114.78 -17.87
CA THR BD 40 -54.27 112.84 -15.75
CA LEU BD 41 -57.92 112.78 -16.83
CA ASP BD 42 -61.26 111.79 -15.28
CA PHE BD 43 -63.70 109.78 -17.40
CA GLU BD 44 -67.37 109.59 -16.44
CA LEU BD 45 -70.86 108.98 -17.82
CA ILE BD 46 -73.77 111.20 -16.79
CA LYS BD 47 -76.73 110.45 -19.06
CA THR BD 48 -78.09 107.59 -21.14
CA GLU BD 49 -80.87 107.96 -23.69
CA ALA BD 50 -82.52 106.08 -26.55
CA LYS BD 51 -83.76 108.04 -29.56
CA GLN BD 52 -85.81 106.98 -32.58
CA PRO BD 53 -87.31 103.95 -30.82
CA ALA BD 54 -89.26 101.30 -32.71
CA THR BD 55 -92.90 100.61 -31.83
CA LEU BD 56 -93.03 96.86 -31.23
CA ARG BD 57 -96.77 96.84 -30.58
CA LYS BD 58 -99.32 99.52 -29.74
CA TYR BD 59 -101.81 98.86 -26.93
CA CYS BD 60 -104.97 100.97 -26.73
CA ILE BD 61 -106.30 100.82 -23.20
CA GLU BD 62 -109.62 102.67 -23.05
CA ALA BD 63 -112.23 101.42 -25.50
CA LYS BD 64 -115.32 103.29 -26.67
CA LEU BD 65 -118.07 101.30 -28.36
CA THR BD 66 -120.45 102.49 -31.09
CA ASN BD 67 -122.98 101.44 -33.73
CA THR BD 68 -123.68 98.17 -31.98
CA THR BD 69 -125.99 95.82 -33.86
CA THR BD 70 -127.81 92.72 -32.70
CA ASP BD 71 -130.13 90.35 -34.51
CA SER BD 72 -131.53 86.85 -34.11
CA ARG BD 73 -133.32 84.18 -36.08
CA CYS BD 74 -135.59 81.46 -34.76
CA PRO BD 75 -134.49 77.80 -34.79
CA THR BD 76 -134.45 76.25 -38.30
CA GLN BD 77 -135.17 79.68 -39.87
CA GLY BD 78 -131.47 80.31 -40.50
CA GLU BD 79 -128.30 81.85 -39.12
CA PRO BD 80 -128.20 85.62 -39.82
CA SER BD 81 -125.18 87.11 -41.56
CA LEU BD 82 -124.56 90.85 -41.75
CA ASN BD 83 -122.23 92.94 -43.88
CA GLU BD 84 -121.15 94.57 -40.61
CA GLU BD 85 -119.50 91.25 -39.74
CA GLN BD 86 -117.34 91.19 -42.87
CA ASP BD 87 -115.70 94.52 -42.05
CA LYS BD 88 -113.08 93.64 -39.44
CA ARG BD 89 -113.39 96.98 -37.64
CA PHE BD 90 -116.16 95.50 -35.47
CA VAL BD 91 -115.90 92.91 -32.71
CA CYS BD 92 -118.53 90.24 -33.32
CA LYS BD 93 -119.98 87.20 -31.56
CA HIS BD 94 -122.48 84.49 -32.40
CA SER BD 95 -124.74 82.91 -29.80
CA MET BD 96 -127.72 80.67 -29.06
CA VAL BD 97 -130.96 81.64 -27.28
CA ASP BD 98 -134.23 79.86 -26.59
CA ARG BD 99 -137.36 80.91 -28.48
CA GLY BD 100 -140.89 79.54 -28.24
CA TRP BD 101 -144.28 79.35 -29.89
CA GLY BD 102 -145.77 81.74 -27.35
CA ASN BD 103 -142.50 83.70 -27.16
CA GLY BD 104 -143.05 85.75 -30.29
CA CYS BD 105 -142.08 82.96 -32.69
CA GLY BD 106 -143.14 79.57 -34.02
CA LEU BD 107 -141.69 76.78 -31.89
CA PHE BD 108 -139.59 75.83 -28.87
CA GLY BD 109 -135.88 75.66 -29.58
CA LYS BD 110 -132.50 77.36 -29.70
CA GLY BD 111 -132.39 80.02 -32.39
CA GLY BD 112 -129.24 81.83 -33.41
CA ILE BD 113 -128.03 85.34 -32.61
CA VAL BD 114 -125.33 87.56 -34.08
CA THR BD 115 -124.33 90.70 -32.19
CA CYS BD 116 -121.44 92.98 -32.98
CA ALA BD 117 -120.23 96.53 -32.69
CA MET BD 118 -117.52 99.01 -33.58
CA PHE BD 119 -114.46 99.23 -31.31
CA THR BD 120 -112.93 102.71 -31.15
CA CYS BD 121 -110.33 103.42 -28.49
CA LYS BD 122 -109.08 106.81 -27.34
CA LYS BD 123 -106.33 106.46 -24.74
CA ASN BD 124 -103.44 104.20 -25.66
CA MET BD 125 -100.08 102.95 -24.41
CA LYS BD 126 -96.83 103.11 -26.28
CA GLY BD 127 -94.62 100.00 -26.08
CA LYS BD 128 -91.22 100.18 -27.74
CA VAL BD 129 -88.09 98.05 -27.99
CA VAL BD 130 -84.61 99.56 -27.94
CA GLN BD 131 -81.87 98.13 -30.14
CA PRO BD 132 -78.16 98.50 -29.35
CA GLU BD 133 -77.74 100.73 -32.41
CA ASN BD 134 -80.30 103.34 -31.37
CA LEU BD 135 -78.65 104.07 -28.01
CA GLU BD 136 -76.71 107.24 -27.26
CA TYR BD 137 -74.30 107.56 -24.32
CA THR BD 138 -73.29 110.81 -22.59
CA ILE BD 139 -69.63 110.66 -21.61
CA VAL BD 140 -67.98 113.55 -19.80
CA ILE BD 141 -64.25 114.27 -19.55
CA THR BD 142 -62.75 116.32 -16.72
CA PRO BD 143 -59.19 117.58 -16.15
CA HIS BD 144 -57.34 117.22 -12.85
CA SER BD 145 -56.21 120.83 -12.61
CA GLY BD 146 -57.47 121.56 -9.09
CA GLU BD 147 -59.66 124.49 -10.10
CA GLU BD 148 -62.28 125.51 -7.55
CA HIS BD 149 -65.24 124.48 -9.70
CA ALA BD 150 -63.19 121.42 -10.76
CA VAL BD 151 -63.85 119.51 -7.52
CA GLY BD 152 -67.05 117.62 -6.77
CA ASN BD 153 -69.11 119.84 -9.08
CA ASP BD 154 -71.91 118.53 -11.28
CA THR BD 155 -72.23 121.66 -13.48
CA GLY BD 156 -68.68 122.99 -13.75
CA LYS BD 157 -67.37 124.64 -16.89
CA HIS BD 158 -64.15 122.60 -16.61
CA GLY BD 159 -65.83 119.40 -17.81
CA LYS BD 160 -66.71 118.67 -21.42
CA GLU BD 161 -69.66 116.44 -22.31
CA ILE BD 162 -69.83 114.40 -25.52
CA LYS BD 163 -72.38 111.96 -26.92
CA ILE BD 164 -71.43 108.58 -28.38
CA THR BD 165 -73.44 106.68 -31.02
CA PRO BD 166 -72.31 103.86 -33.35
CA GLN BD 167 -73.34 105.80 -36.47
CA SER BD 168 -70.47 108.23 -35.78
CA SER BD 169 -67.81 106.03 -34.17
CA ILE BD 170 -64.57 107.86 -35.03
CA THR BD 171 -65.20 111.28 -33.46
CA GLU BD 172 -62.89 113.96 -32.06
CA ALA BD 173 -63.59 115.83 -28.82
CA GLU BD 174 -61.72 118.87 -27.50
CA LEU BD 175 -60.53 119.63 -23.98
CA THR BD 176 -59.52 123.19 -23.13
CA GLY BD 177 -55.78 123.75 -23.26
CA TYR BD 178 -54.86 120.08 -23.54
CA GLY BD 179 -56.30 119.68 -27.04
CA THR BD 180 -57.78 116.88 -29.10
CA VAL BD 181 -58.82 113.44 -27.81
CA THR BD 182 -60.50 110.67 -29.78
CA MET BD 183 -63.93 109.10 -29.19
CA GLU BD 184 -64.36 105.58 -30.62
CA CYS BD 185 -66.21 102.55 -29.23
CA SER BD 186 -69.01 100.01 -29.54
CA PRO BD 187 -70.26 99.41 -25.95
CA ARG BD 188 -72.25 96.27 -26.83
CA THR BD 189 -70.30 93.99 -24.43
CA GLY BD 190 -73.05 94.47 -21.82
CA LEU BD 191 -76.20 92.55 -20.96
CA ASP BD 192 -78.50 91.36 -23.72
CA PHE BD 193 -81.07 93.96 -24.78
CA ASN BD 194 -83.60 91.84 -26.70
CA GLU BD 195 -85.14 90.64 -23.41
CA MET BD 196 -86.52 94.05 -22.36
CA VAL BD 197 -89.18 96.44 -23.66
CA LEU BD 198 -90.21 99.88 -22.37
CA LEU BD 199 -93.80 101.02 -21.93
CA GLN BD 200 -94.69 104.68 -21.70
CA MET BD 201 -97.94 106.40 -20.77
CA GLU BD 202 -98.12 110.19 -21.23
CA ASN BD 203 -94.97 110.76 -19.18
CA LYS BD 204 -94.24 107.77 -16.94
CA ALA BD 205 -92.46 104.70 -18.28
CA TRP BD 206 -91.79 101.15 -17.17
CA LEU BD 207 -89.16 98.58 -18.08
CA VAL BD 208 -90.63 95.09 -18.52
CA HIS BD 209 -90.02 91.78 -20.27
CA ARG BD 210 -90.98 91.20 -23.90
CA GLN BD 211 -93.12 88.11 -23.28
CA TRP BD 212 -94.89 89.91 -20.45
CA PHE BD 213 -95.32 92.94 -22.70
CA LEU BD 214 -97.10 90.70 -25.20
CA ASP BD 215 -99.02 88.62 -22.64
CA LEU BD 216 -101.24 91.42 -21.29
CA PRO BD 217 -104.66 90.51 -22.78
CA LEU BD 218 -105.73 93.71 -24.51
CA PRO BD 219 -106.12 94.94 -28.12
CA TRP BD 220 -103.04 94.91 -30.37
CA LEU BD 221 -101.59 96.79 -33.32
CA PRO BD 222 -98.48 95.72 -35.27
CA GLY BD 223 -95.62 98.20 -35.30
CA ALA BD 224 -96.26 99.47 -38.81
CA ASP BD 225 -99.98 99.41 -38.03
CA THR BD 226 -101.37 102.91 -37.51
CA GLN BD 227 -104.81 102.86 -39.15
CA GLY BD 228 -106.78 101.32 -36.29
CA SER BD 229 -108.65 98.99 -38.64
CA ASN BD 230 -106.98 95.78 -37.47
CA TRP BD 231 -107.41 94.64 -33.88
CA ILE BD 232 -106.40 91.35 -32.26
CA GLN BD 233 -107.99 89.81 -29.18
CA LYS BD 234 -110.44 92.71 -29.19
CA GLU BD 235 -113.02 90.63 -27.31
CA THR BD 236 -111.74 91.23 -23.78
CA LEU BD 237 -112.44 94.97 -23.64
CA VAL BD 238 -116.00 94.32 -24.86
CA THR BD 239 -117.91 92.10 -22.45
CA PHE BD 240 -121.05 90.51 -23.83
CA LYS BD 241 -123.62 90.07 -21.07
CA ASN BD 242 -125.54 86.82 -20.89
CA PRO BD 243 -127.56 85.80 -23.97
CA HIS BD 244 -131.03 87.21 -23.55
CA ALA BD 245 -134.03 87.15 -25.91
CA LYS BD 246 -133.06 89.03 -29.10
CA LYS BD 247 -130.58 91.23 -27.22
CA GLN BD 248 -126.94 91.04 -26.28
CA ASP BD 249 -126.43 94.09 -24.09
CA VAL BD 250 -122.85 95.00 -24.95
CA VAL BD 251 -120.93 96.30 -21.93
CA VAL BD 252 -117.83 98.41 -22.51
CA LEU BD 253 -115.08 97.47 -20.11
CA GLY BD 254 -113.78 100.41 -18.13
CA SER BD 255 -110.43 102.06 -18.63
CA GLN BD 256 -107.77 99.82 -17.14
CA GLU BD 257 -105.39 102.79 -16.81
CA GLY BD 258 -105.97 102.79 -13.07
CA ALA BD 259 -105.44 99.03 -13.08
CA MET BD 260 -102.17 99.46 -14.98
CA HIS BD 261 -100.99 102.04 -12.45
CA THR BD 262 -101.91 99.52 -9.76
CA ALA BD 263 -100.04 96.64 -11.42
CA LEU BD 264 -97.00 98.15 -13.14
CA THR BD 265 -96.08 99.95 -9.92
CA GLY BD 266 -93.50 97.81 -8.17
CA ALA BD 267 -91.77 97.11 -11.46
CA THR BD 268 -88.81 99.12 -12.75
CA GLU BD 269 -89.98 102.73 -13.02
CA ILE BD 270 -88.50 105.19 -15.52
CA GLN BD 271 -88.95 108.90 -16.24
CA MET BD 272 -88.19 110.04 -19.78
CA SER BD 273 -86.79 113.37 -18.55
CA SER BD 274 -83.76 111.62 -17.05
CA GLY BD 275 -83.38 109.33 -20.08
CA ASN BD 276 -83.42 105.55 -19.90
CA LEU BD 277 -81.53 104.19 -16.87
CA LEU BD 278 -80.15 101.08 -18.58
CA PHE BD 279 -77.35 100.88 -16.03
CA THR BD 280 -77.16 97.13 -16.66
CA GLY BD 281 -74.35 96.22 -19.02
CA HIS BD 282 -70.71 97.28 -18.96
CA LEU BD 283 -69.52 99.85 -21.51
CA LYS BD 284 -66.11 98.98 -22.92
CA CYS BD 285 -64.64 101.86 -24.90
CA ARG BD 286 -61.48 102.70 -26.81
CA LEU BD 287 -60.09 106.22 -26.47
CA ARG BD 288 -56.82 107.41 -28.03
CA MET BD 289 -54.55 109.85 -26.18
CA ASP BD 290 -51.69 110.42 -28.63
CA LYS BD 291 -52.87 113.91 -29.63
CA LEU BD 292 -52.52 115.44 -26.12
CA GLN BD 293 -49.47 116.95 -24.44
CA LEU BD 294 -48.74 118.73 -21.16
CA LYS BD 295 -50.32 122.19 -21.02
CA GLY BD 296 -48.62 124.68 -18.73
CA MET BD 297 -45.36 122.71 -18.54
CA SER BD 298 -43.45 125.68 -19.97
CA TYR BD 299 -44.34 127.70 -16.86
CA SER BD 300 -41.38 127.85 -14.48
CA MET BD 301 -41.45 126.59 -10.92
CA CYS BD 302 -41.99 129.36 -8.36
CA THR BD 303 -39.94 129.47 -5.18
CA GLY BD 304 -42.41 131.46 -3.09
CA LYS BD 305 -44.36 130.17 -0.09
CA PHE BD 306 -47.26 127.71 0.08
CA LYS BD 307 -50.27 127.71 2.41
CA VAL BD 308 -53.02 125.18 3.14
CA VAL BD 309 -56.67 126.24 3.22
CA LYS BD 310 -58.63 123.06 3.99
CA GLU BD 311 -57.38 120.27 6.20
CA ILE BD 312 -56.35 116.86 4.86
CA ALA BD 313 -59.66 115.50 3.60
CA GLU BD 314 -60.27 111.76 3.29
CA THR BD 315 -62.10 110.04 0.43
CA GLN BD 316 -63.43 106.47 0.19
CA HIS BD 317 -60.33 105.22 -1.68
CA GLY BD 318 -57.28 106.13 0.41
CA THR BD 319 -56.55 109.43 -1.30
CA ILE BD 320 -55.86 112.89 0.10
CA VAL BD 321 -56.99 116.35 -1.02
CA ILE BD 322 -54.93 119.47 -0.31
CA ARG BD 323 -56.03 123.02 -1.11
CA VAL BD 324 -52.63 124.63 -1.53
CA GLN BD 325 -52.68 128.43 -1.51
CA TYR BD 326 -49.82 130.60 -2.77
CA GLU BD 327 -49.41 133.76 -0.71
CA GLY BD 328 -46.14 134.60 -2.48
CA ASP BD 329 -45.67 136.14 -5.94
CA GLY BD 330 -44.72 134.86 -9.38
CA SER BD 331 -47.93 133.17 -10.49
CA PRO BD 332 -48.66 131.17 -12.59
CA CYS BD 333 -46.07 128.48 -11.76
CA LYS BD 334 -45.31 124.76 -11.94
CA ILE BD 335 -46.27 123.30 -8.56
CA PRO BD 336 -43.46 121.52 -6.66
CA PHE BD 337 -45.29 118.61 -5.01
CA GLU BD 338 -43.26 115.75 -3.59
CA ILE BD 339 -43.27 112.85 -1.13
CA MET BD 340 -40.73 111.64 1.37
CA ASP BD 341 -40.51 108.75 3.80
CA LEU BD 342 -39.42 108.80 7.45
CA GLU BD 343 -35.75 108.93 6.42
CA LYS BD 344 -36.54 112.00 4.26
CA ARG BD 345 -34.77 110.26 1.36
CA HIS BD 346 -37.00 108.31 -1.02
CA VAL BD 347 -39.90 109.37 -3.24
CA LEU BD 348 -42.35 106.53 -2.52
CA GLY BD 349 -45.86 108.03 -2.63
CA ARG BD 350 -47.93 108.12 -5.81
CA LEU BD 351 -49.15 111.45 -7.15
CA ILE BD 352 -52.41 111.99 -9.06
CA THR BD 353 -52.09 115.36 -10.80
CA VAL BD 354 -48.79 115.75 -12.62
CA ASN BD 355 -47.26 119.25 -12.90
CA PRO BD 356 -50.10 121.15 -11.20
CA ILE BD 357 -50.17 124.88 -11.89
CA VAL BD 358 -51.72 127.91 -10.22
CA THR BD 359 -54.04 130.06 -12.31
CA GLU BD 360 -53.48 133.10 -10.10
CA LYS BD 361 -52.29 133.94 -6.61
CA ASP BD 362 -54.92 133.74 -3.85
CA SER BD 363 -56.70 131.02 -5.92
CA PRO BD 364 -55.60 127.72 -4.35
CA VAL BD 365 -55.19 124.47 -6.26
CA ASN BD 366 -56.73 121.16 -5.19
CA ILE BD 367 -53.74 118.85 -5.35
CA GLU BD 368 -54.67 115.17 -5.06
CA ALA BD 369 -52.32 112.45 -3.82
CA GLU BD 370 -52.23 108.74 -2.97
CA PRO BD 371 -49.49 107.89 -0.48
CA PRO BD 372 -49.19 104.30 0.77
CA PHE BD 373 -51.06 103.26 3.89
CA GLY BD 374 -48.63 104.38 6.56
CA ASP BD 375 -46.64 107.36 7.79
CA SER BD 376 -45.09 109.76 5.27
CA TYR BD 377 -44.40 113.44 4.69
CA ILE BD 378 -46.22 115.32 1.95
CA ILE BD 379 -43.61 117.96 1.13
CA ILE BD 380 -45.33 121.08 -0.20
CA GLY BD 381 -42.95 123.70 -1.53
CA VAL BD 382 -39.17 123.68 -1.33
CA GLU BD 383 -36.81 124.85 1.36
CA PRO BD 384 -36.33 127.38 2.90
CA GLY BD 385 -39.82 127.46 4.39
CA GLN BD 386 -40.83 124.04 3.05
CA LEU BD 387 -43.88 122.31 4.55
CA LYS BD 388 -43.29 118.62 5.36
CA LEU BD 389 -46.87 117.91 6.38
CA ASN BD 390 -46.86 114.59 8.20
CA TRP BD 391 -49.61 112.15 7.29
CA PHE BD 392 -50.56 108.73 8.64
CA LYS BD 393 -52.75 106.80 6.19
CA LYS BD 394 -54.73 103.87 7.56
CA GLY BD 395 -54.87 100.44 5.96
CA SER BD 396 -52.57 97.61 4.98
CA SER BD 397 -50.34 97.71 1.92
CA ILE BD 398 -51.38 94.12 1.23
CA GLY BD 399 -54.92 95.47 1.51
CA GLN BD 400 -54.62 97.68 -1.55
CA MET BD 401 -52.43 95.00 -3.14
CA ILE BD 402 -55.19 92.38 -3.09
CA GLU BD 403 -57.95 94.91 -3.74
CA THR BD 404 -56.44 96.55 -6.82
CA THR BD 405 -55.12 93.29 -8.24
CA MET BD 406 -58.49 91.58 -7.82
CA ARG BD 407 -60.41 94.53 -9.26
CA GLY BD 408 -58.17 94.72 -12.32
CA ALA BD 409 -58.39 90.95 -12.70
CA LYS BD 410 -62.20 90.98 -12.70
CA ARG BD 411 -62.14 94.02 -14.99
CA MET BD 412 -60.06 92.10 -17.55
CA ALA BD 413 -62.04 88.89 -16.88
CA ILE BD 414 -65.48 90.25 -17.70
CA LEU BD 415 -63.57 91.77 -20.61
CA GLY BD 416 -61.81 88.44 -21.08
CA ASP BD 417 -62.61 85.80 -23.68
CA THR BD 418 -63.38 87.29 -27.12
CA ALA BD 419 -62.60 90.78 -25.70
CA TRP BD 420 -58.84 91.36 -25.36
CA ASP BD 421 -56.97 91.40 -28.67
CA PHE BD 422 -55.24 88.02 -28.92
CA GLY BD 423 -55.60 87.39 -32.67
CA SER BD 424 -53.18 90.08 -33.86
CA LEU BD 425 -49.82 88.42 -34.50
CA GLY BD 426 -46.97 90.59 -33.25
CA GLY BD 427 -49.56 92.50 -31.24
CA VAL BD 428 -49.90 89.37 -29.10
CA PHE BD 429 -46.92 90.73 -27.16
CA THR BD 430 -48.71 94.06 -26.72
CA SER BD 431 -51.87 92.28 -25.59
CA ILE BD 432 -49.97 90.19 -23.04
CA GLY BD 433 -48.34 93.38 -21.79
CA LYS BD 434 -51.80 94.95 -21.66
CA ALA BD 435 -53.15 92.10 -19.55
CA LEU BD 436 -50.22 92.34 -17.15
CA HIS BD 437 -50.36 96.15 -17.04
CA GLN BD 438 -54.10 96.16 -16.33
CA VAL BD 439 -53.68 93.44 -13.67
CA PHE BD 440 -50.01 93.34 -12.63
CA GLY BD 441 -49.26 96.94 -13.62
CA ALA BD 442 -50.09 98.30 -10.17
CA ILE BD 443 -47.37 95.95 -8.91
CA TYR BD 444 -44.83 97.70 -11.14
CA GLY BD 445 -46.07 101.19 -10.34
CA ALA BD 446 -47.23 101.43 -6.72
CA ALA BD 447 -45.09 99.07 -4.64
CA PHE BD 448 -41.97 98.85 -6.84
CA SER BD 449 -40.08 102.12 -6.40
CA GLY BD 450 -42.58 104.57 -7.95
CA VAL BD 451 -40.73 104.41 -10.35
CA SER BD 452 -37.76 105.77 -12.31
CA TRP BD 453 -37.80 103.06 -14.94
CA ILE BD 454 -34.11 102.75 -15.91
CA MET BD 455 -32.85 101.86 -12.44
CA LYS BD 456 -35.66 99.40 -11.78
CA ILE BD 457 -35.19 97.62 -15.12
CA LEU BD 458 -31.53 97.27 -14.14
CA ILE BD 459 -32.74 95.82 -10.83
CA GLY BD 460 -35.16 93.61 -12.73
CA VAL BD 461 -32.51 92.11 -14.98
CA ILE BD 462 -30.42 91.58 -11.83
CA ILE BD 463 -33.35 89.72 -10.28
CA THR BD 464 -33.77 87.65 -13.45
CA TRP BD 465 -30.10 86.69 -13.29
CA ILE BD 466 -30.41 85.74 -9.62
CA GLY BD 467 -33.57 83.71 -10.21
CA MET BD 468 -32.10 81.83 -13.17
CA ASN BD 469 -28.97 80.87 -11.21
CA SER BD 470 -30.84 79.97 -8.02
CA ARG BD 471 -30.62 76.94 -5.74
CA SER BD 472 -34.31 76.03 -6.23
CA THR BD 473 -36.27 75.66 -9.47
CA SER BD 474 -39.54 76.59 -7.77
CA LEU BD 475 -38.02 79.88 -6.64
CA SER BD 476 -36.57 80.25 -10.14
CA VAL BD 477 -40.03 79.99 -11.71
CA SER BD 478 -41.41 82.31 -9.03
CA LEU BD 479 -38.73 85.01 -9.48
CA VAL BD 480 -37.73 85.03 -13.17
CA LEU BD 481 -41.43 85.37 -14.08
CA VAL BD 482 -41.70 88.46 -11.88
CA GLY BD 483 -38.47 89.80 -13.35
CA VAL BD 484 -39.48 89.40 -16.99
CA VAL BD 485 -42.89 90.87 -16.15
CA THR BD 486 -41.09 93.83 -14.59
CA LEU BD 487 -38.81 94.38 -17.59
CA TYR BD 488 -41.39 93.95 -20.34
CA LEU BD 489 -44.13 95.84 -18.49
CA GLY BD 490 -41.66 98.65 -17.82
CA VAL BD 491 -40.95 98.86 -21.53
CA MET BD 492 -44.71 99.05 -22.06
CA VAL BD 493 -45.06 101.66 -19.30
CA GLN BD 494 -42.46 103.81 -21.07
CA ALA BD 495 -44.82 103.85 -24.06
CA MET CD 1 -97.97 63.79 60.57
CA ARG CD 2 -100.12 65.87 58.23
CA CYS CD 3 -99.49 64.36 54.79
CA ILE CD 4 -100.60 60.74 55.21
CA GLY CD 5 -102.70 60.25 52.10
CA ILE CD 6 -101.43 62.58 49.37
CA SER CD 7 -100.03 60.91 46.27
CA ASN CD 8 -96.71 62.78 46.10
CA ARG CD 9 -95.10 61.51 49.30
CA ASP CD 10 -91.39 62.31 49.43
CA PHE CD 11 -88.65 61.54 51.95
CA VAL CD 12 -85.37 63.34 52.60
CA GLU CD 13 -83.30 61.40 55.15
CA GLY CD 14 -79.98 63.24 55.26
CA VAL CD 15 -78.37 66.12 57.13
CA SER CD 16 -75.57 68.53 56.29
CA GLY CD 17 -72.36 69.23 58.18
CA GLY CD 18 -73.80 72.48 59.50
CA SER CD 19 -77.34 71.04 59.51
CA TRP CD 20 -78.14 73.25 56.48
CA VAL CD 21 -80.80 70.95 55.08
CA ASP CD 22 -82.27 71.70 51.66
CA ILE CD 23 -85.78 70.83 50.42
CA VAL CD 24 -87.96 71.45 47.38
CA LEU CD 25 -91.65 72.24 47.78
CA GLU CD 26 -94.33 72.00 45.08
CA HIS CD 27 -98.12 72.14 45.01
CA GLY CD 28 -99.45 68.99 46.64
CA SER CD 29 -95.98 67.47 47.06
CA CYS CD 30 -95.33 67.39 50.78
CA VAL CD 31 -91.96 66.50 52.30
CA THR CD 32 -90.96 64.62 55.45
CA THR CD 33 -87.77 65.65 57.24
CA MET CD 34 -85.82 63.00 59.14
CA ALA CD 35 -82.87 63.52 61.47
CA LYS CD 36 -80.79 61.88 64.18
CA ASN CD 37 -81.75 62.78 67.77
CA LYS CD 38 -83.76 65.74 66.41
CA PRO CD 39 -87.55 65.84 66.01
CA THR CD 40 -88.86 64.86 62.60
CA LEU CD 41 -91.04 67.24 60.61
CA ASP CD 42 -93.52 67.55 57.77
CA PHE CD 43 -93.35 70.48 55.36
CA GLU CD 44 -95.80 71.59 52.72
CA LEU CD 45 -96.91 74.67 50.82
CA ILE CD 46 -100.63 74.90 51.50
CA LYS CD 47 -101.64 77.92 49.44
CA THR CD 48 -99.85 80.14 46.94
CA GLU CD 49 -100.76 83.82 46.97
CA ALA CD 50 -99.78 86.79 44.80
CA LYS CD 51 -100.54 89.96 46.73
CA GLN CD 52 -99.85 93.55 45.69
CA PRO CD 53 -100.19 92.96 41.93
CA ALA CD 54 -98.67 95.29 39.37
CA THR CD 55 -101.16 96.81 36.94
CA LEU CD 56 -99.30 95.97 33.74
CA ARG CD 57 -101.77 97.25 31.12
CA LYS CD 58 -105.48 97.79 30.52
CA TYR CD 59 -107.83 97.10 27.62
CA CYS CD 60 -111.02 98.95 26.70
CA ILE CD 61 -113.19 95.95 25.88
CA GLU CD 62 -116.11 98.04 24.60
CA ALA CD 63 -116.18 101.42 22.93
CA LYS CD 64 -118.26 104.58 22.67
CA LEU CD 65 -117.91 107.08 19.82
CA THR CD 66 -118.94 110.67 20.47
CA ASN CD 67 -118.41 114.23 19.24
CA THR CD 68 -117.44 112.89 15.81
CA THR CD 69 -116.53 115.97 13.81
CA THR CD 70 -115.22 115.93 10.26
CA ASP CD 71 -114.13 118.36 7.56
CA SER CD 72 -112.64 118.44 4.08
CA ARG CD 73 -110.89 120.76 1.64
CA CYS CD 74 -110.88 121.03 -2.13
CA PRO CD 75 -107.83 119.66 -3.98
CA THR CD 76 -104.53 121.58 -3.56
CA GLN CD 77 -105.76 123.33 -0.38
CA GLY CD 78 -104.02 120.80 1.89
CA GLU CD 79 -105.50 118.84 4.75
CA PRO CD 80 -107.94 120.77 6.97
CA SER CD 81 -106.60 121.62 10.43
CA LEU CD 82 -109.07 121.32 13.30
CA ASN CD 83 -108.14 121.32 17.01
CA GLU CD 84 -109.06 117.68 17.70
CA GLU CD 85 -106.09 116.27 15.78
CA GLN CD 86 -103.50 117.46 18.30
CA ASP CD 87 -105.61 116.30 21.26
CA LYS CD 88 -105.25 112.55 21.77
CA ARG CD 89 -108.67 112.49 23.47
CA PHE CD 90 -110.06 112.21 19.93
CA VAL CD 91 -108.97 109.36 17.69
CA CYS CD 92 -108.82 110.40 14.07
CA LYS CD 93 -107.46 110.03 10.57
CA HIS CD 94 -107.24 111.84 7.23
CA SER CD 95 -107.89 110.56 3.70
CA MET CD 96 -108.74 111.86 0.22
CA VAL CD 97 -111.61 111.68 -2.27
CA ASP CD 98 -112.29 112.96 -5.77
CA ARG CD 99 -114.01 116.36 -5.67
CA GLY CD 100 -114.28 119.11 -8.24
CA TRP CD 101 -116.57 121.17 -10.47
CA GLY CD 102 -119.37 118.66 -9.94
CA ASN CD 103 -119.68 119.02 -6.16
CA GLY CD 104 -118.62 122.59 -5.43
CA CYS CD 105 -114.84 122.57 -5.85
CA GLY CD 106 -112.94 123.81 -8.91
CA LEU CD 107 -111.56 120.75 -10.71
CA PHE CD 108 -111.84 117.00 -10.31
CA GLY CD 109 -108.98 115.91 -8.06
CA LYS CD 110 -108.14 114.09 -4.85
CA GLY CD 111 -108.96 116.61 -2.16
CA GLY CD 112 -108.33 115.95 1.50
CA ILE CD 113 -110.63 115.03 4.37
CA VAL CD 114 -110.02 114.83 8.11
CA THR CD 115 -112.32 112.65 10.22
CA CYS CD 116 -112.08 112.82 14.03
CA ALA CD 117 -114.09 111.59 16.99
CA MET CD 118 -113.94 111.27 20.77
CA PHE CD 119 -113.29 107.69 21.91
CA THR CD 120 -114.94 107.07 25.29
CA CYS CD 121 -114.03 103.90 27.20
CA LYS CD 122 -117.10 102.47 28.93
CA LYS CD 123 -115.63 99.30 30.45
CA ASN CD 124 -112.23 98.01 31.49
CA MET CD 125 -110.40 94.70 31.11
CA LYS CD 126 -107.72 94.41 33.75
CA GLY CD 127 -104.32 92.77 33.39
CA LYS CD 128 -102.23 91.58 36.34
CA VAL CD 129 -98.59 90.53 36.08
CA VAL CD 130 -97.01 88.54 38.91
CA GLN CD 131 -93.36 89.26 39.65
CA PRO CD 132 -91.16 86.79 41.56
CA GLU CD 133 -90.89 89.04 44.62
CA ASN CD 134 -94.69 89.34 44.92
CA LEU CD 135 -95.31 85.64 45.66
CA GLU CD 136 -96.56 85.26 49.25
CA TYR CD 137 -95.95 81.56 49.94
CA THR CD 138 -98.09 80.07 52.71
CA ILE CD 139 -96.15 77.16 54.23
CA VAL CD 140 -97.53 74.71 56.79
CA ILE CD 141 -95.04 73.06 59.15
CA THR CD 142 -96.23 70.17 61.34
CA PRO CD 143 -94.17 67.93 63.66
CA HIS CD 144 -94.52 64.15 63.98
CA SER CD 145 -95.25 64.66 67.64
CA GLY CD 146 -98.31 62.48 68.21
CA GLU CD 147 -101.24 64.72 67.28
CA GLU CD 148 -104.37 63.18 65.79
CA HIS CD 149 -106.42 65.87 64.02
CA ALA CD 150 -104.06 66.38 61.05
CA VAL CD 151 -104.05 62.97 59.33
CA GLY CD 152 -105.77 63.46 56.01
CA ASN CD 153 -106.61 67.06 56.92
CA ASP CD 154 -106.12 70.59 55.60
CA THR CD 155 -106.84 72.90 58.55
CA GLY CD 156 -105.51 70.54 61.26
CA LYS CD 157 -103.42 72.84 63.42
CA HIS CD 158 -100.82 71.56 65.84
CA GLY CD 159 -97.89 73.14 64.03
CA LYS CD 160 -97.67 76.56 62.41
CA GLU CD 161 -98.56 78.28 59.14
CA ILE CD 162 -96.17 81.01 57.99
CA LYS CD 163 -96.49 83.47 55.11
CA ILE CD 164 -93.07 83.74 53.46
CA THR CD 165 -92.42 87.05 51.68
CA PRO CD 166 -89.30 86.83 49.48
CA GLN CD 167 -88.26 90.35 50.52
CA SER CD 168 -87.88 88.77 53.99
CA SER CD 169 -85.54 85.83 53.44
CA ILE CD 170 -84.82 84.81 57.05
CA THR CD 171 -87.87 84.10 59.20
CA GLU CD 172 -88.39 82.44 62.57
CA ALA CD 173 -91.37 80.06 62.75
CA GLU CD 174 -91.80 79.22 66.45
CA LEU CD 175 -93.05 75.64 66.49
CA THR CD 176 -94.89 74.99 69.75
CA GLY CD 177 -93.04 72.93 72.34
CA TYR CD 178 -90.04 72.36 70.06
CA GLY CD 179 -88.69 75.89 69.53
CA THR CD 180 -88.20 77.32 66.05
CA VAL CD 181 -86.64 76.52 62.68
CA THR CD 182 -84.92 79.18 60.60
CA MET CD 183 -86.70 79.76 57.30
CA GLU CD 184 -84.41 80.67 54.40
CA CYS CD 185 -86.65 79.59 51.55
CA SER CD 186 -86.63 81.38 48.21
CA PRO CD 187 -88.90 81.05 45.16
CA ARG CD 188 -86.29 82.93 43.11
CA THR CD 189 -84.45 79.73 42.19
CA GLY CD 190 -87.73 78.11 41.13
CA LEU CD 191 -89.33 78.53 37.74
CA ASP CD 192 -89.43 82.12 36.51
CA PHE CD 193 -92.87 83.74 36.79
CA ASN CD 194 -92.04 86.03 33.87
CA GLU CD 195 -94.66 84.88 31.32
CA MET CD 196 -97.77 84.34 33.48
CA VAL CD 197 -100.52 86.96 33.37
CA LEU CD 198 -104.02 87.17 34.86
CA LEU CD 199 -106.95 88.58 32.91
CA GLN CD 200 -109.51 90.02 35.32
CA MET CD 201 -113.12 90.85 34.42
CA GLU CD 202 -115.50 92.11 37.11
CA ASN CD 203 -114.73 89.39 39.68
CA LYS CD 204 -113.72 86.36 37.57
CA ALA CD 205 -110.36 85.78 35.93
CA TRP CD 206 -108.20 83.58 33.74
CA LEU CD 207 -104.49 82.83 33.39
CA VAL CD 208 -102.75 83.35 30.05
CA HIS CD 209 -99.30 84.02 28.62
CA ARG CD 210 -97.69 87.46 28.47
CA GLN CD 211 -96.87 87.53 24.76
CA TRP CD 212 -100.44 86.50 23.98
CA PHE CD 213 -101.74 89.05 26.47
CA LEU CD 214 -100.00 91.89 24.65
CA ASP CD 215 -100.46 90.59 21.09
CA LEU CD 216 -104.22 91.20 21.27
CA PRO CD 217 -105.27 93.79 18.63
CA LEU CD 218 -107.45 95.69 21.08
CA PRO CD 219 -107.37 99.17 22.63
CA TRP CD 220 -104.09 99.55 24.44
CA LEU CD 221 -103.77 101.77 27.55
CA PRO CD 222 -100.77 101.86 29.92
CA GLY CD 223 -100.84 101.14 33.63
CA ALA CD 224 -99.45 104.49 34.74
CA ASP CD 225 -102.14 106.64 33.13
CA THR CD 226 -105.59 107.03 34.71
CA GLN CD 227 -107.68 109.30 32.48
CA GLY CD 228 -107.24 107.13 29.38
CA SER CD 229 -106.81 110.08 27.01
CA ASN CD 230 -103.24 109.01 26.24
CA TRP CD 231 -104.70 106.27 24.10
CA ILE CD 232 -102.71 103.84 21.94
CA GLN CD 233 -103.61 101.32 19.22
CA LYS CD 234 -106.26 103.57 17.81
CA GLU CD 235 -107.69 101.65 14.85
CA THR CD 236 -108.63 98.42 16.68
CA LEU CD 237 -112.32 99.30 17.13
CA VAL CD 238 -112.96 102.47 15.12
CA THR CD 239 -113.40 101.03 11.61
CA PHE CD 240 -113.96 103.93 9.24
CA LYS CD 241 -115.53 102.96 5.91
CA ASN CD 242 -114.39 104.22 2.52
CA PRO CD 243 -115.14 107.96 2.66
CA HIS CD 244 -117.66 109.11 0.08
CA ALA CD 245 -117.33 112.88 -0.23
CA LYS CD 246 -117.02 113.78 3.49
CA LYS CD 247 -119.00 111.47 5.76
CA GLN CD 248 -117.89 107.92 6.43
CA ASP CD 249 -119.85 105.44 8.51
CA VAL CD 250 -117.56 105.68 11.53
CA VAL CD 251 -118.71 103.04 14.02
CA VAL CD 252 -116.99 101.21 16.84
CA LEU CD 253 -117.29 97.45 16.67
CA GLY CD 254 -119.71 95.80 19.03
CA SER CD 255 -118.67 94.88 22.54
CA GLN CD 256 -115.91 92.28 22.41
CA GLU CD 257 -116.91 90.86 25.81
CA GLY CD 258 -118.81 87.93 24.30
CA ALA CD 259 -116.28 87.26 21.53
CA MET CD 260 -113.20 87.41 23.73
CA HIS CD 261 -114.96 85.40 26.43
CA THR CD 262 -115.70 82.69 23.87
CA ALA CD 263 -112.13 82.75 22.60
CA LEU CD 264 -110.55 82.73 26.06
CA THR CD 265 -112.73 79.74 26.96
CA GLY CD 266 -110.63 76.63 27.41
CA ALA CD 267 -107.76 78.52 29.03
CA THR CD 268 -106.84 78.14 32.70
CA GLU CD 269 -109.75 79.66 34.61
CA ILE CD 270 -108.66 80.94 38.03
CA GLN CD 271 -111.10 81.47 40.91
CA MET CD 272 -109.04 84.48 41.95
CA SER CD 273 -111.61 85.60 44.53
CA SER CD 274 -110.17 83.22 47.17
CA GLY CD 275 -106.63 84.40 46.34
CA ASN CD 276 -104.15 83.94 43.51
CA LEU CD 277 -103.94 80.14 43.73
CA LEU CD 278 -101.04 79.63 41.36
CA PHE CD 279 -100.60 75.90 40.76
CA THR CD 280 -96.90 76.03 39.80
CA GLY CD 281 -93.56 77.20 41.14
CA HIS CD 282 -90.72 75.47 42.96
CA LEU CD 283 -89.82 76.69 46.43
CA LYS CD 284 -86.16 76.03 47.30
CA CYS CD 285 -85.99 75.87 51.08
CA ARG CD 286 -82.74 75.94 53.09
CA LEU CD 287 -83.05 75.44 56.83
CA ARG CD 288 -80.87 75.43 59.93
CA MET CD 289 -82.75 72.92 62.10
CA ASP CD 290 -80.14 72.95 64.89
CA LYS CD 291 -82.14 75.60 66.75
CA LEU CD 292 -85.06 73.15 66.69
CA GLN CD 293 -85.10 70.63 69.51
CA LEU CD 294 -87.35 67.86 70.85
CA LYS CD 295 -88.53 68.52 74.40
CA GLY CD 296 -89.97 65.00 74.45
CA MET CD 297 -86.89 63.06 73.39
CA SER CD 298 -85.17 62.31 76.71
CA TYR CD 299 -88.14 61.29 78.87
CA SER CD 300 -87.91 58.01 80.75
CA MET CD 301 -88.41 54.70 78.97
CA CYS CD 302 -92.06 53.91 79.48
CA THR CD 303 -93.00 50.92 81.61
CA GLY CD 304 -96.74 50.36 81.99
CA LYS CD 305 -99.08 48.24 79.92
CA PHE CD 306 -99.83 49.48 76.41
CA LYS CD 307 -102.71 48.57 74.09
CA VAL CD 308 -103.90 49.30 70.54
CA VAL CD 309 -107.26 50.92 69.74
CA LYS CD 310 -107.51 50.99 65.95
CA GLU CD 311 -105.87 48.56 63.54
CA ILE CD 312 -103.67 49.42 60.58
CA ALA CD 313 -104.92 50.79 57.30
CA GLU CD 314 -102.46 51.20 54.44
CA THR CD 315 -101.27 54.58 53.19
CA GLN CD 316 -100.45 55.72 49.66
CA HIS CD 317 -96.69 55.36 50.14
CA GLY CD 318 -97.28 52.29 52.30
CA THR CD 319 -96.31 53.39 55.81
CA ILE CD 320 -97.39 51.97 59.14
CA VAL CD 321 -99.60 54.40 61.04
CA ILE CD 322 -101.03 53.12 64.33
CA ARG CD 323 -103.27 54.84 66.85
CA VAL CD 324 -102.26 53.34 70.21
CA GLN CD 325 -103.53 53.90 73.75
CA TYR CD 326 -101.66 53.61 77.05
CA GLU CD 327 -103.65 52.08 79.90
CA GLY CD 328 -100.67 52.02 82.27
CA ASP CD 329 -99.08 54.83 84.28
CA GLY CD 330 -95.98 56.99 84.45
CA SER CD 331 -96.94 59.53 81.80
CA PRO CD 332 -95.02 61.34 80.35
CA CYS CD 333 -92.80 58.45 79.22
CA LYS CD 334 -90.67 57.41 76.24
CA ILE CD 335 -92.47 54.49 74.59
CA PRO CD 336 -90.47 51.51 73.27
CA PHE CD 337 -91.11 50.81 69.60
CA GLU CD 338 -89.03 48.49 67.41
CA ILE CD 339 -89.52 46.57 64.16
CA MET CD 340 -87.89 43.19 64.75
CA ASP CD 341 -87.50 40.11 62.63
CA LEU CD 342 -89.88 37.25 63.33
CA GLU CD 343 -87.11 35.61 65.42
CA LYS CD 344 -86.46 38.82 67.42
CA ARG CD 345 -82.72 38.83 66.55
CA HIS CD 346 -82.01 41.72 64.15
CA VAL CD 347 -83.88 44.91 63.23
CA LEU CD 348 -85.29 45.44 59.72
CA GLY CD 349 -87.36 48.60 59.40
CA ARG CD 350 -87.21 52.28 60.26
CA LEU CD 351 -89.46 54.50 62.37
CA ILE CD 352 -90.26 58.09 61.37
CA THR CD 353 -91.38 59.54 64.69
CA VAL CD 354 -88.05 59.54 66.48
CA ASN CD 355 -88.55 58.82 70.18
CA PRO CD 356 -92.36 58.76 70.20
CA ILE CD 357 -93.84 60.33 73.32
CA VAL CD 358 -97.00 59.86 75.38
CA THR CD 359 -97.47 62.95 77.58
CA GLU CD 360 -101.19 62.50 78.22
CA LYS CD 361 -103.33 59.82 79.81
CA ASP CD 362 -106.19 58.25 77.87
CA SER CD 363 -105.43 59.75 74.47
CA PRO CD 364 -104.74 58.28 71.02
CA VAL CD 365 -101.08 58.29 70.02
CA ASN CD 366 -100.02 58.21 66.37
CA ILE CD 367 -96.94 56.08 65.68
CA GLU CD 368 -95.38 56.13 62.21
CA ALA CD 369 -93.02 53.62 60.61
CA GLU CD 370 -91.92 52.20 57.26
CA PRO CD 371 -90.96 48.51 57.08
CA PRO CD 372 -89.39 46.87 54.06
CA PHE CD 373 -91.29 44.47 51.82
CA GLY CD 374 -91.42 41.33 53.91
CA ASP CD 375 -92.80 39.76 57.03
CA SER CD 376 -91.94 41.68 60.18
CA TYR CD 377 -92.89 41.87 63.85
CA ILE CD 378 -93.61 45.29 65.32
CA ILE CD 379 -92.56 44.77 68.95
CA ILE CD 380 -94.05 47.25 71.41
CA GLY CD 381 -93.55 47.56 75.14
CA VAL CD 382 -91.66 45.41 77.61
CA GLU CD 383 -92.78 42.26 79.39
CA PRO CD 384 -95.13 42.06 81.30
CA GLY CD 385 -97.54 43.22 78.60
CA GLN CD 386 -95.40 42.65 75.52
CA LEU CD 387 -97.20 43.40 72.25
CA LYS CD 388 -96.15 41.65 69.05
CA LEU CD 389 -97.81 42.65 65.77
CA ASN CD 390 -97.13 40.66 62.62
CA TRP CD 391 -97.12 42.70 59.44
CA PHE CD 392 -96.43 42.28 55.73
CA LYS CD 393 -96.36 44.70 52.80
CA LYS CD 394 -96.33 44.12 49.06
CA GLY CD 395 -93.81 45.25 46.46
CA SER CD 396 -90.27 44.60 45.27
CA SER CD 397 -87.25 45.99 47.09
CA ILE CD 398 -85.64 46.96 43.78
CA GLY CD 399 -88.82 48.89 43.02
CA GLN CD 400 -88.33 51.14 46.01
CA MET CD 401 -84.59 51.39 45.34
CA ILE CD 402 -85.05 52.68 41.78
CA GLU CD 403 -88.01 54.85 42.78
CA THR CD 404 -86.23 56.57 45.68
CA THR CD 405 -82.94 56.93 43.80
CA MET CD 406 -84.53 58.47 40.72
CA ARG CD 407 -86.75 60.71 42.83
CA GLY CD 408 -83.73 61.98 44.75
CA ALA CD 409 -81.79 62.42 41.51
CA LYS CD 410 -84.56 64.59 40.06
CA ARG CD 411 -84.79 66.46 43.37
CA MET CD 412 -81.07 67.24 43.28
CA ALA CD 413 -81.21 68.13 39.58
CA ILE CD 414 -83.90 70.74 40.21
CA LEU CD 415 -82.18 71.60 43.52
CA GLY CD 416 -78.97 71.91 41.53
CA ASP CD 417 -77.08 74.81 39.99
CA THR CD 418 -76.88 77.81 42.34
CA ALA CD 419 -78.56 75.64 45.03
CA TRP CD 420 -76.16 73.09 46.52
CA ASP CD 421 -73.28 74.65 48.42
CA PHE CD 422 -70.26 74.76 46.11
CA GLY CD 423 -68.98 78.25 46.93
CA SER CD 424 -68.80 77.74 50.70
CA LEU CD 425 -65.28 76.65 51.60
CA GLY CD 426 -64.89 74.05 54.35
CA GLY CD 427 -68.39 72.72 53.78
CA VAL CD 428 -67.50 71.57 50.28
CA PHE CD 429 -66.83 68.03 51.48
CA THR CD 430 -70.06 68.22 53.49
CA SER CD 431 -71.95 69.51 50.45
CA ILE CD 432 -70.75 66.70 48.19
CA GLY CD 433 -71.57 64.27 50.99
CA LYS CD 434 -75.10 65.67 51.06
CA ALA CD 435 -75.38 65.35 47.28
CA LEU CD 436 -74.04 61.79 47.18
CA HIS CD 437 -76.53 61.01 49.93
CA GLN CD 438 -79.47 62.47 48.02
CA VAL CD 439 -78.58 60.21 45.04
CA PHE CD 440 -77.04 56.98 46.40
CA GLY CD 441 -78.20 56.89 50.02
CA ALA CD 442 -81.08 54.56 49.32
CA ILE CD 443 -78.56 52.05 48.02
CA TYR CD 444 -76.18 52.74 50.89
CA GLY CD 445 -78.66 52.44 53.75
CA ALA CD 446 -81.00 49.78 52.35
CA ALA CD 447 -79.05 47.48 50.03
CA PHE CD 448 -75.74 47.57 51.91
CA SER CD 449 -76.59 45.90 55.22
CA GLY CD 450 -78.68 48.61 56.93
CA VAL CD 451 -76.06 49.22 58.33
CA SER CD 452 -73.56 48.67 61.16
CA TRP CD 453 -71.30 51.52 60.08
CA ILE CD 454 -67.97 50.38 61.56
CA MET CD 455 -67.84 46.99 59.87
CA LYS CD 456 -69.17 48.27 56.57
CA ILE CD 457 -66.51 50.99 56.40
CA LEU CD 458 -63.98 48.25 57.10
CA ILE CD 459 -65.44 46.42 54.10
CA GLY CD 460 -65.31 49.72 52.22
CA VAL CD 461 -61.60 50.19 52.77
CA ILE CD 462 -61.15 46.53 51.83
CA ILE CD 463 -62.88 47.08 48.47
CA THR CD 464 -60.85 50.26 47.94
CA TRP CD 465 -57.62 48.35 48.58
CA ILE CD 466 -58.66 45.59 46.17
CA GLY CD 467 -59.66 48.18 43.57
CA MET CD 468 -56.43 50.16 43.66
CA ASN CD 469 -54.35 46.97 43.36
CA SER CD 470 -56.59 45.48 40.66
CA ARG CD 471 -55.70 43.73 37.41
CA SER CD 472 -57.54 46.43 35.40
CA THR CD 473 -57.60 50.21 35.67
CA SER CD 474 -61.22 50.44 34.50
CA LEU CD 475 -62.29 48.19 37.38
CA SER CD 476 -60.00 50.18 39.69
CA VAL CD 477 -61.82 53.40 38.81
CA SER CD 478 -65.22 51.69 38.95
CA LEU CD 479 -64.61 50.17 42.40
CA VAL CD 480 -62.54 52.73 44.33
CA LEU CD 481 -65.15 55.39 43.53
CA VAL CD 482 -67.83 53.26 45.18
CA GLY CD 483 -65.50 52.49 48.08
CA VAL CD 484 -64.68 56.12 48.82
CA VAL CD 485 -68.40 56.88 48.45
CA THR CD 486 -69.08 54.20 51.05
CA LEU CD 487 -66.45 55.51 53.46
CA TYR CD 488 -67.38 59.20 53.20
CA LEU CD 489 -71.12 58.52 53.38
CA GLY CD 490 -70.52 56.26 56.39
CA VAL CD 491 -68.74 59.11 58.11
CA MET CD 492 -71.73 61.22 57.07
CA VAL CD 493 -74.63 58.84 57.89
CA GLN CD 494 -73.09 58.43 61.34
CA ALA CD 495 -74.19 62.07 61.77
CA PHE DD 1 -152.24 94.30 -8.09
CA HIS DD 2 -153.80 93.22 -4.79
CA LEU DD 3 -152.48 95.52 -2.07
CA THR DD 4 -151.57 94.55 1.49
CA THR DD 5 -149.03 95.74 4.08
CA ARG DD 6 -145.86 94.15 5.41
CA ASN DD 7 -143.20 95.61 7.71
CA GLY DD 8 -145.28 98.78 7.79
CA GLU DD 9 -144.97 99.25 4.01
CA PRO DD 10 -147.42 98.74 1.13
CA HIS DD 11 -147.14 95.50 -0.81
CA MET DD 12 -148.92 95.18 -4.17
CA ILE DD 13 -148.99 91.83 -5.98
CA VAL DD 14 -149.21 92.37 -9.73
CA SER DD 15 -150.08 89.86 -12.42
CA ARG DD 16 -150.51 89.62 -16.19
CA GLN DD 17 -153.91 91.37 -15.94
CA GLU DD 18 -151.92 94.61 -15.51
CA LYS DD 19 -148.67 94.02 -17.39
CA GLY DD 20 -146.28 96.64 -18.70
CA LYS DD 21 -148.64 99.46 -17.72
CA SER DD 22 -148.56 102.27 -15.19
CA LEU DD 23 -149.62 101.11 -11.74
CA LEU DD 24 -151.94 103.57 -10.00
CA PHE DD 25 -153.43 103.71 -6.51
CA LYS DD 26 -154.84 106.05 -3.88
CA THR DD 27 -153.37 105.50 -0.41
CA GLU DD 28 -152.96 107.49 2.80
CA ASP DD 29 -149.69 108.88 1.45
CA GLY DD 30 -151.58 110.18 -1.59
CA VAL DD 31 -151.83 109.44 -5.31
CA ASN DD 32 -149.40 106.54 -5.79
CA MET DD 33 -148.17 106.44 -9.41
CA CYS DD 34 -145.76 103.52 -9.79
CA THR DD 35 -144.04 102.39 -12.96
CA LEU DD 36 -143.25 98.67 -13.07
CA MET DD 37 -140.62 98.72 -15.79
CA ALA DD 38 -139.45 95.18 -15.01
CA MET DD 39 -138.78 92.32 -17.44
CA ASP DD 40 -139.78 88.82 -16.35
CA LEU DD 41 -143.34 89.74 -15.37
CA GLY DD 42 -145.53 87.04 -16.89
CA GLU DD 43 -148.63 85.34 -15.54
CA LEU DD 44 -148.58 84.79 -11.79
CA CYS DD 45 -146.46 81.89 -10.55
CA GLU DD 46 -144.97 80.41 -7.37
CA ASP DD 47 -141.45 81.76 -8.01
CA THR DD 48 -142.34 84.88 -6.06
CA ILE DD 49 -139.75 87.53 -6.90
CA THR DD 50 -140.09 90.64 -4.74
CA TYR DD 51 -138.78 94.18 -5.08
CA LYS DD 52 -138.50 97.56 -3.42
CA CYS DD 53 -139.76 100.30 -5.66
CA PRO DD 54 -137.75 103.15 -4.07
CA PHE DD 55 -139.02 106.61 -3.24
CA LEU DD 56 -137.90 108.98 -6.01
CA LYS DD 57 -139.17 112.54 -5.93
CA GLN DD 58 -138.03 114.19 -9.19
CA ASN DD 59 -134.57 112.83 -10.08
CA GLU DD 60 -133.53 110.85 -13.16
CA PRO DD 61 -134.28 107.14 -12.58
CA GLU DD 62 -131.67 104.63 -13.68
CA ASP DD 63 -130.51 101.11 -12.85
CA ILE DD 64 -133.90 100.28 -11.30
CA ASP DD 65 -136.63 97.81 -12.18
CA CYS DD 66 -139.63 99.55 -10.60
CA TRP DD 67 -140.20 102.93 -9.00
CA CYS DD 68 -142.90 105.14 -7.50
CA ASN DD 69 -143.12 108.92 -7.34
CA SER DD 70 -145.01 108.90 -4.01
CA THR DD 71 -143.27 106.59 -1.54
CA SER DD 72 -141.18 103.46 -1.24
CA THR DD 73 -143.20 100.28 -1.64
CA TRP DD 74 -143.01 96.53 -2.10
CA VAL DD 75 -143.99 94.80 -5.33
CA THR DD 76 -143.98 91.10 -6.18
CA TYR DD 77 -144.76 88.77 -9.05
CA GLY DD 78 -144.02 85.37 -10.59
CA THR DD 79 -141.58 84.17 -13.23
CA CYS DD 80 -142.85 80.92 -14.77
CA THR DD 81 -143.81 80.76 -18.43
CA THR DD 82 -147.36 80.62 -19.77
CA THR DD 83 -147.63 76.84 -20.03
CA GLY DD 84 -146.16 76.26 -16.56
CA GLU DD 85 -142.61 75.41 -15.57
CA HIS DD 86 -140.01 76.20 -12.92
CA ARG DD 87 -137.81 78.56 -14.95
CA ARG DD 88 -135.33 78.61 -17.86
CA GLU DD 89 -133.09 75.53 -18.15
CA LYS DD 90 -129.29 75.61 -17.95
CA ARG DD 91 -126.46 73.10 -17.82
CA SER DD 92 -123.60 73.49 -15.35
CA VAL DD 93 -121.56 71.82 -12.53
CA ALA DD 94 -118.32 70.04 -13.40
CA LEU DD 95 -117.96 66.40 -12.36
CA VAL DD 96 -116.73 63.05 -13.63
CA PRO DD 97 -115.86 59.80 -11.78
CA HIS DD 98 -113.11 57.29 -12.14
CA VAL DD 99 -113.75 54.52 -14.67
CA GLY DD 100 -114.53 51.16 -13.20
CA MET DD 101 -113.06 47.70 -13.07
CA GLY DD 102 -115.05 44.57 -13.91
CA LEU DD 103 -115.00 41.00 -15.26
CA GLU DD 104 -111.20 40.94 -14.92
CA THR DD 105 -110.40 40.20 -11.24
CA ARG DD 106 -107.13 41.21 -9.57
CA THR DD 107 -104.86 38.13 -9.29
CA GLU DD 108 -102.15 36.75 -11.60
CA THR DD 109 -103.91 33.93 -13.50
CA TRP DD 110 -105.55 32.88 -16.82
CA MET DD 111 -102.35 32.56 -18.94
CA SER DD 112 -103.70 35.41 -21.12
CA SER DD 113 -101.46 37.61 -23.25
CA GLU DD 114 -102.49 40.82 -21.47
CA GLY DD 115 -102.20 39.21 -18.04
CA ALA DD 116 -98.92 37.52 -18.93
CA TRP DD 117 -97.29 40.68 -20.28
CA LYS DD 118 -98.72 43.07 -17.66
CA HIS DD 119 -96.13 42.04 -15.09
CA ALA DD 120 -93.21 42.52 -17.49
CA GLN DD 121 -94.62 45.83 -18.74
CA ARG DD 122 -94.93 47.06 -15.16
CA ILE DD 123 -91.38 45.89 -14.38
CA GLU DD 124 -89.93 47.80 -17.33
CA THR DD 125 -92.06 50.86 -16.55
CA TRP DD 126 -90.72 50.81 -12.99
CA ILE DD 127 -87.18 50.44 -14.31
CA LEU DD 128 -87.64 53.41 -16.64
CA ARG DD 129 -89.15 55.47 -13.81
CA HIS DD 130 -86.52 54.22 -11.30
CA PRO DD 131 -83.07 54.36 -12.92
CA GLY DD 132 -81.35 55.01 -9.59
CA PHE DD 133 -82.74 51.91 -7.90
CA THR DD 134 -81.81 49.90 -10.99
CA ILE DD 135 -78.21 51.15 -10.79
CA MET DD 136 -78.11 50.43 -7.06
CA ALA DD 137 -79.36 46.88 -7.61
CA ALA DD 138 -76.79 46.37 -10.37
CA ILE DD 139 -74.00 47.57 -8.05
CA LEU DD 140 -75.17 45.24 -5.28
CA ALA DD 141 -75.27 42.34 -7.75
CA TYR DD 142 -71.75 43.20 -8.91
CA THR DD 143 -70.35 43.31 -5.38
CA ILE DD 144 -72.12 40.22 -4.03
CA GLY DD 145 -71.91 38.27 -7.29
CA THR DD 146 -68.72 36.30 -7.85
CA THR DD 147 -69.83 34.92 -11.24
CA HIS DD 148 -71.44 36.75 -14.15
CA PHE DD 149 -74.38 34.33 -14.12
CA GLN DD 150 -74.98 34.97 -10.41
CA ARG DD 151 -74.54 38.69 -11.10
CA ALA DD 152 -77.27 38.73 -13.76
CA LEU DD 153 -79.58 36.44 -11.78
CA ILE DD 154 -79.34 38.59 -8.65
CA PHE DD 155 -79.82 41.79 -10.65
CA ILE DD 156 -82.95 40.38 -12.30
CA LEU DD 157 -84.25 39.12 -8.95
CA LEU DD 158 -83.76 42.50 -7.28
CA THR DD 159 -85.34 44.43 -10.17
CA ALA DD 160 -88.33 42.06 -10.19
CA VAL DD 161 -88.82 41.90 -6.41
CA ALA DD 162 -88.42 45.60 -5.51
CA PRO DD 163 -91.65 46.71 -7.28
CA SER DD 164 -93.69 43.79 -5.96
CA MET DD 165 -93.20 45.07 -2.40
CA THR DD 166 -95.09 48.26 -3.31
CA PHE ED 1 -126.33 -73.40 104.73
CA HIS ED 2 -123.76 -73.61 107.55
CA LEU ED 3 -123.70 -70.55 109.80
CA THR ED 4 -119.98 -70.56 110.61
CA THR ED 5 -117.76 -67.88 112.16
CA ARG ED 6 -115.59 -66.92 109.20
CA ASN ED 7 -113.20 -63.99 109.71
CA GLY ED 8 -115.05 -63.47 113.00
CA GLU ED 9 -118.43 -62.84 111.35
CA PRO ED 10 -121.40 -64.98 110.30
CA HIS ED 11 -120.80 -66.92 107.10
CA MET ED 12 -123.25 -68.93 104.97
CA ILE ED 13 -122.90 -71.35 102.05
CA VAL ED 14 -126.04 -71.30 99.88
CA SER ED 15 -126.36 -73.89 97.11
CA ARG ED 16 -128.70 -74.30 94.15
CA GLN ED 17 -131.10 -76.79 95.79
CA GLU ED 18 -133.00 -73.67 96.90
CA LYS ED 19 -132.83 -70.60 94.67
CA GLY ED 20 -134.55 -67.29 94.08
CA LYS ED 21 -136.02 -67.34 97.59
CA SER ED 22 -135.21 -65.55 100.82
CA LEU ED 23 -133.22 -67.60 103.32
CA LEU ED 24 -134.12 -67.83 107.00
CA PHE ED 25 -131.77 -68.55 109.90
CA LYS ED 26 -130.99 -67.74 113.53
CA THR ED 27 -128.29 -65.63 115.20
CA GLU ED 28 -127.70 -64.05 118.59
CA ASP ED 29 -129.70 -61.01 117.46
CA GLY ED 30 -132.70 -63.22 116.61
CA VAL ED 31 -134.30 -64.63 113.50
CA ASN ED 32 -132.78 -63.20 110.31
CA MET ED 33 -134.35 -63.41 106.86
CA CYS ED 34 -131.81 -62.84 104.08
CA THR ED 35 -132.38 -61.66 100.52
CA LEU ED 36 -130.17 -62.98 97.70
CA MET ED 37 -130.70 -61.25 94.35
CA ALA ED 38 -127.59 -62.80 92.78
CA MET ED 39 -128.81 -63.78 89.33
CA ASP ED 40 -125.71 -65.74 88.22
CA LEU ED 41 -126.10 -68.50 90.80
CA GLY ED 42 -125.31 -72.17 90.23
CA GLU ED 43 -124.72 -75.26 92.35
CA LEU ED 44 -121.89 -75.60 94.84
CA CYS ED 45 -118.51 -76.63 93.43
CA GLU ED 46 -114.89 -75.55 93.61
CA ASP ED 47 -115.48 -72.16 91.94
CA THR ED 48 -116.81 -70.55 95.11
CA ILE ED 49 -117.69 -66.87 94.85
CA THR ED 50 -118.01 -65.11 98.22
CA TYR ED 51 -119.69 -61.94 99.51
CA LYS ED 52 -119.88 -59.83 102.67
CA CYS ED 53 -123.63 -59.23 102.78
CA PRO ED 54 -124.36 -55.68 104.03
CA PHE ED 55 -126.88 -54.52 106.61
CA LEU ED 56 -129.84 -52.38 105.54
CA LYS ED 57 -132.48 -50.92 107.87
CA GLN ED 58 -135.06 -49.11 105.69
CA ASN ED 59 -133.26 -47.64 102.66
CA GLU ED 60 -134.04 -48.94 99.20
CA PRO ED 61 -131.72 -51.83 98.22
CA GLU ED 62 -129.87 -50.60 95.14
CA ASP ED 63 -127.07 -52.12 93.08
CA ILE ED 64 -126.48 -54.99 95.54
CA ASP ED 65 -127.36 -58.67 95.54
CA CYS ED 66 -127.63 -59.53 99.22
CA TRP ED 67 -129.27 -57.80 102.16
CA CYS ED 68 -130.97 -58.57 105.48
CA ASN ED 69 -133.00 -56.58 108.03
CA SER ED 70 -130.82 -56.93 111.15
CA THR ED 71 -127.17 -57.67 110.48
CA SER ED 72 -124.41 -58.22 107.93
CA THR ED 73 -122.91 -61.59 107.04
CA TRP ED 74 -120.85 -63.53 104.47
CA VAL ED 75 -122.83 -65.41 101.81
CA THR ED 76 -121.05 -67.66 99.30
CA TYR ED 77 -122.03 -70.01 96.52
CA GLY ED 78 -120.75 -71.94 93.55
CA THR ED 79 -121.06 -70.98 89.90
CA CYS ED 80 -120.70 -74.29 88.04
CA THR ED 81 -123.25 -74.92 85.30
CA THR ED 82 -125.48 -77.98 85.04
CA THR ED 83 -122.64 -80.19 83.81
CA GLY ED 84 -120.68 -79.20 86.94
CA GLU ED 85 -117.87 -77.41 85.08
CA HIS ED 86 -116.22 -74.03 85.63
CA ARG ED 87 -116.97 -70.78 83.83
CA ARG ED 88 -116.73 -70.83 80.06
CA GLU ED 89 -116.18 -68.25 77.32
CA LYS ED 90 -113.85 -67.32 74.45
CA ARG ED 91 -111.68 -65.82 73.03
CA SER ED 92 -108.40 -64.04 73.78
CA VAL ED 93 -105.65 -62.94 71.38
CA ALA ED 94 -102.25 -64.40 70.51
CA LEU ED 95 -99.85 -62.76 68.07
CA VAL ED 96 -99.76 -64.61 64.76
CA PRO ED 97 -96.32 -66.24 64.27
CA HIS ED 98 -94.15 -66.46 61.17
CA VAL ED 99 -90.66 -67.49 60.08
CA GLY ED 100 -87.54 -65.34 60.35
CA MET ED 101 -86.86 -62.43 62.68
CA GLY ED 102 -88.43 -59.22 61.43
CA LEU ED 103 -86.56 -56.29 62.98
CA GLU ED 104 -86.25 -53.73 60.20
CA THR ED 105 -89.60 -51.88 60.25
CA ARG ED 106 -91.29 -49.88 62.99
CA THR ED 107 -93.13 -46.57 63.44
CA GLU ED 108 -95.80 -45.13 61.14
CA THR ED 109 -95.36 -42.54 58.40
CA TRP ED 110 -95.77 -38.79 58.22
CA MET ED 111 -97.22 -38.22 54.76
CA SER ED 112 -95.61 -34.88 53.89
CA SER ED 113 -92.08 -35.50 55.17
CA GLU ED 114 -91.88 -39.08 53.93
CA GLY ED 115 -93.30 -38.08 50.54
CA ALA ED 116 -90.64 -35.38 50.30
CA TRP ED 117 -87.86 -37.80 51.28
CA LYS ED 118 -89.18 -40.73 49.21
CA HIS ED 119 -86.91 -39.82 46.30
CA ALA ED 120 -83.83 -39.44 48.50
CA GLN ED 121 -84.44 -42.76 50.26
CA ARG ED 122 -85.46 -44.59 47.07
CA ILE ED 123 -82.30 -43.62 45.18
CA GLU ED 124 -80.19 -44.92 48.07
CA THR ED 125 -82.07 -48.20 48.42
CA TRP ED 126 -82.03 -48.79 44.67
CA ILE ED 127 -78.37 -47.88 44.15
CA LEU ED 128 -77.42 -50.18 47.03
CA ARG ED 129 -79.63 -53.07 45.90
CA HIS ED 130 -78.23 -53.20 42.33
CA PRO ED 131 -74.42 -52.90 42.32
CA GLY ED 132 -74.33 -54.42 38.84
CA PHE ED 133 -76.24 -51.52 37.33
CA THR ED 134 -74.03 -49.22 39.41
CA ILE ED 135 -71.03 -50.66 37.58
CA MET ED 136 -72.62 -50.39 34.14
CA ALA ED 137 -73.80 -46.82 34.72
CA ALA ED 138 -70.37 -45.86 36.03
CA ILE ED 139 -68.65 -47.37 32.98
CA LEU ED 140 -71.03 -45.62 30.58
CA ALA ED 141 -70.47 -42.30 32.35
CA TYR ED 142 -66.71 -42.85 32.27
CA THR ED 143 -66.74 -43.45 28.52
CA ILE ED 144 -69.18 -40.72 27.49
CA GLY ED 145 -68.03 -37.91 29.77
CA THR ED 146 -65.00 -36.19 28.23
CA THR ED 147 -64.00 -34.33 31.41
CA HIS ED 148 -64.53 -35.19 35.05
CA PHE ED 149 -67.65 -33.17 35.84
CA GLN ED 150 -69.48 -34.42 32.75
CA ARG ED 151 -68.73 -37.96 33.93
CA ALA ED 152 -70.07 -37.26 37.42
CA LEU ED 153 -73.12 -35.47 36.02
CA ILE ED 154 -74.09 -38.30 33.69
CA PHE ED 155 -73.50 -40.80 36.51
CA ILE ED 156 -75.74 -39.01 39.01
CA LEU ED 157 -78.48 -38.38 36.42
CA LEU ED 158 -78.61 -42.06 35.44
CA THR ED 159 -78.61 -43.14 39.08
CA ALA ED 160 -81.56 -40.82 39.70
CA VAL ED 161 -83.39 -41.92 36.55
CA ALA ED 162 -83.11 -45.67 37.12
CA PRO ED 163 -85.50 -45.93 40.11
CA SER ED 164 -87.99 -43.57 38.46
CA MET ED 165 -88.60 -45.72 35.37
CA THR ED 166 -89.36 -48.67 37.66
CA PHE FD 1 -138.60 109.29 -34.06
CA HIS FD 2 -137.78 109.04 -37.78
CA LEU FD 3 -139.59 106.23 -39.56
CA THR FD 4 -136.88 105.36 -42.10
CA THR FD 5 -136.45 102.32 -44.35
CA ARG FD 6 -133.42 100.66 -42.78
CA ASN FD 7 -132.41 97.27 -44.20
CA GLY FD 8 -135.69 97.44 -46.12
CA GLU FD 9 -137.86 97.56 -42.99
CA PRO FD 10 -139.30 100.30 -40.76
CA HIS FD 11 -136.75 101.81 -38.40
CA MET FD 12 -137.25 104.23 -35.48
CA ILE FD 13 -134.93 106.29 -33.27
CA VAL FD 14 -136.50 106.87 -29.85
CA SER FD 15 -134.77 109.27 -27.46
CA ARG FD 16 -135.17 110.05 -23.76
CA GLN FD 17 -137.37 113.16 -24.18
CA GLU FD 18 -140.27 110.69 -24.01
CA LYS FD 19 -139.80 107.54 -21.95
CA GLY FD 20 -141.77 104.73 -20.37
CA LYS FD 21 -144.71 105.38 -22.70
CA SER FD 22 -146.05 103.65 -25.79
CA LEU FD 23 -145.11 105.32 -29.07
CA LEU FD 24 -147.60 106.00 -31.86
CA PHE FD 25 -146.89 106.30 -35.58
CA LYS FD 26 -148.21 105.57 -39.06
CA THR FD 27 -147.29 102.97 -41.69
CA GLU FD 28 -148.86 101.52 -44.82
CA ASP FD 29 -150.73 99.01 -42.66
CA GLY FD 30 -152.27 101.83 -40.60
CA VAL FD 31 -151.74 103.39 -37.20
CA ASN FD 32 -149.26 101.41 -35.08
CA MET FD 33 -148.82 101.77 -31.32
CA CYS FD 34 -145.48 100.41 -30.12
CA THR FD 35 -144.51 99.18 -26.66
CA LEU FD 36 -140.96 99.71 -25.38
CA MET FD 37 -140.19 97.95 -22.09
CA ALA FD 38 -136.44 98.58 -22.35
CA MET FD 39 -135.52 99.60 -18.82
CA ASP FD 40 -131.90 100.64 -19.50
CA LEU FD 41 -132.80 103.58 -21.74
CA GLY FD 42 -130.95 106.89 -21.87
CA GLU FD 43 -130.73 109.87 -24.21
CA LEU FD 44 -129.50 109.66 -27.78
CA CYS FD 45 -125.73 109.72 -28.28
CA GLU FD 46 -123.06 107.78 -30.14
CA ASP FD 47 -123.58 104.55 -28.17
CA THR FD 48 -126.64 103.54 -30.17
CA ILE FD 49 -128.17 100.18 -29.27
CA THR FD 50 -130.52 98.79 -31.93
CA TYR FD 51 -133.35 96.22 -32.01
CA LYS FD 52 -135.57 94.44 -34.53
CA CYS FD 53 -138.91 94.80 -32.75
CA PRO FD 54 -141.01 91.64 -33.25
CA PHE FD 55 -144.68 91.31 -34.17
CA LEU FD 56 -147.15 89.90 -31.65
CA LYS FD 57 -150.86 89.30 -32.29
CA GLN FD 58 -152.40 88.05 -29.02
CA ASN FD 59 -149.78 85.99 -27.16
CA GLU FD 60 -148.41 87.21 -23.85
CA PRO FD 61 -145.28 89.37 -24.34
CA GLU FD 62 -142.53 87.50 -22.48
CA ASP FD 63 -138.79 88.15 -22.17
CA ILE FD 64 -138.80 90.93 -24.78
CA ASP FD 65 -138.62 94.71 -24.60
CA CYS FD 66 -140.44 95.85 -27.71
CA TRP FD 67 -143.67 94.78 -29.36
CA CYS FD 68 -146.53 96.17 -31.46
CA ASN FD 69 -149.97 94.92 -32.55
CA SER FD 70 -149.59 94.93 -36.35
CA THR FD 71 -146.03 94.69 -37.60
CA SER FD 72 -142.34 94.36 -36.77
CA THR FD 73 -139.81 97.19 -36.96
CA TRP FD 74 -136.35 98.38 -35.87
CA VAL FD 75 -136.23 100.51 -32.71
CA THR FD 76 -132.95 102.07 -31.55
CA TYR FD 77 -131.83 104.41 -28.80
CA GLY FD 78 -128.82 105.75 -26.98
CA THR FD 79 -127.53 104.67 -23.59
CA CYS FD 80 -125.51 107.64 -22.37
CA THR FD 81 -126.13 108.71 -18.78
CA THR FD 82 -127.11 112.20 -17.66
CA THR FD 83 -123.58 113.55 -18.13
CA GLY FD 84 -123.72 112.32 -21.74
CA GLU FD 85 -120.91 109.76 -21.39
CA HIS FD 86 -120.64 106.12 -22.45
CA ARG FD 87 -121.19 103.04 -20.31
CA ARG FD 88 -119.13 102.79 -17.15
CA GLU FD 89 -117.98 99.97 -14.86
CA LYS FD 90 -114.85 98.31 -13.45
CA ARG FD 91 -112.72 96.22 -13.17
CA SER FD 92 -110.78 93.74 -15.31
CA VAL FD 93 -107.59 91.84 -14.50
CA ALA FD 94 -103.96 92.34 -15.50
CA LEU FD 95 -101.17 90.00 -14.45
CA VAL FD 96 -99.00 91.55 -11.74
CA PRO FD 97 -95.48 92.23 -13.11
CA HIS FD 98 -92.10 91.69 -11.48
CA VAL FD 99 -88.39 91.75 -12.32
CA GLY FD 100 -86.45 88.92 -13.93
CA MET FD 101 -87.75 86.08 -16.11
CA GLY FD 102 -89.25 83.30 -14.03
CA LEU FD 103 -89.17 80.10 -16.10
CA GLU FD 104 -88.19 77.37 -13.67
CA THR FD 105 -91.48 76.42 -11.95
CA ARG FD 106 -94.73 75.09 -13.37
CA THR FD 107 -97.31 72.37 -12.64
CA GLU FD 108 -98.77 71.49 -9.24
CA THR FD 109 -97.70 68.70 -6.90
CA TRP FD 110 -98.90 65.16 -6.29
CA MET FD 111 -98.56 64.75 -2.54
CA SER FD 112 -97.61 61.06 -2.35
CA SER FD 113 -95.13 60.87 -5.23
CA GLU FD 114 -93.47 64.19 -4.49
CA GLY FD 115 -93.25 63.36 -0.78
CA ALA FD 116 -91.58 60.07 -1.69
CA TRP FD 117 -89.13 61.78 -4.07
CA LYS FD 118 -88.49 64.80 -1.82
CA HIS FD 119 -85.39 63.17 -0.34
CA ALA FD 120 -83.99 62.18 -3.74
CA GLN FD 121 -84.54 65.65 -5.18
CA ARG FD 122 -83.37 67.47 -2.04
CA ILE FD 123 -80.05 65.62 -1.87
CA GLU FD 124 -79.38 66.54 -5.50
CA THR FD 125 -80.31 70.20 -5.11
CA TRP FD 126 -78.28 70.52 -1.91
CA ILE FD 127 -75.20 68.69 -3.19
CA LEU FD 128 -75.25 70.86 -6.31
CA ARG FD 129 -75.83 74.13 -4.44
CA HIS FD 130 -72.87 73.67 -2.03
CA PRO FD 131 -69.76 72.43 -3.87
CA GLY FD 132 -67.60 73.65 -0.98
CA PHE FD 133 -69.18 71.23 1.46
CA THR FD 134 -68.92 68.59 -1.28
CA ILE FD 135 -65.16 69.12 -1.25
CA MET FD 136 -64.87 69.02 2.54
CA ALA FD 137 -67.03 65.90 2.84
CA ALA FD 138 -65.04 64.21 0.09
CA ILE FD 139 -61.74 65.04 1.80
CA LEU FD 140 -62.98 63.78 5.17
CA ALA FD 141 -64.21 60.55 3.58
CA TYR FD 142 -60.89 60.14 1.77
CA THR FD 143 -58.94 60.48 5.00
CA ILE FD 144 -61.15 58.38 7.27
CA GLY FD 145 -62.00 55.53 4.92
CA THR FD 146 -59.14 53.01 4.89
CA THR FD 147 -60.32 51.17 1.75
CA HIS FD 148 -62.34 52.38 -1.21
CA PHE FD 149 -65.83 51.26 -0.24
CA GLN FD 150 -65.54 52.71 3.27
CA ARG FD 151 -64.62 56.02 1.64
CA ALA FD 152 -67.61 55.91 -0.70
CA LEU FD 153 -69.93 54.85 2.13
CA ILE FD 154 -68.89 57.68 4.44
CA PHE FD 155 -69.15 60.12 1.55
CA ILE FD 156 -72.70 59.13 0.59
CA LEU FD 157 -73.88 59.03 4.22
CA LEU FD 158 -72.59 62.55 4.89
CA THR FD 159 -74.10 63.84 1.65
CA ALA FD 160 -77.45 62.36 2.71
CA VAL FD 161 -77.16 63.67 6.28
CA ALA FD 162 -76.27 67.26 5.39
CA PRO FD 163 -79.66 68.31 3.95
CA SER FD 164 -81.53 66.53 6.76
CA MET FD 165 -80.00 68.56 9.60
CA THR FD 166 -81.01 71.76 7.78
CA PHE GD 1 -132.36 124.31 13.74
CA HIS GD 2 -130.08 125.70 16.47
CA LEU GD 3 -127.37 127.94 14.99
CA THR GD 4 -123.97 128.58 16.58
CA THR GD 5 -120.70 130.11 15.36
CA ARG GD 6 -117.73 127.73 15.37
CA ASN GD 7 -114.46 128.18 13.46
CA GLY GD 8 -115.85 131.39 11.99
CA GLU GD 9 -118.66 129.44 10.28
CA PRO GD 10 -122.24 128.57 11.24
CA HIS GD 11 -122.95 125.24 12.91
CA MET GD 12 -126.50 123.84 12.72
CA ILE GD 13 -127.89 121.38 15.26
CA VAL GD 14 -130.96 119.49 14.04
CA SER GD 15 -133.15 116.93 15.79
CA ARG GD 16 -135.61 114.37 14.49
CA GLN GD 17 -138.49 116.60 15.59
CA GLU GD 18 -137.97 118.25 12.17
CA LYS GD 19 -137.19 114.98 10.40
CA GLY GD 20 -138.03 114.64 6.71
CA LYS GD 21 -138.55 118.35 6.08
CA SER GD 22 -136.41 120.88 4.25
CA LEU GD 23 -134.09 123.08 6.31
CA LEU GD 24 -135.74 126.51 6.18
CA PHE GD 25 -134.84 129.53 8.32
CA LYS GD 26 -133.83 133.18 8.04
CA THR GD 27 -130.61 134.98 9.01
CA GLU GD 28 -128.68 138.06 7.93
CA ASP GD 29 -126.74 136.03 5.34
CA GLY GD 30 -129.94 135.87 3.29
CA VAL GD 31 -132.87 133.57 2.59
CA ASN GD 32 -131.03 130.37 3.57
CA MET GD 33 -133.07 127.71 1.85
CA CYS GD 34 -131.47 124.34 2.57
CA THR GD 35 -132.26 120.63 2.58
CA LEU GD 36 -131.24 117.52 4.50
CA MET GD 37 -131.84 114.32 2.56
CA ALA GD 38 -130.03 111.33 4.10
CA MET GD 39 -132.08 109.03 6.33
CA ASP GD 40 -129.30 108.21 8.79
CA LEU GD 41 -130.83 110.69 11.25
CA GLY GD 42 -131.59 109.45 14.74
CA GLU GD 43 -133.04 111.15 17.78
CA LEU GD 44 -131.15 113.74 19.80
CA CYS GD 45 -128.46 112.00 21.85
CA GLU GD 46 -124.74 112.23 22.58
CA ASP GD 47 -123.68 110.54 19.32
CA THR GD 48 -123.25 113.79 17.42
CA ILE GD 49 -122.30 113.61 13.73
CA THR GD 50 -121.36 116.70 11.71
CA TYR GD 51 -121.25 117.93 8.10
CA LYS GD 52 -120.44 120.90 5.94
CA CYS GD 53 -123.32 121.73 3.61
CA PRO GD 54 -121.94 123.18 0.35
CA PHE GD 55 -123.18 126.26 -1.48
CA LEU GD 56 -125.05 126.08 -4.77
CA LYS GD 57 -123.83 127.95 -7.82
CA GLN GD 58 -125.64 126.14 -10.65
CA ASN GD 59 -125.37 122.37 -10.15
CA GLU GD 60 -128.12 119.97 -9.19
CA PRO GD 61 -127.83 118.69 -5.59
CA GLU GD 62 -125.41 115.79 -5.80
CA ASP GD 63 -122.60 114.01 -3.92
CA ILE GD 64 -123.59 115.47 -0.50
CA ASP GD 65 -126.33 114.46 1.91
CA CYS GD 66 -127.12 118.08 2.73
CA TRP GD 67 -127.53 120.93 0.25
CA CYS GD 68 -127.84 124.67 0.91
CA ASN GD 69 -128.05 127.39 -1.75
CA SER GD 70 -127.35 130.66 0.09
CA THR GD 71 -124.25 130.15 2.26
CA SER GD 72 -122.12 127.16 3.25
CA THR GD 73 -123.04 125.97 6.72
CA TRP GD 74 -122.26 123.01 8.98
CA VAL GD 75 -125.14 120.71 9.92
CA THR GD 76 -124.85 118.22 12.78
CA TYR GD 77 -127.38 115.86 14.34
CA GLY GD 78 -127.84 112.58 16.17
CA THR GD 79 -127.56 109.07 14.76
CA CYS GD 80 -128.38 106.69 17.62
CA THR GD 81 -131.20 104.22 17.03
CA THR GD 82 -134.65 104.94 18.42
CA THR GD 83 -134.04 102.78 21.51
CA GLY GD 84 -131.32 105.17 22.76
CA GLU GD 85 -128.48 102.82 21.76
CA HIS GD 86 -125.38 103.84 19.82
CA ARG GD 87 -124.71 102.32 16.43
CA ARG GD 88 -122.79 99.06 16.40
CA GLU GD 89 -121.90 96.08 14.21
CA LYS GD 90 -121.73 92.42 15.15
CA ARG GD 91 -118.31 91.80 13.60
CA SER GD 92 -115.63 90.62 16.04
CA VAL GD 93 -111.84 90.19 16.23
CA ALA GD 94 -109.80 87.80 18.38
CA LEU GD 95 -107.43 84.83 18.00
CA VAL GD 96 -106.78 81.31 19.31
CA PRO GD 97 -105.55 81.24 22.95
CA HIS GD 98 -105.11 77.47 23.40
CA VAL GD 99 -101.42 76.66 22.85
CA GLY GD 100 -98.39 78.90 22.53
CA MET GD 101 -94.86 78.58 23.95
CA GLY GD 102 -91.62 79.26 22.07
CA LEU GD 103 -88.73 79.70 24.53
CA GLU GD 104 -88.83 80.18 28.31
CA THR GD 105 -87.32 79.29 31.68
CA ARG GD 106 -84.15 79.92 33.56
CA THR GD 107 -80.91 79.76 31.58
CA GLU GD 108 -78.71 76.75 32.45
CA THR GD 109 -80.34 74.05 34.58
CA TRP GD 110 -83.24 74.15 32.16
CA MET GD 111 -80.74 74.05 29.31
CA SER GD 112 -78.95 70.98 30.67
CA SER GD 113 -82.07 69.12 31.81
CA GLU GD 114 -84.22 69.80 28.75
CA GLY GD 115 -81.26 69.12 26.46
CA ALA GD 116 -80.77 65.72 28.08
CA TRP GD 117 -84.49 64.93 27.98
CA LYS GD 118 -85.16 66.24 24.47
CA HIS GD 119 -82.17 64.39 23.06
CA ALA GD 120 -83.22 61.28 24.99
CA GLN GD 121 -86.79 61.36 23.69
CA ARG GD 122 -85.74 62.28 20.14
CA ILE GD 123 -83.18 59.48 19.89
CA GLU GD 124 -85.52 57.06 21.68
CA THR GD 125 -88.33 57.83 19.23
CA TRP GD 126 -85.88 57.30 16.35
CA ILE GD 127 -84.92 53.94 17.91
CA LEU GD 128 -88.49 52.72 18.56
CA ARG GD 129 -90.41 54.53 15.81
CA HIS GD 130 -88.00 52.83 13.36
CA PRO GD 131 -86.29 49.93 15.17
CA GLY GD 132 -85.01 47.54 12.51
CA PHE GD 133 -82.76 50.14 10.90
CA THR GD 134 -81.05 50.52 14.27
CA ILE GD 135 -80.15 46.86 14.78
CA MET GD 136 -79.13 46.35 11.15
CA ALA GD 137 -76.89 49.42 11.34
CA ALA GD 138 -75.40 48.22 14.62
CA ILE GD 139 -74.50 44.78 13.27
CA LEU GD 140 -73.24 46.30 10.00
CA ALA GD 141 -70.93 48.63 11.94
CA TYR GD 142 -69.71 45.87 14.23
CA THR GD 143 -68.89 43.76 11.17
CA ILE GD 144 -67.38 46.48 8.95
CA GLY GD 145 -65.78 49.18 11.07
CA THR GD 146 -62.11 48.50 11.75
CA THR GD 147 -61.87 50.36 15.08
CA HIS GD 148 -64.43 50.93 17.81
CA PHE GD 149 -64.27 54.66 17.01
CA GLN GD 150 -64.95 53.89 13.34
CA ARG GD 151 -67.77 51.51 14.25
CA ALA GD 152 -69.24 54.20 16.51
CA LEU GD 153 -69.19 56.65 13.62
CA ILE GD 154 -70.82 54.07 11.33
CA PHE GD 155 -73.84 53.09 13.36
CA ILE GD 156 -74.40 56.46 15.07
CA LEU GD 157 -74.47 58.11 11.63
CA LEU GD 158 -76.72 55.41 10.18
CA THR GD 159 -79.14 55.73 13.11
CA ALA GD 160 -79.09 59.50 12.63
CA VAL GD 161 -79.84 59.43 8.90
CA ALA GD 162 -82.14 56.43 8.40
CA PRO GD 163 -85.18 57.54 10.48
CA SER GD 164 -85.00 60.98 8.87
CA MET GD 165 -84.63 59.26 5.50
CA THR GD 166 -87.52 56.93 6.33
CA MET HD 1 -68.74 -60.81 -92.05
CA ARG HD 2 -67.25 -59.88 -95.41
CA CYS HD 3 -63.69 -58.84 -94.65
CA ILE HD 4 -61.38 -61.84 -94.39
CA GLY HD 5 -57.88 -61.71 -95.85
CA ILE HD 6 -57.73 -57.91 -96.08
CA SER HD 7 -54.52 -56.99 -94.29
CA ASN HD 8 -55.67 -53.60 -92.97
CA ARG HD 9 -58.56 -54.47 -90.66
CA ASP HD 10 -59.10 -51.54 -88.29
CA PHE HD 11 -61.04 -51.82 -85.04
CA VAL HD 12 -63.30 -49.62 -82.93
CA GLU HD 13 -63.40 -51.29 -79.49
CA GLY HD 14 -66.27 -49.43 -77.85
CA VAL HD 15 -68.96 -46.78 -78.14
CA SER HD 16 -70.20 -43.83 -76.07
CA GLY HD 17 -73.58 -42.21 -75.50
CA GLY HD 18 -73.21 -39.75 -78.36
CA SER HD 19 -72.20 -42.61 -80.67
CA TRP HD 20 -70.91 -40.08 -83.22
CA VAL HD 21 -68.06 -42.31 -84.31
CA ASP HD 22 -66.00 -40.83 -87.16
CA ILE HD 23 -64.65 -43.86 -88.99
CA VAL HD 24 -61.50 -43.70 -91.06
CA LEU HD 25 -61.60 -45.59 -94.34
CA GLU HD 26 -59.04 -46.26 -97.05
CA HIS HD 27 -58.58 -48.38 -100.17
CA GLY HD 28 -58.01 -52.06 -99.46
CA SER HD 29 -58.76 -51.71 -95.75
CA CYS HD 30 -61.86 -52.76 -93.82
CA VAL HD 31 -63.23 -51.40 -90.56
CA THR HD 32 -65.10 -53.09 -87.70
CA THR HD 33 -67.43 -51.13 -85.44
CA MET HD 34 -68.32 -52.45 -81.99
CA ALA HD 35 -71.08 -51.20 -79.72
CA LYS HD 36 -72.24 -52.36 -76.30
CA ASN HD 37 -75.31 -54.56 -76.86
CA LYS HD 38 -75.86 -53.09 -80.33
CA PRO HD 39 -75.37 -54.72 -83.75
CA THR HD 40 -71.73 -54.89 -84.79
CA LEU HD 41 -70.95 -53.49 -88.24
CA ASP HD 42 -68.36 -53.95 -90.97
CA PHE HD 43 -67.62 -50.96 -93.20
CA GLU HD 44 -65.79 -50.93 -96.52
CA LEU HD 45 -65.48 -48.95 -99.72
CA ILE HD 46 -65.90 -51.40 -102.59
CA LYS HD 47 -65.42 -49.06 -105.55
CA THR HD 48 -64.27 -45.48 -106.10
CA GLU HD 49 -65.49 -43.85 -109.31
CA ALA HD 50 -65.69 -40.32 -110.70
CA LYS HD 51 -68.69 -40.50 -113.00
CA GLN HD 52 -68.97 -38.15 -115.97
CA PRO HD 53 -65.32 -36.99 -116.02
CA ALA HD 54 -64.36 -33.88 -117.95
CA THR HD 55 -62.12 -33.90 -121.03
CA LEU HD 56 -58.93 -31.81 -120.94
CA ARG HD 57 -56.94 -32.45 -124.12
CA LYS HD 58 -56.72 -35.23 -126.69
CA TYR HD 59 -53.44 -36.58 -128.04
CA CYS HD 60 -52.89 -38.20 -131.44
CA ILE HD 61 -51.40 -41.67 -131.80
CA GLU HD 62 -51.65 -42.94 -135.41
CA ALA HD 63 -51.40 -40.60 -138.38
CA LYS HD 64 -53.02 -41.11 -141.75
CA LEU HD 65 -52.03 -38.49 -144.31
CA THR HD 66 -52.81 -37.50 -147.89
CA ASN HD 67 -52.71 -34.71 -150.46
CA THR HD 68 -48.98 -34.23 -149.87
CA THR HD 69 -47.47 -31.77 -152.34
CA THR HD 70 -44.13 -30.12 -153.06
CA ASP HD 71 -44.18 -26.75 -154.81
CA SER HD 72 -41.13 -24.65 -155.53
CA ARG HD 73 -39.81 -21.70 -157.51
CA CYS HD 74 -36.45 -20.86 -159.00
CA PRO HD 75 -34.08 -18.86 -156.77
CA THR HD 76 -34.85 -15.11 -156.84
CA GLN HD 77 -38.61 -15.75 -157.26
CA GLY HD 78 -39.68 -15.98 -153.61
CA GLU HD 79 -40.91 -19.22 -152.07
CA PRO HD 80 -44.34 -19.89 -153.60
CA SER HD 81 -47.60 -19.42 -151.75
CA LEU HD 82 -50.18 -22.20 -151.86
CA ASN HD 83 -53.89 -22.52 -151.31
CA GLU HD 84 -52.88 -25.69 -149.46
CA GLU HD 85 -50.86 -23.97 -146.75
CA GLN HD 86 -53.33 -21.27 -145.70
CA ASP HD 87 -55.66 -23.76 -143.93
CA LYS HD 88 -54.96 -25.19 -140.48
CA ARG HD 89 -56.34 -28.54 -141.67
CA PHE HD 90 -52.90 -29.27 -143.17
CA VAL HD 91 -49.37 -29.42 -141.76
CA CYS HD 92 -46.55 -27.65 -143.55
CA LYS HD 93 -43.05 -26.31 -143.80
CA HIS HD 94 -40.81 -24.16 -145.97
CA SER HD 95 -37.23 -25.16 -146.69
CA MET HD 96 -34.17 -24.12 -148.68
CA VAL HD 97 -32.43 -26.31 -151.26
CA ASP HD 98 -29.68 -25.82 -153.83
CA ARG HD 99 -31.41 -26.04 -157.20
CA GLY HD 100 -28.68 -26.55 -159.80
CA TRP HD 101 -28.40 -25.33 -163.37
CA GLY HD 102 -29.63 -28.62 -164.83
CA ASN HD 103 -32.56 -28.68 -162.44
CA GLY HD 104 -35.35 -27.12 -164.45
CA CYS HD 105 -34.53 -23.47 -163.85
CA GLY HD 106 -31.02 -23.06 -165.18
CA LEU HD 107 -29.72 -20.65 -162.59
CA PHE HD 108 -27.91 -22.53 -159.85
CA GLY HD 109 -28.55 -21.26 -156.35
CA LYS HD 110 -30.36 -21.90 -153.10
CA GLY HD 111 -34.10 -21.34 -153.27
CA GLY HD 112 -37.32 -22.05 -151.41
CA ILE HD 113 -39.56 -25.11 -151.48
CA VAL HD 114 -42.94 -25.40 -149.76
CA THR HD 115 -43.88 -28.94 -148.80
CA CYS HD 116 -47.11 -30.17 -147.20
CA ALA HD 117 -50.00 -32.49 -146.72
CA MET HD 118 -53.27 -33.21 -144.97
CA PHE HD 119 -53.10 -34.62 -141.46
CA THR HD 120 -56.04 -36.53 -139.98
CA CYS HD 121 -55.18 -39.33 -137.57
CA LYS HD 122 -57.00 -42.46 -136.55
CA LYS HD 123 -56.30 -43.51 -132.94
CA ASN HD 124 -56.17 -40.85 -130.25
CA MET HD 125 -55.77 -40.62 -126.50
CA LYS HD 126 -58.52 -39.54 -124.13
CA GLY HD 127 -57.15 -37.09 -121.57
CA LYS HD 128 -59.45 -36.35 -118.67
CA VAL HD 129 -59.54 -34.40 -115.41
CA VAL HD 130 -61.34 -35.29 -112.18
CA GLN HD 131 -62.70 -32.61 -109.83
CA PRO HD 132 -63.61 -33.00 -106.13
CA GLU HD 133 -67.29 -32.63 -107.07
CA ASN HD 134 -67.39 -35.70 -109.30
CA LEU HD 135 -65.87 -38.03 -106.69
CA GLU HD 136 -68.45 -40.76 -106.16
CA TYR HD 137 -67.72 -43.36 -103.48
CA THR HD 138 -69.47 -46.70 -103.11
CA ILE HD 139 -69.75 -47.80 -99.49
CA VAL HD 140 -70.61 -51.34 -98.36
CA ILE HD 141 -72.20 -51.89 -94.94
CA THR HD 142 -72.55 -55.38 -93.50
CA PRO HD 143 -73.85 -56.94 -90.27
CA HIS HD 144 -72.06 -59.73 -88.39
CA SER HD 145 -74.90 -62.18 -88.87
CA GLY HD 146 -72.38 -64.88 -89.75
CA GLU HD 147 -73.96 -65.94 -93.05
CA GLU HD 148 -71.96 -68.64 -94.78
CA HIS HD 149 -70.95 -66.86 -98.00
CA ALA HD 150 -69.16 -64.12 -96.06
CA VAL HD 151 -65.52 -65.23 -95.91
CA GLY HD 152 -63.86 -63.95 -99.07
CA ASN HD 153 -67.10 -62.48 -100.47
CA ASP HD 154 -67.59 -58.81 -101.31
CA THR HD 155 -70.66 -58.10 -103.46
CA GLY HD 156 -72.84 -60.89 -102.06
CA LYS HD 157 -76.45 -59.87 -101.40
CA HIS HD 158 -76.20 -59.81 -97.61
CA GLY HD 159 -75.59 -56.15 -96.76
CA LYS HD 160 -76.24 -52.71 -98.22
CA GLU HD 161 -74.49 -50.60 -100.85
CA ILE HD 162 -74.81 -46.81 -100.80
CA LYS HD 163 -73.79 -44.27 -103.44
CA ILE HD 164 -72.14 -41.56 -101.35
CA THR HD 165 -70.87 -38.24 -102.69
CA PRO HD 166 -69.83 -34.92 -101.09
CA GLN HD 167 -72.74 -33.32 -102.95
CA SER HD 168 -74.95 -35.46 -100.67
CA SER HD 169 -74.90 -35.12 -96.88
CA ILE HD 170 -77.64 -37.24 -95.23
CA THR HD 171 -79.35 -40.39 -96.43
CA GLU HD 172 -80.83 -43.27 -94.46
CA ALA HD 173 -79.87 -46.83 -95.37
CA GLU HD 174 -81.58 -50.05 -94.32
CA LEU HD 175 -79.75 -53.11 -92.97
CA THR HD 176 -82.22 -55.96 -93.30
CA GLY HD 177 -82.95 -57.55 -89.95
CA TYR HD 178 -80.97 -54.93 -88.05
CA GLY HD 179 -82.78 -51.66 -88.78
CA THR HD 180 -81.49 -48.30 -90.00
CA VAL HD 181 -78.15 -46.53 -90.26
CA THR HD 182 -77.82 -42.92 -91.34
CA MET HD 183 -75.23 -41.97 -93.96
CA GLU HD 184 -74.54 -38.49 -92.60
CA CYS HD 185 -71.07 -38.94 -94.04
CA SER HD 186 -68.45 -36.36 -94.97
CA PRO HD 187 -66.06 -37.23 -97.82
CA ARG HD 188 -63.71 -34.35 -97.09
CA THR HD 189 -60.16 -35.59 -97.44
CA GLY HD 190 -59.29 -35.70 -101.11
CA LEU HD 191 -55.50 -36.04 -101.26
CA ASP HD 192 -54.76 -33.77 -104.23
CA PHE HD 193 -56.23 -33.24 -107.69
CA ASN HD 194 -54.55 -30.29 -109.42
CA GLU HD 195 -51.61 -32.39 -110.65
CA MET HD 196 -53.28 -35.71 -111.51
CA VAL HD 197 -54.80 -36.61 -114.87
CA LEU HD 198 -56.54 -39.68 -116.26
CA LEU HD 199 -55.69 -41.21 -119.64
CA GLN HD 200 -57.75 -43.73 -121.62
CA MET HD 201 -56.82 -45.88 -124.64
CA GLU HD 202 -59.69 -47.91 -126.15
CA ASN HD 203 -59.85 -50.52 -123.36
CA LYS HD 204 -57.26 -49.46 -120.77
CA ALA HD 205 -56.38 -46.44 -118.64
CA TRP HD 206 -53.61 -44.79 -116.65
CA LEU HD 207 -53.04 -42.03 -114.10
CA VAL HD 208 -50.24 -39.51 -114.61
CA HIS HD 209 -49.12 -36.12 -113.35
CA ARG HD 210 -50.43 -33.07 -115.21
CA GLN HD 211 -46.97 -31.80 -116.14
CA TRP HD 212 -46.46 -35.01 -118.09
CA PHE HD 213 -49.36 -34.08 -120.38
CA LEU HD 214 -48.27 -30.45 -120.47
CA ASP HD 215 -44.79 -31.40 -121.71
CA LEU HD 216 -45.24 -34.52 -123.83
CA PRO HD 217 -44.43 -33.57 -127.48
CA LEU HD 218 -47.28 -35.06 -129.47
CA PRO HD 219 -50.21 -33.53 -131.37
CA TRP HD 220 -52.87 -31.65 -129.38
CA LEU HD 221 -56.59 -31.06 -129.37
CA PRO HD 222 -58.11 -28.73 -126.76
CA GLY HD 223 -61.16 -30.22 -125.10
CA ALA HD 224 -63.54 -27.76 -126.72
CA ASP HD 225 -62.90 -28.71 -130.34
CA THR HD 226 -64.95 -31.44 -132.02
CA GLN HD 227 -64.02 -31.40 -135.72
CA GLY HD 228 -60.55 -32.84 -135.14
CA SER HD 229 -59.11 -30.42 -137.72
CA ASN HD 230 -57.21 -27.81 -135.68
CA TRP HD 231 -54.06 -29.17 -134.04
CA ILE HD 232 -51.15 -27.71 -132.07
CA GLN HD 233 -47.56 -28.96 -132.19
CA LYS HD 234 -48.80 -31.00 -135.15
CA GLU HD 235 -45.34 -30.96 -136.76
CA THR HD 236 -43.73 -33.34 -134.25
CA LEU HD 237 -45.20 -36.52 -135.76
CA VAL HD 238 -44.23 -35.65 -139.32
CA THR HD 239 -40.49 -36.06 -139.79
CA PHE HD 240 -39.12 -34.95 -143.14
CA LYS HD 241 -36.51 -36.82 -145.11
CA ASN HD 242 -33.64 -34.53 -146.02
CA PRO HD 243 -34.72 -32.22 -148.87
CA HIS HD 244 -33.96 -33.63 -152.30
CA ALA HD 245 -33.98 -30.82 -154.87
CA LYS HD 246 -37.72 -30.78 -155.61
CA LYS HD 247 -38.63 -34.07 -153.95
CA GLN HD 248 -39.51 -33.63 -150.32
CA ASP HD 249 -41.42 -36.66 -149.11
CA VAL HD 250 -43.09 -36.46 -145.72
CA VAL HD 251 -43.28 -39.38 -143.30
CA VAL HD 252 -44.70 -39.65 -139.79
CA LEU HD 253 -44.11 -41.82 -136.72
CA GLY HD 254 -46.00 -45.08 -136.79
CA SER HD 255 -47.58 -47.15 -134.05
CA GLN HD 256 -46.94 -45.25 -130.81
CA GLU HD 257 -49.03 -47.61 -128.68
CA GLY HD 258 -45.99 -49.79 -128.06
CA ALA HD 259 -43.88 -46.74 -127.24
CA MET HD 260 -46.56 -45.52 -124.85
CA HIS HD 261 -46.83 -48.92 -123.14
CA THR HD 262 -43.07 -49.35 -122.70
CA ALA HD 263 -42.42 -45.74 -121.62
CA LEU HD 264 -45.48 -45.05 -119.45
CA THR HD 265 -44.80 -48.22 -117.45
CA GLY HD 266 -44.10 -47.47 -113.81
CA ALA HD 267 -46.98 -45.00 -113.56
CA THR HD 268 -50.21 -45.85 -111.76
CA GLU HD 269 -52.09 -48.37 -113.90
CA ILE HD 270 -55.86 -48.26 -113.34
CA GLN HD 271 -58.07 -51.17 -114.38
CA MET HD 272 -60.78 -49.15 -116.10
CA SER HD 273 -62.36 -52.38 -117.41
CA SER HD 274 -64.00 -52.74 -113.99
CA GLY HD 275 -64.35 -48.96 -113.84
CA ASN HD 276 -61.82 -46.44 -112.59
CA LEU HD 277 -60.53 -47.62 -109.20
CA LEU HD 278 -59.10 -44.33 -107.92
CA PHE HD 279 -56.67 -45.31 -105.15
CA THR HD 280 -56.41 -41.83 -103.66
CA GLY HD 281 -57.54 -39.99 -100.57
CA HIS HD 282 -59.09 -41.20 -97.31
CA LEU HD 283 -62.72 -41.15 -96.20
CA LYS HD 284 -63.63 -39.44 -92.93
CA CYS HD 285 -67.16 -40.66 -92.34
CA ARG HD 286 -69.29 -39.74 -89.32
CA LEU HD 287 -71.81 -42.41 -88.27
CA ARG HD 288 -74.38 -42.36 -85.46
CA MET HD 289 -75.54 -45.84 -84.43
CA ASP HD 290 -78.31 -44.60 -82.12
CA LYS HD 291 -81.20 -45.97 -84.22
CA LEU HD 292 -79.77 -49.37 -85.25
CA GLN HD 293 -81.77 -52.21 -83.73
CA LEU HD 294 -80.54 -55.73 -82.94
CA LYS HD 295 -82.80 -58.73 -83.66
CA GLY HD 296 -82.16 -61.59 -81.28
CA MET HD 297 -80.83 -60.37 -77.94
CA SER HD 298 -84.24 -61.38 -76.57
CA TYR HD 299 -84.11 -64.90 -78.00
CA SER HD 300 -83.98 -67.92 -75.72
CA MET HD 301 -80.85 -69.89 -74.91
CA CYS HD 302 -79.64 -72.67 -77.22
CA THR HD 303 -79.99 -76.11 -75.61
CA GLY HD 304 -79.56 -78.65 -78.42
CA LYS HD 305 -76.79 -80.51 -80.17
CA PHE HD 306 -73.68 -78.60 -81.20
CA LYS HD 307 -71.15 -79.52 -83.89
CA VAL HD 308 -68.25 -77.93 -85.77
CA VAL HD 309 -67.83 -78.26 -89.54
CA LYS HD 310 -64.53 -76.49 -90.26
CA GLU HD 311 -61.83 -75.35 -87.84
CA ILE HD 312 -60.26 -71.87 -87.74
CA ALA HD 313 -59.11 -70.35 -91.00
CA GLU HD 314 -56.33 -68.39 -89.33
CA THR HD 315 -56.48 -64.68 -90.17
CA GLN HD 316 -53.82 -62.01 -90.36
CA HIS HD 317 -54.95 -60.88 -86.88
CA GLY HD 318 -55.27 -64.42 -85.53
CA THR HD 319 -59.01 -63.95 -85.17
CA ILE HD 320 -61.08 -67.12 -84.73
CA VAL HD 321 -63.64 -67.50 -87.51
CA ILE HD 322 -65.65 -70.56 -86.55
CA ARG HD 323 -67.99 -71.87 -89.27
CA VAL HD 324 -70.21 -74.00 -87.10
CA GLN HD 325 -73.50 -75.88 -87.61
CA TYR HD 326 -76.07 -76.47 -84.85
CA GLU HD 327 -78.28 -79.47 -85.58
CA GLY HD 328 -80.09 -78.82 -82.31
CA ASP HD 329 -83.65 -77.53 -82.36
CA GLY HD 330 -85.07 -74.42 -80.69
CA SER HD 331 -83.67 -71.87 -83.13
CA PRO HD 332 -83.63 -68.88 -82.97
CA CYS HD 333 -81.59 -68.98 -79.75
CA LYS HD 334 -78.54 -67.39 -78.15
CA ILE HD 335 -75.29 -69.35 -78.40
CA PRO HD 336 -73.01 -70.26 -75.47
CA PHE HD 337 -69.74 -68.53 -76.33
CA GLU HD 338 -66.91 -68.51 -73.77
CA ILE HD 339 -63.16 -68.03 -74.19
CA MET HD 340 -61.42 -69.34 -71.09
CA ASP HD 341 -57.94 -70.01 -69.75
CA LEU HD 342 -55.99 -73.27 -69.43
CA GLU HD 343 -57.22 -74.02 -65.92
CA LYS HD 344 -60.67 -72.60 -66.82
CA ARG HD 345 -60.86 -70.11 -63.94
CA HIS HD 346 -62.03 -66.83 -65.52
CA VAL HD 347 -62.98 -65.56 -68.97
CA LEU HD 348 -60.81 -62.97 -70.69
CA GLY HD 349 -61.81 -63.11 -74.38
CA ARG HD 350 -63.61 -60.63 -76.62
CA LEU HD 351 -66.27 -61.99 -78.95
CA ILE HD 352 -66.94 -59.84 -82.02
CA THR HD 353 -70.41 -60.74 -83.26
CA VAL HD 354 -72.52 -59.79 -80.26
CA ASN HD 355 -75.49 -62.07 -79.72
CA PRO HD 356 -74.30 -64.96 -81.89
CA ILE HD 357 -77.58 -66.39 -83.12
CA VAL HD 358 -78.62 -69.21 -85.42
CA THR HD 359 -81.54 -68.02 -87.53
CA GLU HD 360 -82.60 -71.46 -88.75
CA LYS HD 361 -81.84 -75.14 -88.31
CA ASP HD 362 -79.57 -77.06 -90.69
CA SER HD 363 -77.65 -73.89 -91.49
CA PRO HD 364 -74.00 -72.99 -90.80
CA VAL HD 365 -73.15 -69.76 -89.01
CA ASN HD 366 -69.80 -67.95 -89.13
CA ILE HD 367 -69.04 -66.55 -85.68
CA GLU HD 368 -66.25 -63.98 -85.50
CA ALA HD 369 -64.23 -63.61 -82.33
CA GLU HD 370 -60.85 -62.50 -80.98
CA PRO HD 371 -59.38 -64.69 -78.20
CA PRO HD 372 -56.67 -63.67 -75.73
CA PHE HD 373 -52.97 -64.21 -76.39
CA GLY HD 374 -51.22 -67.50 -75.84
CA ASP HD 375 -53.06 -70.78 -75.38
CA SER HD 376 -56.72 -70.92 -74.43
CA TYR HD 377 -59.94 -72.94 -74.71
CA ILE HD 378 -63.03 -72.09 -76.75
CA ILE HD 379 -66.25 -73.28 -75.11
CA ILE HD 380 -69.28 -73.70 -77.36
CA GLY HD 381 -72.54 -75.23 -76.17
CA VAL HD 382 -73.52 -76.54 -72.76
CA GLU HD 383 -73.13 -79.92 -71.10
CA PRO HD 384 -74.19 -82.57 -72.15
CA GLY HD 385 -72.55 -82.25 -75.57
CA GLN HD 386 -70.38 -79.40 -74.31
CA LEU HD 387 -67.84 -78.58 -77.03
CA LYS HD 388 -64.25 -77.52 -76.28
CA LEU HD 389 -61.64 -76.40 -78.82
CA ASN HD 390 -58.06 -75.77 -77.77
CA TRP HD 391 -56.35 -72.95 -79.65
CA PHE HD 392 -53.20 -70.84 -79.42
CA LYS HD 393 -52.60 -67.32 -80.75
CA LYS HD 394 -48.95 -66.36 -81.24
CA GLY HD 395 -49.20 -62.63 -80.57
CA SER HD 396 -47.65 -60.98 -77.53
CA SER HD 397 -49.77 -59.00 -75.09
CA ILE HD 398 -47.78 -55.77 -74.91
CA GLY HD 399 -47.01 -56.16 -78.60
CA GLN HD 400 -50.58 -56.23 -79.88
CA MET HD 401 -51.29 -53.54 -77.30
CA ILE HD 402 -48.73 -51.20 -78.86
CA GLU HD 403 -49.70 -51.91 -82.47
CA THR HD 404 -53.43 -51.48 -81.77
CA THR HD 405 -52.79 -48.20 -79.94
CA MET HD 406 -50.69 -47.21 -82.95
CA ARG HD 407 -53.53 -48.03 -85.35
CA GLY HD 408 -55.75 -45.81 -83.22
CA ALA HD 409 -53.09 -43.11 -83.24
CA LYS HD 410 -52.89 -43.21 -87.04
CA ARG HD 411 -56.68 -43.14 -87.31
CA MET HD 412 -56.75 -40.00 -85.18
CA ALA HD 413 -53.79 -38.63 -87.17
CA ILE HD 414 -55.78 -38.67 -90.40
CA LEU HD 415 -58.90 -37.93 -88.34
CA GLY HD 416 -56.95 -35.00 -86.94
CA ASP HD 417 -56.90 -31.34 -87.87
CA THR HD 418 -60.42 -29.93 -88.44
CA ALA HD 419 -61.90 -33.41 -87.84
CA TRP HD 420 -62.45 -34.03 -84.12
CA ASP HD 421 -65.30 -31.95 -82.72
CA PHE HD 422 -63.54 -28.97 -81.17
CA GLY HD 423 -66.10 -26.31 -82.13
CA SER HD 424 -69.02 -27.82 -80.23
CA LEU HD 425 -68.90 -26.25 -76.77
CA GLY HD 426 -69.89 -28.71 -74.07
CA GLY HD 427 -69.26 -31.46 -76.60
CA VAL HD 428 -65.57 -30.51 -76.53
CA PHE HD 429 -65.34 -32.54 -73.34
CA THR HD 430 -66.92 -35.52 -75.11
CA SER HD 431 -64.62 -35.06 -78.11
CA ILE HD 432 -61.51 -35.14 -75.95
CA GLY HD 433 -63.01 -38.12 -74.15
CA LYS HD 434 -63.51 -40.01 -77.40
CA ALA HD 435 -59.99 -39.07 -78.50
CA LEU HD 436 -58.50 -40.42 -75.28
CA HIS HD 437 -60.61 -43.51 -75.88
CA GLN HD 438 -59.53 -44.07 -79.49
CA VAL HD 439 -55.88 -43.77 -78.39
CA PHE HD 440 -55.53 -45.12 -74.82
CA GLY HD 441 -58.73 -47.15 -74.34
CA ALA HD 442 -57.07 -50.32 -75.51
CA ILE HD 443 -54.65 -49.82 -72.61
CA TYR HD 444 -57.61 -48.99 -70.36
CA GLY HD 445 -59.82 -51.98 -71.14
CA ALA HD 446 -57.33 -54.75 -71.96
CA ALA HD 447 -54.47 -54.04 -69.54
CA PHE HD 448 -56.07 -52.21 -66.60
CA SER HD 449 -58.27 -55.01 -65.24
CA GLY HD 450 -60.87 -55.28 -68.02
CA VAL HD 451 -62.56 -53.67 -66.08
CA SER HD 452 -65.07 -53.51 -63.22
CA TRP HD 453 -65.17 -49.75 -63.46
CA ILE HD 454 -66.11 -48.66 -59.91
CA MET HD 455 -63.12 -50.18 -58.15
CA LYS HD 456 -60.70 -49.06 -60.84
CA ILE HD 457 -61.88 -45.46 -60.70
CA LEU HD 458 -61.37 -45.69 -56.93
CA ILE HD 459 -57.81 -46.88 -57.60
CA GLY HD 460 -57.43 -44.11 -60.17
CA VAL HD 461 -58.37 -41.35 -57.74
CA ILE HD 462 -55.95 -42.94 -55.25
CA ILE HD 463 -53.22 -42.77 -57.89
CA THR HD 464 -54.14 -39.16 -58.64
CA TRP HD 465 -53.87 -38.18 -54.97
CA ILE HD 466 -50.50 -39.93 -54.64
CA GLY HD 467 -49.22 -38.23 -57.79
CA MET HD 468 -50.35 -34.81 -56.59
CA ASN HD 469 -48.87 -35.47 -53.14
CA SER HD 470 -45.57 -36.81 -54.53
CA ARG HD 471 -41.92 -36.04 -53.81
CA SER HD 472 -41.08 -34.99 -57.39
CA THR HD 473 -42.92 -32.72 -59.82
CA SER HD 474 -41.97 -34.76 -62.90
CA LEU HD 475 -43.55 -37.87 -61.36
CA SER HD 476 -46.59 -35.79 -60.37
CA VAL HD 477 -47.10 -34.58 -63.94
CA SER HD 478 -46.54 -38.13 -65.25
CA LEU HD 479 -48.98 -39.82 -62.83
CA VAL HD 480 -51.84 -37.37 -62.30
CA LEU HD 481 -52.28 -37.19 -66.08
CA VAL HD 482 -52.70 -40.97 -66.20
CA GLY HD 483 -55.09 -40.80 -63.25
CA VAL HD 484 -57.36 -38.14 -64.73
CA VAL HD 485 -57.34 -39.97 -68.07
CA THR HD 486 -58.34 -43.13 -66.20
CA LEU HD 487 -61.20 -41.42 -64.38
CA TYR HD 488 -62.69 -39.52 -67.30
CA LEU HD 489 -62.16 -42.30 -69.84
CA GLY HD 490 -63.82 -44.71 -67.41
CA VAL HD 491 -66.82 -42.41 -67.16
CA MET HD 492 -66.90 -42.42 -70.97
CA VAL HD 493 -66.54 -46.21 -71.18
CA GLN HD 494 -69.45 -46.70 -68.78
CA ALA HD 495 -71.46 -44.88 -71.47
CA MET ID 1 21.10 1.73 -130.04
CA ARG ID 2 17.99 0.12 -131.50
CA CYS ID 3 15.82 0.43 -128.37
CA ILE ID 4 14.46 3.92 -129.11
CA GLY ID 5 10.70 3.56 -129.16
CA ILE ID 6 10.90 0.17 -127.42
CA SER ID 7 8.67 0.44 -124.35
CA ASN ID 8 10.11 -2.34 -122.16
CA ARG ID 9 13.71 -1.46 -121.35
CA ASP ID 10 16.07 -2.23 -118.46
CA PHE ID 11 19.40 -0.52 -117.83
CA VAL ID 12 21.18 -3.39 -116.10
CA GLU ID 13 24.62 -2.16 -114.97
CA GLY ID 14 26.94 -4.74 -113.46
CA VAL ID 15 28.75 -8.05 -113.75
CA SER ID 16 27.78 -11.22 -111.91
CA GLY ID 17 30.06 -13.50 -109.90
CA GLY ID 18 31.59 -15.20 -112.93
CA SER ID 19 31.65 -11.89 -114.81
CA TRP ID 20 28.63 -12.94 -116.86
CA VAL ID 21 25.55 -10.83 -117.46
CA ASP ID 22 22.19 -12.41 -116.61
CA ILE ID 23 20.08 -11.27 -119.56
CA VAL ID 24 16.33 -11.24 -119.18
CA LEU ID 25 15.15 -11.41 -122.78
CA GLU ID 26 11.53 -11.09 -123.92
CA HIS ID 27 10.04 -10.48 -127.36
CA GLY ID 28 9.54 -6.76 -127.86
CA SER ID 29 11.89 -5.78 -125.03
CA CYS ID 30 15.34 -4.29 -124.58
CA VAL ID 31 18.47 -4.96 -122.55
CA THR ID 32 21.45 -2.64 -122.11
CA THR ID 33 24.57 -3.78 -120.26
CA MET ID 34 26.98 -1.41 -118.55
CA ALA ID 35 30.08 -1.51 -116.36
CA LYS ID 36 33.10 0.66 -115.66
CA ASN ID 37 36.20 -0.17 -117.68
CA LYS ID 38 33.75 -2.08 -119.89
CA PRO ID 39 32.09 -0.71 -123.07
CA THR ID 40 28.32 -0.58 -122.98
CA LEU ID 41 26.37 -3.07 -125.11
CA ASP ID 42 22.78 -3.50 -126.30
CA PHE ID 43 21.24 -6.98 -126.14
CA GLU ID 44 18.13 -7.79 -128.18
CA LEU ID 45 16.19 -10.64 -129.77
CA ILE ID 46 14.78 -10.30 -133.29
CA LYS ID 47 13.59 -13.73 -134.45
CA THR ID 48 12.33 -16.98 -132.97
CA GLU ID 49 11.99 -20.21 -134.92
CA ALA ID 50 11.44 -23.93 -134.40
CA LYS ID 51 13.19 -26.39 -136.72
CA GLN ID 52 12.87 -30.16 -137.10
CA PRO ID 53 9.38 -30.27 -135.55
CA ALA ID 54 7.73 -33.54 -134.59
CA THR ID 55 4.44 -34.57 -136.20
CA LEU ID 56 2.14 -35.31 -133.27
CA ARG ID 57 -0.76 -36.37 -135.47
CA LYS ID 58 -1.59 -35.89 -139.15
CA TYR ID 59 -5.11 -34.79 -140.10
CA CYS ID 60 -6.31 -35.29 -143.67
CA ILE ID 61 -9.17 -32.92 -144.34
CA GLU ID 62 -10.58 -33.62 -147.81
CA ALA ID 63 -11.67 -37.20 -148.36
CA LYS ID 64 -12.21 -38.92 -151.70
CA LEU ID 65 -14.19 -42.16 -151.75
CA THR ID 66 -13.76 -45.11 -154.13
CA ASN ID 67 -14.59 -48.75 -154.80
CA THR ID 68 -17.65 -48.61 -152.58
CA THR ID 69 -19.40 -51.94 -152.08
CA THR ID 70 -22.83 -52.72 -150.67
CA ASP ID 71 -24.63 -56.00 -150.15
CA SER ID 72 -27.56 -57.37 -148.17
CA ARG ID 73 -29.08 -60.65 -147.09
CA CYS ID 74 -32.69 -61.37 -146.27
CA PRO ID 75 -33.77 -62.09 -142.67
CA THR ID 76 -32.66 -65.53 -141.41
CA GLN ID 77 -30.58 -66.08 -144.59
CA GLY ID 78 -27.41 -64.83 -142.89
CA GLU ID 79 -25.21 -61.82 -142.25
CA PRO ID 80 -22.88 -61.17 -145.21
CA SER ID 81 -19.15 -60.89 -144.61
CA LEU ID 82 -16.73 -59.59 -147.24
CA ASN ID 83 -12.96 -59.73 -147.54
CA GLU ID 84 -13.16 -55.98 -148.20
CA GLU ID 85 -14.17 -55.60 -144.55
CA GLN ID 86 -11.06 -57.35 -143.22
CA ASP ID 87 -8.70 -54.89 -144.91
CA LYS ID 88 -8.75 -51.85 -142.64
CA ARG ID 89 -8.24 -49.39 -145.51
CA PHE ID 90 -12.03 -49.21 -145.97
CA VAL ID 91 -14.62 -47.59 -143.73
CA CYS ID 92 -17.43 -50.08 -143.15
CA LYS ID 93 -20.88 -50.17 -141.57
CA HIS ID 94 -23.51 -52.81 -140.88
CA SER ID 95 -27.22 -52.08 -140.96
CA MET ID 96 -30.77 -53.43 -140.93
CA VAL ID 97 -33.44 -53.00 -143.64
CA ASP ID 98 -36.92 -54.38 -144.16
CA ARG ID 99 -37.52 -56.98 -146.87
CA GLY ID 100 -40.73 -58.72 -147.87
CA TRP ID 101 -42.26 -61.63 -149.74
CA GLY ID 102 -43.42 -59.35 -152.54
CA ASN ID 103 -40.31 -57.17 -152.17
CA GLY ID 104 -37.99 -59.41 -154.15
CA CYS ID 105 -37.45 -61.91 -151.34
CA GLY ID 106 -39.17 -64.57 -149.25
CA LEU ID 107 -40.73 -63.03 -146.14
CA PHE ID 108 -41.38 -59.88 -144.12
CA GLY ID 109 -38.57 -58.96 -141.78
CA LYS ID 110 -35.35 -57.07 -141.12
CA GLY ID 111 -32.50 -58.46 -143.21
CA GLY ID 112 -28.91 -57.40 -142.77
CA ILE ID 113 -26.74 -55.09 -144.87
CA VAL ID 114 -23.01 -54.47 -145.05
CA THR ID 115 -21.75 -51.44 -146.97
CA CYS ID 116 -18.21 -50.16 -147.09
CA ALA ID 117 -15.76 -48.26 -149.22
CA MET ID 118 -12.19 -47.07 -149.59
CA PHE ID 119 -11.20 -43.78 -147.94
CA THR ID 120 -8.50 -41.87 -149.82
CA CYS ID 121 -7.78 -38.29 -148.84
CA LYS ID 122 -5.83 -35.70 -150.82
CA LYS ID 123 -5.52 -32.45 -148.89
CA ASN ID 124 -4.21 -32.70 -145.35
CA MET ID 125 -3.22 -30.61 -142.35
CA LYS ID 126 0.07 -30.76 -140.54
CA GLY ID 127 -0.10 -30.63 -136.73
CA LYS ID 128 3.19 -30.53 -134.85
CA VAL ID 129 4.37 -30.08 -131.27
CA VAL ID 130 7.48 -28.07 -130.41
CA GLN ID 131 9.79 -29.23 -127.64
CA PRO ID 132 12.08 -26.86 -125.72
CA GLU ID 133 15.12 -28.56 -127.26
CA ASN ID 134 14.14 -27.94 -130.89
CA LEU ID 135 13.84 -24.16 -130.48
CA GLU ID 136 16.36 -21.68 -131.87
CA TYR ID 137 16.59 -18.07 -130.69
CA THR ID 138 17.99 -15.14 -132.69
CA ILE ID 139 19.88 -12.79 -130.39
CA VAL ID 140 21.50 -9.63 -131.72
CA ILE ID 141 24.27 -7.60 -130.08
CA THR ID 142 24.81 -3.91 -130.83
CA PRO ID 143 27.57 -1.51 -129.72
CA HIS ID 144 26.89 1.96 -128.32
CA SER ID 145 29.35 3.80 -130.54
CA GLY ID 146 26.99 6.47 -131.88
CA GLU ID 147 27.51 5.61 -135.54
CA GLU ID 148 24.89 6.98 -137.91
CA HIS ID 149 23.49 3.56 -138.86
CA ALA ID 150 23.92 2.57 -135.18
CA VAL ID 151 20.78 4.42 -134.03
CA GLY ID 152 17.25 3.09 -134.42
CA ASN ID 153 18.20 0.96 -137.43
CA ASP ID 154 16.80 -2.52 -138.05
CA THR ID 155 19.33 -3.52 -140.76
CA GLY ID 156 22.57 -1.81 -139.72
CA LYS ID 157 25.96 -3.38 -140.26
CA HIS ID 158 26.97 -2.43 -136.71
CA GLY ID 159 24.86 -5.17 -135.14
CA LYS ID 160 25.81 -8.83 -135.09
CA GLU ID 161 23.15 -11.56 -135.05
CA ILE ID 162 23.72 -14.99 -133.52
CA LYS ID 163 21.50 -18.04 -133.08
CA ILE ID 164 21.22 -19.96 -129.80
CA THR ID 165 20.30 -23.64 -129.48
CA PRO ID 166 20.88 -26.04 -126.54
CA GLN ID 167 22.83 -28.50 -128.72
CA SER ID 168 25.64 -25.91 -128.96
CA SER ID 169 25.48 -24.13 -125.61
CA ILE ID 170 29.06 -22.89 -125.15
CA THR ID 171 29.52 -20.74 -128.27
CA GLU ID 172 31.69 -17.71 -129.04
CA ALA ID 173 30.45 -14.67 -130.95
CA GLU ID 174 32.54 -11.79 -132.28
CA LEU ID 175 31.86 -8.06 -132.17
CA THR ID 176 33.88 -5.78 -134.43
CA GLY ID 177 36.78 -4.11 -132.65
CA TYR ID 178 35.71 -5.12 -129.15
CA GLY ID 179 36.39 -8.83 -129.70
CA THR ID 180 35.07 -12.10 -128.33
CA VAL ID 181 31.94 -12.54 -126.19
CA THR ID 182 30.45 -15.81 -124.97
CA MET ID 183 27.02 -17.27 -125.75
CA GLU ID 184 25.71 -19.79 -123.18
CA CYS ID 185 22.19 -20.37 -121.85
CA SER ID 186 19.16 -22.63 -121.48
CA PRO ID 187 16.10 -20.31 -121.74
CA ARG ID 188 13.64 -22.91 -120.40
CA THR ID 189 12.54 -20.77 -117.41
CA GLY ID 190 9.52 -19.59 -119.43
CA LEU ID 191 5.95 -20.81 -119.76
CA ASP ID 192 5.25 -24.50 -120.18
CA PHE ID 193 5.38 -25.67 -123.80
CA ASN ID 194 3.61 -29.05 -123.61
CA GLU ID 195 0.21 -27.31 -123.56
CA MET ID 196 0.44 -25.92 -127.12
CA VAL ID 197 0.52 -27.40 -130.62
CA LEU ID 198 0.86 -25.65 -133.99
CA LEU ID 199 -1.24 -26.45 -137.06
CA GLN ID 200 -0.13 -25.46 -140.52
CA MET ID 201 -1.97 -25.52 -143.84
CA GLU ID 202 0.06 -24.79 -146.99
CA ASN ID 203 1.40 -21.52 -145.57
CA LYS ID 204 -0.80 -20.27 -142.73
CA ALA ID 205 -0.42 -21.61 -139.21
CA TRP ID 206 -2.34 -21.52 -135.95
CA LEU ID 207 -1.36 -21.98 -132.32
CA VAL ID 208 -3.89 -24.09 -130.40
CA HIS ID 209 -4.20 -26.37 -127.38
CA ARG ID 210 -3.22 -30.03 -127.49
CA GLN ID 211 -6.56 -31.41 -126.28
CA TRP ID 212 -8.37 -29.19 -128.78
CA PHE ID 213 -5.93 -30.32 -131.47
CA LEU ID 214 -6.94 -33.91 -130.74
CA ASP ID 215 -10.66 -33.22 -130.21
CA LEU ID 216 -11.48 -32.13 -133.78
CA PRO ID 217 -13.47 -35.15 -135.08
CA LEU ID 218 -11.66 -36.05 -138.29
CA PRO ID 219 -9.39 -38.88 -139.52
CA TRP ID 220 -6.11 -39.47 -137.66
CA LEU ID 221 -2.60 -40.76 -138.31
CA PRO ID 222 0.01 -41.42 -135.61
CA GLY ID 223 3.22 -39.44 -135.90
CA ALA ID 224 5.29 -42.27 -137.30
CA ASP ID 225 2.31 -43.23 -139.47
CA THR ID 226 2.85 -42.26 -143.10
CA GLN ID 227 1.36 -45.14 -145.12
CA GLY ID 228 -2.28 -44.04 -145.05
CA SER ID 229 -3.47 -47.58 -144.30
CA ASN ID 230 -4.57 -46.89 -140.72
CA TRP ID 231 -7.36 -44.40 -140.06
CA ILE ID 232 -9.19 -43.65 -136.81
CA GLN ID 233 -12.69 -42.20 -136.52
CA LYS ID 234 -12.88 -42.34 -140.31
CA GLU ID 235 -16.68 -42.51 -140.17
CA THR ID 236 -17.39 -38.78 -139.89
CA LEU ID 237 -16.06 -37.77 -143.30
CA VAL ID 238 -18.16 -40.53 -144.90
CA THR ID 239 -21.86 -40.01 -144.26
CA PHE ID 240 -24.06 -43.03 -144.85
CA LYS ID 241 -27.50 -41.93 -146.03
CA ASN ID 242 -30.54 -43.63 -144.56
CA PRO ID 243 -30.79 -47.42 -144.96
CA HIS ID 244 -32.66 -48.10 -148.15
CA ALA ID 245 -33.48 -51.40 -149.89
CA LYS ID 246 -30.17 -53.08 -150.83
CA LYS ID 247 -28.37 -49.73 -151.12
CA GLN ID 248 -26.49 -47.45 -148.79
CA ASP ID 249 -25.78 -44.41 -150.94
CA VAL ID 250 -22.43 -43.31 -149.54
CA VAL ID 251 -22.08 -39.52 -149.43
CA VAL ID 252 -18.60 -38.02 -149.28
CA LEU ID 253 -18.47 -35.11 -146.88
CA GLY ID 254 -17.17 -31.95 -148.46
CA SER ID 255 -13.78 -30.42 -147.79
CA GLN ID 256 -13.89 -28.73 -144.41
CA GLU ID 257 -10.96 -26.50 -145.37
CA GLY ID 258 -13.34 -23.58 -145.71
CA ALA ID 259 -14.87 -24.56 -142.38
CA MET ID 260 -11.43 -24.63 -140.78
CA HIS ID 261 -10.66 -21.17 -142.14
CA THR ID 262 -14.00 -20.08 -140.66
CA ALA ID 263 -13.29 -21.59 -137.23
CA LEU ID 264 -9.54 -21.28 -136.64
CA THR ID 265 -9.72 -17.59 -137.54
CA GLY ID 266 -9.98 -15.69 -134.28
CA ALA ID 267 -7.40 -17.96 -132.69
CA THR ID 268 -3.68 -17.15 -132.54
CA GLU ID 269 -2.53 -16.72 -136.13
CA ILE ID 270 1.05 -17.43 -137.23
CA GLN ID 271 3.00 -17.05 -140.48
CA MET ID 272 5.98 -19.36 -140.95
CA SER ID 273 7.95 -16.66 -142.79
CA SER ID 274 8.33 -14.65 -139.57
CA GLY ID 275 9.05 -17.79 -137.52
CA ASN ID 276 7.02 -18.86 -134.50
CA LEU ID 277 6.01 -15.92 -132.28
CA LEU ID 278 6.29 -17.76 -128.97
CA PHE ID 279 6.74 -14.48 -127.13
CA THR ID 280 5.31 -16.12 -124.01
CA GLY ID 281 8.03 -17.21 -121.60
CA HIS ID 282 11.00 -15.26 -120.29
CA LEU ID 283 14.46 -16.10 -121.64
CA LYS ID 284 17.10 -16.12 -118.91
CA CYS ID 285 20.60 -16.25 -120.36
CA ARG ID 286 24.19 -16.24 -119.15
CA LEU ID 287 26.73 -14.25 -121.15
CA ARG ID 288 30.38 -13.79 -120.15
CA MET ID 289 32.17 -10.49 -120.76
CA ASP ID 290 35.71 -11.16 -119.52
CA LYS ID 291 37.20 -11.40 -123.03
CA LEU ID 292 36.34 -7.79 -124.04
CA GLN ID 293 38.28 -4.58 -123.44
CA LEU ID 294 37.93 -0.93 -124.42
CA LYS ID 295 38.52 -0.38 -128.14
CA GLY ID 296 39.71 3.07 -129.13
CA MET ID 297 40.83 4.00 -125.60
CA SER ID 298 44.38 4.55 -126.85
CA TYR ID 299 43.15 7.45 -128.99
CA SER ID 300 43.98 10.77 -127.35
CA MET ID 301 41.40 13.35 -126.38
CA CYS ID 302 41.06 16.17 -128.92
CA THR ID 303 40.82 19.78 -127.78
CA GLY ID 304 39.02 21.12 -130.85
CA LYS ID 305 35.45 22.42 -130.97
CA PHE ID 306 32.15 20.54 -130.73
CA LYS ID 307 28.86 21.23 -132.51
CA VAL ID 308 25.32 19.87 -132.12
CA VAL ID 309 23.33 18.72 -135.14
CA LYS ID 310 19.99 17.52 -133.76
CA GLU ID 311 18.26 19.03 -130.76
CA ILE ID 312 17.96 17.26 -127.41
CA ALA ID 313 15.69 14.34 -128.29
CA GLU ID 314 13.55 12.63 -125.66
CA THR ID 315 12.97 8.89 -125.37
CA GLN ID 316 10.39 6.98 -123.30
CA HIS ID 317 12.86 6.31 -120.45
CA GLY ID 318 14.28 9.67 -119.36
CA THR ID 319 17.35 9.59 -121.58
CA ILE ID 320 18.82 12.18 -123.94
CA VAL ID 321 20.39 11.84 -127.40
CA ILE ID 322 22.99 14.32 -128.67
CA ARG ID 323 24.45 14.30 -132.18
CA VAL ID 324 27.80 15.91 -131.45
CA GLN ID 325 29.68 17.10 -134.54
CA TYR ID 326 33.38 17.95 -134.57
CA GLU ID 327 34.16 20.88 -136.86
CA GLY ID 328 37.74 21.04 -135.59
CA ASP ID 329 40.68 18.81 -136.55
CA GLY ID 330 42.51 15.89 -134.96
CA SER ID 331 40.07 13.05 -135.51
CA PRO ID 332 39.69 10.32 -134.36
CA CYS ID 333 39.65 11.27 -130.64
CA LYS ID 334 38.39 10.26 -127.21
CA ILE ID 335 35.20 12.25 -126.60
CA PRO ID 336 35.20 14.49 -123.50
CA PHE ID 337 31.61 14.17 -122.25
CA GLU ID 338 30.80 15.34 -118.73
CA ILE ID 339 28.02 16.49 -116.42
CA MET ID 340 27.81 19.31 -113.92
CA ASP ID 341 25.21 20.54 -111.47
CA LEU ID 342 24.03 24.10 -110.86
CA GLU ID 343 27.14 24.84 -108.77
CA LYS ID 344 29.30 23.66 -111.71
CA ARG ID 345 31.17 21.41 -109.26
CA HIS ID 346 29.93 17.81 -109.03
CA VAL ID 347 29.68 15.03 -111.61
CA LEU ID 348 26.20 13.69 -110.80
CA GLY ID 349 24.63 12.58 -114.08
CA ARG ID 350 24.96 9.04 -115.40
CA LEU ID 351 26.52 8.44 -118.80
CA ILE ID 352 25.59 5.60 -121.18
CA THR ID 353 28.43 5.34 -123.70
CA VAL ID 354 31.84 5.33 -122.04
CA ASN ID 355 34.80 6.87 -123.95
CA PRO ID 356 32.91 7.70 -127.17
CA ILE ID 357 35.11 8.27 -130.20
CA VAL ID 358 34.70 9.98 -133.56
CA THR ID 359 35.31 7.91 -136.66
CA GLU ID 360 36.05 10.99 -138.77
CA LYS ID 361 35.43 14.71 -138.73
CA ASP ID 362 32.07 15.86 -140.13
CA SER ID 363 30.59 12.49 -139.02
CA PRO ID 364 28.83 13.23 -135.70
CA VAL ID 365 28.50 10.76 -132.85
CA ASN ID 366 25.21 9.95 -131.11
CA ILE ID 367 26.17 10.36 -127.47
CA GLU ID 368 23.53 9.04 -125.07
CA ALA ID 369 23.10 10.23 -121.49
CA GLU ID 370 20.83 9.80 -118.46
CA PRO ID 371 20.94 12.82 -116.13
CA PRO ID 372 18.68 12.85 -113.07
CA PHE ID 373 15.22 14.37 -113.34
CA GLY ID 374 16.01 18.02 -112.79
CA ASP ID 375 18.22 20.86 -113.99
CA SER ID 376 21.81 20.15 -115.01
CA TYR ID 377 24.46 21.12 -117.55
CA ILE ID 378 25.62 18.63 -120.15
CA ILE ID 379 29.16 19.88 -120.72
CA ILE ID 380 30.27 19.02 -124.24
CA GLY ID 381 33.92 19.74 -124.94
CA VAL ID 382 36.37 21.51 -122.67
CA GLU ID 383 37.13 25.17 -122.20
CA PRO ID 384 37.91 27.48 -123.94
CA GLY ID 385 34.79 27.29 -126.08
CA GLN ID 386 33.10 24.63 -123.94
CA LEU ID 387 29.35 24.05 -124.36
CA LYS ID 388 27.46 23.81 -121.05
CA LEU ID 389 24.13 22.93 -122.61
CA ASN ID 390 21.49 23.41 -119.93
CA TRP ID 391 18.87 20.69 -119.62
CA PHE ID 392 15.79 20.33 -117.43
CA LYS ID 393 14.63 16.72 -117.19
CA LYS ID 394 11.08 16.10 -116.02
CA GLY ID 395 10.10 13.59 -113.35
CA SER ID 396 10.76 12.85 -109.70
CA SER ID 397 13.97 11.23 -108.46
CA ILE ID 398 11.81 9.07 -106.20
CA GLY ID 399 9.93 8.23 -109.39
CA GLN ID 400 12.87 6.46 -110.99
CA MET ID 401 13.87 5.20 -107.54
CA ILE ID 402 10.65 3.23 -107.08
CA GLU ID 403 10.38 2.31 -110.76
CA THR ID 404 13.88 0.86 -111.18
CA THR ID 405 13.89 -0.81 -107.77
CA MET ID 406 10.51 -2.44 -108.41
CA ARG ID 407 11.46 -3.53 -111.92
CA GLY ID 408 14.71 -5.11 -110.75
CA ALA ID 409 12.86 -6.73 -107.85
CA LYS ID 410 10.29 -8.34 -110.15
CA ARG ID 411 13.08 -9.29 -112.55
CA MET ID 412 14.88 -11.18 -109.77
CA ALA ID 413 11.57 -12.47 -108.38
CA ILE ID 414 10.35 -14.21 -111.52
CA LEU ID 415 13.96 -15.38 -111.61
CA GLY ID 416 13.73 -16.07 -107.88
CA ASP ID 417 13.24 -19.46 -106.24
CA THR ID 418 15.29 -22.23 -107.91
CA ALA ID 419 16.83 -19.58 -110.24
CA TRP ID 420 19.50 -17.50 -108.47
CA ASP ID 421 22.55 -19.49 -107.40
CA PHE ID 422 22.17 -20.05 -103.65
CA GLY ID 423 23.59 -23.58 -103.36
CA SER ID 424 27.23 -22.69 -104.08
CA LEU ID 425 29.02 -22.33 -100.74
CA GLY ID 426 31.38 -19.36 -100.79
CA GLY ID 427 29.52 -18.16 -103.86
CA VAL ID 428 26.57 -17.48 -101.55
CA PHE ID 429 28.25 -14.14 -100.86
CA THR ID 430 28.48 -13.47 -104.60
CA SER ID 431 24.83 -14.43 -105.05
CA ILE ID 432 23.71 -12.12 -102.24
CA GLY ID 433 25.76 -9.35 -103.82
CA LYS ID 434 24.13 -10.23 -107.15
CA ALA ID 435 20.65 -9.92 -105.66
CA LEU ID 436 21.49 -6.56 -104.11
CA HIS ID 437 23.25 -5.32 -107.24
CA GLN ID 438 20.34 -6.30 -109.49
CA VAL ID 439 17.83 -4.74 -107.05
CA PHE ID 440 19.73 -2.33 -104.78
CA GLY ID 441 22.58 -1.70 -107.22
CA ALA ID 442 20.86 1.30 -108.80
CA ILE ID 443 20.85 2.77 -105.29
CA TYR ID 444 24.65 2.53 -105.19
CA GLY ID 445 25.15 3.79 -108.73
CA ALA ID 446 22.55 6.43 -109.61
CA ALA ID 447 21.71 8.36 -106.43
CA PHE ID 448 24.89 7.75 -104.40
CA SER ID 449 27.60 9.98 -105.90
CA GLY ID 450 27.95 8.38 -109.36
CA VAL ID 451 30.40 7.09 -108.13
CA SER ID 452 34.15 7.13 -107.46
CA TRP ID 453 34.16 4.02 -105.31
CA ILE ID 454 37.03 4.67 -102.86
CA MET ID 455 35.59 7.87 -101.39
CA LYS ID 456 32.09 6.44 -101.09
CA ILE ID 457 33.29 3.26 -99.39
CA LEU ID 458 35.08 5.53 -96.92
CA ILE ID 459 31.77 7.36 -96.47
CA GLY ID 460 30.02 4.01 -96.15
CA VAL ID 461 32.26 2.76 -93.36
CA ILE ID 462 31.75 6.15 -91.69
CA ILE ID 463 27.98 5.62 -91.94
CA THR ID 464 28.34 2.10 -90.53
CA TRP ID 465 30.28 3.49 -87.57
CA ILE ID 466 27.63 6.17 -86.99
CA GLY ID 467 24.77 3.67 -87.24
CA MET ID 468 26.40 1.19 -84.86
CA ASN ID 469 27.01 3.89 -82.22
CA SER ID 470 23.58 5.50 -82.60
CA ARG ID 471 20.99 6.56 -80.05
CA SER ID 472 18.28 4.28 -81.51
CA THR ID 473 18.48 0.58 -82.39
CA SER ID 474 15.82 0.92 -85.08
CA LEU ID 475 17.92 3.57 -86.81
CA SER ID 476 20.95 1.35 -86.25
CA VAL ID 477 19.31 -1.54 -88.10
CA SER ID 478 18.11 0.87 -90.80
CA LEU ID 479 21.53 2.50 -91.36
CA VAL ID 480 24.18 -0.19 -90.79
CA LEU ID 481 22.33 -2.43 -93.26
CA VAL ID 482 22.52 0.30 -95.91
CA GLY ID 483 26.18 0.86 -95.06
CA VAL ID 484 27.23 -2.78 -95.34
CA VAL ID 485 25.20 -3.06 -98.56
CA THR ID 486 27.08 -0.02 -99.86
CA LEU ID 487 30.51 -1.41 -98.95
CA TYR ID 488 30.01 -4.98 -100.14
CA LEU ID 489 28.11 -3.99 -103.29
CA GLY ID 490 30.85 -1.47 -104.07
CA VAL ID 491 33.41 -4.23 -103.83
CA MET ID 492 31.23 -6.23 -106.22
CA VAL ID 493 30.84 -3.22 -108.52
CA GLN ID 494 34.63 -2.92 -108.70
CA ALA ID 495 34.64 -6.45 -110.15
CA MET JD 1 -66.76 29.76 -109.52
CA ARG JD 2 -65.93 27.53 -112.47
CA CYS JD 3 -64.42 24.40 -110.89
CA ILE JD 4 -67.22 23.13 -108.64
CA GLY JD 5 -67.24 19.45 -109.51
CA ILE JD 6 -63.75 18.42 -110.62
CA SER JD 7 -61.99 15.86 -108.45
CA ASN JD 8 -58.70 17.73 -107.98
CA ARG JD 9 -59.95 20.73 -105.99
CA ASP JD 10 -57.09 22.67 -104.42
CA PHE JD 11 -56.96 25.73 -102.17
CA VAL JD 12 -54.16 28.25 -101.66
CA GLU JD 13 -55.09 30.67 -98.86
CA GLY JD 14 -51.96 32.77 -98.36
CA VAL JD 15 -50.42 35.95 -99.72
CA SER JD 16 -46.85 37.21 -99.98
CA GLY JD 17 -45.32 40.40 -98.63
CA GLY JD 18 -45.37 41.94 -102.09
CA SER JD 19 -48.50 39.98 -103.05
CA TRP JD 20 -46.32 37.78 -105.30
CA VAL JD 21 -48.54 34.72 -105.05
CA ASP JD 22 -47.35 31.43 -106.53
CA ILE JD 23 -49.51 28.61 -107.92
CA VAL JD 24 -49.06 25.31 -109.72
CA LEU JD 25 -51.39 24.32 -112.56
CA GLU JD 26 -51.90 20.82 -113.97
CA HIS JD 27 -54.37 19.18 -116.33
CA GLY JD 28 -57.73 18.99 -114.60
CA SER JD 29 -56.35 20.35 -111.31
CA CYS JD 30 -57.93 23.75 -110.85
CA VAL JD 31 -56.90 26.18 -108.12
CA THR JD 32 -58.84 28.68 -106.02
CA THR JD 33 -57.11 31.89 -104.94
CA MET JD 34 -58.13 33.48 -101.65
CA ALA JD 35 -57.10 36.88 -100.30
CA LYS JD 36 -57.96 39.54 -97.74
CA ASN JD 37 -60.06 42.46 -99.03
CA LYS JD 38 -59.21 41.39 -102.61
CA PRO JD 39 -61.54 39.47 -104.95
CA THR JD 40 -61.10 35.71 -104.95
CA LEU JD 41 -60.32 33.86 -108.15
CA ASP JD 42 -60.34 30.49 -109.88
CA PHE JD 43 -57.47 29.46 -112.14
CA GLU JD 44 -57.17 26.53 -114.50
CA LEU JD 45 -55.36 25.42 -117.64
CA ILE JD 46 -58.14 24.48 -120.04
CA LYS JD 47 -56.21 23.27 -123.07
CA THR JD 48 -52.54 22.62 -123.79
CA GLU JD 49 -51.32 23.43 -127.29
CA ALA JD 50 -48.00 22.96 -129.09
CA LYS JD 51 -47.95 25.29 -132.09
CA GLN JD 52 -45.12 25.83 -134.56
CA PRO JD 53 -43.65 22.32 -134.30
CA ALA JD 54 -40.08 21.55 -135.26
CA THR JD 55 -39.71 18.91 -137.98
CA LEU JD 56 -37.16 16.73 -136.19
CA ARG JD 57 -36.81 13.86 -138.70
CA LYS JD 58 -38.73 11.95 -141.34
CA TYR JD 59 -39.13 8.27 -142.19
CA CYS JD 60 -39.89 6.71 -145.58
CA ILE JD 61 -42.44 4.14 -144.46
CA GLU JD 62 -42.69 2.47 -147.88
CA ALA JD 63 -40.14 2.11 -150.64
CA LYS JD 64 -39.83 2.00 -154.42
CA LEU JD 65 -36.82 0.53 -156.22
CA THR JD 66 -36.05 1.79 -159.73
CA ASN JD 67 -33.25 2.11 -162.26
CA THR JD 68 -31.43 -0.81 -160.62
CA THR JD 69 -28.20 -1.14 -162.55
CA THR JD 70 -25.44 -3.60 -161.74
CA ASP JD 71 -22.03 -4.64 -163.05
CA SER JD 72 -19.13 -6.93 -162.23
CA ARG JD 73 -15.47 -7.50 -163.05
CA CYS JD 74 -13.32 -10.60 -163.27
CA PRO JD 75 -10.94 -11.30 -160.36
CA THR JD 76 -7.96 -8.94 -159.93
CA GLN JD 77 -9.61 -6.21 -162.06
CA GLY JD 78 -10.91 -4.35 -158.99
CA GLU JD 79 -14.43 -3.18 -158.29
CA PRO JD 80 -16.30 -1.73 -161.30
CA SER JD 81 -16.79 2.04 -161.17
CA LEU JD 82 -20.15 3.32 -162.40
CA ASN JD 83 -21.49 6.86 -161.84
CA GLU JD 84 -24.33 5.89 -159.46
CA GLU JD 85 -21.99 5.09 -156.56
CA GLN JD 86 -20.98 8.70 -155.98
CA ASP JD 87 -24.57 9.94 -156.29
CA LYS JD 88 -26.49 9.33 -153.07
CA ARG JD 89 -29.74 9.29 -155.06
CA PHE JD 90 -28.95 5.61 -155.66
CA VAL JD 91 -28.45 3.28 -152.73
CA CYS JD 92 -25.90 0.61 -153.48
CA LYS JD 93 -23.29 -1.90 -152.38
CA HIS JD 94 -20.46 -4.06 -153.71
CA SER JD 95 -19.66 -7.72 -153.07
CA MET JD 96 -17.73 -10.62 -154.63
CA VAL JD 97 -18.45 -14.01 -156.20
CA ASP JD 98 -16.40 -16.86 -157.64
CA ARG JD 99 -15.91 -16.43 -161.39
CA GLY JD 100 -13.34 -17.84 -163.76
CA TRP JD 101 -12.68 -20.05 -166.78
CA GLY JD 102 -16.13 -21.60 -166.43
CA ASN JD 103 -18.18 -18.41 -166.91
CA GLY JD 104 -16.04 -16.21 -169.14
CA CYS JD 105 -13.26 -14.96 -166.87
CA GLY JD 106 -9.71 -16.34 -166.74
CA LEU JD 107 -9.34 -18.25 -163.47
CA PHE JD 108 -11.65 -19.22 -160.62
CA GLY JD 109 -11.45 -16.45 -158.03
CA LYS JD 110 -13.50 -13.95 -156.07
CA GLY JD 111 -14.22 -11.22 -158.58
CA GLY JD 112 -16.08 -8.06 -157.66
CA ILE JD 113 -19.64 -6.91 -158.29
CA VAL JD 114 -21.31 -3.54 -157.76
CA THR JD 115 -25.09 -3.43 -157.38
CA CYS JD 116 -26.88 -0.06 -157.37
CA ALA JD 117 -30.44 1.21 -157.57
CA MET JD 118 -32.50 4.37 -157.22
CA PHE JD 119 -34.48 4.47 -153.96
CA THR JD 120 -37.71 6.44 -154.44
CA CYS JD 121 -39.70 7.42 -151.35
CA LYS JD 122 -43.43 7.12 -152.03
CA LYS JD 123 -44.85 8.03 -148.60
CA ASN JD 124 -43.73 9.95 -145.54
CA MET JD 125 -43.96 9.35 -141.79
CA LYS JD 126 -43.69 12.64 -139.96
CA GLY JD 127 -42.00 13.26 -136.61
CA LYS JD 128 -42.76 16.27 -134.41
CA VAL JD 129 -40.66 17.28 -131.40
CA VAL JD 130 -42.10 19.72 -128.85
CA GLN JD 131 -39.65 22.12 -127.25
CA PRO JD 132 -40.42 23.90 -123.96
CA GLU JD 133 -40.72 27.32 -125.60
CA ASN JD 134 -43.32 26.05 -128.10
CA LEU JD 135 -46.00 25.23 -125.50
CA GLU JD 136 -48.95 27.61 -125.94
CA TYR JD 137 -50.76 27.28 -122.60
CA THR JD 138 -54.45 28.24 -122.68
CA ILE JD 139 -55.41 29.42 -119.18
CA VAL JD 140 -58.94 30.22 -118.03
CA ILE JD 141 -59.33 32.76 -115.22
CA THR JD 142 -62.76 33.19 -113.61
CA PRO JD 143 -63.73 35.32 -110.57
CA HIS JD 144 -66.04 34.24 -107.75
CA SER JD 145 -68.23 37.19 -108.59
CA GLY JD 146 -71.71 35.67 -108.66
CA GLU JD 147 -72.08 34.34 -112.20
CA GLU JD 148 -74.20 31.26 -112.84
CA HIS JD 149 -73.29 29.74 -116.22
CA ALA JD 150 -69.85 28.40 -115.22
CA VAL JD 151 -70.64 25.86 -112.49
CA GLY JD 152 -69.80 22.47 -113.91
CA ASN JD 153 -69.05 24.03 -117.30
CA ASP JD 154 -66.22 24.24 -119.84
CA THR JD 155 -67.13 27.17 -122.12
CA GLY JD 156 -68.85 29.28 -119.43
CA LYS JD 157 -67.42 32.73 -120.03
CA HIS JD 158 -67.59 35.48 -117.45
CA GLY JD 159 -63.83 35.70 -116.97
CA LYS JD 160 -61.09 35.51 -119.59
CA GLU JD 161 -59.09 32.91 -121.51
CA ILE JD 162 -55.48 33.82 -122.28
CA LYS JD 163 -52.92 32.04 -124.45
CA ILE JD 164 -49.58 32.19 -122.63
CA THR JD 165 -46.53 32.01 -124.90
CA PRO JD 166 -43.34 31.41 -122.87
CA GLN JD 167 -41.42 33.85 -125.07
CA SER JD 168 -43.80 36.45 -123.58
CA SER JD 169 -43.40 36.04 -119.82
CA ILE JD 170 -45.34 39.08 -118.57
CA THR JD 171 -48.92 39.38 -119.81
CA GLU JD 172 -51.91 41.48 -118.78
CA ALA JD 173 -55.23 39.60 -118.65
CA GLU JD 174 -57.92 42.28 -118.22
CA LEU JD 175 -60.59 40.64 -116.09
CA THR JD 176 -63.90 42.41 -116.66
CA GLY JD 177 -65.06 44.74 -113.90
CA TYR JD 178 -62.09 43.92 -111.65
CA GLY JD 179 -59.12 45.16 -113.69
CA THR JD 180 -56.21 42.88 -114.55
CA VAL JD 181 -53.76 40.43 -112.99
CA THR JD 182 -50.14 40.26 -114.10
CA MET JD 183 -49.30 36.88 -115.63
CA GLU JD 184 -45.74 35.70 -115.00
CA CYS JD 185 -46.29 31.99 -115.47
CA SER JD 186 -43.59 29.74 -116.91
CA PRO JD 187 -43.68 26.08 -118.00
CA ARG JD 188 -39.87 26.06 -117.95
CA THR JD 189 -39.74 25.05 -114.29
CA GLY JD 190 -42.23 22.24 -114.95
CA LEU JD 191 -41.29 18.81 -116.24
CA ASP JD 192 -38.90 18.87 -119.19
CA PHE JD 193 -40.57 18.16 -122.53
CA ASN JD 194 -37.30 16.77 -123.88
CA GLU JD 195 -38.30 13.13 -124.53
CA MET JD 196 -41.84 13.46 -125.94
CA VAL JD 197 -42.34 13.02 -129.68
CA LEU JD 198 -45.40 12.86 -131.94
CA LEU JD 199 -45.64 10.40 -134.81
CA GLN JD 200 -47.95 11.81 -137.50
CA MET JD 201 -49.51 9.78 -140.31
CA GLU JD 202 -51.92 11.44 -142.74
CA ASN JD 203 -54.14 13.08 -140.09
CA LYS JD 204 -53.85 10.75 -137.06
CA ALA JD 205 -50.99 10.62 -134.60
CA TRP JD 206 -49.46 8.99 -131.54
CA LEU JD 207 -47.13 10.03 -128.74
CA VAL JD 208 -43.90 8.11 -128.12
CA HIS JD 209 -40.46 8.59 -126.61
CA ARG JD 210 -37.55 10.24 -128.41
CA GLN JD 211 -34.98 7.48 -127.98
CA TRP JD 212 -37.51 4.96 -129.28
CA PHE JD 213 -38.44 7.33 -132.10
CA LEU JD 214 -34.86 7.43 -133.34
CA ASP JD 215 -33.93 3.81 -132.58
CA LEU JD 216 -36.27 2.55 -135.31
CA PRO JD 217 -34.28 0.69 -138.02
CA LEU JD 218 -36.11 2.44 -140.85
CA PRO JD 219 -35.13 4.90 -143.59
CA TRP JD 220 -33.67 7.95 -141.94
CA LEU JD 221 -33.99 11.42 -143.52
CA PRO JD 222 -33.16 14.74 -141.81
CA GLY JD 223 -35.55 17.62 -141.27
CA ALA JD 224 -33.50 20.22 -143.12
CA ASP JD 225 -33.39 18.39 -146.46
CA THR JD 226 -36.39 18.39 -148.82
CA GLN JD 227 -35.48 16.33 -151.90
CA GLY JD 228 -34.62 13.20 -149.89
CA SER JD 229 -31.59 12.31 -152.01
CA ASN JD 230 -29.28 12.86 -149.02
CA TRP JD 231 -30.52 9.54 -147.70
CA ILE JD 232 -29.24 7.79 -144.56
CA GLN JD 233 -29.67 4.30 -143.08
CA LYS JD 234 -29.59 2.69 -146.47
CA GLU JD 235 -29.96 -1.04 -145.78
CA THR JD 236 -33.19 -0.92 -143.74
CA LEU JD 237 -35.50 -1.83 -146.65
CA VAL JD 238 -33.27 -2.80 -149.58
CA THR JD 239 -32.43 -6.41 -148.69
CA PHE JD 240 -30.08 -7.74 -151.35
CA LYS JD 241 -29.87 -11.54 -151.52
CA ASN JD 242 -26.65 -13.52 -151.86
CA PRO JD 243 -25.35 -12.53 -155.31
CA HIS JD 244 -25.11 -15.43 -157.73
CA ALA JD 245 -22.82 -14.34 -160.57
CA LYS JD 246 -24.13 -10.78 -161.10
CA LYS JD 247 -27.86 -10.44 -160.42
CA GLN JD 248 -29.25 -10.52 -156.91
CA ASP JD 249 -32.94 -10.39 -156.07
CA VAL JD 250 -32.87 -6.77 -154.91
CA VAL JD 251 -36.30 -6.00 -153.47
CA VAL JD 252 -37.56 -3.46 -150.97
CA LEU JD 253 -39.57 -4.93 -148.12
CA GLY JD 254 -43.30 -4.49 -148.24
CA SER JD 255 -44.93 -1.38 -146.87
CA GLN JD 256 -44.29 -1.13 -143.15
CA GLU JD 257 -47.50 0.87 -142.59
CA GLY JD 258 -49.46 -2.15 -141.37
CA ALA JD 259 -46.60 -3.63 -139.34
CA MET JD 260 -45.60 -0.40 -137.61
CA HIS JD 261 -49.25 0.49 -137.04
CA THR JD 262 -49.75 -2.86 -135.32
CA ALA JD 263 -46.62 -2.39 -133.24
CA LEU JD 264 -47.40 1.21 -132.27
CA THR JD 265 -50.87 0.08 -131.17
CA GLY JD 266 -51.24 0.38 -127.42
CA ALA JD 267 -49.20 3.57 -127.23
CA THR JD 268 -50.72 6.95 -126.37
CA GLU JD 269 -52.95 7.81 -129.32
CA ILE JD 270 -53.39 11.58 -129.70
CA GLN JD 271 -56.31 13.14 -131.57
CA MET JD 272 -53.95 15.86 -132.75
CA SER JD 273 -56.51 17.31 -135.19
CA SER JD 274 -58.13 19.40 -132.41
CA GLY JD 275 -54.69 20.58 -131.26
CA ASN JD 276 -51.72 19.10 -129.40
CA LEU JD 277 -53.61 18.17 -126.23
CA LEU JD 278 -50.63 17.23 -124.09
CA PHE JD 279 -51.90 15.72 -120.84
CA THR JD 280 -48.81 16.53 -118.74
CA GLY JD 281 -46.65 19.47 -117.69
CA HIS JD 282 -46.56 21.67 -114.60
CA LEU JD 283 -47.18 25.38 -115.04
CA LYS JD 284 -45.49 27.47 -112.33
CA CYS JD 285 -47.47 30.69 -112.09
CA ARG JD 286 -46.29 33.79 -110.21
CA LEU JD 287 -48.74 36.67 -109.99
CA ARG JD 288 -48.92 40.22 -108.68
CA MET JD 289 -52.61 40.46 -107.78
CA ASP JD 290 -52.31 43.95 -106.24
CA LYS JD 291 -53.33 45.51 -109.56
CA LEU JD 292 -56.51 43.43 -109.33
CA GLN JD 293 -59.32 45.00 -107.33
CA LEU JD 294 -62.95 44.30 -106.44
CA LYS JD 295 -65.32 47.01 -107.67
CA GLY JD 296 -68.09 45.31 -105.71
CA MET JD 297 -66.41 45.12 -102.31
CA SER JD 298 -67.38 48.42 -100.67
CA TYR JD 299 -71.07 48.66 -101.62
CA SER JD 300 -73.57 49.30 -98.85
CA MET JD 301 -74.63 46.53 -96.50
CA CYS JD 302 -77.78 45.14 -98.03
CA THR JD 303 -81.06 45.59 -96.19
CA GLY JD 304 -84.08 44.14 -97.96
CA LYS JD 305 -85.65 40.72 -97.66
CA PHE JD 306 -83.66 37.83 -99.10
CA LYS JD 307 -84.84 34.34 -100.10
CA VAL JD 308 -83.40 31.06 -101.40
CA VAL JD 309 -84.44 29.47 -104.70
CA LYS JD 310 -82.56 26.17 -104.92
CA GLU JD 311 -81.38 24.06 -101.99
CA ILE JD 312 -77.87 22.76 -101.37
CA ALA JD 313 -76.29 19.89 -103.23
CA GLU JD 314 -72.89 18.65 -102.10
CA THR JD 315 -69.71 19.17 -104.10
CA GLN JD 316 -66.70 16.90 -104.53
CA HIS JD 317 -64.58 18.79 -102.00
CA GLY JD 318 -67.67 19.40 -99.88
CA THR JD 319 -68.33 23.13 -100.18
CA ILE JD 320 -71.56 25.04 -99.69
CA VAL JD 321 -72.85 26.48 -102.95
CA ILE JD 322 -76.21 28.25 -102.77
CA ARG JD 323 -78.21 29.97 -105.48
CA VAL JD 324 -80.07 32.76 -103.67
CA GLN JD 325 -82.53 35.40 -104.86
CA TYR JD 326 -83.17 38.90 -103.52
CA GLU JD 327 -86.81 39.98 -103.47
CA GLY JD 328 -86.08 43.24 -101.64
CA ASP JD 329 -84.65 46.51 -102.94
CA GLY JD 330 -81.54 48.66 -102.83
CA SER JD 331 -79.50 46.82 -105.45
CA PRO JD 332 -76.51 46.99 -105.77
CA CYS JD 333 -75.85 46.06 -102.12
CA LYS JD 334 -73.34 44.11 -100.02
CA ILE JD 335 -75.17 41.02 -98.75
CA PRO JD 336 -74.60 39.80 -95.16
CA PHE JD 337 -73.43 36.21 -94.99
CA GLU JD 338 -72.02 34.50 -91.90
CA ILE JD 339 -71.59 30.93 -90.65
CA MET JD 340 -72.50 31.05 -86.96
CA ASP JD 341 -72.66 28.44 -84.26
CA LEU JD 342 -76.09 27.11 -83.38
CA GLU JD 343 -76.15 29.54 -80.41
CA LYS JD 344 -75.15 32.53 -82.59
CA ARG JD 345 -72.14 33.39 -80.38
CA HIS JD 346 -68.92 32.58 -82.28
CA VAL JD 347 -68.09 32.02 -85.96
CA LEU JD 348 -66.92 28.62 -87.22
CA GLY JD 349 -66.57 28.47 -91.00
CA ARG JD 350 -65.06 30.44 -93.86
CA LEU JD 351 -66.61 31.96 -96.99
CA ILE JD 352 -64.81 31.92 -100.34
CA THR JD 353 -66.61 34.71 -102.17
CA VAL JD 354 -65.29 37.65 -100.18
CA ASN JD 355 -67.97 40.34 -99.90
CA PRO JD 356 -70.60 38.71 -102.12
CA ILE JD 357 -72.47 41.21 -104.26
CA VAL JD 358 -75.96 41.46 -105.76
CA THR JD 359 -75.89 44.11 -108.52
CA GLU JD 360 -78.98 42.91 -110.38
CA LYS JD 361 -82.64 42.50 -109.49
CA ASP JD 362 -84.35 39.14 -109.94
CA SER JD 363 -81.26 37.06 -110.69
CA PRO JD 364 -79.69 33.97 -109.11
CA VAL JD 365 -76.67 34.69 -106.94
CA ASN JD 366 -74.05 32.02 -106.25
CA ILE JD 367 -72.66 32.07 -102.71
CA GLU JD 368 -69.73 29.82 -101.82
CA ALA JD 369 -68.54 28.68 -98.40
CA GLU JD 370 -66.71 25.85 -96.61
CA PRO JD 371 -67.83 24.94 -93.08
CA PRO JD 372 -65.97 22.54 -90.83
CA PHE JD 373 -67.28 19.06 -90.03
CA GLY JD 374 -70.07 19.77 -87.58
CA ASP JD 375 -73.45 21.32 -87.15
CA SER JD 376 -73.59 24.97 -88.17
CA TYR JD 377 -76.09 27.73 -88.88
CA ILE JD 378 -75.64 29.76 -92.06
CA ILE JD 379 -77.11 33.11 -91.00
CA ILE JD 380 -78.18 35.35 -93.88
CA GLY JD 381 -79.68 38.82 -93.83
CA VAL JD 382 -80.79 41.04 -90.97
CA GLU JD 383 -84.09 41.06 -89.11
CA PRO JD 384 -86.80 41.61 -90.35
CA GLY JD 385 -86.42 38.66 -92.71
CA GLN JD 386 -83.61 36.77 -90.99
CA LEU JD 387 -82.72 33.49 -92.67
CA LYS JD 388 -81.19 30.67 -90.64
CA LEU JD 389 -80.06 27.50 -92.44
CA ASN JD 390 -78.93 24.50 -90.44
CA TRP JD 391 -76.19 22.46 -92.08
CA PHE JD 392 -73.97 19.48 -91.33
CA LYS JD 393 -71.14 17.80 -93.24
CA LYS JD 394 -69.42 14.46 -92.76
CA GLY JD 395 -65.75 13.69 -92.17
CA SER JD 396 -63.04 13.99 -89.54
CA SER JD 397 -61.25 17.26 -88.86
CA ILE JD 398 -57.90 15.46 -88.68
CA GLY JD 399 -58.69 14.07 -92.12
CA GLN JD 400 -58.82 17.53 -93.63
CA MET JD 401 -55.79 18.63 -91.60
CA ILE JD 402 -53.56 15.84 -92.92
CA GLU JD 403 -55.01 16.11 -96.44
CA THR JD 404 -54.48 19.87 -96.75
CA THR JD 405 -51.06 19.80 -95.08
CA MET JD 406 -49.73 17.00 -97.27
CA ARG JD 407 -51.23 18.55 -100.39
CA GLY JD 408 -49.55 21.87 -99.60
CA ALA JD 409 -46.29 20.10 -98.81
CA LYS JD 410 -46.31 18.38 -102.20
CA ARG JD 411 -47.28 21.68 -103.83
CA MET JD 412 -44.32 23.44 -102.24
CA ALA JD 413 -41.99 20.53 -103.05
CA ILE JD 414 -42.84 20.75 -106.75
CA LEU JD 415 -43.00 24.55 -106.40
CA GLY JD 416 -39.60 24.34 -104.75
CA ASP JD 417 -36.04 24.77 -105.95
CA THR JD 418 -35.64 27.80 -108.24
CA ALA JD 419 -39.31 28.66 -107.49
CA TRP JD 420 -39.75 30.14 -104.01
CA ASP JD 421 -38.01 33.47 -103.54
CA PHE JD 422 -34.68 32.84 -101.83
CA GLY JD 423 -32.48 35.19 -103.87
CA SER JD 424 -34.63 38.29 -103.35
CA LEU JD 425 -33.26 40.22 -100.38
CA GLY JD 426 -35.77 41.88 -98.05
CA GLY JD 427 -38.52 39.49 -99.08
CA VAL JD 428 -36.62 36.52 -97.63
CA PHE JD 429 -38.59 36.71 -94.38
CA THR JD 430 -41.77 37.09 -96.46
CA SER JD 431 -40.79 34.12 -98.62
CA ILE JD 432 -40.18 31.82 -95.66
CA GLY JD 433 -43.46 33.08 -94.19
CA LYS JD 434 -45.19 32.07 -97.41
CA ALA JD 435 -43.53 28.65 -97.33
CA LEU JD 436 -44.35 28.01 -93.67
CA HIS JD 437 -47.90 29.02 -94.52
CA GLN JD 438 -48.15 26.62 -97.45
CA VAL JD 439 -47.10 23.75 -95.11
CA PHE JD 440 -48.40 24.53 -91.60
CA GLY JD 441 -51.17 27.08 -92.22
CA ALA JD 442 -53.93 24.51 -92.06
CA ILE JD 443 -52.78 23.68 -88.54
CA TYR JD 444 -52.35 27.35 -87.67
CA GLY JD 445 -55.71 28.61 -88.91
CA ALA JD 446 -57.89 25.59 -88.16
CA ALA JD 447 -56.49 23.72 -85.16
CA PHE JD 448 -55.19 26.76 -83.26
CA SER JD 449 -58.38 28.67 -82.41
CA GLY JD 450 -59.34 30.08 -85.84
CA VAL JD 451 -58.00 32.58 -84.76
CA SER JD 452 -58.08 35.86 -82.83
CA TRP JD 453 -54.53 36.83 -83.78
CA ILE JD 454 -53.63 39.14 -80.87
CA MET JD 455 -54.35 36.69 -78.07
CA LYS JD 456 -52.85 33.73 -79.90
CA ILE JD 457 -49.58 35.59 -80.50
CA LEU JD 458 -49.61 36.39 -76.79
CA ILE JD 459 -49.93 32.64 -76.19
CA GLY JD 460 -47.18 32.15 -78.77
CA VAL JD 461 -44.71 34.36 -76.94
CA ILE JD 462 -45.75 32.58 -73.73
CA ILE JD 463 -44.86 29.18 -75.21
CA THR JD 464 -41.60 30.61 -76.55
CA TRP JD 465 -40.70 31.92 -73.09
CA ILE JD 466 -41.51 28.56 -71.50
CA GLY JD 467 -39.51 26.75 -74.18
CA MET JD 468 -36.36 28.84 -73.84
CA ASN JD 469 -36.39 28.46 -70.04
CA SER JD 470 -37.23 24.74 -70.18
CA ARG JD 471 -35.78 21.82 -68.26
CA SER JD 472 -34.59 20.19 -71.52
CA THR JD 473 -32.88 21.59 -74.59
CA SER JD 474 -34.60 19.13 -76.93
CA LEU JD 475 -37.99 20.39 -75.76
CA SER JD 476 -36.66 23.96 -75.99
CA VAL JD 477 -35.81 23.46 -79.67
CA SER JD 478 -39.06 21.59 -80.32
CA LEU JD 479 -41.25 24.29 -78.73
CA VAL JD 480 -39.58 27.62 -79.55
CA LEU JD 481 -39.59 26.67 -83.24
CA VAL JD 482 -43.36 26.25 -83.13
CA GLY JD 483 -43.71 29.45 -81.12
CA VAL JD 484 -41.72 31.58 -83.54
CA VAL JD 485 -43.66 29.92 -86.36
CA THR JD 486 -46.86 30.98 -84.61
CA LEU JD 487 -45.69 34.56 -84.10
CA TYR JD 488 -44.33 35.12 -87.62
CA LEU JD 489 -47.32 33.46 -89.30
CA GLY JD 490 -49.64 35.54 -87.12
CA VAL JD 491 -47.91 38.66 -88.34
CA MET JD 492 -48.34 37.18 -91.82
CA VAL JD 493 -51.94 35.88 -91.64
CA GLN JD 494 -52.94 39.33 -90.39
CA ALA JD 495 -52.08 40.38 -93.96
CA PHE KD 1 -51.75 -41.81 -166.46
CA HIS KD 2 -55.11 -40.03 -166.52
CA LEU KD 3 -54.51 -36.43 -167.57
CA THR KD 4 -56.27 -33.33 -166.25
CA THR KD 5 -55.32 -29.68 -165.69
CA ARG KD 6 -54.67 -27.71 -162.52
CA ASN KD 7 -53.35 -24.16 -162.10
CA GLY KD 8 -53.21 -23.98 -165.88
CA GLU KD 9 -50.75 -26.88 -166.08
CA PRO KD 10 -51.14 -30.53 -167.14
CA HIS KD 11 -51.55 -33.09 -164.37
CA MET KD 12 -51.13 -36.79 -165.18
CA ILE KD 13 -51.91 -39.42 -162.54
CA VAL KD 14 -49.79 -42.52 -163.11
CA SER KD 15 -50.21 -45.97 -161.62
CA ARG KD 16 -48.61 -49.42 -161.68
CA GLN KD 17 -50.18 -50.10 -165.11
CA GLU KD 18 -47.43 -47.86 -166.53
CA LYS KD 19 -44.51 -48.24 -164.12
CA GLY KD 20 -40.87 -47.50 -164.80
CA LYS KD 21 -41.57 -46.79 -168.47
CA SER KD 22 -41.45 -43.71 -170.67
CA LEU KD 23 -44.60 -41.61 -170.37
CA LEU KD 24 -45.86 -40.35 -173.73
CA PHE KD 25 -48.66 -37.98 -174.72
CA LYS KD 26 -49.84 -35.61 -177.44
CA THR KD 27 -50.97 -32.23 -176.12
CA GLU KD 28 -51.39 -28.70 -177.46
CA ASP KD 29 -47.74 -28.00 -176.64
CA GLY KD 30 -46.76 -30.97 -178.81
CA VAL KD 31 -45.32 -34.46 -178.37
CA ASN KD 32 -44.87 -34.75 -174.59
CA MET KD 33 -42.16 -37.32 -173.79
CA CYS KD 34 -41.79 -37.55 -170.01
CA THR KD 35 -39.50 -39.86 -168.08
CA LEU KD 36 -40.78 -40.79 -164.62
CA MET KD 37 -37.52 -41.96 -163.10
CA ALA KD 38 -38.92 -41.93 -159.55
CA MET KD 39 -38.62 -44.61 -156.86
CA ASP KD 40 -41.64 -45.23 -154.65
CA LEU KD 41 -44.11 -45.62 -157.51
CA GLY KD 42 -46.15 -48.71 -156.65
CA GLU KD 43 -49.83 -49.43 -157.12
CA LEU KD 44 -52.08 -46.41 -156.64
CA CYS KD 45 -52.77 -45.37 -153.05
CA GLU KD 46 -54.19 -42.52 -150.97
CA ASP KD 47 -50.77 -41.13 -149.96
CA THR KD 48 -50.84 -38.86 -153.00
CA ILE KD 49 -47.30 -37.62 -153.58
CA THR KD 50 -47.11 -34.95 -156.28
CA TYR KD 51 -44.26 -33.55 -158.34
CA LYS KD 52 -43.25 -30.95 -160.89
CA CYS KD 53 -41.53 -32.52 -163.84
CA PRO KD 54 -39.57 -29.41 -164.93
CA PHE KD 55 -39.13 -28.14 -168.46
CA LEU KD 56 -35.71 -29.25 -169.70
CA LYS KD 57 -34.81 -28.60 -173.32
CA GLN KD 58 -31.47 -30.35 -173.96
CA ASN KD 59 -29.33 -30.06 -170.82
CA GLU KD 60 -27.98 -32.86 -168.61
CA PRO KD 61 -30.67 -33.85 -166.07
CA GLU KD 62 -29.57 -34.48 -162.51
CA ASP KD 63 -31.00 -34.40 -158.98
CA ILE KD 64 -34.55 -34.80 -160.34
CA ASP KD 65 -37.18 -37.49 -159.98
CA CYS KD 66 -39.18 -36.88 -163.17
CA TRP KD 67 -38.72 -34.70 -166.22
CA CYS KD 68 -40.25 -33.88 -169.59
CA ASN KD 69 -38.58 -32.63 -172.76
CA SER KD 70 -41.65 -30.62 -173.87
CA THR KD 71 -42.95 -28.53 -170.98
CA SER KD 72 -43.26 -28.38 -167.22
CA THR KD 73 -46.01 -30.60 -165.87
CA TRP KD 74 -47.54 -32.09 -162.74
CA VAL KD 75 -47.36 -35.79 -161.94
CA THR KD 76 -48.76 -37.69 -158.97
CA TYR KD 77 -48.94 -41.19 -157.56
CA GLY KD 78 -49.32 -43.26 -154.39
CA THR KD 79 -46.87 -44.83 -151.99
CA CYS KD 80 -48.55 -47.71 -150.13
CA THR KD 81 -47.33 -51.27 -150.58
CA THR KD 82 -49.10 -53.97 -152.59
CA THR KD 83 -51.06 -55.51 -149.71
CA GLY KD 84 -52.20 -52.13 -148.37
CA GLU KD 85 -50.74 -50.04 -145.56
CA HIS KD 86 -49.98 -46.44 -144.65
CA ARG KD 87 -46.20 -46.48 -145.23
CA ARG KD 88 -42.95 -47.86 -143.79
CA GLU KD 89 -42.82 -48.13 -139.99
CA LYS KD 90 -40.30 -46.31 -137.79
CA ARG KD 91 -39.71 -45.79 -134.08
CA SER KD 92 -38.89 -42.36 -132.69
CA VAL KD 93 -39.84 -39.63 -130.14
CA ALA KD 94 -38.07 -39.55 -126.77
CA LEU KD 95 -40.21 -39.67 -123.64
CA VAL KD 96 -40.38 -41.29 -120.21
CA PRO KD 97 -42.42 -40.39 -117.08
CA HIS KD 98 -41.62 -40.32 -113.43
CA VAL KD 99 -42.10 -43.62 -111.59
CA GLY KD 100 -45.11 -43.77 -109.36
CA MET KD 101 -45.92 -44.14 -105.70
CA GLY KD 102 -48.40 -46.69 -104.37
CA LEU KD 103 -49.45 -48.95 -101.48
CA GLU KD 104 -47.07 -47.06 -99.16
CA THR KD 105 -48.87 -43.83 -98.09
CA ARG KD 106 -47.02 -40.71 -96.94
CA THR KD 107 -47.17 -40.48 -93.12
CA GLU KD 108 -44.80 -41.72 -90.40
CA THR KD 109 -46.40 -44.98 -89.19
CA TRP KD 110 -46.29 -48.82 -89.33
CA MET KD 111 -43.14 -49.35 -87.17
CA SER KD 112 -41.46 -50.87 -90.26
CA SER KD 113 -37.70 -51.01 -90.70
CA GLU KD 114 -37.72 -48.93 -93.88
CA GLY KD 115 -40.17 -46.41 -92.42
CA ALA KD 116 -38.31 -46.30 -89.10
CA TRP KD 117 -34.89 -45.74 -90.68
CA LYS KD 118 -36.06 -43.38 -93.44
CA HIS KD 119 -36.18 -40.42 -91.07
CA ALA KD 120 -32.68 -41.06 -89.72
CA GLN KD 121 -31.30 -41.66 -93.22
CA ARG KD 122 -32.80 -38.37 -94.39
CA ILE KD 123 -31.38 -36.57 -91.33
CA GLU KD 124 -27.87 -37.83 -92.00
CA THR KD 125 -28.19 -37.12 -95.73
CA TRP KD 126 -29.20 -33.54 -94.89
CA ILE KD 127 -26.27 -33.27 -92.47
CA LEU KD 128 -23.86 -34.49 -95.14
CA ARG KD 129 -25.35 -32.08 -97.69
CA HIS KD 130 -25.53 -29.24 -95.12
CA PRO KD 131 -22.25 -29.09 -93.17
CA GLY KD 132 -22.52 -25.33 -92.67
CA PHE KD 133 -25.92 -25.48 -91.00
CA THR KD 134 -24.66 -28.34 -88.84
CA ILE KD 135 -21.69 -26.24 -87.70
CA MET KD 136 -23.97 -23.26 -87.05
CA ALA KD 137 -26.31 -25.39 -84.94
CA ALA KD 138 -23.35 -26.79 -83.01
CA ILE KD 139 -22.09 -23.26 -82.31
CA LEU KD 140 -25.53 -22.15 -81.13
CA ALA KD 141 -25.74 -25.21 -78.87
CA TYR KD 142 -22.30 -24.41 -77.46
CA THR KD 143 -23.18 -20.79 -76.72
CA ILE KD 144 -26.65 -21.39 -75.28
CA GLY KD 145 -25.76 -24.68 -73.60
CA THR KD 146 -24.28 -24.42 -70.11
CA THR KD 147 -23.93 -28.21 -69.67
CA HIS KD 148 -22.55 -30.77 -72.11
CA PHE KD 149 -25.79 -32.77 -71.91
CA GLN KD 150 -27.85 -29.69 -72.78
CA ARG KD 151 -25.30 -28.90 -75.50
CA ALA KD 152 -25.73 -32.29 -77.17
CA LEU KD 153 -29.50 -32.33 -76.70
CA ILE KD 154 -29.93 -28.90 -78.28
CA PHE KD 155 -27.58 -29.78 -81.14
CA ILE KD 156 -29.54 -32.96 -81.87
CA LEU KD 157 -32.84 -31.09 -81.63
CA LEU KD 158 -31.69 -28.39 -84.06
CA THR KD 159 -30.25 -30.89 -86.55
CA ALA KD 160 -33.47 -32.94 -86.43
CA VAL KD 161 -35.90 -30.00 -86.59
CA ALA KD 162 -34.25 -27.89 -89.32
CA PRO KD 163 -34.94 -30.41 -92.14
CA SER KD 164 -38.50 -31.09 -91.00
CA MET KD 165 -39.42 -27.47 -91.73
CA THR KD 166 -38.61 -28.03 -95.42
CA PHE LD 1 -21.09 -53.20 -170.41
CA HIS LD 2 -18.68 -56.08 -169.73
CA LEU LD 3 -20.38 -59.26 -168.55
CA THR LD 4 -17.62 -60.52 -166.24
CA THR LD 5 -17.66 -63.22 -163.55
CA ARG LD 6 -17.28 -61.12 -160.40
CA ASN LD 7 -17.54 -62.97 -157.08
CA GLY LD 8 -18.66 -65.94 -159.18
CA GLU LD 9 -21.74 -64.18 -160.56
CA PRO LD 10 -22.53 -62.03 -163.62
CA HIS LD 11 -21.29 -58.47 -163.31
CA MET LD 12 -21.97 -55.44 -165.54
CA ILE LD 13 -20.53 -51.92 -165.81
CA VAL LD 14 -23.12 -49.51 -167.21
CA SER LD 15 -22.01 -45.98 -168.10
CA ARG LD 16 -23.86 -42.78 -168.96
CA GLN LD 17 -23.56 -43.08 -172.77
CA GLU LD 18 -26.87 -44.96 -172.51
CA LYS LD 19 -29.24 -44.02 -169.70
CA GLY LD 20 -32.83 -44.42 -168.61
CA LYS LD 21 -33.26 -47.44 -170.89
CA SER LD 22 -33.40 -51.18 -170.31
CA LEU LD 23 -30.18 -53.02 -171.09
CA LEU LD 24 -30.05 -56.23 -173.13
CA PHE LD 25 -27.43 -58.97 -172.95
CA LYS LD 26 -26.84 -62.72 -173.15
CA THR LD 27 -26.13 -65.38 -170.53
CA GLU LD 28 -26.25 -69.16 -170.30
CA ASP LD 29 -29.95 -68.93 -169.39
CA GLY LD 30 -30.67 -66.94 -172.57
CA VAL LD 31 -31.33 -63.35 -173.50
CA ASN LD 32 -31.77 -61.12 -170.44
CA MET LD 33 -33.29 -57.64 -170.46
CA CYS LD 34 -32.35 -55.63 -167.37
CA THR LD 35 -34.15 -52.68 -165.80
CA LEU LD 36 -32.14 -49.91 -164.10
CA MET LD 37 -34.26 -47.36 -162.23
CA ALA LD 38 -31.25 -45.78 -160.50
CA MET LD 39 -31.99 -42.07 -160.76
CA ASP LD 40 -28.64 -40.77 -159.45
CA LEU LD 41 -26.59 -42.11 -162.35
CA GLY LD 42 -23.59 -40.38 -163.90
CA GLU LD 43 -20.69 -41.32 -166.17
CA LEU LD 44 -18.06 -43.89 -165.27
CA CYS LD 45 -15.20 -42.68 -163.08
CA GLU LD 46 -13.36 -43.73 -159.93
CA ASP LD 47 -16.40 -43.31 -157.65
CA THR LD 48 -17.92 -46.64 -158.66
CA ILE LD 49 -21.13 -47.59 -156.87
CA THR LD 50 -22.02 -51.29 -157.15
CA TYR LD 51 -25.20 -53.39 -156.78
CA LYS LD 52 -26.26 -57.03 -156.68
CA CYS LD 53 -29.30 -56.83 -158.95
CA PRO LD 54 -32.06 -59.16 -157.67
CA PHE LD 55 -34.22 -61.61 -159.59
CA LEU LD 56 -37.96 -60.99 -159.94
CA LYS LD 57 -40.44 -63.30 -161.66
CA GLN LD 58 -43.86 -61.58 -161.57
CA ASN LD 59 -44.11 -59.55 -158.35
CA GLU LD 60 -44.32 -55.78 -158.51
CA PRO LD 61 -40.85 -54.16 -158.38
CA GLU LD 62 -40.91 -52.01 -155.24
CA ASP LD 63 -38.21 -49.94 -153.53
CA ILE LD 64 -35.42 -51.28 -155.77
CA ASP LD 65 -33.49 -49.84 -158.70
CA CYS LD 66 -32.50 -52.89 -160.70
CA TRP LD 67 -34.36 -56.00 -161.78
CA CYS LD 68 -34.48 -58.56 -164.59
CA ASN LD 69 -36.87 -61.35 -165.65
CA SER LD 70 -34.59 -64.40 -165.43
CA THR LD 71 -31.61 -64.02 -163.11
CA SER LD 72 -29.71 -61.84 -160.65
CA THR LD 73 -26.47 -60.02 -161.41
CA TRP LD 74 -24.09 -57.25 -160.31
CA VAL LD 75 -24.62 -53.84 -161.95
CA THR LD 76 -22.22 -50.96 -161.24
CA TYR LD 77 -21.75 -47.41 -162.45
CA GLY LD 78 -19.99 -44.16 -161.73
CA THR LD 79 -21.47 -41.09 -160.08
CA CYS LD 80 -19.24 -38.24 -161.27
CA THR LD 81 -21.04 -35.13 -162.49
CA THR LD 82 -20.54 -33.49 -165.87
CA THR LD 83 -17.21 -31.96 -164.86
CA GLY LD 84 -16.00 -35.46 -163.96
CA GLU LD 85 -15.57 -34.78 -160.23
CA HIS LD 86 -16.65 -36.72 -157.14
CA ARG LD 87 -19.72 -36.12 -155.00
CA ARG LD 88 -20.13 -32.64 -153.56
CA GLU LD 89 -21.98 -31.11 -150.61
CA LYS LD 90 -21.45 -29.11 -147.41
CA ARG LD 91 -21.19 -28.63 -144.46
CA SER LD 92 -19.98 -30.41 -141.32
CA VAL LD 93 -19.20 -28.97 -137.88
CA ALA LD 94 -15.95 -28.10 -136.13
CA LEU LD 95 -15.79 -26.76 -132.58
CA VAL LD 96 -14.98 -23.05 -132.53
CA PRO LD 97 -11.51 -22.50 -130.98
CA HIS LD 98 -10.35 -19.85 -128.54
CA VAL LD 99 -7.35 -18.95 -126.37
CA GLY LD 100 -6.60 -20.39 -122.94
CA MET LD 101 -7.75 -23.69 -121.44
CA GLY LD 102 -11.28 -23.46 -120.10
CA LEU LD 103 -11.73 -26.19 -117.48
CA GLU LD 104 -13.74 -24.59 -114.70
CA THR LD 105 -17.37 -24.83 -115.90
CA ARG LD 106 -19.50 -27.85 -116.77
CA THR LD 107 -23.00 -29.20 -116.13
CA GLU LD 108 -26.26 -27.22 -116.29
CA THR LD 109 -28.18 -25.67 -113.40
CA TRP LD 110 -31.10 -26.80 -111.27
CA MET LD 111 -33.07 -23.61 -110.73
CA SER LD 112 -34.39 -24.21 -107.21
CA SER LD 113 -31.27 -25.66 -105.58
CA GLU LD 114 -28.85 -23.26 -107.26
CA GLY LD 115 -31.10 -20.30 -106.45
CA ALA LD 116 -31.13 -21.40 -102.81
CA TRP LD 117 -27.34 -21.83 -102.73
CA LYS LD 118 -26.58 -18.68 -104.77
CA HIS LD 119 -26.09 -16.63 -101.61
CA ALA LD 120 -23.82 -19.22 -99.99
CA GLN LD 121 -21.67 -19.57 -103.11
CA ARG LD 122 -21.64 -15.83 -103.87
CA ILE LD 123 -20.40 -14.86 -100.40
CA GLU LD 124 -17.54 -17.36 -100.75
CA THR LD 125 -16.54 -16.25 -104.24
CA TRP LD 126 -16.71 -12.58 -103.28
CA ILE LD 127 -14.86 -12.93 -99.98
CA LEU LD 128 -12.13 -14.90 -101.76
CA ARG LD 129 -11.87 -12.52 -104.72
CA HIS LD 130 -11.38 -9.37 -102.59
CA PRO LD 131 -8.90 -9.99 -99.74
CA GLY LD 132 -8.35 -6.24 -99.43
CA PHE LD 133 -11.95 -5.62 -98.42
CA THR LD 134 -11.65 -8.67 -96.16
CA ILE LD 135 -8.84 -6.87 -94.34
CA MET LD 136 -10.71 -3.57 -94.08
CA ALA LD 137 -13.91 -5.23 -92.86
CA ALA LD 138 -11.94 -7.25 -90.32
CA ILE LD 139 -10.19 -4.12 -89.02
CA LEU LD 140 -13.47 -2.21 -88.74
CA ALA LD 141 -15.08 -5.11 -86.88
CA TYR LD 142 -12.07 -5.35 -84.58
CA THR LD 143 -12.29 -1.67 -83.68
CA ILE LD 144 -16.06 -1.36 -83.31
CA GLY LD 145 -16.82 -4.63 -81.53
CA THR LD 146 -16.13 -4.23 -77.80
CA THR LD 147 -16.19 -7.98 -77.04
CA HIS LD 148 -15.37 -10.95 -79.22
CA PHE LD 149 -18.83 -11.98 -80.40
CA GLN LD 150 -19.76 -8.43 -81.38
CA ARG LD 151 -16.61 -8.36 -83.50
CA ALA LD 152 -17.45 -11.65 -85.19
CA LEU LD 153 -21.07 -10.58 -85.71
CA ILE LD 154 -20.17 -7.28 -87.36
CA PHE LD 155 -17.57 -9.08 -89.49
CA ILE LD 156 -19.98 -11.71 -90.80
CA LEU LD 157 -22.77 -9.17 -91.42
CA LEU LD 158 -20.48 -6.93 -93.47
CA THR LD 159 -19.13 -9.91 -95.42
CA ALA LD 160 -22.71 -10.91 -96.23
CA VAL LD 161 -23.75 -7.35 -97.10
CA ALA LD 162 -20.87 -6.58 -99.46
CA PRO LD 163 -21.88 -8.92 -102.32
CA SER LD 164 -25.54 -7.90 -102.00
CA MET LD 165 -24.99 -4.19 -102.72
CA THR LD 166 -23.10 -5.15 -105.89
CA PHE MD 1 -34.72 -5.30 -178.68
CA HIS MD 2 -33.93 -1.57 -178.44
CA LEU MD 3 -30.17 -0.95 -178.62
CA THR MD 4 -28.38 2.05 -177.11
CA THR MD 5 -24.74 2.90 -176.39
CA ARG MD 6 -23.92 3.42 -172.71
CA ASN MD 7 -20.45 3.33 -171.13
CA GLY MD 8 -19.00 2.52 -174.53
CA GLU MD 9 -20.98 -0.75 -174.64
CA PRO MD 10 -24.37 -1.74 -176.08
CA HIS MD 11 -27.42 -1.69 -173.82
CA MET MD 12 -30.43 -3.81 -174.82
CA ILE MD 13 -33.97 -3.03 -173.67
CA VAL MD 14 -36.36 -5.98 -173.98
CA SER MD 15 -40.08 -6.24 -173.23
CA ARG MD 16 -42.34 -9.21 -172.63
CA GLN MD 17 -43.76 -8.80 -176.14
CA GLU MD 18 -40.76 -10.95 -177.16
CA LYS MD 19 -40.94 -13.16 -174.07
CA GLY MD 20 -39.71 -16.74 -174.30
CA LYS MD 21 -37.86 -16.31 -177.60
CA SER MD 22 -34.16 -16.15 -178.35
CA LEU MD 23 -32.57 -12.71 -178.73
CA LEU MD 24 -31.89 -12.44 -182.48
CA PHE MD 25 -30.90 -9.28 -184.35
CA LYS MD 26 -28.22 -7.93 -186.69
CA THR MD 27 -25.64 -5.15 -186.22
CA GLU MD 28 -22.20 -4.27 -187.54
CA ASP MD 29 -20.53 -6.28 -184.76
CA GLY MD 30 -21.70 -9.43 -186.54
CA VAL MD 31 -24.48 -12.00 -186.44
CA ASN MD 32 -25.35 -11.41 -182.78
CA MET MD 33 -27.17 -14.58 -181.85
CA CYS MD 34 -28.16 -14.36 -178.19
CA THR MD 35 -30.57 -15.87 -175.68
CA LEU MD 36 -32.47 -14.80 -172.57
CA MET MD 37 -33.46 -17.71 -170.36
CA ALA MD 38 -34.55 -16.59 -166.88
CA MET MD 39 -38.29 -16.32 -166.26
CA ASP MD 40 -38.12 -13.31 -163.93
CA LEU MD 41 -39.22 -11.09 -166.84
CA GLY MD 42 -42.22 -8.85 -166.29
CA GLU MD 43 -43.97 -6.35 -168.51
CA LEU MD 44 -42.45 -3.01 -169.46
CA CYS MD 45 -42.60 -0.68 -166.46
CA GLU MD 46 -40.34 1.60 -164.43
CA ASP MD 47 -38.72 -1.25 -162.44
CA THR MD 48 -35.79 -1.64 -164.80
CA ILE MD 49 -33.27 -4.41 -164.10
CA THR MD 50 -30.00 -4.74 -166.02
CA TYR MD 51 -27.38 -7.35 -166.94
CA LYS MD 52 -24.18 -7.89 -168.85
CA CYS MD 53 -24.48 -10.83 -171.23
CA PRO MD 54 -21.08 -12.54 -171.58
CA PHE MD 55 -19.40 -13.64 -174.80
CA LEU MD 56 -19.01 -17.28 -175.77
CA LYS MD 57 -15.61 -18.75 -176.55
CA GLN MD 58 -16.25 -22.49 -176.18
CA ASN MD 59 -18.23 -23.15 -172.99
CA GLU MD 60 -21.83 -24.28 -172.70
CA PRO MD 61 -24.19 -21.51 -171.50
CA GLU MD 62 -23.89 -21.58 -167.73
CA ASP MD 63 -23.87 -19.35 -164.62
CA ILE MD 64 -25.63 -16.42 -166.38
CA ASP MD 65 -29.29 -15.87 -167.19
CA CYS MD 66 -28.44 -14.36 -170.58
CA TRP MD 67 -25.96 -15.73 -173.11
CA CYS MD 68 -24.64 -14.11 -176.30
CA ASN MD 69 -22.00 -15.59 -178.61
CA SER MD 70 -20.85 -12.69 -180.82
CA THR MD 71 -20.16 -9.69 -178.55
CA SER MD 72 -20.74 -8.90 -174.88
CA THR MD 73 -23.82 -6.73 -174.47
CA TRP MD 74 -25.98 -5.43 -171.63
CA VAL MD 75 -29.59 -6.59 -171.49
CA THR MD 76 -32.17 -4.84 -169.32
CA TYR MD 77 -35.92 -5.35 -168.93
CA GLY MD 78 -38.86 -5.04 -166.56
CA THR MD 79 -39.69 -7.23 -163.57
CA CYS MD 80 -42.96 -5.92 -162.15
CA THR MD 81 -45.81 -8.41 -161.85
CA THR MD 82 -48.54 -8.48 -164.49
CA THR MD 83 -50.85 -6.28 -162.38
CA GLY MD 84 -48.47 -3.31 -162.68
CA GLU MD 85 -47.18 -3.68 -159.10
CA HIS MD 86 -43.53 -3.69 -158.07
CA ARG MD 87 -42.03 -6.75 -156.46
CA ARG MD 88 -42.35 -7.00 -152.70
CA GLU MD 89 -42.08 -9.42 -149.78
CA LYS MD 90 -44.32 -9.71 -146.73
CA ARG MD 91 -41.48 -9.76 -144.20
CA SER MD 92 -41.54 -6.93 -141.66
CA VAL MD 93 -39.28 -5.29 -139.05
CA ALA MD 94 -40.24 -3.36 -135.91
CA LEU MD 95 -39.93 -3.61 -132.12
CA VAL MD 96 -41.95 -3.36 -128.90
CA PRO MD 97 -43.09 0.24 -128.10
CA HIS MD 98 -44.93 -0.39 -124.81
CA VAL MD 99 -42.53 0.46 -121.97
CA GLY MD 100 -39.17 2.19 -121.96
CA MET MD 101 -37.70 4.80 -119.60
CA GLY MD 102 -34.14 4.81 -118.22
CA LEU MD 103 -33.27 8.26 -116.85
CA GLU MD 104 -35.10 11.57 -117.28
CA THR MD 105 -36.32 14.78 -115.66
CA ARG MD 106 -34.85 17.93 -114.28
CA THR MD 107 -31.67 17.59 -112.22
CA GLU MD 108 -32.15 18.30 -108.49
CA THR MD 109 -35.76 18.55 -107.29
CA TRP MD 110 -36.40 15.30 -109.10
CA MET MD 111 -33.22 13.92 -107.54
CA SER MD 112 -34.27 14.86 -104.00
CA SER MD 113 -37.94 13.90 -104.37
CA GLU MD 114 -37.44 10.61 -106.19
CA GLY MD 115 -34.54 9.72 -103.89
CA ALA MD 116 -36.78 10.22 -100.87
CA TRP MD 117 -39.66 8.29 -102.44
CA LYS MD 118 -37.59 5.45 -103.91
CA HIS MD 119 -35.73 4.94 -100.64
CA ALA MD 120 -39.05 5.14 -98.77
CA GLN MD 121 -40.74 2.54 -100.96
CA ARG MD 122 -37.67 0.27 -101.08
CA ILE MD 123 -37.21 0.26 -97.30
CA GLU MD 124 -40.97 0.01 -96.76
CA THR MD 125 -41.19 -3.02 -99.05
CA TRP MD 126 -38.26 -4.58 -97.17
CA ILE MD 127 -40.12 -3.92 -93.90
CA LEU MD 128 -43.52 -5.27 -95.04
CA ARG MD 129 -42.45 -7.84 -97.64
CA HIS MD 130 -40.36 -9.43 -94.84
CA PRO MD 131 -41.62 -8.10 -91.49
CA GLY MD 132 -40.53 -10.56 -88.82
CA PHE MD 133 -36.84 -10.13 -89.57
CA THR MD 134 -37.28 -6.44 -88.84
CA ILE MD 135 -38.78 -6.78 -85.36
CA MET MD 136 -36.41 -9.58 -84.36
CA ALA MD 137 -33.44 -7.50 -85.49
CA ALA MD 138 -34.78 -4.45 -83.63
CA ILE MD 139 -35.18 -6.31 -80.34
CA LEU MD 140 -31.82 -8.05 -80.81
CA ALA MD 141 -30.10 -4.70 -81.31
CA TYR MD 142 -31.89 -3.10 -78.35
CA THR MD 143 -30.76 -6.02 -76.17
CA ILE MD 144 -27.18 -6.39 -77.47
CA GLY MD 145 -25.86 -3.04 -78.68
CA THR MD 146 -24.07 -1.12 -75.94
CA THR MD 147 -24.75 2.39 -77.28
CA HIS MD 148 -27.65 3.79 -79.27
CA PHE MD 149 -25.24 4.36 -82.17
CA GLN MD 150 -24.13 0.73 -81.96
CA ARG MD 151 -27.74 -0.47 -81.73
CA ALA MD 152 -28.59 1.67 -84.76
CA LEU MD 153 -25.78 0.02 -86.70
CA ILE MD 154 -26.97 -3.42 -85.60
CA PHE MD 155 -30.60 -3.31 -86.61
CA ILE MD 156 -30.19 -1.03 -89.65
CA LEU MD 157 -27.57 -3.44 -91.03
CA LEU MD 158 -29.70 -6.49 -90.20
CA THR MD 159 -32.74 -4.94 -91.89
CA ALA MD 160 -30.55 -4.12 -94.90
CA VAL MD 161 -29.11 -7.63 -95.29
CA ALA MD 162 -31.92 -9.98 -94.26
CA PRO MD 163 -34.54 -9.17 -96.95
CA SER MD 164 -31.82 -9.35 -99.61
CA MET MD 165 -30.64 -12.61 -98.01
CA THR MD 166 -34.23 -13.88 -97.86
CA MET ND 1 57.42 44.33 107.85
CA ARG ND 2 58.90 47.73 107.07
CA CYS ND 3 56.93 48.99 104.10
CA ILE ND 4 53.67 50.60 105.17
CA GLY ND 5 52.42 53.76 103.47
CA ILE ND 6 54.64 53.40 100.40
CA SER ND 7 52.23 53.66 97.48
CA ASN ND 8 54.16 51.39 95.08
CA ARG ND 9 54.13 48.02 96.85
CA ASP ND 10 54.83 45.33 94.25
CA PHE ND 11 54.05 41.67 94.79
CA VAL ND 12 55.53 38.30 93.78
CA GLU ND 13 52.74 35.76 94.39
CA GLY ND 14 54.63 32.50 94.10
CA VAL ND 15 57.95 30.74 93.52
CA SER ND 16 59.25 27.89 91.36
CA GLY ND 17 61.91 25.22 91.79
CA GLY ND 18 64.68 27.32 90.27
CA SER ND 19 63.70 30.24 92.54
CA TRP ND 20 65.78 32.61 90.39
CA VAL ND 21 63.37 35.48 90.86
CA ASP ND 22 64.54 38.70 89.20
CA ILE ND 23 62.99 41.44 91.30
CA VAL ND 24 62.32 44.89 89.92
CA LEU ND 25 63.10 47.77 92.25
CA GLU ND 26 62.65 51.53 92.00
CA HIS ND 27 62.88 54.64 94.17
CA GLY ND 28 60.03 55.00 96.63
CA SER ND 29 58.64 51.54 95.91
CA CYS ND 30 58.85 48.38 98.02
CA VAL ND 31 58.67 44.75 96.94
CA THR ND 32 57.26 41.67 98.66
CA THR ND 33 58.54 38.20 97.85
CA MET ND 34 56.43 35.13 98.61
CA ALA ND 35 57.57 31.52 98.60
CA LYS ND 36 55.72 28.30 99.38
CA ASN ND 37 56.63 27.35 102.96
CA LYS ND 38 59.71 29.58 102.89
CA PRO ND 39 60.36 32.87 104.72
CA THR ND 40 58.63 35.82 103.08
CA LEU ND 41 60.86 38.80 102.32
CA ASP ND 42 60.54 42.56 101.90
CA PHE ND 43 63.03 44.29 99.61
CA GLU ND 44 63.76 47.99 99.34
CA LEU ND 45 66.48 50.41 98.32
CA ILE ND 46 66.91 52.87 101.18
CA LYS ND 47 69.59 55.14 99.72
CA THR ND 48 71.26 55.66 96.34
CA GLU ND 49 74.70 57.27 96.44
CA ALA ND 50 77.61 57.69 94.04
CA LYS ND 51 80.60 57.83 96.37
CA GLN ND 52 83.75 59.67 95.32
CA PRO ND 53 82.23 61.62 92.39
CA ALA ND 54 84.50 63.20 89.81
CA THR ND 55 84.83 66.97 89.31
CA LEU ND 56 84.05 68.38 85.85
CA ARG ND 57 84.22 72.18 86.00
CA LYS ND 58 83.92 74.83 88.71
CA TYR ND 59 81.90 78.02 88.29
CA CYS ND 60 82.50 81.32 90.07
CA ILE ND 61 79.80 83.03 92.12
CA GLU ND 62 81.22 86.00 94.11
CA ALA ND 63 84.05 88.14 92.78
CA LYS ND 64 86.59 89.99 94.85
CA LEU ND 65 88.90 92.19 92.80
CA THR ND 66 91.92 94.45 93.26
CA ASN ND 67 94.87 96.12 91.56
CA THR ND 68 92.56 97.70 88.98
CA THR ND 69 94.43 100.15 86.74
CA THR ND 70 93.75 102.37 83.74
CA ASP ND 71 96.68 103.19 81.47
CA SER ND 72 96.43 105.18 78.28
CA ARG ND 73 98.42 107.04 75.63
CA CYS ND 74 97.69 110.03 73.45
CA PRO ND 75 96.17 109.27 70.03
CA THR ND 76 98.83 108.27 67.47
CA GLN ND 77 100.97 106.55 70.15
CA GLY ND 78 99.47 103.05 70.08
CA GLU ND 79 97.52 101.64 73.00
CA PRO ND 80 100.05 101.01 75.79
CA SER ND 81 101.28 97.57 76.77
CA LEU ND 82 101.30 96.64 80.45
CA ASN ND 83 103.06 94.11 82.62
CA GLU ND 84 99.61 93.74 84.18
CA GLU ND 85 97.88 92.44 81.06
CA GLN ND 86 100.35 89.73 80.02
CA ASP ND 87 99.36 87.39 82.89
CA LYS ND 88 96.21 85.25 82.86
CA ARG ND 89 95.77 85.96 86.58
CA PHE ND 90 94.10 89.26 85.62
CA VAL ND 91 91.10 90.18 83.47
CA CYS ND 92 91.40 92.94 80.90
CA LYS ND 93 90.18 94.94 77.96
CA HIS ND 94 91.25 97.61 75.50
CA SER ND 95 88.91 100.41 74.50
CA MET ND 96 88.75 103.59 72.43
CA VAL ND 97 87.85 107.02 73.84
CA ASP ND 98 87.89 110.58 72.51
CA ARG ND 99 90.66 112.33 74.42
CA GLY ND 100 90.16 116.06 73.93
CA TRP ND 101 92.65 118.89 73.62
CA GLY ND 102 92.31 119.89 77.27
CA ASN ND 103 92.73 116.30 78.38
CA GLY ND 104 96.42 116.06 79.13
CA CYS ND 105 97.70 115.45 75.61
CA GLY ND 106 96.54 118.46 73.66
CA LEU ND 107 95.71 116.74 70.41
CA PHE ND 108 92.02 115.89 70.29
CA GLY ND 109 91.21 112.51 68.81
CA LYS ND 110 90.15 108.96 69.58
CA GLY ND 111 92.83 106.85 71.23
CA GLY ND 112 93.34 103.64 73.14
CA ILE ND 113 92.99 102.90 76.85
CA VAL ND 114 93.92 99.64 78.54
CA THR ND 115 91.92 98.90 81.68
CA CYS ND 116 92.30 95.97 84.07
CA ALA ND 117 92.45 94.30 87.42
CA MET ND 118 93.05 91.14 89.39
CA PHE ND 119 90.20 88.65 89.63
CA THR ND 120 90.08 86.09 92.44
CA CYS ND 121 86.62 85.10 93.65
CA LYS ND 122 85.36 83.76 96.92
CA LYS ND 123 82.34 81.44 96.56
CA ASN ND 124 82.31 78.92 93.73
CA MET ND 125 80.14 76.10 92.46
CA LYS ND 126 81.12 72.45 92.56
CA GLY ND 127 80.28 70.78 89.25
CA LYS ND 128 80.50 67.01 89.26
CA VAL ND 129 79.89 64.02 86.99
CA VAL ND 130 78.69 60.54 87.95
CA GLN ND 131 79.75 57.44 86.01
CA PRO ND 132 78.04 54.01 85.97
CA GLU ND 133 81.00 52.59 87.92
CA ASN ND 134 80.53 54.83 90.95
CA LEU ND 135 76.82 53.99 91.38
CA GLU ND 136 76.53 52.53 94.87
CA TYR ND 137 73.12 51.22 95.93
CA THR ND 138 72.06 50.47 99.50
CA ILE ND 139 69.60 47.58 99.70
CA VAL ND 140 67.47 46.76 102.75
CA ILE ND 141 66.24 43.20 103.28
CA THR ND 142 63.65 42.41 105.94
CA PRO ND 143 61.75 39.33 107.16
CA HIS ND 144 58.03 39.31 107.97
CA SER ND 145 58.61 38.46 111.62
CA GLY ND 146 56.02 41.06 112.61
CA GLU ND 147 58.19 42.98 115.08
CA GLU ND 148 56.38 45.95 116.54
CA HIS ND 149 58.57 48.82 115.30
CA ALA ND 150 57.99 47.85 111.68
CA VAL ND 151 55.06 50.00 110.52
CA GLY ND 152 56.53 53.27 109.30
CA ASN ND 153 60.10 52.30 110.24
CA ASP ND 154 62.98 52.09 107.76
CA THR ND 155 66.43 51.94 109.37
CA GLY ND 156 65.38 50.02 112.49
CA LYS ND 157 67.78 47.25 113.50
CA HIS ND 158 65.58 44.34 112.45
CA GLY ND 159 66.84 43.41 108.98
CA LYS ND 160 70.02 43.65 106.92
CA GLU ND 161 71.62 46.41 104.87
CA ILE ND 162 73.95 45.57 101.99
CA LYS ND 163 76.25 47.85 100.00
CA ILE ND 164 75.66 46.68 96.43
CA THR ND 165 77.53 47.94 93.38
CA PRO ND 166 77.93 46.71 89.78
CA GLN ND 167 81.63 46.27 90.53
CA SER ND 168 80.49 43.52 92.93
CA SER ND 169 78.57 40.46 91.76
CA ILE ND 170 78.10 37.91 94.59
CA THR ND 171 77.99 38.41 98.34
CA GLU ND 172 76.14 36.45 101.00
CA ALA ND 173 74.02 38.31 103.55
CA GLU ND 174 72.63 37.02 106.82
CA LEU ND 175 69.02 37.48 107.96
CA THR ND 176 69.06 36.80 111.69
CA GLY ND 177 66.74 33.96 112.60
CA TYR ND 178 66.01 33.14 108.96
CA GLY ND 179 69.38 32.15 107.50
CA THR ND 180 71.20 33.31 104.38
CA VAL ND 181 70.34 35.15 101.17
CA THR ND 182 72.80 35.62 98.34
CA MET ND 183 73.22 39.05 96.77
CA GLU ND 184 74.06 37.79 93.28
CA CYS ND 185 72.48 41.00 92.06
CA SER ND 186 72.89 42.83 88.75
CA PRO ND 187 72.52 46.64 88.79
CA ARG ND 188 72.35 46.93 85.02
CA THR ND 189 69.67 49.45 84.15
CA GLY ND 190 71.11 52.91 84.60
CA LEU ND 191 68.70 55.26 82.82
CA ASP ND 192 71.19 57.70 81.28
CA PHE ND 193 74.29 59.54 82.46
CA ASN ND 194 75.92 61.41 79.56
CA GLU ND 195 73.61 64.43 79.91
CA MET ND 196 73.19 64.70 83.69
CA VAL ND 197 75.45 66.67 86.03
CA LEU ND 198 75.51 67.28 89.77
CA LEU ND 199 75.97 70.74 91.31
CA GLN ND 200 76.86 71.56 94.91
CA MET ND 201 76.73 74.87 96.83
CA GLU ND 202 78.14 74.77 100.39
CA ASN ND 203 75.20 72.86 101.92
CA LYS ND 204 72.81 72.10 99.05
CA ALA ND 205 72.84 70.40 95.65
CA TRP ND 206 71.01 70.12 92.35
CA LEU ND 207 70.84 67.95 89.23
CA VAL ND 208 70.88 69.55 85.78
CA HIS ND 209 71.45 68.64 82.15
CA ARG ND 210 75.02 68.87 80.86
CA GLN ND 211 74.16 71.40 78.15
CA TRP ND 212 73.09 73.79 80.90
CA PHE ND 213 76.63 73.81 82.27
CA LEU ND 214 78.11 73.90 78.78
CA ASP ND 215 76.14 77.06 77.91
CA LEU ND 216 75.79 79.01 81.15
CA PRO ND 217 77.85 82.24 80.78
CA LEU ND 218 79.83 82.45 84.01
CA PRO ND 219 83.53 82.04 84.83
CA TRP ND 220 85.12 78.61 84.33
CA LEU ND 221 87.70 76.37 85.91
CA PRO ND 222 88.52 73.02 84.27
CA GLY ND 223 88.60 70.18 86.77
CA ALA ND 224 92.36 69.70 86.47
CA ASP ND 225 93.41 73.14 87.72
CA THR ND 226 94.01 73.76 91.43
CA GLN ND 227 95.51 77.25 91.73
CA GLY ND 228 92.26 79.01 90.84
CA SER ND 229 94.19 81.51 88.71
CA ASN ND 230 93.42 80.54 85.09
CA TRP ND 231 89.83 81.26 84.08
CA ILE ND 232 87.82 81.10 80.85
CA GLN ND 233 85.00 83.47 79.90
CA LYS ND 234 86.21 85.47 82.89
CA GLU ND 235 85.02 88.74 81.33
CA THR ND 236 81.30 88.04 81.78
CA LEU ND 237 81.19 88.93 85.48
CA VAL ND 238 83.06 92.20 85.07
CA THR ND 239 80.82 94.79 83.44
CA PHE ND 240 82.48 98.08 82.58
CA LYS ND 241 80.90 101.47 83.09
CA ASN ND 242 80.98 103.47 79.88
CA PRO ND 243 84.53 104.75 79.28
CA HIS ND 244 85.15 108.17 80.79
CA ALA ND 245 88.19 109.76 79.14
CA LYS ND 246 90.89 108.20 81.33
CA LYS ND 247 88.64 106.89 84.09
CA GLN ND 248 87.43 103.39 83.38
CA ASP ND 249 86.18 101.83 86.59
CA VAL ND 250 85.43 98.12 86.57
CA VAL ND 251 82.54 96.55 88.46
CA VAL ND 252 81.31 92.96 88.65
CA LEU ND 253 78.02 91.19 89.35
CA GLY ND 254 77.33 90.70 93.03
CA SER ND 255 75.58 87.93 94.92
CA GLN ND 256 74.51 85.39 92.30
CA GLU ND 257 73.25 82.86 94.86
CA GLY ND 258 69.81 84.47 94.78
CA ALA ND 259 69.84 84.53 90.99
CA MET ND 260 70.83 80.87 90.94
CA HIS ND 261 68.11 79.91 93.41
CA THR ND 262 65.34 81.78 91.59
CA ALA ND 263 66.43 80.69 88.09
CA LEU ND 264 67.48 77.09 88.73
CA THR ND 265 64.14 76.39 90.43
CA GLY ND 266 62.15 73.74 88.60
CA ALA ND 267 65.17 71.49 88.15
CA THR ND 268 65.65 68.33 90.19
CA GLU ND 269 66.52 69.37 93.75
CA ILE ND 270 68.56 66.75 95.60
CA GLN ND 271 68.80 66.79 99.40
CA MET ND 272 72.55 66.28 99.67
CA SER ND 273 72.37 66.95 103.42
CA SER ND 274 71.27 63.33 103.84
CA GLY ND 275 73.57 62.38 100.96
CA ASN ND 276 72.79 62.42 97.25
CA LEU ND 277 69.47 60.64 96.71
CA LEU ND 278 69.79 59.89 92.99
CA PHE ND 279 66.23 59.23 91.80
CA THR ND 280 67.25 57.62 88.51
CA GLY ND 281 67.28 54.18 86.95
CA HIS ND 282 65.74 50.88 88.03
CA LEU ND 283 67.36 47.89 89.73
CA LYS ND 284 67.09 44.47 88.10
CA CYS ND 285 68.19 42.16 90.90
CA ARG ND 286 68.35 38.37 90.63
CA LEU ND 287 67.77 36.52 93.92
CA ARG ND 288 67.80 32.78 94.65
CA MET ND 289 65.94 31.86 97.85
CA ASP ND 290 67.05 28.22 97.84
CA LYS ND 291 69.17 28.46 101.02
CA LEU ND 292 66.92 30.66 103.19
CA GLN ND 293 65.67 28.77 106.22
CA LEU ND 294 62.46 29.42 108.19
CA LYS ND 295 62.51 29.19 112.00
CA GLY ND 296 59.17 28.12 113.40
CA MET ND 297 57.23 26.00 110.92
CA SER ND 298 57.96 23.10 113.29
CA TYR ND 299 56.64 24.91 116.37
CA SER ND 300 53.58 23.65 118.20
CA MET ND 301 50.10 25.12 117.87
CA CYS ND 302 49.04 28.12 119.95
CA THR ND 303 46.39 27.19 122.54
CA GLY ND 304 46.22 30.10 124.99
CA LYS ND 305 44.44 33.41 125.36
CA PHE ND 306 44.22 35.71 122.35
CA LYS ND 307 43.64 39.46 122.32
CA VAL ND 308 43.84 42.38 119.88
CA VAL ND 309 45.46 45.70 120.78
CA LYS ND 310 44.88 47.88 117.70
CA GLU ND 311 42.57 47.30 114.75
CA ILE ND 312 43.56 47.55 111.07
CA ALA ND 313 45.53 50.58 109.97
CA GLU ND 314 44.05 50.51 106.47
CA THR ND 315 46.74 50.49 103.78
CA GLN ND 316 46.77 51.74 100.21
CA HIS ND 317 46.18 48.12 99.13
CA GLY ND 318 43.60 47.43 101.83
CA THR ND 319 45.94 44.92 103.44
CA ILE ND 320 45.13 43.89 107.01
CA VAL ND 321 47.99 44.71 109.37
CA ILE ND 322 46.92 43.29 112.71
CA ARG ND 323 49.09 44.35 115.68
CA VAL ND 324 48.02 41.67 118.11
CA GLN ND 325 49.21 40.51 121.54
CA TYR ND 326 48.90 36.92 122.80
CA GLU ND 327 48.92 36.72 126.59
CA GLY ND 328 48.59 32.96 126.31
CA ASP ND 329 51.51 30.74 127.25
CA GLY ND 330 53.24 28.07 125.16
CA SER ND 331 55.20 30.42 122.90
CA PRO ND 332 56.80 29.82 120.44
CA CYS ND 333 53.74 28.43 118.66
CA LYS ND 334 51.92 28.63 115.34
CA ILE ND 335 48.97 31.01 115.17
CA PRO ND 336 45.44 30.13 113.97
CA PHE ND 337 44.93 32.41 110.98
CA GLU ND 338 41.83 31.98 108.82
CA ILE ND 339 40.06 34.39 106.46
CA MET ND 340 36.54 33.12 105.84
CA ASP ND 341 33.31 34.15 104.15
CA LEU ND 342 30.09 35.55 105.62
CA GLU ND 343 28.46 32.15 106.09
CA LYS ND 344 31.86 30.66 107.06
CA ARG ND 345 31.82 27.83 104.50
CA HIS ND 346 35.29 27.89 102.88
CA VAL ND 347 38.49 29.90 103.18
CA LEU ND 348 39.61 32.11 100.30
CA GLY ND 349 42.17 34.51 101.82
CA ARG ND 350 45.92 34.87 101.34
CA LEU ND 351 48.04 35.43 104.42
CA ILE ND 352 51.36 37.16 103.78
CA THR ND 353 53.63 36.31 106.70
CA VAL ND 354 53.80 32.54 106.40
CA ASN ND 355 53.99 30.77 109.75
CA PRO ND 356 52.81 33.67 111.91
CA ILE ND 357 54.66 33.00 115.14
CA VAL ND 358 54.94 34.71 118.51
CA THR ND 359 58.55 34.54 119.66
CA GLU ND 360 57.88 35.47 123.28
CA LYS ND 361 55.07 36.16 125.71
CA ASP ND 362 53.90 39.68 126.55
CA SER ND 363 54.99 40.91 123.13
CA PRO ND 364 52.93 42.30 120.24
CA VAL ND 365 53.28 40.83 116.76
CA ASN ND 366 52.36 42.55 113.50
CA ILE ND 367 50.80 39.99 111.17
CA GLU ND 368 50.49 41.03 107.52
CA ALA ND 369 47.72 39.58 105.38
CA GLU ND 370 45.58 40.26 102.32
CA PRO ND 371 41.89 39.24 102.62
CA PRO ND 372 39.48 38.64 99.75
CA PHE ND 373 37.29 41.38 98.29
CA GLY ND 374 34.04 42.48 99.84
CA ASP ND 375 33.02 41.60 103.37
CA SER ND 376 34.63 38.76 105.29
CA TYR ND 377 35.57 37.46 108.74
CA ILE ND 378 39.06 37.18 110.23
CA ILE ND 379 39.42 34.21 112.58
CA ILE ND 380 42.25 34.35 115.11
CA GLY ND 381 42.70 31.78 117.86
CA VAL ND 382 40.66 28.69 118.67
CA GLU ND 383 37.57 28.14 120.78
CA PRO ND 384 37.26 28.81 123.73
CA GLY ND 385 38.34 32.43 123.36
CA GLN ND 386 37.97 32.21 119.58
CA LEU ND 387 38.40 35.71 118.16
CA LYS ND 388 36.42 37.00 115.15
CA LEU ND 389 36.88 40.35 113.41
CA ASN ND 390 34.49 41.46 110.69
CA TRP ND 391 36.12 43.49 107.92
CA PHE ND 392 35.30 44.77 104.43
CA LYS ND 393 37.68 45.60 101.59
CA LYS ND 394 36.29 47.93 98.92
CA GLY ND 395 38.22 46.64 95.91
CA SER ND 396 36.56 44.82 93.03
CA SER ND 397 37.63 41.32 92.05
CA ILE ND 398 38.18 41.79 88.32
CA GLY ND 399 39.52 45.26 89.06
CA GLN ND 400 42.35 44.25 91.38
CA MET ND 401 42.90 41.33 89.01
CA ILE ND 402 43.55 43.67 86.09
CA GLU ND 403 45.72 46.12 88.02
CA THR ND 404 47.84 43.34 89.57
CA THR ND 405 48.33 41.71 86.17
CA MET ND 406 49.29 45.17 84.90
CA ARG ND 407 51.86 45.60 87.68
CA GLY ND 408 53.31 42.25 86.64
CA ALA ND 409 53.25 43.35 83.01
CA LYS ND 410 55.17 46.53 83.85
CA ARG ND 411 57.65 44.56 85.95
CA MET ND 412 58.32 42.29 82.98
CA ALA ND 413 58.42 45.36 80.71
CA ILE ND 414 61.38 46.82 82.58
CA LEU ND 415 62.55 43.26 83.23
CA GLY ND 416 62.28 42.77 79.48
CA ASP ND 417 64.87 42.95 76.73
CA THR ND 418 68.13 41.16 77.67
CA ALA ND 419 66.69 40.39 81.15
CA TRP ND 420 64.62 37.19 81.08
CA ASP ND 421 66.77 34.09 80.67
CA PHE ND 422 66.56 33.37 76.94
CA GLY ND 423 70.16 32.24 76.44
CA SER ND 424 70.02 29.28 78.83
CA LEU ND 425 68.95 26.32 76.70
CA GLY ND 426 66.65 23.99 78.60
CA GLY ND 427 66.08 26.83 81.04
CA VAL ND 428 64.35 28.74 78.23
CA PHE ND 429 61.29 26.64 78.99
CA THR ND 430 61.51 27.64 82.66
CA SER ND 431 62.04 31.30 81.73
CA ILE ND 432 58.91 31.37 79.58
CA GLY ND 433 57.12 29.54 82.38
CA LYS ND 434 58.13 32.17 84.91
CA ALA ND 435 57.14 34.93 82.48
CA LEU ND 436 53.69 33.42 82.00
CA HIS ND 437 53.53 33.20 85.78
CA GLN ND 438 54.54 36.80 86.46
CA VAL ND 439 51.89 37.97 83.96
CA PHE ND 440 48.94 35.52 84.02
CA GLY ND 441 49.45 33.63 87.30
CA ALA ND 442 47.26 36.04 89.21
CA ILE ND 443 44.50 35.02 86.80
CA TYR ND 444 45.52 31.39 87.25
CA GLY ND 445 45.57 31.23 91.04
CA ALA ND 446 42.92 33.77 92.08
CA ALA ND 447 40.26 33.36 89.38
CA PHE ND 448 40.67 29.79 88.11
CA SER ND 449 39.64 27.88 91.25
CA GLY ND 450 42.60 28.67 93.55
CA VAL ND 451 43.48 25.88 92.74
CA SER ND 452 43.51 22.12 93.34
CA TRP ND 453 45.86 21.63 90.43
CA ILE ND 454 45.10 18.07 89.26
CA MET ND 455 41.45 18.63 88.43
CA LYS ND 456 42.11 21.99 86.81
CA ILE ND 457 44.81 20.60 84.54
CA LEU ND 458 42.30 17.91 83.58
CA ILE ND 459 39.82 20.68 82.73
CA GLY ND 460 42.60 22.51 80.89
CA VAL ND 461 43.41 19.58 78.63
CA ILE ND 462 39.67 19.23 78.00
CA ILE ND 463 39.57 22.89 76.96
CA THR ND 464 42.61 22.37 74.75
CA TRP ND 465 40.98 19.42 72.98
CA ILE ND 466 37.76 21.38 72.44
CA GLY ND 467 39.69 24.36 71.10
CA MET ND 468 41.68 22.19 68.71
CA ASN ND 469 38.50 20.38 67.62
CA SER ND 470 36.50 23.60 67.19
CA ARG ND 471 34.34 24.99 64.40
CA SER ND 472 36.40 28.18 63.92
CA THR ND 473 40.15 28.70 63.68
CA SER ND 474 40.10 32.05 65.50
CA LEU ND 475 38.44 30.42 68.51
CA SER ND 476 40.92 27.54 68.29
CA VAL ND 477 43.89 29.92 68.43
CA SER ND 478 42.24 31.86 71.26
CA LEU ND 479 41.41 28.80 73.40
CA VAL ND 480 44.25 26.33 72.89
CA LEU ND 481 46.71 29.07 73.87
CA VAL ND 482 44.86 29.55 77.15
CA GLY ND 483 44.78 25.79 77.65
CA VAL ND 484 48.50 25.24 77.11
CA VAL ND 485 49.28 28.23 79.33
CA THR ND 486 47.04 26.67 81.99
CA LEU ND 487 48.75 23.28 81.77
CA TYR ND 488 52.35 24.46 81.74
CA LEU ND 489 51.83 27.26 84.27
CA GLY ND 490 50.11 24.75 86.56
CA VAL ND 491 53.11 22.46 86.31
CA MET ND 492 55.25 25.47 87.24
CA VAL ND 493 52.97 26.46 90.13
CA GLN ND 494 53.14 22.95 91.57
CA ALA ND 495 56.88 23.65 91.84
CA MET OD 1 59.85 116.15 16.96
CA ARG OD 2 61.62 115.79 20.30
CA CYS OD 3 61.38 111.98 20.52
CA ILE OD 4 64.62 111.23 18.65
CA GLY OD 5 66.72 109.16 21.02
CA ILE OD 6 63.69 108.44 23.23
CA SER OD 7 63.50 104.65 23.53
CA ASN OD 8 59.83 104.18 24.46
CA ARG OD 9 57.70 105.45 21.59
CA ASP OD 10 54.24 104.61 20.24
CA PHE OD 11 52.86 105.74 16.88
CA VAL OD 12 49.18 105.84 17.80
CA GLU OD 13 47.18 106.71 14.67
CA GLY OD 14 43.47 107.26 15.12
CA VAL OD 15 40.63 109.06 16.83
CA SER OD 16 38.38 107.55 19.49
CA GLY OD 17 34.59 107.63 19.59
CA GLY OD 18 34.35 111.21 20.82
CA SER OD 19 37.25 112.21 18.56
CA TRP OD 20 39.61 112.30 21.55
CA VAL OD 21 43.01 110.67 21.68
CA ASP OD 22 43.68 108.31 24.60
CA ILE OD 23 47.23 109.29 25.53
CA VAL OD 24 49.31 106.82 27.49
CA LEU OD 25 51.91 109.06 29.11
CA GLU OD 26 54.92 107.84 31.10
CA HIS OD 27 58.07 109.63 32.23
CA GLY OD 28 60.78 109.14 29.63
CA SER OD 29 58.36 108.06 26.90
CA CYS OD 30 56.87 109.44 23.70
CA VAL OD 31 53.47 109.72 22.05
CA THR OD 32 52.76 110.70 18.44
CA THR OD 33 49.20 111.20 17.22
CA MET OD 34 48.16 110.81 13.59
CA ALA OD 35 45.02 110.86 11.46
CA LYS OD 36 44.04 111.68 7.89
CA ASN OD 37 42.80 115.21 7.32
CA LYS OD 38 44.41 115.89 10.70
CA PRO OD 39 47.96 117.27 11.25
CA THR OD 40 50.26 115.00 13.21
CA LEU OD 41 51.18 116.00 16.77
CA ASP OD 42 53.77 114.96 19.37
CA PHE OD 43 52.62 114.52 22.97
CA GLU OD 44 55.15 114.50 25.81
CA LEU OD 45 55.57 115.13 29.52
CA ILE OD 46 58.56 117.09 30.84
CA LYS OD 47 57.95 117.90 34.51
CA THR OD 48 56.03 116.52 37.47
CA GLU OD 49 55.47 118.42 40.70
CA ALA OD 50 53.36 118.30 43.87
CA LYS OD 51 52.17 121.57 45.41
CA GLN OD 52 50.41 122.30 48.70
CA PRO OD 53 51.61 119.07 50.35
CA ALA OD 54 50.20 117.89 53.67
CA THR OD 55 52.49 117.46 56.68
CA LEU OD 56 51.84 113.91 57.86
CA ARG OD 57 54.21 114.19 60.81
CA LYS OD 58 57.01 116.59 61.74
CA TYR OD 59 60.30 115.15 63.01
CA CYS OD 60 62.71 117.41 64.90
CA ILE OD 61 66.16 115.91 64.72
CA GLU OD 62 68.53 118.00 66.86
CA ALA OD 63 67.44 118.40 70.47
CA LYS OD 64 68.61 121.05 72.91
CA LEU OD 65 67.98 120.49 76.61
CA THR OD 66 67.34 123.12 79.28
CA ASN OD 67 66.12 123.78 82.82
CA THR OD 68 66.83 120.22 83.88
CA THR OD 69 65.70 119.36 87.40
CA THR OD 70 66.55 116.39 89.59
CA ASP OD 71 65.48 115.47 93.09
CA SER OD 72 65.38 112.43 95.35
CA ARG OD 73 63.82 111.23 98.57
CA CYS OD 74 65.14 108.61 100.95
CA PRO OD 75 63.39 105.23 101.28
CA THR OD 76 60.05 105.42 103.15
CA GLN OD 77 60.23 109.25 103.17
CA GLY OD 78 58.09 109.50 100.04
CA GLU OD 79 58.14 109.75 96.26
CA PRO OD 80 58.72 113.36 95.14
CA SER OD 81 56.30 114.98 92.72
CA LEU OD 82 57.03 118.27 90.95
CA ASN OD 83 54.83 120.69 89.06
CA GLU OD 84 57.46 120.49 86.31
CA GLU OD 85 56.28 116.92 85.72
CA GLN OD 86 52.66 117.93 85.10
CA ASP OD 87 53.58 120.24 82.22
CA LYS OD 88 54.10 117.88 79.28
CA ARG OD 89 56.79 120.08 77.69
CA PHE OD 90 59.44 118.24 79.74
CA VAL OD 91 60.71 114.69 79.35
CA CYS OD 92 60.66 113.02 82.76
CA LYS OD 93 61.83 109.79 84.38
CA HIS OD 94 61.52 108.16 87.78
CA SER OD 95 64.24 105.97 89.26
CA MET OD 96 65.59 104.13 92.29
CA VAL OD 97 68.94 104.70 94.04
CA ASP OD 98 70.55 103.35 97.18
CA ARG OD 99 70.91 105.60 100.23
CA GLY OD 100 72.41 104.84 103.62
CA TRP OD 101 72.70 105.95 107.23
CA GLY OD 102 76.25 107.15 106.68
CA ASN OD 103 75.42 108.28 103.13
CA GLY OD 104 73.81 111.57 104.10
CA CYS OD 105 70.50 110.03 105.17
CA GLY OD 106 68.87 107.81 107.77
CA LEU OD 107 68.98 104.17 106.68
CA PHE OD 108 70.07 101.65 104.04
CA GLY OD 109 67.61 101.23 101.21
CA LYS OD 110 66.38 102.25 97.78
CA GLY OD 111 65.01 105.79 97.80
CA GLY OD 112 63.20 107.33 94.87
CA ILE OD 113 64.37 109.88 92.31
CA VAL OD 114 62.56 112.07 89.80
CA THR OD 115 64.60 113.83 87.12
CA CYS OD 116 63.26 115.74 84.16
CA ALA OD 117 64.03 118.55 81.78
CA MET OD 118 62.76 120.71 78.95
CA PHE OD 119 63.15 119.41 75.38
CA THR OD 120 63.63 122.16 72.80
CA CYS OD 121 64.72 121.20 69.30
CA LYS OD 122 66.11 123.48 66.61
CA LYS OD 123 66.74 121.57 63.38
CA ASN OD 124 63.84 119.53 62.05
CA MET OD 125 62.79 117.35 59.14
CA LYS OD 126 59.72 117.81 57.03
CA GLY OD 127 57.79 114.64 56.14
CA LYS OD 128 54.83 115.01 53.82
CA VAL OD 129 52.39 112.74 51.98
CA VAL OD 130 51.19 113.50 48.45
CA GLN OD 131 47.60 112.80 47.47
CA PRO OD 132 46.52 112.18 43.86
CA GLU OD 133 44.55 115.44 43.91
CA ASN OD 134 47.50 117.69 44.79
CA LEU OD 135 49.62 116.57 41.83
CA GLU OD 136 50.29 118.73 38.77
CA TYR OD 137 51.57 117.32 35.47
CA THR OD 138 53.51 119.25 32.81
CA ILE OD 139 52.44 118.10 29.36
CA VAL OD 140 54.01 119.59 26.24
CA ILE OD 141 52.59 119.52 22.71
CA THR OD 142 54.79 119.83 19.62
CA PRO OD 143 53.90 120.13 15.92
CA HIS OD 144 55.52 118.05 13.19
CA SER OD 145 56.32 120.95 10.88
CA GLY OD 146 60.02 120.22 10.34
CA GLU OD 147 61.23 123.59 11.59
CA GLU OD 148 64.91 123.77 12.48
CA HIS OD 149 64.31 124.29 16.20
CA ALA OD 150 61.45 121.75 15.92
CA VAL OD 151 63.79 118.72 15.90
CA GLY OD 152 65.38 117.22 19.00
CA ASN OD 153 65.24 120.53 20.88
CA ASP OD 154 64.43 120.80 24.58
CA THR OD 155 63.81 124.58 24.61
CA GLY OD 156 62.26 125.33 21.22
CA LYS OD 157 59.60 127.97 20.74
CA HIS OD 158 57.58 125.54 18.60
CA GLY OD 159 56.42 123.52 21.60
CA LYS OD 160 53.71 124.62 24.00
CA GLU OD 161 53.74 123.51 27.64
CA ILE OD 162 50.58 123.18 29.73
CA LYS OD 163 49.93 122.05 33.30
CA ILE OD 164 47.20 119.57 34.24
CA THR OD 165 45.45 119.40 37.63
CA PRO OD 166 42.11 117.77 38.55
CA GLN OD 167 40.72 121.03 39.96
CA SER OD 168 40.63 122.41 36.38
CA SER OD 169 39.91 119.34 34.26
CA ILE OD 170 38.20 120.83 31.19
CA THR OD 171 40.88 123.24 29.93
CA GLU OD 172 41.72 124.61 26.49
CA ALA OD 173 45.28 124.93 25.18
CA GLU OD 174 46.39 126.73 22.02
CA LEU OD 175 48.89 125.63 19.38
CA THR OD 176 50.22 128.23 16.95
CA GLY OD 177 48.43 128.20 13.61
CA TYR OD 178 46.58 124.94 14.20
CA GLY OD 179 44.34 126.38 16.93
CA THR OD 180 42.51 125.06 19.96
CA VAL OD 181 42.97 121.62 21.55
CA THR OD 182 41.32 120.32 24.71
CA MET OD 183 42.99 119.22 27.95
CA GLU OD 184 40.92 116.82 30.10
CA CYS OD 185 41.99 113.82 32.19
CA SER OD 186 42.32 112.16 35.59
CA PRO OD 187 45.65 110.23 35.48
CA ARG OD 188 44.91 108.17 38.61
CA THR OD 189 45.16 104.78 36.81
CA GLY OD 190 48.78 104.47 37.99
CA LEU OD 191 50.42 102.89 41.01
CA ASP OD 192 48.95 103.44 44.46
CA PHE OD 193 50.20 106.61 46.16
CA ASN OD 194 49.23 105.99 49.80
CA GLU OD 195 52.26 103.70 50.26
CA MET OD 196 54.88 106.46 49.85
CA VAL OD 197 55.91 109.57 51.80
CA LEU OD 198 58.56 112.18 50.98
CA LEU OD 199 61.07 113.56 53.48
CA GLN OD 200 62.87 116.82 52.88
CA MET OD 201 65.78 118.43 54.70
CA GLU OD 202 66.70 122.00 53.72
CA ASN OD 203 66.98 121.10 50.04
CA LYS OD 204 67.47 117.35 49.59
CA ALA OD 205 64.53 114.96 49.65
CA TRP OD 206 63.95 111.23 49.89
CA LEU OD 207 61.10 108.96 48.88
CA VAL OD 208 60.36 106.31 51.52
CA HIS OD 209 57.58 104.08 52.83
CA ARG OD 210 54.94 105.33 55.25
CA GLN OD 211 55.50 102.68 57.91
CA TRP OD 212 59.25 103.27 57.70
CA PHE OD 213 58.61 107.02 57.89
CA LEU OD 214 56.75 106.44 61.16
CA ASP OD 215 59.11 103.77 62.53
CA LEU OD 216 62.20 105.98 62.93
CA PRO OD 217 62.39 106.38 66.75
CA LEU OD 218 62.54 110.14 67.21
CA PRO OD 219 60.22 112.89 68.51
CA TRP OD 220 56.87 113.38 66.76
CA LEU OD 221 54.36 116.13 66.01
CA PRO OD 222 50.91 115.57 64.47
CA GLY OD 223 50.27 117.32 61.18
CA ALA OD 224 48.15 120.10 62.64
CA ASP OD 225 50.61 120.28 65.54
CA THR OD 226 52.84 123.35 65.31
CA GLN OD 227 53.19 124.58 68.90
CA GLY OD 228 55.99 122.27 70.02
CA SER OD 229 54.27 121.55 73.33
CA ASN OD 230 53.36 117.94 72.56
CA TRP OD 231 56.11 115.40 71.95
CA ILE OD 232 55.86 111.62 71.60
CA GLN OD 233 58.65 109.14 72.31
CA LYS OD 234 60.78 112.09 73.39
CA GLU OD 235 62.91 109.82 75.60
CA THR OD 236 65.33 108.58 72.93
CA LEU OD 237 66.98 111.92 72.17
CA VAL OD 238 67.55 112.45 75.91
CA THR OD 239 69.73 109.72 77.39
CA PHE OD 240 69.66 109.43 81.16
CA LYS OD 241 73.02 108.21 82.44
CA ASN OD 242 73.08 105.57 85.14
CA PRO OD 243 71.27 106.37 88.41
CA HIS OD 244 73.78 107.97 90.72
CA ALA OD 245 73.33 109.43 94.22
CA LYS OD 246 70.88 112.36 93.96
CA LYS OD 247 71.87 113.07 90.35
CA GLN OD 248 70.77 111.92 86.95
CA ASP OD 249 73.26 113.55 84.61
CA VAL OD 250 71.09 114.17 81.56
CA VAL OD 251 72.99 113.66 78.30
CA VAL OD 252 71.66 115.29 75.15
CA LEU OD 253 71.94 112.96 72.19
CA GLY OD 254 73.84 114.46 69.30
CA SER OD 255 72.30 115.62 66.05
CA GLN OD 256 71.47 112.56 63.98
CA GLU OD 257 71.51 114.66 60.80
CA GLY OD 258 74.81 113.08 59.85
CA ALA OD 259 73.34 109.70 60.70
CA MET OD 260 70.33 110.40 58.50
CA HIS OD 261 72.61 111.36 55.61
CA THR OD 262 74.43 108.08 56.24
CA ALA OD 263 71.24 105.99 56.27
CA LEU OD 264 68.83 107.61 53.82
CA THR OD 265 71.55 107.62 51.16
CA GLY OD 266 71.01 104.55 49.04
CA ALA OD 267 67.27 105.13 49.07
CA THR OD 268 65.40 107.00 46.33
CA GLU OD 269 66.92 110.49 46.18
CA ILE OD 270 64.96 113.54 45.03
CA GLN OD 271 65.78 117.20 44.41
CA MET OD 272 62.91 119.67 44.72
CA SER OD 273 64.28 121.84 41.89
CA SER OD 274 63.43 119.14 39.33
CA GLY OD 275 60.06 118.42 40.98
CA ASN OD 276 59.01 115.01 42.26
CA LEU OD 277 60.09 112.17 39.95
CA LEU OD 278 57.04 109.97 40.51
CA PHE OD 279 57.64 108.22 37.20
CA THR OD 280 55.84 105.16 38.59
CA GLY OD 281 52.25 104.97 37.41
CA HIS OD 282 50.84 105.30 33.91
CA LEU OD 283 49.01 108.52 32.98
CA LYS OD 284 45.89 107.84 30.92
CA CYS OD 285 44.50 111.03 29.42
CA ARG OD 286 41.66 112.13 27.16
CA LEU OD 287 42.37 114.86 24.63
CA ARG OD 288 39.87 116.09 22.02
CA MET OD 289 41.02 117.06 18.52
CA ASP OD 290 37.80 118.20 16.82
CA LYS OD 291 38.70 121.91 17.01
CA LEU OD 292 41.85 121.64 14.82
CA GLN OD 293 42.19 121.74 11.04
CA LEU OD 294 45.04 121.74 8.52
CA LYS OD 295 47.04 124.97 8.62
CA GLY OD 296 48.85 125.87 5.42
CA MET OD 297 46.76 123.54 3.24
CA SER OD 298 45.61 126.50 1.14
CA TYR OD 299 49.20 127.02 -0.01
CA SER OD 300 49.71 125.64 -3.51
CA MET OD 301 52.22 122.95 -4.39
CA CYS OD 302 55.44 124.34 -5.88
CA THR OD 303 57.03 122.69 -8.90
CA GLY OD 304 60.58 123.90 -8.28
CA LYS OD 305 63.55 121.74 -7.32
CA PHE OD 306 64.34 119.95 -4.06
CA LYS OD 307 67.71 119.39 -2.39
CA VAL OD 308 68.85 117.26 0.56
CA VAL OD 309 71.06 118.73 3.28
CA LYS OD 310 71.64 115.90 5.76
CA GLU OD 311 71.91 112.25 4.81
CA ILE OD 312 69.22 109.69 5.63
CA ALA OD 313 69.41 109.57 9.42
CA GLU OD 314 68.27 106.50 11.37
CA THR OD 315 66.31 106.56 14.62
CA GLN OD 316 65.64 103.73 17.09
CA HIS OD 317 62.19 102.97 15.61
CA GLY OD 318 62.66 102.36 11.88
CA THR OD 319 61.97 105.92 10.77
CA ILE OD 320 63.87 108.23 8.43
CA VAL OD 321 64.63 111.96 8.63
CA ILE OD 322 65.18 114.07 5.51
CA ARG OD 323 66.22 117.72 5.53
CA VAL OD 324 64.71 118.79 2.22
CA GLN OD 325 65.96 122.15 0.94
CA TYR OD 326 64.22 124.17 -1.78
CA GLU OD 327 66.69 125.97 -4.02
CA GLY OD 328 63.92 126.99 -6.42
CA ASP OD 329 61.39 129.81 -6.02
CA GLY OD 330 57.72 130.07 -5.06
CA SER OD 331 57.88 129.57 -1.31
CA PRO OD 332 55.91 128.87 0.82
CA CYS OD 333 54.42 125.72 -0.77
CA LYS OD 334 52.72 122.40 -0.06
CA ILE OD 335 55.46 119.76 -0.04
CA PRO OD 336 55.03 116.90 -2.55
CA PHE OD 337 56.34 113.89 -0.61
CA GLU OD 338 55.56 110.41 -1.90
CA ILE OD 339 56.63 106.77 -1.83
CA MET OD 340 57.00 104.18 -4.55
CA ASP OD 341 57.93 100.52 -4.68
CA LEU OD 342 60.35 98.77 -7.02
CA GLU OD 343 57.75 98.76 -9.81
CA LYS OD 344 57.38 102.56 -9.37
CA ARG OD 345 53.60 102.04 -9.16
CA HIS OD 346 52.16 101.72 -5.65
CA VAL OD 347 52.14 104.11 -2.68
CA LEU OD 348 53.03 101.68 0.12
CA GLY OD 349 55.15 103.59 2.63
CA ARG OD 350 53.65 105.41 5.60
CA LEU OD 351 54.23 109.14 6.00
CA ILE OD 352 54.47 110.98 9.34
CA THR OD 353 53.99 114.68 8.56
CA VAL OD 354 51.01 115.31 6.31
CA ASN OD 355 51.15 118.28 3.89
CA PRO OD 356 54.54 119.64 5.00
CA ILE OD 357 55.20 123.24 4.03
CA VAL OD 358 58.29 125.42 3.66
CA THR OD 359 58.44 128.60 5.70
CA GLU OD 360 60.92 130.21 3.31
CA LYS OD 361 63.41 129.21 0.65
CA ASP OD 362 66.88 128.22 1.91
CA SER OD 363 65.23 127.03 5.17
CA PRO OD 364 64.89 123.24 4.78
CA VAL OD 365 62.11 121.17 6.29
CA ASN OD 366 62.67 118.02 8.35
CA ILE OD 367 60.32 115.58 6.65
CA GLU OD 368 59.84 112.35 8.61
CA ALA OD 369 58.81 109.04 7.07
CA GLU OD 370 58.27 105.38 7.96
CA PRO OD 371 58.64 103.08 4.95
CA PRO OD 372 58.36 99.32 5.46
CA PHE OD 373 61.47 97.30 6.22
CA GLY OD 374 62.79 96.72 2.72
CA ASP OD 375 63.74 98.48 -0.49
CA SER OD 376 61.71 101.47 -1.67
CA TYR OD 377 62.07 104.87 -3.32
CA ILE OD 378 61.37 108.03 -1.36
CA ILE OD 379 60.25 110.32 -4.19
CA ILE OD 380 61.03 113.92 -3.30
CA GLY OD 381 59.62 116.46 -5.73
CA VAL OD 382 57.90 115.75 -9.02
CA GLU OD 383 59.28 115.21 -12.48
CA PRO OD 384 61.10 116.68 -14.37
CA GLY OD 385 64.06 116.64 -11.99
CA GLN OD 386 62.38 114.38 -9.43
CA LEU OD 387 64.54 112.66 -6.79
CA LYS OD 388 63.73 108.96 -6.33
CA LEU OD 389 66.10 108.44 -3.42
CA ASN OD 390 66.50 104.71 -2.97
CA TRP OD 391 66.34 103.39 0.58
CA PHE OD 392 66.81 99.92 2.05
CA LYS OD 393 65.30 99.66 5.54
CA LYS OD 394 66.45 96.78 7.72
CA GLY OD 395 64.13 94.49 9.66
CA SER OD 396 61.29 92.07 9.05
CA SER OD 397 57.75 93.17 8.29
CA ILE OD 398 56.55 90.48 10.69
CA GLY OD 399 58.97 92.10 13.14
CA GLN OD 400 57.06 95.36 13.30
CA MET OD 401 53.83 93.37 12.97
CA ILE OD 402 54.39 91.47 16.22
CA GLU OD 403 56.05 94.42 17.95
CA THR OD 404 53.34 97.00 17.29
CA THR OD 405 50.49 94.56 17.84
CA MET OD 406 51.95 93.39 21.15
CA ARG OD 407 52.68 96.94 22.32
CA GLY OD 408 49.16 98.12 21.52
CA ALA OD 409 47.75 95.00 23.17
CA LYS OD 410 49.66 95.63 26.41
CA ARG OD 411 48.75 99.31 26.19
CA MET OD 412 45.04 98.43 26.07
CA ALA OD 413 45.53 95.62 28.61
CA ILE OD 414 47.01 97.72 31.40
CA LEU OD 415 44.20 100.06 30.37
CA GLY OD 416 41.88 97.05 30.19
CA ASP OD 417 39.33 96.02 32.80
CA THR OD 418 37.42 98.98 34.27
CA ALA OD 419 39.29 101.30 31.84
CA TRP OD 420 37.89 101.07 28.30
CA ASP OD 421 34.31 102.29 27.96
CA PHE OD 422 32.16 99.15 27.76
CA GLY OD 423 29.11 100.32 29.73
CA SER OD 424 27.81 102.84 27.19
CA LEU OD 425 25.10 101.13 25.14
CA GLY OD 426 25.40 102.04 21.47
CA GLY OD 427 28.91 103.23 22.24
CA VAL OD 428 29.81 99.58 22.79
CA PHE OD 429 30.33 99.45 19.03
CA THR OD 430 32.64 102.46 19.23
CA SER OD 431 34.55 100.88 22.11
CA ILE OD 432 35.00 97.61 20.23
CA GLY OD 433 36.22 99.61 17.24
CA LYS OD 434 38.54 101.48 19.60
CA ALA OD 435 40.00 98.24 20.93
CA LEU OD 436 40.57 96.92 17.42
CA HIS OD 437 41.94 100.25 16.17
CA GLN OD 438 44.38 100.53 19.09
CA VAL OD 439 45.45 96.89 18.65
CA PHE OD 440 44.43 95.75 15.15
CA GLY OD 441 44.42 99.25 13.63
CA ALA OD 442 48.04 99.04 12.54
CA ILE OD 443 46.97 95.98 10.55
CA TYR OD 444 44.47 98.11 8.63
CA GLY OD 445 46.85 101.04 8.17
CA ALA OD 446 50.42 99.82 7.68
CA ALA OD 447 50.28 96.47 5.87
CA PHE OD 448 46.89 96.76 4.13
CA SER OD 449 47.35 99.16 1.20
CA GLY OD 450 48.13 102.40 3.09
CA VAL OD 451 45.22 103.03 2.49
CA SER OD 452 42.61 104.64 0.24
CA TRP OD 453 39.63 103.43 2.23
CA ILE OD 454 36.92 103.00 -0.44
CA MET OD 455 38.82 100.48 -2.55
CA LYS OD 456 39.95 98.46 0.45
CA ILE OD 457 36.45 98.31 1.95
CA LEU OD 458 35.32 96.98 -1.42
CA ILE OD 459 38.13 94.42 -1.17
CA GLY OD 460 37.08 93.71 2.41
CA VAL OD 461 33.47 92.96 1.53
CA ILE OD 462 34.81 90.77 -1.29
CA ILE OD 463 36.92 88.89 1.27
CA THR OD 464 33.91 88.55 3.57
CA TRP OD 465 31.91 87.06 0.70
CA ILE OD 466 34.73 84.63 -0.12
CA GLY OD 467 35.16 83.60 3.52
CA MET OD 468 31.44 83.03 4.06
CA ASN OD 469 31.17 80.82 0.95
CA SER OD 470 34.38 78.90 1.64
CA ARG OD 471 35.15 75.18 1.62
CA SER OD 472 36.28 75.18 5.29
CA THR OD 473 34.52 76.60 8.34
CA SER OD 474 37.82 77.18 10.15
CA LEU OD 475 39.02 79.33 7.27
CA SER OD 476 35.60 80.99 7.25
CA VAL OD 477 35.96 82.01 10.91
CA SER OD 478 39.56 83.08 10.25
CA LEU OD 479 38.72 85.24 7.19
CA VAL OD 480 35.26 86.74 7.76
CA LEU OD 481 36.46 88.03 11.15
CA VAL OD 482 39.37 89.81 9.46
CA GLY OD 483 37.00 91.14 6.79
CA VAL OD 484 34.44 92.57 9.20
CA VAL OD 485 37.27 94.03 11.29
CA THR OD 486 38.60 95.66 8.11
CA LEU OD 487 35.22 97.12 7.13
CA TYR OD 488 34.13 98.37 10.55
CA LEU OD 489 37.59 99.65 11.52
CA GLY OD 490 37.81 101.44 8.17
CA VAL OD 491 34.53 103.16 8.92
CA MET OD 492 36.02 104.15 12.28
CA VAL OD 493 39.26 105.28 10.60
CA GLN OD 494 37.23 107.55 8.32
CA ALA OD 495 36.00 109.30 11.47
CA MET PD 1 117.85 44.64 38.15
CA ARG PD 2 117.69 47.85 40.16
CA CYS PD 3 114.11 47.95 41.47
CA ILE PD 4 113.84 44.76 43.52
CA GLY PD 5 112.22 46.04 46.68
CA ILE PD 6 110.13 49.11 45.84
CA SER PD 7 106.40 48.80 46.42
CA ASN PD 8 105.21 50.00 43.00
CA ARG PD 9 106.60 47.20 40.83
CA ASP PD 10 105.12 47.27 37.33
CA PHE PD 11 105.55 45.03 34.29
CA VAL PD 12 105.03 45.81 30.60
CA GLU PD 13 105.44 42.64 28.53
CA GLY PD 14 104.47 43.69 25.01
CA VAL PD 15 106.11 45.14 21.92
CA SER PD 16 104.82 47.20 19.00
CA GLY PD 17 104.98 46.47 15.29
CA GLY PD 18 107.80 48.97 14.88
CA SER PD 19 109.09 48.25 18.40
CA TRP PD 20 107.76 51.68 19.48
CA VAL PD 21 107.21 50.69 23.10
CA ASP PD 22 105.41 53.11 25.42
CA ILE PD 23 105.86 53.45 29.20
CA VAL PD 24 104.69 55.70 32.01
CA LEU PD 25 107.10 56.80 34.74
CA GLU PD 26 106.17 58.20 38.16
CA HIS PD 27 108.03 58.95 41.37
CA GLY PD 28 109.00 55.67 42.98
CA SER PD 29 107.13 53.59 40.38
CA CYS PD 30 109.79 51.76 38.41
CA VAL PD 31 109.06 49.76 35.26
CA THR PD 32 110.51 46.55 33.84
CA THR PD 33 110.71 46.16 30.06
CA MET PD 34 110.43 42.67 28.59
CA ALA PD 35 111.01 41.62 24.99
CA LYS PD 36 111.65 38.64 22.74
CA ASN PD 37 115.31 37.99 21.85
CA LYS PD 38 116.15 41.52 23.07
CA PRO PD 39 117.75 42.38 26.43
CA THR PD 40 115.33 43.25 29.20
CA LEU PD 41 115.55 46.56 31.00
CA ASP PD 42 114.59 48.50 34.11
CA PHE PD 43 113.50 52.13 33.88
CA GLU PD 44 112.94 54.67 36.61
CA LEU PD 45 112.93 58.41 37.22
CA ILE PD 46 115.39 58.89 40.05
CA LYS PD 47 115.20 62.63 40.66
CA THR PD 48 113.00 65.42 39.33
CA GLU PD 49 114.66 68.79 38.81
CA ALA PD 50 113.37 72.22 37.78
CA LYS PD 51 116.32 74.27 36.57
CA GLN PD 52 116.29 77.79 35.14
CA PRO PD 53 113.23 79.00 37.09
CA ALA PD 54 111.16 81.96 35.97
CA THR PD 55 110.92 84.77 38.51
CA LEU PD 56 107.14 85.16 38.44
CA ARG PD 57 106.66 87.85 41.12
CA LYS PD 58 108.18 89.18 44.33
CA TYR PD 59 106.78 90.23 47.70
CA CYS PD 60 108.20 92.77 50.14
CA ILE PD 61 107.66 90.83 53.35
CA GLU PD 62 108.74 93.70 55.61
CA ALA PD 63 108.51 97.44 55.14
CA LYS PD 64 110.34 100.67 55.93
CA LEU PD 65 108.66 104.08 55.86
CA THR PD 66 110.85 107.13 55.24
CA ASN PD 67 110.73 110.72 54.02
CA THR PD 68 107.05 110.92 54.99
CA THR PD 69 105.97 114.38 53.91
CA THR PD 70 102.44 115.72 54.18
CA ASP PD 71 100.50 118.90 53.44
CA SER PD 72 96.98 120.28 53.48
CA ARG PD 73 94.88 123.14 52.12
CA CYS PD 74 91.92 125.05 53.48
CA PRO PD 75 88.47 124.20 52.05
CA THR PD 76 87.79 125.18 48.42
CA GLN PD 77 91.53 125.49 47.62
CA GLY PD 78 91.70 121.98 46.15
CA GLU PD 79 94.11 119.21 46.98
CA PRO PD 80 97.73 120.31 47.54
CA SER PD 81 100.13 119.30 44.76
CA LEU PD 82 103.58 118.15 45.86
CA ASN PD 83 106.11 116.35 43.64
CA GLU PD 84 105.96 112.98 45.42
CA GLU PD 85 102.49 112.12 44.12
CA GLN PD 86 103.63 111.64 40.52
CA ASP PD 87 106.68 109.63 41.59
CA LYS PD 88 105.72 106.04 42.39
CA ARG PD 89 108.76 105.78 44.67
CA PHE PD 90 106.51 107.32 47.33
CA VAL PD 91 103.25 105.64 48.25
CA CYS PD 92 100.58 108.14 49.15
CA LYS PD 93 96.96 109.16 49.47
CA HIS PD 94 94.73 112.21 49.95
CA SER PD 95 91.80 112.76 52.31
CA MET PD 96 89.82 115.59 53.92
CA VAL PD 97 89.18 116.99 57.40
CA ASP PD 98 87.09 119.79 58.89
CA ARG PD 99 89.11 123.01 59.14
CA GLY PD 100 88.05 126.62 59.41
CA TRP PD 101 88.04 129.79 61.50
CA GLY PD 102 89.05 127.78 64.57
CA ASN PD 103 92.38 126.46 63.25
CA GLY PD 104 93.58 129.12 60.82
CA CYS PD 105 91.37 128.69 57.76
CA GLY PD 106 88.35 130.85 56.89
CA LEU PD 107 85.23 128.74 57.46
CA PHE PD 108 84.50 125.30 58.86
CA GLY PD 109 84.55 122.88 55.92
CA LYS PD 110 86.14 119.72 54.60
CA GLY PD 111 89.53 120.88 53.39
CA GLY PD 112 91.96 118.56 51.66
CA ILE PD 113 95.13 116.83 52.84
CA VAL PD 114 97.78 114.89 50.94
CA THR PD 115 99.93 112.39 52.84
CA CYS PD 116 102.94 110.81 51.12
CA ALA PD 117 105.93 108.72 52.11
CA MET PD 118 108.80 106.73 50.64
CA PHE PD 119 108.26 102.97 50.89
CA THR PD 120 111.61 101.17 51.20
CA CYS PD 121 111.68 97.39 50.80
CA LYS PD 122 114.14 95.84 53.25
CA LYS PD 123 113.63 92.13 52.51
CA ASN PD 124 112.38 90.00 49.65
CA MET PD 125 110.10 86.96 49.39
CA LYS PD 126 110.82 85.11 46.18
CA GLY PD 127 108.31 83.29 43.98
CA LYS PD 128 109.28 80.60 41.48
CA VAL PD 129 106.93 79.21 38.82
CA VAL PD 130 107.80 75.95 37.07
CA GLN PD 131 106.82 75.68 33.42
CA PRO PD 132 106.49 72.31 31.67
CA GLU PD 133 109.54 72.89 29.47
CA ASN PD 134 111.76 73.61 32.50
CA LEU PD 135 111.49 70.12 34.03
CA GLU PD 136 114.88 68.38 33.84
CA TYR PD 137 113.95 64.72 34.34
CA THR PD 138 116.78 62.51 35.61
CA ILE PD 139 116.11 58.96 34.39
CA VAL PD 140 118.07 55.88 35.43
CA ILE PD 141 118.22 52.98 32.96
CA THR PD 142 119.65 49.65 34.14
CA PRO PD 143 119.79 46.31 32.26
CA HIS PD 144 119.01 42.90 33.74
CA SER PD 145 122.50 41.83 32.78
CA GLY PD 146 123.77 40.13 35.94
CA GLU PD 147 125.18 42.98 38.02
CA GLU PD 148 125.05 42.78 41.81
CA HIS PD 149 125.49 46.26 43.31
CA ALA PD 150 122.09 47.66 42.26
CA VAL PD 151 119.60 45.43 44.10
CA GLY PD 152 117.92 47.61 46.68
CA ASN PD 153 120.23 50.51 45.80
CA ASP PD 154 120.05 54.13 44.66
CA THR PD 155 123.53 54.96 43.33
CA GLY PD 156 124.30 51.46 41.97
CA LYS PD 157 125.75 52.20 38.54
CA HIS PD 158 126.01 49.58 35.84
CA GLY PD 159 123.59 51.32 33.48
CA LYS PD 160 123.27 55.03 32.73
CA GLU PD 161 121.63 58.14 34.16
CA ILE PD 162 120.38 60.68 31.62
CA LYS PD 163 119.01 64.18 32.14
CA ILE PD 164 116.07 64.62 29.76
CA THR PD 165 115.37 68.22 28.74
CA PRO PD 166 111.97 68.53 27.00
CA GLN PD 167 113.42 70.99 24.49
CA SER PD 168 115.53 68.00 23.37
CA SER PD 169 112.99 65.28 22.61
CA ILE PD 170 115.22 62.66 20.96
CA THR PD 171 118.24 61.56 22.98
CA GLU PD 172 120.69 58.67 22.70
CA ALA PD 173 121.55 56.97 26.00
CA GLU PD 174 124.48 54.64 25.24
CA LEU PD 175 123.99 51.67 27.54
CA THR PD 176 127.32 49.93 28.07
CA GLY PD 177 127.84 46.67 26.21
CA TYR PD 178 124.33 46.72 24.72
CA GLY PD 179 124.36 49.84 22.54
CA THR PD 180 121.77 52.58 22.97
CA VAL PD 181 118.02 53.14 23.22
CA THR PD 182 116.34 56.13 21.63
CA MET PD 183 114.74 58.40 24.22
CA GLU PD 184 111.56 60.13 23.07
CA CYS PD 185 110.02 60.80 26.45
CA SER PD 186 107.88 63.87 27.10
CA PRO PD 187 106.44 65.29 30.34
CA ARG PD 188 104.09 67.45 28.25
CA THR PD 189 101.41 64.75 28.14
CA GLY PD 190 101.66 64.31 31.92
CA LEU PD 191 99.84 66.44 34.45
CA ASP PD 192 100.06 70.17 33.76
CA PHE PD 193 102.50 72.01 36.03
CA ASN PD 194 100.47 75.20 35.65
CA GLU PD 195 99.33 75.74 39.27
CA MET PD 196 102.45 74.79 41.28
CA VAL PD 197 104.56 77.58 42.77
CA LEU PD 198 107.56 77.65 45.10
CA LEU PD 199 107.88 80.22 47.87
CA GLN PD 200 111.57 80.83 48.63
CA MET PD 201 112.89 82.52 51.77
CA GLU PD 202 116.65 82.81 52.33
CA ASN PD 203 117.47 79.14 51.62
CA LYS PD 204 114.29 77.26 52.63
CA ALA PD 205 111.12 76.95 50.59
CA TRP PD 206 107.58 75.64 50.36
CA LEU PD 207 105.22 74.56 47.59
CA VAL PD 208 101.83 76.23 47.21
CA HIS PD 209 99.18 76.91 44.58
CA ARG PD 210 99.36 79.76 42.07
CA GLN PD 211 95.98 81.35 42.77
CA TRP PD 212 96.79 81.35 46.48
CA PHE PD 213 100.26 82.68 45.74
CA LEU PD 214 98.83 85.72 43.97
CA ASP PD 215 95.77 86.24 46.19
CA LEU PD 216 97.97 87.29 49.12
CA PRO PD 217 97.19 90.91 50.14
CA LEU PD 218 100.86 91.84 50.39
CA PRO PD 219 103.19 94.20 48.52
CA TRP PD 220 103.15 93.22 44.88
CA LEU PD 221 106.21 93.74 42.64
CA PRO PD 222 106.67 92.29 39.13
CA GLY PD 223 109.46 90.02 38.01
CA ALA PD 224 110.74 92.25 35.22
CA ASP PD 225 111.46 95.29 37.40
CA THR PD 226 114.57 95.47 39.59
CA GLN PD 227 114.54 98.79 41.45
CA GLY PD 228 111.12 98.19 43.03
CA SER PD 229 109.94 101.78 42.56
CA ASN PD 230 107.20 100.62 40.17
CA TRP PD 231 105.32 99.39 43.20
CA ILE PD 232 101.81 97.89 43.18
CA GLN PD 233 99.26 97.03 45.88
CA LYS PD 234 100.15 100.05 47.90
CA GLU PD 235 97.85 99.91 50.94
CA THR PD 236 98.76 96.39 52.15
CA LEU PD 237 101.24 97.55 54.82
CA VAL PD 238 100.94 101.34 55.05
CA THR PD 239 97.87 101.70 57.28
CA PHE PD 240 97.15 105.40 57.67
CA LYS PD 241 94.93 106.28 60.63
CA ASN PD 242 92.03 108.72 60.53
CA PRO PD 243 93.71 112.07 59.81
CA HIS PD 244 93.24 114.63 62.56
CA ALA PD 245 94.04 118.04 61.08
CA LYS PD 246 97.17 117.13 59.07
CA LYS PD 247 99.25 114.39 60.70
CA GLN PD 248 98.11 110.79 60.71
CA ASP PD 249 99.97 107.98 62.45
CA VAL PD 250 101.35 106.49 59.24
CA VAL PD 251 103.08 103.24 60.18
CA VAL PD 252 103.93 100.09 58.26
CA LEU PD 253 102.73 96.90 59.89
CA GLY PD 254 105.31 94.78 61.62
CA SER PD 255 107.33 92.24 59.70
CA GLN PD 256 105.04 89.58 58.29
CA GLU PD 257 107.82 86.96 58.34
CA GLY PD 258 106.60 85.35 61.55
CA ALA PD 259 102.90 85.60 60.69
CA MET PD 260 103.19 84.26 57.16
CA HIS PD 261 105.60 81.56 58.32
CA THR PD 262 103.04 80.44 60.89
CA ALA PD 263 100.26 80.50 58.31
CA LEU PD 264 102.27 78.69 55.63
CA THR PD 265 103.12 75.99 58.19
CA GLY PD 266 101.44 72.72 57.29
CA ALA PD 267 101.93 73.21 53.57
CA THR PD 268 104.33 71.10 51.49
CA GLU PD 269 107.79 72.05 52.71
CA ILE PD 270 110.43 71.48 50.02
CA GLN PD 271 114.13 71.05 50.80
CA MET PD 272 114.91 72.91 47.59
CA SER PD 273 118.63 73.16 48.40
CA SER PD 274 119.28 69.66 46.98
CA GLY PD 275 117.25 70.51 43.87
CA ASN PD 276 113.58 70.97 43.00
CA LEU PD 277 112.44 67.49 44.05
CA LEU PD 278 108.92 67.64 42.67
CA PHE PD 279 107.03 64.55 43.83
CA THR PD 280 104.46 64.51 40.99
CA GLY PD 281 104.26 64.42 37.21
CA HIS PD 282 103.77 61.64 34.68
CA LEU PD 283 106.52 61.02 32.15
CA LYS PD 284 105.20 59.48 28.92
CA CYS PD 285 108.12 57.63 27.37
CA ARG PD 286 108.15 56.28 23.79
CA LEU PD 287 111.17 54.23 22.79
CA ARG PD 288 112.59 52.50 19.73
CA MET PD 289 114.47 49.61 21.37
CA ASP PD 290 115.44 47.98 18.05
CA LYS PD 291 118.78 49.80 18.12
CA LEU PD 292 119.39 48.13 21.49
CA GLN PD 293 120.89 44.65 21.31
CA LEU PD 294 122.20 41.98 23.68
CA LYS PD 295 125.86 41.16 23.09
CA GLY PD 296 125.49 38.27 25.53
CA MET PD 297 122.48 36.54 23.97
CA SER PD 298 124.07 34.13 21.49
CA TYR PD 299 126.96 32.74 23.54
CA SER PD 300 127.32 28.97 23.76
CA MET PD 301 125.07 26.92 26.03
CA CYS PD 302 127.03 26.57 29.23
CA THR PD 303 128.26 23.14 30.25
CA GLY PD 304 130.24 23.06 33.49
CA LYS PD 305 129.05 22.48 37.03
CA PHE PD 306 126.99 25.26 38.59
CA LYS PD 307 126.25 25.95 42.26
CA VAL PD 308 124.20 28.36 44.40
CA VAL PD 309 125.74 30.67 47.01
CA LYS PD 310 122.82 32.46 48.67
CA GLU PD 311 119.29 31.14 49.04
CA ILE PD 312 116.08 32.87 48.00
CA ALA PD 313 114.49 35.73 49.87
CA GLU PD 314 111.09 36.98 48.73
CA THR PD 315 110.57 40.33 47.01
CA GLN PD 316 107.68 42.78 47.27
CA HIS PD 317 106.09 41.66 44.01
CA GLY PD 318 107.15 38.08 44.74
CA THR PD 319 109.85 37.33 42.18
CA ILE PD 320 112.63 34.77 42.31
CA VAL PD 321 116.04 36.41 42.62
CA ILE PD 322 118.99 34.04 43.01
CA ARG PD 323 122.68 34.78 43.35
CA VAL PD 324 124.42 31.81 41.72
CA GLN PD 325 128.08 30.92 41.24
CA TYR PD 326 129.73 28.91 38.47
CA GLU PD 327 132.53 26.60 39.60
CA GLY PD 328 132.95 25.01 36.16
CA ASP PD 329 134.68 26.35 33.05
CA GLY PD 330 133.97 27.69 29.59
CA SER PD 331 133.12 31.26 30.54
CA PRO PD 332 131.58 33.21 28.83
CA CYS PD 333 128.65 30.81 28.37
CA LYS PD 334 124.85 30.89 28.07
CA ILE PD 335 123.48 29.33 31.27
CA PRO PD 336 120.46 26.97 31.10
CA PHE PD 337 117.59 28.09 33.30
CA GLU PD 338 114.05 26.70 33.18
CA ILE PD 339 111.05 26.54 35.52
CA MET PD 340 109.64 23.04 35.08
CA ASP PD 341 106.75 21.21 36.64
CA LEU PD 342 107.59 18.75 39.39
CA GLU PD 343 107.38 15.94 36.79
CA LYS PD 344 109.69 17.77 34.34
CA ARG PD 345 107.14 17.58 31.48
CA HIS PD 346 105.77 21.08 30.79
CA VAL PD 347 106.98 24.60 31.64
CA LEU PD 348 105.01 26.85 34.01
CA GLY PD 349 106.79 30.10 34.81
CA ARG PD 350 108.59 32.94 33.06
CA LEU PD 351 112.12 34.31 33.41
CA ILE PD 352 112.85 38.04 33.22
CA THR PD 353 116.56 38.02 32.40
CA VAL PD 354 116.35 36.70 28.86
CA ASN PD 355 119.36 34.49 28.11
CA PRO PD 356 121.24 35.03 31.38
CA ILE PD 357 124.99 35.26 30.89
CA VAL PD 358 128.07 34.42 32.96
CA THR PD 359 131.07 36.24 31.44
CA GLU PD 360 133.28 36.14 34.53
CA LYS PD 361 134.78 33.41 36.67
CA ASP PD 362 134.13 33.34 40.41
CA SER PD 363 131.48 36.05 40.55
CA PRO PD 364 127.88 36.19 41.80
CA VAL PD 365 125.27 36.07 39.06
CA ASN PD 366 121.77 37.46 39.59
CA ILE PD 367 119.00 35.41 37.97
CA GLU PD 368 115.45 36.75 37.96
CA ALA PD 369 112.18 34.87 37.43
CA GLU PD 370 108.47 34.95 38.28
CA PRO PD 371 106.68 31.62 38.81
CA PRO PD 372 102.93 31.28 39.20
CA PHE PD 373 101.29 30.46 42.53
CA GLY PD 374 102.04 26.78 42.92
CA ASP PD 375 104.74 24.23 43.44
CA SER PD 376 107.48 24.38 40.83
CA TYR PD 377 110.97 23.06 40.16
CA ILE PD 378 113.61 25.53 39.01
CA ILE PD 379 115.85 23.29 36.90
CA ILE PD 380 119.37 24.62 36.35
CA GLY PD 381 122.24 23.15 34.38
CA VAL PD 382 122.61 19.85 32.56
CA GLU PD 383 123.59 16.46 33.92
CA PRO PD 384 126.23 15.81 35.27
CA GLY PD 385 125.61 18.41 37.96
CA GLN PD 386 121.89 18.94 37.53
CA LEU PD 387 120.38 21.35 40.06
CA LYS PD 388 116.71 21.06 41.01
CA LEU PD 389 115.21 23.66 43.35
CA ASN PD 390 111.69 23.21 44.67
CA TRP PD 391 109.77 26.42 45.18
CA PHE PD 392 106.30 27.59 46.18
CA LYS PD 393 104.67 31.02 46.41
CA LYS PD 394 101.45 32.17 48.02
CA GLY PD 395 98.46 33.93 46.48
CA SER PD 396 95.54 33.33 44.14
CA SER PD 397 95.96 33.28 40.37
CA ILE PD 398 92.80 35.35 39.93
CA GLY PD 399 94.37 37.89 42.28
CA GLN PD 400 97.27 38.46 39.92
CA MET PD 401 94.95 38.39 36.90
CA ILE PD 402 92.72 41.19 38.22
CA GLU PD 403 95.69 43.13 39.61
CA THR PD 404 97.70 43.07 36.37
CA THR PD 405 94.67 43.70 34.16
CA MET PD 406 93.46 46.68 36.18
CA ARG PD 407 96.98 48.07 36.47
CA GLY PD 408 97.44 47.85 32.71
CA ALA PD 409 94.01 49.38 32.15
CA LYS PD 410 94.90 52.37 34.32
CA ARG PD 411 98.28 52.58 32.59
CA MET PD 412 96.62 52.72 29.18
CA ALA PD 413 93.99 55.18 30.41
CA ILE PD 414 96.66 57.63 31.56
CA LEU PD 415 98.76 56.63 28.51
CA GLY PD 416 95.66 57.29 26.44
CA ASP PD 417 94.41 60.23 24.40
CA THR PD 418 97.17 61.80 22.28
CA ALA PD 419 99.48 58.95 23.44
CA TRP PD 420 98.68 55.67 21.70
CA ASP PD 421 99.28 55.74 17.96
CA PHE PD 422 95.96 56.39 16.23
CA GLY PD 423 97.10 58.90 13.61
CA SER PD 424 99.90 56.74 12.18
CA LEU PD 425 98.53 54.82 9.20
CA GLY PD 426 99.73 51.25 8.71
CA GLY PD 427 100.58 50.88 12.38
CA VAL PD 428 96.94 51.29 13.37
CA PHE PD 429 96.44 47.53 13.57
CA THR PD 430 99.73 47.31 15.49
CA SER PD 431 98.62 50.10 17.83
CA ILE PD 432 95.30 48.44 18.65
CA GLY PD 433 97.20 45.18 19.12
CA LYS PD 434 99.45 46.93 21.62
CA ALA PD 435 96.43 48.38 23.43
CA LEU PD 436 94.55 45.08 23.56
CA HIS PD 437 97.75 43.56 24.90
CA GLN PD 438 98.13 46.16 27.63
CA VAL PD 439 94.56 45.36 28.81
CA PHE PD 440 93.86 41.66 28.10
CA GLY PD 441 97.34 40.15 27.72
CA ALA PD 442 97.45 38.86 31.27
CA ILE PD 443 94.34 36.83 30.48
CA TYR PD 444 95.71 35.78 27.10
CA GLY PD 445 99.15 34.64 28.23
CA ALA PD 446 98.32 33.28 31.69
CA ALA PD 447 94.75 31.98 31.72
CA PHE PD 448 94.66 30.71 28.13
CA SER PD 449 97.22 27.89 28.16
CA GLY PD 450 100.50 29.85 28.34
CA VAL PD 451 100.53 29.35 25.35
CA SER PD 452 101.40 27.21 22.32
CA TRP PD 453 100.33 29.85 19.81
CA ILE PD 454 99.50 27.66 16.79
CA MET PD 455 96.99 25.40 18.51
CA LYS PD 456 95.39 28.21 20.47
CA ILE PD 457 94.81 30.27 17.32
CA LEU PD 458 93.25 27.14 15.84
CA ILE PD 459 90.95 27.10 18.88
CA GLY PD 460 90.43 30.82 18.35
CA VAL PD 461 89.19 30.41 14.81
CA ILE PD 462 87.03 27.53 16.06
CA ILE PD 463 85.36 29.78 18.64
CA THR PD 464 84.94 32.50 16.01
CA TRP PD 465 83.24 30.03 13.67
CA ILE PD 466 80.93 28.83 16.44
CA GLY PD 467 80.16 32.43 17.40
CA MET PD 468 79.26 33.63 13.91
CA ASN PD 469 76.97 30.62 13.36
CA SER PD 470 75.42 30.86 16.84
CA ARG PD 471 71.80 30.63 17.94
CA SER PD 472 71.94 34.19 19.35
CA THR PD 473 73.40 37.42 17.99
CA SER PD 474 74.32 38.71 21.45
CA LEU PD 475 76.46 35.61 22.03
CA SER PD 476 77.83 35.98 18.49
CA VAL PD 477 79.05 39.49 19.27
CA SER PD 478 80.30 38.46 22.71
CA LEU PD 479 82.30 35.49 21.38
CA VAL PD 480 83.65 36.55 17.99
CA LEU PD 481 85.15 39.67 19.60
CA VAL PD 482 87.13 37.48 21.99
CA GLY PD 483 88.07 35.14 19.15
CA VAL PD 484 89.42 37.88 16.90
CA VAL PD 485 91.20 39.30 19.96
CA THR PD 486 92.79 35.89 20.46
CA LEU PD 487 93.85 35.56 16.83
CA TYR PD 488 95.28 39.07 16.45
CA LEU PD 489 97.07 38.98 19.81
CA GLY PD 490 98.47 35.55 18.92
CA VAL PD 491 99.89 37.01 15.74
CA MET PD 492 101.21 39.80 17.97
CA VAL PD 493 102.54 37.80 20.96
CA GLN PD 494 104.44 35.66 18.45
CA ALA PD 495 106.49 38.85 17.95
CA PHE QD 1 99.03 110.66 100.41
CA HIS QD 2 102.12 108.48 100.85
CA LEU QD 3 104.40 109.09 97.87
CA THR QD 4 106.52 106.50 96.05
CA THR QD 5 107.73 106.00 92.47
CA ARG QD 6 106.73 103.51 89.80
CA ASN QD 7 107.74 103.35 86.13
CA GLY QD 8 109.84 106.44 86.77
CA GLU QD 9 106.79 108.49 87.80
CA PRO QD 10 105.52 109.71 91.18
CA HIS QD 11 102.77 107.67 92.82
CA MET QD 12 100.84 109.16 95.75
CA ILE QD 13 98.34 107.03 97.67
CA VAL QD 14 95.59 109.21 99.12
CA SER QD 15 93.04 108.34 101.78
CA ARG QD 16 90.13 109.88 103.68
CA GLN QD 17 92.58 111.84 105.88
CA GLU QD 18 92.98 114.19 102.90
CA LYS QD 19 89.66 113.99 101.04
CA GLY QD 20 88.26 116.51 98.60
CA LYS QD 21 91.12 118.93 99.26
CA SER QD 22 94.02 120.27 97.23
CA LEU QD 23 96.97 117.87 97.21
CA LEU QD 24 100.30 119.63 97.67
CA PHE QD 25 103.91 118.43 97.54
CA LYS QD 26 107.48 119.55 96.92
CA THR QD 27 109.38 117.28 94.52
CA GLU QD 28 112.40 117.54 92.23
CA ASP QD 29 110.14 118.86 89.47
CA GLY QD 30 109.04 121.66 91.81
CA VAL QD 31 105.92 122.70 93.72
CA ASN QD 32 103.40 119.97 92.83
CA MET QD 33 99.84 121.31 93.22
CA CYS QD 34 97.41 118.53 92.32
CA THR QD 35 93.63 118.67 92.47
CA LEU QD 36 91.96 115.32 93.13
CA MET QD 37 88.47 116.16 91.92
CA ALA QD 38 87.39 112.51 91.85
CA MET QD 39 84.18 110.96 93.21
CA ASP QD 40 84.44 107.55 94.85
CA LEU QD 41 87.29 108.49 97.20
CA GLY QD 42 86.28 107.13 100.60
CA GLU QD 43 88.36 105.51 103.31
CA LEU QD 44 91.18 103.35 102.02
CA CYS QD 45 90.21 99.91 100.74
CA GLU QD 46 91.57 96.95 98.75
CA ASP QD 47 89.74 97.87 95.52
CA THR QD 48 92.76 99.90 94.44
CA ILE QD 49 91.64 102.20 91.63
CA THR QD 50 94.55 104.03 90.00
CA TYR QD 51 94.77 107.10 87.79
CA LYS QD 52 97.05 109.29 85.73
CA CYS QD 53 96.74 112.90 86.72
CA PRO QD 54 97.94 114.39 83.40
CA PHE QD 55 100.34 117.27 82.96
CA LEU QD 56 98.31 120.41 82.25
CA LYS QD 57 100.14 123.72 82.06
CA GLN QD 58 97.47 126.44 81.78
CA ASN QD 59 94.60 125.10 79.64
CA GLU QD 60 90.96 124.56 80.63
CA PRO QD 61 90.62 121.15 82.33
CA GLU QD 62 87.64 119.02 81.40
CA ASP QD 63 86.60 115.36 81.31
CA ILE QD 64 89.27 114.48 83.90
CA ASP QD 65 89.12 113.12 87.43
CA CYS QD 66 92.44 114.42 88.78
CA TRP QD 67 95.09 116.78 87.47
CA CYS QD 68 98.35 118.48 88.43
CA ASN QD 69 99.80 121.78 87.24
CA SER QD 70 103.42 120.57 87.58
CA THR QD 71 103.82 117.16 85.95
CA SER QD 72 102.02 113.94 85.13
CA THR QD 73 101.68 111.63 88.11
CA TRP QD 74 100.01 108.50 89.44
CA VAL QD 75 97.34 108.57 92.12
CA THR QD 76 95.46 105.69 93.73
CA TYR QD 77 92.78 105.04 96.31
CA GLY QD 78 90.09 102.61 97.45
CA THR QD 79 86.37 102.35 96.81
CA CYS QD 80 84.71 100.36 99.62
CA THR QD 81 82.17 102.01 101.91
CA THR QD 82 82.80 103.05 105.51
CA THR QD 83 81.52 99.87 107.15
CA GLY QD 84 83.41 97.58 104.76
CA GLU QD 85 82.17 95.83 101.64
CA HIS QD 86 83.28 94.94 98.12
CA ARG QD 87 81.31 97.57 96.20
CA ARG QD 88 77.75 98.52 95.19
CA GLU QD 89 75.42 95.59 94.46
CA LYS QD 90 73.72 94.98 91.10
CA ARG QD 91 71.62 92.25 89.51
CA SER QD 92 72.33 91.05 85.98
CA VAL QD 93 73.06 88.01 83.73
CA ALA QD 94 70.18 86.31 81.91
CA LEU QD 95 69.69 82.58 82.47
CA VAL QD 96 66.97 80.00 83.07
CA PRO QD 97 67.00 76.18 82.75
CA HIS QD 98 64.54 73.70 81.41
CA VAL QD 99 61.93 72.48 83.90
CA GLY QD 100 62.43 68.99 85.16
CA MET QD 101 60.69 65.65 85.07
CA GLY QD 102 60.00 63.58 88.17
CA LEU QD 103 57.75 61.03 89.89
CA GLU QD 104 56.11 60.22 86.53
CA THR QD 105 58.46 57.81 84.69
CA ARG QD 106 58.51 57.43 80.90
CA THR QD 107 56.62 54.24 79.92
CA GLU QD 108 52.98 53.63 78.98
CA THR QD 109 51.41 52.27 82.19
CA TRP QD 110 49.21 53.07 85.25
CA MET QD 111 45.81 53.24 83.44
CA SER QD 112 45.63 56.93 84.45
CA SER QD 113 43.50 59.47 82.59
CA GLU QD 114 46.47 61.66 81.66
CA GLY QD 115 48.59 58.67 80.65
CA ALA QD 116 45.71 57.06 78.78
CA TRP QD 117 44.81 60.20 76.81
CA LYS QD 118 48.40 61.36 76.19
CA HIS QD 119 48.87 58.90 73.34
CA ALA QD 120 45.64 59.93 71.61
CA GLN QD 121 46.38 63.63 72.15
CA ARG QD 122 49.83 63.17 70.60
CA ILE QD 123 48.32 61.23 67.67
CA GLU QD 124 45.83 64.00 66.90
CA THR QD 125 48.50 66.68 67.37
CA TRP QD 126 50.69 64.84 64.86
CA ILE QD 127 47.75 64.54 62.47
CA LEU QD 128 47.06 68.27 62.74
CA ARG QD 129 50.74 69.06 62.21
CA HIS QD 130 51.07 66.43 59.44
CA PRO QD 131 48.10 66.73 57.07
CA GLY QD 132 50.14 65.55 54.08
CA PHE QD 133 51.20 62.28 55.69
CA THR QD 134 47.60 61.74 56.79
CA ILE QD 135 46.38 62.19 53.21
CA MET QD 136 49.12 59.88 51.93
CA ALA QD 137 48.15 57.19 54.44
CA ALA QD 138 44.49 57.57 53.48
CA ILE QD 139 45.37 57.15 49.80
CA LEU QD 140 47.44 54.04 50.53
CA ALA QD 141 44.56 52.61 52.58
CA TYR QD 142 42.16 53.33 49.72
CA THR QD 143 44.36 51.63 47.13
CA ILE QD 144 45.33 48.58 49.19
CA GLY QD 145 41.97 48.29 50.95
CA THR QD 146 39.30 46.30 49.12
CA THR QD 147 36.67 46.77 51.86
CA HIS QD 148 35.71 49.93 53.73
CA PHE QD 149 36.42 48.24 57.07
CA GLN QD 150 39.91 47.25 55.93
CA ARG QD 151 40.32 50.77 54.52
CA ALA QD 152 39.55 52.42 57.86
CA LEU QD 153 41.56 49.88 59.87
CA ILE QD 154 44.65 50.34 57.71
CA PHE QD 155 44.30 54.13 57.78
CA ILE QD 156 44.06 54.11 61.58
CA LEU QD 157 47.01 51.72 61.84
CA LEU QD 158 49.20 53.88 59.60
CA THR QD 159 48.26 57.11 61.39
CA ALA QD 160 48.97 55.51 64.78
CA VAL QD 161 52.22 53.76 63.80
CA ALA QD 162 53.93 56.55 61.82
CA PRO QD 163 54.45 58.83 64.88
CA SER QD 164 55.60 55.98 67.12
CA MET QD 165 58.63 55.45 64.89
CA THR QD 166 59.85 58.96 65.74
CA PHE RD 1 76.10 133.30 93.57
CA HIS RD 2 72.61 134.61 94.39
CA LEU RD 3 71.16 133.21 97.61
CA THR RD 4 67.50 133.14 96.57
CA THR RD 5 64.49 131.40 98.13
CA ARG RD 6 63.73 128.76 95.51
CA ASN RD 7 61.00 126.24 96.37
CA GLY RD 8 61.12 127.77 99.86
CA GLU RD 9 64.76 126.82 100.46
CA PRO RD 10 68.16 128.47 99.88
CA HIS RD 11 69.28 128.35 96.26
CA MET RD 12 72.66 129.26 94.72
CA ILE RD 13 73.96 129.72 91.17
CA VAL RD 14 77.69 128.96 90.99
CA SER RD 15 79.53 129.73 87.75
CA ARG RD 16 82.96 128.84 86.40
CA GLN RD 17 84.71 132.11 87.35
CA GLU RD 18 85.49 130.32 90.62
CA LYS RD 19 85.92 126.55 90.52
CA GLY RD 20 87.26 123.68 92.58
CA LYS RD 21 87.04 125.75 95.76
CA SER RD 22 84.66 125.82 98.70
CA LEU RD 23 82.08 128.60 98.59
CA LEU RD 24 81.28 130.83 101.55
CA PHE RD 25 78.02 132.64 102.27
CA LYS RD 26 75.63 133.76 105.00
CA THR RD 27 72.22 132.50 106.14
CA GLU RD 28 70.00 132.86 109.19
CA ASP RD 29 71.87 129.98 110.83
CA GLY RD 30 75.20 131.78 110.37
CA VAL RD 31 78.18 131.56 108.06
CA ASN RD 32 78.03 128.49 105.81
CA MET RD 33 80.97 127.06 103.86
CA CYS RD 34 79.85 124.79 101.02
CA THR RD 35 81.77 122.02 99.28
CA LEU RD 36 81.21 121.36 95.57
CA MET RD 37 82.93 118.22 94.25
CA ALA RD 38 81.05 118.30 90.92
CA MET RD 39 83.78 117.48 88.42
CA ASP RD 40 81.77 118.14 85.23
CA LEU RD 41 81.35 121.86 85.84
CA GLY RD 42 81.39 124.55 83.16
CA GLU RD 43 80.35 128.18 82.83
CA LEU RD 44 76.78 129.40 83.24
CA CYS RD 45 74.53 129.08 80.19
CA GLU RD 46 71.09 127.78 79.30
CA ASP RD 47 71.90 124.14 80.11
CA THR RD 48 71.47 124.62 83.85
CA ILE RD 49 71.88 121.50 85.97
CA THR RD 50 70.45 121.82 89.49
CA TYR RD 51 70.97 120.04 92.84
CA LYS RD 52 69.47 119.94 96.33
CA CYS RD 53 72.67 119.99 98.36
CA PRO RD 54 72.30 117.76 101.46
CA PHE RD 55 73.26 118.46 105.05
CA LEU RD 56 76.08 116.48 106.68
CA LYS RD 57 77.20 116.82 110.31
CA GLN RD 58 80.21 114.51 110.80
CA ASN RD 59 79.75 111.45 108.56
CA GLU RD 60 82.14 110.83 105.69
CA PRO RD 61 80.89 112.46 102.45
CA GLU RD 62 80.42 109.56 100.03
CA ASP RD 63 79.04 109.40 96.49
CA ILE RD 64 77.82 113.02 96.54
CA ASP RD 65 79.09 116.23 95.00
CA CYS RD 66 77.84 118.91 97.37
CA TRP RD 67 77.77 119.22 101.13
CA CYS RD 68 77.93 121.82 103.90
CA ASN RD 69 78.36 121.75 107.70
CA SER RD 70 75.10 123.39 108.84
CA THR RD 71 72.24 123.18 106.36
CA SER RD 72 70.98 121.94 103.00
CA THR RD 73 70.49 124.11 99.93
CA TRP RD 74 70.03 124.13 96.14
CA VAL RD 75 73.21 124.59 94.08
CA THR RD 76 73.02 124.93 90.28
CA TYR RD 77 75.43 125.59 87.45
CA GLY RD 78 75.84 125.49 83.71
CA THR RD 79 77.60 122.81 81.68
CA CYS RD 80 78.53 124.58 78.44
CA THR RD 81 82.08 124.01 77.22
CA THR RD 82 84.58 126.75 76.41
CA THR RD 83 82.89 127.59 73.11
CA GLY RD 84 79.65 128.14 75.05
CA GLU RD 85 77.72 125.29 73.40
CA HIS RD 86 75.57 122.50 74.84
CA ARG RD 87 76.59 118.93 75.56
CA ARG RD 88 78.04 116.97 72.66
CA GLU RD 89 78.42 113.29 71.77
CA LYS RD 90 77.47 110.70 69.14
CA ARG RD 91 75.97 108.40 67.93
CA SER RD 92 72.49 106.86 67.97
CA VAL RD 93 70.96 104.32 65.59
CA ALA RD 94 68.51 104.64 62.70
CA LEU RD 95 67.22 101.67 60.73
CA VAL RD 96 68.84 101.49 57.29
CA PRO RD 97 66.21 102.14 54.57
CA HIS RD 98 65.68 100.42 51.24
CA VAL RD 99 63.18 100.25 48.37
CA GLY RD 100 60.01 98.17 48.33
CA MET RD 101 57.99 96.85 51.26
CA GLY RD 102 59.52 93.70 52.71
CA LEU RD 103 56.78 91.79 54.55
CA GLU RD 104 57.39 88.14 53.73
CA THR RD 105 60.10 87.06 56.20
CA ARG RD 106 60.14 87.03 59.99
CA THR RD 107 61.14 84.72 62.86
CA GLU RD 108 64.33 82.66 63.10
CA THR RD 109 64.79 78.99 62.25
CA TRP RD 110 64.74 75.79 64.27
CA MET RD 111 67.47 73.70 62.67
CA SER RD 112 65.98 70.22 63.07
CA SER RD 113 62.37 70.94 62.14
CA GLU RD 114 63.20 73.28 59.27
CA GLY RD 115 65.82 70.85 57.95
CA ALA RD 116 63.21 68.10 58.01
CA TRP RD 117 60.62 70.28 56.25
CA LYS RD 118 63.09 71.84 53.78
CA HIS RD 119 62.23 69.25 51.13
CA ALA RD 120 58.47 69.68 51.58
CA GLN RD 121 58.69 73.47 51.40
CA ARG RD 122 61.23 73.49 48.56
CA ILE RD 123 59.13 71.25 46.30
CA GLU RD 124 56.16 73.58 46.81
CA THR RD 125 58.11 76.78 46.18
CA TRP RD 126 59.79 75.31 43.10
CA ILE RD 127 56.65 73.79 41.60
CA LEU RD 128 54.84 77.10 42.09
CA ARG RD 129 57.69 79.24 40.72
CA HIS RD 130 58.02 77.29 37.43
CA PRO RD 131 54.60 76.53 35.91
CA GLY RD 132 56.25 75.98 32.52
CA PHE RD 133 58.23 73.01 33.78
CA THR RD 134 55.05 71.86 35.53
CA ILE RD 135 53.37 71.72 32.12
CA MET RD 136 56.26 69.90 30.45
CA ALA RD 137 56.58 67.35 33.26
CA ALA RD 138 52.83 66.78 33.21
CA ILE RD 139 52.84 66.23 29.44
CA LEU RD 140 55.77 63.81 29.64
CA ALA RD 141 54.06 61.87 32.43
CA TYR RD 142 50.83 61.79 30.43
CA THR RD 143 52.58 60.34 27.39
CA ILE RD 144 54.84 57.82 29.14
CA GLY RD 145 52.44 56.50 31.77
CA THR RD 146 50.20 53.84 30.21
CA THR RD 147 47.66 53.81 33.07
CA HIS RD 148 46.66 56.51 35.51
CA PHE RD 149 48.81 55.64 38.52
CA GLN RD 150 51.96 55.31 36.40
CA ARG RD 151 51.25 58.81 35.10
CA ALA RD 152 50.81 60.22 38.60
CA LEU RD 153 53.90 58.39 39.85
CA ILE RD 154 56.16 59.69 37.09
CA PHE RD 155 54.73 63.17 37.58
CA ILE RD 156 55.39 63.28 41.33
CA LEU RD 157 58.89 61.76 40.97
CA LEU RD 158 59.91 64.36 38.39
CA THR RD 159 58.46 67.18 40.48
CA ALA RD 160 60.50 65.94 43.44
CA VAL RD 161 63.66 65.45 41.36
CA ALA RD 162 63.65 68.87 39.69
CA PRO RD 163 64.50 70.97 42.79
CA SER RD 164 67.13 68.45 43.91
CA MET RD 165 69.31 68.73 40.80
CA THR RD 166 69.37 72.51 41.26
CA PHE SD 1 116.42 124.25 64.56
CA HIS SD 2 117.94 123.91 61.07
CA LEU SD 3 116.12 126.11 58.55
CA THR SD 4 115.93 125.43 54.81
CA THR SD 5 113.81 126.81 51.95
CA ARG SD 6 111.59 124.24 50.24
CA ASN SD 7 108.57 124.97 48.03
CA GLY SD 8 109.10 128.67 48.67
CA GLU SD 9 108.48 128.16 52.41
CA PRO SD 10 110.76 127.53 55.40
CA HIS SD 11 111.39 123.96 56.52
CA MET SD 12 112.55 123.37 60.11
CA ILE SD 13 114.51 120.29 61.17
CA VAL SD 14 114.43 119.65 64.92
CA SER SD 15 116.11 116.96 67.01
CA ARG SD 16 115.45 115.67 70.50
CA GLN SD 17 118.48 117.60 71.76
CA GLU SD 18 115.99 120.50 72.07
CA LYS SD 19 113.13 118.28 73.22
CA GLY SD 20 110.46 119.75 75.47
CA LYS SD 21 111.40 123.39 74.87
CA SER SD 22 109.67 126.09 72.87
CA LEU SD 23 110.88 126.75 69.33
CA LEU SD 24 112.69 130.09 69.60
CA PHE SD 25 114.94 131.66 66.96
CA LYS SD 26 115.38 134.85 64.93
CA THR SD 27 115.16 135.49 61.18
CA GLU SD 28 114.31 138.38 58.87
CA ASP SD 29 110.61 137.44 58.93
CA GLY SD 30 110.49 138.72 62.51
CA VAL SD 31 110.63 137.46 66.08
CA ASN SD 32 109.50 133.92 65.24
CA MET SD 33 108.26 132.66 68.58
CA CYS SD 34 106.97 129.12 68.10
CA THR SD 35 106.18 125.97 70.06
CA LEU SD 36 106.23 122.21 69.54
CA MET SD 37 103.94 120.35 71.90
CA ALA SD 38 103.33 116.74 70.80
CA MET SD 39 105.41 114.05 72.50
CA ASP SD 40 105.75 111.79 69.45
CA LEU SD 41 109.30 113.12 68.95
CA GLY SD 42 112.09 110.60 68.68
CA GLU SD 43 115.81 110.96 68.15
CA LEU SD 44 117.33 112.05 64.86
CA CYS SD 45 117.11 109.18 62.38
CA GLU SD 46 115.93 108.47 58.83
CA ASP SD 47 112.22 108.27 59.77
CA THR SD 48 111.52 111.91 59.01
CA ILE SD 49 108.01 113.25 59.69
CA THR SD 50 106.90 116.72 58.59
CA TYR SD 51 104.32 119.40 59.46
CA LYS SD 52 103.13 122.85 58.57
CA CYS SD 53 102.94 125.07 61.64
CA PRO SD 54 100.09 127.58 61.22
CA PHE SD 55 100.21 131.31 61.92
CA LEU SD 56 98.42 132.91 64.85
CA LYS SD 57 95.95 135.73 64.33
CA GLN SD 58 93.98 135.68 67.60
CA ASN SD 59 93.04 132.09 68.48
CA GLU SD 60 94.41 129.97 71.30
CA PRO SD 61 96.77 127.20 70.11
CA GLU SD 62 94.48 124.36 69.13
CA ASP SD 63 94.03 121.51 66.62
CA ILE SD 64 97.75 121.43 65.64
CA ASP SD 65 100.73 119.89 67.40
CA CYS SD 66 102.94 122.85 66.50
CA TRP SD 67 102.05 126.53 66.81
CA CYS SD 68 103.94 129.58 65.52
CA ASN SD 69 102.77 133.19 65.79
CA SER SD 70 104.95 135.15 63.34
CA THR SD 71 105.00 133.24 60.03
CA SER SD 72 103.79 129.83 58.87
CA THR SD 73 106.67 127.37 58.73
CA TRP SD 74 107.16 123.65 58.22
CA VAL SD 75 108.61 121.65 61.11
CA THR SD 76 109.98 118.14 60.63
CA TYR SD 77 111.74 115.76 63.01
CA GLY SD 78 112.40 112.12 63.84
CA THR SD 79 109.99 109.61 65.36
CA CYS SD 80 111.95 106.37 65.79
CA THR SD 81 112.07 104.90 69.28
CA THR SD 82 115.14 105.46 71.45
CA THR SD 83 116.65 102.08 70.48
CA GLY SD 84 117.07 103.20 66.85
CA GLU SD 85 114.10 101.13 65.61
CA HIS SD 86 111.32 102.41 63.37
CA ARG SD 87 107.76 102.47 64.63
CA ARG SD 88 105.75 99.32 64.14
CA GLU SD 89 102.59 97.52 65.25
CA LYS SD 90 102.10 93.84 66.02
CA ARG SD 91 98.95 93.45 63.91
CA SER SD 92 99.22 90.91 61.09
CA VAL SD 93 97.35 89.84 57.93
CA ALA SD 94 97.31 86.46 56.18
CA LEU SD 95 94.89 83.64 55.34
CA VAL SD 96 94.49 79.85 55.51
CA PRO SD 97 96.80 77.97 53.07
CA HIS SD 98 95.74 74.38 53.83
CA VAL SD 99 93.21 73.34 51.17
CA GLY SD 100 92.17 74.97 47.93
CA MET SD 101 91.47 73.50 44.48
CA GLY SD 102 88.56 74.43 42.20
CA LEU SD 103 89.26 73.27 38.63
CA GLU SD 104 92.51 72.02 37.08
CA THR SD 105 94.20 69.50 34.81
CA ARG SD 106 94.36 68.72 31.15
CA THR SD 107 91.10 68.95 29.20
CA GLU SD 108 89.75 65.57 28.03
CA THR SD 109 91.42 62.49 29.55
CA TRP SD 110 90.93 64.11 32.92
CA MET SD 111 87.35 64.90 31.92
CA SER SD 112 86.58 61.31 30.93
CA SER SD 113 88.46 59.65 33.80
CA GLU SD 114 87.27 61.95 36.59
CA GLY SD 115 83.73 61.91 35.18
CA ALA SD 116 83.71 58.11 35.32
CA TRP SD 117 85.21 58.04 38.81
CA LYS SD 118 83.13 60.88 40.29
CA HIS SD 119 79.92 59.40 38.91
CA ALA SD 120 81.01 55.96 40.15
CA GLN SD 121 81.75 57.17 43.68
CA ARG SD 122 78.65 59.40 43.83
CA ILE SD 123 76.29 56.64 42.71
CA GLU SD 124 78.12 54.09 44.86
CA THR SD 125 77.78 56.29 47.94
CA TRP SD 126 74.07 56.72 47.14
CA ILE SD 127 73.78 52.92 46.89
CA LEU SD 128 75.69 52.11 50.11
CA ARG SD 129 74.99 55.23 52.18
CA HIS SD 130 71.27 54.45 51.66
CA PRO SD 131 70.96 50.82 50.51
CA GLY SD 132 67.41 49.70 51.27
CA PHE SD 133 65.83 52.35 49.07
CA THR SD 134 67.82 50.91 46.17
CA ILE SD 135 66.62 47.32 46.48
CA MET SD 136 63.02 48.33 47.19
CA ALA SD 137 63.04 50.59 44.13
CA ALA SD 138 64.58 47.84 42.01
CA ILE SD 139 61.94 45.27 42.96
CA LEU SD 140 59.16 47.87 42.61
CA ALA SD 141 60.33 48.70 39.09
CA TYR SD 142 60.69 45.05 38.11
CA THR SD 143 57.13 44.43 39.33
CA ILE SD 144 55.47 47.58 37.96
CA GLY SD 145 57.26 48.76 34.82
CA THR SD 146 55.77 47.28 31.66
CA THR SD 147 58.94 47.39 29.53
CA HIS SD 148 62.59 47.09 30.46
CA PHE SD 149 63.06 50.70 29.34
CA GLN SD 150 60.18 51.77 31.60
CA ARG SD 151 61.56 49.71 34.49
CA ALA SD 152 64.97 51.30 33.94
CA LEU SD 153 63.39 54.74 34.17
CA ILE SD 154 61.52 53.74 37.33
CA PHE SD 155 64.35 52.45 39.47
CA ILE SD 156 67.08 54.75 38.12
CA LEU SD 157 64.87 57.75 38.93
CA LEU SD 158 63.95 56.36 42.35
CA THR SD 159 67.61 55.72 43.18
CA ALA SD 160 68.41 59.25 42.01
CA VAL SD 161 65.74 60.97 44.11
CA ALA SD 162 65.52 58.91 47.32
CA PRO SD 163 69.06 59.44 48.72
CA SER SD 164 68.77 63.16 47.99
CA MET SD 165 65.31 63.09 49.58
CA THR SD 166 66.67 61.12 52.54
CA PHE TD 1 -148.25 -86.29 61.11
CA HIS TD 2 -148.04 -88.02 57.72
CA LEU TD 3 -145.59 -90.95 57.82
CA THR TD 4 -143.70 -92.32 54.82
CA THR TD 5 -140.75 -94.69 54.38
CA ARG TD 6 -137.68 -93.12 52.75
CA ASN TD 7 -134.13 -94.50 52.85
CA GLY TD 8 -135.37 -97.35 55.02
CA GLU TD 9 -136.39 -94.88 57.75
CA PRO TD 10 -139.64 -93.09 58.62
CA HIS TD 11 -140.22 -89.58 57.29
CA MET TD 12 -142.74 -87.36 59.10
CA ILE TD 13 -144.54 -84.47 57.41
CA VAL TD 14 -146.03 -81.96 59.84
CA SER TD 15 -148.09 -78.82 59.23
CA ARG TD 16 -148.86 -75.82 61.39
CA GLN TD 17 -152.37 -77.20 61.99
CA GLU TD 18 -150.67 -79.14 64.83
CA LYS TD 19 -148.34 -76.29 65.76
CA GLY TD 20 -147.15 -76.00 69.35
CA LYS TD 21 -148.20 -79.50 70.40
CA SER TD 22 -146.14 -82.60 71.11
CA LEU TD 23 -145.76 -85.16 68.34
CA LEU TD 24 -147.93 -88.08 69.49
CA PHE TD 25 -148.97 -91.07 67.39
CA LYS TD 26 -148.90 -94.88 67.38
CA THR TD 27 -147.14 -97.35 65.07
CA GLU TD 28 -145.75 -100.87 65.27
CA ASP TD 29 -142.36 -99.57 66.44
CA GLY TD 30 -144.00 -98.75 69.78
CA VAL TD 31 -145.53 -95.85 71.67
CA ASN TD 32 -143.68 -93.15 69.71
CA MET TD 33 -143.88 -90.19 72.03
CA CYS TD 34 -142.05 -87.28 70.39
CA THR TD 35 -141.79 -83.50 70.52
CA LEU TD 36 -141.10 -80.61 68.15
CA MET TD 37 -139.87 -77.50 69.91
CA ALA TD 38 -138.36 -74.97 67.49
CA MET TD 39 -140.60 -72.08 66.41
CA ASP TD 40 -139.26 -71.83 62.85
CA LEU TD 41 -142.38 -73.68 61.63
CA GLY TD 42 -144.41 -72.06 58.88
CA GLU TD 43 -147.53 -73.13 57.06
CA LEU TD 44 -147.58 -75.97 54.55
CA CYS TD 45 -145.91 -74.82 51.33
CA GLU TD 46 -143.21 -75.92 48.89
CA ASP TD 47 -140.31 -74.78 51.10
CA THR TD 48 -139.83 -78.14 52.75
CA ILE TD 49 -137.18 -78.46 55.48
CA THR TD 50 -136.18 -81.81 56.99
CA TYR TD 51 -134.62 -83.26 60.15
CA LYS TD 52 -133.63 -86.48 61.83
CA CYS TD 53 -135.10 -86.71 65.32
CA PRO TD 54 -132.71 -88.67 67.57
CA PHE TD 55 -133.62 -91.46 69.98
CA LEU TD 56 -133.53 -91.04 73.74
CA LYS TD 57 -131.47 -93.36 75.92
CA GLN TD 58 -131.16 -91.34 79.15
CA ASN TD 59 -130.23 -87.73 78.33
CA GLU TD 60 -132.41 -84.67 78.68
CA PRO TD 61 -133.61 -83.27 75.33
CA GLU TD 62 -130.77 -81.08 74.13
CA ASP TD 63 -128.89 -79.94 71.00
CA ILE TD 64 -131.75 -80.88 68.61
CA ASP TD 65 -134.97 -79.05 67.79
CA CYS TD 66 -136.94 -82.30 67.71
CA TRP TD 67 -136.77 -85.12 70.25
CA CYS TD 68 -138.29 -88.62 70.07
CA ASN TD 69 -137.84 -91.36 72.67
CA SER TD 70 -138.97 -94.58 70.95
CA THR TD 71 -137.31 -94.71 67.51
CA SER TD 72 -135.27 -92.29 65.41
CA THR TD 73 -137.45 -90.67 62.76
CA TRP TD 74 -137.17 -87.86 60.23
CA VAL TD 75 -139.46 -84.86 60.65
CA THR TD 76 -140.00 -82.34 57.87
CA TYR TD 77 -142.29 -79.32 57.59
CA GLY TD 78 -142.76 -75.91 56.00
CA THR TD 79 -140.95 -72.68 56.85
CA CYS TD 80 -142.45 -69.99 54.62
CA THR TD 81 -143.90 -66.94 56.35
CA THR TD 82 -147.65 -66.69 56.88
CA THR TD 83 -148.11 -64.56 53.75
CA GLY TD 84 -147.05 -67.45 51.49
CA GLU TD 85 -143.60 -65.96 50.81
CA HIS TD 86 -140.31 -67.84 51.05
CA ARG TD 87 -137.71 -66.77 53.57
CA ARG TD 88 -135.28 -64.10 52.44
CA GLU TD 89 -132.72 -61.58 53.71
CA LYS TD 90 -132.13 -58.02 52.56
CA ARG TD 91 -128.36 -58.37 52.19
CA SER TD 92 -127.03 -57.74 48.69
CA VAL TD 93 -123.84 -58.26 46.64
CA ALA TD 94 -122.59 -56.31 43.61
CA LEU TD 95 -119.70 -54.06 42.58
CA VAL TD 96 -118.91 -50.73 40.90
CA PRO TD 97 -119.65 -50.73 37.12
CA HIS TD 98 -118.57 -47.16 36.26
CA VAL TD 99 -115.01 -47.34 34.88
CA GLY TD 100 -112.88 -50.28 33.83
CA MET TD 101 -110.55 -50.75 30.84
CA GLY TD 102 -107.09 -52.34 30.93
CA LEU TD 103 -105.99 -53.32 27.41
CA GLU TD 104 -108.04 -53.51 24.20
CA THR TD 105 -108.20 -52.80 20.48
CA ARG TD 106 -106.64 -54.07 17.33
CA THR TD 107 -102.92 -54.86 17.45
CA GLU TD 108 -100.76 -52.44 15.42
CA THR TD 109 -102.50 -49.28 14.19
CA TRP TD 110 -103.76 -48.81 17.72
CA MET TD 111 -100.24 -49.53 18.97
CA SER TD 112 -98.65 -46.92 16.70
CA SER TD 113 -101.35 -44.27 17.11
CA GLU TD 114 -101.82 -44.59 20.87
CA GLY TD 115 -98.06 -44.82 21.37
CA ALA TD 116 -97.60 -41.56 19.50
CA TRP TD 117 -100.45 -39.87 21.36
CA LYS TD 118 -99.63 -41.21 24.83
CA HIS TD 119 -95.97 -40.25 24.46
CA ALA TD 120 -97.03 -36.86 23.09
CA GLN TD 121 -99.39 -36.13 25.97
CA ARG TD 122 -97.00 -37.52 28.61
CA ILE TD 123 -94.05 -35.46 27.39
CA GLU TD 124 -96.28 -32.43 26.82
CA THR TD 125 -97.61 -32.63 30.37
CA TRP TD 126 -94.03 -32.92 31.64
CA ILE TD 127 -93.15 -29.82 29.59
CA LEU TD 128 -96.15 -27.70 30.69
CA ARG TD 129 -96.86 -29.15 34.14
CA HIS TD 130 -93.22 -28.28 34.98
CA PRO TD 131 -91.96 -25.78 32.38
CA GLY TD 132 -88.99 -23.97 33.91
CA PHE TD 133 -86.97 -27.15 34.37
CA THR TD 134 -87.28 -27.71 30.63
CA ILE TD 135 -85.87 -24.36 29.50
CA MET TD 136 -83.12 -24.37 32.13
CA ALA TD 137 -82.09 -27.88 31.08
CA ALA TD 138 -82.16 -26.87 27.41
CA ILE TD 139 -79.89 -23.86 27.92
CA LEU TD 140 -77.62 -25.86 30.24
CA ALA TD 141 -77.22 -28.56 27.59
CA TYR TD 142 -76.63 -26.04 24.80
CA THR TD 143 -73.92 -24.41 26.93
CA ILE TD 144 -72.25 -27.56 28.30
CA GLY TD 145 -72.62 -30.43 25.84
CA THR TD 146 -69.72 -30.64 23.41
CA THR TD 147 -71.61 -32.27 20.52
CA HIS TD 148 -75.23 -32.01 19.44
CA PHE TD 149 -75.63 -35.70 20.31
CA GLN TD 150 -74.21 -35.04 23.78
CA ARG TD 151 -76.43 -31.97 24.21
CA ALA TD 152 -79.43 -34.05 23.15
CA LEU TD 153 -78.58 -36.62 25.80
CA ILE TD 154 -78.18 -33.88 28.41
CA PHE TD 155 -81.46 -32.05 28.06
CA ILE TD 156 -83.59 -35.05 27.08
CA LEU TD 157 -82.38 -36.86 30.21
CA LEU TD 158 -82.88 -33.78 32.39
CA THR TD 159 -86.41 -33.30 31.05
CA ALA TD 160 -87.08 -36.99 31.69
CA VAL TD 161 -85.86 -36.98 35.30
CA ALA TD 162 -86.80 -33.54 36.67
CA PRO TD 163 -90.63 -33.72 36.41
CA SER TD 164 -90.54 -37.20 37.95
CA MET TD 165 -88.16 -35.85 40.59
CA THR TD 166 -90.40 -32.82 41.13
CA MET UD 1 -15.85 -49.96 -118.94
CA ARG UD 2 -15.07 -53.67 -118.76
CA CYS UD 3 -15.58 -54.59 -115.13
CA ILE UD 4 -19.24 -55.27 -114.36
CA GLY UD 5 -20.23 -58.12 -112.06
CA ILE UD 6 -16.78 -58.53 -110.50
CA SER UD 7 -17.43 -58.38 -106.76
CA ASN UD 8 -14.09 -56.82 -105.78
CA ARG UD 9 -14.13 -53.44 -107.52
CA ASP UD 10 -11.60 -51.19 -105.78
CA PHE UD 11 -11.60 -47.41 -106.12
CA VAL UD 12 -9.04 -44.60 -106.18
CA GLU UD 13 -11.04 -41.41 -105.51
CA GLY UD 14 -8.50 -38.75 -106.40
CA VAL UD 15 -5.01 -37.91 -107.64
CA SER UD 16 -2.15 -35.63 -106.60
CA GLY UD 17 0.52 -33.68 -108.45
CA GLY UD 18 3.05 -36.51 -108.34
CA SER UD 19 0.40 -38.92 -109.64
CA TRP UD 20 2.60 -41.87 -108.63
CA VAL UD 21 -0.36 -44.02 -107.67
CA ASP UD 22 0.63 -47.53 -106.58
CA ILE UD 23 -2.37 -49.66 -107.47
CA VAL UD 24 -3.11 -52.92 -105.71
CA LEU UD 25 -4.32 -55.74 -107.93
CA GLU UD 26 -5.51 -59.27 -107.24
CA HIS UD 27 -7.15 -62.19 -109.03
CA GLY UD 28 -10.83 -61.67 -109.76
CA SER UD 29 -10.78 -58.02 -108.68
CA CYS UD 30 -10.85 -54.89 -110.83
CA VAL UD 31 -9.57 -51.41 -110.03
CA THR UD 32 -10.82 -47.96 -111.04
CA THR UD 33 -8.49 -44.98 -111.20
CA MET UD 34 -9.86 -41.44 -111.03
CA ALA UD 35 -8.01 -38.23 -111.82
CA LYS UD 36 -9.14 -34.61 -111.81
CA ASN UD 37 -9.90 -33.68 -115.43
CA LYS UD 38 -7.83 -36.61 -116.73
CA PRO UD 39 -9.01 -39.83 -118.41
CA THR UD 40 -10.39 -42.36 -115.95
CA LEU UD 41 -8.89 -45.85 -116.18
CA ASP UD 42 -9.90 -49.41 -115.40
CA PHE UD 43 -7.11 -51.86 -114.53
CA GLU UD 44 -7.29 -55.64 -114.40
CA LEU UD 45 -5.12 -58.73 -114.68
CA ILE UD 46 -6.78 -61.02 -117.22
CA LYS UD 47 -4.38 -63.98 -117.11
CA THR UD 48 -1.47 -65.11 -114.95
CA GLU UD 49 0.96 -67.52 -116.62
CA ALA UD 50 4.46 -68.81 -115.94
CA LYS UD 51 5.78 -69.53 -119.41
CA GLN UD 52 8.48 -72.17 -119.92
CA PRO UD 53 8.15 -73.86 -116.50
CA ALA UD 54 10.92 -76.13 -115.27
CA THR UD 55 10.50 -79.88 -114.73
CA LEU UD 56 11.19 -81.29 -111.26
CA ARG UD 57 10.33 -84.99 -111.22
CA LYS UD 58 8.08 -87.29 -113.25
CA TYR UD 59 5.80 -89.90 -111.68
CA CYS UD 60 4.62 -93.12 -113.30
CA ILE UD 61 0.93 -93.97 -113.65
CA GLU UD 62 0.41 -97.06 -115.88
CA ALA UD 63 2.89 -99.92 -115.97
CA LYS UD 64 3.54 -102.20 -118.89
CA LEU UD 65 5.93 -105.04 -118.10
CA THR UD 66 7.66 -107.94 -119.83
CA ASN UD 67 10.55 -110.40 -119.68
CA THR UD 68 9.48 -111.53 -116.20
CA THR UD 69 11.53 -114.51 -115.01
CA THR UD 70 11.88 -116.68 -111.92
CA ASP UD 71 15.23 -118.35 -111.32
CA SER UD 72 16.10 -120.42 -108.29
CA ARG UD 73 18.59 -122.89 -106.85
CA CYS UD 74 18.30 -125.74 -104.39
CA PRO UD 75 18.90 -124.86 -100.72
CA THR UD 76 22.62 -124.73 -99.86
CA GLN UD 77 23.53 -123.42 -103.36
CA GLY UD 78 23.18 -119.67 -102.80
CA GLU UD 79 20.47 -117.63 -104.47
CA PRO UD 80 21.38 -117.46 -108.17
CA SER UD 81 22.78 -114.38 -109.86
CA LEU UD 82 21.23 -113.24 -113.13
CA ASN UD 83 22.26 -111.09 -116.06
CA GLU UD 84 18.71 -109.77 -115.74
CA GLU UD 85 19.11 -108.29 -112.27
CA GLN UD 86 22.36 -106.36 -112.75
CA ASP UD 87 20.71 -103.66 -114.92
CA LYS UD 88 18.63 -100.81 -113.49
CA ARG UD 89 16.26 -101.14 -116.47
CA PHE UD 90 14.52 -103.98 -114.59
CA VAL UD 91 12.83 -104.27 -111.19
CA CYS UD 92 13.65 -107.17 -108.92
CA LYS UD 93 13.58 -109.00 -105.64
CA HIS UD 94 15.01 -112.01 -103.85
CA SER UD 95 12.85 -114.19 -101.64
CA MET UD 96 12.93 -117.36 -99.55
CA VAL UD 97 10.65 -120.36 -100.11
CA ASP UD 98 10.44 -123.91 -98.74
CA ARG UD 99 11.39 -126.15 -101.64
CA GLY UD 100 10.28 -129.67 -100.72
CA TRP UD 101 11.81 -133.04 -101.48
CA GLY UD 102 9.49 -133.69 -104.42
CA ASN UD 103 10.19 -130.25 -105.83
CA GLY UD 104 12.97 -130.88 -108.31
CA CYS UD 105 15.91 -130.84 -105.91
CA GLY UD 106 15.14 -133.60 -103.45
CA LEU UD 107 16.47 -131.94 -100.33
CA PHE UD 108 13.66 -130.20 -98.48
CA GLY UD 109 14.55 -126.84 -97.02
CA LYS UD 110 14.17 -123.09 -97.40
CA GLY UD 111 16.13 -121.62 -100.29
CA GLY UD 112 16.42 -118.51 -102.42
CA ILE UD 113 14.49 -117.47 -105.52
CA VAL UD 114 15.25 -114.43 -107.66
CA THR UD 115 12.22 -113.02 -109.46
CA CYS UD 116 12.10 -110.11 -111.92
CA ALA UD 117 11.00 -108.32 -115.02
CA MET UD 118 11.32 -105.29 -117.23
CA PHE UD 119 9.45 -102.15 -116.21
CA THR UD 120 8.60 -99.46 -118.76
CA CYS UD 121 5.36 -97.57 -118.19
CA LYS UD 122 3.04 -95.74 -120.51
CA LYS UD 123 1.28 -92.77 -118.86
CA ASN UD 124 3.26 -90.51 -116.56
CA MET UD 125 2.77 -87.34 -114.58
CA LYS UD 126 4.44 -84.04 -115.38
CA GLY UD 127 5.78 -82.44 -112.21
CA LYS UD 128 6.90 -78.86 -112.57
CA VAL UD 129 8.24 -75.96 -110.50
CA VAL UD 130 7.63 -72.24 -110.97
CA GLN UD 131 10.24 -69.63 -110.01
CA PRO UD 132 9.69 -65.90 -109.37
CA GLU UD 133 11.56 -65.13 -112.61
CA ASN UD 134 9.13 -66.97 -114.86
CA LEU UD 135 6.03 -65.22 -113.48
CA GLU UD 136 4.43 -63.50 -116.48
CA TYR UD 137 1.40 -61.32 -115.81
CA THR UD 138 -1.06 -60.08 -118.44
CA ILE UD 139 -2.48 -56.67 -117.60
CA VAL UD 140 -5.56 -55.15 -119.26
CA ILE UD 141 -5.96 -51.37 -119.36
CA THR UD 142 -9.23 -49.79 -120.45
CA PRO UD 143 -10.65 -46.26 -120.79
CA HIS UD 144 -14.15 -45.26 -119.68
CA SER UD 145 -15.24 -44.34 -123.18
CA GLY UD 146 -18.53 -46.14 -122.61
CA GLU UD 147 -18.41 -48.37 -125.69
CA GLU UD 148 -21.38 -50.69 -125.87
CA HIS UD 149 -19.66 -54.10 -125.68
CA ALA UD 150 -18.13 -53.25 -122.31
CA VAL UD 151 -20.54 -54.68 -119.73
CA GLY UD 152 -19.53 -58.29 -119.17
CA ASN UD 153 -16.76 -58.17 -121.80
CA ASP UD 154 -13.09 -58.85 -121.07
CA THR UD 155 -10.96 -59.45 -124.17
CA GLY UD 156 -12.89 -57.13 -126.49
CA LYS UD 157 -10.69 -54.98 -128.74
CA HIS UD 158 -11.28 -51.70 -126.93
CA GLY UD 159 -8.30 -51.34 -124.60
CA LYS UD 160 -4.70 -52.50 -124.34
CA GLU UD 161 -3.05 -55.70 -123.16
CA ILE UD 162 0.53 -55.66 -121.86
CA LYS UD 163 2.86 -58.57 -121.10
CA ILE UD 164 4.40 -57.53 -117.79
CA THR UD 165 7.15 -59.41 -115.97
CA PRO UD 166 9.54 -58.56 -113.11
CA GLN UD 167 12.38 -59.01 -115.61
CA SER UD 168 10.94 -55.91 -117.32
CA SER UD 169 10.66 -52.55 -115.56
CA ILE UD 170 9.52 -49.78 -117.96
CA THR UD 171 7.47 -49.99 -121.14
CA GLU UD 172 5.11 -47.45 -122.67
CA ALA UD 173 1.62 -48.56 -123.72
CA GLU UD 174 -0.82 -46.75 -125.98
CA LEU UD 175 -4.50 -46.22 -125.17
CA THR UD 176 -6.13 -45.32 -128.47
CA GLY UD 177 -7.80 -41.94 -128.32
CA TYR UD 178 -6.43 -41.21 -124.85
CA GLY UD 179 -2.65 -41.19 -125.30
CA THR UD 180 0.11 -42.98 -123.40
CA VAL UD 181 0.50 -44.75 -120.07
CA THR UD 182 3.83 -46.00 -118.78
CA MET UD 183 4.10 -49.52 -117.39
CA GLU UD 184 6.82 -48.74 -114.85
CA CYS UD 185 5.30 -51.54 -112.81
CA SER UD 186 6.80 -53.63 -110.01
CA PRO UD 187 5.52 -57.21 -109.61
CA ARG UD 188 7.16 -57.70 -106.23
CA THR UD 189 4.72 -59.53 -103.99
CA GLY UD 190 4.84 -63.20 -104.86
CA LEU UD 191 3.12 -64.99 -101.98
CA ASP UD 192 5.34 -68.07 -101.69
CA PHE UD 193 6.90 -70.54 -104.12
CA ASN UD 194 9.22 -72.95 -102.27
CA GLU UD 195 6.36 -75.27 -101.25
CA MET UD 196 4.09 -75.17 -104.30
CA VAL UD 197 4.34 -77.48 -107.31
CA LEU UD 198 2.40 -77.84 -110.55
CA LEU UD 199 1.18 -81.19 -111.89
CA GLN UD 200 -0.04 -81.97 -115.41
CA MET UD 201 -1.91 -85.00 -116.79
CA GLU UD 202 -2.46 -85.01 -120.57
CA ASN UD 203 -5.19 -82.35 -120.59
CA LYS UD 204 -5.59 -81.21 -116.97
CA ALA UD 205 -3.48 -79.79 -114.15
CA TRP UD 206 -3.32 -79.29 -110.40
CA LEU UD 207 -1.39 -77.36 -107.75
CA VAL UD 208 -0.08 -79.15 -104.67
CA HIS UD 209 2.41 -78.65 -101.85
CA ARG UD 210 5.97 -79.85 -102.45
CA GLN UD 211 5.95 -82.26 -99.52
CA TRP UD 212 3.11 -84.11 -101.22
CA PHE UD 213 5.40 -84.92 -104.15
CA LEU UD 214 8.32 -85.62 -101.84
CA ASP UD 215 6.32 -88.23 -99.90
CA LEU UD 216 3.95 -89.81 -102.43
CA PRO UD 217 5.05 -93.48 -102.89
CA LEU UD 218 5.07 -93.95 -106.65
CA PRO UD 219 7.86 -94.42 -109.21
CA TRP UD 220 10.29 -91.54 -109.78
CA LEU UD 221 12.23 -89.91 -112.57
CA PRO UD 222 14.55 -86.98 -111.77
CA GLY UD 223 14.10 -84.10 -114.16
CA ALA UD 224 17.50 -84.59 -115.78
CA ASP UD 225 16.92 -88.09 -117.16
CA THR UD 226 15.44 -88.58 -120.62
CA GLN UD 227 15.68 -92.32 -121.39
CA GLY UD 228 12.97 -93.27 -118.91
CA SER UD 229 15.01 -96.31 -117.84
CA ASN UD 230 16.37 -95.42 -114.38
CA TRP UD 231 13.69 -95.28 -111.69
CA ILE UD 232 13.63 -94.85 -107.91
CA GLN UD 233 11.15 -96.50 -105.55
CA LYS UD 234 10.19 -98.53 -108.61
CA GLU UD 235 9.16 -101.50 -106.45
CA THR UD 236 6.00 -99.87 -105.06
CA LEU UD 237 3.87 -100.45 -108.17
CA VAL UD 238 4.83 -104.11 -108.52
CA THR UD 239 3.11 -106.16 -105.83
CA PHE UD 240 4.10 -109.81 -105.67
CA LYS UD 241 1.69 -112.66 -105.12
CA ASN UD 242 2.83 -114.82 -102.24
CA PRO UD 243 5.77 -116.99 -103.37
CA HIS UD 244 4.70 -120.35 -104.75
CA ALA UD 245 7.65 -122.75 -104.70
CA LYS UD 246 9.22 -121.77 -108.04
CA LYS UD 247 6.32 -119.75 -109.42
CA GLN UD 248 6.52 -116.12 -108.44
CA ASP UD 249 4.29 -114.09 -110.72
CA VAL UD 250 4.60 -110.32 -110.58
CA VAL UD 251 1.65 -107.95 -110.91
CA VAL UD 252 1.43 -104.17 -110.72
CA LEU UD 253 -1.23 -101.60 -109.84
CA GLY UD 254 -3.49 -100.71 -112.72
CA SER UD 255 -5.18 -97.47 -113.70
CA GLN UD 256 -4.17 -94.92 -111.06
CA GLU UD 257 -5.85 -92.00 -112.84
CA GLY UD 258 -9.08 -92.70 -110.98
CA ALA UD 259 -7.21 -93.01 -107.69
CA MET UD 260 -5.45 -89.73 -108.38
CA HIS UD 261 -8.70 -87.95 -109.26
CA THR UD 262 -10.59 -89.20 -106.20
CA ALA UD 263 -7.69 -88.65 -103.76
CA LEU UD 264 -6.23 -85.39 -105.06
CA THR UD 265 -9.68 -83.77 -104.96
CA GLY UD 266 -9.79 -80.84 -102.57
CA ALA UD 267 -6.48 -79.44 -103.81
CA THR UD 268 -6.29 -76.37 -106.03
CA GLU UD 269 -7.57 -77.36 -109.47
CA ILE UD 270 -6.12 -75.21 -112.26
CA GLN UD 271 -7.79 -75.05 -115.67
CA MET UD 272 -4.66 -75.48 -117.78
CA SER UD 273 -6.82 -75.83 -120.91
CA SER UD 274 -7.03 -72.03 -120.97
CA GLY UD 275 -3.47 -71.88 -119.66
CA ASN UD 276 -2.31 -71.97 -116.05
CA LEU UD 277 -4.38 -69.45 -114.08
CA LEU UD 278 -2.10 -69.06 -111.04
CA PHE UD 279 -4.34 -67.61 -108.30
CA THR UD 280 -1.47 -66.53 -106.06
CA GLY UD 281 0.18 -63.32 -104.95
CA HIS UD 282 -0.82 -59.68 -105.35
CA LEU UD 283 0.44 -57.08 -107.81
CA LYS UD 284 1.86 -53.81 -106.50
CA CYS UD 285 1.99 -51.67 -109.62
CA ARG UD 286 3.20 -48.06 -109.72
CA LEU UD 287 1.56 -45.91 -112.41
CA ARG UD 288 2.16 -42.26 -113.31
CA MET UD 289 -0.73 -40.70 -115.24
CA ASP UD 290 1.11 -37.44 -116.02
CA LYS UD 291 1.27 -38.01 -119.81
CA LEU UD 292 -2.23 -39.43 -120.45
CA GLN UD 293 -4.29 -37.08 -122.59
CA LEU UD 294 -8.09 -36.78 -122.69
CA LYS UD 295 -9.86 -36.33 -126.04
CA GLY UD 296 -13.07 -34.36 -125.69
CA MET UD 297 -12.95 -32.00 -122.73
CA SER UD 298 -12.79 -29.23 -125.34
CA TYR UD 299 -15.84 -30.44 -127.25
CA SER UD 300 -18.99 -28.33 -127.42
CA MET UD 301 -22.09 -28.91 -125.34
CA CYS UD 302 -24.75 -31.41 -126.43
CA THR UD 303 -27.99 -29.68 -127.44
CA GLY UD 304 -30.06 -32.29 -129.30
CA LYS UD 305 -32.56 -35.02 -128.53
CA PHE UD 306 -31.84 -37.39 -125.66
CA LYS UD 307 -33.24 -40.87 -125.10
CA VAL UD 308 -32.60 -43.90 -122.87
CA VAL UD 309 -32.52 -47.45 -124.23
CA LYS UD 310 -32.04 -49.62 -121.13
CA GLU UD 311 -32.37 -48.69 -117.47
CA ILE UD 312 -29.81 -49.42 -114.73
CA ALA UD 313 -28.38 -52.90 -114.55
CA GLU UD 314 -27.89 -52.70 -110.79
CA THR UD 315 -24.32 -53.53 -109.76
CA GLN UD 316 -22.85 -54.98 -106.59
CA HIS UD 317 -21.91 -51.40 -105.60
CA GLY UD 318 -25.23 -49.92 -106.73
CA THR UD 319 -23.43 -47.97 -109.44
CA ILE UD 320 -25.60 -46.53 -112.22
CA VAL UD 321 -24.57 -47.89 -115.62
CA ILE UD 322 -26.75 -46.02 -118.10
CA ARG UD 323 -26.65 -47.39 -121.66
CA VAL UD 324 -28.07 -44.37 -123.43
CA GLN UD 325 -28.47 -43.32 -127.08
CA TYR UD 326 -28.44 -39.68 -128.26
CA GLU UD 327 -30.24 -39.25 -131.57
CA GLY UD 328 -29.44 -35.55 -131.42
CA ASP UD 329 -26.91 -34.08 -133.81
CA GLY UD 330 -23.77 -32.06 -133.02
CA SER UD 331 -21.61 -34.97 -131.85
CA PRO UD 332 -18.92 -34.95 -130.55
CA CYS UD 333 -20.26 -32.96 -127.59
CA LYS UD 334 -20.21 -32.93 -123.80
CA ILE UD 335 -23.18 -34.51 -122.05
CA PRO UD 336 -25.32 -32.86 -119.34
CA PHE UD 337 -24.85 -35.13 -116.34
CA GLU UD 338 -26.29 -34.09 -112.96
CA ILE UD 339 -27.21 -36.13 -109.89
CA MET UD 340 -29.52 -34.07 -107.71
CA ASP UD 341 -31.66 -34.37 -104.59
CA LEU UD 342 -35.41 -34.83 -104.19
CA GLU UD 343 -36.16 -31.11 -104.04
CA LYS UD 344 -33.42 -30.45 -106.63
CA ARG UD 345 -31.50 -27.87 -104.59
CA HIS UD 346 -27.82 -28.90 -104.87
CA VAL UD 347 -25.80 -31.62 -106.57
CA LEU UD 348 -23.99 -34.22 -104.47
CA GLY UD 349 -23.20 -37.08 -106.88
CA ARG UD 350 -19.92 -38.40 -108.27
CA LEU UD 351 -19.80 -39.26 -111.96
CA ILE UD 352 -17.14 -41.79 -112.91
CA THR UD 353 -16.46 -41.35 -116.62
CA VAL UD 354 -15.23 -37.77 -116.68
CA ASN UD 355 -16.27 -35.88 -119.81
CA PRO UD 356 -19.04 -38.25 -120.92
CA ILE UD 357 -18.92 -37.85 -124.68
CA VAL UD 358 -20.75 -39.35 -127.63
CA THR UD 359 -18.25 -40.00 -130.40
CA GLU UD 360 -20.81 -40.49 -133.17
CA LYS UD 361 -24.53 -40.30 -133.86
CA ASP UD 362 -26.79 -43.36 -133.79
CA SER UD 363 -24.51 -45.04 -131.26
CA PRO UD 364 -25.17 -46.06 -127.65
CA VAL UD 365 -22.81 -44.95 -124.89
CA ASN UD 366 -22.40 -46.61 -121.49
CA ILE UD 367 -21.93 -43.90 -118.87
CA GLU UD 368 -20.65 -45.08 -115.48
CA ALA UD 369 -21.56 -43.13 -112.36
CA GLU UD 370 -22.03 -43.44 -108.59
CA PRO UD 371 -25.00 -41.52 -107.14
CA PRO UD 372 -25.46 -40.54 -103.49
CA PHE UD 373 -27.25 -42.74 -100.96
CA GLY UD 374 -31.01 -42.90 -100.65
CA ASP UD 375 -33.37 -41.55 -103.28
CA SER UD 376 -32.26 -39.08 -105.92
CA TYR UD 377 -32.84 -37.82 -109.47
CA ILE UD 378 -30.58 -38.33 -112.50
CA ILE UD 379 -30.69 -35.40 -114.91
CA ILE UD 380 -29.60 -36.06 -118.49
CA GLY UD 381 -29.93 -33.51 -121.26
CA VAL UD 382 -31.27 -29.97 -121.17
CA GLU UD 383 -34.75 -28.52 -121.53
CA PRO UD 384 -36.61 -28.90 -123.91
CA GLY UD 385 -36.43 -32.69 -123.87
CA GLN UD 386 -34.84 -32.63 -120.42
CA LEU UD 387 -34.65 -36.22 -119.16
CA LYS UD 388 -35.16 -37.17 -115.49
CA LEU UD 389 -34.74 -40.64 -113.98
CA ASN UD 390 -35.69 -41.30 -110.37
CA TRP UD 391 -33.48 -43.85 -108.62
CA PHE UD 392 -32.78 -45.11 -105.11
CA LYS UD 393 -29.59 -46.70 -103.74
CA LYS UD 394 -30.03 -48.78 -100.59
CA GLY UD 395 -26.62 -48.21 -99.00
CA SER UD 396 -26.15 -46.23 -95.81
CA SER UD 397 -23.90 -43.18 -95.71
CA ILE UD 398 -21.73 -44.02 -92.70
CA GLY UD 399 -21.84 -47.66 -93.78
CA GLN UD 400 -20.36 -47.23 -97.25
CA MET UD 401 -18.01 -44.70 -95.65
CA ILE UD 402 -16.62 -47.32 -93.27
CA GLU UD 403 -16.36 -50.10 -95.85
CA THR UD 404 -14.66 -47.84 -98.42
CA THR UD 405 -12.18 -46.61 -95.81
CA MET UD 406 -11.62 -50.27 -94.95
CA ARG UD 407 -10.94 -51.14 -98.60
CA GLY UD 408 -8.38 -48.34 -98.62
CA ALA UD 409 -6.93 -49.62 -95.36
CA LYS UD 410 -6.53 -53.12 -96.83
CA ARG UD 411 -4.99 -51.70 -100.00
CA MET UD 412 -2.41 -49.87 -97.89
CA ALA UD 413 -1.99 -53.01 -95.76
CA ILE UD 414 -0.79 -55.03 -98.74
CA LEU UD 415 0.76 -51.83 -100.12
CA GLY UD 416 2.49 -51.55 -96.76
CA ASP UD 417 5.96 -52.55 -95.62
CA THR UD 418 8.67 -51.56 -98.16
CA ALA UD 419 5.95 -50.23 -100.53
CA TRP UD 420 5.05 -46.63 -99.66
CA ASP UD 421 7.82 -44.20 -100.56
CA PHE UD 422 9.65 -43.70 -97.27
CA GLY UD 423 13.19 -43.53 -98.68
CA SER UD 424 12.64 -40.48 -100.88
CA LEU UD 425 13.51 -37.50 -98.70
CA GLY UD 426 11.24 -34.54 -99.38
CA GLY UD 427 8.87 -36.98 -101.03
CA VAL UD 428 8.32 -38.58 -97.62
CA PHE UD 429 5.91 -35.74 -96.92
CA THR UD 430 4.05 -36.53 -100.15
CA SER UD 431 4.04 -40.25 -99.35
CA ILE UD 432 2.46 -39.68 -95.95
CA GLY UD 433 0.05 -37.29 -97.63
CA LYS UD 434 -1.00 -39.91 -100.15
CA ALA UD 435 -1.32 -42.49 -97.37
CA LEU UD 436 -3.60 -40.20 -95.36
CA HIS UD 437 -5.53 -39.70 -98.58
CA GLN UD 438 -5.91 -43.39 -99.43
CA VAL UD 439 -7.19 -44.02 -95.88
CA PHE UD 440 -9.08 -40.92 -94.65
CA GLY UD 441 -9.79 -39.01 -97.88
CA ALA UD 442 -13.15 -40.66 -98.31
CA ILE UD 443 -14.04 -39.15 -94.93
CA TYR UD 444 -12.49 -35.86 -96.06
CA GLY UD 445 -14.26 -35.47 -99.39
CA ALA UD 446 -17.61 -37.20 -98.83
CA ALA UD 447 -18.41 -36.32 -95.21
CA PHE UD 448 -16.57 -33.05 -94.54
CA SER UD 449 -18.49 -30.75 -96.90
CA GLY UD 450 -17.34 -32.09 -100.29
CA VAL UD 451 -15.51 -29.67 -100.20
CA SER UD 452 -14.84 -26.00 -100.99
CA TRP UD 453 -11.34 -26.31 -99.64
CA ILE UD 454 -10.51 -22.76 -98.49
CA MET UD 455 -13.29 -22.44 -95.94
CA LYS UD 456 -12.79 -25.97 -94.63
CA ILE UD 457 -9.07 -25.45 -94.07
CA LEU UD 458 -10.04 -22.28 -92.19
CA ILE UD 459 -12.37 -24.40 -90.05
CA GLY UD 460 -9.61 -26.98 -89.69
CA VAL UD 461 -7.09 -24.50 -88.32
CA ILE UD 462 -9.82 -23.27 -85.96
CA ILE UD 463 -10.31 -26.85 -84.77
CA THR UD 464 -6.56 -27.25 -84.36
CA TRP UD 465 -6.31 -24.12 -82.22
CA ILE UD 466 -9.24 -25.24 -80.05
CA GLY UD 467 -7.70 -28.70 -79.63
CA MET UD 468 -4.33 -27.25 -78.67
CA ASN UD 469 -6.00 -24.79 -76.29
CA SER UD 470 -8.27 -27.43 -74.73
CA ARG UD 471 -9.06 -28.42 -71.15
CA SER UD 472 -7.89 -32.04 -71.53
CA THR UD 473 -4.76 -33.50 -73.12
CA SER UD 474 -6.53 -36.60 -74.46
CA LEU UD 475 -8.99 -34.41 -76.37
CA SER UD 476 -6.09 -32.26 -77.58
CA VAL UD 477 -4.26 -35.28 -78.99
CA SER UD 478 -7.52 -36.57 -80.52
CA LEU UD 479 -8.50 -33.26 -82.18
CA VAL UD 480 -5.26 -31.61 -83.30
CA LEU UD 481 -4.37 -34.81 -85.16
CA VAL UD 482 -7.64 -34.59 -87.08
CA GLY UD 483 -7.02 -30.90 -87.72
CA VAL UD 484 -3.50 -31.34 -89.11
CA VAL UD 485 -4.69 -34.27 -91.23
CA THR UD 486 -7.47 -32.03 -92.55
CA LEU UD 487 -5.09 -29.20 -93.42
CA TYR UD 488 -2.36 -31.24 -95.08
CA LEU UD 489 -4.73 -33.64 -96.83
CA GLY UD 490 -6.66 -30.64 -98.15
CA VAL UD 491 -3.46 -29.18 -99.55
CA MET UD 492 -2.88 -32.56 -101.20
CA VAL UD 493 -6.45 -32.77 -102.54
CA GLN UD 494 -6.14 -29.31 -104.11
CA ALA UD 495 -3.32 -30.91 -106.12
CA MET VD 1 12.82 -125.99 -36.35
CA ARG VD 2 12.75 -125.86 -40.14
CA CYS VD 3 13.39 -122.11 -40.47
CA ILE VD 4 17.20 -122.31 -40.48
CA GLY VD 5 18.31 -120.68 -43.69
CA ILE VD 6 14.88 -119.09 -44.18
CA SER VD 7 15.52 -115.36 -44.61
CA ASN VD 8 12.11 -113.92 -43.65
CA ARG VD 9 11.42 -114.81 -40.03
CA ASP VD 10 9.40 -113.23 -37.22
CA PHE VD 11 9.61 -114.20 -33.55
CA VAL VD 12 6.06 -113.33 -32.54
CA GLU VD 13 5.71 -113.88 -28.77
CA GLY VD 14 2.25 -113.45 -27.31
CA VAL VD 15 -1.42 -114.38 -27.30
CA SER VD 16 -4.22 -112.18 -28.60
CA GLY VD 17 -7.46 -111.31 -26.83
CA GLY VD 18 -9.14 -114.63 -27.54
CA SER VD 19 -5.87 -116.47 -26.93
CA TRP VD 20 -5.38 -116.94 -30.67
CA VAL VD 21 -2.20 -116.20 -32.57
CA ASP VD 22 -2.48 -113.89 -35.58
CA ILE VD 23 -0.22 -115.66 -38.08
CA VAL VD 24 1.18 -113.66 -40.95
CA LEU VD 25 2.01 -116.36 -43.49
CA GLU VD 26 3.84 -115.80 -46.78
CA HIS VD 27 5.47 -118.25 -49.18
CA GLY VD 28 9.13 -118.61 -48.28
CA SER VD 29 8.72 -117.15 -44.79
CA CYS VD 30 8.70 -118.33 -41.19
CA VAL VD 31 6.60 -117.86 -38.08
CA THR VD 32 7.52 -118.86 -34.52
CA THR VD 33 5.03 -118.54 -31.68
CA MET VD 34 6.03 -118.16 -28.05
CA ALA VD 35 4.43 -117.56 -24.66
CA LYS VD 36 5.17 -118.34 -21.02
CA ASN VD 37 3.53 -121.49 -19.68
CA LYS VD 38 3.05 -122.32 -23.36
CA PRO VD 39 5.40 -124.49 -25.49
CA THR VD 40 6.93 -122.75 -28.48
CA LEU VD 41 5.71 -123.71 -31.95
CA ASP VD 42 6.86 -123.18 -35.54
CA PHE VD 43 4.24 -122.22 -38.14
CA GLU VD 44 4.98 -122.65 -41.85
CA LEU VD 45 3.35 -123.11 -45.25
CA ILE VD 46 4.71 -125.66 -47.71
CA LYS VD 47 2.21 -126.06 -50.56
CA THR VD 48 -0.51 -124.05 -52.28
CA GLU VD 49 -3.03 -125.53 -54.69
CA ALA VD 50 -6.31 -124.67 -56.42
CA LYS VD 51 -8.87 -127.43 -56.96
CA GLN VD 52 -12.14 -127.49 -58.91
CA PRO VD 53 -11.15 -124.56 -61.15
CA ALA VD 54 -13.65 -122.85 -63.42
CA THR VD 55 -13.10 -122.80 -67.18
CA LEU VD 56 -13.34 -119.13 -68.13
CA ARG VD 57 -12.88 -119.79 -71.84
CA LYS VD 58 -11.58 -122.74 -73.85
CA TYR VD 59 -9.10 -122.08 -76.67
CA CYS VD 60 -8.58 -124.74 -79.34
CA ILE VD 61 -5.23 -124.17 -80.97
CA GLU VD 62 -4.82 -126.63 -83.85
CA ALA VD 63 -7.59 -126.51 -86.43
CA LYS VD 64 -8.47 -129.20 -88.95
CA LEU VD 65 -10.67 -128.25 -91.89
CA THR VD 66 -13.17 -130.46 -93.73
CA ASN VD 67 -16.08 -130.56 -96.17
CA THR VD 68 -15.13 -127.22 -97.67
CA THR VD 69 -17.58 -125.88 -100.24
CA THR VD 70 -17.20 -123.07 -102.75
CA ASP VD 71 -19.59 -121.69 -105.33
CA SER VD 72 -20.02 -118.58 -107.45
CA ARG VD 73 -22.60 -116.82 -109.56
CA CYS VD 74 -22.01 -114.45 -112.46
CA PRO VD 75 -22.79 -110.73 -112.12
CA THR VD 76 -26.54 -109.96 -112.08
CA GLN VD 77 -27.36 -113.70 -111.94
CA GLY VD 78 -27.67 -113.62 -108.15
CA GLU VD 79 -25.86 -114.13 -104.87
CA PRO VD 80 -25.70 -117.84 -103.94
CA SER VD 81 -26.95 -118.96 -100.54
CA LEU VD 82 -26.29 -122.43 -99.15
CA ASN VD 83 -27.80 -124.35 -96.27
CA GLU VD 84 -24.21 -125.00 -95.18
CA GLU VD 85 -24.02 -121.29 -94.32
CA GLN VD 86 -26.99 -121.40 -91.95
CA ASP VD 87 -25.39 -124.06 -89.74
CA LYS VD 88 -22.93 -122.11 -87.60
CA ARG VD 89 -20.45 -125.01 -87.37
CA PHE VD 90 -18.78 -123.75 -90.58
CA VAL VD 91 -16.65 -120.66 -91.10
CA CYS VD 92 -17.94 -118.81 -94.16
CA LYS VD 93 -16.95 -115.88 -96.35
CA HIS VD 94 -18.48 -114.00 -99.27
CA SER VD 95 -16.38 -112.46 -102.02
CA MET VD 96 -16.28 -110.82 -105.45
CA VAL VD 97 -14.48 -112.08 -108.57
CA ASP VD 98 -14.33 -110.96 -112.18
CA ARG VD 99 -16.08 -113.03 -114.85
CA GLY VD 100 -16.30 -112.45 -118.59
CA TRP VD 101 -18.10 -113.34 -121.79
CA GLY VD 102 -15.16 -115.43 -122.98
CA ASN VD 103 -14.41 -116.55 -119.41
CA GLY VD 104 -17.04 -119.26 -119.25
CA CYS VD 105 -19.95 -116.88 -118.65
CA GLY VD 106 -22.03 -114.15 -120.26
CA LEU VD 107 -20.49 -110.74 -119.61
CA PHE VD 108 -17.67 -108.76 -118.02
CA GLY VD 109 -18.24 -107.93 -114.37
CA LYS VD 110 -17.84 -108.83 -110.73
CA GLY VD 111 -19.88 -111.91 -109.84
CA GLY VD 112 -20.33 -113.15 -106.31
CA ILE VD 113 -18.74 -116.06 -104.48
CA VAL VD 114 -19.56 -117.89 -101.27
CA THR VD 115 -16.99 -120.28 -99.82
CA CYS VD 116 -17.14 -121.99 -96.47
CA ALA VD 117 -16.03 -125.06 -94.59
CA MET VD 118 -16.23 -127.01 -91.36
CA PHE VD 119 -13.84 -126.09 -88.53
CA THR VD 120 -12.85 -129.03 -86.35
CA CYS VD 121 -9.99 -128.62 -83.89
CA LYS VD 122 -8.08 -131.34 -82.09
CA LYS VD 123 -5.51 -129.88 -79.71
CA ASN VD 124 -6.76 -127.27 -77.28
CA MET VD 125 -5.67 -125.09 -74.38
CA LYS VD 126 -7.32 -124.91 -71.01
CA GLY VD 127 -7.70 -121.42 -69.50
CA LYS VD 128 -9.14 -121.20 -66.00
CA VAL VD 129 -9.71 -118.52 -63.36
CA VAL VD 130 -9.17 -119.20 -59.65
CA GLN VD 131 -11.52 -117.68 -57.09
CA PRO VD 132 -10.50 -117.06 -53.47
CA GLU VD 133 -12.98 -119.72 -52.33
CA ASN VD 134 -11.51 -122.56 -54.39
CA LEU VD 135 -8.00 -122.21 -52.93
CA GLU VD 136 -6.49 -124.66 -50.46
CA TYR VD 137 -3.45 -123.84 -48.31
CA THR VD 138 -1.01 -126.36 -46.82
CA ILE VD 139 0.07 -125.22 -43.37
CA VAL VD 140 2.54 -127.25 -41.32
CA ILE VD 141 3.10 -127.06 -37.56
CA THR VD 142 6.38 -128.12 -35.94
CA PRO VD 143 7.37 -128.43 -32.26
CA HIS VD 144 10.58 -127.01 -30.83
CA SER VD 145 11.66 -130.15 -29.01
CA GLY VD 146 15.19 -130.41 -30.40
CA GLU VD 147 14.75 -133.89 -31.85
CA GLU VD 148 17.35 -134.92 -34.42
CA HIS VD 149 14.90 -135.02 -37.33
CA ALA VD 150 13.28 -131.87 -35.85
CA VAL VD 151 16.00 -129.53 -37.18
CA GLY VD 152 16.17 -128.27 -40.75
CA ASN VD 153 14.32 -131.31 -42.10
CA ASP VD 154 11.76 -131.12 -44.89
CA THR VD 155 10.29 -134.62 -44.38
CA GLY VD 156 10.47 -135.18 -40.62
CA LYS VD 157 7.83 -137.10 -38.73
CA HIS VD 158 7.79 -134.40 -36.03
CA GLY VD 159 5.85 -131.96 -38.21
CA LYS VD 160 2.14 -132.19 -38.90
CA GLU VD 161 0.66 -130.89 -42.15
CA ILE VD 162 -2.93 -129.63 -42.45
CA LYS VD 163 -4.94 -128.15 -45.30
CA ILE VD 164 -7.06 -125.01 -44.93
CA THR VD 165 -10.13 -124.18 -47.04
CA PRO VD 166 -12.98 -121.71 -46.32
CA GLN VD 167 -15.64 -124.43 -46.64
CA SER VD 168 -14.31 -125.98 -43.41
CA SER VD 169 -13.11 -122.97 -41.41
CA ILE VD 170 -13.40 -124.19 -37.81
CA THR VD 171 -11.15 -127.27 -37.86
CA GLU VD 172 -9.10 -129.03 -35.19
CA ALA VD 173 -5.56 -130.31 -35.77
CA GLU VD 174 -3.54 -132.53 -33.45
CA LEU VD 175 0.12 -132.27 -32.45
CA THR VD 176 1.77 -135.28 -30.82
CA GLY VD 177 1.93 -135.02 -27.04
CA TYR VD 178 0.90 -131.38 -26.87
CA GLY VD 179 -2.67 -132.03 -28.04
CA THR VD 180 -5.36 -130.10 -29.87
CA VAL VD 181 -4.89 -126.78 -31.70
CA THR VD 182 -7.49 -124.90 -33.74
CA MET VD 183 -7.41 -124.04 -37.44
CA GLU VD 184 -9.60 -121.06 -38.45
CA CYS VD 185 -8.98 -118.29 -41.00
CA SER VD 186 -9.96 -116.54 -44.23
CA PRO VD 187 -6.64 -115.51 -45.89
CA ARG VD 188 -8.28 -113.13 -48.38
CA THR VD 189 -6.35 -110.04 -47.17
CA GLY VD 190 -3.82 -110.56 -49.98
CA LEU VD 191 -3.54 -109.25 -53.52
CA ASP VD 192 -6.59 -109.18 -55.76
CA PHE VD 193 -7.17 -112.44 -57.64
CA ASN VD 194 -9.60 -111.36 -60.37
CA GLU VD 195 -6.73 -109.87 -62.41
CA MET VD 196 -5.02 -113.22 -63.15
CA VAL VD 197 -5.89 -116.34 -65.14
CA LEU VD 198 -3.92 -119.58 -65.56
CA LEU VD 199 -3.40 -121.37 -68.87
CA GLN VD 200 -2.41 -125.01 -69.01
CA MET VD 201 -1.27 -127.17 -71.91
CA GLU VD 202 -0.91 -130.92 -71.27
CA ASN VD 203 1.36 -130.36 -68.27
CA LYS VD 204 2.91 -126.89 -68.37
CA ALA VD 205 1.02 -123.85 -67.14
CA TRP VD 206 1.35 -120.08 -67.31
CA LEU VD 207 0.02 -117.24 -65.18
CA VAL VD 208 -1.23 -114.32 -67.29
CA HIS VD 209 -3.64 -111.39 -67.21
CA ARG VD 210 -7.34 -111.78 -67.94
CA GLN VD 211 -7.51 -109.18 -70.71
CA TRP VD 212 -4.43 -110.70 -72.33
CA PHE VD 213 -5.98 -114.15 -71.92
CA LEU VD 214 -8.99 -112.91 -73.89
CA ASP VD 215 -7.03 -110.82 -76.42
CA LEU VD 216 -5.20 -113.70 -78.14
CA PRO VD 217 -7.00 -113.88 -81.52
CA LEU VD 218 -8.04 -117.53 -81.75
CA PRO VD 219 -11.30 -119.52 -81.56
CA TRP VD 220 -13.36 -119.28 -78.36
CA LEU VD 221 -15.77 -121.36 -76.30
CA PRO VD 222 -17.77 -120.05 -73.31
CA GLY VD 223 -17.13 -121.81 -70.02
CA ALA VD 224 -20.30 -123.87 -70.07
CA ASP VD 225 -19.71 -124.47 -73.79
CA THR VD 226 -18.50 -128.01 -74.47
CA GLN VD 227 -20.27 -129.04 -77.69
CA GLY VD 228 -17.90 -127.42 -80.17
CA SER VD 229 -20.78 -126.09 -82.27
CA ASN VD 230 -20.27 -122.42 -81.39
CA TRP VD 231 -17.04 -120.69 -82.37
CA ILE VD 232 -16.14 -117.00 -82.20
CA GLN VD 233 -13.53 -115.25 -84.34
CA LYS VD 234 -13.02 -118.56 -86.13
CA GLU VD 235 -11.76 -116.75 -89.24
CA THR VD 236 -8.12 -116.33 -88.19
CA LEU VD 237 -7.20 -120.02 -88.11
CA VAL VD 238 -8.69 -120.42 -91.61
CA THR VD 239 -6.91 -118.23 -94.14
CA PHE VD 240 -8.74 -117.68 -97.41
CA LYS VD 241 -6.26 -117.26 -100.25
CA ASN VD 242 -6.88 -114.54 -102.80
CA PRO VD 243 -10.19 -114.64 -104.70
CA HIS VD 244 -9.62 -116.66 -107.83
CA ALA VD 245 -12.07 -117.74 -110.55
CA LYS VD 246 -14.72 -119.97 -108.94
CA LYS VD 247 -12.30 -121.15 -106.24
CA GLN VD 248 -11.27 -119.98 -102.82
CA ASP VD 249 -8.45 -122.33 -101.90
CA VAL VD 250 -8.93 -122.59 -98.14
CA VAL VD 251 -5.61 -122.79 -96.28
CA VAL VD 252 -5.59 -124.24 -92.78
CA LEU VD 253 -3.33 -122.26 -90.49
CA GLY VD 254 -0.70 -124.37 -88.81
CA SER VD 255 -0.68 -125.32 -85.16
CA GLN VD 256 0.40 -122.30 -83.15
CA GLU VD 257 1.47 -124.54 -80.26
CA GLY VD 258 5.09 -123.91 -81.16
CA ALA VD 259 4.28 -120.21 -81.41
CA MET VD 260 2.67 -120.29 -77.97
CA HIS VD 261 5.75 -121.98 -76.51
CA THR VD 262 7.78 -119.22 -78.17
CA ALA VD 263 5.63 -116.40 -76.78
CA LEU VD 264 4.40 -117.53 -73.35
CA THR VD 265 7.98 -118.40 -72.38
CA GLY VD 266 9.33 -115.43 -70.46
CA ALA VD 267 6.04 -115.06 -68.62
CA THR VD 268 5.34 -116.60 -65.21
CA GLU VD 269 5.84 -120.34 -65.58
CA ILE VD 270 4.00 -122.89 -63.41
CA GLN VD 271 4.08 -126.66 -63.04
CA MET VD 272 0.91 -128.31 -61.75
CA SER VD 273 2.90 -130.94 -59.81
CA SER VD 274 4.11 -128.29 -57.35
CA GLY VD 275 0.68 -126.65 -57.18
CA ASN VD 276 0.02 -123.01 -58.01
CA LEU VD 277 2.76 -120.68 -56.71
CA LEU VD 278 0.48 -117.76 -55.85
CA PHE VD 279 3.04 -116.44 -53.38
CA THR VD 280 1.62 -112.95 -53.91
CA GLY VD 281 -0.76 -111.95 -51.14
CA HIS VD 282 -0.31 -112.15 -47.38
CA LEU VD 283 -2.18 -114.86 -45.47
CA LYS VD 284 -3.61 -113.57 -42.19
CA CYS VD 285 -4.84 -116.41 -40.00
CA ARG VD 286 -6.38 -116.91 -36.58
CA LEU VD 287 -5.22 -119.89 -34.54
CA ARG VD 288 -6.34 -120.63 -30.96
CA MET VD 289 -3.91 -122.09 -28.42
CA ASP VD 290 -6.04 -122.51 -25.29
CA LYS VD 291 -6.31 -126.30 -25.65
CA LEU VD 292 -2.53 -126.97 -25.30
CA GLN VD 293 -0.43 -127.40 -22.18
CA LEU VD 294 3.18 -128.27 -21.39
CA LYS VD 295 4.01 -131.88 -22.24
CA GLY VD 296 6.86 -133.42 -20.28
CA MET VD 297 6.76 -130.79 -17.52
CA SER VD 298 6.10 -133.49 -14.93
CA TYR VD 299 9.53 -134.98 -15.65
CA SER VD 300 12.01 -134.00 -12.95
CA MET VD 301 15.20 -132.09 -13.59
CA CYS VD 302 18.28 -134.32 -13.79
CA THR VD 303 21.50 -133.33 -12.05
CA GLY VD 304 23.86 -135.34 -14.24
CA LYS VD 305 26.42 -133.92 -16.67
CA PHE VD 306 25.93 -132.19 -20.02
CA LYS VD 307 28.06 -132.36 -23.15
CA VAL VD 308 28.10 -130.40 -26.42
CA VAL VD 309 28.25 -132.19 -29.77
CA LYS VD 310 28.22 -129.43 -32.40
CA GLU VD 311 29.82 -126.04 -31.95
CA ILE VD 312 27.81 -122.83 -31.51
CA ALA VD 313 26.14 -122.51 -34.91
CA GLU VD 314 25.00 -119.14 -36.24
CA THR VD 315 21.75 -118.49 -38.12
CA GLN VD 316 20.68 -115.42 -40.12
CA HIS VD 317 18.71 -113.93 -37.19
CA GLY VD 318 21.09 -113.70 -34.22
CA THR VD 319 20.17 -117.05 -32.68
CA ILE VD 320 22.33 -119.91 -31.42
CA VAL VD 321 21.94 -123.69 -31.72
CA ILE VD 322 23.40 -126.07 -29.14
CA ARG VD 323 23.35 -129.86 -29.42
CA VAL VD 324 23.44 -130.74 -25.73
CA GLN VD 325 24.28 -134.38 -25.01
CA TYR VD 326 23.66 -136.08 -21.66
CA GLU VD 327 26.37 -138.58 -20.80
CA GLY VD 328 24.98 -139.03 -17.29
CA ASP VD 329 21.96 -141.10 -16.21
CA GLY VD 330 18.37 -140.38 -15.24
CA SER VD 331 16.78 -139.69 -18.61
CA PRO VD 332 14.26 -138.37 -19.54
CA CYS VD 333 14.59 -135.07 -17.64
CA LYS VD 334 13.64 -131.39 -17.64
CA ILE VD 335 16.57 -129.51 -19.17
CA PRO VD 336 18.16 -126.82 -16.97
CA PHE VD 337 19.05 -124.10 -19.50
CA GLU VD 338 19.90 -120.64 -18.23
CA ILE VD 339 21.67 -117.38 -19.05
CA MET VD 340 23.95 -115.15 -17.04
CA ASP VD 341 25.70 -111.85 -17.63
CA LEU VD 342 29.31 -110.92 -16.89
CA GLU VD 343 28.50 -110.45 -13.20
CA LYS VD 344 27.03 -113.99 -13.15
CA ARG VD 345 23.91 -112.53 -11.51
CA HIS VD 346 21.06 -111.64 -13.88
CA VAL VD 347 18.99 -113.74 -16.29
CA LEU VD 348 18.97 -111.43 -19.32
CA GLY VD 349 19.04 -113.64 -22.42
CA ARG VD 350 15.87 -114.83 -24.14
CA LEU VD 351 15.23 -118.55 -24.53
CA ILE VD 352 13.34 -120.17 -27.43
CA THR VD 353 12.40 -123.66 -26.27
CA VAL VD 354 10.86 -123.69 -22.81
CA ASN VD 355 11.42 -126.76 -20.58
CA PRO VD 356 13.37 -128.84 -23.12
CA ILE VD 357 13.50 -132.55 -22.36
CA VAL VD 358 15.73 -135.45 -23.40
CA THR VD 359 14.06 -138.43 -25.04
CA GLU VD 360 16.90 -140.76 -24.07
CA LYS VD 361 20.54 -140.59 -23.05
CA ASP VD 362 23.07 -140.41 -25.90
CA SER VD 363 20.39 -138.63 -28.01
CA PRO VD 364 21.24 -134.91 -27.75
CA VAL VD 365 18.69 -132.11 -27.84
CA ASN VD 366 18.93 -129.08 -30.11
CA ILE VD 367 18.41 -126.24 -27.65
CA GLU VD 368 17.85 -122.88 -29.33
CA ALA VD 369 18.57 -119.52 -27.71
CA GLU VD 370 18.58 -115.79 -28.46
CA PRO VD 371 20.95 -113.86 -26.18
CA PRO VD 372 21.39 -110.12 -26.73
CA PHE VD 373 24.13 -108.90 -29.05
CA GLY VD 374 27.08 -108.89 -26.69
CA ASP VD 375 29.01 -111.05 -24.25
CA SER VD 376 27.15 -113.51 -22.03
CA TYR VD 377 27.42 -117.00 -20.55
CA ILE VD 378 25.08 -119.75 -21.70
CA ILE VD 379 24.97 -121.87 -18.54
CA ILE VD 380 24.28 -125.48 -19.46
CA GLY VD 381 23.66 -127.74 -16.49
CA VAL VD 382 24.01 -126.85 -12.83
CA GLU VD 383 27.00 -126.90 -10.53
CA PRO VD 384 29.07 -128.90 -9.68
CA GLY VD 385 30.39 -129.44 -13.20
CA GLN VD 386 28.29 -126.67 -14.76
CA LEU VD 387 29.24 -125.37 -18.22
CA LYS VD 388 29.26 -121.56 -18.47
CA LEU VD 389 29.94 -121.46 -22.19
CA ASN VD 390 30.99 -117.91 -23.03
CA TRP VD 391 29.45 -116.37 -26.13
CA PHE VD 392 29.96 -113.03 -27.86
CA LYS VD 393 27.07 -112.17 -30.18
CA LYS VD 394 27.68 -109.53 -32.83
CA GLY VD 395 25.36 -106.62 -33.53
CA SER VD 396 23.89 -103.61 -31.77
CA SER VD 397 21.02 -103.85 -29.30
CA ILE VD 398 19.52 -100.79 -30.98
CA GLY VD 399 19.94 -102.79 -34.19
CA GLN VD 400 17.45 -105.46 -33.18
CA MET VD 401 15.41 -102.75 -31.44
CA ILE VD 402 14.76 -100.84 -34.67
CA GLU VD 403 14.56 -103.99 -36.79
CA THR VD 404 11.98 -105.85 -34.71
CA THR VD 405 9.93 -102.74 -33.95
CA MET VD 406 9.83 -101.76 -37.63
CA ARG VD 407 8.99 -105.30 -38.77
CA GLY VD 408 6.14 -105.61 -36.28
CA ALA VD 409 4.94 -102.14 -37.22
CA LYS VD 410 4.78 -103.00 -40.94
CA ARG VD 411 3.21 -106.35 -40.05
CA MET VD 412 0.40 -104.60 -38.18
CA ALA VD 413 0.26 -101.82 -40.83
CA ILE VD 414 -0.40 -104.04 -43.84
CA LEU VD 415 -2.82 -105.67 -41.40
CA GLY VD 416 -3.92 -102.20 -40.32
CA ASP VD 417 -7.07 -100.39 -41.41
CA THR VD 418 -10.13 -102.69 -41.56
CA ALA VD 419 -7.95 -105.55 -40.20
CA TRP VD 420 -7.33 -105.20 -36.45
CA ASP VD 421 -10.46 -105.53 -34.34
CA PHE VD 422 -11.38 -101.97 -33.30
CA GLY VD 423 -15.18 -102.21 -33.45
CA SER VD 424 -15.65 -104.48 -30.43
CA LEU VD 425 -16.49 -102.30 -27.44
CA GLY VD 426 -14.67 -103.49 -24.33
CA GLY VD 427 -12.41 -105.47 -26.65
CA VAL VD 428 -11.02 -102.13 -27.81
CA PHE VD 429 -8.71 -102.38 -24.79
CA THR VD 430 -7.62 -105.85 -25.90
CA SER VD 431 -7.05 -104.61 -29.45
CA ILE VD 432 -4.93 -101.68 -28.24
CA GLY VD 433 -2.95 -104.11 -26.12
CA LYS VD 434 -2.63 -106.35 -29.18
CA ALA VD 435 -1.25 -103.49 -31.27
CA LEU VD 436 1.27 -102.59 -28.58
CA HIS VD 437 2.20 -106.24 -27.95
CA GLN VD 438 2.73 -106.92 -31.65
CA VAL VD 439 4.75 -103.69 -32.04
CA PHE VD 440 5.90 -102.57 -28.58
CA GLY VD 441 5.76 -106.05 -27.01
CA ALA VD 442 9.38 -106.82 -27.86
CA ILE VD 443 10.21 -103.73 -25.81
CA TYR VD 444 8.53 -105.30 -22.77
CA GLY VD 445 10.02 -108.74 -23.34
CA ALA VD 446 13.55 -108.49 -24.74
CA ALA VD 447 15.16 -105.33 -23.32
CA PHE VD 448 13.09 -104.89 -20.13
CA SER VD 449 14.32 -107.51 -17.65
CA GLY VD 450 13.24 -110.72 -19.46
CA VAL VD 451 10.95 -110.64 -17.47
CA SER VD 452 9.46 -111.69 -14.12
CA TRP VD 453 6.30 -109.65 -14.48
CA ILE VD 454 5.45 -108.74 -10.86
CA MET VD 455 8.70 -106.91 -10.12
CA LYS VD 456 8.68 -105.04 -13.42
CA ILE VD 457 5.06 -103.93 -13.03
CA LEU VD 458 6.09 -102.59 -9.62
CA ILE VD 459 8.95 -100.80 -11.39
CA GLY VD 460 6.50 -99.61 -14.03
CA VAL VD 461 4.10 -98.05 -11.55
CA ILE VD 462 7.15 -96.45 -9.91
CA ILE VD 463 8.13 -95.00 -13.28
CA THR VD 464 4.57 -93.76 -13.84
CA TRP VD 465 4.67 -92.02 -10.46
CA ILE VD 466 8.03 -90.42 -11.28
CA GLY VD 467 6.87 -89.30 -14.73
CA MET VD 468 3.64 -87.79 -13.41
CA ASN VD 469 5.48 -85.79 -10.73
CA SER VD 470 8.31 -84.68 -13.02
CA ARG VD 471 9.88 -81.29 -13.64
CA SER VD 472 9.04 -81.32 -17.37
CA THR VD 473 5.72 -82.05 -19.07
CA SER VD 474 7.44 -83.31 -22.23
CA LEU VD 475 9.32 -85.88 -20.16
CA SER VD 476 6.05 -86.64 -18.36
CA VAL VD 477 4.31 -87.46 -21.65
CA SER VD 478 7.37 -89.45 -22.77
CA LEU VD 479 7.64 -91.51 -19.55
CA VAL VD 480 4.10 -92.08 -18.26
CA LEU VD 481 3.12 -93.39 -21.70
CA VAL VD 482 5.93 -95.95 -21.54
CA GLY VD 483 4.93 -96.83 -17.98
CA VAL VD 484 1.25 -97.41 -18.72
CA VAL VD 485 2.24 -99.38 -21.83
CA THR VD 486 4.49 -101.50 -19.61
CA LEU VD 487 1.78 -102.13 -17.00
CA TYR VD 488 -1.11 -102.85 -19.35
CA LEU VD 489 0.99 -104.88 -21.81
CA GLY VD 490 2.37 -106.88 -18.88
CA VAL VD 491 -1.17 -107.68 -17.82
CA MET VD 492 -1.81 -108.79 -21.40
CA VAL VD 493 1.43 -110.79 -21.46
CA GLN VD 494 0.29 -112.64 -18.32
CA ALA VD 495 -2.72 -113.81 -20.35
CA MET WD 1 68.70 -69.91 -87.91
CA ARG WD 2 66.79 -72.84 -89.37
CA CYS WD 3 63.13 -71.97 -88.75
CA ILE WD 4 62.70 -68.68 -90.61
CA GLY WD 5 59.47 -69.30 -92.49
CA ILE WD 6 57.37 -71.80 -90.52
CA SER WD 7 54.05 -70.53 -89.22
CA ASN WD 8 54.43 -71.63 -85.58
CA ARG WD 9 57.35 -69.41 -84.57
CA ASP WD 10 57.81 -69.34 -80.79
CA PHE WD 11 60.22 -67.49 -78.51
CA VAL WD 12 61.39 -68.36 -75.00
CA GLU WD 13 63.54 -65.54 -73.60
CA GLY WD 14 64.19 -66.55 -70.00
CA VAL WD 15 66.72 -68.56 -68.02
CA SER WD 16 66.55 -70.42 -64.71
CA GLY WD 17 68.69 -70.00 -61.62
CA GLY WD 18 70.62 -73.14 -62.47
CA SER WD 19 70.16 -72.54 -66.22
CA TRP WD 20 67.66 -75.44 -66.28
CA VAL WD 21 65.67 -74.12 -69.22
CA ASP WD 22 62.43 -75.85 -70.19
CA ILE WD 23 60.88 -76.04 -73.67
CA VAL WD 24 57.96 -77.73 -75.40
CA LEU WD 25 58.36 -79.21 -78.88
CA GLU WD 26 55.56 -80.12 -81.30
CA HIS WD 27 55.36 -81.09 -84.96
CA GLY WD 28 56.20 -78.05 -87.04
CA SER WD 29 56.43 -75.75 -84.01
CA CYS WD 30 60.07 -74.77 -83.72
CA VAL WD 31 61.50 -72.87 -80.75
CA THR WD 32 64.20 -70.22 -80.44
CA THR WD 33 66.32 -70.15 -77.28
CA MET WD 34 67.67 -66.80 -76.10
CA ALA WD 35 70.18 -66.17 -73.32
CA LYS WD 36 72.56 -63.60 -71.87
CA ASN WD 37 76.21 -63.94 -72.94
CA LYS WD 38 75.44 -67.48 -74.17
CA PRO WD 39 74.92 -68.48 -77.82
CA THR WD 40 71.32 -68.54 -78.99
CA LEU WD 41 69.81 -71.68 -80.44
CA ASP WD 42 66.99 -73.10 -82.54
CA PHE WD 43 65.29 -76.35 -81.57
CA GLU WD 44 62.86 -78.49 -83.50
CA LEU WD 45 61.63 -82.06 -83.78
CA ILE WD 46 62.18 -82.95 -87.42
CA LYS WD 47 60.79 -86.47 -87.60
CA THR WD 48 58.91 -88.71 -85.18
CA GLU WD 49 59.70 -92.42 -85.32
CA ALA WD 50 58.28 -95.48 -83.56
CA LYS WD 51 60.83 -98.28 -83.83
CA GLN WD 52 60.62 -101.76 -82.33
CA PRO WD 53 56.82 -102.04 -82.45
CA ALA WD 54 54.90 -104.45 -80.26
CA THR WD 55 52.75 -106.95 -82.17
CA LEU WD 56 49.53 -106.39 -80.24
CA ARG WD 57 47.15 -108.69 -82.14
CA LYS WD 58 46.52 -110.14 -85.60
CA TYR WD 59 43.44 -110.59 -87.77
CA CYS WD 60 42.80 -113.23 -90.42
CA ILE WD 61 41.26 -111.01 -93.07
CA GLU WD 62 40.34 -113.90 -95.38
CA ALA WD 63 39.44 -117.49 -94.61
CA LYS WD 64 39.78 -121.01 -95.97
CA LEU WD 65 37.57 -123.89 -94.86
CA THR WD 66 38.94 -127.42 -95.20
CA ASN WD 67 38.55 -130.94 -93.84
CA THR WD 68 34.95 -130.16 -92.86
CA THR WD 69 33.71 -133.31 -91.17
CA THR WD 70 30.29 -133.70 -89.58
CA ASP WD 71 28.24 -136.34 -87.78
CA SER WD 72 24.94 -136.80 -86.00
CA ARG WD 73 23.14 -139.12 -83.60
CA CYS WD 74 19.53 -140.15 -83.20
CA PRO WD 75 17.56 -138.56 -80.34
CA THR WD 76 18.53 -139.58 -76.77
CA GLN WD 77 21.96 -140.87 -77.90
CA GLY WD 78 23.70 -137.61 -76.93
CA GLU WD 79 26.00 -135.48 -79.02
CA PRO WD 80 28.47 -137.41 -81.20
CA SER WD 81 32.08 -137.22 -80.03
CA LEU WD 82 34.71 -136.89 -82.75
CA ASN WD 83 38.37 -135.93 -82.18
CA GLU WD 84 38.21 -132.51 -83.88
CA GLU WD 85 36.16 -130.91 -81.10
CA GLN WD 86 38.99 -130.96 -78.56
CA ASP WD 87 41.52 -129.71 -81.12
CA LYS WD 88 41.22 -125.95 -81.58
CA ARG WD 89 42.71 -126.30 -85.07
CA PHE WD 90 39.14 -127.05 -86.18
CA VAL WD 91 36.39 -124.56 -85.49
CA CYS WD 92 33.09 -126.26 -84.81
CA LYS WD 93 29.65 -126.32 -83.24
CA HIS WD 94 26.80 -128.68 -82.37
CA SER WD 95 23.06 -128.32 -82.94
CA MET WD 96 19.91 -130.46 -83.19
CA VAL WD 97 17.32 -131.42 -85.81
CA ASP WD 98 14.16 -133.51 -85.90
CA ARG WD 99 14.92 -137.11 -86.89
CA GLY WD 100 13.00 -140.31 -86.36
CA TRP WD 101 11.18 -143.23 -87.97
CA GLY WD 102 11.02 -141.34 -91.26
CA ASN WD 103 14.78 -140.98 -91.84
CA GLY WD 104 16.32 -144.02 -90.14
CA CYS WD 105 16.06 -143.25 -86.42
CA GLY WD 106 13.44 -144.64 -84.04
CA LEU WD 107 11.06 -141.80 -83.15
CA PHE WD 108 10.64 -138.19 -84.23
CA GLY WD 109 12.71 -136.06 -81.87
CA LYS WD 110 15.47 -133.49 -81.71
CA GLY WD 111 18.62 -135.53 -82.23
CA GLY WD 112 22.07 -134.01 -82.08
CA ILE WD 113 24.56 -133.04 -84.77
CA VAL WD 114 28.20 -131.95 -84.54
CA THR WD 115 29.68 -129.96 -87.41
CA CYS WD 116 33.43 -129.28 -87.50
CA ALA WD 117 35.97 -127.95 -89.96
CA MET WD 118 39.58 -126.84 -90.22
CA PHE WD 119 39.95 -123.05 -90.42
CA THR WD 120 43.04 -122.12 -92.45
CA CYS WD 121 44.24 -118.51 -92.39
CA LYS WD 122 45.48 -117.47 -95.83
CA LYS WD 123 46.34 -113.81 -95.18
CA ASN WD 124 47.22 -111.62 -92.22
CA MET WD 125 46.20 -108.15 -91.09
CA LYS WD 126 48.83 -106.74 -88.76
CA GLY WD 127 48.26 -104.50 -85.75
CA LYS WD 128 50.97 -102.31 -84.22
CA VAL WD 129 50.65 -100.57 -80.86
CA VAL WD 130 53.05 -97.75 -79.98
CA GLN WD 131 54.08 -97.48 -76.34
CA PRO WD 132 55.50 -94.26 -74.87
CA GLU WD 133 58.98 -95.72 -74.42
CA ASN WD 134 59.18 -96.77 -78.09
CA LEU WD 135 59.07 -93.23 -79.52
CA GLU WD 136 62.42 -92.41 -81.14
CA TYR WD 137 62.32 -88.61 -81.35
CA THR WD 138 64.60 -87.09 -83.99
CA ILE WD 139 65.53 -83.57 -82.84
CA VAL WD 140 67.42 -81.01 -84.91
CA ILE WD 141 69.48 -78.41 -83.02
CA THR WD 142 70.93 -75.47 -84.97
CA PRO WD 143 72.79 -72.40 -83.63
CA HIS WD 144 72.27 -68.81 -84.77
CA SER WD 145 75.91 -68.71 -85.71
CA GLY WD 146 75.86 -67.18 -89.18
CA GLU WD 147 75.31 -70.14 -91.50
CA GLU WD 148 73.39 -69.67 -94.74
CA HIS WD 149 72.16 -73.04 -96.03
CA ALA WD 150 69.48 -73.62 -93.36
CA VAL WD 151 67.06 -70.72 -93.89
CA GLY WD 152 63.84 -72.23 -95.16
CA ASN WD 153 65.49 -75.67 -95.34
CA ASP WD 154 64.99 -79.20 -94.01
CA THR WD 155 68.35 -80.96 -94.51
CA GLY WD 156 70.53 -77.86 -93.94
CA LYS WD 157 73.23 -79.16 -91.62
CA HIS WD 158 75.42 -76.87 -89.57
CA GLY WD 159 74.12 -78.11 -86.22
CA LYS WD 160 73.30 -81.67 -85.17
CA GLU WD 161 70.46 -84.17 -85.39
CA ILE WD 162 70.03 -86.48 -82.41
CA LYS WD 163 67.75 -89.49 -81.95
CA ILE WD 164 66.35 -89.33 -78.42
CA THR WD 165 65.37 -92.71 -76.95
CA PRO WD 166 63.31 -92.27 -73.75
CA GLN WD 167 65.14 -95.19 -72.12
CA SER WD 168 68.19 -92.89 -72.38
CA SER WD 169 67.11 -89.68 -70.65
CA ILE WD 170 70.44 -87.82 -70.48
CA THR WD 171 72.25 -87.37 -73.79
CA GLU WD 172 75.15 -85.21 -74.94
CA ALA WD 173 74.68 -83.55 -78.34
CA GLU WD 174 78.08 -82.09 -79.27
CA LEU WD 175 77.28 -78.94 -81.22
CA THR WD 176 80.24 -78.06 -83.43
CA GLY WD 177 82.40 -75.16 -82.28
CA TYR WD 178 80.19 -74.42 -79.27
CA GLY WD 179 80.50 -77.61 -77.19
CA THR WD 180 77.44 -79.57 -76.10
CA VAL WD 181 74.04 -79.16 -74.45
CA THR WD 182 72.67 -81.74 -72.04
CA MET WD 183 69.50 -83.36 -73.37
CA GLU WD 184 66.98 -84.32 -70.69
CA CYS WD 185 63.87 -84.36 -72.83
CA SER WD 186 60.99 -86.75 -72.15
CA PRO WD 187 57.85 -87.55 -74.16
CA ARG WD 188 56.38 -89.19 -71.05
CA THR WD 189 54.87 -85.93 -69.83
CA GLY WD 190 53.33 -85.31 -73.26
CA LEU WD 191 50.05 -86.75 -74.43
CA ASP WD 192 49.63 -90.45 -73.69
CA PHE WD 193 50.11 -92.69 -76.72
CA ASN WD 194 47.80 -95.29 -75.20
CA GLU WD 195 44.95 -95.29 -77.75
CA MET WD 196 46.80 -95.01 -81.09
CA VAL WD 197 47.14 -98.13 -83.23
CA LEU WD 198 48.49 -98.80 -86.73
CA LEU WD 199 46.76 -101.18 -89.12
CA GLN WD 200 49.32 -102.63 -91.55
CA MET WD 201 48.47 -104.38 -94.81
CA GLU WD 202 51.26 -105.56 -97.12
CA ASN WD 203 53.21 -102.27 -97.15
CA LYS WD 204 50.53 -99.60 -96.59
CA ALA WD 205 48.95 -98.63 -93.29
CA TRP WD 206 46.43 -96.51 -91.44
CA LEU WD 207 46.09 -95.06 -87.95
CA VAL WD 208 43.02 -95.86 -85.85
CA HIS WD 209 41.93 -96.03 -82.22
CA ARG WD 210 42.60 -99.00 -79.93
CA GLN WD 211 39.03 -99.64 -78.78
CA TRP WD 212 37.89 -99.60 -82.41
CA PHE WD 213 40.82 -101.80 -83.38
CA LEU WD 214 39.74 -104.50 -80.93
CA ASP WD 215 35.97 -104.09 -81.32
CA LEU WD 216 36.11 -105.46 -84.88
CA PRO WD 217 34.06 -108.70 -85.15
CA LEU WD 218 36.77 -110.49 -87.11
CA PRO WD 219 39.05 -113.48 -86.46
CA TRP WD 220 41.04 -112.75 -83.34
CA LEU WD 221 44.56 -114.16 -82.86
CA PRO WD 222 47.03 -113.11 -80.13
CA GLY WD 223 50.48 -111.69 -80.67
CA ALA WD 224 52.36 -114.36 -78.73
CA ASP WD 225 51.14 -117.32 -80.77
CA THR WD 226 52.62 -118.12 -84.19
CA GLN WD 227 50.85 -121.20 -85.57
CA GLY WD 228 47.37 -119.66 -85.30
CA SER WD 229 45.72 -122.87 -84.08
CA ASN WD 230 44.90 -121.22 -80.74
CA TRP WD 231 42.14 -119.37 -82.54
CA ILE WD 232 39.60 -117.05 -80.90
CA GLN WD 233 36.35 -115.40 -82.05
CA LYS WD 234 35.35 -118.41 -84.04
CA GLU WD 235 31.98 -117.50 -85.57
CA THR WD 236 33.02 -114.25 -87.30
CA LEU WD 237 33.49 -115.80 -90.76
CA VAL WD 238 32.19 -119.37 -90.57
CA THR WD 239 28.44 -118.81 -90.98
CA PHE WD 240 26.74 -122.19 -90.71
CA LYS WD 241 23.21 -122.29 -92.14
CA ASN WD 242 20.23 -123.93 -90.47
CA PRO WD 243 21.15 -127.64 -90.45
CA HIS WD 244 18.78 -129.81 -92.44
CA ALA WD 245 19.32 -133.40 -91.32
CA LYS WD 246 23.15 -133.43 -91.16
CA LYS WD 247 24.77 -131.19 -93.78
CA GLN WD 248 24.71 -127.43 -93.47
CA ASP WD 249 26.11 -125.06 -96.08
CA VAL WD 250 29.20 -124.18 -94.07
CA VAL WD 251 31.00 -121.41 -95.95
CA VAL WD 252 33.43 -118.71 -94.91
CA LEU WD 253 32.42 -115.21 -95.94
CA GLY WD 254 34.26 -113.69 -98.85
CA SER WD 255 37.52 -111.87 -98.34
CA GLN WD 256 36.95 -108.81 -96.17
CA GLU WD 257 39.91 -106.98 -97.74
CA GLY WD 258 37.71 -104.91 -100.05
CA ALA WD 259 34.98 -104.28 -97.47
CA MET WD 260 37.29 -103.30 -94.63
CA HIS WD 261 39.41 -101.21 -97.00
CA THR WD 262 36.28 -99.32 -98.05
CA ALA WD 263 35.21 -98.85 -94.44
CA LEU WD 264 38.65 -97.78 -93.22
CA THR WD 265 38.78 -95.22 -96.04
CA GLY WD 266 38.64 -91.70 -94.66
CA ALA WD 267 40.75 -92.55 -91.62
CA THR WD 268 44.29 -91.23 -91.14
CA GLU WD 269 46.35 -92.93 -93.83
CA ILE WD 270 50.02 -93.22 -92.82
CA GLN WD 271 52.83 -93.66 -95.34
CA MET WD 272 54.60 -95.87 -92.80
CA SER WD 273 57.24 -96.98 -95.31
CA SER WD 274 59.36 -93.86 -94.63
CA GLY WD 275 58.97 -94.38 -90.87
CA ASN WD 276 56.21 -93.97 -88.29
CA LEU WD 277 55.61 -90.26 -88.88
CA LEU WD 278 53.31 -89.62 -85.94
CA PHE WD 279 51.93 -86.09 -86.23
CA THR WD 280 51.18 -85.60 -82.51
CA GLY WD 281 52.89 -85.71 -79.13
CA HIS WD 282 54.41 -83.07 -76.87
CA LEU WD 283 58.10 -83.33 -76.06
CA LYS WD 284 58.97 -81.72 -72.71
CA CYS WD 285 62.62 -80.76 -72.92
CA ARG WD 286 64.73 -79.71 -69.91
CA LEU WD 287 68.26 -78.54 -70.65
CA ARG WD 288 71.37 -77.42 -68.80
CA MET WD 289 72.86 -74.99 -71.34
CA ASP WD 290 75.70 -73.88 -69.03
CA LYS WD 291 78.00 -76.46 -70.61
CA LEU WD 292 77.28 -74.77 -73.95
CA GLN WD 293 79.48 -71.80 -74.76
CA LEU WD 294 80.08 -69.39 -77.64
CA LYS WD 295 83.64 -69.55 -78.97
CA GLY WD 296 82.85 -66.49 -81.10
CA MET WD 297 81.53 -64.18 -78.39
CA SER WD 298 84.68 -62.41 -77.17
CA TYR WD 299 86.43 -61.65 -80.46
CA SER WD 300 87.56 -58.08 -81.08
CA MET WD 301 85.08 -55.40 -82.08
CA CYS WD 302 85.24 -55.33 -85.85
CA THR WD 303 86.62 -52.26 -87.57
CA GLY WD 304 86.70 -52.46 -91.36
CA LYS WD 305 84.12 -51.37 -93.89
CA PHE WD 306 80.95 -53.43 -94.05
CA LYS WD 307 78.35 -53.67 -96.84
CA VAL WD 308 75.00 -55.35 -97.54
CA VAL WD 309 74.43 -57.79 -100.40
CA LYS WD 310 70.74 -58.69 -100.30
CA GLU WD 311 67.93 -56.50 -98.98
CA ILE WD 312 65.33 -57.45 -96.39
CA ALA WD 313 62.37 -59.70 -97.04
CA GLU WD 314 59.78 -60.14 -94.31
CA THR WD 315 59.35 -63.35 -92.34
CA GLN WD 316 56.20 -64.98 -90.99
CA HIS WD 317 56.75 -63.72 -87.46
CA GLY WD 318 58.16 -60.48 -88.84
CA THR WD 319 61.86 -60.60 -87.98
CA ILE WD 320 64.76 -58.80 -89.62
CA VAL WD 321 67.05 -61.22 -91.45
CA ILE WD 322 69.91 -59.64 -93.40
CA ARG WD 323 72.64 -61.24 -95.45
CA VAL WD 324 75.63 -58.91 -95.08
CA GLN WD 325 79.15 -59.00 -96.52
CA TYR WD 326 82.39 -57.65 -95.06
CA GLU WD 327 84.75 -56.04 -97.56
CA GLY WD 328 87.18 -54.84 -94.88
CA ASP WD 329 89.82 -56.76 -92.93
CA GLY WD 330 90.58 -58.12 -89.48
CA SER WD 331 88.52 -61.29 -89.66
CA PRO WD 332 87.58 -62.90 -87.29
CA CYS WD 333 85.95 -59.89 -85.62
CA LYS WD 334 82.91 -59.04 -83.49
CA ILE WD 335 80.58 -56.98 -85.70
CA PRO WD 336 78.73 -53.96 -84.23
CA PHE WD 337 74.98 -54.19 -84.67
CA GLU WD 338 72.42 -51.97 -82.92
CA ILE WD 339 68.81 -50.91 -83.50
CA MET WD 340 68.72 -47.20 -82.65
CA ASP WD 341 66.00 -44.61 -82.71
CA LEU WD 342 65.96 -42.27 -85.69
CA GLU WD 343 67.76 -39.67 -83.50
CA LYS WD 344 70.44 -42.17 -82.39
CA ARG WD 345 69.75 -41.55 -78.67
CA HIS WD 346 68.07 -44.64 -77.16
CA VAL WD 347 67.79 -48.28 -78.26
CA LEU WD 348 64.43 -49.81 -79.21
CA GLY WD 349 64.71 -53.34 -80.56
CA ARG WD 350 66.37 -56.65 -79.73
CA LEU WD 351 68.81 -58.83 -81.67
CA ILE WD 352 68.58 -62.63 -81.62
CA THR WD 353 72.08 -63.58 -82.72
CA VAL WD 354 73.98 -62.49 -79.62
CA ASN WD 355 77.41 -61.15 -80.60
CA PRO WD 356 77.24 -61.92 -84.33
CA ILE WD 357 80.56 -63.11 -85.72
CA VAL WD 358 82.33 -62.93 -89.08
CA THR WD 359 85.13 -65.53 -89.11
CA GLU WD 360 85.48 -65.79 -92.87
CA LYS WD 361 86.37 -63.37 -95.65
CA ASP WD 362 84.01 -62.90 -98.59
CA SER WD 363 81.05 -64.85 -97.24
CA PRO WD 364 77.40 -64.01 -96.56
CA VAL WD 365 76.58 -63.42 -92.90
CA ASN WD 366 73.05 -63.86 -91.56
CA ILE WD 367 72.05 -61.30 -88.93
CA GLU WD 368 68.75 -61.70 -87.09
CA ALA WD 369 66.75 -59.12 -85.16
CA GLU WD 370 63.21 -58.21 -84.07
CA PRO WD 371 62.28 -54.52 -83.88
CA PRO WD 372 59.04 -53.22 -82.40
CA PHE WD 373 56.24 -51.80 -84.55
CA GLY WD 374 57.59 -48.41 -85.50
CA ASP WD 375 60.23 -46.58 -87.45
CA SER WD 376 63.76 -47.58 -86.50
CA TYR WD 377 67.33 -47.22 -87.72
CA ILE WD 378 69.49 -50.34 -87.85
CA ILE WD 379 72.95 -48.87 -87.26
CA ILE WD 380 75.83 -51.07 -88.42
CA GLY WD 381 79.56 -50.49 -88.20
CA VAL WD 382 81.58 -47.52 -87.02
CA GLU WD 383 82.58 -44.40 -88.91
CA PRO WD 384 84.29 -44.33 -91.42
CA GLY WD 385 81.81 -46.51 -93.29
CA GLN WD 386 78.76 -46.13 -91.05
CA LEU WD 387 75.67 -47.91 -92.36
CA LYS WD 388 72.21 -46.66 -91.41
CA LEU WD 389 69.17 -48.65 -92.53
CA ASN WD 390 65.69 -47.24 -91.99
CA TRP WD 391 63.04 -49.84 -91.27
CA PHE WD 392 59.36 -50.04 -90.36
CA LYS WD 393 57.03 -52.93 -89.54
CA LYS WD 394 53.27 -53.13 -89.29
CA GLY WD 395 51.08 -54.19 -86.37
CA SER WD 396 49.94 -53.04 -82.94
CA SER WD 397 52.15 -53.34 -79.88
CA ILE WD 398 49.21 -54.59 -77.81
CA GLY WD 399 48.74 -57.28 -80.45
CA GLN WD 400 52.17 -58.71 -79.78
CA MET WD 401 51.73 -58.26 -76.02
CA ILE WD 402 48.53 -60.32 -75.89
CA GLU WD 403 49.85 -62.85 -78.43
CA THR WD 404 53.12 -63.51 -76.60
CA THR WD 405 51.52 -63.50 -73.16
CA MET WD 406 48.78 -65.95 -74.12
CA ARG WD 407 51.23 -68.15 -76.01
CA GLY WD 408 53.51 -68.30 -72.97
CA ALA WD 409 50.53 -68.96 -70.72
CA LYS WD 410 49.48 -71.94 -72.83
CA ARG WD 411 53.09 -73.08 -72.97
CA MET WD 412 53.35 -73.05 -69.19
CA ALA WD 413 49.93 -74.68 -68.80
CA ILE WD 414 50.99 -77.63 -70.95
CA LEU WD 415 54.48 -77.40 -69.39
CA GLY WD 416 52.75 -77.40 -66.03
CA ASP WD 417 51.97 -80.07 -63.45
CA THR WD 418 54.93 -82.41 -62.85
CA ALA WD 419 57.00 -80.16 -65.17
CA TRP WD 420 58.00 -76.90 -63.49
CA ASP WD 421 60.31 -77.36 -60.53
CA PHE WD 422 58.22 -77.28 -57.36
CA GLY WD 423 59.83 -80.16 -55.47
CA SER WD 424 63.41 -78.86 -55.74
CA LEU WD 425 64.20 -76.87 -52.60
CA GLY WD 426 66.33 -73.75 -53.00
CA GLY WD 427 65.34 -73.36 -56.64
CA VAL WD 428 61.70 -72.79 -55.69
CA PHE WD 429 62.13 -69.02 -55.86
CA THR WD 430 63.99 -69.49 -59.16
CA SER WD 431 61.23 -71.76 -60.47
CA ILE WD 432 58.46 -69.28 -59.67
CA GLY WD 433 60.63 -66.56 -61.21
CA LYS WD 434 60.85 -68.65 -64.37
CA ALA WD 435 57.08 -69.18 -64.38
CA LEU WD 436 56.26 -65.51 -63.78
CA HIS WD 437 58.66 -64.75 -66.62
CA GLN WD 438 56.99 -67.18 -69.01
CA VAL WD 439 53.63 -65.44 -68.34
CA PHE WD 440 54.32 -61.74 -67.62
CA GLY WD 441 57.78 -61.17 -69.10
CA ALA WD 442 56.46 -59.71 -72.32
CA ILE WD 443 54.75 -57.03 -70.25
CA TYR WD 444 57.81 -56.59 -68.05
CA GLY WD 445 60.42 -56.26 -70.79
CA ALA WD 446 58.37 -54.51 -73.48
CA ALA WD 447 55.70 -52.36 -71.85
CA PHE WD 448 57.70 -51.35 -68.77
CA SER WD 449 60.52 -49.26 -70.23
CA GLY WD 450 62.68 -51.96 -71.87
CA VAL WD 451 64.30 -51.68 -69.32
CA SER WD 452 67.04 -50.03 -67.24
CA TRP WD 453 66.72 -52.48 -64.37
CA ILE WD 454 68.05 -50.36 -61.48
CA MET WD 455 65.67 -47.44 -61.90
CA LYS WD 456 62.67 -49.63 -62.64
CA ILE WD 457 63.22 -51.68 -59.48
CA LEU WD 458 63.42 -48.37 -57.63
CA ILE WD 459 60.02 -47.55 -59.15
CA GLY WD 460 58.92 -51.06 -58.19
CA VAL WD 461 59.72 -50.59 -54.53
CA ILE WD 462 58.02 -47.18 -54.75
CA ILE WD 463 54.79 -48.77 -56.03
CA THR WD 464 55.06 -51.47 -53.35
CA TRP WD 465 55.41 -48.82 -50.65
CA ILE WD 466 52.42 -46.90 -52.00
CA GLY WD 467 50.40 -50.12 -52.23
CA MET WD 468 51.06 -51.28 -48.67
CA ASN WD 469 50.16 -47.85 -47.27
CA SER WD 470 47.11 -47.46 -49.52
CA ARG WD 471 43.60 -46.27 -48.72
CA SER WD 472 42.14 -49.65 -49.78
CA THR WD 473 43.23 -53.22 -49.09
CA SER WD 474 41.98 -54.46 -52.47
CA LEU WD 475 44.25 -51.97 -54.23
CA SER WD 476 47.04 -52.90 -51.80
CA VAL WD 477 46.80 -56.54 -52.84
CA SER WD 478 46.42 -55.63 -56.51
CA LEU WD 479 49.48 -53.34 -56.53
CA VAL WD 480 52.01 -54.94 -54.17
CA LEU WD 481 51.70 -58.21 -56.10
CA VAL WD 482 52.72 -56.42 -59.30
CA GLY WD 483 55.48 -54.59 -57.44
CA VAL WD 484 57.03 -57.72 -55.97
CA VAL WD 485 56.67 -59.33 -59.40
CA THR WD 486 58.59 -56.40 -60.84
CA LEU WD 487 61.34 -56.58 -58.23
CA TYR WD 488 61.86 -60.36 -58.36
CA LEU WD 489 61.72 -60.49 -62.16
CA GLY WD 490 64.18 -57.59 -62.30
CA VAL WD 491 66.56 -59.56 -60.14
CA MET WD 492 65.88 -62.44 -62.54
CA VAL WD 493 66.03 -60.64 -65.92
CA GLN WD 494 69.38 -59.21 -64.81
CA ALA WD 495 70.54 -62.84 -65.17
CA PHE XD 1 6.07 -124.90 -128.44
CA HIS XD 2 8.98 -123.54 -130.48
CA LEU XD 3 12.20 -124.89 -128.97
CA THR XD 4 15.50 -123.04 -128.60
CA THR XD 5 18.39 -123.09 -126.11
CA ARG XD 6 19.48 -120.61 -123.46
CA ASN XD 7 22.15 -120.95 -120.78
CA GLY XD 8 22.83 -124.41 -122.16
CA GLU XD 9 19.27 -125.57 -121.42
CA PRO XD 10 16.25 -126.21 -123.65
CA HIS XD 11 13.66 -123.45 -123.88
CA MET XD 12 10.23 -124.21 -125.38
CA ILE XD 13 7.73 -121.40 -125.97
CA VAL XD 14 4.19 -122.74 -125.74
CA SER XD 15 0.97 -121.08 -126.86
CA ARG XD 16 -2.77 -121.71 -126.99
CA GLN XD 17 -2.29 -124.07 -129.97
CA GLU XD 18 -1.08 -126.64 -127.41
CA LYS XD 19 -2.90 -125.75 -124.19
CA GLY XD 20 -3.50 -127.99 -121.21
CA LYS XD 21 -2.04 -131.00 -123.02
CA SER XD 22 1.05 -133.15 -122.59
CA LEU XD 23 4.12 -131.57 -124.18
CA LEU XD 24 6.24 -134.07 -126.09
CA PHE XD 25 9.62 -133.81 -127.82
CA LYS XD 26 12.63 -135.82 -128.95
CA THR XD 27 15.96 -134.27 -127.95
CA GLU XD 28 19.54 -135.42 -127.42
CA ASP XD 29 18.67 -136.31 -123.83
CA GLY XD 30 15.91 -138.59 -125.14
CA VAL XD 31 12.11 -138.69 -125.20
CA ASN XD 32 11.11 -135.49 -123.38
CA MET XD 33 7.62 -135.88 -121.88
CA CYS XD 34 6.72 -132.63 -120.10
CA THR XD 35 3.45 -131.82 -118.36
CA LEU XD 36 2.57 -128.13 -118.34
CA MET XD 37 0.04 -128.15 -115.53
CA ALA XD 38 0.07 -124.36 -115.18
CA MET XD 39 -2.89 -121.98 -114.90
CA ASP XD 40 -2.63 -118.63 -116.68
CA LEU XD 41 -1.63 -120.10 -120.05
CA GLY XD 42 -3.80 -118.30 -122.60
CA GLU XD 43 -3.00 -117.09 -126.08
CA LEU XD 44 0.54 -115.78 -126.49
CA CYS XD 45 1.22 -112.29 -125.13
CA GLU XD 46 4.06 -109.91 -124.25
CA ASP XD 47 3.88 -110.56 -120.49
CA THR XD 48 6.43 -113.34 -120.90
CA ILE XD 49 6.30 -115.47 -117.76
CA THR XD 50 9.07 -118.08 -117.63
CA TYR XD 51 9.57 -121.23 -115.62
CA LYS XD 52 11.94 -124.06 -114.81
CA CYS XD 53 10.30 -127.40 -115.27
CA PRO XD 54 12.55 -129.36 -112.87
CA PHE XD 55 14.07 -132.77 -113.47
CA LEU XD 56 11.94 -135.35 -111.65
CA LYS XD 57 12.73 -139.02 -112.17
CA GLN XD 58 9.96 -141.00 -110.43
CA ASN XD 59 8.95 -139.13 -107.26
CA GLU XD 60 5.56 -137.64 -106.38
CA PRO XD 61 5.29 -134.15 -107.91
CA GLU XD 62 3.78 -131.41 -105.78
CA ASP XD 63 3.86 -127.62 -105.45
CA ILE XD 64 5.05 -127.26 -109.06
CA ASP XD 65 3.54 -125.67 -112.14
CA CYS XD 66 5.32 -127.67 -114.85
CA TRP XD 67 7.60 -130.70 -114.86
CA CYS XD 68 9.42 -133.08 -117.18
CA ASN XD 69 10.39 -136.71 -116.64
CA SER XD 70 13.56 -136.42 -118.78
CA THR XD 71 15.53 -133.33 -117.78
CA SER XD 72 15.23 -129.83 -116.41
CA THR XD 73 14.05 -127.32 -118.99
CA TRP XD 74 12.80 -123.79 -119.53
CA VAL XD 75 9.23 -123.01 -120.55
CA THR XD 76 7.59 -119.66 -121.22
CA TYR XD 77 4.25 -118.18 -122.20
CA GLY XD 78 2.05 -115.09 -122.03
CA THR XD 79 -0.68 -113.96 -119.66
CA CYS XD 80 -2.95 -111.44 -121.42
CA THR XD 81 -6.60 -112.25 -122.06
CA THR XD 82 -8.09 -113.17 -125.43
CA THR XD 83 -9.18 -109.67 -126.44
CA GLY XD 84 -5.86 -108.08 -125.45
CA GLU XD 85 -4.92 -106.29 -122.24
CA HIS XD 86 -2.06 -105.95 -119.79
CA ARG XD 87 -3.44 -108.13 -116.97
CA ARG XD 88 -6.14 -108.22 -114.29
CA GLU XD 89 -7.00 -104.86 -112.71
CA LYS XD 90 -6.63 -104.07 -109.00
CA ARG XD 91 -6.92 -101.02 -106.77
CA SER XD 92 -4.30 -100.26 -104.13
CA VAL XD 93 -1.84 -97.65 -102.74
CA ALA XD 94 -2.93 -95.41 -99.86
CA LEU XD 95 -2.69 -91.66 -100.34
CA VAL XD 96 -4.61 -88.45 -99.71
CA PRO XD 97 -3.48 -84.79 -99.69
CA HIS XD 98 -4.26 -81.86 -97.49
CA VAL XD 99 -7.36 -79.88 -98.46
CA GLY XD 100 -6.69 -76.54 -100.03
CA MET XD 101 -7.26 -72.89 -99.32
CA GLY XD 102 -8.84 -70.51 -101.81
CA LEU XD 103 -10.94 -67.37 -102.38
CA GLU XD 104 -10.45 -66.41 -98.70
CA THR XD 105 -6.99 -64.78 -98.42
CA ARG XD 106 -5.00 -64.68 -95.17
CA THR XD 107 -5.30 -61.19 -93.61
CA GLU XD 108 -7.74 -59.76 -91.05
CA THR XD 109 -10.29 -57.84 -93.16
CA TRP XD 110 -13.82 -57.87 -94.69
CA MET XD 111 -15.81 -57.30 -91.44
CA SER XD 112 -17.38 -60.76 -91.98
CA SER XD 113 -18.87 -62.80 -89.16
CA GLU XD 114 -16.49 -65.73 -89.66
CA GLY XD 115 -13.48 -63.43 -90.02
CA ALA XD 116 -14.57 -61.28 -87.08
CA TRP XD 117 -15.13 -64.22 -84.72
CA LYS XD 118 -12.12 -66.27 -85.87
CA HIS XD 119 -9.72 -64.20 -83.78
CA ALA XD 120 -11.83 -64.51 -80.63
CA GLN XD 121 -12.39 -68.23 -81.21
CA ARG XD 122 -8.64 -68.75 -81.58
CA ILE XD 123 -7.98 -66.69 -78.43
CA GLU XD 124 -10.37 -68.80 -76.36
CA THR XD 125 -9.04 -72.02 -77.89
CA TRP XD 126 -5.52 -70.96 -76.91
CA ILE XD 127 -6.74 -70.10 -73.41
CA LEU XD 128 -8.37 -73.51 -73.05
CA ARG XD 129 -5.23 -75.23 -74.35
CA HIS XD 130 -2.95 -72.95 -72.27
CA PRO XD 131 -4.35 -72.66 -68.73
CA GLY XD 132 -0.88 -72.23 -67.22
CA PHE XD 133 0.03 -69.22 -69.36
CA THR XD 134 -3.38 -67.73 -68.58
CA ILE XD 135 -2.76 -68.10 -64.84
CA MET XD 136 0.73 -66.63 -65.23
CA ALA XD 137 -0.65 -63.62 -67.11
CA ALA XD 138 -3.33 -63.14 -64.46
CA ILE XD 139 -0.68 -63.21 -61.71
CA LEU XD 140 1.46 -60.67 -63.57
CA ALA XD 141 -1.59 -58.43 -64.04
CA TYR XD 142 -2.38 -58.72 -60.33
CA THR XD 143 1.15 -57.80 -59.27
CA ILE XD 144 1.71 -54.96 -61.74
CA GLY XD 145 -1.88 -53.72 -61.64
CA THR XD 146 -2.72 -51.26 -58.88
CA THR XD 147 -6.38 -50.87 -59.94
CA HIS XD 148 -8.88 -53.56 -60.88
CA PHE XD 149 -9.51 -51.89 -64.25
CA GLN XD 150 -5.78 -51.88 -65.03
CA ARG XD 151 -5.63 -55.47 -63.78
CA ALA XD 152 -8.32 -56.64 -66.19
CA LEU XD 153 -6.99 -54.56 -69.09
CA ILE XD 154 -3.46 -55.92 -68.69
CA PHE XD 155 -4.74 -59.49 -68.33
CA ILE XD 156 -6.79 -59.16 -71.52
CA LEU XD 157 -3.86 -57.56 -73.35
CA LEU XD 158 -1.47 -60.35 -72.33
CA THR XD 159 -3.93 -63.12 -73.21
CA ALA XD 160 -4.60 -61.52 -76.62
CA VAL XD 161 -0.97 -60.70 -77.47
CA ALA XD 162 0.73 -63.95 -76.40
CA PRO XD 163 -0.89 -66.09 -79.16
CA SER XD 164 -0.33 -63.47 -81.86
CA MET XD 165 3.43 -63.86 -81.45
CA THR XD 166 3.16 -67.50 -82.55
CA PHE YD 1 -15.37 -141.53 -109.77
CA HIS YD 2 -19.02 -141.87 -108.69
CA LEU YD 3 -21.45 -139.94 -110.87
CA THR YD 4 -23.99 -139.04 -108.17
CA THR YD 5 -26.84 -136.51 -108.17
CA ARG YD 6 -25.54 -133.93 -105.70
CA ASN YD 7 -27.61 -130.77 -105.28
CA GLY YD 8 -29.60 -132.04 -108.27
CA GLU YD 9 -26.61 -132.00 -110.64
CA PRO YD 10 -23.90 -134.47 -111.69
CA HIS YD 11 -21.16 -134.87 -109.10
CA MET YD 12 -17.81 -136.69 -109.36
CA ILE YD 13 -15.10 -137.69 -106.87
CA VAL YD 14 -11.70 -137.90 -108.59
CA SER YD 15 -8.78 -139.32 -106.63
CA ARG YD 16 -5.02 -139.40 -107.19
CA GLN YD 17 -4.84 -142.93 -108.66
CA GLU YD 18 -5.34 -141.18 -112.00
CA LYS YD 19 -4.00 -137.65 -112.37
CA GLY YD 20 -3.17 -135.07 -115.01
CA LYS YD 21 -5.43 -136.81 -117.53
CA SER YD 22 -8.87 -136.09 -118.92
CA LEU YD 23 -11.67 -138.14 -117.37
CA LEU YD 24 -14.34 -139.90 -119.41
CA PHE YD 25 -17.87 -140.79 -118.32
CA LYS YD 26 -21.48 -141.09 -119.45
CA THR YD 27 -24.57 -138.95 -118.85
CA GLU YD 28 -28.01 -138.55 -120.39
CA ASP YD 29 -26.54 -136.12 -122.92
CA GLY YD 30 -23.97 -138.72 -124.03
CA VAL YD 31 -20.30 -139.40 -123.50
CA ASN YD 32 -18.56 -136.54 -121.68
CA MET YD 33 -14.80 -136.03 -121.51
CA CYS YD 34 -13.77 -133.75 -118.64
CA THR YD 35 -10.63 -131.66 -118.26
CA LEU YD 36 -9.11 -131.13 -114.80
CA MET YD 37 -6.25 -128.61 -114.70
CA ALA YD 38 -6.21 -128.44 -110.89
CA MET YD 39 -2.50 -128.49 -110.10
CA ASP YD 40 -2.78 -128.84 -106.30
CA LEU YD 41 -4.36 -132.29 -106.38
CA GLY YD 42 -3.68 -135.07 -103.89
CA GLU YD 43 -5.30 -138.35 -102.85
CA LEU YD 44 -8.78 -138.61 -101.38
CA CYS YD 45 -9.08 -137.95 -97.65
CA GLU YD 46 -11.20 -135.89 -95.27
CA ASP YD 47 -10.02 -132.52 -96.61
CA THR YD 48 -12.32 -132.63 -99.62
CA ILE YD 49 -12.24 -129.58 -101.88
CA THR YD 50 -15.24 -129.30 -104.22
CA TYR YD 51 -16.00 -127.49 -107.49
CA LYS YD 52 -18.94 -126.79 -109.80
CA CYS YD 53 -17.27 -127.50 -113.14
CA PRO YD 54 -18.54 -125.04 -115.79
CA PHE YD 55 -19.68 -125.72 -119.35
CA LEU YD 56 -17.64 -124.41 -122.28
CA LYS YD 57 -18.55 -124.78 -125.96
CA GLN YD 58 -15.70 -123.26 -128.01
CA ASN YD 59 -14.23 -120.33 -126.03
CA GLU YD 60 -10.68 -120.52 -124.75
CA PRO YD 61 -10.54 -121.99 -121.22
CA GLU YD 62 -9.02 -119.23 -119.08
CA ASP YD 63 -8.40 -118.96 -115.34
CA ILE YD 64 -10.35 -122.16 -114.54
CA ASP YD 65 -9.34 -125.69 -113.61
CA CYS YD 66 -12.21 -127.80 -114.87
CA TRP YD 67 -14.18 -127.83 -118.09
CA CYS YD 68 -16.05 -130.21 -120.40
CA ASN YD 69 -17.54 -129.99 -123.92
CA SER YD 70 -21.23 -130.69 -123.21
CA THR YD 71 -22.34 -129.94 -119.67
CA SER YD 72 -21.45 -128.65 -116.21
CA THR YD 73 -20.90 -130.83 -113.16
CA TRP YD 74 -19.43 -130.99 -109.64
CA VAL YD 75 -15.87 -132.36 -109.37
CA THR YD 76 -14.26 -132.89 -105.96
CA TYR YD 77 -11.02 -134.31 -104.63
CA GLY YD 78 -8.82 -134.57 -101.59
CA THR YD 79 -5.69 -132.56 -100.86
CA CYS YD 80 -3.77 -134.71 -98.38
CA THR YD 81 -0.07 -135.13 -99.10
CA THR YD 82 1.75 -138.45 -99.43
CA THR YD 83 1.74 -139.06 -95.68
CA GLY YD 84 -2.06 -138.65 -95.75
CA GLU YD 85 -2.15 -135.52 -93.56
CA HIS YD 86 -3.96 -132.21 -93.94
CA ARG YD 87 -2.57 -128.95 -95.30
CA ARG YD 88 0.54 -127.62 -93.62
CA GLU YD 89 2.21 -124.21 -93.28
CA LYS YD 90 3.36 -121.65 -90.70
CA ARG YD 91 3.26 -119.14 -89.07
CA SER YD 92 0.72 -116.78 -87.50
CA VAL YD 93 1.23 -114.10 -84.85
CA ALA YD 94 0.52 -113.99 -81.11
CA LEU YD 95 1.16 -110.93 -78.97
CA VAL YD 96 4.24 -111.39 -76.79
CA PRO YD 97 3.21 -111.55 -73.09
CA HIS YD 98 4.82 -109.97 -70.05
CA VAL YD 99 4.18 -109.38 -66.34
CA GLY YD 100 2.07 -106.58 -64.89
CA MET YD 101 -0.72 -104.61 -66.53
CA GLY YD 102 0.62 -101.85 -68.75
CA LEU YD 103 -2.09 -99.20 -69.14
CA GLU YD 104 -0.27 -95.88 -68.96
CA THR YD 105 1.06 -95.35 -72.51
CA ARG YD 106 -0.77 -95.08 -75.83
CA THR YD 107 -0.76 -92.90 -78.96
CA GLU YD 108 2.30 -91.69 -80.87
CA THR YD 109 4.02 -88.31 -80.61
CA TRP YD 110 3.79 -85.07 -82.55
CA MET YD 111 7.37 -83.84 -82.64
CA SER YD 112 6.79 -80.08 -82.48
CA SER YD 113 4.05 -79.94 -79.85
CA GLU YD 114 5.57 -82.60 -77.62
CA GLY YD 115 9.01 -80.99 -77.91
CA ALA YD 116 7.48 -77.67 -76.86
CA TRP YD 117 5.64 -79.26 -73.92
CA LYS YD 118 8.52 -81.54 -72.88
CA HIS YD 119 9.74 -79.00 -70.32
CA ALA YD 120 6.28 -78.45 -68.85
CA GLN YD 121 5.60 -82.18 -68.55
CA ARG YD 122 9.12 -83.01 -67.32
CA ILE YD 123 9.02 -80.49 -64.48
CA GLU YD 124 5.71 -81.97 -63.31
CA THR YD 125 6.86 -85.58 -63.51
CA TRP YD 126 10.13 -84.78 -61.75
CA ILE YD 127 8.62 -82.63 -59.01
CA LEU YD 128 6.05 -85.35 -58.33
CA ARG YD 129 8.56 -88.21 -58.39
CA HIS YD 130 10.94 -86.63 -55.82
CA PRO YD 131 9.01 -85.15 -52.87
CA GLY YD 132 12.18 -85.25 -50.78
CA PHE YD 133 13.96 -82.79 -53.03
CA THR YD 134 10.73 -80.77 -53.08
CA ILE YD 135 11.04 -80.45 -49.30
CA MET YD 136 14.72 -79.52 -49.38
CA ALA YD 137 14.24 -76.95 -52.15
CA ALA YD 138 11.27 -75.46 -50.31
CA ILE YD 139 13.27 -75.19 -47.07
CA LEU YD 140 16.22 -73.56 -48.85
CA ALA YD 141 13.91 -71.08 -50.56
CA TYR YD 142 12.20 -70.33 -47.25
CA THR YD 143 15.52 -69.57 -45.56
CA ILE YD 144 17.18 -67.58 -48.34
CA GLY YD 145 14.22 -65.53 -49.55
CA THR YD 146 13.76 -62.51 -47.28
CA THR YD 147 10.26 -61.65 -48.52
CA HIS YD 148 7.55 -63.85 -49.97
CA PHE YD 149 8.09 -63.35 -53.70
CA GLN YD 150 11.84 -63.95 -53.42
CA ARG YD 151 11.01 -67.24 -51.70
CA ALA YD 152 8.59 -68.27 -54.44
CA LEU YD 153 11.01 -67.18 -57.16
CA ILE YD 154 13.93 -69.18 -55.78
CA PHE YD 155 11.62 -72.17 -55.28
CA ILE YD 156 10.32 -72.19 -58.85
CA LEU YD 157 13.78 -71.60 -60.35
CA LEU YD 158 15.27 -74.54 -58.44
CA THR YD 159 12.32 -76.77 -59.36
CA ALA YD 160 12.89 -75.88 -63.01
CA VAL YD 161 16.66 -76.34 -62.79
CA ALA YD 162 16.63 -79.75 -61.10
CA PRO YD 163 15.29 -81.78 -64.07
CA SER YD 164 17.57 -79.92 -66.51
CA MET YD 165 20.85 -80.95 -64.85
CA THR YD 166 19.73 -84.59 -65.03
CA PHE ZD 1 34.77 -144.74 -104.89
CA HIS ZD 2 37.84 -145.01 -102.63
CA LEU ZD 3 37.00 -146.85 -99.39
CA THR ZD 4 38.85 -146.40 -96.09
CA THR ZD 5 38.13 -147.40 -92.48
CA ARG ZD 6 37.76 -144.47 -90.07
CA ASN ZD 7 36.13 -144.58 -86.63
CA GLY ZD 8 35.34 -148.25 -87.20
CA GLU ZD 9 33.12 -147.35 -90.18
CA PRO ZD 10 33.71 -147.11 -93.94
CA HIS ZD 11 34.58 -143.74 -95.45
CA MET ZD 12 33.93 -143.22 -99.18
CA ILE ZD 13 35.82 -140.66 -101.27
CA VAL ZD 14 34.08 -139.77 -104.53
CA SER ZD 15 35.13 -137.45 -107.35
CA ARG ZD 16 33.19 -135.81 -110.15
CA GLN ZD 17 34.64 -138.35 -112.60
CA GLU ZD 18 31.68 -140.50 -111.46
CA LYS ZD 19 29.27 -137.57 -111.21
CA GLY ZD 20 25.57 -138.18 -111.76
CA LYS ZD 21 25.74 -141.97 -111.45
CA SER ZD 22 24.60 -144.28 -108.69
CA LEU ZD 23 27.19 -145.46 -106.16
CA LEU ZD 24 27.74 -149.12 -107.06
CA PHE ZD 25 30.52 -151.37 -105.76
CA LYS ZD 26 31.09 -154.70 -104.00
CA THR ZD 27 32.58 -155.51 -100.59
CA GLU ZD 28 32.27 -158.23 -97.97
CA ASP ZD 29 29.39 -156.41 -96.27
CA GLY ZD 30 27.22 -157.38 -99.24
CA VAL ZD 31 25.91 -155.96 -102.50
CA ASN ZD 32 26.24 -152.31 -101.45
CA MET ZD 33 23.90 -150.57 -103.83
CA CYS ZD 34 23.94 -146.85 -103.02
CA THR ZD 35 23.10 -143.49 -104.54
CA LEU ZD 36 24.33 -139.89 -104.36
CA MET ZD 37 21.72 -137.37 -105.42
CA ALA ZD 38 22.65 -133.81 -104.40
CA MET ZD 39 24.22 -131.61 -107.08
CA ASP ZD 40 26.57 -129.72 -104.74
CA LEU ZD 41 29.44 -131.92 -105.96
CA GLY ZD 42 32.54 -130.19 -107.26
CA GLU ZD 43 35.81 -131.50 -108.60
CA LEU ZD 44 38.43 -133.15 -106.41
CA CYS ZD 45 40.17 -130.48 -104.33
CA GLU ZD 46 41.09 -129.74 -100.72
CA ASP ZD 47 37.59 -128.57 -99.73
CA THR ZD 48 36.46 -131.96 -98.48
CA ILE ZD 49 32.87 -132.34 -97.26
CA THR ZD 50 31.61 -135.49 -95.54
CA TYR ZD 51 28.37 -137.37 -94.85
CA LYS ZD 52 26.95 -140.48 -93.27
CA CYS ZD 53 24.73 -142.37 -95.70
CA PRO ZD 54 21.93 -144.11 -93.76
CA PHE ZD 55 20.77 -147.70 -94.19
CA LEU ZD 56 17.44 -148.61 -95.75
CA LYS ZD 57 14.92 -150.75 -93.90
CA GLN ZD 58 11.70 -149.99 -95.79
CA ASN ZD 59 11.37 -146.23 -96.33
CA GLU ZD 60 11.66 -144.35 -99.60
CA PRO ZD 61 14.90 -142.33 -99.89
CA GLU ZD 62 14.17 -139.08 -98.11
CA ASP ZD 63 15.74 -136.38 -95.90
CA ILE ZD 64 19.34 -137.30 -96.87
CA ASP ZD 65 21.36 -136.43 -99.96
CA CYS ZD 66 22.91 -139.90 -100.07
CA TRP ZD 67 21.10 -143.21 -99.66
CA CYS ZD 68 22.55 -146.71 -99.26
CA ASN ZD 69 20.54 -149.90 -98.68
CA SER ZD 70 23.07 -152.49 -97.49
CA THR ZD 71 25.22 -150.88 -94.77
CA SER ZD 72 25.62 -147.36 -93.39
CA THR ZD 73 28.71 -145.72 -94.84
CA TRP ZD 74 30.29 -142.27 -94.89
CA VAL ZD 75 30.59 -140.51 -98.24
CA THR ZD 76 32.84 -137.49 -98.73
CA TYR ZD 77 33.73 -135.47 -101.82
CA GLY ZD 78 34.78 -132.06 -103.10
CA THR ZD 79 32.66 -128.93 -103.41
CA CYS ZD 80 34.88 -126.26 -104.95
CA THR ZD 81 33.64 -124.64 -108.15
CA THR ZD 82 35.01 -125.80 -111.50
CA THR ZD 83 37.58 -122.98 -111.62
CA GLY ZD 84 39.43 -124.40 -108.59
CA GLU ZD 85 38.07 -121.75 -106.21
CA HIS ZD 86 36.53 -122.44 -102.81
CA ARG ZD 87 32.93 -121.53 -102.16
CA ARG ZD 88 32.27 -118.02 -100.95
CA GLU ZD 89 29.53 -115.42 -100.49
CA LYS ZD 90 29.65 -111.69 -101.16
CA ARG ZD 91 28.15 -110.67 -97.82
CA SER ZD 92 30.39 -108.47 -95.66
CA VAL ZD 93 30.64 -107.19 -92.07
CA ALA ZD 94 32.31 -104.02 -90.76
CA LEU ZD 95 31.40 -100.75 -89.03
CA VAL ZD 96 31.92 -96.98 -89.23
CA PRO ZD 97 35.52 -95.90 -88.37
CA HIS ZD 98 35.15 -92.11 -88.75
CA VAL ZD 99 34.60 -90.65 -85.27
CA GLY ZD 100 34.91 -92.19 -81.83
CA MET ZD 101 36.38 -90.82 -78.58
CA GLY ZD 102 34.84 -91.15 -75.11
CA LEU ZD 103 37.45 -90.44 -72.43
CA GLU ZD 104 41.24 -90.14 -72.76
CA THR ZD 105 44.39 -88.28 -71.77
CA ARG ZD 106 46.51 -87.80 -68.73
CA THR ZD 107 44.68 -87.35 -65.42
CA GLU ZD 108 44.97 -83.82 -63.97
CA THR ZD 109 46.39 -81.16 -66.30
CA TRP ZD 110 43.92 -82.38 -68.89
CA MET ZD 111 41.23 -82.32 -66.22
CA SER ZD 112 41.97 -78.72 -65.22
CA SER ZD 113 42.53 -77.40 -68.74
CA GLU ZD 114 39.61 -79.14 -70.43
CA GLY ZD 115 37.35 -78.31 -67.48
CA ALA ZD 116 38.21 -74.63 -67.84
CA TRP ZD 117 37.77 -74.71 -71.61
CA LYS ZD 118 34.61 -76.83 -71.69
CA HIS ZD 119 32.96 -74.69 -69.02
CA ALA ZD 120 34.12 -71.56 -70.86
CA GLN ZD 121 32.71 -72.68 -74.21
CA ARG ZD 122 29.49 -74.05 -72.68
CA ILE ZD 123 28.75 -70.87 -70.73
CA GLU ZD 124 29.87 -68.72 -73.66
CA THR ZD 125 27.52 -70.56 -76.03
CA TRP ZD 126 24.71 -70.11 -73.49
CA ILE ZD 127 25.53 -66.38 -73.38
CA LEU ZD 128 25.75 -65.85 -77.17
CA ARG ZD 129 23.38 -68.56 -78.42
CA HIS ZD 130 20.72 -66.91 -76.20
CA PRO ZD 131 21.93 -63.40 -75.29
CA GLY ZD 132 18.87 -61.39 -74.28
CA PHE ZD 133 17.97 -63.71 -71.42
CA THR ZD 134 21.41 -63.00 -69.98
CA ILE ZD 135 21.15 -59.21 -69.89
CA MET ZD 136 17.54 -59.24 -68.68
CA ALA ZD 137 18.48 -61.65 -65.88
CA ALA ZD 138 21.50 -59.51 -64.97
CA ILE ZD 139 19.46 -56.30 -64.67
CA LEU ZD 140 16.67 -58.14 -62.84
CA ALA ZD 141 19.16 -59.48 -60.29
CA TYR ZD 142 20.86 -56.10 -59.87
CA THR ZD 143 17.44 -54.53 -59.22
CA ILE ZD 144 15.93 -57.25 -57.00
CA GLY ZD 145 18.67 -59.04 -55.08
CA THR ZD 146 19.34 -57.46 -51.70
CA THR ZD 147 23.01 -58.49 -51.38
CA HIS ZD 148 25.68 -59.05 -54.01
CA PHE ZD 149 25.72 -62.73 -53.02
CA GLN ZD 150 21.95 -62.89 -53.51
CA ARG ZD 151 22.19 -61.05 -56.83
CA ALA ZD 152 24.91 -63.48 -57.92
CA LEU ZD 153 22.63 -66.39 -57.11
CA ILE ZD 154 19.77 -64.76 -59.02
CA PHE ZD 155 21.40 -64.06 -62.34
CA ILE ZD 156 23.78 -67.06 -62.35
CA LEU ZD 157 20.79 -69.35 -61.78
CA LEU ZD 158 18.68 -67.56 -64.40
CA THR ZD 159 21.50 -67.79 -66.95
CA ALA ZD 160 21.86 -71.48 -66.09
CA VAL ZD 161 18.18 -72.34 -66.50
CA ALA ZD 162 16.93 -70.08 -69.32
CA PRO ZD 163 19.07 -71.38 -72.23
CA SER ZD 164 18.26 -74.95 -71.21
CA MET ZD 165 14.61 -73.92 -70.90
CA THR ZD 166 14.79 -72.15 -74.27
CA MET AE 1 117.33 -7.74 55.38
CA ARG AE 2 117.37 -10.82 57.59
CA CYS AE 3 114.67 -13.06 56.19
CA ILE AE 4 115.93 -15.10 53.24
CA GLY AE 5 114.91 -18.73 52.83
CA ILE AE 6 111.93 -18.53 55.19
CA SER AE 7 109.03 -19.90 53.16
CA ASN AE 8 106.30 -17.80 54.78
CA ARG AE 9 107.27 -14.23 53.92
CA ASP AE 10 104.18 -12.04 54.28
CA PHE AE 11 103.87 -8.60 52.73
CA VAL AE 12 102.22 -5.28 53.57
CA GLU AE 13 102.13 -3.34 50.28
CA GLY AE 14 101.22 0.13 51.48
CA VAL AE 15 100.42 2.41 54.41
CA SER AE 16 97.75 4.98 55.30
CA GLY AE 17 97.70 8.19 57.30
CA GLY AE 18 96.79 6.47 60.56
CA SER AE 19 99.60 3.95 60.00
CA TRP AE 20 98.11 1.70 62.70
CA VAL AE 21 99.10 -1.47 60.89
CA ASP AE 22 98.23 -4.63 62.84
CA ILE AE 23 100.81 -7.15 61.70
CA VAL AE 24 100.18 -10.87 61.88
CA LEU AE 25 103.12 -12.97 63.02
CA GLU AE 26 103.68 -16.71 63.37
CA HIS AE 27 106.48 -19.18 64.03
CA GLY AE 28 108.84 -19.65 61.11
CA SER AE 29 107.32 -16.79 59.11
CA CYS AE 30 108.70 -13.31 58.48
CA VAL AE 31 106.84 -10.10 57.66
CA THR AE 32 107.78 -7.12 55.50
CA THR AE 33 106.29 -3.69 56.12
CA MET AE 34 106.27 -1.07 53.37
CA ALA AE 35 105.52 2.62 53.74
CA LYS AE 36 105.50 5.45 51.21
CA ASN AE 37 108.82 7.28 51.58
CA LYS AE 38 109.37 5.82 55.05
CA PRO AE 39 111.90 3.19 56.19
CA THR AE 40 110.88 -0.34 55.26
CA LEU AE 41 110.88 -2.85 58.11
CA ASP AE 42 111.27 -6.58 58.58
CA PHE AE 43 109.53 -8.16 61.59
CA GLU AE 44 110.11 -11.59 63.07
CA LEU AE 45 109.76 -13.51 66.31
CA ILE AE 46 113.11 -15.19 66.97
CA LYS AE 47 112.30 -17.06 70.19
CA THR AE 48 109.19 -17.88 72.21
CA GLU AE 49 109.79 -18.64 75.89
CA ALA AE 50 107.67 -18.90 79.03
CA LYS AE 51 110.11 -17.91 81.76
CA GLN AE 52 109.62 -19.19 85.30
CA PRO AE 53 107.12 -21.97 84.48
CA ALA AE 54 105.05 -23.52 87.25
CA THR AE 55 105.39 -27.14 88.38
CA LEU AE 56 102.31 -29.37 88.22
CA ARG AE 57 103.28 -32.92 89.15
CA LYS AE 58 106.49 -34.96 89.15
CA TYR AE 59 106.69 -38.54 87.87
CA CYS AE 60 109.17 -41.19 88.97
CA ILE AE 61 111.43 -43.00 86.51
CA GLU AE 62 114.08 -45.11 88.32
CA ALA AE 63 113.37 -46.81 91.63
CA LYS AE 64 115.91 -47.60 94.30
CA LEU AE 65 114.49 -49.60 97.19
CA THR AE 66 115.57 -51.01 100.55
CA ASN AE 67 114.40 -52.30 103.92
CA THR AE 68 112.13 -54.85 102.22
CA THR AE 69 110.57 -57.24 104.74
CA THR AE 70 108.10 -60.12 104.80
CA ASP AE 71 106.19 -60.72 108.03
CA SER AE 72 103.50 -63.32 108.47
CA ARG AE 73 101.42 -65.20 111.03
CA CYS AE 74 99.91 -68.66 111.12
CA PRO AE 75 96.34 -68.97 109.79
CA THR AE 76 93.74 -67.96 112.41
CA GLN AE 77 96.07 -65.30 113.91
CA GLY AE 78 95.18 -62.30 111.74
CA GLU AE 79 97.63 -60.79 109.28
CA PRO AE 80 100.32 -59.06 111.37
CA SER AE 81 100.58 -55.31 111.78
CA LEU AE 82 103.96 -53.66 111.29
CA ASN AE 83 105.62 -50.42 112.29
CA GLU AE 84 106.89 -50.50 108.71
CA GLU AE 85 103.50 -50.28 107.04
CA GLN AE 86 102.00 -47.37 108.99
CA ASP AE 87 104.23 -44.77 107.29
CA LYS AE 88 103.60 -43.42 103.79
CA ARG AE 89 107.37 -43.43 103.17
CA PHE AE 90 107.08 -47.15 102.30
CA VAL AE 91 105.05 -49.12 99.76
CA CYS AE 92 103.17 -52.21 100.84
CA LYS AE 93 100.68 -54.98 100.32
CA HIS AE 94 98.92 -57.80 102.13
CA SER AE 95 98.44 -61.18 100.50
CA MET AE 96 97.12 -64.68 101.18
CA VAL AE 97 99.19 -67.86 100.89
CA ASP AE 98 98.69 -71.52 101.77
CA ARG AE 99 101.05 -72.19 104.66
CA GLY AE 100 101.36 -75.96 104.97
CA TRP AE 101 101.79 -78.18 108.00
CA GLY AE 102 105.55 -78.47 107.55
CA ASN AE 103 105.87 -74.72 107.13
CA GLY AE 104 106.71 -73.53 110.61
CA CYS AE 105 103.20 -73.39 112.04
CA GLY AE 106 101.91 -76.92 111.70
CA LEU AE 107 98.32 -76.12 110.84
CA PHE AE 108 97.86 -76.13 107.08
CA GLY AE 109 95.65 -73.39 105.73
CA LYS AE 110 95.57 -70.08 103.90
CA GLY AE 111 96.84 -67.15 105.94
CA GLY AE 112 98.02 -63.57 105.61
CA ILE AE 113 101.46 -62.20 104.79
CA VAL AE 114 102.44 -58.53 104.88
CA THR AE 115 105.25 -57.63 102.50
CA CYS AE 116 106.95 -54.25 102.05
CA ALA AE 117 109.86 -51.94 101.56
CA MET AE 118 111.12 -48.40 101.33
CA PHE AE 119 110.68 -46.59 98.02
CA THR AE 120 112.85 -43.61 97.12
CA CYS AE 121 113.67 -43.17 93.44
CA LYS AE 122 116.51 -41.50 91.65
CA LYS AE 123 115.52 -40.02 88.26
CA ASN AE 124 112.21 -38.20 87.97
CA MET AE 125 110.27 -36.24 85.39
CA LYS AE 126 109.61 -32.52 85.59
CA GLY AE 127 105.98 -31.79 84.73
CA LYS AE 128 105.17 -28.14 84.18
CA VAL AE 129 102.28 -25.88 83.17
CA VAL AE 130 102.40 -22.63 81.20
CA GLN AE 131 99.88 -19.83 81.78
CA PRO AE 132 99.02 -16.95 79.42
CA GLU AE 133 100.74 -14.55 81.83
CA ASN AE 134 104.16 -16.16 81.56
CA LEU AE 135 104.23 -16.09 77.74
CA GLU AE 136 107.31 -14.04 76.85
CA TYR AE 137 107.90 -13.32 73.16
CA THR AE 138 111.17 -12.11 71.65
CA ILE AE 139 110.63 -9.85 68.65
CA VAL AE 140 113.33 -8.91 66.14
CA ILE AE 141 113.01 -5.67 64.16
CA THR AE 142 115.32 -4.95 61.23
CA PRO AE 143 115.76 -2.17 58.65
CA HIS AE 144 116.38 -2.80 54.95
CA SER AE 145 119.77 -1.12 55.01
CA GLY AE 146 121.19 -3.96 52.93
CA GLU AE 147 124.11 -4.81 55.21
CA GLU AE 148 126.11 -7.75 53.92
CA HIS AE 149 125.63 -10.26 56.75
CA ALA AE 150 121.86 -10.20 56.31
CA VAL AE 151 121.07 -13.13 54.00
CA GLY AE 152 120.66 -16.18 56.21
CA ASN AE 153 121.52 -14.28 59.41
CA ASP AE 154 119.18 -13.96 62.39
CA THR AE 155 120.87 -12.72 65.58
CA GLY AE 156 123.45 -10.49 63.88
CA LYS AE 157 123.94 -7.11 65.57
CA HIS AE 158 122.17 -5.04 62.93
CA GLY AE 159 118.65 -4.58 64.28
CA LYS AE 160 116.82 -4.53 67.61
CA GLU AE 161 115.50 -7.24 69.91
CA ILE AE 162 112.61 -6.51 72.28
CA LYS AE 163 111.27 -8.59 75.16
CA ILE AE 164 107.51 -8.33 74.66
CA THR AE 165 104.89 -9.75 77.02
CA PRO AE 166 101.13 -9.22 77.47
CA GLN AE 167 101.93 -7.84 80.93
CA SER AE 168 103.62 -4.98 79.04
CA SER AE 169 101.72 -2.71 76.65
CA ILE AE 170 103.90 0.20 75.41
CA THR AE 171 107.66 0.46 75.08
CA GLU AE 172 109.75 2.47 72.64
CA ALA AE 173 112.55 0.75 70.72
CA GLU AE 174 115.40 2.34 68.81
CA LEU AE 175 116.45 1.35 65.29
CA THR AE 176 119.93 2.77 64.85
CA GLY AE 177 120.09 5.17 61.93
CA TYR AE 178 116.34 5.04 61.37
CA GLY AE 179 114.85 6.42 64.59
CA THR AE 180 112.14 5.07 66.88
CA VAL AE 181 109.38 2.47 66.70
CA THR AE 182 106.83 1.99 69.45
CA MET AE 183 106.06 -1.51 70.70
CA GLU AE 184 102.42 -0.84 71.57
CA CYS AE 185 101.87 -4.50 70.80
CA SER AE 186 99.06 -6.83 71.87
CA PRO AE 187 99.92 -10.54 72.27
CA ARG AE 188 96.30 -11.62 72.51
CA THR AE 189 95.88 -14.79 70.49
CA GLY AE 190 97.13 -17.69 72.56
CA LEU AE 191 95.81 -20.82 70.85
CA ASP AE 192 94.95 -22.92 73.91
CA PHE AE 193 96.64 -23.75 77.21
CA ASN AE 194 94.29 -25.78 79.44
CA GLU AE 195 95.19 -29.09 77.77
CA MET AE 196 98.92 -28.67 77.07
CA VAL AE 197 101.73 -29.58 79.47
CA LEU AE 198 105.51 -29.39 79.31
CA LEU AE 199 107.79 -32.27 80.33
CA GLN AE 200 111.52 -32.12 81.05
CA MET AE 201 114.10 -34.92 81.42
CA GLU AE 202 117.61 -33.78 82.45
CA ASN AE 203 118.56 -32.30 79.06
CA LYS AE 204 115.49 -32.69 76.84
CA ALA AE 205 111.81 -31.74 76.82
CA TRP AE 206 108.45 -32.55 75.28
CA LEU AE 207 104.92 -31.16 74.95
CA VAL AE 208 101.92 -33.39 75.62
CA HIS AE 209 98.20 -33.12 76.32
CA ARG AE 210 97.14 -32.83 79.96
CA GLN AE 211 95.02 -35.99 79.89
CA TRP AE 212 98.17 -37.93 79.08
CA PHE AE 213 99.67 -36.89 82.42
CA LEU AE 214 96.36 -37.38 84.19
CA ASP AE 215 96.11 -40.99 82.99
CA LEU AE 216 99.68 -42.27 82.76
CA PRO AE 217 100.12 -44.98 85.46
CA LEU AE 218 103.40 -44.09 87.14
CA PRO AE 219 104.27 -42.72 90.59
CA TRP AE 220 103.10 -39.21 91.49
CA LEU AE 221 104.26 -36.18 93.41
CA PRO AE 222 101.97 -33.13 93.67
CA GLY AE 223 103.79 -29.91 92.94
CA ALA AE 224 103.57 -28.69 96.53
CA ASP AE 225 105.58 -31.48 98.16
CA THR AE 226 109.35 -31.18 98.52
CA GLN AE 227 110.47 -34.13 100.68
CA GLY AE 228 109.85 -36.70 97.95
CA SER AE 229 108.40 -39.10 100.53
CA ASN AE 230 104.63 -39.08 99.91
CA TRP AE 231 103.63 -40.75 96.63
CA ILE AE 232 100.37 -41.71 94.94
CA GLN AE 233 99.84 -44.78 92.75
CA LYS AE 234 103.25 -45.81 94.07
CA GLU AE 235 102.39 -49.51 93.73
CA THR AE 236 102.51 -49.56 89.91
CA LEU AE 237 106.31 -49.67 89.65
CA VAL AE 238 106.71 -52.47 92.19
CA THR AE 239 105.59 -55.76 90.68
CA PHE AE 240 105.53 -58.72 93.04
CA LYS AE 241 106.70 -62.19 92.15
CA ASN AE 242 104.02 -64.74 92.92
CA PRO AE 243 103.87 -65.31 96.70
CA HIS AE 244 106.11 -68.13 97.87
CA ALA AE 245 104.98 -69.32 101.30
CA LYS AE 246 106.90 -66.79 103.42
CA LYS AE 247 109.20 -65.47 100.71
CA GLN AE 248 107.70 -62.54 98.88
CA ASP AE 249 110.43 -60.67 97.05
CA VAL AE 250 109.56 -57.30 95.57
CA VAL AE 251 110.93 -56.04 92.26
CA VAL AE 252 110.28 -52.85 90.32
CA LEU AE 253 110.44 -51.74 86.69
CA GLY AE 254 113.88 -50.67 85.58
CA SER AE 255 115.05 -48.02 83.14
CA GLN AE 256 111.89 -46.37 81.81
CA GLU AE 257 113.78 -43.71 79.83
CA GLY AE 258 113.90 -46.01 76.82
CA ALA AE 259 110.22 -46.83 77.20
CA MET AE 260 109.42 -43.14 77.43
CA HIS AE 261 111.50 -42.30 74.35
CA THR AE 262 110.01 -45.07 72.20
CA ALA AE 263 106.41 -44.51 73.35
CA LEU AE 264 106.28 -40.71 73.58
CA THR AE 265 107.65 -40.42 70.04
CA GLY AE 266 105.20 -38.71 67.71
CA ALA AE 267 104.40 -35.99 70.25
CA THR AE 268 105.72 -32.45 69.88
CA GLU AE 269 109.45 -32.53 70.62
CA ILE AE 270 110.78 -29.20 71.91
CA GLN AE 271 114.50 -28.42 71.81
CA MET AE 272 114.81 -27.06 75.35
CA SER AE 273 118.61 -26.97 74.97
CA SER AE 274 118.17 -23.66 73.13
CA GLY AE 275 115.26 -22.85 75.43
CA ASN AE 276 111.62 -23.82 75.01
CA LEU AE 277 110.56 -22.94 71.45
CA LEU AE 278 106.78 -22.92 71.95
CA PHE AE 279 105.32 -23.31 68.44
CA THR AE 280 101.81 -22.22 69.41
CA GLY AE 281 99.54 -19.26 68.88
CA HIS AE 282 99.80 -16.22 66.61
CA LEU AE 283 100.88 -12.67 67.42
CA LYS AE 284 98.53 -9.79 66.60
CA CYS AE 285 100.80 -6.79 66.96
CA ARG AE 286 99.72 -3.18 66.36
CA LEU AE 287 102.49 -0.87 65.12
CA ARG AE 288 102.39 2.85 64.33
CA MET AE 289 105.23 3.97 62.04
CA ASP AE 290 104.47 7.70 62.37
CA LYS AE 291 107.71 8.57 64.21
CA LEU AE 292 110.22 6.42 62.27
CA GLN AE 293 112.70 8.58 60.39
CA LEU AE 294 114.62 7.66 57.22
CA LYS AE 295 118.29 8.66 56.89
CA GLY AE 296 119.27 9.24 53.28
CA MET AE 297 116.31 10.33 51.18
CA SER AE 298 118.02 13.74 51.09
CA TYR AE 299 121.36 12.36 49.90
CA SER AE 300 122.73 13.26 46.49
CA MET AE 301 122.58 11.03 43.43
CA CYS AE 302 125.22 8.36 42.82
CA THR AE 303 127.42 9.20 39.82
CA GLY AE 304 130.44 6.88 40.03
CA LYS AE 305 131.45 3.41 38.93
CA PHE AE 306 129.01 0.56 39.46
CA LYS AE 307 129.77 -3.16 39.67
CA VAL AE 308 128.04 -6.40 40.67
CA VAL AE 309 129.71 -9.02 42.84
CA LYS AE 310 127.17 -11.86 43.00
CA GLU AE 311 124.06 -12.42 40.90
CA ILE AE 312 120.56 -13.19 42.24
CA ALA AE 313 120.24 -15.87 44.88
CA GLU AE 314 116.76 -16.85 43.73
CA THR AE 315 114.24 -16.79 46.59
CA GLN AE 316 111.04 -18.70 47.19
CA HIS AE 317 109.16 -15.59 45.98
CA GLY AE 318 111.54 -14.95 43.08
CA THR AE 319 112.66 -11.71 44.70
CA ILE AE 320 115.88 -10.18 43.38
CA VAL AE 321 118.49 -9.86 46.13
CA ILE AE 322 121.39 -8.05 44.50
CA ARG AE 323 124.60 -7.98 46.56
CA VAL AE 324 126.34 -5.17 44.75
CA GLN AE 325 129.49 -3.10 45.37
CA TYR AE 326 129.91 0.53 44.23
CA GLU AE 327 133.57 1.48 43.87
CA GLY AE 328 132.46 4.95 42.80
CA ASP AE 329 133.02 7.89 45.12
CA GLY AE 330 130.47 10.39 46.44
CA SER AE 331 128.86 8.12 49.03
CA PRO AE 332 126.41 8.54 50.69
CA CYS AE 333 124.23 8.83 47.58
CA LYS AE 334 120.96 7.56 46.15
CA ILE AE 335 121.19 4.61 43.77
CA PRO AE 336 119.68 4.44 40.26
CA PHE AE 337 117.23 1.54 40.50
CA GLU AE 338 114.90 0.83 37.57
CA ILE AE 339 113.05 -2.34 36.55
CA MET AE 340 112.01 -2.02 32.92
CA ASP AE 341 110.45 -4.05 30.13
CA LEU AE 342 112.04 -5.80 27.15
CA GLU AE 343 111.69 -2.81 24.83
CA LYS AE 344 112.45 -0.45 27.75
CA ARG AE 345 109.34 1.72 27.36
CA HIS AE 346 107.93 2.10 30.90
CA VAL AE 347 108.80 0.93 34.40
CA LEU AE 348 106.52 -1.51 36.21
CA GLY AE 349 108.64 -2.94 39.05
CA ARG AE 350 108.41 -2.56 42.82
CA LEU AE 351 111.64 -2.00 44.73
CA ILE AE 352 111.53 -3.05 48.38
CA THR AE 353 114.29 -1.15 50.16
CA VAL AE 354 113.18 2.42 49.58
CA ASN AE 355 116.07 4.83 49.11
CA PRO AE 356 118.76 2.25 48.35
CA ILE AE 357 121.85 3.94 49.72
CA VAL AE 358 125.52 3.06 50.05
CA THR AE 359 126.75 4.26 53.43
CA GLU AE 360 130.46 3.96 52.65
CA LYS AE 361 132.85 3.18 49.83
CA ASP AE 362 134.40 -0.26 49.33
CA SER AE 363 131.38 -1.89 50.95
CA PRO AE 364 128.77 -4.26 49.48
CA VAL AE 365 125.07 -3.49 49.83
CA ASN AE 366 122.23 -6.00 49.58
CA ILE AE 367 119.33 -4.37 47.75
CA GLU AE 368 115.99 -6.18 47.99
CA ALA AE 369 113.46 -5.84 45.18
CA GLU AE 370 110.52 -7.58 43.49
CA PRO AE 371 110.45 -7.34 39.67
CA PRO AE 372 107.40 -7.88 37.46
CA PHE AE 373 106.49 -11.28 36.02
CA GLY AE 374 108.10 -12.73 32.93
CA ASP AE 375 111.30 -11.38 31.44
CA SER AE 376 112.62 -7.93 32.26
CA TYR AE 377 115.74 -5.78 32.59
CA ILE AE 378 117.29 -4.45 35.81
CA ILE AE 379 118.95 -1.06 35.35
CA ILE AE 380 121.57 -0.05 37.91
CA GLY AE 381 123.70 3.06 37.57
CA VAL AE 382 123.73 5.72 34.88
CA GLU AE 383 125.53 6.00 31.57
CA PRO AE 384 128.54 5.90 31.14
CA GLY AE 385 129.02 2.60 32.97
CA GLN AE 386 125.27 1.97 32.90
CA LEU AE 387 124.67 -1.57 34.16
CA LYS AE 388 121.93 -3.84 32.76
CA LEU AE 389 120.98 -7.30 34.05
CA ASN AE 390 118.47 -9.43 32.19
CA TRP AE 391 116.28 -11.58 34.44
CA PHE AE 392 113.13 -13.70 34.21
CA LYS AE 393 110.64 -14.55 36.96
CA LYS AE 394 108.49 -17.62 36.32
CA GLY AE 395 105.35 -16.59 38.21
CA SER AE 396 102.08 -15.80 36.47
CA SER AE 397 100.41 -12.42 36.89
CA ILE AE 398 96.89 -13.52 37.86
CA GLY AE 399 98.44 -16.38 39.80
CA GLN AE 400 100.60 -14.32 42.15
CA MET AE 401 97.68 -11.90 42.30
CA ILE AE 402 95.36 -14.58 43.67
CA GLU AE 403 97.88 -16.06 46.12
CA THR AE 404 98.88 -12.63 47.48
CA THR AE 405 95.23 -11.66 47.92
CA MET AE 406 94.79 -15.00 49.67
CA ARG AE 407 97.70 -14.29 52.02
CA GLY AE 408 96.02 -10.99 52.85
CA ALA AE 409 92.72 -12.79 53.34
CA LYS AE 410 94.32 -15.23 55.78
CA ARG AE 411 96.04 -12.38 57.61
CA MET AE 412 92.68 -10.68 58.07
CA ALA AE 413 91.14 -14.05 58.99
CA ILE AE 414 93.41 -14.42 62.01
CA LEU AE 415 93.32 -10.62 62.37
CA GLY AE 416 89.55 -10.99 62.34
CA ASP AE 417 87.02 -11.15 65.15
CA THR AE 418 87.68 -8.54 67.87
CA ALA AE 419 90.85 -7.41 66.01
CA TRP AE 420 89.99 -4.82 63.34
CA ASP AE 421 89.00 -1.48 64.84
CA PHE AE 422 85.21 -1.60 64.82
CA GLY AE 423 84.63 0.17 68.15
CA SER AE 424 86.30 3.44 67.19
CA LEU AE 425 83.54 5.60 65.73
CA GLY AE 426 84.77 7.71 62.84
CA GLY AE 427 87.75 5.38 62.65
CA VAL AE 428 85.35 2.61 61.61
CA PHE AE 429 85.50 4.09 58.12
CA THR AE 430 89.31 3.93 58.22
CA SER AE 431 89.22 0.37 59.56
CA ILE AE 432 87.00 -0.82 56.72
CA GLY AE 433 89.25 1.10 54.35
CA LYS AE 434 92.34 -0.67 55.64
CA ALA AE 435 90.53 -4.01 55.46
CA LEU AE 436 89.58 -3.42 51.83
CA HIS AE 437 93.21 -2.47 51.29
CA GLN AE 438 94.71 -5.55 52.95
CA VAL AE 439 92.41 -7.76 50.83
CA PHE AE 440 91.81 -6.06 47.45
CA GLY AE 441 94.62 -3.47 47.26
CA ALA AE 442 96.90 -5.86 45.46
CA ILE AE 443 94.22 -5.98 42.75
CA TYR AE 444 93.90 -2.20 42.98
CA GLY AE 445 97.56 -1.26 42.66
CA ALA AE 446 99.02 -4.05 40.51
CA ALA AE 447 96.18 -4.79 38.07
CA PHE AE 448 94.18 -1.55 37.85
CA SER AE 449 96.78 0.68 36.18
CA GLY AE 450 99.32 1.04 39.01
CA VAL AE 451 97.96 3.73 39.38
CA SER AE 452 97.72 7.45 38.59
CA TRP AE 453 94.89 7.83 41.04
CA ILE AE 454 92.94 10.83 39.68
CA MET AE 455 92.08 9.33 36.30
CA LYS AE 456 91.27 5.93 37.78
CA ILE AE 457 88.87 7.38 40.33
CA LEU AE 458 87.24 9.21 37.42
CA ILE AE 459 86.91 5.85 35.65
CA GLY AE 460 85.63 4.33 38.89
CA VAL AE 461 82.82 6.85 39.29
CA ILE AE 462 81.97 6.24 35.62
CA ILE AE 463 81.76 2.51 36.36
CA THR AE 464 79.61 3.22 39.42
CA TRP AE 465 77.17 5.32 37.39
CA ILE AE 466 76.94 2.63 34.69
CA GLY AE 467 76.37 -0.06 37.31
CA MET AE 468 73.65 1.96 39.02
CA ASN AE 469 72.05 2.76 35.65
CA SER AE 470 72.26 -0.83 34.40
CA ARG AE 471 69.74 -3.20 32.82
CA SER AE 472 70.06 -5.89 35.52
CA THR AE 473 70.10 -5.62 39.31
CA SER AE 474 72.61 -8.45 39.78
CA LEU AE 475 75.11 -6.65 37.55
CA SER AE 476 74.37 -3.40 39.41
CA VAL AE 477 75.15 -4.99 42.78
CA SER AE 478 78.28 -6.63 41.31
CA LEU AE 479 79.66 -3.46 39.69
CA VAL AE 480 78.75 -0.58 42.00
CA LEU AE 481 80.40 -2.46 44.86
CA VAL AE 482 83.63 -2.65 42.86
CA GLY AE 483 83.29 1.02 41.97
CA VAL AE 484 82.81 2.25 45.54
CA VAL AE 485 85.66 0.02 46.71
CA THR AE 486 87.81 1.56 43.97
CA LEU AE 487 86.93 5.12 44.96
CA TYR AE 488 87.32 4.78 48.72
CA LEU AE 489 90.37 2.51 48.55
CA GLY AE 490 91.98 5.00 46.17
CA VAL AE 491 91.36 7.79 48.65
CA MET AE 492 93.02 5.58 51.26
CA VAL AE 493 95.96 4.72 48.98
CA GLN AE 494 96.61 8.40 48.30
CA ALA AE 495 97.18 8.60 52.06
CA MET BE 1 44.52 -94.29 80.54
CA ARG BE 2 47.78 -92.88 81.88
CA CYS BE 3 47.15 -89.26 80.86
CA ILE BE 4 45.31 -88.21 84.03
CA GLY BE 5 47.25 -85.30 85.43
CA ILE BE 6 49.12 -84.83 82.14
CA SER BE 7 48.58 -81.19 81.16
CA ASN BE 8 49.22 -81.34 77.40
CA ARG BE 9 46.60 -83.61 75.84
CA ASP BE 10 44.96 -83.84 72.42
CA PHE BE 11 41.87 -85.90 71.60
CA VAL BE 12 42.63 -86.62 67.96
CA GLU BE 13 39.67 -88.53 66.47
CA GLY BE 14 40.07 -89.77 62.91
CA VAL BE 15 42.02 -91.77 60.36
CA SER BE 16 44.18 -90.27 57.62
CA GLY BE 17 44.13 -91.15 53.93
CA GLY BE 18 46.09 -94.37 54.33
CA SER BE 19 44.23 -95.16 57.55
CA TRP BE 20 47.27 -94.11 59.60
CA VAL BE 21 47.20 -91.78 62.58
CA ASP BE 22 49.55 -88.79 62.48
CA ILE BE 23 50.83 -88.76 66.06
CA VAL BE 24 52.29 -85.55 67.42
CA LEU BE 25 54.46 -86.78 70.26
CA GLU BE 26 56.28 -84.56 72.77
CA HIS BE 27 57.91 -85.36 76.10
CA GLY BE 28 55.39 -84.82 78.87
CA SER BE 29 52.38 -84.88 76.54
CA CYS BE 30 49.50 -87.17 75.66
CA VAL BE 31 47.81 -88.51 72.55
CA THR BE 32 44.47 -90.34 72.37
CA THR BE 33 43.23 -91.85 69.12
CA MET BE 34 39.56 -92.45 68.35
CA ALA BE 35 37.36 -93.61 65.49
CA LYS BE 36 34.02 -95.33 65.02
CA ASN BE 37 34.17 -99.10 64.59
CA LYS BE 38 37.69 -98.70 65.99
CA PRO BE 39 38.69 -99.13 69.68
CA THR BE 40 40.21 -96.06 71.29
CA LEU BE 41 43.93 -96.09 72.07
CA ASP BE 42 46.34 -94.00 74.15
CA PHE BE 43 49.71 -93.10 72.62
CA GLU BE 44 52.58 -91.95 74.83
CA LEU BE 45 56.37 -91.69 75.03
CA ILE BE 46 58.20 -92.65 78.23
CA LYS BE 47 61.93 -92.81 77.47
CA THR BE 48 64.44 -91.30 75.05
CA GLU BE 49 67.97 -92.58 74.60
CA ALA BE 50 70.94 -92.28 72.24
CA LYS BE 51 73.11 -95.34 71.61
CA GLN BE 52 76.40 -95.75 69.75
CA PRO BE 53 77.36 -92.08 70.11
CA ALA BE 54 80.27 -90.58 68.20
CA THR BE 55 83.21 -89.05 70.08
CA LEU BE 56 83.56 -85.56 68.62
CA ARG BE 57 86.60 -84.72 70.71
CA LYS BE 58 88.15 -86.20 73.85
CA TYR BE 59 89.22 -83.84 76.65
CA CYS BE 60 91.66 -85.09 79.29
CA ILE BE 61 91.31 -82.94 82.37
CA GLU BE 62 93.95 -83.98 84.91
CA ALA BE 63 97.51 -83.87 83.61
CA LYS BE 64 100.52 -85.65 85.08
CA LEU BE 65 103.97 -84.49 84.01
CA THR BE 66 107.13 -86.60 83.69
CA ASN BE 67 110.67 -86.77 82.31
CA THR BE 68 110.96 -83.00 82.19
CA THR BE 69 114.15 -81.71 80.60
CA THR BE 70 115.67 -78.24 80.63
CA ASP BE 71 118.84 -76.88 79.07
CA SER BE 72 120.37 -73.54 78.16
CA ARG BE 73 123.18 -72.09 76.10
CA CYS BE 74 124.99 -68.80 76.64
CA PRO BE 75 124.50 -65.89 74.22
CA THR BE 76 126.21 -66.42 70.83
CA GLN BE 77 127.08 -70.03 71.79
CA GLY BE 78 123.99 -71.38 70.04
CA GLU BE 79 120.36 -72.39 70.46
CA PRO BE 80 120.08 -75.93 71.88
CA SER BE 81 117.97 -78.50 70.06
CA LEU BE 82 117.00 -81.83 71.60
CA ASN BE 83 115.58 -85.01 70.12
CA GLU BE 84 112.97 -84.81 72.89
CA GLU BE 85 111.57 -81.78 71.07
CA GLN BE 86 111.03 -83.66 67.80
CA ASP BE 87 108.76 -86.25 69.42
CA LYS BE 88 105.41 -84.49 69.72
CA ARG BE 89 104.44 -86.33 72.92
CA PHE BE 90 106.16 -83.57 74.95
CA VAL BE 91 105.07 -79.99 75.50
CA CYS BE 92 108.02 -77.71 74.80
CA LYS BE 93 108.94 -74.04 75.15
CA HIS BE 94 111.90 -71.86 74.20
CA SER BE 95 112.97 -68.87 76.27
CA MET BE 96 115.59 -66.20 76.95
CA VAL BE 97 117.56 -65.66 80.17
CA ASP BE 98 120.40 -63.37 81.18
CA ARG BE 99 123.87 -64.82 81.72
CA GLY BE 100 127.09 -63.08 82.72
CA TRP BE 101 130.85 -63.33 82.91
CA GLY BE 102 130.74 -63.82 86.67
CA ASN BE 103 127.49 -65.80 86.40
CA GLY BE 104 129.09 -69.10 85.42
CA CYS BE 105 129.64 -68.13 81.78
CA GLY BE 106 131.62 -65.83 79.51
CA LEU BE 107 129.77 -62.56 78.97
CA PHE BE 108 126.69 -60.46 79.76
CA GLY BE 109 123.73 -61.19 77.52
CA LYS BE 110 120.56 -63.12 76.84
CA GLY BE 111 121.30 -66.79 76.21
CA GLY BE 112 118.70 -69.25 75.05
CA ILE BE 113 116.80 -71.95 76.92
CA VAL BE 114 114.75 -74.94 75.83
CA THR BE 115 112.62 -76.73 78.42
CA CYS BE 116 110.10 -79.45 77.76
CA ALA BE 117 108.43 -82.45 79.30
CA MET BE 118 106.08 -85.36 78.76
CA PHE BE 119 102.33 -84.77 79.19
CA THR BE 120 100.44 -87.80 80.46
CA CYS BE 121 96.86 -87.38 81.63
CA LYS BE 122 94.80 -89.79 83.69
CA LYS BE 123 91.27 -88.50 84.20
CA ASN BE 124 89.40 -87.45 81.09
CA MET BE 125 86.03 -86.19 79.88
CA LYS BE 126 83.95 -87.73 77.16
CA GLY BE 127 82.30 -85.31 74.72
CA LYS BE 128 79.98 -86.78 72.11
CA VAL BE 129 77.59 -85.53 69.43
CA VAL BE 130 74.26 -87.24 68.74
CA GLN BE 131 73.00 -87.55 65.18
CA PRO BE 132 69.30 -87.93 64.32
CA GLU BE 133 69.97 -91.47 63.07
CA ASN BE 134 71.45 -92.79 66.32
CA LEU BE 135 68.41 -91.86 68.43
CA GLU BE 136 65.94 -94.39 69.79
CA TYR BE 137 62.46 -93.44 71.04
CA THR BE 138 60.38 -95.41 73.57
CA ILE BE 139 56.72 -95.25 72.60
CA VAL BE 140 54.07 -96.96 74.71
CA ILE BE 141 50.54 -97.93 73.63
CA THR BE 142 47.70 -98.37 76.12
CA PRO BE 143 44.12 -99.61 75.64
CA HIS BE 144 41.08 -97.83 77.04
CA SER BE 145 39.48 -100.88 78.62
CA GLY BE 146 38.97 -99.50 82.12
CA GLU BE 147 40.97 -102.20 83.88
CA GLU BE 148 42.04 -101.38 87.42
CA HIS BE 149 45.76 -101.24 86.61
CA ALA BE 150 44.80 -99.50 83.33
CA VAL BE 151 44.22 -96.11 85.00
CA GLY BE 152 46.99 -93.70 85.96
CA ASN BE 153 49.54 -96.50 86.33
CA ASP BE 154 53.16 -96.18 85.25
CA THR BE 155 54.00 -99.92 85.43
CA GLY BE 156 50.79 -101.66 84.38
CA LYS BE 157 50.78 -104.86 82.37
CA HIS BE 158 48.07 -103.42 80.09
CA GLY BE 159 50.51 -101.14 78.28
CA LYS BE 160 52.97 -102.29 75.65
CA GLU BE 161 56.27 -100.49 75.13
CA ILE BE 162 58.11 -100.42 71.79
CA LYS BE 163 61.31 -98.77 70.61
CA ILE BE 164 61.55 -96.81 67.35
CA THR BE 165 64.75 -96.32 65.31
CA PRO BE 166 65.15 -95.31 61.64
CA GLN BE 167 67.17 -98.44 60.82
CA SER BE 168 63.99 -100.51 61.34
CA SER BE 169 61.22 -98.17 60.20
CA ILE BE 170 58.48 -100.59 59.11
CA THR BE 171 57.89 -102.56 62.32
CA GLU BE 172 54.87 -104.39 63.74
CA ALA BE 173 53.82 -104.18 67.38
CA GLU BE 174 51.18 -106.30 69.12
CA LEU BE 175 48.47 -105.25 71.57
CA THR BE 176 46.73 -107.94 73.61
CA GLY BE 177 43.39 -108.97 72.16
CA TYR BE 178 43.18 -106.15 69.64
CA GLY BE 179 46.05 -107.46 67.51
CA THR BE 180 48.64 -105.98 65.18
CA VAL BE 181 49.46 -102.27 64.78
CA THR BE 182 52.18 -100.74 62.63
CA MET BE 183 55.17 -98.67 63.74
CA GLU BE 184 56.65 -96.39 61.04
CA CYS BE 185 58.09 -92.87 61.28
CA SER BE 186 61.05 -90.52 60.97
CA PRO BE 187 60.67 -87.97 63.83
CA ARG BE 188 63.23 -85.53 62.41
CA THR BE 189 60.75 -82.61 62.11
CA GLY BE 190 61.99 -81.28 65.48
CA LEU BE 191 64.66 -78.80 66.48
CA ASP BE 192 68.08 -78.93 64.86
CA PHE BE 193 70.48 -81.34 66.57
CA ASN BE 194 73.86 -80.22 65.18
CA GLU BE 195 73.94 -77.28 67.62
CA MET BE 196 74.26 -79.43 70.78
CA VAL BE 197 76.88 -81.77 72.24
CA LEU BE 198 76.77 -83.85 75.43
CA LEU BE 199 79.62 -84.11 77.93
CA GLN BE 200 79.82 -86.95 80.40
CA MET BE 201 82.08 -87.48 83.40
CA GLU BE 202 81.94 -90.89 85.12
CA ASN BE 203 78.16 -90.71 85.54
CA LYS BE 204 76.93 -87.12 85.29
CA ALA BE 205 76.34 -85.47 81.93
CA TRP BE 206 75.73 -81.99 80.59
CA LEU BE 207 74.12 -80.65 77.43
CA VAL BE 208 76.09 -77.75 75.93
CA HIS BE 209 76.75 -75.96 72.65
CA ARG BE 210 79.27 -77.24 70.11
CA GLN BE 211 81.31 -74.03 69.88
CA TRP BE 212 81.41 -73.83 73.68
CA PHE BE 213 82.37 -77.50 73.80
CA LEU BE 214 85.35 -76.69 71.58
CA ASP BE 215 86.21 -73.34 73.21
CA LEU BE 216 87.22 -74.70 76.64
CA PRO BE 217 91.03 -74.26 76.57
CA LEU BE 218 92.32 -77.72 77.44
CA PRO BE 219 94.09 -80.59 75.62
CA TRP BE 220 92.33 -82.15 72.61
CA LEU BE 221 92.09 -85.47 70.79
CA PRO BE 222 90.32 -86.00 67.44
CA GLY BE 223 87.47 -88.48 67.48
CA ALA BE 224 89.40 -91.30 65.86
CA ASP BE 225 92.39 -90.35 68.03
CA THR BE 226 92.93 -92.84 70.85
CA GLN BE 227 96.71 -93.20 71.12
CA GLY BE 228 97.41 -90.14 73.28
CA SER BE 229 100.41 -89.17 71.16
CA ASN BE 230 98.84 -86.08 69.60
CA TRP BE 231 97.80 -83.17 71.82
CA ILE BE 232 96.63 -79.69 70.84
CA GLN BE 233 96.89 -76.57 72.99
CA LYS BE 234 98.69 -78.70 75.57
CA GLU BE 235 100.44 -75.63 76.98
CA THR BE 236 97.67 -74.45 79.32
CA LEU BE 237 97.73 -77.44 81.69
CA VAL BE 238 101.52 -77.05 82.01
CA THR BE 239 102.46 -73.67 83.45
CA PHE BE 240 106.07 -72.64 82.99
CA LYS BE 241 107.20 -70.48 85.90
CA ASN BE 242 109.26 -67.40 85.18
CA PRO BE 243 112.54 -67.89 83.28
CA HIS BE 244 115.25 -68.39 85.85
CA ALA BE 245 118.95 -69.18 85.40
CA LYS BE 246 119.25 -72.56 83.63
CA LYS BE 247 115.92 -73.76 85.07
CA GLN BE 248 112.30 -73.59 84.05
CA ASP BE 249 110.49 -75.08 87.03
CA VAL BE 250 107.56 -76.77 85.31
CA VAL BE 251 104.36 -76.54 87.35
CA VAL BE 252 101.58 -79.02 86.67
CA LEU BE 253 98.20 -77.34 86.73
CA GLY BE 254 95.79 -78.95 89.15
CA SER BE 255 92.81 -81.05 88.17
CA GLN BE 256 90.09 -78.74 86.92
CA GLU BE 257 87.44 -81.38 87.67
CA GLY BE 258 86.32 -79.35 90.66
CA ALA BE 259 86.35 -76.26 88.46
CA MET BE 260 84.22 -78.05 85.86
CA HIS BE 261 81.72 -79.06 88.54
CA THR BE 262 81.69 -75.40 89.59
CA ALA BE 263 81.12 -74.08 86.06
CA LEU BE 264 78.98 -76.67 84.25
CA THR BE 265 76.52 -76.62 87.15
CA GLY BE 266 73.74 -74.24 86.17
CA ALA BE 267 73.74 -75.61 82.65
CA THR BE 268 71.41 -78.37 81.45
CA GLU BE 269 72.07 -81.39 83.66
CA ILE BE 270 71.53 -84.97 82.47
CA GLN BE 271 71.77 -88.40 84.08
CA MET BE 272 72.49 -91.32 81.76
CA SER BE 273 70.27 -93.67 83.78
CA SER BE 274 67.14 -91.81 82.63
CA GLY BE 275 68.44 -91.51 79.06
CA ASN BE 276 68.90 -88.23 77.22
CA LEU BE 277 66.07 -85.75 77.90
CA LEU BE 278 66.00 -84.21 74.42
CA PHE BE 279 62.42 -83.09 74.95
CA THR BE 280 63.03 -80.28 72.45
CA GLY BE 281 61.68 -81.12 69.01
CA HIS BE 282 58.28 -82.46 68.02
CA LEU BE 283 58.00 -86.11 66.98
CA LYS BE 284 55.70 -86.57 63.99
CA CYS BE 285 54.88 -90.23 63.41
CA ARG BE 286 52.80 -92.35 61.07
CA LEU BE 287 50.95 -95.32 62.54
CA ARG BE 288 48.57 -97.57 60.59
CA MET BE 289 45.42 -98.96 62.22
CA ASP BE 290 43.87 -101.11 59.47
CA LYS BE 291 44.91 -104.41 61.09
CA LEU BE 292 42.85 -103.91 64.30
CA GLN BE 293 39.20 -104.70 64.99
CA LEU BE 294 36.87 -104.59 67.99
CA LYS BE 295 37.76 -107.21 70.59
CA GLY BE 296 34.92 -108.34 72.83
CA MET BE 297 32.19 -107.01 70.50
CA SER BE 298 30.73 -110.50 70.18
CA TYR BE 299 29.89 -110.47 73.89
CA SER BE 300 26.20 -109.75 74.41
CA MET BE 301 24.86 -106.82 76.39
CA CYS BE 302 23.86 -107.73 79.95
CA THR BE 303 20.62 -106.44 81.43
CA GLY BE 304 21.64 -106.69 85.08
CA LYS BE 305 22.23 -103.77 87.46
CA PHE BE 306 25.06 -101.24 87.58
CA LYS BE 307 26.71 -99.62 90.58
CA VAL BE 308 29.17 -96.74 91.00
CA VAL BE 309 32.24 -97.11 93.22
CA LYS BE 310 34.07 -93.77 92.97
CA GLU BE 311 32.36 -90.43 92.58
CA ILE BE 312 32.48 -88.40 89.37
CA ALA BE 313 36.15 -87.47 89.18
CA GLU BE 314 37.33 -84.40 87.28
CA THR BE 315 40.43 -84.21 85.09
CA GLN BE 316 42.19 -81.15 83.63
CA HIS BE 317 40.43 -81.49 80.24
CA GLY BE 318 36.68 -81.56 80.91
CA THR BE 319 36.35 -85.33 81.07
CA ILE BE 320 34.65 -87.61 83.60
CA VAL BE 321 35.70 -90.95 85.09
CA ILE BE 322 33.14 -93.48 86.33
CA ARG BE 323 34.00 -96.74 88.09
CA VAL BE 324 30.94 -98.77 87.13
CA GLN BE 325 30.49 -101.96 89.15
CA TYR BE 326 28.20 -104.82 88.11
CA GLU BE 327 26.52 -106.46 91.09
CA GLY BE 328 24.28 -108.52 88.80
CA ASP BE 329 25.17 -111.69 86.88
CA GLY BE 330 26.01 -112.54 83.27
CA SER BE 331 29.56 -111.27 82.98
CA PRO BE 332 31.40 -110.59 80.73
CA CYS BE 333 29.09 -108.23 78.78
CA LYS BE 334 28.99 -105.29 76.38
CA ILE BE 335 28.54 -102.17 78.50
CA PRO BE 336 25.46 -100.05 77.73
CA PHE BE 337 26.75 -96.49 78.22
CA GLU BE 338 24.69 -93.61 76.87
CA ILE BE 339 24.01 -89.89 77.16
CA MET BE 340 20.81 -87.89 77.24
CA ASP BE 341 19.93 -84.22 77.41
CA LEU BE 342 17.37 -82.50 79.62
CA GLU BE 343 14.54 -83.63 77.33
CA LYS BE 344 15.78 -87.24 77.70
CA ARG BE 345 15.70 -87.52 73.90
CA HIS BE 346 18.99 -86.83 72.12
CA VAL BE 347 22.41 -88.50 72.32
CA LEU BE 348 24.64 -85.41 72.44
CA GLY BE 349 27.61 -86.26 74.67
CA ARG BE 350 30.83 -87.73 73.30
CA LEU BE 351 32.06 -91.08 74.60
CA ILE BE 352 35.73 -92.09 74.91
CA THR BE 353 35.76 -95.88 75.26
CA VAL BE 354 33.57 -97.60 72.69
CA ASN BE 355 31.87 -100.90 73.65
CA PRO BE 356 33.40 -101.23 77.14
CA ILE BE 357 33.27 -104.72 78.61
CA VAL BE 358 33.51 -106.20 82.09
CA THR BE 359 36.21 -108.79 82.71
CA GLU BE 360 34.33 -110.27 85.67
CA LYS BE 361 31.64 -109.31 88.13
CA ASP BE 362 32.79 -107.35 91.20
CA SER BE 363 35.64 -105.91 89.05
CA PRO BE 364 34.42 -102.45 87.99
CA VAL BE 365 35.31 -100.77 84.71
CA ASN BE 366 36.66 -97.22 84.44
CA ILE BE 367 34.37 -95.75 81.80
CA GLU BE 368 35.56 -92.38 80.50
CA ALA BE 369 33.29 -89.76 78.95
CA GLU BE 370 33.33 -86.20 77.60
CA PRO BE 371 29.90 -84.54 77.77
CA PRO BE 372 29.57 -80.91 76.67
CA PHE BE 373 30.00 -78.15 79.23
CA GLY BE 374 26.52 -78.02 80.70
CA ASP BE 375 23.82 -80.15 82.28
CA SER BE 376 23.23 -83.69 81.02
CA TYR BE 377 22.38 -87.19 82.21
CA ILE BE 378 24.95 -89.96 82.00
CA ILE BE 379 22.65 -92.96 81.63
CA ILE BE 380 24.34 -96.05 83.03
CA GLY BE 381 22.46 -99.27 82.40
CA VAL BE 382 19.02 -99.65 80.88
CA GLU BE 383 15.59 -99.54 82.42
CA PRO BE 384 14.15 -100.92 84.66
CA GLY BE 385 16.59 -99.76 87.32
CA GLN BE 386 18.52 -97.45 84.99
CA LEU BE 387 20.81 -94.80 86.52
CA LYS BE 388 20.42 -91.35 84.93
CA LEU BE 389 23.24 -89.74 86.87
CA ASN BE 390 22.88 -85.99 86.46
CA TRP BE 391 26.05 -84.05 85.73
CA PHE BE 392 26.75 -80.34 85.32
CA LYS BE 393 30.03 -79.70 83.50
CA LYS BE 394 31.57 -76.26 83.84
CA GLY BE 395 32.86 -74.19 80.94
CA SER BE 396 31.61 -72.62 77.73
CA SER BE 397 30.96 -74.61 74.57
CA ILE BE 398 32.66 -71.80 72.64
CA GLY BE 399 35.51 -72.32 75.11
CA GLN BE 400 36.30 -75.82 73.90
CA MET BE 401 35.40 -74.69 70.37
CA ILE BE 402 38.17 -72.09 70.24
CA GLU BE 403 40.58 -74.19 72.31
CA THR BE 404 40.37 -77.38 70.25
CA THR BE 405 40.25 -75.56 66.91
CA MET BE 406 43.29 -73.45 67.82
CA ARG BE 407 45.24 -76.44 69.15
CA GLY BE 408 44.57 -78.49 66.03
CA ALA BE 409 45.42 -75.49 63.87
CA LYS BE 410 48.81 -75.01 65.56
CA ARG BE 411 49.36 -78.77 65.45
CA MET BE 412 48.88 -78.78 61.67
CA ALA BE 413 50.77 -75.46 61.35
CA ILE BE 414 54.02 -76.57 62.96
CA LEU BE 415 53.39 -79.63 60.79
CA GLY BE 416 52.47 -77.30 57.94
CA ASP BE 417 54.67 -76.33 55.01
CA THR BE 418 56.67 -79.29 53.62
CA ALA BE 419 54.89 -81.58 56.13
CA TRP BE 420 51.32 -82.39 55.03
CA ASP BE 421 51.12 -84.41 51.83
CA PHE BE 422 50.13 -81.92 49.11
CA GLY BE 423 52.18 -83.30 46.20
CA SER BE 424 50.19 -86.51 45.67
CA LEU BE 425 47.70 -85.89 42.86
CA GLY BE 426 44.34 -87.44 43.67
CA GLY BE 427 45.50 -87.66 47.26
CA VAL BE 428 45.28 -83.86 47.35
CA PHE BE 429 41.60 -84.39 48.16
CA THR BE 430 42.55 -86.72 51.01
CA SER BE 431 45.10 -84.21 52.29
CA ILE BE 432 42.57 -81.37 52.23
CA GLY BE 433 40.15 -83.62 54.10
CA LYS BE 434 42.96 -84.42 56.53
CA ALA BE 435 43.61 -80.73 57.18
CA LEU BE 436 39.93 -80.07 57.77
CA HIS BE 437 39.50 -83.20 59.91
CA GLN BE 438 42.51 -82.34 62.07
CA VAL BE 439 41.34 -78.72 62.41
CA PHE BE 440 37.63 -78.57 61.51
CA GLY BE 441 36.91 -82.23 62.34
CA ALA BE 442 35.96 -81.45 65.93
CA ILE BE 443 33.31 -79.17 64.43
CA TYR BE 444 31.79 -82.15 62.60
CA GLY BE 445 32.08 -84.51 65.56
CA ALA BE 446 31.49 -82.67 68.84
CA ALA BE 447 28.99 -79.87 68.18
CA PHE BE 448 27.22 -81.25 65.09
CA SER BE 449 24.90 -84.03 66.29
CA GLY BE 450 27.48 -86.58 67.55
CA VAL BE 451 26.91 -87.93 64.89
CA SER BE 452 24.95 -90.50 62.87
CA TRP BE 453 26.50 -89.59 59.54
CA ILE BE 454 23.68 -90.32 57.05
CA MET BE 455 21.16 -87.92 58.58
CA LYS BE 456 23.70 -85.13 59.00
CA ILE BE 457 24.97 -85.44 55.43
CA LEU BE 458 21.34 -85.12 54.36
CA ILE BE 459 21.15 -82.01 56.55
CA GLY BE 460 24.44 -80.83 55.06
CA VAL BE 461 23.27 -81.09 51.47
CA ILE BE 462 20.10 -79.27 52.58
CA ILE BE 463 22.27 -76.50 54.02
CA THR BE 464 24.31 -76.36 50.81
CA TRP BE 465 21.10 -75.96 48.81
CA ILE BE 466 19.89 -73.20 51.14
CA GLY BE 467 23.23 -71.38 51.03
CA MET BE 468 23.47 -71.54 47.23
CA ASN BE 469 19.95 -70.12 46.80
CA SER BE 470 20.33 -67.44 49.47
CA ARG BE 471 19.54 -63.73 49.47
CA SER BE 472 23.16 -62.73 50.24
CA THR BE 473 26.37 -63.85 48.54
CA SER BE 474 28.41 -63.31 51.71
CA LEU BE 475 26.12 -65.69 53.58
CA SER BE 476 26.32 -68.03 50.58
CA VAL BE 477 30.12 -68.17 50.81
CA SER BE 478 29.88 -68.55 54.60
CA LEU BE 479 27.32 -71.41 54.49
CA VAL BE 480 28.05 -73.49 51.39
CA LEU BE 481 31.69 -73.76 52.51
CA VAL BE 482 30.56 -75.17 55.86
CA GLY BE 483 28.15 -77.50 54.07
CA VAL BE 484 30.70 -78.93 51.64
CA VAL BE 485 33.18 -79.28 54.52
CA THR BE 486 30.49 -81.19 56.42
CA LEU BE 487 29.71 -83.53 53.52
CA TYR BE 488 33.27 -84.26 52.40
CA LEU BE 489 34.64 -84.53 55.95
CA GLY BE 490 31.77 -86.87 56.83
CA VAL BE 491 32.74 -89.08 53.92
CA MET BE 492 36.30 -89.01 55.28
CA VAL BE 493 35.05 -89.72 58.81
CA GLN BE 494 33.23 -92.80 57.50
CA ALA BE 495 36.64 -94.09 56.37
CA MET CE 1 52.08 -9.06 120.59
CA ARG CE 2 54.74 -11.75 120.91
CA CYS CE 3 55.89 -12.36 117.33
CA ILE CE 4 57.17 -8.95 116.23
CA GLY CE 5 60.48 -9.88 114.62
CA ILE CE 6 60.22 -13.44 113.28
CA SER CE 7 60.56 -13.84 109.53
CA ASN CE 8 57.44 -15.95 108.93
CA ARG CE 9 54.78 -13.41 109.90
CA ASP CE 10 51.31 -14.52 108.78
CA PHE CE 11 47.87 -12.91 109.02
CA VAL CE 12 44.43 -14.52 109.00
CA GLU CE 13 41.73 -11.83 108.94
CA GLY CE 14 38.49 -13.76 108.53
CA VAL CE 15 35.86 -15.42 110.70
CA SER CE 16 33.42 -18.26 110.12
CA GLY CE 17 29.64 -18.28 110.46
CA GLY CE 18 29.91 -20.14 113.75
CA SER CE 19 33.24 -18.46 114.55
CA TRP CE 20 34.99 -21.79 113.85
CA VAL CE 21 38.28 -20.24 112.79
CA ASP CE 22 40.99 -22.46 111.33
CA ILE CE 23 44.76 -21.91 111.50
CA VAL CE 24 47.95 -23.74 110.56
CA LEU CE 25 50.95 -23.71 112.89
CA GLU CE 26 54.55 -24.56 111.97
CA HIS CE 27 57.93 -24.21 113.65
CA GLY CE 28 58.82 -20.53 113.78
CA SER CE 29 55.75 -19.49 111.77
CA CYS CE 30 53.54 -17.56 114.16
CA VAL CE 31 50.01 -16.46 113.32
CA THR CE 32 47.98 -13.37 114.21
CA THR CE 33 44.22 -13.72 114.66
CA MET CE 34 42.01 -10.75 113.80
CA ALA CE 35 38.30 -10.36 114.48
CA LYS CE 36 35.48 -7.84 114.70
CA ASN CE 37 34.64 -6.60 118.21
CA LYS CE 38 36.63 -9.54 119.64
CA PRO CE 39 40.16 -9.32 121.07
CA THR CE 40 42.95 -10.11 118.64
CA LEU CE 41 45.44 -12.86 119.38
CA ASP CE 42 48.85 -14.28 118.55
CA PHE CE 43 49.37 -18.03 118.25
CA GLU CE 44 52.56 -20.02 117.98
CA LEU CE 45 53.97 -23.47 118.69
CA ILE CE 46 56.95 -22.81 120.93
CA LYS CE 47 58.35 -26.29 121.45
CA THR CE 48 57.56 -29.71 120.00
CA GLU CE 49 57.87 -32.67 122.34
CA ALA CE 50 57.55 -36.44 121.88
CA LYS CE 51 56.96 -38.00 125.29
CA GLN CE 52 56.33 -41.66 126.10
CA PRO CE 53 58.36 -43.08 123.20
CA ALA CE 54 57.82 -46.58 121.87
CA THR CE 55 60.90 -48.80 121.99
CA LEU CE 56 60.77 -50.01 118.39
CA ARG CE 57 63.93 -52.14 118.23
CA LYS CE 58 67.42 -52.42 119.71
CA TYR CE 59 70.88 -53.04 118.25
CA CYS CE 60 73.88 -54.65 119.93
CA ILE CE 61 76.55 -52.26 118.72
CA GLU CE 62 79.44 -54.31 120.16
CA ALA CE 63 79.78 -58.02 120.74
CA LYS CE 64 81.33 -60.54 123.11
CA LEU CE 65 81.94 -64.18 122.18
CA THR CE 66 82.10 -66.73 124.99
CA ASN CE 67 81.69 -70.43 125.72
CA THR CE 68 82.51 -71.24 122.09
CA THR CE 69 82.17 -75.00 121.84
CA THR CE 70 82.57 -76.99 118.63
CA ASP CE 71 82.46 -80.60 117.46
CA SER CE 72 82.65 -82.68 114.31
CA ARG CE 73 81.85 -86.14 112.96
CA CYS CE 74 83.47 -88.33 110.35
CA PRO CE 75 81.74 -88.56 106.94
CA THR CE 76 78.38 -90.39 106.80
CA GLN CE 77 77.84 -90.04 110.58
CA GLY CE 78 75.64 -86.95 110.16
CA GLU CE 79 75.95 -83.60 111.88
CA PRO CE 80 76.90 -83.75 115.58
CA SER CE 81 74.08 -82.83 117.96
CA LEU CE 82 75.05 -80.76 120.99
CA ASN CE 83 72.59 -78.94 123.29
CA GLU CE 84 73.59 -75.39 122.30
CA GLU CE 85 71.98 -75.60 118.85
CA GLN CE 86 68.42 -75.62 120.18
CA ASP CE 87 69.15 -72.82 122.66
CA LYS CE 88 69.11 -69.44 120.91
CA ARG CE 89 71.40 -68.06 123.62
CA PHE CE 90 74.23 -69.48 121.50
CA VAL CE 91 74.62 -68.40 117.90
CA CYS CE 92 75.94 -71.19 115.73
CA LYS CE 93 76.31 -72.89 112.38
CA HIS CE 94 77.34 -76.19 110.79
CA SER CE 95 79.64 -76.87 107.83
CA MET CE 96 81.74 -79.67 106.33
CA VAL CE 97 85.41 -80.44 105.68
CA ASP CE 98 87.38 -83.26 104.09
CA ARG CE 99 88.42 -85.84 106.69
CA GLY CE 100 89.42 -89.47 106.37
CA TRP CE 101 92.16 -92.06 106.82
CA GLY CE 102 94.75 -89.30 107.12
CA ASN CE 103 93.32 -87.58 110.21
CA GLY CE 104 91.59 -90.36 112.16
CA CYS CE 105 88.41 -91.05 110.17
CA GLY CE 106 87.90 -93.95 107.75
CA LEU CE 107 87.87 -92.51 104.22
CA PHE CE 108 88.44 -89.09 102.69
CA GLY CE 109 85.06 -87.38 102.50
CA LYS CE 110 83.15 -84.28 103.53
CA GLY CE 111 82.36 -84.89 107.18
CA GLY CE 112 80.28 -82.50 109.23
CA ILE CE 113 81.19 -79.92 111.85
CA VAL CE 114 79.03 -77.87 114.22
CA THR CE 115 80.43 -74.64 115.63
CA CYS CE 116 78.54 -72.82 118.39
CA ALA CE 117 79.18 -69.97 120.80
CA MET CE 118 77.43 -67.74 123.32
CA PHE CE 119 76.83 -64.22 122.01
CA THR CE 120 76.89 -61.71 124.87
CA CYS CE 121 75.68 -58.16 124.21
CA LYS CE 122 77.84 -55.65 126.07
CA LYS CE 123 76.28 -52.37 124.89
CA ASN CE 124 72.97 -51.20 123.48
CA MET CE 125 71.96 -48.85 120.68
CA LYS CE 126 68.45 -47.58 121.27
CA GLY CE 127 65.80 -46.84 118.65
CA LYS CE 128 62.81 -44.57 119.28
CA VAL CE 129 59.82 -44.30 116.94
CA VAL CE 130 57.44 -41.36 117.28
CA GLN CE 131 53.78 -42.06 116.59
CA PRO CE 132 51.31 -39.28 115.74
CA GLU CE 133 49.43 -39.61 119.03
CA ASN CE 134 52.64 -39.19 121.07
CA LEU CE 135 53.36 -35.61 119.95
CA GLU CE 136 52.95 -33.25 122.92
CA TYR CE 137 52.59 -29.86 121.23
CA THR CE 138 53.47 -26.87 123.41
CA ILE CE 139 51.47 -23.88 122.15
CA VAL CE 140 51.90 -20.29 123.34
CA ILE CE 141 48.87 -18.00 123.11
CA THR CE 142 49.35 -14.27 123.72
CA PRO CE 143 46.80 -11.43 123.35
CA HIS CE 144 47.46 -8.04 121.76
CA SER CE 145 46.45 -6.46 125.02
CA GLY CE 146 49.20 -3.92 125.64
CA GLU CE 147 51.92 -5.90 127.41
CA GLU CE 148 55.56 -4.97 126.90
CA HIS CE 149 57.80 -7.89 127.91
CA ALA CE 150 56.94 -10.18 124.97
CA VAL CE 151 58.13 -8.22 121.92
CA GLY CE 152 61.06 -10.14 120.49
CA ASN CE 153 60.93 -12.58 123.42
CA ASP CE 154 60.60 -16.31 124.08
CA THR CE 155 59.64 -16.61 127.77
CA GLY CE 156 57.58 -13.38 127.93
CA LYS CE 157 54.47 -14.47 129.80
CA HIS CE 158 51.27 -12.47 129.76
CA GLY CE 159 49.25 -15.14 127.97
CA LYS CE 160 49.31 -18.90 128.48
CA GLU CE 161 51.31 -21.94 127.38
CA ILE CE 162 49.33 -25.15 126.92
CA LYS CE 163 50.55 -28.69 126.24
CA ILE CE 164 48.19 -30.23 123.68
CA THR CE 165 47.96 -34.03 123.82
CA PRO CE 166 46.18 -35.42 120.73
CA GLN CE 167 44.33 -37.97 122.87
CA SER CE 168 42.68 -34.88 124.42
CA SER CE 169 41.24 -32.99 121.45
CA ILE CE 170 39.15 -30.35 123.24
CA THR CE 171 41.01 -28.22 125.78
CA GLU CE 172 40.22 -24.99 127.60
CA ALA CE 173 43.10 -22.50 127.80
CA GLU CE 174 41.97 -19.79 130.25
CA LEU CE 175 43.54 -16.59 128.95
CA THR CE 176 43.83 -14.10 131.80
CA GLY CE 177 41.32 -11.26 131.81
CA TYR CE 178 39.72 -12.36 128.53
CA GLY CE 179 38.30 -15.79 129.40
CA THR CE 180 39.19 -18.88 127.39
CA VAL CE 181 39.40 -20.18 123.82
CA THR CE 182 38.43 -23.73 122.93
CA MET CE 183 41.38 -25.71 121.61
CA GLU CE 184 40.50 -28.30 118.96
CA CYS CE 185 43.87 -28.58 117.30
CA SER CE 186 45.09 -31.85 115.78
CA PRO CE 187 48.49 -32.86 114.38
CA ARG CE 188 46.82 -35.85 112.71
CA THR CE 189 46.01 -33.89 109.57
CA GLY CE 190 49.60 -32.64 109.37
CA LEU CE 191 52.46 -34.56 107.82
CA ASP CE 192 52.61 -38.21 108.84
CA PHE CE 193 55.32 -38.98 111.40
CA ASN CE 194 55.57 -42.53 110.10
CA GLU CE 195 59.17 -42.56 108.78
CA MET CE 196 61.06 -40.56 111.45
CA VAL CE 197 63.21 -42.45 113.94
CA LEU CE 198 65.63 -41.40 116.68
CA LEU CE 199 68.90 -43.21 117.26
CA GLN CE 200 69.94 -42.83 120.91
CA MET CE 201 73.42 -43.51 122.27
CA GLU CE 202 74.20 -42.86 125.94
CA ASN CE 203 72.74 -39.32 126.05
CA LYS CE 204 73.17 -38.02 122.48
CA ALA CE 205 70.98 -38.82 119.51
CA TRP CE 206 70.31 -38.40 115.81
CA LEU CE 207 67.27 -38.45 113.54
CA VAL CE 208 67.12 -40.86 110.61
CA HIS CE 209 64.59 -42.63 108.40
CA ARG CE 210 62.77 -45.82 109.38
CA GLN CE 211 63.66 -47.93 106.35
CA TRP CE 212 67.31 -47.00 106.80
CA PHE CE 213 67.04 -47.66 110.53
CA LEU CE 214 65.91 -51.24 109.91
CA ASP CE 215 68.05 -51.95 106.83
CA LEU CE 216 71.23 -51.87 108.93
CA PRO CE 217 72.99 -55.29 108.82
CA LEU CE 218 73.60 -55.32 112.56
CA PRO CE 219 72.38 -57.45 115.48
CA TRP CE 220 68.62 -57.26 115.57
CA LEU CE 221 66.69 -57.54 118.86
CA PRO CE 222 62.97 -56.78 119.33
CA GLY CE 223 61.50 -54.22 121.69
CA ALA CE 224 59.33 -56.65 123.65
CA ASP CE 225 62.15 -58.94 124.77
CA THR CE 226 64.46 -57.98 127.64
CA GLN CE 227 67.00 -60.79 128.12
CA GLY CE 228 68.25 -60.64 124.52
CA SER CE 229 68.52 -64.41 124.14
CA ASN CE 230 65.82 -64.39 121.46
CA TRP CE 231 68.43 -63.01 119.10
CA ILE CE 232 67.92 -62.35 115.37
CA GLN CE 233 70.26 -61.54 112.46
CA LYS CE 234 72.93 -63.82 113.77
CA GLU CE 235 75.76 -63.56 111.23
CA THR CE 236 76.21 -59.76 111.28
CA LEU CE 237 79.18 -59.78 113.70
CA VAL CE 238 80.22 -63.41 114.16
CA THR CE 239 82.34 -63.97 111.04
CA PHE CE 240 83.49 -67.58 111.07
CA LYS CE 241 86.47 -68.30 108.82
CA ASN CE 242 86.78 -71.28 106.50
CA PRO CE 243 86.88 -74.26 108.88
CA HIS CE 244 90.10 -76.24 108.70
CA ALA CE 245 89.45 -79.63 110.31
CA LYS CE 246 87.42 -78.49 113.36
CA LYS CE 247 88.50 -75.08 114.68
CA GLN CE 248 87.67 -71.90 112.83
CA ASP CE 249 88.83 -68.45 113.91
CA VAL CE 250 85.45 -67.38 115.24
CA VAL CE 251 85.73 -63.71 116.18
CA VAL CE 252 83.21 -60.92 116.55
CA LEU CE 253 84.04 -57.80 114.57
CA GLY CE 254 85.38 -54.86 116.50
CA SER CE 255 83.04 -52.38 118.12
CA GLN CE 256 80.99 -50.63 115.47
CA GLU CE 257 80.58 -47.52 117.64
CA GLY CE 258 83.31 -45.60 115.83
CA ALA CE 259 82.36 -46.82 112.36
CA MET CE 260 78.64 -46.19 112.69
CA HIS CE 261 79.28 -42.86 114.38
CA THR CE 262 81.43 -41.83 111.42
CA ALA CE 263 78.81 -43.01 108.96
CA LEU CE 264 75.89 -41.39 110.78
CA THR CE 265 77.83 -38.11 110.83
CA GLY CE 266 76.17 -35.54 108.61
CA ALA CE 267 72.67 -36.66 109.53
CA THR CE 268 70.29 -34.54 111.61
CA GLU CE 269 71.83 -34.44 115.08
CA ILE CE 270 69.20 -33.88 117.78
CA GLN CE 271 70.03 -32.49 121.21
CA MET CE 272 67.34 -34.75 122.65
CA SER CE 273 68.35 -34.01 126.24
CA SER CE 274 66.23 -30.82 126.30
CA GLY CE 275 63.29 -32.71 124.77
CA ASN CE 276 62.38 -34.13 121.36
CA LEU CE 277 62.60 -30.85 119.45
CA LEU CE 278 61.13 -32.04 116.18
CA PHE CE 279 61.50 -29.27 113.59
CA THR CE 280 58.61 -30.37 111.34
CA GLY CE 281 54.90 -31.10 111.46
CA HIS CE 282 51.81 -29.07 110.64
CA LEU CE 283 49.32 -28.40 113.42
CA LYS CE 284 45.78 -27.87 112.11
CA CYS CE 285 43.99 -25.78 114.72
CA ARG CE 286 40.21 -25.22 114.79
CA LEU CE 287 38.91 -22.81 117.40
CA ARG CE 288 35.62 -21.47 118.71
CA MET CE 289 36.67 -17.97 119.80
CA ASP CE 290 33.12 -16.88 120.72
CA LYS CE 291 33.73 -17.87 124.34
CA LEU CE 292 36.68 -15.45 124.29
CA GLN CE 293 35.81 -11.85 125.06
CA LEU CE 294 37.59 -8.53 125.58
CA LYS CE 295 37.00 -7.06 129.04
CA GLY CE 296 38.72 -3.89 127.86
CA MET CE 297 36.70 -3.21 124.72
CA SER CE 298 33.82 -1.07 126.00
CA TYR CE 299 35.65 1.31 128.35
CA SER CE 300 35.05 5.02 127.91
CA MET CE 301 36.72 6.95 125.10
CA CYS CE 302 39.85 8.36 126.65
CA THR CE 303 40.15 12.12 127.06
CA GLY CE 304 43.37 13.28 128.68
CA LYS CE 305 46.64 14.30 127.09
CA PHE CE 306 48.68 11.52 125.50
CA LYS CE 307 52.38 11.45 124.59
CA VAL CE 308 54.90 9.14 122.90
CA VAL CE 309 58.02 7.80 124.63
CA LYS CE 310 59.90 5.79 122.01
CA GLU CE 311 59.82 6.36 118.26
CA ILE CE 312 59.04 3.79 115.58
CA ALA CE 313 61.42 1.09 114.45
CA GLU CE 314 60.43 -1.08 111.49
CA THR CE 315 59.47 -4.73 111.82
CA GLN CE 316 60.13 -7.65 109.48
CA HIS CE 317 56.64 -7.59 107.99
CA GLY CE 318 56.61 -3.80 108.23
CA THR CE 319 54.07 -3.01 110.94
CA ILE CE 320 53.76 0.07 113.11
CA VAL CE 321 54.57 -0.70 116.74
CA ILE CE 322 54.56 2.29 119.10
CA ARG CE 323 55.21 2.46 122.81
CA VAL CE 324 53.05 5.34 124.04
CA GLN CE 325 52.55 6.89 127.48
CA TYR CE 326 49.49 8.61 128.93
CA GLU CE 327 50.20 11.66 131.09
CA GLY CE 328 46.52 12.56 131.48
CA ASP CE 329 43.85 11.03 133.72
CA GLY CE 330 40.74 8.88 133.61
CA SER CE 331 42.42 5.49 133.43
CA PRO CE 332 41.11 2.95 132.47
CA CYS CE 333 40.01 4.50 129.16
CA LYS CE 334 39.57 3.53 125.51
CA ILE CE 335 42.28 5.37 123.56
CA PRO CE 336 41.47 6.93 120.16
CA PHE CE 337 43.74 5.68 117.39
CA GLU CE 338 43.16 6.21 113.67
CA ILE CE 339 45.27 6.19 110.50
CA MET CE 340 44.01 9.13 108.45
CA ASP CE 341 45.01 10.56 105.12
CA LEU CE 342 47.20 13.65 105.20
CA GLU CE 343 44.03 15.76 104.64
CA LYS CE 344 42.15 14.02 107.49
CA ARG CE 345 39.21 13.06 105.22
CA HIS CE 346 39.24 9.28 104.66
CA VAL CE 347 40.89 6.35 106.48
CA LEU CE 348 43.61 4.27 104.81
CA GLY CE 349 45.17 1.71 107.14
CA ARG CE 350 44.17 -0.96 109.63
CA LEU CE 351 44.96 -1.43 113.32
CA ILE CE 352 45.63 -4.87 114.81
CA THR CE 353 44.98 -4.20 118.49
CA VAL CE 354 41.23 -3.71 118.34
CA ASN CE 355 40.15 -1.10 120.89
CA PRO CE 356 43.54 -0.53 122.54
CA ILE CE 357 43.28 -0.03 126.28
CA VAL CE 358 45.24 1.86 128.93
CA THR CE 359 44.29 0.47 132.36
CA GLU CE 360 47.37 1.66 134.22
CA LYS CE 361 48.93 5.05 134.93
CA ASP CE 362 52.53 5.74 133.95
CA SER CE 363 53.15 2.60 131.90
CA PRO CE 364 54.24 1.94 128.31
CA VAL CE 365 51.43 0.92 125.99
CA ASN CE 366 52.10 -1.07 122.81
CA ILE CE 367 49.95 -0.04 119.84
CA GLU CE 368 50.07 -2.10 116.65
CA ALA CE 369 49.01 -1.13 113.13
CA GLU CE 370 49.69 -1.84 109.45
CA PRO CE 371 49.40 1.05 106.98
CA PRO CE 372 49.54 0.65 103.21
CA PHE CE 373 52.53 1.74 101.16
CA GLY CE 374 52.15 5.50 101.10
CA ASP CE 375 52.22 8.63 103.17
CA SER CE 376 49.82 8.55 106.10
CA TYR CE 377 49.03 10.44 109.29
CA ILE CE 378 48.57 8.42 112.48
CA ILE CE 379 46.11 10.62 114.39
CA ILE CE 380 46.03 10.01 118.14
CA GLY CE 381 43.91 11.63 120.81
CA VAL CE 382 41.43 14.49 120.67
CA GLU CE 383 42.06 18.22 120.81
CA PRO CE 384 43.34 19.69 123.13
CA GLY CE 385 46.52 17.63 122.82
CA GLN CE 386 46.05 16.21 119.33
CA LEU CE 387 48.97 14.11 118.13
CA LYS CE 388 49.68 13.78 114.41
CA LEU CE 389 52.46 11.44 113.26
CA ASN CE 390 53.49 11.38 109.62
CA TRP CE 391 54.61 7.99 108.36
CA PHE CE 392 55.68 6.32 105.13
CA LYS CE 393 56.59 2.74 104.22
CA LYS CE 394 58.27 1.27 101.17
CA GLY CE 395 57.03 -1.38 98.75
CA SER CE 396 54.48 -1.92 95.99
CA SER CE 397 50.82 -2.55 96.73
CA ILE CE 398 50.70 -5.31 94.11
CA GLY CE 399 53.61 -6.91 95.95
CA GLN CE 400 51.57 -7.30 99.10
CA MET CE 401 48.50 -8.36 97.10
CA ILE CE 402 50.30 -11.24 95.38
CA GLU CE 403 52.21 -12.16 98.55
CA THR CE 404 49.13 -12.33 100.78
CA THR CE 405 46.98 -14.04 98.16
CA MET CE 406 49.55 -16.74 97.40
CA ARG CE 407 50.29 -17.24 101.09
CA GLY CE 408 46.60 -17.70 101.83
CA ALA CE 409 46.25 -20.01 98.85
CA LYS CE 410 49.04 -22.24 100.14
CA ARG CE 411 47.55 -22.05 103.62
CA MET CE 412 44.18 -23.25 102.36
CA ALA CE 413 45.81 -25.91 100.17
CA ILE CE 414 47.58 -27.43 103.17
CA LEU CE 415 44.48 -26.65 105.28
CA GLY CE 416 42.47 -28.37 102.59
CA ASP CE 417 41.07 -31.87 102.15
CA THR CE 418 39.46 -33.20 105.35
CA ALA CE 419 40.07 -29.74 106.92
CA TRP CE 420 37.62 -27.13 105.62
CA ASP CE 421 34.02 -27.83 106.55
CA PHE CE 422 32.34 -29.53 103.60
CA GLY CE 423 30.37 -32.21 105.47
CA SER CE 424 28.63 -29.83 107.88
CA LEU CE 425 25.24 -28.91 106.42
CA GLY CE 426 24.04 -25.34 106.90
CA GLY CE 427 27.58 -24.05 107.33
CA VAL CE 428 28.48 -25.04 103.77
CA PHE CE 429 27.81 -21.52 102.51
CA THR CE 430 29.79 -20.19 105.49
CA SER CE 431 32.63 -22.62 104.77
CA ILE CE 432 32.93 -21.60 101.13
CA GLY CE 433 32.75 -17.97 102.27
CA LYS CE 434 35.67 -18.64 104.59
CA ALA CE 435 37.62 -20.32 101.79
CA LEU CE 436 36.94 -17.55 99.27
CA HIS CE 437 38.05 -15.13 101.95
CA GLN CE 438 41.31 -16.97 102.61
CA VAL CE 439 42.13 -16.74 98.87
CA PHE CE 440 40.59 -13.51 97.49
CA GLY CE 441 40.05 -11.39 100.61
CA ALA CE 442 43.22 -9.41 100.14
CA ILE CE 443 41.88 -8.31 96.76
CA TYR CE 444 38.42 -7.70 98.18
CA GLY CE 445 39.41 -5.63 101.20
CA ALA CE 446 42.46 -3.81 99.81
CA ALA CE 447 42.04 -3.34 96.06
CA PHE CE 448 38.26 -2.88 96.03
CA SER CE 449 37.79 0.37 97.95
CA GLY CE 450 38.54 -0.74 101.53
CA VAL CE 451 35.51 -0.87 101.73
CA SER CE 452 32.13 0.74 102.41
CA TRP CE 453 30.21 -2.52 102.13
CA ILE CE 454 26.75 -1.23 101.15
CA MET CE 455 27.83 0.73 98.08
CA LYS CE 456 30.29 -1.90 96.92
CA ILE CE 457 27.64 -4.63 97.06
CA LEU CE 458 25.44 -2.29 95.03
CA ILE CE 459 28.30 -2.13 92.51
CA GLY CE 460 28.58 -5.91 92.81
CA VAL CE 461 24.97 -6.51 91.83
CA ILE CE 462 25.47 -3.98 89.03
CA ILE CE 463 28.41 -5.97 87.62
CA THR CE 464 26.41 -9.19 88.01
CA TRP CE 465 23.52 -7.68 86.06
CA ILE CE 466 25.85 -6.48 83.31
CA GLY CE 467 27.55 -9.89 83.21
CA MET CE 468 24.37 -11.93 82.89
CA ASN CE 469 23.08 -9.68 80.09
CA SER CE 470 26.45 -9.54 78.31
CA ARG CE 471 27.32 -9.88 74.64
CA SER CE 472 29.47 -12.96 75.38
CA THR CE 473 28.91 -16.00 77.58
CA SER CE 474 32.61 -16.32 78.44
CA LEU CE 475 32.60 -12.78 79.83
CA SER CE 476 29.29 -13.55 81.56
CA VAL CE 477 30.86 -16.48 83.40
CA SER CE 478 34.05 -14.52 84.10
CA LEU CE 479 32.19 -11.52 85.56
CA VAL CE 480 29.17 -12.93 87.40
CA LEU CE 481 31.49 -15.25 89.35
CA VAL CE 482 33.43 -12.24 90.62
CA GLY CE 483 30.19 -10.38 91.31
CA VAL CE 484 28.66 -13.16 93.39
CA VAL CE 485 32.02 -13.50 95.15
CA THR CE 486 31.84 -9.79 95.95
CA LEU CE 487 28.27 -9.99 97.24
CA TYR CE 488 28.73 -13.11 99.39
CA LEU CE 489 32.06 -11.94 100.81
CA GLY CE 490 30.51 -8.55 101.56
CA VAL CE 491 27.79 -10.28 103.52
CA MET CE 492 30.63 -12.20 105.18
CA VAL CE 493 33.17 -9.39 105.81
CA GLN CE 494 30.34 -7.45 107.44
CA ALA CE 495 30.64 -10.14 110.14
CA PHE DE 1 126.39 -63.47 110.15
CA HIS DE 2 126.47 -60.63 112.68
CA LEU DE 3 123.80 -61.31 115.29
CA THR DE 4 121.56 -58.75 116.99
CA THR DE 5 118.01 -58.74 118.40
CA ARG DE 6 114.81 -57.13 117.14
CA ASN DE 7 111.25 -57.50 118.42
CA GLY DE 8 112.64 -59.86 121.04
CA GLU DE 9 113.96 -62.27 118.40
CA PRO DE 10 117.46 -63.03 117.10
CA HIS DE 11 118.50 -61.35 113.87
CA MET DE 12 121.59 -62.60 112.02
CA ILE DE 13 122.90 -60.71 108.98
CA VAL DE 14 124.67 -63.11 106.62
CA SER DE 15 126.96 -62.28 103.72
CA ARG DE 16 129.02 -64.00 101.03
CA GLN DE 17 131.70 -64.88 103.61
CA GLU DE 18 129.32 -67.65 104.75
CA LYS DE 19 127.32 -68.56 101.64
CA GLY DE 20 125.43 -71.77 101.01
CA LYS DE 21 126.73 -73.33 104.23
CA SER DE 22 125.17 -74.38 107.51
CA LEU DE 23 124.76 -71.46 109.90
CA LEU DE 24 125.73 -72.31 113.47
CA PHE DE 25 125.50 -70.40 116.75
CA LYS DE 26 125.29 -70.82 120.51
CA THR DE 27 122.54 -68.73 122.12
CA GLU DE 28 120.50 -68.79 125.32
CA ASP DE 29 118.00 -71.10 123.63
CA GLY DE 30 120.84 -73.53 122.92
CA VAL DE 31 122.80 -74.82 119.92
CA ASN DE 32 121.23 -72.95 116.99
CA MET DE 33 121.74 -74.93 113.76
CA CYS DE 34 120.15 -72.98 110.90
CA THR DE 35 120.16 -73.91 107.23
CA LEU DE 36 120.00 -70.94 104.86
CA MET DE 37 118.85 -72.75 101.74
CA ALA DE 38 117.93 -69.52 99.94
CA MET DE 39 118.79 -68.47 96.38
CA ASP DE 40 119.65 -64.82 95.79
CA LEU DE 41 122.27 -64.62 98.55
CA GLY DE 42 125.24 -62.85 96.98
CA GLU DE 43 127.63 -60.30 98.43
CA LEU DE 44 126.02 -57.88 100.86
CA CYS DE 45 123.97 -55.06 99.34
CA GLU DE 46 121.44 -52.35 100.23
CA ASP DE 47 118.42 -54.30 98.92
CA THR DE 48 117.94 -55.78 102.37
CA ILE DE 49 115.66 -58.80 102.01
CA THR DE 50 114.59 -60.25 105.36
CA TYR DE 51 113.12 -63.58 106.39
CA LYS DE 52 111.69 -65.59 109.25
CA CYS DE 53 113.43 -68.90 109.60
CA PRO DE 54 110.57 -70.74 111.36
CA PHE DE 55 110.87 -73.05 114.34
CA LEU DE 56 110.78 -76.64 113.06
CA LYS DE 57 111.41 -79.44 115.53
CA GLN DE 58 111.60 -82.67 113.51
CA ASN DE 59 109.10 -82.46 110.64
CA GLU DE 60 109.79 -82.53 106.89
CA PRO DE 61 110.68 -79.01 105.71
CA GLU DE 62 109.18 -77.82 102.45
CA ASP DE 63 108.26 -74.57 100.70
CA ILE DE 64 110.70 -72.62 102.89
CA ASP DE 65 113.84 -70.63 102.15
CA CYS DE 66 115.58 -70.88 105.53
CA TRP DE 67 114.94 -72.81 108.73
CA CYS DE 68 116.39 -73.52 112.15
CA ASN DE 69 116.01 -76.59 114.34
CA SER DE 70 116.23 -74.58 117.60
CA THR DE 71 113.92 -71.58 117.43
CA SER DE 72 112.34 -69.06 115.10
CA THR DE 73 114.73 -66.34 114.02
CA TRP DE 74 115.26 -63.43 111.64
CA VAL DE 75 117.78 -63.53 108.82
CA THR DE 76 118.63 -60.87 106.25
CA TYR DE 77 120.89 -60.30 103.28
CA GLY DE 78 121.35 -58.34 100.05
CA THR DE 79 120.51 -59.04 96.43
CA CYS DE 80 122.74 -56.94 94.15
CA THR DE 81 125.22 -58.59 91.82
CA THR DE 82 128.98 -58.71 92.32
CA THR DE 83 129.83 -55.62 90.27
CA GLY DE 84 127.10 -53.51 91.87
CA GLU DE 85 123.60 -52.74 90.58
CA HIS DE 86 120.03 -52.38 91.80
CA ARG DE 87 118.66 -55.72 90.57
CA ARG DE 88 117.71 -57.60 87.39
CA GLU DE 89 116.26 -55.46 84.59
CA LYS DE 90 112.78 -55.93 83.11
CA ARG DE 91 110.54 -54.12 80.64
CA SER DE 92 106.87 -53.53 81.41
CA VAL DE 93 104.05 -50.92 81.70
CA ALA DE 94 101.78 -50.30 78.70
CA LEU DE 95 101.48 -46.75 77.42
CA VAL DE 96 101.39 -44.76 74.19
CA PRO DE 97 100.24 -41.17 73.46
CA HIS DE 98 98.28 -39.61 70.68
CA VAL DE 99 100.33 -38.51 67.67
CA GLY DE 100 100.82 -34.81 67.33
CA MET DE 101 99.92 -32.02 64.96
CA GLY DE 102 102.46 -29.56 63.59
CA LEU DE 103 103.49 -27.27 60.72
CA GLU DE 104 99.96 -27.55 59.26
CA THR DE 105 97.74 -25.10 61.22
CA ARG DE 106 93.97 -25.51 61.53
CA THR DE 107 92.23 -23.08 59.13
CA GLU DE 108 91.03 -23.48 55.53
CA THR DE 109 93.79 -21.87 53.43
CA TRP DE 110 96.85 -22.50 51.18
CA MET DE 111 94.97 -23.76 48.07
CA SER DE 112 96.75 -27.12 48.55
CA SER DE 113 95.40 -30.39 47.16
CA GLU DE 114 95.11 -32.02 50.59
CA GLY DE 115 93.57 -28.91 52.13
CA ALA DE 116 91.26 -28.38 49.16
CA TRP DE 117 89.98 -31.98 49.11
CA LYS DE 118 89.80 -32.42 52.90
CA HIS DE 119 86.50 -30.56 53.11
CA ALA DE 120 84.90 -32.60 50.32
CA GLN DE 121 86.26 -35.86 51.75
CA ARG DE 122 84.80 -34.98 55.16
CA ILE DE 123 81.45 -34.06 53.55
CA GLU DE 124 81.20 -37.40 51.76
CA THR DE 125 82.36 -39.28 54.86
CA TRP DE 126 79.61 -37.56 56.86
CA ILE DE 127 77.09 -38.41 54.14
CA LEU DE 128 78.13 -42.06 54.20
CA ARG DE 129 77.96 -42.12 58.00
CA HIS DE 130 74.69 -40.11 58.03
CA PRO DE 131 72.31 -41.52 55.40
CA GLY DE 132 69.23 -40.56 57.43
CA PHE DE 133 70.13 -36.88 57.65
CA THR DE 134 70.92 -36.93 53.93
CA ILE DE 135 67.48 -38.35 53.15
CA MET DE 136 65.85 -35.81 55.46
CA ALA DE 137 67.67 -32.94 53.74
CA ALA DE 138 66.66 -34.30 50.34
CA ILE DE 139 63.01 -34.46 51.44
CA LEU DE 140 63.14 -30.89 52.76
CA ALA DE 141 64.70 -29.74 49.48
CA TYR DE 142 61.96 -31.53 47.54
CA THR DE 143 59.16 -29.96 49.57
CA ILE DE 144 60.55 -26.42 49.71
CA GLY DE 145 62.05 -26.51 46.22
CA THR DE 146 59.72 -25.57 43.37
CA THR DE 147 62.38 -26.03 40.66
CA HIS DE 148 64.84 -28.88 40.20
CA PHE DE 149 67.76 -26.43 40.25
CA GLN DE 150 66.59 -24.96 43.55
CA ARG DE 151 66.00 -28.51 44.80
CA ALA DE 152 69.59 -29.57 44.07
CA LEU DE 153 71.07 -26.30 45.34
CA ILE DE 154 69.21 -26.51 48.64
CA PHE DE 155 70.09 -30.18 49.07
CA ILE DE 156 73.78 -29.44 48.49
CA LEU DE 157 73.64 -26.46 50.86
CA LEU DE 158 72.02 -28.50 53.63
CA THR DE 159 74.43 -31.43 53.22
CA ALA DE 160 77.42 -29.05 53.28
CA VAL DE 161 76.22 -26.87 56.17
CA ALA DE 162 74.98 -29.56 58.59
CA PRO DE 163 78.48 -31.00 59.29
CA SER DE 164 80.09 -27.57 59.62
CA MET DE 165 77.93 -26.86 62.68
CA THR DE 166 79.58 -29.77 64.50
CA PHE EE 1 123.66 -91.48 93.03
CA HIS EE 2 124.60 -93.32 89.82
CA LEU EE 3 127.36 -91.64 87.84
CA THR EE 4 126.18 -92.60 84.34
CA THR EE 5 127.19 -91.27 80.92
CA ARG EE 6 124.03 -89.45 79.87
CA ASN EE 7 124.20 -87.47 76.61
CA GLY EE 8 127.93 -88.19 76.74
CA GLU EE 9 128.47 -86.37 80.05
CA PRO EE 10 128.41 -87.32 83.74
CA HIS EE 11 124.91 -87.70 85.13
CA MET EE 12 123.76 -88.14 88.75
CA ILE EE 13 120.45 -89.02 90.42
CA VAL EE 14 120.27 -87.52 93.92
CA SER EE 15 117.36 -88.51 96.16
CA ARG EE 16 116.00 -87.19 99.45
CA GLN EE 17 117.72 -89.73 101.73
CA GLU EE 18 120.55 -87.18 101.84
CA LYS EE 19 119.65 -83.51 101.49
CA GLY EE 20 121.08 -80.06 102.04
CA LYS EE 21 124.63 -81.43 101.96
CA SER EE 22 127.41 -81.42 99.39
CA LEU EE 23 127.79 -84.66 97.45
CA LEU EE 24 131.14 -86.36 96.86
CA PHE EE 25 132.09 -88.66 93.99
CA LYS EE 26 134.89 -89.68 91.64
CA THR EE 27 135.57 -88.99 87.96
CA GLU EE 28 138.53 -89.20 85.59
CA ASP EE 29 139.58 -85.71 86.68
CA GLY EE 30 139.67 -86.80 90.34
CA VAL EE 31 137.50 -86.41 93.40
CA ASN EE 32 134.63 -83.96 92.84
CA MET EE 33 132.55 -82.36 95.58
CA CYS EE 34 129.23 -81.02 94.28
CA THR EE 35 127.01 -78.31 95.74
CA LEU EE 36 123.23 -78.56 95.40
CA MET EE 37 121.33 -75.46 96.54
CA ALA EE 38 118.02 -76.62 95.03
CA MET EE 39 115.52 -75.75 97.75
CA ASP EE 40 112.47 -77.47 96.21
CA LEU EE 41 113.86 -80.99 96.50
CA GLY EE 42 111.84 -84.09 97.33
CA GLU EE 43 112.27 -87.86 97.08
CA LEU EE 44 112.78 -89.71 93.82
CA CYS EE 45 109.63 -90.52 91.84
CA GLU EE 46 108.32 -90.22 88.29
CA ASP EE 47 108.35 -86.40 88.26
CA THR EE 48 112.09 -86.19 87.61
CA ILE EE 49 113.49 -82.69 87.19
CA THR EE 50 116.94 -82.59 85.55
CA TYR EE 51 119.82 -80.10 85.39
CA LYS EE 52 123.14 -79.62 83.59
CA CYS EE 53 125.28 -78.55 86.54
CA PRO EE 54 127.79 -75.86 85.45
CA PHE EE 55 131.49 -75.59 86.21
CA LEU EE 56 132.78 -72.76 88.40
CA LYS EE 57 136.43 -72.10 89.25
CA GLN EE 58 136.53 -69.14 91.67
CA ASN EE 59 133.66 -66.77 90.79
CA GLU EE 60 130.84 -66.25 93.24
CA PRO EE 61 127.98 -68.73 92.65
CA GLU EE 62 124.97 -66.56 91.82
CA ASP EE 63 121.42 -67.42 90.76
CA ILE EE 64 122.21 -71.14 90.30
CA ASP EE 65 121.46 -74.25 92.33
CA CYS EE 66 124.30 -76.60 91.44
CA TRP EE 67 128.03 -76.13 91.10
CA CYS EE 68 131.30 -78.02 91.54
CA ASN EE 69 135.01 -77.08 91.61
CA SER EE 70 136.34 -79.13 88.66
CA THR EE 71 133.75 -80.05 86.06
CA SER EE 72 130.15 -79.83 84.87
CA THR EE 73 127.61 -82.64 85.11
CA TRP EE 74 123.90 -83.53 85.01
CA VAL EE 75 122.13 -83.69 88.39
CA THR EE 76 118.50 -84.83 88.61
CA TYR EE 77 115.98 -85.51 91.35
CA GLY EE 78 112.33 -86.09 92.06
CA THR EE 79 109.85 -83.57 93.41
CA CYS EE 80 107.11 -85.71 94.97
CA THR EE 81 105.96 -84.65 98.42
CA THR EE 82 105.87 -86.88 101.50
CA THR EE 83 102.77 -88.72 100.31
CA GLY EE 84 104.64 -89.56 97.09
CA GLU EE 85 102.32 -87.59 94.78
CA HIS EE 86 103.03 -85.12 91.98
CA ARG EE 87 102.99 -81.33 92.18
CA ARG EE 88 99.80 -79.74 93.45
CA GLU EE 89 98.14 -76.32 93.15
CA LYS EE 90 94.97 -74.59 91.94
CA ARG EE 91 93.23 -72.98 90.11
CA SER EE 92 92.78 -72.26 86.40
CA VAL EE 93 89.83 -70.66 84.60
CA ALA EE 94 86.98 -72.09 82.54
CA LEU EE 95 84.34 -69.93 80.86
CA VAL EE 96 81.03 -70.11 82.70
CA PRO EE 97 78.41 -71.87 80.52
CA HIS EE 98 74.76 -71.01 79.94
CA VAL EE 99 71.82 -71.99 77.73
CA GLY EE 100 71.18 -70.71 74.22
CA MET EE 101 73.66 -69.28 71.72
CA GLY EE 102 74.45 -65.65 72.43
CA LEU EE 103 75.72 -64.05 69.21
CA GLU EE 104 74.14 -60.61 69.14
CA THR EE 105 76.43 -58.48 71.34
CA ARG EE 106 80.13 -57.67 71.03
CA THR EE 107 82.46 -54.66 71.27
CA GLU EE 108 82.38 -51.95 73.94
CA THR EE 109 80.77 -48.52 73.72
CA TRP EE 110 82.04 -45.06 72.84
CA MET EE 111 80.15 -42.79 75.22
CA SER EE 112 79.71 -39.72 73.01
CA SER EE 113 78.80 -41.38 69.72
CA GLU EE 114 76.55 -44.02 71.27
CA GLY EE 115 74.84 -41.40 73.45
CA ALA EE 116 74.19 -39.33 70.33
CA TRP EE 117 72.83 -42.34 68.41
CA LYS EE 118 70.88 -43.79 71.35
CA HIS EE 119 67.69 -42.05 70.23
CA ALA EE 120 68.06 -43.18 66.61
CA GLN EE 121 68.73 -46.79 67.61
CA ARG EE 122 66.06 -46.83 70.35
CA ILE EE 123 63.29 -45.63 68.05
CA GLU EE 124 64.16 -48.40 65.58
CA THR EE 125 64.33 -51.14 68.19
CA TRP EE 126 61.08 -50.00 69.81
CA ILE EE 127 59.15 -49.54 66.56
CA LEU EE 128 60.27 -53.00 65.44
CA ARG EE 129 59.53 -54.70 68.77
CA HIS EE 130 55.90 -53.44 68.99
CA PRO EE 131 54.11 -53.77 65.64
CA GLY EE 132 50.76 -53.58 67.44
CA PHE EE 133 51.42 -50.05 68.64
CA THR EE 134 52.74 -49.30 65.15
CA ILE EE 135 49.32 -50.22 63.80
CA MET EE 136 47.41 -48.20 66.39
CA ALA EE 137 49.61 -45.12 65.93
CA ALA EE 138 49.27 -45.40 62.16
CA ILE EE 139 45.47 -45.65 62.40
CA LEU EE 140 45.27 -42.66 64.74
CA ALA EE 141 47.49 -40.61 62.43
CA TYR EE 142 45.39 -41.65 59.44
CA THR EE 143 42.18 -40.50 61.12
CA ILE EE 144 43.43 -37.25 62.65
CA GLY EE 145 45.60 -35.97 59.81
CA THR EE 146 43.41 -34.24 57.22
CA THR EE 147 46.08 -34.18 54.49
CA HIS EE 148 49.00 -36.48 53.84
CA PHE EE 149 51.84 -34.57 55.50
CA GLN EE 150 49.84 -34.00 58.69
CA ARG EE 151 49.29 -37.76 58.82
CA ALA EE 152 53.00 -38.49 58.38
CA LEU EE 153 53.96 -35.81 60.90
CA ILE EE 154 51.65 -37.12 63.61
CA PHE EE 155 52.83 -40.66 62.89
CA ILE EE 156 56.53 -39.85 63.22
CA LEU EE 157 56.00 -37.71 66.34
CA LEU EE 158 54.10 -40.49 68.11
CA THR EE 159 56.69 -43.07 67.08
CA ALA EE 160 59.39 -40.83 68.55
CA VAL EE 161 57.40 -40.11 71.72
CA ALA EE 162 56.52 -43.72 72.56
CA PRO EE 163 60.04 -44.90 73.53
CA SER EE 164 60.70 -41.69 75.48
CA MET EE 165 57.82 -42.12 77.95
CA THR EE 166 59.10 -45.62 78.73
CA PHE FE 1 95.16 -79.96 133.08
CA HIS FE 2 91.76 -80.01 134.81
CA LEU FE 3 89.70 -83.01 133.70
CA THR FE 4 85.89 -83.18 133.72
CA THR FE 5 83.32 -85.54 132.19
CA ARG FE 6 80.99 -83.92 129.65
CA ASN FE 7 78.87 -85.73 127.05
CA GLY FE 8 80.32 -89.02 128.27
CA GLU FE 9 83.83 -87.90 127.22
CA PRO FE 10 86.71 -86.19 129.05
CA HIS FE 11 87.04 -82.42 128.84
CA MET FE 12 90.47 -80.88 129.52
CA ILE FE 13 90.92 -77.29 130.71
CA VAL FE 14 94.43 -75.93 130.17
CA SER FE 15 95.95 -72.56 131.07
CA ARG FE 16 99.04 -70.76 129.85
CA GLN FE 17 100.82 -71.69 133.10
CA GLU FE 18 101.65 -74.93 131.23
CA LYS FE 19 102.16 -73.20 127.88
CA GLY FE 20 104.56 -74.74 125.38
CA LYS FE 21 104.81 -78.12 127.09
CA SER FE 22 103.38 -81.49 126.13
CA LEU FE 23 100.12 -82.57 127.77
CA LEU FE 24 101.20 -85.32 130.19
CA PHE FE 25 99.06 -86.86 132.93
CA LYS FE 26 97.79 -90.22 134.20
CA THR FE 27 94.27 -91.65 134.44
CA GLU FE 28 92.62 -95.06 134.40
CA ASP FE 29 92.30 -94.96 130.61
CA GLY FE 30 96.07 -95.47 130.43
CA VAL FE 31 99.28 -93.51 130.00
CA ASN FE 32 97.65 -90.56 128.24
CA MET FE 33 100.56 -88.94 126.48
CA CYS FE 34 99.27 -85.94 124.55
CA THR FE 35 100.46 -82.71 122.96
CA LEU FE 36 99.12 -79.21 122.28
CA MET FE 37 100.93 -77.46 119.46
CA ALA FE 38 99.04 -74.38 118.23
CA MET FE 39 100.20 -71.00 119.55
CA ASP FE 40 96.74 -69.40 119.70
CA LEU FE 41 96.71 -70.00 123.47
CA GLY FE 42 96.01 -67.03 125.71
CA GLU FE 43 95.74 -66.67 129.45
CA LEU FE 44 92.83 -68.05 131.45
CA CYS FE 45 89.78 -65.86 130.87
CA GLU FE 46 86.11 -66.17 129.89
CA ASP FE 47 86.82 -66.60 126.15
CA THR FE 48 86.85 -70.38 126.28
CA ILE FE 49 87.64 -72.29 123.07
CA THR FE 50 87.29 -76.07 122.79
CA TYR FE 51 88.60 -79.01 120.75
CA LYS FE 52 88.44 -82.74 120.37
CA CYS FE 53 91.91 -84.28 120.36
CA PRO FE 54 91.92 -87.38 118.14
CA PHE FE 55 93.42 -90.77 118.95
CA LEU FE 56 96.55 -92.09 117.27
CA LYS FE 57 96.55 -95.43 115.48
CA GLN FE 58 99.65 -95.14 113.27
CA ASN FE 59 99.68 -91.74 111.54
CA GLU FE 60 102.03 -88.85 112.19
CA PRO FE 61 100.36 -85.93 114.03
CA GLU FE 62 98.69 -83.92 111.30
CA ASP FE 63 95.60 -81.81 110.51
CA ILE FE 64 94.78 -81.12 114.20
CA ASP FE 65 96.29 -78.64 116.64
CA CYS FE 66 96.16 -81.16 119.48
CA TRP FE 67 97.23 -84.81 119.33
CA CYS FE 68 96.72 -87.57 121.92
CA ASN FE 69 97.72 -91.22 121.48
CA SER FE 70 95.86 -93.11 124.23
CA THR FE 71 92.22 -91.95 124.19
CA SER FE 72 90.29 -89.20 122.41
CA THR FE 73 89.74 -86.26 124.74
CA TRP FE 74 88.45 -82.69 124.50
CA VAL FE 75 90.89 -79.88 125.25
CA THR FE 76 89.72 -76.33 125.91
CA TYR FE 77 91.60 -73.19 126.92
CA GLY FE 78 91.64 -69.40 126.75
CA THR FE 79 92.46 -67.22 123.76
CA CYS FE 80 92.26 -63.62 124.96
CA THR FE 81 95.35 -61.47 124.47
CA THR FE 82 97.72 -60.90 127.38
CA THR FE 83 96.10 -57.54 128.25
CA GLY FE 84 92.83 -59.26 129.21
CA GLU FE 85 91.04 -58.18 126.01
CA HIS FE 86 89.01 -60.47 123.76
CA ARG FE 87 90.10 -61.05 120.19
CA ARG FE 88 88.84 -58.58 117.63
CA GLU FE 89 89.40 -57.32 114.08
CA LYS FE 90 89.32 -53.77 112.78
CA ARG FE 91 87.04 -54.51 109.82
CA SER FE 92 83.75 -52.60 109.82
CA VAL FE 93 80.35 -52.64 108.06
CA ALA FE 94 77.91 -49.77 107.49
CA LEU FE 95 76.37 -47.79 104.63
CA VAL FE 96 75.69 -44.23 103.45
CA PRO FE 97 73.00 -42.42 105.54
CA HIS FE 98 72.91 -39.07 103.70
CA VAL FE 99 69.98 -39.17 101.26
CA GLY FE 100 67.13 -41.63 100.87
CA MET FE 101 63.42 -41.08 100.19
CA GLY FE 102 61.26 -43.06 97.76
CA LEU FE 103 57.57 -42.53 98.51
CA GLU FE 104 55.92 -40.94 101.57
CA THR FE 105 53.23 -38.63 102.90
CA ARG FE 106 49.50 -38.60 103.23
CA THR FE 107 47.51 -39.93 100.27
CA GLU FE 108 45.57 -37.24 98.37
CA THR FE 109 46.45 -33.63 99.23
CA TRP FE 110 50.07 -34.59 98.78
CA MET FE 111 49.11 -36.33 95.55
CA SER FE 112 47.33 -33.27 94.16
CA SER FE 113 49.85 -30.70 95.38
CA GLU FE 114 53.01 -32.58 94.44
CA GLY FE 115 51.47 -33.60 91.12
CA ALA FE 116 50.78 -29.96 90.31
CA TRP FE 117 54.24 -28.85 91.45
CA LYS FE 118 56.20 -31.71 89.87
CA HIS FE 119 54.40 -31.28 86.55
CA ALA FE 120 54.91 -27.51 86.80
CA GLN FE 121 58.64 -27.78 87.46
CA ARG FE 122 59.14 -30.55 84.88
CA ILE FE 123 57.34 -28.66 82.11
CA GLU FE 124 58.96 -25.39 83.18
CA THR FE 125 62.43 -26.94 83.02
CA TRP FE 126 61.58 -28.32 79.57
CA ILE FE 127 60.49 -24.81 78.53
CA LEU FE 128 63.54 -22.96 79.94
CA ARG FE 129 66.21 -25.67 79.72
CA HIS FE 130 65.37 -25.84 75.97
CA PRO FE 131 63.44 -22.68 75.03
CA GLY FE 132 63.78 -22.23 71.28
CA PHE FE 133 62.14 -25.56 70.47
CA THR FE 134 59.10 -24.34 72.38
CA ILE FE 135 58.55 -21.11 70.45
CA MET FE 136 59.31 -22.72 67.08
CA ALA FE 137 56.83 -25.51 67.84
CA ALA FE 138 54.22 -22.97 68.96
CA ILE FE 139 54.47 -20.90 65.78
CA LEU FE 140 54.58 -24.05 63.63
CA ALA FE 141 51.38 -25.32 65.26
CA TYR FE 142 49.65 -21.95 64.96
CA THR FE 143 50.54 -21.88 61.25
CA ILE FE 144 49.82 -25.53 60.39
CA GLY FE 145 47.10 -26.91 62.65
CA THR FE 146 43.63 -26.47 61.19
CA THR FE 147 41.71 -26.32 64.49
CA HIS FE 148 42.72 -25.04 67.90
CA PHE FE 149 42.43 -28.62 69.19
CA GLN FE 150 44.74 -29.80 66.41
CA ARG FE 151 47.17 -26.94 67.07
CA ALA FE 152 47.13 -27.83 70.77
CA LEU FE 153 48.03 -31.41 69.91
CA ILE FE 154 50.82 -30.22 67.61
CA PHE FE 155 52.75 -27.93 69.91
CA ILE FE 156 52.05 -29.81 73.16
CA LEU FE 157 53.40 -32.99 71.54
CA LEU FE 158 56.39 -31.17 70.06
CA THR FE 159 57.22 -29.59 73.42
CA ALA FE 160 56.89 -33.02 75.03
CA VAL FE 161 59.20 -34.81 72.59
CA ALA FE 162 61.87 -32.24 71.67
CA PRO FE 163 63.50 -31.69 75.10
CA SER FE 164 63.59 -35.45 75.64
CA MET FE 165 64.97 -35.82 72.11
CA THR FE 166 67.49 -33.03 72.77
CA MET GE 1 -106.02 24.22 -71.19
CA ARG GE 2 -109.03 22.98 -69.25
CA CYS GE 3 -107.90 22.91 -65.64
CA ILE GE 4 -108.21 26.34 -64.02
CA GLY GE 5 -109.45 26.68 -60.45
CA ILE GE 6 -108.84 23.04 -59.51
CA SER GE 7 -106.75 23.23 -56.35
CA ASN GE 8 -104.77 20.01 -56.91
CA ARG GE 9 -102.84 20.68 -60.10
CA ASP GE 10 -99.91 18.25 -60.24
CA PHE GE 11 -96.90 18.76 -62.47
CA VAL GE 12 -94.45 16.59 -64.42
CA GLU GE 13 -91.47 18.87 -65.17
CA GLY GE 14 -89.59 16.81 -67.73
CA VAL GE 15 -89.40 13.63 -69.79
CA SER GE 16 -86.80 10.96 -70.59
CA GLY GE 17 -86.03 8.80 -73.60
CA GLY GE 18 -88.26 5.94 -72.48
CA SER GE 19 -91.11 8.42 -71.87
CA TRP GE 20 -92.98 5.77 -69.87
CA VAL GE 21 -94.41 8.30 -67.44
CA ASP GE 22 -96.77 6.76 -64.89
CA ILE GE 23 -99.15 9.57 -64.02
CA VAL GE 24 -101.01 9.67 -60.73
CA LEU GE 25 -104.62 10.79 -60.92
CA GLU GE 26 -107.30 11.44 -58.32
CA HIS GE 27 -110.78 12.93 -58.03
CA GLY GE 28 -110.86 16.70 -58.28
CA SER GE 29 -107.20 16.97 -59.27
CA CYS GE 30 -105.69 17.69 -62.69
CA VAL GE 31 -102.27 16.75 -64.04
CA THR GE 32 -99.94 18.54 -66.46
CA THR GE 33 -97.41 16.63 -68.53
CA MET GE 34 -94.37 18.39 -69.98
CA ALA GE 35 -92.00 17.05 -72.62
CA LYS GE 36 -88.98 18.61 -74.29
CA ASN GE 37 -90.14 19.92 -77.68
CA LYS GE 38 -93.23 17.69 -77.60
CA PRO GE 39 -96.89 18.66 -77.16
CA THR GE 40 -97.79 19.40 -73.55
CA LEU GE 41 -100.80 17.53 -72.19
CA ASP GE 42 -103.44 17.99 -69.52
CA PHE GE 43 -104.95 14.84 -67.99
CA GLU GE 44 -108.09 14.53 -65.90
CA LEU GE 45 -110.77 12.05 -64.91
CA ILE GE 46 -114.12 13.72 -65.56
CA LYS GE 47 -116.48 10.98 -64.35
CA THR GE 48 -116.18 7.70 -62.45
CA GLU GE 49 -119.00 5.23 -63.02
CA ALA GE 50 -119.60 1.53 -62.37
CA LYS GE 51 -122.01 0.58 -65.13
CA GLN GE 52 -124.40 -2.34 -64.65
CA PRO GE 53 -124.03 -2.65 -60.86
CA ALA GE 54 -125.19 -5.81 -59.12
CA THR GE 55 -128.10 -5.92 -56.66
CA LEU GE 56 -127.43 -7.21 -53.13
CA ARG GE 57 -130.58 -6.80 -51.03
CA LYS GE 58 -133.68 -4.63 -51.16
CA TYR GE 59 -135.15 -2.90 -48.11
CA CYS GE 60 -138.79 -1.93 -47.60
CA ILE GE 61 -139.83 1.64 -46.83
CA GLU GE 62 -143.65 2.05 -47.01
CA ALA GE 63 -146.02 -0.73 -46.03
CA LYS GE 64 -149.48 -1.28 -47.41
CA LEU GE 65 -151.37 -4.08 -45.68
CA THR GE 66 -154.68 -5.93 -45.93
CA ASN GE 67 -156.57 -9.10 -45.02
CA THR GE 68 -155.72 -8.62 -41.34
CA THR GE 69 -157.53 -11.14 -39.14
CA THR GE 70 -157.72 -12.14 -35.48
CA ASP GE 71 -158.69 -15.72 -34.69
CA SER GE 72 -158.80 -17.20 -31.22
CA ARG GE 73 -160.02 -20.14 -29.16
CA CYS GE 74 -161.15 -20.51 -25.57
CA PRO GE 75 -158.43 -21.45 -23.05
CA THR GE 76 -157.72 -25.20 -23.04
CA GLN GE 77 -158.43 -25.50 -26.80
CA GLY GE 78 -154.98 -24.77 -28.21
CA GLU GE 79 -154.24 -21.64 -30.21
CA PRO GE 80 -156.03 -22.05 -33.55
CA SER GE 81 -154.25 -22.84 -36.80
CA LEU GE 82 -155.09 -20.78 -39.87
CA ASN GE 83 -154.78 -21.16 -43.62
CA GLU GE 84 -153.63 -17.54 -43.43
CA GLU GE 85 -150.52 -18.19 -41.35
CA GLN GE 86 -149.01 -21.09 -43.31
CA ASP GE 87 -147.94 -18.87 -46.24
CA LYS GE 88 -144.85 -16.64 -46.16
CA ARG GE 89 -146.80 -13.98 -48.09
CA PHE GE 90 -148.28 -12.85 -44.75
CA VAL GE 91 -146.78 -11.64 -41.46
CA CYS GE 92 -148.01 -13.09 -38.19
CA LYS GE 93 -147.81 -13.65 -34.48
CA HIS GE 94 -149.36 -15.65 -31.66
CA SER GE 95 -150.12 -14.06 -28.32
CA MET GE 96 -151.69 -14.79 -24.94
CA VAL GE 97 -154.62 -12.84 -23.46
CA ASP GE 98 -156.90 -13.24 -20.45
CA ARG GE 99 -160.31 -14.09 -21.88
CA GLY GE 100 -162.83 -13.55 -19.10
CA TRP GE 101 -166.04 -15.37 -18.26
CA GLY GE 102 -168.23 -12.81 -19.99
CA ASN GE 103 -166.04 -12.89 -23.07
CA GLY GE 104 -167.79 -15.40 -25.29
CA CYS GE 105 -166.37 -18.59 -23.80
CA GLY GE 106 -167.42 -18.48 -20.18
CA LEU GE 107 -164.31 -19.97 -18.65
CA PHE GE 108 -161.97 -17.22 -17.52
CA GLY GE 109 -158.31 -17.86 -18.19
CA LYS GE 110 -155.36 -16.98 -20.38
CA GLY GE 111 -155.56 -18.37 -23.90
CA GLY GE 112 -154.05 -18.01 -27.34
CA ILE GE 113 -154.89 -15.60 -30.15
CA VAL GE 114 -153.42 -15.71 -33.65
CA THR GE 115 -153.30 -12.34 -35.38
CA CYS GE 116 -152.14 -11.55 -38.92
CA ALA GE 117 -152.31 -9.87 -42.26
CA MET GE 118 -150.91 -9.54 -45.74
CA PHE GE 119 -147.78 -7.43 -46.19
CA THR GE 120 -146.89 -5.95 -49.57
CA CYS GE 121 -145.11 -2.60 -49.53
CA LYS GE 122 -144.88 0.19 -52.02
CA LYS GE 123 -141.57 2.09 -51.88
CA ASN GE 124 -138.35 0.13 -51.45
CA MET GE 125 -134.63 0.76 -51.35
CA LYS GE 126 -132.21 -0.39 -54.02
CA GLY GE 127 -129.11 -1.90 -52.41
CA LYS GE 128 -126.23 -2.52 -54.76
CA VAL GE 129 -122.63 -3.74 -54.75
CA VAL GE 130 -119.75 -2.62 -56.97
CA GLN GE 131 -116.93 -4.99 -57.96
CA PRO GE 132 -113.45 -4.07 -59.26
CA GLU GE 133 -114.44 -5.41 -62.68
CA ASN GE 134 -117.29 -2.97 -63.21
CA LEU GE 135 -115.19 0.13 -62.43
CA GLU GE 136 -115.39 2.28 -65.57
CA TYR GE 137 -113.30 5.46 -65.62
CA THR GE 138 -113.75 8.35 -68.04
CA ILE GE 139 -110.47 10.07 -68.86
CA VAL GE 140 -110.19 13.49 -70.52
CA ILE GE 141 -107.04 14.36 -72.49
CA THR GE 142 -106.41 17.91 -73.67
CA PRO GE 143 -103.66 19.78 -75.54
CA HIS GE 144 -102.36 23.21 -74.53
CA SER GE 145 -103.49 24.83 -77.76
CA GLY GE 146 -104.83 27.78 -75.78
CA GLU GE 147 -108.35 27.77 -77.24
CA GLU GE 148 -110.53 30.43 -75.68
CA HIS GE 149 -113.24 28.29 -74.05
CA ALA GE 150 -110.68 26.47 -71.93
CA VAL GE 151 -110.62 28.36 -68.61
CA GLY GE 152 -113.34 26.85 -66.45
CA ASN GE 153 -114.52 24.46 -69.18
CA ASP GE 154 -114.57 20.68 -68.84
CA THR GE 155 -116.64 18.89 -71.49
CA GLY GE 156 -115.98 21.36 -74.31
CA LYS GE 157 -115.27 19.74 -77.69
CA HIS GE 158 -111.55 20.50 -77.77
CA GLY GE 159 -109.90 17.32 -76.50
CA LYS GE 160 -110.60 13.60 -76.30
CA GLU GE 161 -112.62 11.43 -73.93
CA ILE GE 162 -111.76 7.76 -73.47
CA LYS GE 163 -113.73 5.01 -71.73
CA ILE GE 164 -111.03 3.21 -69.75
CA THR GE 165 -111.55 0.05 -67.71
CA PRO GE 166 -109.22 -2.56 -66.17
CA GLN GE 167 -110.82 -5.10 -68.51
CA SER GE 168 -109.16 -3.09 -71.31
CA SER GE 169 -105.39 -2.63 -71.52
CA ILE GE 170 -104.36 -0.86 -74.77
CA THR GE 171 -106.30 1.52 -76.98
CA GLU GE 172 -105.06 4.35 -79.18
CA ALA GE 173 -106.69 7.78 -78.90
CA GLU GE 174 -106.45 10.69 -81.31
CA LEU GE 175 -105.72 14.28 -80.28
CA THR GE 176 -106.77 16.40 -83.24
CA GLY GE 177 -103.89 18.44 -84.57
CA TYR GE 178 -101.37 16.75 -82.27
CA GLY GE 179 -101.45 13.09 -83.31
CA THR GE 180 -101.85 9.92 -81.26
CA VAL GE 181 -101.57 8.90 -77.61
CA THR GE 182 -101.82 5.31 -76.45
CA MET GE 183 -104.06 4.44 -73.51
CA GLU GE 184 -101.94 1.54 -72.24
CA CYS GE 185 -103.28 2.44 -68.83
CA SER GE 186 -103.51 0.36 -65.66
CA PRO GE 187 -106.38 1.13 -63.25
CA ARG GE 188 -104.94 -0.96 -60.44
CA THR GE 189 -105.39 0.93 -57.20
CA GLY GE 190 -108.96 0.47 -56.04
CA LEU GE 191 -109.01 1.60 -52.41
CA ASP GE 192 -111.38 -1.01 -50.96
CA PHE GE 193 -114.70 -2.55 -51.98
CA ASN GE 194 -115.67 -5.35 -49.58
CA GLU GE 195 -117.20 -2.95 -47.03
CA MET GE 196 -118.83 -0.32 -49.26
CA VAL GE 197 -122.37 -0.48 -50.63
CA LEU GE 198 -124.47 1.78 -52.83
CA LEU GE 199 -128.06 2.74 -52.01
CA GLN GE 200 -130.63 4.29 -54.35
CA MET GE 201 -134.01 5.93 -53.62
CA GLU GE 202 -136.05 6.94 -56.69
CA ASN GE 203 -133.90 9.95 -57.63
CA LYS GE 204 -131.04 10.04 -55.11
CA ALA GE 205 -128.26 7.78 -53.84
CA TRP GE 206 -125.84 7.22 -50.98
CA LEU GE 207 -122.73 5.23 -50.08
CA VAL GE 208 -122.55 3.33 -46.80
CA HIS GE 209 -120.54 0.60 -45.12
CA ARG GE 210 -121.74 -2.97 -45.61
CA GLN GE 211 -122.22 -3.62 -41.89
CA TRP GE 212 -124.80 -0.84 -41.88
CA PHE GE 213 -126.96 -2.82 -44.31
CA LEU GE 214 -126.20 -6.07 -42.50
CA ASP GE 215 -127.46 -4.66 -39.19
CA LEU GE 216 -130.24 -2.22 -40.08
CA PRO GE 217 -133.55 -3.69 -38.77
CA LEU GE 218 -135.94 -3.30 -41.67
CA PRO GE 219 -137.59 -5.79 -44.05
CA TRP GE 220 -135.35 -7.76 -46.43
CA LEU GE 221 -135.38 -9.12 -49.94
CA PRO GE 222 -132.38 -11.15 -51.18
CA GLY GE 223 -131.23 -10.05 -54.60
CA ALA GE 224 -132.37 -13.27 -56.29
CA ASP GE 225 -136.09 -12.95 -55.53
CA THR GE 226 -138.40 -11.13 -57.93
CA GLN GE 227 -141.97 -11.73 -56.68
CA GLY GE 228 -141.56 -9.48 -53.65
CA SER GE 229 -143.48 -11.99 -51.52
CA ASN GE 230 -140.85 -13.65 -49.32
CA TRP GE 231 -139.40 -11.33 -46.67
CA ILE GE 232 -137.03 -11.69 -43.72
CA GLN GE 233 -137.27 -9.73 -40.46
CA LYS GE 234 -140.66 -8.66 -41.82
CA GLU GE 235 -142.07 -8.27 -38.29
CA THR GE 236 -140.07 -5.14 -37.44
CA LEU GE 237 -142.30 -2.73 -39.38
CA VAL GE 238 -145.54 -4.08 -37.94
CA THR GE 239 -145.92 -2.97 -34.33
CA PHE GE 240 -148.89 -4.41 -32.48
CA LYS GE 241 -151.10 -2.46 -30.13
CA ASN GE 242 -151.36 -4.20 -26.79
CA PRO GE 243 -153.68 -7.22 -27.12
CA HIS GE 244 -157.30 -6.41 -26.36
CA ALA GE 245 -159.19 -9.62 -25.57
CA LYS GE 246 -160.07 -10.63 -29.14
CA LYS GE 247 -159.21 -7.35 -30.85
CA GLN GE 248 -155.61 -7.22 -31.95
CA ASP GE 249 -155.18 -4.50 -34.53
CA VAL GE 250 -151.90 -4.36 -36.42
CA VAL GE 251 -150.19 -1.12 -37.42
CA VAL GE 252 -146.89 -0.46 -39.17
CA LEU GE 253 -144.35 2.36 -39.32
CA GLY GE 254 -145.21 5.05 -41.82
CA SER GE 255 -143.05 7.24 -44.02
CA GLN GE 256 -139.46 6.23 -43.30
CA GLU GE 257 -137.98 8.45 -46.02
CA GLY GE 258 -137.72 11.33 -43.55
CA ALA GE 259 -136.17 9.04 -40.94
CA MET GE 260 -133.69 7.79 -43.52
CA HIS GE 261 -132.78 11.32 -44.62
CA THR GE 262 -132.28 12.64 -41.09
CA ALA GE 263 -130.41 9.56 -39.82
CA LEU GE 264 -128.28 8.68 -42.85
CA THR GE 265 -126.99 12.26 -43.02
CA GLY GE 266 -123.24 12.44 -42.51
CA ALA GE 267 -122.59 9.50 -44.83
CA THR GE 268 -121.16 9.97 -48.31
CA GLU GE 269 -123.87 11.53 -50.47
CA ILE GE 270 -123.47 10.72 -54.17
CA GLN GE 271 -125.22 12.80 -56.83
CA MET GE 272 -126.58 9.92 -58.91
CA SER GE 273 -128.62 12.40 -60.98
CA SER GE 274 -125.45 13.08 -62.96
CA GLY GE 275 -124.48 9.43 -62.55
CA ASN GE 276 -122.60 7.83 -59.68
CA LEU GE 277 -119.50 9.93 -58.97
CA LEU GE 278 -117.47 7.36 -57.02
CA PHE GE 279 -114.88 9.40 -55.09
CA THR GE 280 -112.66 6.43 -54.26
CA GLY GE 281 -109.29 5.07 -55.26
CA HIS GE 282 -106.46 6.54 -57.32
CA LEU GE 283 -105.51 5.93 -60.94
CA LYS GE 284 -101.99 4.76 -61.77
CA CYS GE 285 -101.83 5.29 -65.52
CA ARG GE 286 -98.78 4.55 -67.68
CA LEU GE 287 -98.45 6.76 -70.77
CA ARG GE 288 -95.81 6.73 -73.52
CA MET GE 289 -95.63 10.01 -75.45
CA ASP GE 290 -93.21 8.70 -78.10
CA LYS GE 291 -95.69 8.94 -81.01
CA LEU GE 292 -97.37 12.29 -80.22
CA GLN GE 293 -96.60 14.87 -82.88
CA LEU GE 294 -96.55 18.66 -82.47
CA LYS GE 295 -98.01 20.88 -85.22
CA GLY GE 296 -96.28 24.24 -85.40
CA MET GE 297 -92.70 24.04 -84.16
CA SER GE 298 -91.73 24.54 -87.81
CA TYR GE 299 -93.89 27.64 -88.27
CA SER GE 300 -92.32 31.01 -88.96
CA MET GE 301 -91.83 33.74 -86.39
CA CYS GE 302 -94.63 36.18 -85.56
CA THR GE 303 -93.82 39.72 -86.75
CA GLY GE 304 -97.10 41.66 -86.60
CA LYS GE 305 -99.10 43.69 -84.12
CA PHE GE 306 -99.55 42.34 -80.61
CA LYS GE 307 -102.26 43.22 -78.10
CA VAL GE 308 -103.62 41.95 -74.77
CA VAL GE 309 -107.34 41.59 -74.09
CA LYS GE 310 -107.52 40.47 -70.45
CA GLU GE 311 -104.80 40.46 -67.81
CA ILE GE 312 -103.86 37.51 -65.57
CA ALA GE 313 -106.66 35.65 -63.85
CA GLU GE 314 -104.48 34.72 -60.88
CA THR GE 315 -104.50 30.98 -60.21
CA GLN GE 316 -103.99 28.97 -57.04
CA HIS GE 317 -100.40 28.36 -58.22
CA GLY GE 318 -99.87 31.94 -59.38
CA THR GE 319 -99.58 30.75 -62.97
CA ILE GE 320 -99.93 33.41 -65.66
CA VAL GE 321 -102.84 32.65 -68.00
CA ILE GE 322 -102.65 35.33 -70.67
CA ARG GE 323 -105.70 35.51 -72.97
CA VAL GE 324 -104.14 37.49 -75.76
CA GLN GE 325 -105.20 38.47 -79.31
CA TYR GE 326 -102.75 39.04 -82.18
CA GLU GE 327 -104.21 41.26 -84.88
CA GLY GE 328 -100.96 40.92 -86.80
CA ASP GE 329 -100.88 38.90 -90.00
CA GLY GE 330 -98.64 35.96 -90.91
CA SER GE 331 -100.39 33.33 -88.80
CA PRO GE 332 -99.58 30.52 -88.17
CA CYS GE 333 -96.38 31.72 -86.49
CA LYS GE 334 -94.34 31.20 -83.34
CA ILE GE 335 -94.86 33.72 -80.54
CA PRO GE 336 -92.11 35.70 -78.76
CA PHE GE 337 -92.43 34.58 -75.15
CA GLU GE 338 -89.81 35.70 -72.62
CA ILE GE 339 -89.95 35.98 -68.82
CA MET GE 340 -87.13 38.24 -67.67
CA ASP GE 341 -85.82 39.92 -64.54
CA LEU GE 342 -86.14 43.51 -63.32
CA GLU GE 343 -82.93 44.68 -64.99
CA LYS GE 344 -83.65 42.39 -67.98
CA ARG GE 345 -80.30 40.56 -67.92
CA HIS GE 346 -81.18 36.85 -68.26
CA VAL GE 347 -84.31 34.73 -68.61
CA LEU GE 348 -85.33 32.37 -65.81
CA GLY GE 349 -89.00 31.54 -66.49
CA ARG GE 350 -90.72 28.32 -67.54
CA LEU GE 351 -93.40 28.56 -70.20
CA ILE GE 352 -95.95 25.74 -70.14
CA THR GE 353 -97.52 25.59 -73.60
CA VAL GE 354 -94.47 24.82 -75.71
CA ASN GE 355 -94.58 26.47 -79.13
CA PRO GE 356 -97.27 29.05 -78.37
CA ILE GE 357 -98.92 29.43 -81.75
CA VAL GE 358 -101.83 31.43 -83.14
CA THR GE 359 -103.75 29.23 -85.55
CA GLU GE 360 -105.74 32.03 -87.18
CA LYS GE 361 -106.08 35.80 -87.22
CA ASP GE 362 -108.73 37.64 -85.20
CA SER GE 363 -108.72 34.88 -82.60
CA PRO GE 364 -107.70 34.95 -78.92
CA VAL GE 365 -105.20 32.42 -77.59
CA ASN GE 366 -104.79 31.40 -73.95
CA ILE GE 367 -101.08 30.94 -73.23
CA GLU GE 368 -100.23 29.12 -70.00
CA ALA GE 369 -96.96 29.87 -68.24
CA GLU GE 370 -95.25 29.82 -64.83
CA PRO GE 371 -92.97 32.80 -64.11
CA PRO GE 372 -90.21 32.92 -61.47
CA PHE GE 373 -90.81 34.11 -57.91
CA GLY GE 374 -90.92 37.74 -56.93
CA ASP GE 375 -91.26 40.56 -59.43
CA SER GE 376 -90.53 40.10 -63.12
CA TYR GE 377 -91.37 41.26 -66.64
CA ILE GE 378 -93.32 39.35 -69.30
CA ILE GE 379 -92.12 40.12 -72.82
CA ILE GE 380 -94.54 39.41 -75.67
CA GLY GE 381 -93.86 40.39 -79.26
CA VAL GE 382 -90.87 42.13 -80.79
CA GLU GE 383 -89.97 45.78 -81.24
CA PRO GE 384 -91.62 47.86 -82.72
CA GLY GE 385 -94.81 47.21 -80.76
CA GLN GE 386 -92.86 45.22 -78.17
CA LEU GE 387 -95.23 44.44 -75.29
CA LYS GE 388 -94.10 44.37 -71.63
CA LEU GE 389 -96.22 43.35 -68.64
CA ASN GE 390 -94.90 43.75 -65.11
CA TRP GE 391 -96.05 41.05 -62.70
CA PHE GE 392 -95.23 39.77 -59.22
CA LYS GE 393 -95.73 36.27 -57.80
CA LYS GE 394 -95.83 36.05 -54.00
CA GLY GE 395 -94.38 32.57 -53.54
CA SER GE 396 -90.99 31.95 -51.97
CA SER GE 397 -88.26 30.10 -53.85
CA ILE GE 398 -87.30 27.49 -51.26
CA GLY GE 399 -90.95 27.28 -50.26
CA GLN GE 400 -92.37 26.31 -53.65
CA MET GE 401 -89.30 24.11 -54.01
CA ILE GE 402 -90.19 22.12 -50.90
CA GLU GE 403 -93.91 21.85 -51.67
CA THR GE 404 -93.29 20.77 -55.28
CA THR GE 405 -90.77 18.15 -54.15
CA MET GE 406 -93.39 17.04 -51.63
CA ARG GE 407 -96.03 16.72 -54.35
CA GLY GE 408 -93.57 14.55 -56.26
CA ALA GE 409 -92.88 12.55 -53.11
CA LYS GE 410 -96.60 11.91 -52.60
CA ARG GE 411 -97.02 10.97 -56.26
CA MET GE 412 -94.25 8.39 -55.87
CA ALA GE 413 -95.77 7.32 -52.53
CA ILE GE 414 -99.01 6.26 -54.19
CA LEU GE 415 -96.98 5.30 -57.26
CA GLY GE 416 -94.88 3.21 -54.89
CA ASP GE 417 -94.99 -0.46 -54.01
CA THR GE 418 -95.40 -2.69 -57.10
CA ALA GE 419 -95.64 0.43 -59.31
CA TRP GE 420 -92.16 1.66 -60.30
CA ASP GE 421 -90.47 -0.66 -62.78
CA PHE GE 422 -88.23 -2.81 -60.59
CA GLY GE 423 -88.70 -6.10 -62.46
CA SER GE 424 -87.30 -4.91 -65.79
CA LEU GE 425 -83.59 -5.67 -65.66
CA GLY GE 426 -81.53 -2.99 -67.37
CA GLY GE 427 -84.57 -0.75 -67.09
CA VAL GE 428 -84.13 -0.83 -63.31
CA PHE GE 429 -81.45 1.80 -63.78
CA THR GE 430 -83.90 3.94 -65.77
CA SER GE 431 -86.63 3.40 -63.17
CA ILE GE 432 -84.41 4.60 -60.34
CA GLY GE 433 -83.36 7.47 -62.58
CA LYS GE 434 -86.96 8.51 -63.16
CA ALA GE 435 -87.69 8.15 -59.43
CA LEU GE 436 -84.77 10.43 -58.55
CA HIS GE 437 -86.13 12.79 -61.18
CA GLN GE 438 -89.71 12.82 -59.92
CA VAL GE 439 -88.42 13.56 -56.40
CA PHE GE 440 -85.22 15.65 -56.65
CA GLY GE 441 -85.34 16.99 -60.23
CA ALA GE 442 -87.09 20.14 -59.16
CA ILE GE 443 -84.05 20.78 -56.96
CA TYR GE 444 -81.81 19.80 -59.87
CA GLY GE 445 -83.31 22.01 -62.57
CA ALA GE 446 -84.61 25.03 -60.63
CA ALA GE 447 -81.98 25.48 -57.91
CA PHE GE 448 -78.78 23.98 -59.36
CA SER GE 449 -78.16 26.44 -62.20
CA GLY GE 450 -81.05 25.57 -64.54
CA VAL GE 451 -78.88 24.05 -66.03
CA SER GE 452 -76.17 23.94 -68.70
CA TRP GE 453 -75.58 20.28 -68.01
CA ILE GE 454 -71.92 19.77 -69.03
CA MET GE 455 -70.41 22.23 -66.58
CA LYS GE 456 -72.68 21.14 -63.74
CA ILE GE 457 -71.80 17.47 -64.18
CA LEU GE 458 -68.16 18.57 -64.07
CA ILE GE 459 -68.91 20.35 -60.78
CA GLY GE 460 -70.80 17.27 -59.61
CA VAL GE 461 -67.87 14.92 -60.18
CA ILE GE 462 -65.69 17.47 -58.37
CA ILE GE 463 -68.11 17.37 -55.43
CA THR GE 464 -68.08 13.57 -55.53
CA TRP GE 465 -64.29 13.45 -55.39
CA ILE GE 466 -64.20 15.92 -52.49
CA GLY GE 467 -66.84 13.94 -50.62
CA MET GE 468 -64.97 10.67 -51.13
CA ASN GE 469 -61.69 12.32 -50.13
CA SER GE 470 -63.19 14.04 -47.06
CA ARG GE 471 -62.16 14.25 -43.41
CA SER GE 472 -65.38 12.70 -42.06
CA THR GE 473 -67.34 9.64 -43.17
CA SER GE 474 -70.74 11.17 -42.39
CA LEU GE 475 -70.00 14.10 -44.70
CA SER GE 476 -68.71 11.65 -47.32
CA VAL GE 477 -71.95 9.67 -47.26
CA SER GE 478 -73.97 12.90 -47.32
CA LEU GE 479 -72.09 14.47 -50.26
CA VAL GE 480 -71.16 11.62 -52.59
CA LEU GE 481 -74.82 10.58 -52.65
CA VAL GE 482 -75.78 14.07 -53.82
CA GLY GE 483 -72.98 13.99 -56.38
CA VAL GE 484 -73.94 10.65 -57.92
CA VAL GE 485 -77.59 11.72 -57.97
CA THR GE 486 -76.51 14.90 -59.76
CA LEU GE 487 -74.48 13.01 -62.36
CA TYR GE 488 -76.98 10.27 -63.16
CA LEU GE 489 -80.04 12.53 -62.98
CA GLY GE 490 -78.27 14.97 -65.32
CA VAL GE 491 -77.66 12.17 -67.78
CA MET GE 492 -81.37 11.38 -67.53
CA VAL GE 493 -82.39 15.04 -67.93
CA GLN GE 494 -80.29 15.35 -71.09
CA ALA GE 495 -82.60 12.63 -72.43
CA MET HE 1 -125.48 -23.58 32.55
CA ARG HE 2 -127.38 -23.02 29.31
CA CYS HE 3 -124.36 -23.15 26.99
CA ILE HE 4 -124.38 -26.93 26.43
CA GLY HE 5 -124.66 -27.42 22.70
CA ILE HE 6 -123.71 -23.79 22.05
CA SER HE 7 -120.75 -23.90 19.66
CA ASN HE 8 -119.16 -20.49 20.29
CA ARG HE 9 -118.02 -20.37 23.92
CA ASP HE 10 -115.26 -18.53 25.80
CA PHE HE 11 -114.13 -19.32 29.34
CA VAL HE 12 -112.99 -15.83 30.34
CA GLU HE 13 -111.47 -16.03 33.84
CA GLY HE 14 -110.47 -12.75 35.43
CA VAL HE 15 -111.39 -9.26 36.55
CA SER HE 16 -110.33 -6.06 34.79
CA GLY HE 17 -108.78 -2.98 36.38
CA GLY HE 18 -112.04 -1.65 37.79
CA SER HE 19 -113.14 -5.17 38.69
CA TRP HE 20 -115.51 -5.24 35.71
CA VAL HE 21 -115.76 -8.05 33.20
CA ASP HE 22 -115.42 -7.12 29.53
CA ILE HE 23 -118.15 -9.26 27.97
CA VAL HE 24 -117.93 -10.03 24.28
CA LEU HE 25 -121.53 -10.86 23.42
CA GLU HE 26 -122.73 -12.19 20.05
CA HIS HE 27 -126.00 -13.80 19.03
CA GLY HE 28 -125.70 -17.56 19.35
CA SER HE 29 -122.63 -17.41 21.59
CA CYS HE 30 -121.71 -17.98 25.22
CA VAL HE 31 -119.75 -16.24 27.94
CA THR HE 32 -118.68 -17.71 31.29
CA THR HE 33 -117.00 -15.57 33.93
CA MET HE 34 -114.70 -16.96 36.61
CA ALA HE 35 -112.46 -15.73 39.41
CA LYS HE 36 -111.16 -17.00 42.74
CA ASN HE 37 -113.18 -15.94 45.78
CA LYS HE 38 -115.86 -15.11 43.20
CA PRO HE 39 -118.73 -17.43 42.14
CA THR HE 40 -118.78 -18.35 38.47
CA LEU HE 41 -121.48 -16.84 36.27
CA ASP HE 42 -122.90 -17.46 32.78
CA PHE HE 43 -123.57 -14.45 30.55
CA GLU HE 44 -125.87 -14.76 27.54
CA LEU HE 45 -128.12 -12.79 25.20
CA ILE HE 46 -131.54 -14.15 24.22
CA LYS HE 47 -133.48 -11.37 22.47
CA THR HE 48 -132.80 -8.24 20.44
CA GLU HE 49 -135.42 -5.64 19.62
CA ALA HE 50 -135.75 -2.09 18.29
CA LYS HE 51 -138.47 0.16 19.70
CA GLN HE 52 -139.68 3.61 18.65
CA PRO HE 53 -138.34 3.27 15.08
CA ALA HE 54 -138.20 6.23 12.72
CA THR HE 55 -140.13 6.16 9.44
CA LEU HE 56 -137.54 6.96 6.79
CA ARG HE 57 -140.05 6.89 3.95
CA LYS HE 58 -143.57 5.50 3.56
CA TYR HE 59 -144.41 3.49 0.44
CA CYS HE 60 -148.05 2.98 -0.51
CA ILE HE 61 -148.30 -0.05 -2.75
CA GLU HE 62 -151.90 -0.40 -3.96
CA ALA HE 63 -153.27 2.67 -5.71
CA LYS HE 64 -156.93 3.51 -6.28
CA LEU HE 65 -157.77 6.16 -8.87
CA THR HE 66 -160.71 8.58 -8.84
CA ASN HE 67 -162.19 11.74 -10.34
CA THR HE 68 -160.14 11.39 -13.49
CA THR HE 69 -160.45 14.29 -15.92
CA THR HE 70 -159.39 14.57 -19.54
CA ASP HE 71 -159.68 17.41 -22.02
CA SER HE 72 -158.19 18.48 -25.33
CA ARG HE 73 -157.92 21.50 -27.57
CA CYS HE 74 -157.43 21.57 -31.33
CA PRO HE 75 -154.12 22.75 -32.83
CA THR HE 76 -153.60 26.54 -32.57
CA GLN HE 77 -156.73 26.87 -30.37
CA GLY HE 78 -154.66 26.72 -27.18
CA GLU HE 79 -153.28 24.45 -24.48
CA PRO HE 80 -155.92 23.74 -21.81
CA SER HE 81 -155.12 24.40 -18.16
CA LEU HE 82 -157.29 23.16 -15.31
CA ASN HE 83 -157.45 24.05 -11.64
CA GLU HE 84 -157.28 20.30 -11.00
CA GLU HE 85 -153.68 20.46 -12.24
CA GLN HE 86 -152.63 23.08 -9.68
CA ASP HE 87 -153.64 20.90 -6.73
CA LYS HE 88 -150.76 18.45 -6.36
CA ARG HE 89 -153.00 15.63 -5.09
CA PHE HE 90 -153.57 14.54 -8.72
CA VAL HE 91 -151.15 12.88 -11.12
CA CYS HE 92 -151.25 14.76 -14.42
CA LYS HE 93 -149.89 14.41 -17.94
CA HIS HE 94 -149.91 16.51 -21.10
CA SER HE 95 -149.98 14.98 -24.57
CA MET HE 96 -150.41 15.50 -28.30
CA VAL HE 97 -153.07 13.96 -30.57
CA ASP HE 98 -154.03 14.40 -34.20
CA ARG HE 99 -157.26 16.20 -35.08
CA GLY HE 100 -158.76 16.96 -38.48
CA TRP HE 101 -161.29 19.01 -40.39
CA GLY HE 102 -163.57 16.01 -40.81
CA ASN HE 103 -162.60 14.69 -37.36
CA GLY HE 104 -164.91 16.93 -35.37
CA CYS HE 105 -162.69 20.01 -35.61
CA GLY HE 106 -161.32 22.59 -38.02
CA LEU HE 107 -158.02 21.42 -39.51
CA PHE HE 108 -155.39 18.68 -39.68
CA GLY HE 109 -152.77 18.89 -36.95
CA LYS HE 110 -151.59 17.93 -33.50
CA GLY HE 111 -153.80 19.46 -30.81
CA GLY HE 112 -153.00 19.31 -27.13
CA ILE HE 113 -154.43 17.16 -24.36
CA VAL HE 114 -154.31 17.35 -20.58
CA THR HE 115 -155.47 14.34 -18.56
CA CYS HE 116 -155.14 13.86 -14.84
CA ALA HE 117 -156.70 12.16 -11.87
CA MET HE 118 -156.65 11.73 -8.12
CA PHE HE 119 -154.28 9.13 -6.63
CA THR HE 120 -155.57 7.53 -3.45
CA CYS HE 121 -153.80 4.46 -2.08
CA LYS HE 122 -155.08 2.02 0.51
CA LYS HE 123 -152.48 -0.64 1.30
CA ASN HE 124 -149.03 0.62 2.21
CA MET HE 125 -145.60 -0.54 3.34
CA LYS HE 126 -143.73 0.69 6.34
CA GLY HE 127 -139.99 1.30 5.87
CA LYS HE 128 -138.00 2.31 8.93
CA VAL HE 129 -134.35 2.87 9.86
CA VAL HE 130 -132.94 1.80 13.23
CA GLN HE 131 -130.39 3.98 14.99
CA PRO HE 132 -127.90 2.61 17.53
CA GLU HE 133 -129.64 4.58 20.29
CA ASN HE 134 -133.08 3.04 19.78
CA LEU HE 135 -131.87 -0.55 20.22
CA GLU HE 136 -132.58 -2.65 23.31
CA TYR HE 137 -130.62 -5.80 24.17
CA THR HE 138 -131.88 -8.71 26.31
CA ILE HE 139 -129.04 -10.06 28.43
CA VAL HE 140 -129.58 -12.99 30.77
CA ILE HE 141 -127.40 -13.99 33.74
CA THR HE 142 -127.31 -17.54 35.09
CA PRO HE 143 -125.59 -19.01 38.16
CA HIS HE 144 -123.49 -22.18 38.08
CA SER HE 145 -125.16 -23.85 41.06
CA GLY HE 146 -125.97 -27.19 39.42
CA GLU HE 147 -129.71 -27.01 40.07
CA GLU HE 148 -131.84 -29.37 38.01
CA HIS HE 149 -133.56 -26.61 36.04
CA ALA HE 150 -130.18 -24.81 35.93
CA VAL HE 151 -128.79 -27.04 33.14
CA GLY HE 152 -129.61 -26.61 29.46
CA ASN HE 153 -132.98 -24.99 30.22
CA ASP HE 154 -134.39 -22.10 28.22
CA THR HE 155 -137.14 -21.15 30.71
CA GLY HE 156 -135.62 -21.86 34.12
CA LYS HE 157 -136.34 -19.73 37.15
CA HIS HE 158 -132.62 -19.69 38.02
CA GLY HE 159 -131.79 -17.21 35.26
CA LYS HE 160 -132.49 -13.50 35.43
CA GLU HE 161 -133.17 -11.48 32.29
CA ILE HE 162 -132.40 -7.76 32.00
CA LYS HE 163 -132.74 -5.25 29.18
CA ILE HE 164 -129.97 -2.81 28.22
CA THR HE 165 -130.51 0.58 26.54
CA PRO HE 166 -128.14 3.59 26.36
CA GLN HE 167 -130.72 5.92 27.94
CA SER HE 168 -130.26 4.01 31.23
CA SER HE 169 -126.61 2.95 31.15
CA ILE HE 170 -125.74 2.65 34.85
CA THR HE 171 -128.29 0.06 36.01
CA GLU HE 172 -128.29 -2.51 38.82
CA ALA HE 173 -129.54 -6.07 38.39
CA GLU HE 174 -130.11 -8.63 41.14
CA LEU HE 175 -129.22 -12.32 41.23
CA THR HE 176 -130.83 -14.52 43.87
CA GLY HE 177 -128.60 -15.11 46.88
CA TYR HE 178 -125.47 -13.67 45.31
CA GLY HE 179 -126.78 -10.10 45.27
CA THR HE 180 -126.22 -6.98 43.19
CA VAL HE 181 -124.37 -6.80 39.86
CA THR HE 182 -123.95 -3.76 37.63
CA MET HE 183 -125.19 -3.28 34.06
CA GLU HE 184 -123.29 -0.64 32.04
CA CYS HE 185 -122.27 -0.58 28.37
CA SER HE 186 -122.54 0.99 24.92
CA PRO HE 187 -122.42 -1.94 22.43
CA ARG HE 188 -121.79 0.27 19.39
CA THR HE 189 -118.45 -1.40 18.48
CA GLY HE 190 -120.29 -3.60 15.96
CA LEU HE 191 -121.04 -3.28 12.26
CA ASP HE 192 -122.29 0.00 10.86
CA PHE HE 193 -126.06 0.41 11.08
CA ASN HE 194 -126.70 3.28 8.64
CA GLU HE 195 -126.41 0.89 5.68
CA MET HE 196 -129.57 -1.12 6.50
CA VAL HE 197 -133.30 -0.40 6.59
CA LEU HE 198 -136.19 -2.68 7.58
CA LEU HE 199 -139.45 -3.01 5.65
CA GLN HE 200 -142.56 -4.41 7.24
CA MET HE 201 -145.89 -5.44 5.73
CA GLU HE 202 -148.71 -6.33 8.14
CA ASN HE 203 -146.55 -8.87 9.99
CA LYS HE 204 -143.60 -9.96 7.84
CA ALA HE 205 -140.45 -7.88 7.62
CA TRP HE 206 -137.34 -7.72 5.48
CA LEU HE 207 -133.86 -6.33 6.01
CA VAL HE 208 -132.56 -4.47 2.95
CA HIS HE 209 -130.12 -1.75 1.91
CA ARG HE 210 -130.98 1.93 2.13
CA GLN HE 211 -130.25 2.77 -1.51
CA TRP HE 212 -132.28 -0.26 -2.60
CA PHE HE 213 -135.05 0.80 -0.22
CA LEU HE 214 -135.16 4.16 -2.00
CA ASP HE 215 -134.66 2.80 -5.53
CA LEU HE 216 -137.94 0.85 -5.79
CA PRO HE 217 -139.95 3.03 -8.23
CA LEU HE 218 -143.20 3.63 -6.36
CA PRO HE 219 -144.91 6.58 -4.61
CA TRP HE 220 -143.09 8.24 -1.71
CA LEU HE 221 -143.85 10.10 1.51
CA PRO HE 222 -141.24 11.86 3.68
CA GLY HE 223 -140.96 10.60 7.23
CA ALA HE 224 -142.85 13.47 8.81
CA ASP HE 225 -145.31 13.28 5.90
CA THR HE 226 -148.62 11.74 6.95
CA GLN HE 227 -151.27 13.76 5.09
CA GLY HE 228 -151.13 11.93 1.76
CA SER HE 229 -151.22 15.19 -0.19
CA ASN HE 230 -147.63 15.03 -1.44
CA TRP HE 231 -146.56 12.18 -3.71
CA ILE HE 232 -143.31 11.73 -5.63
CA GLN HE 233 -142.86 9.64 -8.78
CA LYS HE 234 -146.59 8.95 -8.65
CA GLU HE 235 -146.66 8.32 -12.41
CA THR HE 236 -145.60 4.66 -12.36
CA LEU HE 237 -148.66 3.29 -10.55
CA VAL HE 238 -150.91 5.14 -13.02
CA THR HE 239 -150.33 3.96 -16.58
CA PHE HE 240 -151.66 6.24 -19.29
CA LYS HE 241 -152.72 4.20 -22.31
CA ASN HE 242 -151.80 5.46 -25.75
CA PRO HE 243 -153.02 8.94 -26.73
CA HIS HE 244 -156.36 8.53 -28.41
CA ALA HE 245 -158.82 11.14 -29.72
CA LYS HE 246 -159.96 13.28 -26.76
CA LYS HE 247 -159.42 10.42 -24.30
CA GLN HE 248 -156.58 9.12 -22.21
CA ASP HE 249 -157.97 5.94 -20.70
CA VAL HE 250 -156.22 5.91 -17.33
CA VAL HE 251 -155.27 2.40 -16.23
CA VAL HE 252 -154.64 1.76 -12.55
CA LEU HE 253 -151.66 -0.51 -12.04
CA GLY HE 254 -152.46 -3.56 -9.98
CA SER HE 255 -151.33 -4.15 -6.43
CA GLN HE 256 -147.66 -5.09 -6.50
CA GLU HE 257 -147.99 -6.78 -3.10
CA GLY HE 258 -147.78 -10.15 -4.80
CA ALA HE 259 -144.82 -8.87 -6.78
CA MET HE 260 -143.12 -7.72 -3.58
CA HIS HE 261 -143.66 -11.14 -2.01
CA THR HE 262 -142.12 -12.60 -5.17
CA ALA HE 263 -139.08 -10.30 -5.09
CA LEU HE 264 -138.27 -9.66 -1.43
CA THR HE 265 -138.35 -13.41 -0.77
CA GLY HE 266 -134.76 -14.61 -0.93
CA ALA HE 267 -133.61 -11.56 0.98
CA THR HE 268 -133.11 -11.49 4.75
CA GLU HE 269 -136.47 -12.38 6.30
CA ILE HE 270 -137.54 -11.15 9.74
CA GLN HE 271 -140.54 -11.74 12.00
CA MET HE 272 -141.38 -8.99 14.48
CA SER HE 273 -142.50 -11.50 17.12
CA SER HE 274 -138.90 -12.68 17.61
CA GLY HE 275 -137.55 -9.12 17.48
CA ASN HE 276 -134.93 -7.92 15.02
CA LEU HE 277 -132.17 -10.49 14.43
CA LEU HE 278 -129.33 -8.00 14.03
CA PHE HE 279 -126.80 -10.66 14.99
CA THR HE 280 -124.18 -8.77 12.97
CA GLY HE 281 -121.95 -6.65 15.18
CA HIS HE 282 -120.12 -7.58 18.36
CA LEU HE 283 -121.47 -6.30 21.69
CA LYS HE 284 -118.70 -5.15 24.01
CA CYS HE 285 -119.98 -4.56 27.53
CA ARG HE 286 -118.65 -3.53 30.92
CA LEU HE 287 -120.05 -5.29 33.98
CA ARG HE 288 -118.82 -4.72 37.54
CA MET HE 289 -118.61 -7.61 40.02
CA ASP HE 290 -117.39 -5.94 43.22
CA LYS HE 291 -120.80 -6.11 44.93
CA LEU HE 292 -121.04 -9.95 44.92
CA GLN HE 293 -119.67 -12.46 47.41
CA LEU HE 294 -119.84 -16.22 47.91
CA LYS HE 295 -123.32 -17.37 48.93
CA GLY HE 296 -123.48 -20.61 50.88
CA MET HE 297 -119.78 -20.53 51.85
CA SER HE 298 -120.73 -20.53 55.54
CA TYR HE 299 -122.24 -24.00 55.11
CA SER HE 300 -119.88 -26.66 56.45
CA MET HE 301 -118.48 -29.49 54.38
CA CYS HE 302 -120.35 -32.77 54.85
CA THR HE 303 -118.47 -36.03 55.25
CA GLY HE 304 -121.24 -38.33 54.05
CA LYS HE 305 -121.23 -40.37 50.84
CA PHE HE 306 -121.56 -39.27 47.22
CA LYS HE 307 -123.28 -41.00 44.32
CA VAL HE 308 -123.35 -40.39 40.55
CA VAL HE 309 -126.64 -40.34 38.65
CA LYS HE 310 -125.70 -39.65 35.02
CA GLU HE 311 -122.52 -40.86 33.37
CA ILE HE 312 -119.66 -38.55 32.42
CA ALA HE 313 -121.25 -36.44 29.69
CA GLU HE 314 -119.15 -34.74 27.02
CA THR HE 315 -119.71 -31.23 25.66
CA GLN HE 316 -118.22 -29.55 22.58
CA HIS HE 317 -115.48 -27.79 24.59
CA GLY HE 318 -113.62 -30.47 26.57
CA THR HE 319 -115.67 -30.17 29.74
CA ILE HE 320 -117.34 -32.80 31.91
CA VAL HE 321 -120.72 -32.85 33.68
CA ILE HE 322 -121.31 -34.90 36.83
CA ARG HE 323 -124.67 -35.28 38.57
CA VAL HE 324 -123.45 -35.93 42.10
CA GLN HE 325 -126.12 -37.30 44.44
CA TYR HE 326 -125.81 -37.30 48.24
CA GLU HE 327 -127.37 -40.39 49.80
CA GLY HE 328 -125.94 -39.51 53.21
CA ASP HE 329 -127.24 -36.93 55.70
CA GLY HE 330 -126.24 -33.42 56.75
CA SER HE 331 -127.51 -31.35 53.84
CA PRO HE 332 -126.99 -28.60 52.80
CA CYS HE 333 -123.17 -28.75 52.63
CA LYS HE 334 -120.09 -27.37 50.89
CA ILE HE 335 -119.20 -29.83 48.14
CA PRO HE 336 -115.69 -31.34 48.31
CA PHE HE 337 -114.70 -31.57 44.64
CA GLU HE 338 -111.05 -32.14 43.77
CA ILE HE 339 -108.66 -33.37 41.09
CA MET HE 340 -105.62 -35.60 41.23
CA ASP HE 341 -103.08 -36.85 38.73
CA LEU HE 342 -101.76 -40.38 38.26
CA GLU HE 343 -99.43 -39.98 41.25
CA LYS HE 344 -102.46 -38.97 43.38
CA ARG HE 345 -100.48 -35.91 44.53
CA HIS HE 346 -101.09 -32.71 42.56
CA VAL HE 347 -104.23 -30.64 41.98
CA LEU HE 348 -103.87 -29.95 38.24
CA GLY HE 349 -107.39 -29.91 36.78
CA ARG HE 350 -109.42 -26.72 36.49
CA LEU HE 351 -112.82 -26.51 38.20
CA ILE HE 352 -115.79 -24.48 36.92
CA THR HE 353 -118.17 -24.12 39.87
CA VAL HE 354 -116.42 -23.04 43.04
CA ASN HE 355 -117.81 -24.25 46.40
CA PRO HE 356 -120.85 -26.11 45.02
CA ILE HE 357 -123.58 -26.79 47.56
CA VAL HE 358 -126.50 -29.20 47.81
CA THR HE 359 -129.96 -27.72 48.25
CA GLU HE 360 -131.31 -30.93 49.79
CA LYS HE 361 -130.48 -34.61 49.94
CA ASP HE 362 -131.74 -36.73 47.03
CA SER HE 363 -131.46 -33.61 44.79
CA PRO HE 364 -128.14 -34.02 42.94
CA VAL HE 365 -125.92 -31.16 41.86
CA ASN HE 366 -124.54 -30.75 38.33
CA ILE HE 367 -120.86 -30.19 39.02
CA GLU HE 368 -118.93 -29.01 35.96
CA ALA HE 369 -115.19 -29.51 35.46
CA GLU HE 370 -112.43 -28.98 32.90
CA PRO HE 371 -109.50 -31.35 33.42
CA PRO HE 372 -106.61 -31.26 30.94
CA PHE HE 373 -106.69 -33.52 27.90
CA GLY HE 374 -105.32 -36.72 29.37
CA ASP HE 375 -105.78 -39.19 32.21
CA SER HE 376 -106.76 -37.93 35.66
CA TYR HE 377 -108.91 -38.80 38.66
CA ILE HE 378 -111.94 -36.70 39.52
CA ILE HE 379 -112.07 -37.24 43.28
CA ILE HE 380 -115.63 -36.89 44.50
CA GLY HE 381 -116.00 -36.93 48.26
CA VAL HE 382 -113.30 -37.62 50.81
CA GLU HE 383 -112.00 -40.85 52.26
CA PRO HE 384 -113.16 -43.24 53.65
CA GLY HE 385 -115.43 -44.17 50.75
CA GLN HE 386 -114.00 -41.57 48.37
CA LEU HE 387 -114.70 -41.92 44.63
CA LYS HE 388 -111.61 -41.43 42.45
CA LEU HE 389 -113.46 -41.63 39.16
CA ASN HE 390 -110.87 -42.12 36.45
CA TRP HE 391 -111.26 -40.03 33.31
CA PHE HE 392 -109.33 -39.92 30.04
CA LYS HE 393 -109.95 -36.67 28.15
CA LYS HE 394 -109.10 -36.62 24.45
CA GLY HE 395 -107.09 -33.90 22.75
CA SER HE 396 -103.67 -32.30 22.92
CA SER HE 397 -102.67 -29.81 25.60
CA ILE HE 398 -101.03 -27.75 22.86
CA GLY HE 399 -104.41 -28.01 21.14
CA GLN HE 400 -106.23 -26.01 23.79
CA MET HE 401 -103.09 -23.88 24.19
CA ILE HE 402 -103.21 -22.61 20.61
CA GLU HE 403 -107.01 -22.54 20.49
CA THR HE 404 -107.59 -20.48 23.64
CA THR HE 405 -104.62 -18.18 23.01
CA MET HE 406 -105.76 -17.50 19.44
CA ARG HE 407 -109.38 -16.97 20.46
CA GLY HE 408 -108.44 -14.51 23.19
CA ALA HE 409 -106.04 -12.78 20.81
CA LYS HE 410 -108.75 -12.27 18.17
CA ARG HE 411 -111.18 -11.25 20.91
CA MET HE 412 -108.81 -8.49 22.05
CA ALA HE 413 -107.87 -7.69 18.42
CA ILE HE 414 -111.37 -6.94 17.15
CA LEU HE 415 -111.55 -5.05 20.45
CA GLY HE 416 -108.08 -3.68 19.75
CA ASP HE 417 -107.25 -0.22 18.43
CA THR HE 418 -109.39 2.52 20.02
CA ALA HE 419 -111.01 -0.14 22.27
CA TRP HE 420 -108.71 -1.17 25.13
CA ASP HE 421 -107.98 1.61 27.60
CA PHE HE 422 -104.45 2.82 26.78
CA GLY HE 423 -104.88 6.56 27.43
CA SER HE 424 -105.23 6.36 31.22
CA LEU HE 425 -101.82 7.09 32.74
CA GLY HE 426 -101.12 4.76 35.65
CA GLY HE 427 -103.93 2.58 34.35
CA VAL HE 428 -101.66 1.77 31.41
CA PHE HE 429 -100.18 -0.91 33.67
CA THR HE 430 -103.67 -2.27 34.36
CA SER HE 431 -104.48 -2.25 30.65
CA ILE HE 432 -101.28 -4.12 29.78
CA GLY HE 433 -102.13 -6.63 32.48
CA LYS HE 434 -105.64 -6.84 31.02
CA ALA HE 435 -104.27 -7.59 27.56
CA LEU HE 436 -101.99 -10.29 28.91
CA HIS HE 437 -104.70 -11.74 31.17
CA GLN HE 438 -107.22 -11.88 28.33
CA VAL HE 439 -104.62 -13.43 25.99
CA PHE HE 440 -101.79 -14.85 28.12
CA GLY HE 441 -103.91 -15.33 31.25
CA ALA HE 442 -104.87 -18.88 30.33
CA ILE HE 443 -101.13 -19.58 30.31
CA TYR HE 444 -100.91 -18.50 33.95
CA GLY HE 445 -104.07 -20.31 35.01
CA ALA HE 446 -104.47 -23.58 33.10
CA ALA HE 447 -100.98 -24.96 32.38
CA PHE HE 448 -99.00 -23.26 35.18
CA SER HE 449 -99.85 -25.10 38.41
CA GLY HE 450 -103.57 -24.21 38.74
CA VAL HE 451 -102.54 -22.19 40.75
CA SER HE 452 -101.71 -21.27 44.35
CA TRP HE 453 -100.29 -17.86 43.54
CA ILE HE 454 -97.63 -17.36 46.25
CA MET HE 455 -95.57 -20.43 45.37
CA LYS HE 456 -95.74 -19.77 41.64
CA ILE HE 457 -94.72 -16.12 42.01
CA LEU HE 458 -91.75 -17.40 43.99
CA ILE HE 459 -91.05 -19.77 41.10
CA GLY HE 460 -91.54 -16.89 38.68
CA VAL HE 461 -89.00 -14.63 40.36
CA ILE HE 462 -86.66 -17.64 40.40
CA ILE HE 463 -87.18 -18.01 36.65
CA THR HE 464 -86.56 -14.29 36.15
CA TRP HE 465 -83.29 -14.59 38.06
CA ILE HE 466 -82.24 -17.60 35.97
CA GLY HE 467 -83.17 -15.89 32.70
CA MET HE 468 -81.31 -12.69 33.57
CA ASN HE 469 -78.13 -14.59 34.47
CA SER HE 470 -78.30 -16.96 31.49
CA ARG HE 471 -75.68 -18.01 28.96
CA SER HE 472 -77.73 -16.72 25.98
CA THR HE 473 -79.38 -13.33 25.50
CA SER HE 474 -82.05 -14.79 23.21
CA LEU HE 475 -83.06 -17.21 25.96
CA SER HE 476 -82.87 -14.31 28.41
CA VAL HE 477 -85.38 -12.29 26.38
CA SER HE 478 -87.53 -15.41 25.94
CA LEU HE 479 -87.57 -16.32 29.67
CA VAL HE 480 -87.50 -13.07 31.65
CA LEU HE 481 -90.48 -11.84 29.61
CA VAL HE 482 -92.45 -14.94 30.59
CA GLY HE 483 -91.34 -14.50 34.20
CA VAL HE 484 -92.37 -10.86 34.50
CA VAL HE 485 -95.65 -11.69 32.75
CA THR HE 486 -96.17 -14.44 35.33
CA LEU HE 487 -95.44 -12.18 38.30
CA TYR HE 488 -97.40 -9.12 37.19
CA LEU HE 489 -100.34 -11.14 35.83
CA GLY HE 490 -100.43 -13.10 39.08
CA VAL HE 491 -100.68 -9.85 40.99
CA MET HE 492 -103.55 -8.91 38.67
CA VAL HE 493 -105.15 -12.34 39.11
CA GLN HE 494 -105.09 -11.83 42.88
CA ALA HE 495 -107.27 -8.76 42.30
CA MET IE 1 -103.18 -65.33 -49.21
CA ARG IE 2 -106.51 -63.62 -48.60
CA CYS IE 3 -105.58 -59.99 -47.91
CA ILE IE 4 -103.79 -58.93 -51.10
CA GLY IE 5 -105.45 -55.60 -51.80
CA ILE IE 6 -106.60 -54.09 -48.50
CA SER IE 7 -104.97 -50.81 -47.50
CA ASN IE 8 -103.95 -51.78 -43.95
CA ARG IE 9 -101.42 -54.51 -44.75
CA ASP IE 10 -99.34 -55.42 -41.69
CA PHE IE 11 -96.46 -57.85 -41.14
CA VAL IE 12 -95.30 -59.54 -37.95
CA GLU IE 13 -92.08 -61.48 -38.61
CA GLY IE 14 -91.00 -62.70 -35.18
CA VAL IE 15 -91.55 -65.68 -32.90
CA SER IE 16 -91.38 -66.15 -29.14
CA GLY IE 17 -89.30 -68.58 -27.12
CA GLY IE 18 -92.34 -70.77 -26.54
CA SER IE 19 -93.84 -69.77 -29.91
CA TRP IE 20 -96.42 -67.66 -28.03
CA VAL IE 21 -96.94 -65.18 -30.85
CA ASP IE 22 -99.05 -62.08 -30.22
CA ILE IE 23 -101.11 -60.15 -32.78
CA VAL IE 24 -103.58 -57.27 -32.85
CA LEU IE 25 -106.66 -57.41 -35.07
CA GLU IE 26 -108.82 -54.47 -36.16
CA HIS IE 27 -111.59 -53.93 -38.69
CA GLY IE 28 -110.09 -54.13 -42.15
CA SER IE 29 -106.53 -54.45 -40.84
CA CYS IE 30 -105.40 -57.95 -41.72
CA VAL IE 31 -102.17 -59.48 -40.46
CA THR IE 32 -99.65 -61.86 -42.03
CA THR IE 33 -97.83 -64.33 -39.78
CA MET IE 34 -94.31 -65.40 -40.75
CA ALA IE 35 -92.21 -68.14 -39.17
CA LYS IE 36 -89.17 -70.34 -39.69
CA ASN IE 37 -89.89 -73.85 -41.03
CA LYS IE 38 -93.57 -73.37 -40.10
CA PRO IE 39 -96.37 -72.53 -42.55
CA THR IE 40 -97.18 -68.85 -42.89
CA LEU IE 41 -100.67 -67.56 -42.23
CA ASP IE 42 -103.09 -64.71 -42.78
CA PHE IE 43 -105.40 -63.55 -39.99
CA GLU IE 44 -108.33 -61.18 -40.09
CA LEU IE 45 -111.55 -60.37 -38.27
CA ILE IE 46 -114.21 -60.56 -40.95
CA LYS IE 47 -117.34 -59.61 -39.04
CA THR IE 48 -118.03 -58.33 -35.54
CA GLU IE 49 -121.21 -59.55 -33.87
CA ALA IE 50 -122.92 -58.74 -30.57
CA LYS IE 51 -125.33 -61.56 -29.78
CA GLN IE 52 -127.50 -61.97 -26.68
CA PRO IE 53 -127.95 -58.25 -25.99
CA ALA IE 54 -128.90 -56.92 -22.58
CA THR IE 55 -132.11 -54.88 -22.52
CA LEU IE 56 -130.74 -51.87 -20.65
CA ARG IE 57 -133.79 -49.58 -20.65
CA LYS IE 58 -136.88 -48.72 -22.69
CA TYR IE 59 -138.52 -45.46 -23.75
CA CYS IE 60 -142.19 -44.83 -24.50
CA ILE IE 61 -141.78 -42.71 -27.61
CA GLU IE 62 -145.49 -41.87 -27.89
CA ALA IE 63 -148.15 -41.53 -25.23
CA LYS IE 64 -151.84 -42.12 -24.61
CA LEU IE 65 -153.78 -40.44 -21.82
CA THR IE 66 -156.90 -42.18 -20.50
CA ASN IE 67 -159.17 -42.39 -17.47
CA THR IE 68 -158.13 -38.87 -16.45
CA THR IE 69 -159.95 -38.25 -13.19
CA THR IE 70 -159.56 -35.13 -11.07
CA ASP IE 71 -160.93 -33.66 -7.85
CA SER IE 72 -160.50 -30.68 -5.56
CA ARG IE 73 -161.26 -29.49 -2.03
CA CYS IE 74 -162.06 -26.11 -0.56
CA PRO IE 75 -159.27 -24.33 1.36
CA THR IE 76 -158.21 -25.85 4.71
CA GLN IE 77 -159.76 -29.25 3.85
CA GLY IE 78 -156.42 -30.68 2.68
CA GLU IE 79 -155.64 -32.42 -0.56
CA PRO IE 80 -158.33 -34.83 -1.82
CA SER IE 81 -157.41 -38.51 -1.55
CA LEU IE 82 -158.47 -40.72 -4.45
CA ASN IE 83 -157.21 -44.27 -5.08
CA GLU IE 84 -155.23 -43.48 -8.26
CA GLU IE 85 -152.47 -41.61 -6.41
CA GLN IE 86 -151.07 -44.72 -4.73
CA ASP IE 87 -151.27 -46.75 -7.95
CA LYS IE 88 -148.34 -45.93 -10.23
CA ARG IE 89 -150.43 -47.01 -13.23
CA PHE IE 90 -151.79 -43.45 -13.16
CA VAL IE 91 -149.42 -40.51 -13.41
CA CYS IE 92 -150.62 -37.56 -11.40
CA LYS IE 93 -149.98 -34.38 -9.47
CA HIS IE 94 -151.62 -31.97 -7.03
CA SER IE 95 -151.77 -28.17 -7.06
CA MET IE 96 -153.84 -25.30 -5.63
CA VAL IE 97 -156.14 -22.54 -6.89
CA ASP IE 98 -158.07 -19.67 -5.34
CA ARG IE 99 -161.62 -20.74 -4.44
CA GLY IE 100 -164.13 -19.31 -2.01
CA TRP IE 101 -167.52 -17.68 -1.54
CA GLY IE 102 -167.67 -16.88 -5.26
CA ASN IE 103 -167.53 -20.46 -6.56
CA GLY IE 104 -169.14 -22.56 -3.83
CA CYS IE 105 -166.52 -22.68 -1.06
CA GLY IE 106 -166.54 -20.56 2.10
CA LEU IE 107 -163.75 -17.99 1.78
CA PHE IE 108 -161.29 -16.99 -0.92
CA GLY IE 109 -158.15 -19.06 -0.39
CA LYS IE 110 -155.78 -21.49 -2.06
CA GLY IE 111 -157.67 -24.76 -1.98
CA GLY IE 112 -156.16 -28.00 -3.22
CA ILE IE 113 -156.68 -30.00 -6.40
CA VAL IE 114 -155.50 -33.48 -7.40
CA THR IE 115 -155.27 -34.33 -11.09
CA CYS IE 116 -154.60 -37.94 -12.14
CA ALA IE 117 -154.68 -39.96 -15.34
CA MET IE 118 -153.73 -43.36 -16.74
CA PHE IE 119 -150.62 -43.22 -18.93
CA THR IE 120 -150.79 -45.90 -21.64
CA CYS IE 121 -147.66 -46.65 -23.66
CA LYS IE 122 -148.55 -47.31 -27.30
CA LYS IE 123 -145.07 -47.79 -28.79
CA ASN IE 124 -141.62 -48.76 -27.59
CA MET IE 125 -138.11 -47.47 -28.27
CA LYS IE 126 -135.58 -50.17 -27.50
CA GLY IE 127 -132.11 -49.71 -26.03
CA LYS IE 128 -129.34 -52.30 -26.34
CA VAL IE 129 -126.09 -52.19 -24.37
CA VAL IE 130 -123.14 -54.31 -25.50
CA GLN IE 131 -120.95 -55.75 -22.76
CA PRO IE 132 -117.38 -56.94 -23.44
CA GLU IE 133 -118.25 -60.60 -22.89
CA ASN IE 134 -121.08 -60.47 -25.46
CA LEU IE 135 -118.84 -59.74 -28.48
CA GLU IE 136 -118.87 -62.75 -30.83
CA TYR IE 137 -115.78 -62.15 -32.96
CA THR IE 138 -115.80 -63.89 -36.35
CA ILE IE 139 -112.17 -64.51 -37.36
CA VAL IE 140 -111.03 -65.81 -40.74
CA ILE IE 141 -107.75 -67.74 -40.85
CA THR IE 142 -106.24 -68.57 -44.26
CA PRO IE 143 -102.86 -70.19 -45.04
CA HIS IE 144 -100.44 -69.10 -47.76
CA SER IE 145 -100.71 -72.56 -49.22
CA GLY IE 146 -101.26 -71.88 -52.92
CA GLU IE 147 -105.02 -71.42 -53.23
CA GLU IE 148 -106.41 -69.07 -55.87
CA HIS IE 149 -110.00 -68.11 -54.99
CA ALA IE 150 -109.17 -65.88 -52.00
CA VAL IE 151 -107.09 -63.07 -53.54
CA GLY IE 152 -109.18 -59.93 -53.27
CA ASN IE 153 -112.12 -61.95 -51.92
CA ASP IE 154 -114.43 -62.06 -48.90
CA THR IE 155 -116.05 -65.52 -48.98
CA GLY IE 156 -113.03 -67.36 -50.47
CA LYS IE 157 -112.80 -70.46 -48.31
CA HIS IE 158 -109.69 -72.60 -48.15
CA GLY IE 159 -109.02 -71.89 -44.48
CA LYS IE 160 -111.50 -71.64 -41.62
CA GLU IE 161 -113.84 -69.12 -40.03
CA ILE IE 162 -114.23 -69.35 -36.25
CA LYS IE 163 -116.63 -67.53 -33.93
CA ILE IE 164 -114.68 -66.58 -30.81
CA THR IE 165 -116.80 -66.21 -27.66
CA PRO IE 166 -114.81 -64.52 -24.86
CA GLN IE 167 -116.34 -66.88 -22.29
CA SER IE 168 -114.42 -69.57 -24.21
CA SER IE 169 -110.83 -68.33 -24.25
CA ILE IE 170 -109.03 -71.40 -25.63
CA THR IE 171 -110.33 -72.72 -28.94
CA GLU IE 172 -109.00 -75.17 -31.52
CA ALA IE 173 -109.42 -74.07 -35.15
CA GLU IE 174 -108.54 -77.13 -37.27
CA LEU IE 175 -106.94 -75.71 -40.40
CA THR IE 176 -107.25 -78.24 -43.21
CA GLY IE 177 -104.10 -80.15 -44.11
CA TYR IE 178 -101.97 -78.25 -41.59
CA GLY IE 179 -103.55 -79.22 -38.25
CA THR IE 180 -104.75 -76.58 -35.80
CA VAL IE 181 -103.66 -73.39 -34.05
CA THR IE 182 -104.62 -72.66 -30.47
CA MET IE 183 -106.82 -69.57 -30.20
CA GLU IE 184 -106.31 -67.53 -27.03
CA CYS IE 185 -107.60 -64.21 -28.28
CA SER IE 186 -109.37 -61.76 -25.98
CA PRO IE 187 -111.24 -58.52 -26.71
CA ARG IE 188 -111.04 -57.65 -23.01
CA THR IE 189 -107.68 -55.91 -23.41
CA GLY IE 190 -109.03 -53.90 -26.35
CA LEU IE 191 -111.01 -50.70 -26.02
CA ASP IE 192 -113.76 -50.83 -23.42
CA PHE IE 193 -117.25 -51.20 -24.88
CA ASN IE 194 -118.73 -49.44 -21.87
CA GLU IE 195 -120.20 -46.31 -23.53
CA MET IE 196 -121.66 -47.69 -26.79
CA VAL IE 197 -125.43 -48.15 -27.03
CA LEU IE 198 -127.79 -49.12 -29.84
CA LEU IE 199 -131.14 -47.41 -30.32
CA GLN IE 200 -133.56 -49.81 -32.04
CA MET IE 201 -136.81 -48.78 -33.72
CA GLU IE 202 -138.92 -51.39 -35.52
CA ASN IE 203 -136.07 -52.90 -37.58
CA LYS IE 204 -133.62 -50.00 -38.04
CA ALA IE 205 -131.12 -48.74 -35.51
CA TRP IE 206 -128.43 -46.23 -34.62
CA LEU IE 207 -125.37 -46.15 -32.39
CA VAL IE 208 -125.05 -43.48 -29.69
CA HIS IE 209 -123.31 -42.88 -26.37
CA ARG IE 210 -124.59 -44.19 -23.04
CA GLN IE 211 -124.66 -40.90 -21.13
CA TRP IE 212 -126.59 -39.31 -24.00
CA PHE IE 213 -128.85 -42.35 -24.17
CA LEU IE 214 -129.89 -41.92 -20.54
CA ASP IE 215 -129.89 -38.11 -20.44
CA LEU IE 216 -132.93 -37.98 -22.73
CA PRO IE 217 -135.90 -36.32 -20.94
CA LEU IE 218 -138.35 -38.96 -22.11
CA PRO IE 219 -140.44 -41.65 -20.41
CA TRP IE 220 -138.10 -43.91 -18.51
CA LEU IE 221 -138.90 -47.62 -17.98
CA PRO IE 222 -136.47 -50.25 -16.65
CA GLY IE 223 -135.42 -53.41 -18.43
CA ALA IE 224 -136.58 -55.83 -15.74
CA ASP IE 225 -140.22 -54.73 -15.71
CA THR IE 226 -142.65 -55.87 -18.42
CA GLN IE 227 -146.06 -54.33 -17.67
CA GLY IE 228 -144.75 -50.75 -17.66
CA SER IE 229 -146.88 -49.68 -14.69
CA ASN IE 230 -143.75 -49.07 -12.60
CA TRP IE 231 -143.23 -45.91 -14.60
CA ILE IE 232 -140.50 -43.32 -13.99
CA GLN IE 233 -139.84 -39.78 -15.26
CA LYS IE 234 -143.49 -38.92 -15.20
CA GLU IE 235 -143.65 -35.30 -16.38
CA THR IE 236 -141.78 -35.71 -19.69
CA LEU IE 237 -144.91 -35.94 -21.87
CA VAL IE 238 -147.88 -35.12 -19.64
CA THR IE 239 -147.77 -31.31 -19.64
CA PHE IE 240 -150.55 -30.08 -17.38
CA LYS IE 241 -151.54 -26.44 -17.93
CA ASN IE 242 -152.16 -23.91 -15.17
CA PRO IE 243 -155.25 -25.28 -13.39
CA HIS IE 244 -158.23 -22.96 -13.53
CA ALA IE 245 -160.66 -24.07 -10.82
CA LYS IE 246 -160.46 -27.87 -11.33
CA LYS IE 247 -159.88 -28.87 -14.95
CA GLN IE 248 -156.54 -28.38 -16.63
CA ASP IE 249 -155.86 -29.14 -20.28
CA VAL IE 250 -153.93 -32.33 -19.58
CA VAL IE 251 -152.51 -33.52 -22.90
CA VAL IE 252 -149.58 -35.72 -23.83
CA LEU IE 253 -147.20 -34.17 -26.34
CA GLY IE 254 -147.39 -35.43 -29.88
CA SER IE 255 -145.44 -38.48 -30.95
CA GLN IE 256 -141.73 -37.82 -30.61
CA GLU IE 257 -140.89 -40.31 -33.38
CA GLY IE 258 -140.45 -37.60 -36.01
CA ALA IE 259 -138.66 -35.16 -33.72
CA MET IE 260 -136.23 -37.66 -32.24
CA HIS IE 261 -135.64 -39.20 -35.66
CA THR IE 262 -134.72 -35.76 -36.99
CA ALA IE 263 -132.45 -35.10 -34.02
CA LEU IE 264 -130.75 -38.50 -34.14
CA THR IE 265 -130.08 -37.97 -37.85
CA GLY IE 266 -126.37 -37.56 -38.49
CA ALA IE 267 -125.40 -40.12 -35.87
CA THR IE 268 -123.89 -43.51 -36.74
CA GLU IE 269 -126.67 -45.41 -38.47
CA ILE IE 270 -126.24 -49.19 -38.09
CA GLN IE 271 -127.84 -51.69 -40.45
CA MET IE 272 -128.30 -54.02 -37.49
CA SER IE 273 -130.47 -56.45 -39.47
CA SER IE 274 -127.38 -58.23 -40.87
CA GLY IE 275 -125.85 -58.38 -37.38
CA ASN IE 276 -124.23 -55.94 -34.96
CA LEU IE 277 -121.43 -54.81 -37.27
CA LEU IE 278 -119.42 -52.84 -34.75
CA PHE IE 279 -116.63 -51.00 -36.58
CA THR IE 280 -114.27 -50.68 -33.59
CA GLY IE 281 -112.51 -52.79 -30.99
CA HIS IE 282 -109.02 -54.24 -30.72
CA LEU IE 283 -108.66 -58.00 -30.53
CA LYS IE 284 -105.49 -59.08 -28.70
CA CYS IE 285 -104.64 -62.53 -29.99
CA ARG IE 286 -102.08 -64.85 -28.38
CA LEU IE 287 -101.34 -68.09 -30.20
CA ARG IE 288 -99.30 -71.25 -29.76
CA MET IE 289 -98.52 -72.10 -33.40
CA ASP IE 290 -96.25 -75.05 -32.52
CA LYS IE 291 -99.19 -77.44 -32.90
CA LEU IE 292 -99.56 -76.11 -36.46
CA GLN IE 293 -97.39 -77.81 -39.05
CA LEU IE 294 -96.84 -77.75 -42.81
CA LYS IE 295 -97.55 -81.10 -44.45
CA GLY IE 296 -96.12 -79.69 -47.68
CA MET IE 297 -92.78 -78.44 -46.38
CA SER IE 298 -90.50 -81.47 -46.81
CA TYR IE 299 -91.54 -82.70 -50.26
CA SER IE 300 -88.81 -83.30 -52.82
CA MET IE 301 -87.16 -80.40 -54.63
CA CYS IE 302 -89.10 -80.08 -57.85
CA THR IE 303 -87.35 -80.85 -61.12
CA GLY IE 304 -89.53 -80.49 -64.20
CA LYS IE 305 -90.05 -77.50 -66.45
CA PHE IE 306 -92.00 -74.60 -64.98
CA LYS IE 307 -93.78 -71.74 -66.75
CA VAL IE 308 -95.71 -68.56 -65.90
CA VAL IE 309 -99.32 -67.94 -66.94
CA LYS IE 310 -100.17 -64.42 -65.76
CA GLU IE 311 -97.72 -61.55 -65.31
CA ILE IE 312 -97.25 -59.43 -62.21
CA ALA IE 313 -99.62 -56.72 -61.09
CA GLU IE 314 -98.64 -54.56 -58.12
CA THR IE 315 -100.33 -54.77 -54.74
CA GLN IE 316 -101.12 -52.04 -52.23
CA HIS IE 317 -98.15 -52.86 -50.01
CA GLY IE 318 -96.09 -53.68 -53.08
CA THR IE 319 -95.59 -57.45 -52.94
CA ILE IE 320 -94.83 -59.88 -55.73
CA VAL IE 321 -97.76 -62.19 -56.41
CA ILE IE 322 -97.34 -64.58 -59.34
CA ARG IE 323 -99.68 -67.21 -60.70
CA VAL IE 324 -97.39 -69.91 -62.10
CA GLN IE 325 -98.10 -73.21 -63.86
CA TYR IE 326 -96.05 -76.42 -63.88
CA GLU IE 327 -95.92 -78.23 -67.22
CA GLY IE 328 -93.40 -80.81 -66.00
CA ASP IE 329 -93.89 -83.89 -63.82
CA GLY IE 330 -93.18 -85.24 -60.36
CA SER IE 331 -96.04 -83.57 -58.52
CA PRO IE 332 -96.18 -83.14 -55.54
CA CYS IE 333 -92.80 -81.37 -55.42
CA LYS IE 334 -91.07 -78.53 -53.56
CA ILE IE 335 -90.59 -75.72 -56.08
CA PRO IE 336 -87.33 -73.71 -56.10
CA PHE IE 337 -87.90 -69.98 -55.71
CA GLU IE 338 -85.19 -67.41 -54.95
CA ILE IE 339 -84.74 -63.65 -55.37
CA MET IE 340 -81.16 -63.22 -56.57
CA ASP IE 341 -79.10 -60.21 -57.49
CA LEU IE 342 -78.70 -59.52 -61.20
CA GLU IE 343 -75.26 -61.23 -61.02
CA LYS IE 344 -76.69 -64.32 -59.24
CA ARG IE 345 -74.21 -64.03 -56.33
CA HIS IE 346 -76.10 -62.94 -53.18
CA VAL IE 347 -79.77 -62.97 -52.16
CA LEU IE 348 -81.70 -59.73 -51.60
CA GLY IE 349 -85.39 -60.28 -50.95
CA ARG IE 350 -87.69 -62.42 -48.83
CA LEU IE 351 -90.47 -64.85 -49.74
CA ILE IE 352 -93.67 -65.10 -47.69
CA THR IE 353 -94.93 -68.53 -48.71
CA VAL IE 354 -92.29 -70.64 -47.01
CA ASN IE 355 -91.54 -73.73 -49.10
CA PRO IE 356 -94.18 -73.21 -51.80
CA ILE IE 357 -95.79 -76.44 -52.92
CA VAL IE 358 -97.36 -77.75 -56.13
CA THR IE 359 -99.47 -80.82 -55.28
CA GLU IE 360 -101.67 -80.74 -58.37
CA LYS IE 361 -101.06 -80.96 -62.10
CA ASP IE 362 -102.31 -78.22 -64.41
CA SER IE 363 -103.36 -75.71 -61.76
CA PRO IE 364 -102.42 -72.10 -61.00
CA VAL IE 365 -100.02 -71.68 -58.11
CA ASN IE 366 -99.82 -68.42 -56.15
CA ILE IE 367 -96.29 -67.44 -55.10
CA GLU IE 368 -95.79 -64.47 -52.79
CA ALA IE 369 -92.65 -62.42 -52.16
CA GLU IE 370 -91.44 -58.96 -51.12
CA PRO IE 371 -88.25 -57.62 -52.71
CA PRO IE 372 -86.49 -54.45 -51.60
CA PHE IE 373 -86.54 -51.26 -53.65
CA GLY IE 374 -84.12 -52.05 -56.44
CA ASP IE 375 -83.50 -54.18 -59.46
CA SER IE 376 -83.71 -57.90 -58.76
CA TYR IE 377 -83.91 -61.22 -60.57
CA ILE IE 378 -86.54 -63.71 -59.43
CA ILE IE 379 -84.85 -67.02 -60.28
CA ILE IE 380 -87.21 -69.97 -60.61
CA GLY IE 381 -86.46 -73.60 -61.36
CA VAL IE 382 -83.24 -75.38 -62.25
CA GLU IE 383 -81.57 -75.74 -65.63
CA PRO IE 384 -82.77 -77.11 -68.05
CA GLY IE 385 -85.71 -74.70 -68.07
CA GLN IE 386 -84.31 -71.94 -65.87
CA LEU IE 387 -86.63 -68.94 -65.52
CA LYS IE 388 -85.20 -65.50 -64.78
CA LEU IE 389 -87.60 -62.61 -64.18
CA ASN IE 390 -86.25 -59.08 -63.86
CA TRP IE 391 -88.18 -56.87 -61.46
CA PHE IE 392 -88.01 -53.39 -59.97
CA LYS IE 393 -90.11 -51.56 -57.39
CA LYS IE 394 -90.29 -47.90 -56.43
CA GLY IE 395 -89.73 -46.24 -53.07
CA SER IE 396 -86.98 -45.40 -50.60
CA SER IE 397 -85.52 -47.99 -48.24
CA ILE IE 398 -85.60 -45.50 -45.36
CA GLY IE 399 -89.30 -45.05 -46.11
CA GLN IE 400 -90.02 -48.69 -45.39
CA MET IE 401 -87.66 -48.66 -42.39
CA ILE IE 402 -89.46 -45.78 -40.67
CA GLU IE 403 -92.89 -47.07 -41.72
CA THR IE 404 -92.36 -50.61 -40.40
CA THR IE 405 -90.59 -49.45 -37.24
CA MET IE 406 -93.28 -46.94 -36.31
CA ARG IE 407 -96.05 -49.39 -37.18
CA GLY IE 408 -94.48 -52.02 -34.94
CA ALA IE 409 -93.95 -49.45 -32.20
CA LYS IE 410 -97.64 -48.52 -32.26
CA ARG IE 411 -98.54 -52.20 -32.39
CA MET IE 412 -96.49 -52.92 -29.28
CA ALA IE 413 -97.80 -49.80 -27.53
CA ILE IE 414 -101.40 -50.94 -27.98
CA LEU IE 415 -100.24 -54.54 -27.39
CA GLY IE 416 -98.53 -53.25 -24.28
CA ASP IE 417 -99.45 -53.13 -20.60
CA THR IE 418 -101.00 -56.40 -19.39
CA ALA IE 419 -100.24 -57.88 -22.86
CA TRP IE 420 -96.55 -58.67 -23.30
CA ASP IE 421 -95.28 -61.38 -20.97
CA PHE IE 422 -93.61 -59.69 -18.00
CA GLY IE 423 -94.99 -61.88 -15.20
CA SER IE 424 -93.90 -65.20 -16.71
CA LEU IE 425 -90.52 -66.13 -15.24
CA GLY IE 426 -88.00 -67.79 -17.55
CA GLY IE 427 -89.64 -66.32 -20.63
CA VAL IE 428 -88.78 -62.79 -19.52
CA PHE IE 429 -85.67 -62.73 -21.69
CA THR IE 430 -87.75 -64.21 -24.53
CA SER IE 431 -90.47 -61.60 -23.98
CA ILE IE 432 -88.05 -58.67 -24.12
CA GLY IE 433 -86.49 -60.28 -27.19
CA LYS IE 434 -89.93 -60.36 -28.80
CA ALA IE 435 -90.52 -56.71 -27.89
CA LEU IE 436 -87.14 -55.53 -29.15
CA HIS IE 437 -87.90 -57.45 -32.33
CA GLN IE 438 -91.29 -55.81 -32.79
CA VAL IE 439 -89.59 -52.37 -32.57
CA PHE IE 440 -86.05 -52.68 -33.99
CA GLY IE 441 -86.22 -55.84 -36.11
CA ALA IE 442 -86.74 -53.96 -39.34
CA ILE IE 443 -83.44 -52.20 -38.70
CA TYR IE 444 -81.78 -55.43 -37.61
CA GLY IE 445 -82.85 -57.62 -40.52
CA ALA IE 446 -82.88 -55.06 -43.33
CA ALA IE 447 -80.30 -52.36 -42.62
CA PHE IE 448 -77.73 -54.59 -40.90
CA SER IE 449 -76.63 -56.93 -43.69
CA GLY IE 450 -79.70 -59.19 -44.04
CA VAL IE 451 -78.05 -61.07 -42.31
CA SER IE 452 -75.44 -63.82 -41.90
CA TRP IE 453 -76.01 -64.16 -38.16
CA ILE IE 454 -72.63 -65.57 -37.07
CA MET IE 455 -70.47 -62.82 -38.52
CA LYS IE 456 -72.83 -60.04 -37.49
CA ILE IE 457 -72.86 -61.22 -33.88
CA LEU IE 458 -69.07 -61.24 -34.08
CA ILE IE 459 -69.32 -57.60 -35.20
CA GLY IE 460 -71.82 -57.07 -32.39
CA VAL IE 461 -69.45 -58.26 -29.70
CA ILE IE 462 -66.75 -56.14 -31.36
CA ILE IE 463 -68.90 -52.99 -31.06
CA THR IE 464 -69.76 -53.92 -27.46
CA TRP IE 465 -66.06 -54.27 -26.63
CA ILE IE 466 -65.27 -50.92 -28.24
CA GLY IE 467 -68.20 -49.30 -26.42
CA MET IE 468 -67.27 -50.54 -22.96
CA ASN IE 469 -63.65 -49.40 -23.41
CA SER IE 470 -64.63 -46.07 -24.97
CA ARG IE 471 -63.34 -42.57 -24.32
CA SER IE 472 -66.82 -41.42 -23.21
CA THR IE 473 -69.44 -43.01 -20.98
CA SER IE 474 -72.33 -41.52 -22.95
CA LEU IE 475 -71.06 -43.22 -26.10
CA SER IE 476 -70.45 -46.39 -24.06
CA VAL IE 477 -74.10 -46.48 -23.00
CA SER IE 478 -75.29 -45.53 -26.49
CA LEU IE 479 -73.24 -48.26 -28.21
CA VAL IE 480 -73.24 -51.24 -25.84
CA LEU IE 481 -77.05 -51.09 -25.71
CA VAL IE 482 -77.19 -51.49 -29.49
CA GLY IE 483 -74.55 -54.21 -29.35
CA VAL IE 484 -76.36 -56.30 -26.76
CA VAL IE 485 -79.56 -55.72 -28.74
CA THR IE 486 -77.76 -57.08 -31.80
CA LEU IE 487 -76.43 -60.13 -29.97
CA TYR IE 488 -79.68 -61.08 -28.22
CA LEU IE 489 -81.81 -60.50 -31.32
CA GLY IE 490 -79.33 -62.54 -33.35
CA VAL IE 491 -79.76 -65.39 -30.92
CA MET IE 492 -83.50 -64.78 -31.33
CA VAL IE 493 -83.77 -64.29 -35.12
CA GLN IE 494 -81.84 -67.54 -35.50
CA ALA IE 495 -85.05 -69.09 -34.13
CA PHE JE 1 -173.67 -5.38 -44.10
CA HIS JE 2 -173.48 -7.83 -47.01
CA LEU JE 3 -173.70 -11.35 -45.59
CA THR JE 4 -171.81 -14.42 -46.80
CA THR JE 5 -170.42 -17.58 -45.17
CA ARG JE 6 -166.87 -18.67 -44.42
CA ASN JE 7 -165.63 -21.68 -42.45
CA GLY JE 8 -169.27 -22.60 -41.94
CA GLU JE 9 -170.00 -19.33 -40.11
CA PRO JE 10 -171.84 -16.16 -41.14
CA HIS JE 11 -169.73 -13.24 -42.31
CA MET JE 12 -171.30 -9.78 -42.59
CA ILE JE 13 -169.33 -6.90 -44.12
CA VAL JE 14 -170.48 -3.60 -42.63
CA SER JE 15 -169.79 -0.09 -43.88
CA ARG JE 16 -170.54 3.54 -43.02
CA GLN JE 17 -174.10 3.14 -44.38
CA GLU JE 18 -174.87 1.32 -41.12
CA LYS JE 19 -172.47 2.82 -38.57
CA GLY JE 20 -172.82 2.76 -34.80
CA LYS JE 21 -176.27 1.18 -35.02
CA SER JE 22 -177.74 -2.17 -34.07
CA LEU JE 23 -177.13 -4.81 -36.74
CA LEU JE 24 -180.18 -6.97 -37.41
CA PHE JE 25 -180.75 -10.04 -39.57
CA LYS JE 26 -182.93 -13.12 -39.99
CA THR JE 27 -180.95 -16.33 -40.52
CA GLU JE 28 -181.52 -20.06 -40.09
CA ASP JE 29 -180.40 -19.76 -36.47
CA GLY JE 30 -183.12 -17.16 -35.92
CA VAL JE 31 -183.40 -13.42 -35.27
CA ASN JE 32 -179.75 -12.27 -35.23
CA MET JE 33 -179.42 -9.07 -33.18
CA CYS JE 34 -175.77 -8.00 -33.21
CA THR JE 35 -174.29 -4.90 -31.62
CA LEU JE 36 -171.18 -3.58 -33.37
CA MET JE 37 -169.80 -1.44 -30.56
CA ALA JE 38 -166.40 -1.05 -32.24
CA MET JE 39 -164.35 2.12 -32.73
CA ASP JE 40 -162.46 2.50 -36.00
CA LEU JE 41 -165.44 1.75 -38.24
CA GLY JE 42 -165.37 4.43 -40.93
CA GLU JE 43 -166.15 4.21 -44.63
CA LEU JE 44 -165.12 0.94 -46.24
CA CYS JE 45 -161.43 0.54 -47.01
CA GLU JE 46 -158.83 -2.08 -48.00
CA ASP JE 47 -157.39 -2.45 -44.48
CA THR JE 48 -159.86 -5.25 -43.82
CA ILE JE 49 -160.00 -5.77 -40.06
CA THR JE 50 -162.04 -8.84 -39.08
CA TYR JE 51 -163.63 -9.97 -35.84
CA LYS JE 52 -165.49 -12.75 -34.10
CA CYS JE 53 -168.64 -11.48 -32.48
CA PRO JE 54 -168.94 -14.24 -29.83
CA PHE JE 55 -172.08 -16.07 -28.83
CA LEU JE 56 -173.38 -14.52 -25.61
CA LYS JE 57 -176.73 -15.69 -24.28
CA GLN JE 58 -177.60 -13.42 -21.32
CA ASN JE 59 -174.37 -12.59 -19.46
CA GLU JE 60 -172.77 -9.17 -18.91
CA PRO JE 61 -170.63 -8.29 -21.96
CA GLU JE 62 -167.25 -6.73 -21.34
CA ASP JE 63 -163.86 -6.39 -23.03
CA ILE JE 64 -165.42 -7.06 -26.45
CA ASP JE 65 -165.78 -5.00 -29.60
CA CYS JE 66 -168.83 -6.66 -31.14
CA TRP JE 67 -171.32 -9.28 -29.97
CA CYS JE 68 -174.49 -11.08 -30.99
CA ASN JE 69 -177.23 -12.55 -28.82
CA SER JE 70 -178.01 -15.37 -31.31
CA THR JE 71 -174.79 -17.06 -32.41
CA SER JE 72 -171.10 -16.50 -33.02
CA THR JE 73 -170.39 -14.71 -36.28
CA TRP JE 74 -167.73 -12.97 -38.34
CA VAL JE 75 -167.76 -9.24 -39.00
CA THR JE 76 -165.34 -7.13 -41.01
CA TYR JE 77 -164.74 -3.54 -42.03
CA GLY JE 78 -162.11 -1.01 -43.11
CA THR JE 79 -160.01 1.52 -41.25
CA CYS JE 80 -158.90 4.28 -43.64
CA THR JE 81 -160.07 7.86 -43.14
CA THR JE 82 -162.69 9.63 -45.24
CA THR JE 83 -160.30 11.26 -47.71
CA GLY JE 84 -158.31 8.06 -48.27
CA GLU JE 85 -155.05 6.97 -46.66
CA HIS JE 86 -153.34 3.88 -45.27
CA ARG JE 87 -153.75 4.61 -41.55
CA ARG JE 88 -152.51 6.93 -38.78
CA GLU JE 89 -148.86 8.00 -39.05
CA LYS JE 90 -146.20 7.27 -36.42
CA ARG JE 91 -142.45 7.66 -36.07
CA SER JE 92 -140.31 4.84 -34.69
CA VAL JE 93 -137.27 2.56 -35.30
CA ALA JE 94 -133.88 3.56 -33.86
CA LEU JE 95 -130.95 3.84 -36.25
CA VAL JE 96 -127.97 6.04 -37.05
CA PRO JE 97 -124.82 5.38 -39.13
CA HIS JE 98 -121.20 6.23 -38.66
CA VAL JE 99 -120.16 9.65 -39.97
CA GLY JE 100 -118.14 9.59 -43.13
CA MET JE 101 -114.69 10.52 -44.33
CA GLY JE 102 -114.06 12.68 -47.38
CA LEU JE 103 -111.79 15.19 -49.13
CA GLU JE 104 -109.01 14.38 -46.62
CA THR JE 105 -107.34 11.13 -47.81
CA ARG JE 106 -105.45 8.79 -45.48
CA THR JE 107 -101.68 9.32 -45.92
CA GLU JE 108 -99.20 11.57 -44.11
CA THR JE 109 -98.80 14.58 -46.44
CA TRP JE 110 -99.77 18.24 -47.10
CA MET JE 111 -97.64 19.88 -44.34
CA SER JE 112 -100.92 21.06 -42.73
CA SER JE 113 -101.21 21.93 -39.05
CA GLU JE 114 -103.86 19.28 -38.37
CA GLY JE 115 -101.99 16.65 -40.37
CA ALA JE 116 -98.65 17.62 -38.83
CA TRP JE 117 -99.91 17.52 -35.24
CA LYS JE 118 -102.14 14.45 -35.65
CA HIS JE 119 -99.19 12.08 -35.38
CA ALA JE 120 -97.86 13.72 -32.22
CA GLN JE 121 -101.34 13.89 -30.68
CA ARG JE 122 -101.83 10.18 -31.36
CA ILE JE 123 -98.39 9.40 -29.89
CA GLU JE 124 -99.17 11.24 -26.66
CA THR JE 125 -102.66 9.72 -26.50
CA TRP JE 126 -101.11 6.26 -26.83
CA ILE JE 127 -98.56 7.13 -24.14
CA LEU JE 128 -101.33 8.28 -21.79
CA ARG JE 129 -103.35 5.14 -22.53
CA HIS JE 130 -100.23 2.91 -22.35
CA PRO JE 131 -98.16 3.89 -19.30
CA GLY JE 132 -96.85 0.34 -18.84
CA PHE JE 133 -95.41 0.08 -22.34
CA THR JE 134 -93.87 3.52 -21.88
CA ILE JE 135 -92.17 2.40 -18.66
CA MET JE 136 -91.00 -0.81 -20.34
CA ALA JE 137 -89.51 1.15 -23.24
CA ALA JE 138 -87.80 3.52 -20.81
CA ILE JE 139 -86.29 0.57 -18.92
CA LEU JE 140 -85.04 -1.00 -22.16
CA ALA JE 141 -83.52 2.33 -23.19
CA TYR JE 142 -81.82 2.62 -19.80
CA THR JE 143 -80.34 -0.88 -19.98
CA ILE JE 144 -79.22 -0.78 -23.62
CA GLY JE 145 -78.26 2.90 -23.57
CA THR JE 146 -74.75 3.69 -22.38
CA THR JE 147 -75.13 7.47 -22.85
CA HIS JE 148 -78.00 9.72 -21.82
CA PHE JE 149 -78.39 10.96 -25.40
CA GLN JE 150 -78.65 7.39 -26.70
CA ARG JE 151 -81.02 6.64 -23.82
CA ALA JE 152 -83.40 9.45 -24.77
CA LEU JE 153 -83.13 8.75 -28.51
CA ILE JE 154 -83.93 5.06 -28.07
CA PHE JE 155 -86.81 5.83 -25.71
CA ILE JE 156 -88.30 8.29 -28.20
CA LEU JE 157 -87.81 5.83 -31.06
CA LEU JE 158 -89.53 3.01 -29.17
CA THR JE 159 -92.44 5.20 -28.06
CA ALA JE 160 -92.92 6.48 -31.63
CA VAL JE 161 -92.53 3.11 -33.38
CA ALA JE 162 -94.66 0.91 -31.09
CA PRO JE 163 -97.99 2.58 -32.03
CA SER JE 164 -97.19 2.68 -35.74
CA MET JE 165 -97.15 -1.12 -35.83
CA THR JE 166 -100.83 -1.16 -34.83
CA PHE KE 1 -178.67 11.38 -16.18
CA HIS KE 2 -178.53 14.80 -14.48
CA LEU KE 3 -178.15 17.70 -16.89
CA THR KE 4 -176.05 19.97 -14.67
CA THR KE 5 -174.02 23.09 -15.50
CA ARG KE 6 -170.48 21.81 -14.98
CA ASN KE 7 -167.65 24.20 -15.91
CA GLY KE 8 -170.40 26.36 -17.42
CA GLU KE 9 -171.50 23.72 -19.94
CA PRO KE 10 -174.04 20.88 -20.00
CA HIS KE 11 -172.91 17.81 -18.09
CA MET KE 12 -174.45 14.32 -17.93
CA ILE KE 13 -173.88 11.22 -15.79
CA VAL KE 14 -174.83 8.07 -17.70
CA SER KE 15 -174.88 4.76 -15.82
CA ARG KE 16 -175.11 1.13 -16.89
CA GLN KE 17 -178.86 0.70 -16.32
CA GLU KE 18 -179.17 1.82 -19.95
CA LYS KE 19 -176.33 0.98 -22.31
CA GLY KE 20 -175.51 0.80 -26.00
CA LYS KE 21 -178.41 3.13 -26.83
CA SER KE 22 -178.67 6.78 -27.78
CA LEU KE 23 -179.69 9.09 -24.94
CA LEU KE 24 -182.37 11.76 -25.29
CA PHE KE 25 -182.68 14.98 -23.31
CA LYS KE 26 -183.68 18.64 -23.49
CA THR KE 27 -181.66 21.88 -23.57
CA GLU KE 28 -182.27 25.51 -24.49
CA ASP KE 29 -181.50 24.66 -28.12
CA GLY KE 30 -184.20 21.96 -28.14
CA VAL KE 31 -184.35 18.19 -27.96
CA ASN KE 32 -180.89 16.60 -28.21
CA MET KE 33 -180.22 12.94 -28.98
CA CYS KE 34 -176.73 11.86 -27.93
CA THR KE 35 -174.63 8.97 -29.22
CA LEU KE 36 -172.30 7.11 -26.85
CA MET KE 37 -170.00 4.60 -28.56
CA ALA KE 38 -167.83 4.10 -25.46
CA MET KE 39 -167.31 0.34 -25.40
CA ASP KE 40 -165.60 0.11 -21.98
CA LEU KE 41 -168.63 1.24 -20.00
CA GLY KE 42 -169.64 -0.07 -16.59
CA GLU KE 43 -171.92 0.99 -13.74
CA LEU KE 44 -171.50 4.21 -11.79
CA CYS KE 45 -168.97 4.12 -8.95
CA GLU KE 46 -166.05 6.17 -7.66
CA ASP KE 47 -163.86 5.58 -10.73
CA THR KE 48 -165.64 8.21 -12.80
CA ILE KE 49 -164.25 8.79 -16.29
CA THR KE 50 -165.37 12.06 -17.88
CA TYR KE 51 -165.60 13.44 -21.44
CA LYS KE 52 -166.35 16.71 -23.24
CA CYS KE 53 -168.65 15.39 -25.95
CA PRO KE 54 -168.03 17.28 -29.23
CA PHE KE 55 -170.54 18.75 -31.67
CA LEU KE 56 -170.89 17.25 -35.16
CA LYS KE 57 -173.20 18.57 -37.89
CA GLN KE 58 -172.89 16.20 -40.88
CA ASN KE 59 -169.30 14.87 -41.00
CA GLU KE 60 -168.65 11.19 -40.42
CA PRO KE 61 -168.01 10.44 -36.72
CA GLU KE 62 -164.49 9.01 -36.62
CA ASP KE 63 -162.25 7.98 -33.72
CA ILE KE 64 -164.61 9.40 -31.07
CA ASP KE 65 -167.06 7.86 -28.63
CA CYS KE 66 -169.64 10.58 -28.11
CA TRP KE 67 -171.44 12.92 -30.46
CA CYS KE 68 -174.75 14.75 -30.85
CA ASN KE 69 -176.50 16.68 -33.66
CA SER KE 70 -176.85 20.14 -32.07
CA THR KE 71 -174.38 20.89 -29.30
CA SER KE 72 -171.42 19.74 -27.22
CA THR KE 73 -171.63 18.55 -23.63
CA TRP KE 74 -169.84 16.65 -20.84
CA VAL KE 75 -170.72 12.95 -20.52
CA THR KE 76 -169.30 10.87 -17.65
CA TYR KE 77 -169.67 7.34 -16.35
CA GLY KE 78 -168.19 4.76 -14.04
CA THR KE 79 -165.97 1.84 -15.00
CA CYS KE 80 -166.41 -0.62 -12.14
CA THR KE 81 -167.00 -4.23 -13.15
CA THR KE 82 -169.92 -6.38 -12.03
CA THR KE 83 -168.45 -6.91 -8.56
CA GLY KE 84 -168.28 -3.12 -8.18
CA GLU KE 85 -164.48 -2.91 -7.95
CA HIS KE 86 -161.94 -0.67 -9.68
CA ARG KE 87 -159.86 -1.48 -12.74
CA ARG KE 88 -157.71 -4.59 -12.56
CA GLU KE 89 -154.58 -5.85 -14.31
CA LYS KE 90 -151.00 -6.99 -13.67
CA ARG KE 91 -148.01 -6.79 -13.58
CA SER KE 92 -145.28 -4.19 -13.05
CA VAL KE 93 -141.58 -4.70 -12.31
CA ALA KE 94 -139.54 -4.45 -9.11
CA LEU KE 95 -135.79 -4.96 -9.00
CA VAL KE 96 -134.89 -8.32 -7.46
CA PRO KE 97 -133.11 -7.79 -4.10
CA HIS KE 98 -130.09 -9.55 -2.65
CA VAL KE 99 -127.65 -9.31 0.26
CA GLY KE 100 -124.60 -7.07 0.40
CA MET KE 101 -123.90 -3.88 -1.53
CA GLY KE 102 -122.69 -4.59 -5.05
CA LEU KE 103 -120.77 -1.54 -6.28
CA GLU KE 104 -117.79 -2.95 -8.16
CA THR KE 105 -119.17 -3.75 -11.64
CA ARG KE 106 -120.77 -1.51 -14.25
CA THR KE 107 -120.59 -0.86 -18.01
CA GLU KE 108 -120.46 -3.49 -20.76
CA THR KE 109 -117.39 -4.80 -22.57
CA TRP KE 110 -115.69 -3.93 -25.84
CA MET KE 111 -114.55 -7.30 -27.16
CA SER KE 112 -111.30 -6.29 -28.88
CA SER KE 113 -109.89 -3.90 -26.28
CA GLU KE 114 -110.90 -6.00 -23.29
CA GLY KE 115 -109.56 -9.15 -24.94
CA ALA KE 116 -106.26 -7.37 -25.53
CA TRP KE 117 -106.11 -6.11 -21.92
CA LYS KE 118 -107.38 -9.36 -20.36
CA HIS KE 119 -103.83 -10.57 -19.74
CA ALA KE 120 -102.71 -7.27 -18.21
CA GLN KE 121 -105.74 -7.10 -15.91
CA ARG KE 122 -105.66 -10.82 -15.04
CA ILE KE 123 -102.01 -10.76 -13.95
CA GLU KE 124 -102.77 -7.83 -11.64
CA THR KE 125 -105.89 -9.38 -10.13
CA TRP KE 126 -104.16 -12.72 -9.63
CA ILE KE 127 -100.94 -11.31 -8.18
CA LEU KE 128 -102.99 -9.19 -5.77
CA ARG KE 129 -105.34 -12.02 -4.77
CA HIS KE 130 -102.55 -14.48 -3.83
CA PRO KE 131 -99.81 -12.77 -1.80
CA GLY KE 132 -98.66 -16.16 -0.53
CA PHE KE 133 -97.70 -17.33 -4.00
CA THR KE 134 -96.14 -13.90 -4.53
CA ILE KE 135 -93.85 -14.63 -1.59
CA MET KE 136 -92.96 -18.13 -2.76
CA ALA KE 137 -92.27 -17.00 -6.33
CA ALA KE 138 -90.15 -14.12 -5.05
CA ILE KE 139 -88.13 -16.46 -2.82
CA LEU KE 140 -87.58 -18.95 -5.65
CA ALA KE 141 -86.47 -16.15 -7.98
CA TYR KE 142 -84.15 -14.79 -5.30
CA THR KE 143 -82.48 -18.17 -4.84
CA ILE KE 144 -82.21 -19.21 -8.48
CA GLY KE 145 -81.23 -15.90 -10.05
CA THR KE 146 -77.48 -15.36 -9.63
CA THR KE 147 -77.55 -11.65 -10.52
CA HIS KE 148 -80.29 -9.07 -10.14
CA PHE KE 149 -81.82 -9.09 -13.62
CA GLN KE 150 -82.04 -12.88 -13.71
CA ARG KE 151 -83.94 -12.69 -10.42
CA ALA KE 152 -86.36 -10.08 -11.78
CA LEU KE 153 -86.79 -12.00 -15.04
CA ILE KE 154 -87.64 -15.29 -13.34
CA PHE KE 155 -89.99 -13.45 -10.99
CA ILE KE 156 -91.95 -11.72 -13.75
CA LEU KE 157 -92.11 -14.88 -15.89
CA LEU KE 158 -93.54 -16.93 -13.02
CA THR KE 159 -96.02 -14.20 -12.14
CA ALA KE 160 -97.18 -14.19 -15.76
CA VAL KE 161 -97.31 -17.99 -15.98
CA ALA KE 162 -99.30 -18.58 -12.79
CA PRO KE 163 -102.65 -17.15 -14.00
CA SER KE 164 -102.28 -18.86 -17.39
CA MET KE 165 -102.14 -22.42 -16.03
CA THR KE 166 -105.36 -21.74 -14.11
CA PHE LE 1 -176.86 -39.00 -18.96
CA HIS LE 2 -175.78 -42.33 -17.44
CA LEU LE 3 -175.64 -42.13 -13.64
CA THR LE 4 -173.45 -44.31 -11.41
CA THR LE 5 -172.40 -44.17 -7.75
CA ARG LE 6 -168.66 -43.74 -7.18
CA ASN LE 7 -166.99 -42.58 -3.96
CA GLY LE 8 -170.42 -42.18 -2.41
CA GLU LE 9 -171.33 -39.51 -4.99
CA PRO LE 10 -173.10 -39.60 -8.37
CA HIS LE 11 -171.02 -39.86 -11.53
CA MET LE 12 -172.58 -38.70 -14.82
CA ILE LE 13 -171.45 -39.97 -18.21
CA VAL LE 14 -172.50 -37.75 -21.11
CA SER LE 15 -171.98 -38.15 -24.86
CA ARG LE 16 -172.15 -35.69 -27.73
CA GLN LE 17 -175.55 -37.12 -28.71
CA GLU LE 18 -176.88 -34.61 -26.13
CA LYS LE 19 -174.35 -31.92 -27.03
CA GLY LE 20 -175.31 -28.28 -26.55
CA LYS LE 21 -178.35 -28.95 -24.36
CA SER LE 22 -178.89 -28.46 -20.65
CA LEU LE 23 -178.44 -31.46 -18.37
CA LEU LE 24 -182.00 -32.34 -17.32
CA PHE LE 25 -183.10 -35.52 -15.53
CA LYS LE 26 -184.96 -36.71 -12.43
CA THR LE 27 -183.78 -38.69 -9.40
CA GLU LE 28 -184.71 -39.05 -5.75
CA ASP LE 29 -182.38 -36.20 -4.78
CA GLY LE 30 -184.86 -33.81 -6.40
CA VAL LE 31 -185.44 -31.94 -9.64
CA ASN LE 32 -181.78 -31.96 -10.71
CA MET LE 33 -181.66 -29.13 -13.21
CA CYS LE 34 -178.08 -28.82 -14.45
CA THR LE 35 -176.07 -27.39 -17.33
CA LEU LE 36 -172.88 -28.18 -19.25
CA MET LE 37 -171.41 -25.18 -21.00
CA ALA LE 38 -167.82 -25.78 -22.15
CA MET LE 39 -167.31 -26.73 -25.80
CA ASP LE 40 -164.38 -29.09 -25.21
CA LEU LE 41 -166.78 -32.04 -25.58
CA GLY LE 42 -165.89 -34.72 -28.10
CA GLU LE 43 -167.58 -37.94 -29.10
CA LEU LE 44 -167.71 -40.98 -26.85
CA CYS LE 45 -164.29 -42.63 -26.79
CA GLU LE 46 -161.70 -43.90 -24.30
CA ASP LE 47 -160.32 -40.42 -23.48
CA THR LE 48 -162.57 -39.89 -20.49
CA ILE LE 49 -162.38 -36.55 -18.66
CA THR LE 50 -164.19 -35.91 -15.37
CA TYR LE 51 -165.55 -33.04 -13.27
CA LYS LE 52 -167.39 -32.21 -10.09
CA CYS LE 53 -170.36 -29.96 -10.77
CA PRO LE 54 -170.93 -27.66 -7.77
CA PHE LE 55 -174.23 -26.90 -6.07
CA LEU LE 56 -175.96 -23.53 -6.35
CA LYS LE 57 -176.89 -21.55 -3.26
CA GLN LE 58 -177.38 -18.05 -4.69
CA ASN LE 59 -174.49 -17.19 -7.03
CA GLU LE 60 -174.62 -16.85 -10.79
CA PRO LE 61 -172.94 -19.75 -12.64
CA GLU LE 62 -169.27 -18.86 -12.70
CA ASP LE 63 -165.75 -20.35 -12.51
CA ILE LE 64 -166.90 -23.88 -13.46
CA ASP LE 65 -167.73 -25.38 -16.85
CA CYS LE 66 -170.67 -27.32 -15.41
CA TRP LE 67 -173.33 -25.99 -13.04
CA CYS LE 68 -176.02 -27.90 -11.14
CA ASN LE 69 -178.48 -26.39 -8.66
CA SER LE 70 -179.96 -29.35 -6.75
CA THR LE 71 -177.06 -31.59 -5.67
CA SER LE 72 -173.33 -31.73 -6.40
CA THR LE 73 -172.59 -34.39 -9.00
CA TRP LE 74 -169.64 -35.52 -11.09
CA VAL LE 75 -169.91 -35.18 -14.86
CA THR LE 76 -167.53 -36.97 -17.22
CA TYR LE 77 -167.42 -37.22 -21.01
CA GLY LE 78 -165.17 -37.67 -24.02
CA THR LE 79 -162.78 -35.15 -25.54
CA CYS LE 80 -161.24 -36.83 -28.60
CA THR LE 81 -161.62 -35.02 -31.91
CA THR LE 82 -164.32 -36.09 -34.34
CA THR LE 83 -161.89 -38.26 -36.34
CA GLY LE 84 -161.43 -40.63 -33.38
CA GLU LE 85 -157.96 -39.26 -32.52
CA HIS LE 86 -156.81 -38.25 -29.06
CA ARG LE 87 -155.83 -34.67 -28.36
CA ARG LE 88 -152.24 -33.74 -29.06
CA GLU LE 89 -149.90 -30.78 -29.56
CA LYS LE 90 -147.10 -30.36 -32.07
CA ARG LE 91 -144.52 -29.18 -29.54
CA SER LE 92 -141.42 -31.38 -29.25
CA VAL LE 93 -138.42 -31.91 -26.95
CA ALA LE 94 -134.98 -33.33 -27.77
CA LEU LE 95 -131.33 -32.24 -27.85
CA VAL LE 96 -128.22 -32.28 -30.06
CA PRO LE 97 -126.71 -35.79 -30.51
CA HIS LE 98 -123.72 -34.91 -32.73
CA VAL LE 99 -120.66 -34.62 -30.47
CA GLY LE 100 -120.12 -35.54 -26.84
CA MET LE 101 -117.19 -37.22 -25.08
CA GLY LE 102 -115.68 -36.18 -21.74
CA LEU LE 103 -113.56 -39.00 -20.30
CA GLU LE 104 -113.33 -42.65 -21.37
CA THR LE 105 -111.11 -45.65 -22.05
CA ARG LE 106 -109.01 -48.05 -20.10
CA THR LE 107 -106.94 -46.61 -17.25
CA GLU LE 108 -103.17 -46.63 -17.91
CA THR LE 109 -102.10 -47.42 -21.48
CA TRP LE 110 -104.61 -44.82 -22.61
CA MET LE 111 -103.24 -42.49 -19.93
CA SER LE 112 -99.64 -42.90 -21.08
CA SER LE 113 -100.36 -42.86 -24.82
CA GLU LE 114 -102.84 -39.98 -24.84
CA GLY LE 115 -100.66 -38.02 -22.40
CA ALA LE 116 -97.71 -38.37 -24.76
CA TRP LE 117 -99.79 -37.48 -27.81
CA LYS LE 118 -101.75 -34.62 -26.24
CA HIS LE 119 -98.59 -33.06 -24.83
CA ALA LE 120 -96.87 -33.59 -28.19
CA GLN LE 121 -99.64 -31.93 -30.17
CA ARG LE 122 -100.12 -29.12 -27.63
CA ILE LE 123 -96.42 -28.24 -27.52
CA GLU LE 124 -96.11 -28.71 -31.29
CA THR LE 125 -99.01 -26.34 -31.92
CA TRP LE 126 -97.40 -23.82 -29.55
CA ILE LE 127 -94.14 -24.19 -31.52
CA LEU LE 128 -95.70 -23.87 -35.01
CA ARG LE 129 -98.75 -21.72 -34.26
CA HIS LE 130 -96.28 -19.17 -32.79
CA PRO LE 131 -92.78 -20.04 -34.05
CA GLY LE 132 -90.66 -16.90 -33.73
CA PHE LE 133 -91.14 -16.66 -29.97
CA THR LE 134 -89.64 -20.14 -29.71
CA ILE LE 135 -86.39 -19.43 -31.56
CA MET LE 136 -85.92 -16.03 -29.91
CA ALA LE 137 -86.43 -17.61 -26.49
CA ALA LE 138 -84.02 -20.42 -27.34
CA ILE LE 139 -81.23 -18.06 -28.40
CA LEU LE 140 -81.92 -15.76 -25.44
CA ALA LE 141 -81.60 -18.70 -23.04
CA TYR LE 142 -78.45 -20.00 -24.72
CA THR LE 143 -76.92 -16.52 -24.41
CA ILE LE 144 -78.10 -15.65 -20.88
CA GLY LE 145 -78.49 -18.80 -18.80
CA THR LE 146 -75.33 -19.69 -16.90
CA THR LE 147 -75.90 -23.46 -16.73
CA HIS LE 148 -77.66 -25.84 -19.10
CA PHE LE 149 -80.25 -26.45 -16.37
CA GLN LE 150 -80.79 -22.70 -16.05
CA ARG LE 151 -80.99 -22.30 -19.83
CA ALA LE 152 -83.51 -25.14 -19.95
CA LEU LE 153 -85.64 -23.35 -17.38
CA ILE LE 154 -85.38 -20.10 -19.33
CA PHE LE 155 -86.49 -21.21 -22.76
CA ILE LE 156 -88.94 -23.91 -21.62
CA LEU LE 157 -90.70 -21.32 -19.45
CA LEU LE 158 -90.64 -18.71 -22.21
CA THR LE 159 -92.09 -21.19 -24.71
CA ALA LE 160 -94.75 -22.11 -22.14
CA VAL LE 161 -95.83 -18.53 -21.41
CA ALA LE 162 -95.46 -16.68 -24.74
CA PRO LE 163 -98.03 -18.59 -26.87
CA SER LE 164 -100.54 -18.35 -24.03
CA MET LE 165 -99.64 -14.67 -23.68
CA THR LE 166 -99.93 -14.21 -27.45
CA MET ME 1 -22.02 -97.80 -82.73
CA ARG ME 2 -25.73 -97.84 -83.52
CA CYS ME 3 -26.92 -94.32 -82.80
CA ILE ME 4 -26.26 -92.00 -85.73
CA GLY ME 5 -28.83 -89.39 -86.73
CA ILE ME 6 -30.75 -89.50 -83.45
CA SER ME 7 -30.91 -85.87 -82.35
CA ASN ME 8 -30.90 -86.51 -78.58
CA ARG ME 9 -27.54 -88.19 -77.98
CA ASP ME 10 -26.70 -87.82 -74.29
CA PHE ME 11 -23.20 -88.26 -72.90
CA VAL ME 12 -21.60 -89.56 -69.70
CA GLU ME 13 -18.02 -88.20 -69.75
CA GLY ME 14 -16.42 -90.22 -66.98
CA VAL ME 15 -16.80 -92.90 -64.32
CA SER ME 16 -15.95 -93.31 -60.63
CA GLY ME 17 -14.91 -96.22 -58.44
CA GLY ME 18 -18.47 -97.13 -57.47
CA SER ME 19 -19.48 -97.04 -61.16
CA TRP ME 20 -23.15 -96.99 -60.14
CA VAL ME 21 -24.13 -94.74 -63.02
CA ASP ME 22 -27.88 -94.07 -63.19
CA ILE ME 23 -28.55 -93.47 -66.86
CA VAL ME 24 -31.51 -91.44 -68.05
CA LEU ME 25 -33.30 -92.79 -71.10
CA GLU ME 26 -36.18 -91.52 -73.21
CA HIS ME 27 -37.95 -92.29 -76.48
CA GLY ME 28 -35.97 -91.33 -79.56
CA SER ME 29 -32.82 -90.53 -77.60
CA CYS ME 30 -29.62 -92.54 -77.28
CA VAL ME 31 -27.04 -92.53 -74.49
CA THR ME 32 -23.27 -93.01 -74.54
CA THR ME 33 -21.40 -94.29 -71.50
CA MET ME 34 -17.68 -93.66 -71.11
CA ALA ME 35 -15.34 -95.31 -68.63
CA LYS ME 36 -11.60 -94.94 -68.08
CA ASN ME 37 -9.93 -97.89 -69.82
CA LYS ME 38 -13.19 -99.85 -69.87
CA PRO ME 39 -15.44 -100.73 -72.84
CA THR ME 40 -17.59 -97.82 -73.96
CA LEU ME 41 -21.31 -98.55 -74.25
CA ASP ME 42 -24.30 -97.27 -76.19
CA PHE ME 43 -27.73 -97.62 -74.56
CA GLU ME 44 -31.13 -97.29 -76.18
CA LEU ME 45 -34.72 -98.38 -75.78
CA ILE ME 46 -35.82 -99.84 -79.12
CA LYS ME 47 -39.44 -100.69 -78.32
CA THR ME 48 -41.90 -99.99 -75.51
CA GLU ME 49 -44.77 -102.47 -75.21
CA ALA ME 50 -47.38 -103.35 -72.59
CA LYS ME 51 -48.03 -107.02 -73.27
CA GLN ME 52 -51.38 -108.56 -72.35
CA PRO ME 53 -53.31 -105.29 -71.87
CA ALA ME 54 -56.62 -105.32 -70.03
CA THR ME 55 -59.97 -104.52 -71.66
CA LEU ME 56 -62.03 -101.65 -70.22
CA ARG ME 57 -65.08 -101.09 -72.42
CA LYS ME 58 -66.03 -101.84 -76.02
CA TYR ME 59 -67.79 -99.33 -78.28
CA CYS ME 60 -70.04 -100.14 -81.22
CA ILE ME 61 -69.37 -98.80 -84.71
CA GLU ME 62 -71.66 -100.45 -87.32
CA ALA ME 63 -75.20 -101.51 -86.49
CA LYS ME 64 -77.10 -104.33 -88.11
CA LEU ME 65 -80.71 -104.57 -86.99
CA THR ME 66 -83.77 -106.77 -87.47
CA ASN ME 67 -87.13 -107.82 -86.06
CA THR ME 68 -88.27 -104.19 -85.93
CA THR ME 69 -91.94 -103.91 -84.98
CA THR ME 70 -94.52 -101.21 -84.29
CA ASP ME 71 -97.41 -102.09 -81.99
CA SER ME 72 -100.07 -99.68 -80.86
CA ARG ME 73 -103.48 -99.38 -79.23
CA CYS ME 74 -106.34 -96.95 -79.60
CA PRO ME 75 -106.31 -93.96 -77.22
CA THR ME 76 -107.72 -94.83 -73.78
CA GLN ME 77 -106.36 -98.42 -73.97
CA GLY ME 78 -102.88 -97.90 -72.50
CA GLU ME 79 -99.74 -98.28 -74.58
CA PRO ME 80 -99.39 -102.01 -75.32
CA SER ME 81 -96.85 -104.26 -73.63
CA LEU ME 82 -94.74 -106.55 -75.79
CA ASN ME 83 -92.74 -109.71 -75.30
CA GLU ME 84 -90.23 -107.91 -77.52
CA GLU ME 85 -89.54 -105.03 -75.15
CA GLN ME 86 -88.94 -106.97 -71.92
CA ASP ME 87 -85.53 -108.28 -73.07
CA LYS ME 88 -82.35 -106.19 -73.02
CA ARG ME 89 -81.31 -107.81 -76.32
CA PHE ME 90 -83.52 -105.25 -78.11
CA VAL ME 91 -83.64 -101.45 -78.18
CA CYS ME 92 -86.95 -99.66 -77.75
CA LYS ME 93 -89.07 -96.62 -77.17
CA HIS ME 94 -92.63 -95.53 -76.48
CA SER ME 95 -94.13 -92.51 -78.21
CA MET ME 96 -97.37 -90.56 -78.55
CA VAL ME 97 -99.16 -89.94 -81.86
CA ASP ME 98 -102.52 -88.49 -82.89
CA ARG ME 99 -104.50 -91.42 -84.24
CA GLY ME 100 -107.43 -89.97 -86.18
CA TRP ME 101 -110.98 -91.21 -86.62
CA GLY ME 102 -110.25 -92.79 -90.00
CA ASN ME 103 -107.17 -94.50 -88.62
CA GLY ME 104 -108.43 -97.92 -87.65
CA CYS ME 105 -109.87 -97.07 -84.24
CA GLY ME 106 -112.46 -94.42 -84.96
CA LEU ME 107 -111.91 -92.27 -81.90
CA PHE ME 108 -109.53 -89.44 -82.72
CA GLY ME 109 -107.01 -88.65 -80.02
CA LYS ME 110 -103.39 -88.96 -78.97
CA GLY ME 111 -102.36 -92.47 -77.98
CA GLY ME 112 -99.31 -94.62 -77.38
CA ILE ME 113 -97.17 -96.59 -79.81
CA VAL ME 114 -94.37 -98.97 -78.86
CA THR ME 115 -91.66 -99.30 -81.50
CA CYS ME 116 -88.60 -101.55 -81.45
CA ALA ME 117 -86.09 -103.92 -82.90
CA MET ME 118 -83.11 -106.16 -82.34
CA PHE ME 119 -79.69 -104.53 -82.16
CA THR ME 120 -76.53 -106.55 -82.83
CA CYS ME 121 -73.66 -104.68 -84.46
CA LYS ME 122 -70.77 -105.81 -86.57
CA LYS ME 123 -67.63 -103.67 -86.12
CA ASN ME 124 -66.66 -102.56 -82.62
CA MET ME 125 -63.86 -100.69 -80.92
CA LYS ME 126 -61.37 -102.27 -78.55
CA GLY ME 127 -60.89 -100.07 -75.49
CA LYS ME 128 -57.98 -101.03 -73.28
CA VAL ME 129 -56.16 -99.87 -70.15
CA VAL ME 130 -52.45 -100.17 -69.33
CA GLN ME 131 -51.20 -100.56 -65.75
CA PRO ME 132 -47.68 -99.88 -64.43
CA GLU ME 133 -47.21 -103.63 -63.94
CA ASN ME 134 -47.63 -104.51 -67.61
CA LEU ME 135 -45.06 -101.97 -68.84
CA GLU ME 136 -42.45 -104.01 -70.68
CA TYR ME 137 -39.39 -102.17 -72.00
CA THR ME 138 -36.95 -103.49 -74.59
CA ILE ME 139 -33.42 -102.24 -74.02
CA VAL ME 140 -30.62 -102.43 -76.60
CA ILE ME 141 -26.99 -102.48 -75.43
CA THR ME 142 -24.15 -102.08 -77.91
CA PRO ME 143 -20.34 -101.89 -77.77
CA HIS ME 144 -18.26 -99.39 -79.75
CA SER ME 145 -16.49 -102.09 -81.73
CA GLY ME 146 -16.97 -100.05 -84.90
CA GLU ME 147 -18.59 -102.78 -86.98
CA GLU ME 148 -19.57 -101.55 -90.42
CA HIS ME 149 -23.36 -102.01 -90.31
CA ALA ME 150 -23.66 -99.69 -87.32
CA VAL ME 151 -24.44 -96.26 -88.79
CA GLY ME 152 -28.20 -96.07 -89.20
CA ASN ME 153 -28.75 -99.65 -87.99
CA ASP ME 154 -30.87 -100.59 -84.98
CA THR ME 155 -31.77 -104.29 -84.78
CA GLY ME 156 -28.57 -105.61 -86.37
CA LYS ME 157 -27.12 -108.67 -84.65
CA HIS ME 158 -24.16 -106.92 -83.05
CA GLY ME 159 -25.31 -106.15 -79.51
CA LYS ME 160 -27.77 -107.46 -76.94
CA GLU ME 161 -31.50 -107.01 -76.40
CA ILE ME 162 -33.01 -107.42 -72.93
CA LYS ME 163 -36.66 -107.66 -71.90
CA ILE ME 164 -36.78 -105.41 -68.84
CA THR ME 165 -39.81 -104.91 -66.61
CA PRO ME 166 -40.37 -103.44 -63.13
CA GLN ME 167 -41.49 -106.91 -62.04
CA SER ME 168 -37.85 -107.93 -62.67
CA SER ME 169 -34.94 -106.36 -60.80
CA ILE ME 170 -31.62 -108.11 -61.60
CA THR ME 171 -30.56 -110.05 -64.68
CA GLU ME 172 -27.13 -110.48 -66.22
CA ALA ME 173 -26.66 -109.84 -69.94
CA GLU ME 174 -23.74 -110.86 -72.13
CA LEU ME 175 -21.98 -108.53 -74.58
CA THR ME 176 -20.06 -110.81 -76.92
CA GLY ME 177 -16.36 -110.06 -76.84
CA TYR ME 178 -16.72 -107.58 -73.98
CA GLY ME 179 -18.07 -109.65 -71.09
CA THR ME 180 -21.03 -109.10 -68.78
CA VAL ME 181 -23.29 -106.21 -67.79
CA THR ME 182 -25.89 -106.48 -65.05
CA MET ME 183 -29.41 -105.22 -65.68
CA GLU ME 184 -30.11 -104.17 -62.09
CA CYS ME 185 -32.39 -101.56 -63.61
CA SER ME 186 -35.28 -99.64 -62.07
CA PRO ME 187 -38.13 -98.58 -64.39
CA ARG ME 188 -39.70 -96.25 -61.85
CA THR ME 189 -40.77 -93.10 -63.64
CA GLY ME 190 -44.05 -93.79 -65.39
CA LEU ME 191 -45.45 -90.38 -66.32
CA ASP ME 192 -49.15 -90.99 -65.64
CA PHE ME 193 -51.64 -93.76 -66.38
CA ASN ME 194 -54.99 -93.03 -64.71
CA GLU ME 195 -56.18 -90.77 -67.54
CA MET ME 196 -54.78 -92.51 -70.62
CA VAL ME 197 -56.53 -95.24 -72.61
CA LEU ME 198 -55.65 -97.28 -75.68
CA LEU ME 199 -58.05 -97.81 -78.60
CA GLN ME 200 -57.77 -100.39 -81.37
CA MET ME 201 -59.63 -100.69 -84.70
CA GLU ME 202 -58.87 -103.84 -86.72
CA ASN ME 203 -55.40 -102.76 -87.86
CA LYS ME 204 -54.74 -99.39 -86.23
CA ALA ME 205 -54.67 -97.83 -82.76
CA TRP ME 206 -54.83 -94.56 -80.86
CA LEU ME 207 -54.19 -93.11 -77.41
CA VAL ME 208 -56.78 -90.85 -75.77
CA HIS ME 209 -57.68 -89.45 -72.38
CA ARG ME 210 -60.03 -91.51 -70.23
CA GLN ME 211 -62.66 -88.77 -69.99
CA TRP ME 212 -63.02 -88.98 -73.76
CA PHE ME 213 -64.20 -92.58 -73.45
CA LEU ME 214 -66.28 -91.77 -70.39
CA ASP ME 215 -68.20 -89.06 -72.27
CA LEU ME 216 -68.37 -90.22 -75.89
CA PRO ME 217 -72.07 -90.98 -76.67
CA LEU ME 218 -71.96 -94.34 -78.42
CA PRO ME 219 -73.06 -97.85 -77.41
CA TRP ME 220 -71.27 -99.54 -74.50
CA LEU ME 221 -70.11 -102.95 -73.42
CA PRO ME 222 -68.43 -103.37 -70.01
CA GLY ME 223 -65.27 -105.43 -70.21
CA ALA ME 224 -66.77 -108.36 -68.31
CA ASP ME 225 -69.54 -109.21 -70.78
CA THR ME 226 -68.92 -111.65 -73.63
CA GLN ME 227 -72.31 -112.30 -75.27
CA GLY ME 228 -72.51 -108.85 -76.83
CA SER ME 229 -76.22 -108.66 -75.95
CA ASN ME 230 -76.44 -106.20 -73.04
CA TRP ME 231 -75.69 -102.61 -74.04
CA ILE ME 232 -75.83 -99.21 -72.34
CA GLN ME 233 -76.75 -95.93 -74.05
CA LYS ME 234 -77.79 -98.18 -76.92
CA GLU ME 235 -80.43 -95.68 -78.07
CA THR ME 236 -77.95 -93.10 -79.40
CA LEU ME 237 -77.21 -94.93 -82.66
CA VAL ME 238 -80.86 -95.53 -83.51
CA THR ME 239 -82.48 -92.28 -84.62
CA PHE ME 240 -86.22 -92.44 -85.23
CA LYS ME 241 -87.98 -90.77 -88.11
CA ASN ME 242 -90.82 -88.61 -86.86
CA PRO ME 243 -93.74 -90.84 -85.82
CA HIS ME 244 -96.20 -91.48 -88.63
CA ALA ME 245 -99.53 -92.65 -87.18
CA LYS ME 246 -98.73 -96.37 -86.89
CA LYS ME 247 -95.59 -96.40 -89.01
CA GLN ME 248 -92.49 -95.75 -86.97
CA ASP ME 249 -89.45 -96.89 -88.92
CA VAL ME 250 -86.14 -97.05 -87.07
CA VAL ME 251 -82.82 -96.13 -88.65
CA VAL ME 252 -79.30 -95.99 -87.22
CA LEU ME 253 -76.08 -94.14 -87.97
CA GLY ME 254 -73.98 -95.76 -90.65
CA SER ME 255 -70.23 -96.01 -91.12
CA GLN ME 256 -68.68 -94.19 -88.17
CA GLU ME 257 -65.11 -95.15 -89.08
CA GLY ME 258 -64.80 -92.04 -91.23
CA ALA ME 259 -66.28 -89.90 -88.47
CA MET ME 260 -63.86 -91.42 -85.99
CA HIS ME 261 -60.87 -90.84 -88.28
CA THR ME 262 -61.74 -87.21 -89.04
CA ALA ME 263 -62.70 -86.32 -85.45
CA LEU ME 264 -60.08 -88.26 -83.47
CA THR ME 265 -57.31 -86.71 -85.58
CA GLY ME 266 -54.94 -84.62 -83.49
CA ALA ME 267 -54.74 -87.25 -80.75
CA THR ME 268 -51.68 -89.43 -80.28
CA GLU ME 269 -51.59 -91.93 -83.15
CA ILE ME 270 -49.76 -95.14 -82.26
CA GLN ME 271 -48.48 -97.48 -84.98
CA MET ME 272 -49.75 -100.73 -83.48
CA SER ME 273 -48.79 -102.57 -86.69
CA SER ME 274 -45.23 -102.67 -85.35
CA GLY ME 275 -46.63 -103.07 -81.84
CA ASN ME 276 -47.69 -100.35 -79.44
CA LEU ME 277 -44.89 -97.76 -79.27
CA LEU ME 278 -45.85 -96.06 -75.99
CA PHE ME 279 -44.08 -92.67 -76.08
CA THR ME 280 -44.51 -91.96 -72.38
CA GLY ME 281 -42.37 -91.81 -69.28
CA HIS ME 282 -38.61 -91.87 -68.77
CA LEU ME 283 -36.35 -94.73 -67.72
CA LYS ME 284 -34.09 -94.30 -64.69
CA CYS ME 285 -31.73 -97.24 -65.02
CA ARG ME 286 -28.87 -98.00 -62.62
CA LEU ME 287 -25.89 -99.77 -64.20
CA ARG ME 288 -22.65 -100.98 -62.61
CA MET ME 289 -19.84 -101.50 -65.13
CA ASP ME 290 -17.45 -103.12 -62.64
CA LYS ME 291 -17.46 -106.57 -64.32
CA LEU ME 292 -17.34 -105.56 -68.01
CA GLN ME 293 -14.10 -106.66 -69.63
CA LEU ME 294 -12.37 -105.08 -72.64
CA LYS ME 295 -10.79 -107.32 -75.29
CA GLY ME 296 -7.83 -105.67 -76.97
CA MET ME 297 -6.15 -103.15 -74.67
CA SER ME 298 -3.29 -105.67 -74.50
CA TYR ME 299 -2.96 -105.99 -78.28
CA SER ME 300 0.18 -104.84 -80.05
CA MET ME 301 0.52 -101.58 -81.95
CA CYS ME 302 -0.59 -101.30 -85.57
CA THR ME 303 2.37 -100.84 -87.94
CA GLY ME 304 1.04 -101.49 -91.45
CA LYS ME 305 -0.62 -99.60 -94.27
CA PHE ME 306 -3.48 -97.25 -93.44
CA LYS ME 307 -6.21 -96.00 -95.76
CA VAL ME 308 -9.55 -94.17 -95.55
CA VAL ME 309 -12.62 -95.29 -97.48
CA LYS ME 310 -15.24 -92.64 -96.67
CA GLU ME 311 -14.81 -89.25 -95.04
CA ILE ME 312 -16.85 -87.90 -92.11
CA ALA ME 313 -20.60 -88.23 -92.28
CA GLU ME 314 -21.17 -85.08 -90.24
CA THR ME 315 -23.43 -85.70 -87.24
CA GLN ME 316 -25.77 -83.45 -85.31
CA HIS ME 317 -23.01 -83.11 -82.69
CA GLY ME 318 -20.24 -82.72 -85.26
CA THR ME 319 -18.73 -86.01 -84.13
CA ILE ME 320 -16.19 -87.60 -86.47
CA VAL ME 321 -17.31 -91.06 -87.60
CA ILE ME 322 -14.41 -92.39 -89.65
CA ARG ME 323 -15.17 -95.58 -91.61
CA VAL ME 324 -11.62 -96.65 -92.28
CA GLN ME 325 -9.96 -99.79 -93.70
CA TYR ME 326 -6.48 -100.99 -92.70
CA GLU ME 327 -4.91 -103.19 -95.36
CA GLY ME 328 -1.85 -103.54 -93.15
CA ASP ME 329 -1.12 -106.86 -91.49
CA GLY ME 330 -0.59 -107.61 -87.79
CA SER ME 331 -4.23 -107.41 -86.73
CA PRO ME 332 -5.43 -107.42 -83.98
CA CYS ME 333 -3.54 -104.25 -83.03
CA LYS ME 334 -4.09 -100.88 -81.40
CA ILE ME 335 -4.66 -97.94 -83.73
CA PRO ME 336 -2.75 -94.63 -83.67
CA PHE ME 337 -5.45 -92.05 -82.96
CA GLU ME 338 -4.45 -88.44 -82.30
CA ILE ME 339 -6.42 -85.20 -82.60
CA MET ME 340 -3.98 -82.30 -82.73
CA ASP ME 341 -3.91 -78.55 -83.29
CA LEU ME 342 -2.96 -76.53 -86.37
CA GLU ME 343 0.69 -76.19 -85.40
CA LYS ME 344 0.64 -79.76 -83.99
CA ARG ME 345 1.96 -78.86 -80.52
CA HIS ME 346 -0.32 -80.70 -78.07
CA VAL ME 347 -3.33 -83.01 -78.23
CA LEU ME 348 -6.70 -81.82 -76.94
CA GLY ME 349 -9.25 -84.23 -78.46
CA ARG ME 350 -11.49 -86.87 -76.91
CA LEU ME 351 -11.78 -90.20 -78.70
CA ILE ME 352 -14.96 -92.13 -77.95
CA THR ME 353 -14.27 -95.78 -78.77
CA VAL ME 354 -11.45 -96.52 -76.35
CA ASN ME 355 -8.87 -98.93 -77.73
CA PRO ME 356 -9.82 -98.61 -81.40
CA ILE ME 357 -8.94 -102.05 -82.70
CA VAL ME 358 -9.18 -103.83 -86.04
CA THR ME 359 -10.31 -107.40 -85.43
CA GLU ME 360 -9.38 -108.73 -88.86
CA LYS ME 361 -7.70 -107.72 -92.09
CA ASP ME 362 -9.64 -106.54 -95.15
CA SER ME 363 -12.42 -105.22 -92.92
CA PRO ME 364 -13.64 -101.65 -92.36
CA VAL ME 365 -13.93 -100.26 -88.84
CA ASN ME 366 -16.09 -97.33 -87.77
CA ILE ME 367 -14.19 -95.28 -85.19
CA GLU ME 368 -16.25 -92.77 -83.22
CA ALA ME 369 -14.58 -89.64 -81.86
CA GLU ME 370 -15.25 -86.05 -80.81
CA PRO ME 371 -12.59 -83.49 -81.83
CA PRO ME 372 -12.05 -80.06 -80.28
CA PHE ME 373 -13.76 -76.92 -81.59
CA GLY ME 374 -12.53 -74.98 -84.58
CA ASP ME 375 -10.01 -76.35 -87.05
CA SER ME 376 -7.78 -79.30 -86.24
CA TYR ME 377 -5.89 -82.27 -87.69
CA ILE ME 378 -6.77 -85.97 -87.32
CA ILE ME 379 -3.68 -88.19 -87.22
CA ILE ME 380 -4.18 -91.86 -88.10
CA GLY ME 381 -1.31 -94.29 -88.49
CA VAL ME 382 2.42 -93.76 -88.10
CA GLU ME 383 5.11 -92.60 -90.50
CA PRO ME 384 5.83 -93.90 -93.15
CA GLY ME 385 2.29 -93.80 -94.53
CA GLN ME 386 1.23 -91.41 -91.77
CA LEU ME 387 -2.31 -90.23 -92.55
CA LYS ME 388 -3.52 -86.68 -91.81
CA LEU ME 389 -7.07 -85.37 -92.25
CA ASN ME 390 -7.85 -81.70 -91.78
CA TRP ME 391 -11.28 -81.01 -90.29
CA PHE ME 392 -13.22 -78.12 -88.77
CA LYS ME 393 -16.08 -78.24 -86.26
CA LYS ME 394 -18.28 -75.14 -86.14
CA GLY ME 395 -19.29 -75.23 -82.47
CA SER ME 396 -18.13 -72.65 -79.96
CA SER ME 397 -16.21 -73.67 -76.85
CA ILE ME 398 -18.25 -71.90 -74.17
CA GLY ME 399 -21.37 -72.68 -76.18
CA GLN ME 400 -21.02 -76.46 -76.25
CA MET ME 401 -19.84 -76.16 -72.65
CA ILE ME 402 -23.11 -74.54 -71.58
CA GLU ME 403 -25.37 -76.86 -73.58
CA THR ME 404 -23.57 -80.00 -72.35
CA THR ME 405 -23.77 -78.80 -68.74
CA MET ME 406 -27.46 -78.14 -69.41
CA ARG ME 407 -27.97 -81.68 -70.73
CA GLY ME 408 -26.38 -82.93 -67.53
CA ALA ME 409 -28.59 -80.60 -65.50
CA LYS ME 410 -31.71 -81.96 -67.21
CA ARG ME 411 -30.53 -85.54 -66.70
CA MET ME 412 -30.15 -84.85 -62.98
CA ALA ME 413 -33.49 -83.01 -63.02
CA ILE ME 414 -35.36 -86.13 -64.11
CA LEU ME 415 -32.82 -88.17 -62.13
CA GLY ME 416 -33.71 -85.93 -59.20
CA ASP ME 417 -36.10 -86.41 -56.31
CA THR ME 418 -35.85 -89.91 -54.77
CA ALA ME 419 -33.26 -90.89 -57.43
CA TRP ME 420 -29.76 -89.85 -56.34
CA ASP ME 421 -28.45 -91.97 -53.48
CA PHE ME 422 -29.18 -89.84 -50.41
CA GLY ME 423 -30.16 -92.67 -48.05
CA SER ME 424 -26.84 -94.51 -48.18
CA LEU ME 425 -24.77 -93.06 -45.35
CA GLY ME 426 -21.11 -92.78 -46.28
CA GLY ME 427 -22.19 -93.12 -49.89
CA VAL ME 428 -23.95 -89.76 -49.56
CA PHE ME 429 -20.55 -88.18 -50.08
CA THR ME 430 -20.08 -90.23 -53.26
CA SER ME 431 -23.59 -89.37 -54.45
CA ILE ME 432 -22.98 -85.64 -54.08
CA GLY ME 433 -19.63 -86.17 -55.77
CA LYS ME 434 -21.25 -87.87 -58.75
CA ALA ME 435 -23.90 -85.14 -58.89
CA LEU ME 436 -21.25 -82.42 -58.98
CA HIS ME 437 -19.58 -84.48 -61.69
CA GLN ME 438 -22.67 -84.93 -63.85
CA VAL ME 439 -23.29 -81.16 -63.67
CA PHE ME 440 -19.93 -79.34 -63.43
CA GLY ME 441 -17.43 -82.00 -64.58
CA ALA ME 442 -17.61 -80.84 -68.16
CA ILE ME 443 -16.38 -77.47 -66.85
CA TYR ME 444 -13.80 -79.29 -64.74
CA GLY ME 445 -12.28 -81.51 -67.41
CA ALA ME 446 -12.67 -79.47 -70.61
CA ALA ME 447 -12.10 -75.90 -69.40
CA PHE ME 448 -9.91 -76.24 -66.29
CA SER ME 449 -6.73 -77.59 -67.90
CA GLY ME 450 -7.89 -81.09 -68.93
CA VAL ME 451 -6.38 -81.91 -66.42
CA SER ME 452 -3.18 -83.04 -64.71
CA TRP ME 453 -4.99 -83.37 -61.43
CA ILE ME 454 -2.22 -82.84 -58.83
CA MET ME 455 -1.26 -79.33 -59.91
CA LYS ME 456 -4.86 -78.25 -60.38
CA ILE ME 457 -5.88 -79.41 -56.91
CA LEU ME 458 -2.91 -77.41 -55.63
CA ILE ME 459 -4.27 -74.39 -57.50
CA GLY ME 460 -7.73 -75.18 -56.14
CA VAL ME 461 -6.62 -75.16 -52.52
CA ILE ME 462 -4.81 -71.89 -53.26
CA ILE ME 463 -8.07 -70.46 -54.61
CA THR ME 464 -9.92 -71.74 -51.55
CA TRP ME 465 -7.47 -70.05 -49.19
CA ILE ME 466 -7.71 -66.77 -51.12
CA GLY ME 467 -11.50 -66.94 -51.10
CA MET ME 468 -11.60 -67.62 -47.36
CA ASN ME 469 -9.07 -64.84 -46.73
CA SER ME 470 -10.86 -62.34 -49.00
CA ARG ME 471 -11.99 -58.74 -48.55
CA SER ME 472 -15.69 -59.46 -49.23
CA THR ME 473 -17.97 -62.21 -47.93
CA SER ME 474 -19.93 -62.52 -51.19
CA LEU ME 475 -16.72 -63.23 -53.10
CA SER ME 476 -15.68 -65.67 -50.37
CA VAL ME 477 -18.92 -67.63 -50.71
CA SER ME 478 -18.63 -67.52 -54.51
CA LEU ME 479 -14.99 -68.70 -54.66
CA VAL ME 480 -14.55 -71.19 -51.82
CA LEU ME 481 -17.54 -73.14 -53.16
CA VAL ME 482 -15.81 -73.42 -56.54
CA GLY ME 483 -12.58 -74.42 -54.81
CA VAL ME 484 -14.10 -77.19 -52.70
CA VAL ME 485 -16.02 -78.46 -55.73
CA THR ME 486 -12.73 -78.50 -57.65
CA LEU ME 487 -10.91 -80.43 -54.92
CA TYR ME 488 -13.57 -83.05 -54.22
CA LEU ME 489 -14.60 -83.49 -57.85
CA GLY ME 490 -10.93 -83.93 -58.76
CA VAL ME 491 -10.61 -86.65 -56.15
CA MET ME 492 -13.67 -88.27 -57.73
CA VAL ME 493 -12.31 -87.88 -61.27
CA GLN ME 494 -9.04 -89.56 -60.28
CA ALA ME 495 -11.26 -92.55 -59.47
CA MET NE 1 -114.57 -33.50 -55.79
CA ARG NE 2 -113.86 -36.87 -57.37
CA CYS NE 3 -110.63 -37.60 -55.47
CA ILE NE 4 -112.25 -39.28 -52.45
CA GLY NE 5 -110.70 -42.71 -52.23
CA ILE NE 6 -107.88 -41.70 -54.58
CA SER NE 7 -104.65 -42.50 -52.73
CA ASN NE 8 -102.19 -40.20 -54.52
CA ARG NE 9 -103.28 -36.61 -53.93
CA ASP NE 10 -101.48 -33.25 -53.76
CA PHE NE 11 -102.99 -30.02 -52.46
CA VAL NE 12 -100.99 -27.58 -54.57
CA GLU NE 13 -101.92 -24.03 -53.51
CA GLY NE 14 -100.43 -21.21 -55.54
CA VAL NE 15 -99.90 -19.55 -58.89
CA SER NE 16 -96.63 -19.56 -60.83
CA GLY NE 17 -94.87 -16.58 -62.37
CA GLY NE 18 -97.16 -16.35 -65.38
CA SER NE 19 -100.17 -17.17 -63.21
CA TRP NE 20 -100.23 -20.73 -64.57
CA VAL NE 21 -100.48 -23.86 -62.47
CA ASP NE 22 -97.81 -26.53 -63.02
CA ILE NE 23 -99.92 -29.69 -62.93
CA VAL NE 24 -98.21 -32.96 -62.19
CA LEU NE 25 -100.61 -35.50 -63.67
CA GLU NE 26 -100.31 -39.28 -63.31
CA HIS NE 27 -102.80 -42.06 -63.97
CA GLY NE 28 -104.66 -42.86 -60.77
CA SER NE 29 -103.68 -39.60 -59.06
CA CYS NE 30 -105.28 -36.32 -58.05
CA VAL NE 31 -104.52 -32.62 -58.28
CA THR NE 32 -106.31 -29.80 -56.45
CA THR NE 33 -105.49 -26.16 -57.17
CA MET NE 34 -106.06 -23.36 -54.68
CA ALA NE 35 -105.41 -19.64 -54.32
CA LYS NE 36 -106.94 -16.67 -52.53
CA ASN NE 37 -109.40 -14.63 -54.57
CA LYS NE 38 -109.43 -17.69 -56.84
CA PRO NE 39 -111.99 -20.55 -56.69
CA THR NE 40 -110.54 -23.96 -55.98
CA LEU NE 41 -110.43 -26.50 -58.82
CA ASP NE 42 -109.85 -30.25 -59.16
CA PHE NE 43 -107.60 -31.47 -61.99
CA GLU NE 44 -107.72 -35.10 -63.11
CA LEU NE 45 -107.02 -37.41 -66.04
CA ILE NE 46 -109.50 -40.14 -66.99
CA LYS NE 47 -108.49 -41.56 -70.38
CA THR NE 48 -105.37 -41.99 -72.49
CA GLU NE 49 -105.41 -42.98 -76.14
CA ALA NE 50 -103.13 -43.12 -79.19
CA LYS NE 51 -104.60 -42.37 -82.61
CA GLN NE 52 -103.13 -42.68 -86.11
CA PRO NE 53 -100.49 -45.23 -85.04
CA ALA NE 54 -97.65 -46.23 -87.33
CA THR NE 55 -97.25 -49.85 -88.44
CA LEU NE 56 -93.67 -50.73 -87.54
CA ARG NE 57 -93.90 -54.23 -88.98
CA LYS NE 58 -96.79 -56.50 -89.96
CA TYR NE 59 -96.71 -60.15 -88.85
CA CYS NE 60 -98.94 -62.67 -90.61
CA ILE NE 61 -99.44 -65.63 -88.34
CA GLU NE 62 -101.42 -68.30 -90.20
CA ALA NE 63 -99.88 -69.40 -93.49
CA LYS NE 64 -101.64 -71.17 -96.34
CA LEU NE 65 -99.50 -72.88 -98.97
CA THR NE 66 -100.30 -73.34 -102.67
CA ASN NE 67 -98.92 -74.24 -106.09
CA THR NE 68 -96.01 -76.14 -104.59
CA THR NE 69 -93.48 -77.40 -107.11
CA THR NE 70 -90.69 -79.93 -106.71
CA ASP NE 71 -88.13 -81.25 -109.17
CA SER NE 72 -84.81 -83.07 -109.14
CA ARG NE 73 -81.91 -83.89 -111.41
CA CYS NE 74 -79.55 -86.84 -111.18
CA PRO NE 75 -75.90 -86.33 -110.16
CA THR NE 76 -73.78 -84.68 -112.89
CA GLN NE 77 -76.91 -84.05 -115.01
CA GLY NE 78 -77.28 -80.52 -113.66
CA GLU NE 79 -78.92 -78.36 -111.01
CA PRO NE 80 -82.50 -77.45 -112.01
CA SER NE 81 -83.56 -73.81 -112.06
CA LEU NE 82 -87.18 -72.72 -112.35
CA ASN NE 83 -88.79 -69.39 -113.15
CA GLU NE 84 -90.90 -69.97 -110.04
CA GLU NE 85 -87.72 -69.43 -108.03
CA GLN NE 86 -87.05 -65.99 -109.50
CA ASP NE 87 -90.41 -64.61 -108.35
CA LYS NE 88 -89.87 -63.85 -104.67
CA ARG NE 89 -93.49 -64.64 -103.73
CA PHE NE 90 -92.51 -68.30 -103.20
CA VAL NE 91 -90.42 -69.82 -100.43
CA CYS NE 92 -87.78 -72.06 -102.01
CA LYS NE 93 -85.15 -74.57 -100.92
CA HIS NE 94 -82.43 -76.59 -102.62
CA SER NE 95 -81.40 -80.04 -101.44
CA MET NE 96 -79.44 -83.22 -102.12
CA VAL NE 97 -80.82 -86.76 -102.47
CA ASP NE 98 -79.31 -90.10 -103.40
CA ARG NE 99 -80.14 -91.66 -106.78
CA GLY NE 100 -78.97 -94.93 -108.28
CA TRP NE 101 -78.64 -96.98 -111.44
CA GLY NE 102 -81.48 -99.26 -110.39
CA ASN NE 103 -83.32 -96.35 -108.74
CA GLY NE 104 -84.82 -94.94 -111.92
CA CYS NE 105 -81.63 -93.21 -113.07
CA GLY NE 106 -78.11 -93.84 -114.33
CA LEU NE 107 -75.67 -94.07 -111.42
CA PHE NE 108 -75.17 -93.96 -107.66
CA GLY NE 109 -74.73 -90.47 -106.27
CA LYS NE 110 -76.25 -87.34 -104.78
CA GLY NE 111 -78.42 -85.53 -107.32
CA GLY NE 112 -79.91 -82.12 -106.72
CA ILE NE 113 -83.44 -81.07 -105.84
CA VAL NE 114 -85.28 -77.76 -105.92
CA THR NE 115 -88.65 -77.50 -104.19
CA CYS NE 116 -90.65 -74.36 -103.60
CA ALA NE 117 -94.15 -73.05 -103.16
CA MET NE 118 -96.34 -69.99 -102.78
CA PHE NE 119 -96.82 -68.55 -99.28
CA THR NE 120 -100.21 -66.91 -98.75
CA CYS NE 121 -101.27 -65.99 -95.24
CA LYS NE 122 -104.75 -65.11 -94.03
CA LYS NE 123 -104.74 -64.17 -90.35
CA ASN NE 124 -102.24 -61.53 -89.30
CA MET NE 125 -101.10 -59.49 -86.32
CA LYS NE 126 -100.81 -55.74 -86.19
CA GLY NE 127 -97.70 -54.36 -84.46
CA LYS NE 128 -97.47 -50.60 -84.07
CA VAL NE 129 -95.20 -48.08 -82.35
CA VAL NE 130 -96.56 -44.97 -80.65
CA GLN NE 131 -94.67 -41.69 -80.87
CA PRO NE 132 -95.02 -38.91 -78.28
CA GLU NE 133 -96.68 -36.70 -80.90
CA ASN NE 134 -99.53 -39.08 -81.72
CA LEU NE 135 -100.75 -39.34 -78.11
CA GLU NE 136 -103.94 -37.70 -76.84
CA TYR NE 137 -104.65 -37.13 -73.14
CA THR NE 138 -108.11 -36.78 -71.56
CA ILE NE 139 -107.98 -34.21 -68.77
CA VAL NE 140 -111.08 -33.39 -66.74
CA ILE NE 141 -111.68 -30.26 -64.64
CA THR NE 142 -114.12 -30.21 -61.72
CA PRO NE 143 -115.33 -27.34 -59.51
CA HIS NE 144 -115.46 -27.52 -55.72
CA SER NE 145 -119.01 -26.25 -55.37
CA GLY NE 146 -120.38 -29.05 -53.17
CA GLU NE 147 -123.17 -30.03 -55.55
CA GLU NE 148 -124.72 -33.43 -54.92
CA HIS NE 149 -123.45 -34.96 -58.17
CA ALA NE 150 -120.18 -33.04 -57.59
CA VAL NE 151 -118.88 -35.52 -54.99
CA GLY NE 152 -117.26 -38.85 -55.82
CA ASN NE 153 -119.14 -39.12 -59.13
CA ASP NE 154 -117.57 -40.51 -62.30
CA THR NE 155 -120.30 -39.26 -64.70
CA GLY NE 156 -121.43 -35.95 -63.21
CA LYS NE 157 -122.47 -33.01 -65.35
CA HIS NE 158 -120.38 -30.69 -63.16
CA GLY NE 159 -117.09 -31.88 -64.66
CA LYS NE 160 -115.80 -30.85 -68.06
CA GLU NE 161 -113.56 -33.16 -70.09
CA ILE NE 162 -111.01 -31.89 -72.62
CA LYS NE 163 -108.48 -33.62 -74.84
CA ILE NE 164 -104.85 -32.48 -75.15
CA THR NE 165 -102.62 -33.04 -78.20
CA PRO NE 166 -99.39 -31.23 -79.20
CA GLN NE 167 -100.82 -30.25 -82.60
CA SER NE 168 -103.22 -27.88 -80.80
CA SER NE 169 -101.22 -26.73 -77.77
CA ILE NE 170 -102.75 -23.32 -77.00
CA THR NE 171 -106.41 -24.25 -76.44
CA GLU NE 172 -109.20 -22.69 -74.37
CA ALA NE 173 -111.62 -24.72 -72.26
CA GLU NE 174 -114.76 -23.45 -70.54
CA LEU NE 175 -116.06 -24.17 -67.04
CA THR NE 176 -119.67 -23.32 -66.24
CA GLY NE 177 -120.05 -20.01 -64.43
CA TYR NE 178 -116.36 -19.54 -63.72
CA GLY NE 179 -115.43 -19.00 -67.37
CA THR NE 180 -112.38 -19.53 -69.54
CA VAL NE 181 -109.25 -21.50 -68.59
CA THR NE 182 -106.25 -22.25 -70.79
CA MET NE 183 -104.94 -25.64 -71.92
CA GLU NE 184 -101.25 -25.70 -72.91
CA CYS NE 185 -98.57 -28.35 -72.35
CA SER NE 186 -96.13 -30.89 -73.78
CA PRO NE 187 -96.20 -33.87 -71.35
CA ARG NE 188 -93.03 -35.48 -72.76
CA THR NE 189 -91.12 -35.35 -69.43
CA GLY NE 190 -92.14 -38.98 -68.76
CA LEU NE 191 -90.52 -42.32 -69.47
CA ASP NE 192 -88.97 -42.99 -72.86
CA PHE NE 193 -91.45 -44.30 -75.43
CA ASN NE 194 -89.14 -45.71 -78.12
CA GLU NE 195 -88.57 -48.86 -76.03
CA MET NE 196 -92.17 -50.15 -76.31
CA VAL NE 197 -94.39 -51.44 -79.11
CA LEU NE 198 -98.04 -52.56 -78.99
CA LEU NE 199 -99.38 -55.69 -80.67
CA GLN NE 200 -103.06 -56.11 -81.40
CA MET NE 201 -105.03 -59.14 -82.56
CA GLU NE 202 -108.69 -58.59 -83.52
CA ASN NE 203 -109.48 -56.91 -80.19
CA LYS NE 204 -106.88 -57.82 -77.56
CA ALA NE 205 -103.57 -55.99 -77.36
CA TRP NE 206 -100.23 -56.43 -75.63
CA LEU NE 207 -97.45 -54.05 -74.67
CA VAL NE 208 -94.00 -55.50 -75.39
CA HIS NE 209 -90.42 -54.48 -76.13
CA ARG NE 210 -89.26 -53.49 -79.60
CA GLN NE 211 -86.41 -55.99 -79.84
CA TRP NE 212 -88.73 -58.74 -78.63
CA PHE NE 213 -91.35 -57.56 -81.12
CA LEU NE 214 -88.79 -58.05 -83.89
CA ASP NE 215 -87.25 -61.26 -82.50
CA LEU NE 216 -90.32 -63.50 -82.89
CA PRO NE 217 -89.30 -65.73 -85.84
CA LEU NE 218 -92.20 -65.35 -88.26
CA PRO NE 219 -92.81 -63.66 -91.64
CA TRP NE 220 -92.28 -59.89 -91.89
CA LEU NE 221 -93.57 -56.90 -93.83
CA PRO NE 222 -92.07 -53.39 -93.68
CA GLY NE 223 -94.40 -50.66 -92.50
CA ALA NE 224 -95.08 -49.22 -95.93
CA ASP NE 225 -95.30 -52.79 -97.25
CA THR NE 226 -98.89 -53.81 -97.98
CA GLN NE 227 -98.68 -55.87 -101.18
CA GLY NE 228 -97.74 -59.21 -99.64
CA SER NE 229 -95.11 -59.87 -102.31
CA ASN NE 230 -92.09 -59.44 -100.05
CA TRP NE 231 -91.59 -61.81 -97.12
CA ILE NE 232 -88.58 -62.20 -94.82
CA GLN NE 233 -87.66 -65.33 -92.89
CA LYS NE 234 -90.61 -67.04 -94.56
CA GLU NE 235 -88.97 -70.45 -94.09
CA THR NE 236 -90.12 -71.12 -90.52
CA LEU NE 237 -93.85 -71.33 -91.24
CA VAL NE 238 -93.14 -73.79 -94.07
CA THR NE 239 -91.44 -76.93 -92.79
CA PHE NE 240 -89.76 -79.07 -95.42
CA LYS NE 241 -89.89 -82.73 -94.41
CA ASN NE 242 -86.80 -84.84 -94.88
CA PRO NE 243 -85.35 -85.09 -98.41
CA HIS NE 244 -86.95 -88.07 -100.07
CA ALA NE 245 -86.60 -89.40 -103.63
CA LYS NE 246 -87.88 -86.69 -106.02
CA LYS NE 247 -90.27 -85.30 -103.40
CA GLN NE 248 -90.09 -82.72 -100.66
CA ASP NE 249 -93.45 -83.05 -98.94
CA VAL NE 250 -94.06 -79.46 -97.87
CA VAL NE 251 -95.78 -79.24 -94.48
CA VAL NE 252 -97.63 -76.06 -93.58
CA LEU NE 253 -97.02 -75.08 -89.99
CA GLY NE 254 -100.19 -74.65 -88.00
CA SER NE 255 -101.61 -71.35 -86.85
CA GLN NE 256 -99.55 -70.14 -83.91
CA GLU NE 257 -102.44 -67.94 -82.75
CA GLY NE 258 -103.09 -70.36 -79.92
CA ALA NE 259 -99.38 -70.37 -79.18
CA MET NE 260 -99.35 -66.57 -79.09
CA HIS NE 261 -102.27 -66.56 -76.66
CA THR NE 262 -100.28 -69.04 -74.58
CA ALA NE 263 -97.09 -66.95 -74.62
CA LEU NE 264 -98.17 -63.30 -74.64
CA THR NE 265 -100.46 -63.97 -71.67
CA GLY NE 266 -98.54 -62.95 -68.57
CA ALA NE 267 -97.23 -59.87 -70.33
CA THR NE 268 -98.87 -56.44 -70.09
CA GLU NE 269 -102.43 -56.85 -71.38
CA ILE NE 270 -104.37 -54.01 -73.00
CA GLN NE 271 -107.91 -53.56 -74.30
CA MET NE 272 -108.41 -50.94 -77.01
CA SER NE 273 -111.84 -49.99 -75.65
CA SER NE 274 -110.25 -48.41 -72.56
CA GLY NE 275 -107.47 -46.81 -74.62
CA ASN NE 276 -103.78 -47.39 -74.02
CA LEU NE 277 -102.89 -47.53 -70.31
CA LEU NE 278 -99.48 -45.86 -70.62
CA PHE NE 279 -99.61 -44.82 -66.98
CA THR NE 280 -95.80 -44.81 -66.94
CA GLY NE 281 -94.39 -41.31 -67.31
CA HIS NE 282 -95.31 -38.13 -65.46
CA LEU NE 283 -97.36 -35.49 -67.29
CA LYS NE 284 -96.12 -31.97 -66.56
CA CYS NE 285 -98.57 -29.35 -67.79
CA ARG NE 286 -98.95 -25.59 -67.82
CA LEU NE 287 -102.42 -24.16 -67.24
CA ARG NE 288 -103.20 -20.43 -66.96
CA MET NE 289 -105.83 -19.16 -64.51
CA ASP NE 290 -105.86 -15.40 -65.12
CA LYS NE 291 -109.17 -15.46 -67.02
CA LEU NE 292 -111.26 -16.79 -64.07
CA GLN NE 293 -112.92 -14.90 -61.23
CA LEU NE 294 -115.20 -15.75 -58.32
CA LYS NE 295 -118.69 -16.74 -59.46
CA GLY NE 296 -121.47 -16.19 -56.95
CA MET NE 297 -119.43 -13.76 -54.81
CA SER NE 298 -122.04 -11.04 -55.38
CA TYR NE 299 -124.59 -13.15 -53.48
CA SER NE 300 -125.03 -11.86 -49.94
CA MET NE 301 -124.40 -13.92 -46.84
CA CYS NE 302 -127.58 -15.36 -45.32
CA THR NE 303 -128.16 -15.26 -41.57
CA GLY NE 304 -130.56 -18.19 -41.38
CA LYS NE 305 -129.88 -21.55 -39.75
CA PHE NE 306 -127.61 -24.40 -40.83
CA LYS NE 307 -128.11 -28.14 -40.47
CA VAL NE 308 -125.85 -31.17 -41.00
CA VAL NE 309 -127.05 -34.17 -43.01
CA LYS NE 310 -124.13 -36.62 -43.01
CA GLU NE 311 -121.70 -37.04 -40.15
CA ILE NE 312 -118.08 -35.89 -40.30
CA ALA NE 313 -116.65 -38.21 -42.94
CA GLU NE 314 -112.94 -39.03 -43.06
CA THR NE 315 -110.84 -39.31 -46.22
CA GLN NE 316 -107.33 -40.75 -46.68
CA HIS NE 317 -105.66 -37.31 -46.46
CA GLY NE 318 -106.79 -35.70 -43.20
CA THR NE 319 -109.72 -33.79 -44.65
CA ILE NE 320 -113.34 -33.50 -43.54
CA VAL NE 321 -116.60 -33.46 -45.51
CA ILE NE 322 -119.71 -31.70 -44.21
CA ARG NE 323 -123.11 -31.78 -45.90
CA VAL NE 324 -124.49 -28.48 -44.65
CA GLN NE 325 -128.24 -28.07 -45.14
CA TYR NE 326 -130.06 -24.73 -44.94
CA GLU NE 327 -133.50 -25.06 -43.39
CA GLY NE 328 -133.90 -21.28 -43.24
CA ASP NE 329 -134.81 -18.90 -46.08
CA GLY NE 330 -132.93 -16.47 -48.31
CA SER NE 331 -131.20 -18.82 -50.72
CA PRO NE 332 -128.91 -18.60 -52.63
CA CYS NE 333 -126.29 -17.16 -50.23
CA LYS NE 334 -122.57 -16.88 -49.51
CA ILE NE 335 -121.74 -19.62 -47.00
CA PRO NE 336 -120.21 -18.45 -43.71
CA PHE NE 337 -117.69 -21.21 -42.93
CA GLU NE 338 -115.04 -20.57 -40.30
CA ILE NE 339 -112.61 -22.21 -37.89
CA MET NE 340 -111.74 -21.50 -34.29
CA ASP NE 341 -109.30 -22.93 -31.78
CA LEU NE 342 -109.93 -23.89 -28.16
CA GLU NE 343 -109.74 -20.24 -27.08
CA LYS NE 344 -112.43 -19.41 -29.69
CA ARG NE 345 -110.15 -16.62 -30.97
CA HIS NE 346 -107.91 -17.52 -33.91
CA VAL NE 347 -108.68 -18.70 -37.44
CA LEU NE 348 -106.11 -21.49 -37.79
CA GLY NE 349 -107.70 -24.22 -39.92
CA ARG NE 350 -107.33 -24.31 -43.69
CA LEU NE 351 -110.43 -24.25 -45.88
CA ILE NE 352 -110.76 -25.95 -49.28
CA THR NE 353 -113.77 -24.36 -50.99
CA VAL NE 354 -113.72 -20.58 -50.81
CA ASN NE 355 -117.06 -18.71 -50.66
CA PRO NE 356 -119.33 -21.77 -50.99
CA ILE NE 357 -122.88 -21.01 -52.06
CA VAL NE 358 -126.22 -22.81 -51.86
CA THR NE 359 -128.06 -23.44 -55.11
CA GLU NE 360 -131.41 -23.73 -53.33
CA LYS NE 361 -132.79 -24.42 -49.88
CA ASP NE 362 -133.16 -28.11 -48.94
CA SER NE 363 -130.21 -28.88 -51.28
CA PRO NE 364 -127.17 -29.17 -48.97
CA VAL NE 365 -123.64 -28.22 -49.95
CA ASN NE 366 -120.62 -30.49 -49.47
CA ILE NE 367 -118.20 -28.16 -47.72
CA GLU NE 368 -114.66 -29.54 -47.51
CA ALA NE 369 -112.11 -28.53 -44.89
CA GLU NE 370 -108.60 -29.35 -43.68
CA PRO NE 371 -108.07 -28.42 -40.03
CA PRO NE 372 -104.74 -29.26 -38.38
CA PHE NE 373 -104.32 -32.58 -36.62
CA GLY NE 374 -105.78 -31.77 -33.23
CA ASP NE 375 -108.84 -30.35 -31.51
CA SER NE 376 -110.72 -27.45 -33.10
CA TYR NE 377 -114.22 -26.10 -33.68
CA ILE NE 378 -115.68 -26.00 -37.17
CA ILE NE 379 -118.04 -23.04 -36.81
CA ILE NE 380 -120.94 -23.42 -39.22
CA GLY NE 381 -123.21 -20.40 -39.40
CA VAL NE 382 -123.08 -17.31 -37.23
CA GLU NE 383 -124.59 -16.56 -33.86
CA PRO NE 384 -127.32 -16.64 -32.63
CA GLY NE 385 -127.80 -20.36 -33.24
CA GLN NE 386 -124.24 -20.93 -34.48
CA LEU NE 387 -122.91 -24.51 -34.62
CA LYS NE 388 -119.40 -24.88 -33.17
CA LEU NE 389 -119.01 -28.52 -34.12
CA ASN NE 390 -116.04 -29.87 -32.19
CA TRP NE 391 -113.59 -32.03 -34.10
CA PHE NE 392 -110.48 -33.94 -33.05
CA LYS NE 393 -108.26 -34.77 -36.03
CA LYS NE 394 -105.69 -37.51 -35.57
CA GLY NE 395 -102.04 -37.23 -36.56
CA SER NE 396 -99.00 -35.12 -35.80
CA SER NE 397 -98.49 -31.63 -37.20
CA ILE NE 398 -94.88 -32.60 -37.89
CA GLY NE 399 -96.39 -35.58 -39.70
CA GLN NE 400 -98.03 -33.47 -42.38
CA MET NE 401 -95.04 -31.12 -42.22
CA ILE NE 402 -92.58 -33.80 -43.32
CA GLU NE 403 -95.06 -35.50 -45.64
CA THR NE 404 -96.09 -32.42 -47.63
CA THR NE 405 -92.58 -30.96 -47.71
CA MET NE 406 -91.11 -34.25 -48.94
CA ARG NE 407 -93.85 -34.76 -51.53
CA GLY NE 408 -93.42 -31.26 -52.93
CA ALA NE 409 -89.65 -31.71 -52.90
CA LYS NE 410 -89.84 -34.93 -54.92
CA ARG NE 411 -92.43 -33.32 -57.19
CA MET NE 412 -90.03 -30.48 -57.99
CA ALA NE 413 -87.06 -32.89 -58.08
CA ILE NE 414 -88.39 -35.22 -60.77
CA LEU NE 415 -89.32 -31.91 -62.38
CA GLY NE 416 -85.89 -30.58 -61.42
CA ASP NE 417 -82.88 -30.24 -63.71
CA THR NE 418 -83.80 -28.94 -67.18
CA ALA NE 419 -87.44 -28.57 -66.01
CA TRP NE 420 -87.92 -25.49 -63.80
CA ASP NE 421 -87.34 -22.20 -65.59
CA PHE NE 422 -83.89 -21.01 -64.47
CA GLY NE 423 -82.65 -19.45 -67.72
CA SER NE 424 -85.00 -16.46 -67.77
CA LEU NE 425 -83.12 -13.48 -66.32
CA GLY NE 426 -85.37 -11.46 -64.03
CA GLY NE 427 -87.69 -14.45 -63.95
CA VAL NE 428 -84.99 -16.23 -61.95
CA PHE NE 429 -86.54 -14.54 -58.92
CA THR NE 430 -89.96 -15.88 -59.90
CA SER NE 431 -88.52 -19.36 -60.41
CA ILE NE 432 -86.83 -19.32 -57.00
CA GLY NE 433 -90.11 -18.20 -55.49
CA LYS NE 434 -91.82 -21.00 -57.41
CA ALA NE 435 -89.42 -23.59 -56.00
CA LEU NE 436 -89.96 -22.33 -52.47
CA HIS NE 437 -93.74 -22.03 -52.92
CA GLN NE 438 -94.01 -25.56 -54.31
CA VAL NE 439 -91.77 -26.92 -51.52
CA PHE NE 440 -91.70 -24.36 -48.69
CA GLY NE 441 -95.05 -22.77 -49.56
CA ALA NE 442 -97.00 -25.09 -47.28
CA ILE NE 443 -94.80 -23.73 -44.50
CA TYR NE 444 -96.04 -20.21 -45.23
CA GLY NE 445 -99.67 -21.25 -45.65
CA ALA NE 446 -100.57 -24.07 -43.26
CA ALA NE 447 -98.51 -23.63 -40.09
CA PHE NE 448 -97.79 -19.87 -40.26
CA SER NE 449 -101.02 -18.09 -39.29
CA GLY NE 450 -103.28 -19.12 -42.22
CA VAL NE 451 -102.63 -16.33 -43.22
CA SER NE 452 -103.52 -12.63 -43.46
CA TRP NE 453 -100.40 -11.63 -45.35
CA ILE NE 454 -99.79 -8.04 -44.17
CA MET NE 455 -99.46 -8.88 -40.48
CA LYS NE 456 -97.25 -11.90 -41.11
CA ILE NE 457 -94.92 -10.00 -43.44
CA LEU NE 458 -94.60 -7.45 -40.64
CA ILE NE 459 -93.78 -10.36 -38.32
CA GLY NE 460 -91.37 -11.70 -40.93
CA VAL NE 461 -89.41 -8.47 -41.23
CA ILE NE 462 -89.35 -8.40 -37.41
CA ILE NE 463 -87.89 -11.91 -37.43
CA THR NE 464 -85.33 -10.89 -40.06
CA TRP NE 465 -84.27 -7.97 -37.86
CA ILE NE 466 -83.97 -10.25 -34.82
CA GLY NE 467 -81.99 -12.87 -36.75
CA MET NE 468 -79.58 -10.32 -38.22
CA ASN NE 469 -78.85 -8.81 -34.79
CA SER NE 470 -78.57 -12.15 -32.99
CA ARG NE 471 -75.98 -13.52 -30.59
CA SER NE 472 -75.13 -16.50 -32.85
CA THR NE 473 -74.29 -16.53 -36.56
CA SER NE 474 -75.62 -20.07 -36.98
CA LEU NE 475 -78.99 -18.96 -35.64
CA SER NE 476 -78.71 -15.87 -37.85
CA VAL NE 477 -78.32 -18.02 -40.97
CA SER NE 478 -81.12 -20.30 -39.74
CA LEU NE 479 -83.59 -17.45 -39.03
CA VAL NE 480 -82.96 -14.71 -41.60
CA LEU NE 481 -83.27 -17.32 -44.37
CA VAL NE 482 -86.70 -18.31 -43.05
CA GLY NE 483 -87.65 -14.65 -42.73
CA VAL NE 484 -86.67 -13.67 -46.27
CA VAL NE 485 -88.39 -16.82 -47.56
CA THR NE 486 -91.51 -15.74 -45.66
CA LEU NE 487 -91.45 -12.18 -47.03
CA TYR NE 488 -90.65 -12.99 -50.66
CA LEU NE 489 -92.94 -16.04 -50.80
CA GLY NE 490 -95.73 -13.95 -49.27
CA VAL NE 491 -95.28 -11.41 -52.03
CA MET NE 492 -95.51 -14.30 -54.49
CA VAL NE 493 -98.57 -15.70 -52.69
CA GLN NE 494 -100.28 -12.32 -53.06
CA ALA NE 495 -99.91 -12.76 -56.83
#